data_9IVP
#
_entry.id   9IVP
#
_cell.length_a   1.00
_cell.length_b   1.00
_cell.length_c   1.00
_cell.angle_alpha   90.00
_cell.angle_beta   90.00
_cell.angle_gamma   90.00
#
_symmetry.space_group_name_H-M   'P 1'
#
loop_
_entity.id
_entity.type
_entity.pdbx_description
1 polymer 'DARPin,Ferritin heavy chain, N-terminally processed'
2 polymer 'Maltodextrin-binding protein'
#
loop_
_entity_poly.entity_id
_entity_poly.type
_entity_poly.pdbx_seq_one_letter_code
_entity_poly.pdbx_strand_id
1 'polypeptide(L)'
;MGHHHHHHGPGSAKEEILEEIKKAKQEIAGGGGGSELGKELLEAARAGQDDEVRILMARGAEVNAADNTGTTPLHLAAYS
GHLEIVEVLLKYGAEVNAADVFGYTPLHLAAYWGHLEIVEVLLKNGADVNARDSDGMTPLHLAAKWGHLEIVEVLLRYGA
DVEAQDKFGKTPFDLAIDNGNEDIAEVLQALLAINRQINLELYASYVYLSMSYYFDRDDVALKNFAKYFLHQSHEEREHA
EKLMKLQNQRGGAISLQDIKKPDCDDWESGLNAMECALHLEKNVNQSLLELHKLATDCNDPHLCDFIETHYLNEQVKAIK
ELGDHVTNLRKMGAPESGLAEYLFDKHTLGSGSGAEIEQAKKEIAYLIKK
;
A,C,E,G,I,K,M,O,Q,S,V,X,Z,BA,DA,FA,HA,JA,LA,NA,PA,RA,TA,VA
2 'polypeptide(L)'
;MGSSHHHHHHSSGLVPRGSHMKIEEGKLVIWINGDKGYNGLAEVGKKFEKDTGIKVTVEHPDKLEEKFPQVAATGDGPDI
IFWAHDRFGGYAQSGLLAEITPDKAFQDKLYPFTWDAVRYNGKLIAYPIAVEALSLIYNKDLLPNPPKTWEEIPALDKEL
KAKGKSALMFNLQEPYFTWPLIAADGGYAFKYENGKYDIKDVGVDNAGAKAGLTFLVDLIKNKHMNADTDYSIAEAAFNK
GETAMTINGPWAWSNIDTSKVNYGVTVLPTFKGQPSKPFVGVLSAGINAASPNKELAKEFLENYLLTDEGLEAVNKDKPL
GAVALKSYEEELAKDPRIAATMENAQKGEIMPNIPQMSAFWYAVRTAVINAASGRQTVDEALKDAQTNSSSNNNNNNNNN
NLGIEGRENLYFQGGS
;
B,D,F,H,J,L,N,P,R,T,W,Y,AA,CA,EA,GA,IA,KA,MA,OA,QA,SA,UA,WA
#
# COMPACT_ATOMS: atom_id res chain seq x y z
N SER A 35 42.42 -84.51 12.91
CA SER A 35 43.66 -83.76 12.91
C SER A 35 44.73 -84.49 12.08
N GLU A 36 44.28 -85.16 11.03
CA GLU A 36 45.20 -85.81 10.10
C GLU A 36 46.08 -84.79 9.38
N LEU A 37 45.56 -83.58 9.16
CA LEU A 37 46.35 -82.46 8.66
C LEU A 37 46.36 -81.31 9.66
N GLY A 38 45.92 -81.55 10.90
CA GLY A 38 45.85 -80.47 11.87
C GLY A 38 47.21 -80.06 12.38
N LYS A 39 48.08 -81.02 12.68
CA LYS A 39 49.44 -80.68 13.04
C LYS A 39 50.21 -80.19 11.82
N GLU A 40 49.82 -80.63 10.62
CA GLU A 40 50.34 -80.05 9.40
C GLU A 40 49.93 -78.59 9.26
N LEU A 41 48.81 -78.20 9.87
CA LEU A 41 48.49 -76.78 9.97
C LEU A 41 49.25 -76.10 11.10
N LEU A 42 49.51 -76.83 12.19
CA LEU A 42 50.24 -76.25 13.31
C LEU A 42 51.67 -75.89 12.91
N GLU A 43 52.32 -76.73 12.10
CA GLU A 43 53.69 -76.44 11.70
C GLU A 43 53.75 -75.23 10.78
N ALA A 44 52.79 -75.09 9.86
CA ALA A 44 52.77 -73.93 8.99
C ALA A 44 52.37 -72.67 9.74
N ALA A 45 51.55 -72.82 10.79
CA ALA A 45 51.20 -71.66 11.60
C ALA A 45 52.37 -71.20 12.44
N ARG A 46 53.19 -72.14 12.93
CA ARG A 46 54.43 -71.77 13.60
C ARG A 46 55.43 -71.16 12.63
N ALA A 47 55.42 -71.62 11.38
CA ALA A 47 56.47 -71.25 10.42
C ALA A 47 56.05 -70.20 9.40
N GLY A 48 54.75 -70.06 9.11
CA GLY A 48 54.31 -69.04 8.18
C GLY A 48 54.55 -69.35 6.72
N GLN A 49 53.82 -70.33 6.18
CA GLN A 49 53.84 -70.65 4.76
C GLN A 49 52.42 -70.50 4.21
N ASP A 50 52.19 -69.45 3.41
CA ASP A 50 50.89 -69.28 2.75
C ASP A 50 50.65 -70.37 1.72
N ASP A 51 51.71 -70.86 1.07
CA ASP A 51 51.56 -71.94 0.10
C ASP A 51 51.15 -73.25 0.78
N GLU A 52 51.74 -73.56 1.93
CA GLU A 52 51.41 -74.80 2.63
C GLU A 52 49.95 -74.80 3.07
N VAL A 53 49.48 -73.70 3.64
CA VAL A 53 48.09 -73.64 4.07
C VAL A 53 47.15 -73.54 2.88
N ARG A 54 47.60 -72.97 1.76
CA ARG A 54 46.78 -72.97 0.55
C ARG A 54 46.59 -74.38 0.03
N ILE A 55 47.64 -75.20 0.06
CA ILE A 55 47.52 -76.58 -0.38
C ILE A 55 46.70 -77.40 0.62
N LEU A 56 46.85 -77.11 1.92
CA LEU A 56 46.07 -77.84 2.92
C LEU A 56 44.59 -77.51 2.84
N MET A 57 44.25 -76.26 2.49
CA MET A 57 42.86 -75.93 2.21
C MET A 57 42.41 -76.45 0.85
N ALA A 58 43.34 -76.70 -0.07
CA ALA A 58 42.97 -77.42 -1.29
C ALA A 58 42.66 -78.88 -0.99
N ARG A 59 43.29 -79.43 0.04
CA ARG A 59 42.99 -80.78 0.50
C ARG A 59 41.93 -80.81 1.61
N GLY A 60 41.46 -79.65 2.04
CA GLY A 60 40.42 -79.59 3.05
C GLY A 60 40.88 -79.92 4.45
N ALA A 61 41.99 -79.31 4.86
CA ALA A 61 42.48 -79.55 6.21
C ALA A 61 41.58 -78.87 7.23
N GLU A 62 41.39 -79.53 8.37
CA GLU A 62 40.52 -79.01 9.41
C GLU A 62 41.17 -77.82 10.11
N VAL A 63 40.37 -76.77 10.36
CA VAL A 63 40.89 -75.52 10.88
C VAL A 63 40.78 -75.40 12.40
N ASN A 64 40.03 -76.28 13.05
CA ASN A 64 39.81 -76.20 14.50
C ASN A 64 40.65 -77.23 15.24
N ALA A 65 41.90 -77.41 14.82
CA ALA A 65 42.78 -78.42 15.40
C ALA A 65 43.31 -77.92 16.74
N ALA A 66 42.74 -78.40 17.83
CA ALA A 66 43.17 -78.04 19.17
C ALA A 66 44.15 -79.07 19.70
N ASP A 67 45.23 -78.59 20.32
CA ASP A 67 46.20 -79.48 20.94
C ASP A 67 45.75 -79.77 22.38
N ASN A 68 46.64 -80.35 23.18
CA ASN A 68 46.28 -80.71 24.55
C ASN A 68 46.05 -79.49 25.44
N THR A 69 46.61 -78.34 25.08
CA THR A 69 46.47 -77.13 25.87
C THR A 69 45.58 -76.09 25.21
N GLY A 70 44.90 -76.45 24.12
CA GLY A 70 43.92 -75.59 23.50
C GLY A 70 44.45 -74.67 22.42
N THR A 71 45.71 -74.80 22.04
CA THR A 71 46.31 -73.87 21.09
C THR A 71 45.88 -74.25 19.67
N THR A 72 45.20 -73.34 19.00
CA THR A 72 44.66 -73.55 17.67
C THR A 72 45.65 -73.06 16.62
N PRO A 73 45.45 -73.40 15.35
CA PRO A 73 46.26 -72.77 14.29
C PRO A 73 46.08 -71.27 14.23
N LEU A 74 44.90 -70.76 14.60
CA LEU A 74 44.71 -69.33 14.65
C LEU A 74 45.55 -68.68 15.74
N HIS A 75 45.75 -69.37 16.86
CA HIS A 75 46.58 -68.84 17.93
C HIS A 75 48.02 -68.64 17.46
N LEU A 76 48.59 -69.65 16.81
CA LEU A 76 49.95 -69.53 16.32
C LEU A 76 50.03 -68.54 15.16
N ALA A 77 49.00 -68.47 14.34
CA ALA A 77 48.97 -67.48 13.27
C ALA A 77 48.99 -66.07 13.83
N ALA A 78 48.30 -65.85 14.95
CA ALA A 78 48.30 -64.55 15.59
C ALA A 78 49.64 -64.26 16.27
N TYR A 79 50.16 -65.24 17.02
CA TYR A 79 51.44 -65.10 17.70
C TYR A 79 52.58 -64.83 16.71
N SER A 80 52.50 -65.39 15.51
CA SER A 80 53.57 -65.23 14.54
C SER A 80 53.53 -63.86 13.88
N GLY A 81 52.35 -63.38 13.50
CA GLY A 81 52.24 -62.09 12.89
C GLY A 81 52.20 -62.07 11.38
N HIS A 82 51.73 -63.14 10.75
CA HIS A 82 51.51 -63.18 9.31
C HIS A 82 50.01 -63.10 9.06
N LEU A 83 49.57 -62.02 8.41
CA LEU A 83 48.14 -61.76 8.28
C LEU A 83 47.45 -62.70 7.31
N GLU A 84 48.18 -63.26 6.35
CA GLU A 84 47.54 -64.05 5.29
C GLU A 84 46.99 -65.36 5.81
N ILE A 85 47.76 -66.05 6.66
CA ILE A 85 47.27 -67.31 7.22
C ILE A 85 46.07 -67.07 8.14
N VAL A 86 46.08 -65.95 8.87
CA VAL A 86 44.92 -65.57 9.68
C VAL A 86 43.71 -65.34 8.78
N GLU A 87 43.92 -64.62 7.68
CA GLU A 87 42.82 -64.31 6.77
C GLU A 87 42.20 -65.58 6.20
N VAL A 88 43.04 -66.52 5.75
CA VAL A 88 42.46 -67.72 5.15
C VAL A 88 41.87 -68.64 6.21
N LEU A 89 42.43 -68.64 7.43
CA LEU A 89 41.84 -69.41 8.51
C LEU A 89 40.44 -68.89 8.85
N LEU A 90 40.27 -67.56 8.85
CA LEU A 90 38.95 -67.00 9.05
C LEU A 90 38.06 -67.19 7.82
N LYS A 91 38.65 -67.33 6.63
CA LYS A 91 37.86 -67.64 5.45
C LYS A 91 37.28 -69.03 5.51
N TYR A 92 37.99 -69.97 6.13
CA TYR A 92 37.49 -71.33 6.29
C TYR A 92 36.80 -71.55 7.62
N GLY A 93 36.52 -70.48 8.38
CA GLY A 93 35.67 -70.58 9.54
C GLY A 93 36.35 -71.01 10.82
N ALA A 94 37.58 -70.54 11.04
CA ALA A 94 38.24 -70.82 12.31
C ALA A 94 37.56 -70.03 13.43
N GLU A 95 37.67 -70.54 14.65
CA GLU A 95 37.03 -69.91 15.78
C GLU A 95 37.80 -68.68 16.23
N VAL A 96 37.14 -67.54 16.27
CA VAL A 96 37.80 -66.29 16.62
C VAL A 96 37.96 -66.12 18.12
N ASN A 97 37.13 -66.79 18.92
CA ASN A 97 37.09 -66.60 20.37
C ASN A 97 37.44 -67.89 21.09
N ALA A 98 38.40 -68.64 20.58
CA ALA A 98 38.79 -69.90 21.18
C ALA A 98 39.73 -69.63 22.35
N ALA A 99 39.30 -69.99 23.56
CA ALA A 99 40.11 -69.79 24.74
C ALA A 99 40.96 -71.02 25.02
N ASP A 100 42.19 -70.78 25.45
CA ASP A 100 43.11 -71.86 25.82
C ASP A 100 42.87 -72.25 27.28
N VAL A 101 43.78 -73.05 27.84
CA VAL A 101 43.68 -73.41 29.25
C VAL A 101 44.08 -72.26 30.17
N PHE A 102 44.69 -71.21 29.63
CA PHE A 102 45.02 -70.01 30.40
C PHE A 102 44.06 -68.86 30.15
N GLY A 103 43.13 -69.01 29.21
CA GLY A 103 42.14 -67.99 28.94
C GLY A 103 42.46 -67.09 27.76
N TYR A 104 43.65 -67.19 27.19
CA TYR A 104 44.02 -66.31 26.09
C TYR A 104 43.29 -66.71 24.81
N THR A 105 42.87 -65.70 24.06
CA THR A 105 42.34 -65.80 22.73
C THR A 105 43.39 -65.30 21.74
N PRO A 106 43.15 -65.43 20.43
CA PRO A 106 44.09 -64.80 19.48
C PRO A 106 44.18 -63.29 19.65
N LEU A 107 43.12 -62.63 20.11
CA LEU A 107 43.18 -61.19 20.32
C LEU A 107 44.15 -60.84 21.44
N HIS A 108 44.17 -61.64 22.50
CA HIS A 108 45.12 -61.42 23.61
C HIS A 108 46.55 -61.48 23.12
N LEU A 109 46.92 -62.56 22.43
CA LEU A 109 48.29 -62.71 21.93
C LEU A 109 48.63 -61.65 20.90
N ALA A 110 47.66 -61.26 20.08
CA ALA A 110 47.91 -60.21 19.10
C ALA A 110 48.18 -58.88 19.78
N ALA A 111 47.46 -58.60 20.88
CA ALA A 111 47.68 -57.35 21.60
C ALA A 111 48.99 -57.37 22.37
N TYR A 112 49.41 -58.55 22.83
CA TYR A 112 50.68 -58.66 23.54
C TYR A 112 51.85 -58.31 22.62
N TRP A 113 51.89 -58.91 21.45
CA TRP A 113 53.06 -58.78 20.59
C TRP A 113 53.00 -57.59 19.66
N GLY A 114 51.91 -56.83 19.67
CA GLY A 114 51.87 -55.58 18.95
C GLY A 114 51.73 -55.74 17.45
N HIS A 115 50.74 -56.51 17.03
CA HIS A 115 50.45 -56.72 15.61
C HIS A 115 49.10 -56.05 15.32
N LEU A 116 49.16 -54.91 14.64
CA LEU A 116 47.99 -54.05 14.51
C LEU A 116 46.96 -54.63 13.56
N GLU A 117 47.41 -55.06 12.38
CA GLU A 117 46.48 -55.50 11.33
C GLU A 117 45.71 -56.73 11.75
N ILE A 118 46.33 -57.66 12.46
CA ILE A 118 45.58 -58.85 12.85
C ILE A 118 44.62 -58.52 13.98
N VAL A 119 44.95 -57.55 14.84
CA VAL A 119 44.00 -57.06 15.82
C VAL A 119 42.77 -56.48 15.12
N GLU A 120 43.01 -55.68 14.07
CA GLU A 120 41.91 -55.08 13.32
C GLU A 120 41.03 -56.15 12.67
N VAL A 121 41.63 -57.14 12.02
CA VAL A 121 40.80 -58.12 11.33
C VAL A 121 40.15 -59.11 12.29
N LEU A 122 40.72 -59.33 13.47
CA LEU A 122 40.02 -60.12 14.48
C LEU A 122 38.80 -59.39 14.99
N LEU A 123 38.96 -58.08 15.27
CA LEU A 123 37.79 -57.29 15.67
C LEU A 123 36.77 -57.19 14.56
N LYS A 124 37.23 -57.22 13.31
CA LYS A 124 36.32 -57.18 12.17
C LYS A 124 35.53 -58.47 12.02
N ASN A 125 36.01 -59.57 12.59
CA ASN A 125 35.34 -60.87 12.48
C ASN A 125 34.62 -61.27 13.75
N GLY A 126 34.39 -60.32 14.65
CA GLY A 126 33.60 -60.59 15.84
C GLY A 126 34.38 -61.12 17.02
N ALA A 127 35.60 -60.64 17.22
CA ALA A 127 36.34 -60.97 18.43
C ALA A 127 35.81 -60.15 19.59
N ASP A 128 35.68 -60.80 20.75
CA ASP A 128 35.14 -60.15 21.93
C ASP A 128 36.20 -59.22 22.52
N VAL A 129 35.89 -57.93 22.59
CA VAL A 129 36.90 -56.94 22.94
C VAL A 129 37.17 -56.90 24.44
N ASN A 130 36.25 -57.41 25.25
CA ASN A 130 36.40 -57.40 26.70
C ASN A 130 36.61 -58.81 27.24
N ALA A 131 37.37 -59.63 26.52
CA ALA A 131 37.63 -60.99 26.96
C ALA A 131 38.61 -61.02 28.11
N ARG A 132 38.28 -61.73 29.17
CA ARG A 132 39.12 -61.86 30.34
C ARG A 132 39.93 -63.16 30.27
N ASP A 133 41.16 -63.10 30.76
CA ASP A 133 41.98 -64.29 30.88
C ASP A 133 41.81 -64.90 32.26
N SER A 134 42.74 -65.79 32.63
CA SER A 134 42.77 -66.33 33.98
C SER A 134 43.00 -65.25 35.02
N ASP A 135 43.74 -64.20 34.66
CA ASP A 135 44.01 -63.09 35.56
C ASP A 135 42.94 -62.02 35.50
N GLY A 136 41.96 -62.15 34.61
CA GLY A 136 41.00 -61.10 34.40
C GLY A 136 41.51 -59.95 33.57
N MET A 137 42.65 -60.11 32.91
CA MET A 137 43.25 -59.05 32.13
C MET A 137 42.70 -59.09 30.71
N THR A 138 42.05 -57.99 30.32
CA THR A 138 41.54 -57.84 28.97
C THR A 138 42.70 -57.53 28.02
N PRO A 139 42.48 -57.61 26.70
CA PRO A 139 43.54 -57.19 25.78
C PRO A 139 43.96 -55.73 25.95
N LEU A 140 43.05 -54.87 26.39
CA LEU A 140 43.41 -53.49 26.66
C LEU A 140 44.42 -53.37 27.80
N HIS A 141 44.29 -54.22 28.82
CA HIS A 141 45.30 -54.31 29.86
C HIS A 141 46.67 -54.58 29.27
N LEU A 142 46.76 -55.53 28.35
CA LEU A 142 48.04 -55.89 27.76
C LEU A 142 48.60 -54.75 26.92
N ALA A 143 47.78 -54.17 26.05
CA ALA A 143 48.25 -53.10 25.19
C ALA A 143 48.63 -51.85 25.96
N ALA A 144 47.99 -51.61 27.12
CA ALA A 144 48.41 -50.49 27.95
C ALA A 144 49.66 -50.81 28.75
N LYS A 145 49.82 -52.08 29.14
CA LYS A 145 51.00 -52.49 29.89
C LYS A 145 52.25 -52.47 29.02
N TRP A 146 52.11 -52.68 27.72
CA TRP A 146 53.29 -52.76 26.87
C TRP A 146 53.54 -51.51 26.04
N GLY A 147 52.58 -50.60 25.94
CA GLY A 147 52.83 -49.33 25.31
C GLY A 147 52.53 -49.24 23.84
N HIS A 148 51.51 -49.94 23.35
CA HIS A 148 51.12 -49.90 21.94
C HIS A 148 49.95 -48.94 21.80
N LEU A 149 50.20 -47.76 21.20
CA LEU A 149 49.16 -46.73 21.12
C LEU A 149 48.05 -47.14 20.16
N GLU A 150 48.40 -47.53 18.94
CA GLU A 150 47.41 -47.75 17.91
C GLU A 150 46.49 -48.92 18.24
N ILE A 151 47.04 -49.94 18.91
CA ILE A 151 46.21 -51.04 19.38
C ILE A 151 45.22 -50.53 20.42
N VAL A 152 45.68 -49.69 21.35
CA VAL A 152 44.80 -49.11 22.36
C VAL A 152 43.68 -48.33 21.71
N GLU A 153 43.99 -47.57 20.66
CA GLU A 153 42.97 -46.74 20.04
C GLU A 153 41.96 -47.57 19.26
N VAL A 154 42.42 -48.58 18.53
CA VAL A 154 41.50 -49.46 17.82
C VAL A 154 40.64 -50.25 18.79
N LEU A 155 41.20 -50.62 19.95
CA LEU A 155 40.40 -51.32 20.95
C LEU A 155 39.37 -50.40 21.58
N LEU A 156 39.73 -49.13 21.79
CA LEU A 156 38.77 -48.18 22.34
C LEU A 156 37.65 -47.89 21.36
N ARG A 157 37.95 -47.95 20.05
CA ARG A 157 36.91 -47.72 19.04
C ARG A 157 35.84 -48.79 19.08
N TYR A 158 36.19 -50.01 19.48
CA TYR A 158 35.25 -51.13 19.44
C TYR A 158 34.58 -51.38 20.77
N GLY A 159 34.80 -50.52 21.76
CA GLY A 159 34.07 -50.59 23.00
C GLY A 159 34.80 -51.27 24.15
N ALA A 160 36.11 -51.17 24.22
CA ALA A 160 36.84 -51.76 25.33
C ALA A 160 36.54 -51.03 26.63
N ASP A 161 36.40 -51.79 27.70
CA ASP A 161 36.02 -51.21 28.99
C ASP A 161 37.23 -50.54 29.63
N VAL A 162 37.10 -49.25 29.94
CA VAL A 162 38.18 -48.51 30.55
C VAL A 162 38.34 -48.88 32.02
N GLU A 163 37.26 -49.35 32.65
CA GLU A 163 37.24 -49.55 34.10
C GLU A 163 37.39 -51.01 34.50
N ALA A 164 37.82 -51.87 33.59
CA ALA A 164 38.02 -53.27 33.92
C ALA A 164 39.20 -53.45 34.85
N GLN A 165 38.98 -54.19 35.95
CA GLN A 165 40.03 -54.47 36.92
C GLN A 165 40.43 -55.94 36.85
N ASP A 166 41.71 -56.21 37.07
CA ASP A 166 42.22 -57.57 37.09
C ASP A 166 42.18 -58.11 38.52
N LYS A 167 42.87 -59.21 38.79
CA LYS A 167 42.84 -59.82 40.12
C LYS A 167 43.46 -58.92 41.19
N PHE A 168 44.36 -58.01 40.80
CA PHE A 168 44.97 -57.09 41.74
C PHE A 168 44.17 -55.80 41.90
N GLY A 169 43.09 -55.64 41.16
CA GLY A 169 42.36 -54.39 41.18
C GLY A 169 43.01 -53.30 40.37
N LYS A 170 43.69 -53.66 39.27
CA LYS A 170 44.37 -52.70 38.42
C LYS A 170 43.55 -52.45 37.17
N THR A 171 43.32 -51.18 36.85
CA THR A 171 42.77 -50.79 35.57
C THR A 171 43.89 -50.62 34.56
N PRO A 172 43.58 -50.57 33.27
CA PRO A 172 44.64 -50.28 32.28
C PRO A 172 45.35 -48.96 32.50
N PHE A 173 44.67 -47.98 33.10
CA PHE A 173 45.31 -46.71 33.45
C PHE A 173 46.42 -46.94 34.48
N ASP A 174 46.18 -47.83 35.44
CA ASP A 174 47.20 -48.15 36.43
C ASP A 174 48.39 -48.86 35.80
N LEU A 175 48.13 -49.80 34.91
CA LEU A 175 49.23 -50.50 34.25
C LEU A 175 49.99 -49.58 33.32
N ALA A 176 49.34 -48.54 32.80
CA ALA A 176 50.06 -47.60 31.94
C ALA A 176 50.89 -46.61 32.75
N ILE A 177 50.45 -46.24 33.94
CA ILE A 177 51.30 -45.35 34.73
C ILE A 177 52.42 -46.13 35.40
N ASP A 178 52.21 -47.41 35.71
CA ASP A 178 53.26 -48.20 36.35
C ASP A 178 54.40 -48.51 35.40
N ASN A 179 54.18 -48.47 34.09
CA ASN A 179 55.21 -48.80 33.12
C ASN A 179 55.66 -47.59 32.31
N GLY A 180 55.25 -46.39 32.70
CA GLY A 180 55.76 -45.19 32.09
C GLY A 180 55.16 -44.83 30.75
N ASN A 181 54.00 -45.37 30.41
CA ASN A 181 53.34 -45.03 29.14
C ASN A 181 52.38 -43.87 29.40
N GLU A 182 52.94 -42.67 29.41
CA GLU A 182 52.21 -41.50 29.88
C GLU A 182 51.15 -41.01 28.90
N ASP A 183 51.39 -41.15 27.59
CA ASP A 183 50.39 -40.73 26.63
C ASP A 183 49.17 -41.65 26.62
N ILE A 184 49.39 -42.95 26.81
CA ILE A 184 48.27 -43.88 26.97
C ILE A 184 47.43 -43.48 28.17
N ALA A 185 48.09 -43.20 29.30
CA ALA A 185 47.38 -42.80 30.50
C ALA A 185 46.64 -41.49 30.31
N GLU A 186 47.19 -40.56 29.52
CA GLU A 186 46.50 -39.32 29.23
C GLU A 186 45.22 -39.56 28.48
N VAL A 187 45.28 -40.39 27.43
CA VAL A 187 44.10 -40.72 26.65
C VAL A 187 43.04 -41.39 27.53
N LEU A 188 43.47 -42.35 28.34
CA LEU A 188 42.55 -43.11 29.17
C LEU A 188 41.93 -42.23 30.25
N GLN A 189 42.64 -41.22 30.72
CA GLN A 189 42.11 -40.37 31.77
C GLN A 189 41.12 -39.36 31.22
N ALA A 190 41.45 -38.75 30.08
CA ALA A 190 40.57 -37.78 29.46
C ALA A 190 39.25 -38.40 29.02
N LEU A 191 39.30 -39.63 28.50
CA LEU A 191 38.08 -40.28 28.05
C LEU A 191 37.11 -40.51 29.20
N LEU A 192 37.62 -41.05 30.30
CA LEU A 192 36.81 -41.30 31.47
C LEU A 192 36.23 -40.02 32.03
N ALA A 193 37.01 -38.94 32.02
CA ALA A 193 36.53 -37.69 32.60
C ALA A 193 35.40 -37.09 31.78
N ILE A 194 35.49 -37.15 30.45
CA ILE A 194 34.42 -36.61 29.64
C ILE A 194 33.16 -37.47 29.76
N ASN A 195 33.30 -38.79 29.87
CA ASN A 195 32.11 -39.62 30.03
C ASN A 195 31.42 -39.37 31.36
N ARG A 196 32.21 -39.12 32.42
CA ARG A 196 31.61 -38.79 33.71
C ARG A 196 30.94 -37.44 33.68
N GLN A 197 31.46 -36.48 32.93
CA GLN A 197 30.77 -35.20 32.83
C GLN A 197 29.46 -35.33 32.06
N ILE A 198 29.40 -36.21 31.06
CA ILE A 198 28.14 -36.46 30.36
C ILE A 198 27.10 -37.03 31.32
N ASN A 199 27.51 -38.02 32.11
CA ASN A 199 26.57 -38.60 33.07
C ASN A 199 26.14 -37.59 34.12
N LEU A 200 27.04 -36.69 34.53
CA LEU A 200 26.68 -35.70 35.53
C LEU A 200 25.72 -34.65 34.99
N GLU A 201 25.84 -34.28 33.71
CA GLU A 201 24.85 -33.39 33.15
C GLU A 201 23.51 -34.08 32.98
N LEU A 202 23.49 -35.37 32.66
CA LEU A 202 22.21 -36.08 32.57
C LEU A 202 21.56 -36.23 33.94
N TYR A 203 22.36 -36.35 34.99
CA TYR A 203 21.83 -36.46 36.35
C TYR A 203 21.11 -35.18 36.76
N ALA A 204 21.71 -34.03 36.48
CA ALA A 204 21.17 -32.76 36.94
C ALA A 204 19.85 -32.42 36.28
N SER A 205 19.61 -32.93 35.07
CA SER A 205 18.36 -32.68 34.36
C SER A 205 17.19 -33.38 35.03
N TYR A 206 17.46 -34.54 35.60
CA TYR A 206 16.46 -35.38 36.25
C TYR A 206 16.11 -34.86 37.65
N VAL A 207 17.07 -34.23 38.33
CA VAL A 207 16.80 -33.54 39.58
C VAL A 207 15.87 -32.37 39.35
N TYR A 208 16.09 -31.62 38.28
CA TYR A 208 15.22 -30.50 37.96
C TYR A 208 13.85 -30.96 37.53
N LEU A 209 13.75 -32.11 36.86
CA LEU A 209 12.44 -32.67 36.56
C LEU A 209 11.67 -33.01 37.83
N SER A 210 12.34 -33.65 38.78
CA SER A 210 11.74 -33.94 40.08
C SER A 210 11.25 -32.67 40.75
N MET A 211 12.12 -31.67 40.84
CA MET A 211 11.77 -30.38 41.46
C MET A 211 10.57 -29.75 40.79
N SER A 212 10.54 -29.75 39.47
CA SER A 212 9.46 -29.10 38.74
C SER A 212 8.12 -29.77 39.03
N TYR A 213 8.08 -31.10 39.00
CA TYR A 213 6.79 -31.74 39.25
C TYR A 213 6.45 -31.83 40.73
N TYR A 214 7.34 -31.44 41.63
CA TYR A 214 6.93 -31.25 43.01
C TYR A 214 6.08 -30.00 43.17
N PHE A 215 6.34 -28.97 42.39
CA PHE A 215 5.74 -27.66 42.61
C PHE A 215 4.39 -27.49 41.94
N ASP A 216 3.85 -28.52 41.31
CA ASP A 216 2.47 -28.43 40.84
C ASP A 216 1.59 -29.51 41.43
N ARG A 217 2.01 -30.12 42.53
CA ARG A 217 1.10 -30.89 43.35
C ARG A 217 0.00 -29.97 43.89
N ASP A 218 -1.17 -30.54 44.17
CA ASP A 218 -2.29 -29.70 44.57
C ASP A 218 -2.12 -29.10 45.97
N ASP A 219 -1.19 -29.60 46.77
CA ASP A 219 -0.85 -28.96 48.03
C ASP A 219 0.41 -28.11 47.95
N VAL A 220 1.04 -28.02 46.79
CA VAL A 220 2.11 -27.06 46.52
C VAL A 220 1.71 -26.37 45.21
N ALA A 221 0.94 -25.31 45.31
CA ALA A 221 0.33 -24.75 44.11
C ALA A 221 1.10 -23.52 43.62
N LEU A 222 2.33 -23.75 43.20
CA LEU A 222 3.20 -22.67 42.71
C LEU A 222 3.61 -22.96 41.26
N LYS A 223 2.93 -22.32 40.31
CA LYS A 223 3.06 -22.64 38.90
C LYS A 223 4.35 -22.13 38.28
N ASN A 224 4.84 -21.00 38.77
CA ASN A 224 6.01 -20.38 38.16
C ASN A 224 7.30 -21.02 38.64
N PHE A 225 7.31 -21.53 39.87
CA PHE A 225 8.39 -22.39 40.32
C PHE A 225 8.53 -23.62 39.43
N ALA A 226 7.39 -24.28 39.15
CA ALA A 226 7.39 -25.46 38.31
C ALA A 226 7.86 -25.15 36.90
N LYS A 227 7.42 -24.03 36.36
CA LYS A 227 7.83 -23.60 35.03
C LYS A 227 9.34 -23.33 34.96
N TYR A 228 9.87 -22.65 35.98
CA TYR A 228 11.29 -22.36 36.08
C TYR A 228 12.12 -23.64 36.09
N PHE A 229 11.74 -24.61 36.90
CA PHE A 229 12.54 -25.82 36.99
C PHE A 229 12.41 -26.73 35.78
N LEU A 230 11.30 -26.68 35.06
CA LEU A 230 11.23 -27.39 33.79
C LEU A 230 12.18 -26.78 32.76
N HIS A 231 12.27 -25.44 32.76
CA HIS A 231 13.22 -24.79 31.88
C HIS A 231 14.66 -25.23 32.17
N GLN A 232 15.03 -25.30 33.45
CA GLN A 232 16.37 -25.74 33.80
C GLN A 232 16.64 -27.17 33.38
N SER A 233 15.62 -28.04 33.53
CA SER A 233 15.76 -29.42 33.10
C SER A 233 16.12 -29.53 31.63
N HIS A 234 15.43 -28.77 30.78
CA HIS A 234 15.72 -28.86 29.36
C HIS A 234 17.08 -28.24 29.00
N GLU A 235 17.49 -27.20 29.72
CA GLU A 235 18.82 -26.63 29.48
C GLU A 235 19.93 -27.63 29.79
N GLU A 236 19.78 -28.40 30.87
CA GLU A 236 20.80 -29.38 31.19
C GLU A 236 20.83 -30.52 30.19
N ARG A 237 19.67 -30.91 29.66
CA ARG A 237 19.65 -31.89 28.58
C ARG A 237 20.44 -31.39 27.37
N GLU A 238 20.32 -30.10 27.06
CA GLU A 238 21.11 -29.53 25.97
C GLU A 238 22.61 -29.53 26.27
N HIS A 239 23.00 -29.25 27.51
CA HIS A 239 24.42 -29.29 27.86
C HIS A 239 25.02 -30.68 27.63
N ALA A 240 24.29 -31.71 28.05
CA ALA A 240 24.78 -33.08 27.85
C ALA A 240 24.89 -33.41 26.37
N GLU A 241 23.92 -32.99 25.57
CA GLU A 241 23.99 -33.28 24.15
C GLU A 241 25.15 -32.55 23.46
N LYS A 242 25.48 -31.35 23.91
CA LYS A 242 26.66 -30.67 23.39
C LYS A 242 27.93 -31.44 23.69
N LEU A 243 28.05 -31.98 24.91
CA LEU A 243 29.25 -32.75 25.21
C LEU A 243 29.32 -34.03 24.37
N MET A 244 28.18 -34.63 24.09
CA MET A 244 28.16 -35.81 23.23
C MET A 244 28.58 -35.49 21.80
N LYS A 245 28.13 -34.36 21.28
CA LYS A 245 28.55 -33.95 19.94
C LYS A 245 30.04 -33.68 19.88
N LEU A 246 30.59 -32.99 20.90
CA LEU A 246 32.03 -32.76 20.96
C LEU A 246 32.81 -34.07 20.95
N GLN A 247 32.36 -35.03 21.77
CA GLN A 247 33.06 -36.31 21.83
C GLN A 247 33.00 -37.04 20.49
N ASN A 248 31.91 -36.87 19.73
CA ASN A 248 31.88 -37.50 18.42
C ASN A 248 32.77 -36.79 17.40
N GLN A 249 32.98 -35.48 17.52
CA GLN A 249 33.88 -34.79 16.59
C GLN A 249 35.33 -35.17 16.79
N ARG A 250 35.74 -35.52 17.99
CA ARG A 250 37.12 -35.86 18.26
C ARG A 250 37.47 -37.29 17.92
N GLY A 251 36.47 -38.13 17.65
CA GLY A 251 36.73 -39.53 17.43
C GLY A 251 36.81 -40.36 18.67
N GLY A 252 36.32 -39.86 19.80
CA GLY A 252 36.27 -40.62 21.03
C GLY A 252 35.02 -41.47 21.13
N ALA A 253 34.96 -42.26 22.19
CA ALA A 253 33.94 -43.27 22.37
C ALA A 253 33.00 -42.88 23.50
N ILE A 254 31.77 -42.51 23.15
CA ILE A 254 30.74 -42.28 24.15
C ILE A 254 30.38 -43.60 24.82
N SER A 255 30.22 -43.56 26.14
CA SER A 255 29.90 -44.73 26.94
C SER A 255 28.94 -44.30 28.04
N LEU A 256 27.69 -44.75 27.96
CA LEU A 256 26.64 -44.28 28.84
C LEU A 256 26.45 -45.23 30.02
N GLN A 257 26.06 -44.66 31.16
CA GLN A 257 25.84 -45.37 32.41
C GLN A 257 24.43 -45.12 32.89
N ASP A 258 24.08 -45.72 34.02
CA ASP A 258 22.79 -45.47 34.65
C ASP A 258 22.71 -44.03 35.14
N ILE A 259 21.49 -43.49 35.11
CA ILE A 259 21.20 -42.20 35.72
C ILE A 259 20.45 -42.49 37.00
N LYS A 260 21.02 -42.09 38.13
CA LYS A 260 20.45 -42.40 39.42
C LYS A 260 19.36 -41.42 39.80
N LYS A 261 18.45 -41.88 40.65
CA LYS A 261 17.28 -41.06 41.03
C LYS A 261 17.72 -39.93 41.96
N PRO A 262 17.03 -38.79 41.95
CA PRO A 262 17.33 -37.67 42.84
C PRO A 262 17.25 -38.06 44.30
N ASP A 263 17.80 -37.19 45.15
CA ASP A 263 17.89 -37.48 46.57
C ASP A 263 16.56 -37.40 47.29
N CYS A 264 15.69 -36.50 46.85
CA CYS A 264 14.36 -36.36 47.43
C CYS A 264 13.30 -36.57 46.36
N ASP A 265 12.16 -37.08 46.80
CA ASP A 265 10.90 -36.88 46.10
C ASP A 265 10.17 -35.66 46.63
N ASP A 266 10.35 -35.34 47.91
CA ASP A 266 9.65 -34.25 48.56
C ASP A 266 10.66 -33.18 48.95
N TRP A 267 10.71 -32.12 48.17
CA TRP A 267 11.30 -30.89 48.60
C TRP A 267 10.36 -30.23 49.60
N GLU A 268 10.78 -29.15 50.23
CA GLU A 268 10.00 -28.67 51.35
C GLU A 268 9.39 -27.29 51.17
N SER A 269 9.99 -26.46 50.34
CA SER A 269 9.55 -25.08 50.12
C SER A 269 10.25 -24.59 48.88
N GLY A 270 9.95 -23.35 48.49
CA GLY A 270 10.70 -22.74 47.41
C GLY A 270 12.13 -22.41 47.80
N LEU A 271 12.32 -21.99 49.05
CA LEU A 271 13.65 -21.67 49.54
C LEU A 271 14.55 -22.89 49.56
N ASN A 272 14.04 -24.01 50.08
CA ASN A 272 14.86 -25.21 50.20
C ASN A 272 15.25 -25.76 48.83
N ALA A 273 14.33 -25.71 47.87
CA ALA A 273 14.64 -26.19 46.53
C ALA A 273 15.64 -25.27 45.84
N MET A 274 15.51 -23.95 46.04
CA MET A 274 16.50 -23.03 45.47
C MET A 274 17.89 -23.27 46.06
N GLU A 275 17.97 -23.59 47.36
CA GLU A 275 19.26 -23.86 47.97
C GLU A 275 19.86 -25.16 47.48
N CYS A 276 19.02 -26.17 47.26
CA CYS A 276 19.51 -27.42 46.70
C CYS A 276 20.00 -27.23 45.27
N ALA A 277 19.30 -26.42 44.49
CA ALA A 277 19.73 -26.14 43.13
C ALA A 277 21.06 -25.39 43.10
N LEU A 278 21.26 -24.49 44.07
CA LEU A 278 22.55 -23.79 44.14
C LEU A 278 23.67 -24.75 44.47
N HIS A 279 23.46 -25.64 45.44
CA HIS A 279 24.46 -26.65 45.77
C HIS A 279 24.79 -27.54 44.58
N LEU A 280 23.78 -27.90 43.80
CA LEU A 280 23.98 -28.73 42.62
C LEU A 280 24.84 -28.03 41.57
N GLU A 281 24.51 -26.78 41.25
CA GLU A 281 25.27 -26.10 40.22
C GLU A 281 26.70 -25.82 40.65
N LYS A 282 26.93 -25.63 41.95
CA LYS A 282 28.31 -25.49 42.42
C LYS A 282 29.09 -26.78 42.24
N ASN A 283 28.47 -27.93 42.49
CA ASN A 283 29.14 -29.21 42.24
C ASN A 283 29.51 -29.38 40.77
N VAL A 284 28.59 -29.04 39.88
CA VAL A 284 28.85 -29.17 38.44
C VAL A 284 30.01 -28.27 38.02
N ASN A 285 30.04 -27.04 38.53
CA ASN A 285 31.12 -26.12 38.22
C ASN A 285 32.47 -26.64 38.70
N GLN A 286 32.50 -27.27 39.87
CA GLN A 286 33.75 -27.80 40.38
C GLN A 286 34.27 -28.94 39.50
N SER A 287 33.38 -29.81 39.04
CA SER A 287 33.85 -30.87 38.16
C SER A 287 34.31 -30.33 36.81
N LEU A 288 33.68 -29.25 36.33
CA LEU A 288 34.15 -28.63 35.09
C LEU A 288 35.53 -28.03 35.25
N LEU A 289 35.84 -27.46 36.40
CA LEU A 289 37.16 -26.91 36.62
C LEU A 289 38.21 -28.00 36.67
N GLU A 290 37.89 -29.15 37.27
CA GLU A 290 38.84 -30.26 37.24
C GLU A 290 39.07 -30.78 35.83
N LEU A 291 38.00 -30.82 35.02
CA LEU A 291 38.15 -31.22 33.63
C LEU A 291 39.04 -30.27 32.85
N HIS A 292 38.93 -28.96 33.13
CA HIS A 292 39.77 -27.99 32.45
C HIS A 292 41.23 -28.14 32.85
N LYS A 293 41.50 -28.41 34.12
CA LYS A 293 42.88 -28.59 34.55
C LYS A 293 43.49 -29.84 33.95
N LEU A 294 42.69 -30.91 33.84
CA LEU A 294 43.16 -32.12 33.19
C LEU A 294 43.46 -31.87 31.72
N ALA A 295 42.59 -31.12 31.03
CA ALA A 295 42.84 -30.78 29.64
C ALA A 295 44.07 -29.91 29.46
N THR A 296 44.39 -29.08 30.44
CA THR A 296 45.59 -28.27 30.31
C THR A 296 46.85 -29.08 30.54
N ASP A 297 46.78 -30.10 31.40
CA ASP A 297 47.93 -30.98 31.53
C ASP A 297 48.20 -31.80 30.28
N CYS A 298 47.15 -32.15 29.52
CA CYS A 298 47.27 -33.00 28.36
C CYS A 298 47.60 -32.25 27.09
N ASN A 299 47.79 -30.92 27.17
CA ASN A 299 48.09 -30.07 26.01
C ASN A 299 47.01 -30.18 24.94
N ASP A 300 45.80 -29.79 25.30
CA ASP A 300 44.63 -29.86 24.43
C ASP A 300 43.95 -28.50 24.41
N PRO A 301 44.46 -27.55 23.62
CA PRO A 301 43.87 -26.21 23.62
C PRO A 301 42.44 -26.16 23.11
N HIS A 302 42.05 -27.08 22.23
CA HIS A 302 40.70 -27.04 21.70
C HIS A 302 39.68 -27.41 22.76
N LEU A 303 39.99 -28.40 23.61
CA LEU A 303 39.11 -28.76 24.70
C LEU A 303 39.02 -27.64 25.73
N CYS A 304 40.14 -26.99 26.03
CA CYS A 304 40.14 -25.89 26.98
C CYS A 304 39.26 -24.74 26.48
N ASP A 305 39.40 -24.39 25.22
CA ASP A 305 38.58 -23.31 24.68
C ASP A 305 37.11 -23.69 24.60
N PHE A 306 36.81 -24.96 24.28
CA PHE A 306 35.43 -25.43 24.29
C PHE A 306 34.80 -25.28 25.67
N ILE A 307 35.52 -25.73 26.70
CA ILE A 307 35.00 -25.66 28.06
C ILE A 307 34.78 -24.21 28.48
N GLU A 308 35.79 -23.37 28.31
CA GLU A 308 35.62 -22.00 28.78
C GLU A 308 34.73 -21.14 27.89
N THR A 309 34.39 -21.58 26.68
CA THR A 309 33.46 -20.82 25.86
C THR A 309 32.01 -21.24 26.07
N HIS A 310 31.73 -22.54 26.26
CA HIS A 310 30.34 -22.95 26.37
C HIS A 310 29.90 -23.33 27.78
N TYR A 311 30.80 -23.40 28.75
CA TYR A 311 30.38 -23.96 30.03
C TYR A 311 30.72 -23.08 31.23
N LEU A 312 31.86 -22.40 31.20
CA LEU A 312 32.35 -21.75 32.41
C LEU A 312 31.64 -20.43 32.70
N ASN A 313 31.11 -19.75 31.70
CA ASN A 313 30.40 -18.51 31.95
C ASN A 313 28.95 -18.74 32.29
N GLU A 314 28.35 -19.80 31.74
CA GLU A 314 26.99 -20.15 32.08
C GLU A 314 26.87 -20.58 33.53
N GLN A 315 27.88 -21.30 34.04
CA GLN A 315 27.87 -21.69 35.44
C GLN A 315 27.92 -20.48 36.37
N VAL A 316 28.73 -19.49 36.01
CA VAL A 316 28.85 -18.29 36.82
C VAL A 316 27.54 -17.53 36.82
N LYS A 317 26.91 -17.41 35.66
CA LYS A 317 25.61 -16.75 35.58
C LYS A 317 24.55 -17.47 36.42
N ALA A 318 24.53 -18.81 36.35
CA ALA A 318 23.53 -19.57 37.08
C ALA A 318 23.72 -19.47 38.57
N ILE A 319 24.97 -19.48 39.03
CA ILE A 319 25.24 -19.38 40.45
C ILE A 319 24.89 -17.99 40.97
N LYS A 320 25.15 -16.96 40.18
CA LYS A 320 24.76 -15.61 40.59
C LYS A 320 23.24 -15.47 40.70
N GLU A 321 22.51 -16.01 39.73
CA GLU A 321 21.06 -15.90 39.76
C GLU A 321 20.44 -16.70 40.89
N LEU A 322 20.95 -17.89 41.17
CA LEU A 322 20.39 -18.69 42.25
C LEU A 322 20.69 -18.10 43.61
N GLY A 323 21.88 -17.50 43.79
CA GLY A 323 22.14 -16.80 45.03
C GLY A 323 21.29 -15.56 45.22
N ASP A 324 20.99 -14.85 44.13
CA ASP A 324 20.01 -13.78 44.16
C ASP A 324 18.66 -14.27 44.68
N HIS A 325 18.15 -15.36 44.09
CA HIS A 325 16.85 -15.88 44.51
C HIS A 325 16.84 -16.26 45.98
N VAL A 326 17.93 -16.89 46.45
CA VAL A 326 17.97 -17.32 47.84
C VAL A 326 17.94 -16.12 48.78
N THR A 327 18.75 -15.08 48.51
CA THR A 327 18.76 -13.97 49.46
C THR A 327 17.45 -13.18 49.43
N ASN A 328 16.82 -13.04 48.27
CA ASN A 328 15.54 -12.34 48.25
C ASN A 328 14.47 -13.12 48.99
N LEU A 329 14.42 -14.43 48.80
CA LEU A 329 13.45 -15.24 49.53
C LEU A 329 13.69 -15.21 51.03
N ARG A 330 14.94 -15.21 51.46
CA ARG A 330 15.20 -15.13 52.90
C ARG A 330 14.84 -13.77 53.47
N LYS A 331 15.05 -12.68 52.71
CA LYS A 331 14.70 -11.37 53.22
C LYS A 331 13.20 -11.17 53.30
N MET A 332 12.44 -11.70 52.34
CA MET A 332 10.99 -11.56 52.38
C MET A 332 10.37 -12.30 53.55
N GLY A 333 11.05 -13.27 54.13
CA GLY A 333 10.56 -13.97 55.29
C GLY A 333 10.17 -15.41 55.08
N ALA A 334 10.54 -16.01 53.98
CA ALA A 334 10.25 -17.42 53.70
C ALA A 334 11.22 -18.31 54.47
N PRO A 335 10.84 -19.57 54.76
CA PRO A 335 9.66 -20.35 54.39
C PRO A 335 8.46 -20.16 55.30
N GLU A 336 8.67 -19.63 56.49
CA GLU A 336 7.61 -19.51 57.49
C GLU A 336 6.65 -18.36 57.19
N SER A 337 6.76 -17.73 56.03
CA SER A 337 5.76 -16.80 55.55
C SER A 337 5.24 -17.33 54.22
N GLY A 338 3.99 -17.77 54.19
CA GLY A 338 3.41 -18.22 52.94
C GLY A 338 3.10 -17.10 51.99
N LEU A 339 3.00 -15.88 52.49
CA LEU A 339 2.81 -14.72 51.64
C LEU A 339 4.06 -14.39 50.86
N ALA A 340 5.23 -14.76 51.37
CA ALA A 340 6.48 -14.43 50.70
C ALA A 340 6.67 -15.26 49.43
N GLU A 341 6.39 -16.56 49.50
CA GLU A 341 6.62 -17.41 48.34
C GLU A 341 5.57 -17.16 47.26
N TYR A 342 4.34 -16.84 47.63
CA TYR A 342 3.31 -16.47 46.66
C TYR A 342 3.73 -15.23 45.87
N LEU A 343 4.22 -14.22 46.57
CA LEU A 343 4.56 -12.97 45.90
C LEU A 343 5.86 -13.06 45.13
N PHE A 344 6.81 -13.87 45.60
CA PHE A 344 8.00 -14.16 44.81
C PHE A 344 7.63 -14.88 43.53
N ASP A 345 6.72 -15.87 43.62
CA ASP A 345 6.18 -16.54 42.45
C ASP A 345 5.61 -15.56 41.45
N LYS A 346 4.83 -14.58 41.92
CA LYS A 346 4.22 -13.63 41.01
C LYS A 346 5.24 -12.68 40.39
N HIS A 347 6.06 -12.05 41.22
CA HIS A 347 6.81 -10.89 40.74
C HIS A 347 8.16 -11.23 40.14
N THR A 348 8.86 -12.22 40.66
CA THR A 348 10.17 -12.53 40.11
C THR A 348 10.10 -13.60 39.04
N LEU A 349 9.39 -14.69 39.30
CA LEU A 349 9.29 -15.78 38.34
C LEU A 349 8.18 -15.58 37.33
N GLY A 350 7.29 -14.62 37.55
CA GLY A 350 6.20 -14.37 36.64
C GLY A 350 6.65 -13.75 35.34
N LYS B 22 89.28 -107.79 54.58
CA LYS B 22 89.61 -108.37 53.27
C LYS B 22 90.19 -107.30 52.33
N ILE B 23 90.10 -106.04 52.76
CA ILE B 23 90.79 -104.97 52.06
C ILE B 23 92.28 -105.07 52.36
N GLU B 24 93.09 -105.14 51.32
CA GLU B 24 94.52 -105.42 51.48
C GLU B 24 95.27 -104.22 52.01
N GLU B 25 96.35 -104.49 52.75
CA GLU B 25 97.18 -103.48 53.40
C GLU B 25 98.45 -103.23 52.59
N GLY B 26 99.02 -102.03 52.77
CA GLY B 26 100.20 -101.64 52.03
C GLY B 26 99.97 -101.44 50.55
N LYS B 27 98.71 -101.35 50.12
CA LYS B 27 98.35 -101.36 48.72
C LYS B 27 97.03 -100.61 48.56
N LEU B 28 96.92 -99.83 47.49
CA LEU B 28 95.75 -99.00 47.25
C LEU B 28 95.14 -99.34 45.91
N VAL B 29 93.83 -99.65 45.91
CA VAL B 29 93.05 -99.84 44.70
C VAL B 29 91.90 -98.84 44.72
N ILE B 30 91.66 -98.20 43.58
CA ILE B 30 90.69 -97.13 43.45
C ILE B 30 89.73 -97.50 42.32
N TRP B 31 88.47 -97.16 42.48
CA TRP B 31 87.48 -97.27 41.42
C TRP B 31 86.95 -95.89 41.06
N ILE B 32 86.93 -95.59 39.76
CA ILE B 32 86.55 -94.27 39.25
C ILE B 32 85.88 -94.46 37.90
N ASN B 33 84.79 -93.71 37.68
CA ASN B 33 84.01 -93.86 36.46
C ASN B 33 84.80 -93.37 35.25
N GLY B 34 84.62 -94.07 34.12
CA GLY B 34 85.38 -93.84 32.91
C GLY B 34 85.08 -92.58 32.14
N ASP B 35 84.17 -91.74 32.60
CA ASP B 35 83.90 -90.45 31.97
C ASP B 35 84.80 -89.36 32.49
N LYS B 36 85.80 -89.71 33.29
CA LYS B 36 86.69 -88.77 33.95
C LYS B 36 88.11 -89.02 33.48
N GLY B 37 89.04 -88.27 34.07
CA GLY B 37 90.45 -88.53 33.84
C GLY B 37 90.97 -89.64 34.74
N TYR B 38 90.50 -90.87 34.53
CA TYR B 38 91.00 -91.99 35.31
C TYR B 38 92.47 -92.27 34.97
N ASN B 39 92.88 -91.95 33.74
CA ASN B 39 94.30 -91.99 33.43
C ASN B 39 95.07 -90.94 34.22
N GLY B 40 94.45 -89.80 34.52
CA GLY B 40 95.06 -88.85 35.44
C GLY B 40 95.18 -89.39 36.84
N LEU B 41 94.21 -90.21 37.26
CA LEU B 41 94.33 -90.90 38.54
C LEU B 41 95.48 -91.90 38.51
N ALA B 42 95.71 -92.56 37.38
CA ALA B 42 96.90 -93.39 37.23
C ALA B 42 98.17 -92.54 37.30
N GLU B 43 98.15 -91.34 36.72
CA GLU B 43 99.33 -90.48 36.75
CA GLU B 43 99.33 -90.48 36.75
C GLU B 43 99.65 -90.02 38.17
N VAL B 44 98.63 -89.65 38.94
CA VAL B 44 98.93 -89.24 40.32
C VAL B 44 99.33 -90.46 41.15
N GLY B 45 98.79 -91.63 40.83
CA GLY B 45 99.26 -92.85 41.46
C GLY B 45 100.73 -93.11 41.21
N LYS B 46 101.20 -92.89 39.98
CA LYS B 46 102.61 -93.13 39.73
C LYS B 46 103.51 -92.02 40.28
N LYS B 47 103.03 -90.78 40.42
CA LYS B 47 103.79 -89.82 41.22
C LYS B 47 103.97 -90.35 42.65
N PHE B 48 102.88 -90.85 43.24
CA PHE B 48 102.96 -91.42 44.57
C PHE B 48 103.90 -92.62 44.63
N GLU B 49 103.98 -93.39 43.54
CA GLU B 49 104.85 -94.55 43.51
C GLU B 49 106.32 -94.14 43.44
N LYS B 50 106.66 -93.20 42.54
CA LYS B 50 108.05 -92.75 42.48
C LYS B 50 108.47 -92.00 43.74
N ASP B 51 107.52 -91.38 44.45
CA ASP B 51 107.92 -90.64 45.65
C ASP B 51 107.99 -91.51 46.90
N THR B 52 107.02 -92.40 47.12
CA THR B 52 106.95 -93.18 48.35
C THR B 52 107.07 -94.68 48.15
N GLY B 53 107.01 -95.18 46.92
CA GLY B 53 107.14 -96.61 46.67
C GLY B 53 105.89 -97.42 46.91
N ILE B 54 104.76 -96.79 47.20
CA ILE B 54 103.52 -97.48 47.49
C ILE B 54 102.69 -97.55 46.21
N LYS B 55 102.37 -98.77 45.78
CA LYS B 55 101.71 -98.97 44.50
C LYS B 55 100.24 -98.55 44.57
N VAL B 56 99.78 -97.87 43.53
CA VAL B 56 98.39 -97.44 43.40
C VAL B 56 97.84 -98.00 42.08
N THR B 57 96.77 -98.79 42.18
CA THR B 57 96.07 -99.30 41.01
C THR B 57 94.70 -98.65 40.92
N VAL B 58 94.30 -98.28 39.71
CA VAL B 58 92.97 -97.74 39.46
C VAL B 58 92.28 -98.64 38.46
N GLU B 59 90.95 -98.76 38.61
CA GLU B 59 90.15 -99.55 37.70
C GLU B 59 88.87 -98.80 37.38
N HIS B 60 88.44 -98.87 36.12
CA HIS B 60 87.31 -98.09 35.63
C HIS B 60 86.31 -98.97 34.87
N PRO B 61 85.54 -99.78 35.60
CA PRO B 61 84.46 -100.54 34.95
C PRO B 61 83.14 -99.79 35.02
N ASP B 62 82.15 -100.34 34.33
CA ASP B 62 80.82 -99.77 34.36
C ASP B 62 80.13 -100.08 35.68
N LYS B 63 79.01 -99.40 35.92
CA LYS B 63 78.11 -99.63 37.06
C LYS B 63 78.82 -99.57 38.41
N LEU B 64 79.78 -98.65 38.56
CA LEU B 64 80.54 -98.58 39.80
C LEU B 64 79.69 -98.16 41.00
N GLU B 65 78.60 -97.44 40.78
CA GLU B 65 77.73 -97.07 41.88
C GLU B 65 76.85 -98.25 42.28
N GLU B 66 76.57 -99.13 41.32
CA GLU B 66 75.96 -100.43 41.65
C GLU B 66 76.99 -101.33 42.32
N LYS B 67 78.27 -101.20 41.96
CA LYS B 67 79.29 -102.17 42.32
C LYS B 67 79.91 -101.89 43.69
N PHE B 68 80.03 -100.62 44.10
CA PHE B 68 80.68 -100.32 45.38
C PHE B 68 79.88 -100.81 46.59
N PRO B 69 78.59 -100.49 46.76
CA PRO B 69 77.93 -100.85 48.03
C PRO B 69 77.71 -102.35 48.19
N GLN B 70 77.49 -103.08 47.10
CA GLN B 70 77.26 -104.51 47.19
C GLN B 70 78.50 -105.29 47.60
N VAL B 71 79.68 -104.70 47.47
CA VAL B 71 80.91 -105.39 47.86
C VAL B 71 81.39 -104.77 49.18
N ALA B 72 81.09 -103.49 49.39
CA ALA B 72 81.43 -102.83 50.63
C ALA B 72 80.58 -103.31 51.80
N ALA B 73 79.38 -103.83 51.55
CA ALA B 73 78.62 -104.49 52.58
C ALA B 73 79.21 -105.83 52.98
N THR B 74 80.08 -106.40 52.14
CA THR B 74 80.87 -107.57 52.50
C THR B 74 82.20 -107.22 53.13
N GLY B 75 82.66 -105.98 53.00
CA GLY B 75 83.94 -105.56 53.53
C GLY B 75 85.09 -105.62 52.55
N ASP B 76 84.82 -105.51 51.25
CA ASP B 76 85.87 -105.53 50.25
C ASP B 76 85.63 -104.51 49.16
N GLY B 77 86.33 -104.63 48.04
CA GLY B 77 86.15 -103.75 46.92
C GLY B 77 87.31 -102.79 46.76
N PRO B 78 87.00 -101.51 46.64
CA PRO B 78 88.05 -100.51 46.51
C PRO B 78 88.44 -99.95 47.86
N ASP B 79 89.39 -99.02 47.87
CA ASP B 79 89.59 -98.20 49.04
C ASP B 79 88.97 -96.82 48.87
N ILE B 80 89.14 -96.22 47.69
CA ILE B 80 88.66 -94.87 47.40
C ILE B 80 87.70 -94.94 46.22
N ILE B 81 86.66 -94.13 46.26
CA ILE B 81 85.67 -94.06 45.18
C ILE B 81 85.34 -92.61 44.87
N PHE B 82 85.40 -92.24 43.59
CA PHE B 82 85.12 -90.89 43.12
C PHE B 82 83.71 -90.86 42.55
N TRP B 83 82.80 -90.18 43.23
CA TRP B 83 81.41 -90.15 42.80
C TRP B 83 80.71 -88.93 43.43
N ALA B 84 79.44 -88.76 43.07
CA ALA B 84 78.64 -87.69 43.63
C ALA B 84 78.40 -87.90 45.12
N HIS B 85 78.23 -86.80 45.83
CA HIS B 85 78.13 -86.82 47.29
C HIS B 85 76.78 -87.30 47.78
N ASP B 86 75.73 -87.20 46.95
CA ASP B 86 74.39 -87.46 47.44
C ASP B 86 74.16 -88.93 47.80
N ARG B 87 74.77 -89.84 47.06
CA ARG B 87 74.73 -91.24 47.45
C ARG B 87 75.77 -91.58 48.50
N PHE B 88 76.71 -90.66 48.77
CA PHE B 88 77.70 -90.89 49.81
C PHE B 88 77.08 -90.79 51.19
N GLY B 89 76.27 -89.75 51.42
CA GLY B 89 75.63 -89.58 52.72
C GLY B 89 74.75 -90.75 53.09
N GLY B 90 74.01 -91.28 52.12
CA GLY B 90 73.30 -92.53 52.35
C GLY B 90 74.23 -93.67 52.68
N TYR B 91 75.35 -93.77 51.95
CA TYR B 91 76.36 -94.75 52.32
C TYR B 91 77.14 -94.33 53.55
N ALA B 92 76.99 -93.07 53.99
CA ALA B 92 77.47 -92.71 55.31
C ALA B 92 76.59 -93.33 56.39
N GLN B 93 75.32 -93.58 56.07
CA GLN B 93 74.45 -94.33 56.97
C GLN B 93 74.77 -95.82 56.89
N SER B 94 75.03 -96.33 55.69
CA SER B 94 75.14 -97.76 55.44
C SER B 94 76.45 -98.37 55.92
N GLY B 95 77.31 -97.60 56.57
CA GLY B 95 78.56 -98.15 57.05
C GLY B 95 79.54 -98.53 55.96
N LEU B 96 79.50 -97.84 54.83
CA LEU B 96 80.35 -98.15 53.69
C LEU B 96 81.36 -97.05 53.37
N LEU B 97 81.17 -95.83 53.86
CA LEU B 97 82.15 -94.78 53.73
C LEU B 97 82.80 -94.49 55.08
N ALA B 98 84.11 -94.30 55.06
CA ALA B 98 84.89 -94.10 56.27
C ALA B 98 84.83 -92.64 56.71
N GLU B 99 84.69 -92.43 58.02
CA GLU B 99 84.73 -91.09 58.59
C GLU B 99 86.17 -90.57 58.49
N ILE B 100 86.38 -89.57 57.64
CA ILE B 100 87.72 -89.04 57.43
C ILE B 100 88.09 -88.12 58.60
N THR B 101 89.40 -87.94 58.77
CA THR B 101 89.93 -87.02 59.78
C THR B 101 90.90 -86.06 59.09
N PRO B 102 90.40 -84.99 58.49
CA PRO B 102 91.29 -83.97 57.93
C PRO B 102 91.60 -82.87 58.94
N ASP B 103 92.69 -82.17 58.67
CA ASP B 103 93.10 -81.07 59.52
CA ASP B 103 93.11 -81.07 59.52
C ASP B 103 92.35 -79.79 59.17
N LYS B 104 92.47 -78.79 60.05
CA LYS B 104 91.77 -77.53 59.84
C LYS B 104 92.48 -76.64 58.83
N ALA B 105 93.81 -76.71 58.74
CA ALA B 105 94.52 -75.98 57.70
C ALA B 105 94.20 -76.53 56.32
N PHE B 106 94.04 -77.85 56.19
CA PHE B 106 93.62 -78.43 54.93
C PHE B 106 92.15 -78.13 54.65
N GLN B 107 91.35 -77.95 55.71
CA GLN B 107 89.98 -77.49 55.52
C GLN B 107 89.94 -76.04 55.05
N ASP B 108 90.94 -75.25 55.41
CA ASP B 108 91.09 -73.92 54.84
C ASP B 108 91.64 -73.98 53.42
N LYS B 109 92.41 -75.02 53.10
CA LYS B 109 92.94 -75.20 51.74
C LYS B 109 91.84 -75.42 50.72
N LEU B 110 90.69 -75.97 51.13
CA LEU B 110 89.54 -76.17 50.26
C LEU B 110 88.43 -75.21 50.64
N TYR B 111 87.44 -75.11 49.76
CA TYR B 111 86.28 -74.28 50.06
C TYR B 111 85.32 -75.02 50.99
N PRO B 112 84.81 -74.37 52.03
CA PRO B 112 83.94 -75.07 52.98
C PRO B 112 82.59 -75.44 52.41
N PHE B 113 82.07 -74.69 51.44
CA PHE B 113 80.80 -75.06 50.82
C PHE B 113 80.92 -76.35 50.04
N THR B 114 82.13 -76.74 49.65
CA THR B 114 82.36 -78.09 49.16
C THR B 114 82.31 -79.10 50.29
N TRP B 115 82.80 -78.72 51.48
CA TRP B 115 82.76 -79.62 52.62
C TRP B 115 81.35 -79.85 53.13
N ASP B 116 80.42 -78.93 52.86
CA ASP B 116 79.01 -79.16 53.21
C ASP B 116 78.35 -80.22 52.33
N ALA B 117 79.02 -80.69 51.27
CA ALA B 117 78.47 -81.73 50.43
C ALA B 117 78.60 -83.12 51.04
N VAL B 118 79.61 -83.32 51.88
CA VAL B 118 79.96 -84.64 52.39
C VAL B 118 79.68 -84.74 53.89
N ARG B 119 78.68 -84.00 54.35
CA ARG B 119 78.25 -84.04 55.74
C ARG B 119 77.11 -85.04 55.91
N TYR B 120 77.15 -85.78 57.00
CA TYR B 120 76.05 -86.69 57.35
C TYR B 120 76.15 -87.02 58.83
N ASN B 121 75.09 -86.71 59.59
CA ASN B 121 75.05 -86.92 61.04
C ASN B 121 76.21 -86.23 61.75
N GLY B 122 76.61 -85.07 61.23
CA GLY B 122 77.70 -84.31 61.79
C GLY B 122 79.08 -84.82 61.46
N LYS B 123 79.22 -86.05 60.96
CA LYS B 123 80.52 -86.62 60.64
C LYS B 123 80.90 -86.29 59.21
N LEU B 124 82.20 -86.30 58.95
CA LEU B 124 82.74 -85.95 57.64
C LEU B 124 83.26 -87.21 56.98
N ILE B 125 82.83 -87.46 55.74
CA ILE B 125 82.95 -88.79 55.15
C ILE B 125 83.88 -88.84 53.94
N ALA B 126 84.14 -87.73 53.25
CA ALA B 126 84.84 -87.81 51.98
C ALA B 126 85.47 -86.46 51.67
N TYR B 127 86.52 -86.48 50.84
CA TYR B 127 87.19 -85.27 50.45
C TYR B 127 86.62 -84.79 49.13
N PRO B 128 86.08 -83.56 49.05
CA PRO B 128 85.54 -83.08 47.76
C PRO B 128 86.67 -82.74 46.81
N ILE B 129 86.48 -83.10 45.54
CA ILE B 129 87.45 -82.76 44.50
C ILE B 129 86.80 -81.81 43.52
N ALA B 130 85.75 -82.27 42.85
CA ALA B 130 85.13 -81.51 41.76
C ALA B 130 83.77 -81.00 42.20
N VAL B 131 83.39 -79.84 41.65
CA VAL B 131 82.13 -79.18 41.99
C VAL B 131 81.43 -78.78 40.70
N GLU B 132 80.14 -79.07 40.62
CA GLU B 132 79.37 -78.95 39.39
C GLU B 132 78.17 -78.04 39.62
N ALA B 133 77.89 -77.19 38.64
CA ALA B 133 76.80 -76.24 38.72
C ALA B 133 76.42 -75.79 37.32
N LEU B 134 75.13 -75.56 37.12
CA LEU B 134 74.62 -75.15 35.81
C LEU B 134 74.81 -73.66 35.61
N SER B 135 75.23 -73.27 34.41
CA SER B 135 75.54 -71.88 34.10
C SER B 135 74.88 -71.51 32.78
N LEU B 136 74.86 -70.20 32.49
CA LEU B 136 74.24 -69.70 31.28
C LEU B 136 75.27 -69.72 30.16
N ILE B 137 74.88 -70.29 29.02
CA ILE B 137 75.71 -70.33 27.82
C ILE B 137 75.02 -69.47 26.79
N TYR B 138 75.74 -68.50 26.23
CA TYR B 138 75.16 -67.53 25.33
C TYR B 138 75.98 -67.39 24.06
N ASN B 139 75.28 -67.16 22.95
CA ASN B 139 75.92 -66.76 21.71
C ASN B 139 76.36 -65.30 21.85
N LYS B 140 77.66 -65.05 21.66
CA LYS B 140 78.16 -63.68 21.75
C LYS B 140 77.70 -62.83 20.58
N ASP B 141 77.41 -63.45 19.44
CA ASP B 141 77.02 -62.69 18.26
C ASP B 141 75.56 -62.24 18.36
N LEU B 142 74.66 -63.16 18.72
CA LEU B 142 73.25 -62.81 18.83
C LEU B 142 73.00 -61.85 20.00
N LEU B 143 73.83 -61.91 21.04
CA LEU B 143 73.67 -60.97 22.13
C LEU B 143 75.03 -60.59 22.70
N PRO B 144 75.52 -59.38 22.40
CA PRO B 144 76.84 -58.97 22.92
C PRO B 144 76.84 -58.64 24.39
N ASN B 145 75.67 -58.36 24.99
CA ASN B 145 75.59 -57.94 26.38
C ASN B 145 74.52 -58.75 27.10
N PRO B 146 74.91 -59.73 27.92
CA PRO B 146 73.91 -60.57 28.58
C PRO B 146 73.12 -59.78 29.61
N PRO B 147 71.89 -60.19 29.89
CA PRO B 147 71.11 -59.53 30.95
C PRO B 147 71.33 -60.20 32.30
N LYS B 148 71.06 -59.42 33.35
CA LYS B 148 71.27 -59.88 34.72
C LYS B 148 69.97 -60.11 35.47
N THR B 149 68.83 -59.91 34.82
CA THR B 149 67.52 -60.15 35.44
C THR B 149 66.72 -61.11 34.57
N TRP B 150 65.98 -62.01 35.23
CA TRP B 150 65.03 -62.85 34.51
C TRP B 150 63.86 -62.04 33.97
N GLU B 151 63.51 -60.96 34.67
CA GLU B 151 62.45 -60.07 34.22
C GLU B 151 62.77 -59.40 32.89
N GLU B 152 64.04 -59.42 32.48
CA GLU B 152 64.42 -58.90 31.19
C GLU B 152 64.19 -59.90 30.07
N ILE B 153 64.15 -61.19 30.38
CA ILE B 153 64.06 -62.26 29.37
C ILE B 153 62.80 -62.20 28.51
N PRO B 154 61.60 -61.93 29.05
CA PRO B 154 60.44 -61.82 28.13
C PRO B 154 60.58 -60.72 27.10
N ALA B 155 60.93 -59.51 27.53
CA ALA B 155 61.02 -58.37 26.63
C ALA B 155 62.01 -58.62 25.49
N LEU B 156 63.22 -59.09 25.83
CA LEU B 156 64.21 -59.36 24.79
C LEU B 156 63.77 -60.49 23.88
N ASP B 157 62.92 -61.40 24.37
CA ASP B 157 62.37 -62.43 23.50
C ASP B 157 61.56 -61.81 22.36
N LYS B 158 60.86 -60.72 22.65
CA LYS B 158 60.13 -59.98 21.62
C LYS B 158 61.07 -59.49 20.53
N GLU B 159 62.34 -59.26 20.85
CA GLU B 159 63.30 -58.92 19.81
C GLU B 159 63.61 -60.11 18.92
N LEU B 160 63.81 -61.29 19.51
CA LEU B 160 64.38 -62.39 18.73
C LEU B 160 63.38 -62.99 17.76
N LYS B 161 62.09 -62.97 18.10
CA LYS B 161 61.07 -63.36 17.12
C LYS B 161 61.03 -62.40 15.93
N ALA B 162 61.56 -61.19 16.10
CA ALA B 162 61.72 -60.26 14.98
C ALA B 162 62.91 -60.61 14.10
N LYS B 163 63.79 -61.50 14.54
CA LYS B 163 64.88 -62.01 13.72
C LYS B 163 64.70 -63.48 13.37
N GLY B 164 63.57 -64.09 13.73
CA GLY B 164 63.40 -65.50 13.54
C GLY B 164 64.16 -66.35 14.53
N LYS B 165 64.44 -65.82 15.71
CA LYS B 165 65.21 -66.52 16.73
C LYS B 165 64.36 -66.69 17.99
N SER B 166 64.86 -67.50 18.91
CA SER B 166 64.22 -67.71 20.20
C SER B 166 65.17 -67.31 21.31
N ALA B 167 64.62 -66.82 22.41
CA ALA B 167 65.46 -66.32 23.50
C ALA B 167 66.05 -67.47 24.31
N LEU B 168 65.21 -68.28 24.92
CA LEU B 168 65.67 -69.33 25.82
C LEU B 168 64.97 -70.63 25.45
N MET B 169 65.74 -71.71 25.37
CA MET B 169 65.20 -73.04 25.11
C MET B 169 66.06 -74.04 25.87
N PHE B 170 65.43 -74.79 26.78
CA PHE B 170 66.14 -75.76 27.59
C PHE B 170 65.20 -76.92 27.91
N ASN B 171 65.68 -77.84 28.76
CA ASN B 171 64.91 -79.02 29.12
C ASN B 171 63.92 -78.67 30.22
N LEU B 172 62.64 -78.62 29.87
CA LEU B 172 61.58 -78.39 30.84
C LEU B 172 61.06 -79.68 31.47
N GLN B 173 61.55 -80.84 31.03
CA GLN B 173 61.04 -82.11 31.51
C GLN B 173 61.71 -82.55 32.81
N GLU B 174 62.60 -81.75 33.38
CA GLU B 174 63.29 -82.09 34.60
C GLU B 174 63.19 -80.96 35.61
N PRO B 175 63.00 -81.27 36.90
CA PRO B 175 63.15 -80.24 37.92
C PRO B 175 64.59 -79.78 38.10
N TYR B 176 65.56 -80.57 37.64
CA TYR B 176 66.97 -80.23 37.78
C TYR B 176 67.32 -78.96 37.02
N PHE B 177 66.60 -78.68 35.93
CA PHE B 177 66.84 -77.44 35.19
C PHE B 177 66.06 -76.27 35.78
N THR B 178 64.83 -76.54 36.24
CA THR B 178 63.92 -75.47 36.64
C THR B 178 64.14 -74.99 38.07
N TRP B 179 64.81 -75.78 38.91
CA TRP B 179 64.99 -75.43 40.32
C TRP B 179 65.78 -74.16 40.60
N PRO B 180 66.75 -73.73 39.77
CA PRO B 180 67.35 -72.40 39.99
C PRO B 180 66.35 -71.26 40.05
N LEU B 181 65.39 -71.22 39.13
CA LEU B 181 64.47 -70.08 39.08
C LEU B 181 63.42 -70.17 40.19
N ILE B 182 62.76 -71.32 40.33
CA ILE B 182 61.62 -71.41 41.23
C ILE B 182 62.04 -71.31 42.69
N ALA B 183 63.22 -71.83 43.03
CA ALA B 183 63.69 -71.85 44.41
C ALA B 183 64.65 -70.72 44.73
N ALA B 184 64.72 -69.69 43.87
CA ALA B 184 65.68 -68.62 44.07
C ALA B 184 65.26 -67.71 45.22
N ASP B 185 63.97 -67.42 45.32
CA ASP B 185 63.46 -66.40 46.24
C ASP B 185 62.64 -67.00 47.38
N GLY B 186 62.96 -68.20 47.82
CA GLY B 186 62.26 -68.76 48.97
C GLY B 186 62.02 -70.26 48.93
N GLY B 187 62.26 -70.89 47.78
CA GLY B 187 62.15 -72.34 47.70
C GLY B 187 63.43 -73.05 48.10
N TYR B 188 63.28 -74.25 48.66
CA TYR B 188 64.39 -75.08 49.05
C TYR B 188 63.89 -76.51 49.26
N ALA B 189 64.65 -77.48 48.74
CA ALA B 189 64.18 -78.86 48.70
C ALA B 189 63.92 -79.42 50.10
N PHE B 190 64.96 -79.51 50.92
CA PHE B 190 64.83 -79.90 52.32
C PHE B 190 65.59 -78.90 53.17
N LYS B 191 65.09 -78.65 54.38
CA LYS B 191 65.82 -77.77 55.28
C LYS B 191 67.10 -78.45 55.74
N TYR B 192 68.23 -77.82 55.48
CA TYR B 192 69.55 -78.40 55.69
C TYR B 192 70.38 -77.49 56.58
N GLU B 193 70.62 -77.93 57.82
CA GLU B 193 71.37 -77.14 58.79
C GLU B 193 72.26 -78.07 59.60
N ASN B 194 73.47 -77.61 59.92
CA ASN B 194 74.43 -78.33 60.78
C ASN B 194 74.75 -79.72 60.24
N GLY B 195 74.72 -79.89 58.92
CA GLY B 195 74.98 -81.19 58.35
C GLY B 195 73.83 -82.18 58.39
N LYS B 196 72.61 -81.70 58.65
CA LYS B 196 71.45 -82.57 58.78
C LYS B 196 70.32 -82.07 57.89
N TYR B 197 69.70 -82.99 57.15
CA TYR B 197 68.56 -82.67 56.30
C TYR B 197 67.27 -83.02 57.03
N ASP B 198 66.41 -82.03 57.24
CA ASP B 198 65.15 -82.24 57.94
C ASP B 198 64.14 -82.87 56.99
N ILE B 199 63.53 -83.97 57.42
CA ILE B 199 62.63 -84.71 56.54
C ILE B 199 61.23 -84.09 56.53
N LYS B 200 60.79 -83.56 57.67
CA LYS B 200 59.49 -82.90 57.78
C LYS B 200 59.49 -81.49 57.17
N ASP B 201 60.60 -81.05 56.59
CA ASP B 201 60.72 -79.66 56.17
C ASP B 201 61.06 -79.60 54.69
N VAL B 202 60.20 -80.22 53.89
CA VAL B 202 60.24 -80.16 52.42
C VAL B 202 59.63 -78.83 52.02
N GLY B 203 60.46 -77.89 51.57
CA GLY B 203 59.95 -76.58 51.21
C GLY B 203 59.55 -76.41 49.77
N VAL B 204 58.26 -76.58 49.47
CA VAL B 204 57.71 -76.16 48.19
C VAL B 204 56.46 -75.32 48.34
N ASP B 205 55.86 -75.26 49.54
CA ASP B 205 54.70 -74.41 49.80
C ASP B 205 55.14 -73.06 50.35
N ASN B 206 55.99 -72.40 49.57
CA ASN B 206 56.55 -71.11 49.94
C ASN B 206 56.22 -70.07 48.87
N ALA B 207 56.21 -68.80 49.29
CA ALA B 207 55.88 -67.71 48.38
C ALA B 207 56.92 -67.57 47.27
N GLY B 208 58.17 -67.93 47.55
CA GLY B 208 59.18 -67.88 46.51
C GLY B 208 58.95 -68.92 45.42
N ALA B 209 58.59 -70.14 45.83
CA ALA B 209 58.27 -71.16 44.83
C ALA B 209 57.05 -70.75 44.02
N LYS B 210 56.07 -70.12 44.67
CA LYS B 210 54.91 -69.59 43.96
C LYS B 210 55.33 -68.56 42.92
N ALA B 211 56.20 -67.63 43.32
CA ALA B 211 56.64 -66.58 42.40
C ALA B 211 57.40 -67.16 41.22
N GLY B 212 58.29 -68.12 41.48
CA GLY B 212 59.04 -68.74 40.40
C GLY B 212 58.16 -69.52 39.44
N LEU B 213 57.18 -70.25 39.96
CA LEU B 213 56.33 -71.02 39.07
C LEU B 213 55.37 -70.13 38.30
N THR B 214 54.90 -69.03 38.91
CA THR B 214 54.13 -68.05 38.14
C THR B 214 54.98 -67.40 37.06
N PHE B 215 56.27 -67.13 37.33
CA PHE B 215 57.11 -66.61 36.25
C PHE B 215 57.29 -67.64 35.14
N LEU B 216 57.35 -68.92 35.51
CA LEU B 216 57.40 -69.96 34.49
C LEU B 216 56.14 -69.99 33.65
N VAL B 217 54.96 -69.87 34.29
CA VAL B 217 53.73 -69.89 33.52
C VAL B 217 53.53 -68.60 32.73
N ASP B 218 54.18 -67.51 33.12
CA ASP B 218 54.17 -66.33 32.27
C ASP B 218 55.11 -66.48 31.08
N LEU B 219 56.22 -67.19 31.26
CA LEU B 219 57.08 -67.46 30.11
C LEU B 219 56.46 -68.47 29.16
N ILE B 220 55.60 -69.35 29.65
CA ILE B 220 55.01 -70.35 28.77
C ILE B 220 53.66 -69.91 28.21
N LYS B 221 52.91 -69.07 28.93
CA LYS B 221 51.58 -68.69 28.47
C LYS B 221 51.66 -67.79 27.24
N ASN B 222 52.50 -66.77 27.28
CA ASN B 222 52.70 -65.88 26.15
C ASN B 222 53.61 -66.47 25.08
N LYS B 223 53.94 -67.76 25.19
CA LYS B 223 54.64 -68.53 24.16
C LYS B 223 56.04 -67.98 23.91
N HIS B 224 56.75 -67.62 24.98
CA HIS B 224 58.17 -67.33 24.84
C HIS B 224 58.95 -68.61 24.58
N MET B 225 58.59 -69.69 25.25
CA MET B 225 59.15 -71.01 25.02
C MET B 225 58.02 -72.00 24.74
N ASN B 226 58.40 -73.25 24.54
CA ASN B 226 57.44 -74.34 24.38
C ASN B 226 57.46 -75.22 25.63
N ALA B 227 56.36 -75.93 25.84
CA ALA B 227 56.23 -76.79 27.02
C ALA B 227 56.73 -78.21 26.76
N ASP B 228 56.62 -78.69 25.53
CA ASP B 228 57.06 -80.03 25.17
C ASP B 228 58.53 -80.09 24.81
N THR B 229 59.27 -78.99 24.96
CA THR B 229 60.69 -79.00 24.66
C THR B 229 61.46 -79.78 25.72
N ASP B 230 62.67 -80.17 25.36
CA ASP B 230 63.54 -80.91 26.25
C ASP B 230 64.98 -80.58 25.91
N TYR B 231 65.90 -81.45 26.34
CA TYR B 231 67.32 -81.16 26.26
C TYR B 231 67.85 -81.27 24.83
N SER B 232 67.37 -82.26 24.07
CA SER B 232 67.95 -82.54 22.76
CA SER B 232 67.94 -82.55 22.76
C SER B 232 67.66 -81.41 21.77
N ILE B 233 66.39 -81.03 21.64
CA ILE B 233 66.03 -79.95 20.72
C ILE B 233 66.71 -78.65 21.13
N ALA B 234 66.79 -78.40 22.44
CA ALA B 234 67.44 -77.19 22.94
C ALA B 234 68.91 -77.14 22.54
N GLU B 235 69.67 -78.17 22.89
CA GLU B 235 71.09 -78.17 22.60
C GLU B 235 71.37 -78.21 21.10
N ALA B 236 70.56 -78.94 20.33
CA ALA B 236 70.76 -79.00 18.90
C ALA B 236 70.47 -77.66 18.24
N ALA B 237 69.43 -76.95 18.70
CA ALA B 237 69.14 -75.64 18.15
C ALA B 237 70.18 -74.61 18.56
N PHE B 238 70.74 -74.75 19.77
CA PHE B 238 71.80 -73.82 20.17
C PHE B 238 73.09 -74.10 19.42
N ASN B 239 73.36 -75.37 19.08
CA ASN B 239 74.51 -75.67 18.24
C ASN B 239 74.35 -75.09 16.84
N LYS B 240 73.12 -75.02 16.33
CA LYS B 240 72.86 -74.31 15.09
C LYS B 240 72.86 -72.80 15.28
N GLY B 241 72.65 -72.33 16.51
CA GLY B 241 72.59 -70.91 16.77
C GLY B 241 71.22 -70.30 16.56
N GLU B 242 70.15 -71.07 16.78
CA GLU B 242 68.80 -70.54 16.62
C GLU B 242 68.30 -69.90 17.91
N THR B 243 68.42 -70.60 19.03
CA THR B 243 68.16 -70.03 20.34
C THR B 243 69.46 -69.45 20.86
N ALA B 244 69.38 -68.27 21.49
CA ALA B 244 70.59 -67.59 21.93
C ALA B 244 71.03 -67.95 23.33
N MET B 245 70.09 -68.19 24.25
CA MET B 245 70.43 -68.51 25.63
C MET B 245 70.18 -69.98 25.90
N THR B 246 71.01 -70.57 26.76
CA THR B 246 70.69 -71.87 27.31
C THR B 246 71.32 -71.99 28.69
N ILE B 247 70.87 -73.00 29.44
CA ILE B 247 71.40 -73.28 30.77
C ILE B 247 71.91 -74.71 30.78
N ASN B 248 73.17 -74.88 31.18
CA ASN B 248 73.78 -76.19 31.06
C ASN B 248 74.98 -76.29 32.00
N GLY B 249 75.30 -77.52 32.37
CA GLY B 249 76.49 -77.80 33.14
C GLY B 249 77.71 -77.96 32.27
N PRO B 250 78.71 -78.69 32.74
CA PRO B 250 79.94 -78.86 31.96
C PRO B 250 79.81 -79.83 30.80
N TRP B 251 78.94 -80.84 30.94
CA TRP B 251 78.97 -82.00 30.06
C TRP B 251 78.69 -81.68 28.60
N ALA B 252 78.07 -80.53 28.31
CA ALA B 252 77.76 -80.17 26.94
C ALA B 252 78.73 -79.16 26.35
N TRP B 253 79.70 -78.68 27.15
CA TRP B 253 80.61 -77.63 26.70
C TRP B 253 81.31 -78.01 25.41
N SER B 254 81.93 -79.18 25.38
CA SER B 254 82.62 -79.64 24.18
C SER B 254 81.68 -79.77 23.00
N ASN B 255 80.42 -80.14 23.26
CA ASN B 255 79.44 -80.19 22.19
C ASN B 255 79.25 -78.82 21.54
N ILE B 256 79.20 -77.76 22.35
CA ILE B 256 79.14 -76.43 21.79
C ILE B 256 80.45 -76.08 21.11
N ASP B 257 81.56 -76.65 21.57
CA ASP B 257 82.82 -76.51 20.86
C ASP B 257 82.85 -77.28 19.55
N THR B 258 81.87 -78.14 19.28
CA THR B 258 81.71 -78.66 17.93
C THR B 258 81.02 -77.66 17.02
N SER B 259 80.21 -76.77 17.59
CA SER B 259 79.47 -75.80 16.79
CA SER B 259 79.47 -75.79 16.79
C SER B 259 80.35 -74.69 16.23
N LYS B 260 81.49 -74.42 16.88
CA LYS B 260 82.40 -73.32 16.55
C LYS B 260 81.70 -71.97 16.61
N VAL B 261 80.57 -71.90 17.34
CA VAL B 261 79.89 -70.64 17.56
C VAL B 261 80.68 -69.84 18.60
N ASN B 262 80.89 -68.55 18.32
CA ASN B 262 81.60 -67.71 19.26
C ASN B 262 80.71 -67.48 20.48
N TYR B 263 80.88 -68.30 21.52
CA TYR B 263 79.99 -68.30 22.66
C TYR B 263 80.75 -67.97 23.93
N GLY B 264 79.98 -67.52 24.93
CA GLY B 264 80.51 -67.27 26.25
C GLY B 264 79.65 -67.97 27.30
N VAL B 265 80.20 -68.02 28.52
CA VAL B 265 79.53 -68.62 29.66
C VAL B 265 79.55 -67.62 30.81
N THR B 266 78.40 -67.45 31.45
CA THR B 266 78.29 -66.53 32.56
C THR B 266 77.32 -67.08 33.62
N VAL B 267 77.16 -66.31 34.69
CA VAL B 267 76.23 -66.66 35.74
C VAL B 267 74.80 -66.46 35.25
N LEU B 268 73.89 -67.24 35.83
CA LEU B 268 72.47 -67.04 35.54
C LEU B 268 72.02 -65.70 36.11
N PRO B 269 71.03 -65.07 35.47
CA PRO B 269 70.50 -63.81 36.00
C PRO B 269 69.84 -63.99 37.36
N THR B 270 69.84 -62.92 38.14
CA THR B 270 69.12 -62.92 39.40
C THR B 270 67.64 -62.61 39.15
N PHE B 271 66.81 -62.94 40.13
CA PHE B 271 65.37 -62.81 39.98
C PHE B 271 64.79 -62.16 41.22
N LYS B 272 64.20 -60.97 41.05
CA LYS B 272 63.65 -60.16 42.13
C LYS B 272 64.70 -59.83 43.19
N GLY B 273 65.97 -59.79 42.77
CA GLY B 273 67.09 -59.61 43.67
C GLY B 273 67.67 -60.89 44.22
N GLN B 274 66.85 -61.92 44.37
CA GLN B 274 67.36 -63.21 44.85
C GLN B 274 67.99 -63.97 43.68
N PRO B 275 69.27 -64.30 43.74
CA PRO B 275 69.90 -65.00 42.61
C PRO B 275 69.45 -66.45 42.52
N SER B 276 69.66 -67.03 41.34
CA SER B 276 69.27 -68.40 41.07
C SER B 276 70.05 -69.36 41.96
N LYS B 277 69.51 -70.58 42.07
CA LYS B 277 70.02 -71.59 43.01
C LYS B 277 70.11 -72.93 42.32
N PRO B 278 71.18 -73.18 41.56
CA PRO B 278 71.34 -74.48 40.91
C PRO B 278 71.78 -75.57 41.88
N PHE B 279 71.52 -76.80 41.49
CA PHE B 279 72.00 -77.96 42.25
C PHE B 279 73.50 -78.07 42.13
N VAL B 280 74.18 -78.05 43.27
CA VAL B 280 75.63 -78.19 43.34
C VAL B 280 75.93 -79.67 43.45
N GLY B 281 76.50 -80.25 42.39
CA GLY B 281 76.86 -81.65 42.41
C GLY B 281 78.34 -81.83 42.64
N VAL B 282 78.72 -82.40 43.77
CA VAL B 282 80.12 -82.43 44.18
C VAL B 282 80.65 -83.85 44.04
N LEU B 283 81.59 -84.03 43.12
CA LEU B 283 82.35 -85.27 43.01
C LEU B 283 83.39 -85.30 44.13
N SER B 284 83.23 -86.25 45.04
CA SER B 284 84.13 -86.45 46.17
C SER B 284 84.64 -87.88 46.15
N ALA B 285 85.70 -88.10 46.94
CA ALA B 285 86.37 -89.39 47.03
C ALA B 285 86.10 -89.96 48.42
N GLY B 286 85.19 -90.92 48.48
CA GLY B 286 84.88 -91.59 49.73
C GLY B 286 85.84 -92.74 50.00
N ILE B 287 86.29 -92.82 51.25
CA ILE B 287 87.10 -93.94 51.72
C ILE B 287 86.16 -95.00 52.24
N ASN B 288 86.43 -96.26 51.89
CA ASN B 288 85.57 -97.35 52.33
C ASN B 288 85.67 -97.50 53.86
N ALA B 289 84.52 -97.76 54.49
CA ALA B 289 84.46 -97.84 55.94
C ALA B 289 85.03 -99.14 56.49
N ALA B 290 85.23 -100.14 55.65
CA ALA B 290 85.89 -101.38 56.06
C ALA B 290 87.39 -101.34 55.85
N SER B 291 87.92 -100.19 55.46
CA SER B 291 89.33 -100.08 55.11
C SER B 291 90.19 -100.06 56.37
N PRO B 292 91.23 -100.90 56.44
CA PRO B 292 92.33 -100.66 57.37
C PRO B 292 93.45 -99.79 56.79
N ASN B 293 93.18 -99.04 55.72
CA ASN B 293 94.18 -98.28 54.99
C ASN B 293 93.88 -96.78 55.09
N LYS B 294 93.56 -96.31 56.30
CA LYS B 294 93.06 -94.96 56.47
C LYS B 294 94.11 -93.90 56.16
N GLU B 295 95.28 -93.99 56.81
CA GLU B 295 96.28 -92.93 56.71
C GLU B 295 96.93 -92.88 55.34
N LEU B 296 97.09 -94.03 54.68
CA LEU B 296 97.67 -94.06 53.35
C LEU B 296 96.79 -93.30 52.36
N ALA B 297 95.50 -93.62 52.32
CA ALA B 297 94.59 -92.94 51.41
C ALA B 297 94.39 -91.48 51.79
N LYS B 298 94.43 -91.17 53.09
CA LYS B 298 94.34 -89.77 53.50
C LYS B 298 95.55 -88.97 53.01
N GLU B 299 96.73 -89.57 53.08
CA GLU B 299 97.93 -88.92 52.56
CA GLU B 299 97.93 -88.92 52.56
C GLU B 299 97.84 -88.74 51.05
N PHE B 300 97.38 -89.77 50.34
CA PHE B 300 97.25 -89.68 48.89
C PHE B 300 96.22 -88.62 48.49
N LEU B 301 95.16 -88.45 49.28
CA LEU B 301 94.13 -87.48 48.93
C LEU B 301 94.55 -86.06 49.28
N GLU B 302 95.25 -85.87 50.39
CA GLU B 302 95.56 -84.52 50.85
C GLU B 302 96.84 -83.97 50.24
N ASN B 303 97.91 -84.76 50.22
CA ASN B 303 99.20 -84.24 49.78
C ASN B 303 99.46 -84.43 48.30
N TYR B 304 98.67 -85.27 47.62
CA TYR B 304 98.86 -85.51 46.19
C TYR B 304 97.65 -85.18 45.36
N LEU B 305 96.45 -85.60 45.77
CA LEU B 305 95.26 -85.34 44.98
C LEU B 305 94.82 -83.89 45.08
N LEU B 306 94.47 -83.45 46.28
CA LEU B 306 93.88 -82.12 46.47
C LEU B 306 94.95 -81.04 46.61
N THR B 307 95.87 -81.05 45.64
CA THR B 307 96.94 -80.06 45.50
C THR B 307 96.91 -79.55 44.07
N ASP B 308 97.87 -78.70 43.73
CA ASP B 308 97.89 -78.13 42.37
C ASP B 308 98.25 -79.19 41.34
N GLU B 309 99.30 -79.97 41.60
CA GLU B 309 99.78 -80.89 40.57
C GLU B 309 98.88 -82.09 40.38
N GLY B 310 98.16 -82.52 41.42
CA GLY B 310 97.25 -83.66 41.25
C GLY B 310 96.04 -83.33 40.40
N LEU B 311 95.38 -82.22 40.73
CA LEU B 311 94.27 -81.76 39.89
C LEU B 311 94.74 -81.35 38.51
N GLU B 312 95.97 -80.85 38.38
CA GLU B 312 96.51 -80.56 37.07
C GLU B 312 96.66 -81.83 36.25
N ALA B 313 97.25 -82.87 36.85
CA ALA B 313 97.47 -84.13 36.14
C ALA B 313 96.16 -84.81 35.76
N VAL B 314 95.14 -84.73 36.61
CA VAL B 314 93.87 -85.33 36.21
C VAL B 314 93.18 -84.46 35.15
N ASN B 315 93.35 -83.14 35.19
CA ASN B 315 92.70 -82.28 34.22
C ASN B 315 93.37 -82.27 32.85
N LYS B 316 94.62 -82.74 32.74
CA LYS B 316 95.21 -82.85 31.40
C LYS B 316 94.47 -83.86 30.54
N ASP B 317 93.90 -84.90 31.13
CA ASP B 317 93.10 -85.85 30.34
C ASP B 317 91.64 -85.41 30.26
N LYS B 318 90.97 -85.26 31.40
CA LYS B 318 89.60 -84.80 31.44
C LYS B 318 89.46 -83.80 32.58
N PRO B 319 88.90 -82.62 32.32
CA PRO B 319 88.81 -81.59 33.36
C PRO B 319 87.77 -81.91 34.41
N LEU B 320 87.79 -81.10 35.47
CA LEU B 320 86.82 -81.20 36.55
C LEU B 320 85.99 -79.95 36.72
N GLY B 321 86.18 -78.94 35.88
CA GLY B 321 85.37 -77.73 35.98
C GLY B 321 85.75 -76.92 37.18
N ALA B 322 84.78 -76.67 38.05
CA ALA B 322 85.04 -76.06 39.33
C ALA B 322 85.50 -77.12 40.31
N VAL B 323 86.66 -76.90 40.93
CA VAL B 323 87.21 -77.86 41.88
C VAL B 323 87.03 -77.32 43.29
N ALA B 324 87.41 -78.12 44.28
CA ALA B 324 87.24 -77.73 45.67
C ALA B 324 88.46 -77.02 46.27
N LEU B 325 89.66 -77.27 45.74
CA LEU B 325 90.86 -76.65 46.28
C LEU B 325 90.96 -75.19 45.81
N LYS B 326 91.28 -74.30 46.76
CA LYS B 326 91.18 -72.88 46.49
C LYS B 326 92.25 -72.41 45.50
N SER B 327 93.50 -72.84 45.68
CA SER B 327 94.57 -72.41 44.80
C SER B 327 94.35 -72.91 43.38
N TYR B 328 93.92 -74.16 43.22
CA TYR B 328 93.64 -74.67 41.89
C TYR B 328 92.40 -74.00 41.28
N GLU B 329 91.46 -73.54 42.11
CA GLU B 329 90.40 -72.70 41.59
C GLU B 329 90.93 -71.37 41.08
N GLU B 330 91.96 -70.82 41.74
CA GLU B 330 92.56 -69.59 41.21
C GLU B 330 93.33 -69.86 39.92
N GLU B 331 93.92 -71.04 39.78
CA GLU B 331 94.55 -71.41 38.51
C GLU B 331 93.52 -71.56 37.39
N LEU B 332 92.40 -72.22 37.68
CA LEU B 332 91.41 -72.46 36.62
C LEU B 332 90.44 -71.31 36.41
N ALA B 333 90.44 -70.29 37.28
CA ALA B 333 89.49 -69.19 37.13
C ALA B 333 89.79 -68.27 35.95
N LYS B 334 90.91 -68.47 35.24
CA LYS B 334 91.13 -67.72 34.01
C LYS B 334 90.19 -68.17 32.90
N ASP B 335 89.68 -69.39 32.97
CA ASP B 335 88.63 -69.82 32.06
C ASP B 335 87.31 -69.30 32.60
N PRO B 336 86.59 -68.44 31.86
CA PRO B 336 85.36 -67.85 32.41
C PRO B 336 84.25 -68.86 32.65
N ARG B 337 84.28 -70.00 31.95
CA ARG B 337 83.33 -71.07 32.25
C ARG B 337 83.52 -71.56 33.68
N ILE B 338 84.78 -71.65 34.13
CA ILE B 338 85.07 -72.14 35.47
C ILE B 338 84.61 -71.12 36.51
N ALA B 339 84.81 -69.82 36.23
CA ALA B 339 84.35 -68.78 37.14
C ALA B 339 82.83 -68.77 37.26
N ALA B 340 82.14 -68.91 36.12
CA ALA B 340 80.68 -68.98 36.15
C ALA B 340 80.21 -70.21 36.91
N THR B 341 80.88 -71.34 36.71
CA THR B 341 80.51 -72.57 37.42
C THR B 341 80.70 -72.41 38.93
N MET B 342 81.81 -71.80 39.35
CA MET B 342 82.03 -71.68 40.80
C MET B 342 81.11 -70.65 41.44
N GLU B 343 80.74 -69.58 40.72
CA GLU B 343 79.81 -68.64 41.33
C GLU B 343 78.39 -69.21 41.40
N ASN B 344 77.96 -69.95 40.37
CA ASN B 344 76.67 -70.64 40.49
C ASN B 344 76.71 -71.73 41.55
N ALA B 345 77.86 -72.35 41.77
CA ALA B 345 77.97 -73.37 42.80
C ALA B 345 77.94 -72.77 44.19
N GLN B 346 78.59 -71.62 44.39
CA GLN B 346 78.59 -71.00 45.70
C GLN B 346 77.28 -70.31 46.01
N LYS B 347 76.50 -69.92 45.00
CA LYS B 347 75.17 -69.37 45.26
C LYS B 347 74.06 -70.40 45.07
N GLY B 348 74.41 -71.67 44.80
CA GLY B 348 73.42 -72.69 44.55
C GLY B 348 73.07 -73.49 45.80
N GLU B 349 72.20 -74.47 45.61
CA GLU B 349 71.76 -75.37 46.67
C GLU B 349 72.50 -76.68 46.54
N ILE B 350 73.06 -77.14 47.65
CA ILE B 350 73.78 -78.42 47.65
C ILE B 350 72.77 -79.55 47.52
N MET B 351 73.15 -80.59 46.78
CA MET B 351 72.24 -81.70 46.54
CA MET B 351 72.25 -81.71 46.54
C MET B 351 72.04 -82.50 47.83
N PRO B 352 70.80 -82.88 48.16
CA PRO B 352 70.57 -83.65 49.38
C PRO B 352 71.07 -85.07 49.28
N ASN B 353 71.57 -85.57 50.41
CA ASN B 353 72.10 -86.92 50.51
C ASN B 353 71.10 -87.92 51.06
N ILE B 354 69.81 -87.60 51.00
CA ILE B 354 68.77 -88.38 51.67
C ILE B 354 67.90 -89.09 50.64
N PRO B 355 67.28 -90.23 50.97
CA PRO B 355 66.50 -90.96 49.96
C PRO B 355 65.14 -90.36 49.67
N GLN B 356 64.58 -89.53 50.56
CA GLN B 356 63.31 -88.87 50.28
C GLN B 356 63.39 -87.98 49.04
N MET B 357 64.61 -87.52 48.73
CA MET B 357 64.87 -86.79 47.48
C MET B 357 64.31 -87.52 46.26
N SER B 358 64.34 -88.86 46.28
CA SER B 358 63.76 -89.63 45.18
C SER B 358 62.29 -89.30 44.98
N ALA B 359 61.50 -89.31 46.07
CA ALA B 359 60.10 -88.90 45.95
C ALA B 359 59.97 -87.46 45.51
N PHE B 360 60.95 -86.63 45.89
CA PHE B 360 61.06 -85.27 45.35
C PHE B 360 61.05 -85.31 43.82
N TRP B 361 61.96 -86.09 43.24
CA TRP B 361 62.01 -86.20 41.79
C TRP B 361 60.78 -86.89 41.20
N TYR B 362 59.96 -87.50 42.05
CA TYR B 362 58.67 -88.00 41.59
C TYR B 362 57.55 -86.99 41.84
N ALA B 363 57.68 -86.15 42.86
CA ALA B 363 56.59 -85.23 43.20
C ALA B 363 56.65 -83.95 42.35
N VAL B 364 57.71 -83.16 42.53
CA VAL B 364 57.75 -81.82 41.95
C VAL B 364 57.80 -81.84 40.44
N ARG B 365 58.33 -82.92 39.84
CA ARG B 365 58.26 -83.08 38.40
C ARG B 365 56.82 -83.05 37.92
N THR B 366 55.95 -83.84 38.57
CA THR B 366 54.53 -83.81 38.22
C THR B 366 53.96 -82.41 38.38
N ALA B 367 54.51 -81.64 39.32
CA ALA B 367 54.09 -80.24 39.49
C ALA B 367 54.22 -79.46 38.19
N VAL B 368 55.39 -79.53 37.55
CA VAL B 368 55.52 -78.78 36.31
C VAL B 368 54.73 -79.45 35.20
N ILE B 369 54.45 -80.75 35.32
CA ILE B 369 53.58 -81.40 34.35
C ILE B 369 52.16 -80.90 34.52
N ASN B 370 51.80 -80.41 35.71
CA ASN B 370 50.53 -79.73 35.88
C ASN B 370 50.63 -78.23 35.62
N ALA B 371 51.85 -77.70 35.48
CA ALA B 371 52.03 -76.26 35.32
C ALA B 371 52.15 -75.85 33.86
N ALA B 372 53.16 -76.37 33.16
CA ALA B 372 53.35 -76.02 31.76
C ALA B 372 52.25 -76.57 30.86
N SER B 373 51.59 -77.66 31.29
CA SER B 373 50.44 -78.17 30.59
C SER B 373 49.14 -77.49 30.99
N GLY B 374 49.11 -76.87 32.16
CA GLY B 374 47.91 -76.17 32.59
C GLY B 374 46.78 -77.06 33.05
N ARG B 375 47.08 -78.31 33.41
CA ARG B 375 46.04 -79.17 34.00
C ARG B 375 45.62 -78.65 35.37
N GLN B 376 46.59 -78.18 36.15
CA GLN B 376 46.35 -77.51 37.42
C GLN B 376 46.90 -76.09 37.33
N THR B 377 46.74 -75.35 38.42
CA THR B 377 47.31 -74.01 38.51
C THR B 377 48.68 -74.10 39.17
N VAL B 378 49.23 -72.95 39.58
CA VAL B 378 50.50 -72.93 40.29
C VAL B 378 50.36 -73.56 41.67
N ASP B 379 49.44 -73.04 42.48
CA ASP B 379 49.30 -73.50 43.86
C ASP B 379 48.84 -74.95 43.93
N GLU B 380 47.95 -75.36 43.03
CA GLU B 380 47.47 -76.75 43.01
C GLU B 380 48.62 -77.71 42.75
N ALA B 381 49.43 -77.43 41.74
CA ALA B 381 50.57 -78.31 41.43
C ALA B 381 51.59 -78.32 42.54
N LEU B 382 51.88 -77.16 43.14
CA LEU B 382 52.92 -77.13 44.16
C LEU B 382 52.48 -77.79 45.46
N LYS B 383 51.21 -77.64 45.85
CA LYS B 383 50.78 -78.34 47.06
C LYS B 383 50.48 -79.81 46.78
N ASP B 384 50.27 -80.20 45.53
CA ASP B 384 50.23 -81.62 45.21
C ASP B 384 51.63 -82.23 45.30
N ALA B 385 52.66 -81.47 44.90
CA ALA B 385 54.03 -81.91 45.10
C ALA B 385 54.47 -81.80 46.55
N GLN B 386 53.72 -81.04 47.37
CA GLN B 386 54.09 -80.87 48.78
C GLN B 386 53.96 -82.17 49.55
N THR B 387 52.80 -82.81 49.47
CA THR B 387 52.55 -84.06 50.17
C THR B 387 53.24 -85.23 49.48
N SER C 35 -80.56 -44.94 24.02
CA SER C 35 -79.83 -46.17 23.75
C SER C 35 -80.70 -47.14 22.98
N GLU C 36 -81.56 -46.60 22.12
CA GLU C 36 -82.37 -47.44 21.23
C GLU C 36 -81.51 -48.23 20.26
N LEU C 37 -80.36 -47.68 19.87
CA LEU C 37 -79.37 -48.39 19.10
C LEU C 37 -78.04 -48.49 19.85
N GLY C 38 -78.05 -48.18 21.15
CA GLY C 38 -76.81 -48.19 21.90
C GLY C 38 -76.31 -49.59 22.19
N LYS C 39 -77.21 -50.50 22.58
CA LYS C 39 -76.83 -51.90 22.72
C LYS C 39 -76.57 -52.53 21.37
N GLU C 40 -77.23 -52.02 20.32
CA GLU C 40 -76.88 -52.42 18.96
C GLU C 40 -75.47 -51.97 18.59
N LEU C 41 -74.97 -50.92 19.23
CA LEU C 41 -73.55 -50.59 19.10
C LEU C 41 -72.68 -51.45 20.01
N LEU C 42 -73.20 -51.83 21.18
CA LEU C 42 -72.42 -52.66 22.09
C LEU C 42 -72.15 -54.04 21.49
N GLU C 43 -73.13 -54.61 20.79
CA GLU C 43 -72.93 -55.92 20.22
C GLU C 43 -71.92 -55.89 19.08
N ALA C 44 -71.95 -54.83 18.25
CA ALA C 44 -70.96 -54.72 17.18
C ALA C 44 -69.58 -54.37 17.73
N ALA C 45 -69.53 -53.67 18.86
CA ALA C 45 -68.24 -53.39 19.48
C ALA C 45 -67.64 -54.64 20.09
N ARG C 46 -68.47 -55.50 20.66
CA ARG C 46 -67.99 -56.80 21.12
C ARG C 46 -67.59 -57.69 19.96
N ALA C 47 -68.27 -57.57 18.81
CA ALA C 47 -68.09 -58.51 17.71
C ALA C 47 -67.25 -57.97 16.56
N GLY C 48 -67.16 -56.66 16.39
CA GLY C 48 -66.33 -56.12 15.33
C GLY C 48 -66.90 -56.21 13.93
N GLN C 49 -67.97 -55.45 13.67
CA GLN C 49 -68.54 -55.31 12.33
C GLN C 49 -68.49 -53.85 11.90
N ASP C 50 -67.60 -53.54 10.95
CA ASP C 50 -67.55 -52.18 10.41
C ASP C 50 -68.82 -51.84 9.63
N ASP C 51 -69.42 -52.84 8.98
CA ASP C 51 -70.67 -52.62 8.24
C ASP C 51 -71.81 -52.28 9.18
N GLU C 52 -71.91 -52.99 10.32
CA GLU C 52 -72.99 -52.74 11.26
C GLU C 52 -72.90 -51.33 11.84
N VAL C 53 -71.71 -50.91 12.23
CA VAL C 53 -71.57 -49.57 12.79
C VAL C 53 -71.68 -48.52 11.70
N ARG C 54 -71.33 -48.84 10.45
CA ARG C 54 -71.55 -47.91 9.35
C ARG C 54 -73.04 -47.68 9.13
N ILE C 55 -73.84 -48.74 9.21
CA ILE C 55 -75.29 -48.59 9.05
C ILE C 55 -75.88 -47.89 10.25
N LEU C 56 -75.37 -48.16 11.45
CA LEU C 56 -75.89 -47.50 12.65
C LEU C 56 -75.57 -46.02 12.66
N MET C 57 -74.41 -45.63 12.12
CA MET C 57 -74.14 -44.20 11.91
C MET C 57 -74.89 -43.63 10.74
N ALA C 58 -75.32 -44.47 9.78
CA ALA C 58 -76.25 -43.99 8.77
C ALA C 58 -77.62 -43.72 9.36
N ARG C 59 -77.98 -44.46 10.41
CA ARG C 59 -79.22 -44.22 11.15
C ARG C 59 -79.03 -43.28 12.33
N GLY C 60 -77.80 -42.84 12.59
CA GLY C 60 -77.55 -41.90 13.67
C GLY C 60 -77.62 -42.51 15.05
N ALA C 61 -76.95 -43.64 15.23
CA ALA C 61 -76.92 -44.27 16.55
C ALA C 61 -76.06 -43.47 17.51
N GLU C 62 -76.50 -43.40 18.76
CA GLU C 62 -75.79 -42.63 19.77
C GLU C 62 -74.49 -43.33 20.16
N VAL C 63 -73.42 -42.55 20.29
CA VAL C 63 -72.09 -43.11 20.53
C VAL C 63 -71.69 -43.15 21.99
N ASN C 64 -72.43 -42.48 22.87
CA ASN C 64 -72.08 -42.40 24.29
C ASN C 64 -72.95 -43.33 25.12
N ALA C 65 -73.22 -44.53 24.62
CA ALA C 65 -74.11 -45.47 25.29
C ALA C 65 -73.37 -46.13 26.45
N ALA C 66 -73.65 -45.67 27.66
CA ALA C 66 -73.03 -46.23 28.86
C ALA C 66 -73.96 -47.28 29.47
N ASP C 67 -73.38 -48.41 29.88
CA ASP C 67 -74.14 -49.44 30.56
C ASP C 67 -74.16 -49.14 32.06
N ASN C 68 -74.58 -50.11 32.86
CA ASN C 68 -74.68 -49.89 34.31
C ASN C 68 -73.32 -49.74 34.97
N THR C 69 -72.25 -50.25 34.35
CA THR C 69 -70.92 -50.17 34.91
C THR C 69 -70.01 -49.20 34.16
N GLY C 70 -70.57 -48.43 33.22
CA GLY C 70 -69.83 -47.38 32.56
C GLY C 70 -69.13 -47.79 31.28
N THR C 71 -69.33 -49.01 30.81
CA THR C 71 -68.61 -49.49 29.64
C THR C 71 -69.24 -48.94 28.36
N THR C 72 -68.46 -48.18 27.61
CA THR C 72 -68.91 -47.52 26.40
C THR C 72 -68.64 -48.39 25.19
N PRO C 73 -69.21 -48.06 24.03
CA PRO C 73 -68.79 -48.75 22.81
C PRO C 73 -67.33 -48.56 22.48
N LEU C 74 -66.76 -47.41 22.86
CA LEU C 74 -65.33 -47.20 22.66
C LEU C 74 -64.50 -48.15 23.52
N HIS C 75 -64.98 -48.46 24.73
CA HIS C 75 -64.26 -49.40 25.58
C HIS C 75 -64.16 -50.77 24.95
N LEU C 76 -65.28 -51.28 24.44
CA LEU C 76 -65.26 -52.59 23.81
C LEU C 76 -64.50 -52.56 22.48
N ALA C 77 -64.58 -51.42 21.77
CA ALA C 77 -63.81 -51.29 20.55
C ALA C 77 -62.31 -51.34 20.83
N ALA C 78 -61.89 -50.77 21.96
CA ALA C 78 -60.48 -50.83 22.33
C ALA C 78 -60.09 -52.22 22.82
N TYR C 79 -60.92 -52.83 23.67
CA TYR C 79 -60.65 -54.16 24.18
C TYR C 79 -60.58 -55.19 23.06
N SER C 80 -61.36 -55.00 21.99
CA SER C 80 -61.39 -55.97 20.91
C SER C 80 -60.16 -55.85 20.01
N GLY C 81 -59.77 -54.63 19.67
CA GLY C 81 -58.60 -54.44 18.83
C GLY C 81 -58.87 -54.25 17.37
N HIS C 82 -60.03 -53.74 17.00
CA HIS C 82 -60.34 -53.37 15.62
C HIS C 82 -60.29 -51.85 15.52
N LEU C 83 -59.36 -51.34 14.72
CA LEU C 83 -59.11 -49.91 14.69
C LEU C 83 -60.21 -49.13 13.98
N GLU C 84 -60.96 -49.76 13.07
CA GLU C 84 -61.92 -49.04 12.25
C GLU C 84 -63.11 -48.55 13.06
N ILE C 85 -63.63 -49.41 13.95
CA ILE C 85 -64.76 -49.00 14.78
C ILE C 85 -64.34 -47.90 15.75
N VAL C 86 -63.10 -47.97 16.25
CA VAL C 86 -62.57 -46.88 17.08
C VAL C 86 -62.50 -45.59 16.29
N GLU C 87 -62.01 -45.68 15.05
CA GLU C 87 -61.86 -44.49 14.21
C GLU C 87 -63.21 -43.83 13.95
N VAL C 88 -64.22 -44.63 13.62
CA VAL C 88 -65.51 -44.01 13.30
C VAL C 88 -66.21 -43.54 14.57
N LEU C 89 -65.99 -44.22 15.71
CA LEU C 89 -66.54 -43.74 16.96
C LEU C 89 -65.95 -42.38 17.34
N LEU C 90 -64.65 -42.20 17.11
CA LEU C 90 -64.06 -40.89 17.33
C LEU C 90 -64.46 -39.89 16.25
N LYS C 91 -64.82 -40.36 15.06
CA LYS C 91 -65.34 -39.46 14.03
C LYS C 91 -66.70 -38.90 14.43
N TYR C 92 -67.50 -39.68 15.13
CA TYR C 92 -68.80 -39.21 15.59
C TYR C 92 -68.77 -38.66 17.00
N GLY C 93 -67.58 -38.45 17.56
CA GLY C 93 -67.45 -37.72 18.80
C GLY C 93 -67.63 -38.53 20.07
N ALA C 94 -67.15 -39.77 20.08
CA ALA C 94 -67.19 -40.56 21.31
C ALA C 94 -66.19 -39.99 22.32
N GLU C 95 -66.47 -40.22 23.59
CA GLU C 95 -65.64 -39.68 24.66
C GLU C 95 -64.35 -40.49 24.78
N VAL C 96 -63.21 -39.81 24.67
CA VAL C 96 -61.92 -40.49 24.71
C VAL C 96 -61.49 -40.80 26.13
N ASN C 97 -61.99 -40.06 27.12
CA ASN C 97 -61.53 -40.17 28.50
C ASN C 97 -62.67 -40.59 29.42
N ALA C 98 -63.51 -41.50 28.96
CA ALA C 98 -64.64 -41.98 29.75
C ALA C 98 -64.16 -43.03 30.75
N ALA C 99 -64.28 -42.72 32.03
CA ALA C 99 -63.87 -43.64 33.08
C ALA C 99 -65.04 -44.53 33.49
N ASP C 100 -64.73 -45.80 33.74
CA ASP C 100 -65.73 -46.76 34.21
C ASP C 100 -65.83 -46.67 35.74
N VAL C 101 -66.52 -47.64 36.34
CA VAL C 101 -66.61 -47.70 37.80
C VAL C 101 -65.32 -48.17 38.45
N PHE C 102 -64.38 -48.70 37.66
CA PHE C 102 -63.08 -49.10 38.15
C PHE C 102 -61.99 -48.10 37.80
N GLY C 103 -62.29 -47.09 37.00
CA GLY C 103 -61.34 -46.07 36.63
C GLY C 103 -60.67 -46.25 35.29
N TYR C 104 -60.89 -47.38 34.64
CA TYR C 104 -60.23 -47.62 33.36
C TYR C 104 -60.85 -46.79 32.25
N THR C 105 -60.01 -46.28 31.38
CA THR C 105 -60.35 -45.62 30.14
C THR C 105 -60.05 -46.56 28.97
N PRO C 106 -60.41 -46.20 27.75
CA PRO C 106 -59.97 -47.02 26.61
C PRO C 106 -58.47 -47.12 26.48
N LEU C 107 -57.72 -46.10 26.91
CA LEU C 107 -56.26 -46.16 26.84
C LEU C 107 -55.72 -47.23 27.78
N HIS C 108 -56.31 -47.36 28.97
CA HIS C 108 -55.90 -48.41 29.90
C HIS C 108 -56.05 -49.79 29.29
N LEU C 109 -57.25 -50.11 28.78
CA LEU C 109 -57.50 -51.41 28.20
C LEU C 109 -56.65 -51.64 26.95
N ALA C 110 -56.42 -50.59 26.17
CA ALA C 110 -55.57 -50.73 25.00
C ALA C 110 -54.14 -51.05 25.38
N ALA C 111 -53.65 -50.44 26.47
CA ALA C 111 -52.30 -50.71 26.92
C ALA C 111 -52.19 -52.09 27.55
N TYR C 112 -53.26 -52.57 28.19
CA TYR C 112 -53.23 -53.91 28.77
C TYR C 112 -53.08 -54.98 27.69
N TRP C 113 -53.88 -54.91 26.64
CA TRP C 113 -53.93 -55.98 25.67
C TRP C 113 -52.91 -55.82 24.54
N GLY C 114 -52.17 -54.72 24.52
CA GLY C 114 -51.08 -54.61 23.58
C GLY C 114 -51.51 -54.31 22.17
N HIS C 115 -52.34 -53.29 22.00
CA HIS C 115 -52.80 -52.86 20.69
C HIS C 115 -52.19 -51.50 20.41
N LEU C 116 -51.20 -51.47 19.52
CA LEU C 116 -50.37 -50.28 19.36
C LEU C 116 -51.11 -49.16 18.63
N GLU C 117 -51.76 -49.50 17.51
CA GLU C 117 -52.38 -48.48 16.66
C GLU C 117 -53.51 -47.76 17.38
N ILE C 118 -54.29 -48.48 18.19
CA ILE C 118 -55.37 -47.77 18.86
C ILE C 118 -54.84 -46.93 20.00
N VAL C 119 -53.74 -47.34 20.62
CA VAL C 119 -53.05 -46.48 21.59
C VAL C 119 -52.62 -45.19 20.92
N GLU C 120 -52.03 -45.30 19.73
CA GLU C 120 -51.57 -44.12 18.99
C GLU C 120 -52.73 -43.20 18.64
N VAL C 121 -53.84 -43.74 18.13
CA VAL C 121 -54.92 -42.85 17.73
C VAL C 121 -55.71 -42.32 18.91
N LEU C 122 -55.70 -43.01 20.05
CA LEU C 122 -56.29 -42.42 21.25
C LEU C 122 -55.45 -41.25 21.74
N LEU C 123 -54.13 -41.41 21.76
CA LEU C 123 -53.27 -40.29 22.12
C LEU C 123 -53.37 -39.16 21.11
N LYS C 124 -53.65 -39.49 19.85
CA LYS C 124 -53.81 -38.48 18.82
C LYS C 124 -55.10 -37.69 18.99
N ASN C 125 -56.08 -38.24 19.71
CA ASN C 125 -57.36 -37.58 19.90
C ASN C 125 -57.51 -36.99 21.30
N GLY C 126 -56.41 -36.83 22.03
CA GLY C 126 -56.45 -36.17 23.31
C GLY C 126 -56.76 -37.08 24.48
N ALA C 127 -56.25 -38.30 24.47
CA ALA C 127 -56.36 -39.16 25.64
C ALA C 127 -55.33 -38.75 26.69
N ASP C 128 -55.75 -38.73 27.94
CA ASP C 128 -54.88 -38.31 29.03
C ASP C 128 -53.88 -39.41 29.33
N VAL C 129 -52.59 -39.09 29.18
CA VAL C 129 -51.56 -40.12 29.23
C VAL C 129 -51.24 -40.53 30.67
N ASN C 130 -51.59 -39.71 31.65
CA ASN C 130 -51.31 -40.00 33.05
C ASN C 130 -52.59 -40.28 33.83
N ALA C 131 -53.53 -40.97 33.20
CA ALA C 131 -54.80 -41.30 33.85
C ALA C 131 -54.61 -42.40 34.89
N ARG C 132 -55.12 -42.16 36.09
CA ARG C 132 -55.03 -43.13 37.17
C ARG C 132 -56.32 -43.93 37.26
N ASP C 133 -56.19 -45.21 37.62
CA ASP C 133 -57.35 -46.06 37.86
C ASP C 133 -57.68 -46.03 39.34
N SER C 134 -58.49 -47.00 39.78
CA SER C 134 -58.78 -47.17 41.19
C SER C 134 -57.52 -47.49 41.98
N ASP C 135 -56.56 -48.18 41.36
CA ASP C 135 -55.30 -48.52 42.01
C ASP C 135 -54.25 -47.43 41.86
N GLY C 136 -54.54 -46.37 41.12
CA GLY C 136 -53.53 -45.39 40.80
C GLY C 136 -52.57 -45.81 39.73
N MET C 137 -52.86 -46.88 39.00
CA MET C 137 -51.96 -47.37 37.97
C MET C 137 -52.26 -46.69 36.65
N THR C 138 -51.26 -46.00 36.13
CA THR C 138 -51.35 -45.34 34.83
C THR C 138 -51.24 -46.40 33.74
N PRO C 139 -51.56 -46.06 32.48
CA PRO C 139 -51.32 -47.01 31.40
C PRO C 139 -49.87 -47.43 31.26
N LEU C 140 -48.93 -46.55 31.62
CA LEU C 140 -47.51 -46.92 31.58
C LEU C 140 -47.20 -48.04 32.57
N HIS C 141 -47.85 -48.02 33.74
CA HIS C 141 -47.74 -49.14 34.68
C HIS C 141 -48.12 -50.45 34.01
N LEU C 142 -49.24 -50.45 33.27
CA LEU C 142 -49.71 -51.68 32.64
C LEU C 142 -48.75 -52.14 31.56
N ALA C 143 -48.34 -51.22 30.68
CA ALA C 143 -47.45 -51.59 29.59
C ALA C 143 -46.08 -52.02 30.07
N ALA C 144 -45.63 -51.52 31.22
CA ALA C 144 -44.37 -51.99 31.79
C ALA C 144 -44.55 -53.32 32.51
N LYS C 145 -45.72 -53.53 33.10
CA LYS C 145 -45.99 -54.79 33.80
C LYS C 145 -46.15 -55.95 32.82
N TRP C 146 -46.60 -55.68 31.60
CA TRP C 146 -46.84 -56.77 30.67
C TRP C 146 -45.77 -56.92 29.60
N GLY C 147 -44.89 -55.95 29.43
CA GLY C 147 -43.75 -56.12 28.55
C GLY C 147 -43.94 -55.67 27.12
N HIS C 148 -44.71 -54.62 26.88
CA HIS C 148 -44.93 -54.09 25.54
C HIS C 148 -44.01 -52.90 25.33
N LEU C 149 -42.96 -53.07 24.51
CA LEU C 149 -41.96 -52.02 24.33
C LEU C 149 -42.53 -50.82 23.58
N GLU C 150 -43.14 -51.06 22.43
CA GLU C 150 -43.55 -49.97 21.55
C GLU C 150 -44.62 -49.10 22.19
N ILE C 151 -45.51 -49.72 22.98
CA ILE C 151 -46.49 -48.96 23.73
C ILE C 151 -45.80 -48.07 24.75
N VAL C 152 -44.80 -48.62 25.46
CA VAL C 152 -44.03 -47.83 26.42
C VAL C 152 -43.38 -46.64 25.75
N GLU C 153 -42.83 -46.83 24.57
CA GLU C 153 -42.12 -45.75 23.90
C GLU C 153 -43.09 -44.67 23.40
N VAL C 154 -44.21 -45.08 22.81
CA VAL C 154 -45.21 -44.10 22.38
C VAL C 154 -45.79 -43.35 23.57
N LEU C 155 -45.94 -44.03 24.71
CA LEU C 155 -46.44 -43.34 25.89
C LEU C 155 -45.41 -42.37 26.44
N LEU C 156 -44.14 -42.73 26.38
CA LEU C 156 -43.09 -41.82 26.83
C LEU C 156 -42.97 -40.61 25.93
N ARG C 157 -43.27 -40.78 24.64
CA ARG C 157 -43.23 -39.64 23.71
C ARG C 157 -44.27 -38.59 24.06
N TYR C 158 -45.40 -38.99 24.63
CA TYR C 158 -46.50 -38.08 24.89
C TYR C 158 -46.48 -37.53 26.32
N GLY C 159 -45.45 -37.83 27.10
CA GLY C 159 -45.29 -37.25 28.40
C GLY C 159 -45.75 -38.07 29.58
N ALA C 160 -45.65 -39.40 29.50
CA ALA C 160 -46.03 -40.24 30.62
C ALA C 160 -45.06 -40.06 31.77
N ASP C 161 -45.60 -40.03 32.98
CA ASP C 161 -44.80 -39.78 34.17
C ASP C 161 -44.03 -41.04 34.56
N VAL C 162 -42.71 -40.92 34.63
CA VAL C 162 -41.86 -42.06 34.98
C VAL C 162 -41.97 -42.36 36.47
N GLU C 163 -42.30 -41.37 37.29
CA GLU C 163 -42.22 -41.49 38.73
C GLU C 163 -43.59 -41.68 39.38
N ALA C 164 -44.61 -42.04 38.61
CA ALA C 164 -45.92 -42.28 39.17
C ALA C 164 -45.93 -43.56 40.01
N GLN C 165 -46.45 -43.46 41.23
CA GLN C 165 -46.55 -44.60 42.13
C GLN C 165 -48.01 -45.01 42.30
N ASP C 166 -48.25 -46.30 42.43
CA ASP C 166 -49.58 -46.84 42.65
C ASP C 166 -49.84 -46.94 44.16
N LYS C 167 -50.88 -47.67 44.56
CA LYS C 167 -51.22 -47.78 45.98
C LYS C 167 -50.15 -48.49 46.79
N PHE C 168 -49.34 -49.34 46.15
CA PHE C 168 -48.26 -50.02 46.83
C PHE C 168 -46.96 -49.23 46.83
N GLY C 169 -46.94 -48.07 46.19
CA GLY C 169 -45.69 -47.34 46.04
C GLY C 169 -44.78 -47.89 44.98
N LYS C 170 -45.34 -48.45 43.92
CA LYS C 170 -44.56 -49.04 42.84
C LYS C 170 -44.55 -48.10 41.64
N THR C 171 -43.36 -47.83 41.13
CA THR C 171 -43.20 -47.14 39.85
C THR C 171 -43.24 -48.16 38.72
N PRO C 172 -43.42 -47.72 37.48
CA PRO C 172 -43.34 -48.68 36.35
C PRO C 172 -42.00 -49.38 36.25
N PHE C 173 -40.91 -48.76 36.72
CA PHE C 173 -39.62 -49.42 36.77
C PHE C 173 -39.65 -50.62 37.70
N ASP C 174 -40.34 -50.49 38.83
CA ASP C 174 -40.48 -51.62 39.75
C ASP C 174 -41.31 -52.73 39.16
N LEU C 175 -42.40 -52.40 38.48
CA LEU C 175 -43.22 -53.44 37.86
C LEU C 175 -42.48 -54.10 36.70
N ALA C 176 -41.56 -53.39 36.07
CA ALA C 176 -40.80 -54.00 34.98
C ALA C 176 -39.69 -54.89 35.50
N ILE C 177 -39.08 -54.57 36.65
CA ILE C 177 -38.07 -55.48 37.17
C ILE C 177 -38.73 -56.68 37.85
N ASP C 178 -39.92 -56.51 38.42
CA ASP C 178 -40.58 -57.63 39.08
C ASP C 178 -41.08 -58.68 38.10
N ASN C 179 -41.29 -58.32 36.84
CA ASN C 179 -41.80 -59.26 35.84
C ASN C 179 -40.76 -59.60 34.78
N GLY C 180 -39.51 -59.23 34.99
CA GLY C 180 -38.45 -59.66 34.11
C GLY C 180 -38.34 -58.93 32.79
N ASN C 181 -38.92 -57.74 32.67
CA ASN C 181 -38.82 -56.95 31.44
C ASN C 181 -37.63 -56.01 31.57
N GLU C 182 -36.45 -56.56 31.29
CA GLU C 182 -35.20 -55.86 31.62
C GLU C 182 -34.91 -54.70 30.67
N ASP C 183 -35.29 -54.81 29.40
CA ASP C 183 -35.04 -53.72 28.47
C ASP C 183 -35.94 -52.52 28.76
N ILE C 184 -37.19 -52.76 29.16
CA ILE C 184 -38.06 -51.68 29.60
C ILE C 184 -37.43 -50.97 30.79
N ALA C 185 -36.95 -51.73 31.77
CA ALA C 185 -36.33 -51.13 32.95
C ALA C 185 -35.07 -50.37 32.59
N GLU C 186 -34.32 -50.82 31.59
CA GLU C 186 -33.14 -50.10 31.15
C GLU C 186 -33.52 -48.73 30.58
N VAL C 187 -34.52 -48.72 29.70
CA VAL C 187 -34.99 -47.46 29.12
C VAL C 187 -35.47 -46.51 30.21
N LEU C 188 -36.28 -47.03 31.14
CA LEU C 188 -36.84 -46.21 32.20
C LEU C 188 -35.79 -45.68 33.14
N GLN C 189 -34.70 -46.42 33.35
CA GLN C 189 -33.67 -45.99 34.27
C GLN C 189 -32.77 -44.93 33.63
N ALA C 190 -32.40 -45.15 32.37
CA ALA C 190 -31.54 -44.19 31.68
C ALA C 190 -32.22 -42.85 31.50
N LEU C 191 -33.53 -42.86 31.20
CA LEU C 191 -34.25 -41.61 31.01
C LEU C 191 -34.26 -40.76 32.27
N LEU C 192 -34.58 -41.38 33.40
CA LEU C 192 -34.61 -40.70 34.68
C LEU C 192 -33.23 -40.17 35.04
N ALA C 193 -32.18 -40.93 34.75
CA ALA C 193 -30.85 -40.50 35.13
C ALA C 193 -30.40 -39.27 34.33
N ILE C 194 -30.71 -39.24 33.03
CA ILE C 194 -30.33 -38.08 32.25
C ILE C 194 -31.13 -36.84 32.65
N ASN C 195 -32.41 -37.01 32.99
CA ASN C 195 -33.18 -35.86 33.43
C ASN C 195 -32.68 -35.30 34.75
N ARG C 196 -32.26 -36.19 35.66
CA ARG C 196 -31.69 -35.72 36.90
C ARG C 196 -30.36 -35.03 36.71
N GLN C 197 -29.56 -35.47 35.74
CA GLN C 197 -28.32 -34.75 35.46
C GLN C 197 -28.57 -33.37 34.88
N ILE C 198 -29.62 -33.23 34.06
CA ILE C 198 -30.00 -31.90 33.55
C ILE C 198 -30.37 -30.98 34.70
N ASN C 199 -31.20 -31.47 35.63
CA ASN C 199 -31.58 -30.64 36.76
C ASN C 199 -30.39 -30.30 37.64
N LEU C 200 -29.44 -31.23 37.77
CA LEU C 200 -28.27 -30.96 38.61
C LEU C 200 -27.34 -29.94 37.98
N GLU C 201 -27.21 -29.92 36.65
CA GLU C 201 -26.44 -28.87 36.04
C GLU C 201 -27.13 -27.52 36.14
N LEU C 202 -28.47 -27.49 36.06
CA LEU C 202 -29.16 -26.22 36.24
C LEU C 202 -29.06 -25.72 37.67
N TYR C 203 -28.98 -26.63 38.63
CA TYR C 203 -28.83 -26.22 40.03
C TYR C 203 -27.50 -25.53 40.27
N ALA C 204 -26.42 -26.09 39.73
CA ALA C 204 -25.08 -25.58 40.00
C ALA C 204 -24.87 -24.20 39.41
N SER C 205 -25.58 -23.85 38.35
CA SER C 205 -25.46 -22.53 37.74
C SER C 205 -26.01 -21.44 38.64
N TYR C 206 -27.05 -21.77 39.40
CA TYR C 206 -27.76 -20.86 40.28
C TYR C 206 -26.98 -20.64 41.58
N VAL C 207 -26.24 -21.66 42.03
CA VAL C 207 -25.33 -21.51 43.16
C VAL C 207 -24.21 -20.54 42.81
N TYR C 208 -23.67 -20.65 41.60
CA TYR C 208 -22.63 -19.73 41.17
C TYR C 208 -23.16 -18.33 40.97
N LEU C 209 -24.40 -18.19 40.54
CA LEU C 209 -25.01 -16.86 40.48
C LEU C 209 -25.10 -16.22 41.86
N SER C 210 -25.55 -17.00 42.84
CA SER C 210 -25.59 -16.52 44.22
C SER C 210 -24.21 -16.09 44.70
N MET C 211 -23.21 -16.95 44.51
CA MET C 211 -21.85 -16.65 44.92
C MET C 211 -21.33 -15.39 44.26
N SER C 212 -21.57 -15.22 42.96
CA SER C 212 -21.07 -14.06 42.24
C SER C 212 -21.66 -12.77 42.79
N TYR C 213 -22.97 -12.74 43.01
CA TYR C 213 -23.55 -11.49 43.51
C TYR C 213 -23.36 -11.30 44.99
N TYR C 214 -22.81 -12.28 45.71
CA TYR C 214 -22.36 -12.00 47.07
C TYR C 214 -21.10 -11.15 47.08
N PHE C 215 -20.23 -11.32 46.10
CA PHE C 215 -18.91 -10.73 46.13
C PHE C 215 -18.85 -9.32 45.58
N ASP C 216 -19.97 -8.73 45.21
CA ASP C 216 -19.96 -7.32 44.87
C ASP C 216 -20.92 -6.52 45.74
N ARG C 217 -21.31 -7.05 46.89
CA ARG C 217 -21.90 -6.22 47.92
C ARG C 217 -20.90 -5.18 48.38
N ASP C 218 -21.40 -4.04 48.87
CA ASP C 218 -20.48 -2.97 49.24
C ASP C 218 -19.64 -3.26 50.46
N ASP C 219 -19.98 -4.28 51.25
CA ASP C 219 -19.13 -4.73 52.33
C ASP C 219 -18.31 -5.96 51.97
N VAL C 220 -18.45 -6.48 50.74
CA VAL C 220 -17.56 -7.51 50.20
C VAL C 220 -17.13 -6.97 48.84
N ALA C 221 -16.05 -6.20 48.81
CA ALA C 221 -15.72 -5.46 47.59
C ALA C 221 -14.62 -6.17 46.81
N LEU C 222 -14.93 -7.36 46.31
CA LEU C 222 -13.97 -8.17 45.55
C LEU C 222 -14.51 -8.43 44.14
N LYS C 223 -14.07 -7.64 43.17
CA LYS C 223 -14.65 -7.64 41.83
C LYS C 223 -14.26 -8.85 41.01
N ASN C 224 -13.07 -9.39 41.22
CA ASN C 224 -12.58 -10.47 40.40
C ASN C 224 -13.12 -11.81 40.85
N PHE C 225 -13.40 -11.95 42.15
CA PHE C 225 -14.17 -13.08 42.64
C PHE C 225 -15.55 -13.13 41.99
N ALA C 226 -16.24 -12.00 41.94
CA ALA C 226 -17.56 -11.92 41.35
C ALA C 226 -17.52 -12.24 39.87
N LYS C 227 -16.51 -11.75 39.17
CA LYS C 227 -16.35 -12.02 37.76
C LYS C 227 -16.11 -13.51 37.48
N TYR C 228 -15.25 -14.12 38.30
CA TYR C 228 -14.96 -15.55 38.21
C TYR C 228 -16.21 -16.39 38.37
N PHE C 229 -17.02 -16.10 39.38
CA PHE C 229 -18.19 -16.92 39.62
C PHE C 229 -19.31 -16.68 38.61
N LEU C 230 -19.39 -15.50 38.01
CA LEU C 230 -20.32 -15.32 36.90
C LEU C 230 -19.91 -16.15 35.69
N HIS C 231 -18.62 -16.23 35.43
CA HIS C 231 -18.13 -17.08 34.35
C HIS C 231 -18.53 -18.54 34.58
N GLN C 232 -18.35 -19.03 35.81
CA GLN C 232 -18.73 -20.41 36.10
C GLN C 232 -20.23 -20.64 35.93
N SER C 233 -21.04 -19.67 36.33
CA SER C 233 -22.49 -19.78 36.16
C SER C 233 -22.87 -20.00 34.69
N HIS C 234 -22.27 -19.21 33.80
CA HIS C 234 -22.62 -19.35 32.39
C HIS C 234 -22.10 -20.66 31.80
N GLU C 235 -20.94 -21.14 32.27
CA GLU C 235 -20.44 -22.42 31.79
C GLU C 235 -21.38 -23.58 32.17
N GLU C 236 -21.92 -23.54 33.39
CA GLU C 236 -22.83 -24.61 33.78
C GLU C 236 -24.14 -24.55 33.01
N ARG C 237 -24.61 -23.34 32.69
CA ARG C 237 -25.77 -23.23 31.81
C ARG C 237 -25.52 -23.89 30.46
N GLU C 238 -24.31 -23.73 29.93
CA GLU C 238 -23.95 -24.39 28.68
C GLU C 238 -23.91 -25.91 28.82
N HIS C 239 -23.41 -26.42 29.94
CA HIS C 239 -23.40 -27.87 30.16
C HIS C 239 -24.80 -28.45 30.12
N ALA C 240 -25.74 -27.79 30.79
CA ALA C 240 -27.11 -28.27 30.81
C ALA C 240 -27.73 -28.25 29.42
N GLU C 241 -27.45 -27.18 28.65
CA GLU C 241 -28.00 -27.12 27.30
C GLU C 241 -27.43 -28.20 26.39
N LYS C 242 -26.15 -28.56 26.57
CA LYS C 242 -25.59 -29.67 25.81
C LYS C 242 -26.30 -30.98 26.12
N LEU C 243 -26.60 -31.22 27.39
CA LEU C 243 -27.32 -32.45 27.72
C LEU C 243 -28.73 -32.46 27.13
N MET C 244 -29.37 -31.29 27.08
CA MET C 244 -30.69 -31.20 26.46
C MET C 244 -30.64 -31.47 24.97
N LYS C 245 -29.62 -30.96 24.29
CA LYS C 245 -29.48 -31.24 22.86
C LYS C 245 -29.22 -32.72 22.60
N LEU C 246 -28.38 -33.35 23.41
CA LEU C 246 -28.15 -34.79 23.29
C LEU C 246 -29.44 -35.58 23.45
N GLN C 247 -30.22 -35.24 24.48
CA GLN C 247 -31.47 -35.94 24.69
C GLN C 247 -32.44 -35.76 23.52
N ASN C 248 -32.40 -34.61 22.86
CA ASN C 248 -33.26 -34.44 21.70
C ASN C 248 -32.77 -35.23 20.48
N GLN C 249 -31.47 -35.44 20.34
CA GLN C 249 -30.97 -36.22 19.21
C GLN C 249 -31.31 -37.69 19.33
N ARG C 250 -31.44 -38.22 20.53
CA ARG C 250 -31.72 -39.63 20.72
C ARG C 250 -33.20 -39.96 20.62
N GLY C 251 -34.06 -38.95 20.60
CA GLY C 251 -35.49 -39.20 20.62
C GLY C 251 -36.08 -39.41 21.99
N GLY C 252 -35.36 -39.02 23.05
CA GLY C 252 -35.88 -39.11 24.39
C GLY C 252 -36.69 -37.89 24.78
N ALA C 253 -37.26 -37.95 25.97
CA ALA C 253 -38.22 -36.96 26.44
C ALA C 253 -37.61 -36.13 27.56
N ILE C 254 -37.31 -34.87 27.27
CA ILE C 254 -36.89 -33.94 28.31
C ILE C 254 -38.06 -33.67 29.26
N SER C 255 -37.77 -33.64 30.55
CA SER C 255 -38.77 -33.41 31.57
C SER C 255 -38.14 -32.56 32.66
N LEU C 256 -38.58 -31.32 32.79
CA LEU C 256 -37.96 -30.35 33.68
C LEU C 256 -38.67 -30.30 35.03
N GLN C 257 -37.88 -30.02 36.07
CA GLN C 257 -38.35 -29.93 37.44
C GLN C 257 -38.00 -28.56 38.01
N ASP C 258 -38.38 -28.33 39.27
CA ASP C 258 -38.01 -27.12 39.96
C ASP C 258 -36.51 -27.06 40.17
N ILE C 259 -35.97 -25.84 40.17
CA ILE C 259 -34.59 -25.60 40.56
C ILE C 259 -34.62 -24.98 41.93
N LYS C 260 -34.02 -25.66 42.90
CA LYS C 260 -34.08 -25.23 44.28
C LYS C 260 -33.03 -24.17 44.59
N LYS C 261 -33.34 -23.34 45.59
CA LYS C 261 -32.44 -22.22 45.93
C LYS C 261 -31.18 -22.73 46.60
N PRO C 262 -30.05 -22.03 46.42
CA PRO C 262 -28.78 -22.40 47.05
C PRO C 262 -28.88 -22.47 48.57
N ASP C 263 -27.88 -23.09 49.19
CA ASP C 263 -27.91 -23.34 50.62
C ASP C 263 -27.68 -22.07 51.43
N CYS C 264 -26.87 -21.16 50.93
CA CYS C 264 -26.62 -19.90 51.60
C CYS C 264 -27.01 -18.74 50.70
N ASP C 265 -27.44 -17.65 51.34
CA ASP C 265 -27.35 -16.33 50.74
C ASP C 265 -26.04 -15.64 51.11
N ASP C 266 -25.49 -15.94 52.27
CA ASP C 266 -24.29 -15.30 52.78
C ASP C 266 -23.18 -16.32 52.87
N TRP C 267 -22.29 -16.28 51.89
CA TRP C 267 -21.00 -16.90 52.03
C TRP C 267 -20.15 -16.06 52.98
N GLU C 268 -18.98 -16.53 53.35
CA GLU C 268 -18.30 -15.85 54.43
C GLU C 268 -16.97 -15.23 54.05
N SER C 269 -16.31 -15.71 53.03
CA SER C 269 -15.00 -15.24 52.61
C SER C 269 -14.75 -15.81 51.23
N GLY C 270 -13.60 -15.46 50.65
CA GLY C 270 -13.21 -16.08 49.40
C GLY C 270 -12.82 -17.54 49.59
N LEU C 271 -12.17 -17.85 50.71
CA LEU C 271 -11.78 -19.22 50.99
C LEU C 271 -12.99 -20.13 51.15
N ASN C 272 -13.99 -19.69 51.92
CA ASN C 272 -15.14 -20.53 52.18
C ASN C 272 -15.95 -20.79 50.91
N ALA C 273 -16.07 -19.78 50.05
CA ALA C 273 -16.79 -19.96 48.79
C ALA C 273 -16.02 -20.88 47.85
N MET C 274 -14.69 -20.76 47.82
CA MET C 274 -13.91 -21.67 46.99
C MET C 274 -14.04 -23.12 47.47
N GLU C 275 -14.11 -23.32 48.79
CA GLU C 275 -14.26 -24.67 49.30
C GLU C 275 -15.65 -25.23 49.02
N CYS C 276 -16.67 -24.39 49.06
CA CYS C 276 -18.01 -24.85 48.71
C CYS C 276 -18.09 -25.17 47.23
N ALA C 277 -17.43 -24.39 46.38
CA ALA C 277 -17.41 -24.69 44.96
C ALA C 277 -16.69 -26.00 44.66
N LEU C 278 -15.62 -26.29 45.40
CA LEU C 278 -14.94 -27.56 45.22
C LEU C 278 -15.83 -28.74 45.60
N HIS C 279 -16.52 -28.63 46.74
CA HIS C 279 -17.46 -29.66 47.16
C HIS C 279 -18.55 -29.89 46.12
N LEU C 280 -19.06 -28.80 45.53
CA LEU C 280 -20.09 -28.89 44.51
C LEU C 280 -19.59 -29.64 43.28
N GLU C 281 -18.43 -29.26 42.76
CA GLU C 281 -17.95 -29.91 41.54
C GLU C 281 -17.61 -31.38 41.77
N LYS C 282 -17.19 -31.73 42.98
CA LYS C 282 -16.97 -33.14 43.27
C LYS C 282 -18.28 -33.92 43.27
N ASN C 283 -19.35 -33.34 43.79
CA ASN C 283 -20.66 -33.99 43.72
C ASN C 283 -21.11 -34.21 42.27
N VAL C 284 -20.93 -33.21 41.43
CA VAL C 284 -21.33 -33.33 40.03
C VAL C 284 -20.53 -34.43 39.33
N ASN C 285 -19.23 -34.49 39.60
CA ASN C 285 -18.39 -35.53 39.02
C ASN C 285 -18.82 -36.93 39.44
N GLN C 286 -19.22 -37.08 40.70
CA GLN C 286 -19.66 -38.39 41.17
C GLN C 286 -20.94 -38.83 40.47
N SER C 287 -21.88 -37.92 40.28
CA SER C 287 -23.10 -38.30 39.56
C SER C 287 -22.81 -38.61 38.09
N LEU C 288 -21.84 -37.93 37.49
CA LEU C 288 -21.48 -38.27 36.11
C LEU C 288 -20.86 -39.65 36.02
N LEU C 289 -20.08 -40.06 37.01
CA LEU C 289 -19.51 -41.40 36.99
C LEU C 289 -20.58 -42.46 37.14
N GLU C 290 -21.59 -42.20 37.97
CA GLU C 290 -22.69 -43.16 38.06
C GLU C 290 -23.47 -43.25 36.75
N LEU C 291 -23.65 -42.12 36.08
CA LEU C 291 -24.32 -42.13 34.78
C LEU C 291 -23.53 -42.93 33.74
N HIS C 292 -22.19 -42.82 33.78
CA HIS C 292 -21.37 -43.59 32.86
C HIS C 292 -21.45 -45.09 33.12
N LYS C 293 -21.48 -45.48 34.39
CA LYS C 293 -21.58 -46.90 34.71
C LYS C 293 -22.93 -47.46 34.28
N LEU C 294 -23.99 -46.66 34.47
CA LEU C 294 -25.31 -47.08 34.01
C LEU C 294 -25.34 -47.22 32.49
N ALA C 295 -24.71 -46.29 31.77
CA ALA C 295 -24.66 -46.39 30.32
C ALA C 295 -23.84 -47.58 29.85
N THR C 296 -22.85 -48.00 30.63
CA THR C 296 -22.08 -49.16 30.23
C THR C 296 -22.85 -50.45 30.48
N ASP C 297 -23.69 -50.49 31.51
CA ASP C 297 -24.54 -51.66 31.70
C ASP C 297 -25.58 -51.79 30.59
N CYS C 298 -26.05 -50.68 30.03
CA CYS C 298 -27.11 -50.69 29.04
C CYS C 298 -26.60 -50.88 27.63
N ASN C 299 -25.29 -51.07 27.44
CA ASN C 299 -24.66 -51.25 26.12
C ASN C 299 -24.97 -50.07 25.19
N ASP C 300 -24.52 -48.90 25.60
CA ASP C 300 -24.74 -47.65 24.87
C ASP C 300 -23.40 -46.96 24.68
N PRO C 301 -22.62 -47.36 23.67
CA PRO C 301 -21.29 -46.76 23.49
C PRO C 301 -21.33 -45.29 23.12
N HIS C 302 -22.39 -44.82 22.47
CA HIS C 302 -22.45 -43.43 22.08
C HIS C 302 -22.60 -42.52 23.28
N LEU C 303 -23.42 -42.93 24.26
CA LEU C 303 -23.56 -42.16 25.49
C LEU C 303 -22.27 -42.16 26.31
N CYS C 304 -21.58 -43.30 26.36
CA CYS C 304 -20.32 -43.38 27.07
C CYS C 304 -19.29 -42.45 26.48
N ASP C 305 -19.17 -42.45 25.15
CA ASP C 305 -18.20 -41.57 24.52
C ASP C 305 -18.59 -40.11 24.65
N PHE C 306 -19.89 -39.79 24.60
CA PHE C 306 -20.34 -38.42 24.83
C PHE C 306 -19.94 -37.94 26.22
N ILE C 307 -20.18 -38.77 27.24
CA ILE C 307 -19.86 -38.38 28.61
C ILE C 307 -18.37 -38.18 28.77
N GLU C 308 -17.57 -39.16 28.34
CA GLU C 308 -16.14 -39.03 28.57
C GLU C 308 -15.45 -38.04 27.63
N THR C 309 -16.10 -37.59 26.56
CA THR C 309 -15.51 -36.56 25.71
C THR C 309 -15.87 -35.15 26.14
N HIS C 310 -17.10 -34.90 26.59
CA HIS C 310 -17.49 -33.54 26.92
C HIS C 310 -17.59 -33.24 28.40
N TYR C 311 -17.49 -34.24 29.28
CA TYR C 311 -17.79 -33.95 30.67
C TYR C 311 -16.70 -34.40 31.64
N LEU C 312 -16.05 -35.52 31.38
CA LEU C 312 -15.19 -36.12 32.39
C LEU C 312 -13.84 -35.44 32.51
N ASN C 313 -13.36 -34.80 31.46
CA ASN C 313 -12.08 -34.11 31.54
C ASN C 313 -12.23 -32.69 32.06
N GLU C 314 -13.37 -32.06 31.78
CA GLU C 314 -13.64 -30.73 32.31
C GLU C 314 -13.80 -30.77 33.83
N GLN C 315 -14.41 -31.83 34.36
CA GLN C 315 -14.54 -31.97 35.80
C GLN C 315 -13.19 -32.10 36.46
N VAL C 316 -12.28 -32.86 35.86
CA VAL C 316 -10.95 -33.04 36.41
C VAL C 316 -10.19 -31.73 36.40
N LYS C 317 -10.28 -30.98 35.31
CA LYS C 317 -9.65 -29.67 35.24
C LYS C 317 -10.19 -28.72 36.30
N ALA C 318 -11.51 -28.70 36.48
CA ALA C 318 -12.12 -27.78 37.43
C ALA C 318 -11.73 -28.13 38.86
N ILE C 319 -11.67 -29.41 39.18
CA ILE C 319 -11.31 -29.82 40.52
C ILE C 319 -9.85 -29.50 40.82
N LYS C 320 -8.97 -29.68 39.82
CA LYS C 320 -7.57 -29.32 40.00
C LYS C 320 -7.40 -27.82 40.24
N GLU C 321 -8.12 -26.99 39.47
CA GLU C 321 -8.00 -25.55 39.61
C GLU C 321 -8.56 -25.06 40.94
N LEU C 322 -9.69 -25.61 41.38
CA LEU C 322 -10.26 -25.16 42.63
C LEU C 322 -9.43 -25.60 43.83
N GLY C 323 -8.82 -26.79 43.78
CA GLY C 323 -7.91 -27.16 44.84
C GLY C 323 -6.64 -26.32 44.88
N ASP C 324 -6.15 -25.92 43.70
CA ASP C 324 -5.09 -24.92 43.63
C ASP C 324 -5.45 -23.64 44.37
N HIS C 325 -6.62 -23.08 44.05
CA HIS C 325 -7.05 -21.84 44.68
C HIS C 325 -7.16 -21.99 46.18
N VAL C 326 -7.69 -23.11 46.66
CA VAL C 326 -7.86 -23.31 48.09
C VAL C 326 -6.51 -23.36 48.80
N THR C 327 -5.55 -24.11 48.25
CA THR C 327 -4.28 -24.21 48.97
C THR C 327 -3.49 -22.90 48.93
N ASN C 328 -3.56 -22.15 47.83
CA ASN C 328 -2.87 -20.88 47.80
C ASN C 328 -3.49 -19.89 48.78
N LEU C 329 -4.82 -19.84 48.85
CA LEU C 329 -5.47 -18.95 49.80
C LEU C 329 -5.17 -19.34 51.23
N ARG C 330 -5.09 -20.62 51.54
CA ARG C 330 -4.74 -21.02 52.90
C ARG C 330 -3.29 -20.70 53.24
N LYS C 331 -2.38 -20.83 52.28
CA LYS C 331 -0.98 -20.52 52.57
C LYS C 331 -0.77 -19.03 52.77
N MET C 332 -1.45 -18.18 51.99
CA MET C 332 -1.30 -16.75 52.15
C MET C 332 -1.81 -16.25 53.50
N GLY C 333 -2.67 -17.00 54.17
CA GLY C 333 -3.13 -16.64 55.49
C GLY C 333 -4.58 -16.24 55.60
N ALA C 334 -5.38 -16.51 54.60
CA ALA C 334 -6.80 -16.21 54.61
C ALA C 334 -7.55 -17.25 55.43
N PRO C 335 -8.73 -16.92 55.98
CA PRO C 335 -9.56 -15.72 55.89
C PRO C 335 -9.19 -14.62 56.86
N GLU C 336 -8.44 -14.94 57.90
CA GLU C 336 -8.14 -13.98 58.95
C GLU C 336 -7.06 -12.99 58.56
N SER C 337 -6.65 -12.97 57.30
CA SER C 337 -5.83 -11.91 56.75
C SER C 337 -6.60 -11.28 55.60
N GLY C 338 -7.02 -10.04 55.78
CA GLY C 338 -7.69 -9.34 54.70
C GLY C 338 -6.76 -8.91 53.59
N LEU C 339 -5.46 -8.85 53.87
CA LEU C 339 -4.48 -8.57 52.85
C LEU C 339 -4.31 -9.73 51.89
N ALA C 340 -4.59 -10.95 52.34
CA ALA C 340 -4.40 -12.13 51.50
C ALA C 340 -5.46 -12.20 50.40
N GLU C 341 -6.71 -11.94 50.73
CA GLU C 341 -7.77 -12.05 49.73
C GLU C 341 -7.72 -10.91 48.72
N TYR C 342 -7.33 -9.72 49.16
CA TYR C 342 -7.13 -8.60 48.24
C TYR C 342 -6.07 -8.91 47.20
N LEU C 343 -4.95 -9.46 47.64
CA LEU C 343 -3.84 -9.71 46.72
C LEU C 343 -4.09 -10.94 45.86
N PHE C 344 -4.81 -11.94 46.38
CA PHE C 344 -5.25 -13.05 45.54
C PHE C 344 -6.20 -12.56 44.46
N ASP C 345 -7.13 -11.68 44.82
CA ASP C 345 -8.01 -11.02 43.85
C ASP C 345 -7.23 -10.34 42.76
N LYS C 346 -6.18 -9.61 43.11
CA LYS C 346 -5.42 -8.89 42.09
C LYS C 346 -4.60 -9.84 41.22
N HIS C 347 -3.83 -10.73 41.83
CA HIS C 347 -2.79 -11.41 41.07
C HIS C 347 -3.24 -12.70 40.41
N THR C 348 -4.12 -13.47 41.04
CA THR C 348 -4.54 -14.72 40.43
C THR C 348 -5.79 -14.55 39.57
N LEU C 349 -6.80 -13.88 40.11
CA LEU C 349 -8.05 -13.71 39.39
C LEU C 349 -8.03 -12.49 38.48
N GLY C 350 -7.04 -11.63 38.60
CA GLY C 350 -6.96 -10.45 37.77
C GLY C 350 -6.61 -10.75 36.34
N LYS D 22 -95.61 -96.78 63.84
CA LYS D 22 -96.39 -97.00 62.63
C LYS D 22 -95.49 -97.46 61.48
N ILE D 23 -94.17 -97.37 61.69
CA ILE D 23 -93.22 -97.95 60.76
C ILE D 23 -93.25 -99.48 60.94
N GLU D 24 -93.48 -100.19 59.84
CA GLU D 24 -93.72 -101.63 59.91
C GLU D 24 -92.42 -102.39 60.16
N GLU D 25 -92.55 -103.54 60.82
CA GLU D 25 -91.43 -104.39 61.20
C GLU D 25 -91.30 -105.57 60.26
N GLY D 26 -90.08 -106.12 60.17
CA GLY D 26 -89.80 -107.21 59.26
C GLY D 26 -89.87 -106.85 57.80
N LYS D 27 -89.86 -105.56 57.49
CA LYS D 27 -90.12 -105.06 56.15
C LYS D 27 -89.42 -103.71 56.01
N LEU D 28 -88.85 -103.47 54.83
CA LEU D 28 -88.08 -102.27 54.56
C LEU D 28 -88.66 -101.54 53.36
N VAL D 29 -88.97 -100.26 53.55
CA VAL D 29 -89.38 -99.37 52.47
C VAL D 29 -88.41 -98.19 52.43
N ILE D 30 -87.98 -97.83 51.23
CA ILE D 30 -86.96 -96.81 51.02
C ILE D 30 -87.52 -95.78 50.05
N TRP D 31 -87.19 -94.51 50.28
CA TRP D 31 -87.49 -93.44 49.35
C TRP D 31 -86.20 -92.84 48.81
N ILE D 32 -86.13 -92.68 47.50
CA ILE D 32 -84.93 -92.22 46.81
C ILE D 32 -85.35 -91.43 45.58
N ASN D 33 -84.67 -90.31 45.34
CA ASN D 33 -85.04 -89.42 44.25
C ASN D 33 -84.74 -90.09 42.90
N GLY D 34 -85.62 -89.82 41.94
CA GLY D 34 -85.59 -90.46 40.64
C GLY D 34 -84.48 -90.05 39.69
N ASP D 35 -83.58 -89.15 40.10
CA ASP D 35 -82.44 -88.79 39.28
C ASP D 35 -81.25 -89.70 39.53
N LYS D 36 -81.44 -90.78 40.27
CA LYS D 36 -80.39 -91.70 40.68
C LYS D 36 -80.69 -93.08 40.13
N GLY D 37 -79.85 -94.05 40.49
CA GLY D 37 -80.13 -95.42 40.16
C GLY D 37 -81.04 -96.06 41.18
N TYR D 38 -82.30 -95.61 41.23
CA TYR D 38 -83.27 -96.22 42.14
C TYR D 38 -83.58 -97.65 41.72
N ASN D 39 -83.46 -97.94 40.41
CA ASN D 39 -83.53 -99.33 39.97
C ASN D 39 -82.36 -100.13 40.51
N GLY D 40 -81.19 -99.51 40.67
CA GLY D 40 -80.09 -100.17 41.34
C GLY D 40 -80.39 -100.43 42.80
N LEU D 41 -81.14 -99.53 43.45
CA LEU D 41 -81.59 -99.80 44.80
C LEU D 41 -82.58 -100.97 44.83
N ALA D 42 -83.40 -101.11 43.81
CA ALA D 42 -84.22 -102.31 43.69
C ALA D 42 -83.37 -103.55 43.48
N GLU D 43 -82.27 -103.44 42.73
CA GLU D 43 -81.40 -104.58 42.50
CA GLU D 43 -81.41 -104.59 42.50
C GLU D 43 -80.71 -105.03 43.78
N VAL D 44 -80.23 -104.08 44.58
CA VAL D 44 -79.59 -104.48 45.82
C VAL D 44 -80.64 -105.00 46.82
N GLY D 45 -81.86 -104.46 46.74
CA GLY D 45 -82.95 -105.03 47.52
C GLY D 45 -83.21 -106.47 47.18
N LYS D 46 -83.20 -106.83 45.89
CA LYS D 46 -83.45 -108.22 45.54
C LYS D 46 -82.26 -109.13 45.81
N LYS D 47 -81.02 -108.62 45.79
CA LYS D 47 -79.93 -109.43 46.34
C LYS D 47 -80.20 -109.74 47.81
N PHE D 48 -80.61 -108.73 48.58
CA PHE D 48 -80.95 -108.96 49.98
C PHE D 48 -82.11 -109.93 50.14
N GLU D 49 -83.06 -109.93 49.21
CA GLU D 49 -84.19 -110.84 49.28
C GLU D 49 -83.78 -112.29 48.99
N LYS D 50 -82.99 -112.50 47.93
CA LYS D 50 -82.54 -113.86 47.65
C LYS D 50 -81.57 -114.38 48.73
N ASP D 51 -80.86 -113.48 49.42
CA ASP D 51 -79.93 -113.97 50.43
C ASP D 51 -80.57 -114.18 51.79
N THR D 52 -81.42 -113.26 52.25
CA THR D 52 -81.98 -113.33 53.60
C THR D 52 -83.50 -113.48 53.64
N GLY D 53 -84.20 -113.33 52.52
CA GLY D 53 -85.64 -113.47 52.51
C GLY D 53 -86.42 -112.27 52.99
N ILE D 54 -85.76 -111.16 53.28
CA ILE D 54 -86.43 -109.97 53.80
C ILE D 54 -86.72 -109.03 52.64
N LYS D 55 -88.00 -108.71 52.44
CA LYS D 55 -88.42 -107.94 51.29
C LYS D 55 -88.02 -106.47 51.43
N VAL D 56 -87.54 -105.89 50.33
CA VAL D 56 -87.16 -104.48 50.27
C VAL D 56 -87.94 -103.84 49.13
N THR D 57 -88.71 -102.80 49.45
CA THR D 57 -89.42 -102.01 48.46
C THR D 57 -88.83 -100.62 48.39
N VAL D 58 -88.67 -100.11 47.19
CA VAL D 58 -88.20 -98.74 46.99
C VAL D 58 -89.27 -97.99 46.21
N GLU D 59 -89.38 -96.70 46.51
CA GLU D 59 -90.33 -95.83 45.82
C GLU D 59 -89.65 -94.49 45.51
N HIS D 60 -89.96 -93.96 44.33
CA HIS D 60 -89.28 -92.77 43.82
C HIS D 60 -90.29 -91.73 43.33
N PRO D 61 -90.99 -91.05 44.24
CA PRO D 61 -91.86 -89.95 43.85
C PRO D 61 -91.13 -88.61 43.91
N ASP D 62 -91.81 -87.58 43.42
CA ASP D 62 -91.25 -86.23 43.48
C ASP D 62 -91.36 -85.70 44.90
N LYS D 63 -90.65 -84.58 45.14
CA LYS D 63 -90.71 -83.79 46.37
C LYS D 63 -90.40 -84.62 47.62
N LEU D 64 -89.46 -85.56 47.52
CA LEU D 64 -89.17 -86.43 48.65
C LEU D 64 -88.57 -85.68 49.84
N GLU D 65 -87.90 -84.55 49.59
CA GLU D 65 -87.37 -83.77 50.72
C GLU D 65 -88.48 -82.97 51.38
N GLU D 66 -89.52 -82.63 50.61
CA GLU D 66 -90.75 -82.11 51.22
C GLU D 66 -91.51 -83.22 51.93
N LYS D 67 -91.41 -84.45 51.42
CA LYS D 67 -92.30 -85.53 51.86
C LYS D 67 -91.78 -86.26 53.09
N PHE D 68 -90.45 -86.38 53.26
CA PHE D 68 -89.94 -87.14 54.41
C PHE D 68 -90.23 -86.47 55.74
N PRO D 69 -89.90 -85.19 55.99
CA PRO D 69 -90.06 -84.67 57.36
C PRO D 69 -91.50 -84.50 57.79
N GLN D 70 -92.42 -84.20 56.86
CA GLN D 70 -93.81 -84.04 57.20
C GLN D 70 -94.48 -85.33 57.62
N VAL D 71 -93.92 -86.48 57.28
CA VAL D 71 -94.50 -87.76 57.66
C VAL D 71 -93.67 -88.34 58.80
N ALA D 72 -92.38 -88.01 58.83
CA ALA D 72 -91.51 -88.45 59.91
C ALA D 72 -91.80 -87.73 61.21
N ALA D 73 -92.37 -86.53 61.16
CA ALA D 73 -92.85 -85.88 62.37
C ALA D 73 -94.10 -86.55 62.92
N THR D 74 -94.79 -87.36 62.10
CA THR D 74 -95.87 -88.21 62.57
C THR D 74 -95.39 -89.59 63.02
N GLY D 75 -94.19 -89.98 62.63
CA GLY D 75 -93.68 -91.29 62.96
C GLY D 75 -93.87 -92.35 61.90
N ASP D 76 -93.98 -91.97 60.63
CA ASP D 76 -94.16 -92.93 59.55
C ASP D 76 -93.33 -92.54 58.34
N GLY D 77 -93.65 -93.14 57.19
CA GLY D 77 -92.97 -92.83 55.96
C GLY D 77 -92.03 -93.93 55.54
N PRO D 78 -90.80 -93.58 55.23
CA PRO D 78 -89.82 -94.58 54.83
C PRO D 78 -89.02 -95.07 56.02
N ASP D 79 -88.10 -96.00 55.78
CA ASP D 79 -87.08 -96.28 56.78
C ASP D 79 -85.77 -95.59 56.45
N ILE D 80 -85.37 -95.64 55.17
CA ILE D 80 -84.10 -95.09 54.70
C ILE D 80 -84.40 -94.03 53.66
N ILE D 81 -83.59 -92.96 53.66
CA ILE D 81 -83.73 -91.89 52.68
C ILE D 81 -82.35 -91.49 52.16
N PHE D 82 -82.21 -91.42 50.84
CA PHE D 82 -80.96 -91.05 50.18
C PHE D 82 -81.05 -89.59 49.75
N TRP D 83 -80.27 -88.72 50.40
CA TRP D 83 -80.33 -87.29 50.10
C TRP D 83 -79.05 -86.63 50.58
N ALA D 84 -78.96 -85.33 50.32
CA ALA D 84 -77.81 -84.54 50.77
C ALA D 84 -77.78 -84.45 52.29
N HIS D 85 -76.57 -84.31 52.82
CA HIS D 85 -76.35 -84.35 54.26
C HIS D 85 -76.75 -83.06 54.96
N ASP D 86 -76.82 -81.95 54.23
CA ASP D 86 -77.01 -80.65 54.89
C ASP D 86 -78.40 -80.51 55.51
N ARG D 87 -79.42 -81.07 54.87
CA ARG D 87 -80.73 -81.11 55.49
C ARG D 87 -80.87 -82.26 56.48
N PHE D 88 -79.90 -83.19 56.49
CA PHE D 88 -79.94 -84.29 57.46
C PHE D 88 -79.61 -83.79 58.87
N GLY D 89 -78.57 -82.97 58.98
CA GLY D 89 -78.19 -82.45 60.29
C GLY D 89 -79.29 -81.64 60.94
N GLY D 90 -79.99 -80.83 60.15
CA GLY D 90 -81.20 -80.18 60.65
C GLY D 90 -82.25 -81.18 61.08
N TYR D 91 -82.45 -82.23 60.27
CA TYR D 91 -83.34 -83.30 60.69
C TYR D 91 -82.70 -84.18 61.76
N ALA D 92 -81.39 -84.03 61.99
CA ALA D 92 -80.80 -84.62 63.19
C ALA D 92 -81.24 -83.86 64.43
N GLN D 93 -81.56 -82.57 64.27
CA GLN D 93 -82.18 -81.82 65.37
C GLN D 93 -83.65 -82.17 65.51
N SER D 94 -84.35 -82.34 64.40
CA SER D 94 -85.79 -82.47 64.38
C SER D 94 -86.30 -83.84 64.83
N GLY D 95 -85.41 -84.74 65.25
CA GLY D 95 -85.85 -86.04 65.71
C GLY D 95 -86.40 -86.92 64.60
N LEU D 96 -85.91 -86.75 63.37
CA LEU D 96 -86.39 -87.51 62.22
C LEU D 96 -85.35 -88.45 61.63
N LEU D 97 -84.07 -88.26 61.92
CA LEU D 97 -83.03 -89.19 61.54
C LEU D 97 -82.52 -89.95 62.75
N ALA D 98 -82.31 -91.25 62.57
CA ALA D 98 -81.89 -92.13 63.64
C ALA D 98 -80.38 -92.07 63.84
N GLU D 99 -79.95 -92.04 65.10
CA GLU D 99 -78.54 -92.09 65.43
C GLU D 99 -78.01 -93.49 65.11
N ILE D 100 -77.18 -93.59 64.08
CA ILE D 100 -76.67 -94.90 63.66
C ILE D 100 -75.57 -95.34 64.61
N THR D 101 -75.33 -96.65 64.63
CA THR D 101 -74.24 -97.25 65.42
C THR D 101 -73.40 -98.12 64.49
N PRO D 102 -72.45 -97.53 63.77
CA PRO D 102 -71.53 -98.33 62.97
C PRO D 102 -70.27 -98.70 63.74
N ASP D 103 -69.60 -99.74 63.25
CA ASP D 103 -68.37 -100.20 63.87
CA ASP D 103 -68.37 -100.21 63.87
C ASP D 103 -67.19 -99.38 63.38
N LYS D 104 -66.05 -99.54 64.06
CA LYS D 104 -64.86 -98.79 63.71
C LYS D 104 -64.13 -99.37 62.50
N ALA D 105 -64.21 -100.68 62.30
CA ALA D 105 -63.65 -101.27 61.10
C ALA D 105 -64.43 -100.84 59.86
N PHE D 106 -65.75 -100.72 59.98
CA PHE D 106 -66.54 -100.19 58.86
C PHE D 106 -66.32 -98.70 58.69
N GLN D 107 -65.96 -97.99 59.77
CA GLN D 107 -65.57 -96.60 59.64
C GLN D 107 -64.22 -96.46 58.94
N ASP D 108 -63.36 -97.48 59.07
CA ASP D 108 -62.15 -97.54 58.27
C ASP D 108 -62.45 -97.95 56.83
N LYS D 109 -63.51 -98.73 56.61
CA LYS D 109 -63.90 -99.13 55.27
C LYS D 109 -64.33 -97.94 54.40
N LEU D 110 -64.80 -96.86 55.01
CA LEU D 110 -65.18 -95.64 54.31
C LEU D 110 -64.17 -94.54 54.62
N TYR D 111 -64.25 -93.48 53.84
CA TYR D 111 -63.39 -92.32 54.10
C TYR D 111 -63.99 -91.47 55.22
N PRO D 112 -63.17 -91.04 56.18
CA PRO D 112 -63.71 -90.28 57.33
C PRO D 112 -64.20 -88.90 56.96
N PHE D 113 -63.63 -88.26 55.94
CA PHE D 113 -64.12 -86.95 55.51
C PHE D 113 -65.53 -87.04 54.94
N THR D 114 -65.95 -88.22 54.50
CA THR D 114 -67.36 -88.45 54.23
C THR D 114 -68.17 -88.54 55.51
N TRP D 115 -67.58 -89.12 56.57
CA TRP D 115 -68.29 -89.22 57.85
C TRP D 115 -68.44 -87.86 58.53
N ASP D 116 -67.59 -86.88 58.19
CA ASP D 116 -67.78 -85.53 58.70
C ASP D 116 -68.99 -84.83 58.08
N ALA D 117 -69.61 -85.41 57.06
CA ALA D 117 -70.80 -84.81 56.46
C ALA D 117 -72.06 -85.04 57.28
N VAL D 118 -72.09 -86.13 58.04
CA VAL D 118 -73.31 -86.56 58.73
C VAL D 118 -73.15 -86.43 60.24
N ARG D 119 -72.36 -85.46 60.66
CA ARG D 119 -72.18 -85.15 62.08
C ARG D 119 -73.15 -84.07 62.51
N TYR D 120 -73.71 -84.23 63.72
CA TYR D 120 -74.55 -83.20 64.31
C TYR D 120 -74.62 -83.45 65.81
N ASN D 121 -74.21 -82.46 66.60
CA ASN D 121 -74.16 -82.55 68.07
C ASN D 121 -73.35 -83.75 68.54
N GLY D 122 -72.29 -84.06 67.80
CA GLY D 122 -71.43 -85.18 68.11
C GLY D 122 -71.97 -86.54 67.74
N LYS D 123 -73.26 -86.67 67.44
CA LYS D 123 -73.85 -87.95 67.11
C LYS D 123 -73.76 -88.19 65.60
N LEU D 124 -73.81 -89.46 65.22
CA LEU D 124 -73.67 -89.87 63.83
C LEU D 124 -75.02 -90.35 63.34
N ILE D 125 -75.47 -89.83 62.21
CA ILE D 125 -76.88 -89.93 61.84
C ILE D 125 -77.12 -90.75 60.57
N ALA D 126 -76.14 -90.90 59.69
CA ALA D 126 -76.42 -91.49 58.39
C ALA D 126 -75.13 -92.04 57.80
N TYR D 127 -75.28 -93.01 56.89
CA TYR D 127 -74.13 -93.61 56.23
C TYR D 127 -73.90 -92.90 54.91
N PRO D 128 -72.72 -92.32 54.68
CA PRO D 128 -72.47 -91.66 53.40
C PRO D 128 -72.27 -92.67 52.28
N ILE D 129 -72.85 -92.39 51.12
CA ILE D 129 -72.67 -93.24 49.96
C ILE D 129 -71.91 -92.47 48.89
N ALA D 130 -72.50 -91.38 48.40
CA ALA D 130 -71.94 -90.64 47.28
C ALA D 130 -71.38 -89.31 47.75
N VAL D 131 -70.35 -88.84 47.06
CA VAL D 131 -69.66 -87.61 47.40
C VAL D 131 -69.49 -86.78 46.14
N GLU D 132 -69.80 -85.48 46.23
CA GLU D 132 -69.90 -84.60 45.08
C GLU D 132 -68.99 -83.40 45.27
N ALA D 133 -68.33 -83.00 44.19
CA ALA D 133 -67.39 -81.89 44.22
C ALA D 133 -67.19 -81.37 42.80
N LEU D 134 -67.02 -80.06 42.69
CA LEU D 134 -66.86 -79.43 41.39
C LEU D 134 -65.41 -79.55 40.93
N SER D 135 -65.23 -79.85 39.64
CA SER D 135 -63.91 -80.08 39.08
C SER D 135 -63.77 -79.30 37.78
N LEU D 136 -62.54 -79.20 37.28
CA LEU D 136 -62.25 -78.46 36.07
C LEU D 136 -62.45 -79.38 34.88
N ILE D 137 -63.21 -78.91 33.89
CA ILE D 137 -63.44 -79.62 32.65
C ILE D 137 -62.78 -78.81 31.54
N TYR D 138 -61.90 -79.45 30.77
CA TYR D 138 -61.10 -78.76 29.78
C TYR D 138 -61.17 -79.46 28.42
N ASN D 139 -61.15 -78.65 27.37
CA ASN D 139 -60.94 -79.16 26.02
C ASN D 139 -59.48 -79.56 25.88
N LYS D 140 -59.24 -80.83 25.52
CA LYS D 140 -57.87 -81.29 25.34
C LYS D 140 -57.24 -80.70 24.08
N ASP D 141 -58.05 -80.32 23.10
CA ASP D 141 -57.50 -79.79 21.85
C ASP D 141 -57.07 -78.35 22.03
N LEU D 142 -57.93 -77.51 22.60
CA LEU D 142 -57.58 -76.11 22.80
C LEU D 142 -56.44 -75.94 23.80
N LEU D 143 -56.32 -76.86 24.75
CA LEU D 143 -55.21 -76.77 25.69
C LEU D 143 -54.72 -78.17 26.05
N PRO D 144 -53.57 -78.59 25.51
CA PRO D 144 -53.06 -79.93 25.82
C PRO D 144 -52.49 -80.05 27.21
N ASN D 145 -52.13 -78.95 27.86
CA ASN D 145 -51.46 -78.97 29.17
C ASN D 145 -52.16 -78.01 30.11
N PRO D 146 -52.98 -78.50 31.03
CA PRO D 146 -53.72 -77.59 31.92
C PRO D 146 -52.78 -76.88 32.87
N PRO D 147 -53.15 -75.69 33.34
CA PRO D 147 -52.34 -74.99 34.35
C PRO D 147 -52.77 -75.35 35.76
N LYS D 148 -51.83 -75.17 36.69
CA LYS D 148 -52.04 -75.51 38.08
C LYS D 148 -52.16 -74.29 38.99
N THR D 149 -52.10 -73.09 38.43
CA THR D 149 -52.24 -71.86 39.20
C THR D 149 -53.35 -71.00 38.59
N TRP D 150 -54.13 -70.36 39.46
CA TRP D 150 -55.10 -69.37 38.98
C TRP D 150 -54.41 -68.14 38.43
N GLU D 151 -53.23 -67.82 38.97
CA GLU D 151 -52.46 -66.69 38.48
C GLU D 151 -52.01 -66.86 37.04
N GLU D 152 -52.07 -68.08 36.52
CA GLU D 152 -51.77 -68.34 35.11
C GLU D 152 -52.96 -68.03 34.21
N ILE D 153 -54.18 -68.06 34.73
CA ILE D 153 -55.39 -67.92 33.94
C ILE D 153 -55.50 -66.57 33.20
N PRO D 154 -55.17 -65.42 33.79
CA PRO D 154 -55.23 -64.18 32.99
C PRO D 154 -54.33 -64.20 31.78
N ALA D 155 -53.05 -64.54 31.96
CA ALA D 155 -52.08 -64.51 30.88
C ALA D 155 -52.51 -65.40 29.72
N LEU D 156 -52.89 -66.65 30.01
CA LEU D 156 -53.33 -67.55 28.94
C LEU D 156 -54.60 -67.06 28.27
N ASP D 157 -55.42 -66.29 28.99
CA ASP D 157 -56.59 -65.70 28.36
C ASP D 157 -56.18 -64.77 27.22
N LYS D 158 -55.07 -64.06 27.39
CA LYS D 158 -54.53 -63.22 26.33
C LYS D 158 -54.21 -64.04 25.08
N GLU D 159 -53.92 -65.32 25.24
CA GLU D 159 -53.74 -66.17 24.07
C GLU D 159 -55.06 -66.44 23.36
N LEU D 160 -56.13 -66.73 24.12
CA LEU D 160 -57.33 -67.26 23.48
C LEU D 160 -58.10 -66.19 22.72
N LYS D 161 -58.05 -64.93 23.17
CA LYS D 161 -58.61 -63.84 22.38
C LYS D 161 -57.86 -63.67 21.06
N ALA D 162 -56.64 -64.17 20.97
CA ALA D 162 -55.90 -64.20 19.71
C ALA D 162 -56.38 -65.31 18.78
N LYS D 163 -57.17 -66.25 19.27
CA LYS D 163 -57.79 -67.28 18.45
C LYS D 163 -59.31 -67.12 18.37
N GLY D 164 -59.85 -66.05 18.94
CA GLY D 164 -61.30 -65.90 19.00
C GLY D 164 -61.96 -66.78 20.04
N LYS D 165 -61.22 -67.14 21.09
CA LYS D 165 -61.72 -68.03 22.13
C LYS D 165 -61.68 -67.31 23.47
N SER D 166 -62.33 -67.91 24.46
CA SER D 166 -62.33 -67.40 25.82
C SER D 166 -61.73 -68.45 26.76
N ALA D 167 -61.06 -67.97 27.81
CA ALA D 167 -60.38 -68.89 28.71
C ALA D 167 -61.36 -69.60 29.64
N LEU D 168 -62.07 -68.84 30.46
CA LEU D 168 -62.95 -69.42 31.47
C LEU D 168 -64.30 -68.72 31.40
N MET D 169 -65.37 -69.52 31.42
CA MET D 169 -66.73 -68.99 31.45
C MET D 169 -67.58 -69.95 32.27
N PHE D 170 -68.17 -69.44 33.35
CA PHE D 170 -68.98 -70.26 34.24
C PHE D 170 -70.08 -69.38 34.84
N ASN D 171 -70.83 -69.96 35.78
CA ASN D 171 -71.95 -69.27 36.41
C ASN D 171 -71.43 -68.37 37.52
N LEU D 172 -71.46 -67.07 37.30
CA LEU D 172 -71.09 -66.10 38.30
C LEU D 172 -72.26 -65.67 39.19
N GLN D 173 -73.46 -66.16 38.89
CA GLN D 173 -74.65 -65.74 39.64
C GLN D 173 -74.86 -66.53 40.92
N GLU D 174 -73.95 -67.45 41.25
CA GLU D 174 -74.07 -68.26 42.45
C GLU D 174 -72.78 -68.21 43.27
N PRO D 175 -72.88 -68.16 44.59
CA PRO D 175 -71.68 -68.37 45.42
C PRO D 175 -71.18 -69.80 45.38
N TYR D 176 -72.02 -70.74 44.96
CA TYR D 176 -71.64 -72.15 44.91
C TYR D 176 -70.51 -72.40 43.92
N PHE D 177 -70.43 -71.57 42.87
CA PHE D 177 -69.34 -71.70 41.91
C PHE D 177 -68.10 -70.94 42.38
N THR D 178 -68.29 -69.77 42.98
CA THR D 178 -67.19 -68.86 43.28
C THR D 178 -66.47 -69.21 44.59
N TRP D 179 -67.10 -69.97 45.47
CA TRP D 179 -66.51 -70.26 46.78
C TRP D 179 -65.19 -71.03 46.77
N PRO D 180 -64.90 -71.92 45.79
CA PRO D 180 -63.55 -72.49 45.73
C PRO D 180 -62.42 -71.47 45.70
N LEU D 181 -62.55 -70.42 44.87
CA LEU D 181 -61.46 -69.47 44.74
C LEU D 181 -61.37 -68.52 45.92
N ILE D 182 -62.49 -67.92 46.32
CA ILE D 182 -62.45 -66.86 47.33
C ILE D 182 -62.10 -67.42 48.71
N ALA D 183 -62.52 -68.64 49.01
CA ALA D 183 -62.32 -69.23 50.32
C ALA D 183 -61.13 -70.18 50.35
N ALA D 184 -60.26 -70.14 49.33
CA ALA D 184 -59.16 -71.08 49.26
C ALA D 184 -58.07 -70.74 50.27
N ASP D 185 -57.78 -69.46 50.44
CA ASP D 185 -56.64 -69.00 51.23
C ASP D 185 -57.04 -68.30 52.53
N GLY D 186 -58.15 -68.71 53.13
CA GLY D 186 -58.53 -68.14 54.42
C GLY D 186 -60.01 -67.94 54.65
N GLY D 187 -60.82 -68.10 53.62
CA GLY D 187 -62.26 -68.01 53.79
C GLY D 187 -62.87 -69.36 54.17
N TYR D 188 -63.95 -69.29 54.94
CA TYR D 188 -64.70 -70.47 55.36
C TYR D 188 -66.08 -70.03 55.84
N ALA D 189 -67.11 -70.76 55.42
CA ALA D 189 -68.49 -70.33 55.66
C ALA D 189 -68.79 -70.23 57.15
N PHE D 190 -68.73 -71.34 57.88
CA PHE D 190 -68.89 -71.36 59.32
C PHE D 190 -67.75 -72.16 59.93
N LYS D 191 -67.30 -71.76 61.11
CA LYS D 191 -66.27 -72.54 61.78
C LYS D 191 -66.84 -73.89 62.22
N TYR D 192 -66.24 -74.96 61.76
CA TYR D 192 -66.76 -76.31 61.92
C TYR D 192 -65.70 -77.19 62.57
N GLU D 193 -65.92 -77.56 63.83
CA GLU D 193 -64.97 -78.39 64.58
C GLU D 193 -65.73 -79.36 65.45
N ASN D 194 -65.21 -80.59 65.57
CA ASN D 194 -65.76 -81.64 66.43
C ASN D 194 -67.21 -81.95 66.12
N GLY D 195 -67.61 -81.80 64.85
CA GLY D 195 -68.98 -82.06 64.47
C GLY D 195 -69.95 -80.95 64.80
N LYS D 196 -69.47 -79.74 65.09
CA LYS D 196 -70.32 -78.62 65.48
C LYS D 196 -70.00 -77.41 64.62
N TYR D 197 -71.03 -76.75 64.11
CA TYR D 197 -70.89 -75.52 63.34
C TYR D 197 -71.13 -74.32 64.24
N ASP D 198 -70.12 -73.45 64.35
CA ASP D 198 -70.23 -72.26 65.19
C ASP D 198 -71.03 -71.18 64.46
N ILE D 199 -72.06 -70.65 65.13
CA ILE D 199 -72.95 -69.71 64.48
C ILE D 199 -72.35 -68.30 64.50
N LYS D 200 -71.65 -67.94 65.58
CA LYS D 200 -71.00 -66.64 65.70
C LYS D 200 -69.73 -66.53 64.86
N ASP D 201 -69.36 -67.58 64.11
CA ASP D 201 -68.06 -67.61 63.46
C ASP D 201 -68.25 -67.82 61.96
N VAL D 202 -69.01 -66.90 61.36
CA VAL D 202 -69.21 -66.80 59.91
C VAL D 202 -67.97 -66.11 59.34
N GLY D 203 -67.10 -66.87 58.68
CA GLY D 203 -65.88 -66.29 58.15
C GLY D 203 -65.96 -65.75 56.74
N VAL D 204 -66.20 -64.45 56.61
CA VAL D 204 -66.02 -63.76 55.34
C VAL D 204 -65.17 -62.51 55.46
N ASP D 205 -64.92 -62.03 56.68
CA ASP D 205 -64.07 -60.87 56.91
C ASP D 205 -62.63 -61.32 57.18
N ASN D 206 -62.10 -62.07 56.23
CA ASN D 206 -60.75 -62.61 56.32
C ASN D 206 -59.92 -62.15 55.13
N ALA D 207 -58.59 -62.14 55.32
CA ALA D 207 -57.69 -61.70 54.28
C ALA D 207 -57.72 -62.62 53.07
N GLY D 208 -58.00 -63.91 53.28
CA GLY D 208 -58.12 -64.82 52.16
C GLY D 208 -59.32 -64.53 51.29
N ALA D 209 -60.47 -64.24 51.92
CA ALA D 209 -61.65 -63.86 51.15
C ALA D 209 -61.40 -62.56 50.40
N LYS D 210 -60.68 -61.62 51.03
CA LYS D 210 -60.30 -60.38 50.35
C LYS D 210 -59.45 -60.67 49.12
N ALA D 211 -58.45 -61.55 49.26
CA ALA D 211 -57.57 -61.87 48.15
C ALA D 211 -58.33 -62.54 47.02
N GLY D 212 -59.22 -63.47 47.34
CA GLY D 212 -60.00 -64.14 46.32
C GLY D 212 -60.94 -63.21 45.59
N LEU D 213 -61.59 -62.30 46.33
CA LEU D 213 -62.51 -61.39 45.65
C LEU D 213 -61.77 -60.33 44.84
N THR D 214 -60.60 -59.89 45.30
CA THR D 214 -59.78 -59.03 44.45
C THR D 214 -59.30 -59.75 43.20
N PHE D 215 -58.97 -61.05 43.30
CA PHE D 215 -58.63 -61.76 42.08
C PHE D 215 -59.83 -61.87 41.14
N LEU D 216 -61.04 -62.01 41.71
CA LEU D 216 -62.23 -62.00 40.88
C LEU D 216 -62.42 -60.66 40.19
N VAL D 217 -62.21 -59.55 40.90
CA VAL D 217 -62.38 -58.26 40.27
C VAL D 217 -61.24 -57.95 39.30
N ASP D 218 -60.09 -58.60 39.44
CA ASP D 218 -59.07 -58.47 38.40
C ASP D 218 -59.42 -59.29 37.17
N LEU D 219 -60.06 -60.44 37.36
CA LEU D 219 -60.51 -61.20 36.20
C LEU D 219 -61.67 -60.53 35.48
N ILE D 220 -62.47 -59.74 36.21
CA ILE D 220 -63.61 -59.11 35.56
C ILE D 220 -63.31 -57.69 35.07
N LYS D 221 -62.36 -56.99 35.70
CA LYS D 221 -62.08 -55.62 35.31
C LYS D 221 -61.41 -55.55 33.96
N ASN D 222 -60.38 -56.36 33.74
CA ASN D 222 -59.69 -56.43 32.47
C ASN D 222 -60.45 -57.25 31.43
N LYS D 223 -61.69 -57.63 31.72
CA LYS D 223 -62.61 -58.26 30.77
C LYS D 223 -62.09 -59.61 30.29
N HIS D 224 -61.55 -60.40 31.21
CA HIS D 224 -61.26 -61.80 30.91
C HIS D 224 -62.55 -62.59 30.78
N MET D 225 -63.51 -62.33 31.65
CA MET D 225 -64.84 -62.91 31.59
C MET D 225 -65.88 -61.78 31.59
N ASN D 226 -67.15 -62.18 31.57
CA ASN D 226 -68.26 -61.25 31.69
C ASN D 226 -68.91 -61.41 33.05
N ALA D 227 -69.60 -60.36 33.49
CA ALA D 227 -70.24 -60.37 34.79
C ALA D 227 -71.68 -60.88 34.74
N ASP D 228 -72.37 -60.67 33.62
CA ASP D 228 -73.74 -61.13 33.45
C ASP D 228 -73.83 -62.56 32.97
N THR D 229 -72.71 -63.27 32.86
CA THR D 229 -72.75 -64.65 32.42
C THR D 229 -73.32 -65.55 33.52
N ASP D 230 -73.75 -66.73 33.12
CA ASP D 230 -74.32 -67.70 34.04
C ASP D 230 -74.03 -69.09 33.51
N TYR D 231 -74.79 -70.07 33.98
CA TYR D 231 -74.50 -71.47 33.72
C TYR D 231 -74.85 -71.87 32.29
N SER D 232 -75.96 -71.35 31.76
CA SER D 232 -76.45 -71.82 30.46
CA SER D 232 -76.45 -71.81 30.46
C SER D 232 -75.51 -71.41 29.33
N ILE D 233 -75.17 -70.11 29.26
CA ILE D 233 -74.27 -69.63 28.21
C ILE D 233 -72.91 -70.31 28.32
N ALA D 234 -72.44 -70.50 29.56
CA ALA D 234 -71.15 -71.16 29.79
C ALA D 234 -71.14 -72.58 29.25
N GLU D 235 -72.09 -73.41 29.69
CA GLU D 235 -72.12 -74.80 29.27
C GLU D 235 -72.41 -74.93 27.78
N ALA D 236 -73.27 -74.07 27.23
CA ALA D 236 -73.56 -74.15 25.80
C ALA D 236 -72.36 -73.76 24.96
N ALA D 237 -71.61 -72.75 25.40
CA ALA D 237 -70.40 -72.36 24.67
C ALA D 237 -69.31 -73.41 24.79
N PHE D 238 -69.22 -74.07 25.95
CA PHE D 238 -68.23 -75.13 26.09
C PHE D 238 -68.61 -76.36 25.27
N ASN D 239 -69.91 -76.64 25.12
CA ASN D 239 -70.34 -77.72 24.24
C ASN D 239 -70.00 -77.41 22.79
N LYS D 240 -70.05 -76.13 22.40
CA LYS D 240 -69.56 -75.75 21.08
C LYS D 240 -68.03 -75.71 21.02
N GLY D 241 -67.37 -75.60 22.17
CA GLY D 241 -65.93 -75.52 22.19
C GLY D 241 -65.37 -74.12 22.02
N GLU D 242 -66.13 -73.10 22.46
CA GLU D 242 -65.65 -71.73 22.35
C GLU D 242 -64.81 -71.32 23.55
N THR D 243 -65.31 -71.57 24.76
CA THR D 243 -64.53 -71.40 25.98
C THR D 243 -63.85 -72.73 26.27
N ALA D 244 -62.58 -72.68 26.69
CA ALA D 244 -61.81 -73.89 26.89
C ALA D 244 -61.93 -74.47 28.29
N MET D 245 -62.02 -73.64 29.32
CA MET D 245 -62.09 -74.10 30.69
C MET D 245 -63.51 -73.93 31.22
N THR D 246 -63.93 -74.85 32.09
CA THR D 246 -65.13 -74.63 32.88
C THR D 246 -64.99 -75.38 34.19
N ILE D 247 -65.87 -75.04 35.14
CA ILE D 247 -65.91 -75.69 36.44
C ILE D 247 -67.31 -76.25 36.64
N ASN D 248 -67.39 -77.54 36.93
CA ASN D 248 -68.69 -78.19 36.98
C ASN D 248 -68.61 -79.47 37.80
N GLY D 249 -69.76 -79.86 38.34
CA GLY D 249 -69.87 -81.13 39.04
C GLY D 249 -70.17 -82.26 38.08
N PRO D 250 -70.79 -83.32 38.58
CA PRO D 250 -71.07 -84.48 37.72
C PRO D 250 -72.23 -84.27 36.75
N TRP D 251 -73.21 -83.45 37.14
CA TRP D 251 -74.50 -83.45 36.47
C TRP D 251 -74.44 -83.01 35.01
N ALA D 252 -73.37 -82.34 34.60
CA ALA D 252 -73.25 -81.89 33.22
C ALA D 252 -72.33 -82.76 32.39
N TRP D 253 -71.73 -83.80 32.99
CA TRP D 253 -70.74 -84.63 32.29
C TRP D 253 -71.32 -85.22 31.01
N SER D 254 -72.48 -85.88 31.12
CA SER D 254 -73.13 -86.47 29.96
C SER D 254 -73.46 -85.42 28.91
N ASN D 255 -73.80 -84.20 29.34
CA ASN D 255 -74.05 -83.12 28.40
C ASN D 255 -72.82 -82.83 27.55
N ILE D 256 -71.64 -82.83 28.18
CA ILE D 256 -70.41 -82.67 27.40
C ILE D 256 -70.16 -83.90 26.55
N ASP D 257 -70.64 -85.06 27.00
CA ASP D 257 -70.60 -86.25 26.16
C ASP D 257 -71.57 -86.18 24.99
N THR D 258 -72.48 -85.21 24.97
CA THR D 258 -73.23 -84.95 23.75
C THR D 258 -72.40 -84.14 22.76
N SER D 259 -71.44 -83.36 23.25
CA SER D 259 -70.64 -82.52 22.36
CA SER D 259 -70.64 -82.52 22.36
C SER D 259 -69.62 -83.32 21.55
N LYS D 260 -69.23 -84.49 22.03
CA LYS D 260 -68.19 -85.33 21.44
C LYS D 260 -66.85 -84.59 21.34
N VAL D 261 -66.68 -83.55 22.14
CA VAL D 261 -65.41 -82.85 22.22
C VAL D 261 -64.43 -83.70 23.02
N ASN D 262 -63.21 -83.85 22.52
CA ASN D 262 -62.21 -84.61 23.25
C ASN D 262 -61.79 -83.83 24.48
N TYR D 263 -62.42 -84.12 25.62
CA TYR D 263 -62.25 -83.33 26.83
C TYR D 263 -61.69 -84.19 27.94
N GLY D 264 -61.09 -83.51 28.93
CA GLY D 264 -60.62 -84.15 30.13
C GLY D 264 -61.13 -83.42 31.36
N VAL D 265 -60.97 -84.08 32.50
CA VAL D 265 -61.38 -83.54 33.79
C VAL D 265 -60.20 -83.64 34.75
N THR D 266 -59.94 -82.54 35.46
CA THR D 266 -58.84 -82.50 36.41
C THR D 266 -59.23 -81.66 37.63
N VAL D 267 -58.29 -81.58 38.56
CA VAL D 267 -58.47 -80.75 39.75
C VAL D 267 -58.37 -79.28 39.37
N LEU D 268 -59.06 -78.44 40.15
CA LEU D 268 -58.93 -77.01 39.98
C LEU D 268 -57.52 -76.56 40.35
N PRO D 269 -57.02 -75.50 39.72
CA PRO D 269 -55.69 -74.98 40.07
C PRO D 269 -55.67 -74.46 41.50
N THR D 270 -54.47 -74.50 42.09
CA THR D 270 -54.27 -73.89 43.40
C THR D 270 -54.04 -72.39 43.23
N PHE D 271 -54.20 -71.66 44.34
CA PHE D 271 -54.12 -70.20 44.30
C PHE D 271 -53.28 -69.72 45.48
N LYS D 272 -52.16 -69.08 45.16
CA LYS D 272 -51.18 -68.61 46.15
C LYS D 272 -50.66 -69.75 47.02
N GLY D 273 -50.67 -70.97 46.48
CA GLY D 273 -50.32 -72.16 47.22
C GLY D 273 -51.48 -72.83 47.92
N GLN D 274 -52.48 -72.07 48.33
CA GLN D 274 -53.67 -72.66 48.95
C GLN D 274 -54.60 -73.19 47.88
N PRO D 275 -54.90 -74.48 47.87
CA PRO D 275 -55.77 -75.03 46.82
C PRO D 275 -57.22 -74.62 47.02
N SER D 276 -57.98 -74.75 45.93
CA SER D 276 -59.39 -74.37 45.93
C SER D 276 -60.18 -75.26 46.90
N LYS D 277 -61.37 -74.78 47.26
CA LYS D 277 -62.19 -75.40 48.30
C LYS D 277 -63.63 -75.47 47.84
N PRO D 278 -63.99 -76.47 47.04
CA PRO D 278 -65.38 -76.61 46.59
C PRO D 278 -66.27 -77.17 47.69
N PHE D 279 -67.56 -76.91 47.53
CA PHE D 279 -68.56 -77.50 48.43
C PHE D 279 -68.68 -78.99 48.19
N VAL D 280 -68.44 -79.77 49.23
CA VAL D 280 -68.55 -81.21 49.19
C VAL D 280 -70.00 -81.58 49.52
N GLY D 281 -70.73 -82.06 48.52
CA GLY D 281 -72.10 -82.47 48.74
C GLY D 281 -72.22 -83.98 48.85
N VAL D 282 -72.58 -84.47 50.01
CA VAL D 282 -72.51 -85.90 50.29
C VAL D 282 -73.93 -86.46 50.34
N LEU D 283 -74.25 -87.31 49.37
CA LEU D 283 -75.48 -88.10 49.40
C LEU D 283 -75.30 -89.24 50.41
N SER D 284 -76.09 -89.19 51.47
CA SER D 284 -76.08 -90.20 52.53
C SER D 284 -77.48 -90.75 52.70
N ALA D 285 -77.55 -91.88 53.40
CA ALA D 285 -78.80 -92.60 53.66
C ALA D 285 -79.13 -92.49 55.13
N GLY D 286 -80.08 -91.61 55.45
CA GLY D 286 -80.53 -91.44 56.81
C GLY D 286 -81.60 -92.45 57.17
N ILE D 287 -81.47 -93.01 58.36
CA ILE D 287 -82.47 -93.91 58.93
C ILE D 287 -83.45 -93.06 59.72
N ASN D 288 -84.75 -93.34 59.56
CA ASN D 288 -85.76 -92.56 60.26
C ASN D 288 -85.63 -92.79 61.77
N ALA D 289 -85.80 -91.71 62.54
CA ALA D 289 -85.64 -91.78 63.99
C ALA D 289 -86.82 -92.45 64.69
N ALA D 290 -87.95 -92.61 64.01
CA ALA D 290 -89.09 -93.33 64.56
C ALA D 290 -89.06 -94.81 64.20
N SER D 291 -87.99 -95.27 63.57
CA SER D 291 -87.91 -96.63 63.08
C SER D 291 -87.67 -97.61 64.23
N PRO D 292 -88.46 -98.67 64.34
CA PRO D 292 -88.05 -99.86 65.11
C PRO D 292 -87.28 -100.88 64.28
N ASN D 293 -86.73 -100.48 63.14
CA ASN D 293 -86.08 -101.39 62.19
C ASN D 293 -84.60 -101.06 62.07
N LYS D 294 -83.94 -100.84 63.20
CA LYS D 294 -82.58 -100.31 63.19
C LYS D 294 -81.58 -101.30 62.61
N GLU D 295 -81.53 -102.52 63.17
CA GLU D 295 -80.49 -103.47 62.79
C GLU D 295 -80.66 -103.98 61.36
N LEU D 296 -81.91 -104.13 60.90
CA LEU D 296 -82.15 -104.58 59.54
C LEU D 296 -81.59 -103.59 58.52
N ALA D 297 -81.92 -102.31 58.67
CA ALA D 297 -81.43 -101.30 57.75
C ALA D 297 -79.93 -101.09 57.89
N LYS D 298 -79.40 -101.24 59.11
CA LYS D 298 -77.95 -101.15 59.29
C LYS D 298 -77.23 -102.27 58.56
N GLU D 299 -77.79 -103.49 58.62
CA GLU D 299 -77.21 -104.61 57.88
CA GLU D 299 -77.21 -104.61 57.88
C GLU D 299 -77.29 -104.38 56.38
N PHE D 300 -78.43 -103.88 55.90
CA PHE D 300 -78.60 -103.61 54.47
C PHE D 300 -77.64 -102.52 54.00
N LEU D 301 -77.36 -101.53 54.84
CA LEU D 301 -76.47 -100.44 54.45
C LEU D 301 -75.00 -100.84 54.51
N GLU D 302 -74.62 -101.65 55.51
CA GLU D 302 -73.22 -101.95 55.71
C GLU D 302 -72.75 -103.14 54.88
N ASN D 303 -73.51 -104.24 54.89
CA ASN D 303 -73.06 -105.46 54.26
C ASN D 303 -73.49 -105.59 52.80
N TYR D 304 -74.45 -104.77 52.36
CA TYR D 304 -74.92 -104.84 50.98
C TYR D 304 -74.74 -103.54 50.22
N LEU D 305 -75.11 -102.40 50.80
CA LEU D 305 -75.01 -101.13 50.10
C LEU D 305 -73.57 -100.65 50.00
N LEU D 306 -72.93 -100.40 51.14
CA LEU D 306 -71.61 -99.79 51.17
C LEU D 306 -70.51 -100.84 51.01
N THR D 307 -70.66 -101.68 49.98
CA THR D 307 -69.69 -102.69 49.58
C THR D 307 -69.44 -102.51 48.08
N ASP D 308 -68.63 -103.40 47.51
CA ASP D 308 -68.31 -103.29 46.10
C ASP D 308 -69.53 -103.58 45.22
N GLU D 309 -70.23 -104.67 45.50
CA GLU D 309 -71.30 -105.09 44.60
C GLU D 309 -72.53 -104.20 44.70
N GLY D 310 -72.79 -103.60 45.86
CA GLY D 310 -73.95 -102.73 45.98
C GLY D 310 -73.79 -101.43 45.20
N LEU D 311 -72.65 -100.76 45.40
CA LEU D 311 -72.36 -99.57 44.61
C LEU D 311 -72.18 -99.89 43.14
N GLU D 312 -71.69 -101.09 42.82
CA GLU D 312 -71.62 -101.50 41.42
C GLU D 312 -73.02 -101.62 40.81
N ALA D 313 -73.93 -102.29 41.51
CA ALA D 313 -75.28 -102.48 41.02
C ALA D 313 -76.03 -101.16 40.88
N VAL D 314 -75.82 -100.23 41.81
CA VAL D 314 -76.52 -98.95 41.62
C VAL D 314 -75.85 -98.13 40.51
N ASN D 315 -74.53 -98.27 40.31
CA ASN D 315 -73.86 -97.49 39.28
C ASN D 315 -74.07 -98.04 37.88
N LYS D 316 -74.54 -99.28 37.72
CA LYS D 316 -74.86 -99.75 36.37
C LYS D 316 -76.01 -98.97 35.76
N ASP D 317 -76.96 -98.48 36.57
CA ASP D 317 -78.03 -97.65 36.04
C ASP D 317 -77.62 -96.18 36.02
N LYS D 318 -77.31 -95.61 37.18
CA LYS D 318 -76.86 -94.23 37.27
C LYS D 318 -75.68 -94.17 38.23
N PRO D 319 -74.57 -93.55 37.84
CA PRO D 319 -73.39 -93.53 38.69
C PRO D 319 -73.54 -92.60 39.88
N LEU D 320 -72.56 -92.69 40.79
CA LEU D 320 -72.50 -91.83 41.95
C LEU D 320 -71.24 -90.98 41.99
N GLY D 321 -70.39 -91.06 40.98
CA GLY D 321 -69.20 -90.22 40.94
C GLY D 321 -68.18 -90.68 41.95
N ALA D 322 -67.82 -89.79 42.86
CA ALA D 322 -66.97 -90.14 44.00
C ALA D 322 -67.86 -90.74 45.09
N VAL D 323 -67.51 -91.93 45.54
CA VAL D 323 -68.30 -92.60 46.58
C VAL D 323 -67.53 -92.53 47.90
N ALA D 324 -68.14 -93.03 48.96
CA ALA D 324 -67.51 -92.97 50.28
C ALA D 324 -66.70 -94.22 50.63
N LEU D 325 -67.02 -95.37 50.04
CA LEU D 325 -66.29 -96.60 50.35
C LEU D 325 -64.94 -96.61 49.64
N LYS D 326 -63.89 -96.99 50.38
CA LYS D 326 -62.53 -96.82 49.90
C LYS D 326 -62.23 -97.77 48.74
N SER D 327 -62.61 -99.05 48.87
CA SER D 327 -62.32 -100.03 47.84
C SER D 327 -63.04 -99.70 46.54
N TYR D 328 -64.31 -99.29 46.64
CA TYR D 328 -65.05 -98.89 45.44
C TYR D 328 -64.52 -97.59 44.85
N GLU D 329 -63.93 -96.72 45.68
CA GLU D 329 -63.20 -95.59 45.13
C GLU D 329 -61.98 -96.03 44.37
N GLU D 330 -61.30 -97.09 44.82
CA GLU D 330 -60.17 -97.59 44.04
C GLU D 330 -60.64 -98.25 42.74
N GLU D 331 -61.83 -98.87 42.75
CA GLU D 331 -62.39 -99.40 41.50
C GLU D 331 -62.75 -98.27 40.53
N LEU D 332 -63.37 -97.19 41.02
CA LEU D 332 -63.80 -96.12 40.12
C LEU D 332 -62.71 -95.10 39.81
N ALA D 333 -61.56 -95.15 40.49
CA ALA D 333 -60.52 -94.17 40.26
C ALA D 333 -59.82 -94.33 38.92
N LYS D 334 -60.11 -95.37 38.14
CA LYS D 334 -59.57 -95.45 36.79
C LYS D 334 -60.21 -94.44 35.86
N ASP D 335 -61.41 -93.97 36.19
CA ASP D 335 -62.01 -92.86 35.48
C ASP D 335 -61.42 -91.57 36.05
N PRO D 336 -60.72 -90.77 35.24
CA PRO D 336 -60.06 -89.57 35.80
C PRO D 336 -61.03 -88.52 36.31
N ARG D 337 -62.27 -88.52 35.81
CA ARG D 337 -63.29 -87.64 36.38
C ARG D 337 -63.54 -87.98 37.84
N ILE D 338 -63.53 -89.27 38.18
CA ILE D 338 -63.77 -89.70 39.55
C ILE D 338 -62.60 -89.31 40.44
N ALA D 339 -61.37 -89.44 39.93
CA ALA D 339 -60.20 -89.03 40.69
C ALA D 339 -60.19 -87.52 40.95
N ALA D 340 -60.53 -86.74 39.93
CA ALA D 340 -60.62 -85.30 40.11
C ALA D 340 -61.70 -84.93 41.10
N THR D 341 -62.85 -85.61 41.04
CA THR D 341 -63.94 -85.36 41.97
C THR D 341 -63.51 -85.68 43.40
N MET D 342 -62.83 -86.80 43.61
CA MET D 342 -62.47 -87.15 44.99
C MET D 342 -61.36 -86.26 45.53
N GLU D 343 -60.44 -85.79 44.68
CA GLU D 343 -59.42 -84.89 45.22
C GLU D 343 -59.99 -83.50 45.51
N ASN D 344 -60.90 -83.00 44.68
CA ASN D 344 -61.58 -81.75 45.02
C ASN D 344 -62.47 -81.92 46.25
N ALA D 345 -63.03 -83.11 46.45
CA ALA D 345 -63.86 -83.34 47.63
C ALA D 345 -63.03 -83.42 48.89
N GLN D 346 -61.86 -84.06 48.83
CA GLN D 346 -61.03 -84.16 50.01
C GLN D 346 -60.30 -82.85 50.34
N LYS D 347 -60.11 -81.98 49.36
CA LYS D 347 -59.54 -80.66 49.64
C LYS D 347 -60.61 -79.57 49.73
N GLY D 348 -61.89 -79.94 49.64
CA GLY D 348 -62.96 -78.97 49.67
C GLY D 348 -63.55 -78.76 51.06
N GLU D 349 -64.55 -77.89 51.12
CA GLU D 349 -65.26 -77.58 52.35
C GLU D 349 -66.57 -78.35 52.39
N ILE D 350 -66.84 -79.03 53.50
CA ILE D 350 -68.07 -79.78 53.63
C ILE D 350 -69.24 -78.80 53.79
N MET D 351 -70.38 -79.14 53.20
CA MET D 351 -71.52 -78.25 53.24
CA MET D 351 -71.54 -78.27 53.24
C MET D 351 -72.10 -78.20 54.66
N PRO D 352 -72.43 -77.01 55.16
CA PRO D 352 -72.98 -76.90 56.51
C PRO D 352 -74.40 -77.45 56.60
N ASN D 353 -74.69 -78.06 57.75
CA ASN D 353 -76.00 -78.65 58.02
C ASN D 353 -76.91 -77.72 58.82
N ILE D 354 -76.62 -76.43 58.83
CA ILE D 354 -77.29 -75.49 59.72
C ILE D 354 -78.18 -74.55 58.92
N PRO D 355 -79.25 -74.00 59.49
CA PRO D 355 -80.15 -73.15 58.69
C PRO D 355 -79.64 -71.74 58.44
N GLN D 356 -78.67 -71.25 59.23
CA GLN D 356 -78.09 -69.93 58.97
C GLN D 356 -77.42 -69.88 57.60
N MET D 357 -77.00 -71.04 57.08
CA MET D 357 -76.49 -71.16 55.72
C MET D 357 -77.43 -70.52 54.70
N SER D 358 -78.75 -70.59 54.94
CA SER D 358 -79.70 -69.95 54.06
C SER D 358 -79.43 -68.45 53.93
N ALA D 359 -79.27 -67.76 55.08
CA ALA D 359 -78.91 -66.35 55.04
C ALA D 359 -77.56 -66.13 54.36
N PHE D 360 -76.66 -67.11 54.50
CA PHE D 360 -75.41 -67.12 53.74
C PHE D 360 -75.70 -66.98 52.26
N TRP D 361 -76.58 -67.86 51.73
CA TRP D 361 -76.93 -67.78 50.32
C TRP D 361 -77.72 -66.53 49.97
N TYR D 362 -78.20 -65.79 50.98
CA TYR D 362 -78.78 -64.48 50.74
C TYR D 362 -77.77 -63.37 50.94
N ALA D 363 -76.75 -63.56 51.78
CA ALA D 363 -75.81 -62.49 52.05
C ALA D 363 -74.70 -62.43 51.00
N VAL D 364 -73.87 -63.47 50.94
CA VAL D 364 -72.65 -63.41 50.15
C VAL D 364 -72.93 -63.32 48.66
N ARG D 365 -74.08 -63.84 48.21
CA ARG D 365 -74.48 -63.64 46.82
C ARG D 365 -74.56 -62.15 46.48
N THR D 366 -75.24 -61.37 47.34
CA THR D 366 -75.29 -59.93 47.13
C THR D 366 -73.89 -59.33 47.10
N ALA D 367 -72.96 -59.95 47.84
CA ALA D 367 -71.57 -59.49 47.83
C ALA D 367 -71.02 -59.48 46.41
N VAL D 368 -71.17 -60.59 45.68
CA VAL D 368 -70.63 -60.58 44.32
C VAL D 368 -71.50 -59.70 43.42
N ILE D 369 -72.76 -59.48 43.79
CA ILE D 369 -73.59 -58.55 43.03
C ILE D 369 -73.09 -57.13 43.25
N ASN D 370 -72.41 -56.88 44.37
CA ASN D 370 -71.73 -55.60 44.53
C ASN D 370 -70.30 -55.63 44.01
N ALA D 371 -69.77 -56.81 43.68
CA ALA D 371 -68.37 -56.94 43.26
C ALA D 371 -68.21 -56.91 41.75
N ALA D 372 -68.84 -57.86 41.05
CA ALA D 372 -68.73 -57.91 39.60
C ALA D 372 -69.44 -56.75 38.93
N SER D 373 -70.45 -56.18 39.59
CA SER D 373 -71.10 -54.98 39.09
C SER D 373 -70.38 -53.70 39.50
N GLY D 374 -69.56 -53.76 40.55
CA GLY D 374 -68.82 -52.58 40.97
C GLY D 374 -69.63 -51.53 41.68
N ARG D 375 -70.80 -51.89 42.22
CA ARG D 375 -71.55 -50.93 43.02
C ARG D 375 -70.83 -50.64 44.33
N GLN D 376 -70.22 -51.65 44.92
CA GLN D 376 -69.34 -51.50 46.07
C GLN D 376 -67.96 -52.02 45.70
N THR D 377 -67.04 -51.93 46.66
CA THR D 377 -65.71 -52.45 46.47
C THR D 377 -65.65 -53.89 46.99
N VAL D 378 -64.44 -54.43 47.17
CA VAL D 378 -64.29 -55.77 47.74
C VAL D 378 -64.68 -55.77 49.20
N ASP D 379 -64.04 -54.91 50.00
CA ASP D 379 -64.25 -54.90 51.45
C ASP D 379 -65.68 -54.50 51.80
N GLU D 380 -66.25 -53.54 51.07
CA GLU D 380 -67.63 -53.12 51.33
C GLU D 380 -68.61 -54.27 51.13
N ALA D 381 -68.49 -54.98 50.01
CA ALA D 381 -69.38 -56.10 49.73
C ALA D 381 -69.19 -57.23 50.74
N LEU D 382 -67.94 -57.53 51.10
CA LEU D 382 -67.72 -58.67 51.99
C LEU D 382 -68.17 -58.36 53.42
N LYS D 383 -67.97 -57.13 53.91
CA LYS D 383 -68.46 -56.84 55.25
C LYS D 383 -69.96 -56.55 55.26
N ASP D 384 -70.57 -56.25 54.10
CA ASP D 384 -72.02 -56.23 54.05
C ASP D 384 -72.58 -57.64 54.10
N ALA D 385 -71.88 -58.60 53.48
CA ALA D 385 -72.27 -60.00 53.61
C ALA D 385 -71.90 -60.57 54.98
N GLN D 386 -71.03 -59.89 55.73
CA GLN D 386 -70.61 -60.37 57.05
C GLN D 386 -71.77 -60.35 58.03
N THR D 387 -72.43 -59.21 58.17
CA THR D 387 -73.54 -59.07 59.10
C THR D 387 -74.80 -59.73 58.54
N SER E 35 -39.53 76.75 39.72
CA SER E 35 -40.79 76.04 39.63
C SER E 35 -41.91 76.96 39.14
N GLU E 36 -41.54 77.90 38.27
CA GLU E 36 -42.53 78.78 37.66
C GLU E 36 -43.50 78.00 36.77
N LEU E 37 -43.04 76.89 36.19
CA LEU E 37 -43.91 75.95 35.49
C LEU E 37 -43.86 74.58 36.12
N GLY E 38 -43.30 74.47 37.33
CA GLY E 38 -43.16 73.16 37.96
C GLY E 38 -44.48 72.62 38.47
N LYS E 39 -45.29 73.48 39.11
CA LYS E 39 -46.63 73.06 39.50
C LYS E 39 -47.53 72.92 38.27
N GLU E 40 -47.23 73.67 37.21
CA GLU E 40 -47.89 73.45 35.93
C GLU E 40 -47.53 72.08 35.36
N LEU E 41 -46.37 71.53 35.73
CA LEU E 41 -46.09 70.14 35.40
C LEU E 41 -46.75 69.18 36.38
N LEU E 42 -46.89 69.59 37.64
CA LEU E 42 -47.53 68.72 38.63
C LEU E 42 -48.99 68.48 38.30
N GLU E 43 -49.69 69.52 37.81
CA GLU E 43 -51.10 69.36 37.49
C GLU E 43 -51.30 68.45 36.29
N ALA E 44 -50.42 68.56 35.28
CA ALA E 44 -50.53 67.68 34.12
C ALA E 44 -50.09 66.27 34.46
N ALA E 45 -49.17 66.12 35.42
CA ALA E 45 -48.78 64.78 35.85
C ALA E 45 -49.89 64.11 36.64
N ARG E 46 -50.61 64.88 37.45
CA ARG E 46 -51.80 64.34 38.11
C ARG E 46 -52.92 64.04 37.11
N ALA E 47 -53.02 64.82 36.04
CA ALA E 47 -54.15 64.72 35.13
C ALA E 47 -53.86 64.00 33.83
N GLY E 48 -52.60 63.94 33.39
CA GLY E 48 -52.29 63.20 32.18
C GLY E 48 -52.65 63.90 30.88
N GLN E 49 -51.95 65.00 30.57
CA GLN E 49 -52.09 65.69 29.28
C GLN E 49 -50.73 65.69 28.57
N ASP E 50 -50.62 64.90 27.50
CA ASP E 50 -49.40 64.92 26.70
C ASP E 50 -49.23 66.25 25.98
N ASP E 51 -50.33 66.90 25.61
CA ASP E 51 -50.23 68.20 24.95
C ASP E 51 -49.72 69.26 25.91
N GLU E 52 -50.19 69.25 27.16
CA GLU E 52 -49.75 70.25 28.13
C GLU E 52 -48.27 70.13 28.40
N VAL E 53 -47.78 68.91 28.61
CA VAL E 53 -46.35 68.73 28.86
C VAL E 53 -45.53 68.97 27.61
N ARG E 54 -46.11 68.72 26.42
CA ARG E 54 -45.41 69.05 25.18
C ARG E 54 -45.22 70.55 25.04
N ILE E 55 -46.24 71.33 25.41
CA ILE E 55 -46.12 72.78 25.35
C ILE E 55 -45.18 73.29 26.45
N LEU E 56 -45.21 72.66 27.62
CA LEU E 56 -44.33 73.08 28.70
C LEU E 56 -42.87 72.77 28.39
N MET E 57 -42.60 71.68 27.68
CA MET E 57 -41.26 71.44 27.18
C MET E 57 -40.92 72.31 25.98
N ALA E 58 -41.93 72.80 25.25
CA ALA E 58 -41.66 73.82 24.25
C ALA E 58 -41.27 75.15 24.90
N ARG E 59 -41.78 75.40 26.11
CA ARG E 59 -41.40 76.57 26.88
C ARG E 59 -40.24 76.30 27.83
N GLY E 60 -39.76 75.05 27.89
CA GLY E 60 -38.63 74.72 28.72
C GLY E 60 -38.95 74.65 30.20
N ALA E 61 -40.03 73.96 30.55
CA ALA E 61 -40.39 73.80 31.95
C ALA E 61 -39.41 72.88 32.66
N GLU E 62 -39.09 73.20 33.91
CA GLU E 62 -38.14 72.41 34.67
C GLU E 62 -38.75 71.08 35.08
N VAL E 63 -37.97 70.00 34.96
CA VAL E 63 -38.48 68.65 35.18
C VAL E 63 -38.23 68.13 36.58
N ASN E 64 -37.39 68.78 37.37
CA ASN E 64 -37.04 68.32 38.71
C ASN E 64 -37.78 69.11 39.79
N ALA E 65 -39.05 69.40 39.56
CA ALA E 65 -39.84 70.22 40.47
C ALA E 65 -40.25 69.37 41.67
N ALA E 66 -39.56 69.54 42.79
CA ALA E 66 -39.88 68.82 44.01
C ALA E 66 -40.78 69.67 44.91
N ASP E 67 -41.80 69.04 45.47
CA ASP E 67 -42.67 69.72 46.41
C ASP E 67 -42.09 69.61 47.82
N ASN E 68 -42.87 69.96 48.83
CA ASN E 68 -42.37 69.92 50.20
C ASN E 68 -42.11 68.52 50.70
N THR E 69 -42.73 67.50 50.10
CA THR E 69 -42.55 66.11 50.52
C THR E 69 -41.75 65.30 49.50
N GLY E 70 -41.17 65.94 48.49
CA GLY E 70 -40.28 65.28 47.57
C GLY E 70 -40.94 64.69 46.33
N THR E 71 -42.23 64.92 46.13
CA THR E 71 -42.94 64.30 45.03
C THR E 71 -42.65 65.04 43.74
N THR E 72 -42.06 64.34 42.78
CA THR E 72 -41.65 64.91 41.51
C THR E 72 -42.74 64.73 40.47
N PRO E 73 -42.64 65.42 39.32
CA PRO E 73 -43.57 65.10 38.23
C PRO E 73 -43.45 63.67 37.73
N LEU E 74 -42.26 63.08 37.84
CA LEU E 74 -42.10 61.68 37.47
C LEU E 74 -42.86 60.77 38.42
N HIS E 75 -42.93 61.13 39.70
CA HIS E 75 -43.67 60.32 40.67
C HIS E 75 -45.15 60.27 40.31
N LEU E 76 -45.74 61.42 40.02
CA LEU E 76 -47.15 61.44 39.65
C LEU E 76 -47.38 60.81 38.29
N ALA E 77 -46.43 60.95 37.38
CA ALA E 77 -46.53 60.30 36.08
C ALA E 77 -46.54 58.79 36.23
N ALA E 78 -45.76 58.28 37.19
CA ALA E 78 -45.74 56.84 37.44
C ALA E 78 -47.01 56.39 38.15
N TYR E 79 -47.43 57.12 39.17
CA TYR E 79 -48.64 56.80 39.92
C TYR E 79 -49.87 56.81 39.02
N SER E 80 -49.89 57.68 38.01
CA SER E 80 -51.06 57.79 37.14
C SER E 80 -51.13 56.66 36.14
N GLY E 81 -50.01 56.31 35.52
CA GLY E 81 -49.99 55.22 34.57
C GLY E 81 -50.10 55.63 33.12
N HIS E 82 -49.65 56.83 32.76
CA HIS E 82 -49.57 57.25 31.37
C HIS E 82 -48.11 57.24 30.97
N LEU E 83 -47.76 56.38 30.00
CA LEU E 83 -46.36 56.16 29.67
C LEU E 83 -45.74 57.33 28.92
N GLU E 84 -46.54 58.13 28.23
CA GLU E 84 -45.99 59.18 27.36
C GLU E 84 -45.34 60.29 28.17
N ILE E 85 -46.00 60.73 29.24
CA ILE E 85 -45.43 61.78 30.08
C ILE E 85 -44.16 61.29 30.77
N VAL E 86 -44.13 60.02 31.16
CA VAL E 86 -42.91 59.44 31.71
C VAL E 86 -41.80 59.45 30.68
N GLU E 87 -42.13 59.07 29.44
CA GLU E 87 -41.14 59.01 28.38
C GLU E 87 -40.54 60.38 28.12
N VAL E 88 -41.38 61.41 28.03
CA VAL E 88 -40.83 62.73 27.72
C VAL E 88 -40.11 63.33 28.93
N LEU E 89 -40.55 63.00 30.15
CA LEU E 89 -39.82 63.43 31.34
C LEU E 89 -38.43 62.84 31.38
N LEU E 90 -38.30 61.57 31.00
CA LEU E 90 -36.98 60.97 30.90
C LEU E 90 -36.21 61.47 29.69
N LYS E 91 -36.91 61.94 28.65
CA LYS E 91 -36.22 62.55 27.52
C LYS E 91 -35.60 63.88 27.90
N TYR E 92 -36.22 64.61 28.83
CA TYR E 92 -35.65 65.87 29.29
C TYR E 92 -34.83 65.72 30.56
N GLY E 93 -34.53 64.48 30.96
CA GLY E 93 -33.56 64.25 32.02
C GLY E 93 -34.11 64.31 33.43
N ALA E 94 -35.32 63.81 33.64
CA ALA E 94 -35.85 63.73 34.99
C ALA E 94 -35.10 62.66 35.78
N GLU E 95 -35.08 62.82 37.10
CA GLU E 95 -34.33 61.90 37.95
C GLU E 95 -35.11 60.61 38.12
N VAL E 96 -34.46 59.48 37.78
CA VAL E 96 -35.14 58.19 37.84
C VAL E 96 -35.15 57.62 39.25
N ASN E 97 -34.23 58.04 40.11
CA ASN E 97 -34.07 57.47 41.44
C ASN E 97 -34.29 58.51 42.52
N ALA E 98 -35.28 59.38 42.32
CA ALA E 98 -35.58 60.43 43.29
C ALA E 98 -36.41 59.85 44.42
N ALA E 99 -35.85 59.86 45.63
CA ALA E 99 -36.55 59.35 46.80
C ALA E 99 -37.33 60.45 47.48
N ASP E 100 -38.53 60.12 47.95
CA ASP E 100 -39.36 61.05 48.69
C ASP E 100 -38.98 61.02 50.17
N VAL E 101 -39.80 61.64 51.01
CA VAL E 101 -39.56 61.60 52.45
C VAL E 101 -39.90 60.25 53.06
N PHE E 102 -40.60 59.39 52.32
CA PHE E 102 -40.90 58.03 52.76
C PHE E 102 -39.99 56.99 52.12
N GLY E 103 -39.15 57.39 51.17
CA GLY E 103 -38.23 56.48 50.53
C GLY E 103 -38.68 55.93 49.19
N TYR E 104 -39.92 56.19 48.79
CA TYR E 104 -40.41 55.64 47.53
C TYR E 104 -39.81 56.38 46.34
N THR E 105 -39.48 55.61 45.31
CA THR E 105 -39.08 56.08 44.01
C THR E 105 -40.24 55.87 43.04
N PRO E 106 -40.13 56.35 41.79
CA PRO E 106 -41.16 55.99 40.81
C PRO E 106 -41.29 54.50 40.55
N LEU E 107 -40.21 53.74 40.72
CA LEU E 107 -40.30 52.29 40.53
C LEU E 107 -41.16 51.66 41.62
N HIS E 108 -41.06 52.13 42.85
CA HIS E 108 -41.90 51.63 43.93
C HIS E 108 -43.37 51.82 43.63
N LEU E 109 -43.77 53.06 43.30
CA LEU E 109 -45.17 53.33 43.01
C LEU E 109 -45.64 52.60 41.77
N ALA E 110 -44.77 52.45 40.78
CA ALA E 110 -45.14 51.71 39.58
C ALA E 110 -45.39 50.24 39.89
N ALA E 111 -44.57 49.67 40.79
CA ALA E 111 -44.76 48.28 41.16
C ALA E 111 -45.99 48.08 42.04
N TYR E 112 -46.33 49.09 42.85
CA TYR E 112 -47.53 49.00 43.68
C TYR E 112 -48.79 48.93 42.83
N TRP E 113 -48.93 49.82 41.86
CA TRP E 113 -50.17 49.95 41.13
C TRP E 113 -50.24 49.04 39.91
N GLY E 114 -49.17 48.31 39.61
CA GLY E 114 -49.25 47.30 38.57
C GLY E 114 -49.23 47.88 37.17
N HIS E 115 -48.26 48.72 36.88
CA HIS E 115 -48.11 49.31 35.54
C HIS E 115 -46.82 48.74 34.95
N LEU E 116 -46.98 47.83 33.99
CA LEU E 116 -45.84 47.04 33.52
C LEU E 116 -44.90 47.85 32.66
N GLU E 117 -45.44 48.59 31.69
CA GLU E 117 -44.61 49.29 30.71
C GLU E 117 -43.76 50.37 31.37
N ILE E 118 -44.29 51.06 32.37
CA ILE E 118 -43.47 52.09 32.99
C ILE E 118 -42.41 51.47 33.89
N VAL E 119 -42.70 50.30 34.47
CA VAL E 119 -41.67 49.55 35.18
C VAL E 119 -40.53 49.19 34.23
N GLU E 120 -40.89 48.71 33.04
CA GLU E 120 -39.88 48.35 32.05
C GLU E 120 -39.04 49.54 31.63
N VAL E 121 -39.67 50.67 31.34
CA VAL E 121 -38.87 51.80 30.85
C VAL E 121 -38.10 52.49 31.97
N LEU E 122 -38.55 52.37 33.23
CA LEU E 122 -37.75 52.86 34.33
C LEU E 122 -36.50 52.00 34.50
N LEU E 123 -36.66 50.68 34.44
CA LEU E 123 -35.50 49.79 34.49
C LEU E 123 -34.59 50.01 33.29
N LYS E 124 -35.16 50.39 32.15
CA LYS E 124 -34.37 50.66 30.96
C LYS E 124 -33.55 51.94 31.09
N ASN E 125 -33.94 52.84 31.98
CA ASN E 125 -33.25 54.11 32.15
C ASN E 125 -32.40 54.14 33.42
N GLY E 126 -32.11 52.98 33.99
CA GLY E 126 -31.21 52.92 35.12
C GLY E 126 -31.85 53.11 36.48
N ALA E 127 -33.06 52.59 36.66
CA ALA E 127 -33.67 52.58 37.98
C ALA E 127 -33.06 51.48 38.82
N ASP E 128 -32.79 51.78 40.09
CA ASP E 128 -32.17 50.82 40.98
C ASP E 128 -33.20 49.78 41.41
N VAL E 129 -32.92 48.52 41.08
CA VAL E 129 -33.92 47.47 41.25
C VAL E 129 -34.04 47.02 42.70
N ASN E 130 -33.04 47.29 43.53
CA ASN E 130 -33.05 46.88 44.93
C ASN E 130 -33.16 48.09 45.86
N ALA E 131 -33.96 49.08 45.47
CA ALA E 131 -34.14 50.28 46.28
C ALA E 131 -35.01 49.98 47.49
N ARG E 132 -34.55 50.38 48.66
CA ARG E 132 -35.28 50.18 49.91
C ARG E 132 -36.04 51.46 50.27
N ASP E 133 -37.22 51.27 50.85
CA ASP E 133 -37.99 52.39 51.36
C ASP E 133 -37.68 52.60 52.83
N SER E 134 -38.53 53.36 53.52
CA SER E 134 -38.41 53.51 54.96
C SER E 134 -38.59 52.18 55.69
N ASP E 135 -39.40 51.27 55.14
CA ASP E 135 -39.60 49.96 55.71
C ASP E 135 -38.57 48.94 55.26
N GLY E 136 -37.68 49.31 54.35
CA GLY E 136 -36.77 48.35 53.77
C GLY E 136 -37.41 47.47 52.71
N MET E 137 -38.60 47.81 52.24
CA MET E 137 -39.29 47.00 51.26
C MET E 137 -38.88 47.43 49.86
N THR E 138 -38.30 46.49 49.12
CA THR E 138 -37.93 46.69 47.73
C THR E 138 -39.19 46.66 46.86
N PRO E 139 -39.09 47.11 45.60
CA PRO E 139 -40.26 46.95 44.71
C PRO E 139 -40.69 45.51 44.52
N LEU E 140 -39.77 44.55 44.61
CA LEU E 140 -40.15 43.14 44.53
C LEU E 140 -41.04 42.74 45.69
N HIS E 141 -40.79 43.28 46.89
CA HIS E 141 -41.70 43.07 48.01
C HIS E 141 -43.11 43.50 47.65
N LEU E 142 -43.26 44.66 47.04
CA LEU E 142 -44.58 45.17 46.71
C LEU E 142 -45.26 44.32 45.65
N ALA E 143 -44.53 44.00 44.58
CA ALA E 143 -45.12 43.20 43.50
C ALA E 143 -45.45 41.78 43.95
N ALA E 144 -44.73 41.24 44.92
CA ALA E 144 -45.09 39.93 45.46
C ALA E 144 -46.25 40.04 46.43
N LYS E 145 -46.34 41.15 47.17
CA LYS E 145 -47.42 41.33 48.11
C LYS E 145 -48.75 41.56 47.40
N TRP E 146 -48.73 42.12 46.20
CA TRP E 146 -49.99 42.43 45.53
C TRP E 146 -50.35 41.46 44.41
N GLY E 147 -49.42 40.61 43.98
CA GLY E 147 -49.78 39.55 43.06
C GLY E 147 -49.62 39.87 41.59
N HIS E 148 -48.64 40.68 41.21
CA HIS E 148 -48.39 41.02 39.82
C HIS E 148 -47.27 40.13 39.30
N LEU E 149 -47.60 39.16 38.44
CA LEU E 149 -46.61 38.19 37.96
C LEU E 149 -45.58 38.85 37.05
N GLU E 150 -46.04 39.55 36.02
CA GLU E 150 -45.14 40.05 34.99
C GLU E 150 -44.16 41.08 35.54
N ILE E 151 -44.61 41.88 36.51
CA ILE E 151 -43.71 42.80 37.18
C ILE E 151 -42.63 42.03 37.94
N VAL E 152 -43.03 40.97 38.64
CA VAL E 152 -42.08 40.13 39.37
C VAL E 152 -41.05 39.55 38.42
N GLU E 153 -41.48 39.11 37.25
CA GLU E 153 -40.55 38.48 36.31
C GLU E 153 -39.59 39.49 35.70
N VAL E 154 -40.09 40.66 35.31
CA VAL E 154 -39.22 41.70 34.78
C VAL E 154 -38.25 42.18 35.85
N LEU E 155 -38.68 42.23 37.11
CA LEU E 155 -37.77 42.62 38.17
C LEU E 155 -36.71 41.57 38.43
N LEU E 156 -37.09 40.30 38.31
CA LEU E 156 -36.11 39.22 38.49
C LEU E 156 -35.10 39.21 37.35
N ARG E 157 -35.52 39.62 36.14
CA ARG E 157 -34.60 39.67 35.03
C ARG E 157 -33.48 40.69 35.25
N TYR E 158 -33.76 41.76 35.98
CA TYR E 158 -32.81 42.84 36.16
C TYR E 158 -31.99 42.71 37.44
N GLY E 159 -32.14 41.61 38.16
CA GLY E 159 -31.30 41.33 39.31
C GLY E 159 -31.88 41.69 40.65
N ALA E 160 -33.19 41.56 40.83
CA ALA E 160 -33.80 41.85 42.12
C ALA E 160 -33.40 40.78 43.13
N ASP E 161 -33.12 41.21 44.36
CA ASP E 161 -32.64 40.31 45.40
C ASP E 161 -33.81 39.48 45.95
N VAL E 162 -33.68 38.16 45.88
CA VAL E 162 -34.73 37.28 46.37
C VAL E 162 -34.73 37.24 47.90
N GLU E 163 -33.60 37.52 48.53
CA GLU E 163 -33.42 37.31 49.96
C GLU E 163 -33.48 38.61 50.76
N ALA E 164 -33.97 39.68 50.16
CA ALA E 164 -34.09 40.95 50.88
C ALA E 164 -35.18 40.86 51.94
N GLN E 165 -34.84 41.28 53.16
CA GLN E 165 -35.77 41.28 54.28
C GLN E 165 -36.13 42.71 54.65
N ASP E 166 -37.38 42.91 55.06
CA ASP E 166 -37.84 44.23 55.50
C ASP E 166 -37.65 44.35 57.02
N LYS E 167 -38.28 45.34 57.65
CA LYS E 167 -38.10 45.55 59.08
C LYS E 167 -38.64 44.40 59.91
N PHE E 168 -39.60 43.64 59.39
CA PHE E 168 -40.15 42.49 60.10
C PHE E 168 -39.38 41.21 59.82
N GLY E 169 -38.37 41.26 58.96
CA GLY E 169 -37.68 40.05 58.56
C GLY E 169 -38.44 39.22 57.56
N LYS E 170 -39.20 39.86 56.68
CA LYS E 170 -40.00 39.17 55.67
C LYS E 170 -39.31 39.28 54.32
N THR E 171 -39.15 38.15 53.65
CA THR E 171 -38.74 38.12 52.26
C THR E 171 -39.96 38.23 51.37
N PRO E 172 -39.78 38.54 50.07
CA PRO E 172 -40.93 38.54 49.17
C PRO E 172 -41.65 37.21 49.08
N PHE E 173 -40.95 36.10 49.32
CA PHE E 173 -41.60 34.79 49.38
C PHE E 173 -42.60 34.73 50.53
N ASP E 174 -42.24 35.32 51.67
CA ASP E 174 -43.15 35.35 52.81
C ASP E 174 -44.37 36.22 52.53
N LEU E 175 -44.17 37.37 51.89
CA LEU E 175 -45.30 38.22 51.57
C LEU E 175 -46.19 37.59 50.50
N ALA E 176 -45.62 36.73 49.66
CA ALA E 176 -46.44 36.07 48.65
C ALA E 176 -47.23 34.91 49.23
N ILE E 177 -46.68 34.21 50.24
CA ILE E 177 -47.48 33.14 50.83
C ILE E 177 -48.50 33.72 51.80
N ASP E 178 -48.22 34.86 52.42
CA ASP E 178 -49.19 35.44 53.35
C ASP E 178 -50.40 36.01 52.65
N ASN E 179 -50.30 36.34 51.36
CA ASN E 179 -51.41 36.91 50.63
C ASN E 179 -51.97 35.98 49.57
N GLY E 180 -51.56 34.71 49.57
CA GLY E 180 -52.18 33.73 48.70
C GLY E 180 -51.72 33.74 47.27
N ASN E 181 -50.57 34.35 46.97
CA ASN E 181 -50.05 34.38 45.60
C ASN E 181 -49.11 33.19 45.44
N GLU E 182 -49.70 32.03 45.17
CA GLU E 182 -48.96 30.78 45.23
C GLU E 182 -48.02 30.57 44.06
N ASP E 183 -48.38 31.06 42.87
CA ASP E 183 -47.49 30.91 41.73
C ASP E 183 -46.25 31.79 41.85
N ILE E 184 -46.41 33.00 42.41
CA ILE E 184 -45.25 33.84 42.69
C ILE E 184 -44.32 33.13 43.66
N ALA E 185 -44.87 32.55 44.72
CA ALA E 185 -44.06 31.84 45.69
C ALA E 185 -43.38 30.63 45.08
N GLU E 186 -44.04 29.96 44.13
CA GLU E 186 -43.42 28.83 43.44
C GLU E 186 -42.20 29.27 42.66
N VAL E 187 -42.35 30.36 41.89
CA VAL E 187 -41.23 30.88 41.11
C VAL E 187 -40.07 31.27 42.03
N LEU E 188 -40.39 31.99 43.11
CA LEU E 188 -39.37 32.48 44.03
C LEU E 188 -38.67 31.34 44.76
N GLN E 189 -39.37 30.24 45.00
CA GLN E 189 -38.76 29.13 45.72
C GLN E 189 -37.86 28.31 44.81
N ALA E 190 -38.32 28.04 43.59
CA ALA E 190 -37.53 27.26 42.65
C ALA E 190 -36.25 27.98 42.27
N LEU E 191 -36.31 29.30 42.10
CA LEU E 191 -35.12 30.05 41.72
C LEU E 191 -34.03 29.96 42.79
N LEU E 192 -34.42 30.17 44.04
CA LEU E 192 -33.49 30.09 45.16
C LEU E 192 -32.90 28.70 45.28
N ALA E 193 -33.72 27.67 45.06
CA ALA E 193 -33.22 26.31 45.23
C ALA E 193 -32.20 25.95 44.16
N ILE E 194 -32.42 26.37 42.92
CA ILE E 194 -31.43 26.08 41.88
C ILE E 194 -30.14 26.87 42.10
N ASN E 195 -30.23 28.11 42.59
CA ASN E 195 -29.00 28.85 42.85
C ASN E 195 -28.21 28.24 43.99
N ARG E 196 -28.89 27.73 45.01
CA ARG E 196 -28.19 27.06 46.09
C ARG E 196 -27.56 25.76 45.63
N GLN E 197 -28.19 25.04 44.70
CA GLN E 197 -27.55 23.84 44.18
C GLN E 197 -26.31 24.16 43.36
N ILE E 198 -26.32 25.28 42.62
CA ILE E 198 -25.12 25.71 41.91
C ILE E 198 -23.98 26.00 42.88
N ASN E 199 -24.28 26.74 43.94
CA ASN E 199 -23.23 27.03 44.92
C ASN E 199 -22.74 25.77 45.61
N LEU E 200 -23.62 24.80 45.84
CA LEU E 200 -23.21 23.56 46.50
C LEU E 200 -22.33 22.71 45.60
N GLU E 201 -22.58 22.70 44.29
CA GLU E 201 -21.67 21.99 43.40
C GLU E 201 -20.33 22.69 43.30
N LEU E 202 -20.31 24.03 43.34
CA LEU E 202 -19.03 24.72 43.33
C LEU E 202 -18.25 24.49 44.60
N TYR E 203 -18.94 24.33 45.73
CA TYR E 203 -18.27 24.05 47.00
C TYR E 203 -17.56 22.71 46.97
N ALA E 204 -18.22 21.68 46.45
CA ALA E 204 -17.67 20.33 46.49
C ALA E 204 -16.43 20.18 45.63
N SER E 205 -16.30 21.00 44.60
CA SER E 205 -15.13 20.94 43.72
C SER E 205 -13.88 21.43 44.44
N TYR E 206 -14.05 22.40 45.34
CA TYR E 206 -12.98 23.02 46.08
C TYR E 206 -12.50 22.14 47.24
N VAL E 207 -13.42 21.36 47.81
CA VAL E 207 -13.04 20.35 48.80
C VAL E 207 -12.17 19.28 48.16
N TYR E 208 -12.53 18.85 46.96
CA TYR E 208 -11.73 17.86 46.26
C TYR E 208 -10.38 18.42 45.84
N LEU E 209 -10.32 19.70 45.51
CA LEU E 209 -9.03 20.32 45.24
C LEU E 209 -8.12 20.30 46.46
N SER E 210 -8.68 20.65 47.62
CA SER E 210 -7.95 20.58 48.87
C SER E 210 -7.44 19.17 49.13
N MET E 211 -8.33 18.18 49.02
CA MET E 211 -7.95 16.78 49.23
C MET E 211 -6.85 16.35 48.30
N SER E 212 -6.94 16.71 47.02
CA SER E 212 -5.96 16.29 46.05
C SER E 212 -4.58 16.85 46.37
N TYR E 213 -4.49 18.13 46.70
CA TYR E 213 -3.17 18.67 46.99
C TYR E 213 -2.68 18.36 48.40
N TYR E 214 -3.51 17.74 49.23
CA TYR E 214 -2.97 17.17 50.47
C TYR E 214 -2.14 15.92 50.20
N PHE E 215 -2.51 15.15 49.20
CA PHE E 215 -1.94 13.82 48.99
C PHE E 215 -0.67 13.83 48.17
N ASP E 216 -0.15 15.00 47.79
CA ASP E 216 1.17 15.04 47.17
C ASP E 216 2.14 15.91 47.94
N ARG E 217 1.85 16.19 49.21
CA ARG E 217 2.86 16.71 50.11
C ARG E 217 3.97 15.68 50.26
N ASP E 218 5.18 16.14 50.56
CA ASP E 218 6.31 15.22 50.62
C ASP E 218 6.25 14.27 51.80
N ASP E 219 5.41 14.53 52.80
CA ASP E 219 5.18 13.57 53.86
C ASP E 219 3.89 12.78 53.68
N VAL E 220 3.15 13.02 52.61
CA VAL E 220 2.03 12.17 52.19
C VAL E 220 2.28 11.86 50.72
N ALA E 221 3.03 10.81 50.44
CA ALA E 221 3.50 10.59 49.09
C ALA E 221 2.65 9.55 48.36
N LEU E 222 1.39 9.90 48.13
CA LEU E 222 0.44 8.99 47.46
C LEU E 222 -0.09 9.66 46.20
N LYS E 223 0.49 9.31 45.05
CA LYS E 223 0.22 10.01 43.80
C LYS E 223 -1.13 9.68 43.20
N ASN E 224 -1.62 8.47 43.41
CA ASN E 224 -2.85 8.04 42.77
C ASN E 224 -4.07 8.53 43.53
N PHE E 225 -3.95 8.67 44.85
CA PHE E 225 -4.95 9.39 45.63
C PHE E 225 -5.12 10.82 45.12
N ALA E 226 -4.02 11.52 44.91
CA ALA E 226 -4.05 12.89 44.44
C ALA E 226 -4.67 12.99 43.05
N LYS E 227 -4.32 12.05 42.18
CA LYS E 227 -4.87 12.01 40.84
C LYS E 227 -6.38 11.77 40.85
N TYR E 228 -6.83 10.84 41.69
CA TYR E 228 -8.24 10.53 41.86
C TYR E 228 -9.04 11.76 42.30
N PHE E 229 -8.53 12.48 43.29
CA PHE E 229 -9.30 13.61 43.79
C PHE E 229 -9.25 14.82 42.87
N LEU E 230 -8.21 14.96 42.05
CA LEU E 230 -8.25 15.99 41.02
C LEU E 230 -9.31 15.69 39.96
N HIS E 231 -9.44 14.41 39.61
CA HIS E 231 -10.50 14.02 38.69
C HIS E 231 -11.89 14.37 39.23
N GLN E 232 -12.12 14.08 40.51
CA GLN E 232 -13.42 14.42 41.11
C GLN E 232 -13.66 15.92 41.12
N SER E 233 -12.63 16.71 41.39
CA SER E 233 -12.76 18.16 41.37
C SER E 233 -13.26 18.66 40.02
N HIS E 234 -12.67 18.16 38.94
CA HIS E 234 -13.10 18.64 37.63
C HIS E 234 -14.50 18.15 37.25
N GLU E 235 -14.87 16.95 37.70
CA GLU E 235 -16.23 16.48 37.45
C GLU E 235 -17.28 17.36 38.14
N GLU E 236 -17.00 17.79 39.36
CA GLU E 236 -17.96 18.66 40.04
C GLU E 236 -18.05 20.03 39.39
N ARG E 237 -16.94 20.54 38.88
CA ARG E 237 -16.99 21.78 38.11
C ARG E 237 -17.91 21.63 36.89
N GLU E 238 -17.86 20.48 36.23
CA GLU E 238 -18.76 20.23 35.11
C GLU E 238 -20.23 20.15 35.55
N HIS E 239 -20.50 19.55 36.71
CA HIS E 239 -21.89 19.50 37.19
C HIS E 239 -22.45 20.89 37.41
N ALA E 240 -21.66 21.77 38.02
CA ALA E 240 -22.12 23.14 38.25
C ALA E 240 -22.37 23.87 36.94
N GLU E 241 -21.49 23.67 35.95
CA GLU E 241 -21.69 24.34 34.67
C GLU E 241 -22.93 23.84 33.95
N LYS E 242 -23.25 22.55 34.08
CA LYS E 242 -24.50 22.05 33.51
C LYS E 242 -25.71 22.71 34.14
N LEU E 243 -25.70 22.89 35.45
CA LEU E 243 -26.84 23.57 36.08
C LEU E 243 -26.95 25.02 35.63
N MET E 244 -25.82 25.68 35.40
CA MET E 244 -25.84 27.05 34.91
C MET E 244 -26.41 27.13 33.50
N LYS E 245 -26.05 26.18 32.65
CA LYS E 245 -26.60 26.15 31.29
C LYS E 245 -28.10 25.91 31.31
N LEU E 246 -28.57 24.99 32.15
CA LEU E 246 -30.00 24.75 32.29
C LEU E 246 -30.73 26.01 32.73
N GLN E 247 -30.20 26.70 33.72
CA GLN E 247 -30.84 27.92 34.19
C GLN E 247 -30.89 28.99 33.11
N ASN E 248 -29.88 29.03 32.22
CA ASN E 248 -29.96 29.99 31.13
C ASN E 248 -30.96 29.60 30.06
N GLN E 249 -31.20 28.30 29.84
CA GLN E 249 -32.20 27.90 28.86
C GLN E 249 -33.62 28.21 29.29
N ARG E 250 -33.90 28.23 30.58
CA ARG E 250 -35.23 28.47 31.07
C ARG E 250 -35.57 29.95 31.17
N GLY E 251 -34.59 30.83 31.03
CA GLY E 251 -34.82 32.24 31.22
C GLY E 251 -34.75 32.70 32.65
N GLY E 252 -34.17 31.90 33.54
CA GLY E 252 -33.98 32.30 34.92
C GLY E 252 -32.70 33.08 35.13
N ALA E 253 -32.52 33.55 36.35
CA ALA E 253 -31.45 34.47 36.69
C ALA E 253 -30.42 33.78 37.58
N ILE E 254 -29.24 33.52 37.01
CA ILE E 254 -28.13 33.02 37.80
C ILE E 254 -27.67 34.11 38.78
N SER E 255 -27.39 33.71 40.01
CA SER E 255 -26.95 34.62 41.05
C SER E 255 -25.90 33.90 41.90
N LEU E 256 -24.65 34.35 41.81
CA LEU E 256 -23.54 33.65 42.43
C LEU E 256 -23.21 34.23 43.80
N GLN E 257 -22.73 33.37 44.69
CA GLN E 257 -22.37 33.72 46.05
C GLN E 257 -20.92 33.33 46.31
N ASP E 258 -20.45 33.61 47.52
CA ASP E 258 -19.12 33.18 47.93
C ASP E 258 -19.03 31.68 47.99
N ILE E 259 -17.85 31.16 47.70
CA ILE E 259 -17.53 29.75 47.90
C ILE E 259 -16.65 29.67 49.13
N LYS E 260 -17.12 28.97 50.15
CA LYS E 260 -16.43 28.92 51.42
C LYS E 260 -15.34 27.87 51.41
N LYS E 261 -14.34 28.07 52.27
CA LYS E 261 -13.16 27.20 52.33
C LYS E 261 -13.53 25.85 52.94
N PRO E 262 -12.88 24.75 52.51
CA PRO E 262 -13.15 23.42 53.09
C PRO E 262 -12.90 23.39 54.59
N ASP E 263 -13.39 22.34 55.23
CA ASP E 263 -13.35 22.23 56.67
C ASP E 263 -11.95 21.95 57.20
N CYS E 264 -11.16 21.20 56.45
CA CYS E 264 -9.78 20.90 56.83
C CYS E 264 -8.82 21.40 55.76
N ASP E 265 -7.63 21.77 56.21
CA ASP E 265 -6.46 21.74 55.35
C ASP E 265 -5.71 20.43 55.46
N ASP E 266 -5.79 19.78 56.61
CA ASP E 266 -5.06 18.54 56.86
C ASP E 266 -6.05 17.41 57.05
N TRP E 267 -6.21 16.61 56.02
CA TRP E 267 -6.79 15.30 56.16
C TRP E 267 -5.78 14.40 56.84
N GLU E 268 -6.17 13.19 57.18
CA GLU E 268 -5.30 12.42 58.05
C GLU E 268 -4.77 11.14 57.45
N SER E 269 -5.46 10.56 56.47
CA SER E 269 -5.08 9.30 55.86
C SER E 269 -5.92 9.17 54.60
N GLY E 270 -5.70 8.08 53.87
CA GLY E 270 -6.56 7.79 52.74
C GLY E 270 -7.95 7.38 53.18
N LEU E 271 -8.03 6.62 54.26
CA LEU E 271 -9.32 6.19 54.78
C LEU E 271 -10.18 7.36 55.22
N ASN E 272 -9.59 8.29 55.97
CA ASN E 272 -10.35 9.42 56.49
C ASN E 272 -10.85 10.32 55.39
N ALA E 273 -10.04 10.54 54.36
CA ALA E 273 -10.46 11.36 53.23
C ALA E 273 -11.55 10.67 52.42
N MET E 274 -11.44 9.35 52.24
CA MET E 274 -12.51 8.63 51.54
C MET E 274 -13.82 8.70 52.32
N GLU E 275 -13.76 8.65 53.64
CA GLU E 275 -14.99 8.74 54.44
C GLU E 275 -15.59 10.14 54.39
N CYS E 276 -14.75 11.17 54.36
CA CYS E 276 -15.25 12.52 54.22
C CYS E 276 -15.88 12.74 52.85
N ALA E 277 -15.28 12.16 51.81
CA ALA E 277 -15.85 12.27 50.48
C ALA E 277 -17.19 11.55 50.38
N LEU E 278 -17.34 10.42 51.07
CA LEU E 278 -18.62 9.74 51.08
C LEU E 278 -19.70 10.59 51.77
N HIS E 279 -19.35 11.16 52.92
CA HIS E 279 -20.29 12.05 53.62
C HIS E 279 -20.71 13.23 52.74
N LEU E 280 -19.76 13.80 52.00
CA LEU E 280 -20.05 14.91 51.12
C LEU E 280 -21.02 14.53 50.01
N GLU E 281 -20.77 13.41 49.33
CA GLU E 281 -21.65 13.04 48.22
C GLU E 281 -23.04 12.65 48.71
N LYS E 282 -23.15 12.13 49.93
CA LYS E 282 -24.47 11.86 50.48
C LYS E 282 -25.23 13.16 50.73
N ASN E 283 -24.55 14.19 51.23
CA ASN E 283 -25.20 15.49 51.41
C ASN E 283 -25.71 16.06 50.09
N VAL E 284 -24.89 15.98 49.05
CA VAL E 284 -25.28 16.49 47.73
C VAL E 284 -26.50 15.75 47.19
N ASN E 285 -26.51 14.43 47.36
CA ASN E 285 -27.65 13.62 46.92
C ASN E 285 -28.93 14.01 47.65
N GLN E 286 -28.83 14.28 48.95
CA GLN E 286 -30.02 14.66 49.70
C GLN E 286 -30.59 16.00 49.23
N SER E 287 -29.71 16.96 48.94
CA SER E 287 -30.23 18.22 48.42
C SER E 287 -30.83 18.07 47.02
N LEU E 288 -30.29 17.16 46.21
CA LEU E 288 -30.89 16.92 44.90
C LEU E 288 -32.28 16.30 45.02
N LEU E 289 -32.47 15.43 46.01
CA LEU E 289 -33.80 14.84 46.20
C LEU E 289 -34.81 15.89 46.66
N GLU E 290 -34.38 16.83 47.50
CA GLU E 290 -35.29 17.91 47.88
C GLU E 290 -35.64 18.79 46.69
N LEU E 291 -34.66 19.04 45.83
CA LEU E 291 -34.92 19.82 44.62
C LEU E 291 -35.92 19.12 43.71
N HIS E 292 -35.83 17.79 43.60
CA HIS E 292 -36.76 17.04 42.77
C HIS E 292 -38.16 17.07 43.34
N LYS E 293 -38.30 16.99 44.66
CA LYS E 293 -39.63 17.04 45.26
C LYS E 293 -40.26 18.42 45.08
N LEU E 294 -39.44 19.47 45.19
CA LEU E 294 -39.93 20.81 44.94
C LEU E 294 -40.38 20.98 43.50
N ALA E 295 -39.61 20.44 42.54
CA ALA E 295 -39.99 20.50 41.14
C ALA E 295 -41.26 19.72 40.86
N THR E 296 -41.51 18.66 41.60
CA THR E 296 -42.74 17.91 41.38
C THR E 296 -43.95 18.62 41.95
N ASP E 297 -43.78 19.37 43.04
CA ASP E 297 -44.88 20.19 43.52
C ASP E 297 -45.22 21.33 42.56
N CYS E 298 -44.25 21.85 41.84
CA CYS E 298 -44.45 23.00 40.97
C CYS E 298 -44.92 22.62 39.57
N ASN E 299 -45.14 21.33 39.31
CA ASN E 299 -45.58 20.82 38.01
C ASN E 299 -44.62 21.22 36.91
N ASP E 300 -43.38 20.75 37.03
CA ASP E 300 -42.31 21.04 36.09
C ASP E 300 -41.67 19.74 35.64
N PRO E 301 -42.28 19.05 34.67
CA PRO E 301 -41.73 17.75 34.25
C PRO E 301 -40.36 17.84 33.60
N HIS E 302 -40.02 18.96 32.98
CA HIS E 302 -38.73 19.07 32.32
C HIS E 302 -37.60 19.13 33.33
N LEU E 303 -37.81 19.84 34.44
CA LEU E 303 -36.81 19.89 35.50
C LEU E 303 -36.66 18.53 36.18
N CYS E 304 -37.76 17.83 36.39
CA CYS E 304 -37.71 16.51 36.99
C CYS E 304 -36.92 15.55 36.13
N ASP E 305 -37.18 15.54 34.83
CA ASP E 305 -36.45 14.65 33.94
C ASP E 305 -34.99 15.04 33.82
N PHE E 306 -34.69 16.35 33.84
CA PHE E 306 -33.30 16.79 33.83
C PHE E 306 -32.55 16.28 35.05
N ILE E 307 -33.15 16.41 36.23
CA ILE E 307 -32.50 15.97 37.46
C ILE E 307 -32.29 14.47 37.44
N GLU E 308 -33.33 13.71 37.14
CA GLU E 308 -33.16 12.26 37.21
C GLU E 308 -32.39 11.68 36.04
N THR E 309 -32.15 12.43 34.97
CA THR E 309 -31.32 11.93 33.88
C THR E 309 -29.85 12.26 34.05
N HIS E 310 -29.52 13.45 34.55
CA HIS E 310 -28.12 13.83 34.63
C HIS E 310 -27.53 13.81 36.03
N TYR E 311 -28.32 13.61 37.08
CA TYR E 311 -27.76 13.78 38.41
C TYR E 311 -28.02 12.61 39.35
N LEU E 312 -29.18 11.98 39.25
CA LEU E 312 -29.56 11.02 40.28
C LEU E 312 -28.88 9.67 40.15
N ASN E 313 -28.46 9.29 38.95
CA ASN E 313 -27.78 8.02 38.77
C ASN E 313 -26.28 8.14 39.01
N GLU E 314 -25.71 9.30 38.72
CA GLU E 314 -24.31 9.56 39.01
C GLU E 314 -24.05 9.58 40.50
N GLN E 315 -24.97 10.12 41.28
CA GLN E 315 -24.82 10.12 42.73
C GLN E 315 -24.82 8.70 43.29
N VAL E 316 -25.70 7.85 42.75
CA VAL E 316 -25.77 6.47 43.21
C VAL E 316 -24.49 5.73 42.87
N LYS E 317 -23.97 5.94 41.67
CA LYS E 317 -22.70 5.33 41.29
C LYS E 317 -21.56 5.79 42.18
N ALA E 318 -21.50 7.08 42.47
CA ALA E 318 -20.41 7.62 43.27
C ALA E 318 -20.46 7.11 44.69
N ILE E 319 -21.66 6.99 45.26
CA ILE E 319 -21.80 6.52 46.63
C ILE E 319 -21.44 5.04 46.72
N LYS E 320 -21.80 4.26 45.70
CA LYS E 320 -21.42 2.84 45.68
C LYS E 320 -19.90 2.68 45.60
N GLU E 321 -19.25 3.47 44.74
CA GLU E 321 -17.81 3.35 44.59
C GLU E 321 -17.05 3.80 45.84
N LEU E 322 -17.51 4.88 46.48
CA LEU E 322 -16.81 5.34 47.66
C LEU E 322 -17.02 4.40 48.85
N GLY E 323 -18.19 3.79 48.97
CA GLY E 323 -18.35 2.77 50.00
C GLY E 323 -17.52 1.53 49.75
N ASP E 324 -17.36 1.14 48.48
CA ASP E 324 -16.40 0.10 48.13
C ASP E 324 -15.00 0.42 48.62
N HIS E 325 -14.51 1.62 48.30
CA HIS E 325 -13.17 2.01 48.71
C HIS E 325 -13.01 1.98 50.23
N VAL E 326 -14.03 2.46 50.95
CA VAL E 326 -13.91 2.49 52.41
C VAL E 326 -13.84 1.08 52.99
N THR E 327 -14.70 0.16 52.52
CA THR E 327 -14.65 -1.17 53.12
C THR E 327 -13.38 -1.92 52.76
N ASN E 328 -12.87 -1.75 51.53
CA ASN E 328 -11.62 -2.42 51.20
C ASN E 328 -10.46 -1.89 52.02
N LEU E 329 -10.39 -0.56 52.19
CA LEU E 329 -9.32 0.01 53.00
C LEU E 329 -9.42 -0.42 54.45
N ARG E 330 -10.62 -0.55 54.99
CA ARG E 330 -10.75 -1.01 56.37
C ARG E 330 -10.37 -2.48 56.51
N LYS E 331 -10.69 -3.31 55.51
CA LYS E 331 -10.34 -4.72 55.61
C LYS E 331 -8.84 -4.93 55.48
N MET E 332 -8.16 -4.16 54.63
CA MET E 332 -6.72 -4.32 54.48
C MET E 332 -5.96 -3.93 55.74
N GLY E 333 -6.55 -3.14 56.63
CA GLY E 333 -5.94 -2.80 57.88
C GLY E 333 -5.53 -1.36 58.04
N ALA E 334 -5.98 -0.47 57.18
CA ALA E 334 -5.67 0.95 57.27
C ALA E 334 -6.54 1.60 58.34
N PRO E 335 -6.09 2.74 58.92
CA PRO E 335 -4.92 3.58 58.65
C PRO E 335 -3.65 3.15 59.37
N GLU E 336 -3.77 2.31 60.38
CA GLU E 336 -2.62 1.92 61.18
C GLU E 336 -1.73 0.90 60.51
N SER E 337 -1.96 0.60 59.23
CA SER E 337 -1.04 -0.16 58.41
C SER E 337 -0.64 0.71 57.24
N GLY E 338 0.61 1.14 57.21
CA GLY E 338 1.08 1.92 56.06
C GLY E 338 1.27 1.09 54.82
N LEU E 339 1.38 -0.22 54.97
CA LEU E 339 1.45 -1.11 53.81
C LEU E 339 0.12 -1.21 53.10
N ALA E 340 -0.99 -0.99 53.81
CA ALA E 340 -2.31 -1.11 53.20
C ALA E 340 -2.59 0.03 52.24
N GLU E 341 -2.27 1.26 52.62
CA GLU E 341 -2.57 2.40 51.76
C GLU E 341 -1.66 2.46 50.56
N TYR E 342 -0.39 2.04 50.70
CA TYR E 342 0.52 1.94 49.58
C TYR E 342 0.00 0.97 48.52
N LEU E 343 -0.46 -0.20 48.96
CA LEU E 343 -0.89 -1.21 48.02
C LEU E 343 -2.26 -0.90 47.44
N PHE E 344 -3.14 -0.25 48.21
CA PHE E 344 -4.39 0.24 47.65
C PHE E 344 -4.12 1.30 46.58
N ASP E 345 -3.18 2.21 46.84
CA ASP E 345 -2.73 3.17 45.85
C ASP E 345 -2.28 2.50 44.57
N LYS E 346 -1.49 1.43 44.68
CA LYS E 346 -1.00 0.77 43.48
C LYS E 346 -2.11 0.02 42.74
N HIS E 347 -2.87 -0.81 43.44
CA HIS E 347 -3.69 -1.79 42.73
C HIS E 347 -5.08 -1.30 42.39
N THR E 348 -5.70 -0.48 43.24
CA THR E 348 -7.04 -0.02 42.93
C THR E 348 -7.05 1.29 42.18
N LEU E 349 -6.27 2.26 42.65
CA LEU E 349 -6.25 3.57 42.03
C LEU E 349 -5.24 3.66 40.89
N GLY E 350 -4.37 2.67 40.75
CA GLY E 350 -3.37 2.68 39.71
C GLY E 350 -3.96 2.45 38.33
N LYS F 22 -83.31 86.57 90.32
CA LYS F 22 -83.77 87.46 89.26
C LYS F 22 -84.42 86.66 88.13
N ILE F 23 -84.29 85.34 88.19
CA ILE F 23 -85.03 84.46 87.28
C ILE F 23 -86.49 84.43 87.76
N GLU F 24 -87.41 84.75 86.84
CA GLU F 24 -88.80 84.93 87.20
C GLU F 24 -89.50 83.60 87.46
N GLU F 25 -90.50 83.63 88.34
CA GLU F 25 -91.25 82.46 88.77
C GLU F 25 -92.59 82.38 88.04
N GLY F 26 -93.13 81.17 87.95
CA GLY F 26 -94.38 80.95 87.24
C GLY F 26 -94.30 81.16 85.75
N LYS F 27 -93.08 81.23 85.20
CA LYS F 27 -92.86 81.62 83.82
C LYS F 27 -91.56 80.98 83.35
N LEU F 28 -91.54 80.53 82.11
CA LEU F 28 -90.40 79.83 81.54
C LEU F 28 -89.93 80.53 80.29
N VAL F 29 -88.64 80.87 80.26
CA VAL F 29 -87.97 81.40 79.08
C VAL F 29 -86.81 80.47 78.72
N ILE F 30 -86.69 80.17 77.42
CA ILE F 30 -85.72 79.21 76.94
C ILE F 30 -84.89 79.88 75.85
N TRP F 31 -83.60 79.56 75.80
CA TRP F 31 -82.73 79.98 74.72
C TRP F 31 -82.23 78.77 73.95
N ILE F 32 -82.34 78.83 72.63
CA ILE F 32 -81.99 77.71 71.76
C ILE F 32 -81.45 78.27 70.44
N ASN F 33 -80.39 77.64 69.93
CA ASN F 33 -79.74 78.14 68.73
C ASN F 33 -80.65 77.96 67.52
N GLY F 34 -80.58 78.94 66.61
CA GLY F 34 -81.45 79.01 65.45
C GLY F 34 -81.21 78.02 64.34
N ASP F 35 -80.25 77.11 64.48
CA ASP F 35 -80.04 76.05 63.50
C ASP F 35 -80.88 74.82 63.80
N LYS F 36 -81.80 74.92 64.74
CA LYS F 36 -82.61 73.81 65.21
C LYS F 36 -84.08 74.13 64.97
N GLY F 37 -84.95 73.22 65.41
CA GLY F 37 -86.37 73.49 65.39
C GLY F 37 -86.81 74.29 66.59
N TYR F 38 -86.36 75.54 66.68
CA TYR F 38 -86.80 76.41 67.77
C TYR F 38 -88.29 76.71 67.66
N ASN F 39 -88.82 76.71 66.44
CA ASN F 39 -90.26 76.79 66.27
C ASN F 39 -90.94 75.54 66.84
N GLY F 40 -90.29 74.39 66.75
CA GLY F 40 -90.80 73.20 67.44
C GLY F 40 -90.77 73.35 68.95
N LEU F 41 -89.78 74.07 69.47
CA LEU F 41 -89.79 74.39 70.89
C LEU F 41 -90.94 75.32 71.25
N ALA F 42 -91.28 76.24 70.34
CA ALA F 42 -92.49 77.04 70.54
C ALA F 42 -93.74 76.18 70.49
N GLU F 43 -93.77 75.17 69.62
CA GLU F 43 -94.93 74.28 69.52
CA GLU F 43 -94.93 74.29 69.53
C GLU F 43 -95.10 73.46 70.79
N VAL F 44 -94.02 72.93 71.34
CA VAL F 44 -94.18 72.16 72.57
C VAL F 44 -94.50 73.09 73.74
N GLY F 45 -94.00 74.33 73.69
CA GLY F 45 -94.41 75.33 74.67
C GLY F 45 -95.91 75.59 74.64
N LYS F 46 -96.49 75.68 73.43
CA LYS F 46 -97.93 75.93 73.39
C LYS F 46 -98.75 74.69 73.71
N LYS F 47 -98.25 73.47 73.47
CA LYS F 47 -98.93 72.32 74.05
C LYS F 47 -98.96 72.44 75.57
N PHE F 48 -97.83 72.79 76.17
CA PHE F 48 -97.78 72.99 77.61
C PHE F 48 -98.72 74.10 78.07
N GLU F 49 -98.90 75.14 77.25
CA GLU F 49 -99.80 76.23 77.61
C GLU F 49 -101.26 75.81 77.56
N LYS F 50 -101.67 75.13 76.49
CA LYS F 50 -103.06 74.66 76.43
C LYS F 50 -103.35 73.59 77.48
N ASP F 51 -102.33 72.84 77.91
CA ASP F 51 -102.60 71.79 78.90
C ASP F 51 -102.57 72.29 80.34
N THR F 52 -101.58 73.12 80.69
CA THR F 52 -101.39 73.55 82.07
C THR F 52 -101.55 75.05 82.30
N GLY F 53 -101.62 75.86 81.25
CA GLY F 53 -101.77 77.29 81.41
C GLY F 53 -100.51 78.05 81.74
N ILE F 54 -99.35 77.40 81.74
CA ILE F 54 -98.09 78.04 82.09
C ILE F 54 -97.40 78.47 80.80
N LYS F 55 -97.12 79.77 80.69
CA LYS F 55 -96.60 80.32 79.44
C LYS F 55 -95.12 79.95 79.28
N VAL F 56 -94.75 79.59 78.04
CA VAL F 56 -93.39 79.26 77.68
C VAL F 56 -92.97 80.16 76.52
N THR F 57 -91.90 80.93 76.71
CA THR F 57 -91.33 81.76 75.67
C THR F 57 -89.97 81.22 75.28
N VAL F 58 -89.69 81.17 73.99
CA VAL F 58 -88.40 80.78 73.48
C VAL F 58 -87.80 81.93 72.68
N GLU F 59 -86.48 82.05 72.75
CA GLU F 59 -85.76 83.08 72.01
C GLU F 59 -84.52 82.48 71.39
N HIS F 60 -84.21 82.90 70.16
CA HIS F 60 -83.13 82.31 69.37
C HIS F 60 -82.23 83.40 68.79
N PRO F 61 -81.39 84.01 69.63
CA PRO F 61 -80.38 84.96 69.13
C PRO F 61 -79.05 84.26 68.85
N ASP F 62 -78.15 85.01 68.25
CA ASP F 62 -76.81 84.49 68.00
C ASP F 62 -76.00 84.47 69.30
N LYS F 63 -74.86 83.78 69.24
CA LYS F 63 -73.85 83.73 70.30
C LYS F 63 -74.42 83.29 71.65
N LEU F 64 -75.36 82.33 71.64
CA LEU F 64 -76.00 81.91 72.89
C LEU F 64 -75.03 81.23 73.84
N GLU F 65 -73.96 80.61 73.33
CA GLU F 65 -72.99 80.00 74.21
C GLU F 65 -72.08 81.06 74.83
N GLU F 66 -71.89 82.17 74.11
CA GLU F 66 -71.28 83.34 74.73
C GLU F 66 -72.23 84.01 75.71
N LYS F 67 -73.54 83.93 75.43
CA LYS F 67 -74.52 84.74 76.14
C LYS F 67 -75.00 84.09 77.45
N PHE F 68 -75.08 82.75 77.50
CA PHE F 68 -75.59 82.11 78.72
C PHE F 68 -74.69 82.28 79.93
N PRO F 69 -73.38 81.97 79.88
CA PRO F 69 -72.61 82.00 81.14
C PRO F 69 -72.39 83.40 81.67
N GLN F 70 -72.27 84.41 80.80
CA GLN F 70 -72.04 85.78 81.24
C GLN F 70 -73.24 86.37 81.97
N VAL F 71 -74.43 85.79 81.79
CA VAL F 71 -75.63 86.31 82.46
C VAL F 71 -75.97 85.36 83.60
N ALA F 72 -75.63 84.08 83.44
CA ALA F 72 -75.85 83.09 84.49
C ALA F 72 -74.90 83.28 85.66
N ALA F 73 -73.73 83.88 85.43
CA ALA F 73 -72.86 84.26 86.55
C ALA F 73 -73.43 85.44 87.33
N THR F 74 -74.38 86.17 86.76
CA THR F 74 -75.14 87.19 87.49
C THR F 74 -76.40 86.63 88.13
N GLY F 75 -76.85 85.46 87.71
CA GLY F 75 -78.07 84.88 88.23
C GLY F 75 -79.32 85.15 87.41
N ASP F 76 -79.18 85.39 86.12
CA ASP F 76 -80.32 85.65 85.25
C ASP F 76 -80.18 84.95 83.91
N GLY F 77 -80.99 85.36 82.94
CA GLY F 77 -80.92 84.81 81.61
C GLY F 77 -82.07 83.89 81.31
N PRO F 78 -81.77 82.70 80.81
CA PRO F 78 -82.83 81.74 80.52
C PRO F 78 -83.07 80.82 81.70
N ASP F 79 -84.01 79.90 81.55
CA ASP F 79 -84.09 78.78 82.48
C ASP F 79 -83.47 77.52 81.88
N ILE F 80 -83.76 77.24 80.62
CA ILE F 80 -83.30 76.05 79.93
C ILE F 80 -82.46 76.47 78.73
N ILE F 81 -81.41 75.70 78.45
CA ILE F 81 -80.54 75.95 77.30
C ILE F 81 -80.23 74.65 76.58
N PHE F 82 -80.42 74.64 75.26
CA PHE F 82 -80.17 73.47 74.42
C PHE F 82 -78.82 73.64 73.74
N TRP F 83 -77.84 72.82 74.12
CA TRP F 83 -76.49 72.96 73.58
C TRP F 83 -75.73 71.66 73.79
N ALA F 84 -74.51 71.62 73.29
CA ALA F 84 -73.64 70.46 73.45
C ALA F 84 -73.26 70.28 74.92
N HIS F 85 -73.02 69.03 75.30
CA HIS F 85 -72.78 68.67 76.68
C HIS F 85 -71.39 69.05 77.16
N ASP F 86 -70.42 69.21 76.24
CA ASP F 86 -69.03 69.37 76.65
C ASP F 86 -68.78 70.69 77.37
N ARG F 87 -69.47 71.76 76.96
CA ARG F 87 -69.40 73.00 77.71
C ARG F 87 -70.34 73.01 78.91
N PHE F 88 -71.24 72.02 79.00
CA PHE F 88 -72.14 71.94 80.15
C PHE F 88 -71.37 71.48 81.40
N GLY F 89 -70.54 70.46 81.26
CA GLY F 89 -69.77 69.97 82.40
C GLY F 89 -68.87 71.02 82.99
N GLY F 90 -68.22 71.82 82.13
CA GLY F 90 -67.50 72.99 82.62
C GLY F 90 -68.41 73.97 83.33
N TYR F 91 -69.59 74.23 82.77
CA TYR F 91 -70.58 75.04 83.47
C TYR F 91 -71.22 74.28 84.62
N ALA F 92 -71.04 72.95 84.67
CA ALA F 92 -71.37 72.22 85.90
C ALA F 92 -70.39 72.57 87.01
N GLN F 93 -69.16 72.94 86.65
CA GLN F 93 -68.22 73.46 87.63
C GLN F 93 -68.55 74.90 88.00
N SER F 94 -68.93 75.70 87.00
CA SER F 94 -69.08 77.14 87.15
C SER F 94 -70.33 77.56 87.89
N GLY F 95 -71.12 76.62 88.40
CA GLY F 95 -72.33 76.98 89.13
C GLY F 95 -73.41 77.60 88.28
N LEU F 96 -73.47 77.23 86.99
CA LEU F 96 -74.43 77.80 86.06
C LEU F 96 -75.46 76.81 85.56
N LEU F 97 -75.21 75.51 85.68
CA LEU F 97 -76.20 74.48 85.38
C LEU F 97 -76.71 73.84 86.65
N ALA F 98 -78.02 73.61 86.70
CA ALA F 98 -78.67 73.06 87.88
C ALA F 98 -78.55 71.55 87.90
N GLU F 99 -78.28 71.00 89.08
CA GLU F 99 -78.26 69.56 89.28
C GLU F 99 -79.69 69.03 89.18
N ILE F 100 -79.99 68.29 88.11
CA ILE F 100 -81.34 67.79 87.90
C ILE F 100 -81.59 66.59 88.80
N THR F 101 -82.87 66.32 89.04
CA THR F 101 -83.29 65.15 89.81
C THR F 101 -84.31 64.38 88.99
N PRO F 102 -83.87 63.52 88.08
CA PRO F 102 -84.80 62.65 87.34
C PRO F 102 -85.00 61.32 88.04
N ASP F 103 -86.10 60.68 87.70
CA ASP F 103 -86.42 59.38 88.26
CA ASP F 103 -86.43 59.37 88.26
C ASP F 103 -85.70 58.27 87.51
N LYS F 104 -85.72 57.06 88.10
CA LYS F 104 -85.05 55.93 87.50
C LYS F 104 -85.84 55.32 86.36
N ALA F 105 -87.18 55.37 86.41
CA ALA F 105 -87.97 54.91 85.28
C ALA F 105 -87.79 55.81 84.07
N PHE F 106 -87.66 57.13 84.30
CA PHE F 106 -87.37 58.03 83.20
C PHE F 106 -85.93 57.87 82.72
N GLN F 107 -85.03 57.44 83.61
CA GLN F 107 -83.68 57.09 83.17
C GLN F 107 -83.67 55.82 82.33
N ASP F 108 -84.63 54.93 82.56
CA ASP F 108 -84.83 53.80 81.67
C ASP F 108 -85.52 54.22 80.37
N LYS F 109 -86.33 55.28 80.42
CA LYS F 109 -86.98 55.79 79.22
C LYS F 109 -85.99 56.32 78.19
N LEU F 110 -84.82 56.77 78.63
CA LEU F 110 -83.76 57.23 77.75
C LEU F 110 -82.61 56.24 77.74
N TYR F 111 -81.71 56.41 76.79
CA TYR F 111 -80.52 55.58 76.74
C TYR F 111 -79.48 56.08 77.73
N PRO F 112 -78.87 55.19 78.52
CA PRO F 112 -77.91 55.65 79.53
C PRO F 112 -76.61 56.20 78.96
N PHE F 113 -76.19 55.74 77.78
CA PHE F 113 -74.99 56.30 77.17
C PHE F 113 -75.20 57.77 76.77
N THR F 114 -76.45 58.20 76.61
CA THR F 114 -76.73 59.63 76.53
C THR F 114 -76.57 60.30 77.89
N TRP F 115 -76.95 59.60 78.96
CA TRP F 115 -76.80 60.17 80.30
C TRP F 115 -75.34 60.29 80.73
N ASP F 116 -74.44 59.51 80.12
CA ASP F 116 -73.01 59.69 80.39
C ASP F 116 -72.45 60.96 79.78
N ALA F 117 -73.23 61.68 78.95
CA ALA F 117 -72.75 62.92 78.36
C ALA F 117 -72.84 64.09 79.34
N VAL F 118 -73.76 64.02 80.30
CA VAL F 118 -74.07 65.15 81.17
C VAL F 118 -73.66 64.85 82.60
N ARG F 119 -72.60 64.06 82.75
CA ARG F 119 -72.04 63.73 84.05
C ARG F 119 -70.90 64.70 84.37
N TYR F 120 -70.83 65.12 85.63
CA TYR F 120 -69.71 65.95 86.10
C TYR F 120 -69.68 65.86 87.63
N ASN F 121 -68.54 65.40 88.17
CA ASN F 121 -68.35 65.22 89.61
C ASN F 121 -69.43 64.33 90.21
N GLY F 122 -69.87 63.33 89.45
CA GLY F 122 -70.90 62.41 89.88
C GLY F 122 -72.31 62.95 89.83
N LYS F 123 -72.50 64.26 89.69
CA LYS F 123 -73.84 64.85 89.66
C LYS F 123 -74.36 64.90 88.23
N LEU F 124 -75.68 64.94 88.10
CA LEU F 124 -76.34 64.92 86.82
C LEU F 124 -76.93 66.30 86.56
N ILE F 125 -76.62 66.88 85.40
CA ILE F 125 -76.81 68.31 85.19
C ILE F 125 -77.86 68.66 84.13
N ALA F 126 -78.16 67.76 83.21
CA ALA F 126 -78.99 68.15 82.07
C ALA F 126 -79.64 66.90 81.47
N TYR F 127 -80.76 67.12 80.78
CA TYR F 127 -81.46 66.03 80.14
C TYR F 127 -81.02 65.93 78.69
N PRO F 128 -80.48 64.81 78.24
CA PRO F 128 -80.08 64.69 76.84
C PRO F 128 -81.28 64.57 75.92
N ILE F 129 -81.22 65.28 74.79
CA ILE F 129 -82.29 65.20 73.79
C ILE F 129 -81.73 64.56 72.53
N ALA F 130 -80.76 65.21 71.91
CA ALA F 130 -80.25 64.79 70.61
C ALA F 130 -78.84 64.22 70.76
N VAL F 131 -78.50 63.28 69.89
CA VAL F 131 -77.22 62.59 69.94
C VAL F 131 -76.65 62.57 68.52
N GLU F 132 -75.37 62.90 68.39
CA GLU F 132 -74.72 63.14 67.12
C GLU F 132 -73.49 62.25 66.98
N ALA F 133 -73.31 61.69 65.79
CA ALA F 133 -72.20 60.79 65.52
C ALA F 133 -71.97 60.74 64.01
N LEU F 134 -70.70 60.62 63.64
CA LEU F 134 -70.31 60.60 62.23
C LEU F 134 -70.52 59.20 61.66
N SER F 135 -71.05 59.14 60.44
CA SER F 135 -71.37 57.88 59.80
C SER F 135 -70.86 57.89 58.37
N LEU F 136 -70.85 56.70 57.74
CA LEU F 136 -70.35 56.56 56.38
C LEU F 136 -71.48 56.85 55.41
N ILE F 137 -71.21 57.71 54.44
CA ILE F 137 -72.15 58.05 53.38
C ILE F 137 -71.56 57.52 52.08
N TYR F 138 -72.33 56.70 51.36
CA TYR F 138 -71.83 56.02 50.19
C TYR F 138 -72.77 56.20 49.01
N ASN F 139 -72.19 56.30 47.82
CA ASN F 139 -72.94 56.21 46.58
C ASN F 139 -73.36 54.76 46.36
N LYS F 140 -74.66 54.52 46.23
CA LYS F 140 -75.14 53.16 46.00
C LYS F 140 -74.79 52.67 44.60
N ASP F 141 -74.62 53.58 43.65
CA ASP F 141 -74.33 53.18 42.28
C ASP F 141 -72.87 52.76 42.12
N LEU F 142 -71.95 53.58 42.63
CA LEU F 142 -70.53 53.26 42.52
C LEU F 142 -70.17 52.04 43.35
N LEU F 143 -70.89 51.80 44.44
CA LEU F 143 -70.61 50.60 45.23
C LEU F 143 -71.91 50.04 45.79
N PRO F 144 -72.41 48.94 45.23
CA PRO F 144 -73.67 48.37 45.74
C PRO F 144 -73.53 47.65 47.06
N ASN F 145 -72.31 47.27 47.46
CA ASN F 145 -72.08 46.48 48.67
C ASN F 145 -70.95 47.11 49.47
N PRO F 146 -71.26 47.82 50.55
CA PRO F 146 -70.21 48.49 51.32
C PRO F 146 -69.33 47.48 52.02
N PRO F 147 -68.08 47.84 52.29
CA PRO F 147 -67.19 46.96 53.06
C PRO F 147 -67.28 47.23 54.55
N LYS F 148 -66.90 46.22 55.32
CA LYS F 148 -66.98 46.29 56.77
C LYS F 148 -65.62 46.35 57.44
N THR F 149 -64.53 46.38 56.66
CA THR F 149 -63.19 46.49 57.20
C THR F 149 -62.47 47.66 56.55
N TRP F 150 -61.68 48.38 57.36
CA TRP F 150 -60.81 49.41 56.80
C TRP F 150 -59.70 48.81 55.96
N GLU F 151 -59.27 47.60 56.30
CA GLU F 151 -58.24 46.90 55.54
C GLU F 151 -58.69 46.59 54.11
N GLU F 152 -60.00 46.67 53.85
CA GLU F 152 -60.51 46.51 52.49
C GLU F 152 -60.39 47.78 51.66
N ILE F 153 -60.33 48.94 52.30
CA ILE F 153 -60.35 50.24 51.63
C ILE F 153 -59.18 50.45 50.67
N PRO F 154 -57.92 50.09 50.99
CA PRO F 154 -56.86 50.28 49.97
C PRO F 154 -57.10 49.48 48.70
N ALA F 155 -57.40 48.18 48.83
CA ALA F 155 -57.56 47.33 47.67
C ALA F 155 -58.66 47.85 46.74
N LEU F 156 -59.84 48.16 47.29
CA LEU F 156 -60.92 48.66 46.46
C LEU F 156 -60.59 50.01 45.85
N ASP F 157 -59.69 50.79 46.49
CA ASP F 157 -59.24 52.02 45.87
C ASP F 157 -58.55 51.76 44.55
N LYS F 158 -57.81 50.65 44.47
CA LYS F 158 -57.19 50.23 43.21
C LYS F 158 -58.22 50.02 42.11
N GLU F 159 -59.45 49.68 42.49
CA GLU F 159 -60.51 49.59 41.48
C GLU F 159 -60.91 50.97 40.98
N LEU F 160 -61.07 51.94 41.88
CA LEU F 160 -61.72 53.19 41.49
C LEU F 160 -60.82 54.06 40.62
N LYS F 161 -59.49 53.99 40.81
CA LYS F 161 -58.59 54.66 39.89
C LYS F 161 -58.66 54.05 38.49
N ALA F 162 -59.16 52.82 38.37
CA ALA F 162 -59.41 52.22 37.08
C ALA F 162 -60.69 52.75 36.42
N LYS F 163 -61.53 53.46 37.17
CA LYS F 163 -62.70 54.14 36.61
C LYS F 163 -62.57 55.65 36.66
N GLY F 164 -61.41 56.17 37.07
CA GLY F 164 -61.27 57.60 37.24
C GLY F 164 -61.94 58.13 38.49
N LYS F 165 -62.10 57.30 39.51
CA LYS F 165 -62.77 57.66 40.75
C LYS F 165 -61.80 57.51 41.92
N SER F 166 -62.21 58.05 43.07
CA SER F 166 -61.45 57.93 44.30
C SER F 166 -62.29 57.22 45.35
N ALA F 167 -61.62 56.46 46.22
CA ALA F 167 -62.34 55.67 47.20
C ALA F 167 -62.86 56.53 48.34
N LEU F 168 -61.97 57.19 49.07
CA LEU F 168 -62.36 57.95 50.25
C LEU F 168 -61.70 59.31 50.19
N MET F 169 -62.48 60.35 50.47
CA MET F 169 -61.98 61.72 50.53
C MET F 169 -62.77 62.46 51.60
N PHE F 170 -62.06 62.96 52.62
CA PHE F 170 -62.70 63.66 53.72
C PHE F 170 -61.74 64.72 54.25
N ASN F 171 -62.14 65.35 55.35
CA ASN F 171 -61.34 66.42 55.95
C ASN F 171 -60.25 65.82 56.82
N LEU F 172 -59.01 65.92 56.35
CA LEU F 172 -57.86 65.48 57.12
C LEU F 172 -57.28 66.56 58.01
N GLN F 173 -57.82 67.78 57.94
CA GLN F 173 -57.28 68.90 58.71
C GLN F 173 -57.82 68.96 60.13
N GLU F 174 -58.65 68.00 60.54
CA GLU F 174 -59.22 67.98 61.88
C GLU F 174 -59.00 66.63 62.53
N PRO F 175 -58.69 66.59 63.84
CA PRO F 175 -58.73 65.32 64.56
C PRO F 175 -60.14 64.78 64.73
N TYR F 176 -61.16 65.64 64.60
CA TYR F 176 -62.56 65.22 64.77
C TYR F 176 -62.96 64.19 63.73
N PHE F 177 -62.35 64.23 62.54
CA PHE F 177 -62.66 63.23 61.53
C PHE F 177 -61.81 61.98 61.71
N THR F 178 -60.55 62.15 62.11
CA THR F 178 -59.60 61.04 62.11
C THR F 178 -59.67 60.19 63.38
N TRP F 179 -60.26 60.71 64.46
CA TRP F 179 -60.28 59.99 65.73
C TRP F 179 -61.05 58.66 65.73
N PRO F 180 -62.10 58.44 64.91
CA PRO F 180 -62.66 57.08 64.83
C PRO F 180 -61.65 55.99 64.48
N LEU F 181 -60.78 56.24 63.50
CA LEU F 181 -59.85 55.19 63.07
C LEU F 181 -58.70 55.00 64.05
N ILE F 182 -58.05 56.09 64.44
CA ILE F 182 -56.82 55.99 65.21
C ILE F 182 -57.10 55.49 66.63
N ALA F 183 -58.24 55.85 67.20
CA ALA F 183 -58.57 55.50 68.58
C ALA F 183 -59.48 54.29 68.66
N ALA F 184 -59.63 53.53 67.57
CA ALA F 184 -60.56 52.41 67.57
C ALA F 184 -60.03 51.24 68.38
N ASP F 185 -58.73 50.96 68.29
CA ASP F 185 -58.12 49.77 68.84
C ASP F 185 -57.19 50.06 70.02
N GLY F 186 -57.48 51.10 70.80
CA GLY F 186 -56.68 51.36 71.98
C GLY F 186 -56.45 52.82 72.33
N GLY F 187 -56.82 53.73 71.43
CA GLY F 187 -56.71 55.14 71.72
C GLY F 187 -57.96 55.68 72.41
N TYR F 188 -57.75 56.69 73.25
CA TYR F 188 -58.84 57.35 73.96
C TYR F 188 -58.34 58.69 74.49
N ALA F 189 -59.14 59.73 74.33
CA ALA F 189 -58.69 61.10 74.62
C ALA F 189 -58.30 61.26 76.08
N PHE F 190 -59.25 61.10 76.99
CA PHE F 190 -58.99 61.11 78.42
C PHE F 190 -59.66 59.90 79.05
N LYS F 191 -59.03 59.35 80.08
CA LYS F 191 -59.67 58.23 80.78
C LYS F 191 -60.90 58.73 81.53
N TYR F 192 -62.04 58.14 81.21
CA TYR F 192 -63.35 58.61 81.69
C TYR F 192 -64.07 57.46 82.38
N GLU F 193 -64.20 57.55 83.70
CA GLU F 193 -64.85 56.52 84.50
C GLU F 193 -65.65 57.16 85.61
N ASN F 194 -66.83 56.59 85.90
CA ASN F 194 -67.70 57.03 87.00
C ASN F 194 -68.08 58.50 86.89
N GLY F 195 -68.18 59.02 85.67
CA GLY F 195 -68.52 60.42 85.49
C GLY F 195 -67.37 61.38 85.69
N LYS F 196 -66.13 60.91 85.70
CA LYS F 196 -64.96 61.75 85.95
C LYS F 196 -63.92 61.53 84.86
N TYR F 197 -63.39 62.64 84.33
CA TYR F 197 -62.32 62.60 83.34
C TYR F 197 -60.97 62.78 84.01
N ASP F 198 -60.10 61.80 83.86
CA ASP F 198 -58.78 61.86 84.47
C ASP F 198 -57.86 62.74 83.63
N ILE F 199 -57.23 63.72 84.28
CA ILE F 199 -56.42 64.69 83.56
C ILE F 199 -55.03 64.14 83.26
N LYS F 200 -54.47 63.34 84.17
CA LYS F 200 -53.16 62.72 83.97
C LYS F 200 -53.20 61.54 83.01
N ASP F 201 -54.37 61.23 82.43
CA ASP F 201 -54.52 59.99 81.67
C ASP F 201 -55.01 60.32 80.26
N VAL F 202 -54.23 61.16 79.58
CA VAL F 202 -54.41 61.49 78.16
C VAL F 202 -53.83 60.33 77.36
N GLY F 203 -54.70 59.52 76.76
CA GLY F 203 -54.22 58.37 76.03
C GLY F 203 -53.96 58.60 74.55
N VAL F 204 -52.71 58.89 74.19
CA VAL F 204 -52.28 58.85 72.80
C VAL F 204 -51.01 58.03 72.61
N ASP F 205 -50.31 57.68 73.68
CA ASP F 205 -49.12 56.83 73.60
C ASP F 205 -49.49 55.37 73.81
N ASN F 206 -50.41 54.91 72.96
CA ASN F 206 -50.92 53.55 73.02
C ASN F 206 -50.68 52.84 71.69
N ALA F 207 -50.63 51.51 71.75
CA ALA F 207 -50.37 50.71 70.55
C ALA F 207 -51.52 50.84 69.55
N GLY F 208 -52.75 51.07 70.03
CA GLY F 208 -53.85 51.27 69.11
C GLY F 208 -53.74 52.56 68.33
N ALA F 209 -53.35 53.64 69.00
CA ALA F 209 -53.13 54.90 68.29
C ALA F 209 -51.99 54.77 67.29
N LYS F 210 -50.95 54.02 67.65
CA LYS F 210 -49.86 53.73 66.72
C LYS F 210 -50.37 53.00 65.49
N ALA F 211 -51.20 51.97 65.70
CA ALA F 211 -51.72 51.18 64.59
C ALA F 211 -52.60 52.03 63.68
N GLY F 212 -53.46 52.86 64.27
CA GLY F 212 -54.32 53.71 63.46
C GLY F 212 -53.54 54.75 62.67
N LEU F 213 -52.52 55.35 63.28
CA LEU F 213 -51.77 56.36 62.55
C LEU F 213 -50.87 55.74 61.49
N THR F 214 -50.35 54.53 61.73
CA THR F 214 -49.65 53.82 60.66
C THR F 214 -50.60 53.45 59.52
N PHE F 215 -51.84 53.07 59.83
CA PHE F 215 -52.78 52.83 58.73
C PHE F 215 -53.08 54.11 57.97
N LEU F 216 -53.11 55.25 58.66
CA LEU F 216 -53.27 56.53 57.98
C LEU F 216 -52.09 56.82 57.06
N VAL F 217 -50.87 56.57 57.53
CA VAL F 217 -49.72 56.84 56.68
C VAL F 217 -49.58 55.81 55.56
N ASP F 218 -50.19 54.63 55.71
CA ASP F 218 -50.25 53.72 54.58
C ASP F 218 -51.30 54.16 53.55
N LEU F 219 -52.40 54.76 54.02
CA LEU F 219 -53.37 55.29 53.07
C LEU F 219 -52.85 56.53 52.36
N ILE F 220 -51.94 57.28 53.00
CA ILE F 220 -51.46 58.50 52.37
C ILE F 220 -50.16 58.27 51.59
N LYS F 221 -49.35 57.29 51.98
CA LYS F 221 -48.06 57.09 51.32
C LYS F 221 -48.25 56.55 49.91
N ASN F 222 -49.09 55.53 49.76
CA ASN F 222 -49.39 54.97 48.44
C ASN F 222 -50.39 55.79 47.66
N LYS F 223 -50.73 56.99 48.15
CA LYS F 223 -51.53 57.98 47.43
C LYS F 223 -52.95 57.47 47.16
N HIS F 224 -53.54 56.82 48.17
CA HIS F 224 -54.97 56.53 48.08
C HIS F 224 -55.79 57.80 48.25
N MET F 225 -55.36 58.68 49.15
CA MET F 225 -55.96 59.99 49.34
C MET F 225 -54.87 61.06 49.23
N ASN F 226 -55.27 62.30 49.40
CA ASN F 226 -54.34 63.43 49.46
C ASN F 226 -54.24 63.95 50.89
N ALA F 227 -53.12 64.61 51.18
CA ALA F 227 -52.90 65.14 52.52
C ALA F 227 -53.42 66.55 52.70
N ASP F 228 -53.45 67.34 51.64
CA ASP F 228 -53.93 68.71 51.70
C ASP F 228 -55.43 68.82 51.51
N THR F 229 -56.14 67.69 51.43
CA THR F 229 -57.57 67.74 51.27
C THR F 229 -58.25 68.18 52.57
N ASP F 230 -59.49 68.62 52.44
CA ASP F 230 -60.27 69.06 53.58
C ASP F 230 -61.74 68.78 53.29
N TYR F 231 -62.61 69.47 54.02
CA TYR F 231 -64.03 69.16 53.99
C TYR F 231 -64.71 69.65 52.71
N SER F 232 -64.31 70.82 52.21
CA SER F 232 -65.01 71.41 51.07
CA SER F 232 -65.00 71.41 51.07
C SER F 232 -64.82 70.60 49.80
N ILE F 233 -63.56 70.30 49.45
CA ILE F 233 -63.29 69.51 48.25
C ILE F 233 -63.92 68.14 48.35
N ALA F 234 -63.87 67.55 49.54
CA ALA F 234 -64.46 66.22 49.76
C ALA F 234 -65.95 66.22 49.51
N GLU F 235 -66.68 67.10 50.19
CA GLU F 235 -68.13 67.13 50.04
C GLU F 235 -68.55 67.56 48.64
N ALA F 236 -67.82 68.49 48.03
CA ALA F 236 -68.17 68.92 46.67
C ALA F 236 -67.94 67.82 45.66
N ALA F 237 -66.85 67.06 45.81
CA ALA F 237 -66.61 65.94 44.92
C ALA F 237 -67.60 64.81 45.13
N PHE F 238 -68.03 64.60 46.37
CA PHE F 238 -69.04 63.56 46.62
C PHE F 238 -70.41 63.99 46.08
N ASN F 239 -70.72 65.29 46.12
CA ASN F 239 -71.95 65.77 45.50
C ASN F 239 -71.91 65.59 43.99
N LYS F 240 -70.74 65.70 43.37
CA LYS F 240 -70.61 65.35 41.96
C LYS F 240 -70.58 63.85 41.75
N GLY F 241 -70.24 63.07 42.78
CA GLY F 241 -70.14 61.64 42.65
C GLY F 241 -68.79 61.15 42.15
N GLU F 242 -67.72 61.87 42.46
CA GLU F 242 -66.39 61.45 42.05
C GLU F 242 -65.75 60.51 43.07
N THR F 243 -65.76 60.89 44.34
CA THR F 243 -65.37 59.99 45.41
C THR F 243 -66.61 59.25 45.88
N ALA F 244 -66.46 57.95 46.17
CA ALA F 244 -67.62 57.14 46.52
C ALA F 244 -67.93 57.10 48.00
N MET F 245 -66.90 57.12 48.86
CA MET F 245 -67.10 57.05 50.29
C MET F 245 -66.83 58.40 50.93
N THR F 246 -67.58 58.71 51.99
CA THR F 246 -67.21 59.83 52.84
C THR F 246 -67.71 59.55 54.24
N ILE F 247 -67.19 60.34 55.20
CA ILE F 247 -67.59 60.24 56.60
C ILE F 247 -68.11 61.60 57.03
N ASN F 248 -69.32 61.62 57.57
CA ASN F 248 -69.96 62.90 57.87
C ASN F 248 -71.06 62.70 58.90
N GLY F 249 -71.36 63.77 59.63
CA GLY F 249 -72.46 63.79 60.56
C GLY F 249 -73.76 64.14 59.87
N PRO F 250 -74.71 64.68 60.61
CA PRO F 250 -76.01 65.01 60.02
C PRO F 250 -76.00 66.27 59.15
N TRP F 251 -75.14 67.22 59.48
CA TRP F 251 -75.26 68.58 58.95
C TRP F 251 -75.12 68.66 57.44
N ALA F 252 -74.52 67.66 56.80
CA ALA F 252 -74.35 67.68 55.36
C ALA F 252 -75.36 66.83 54.61
N TRP F 253 -76.25 66.13 55.33
CA TRP F 253 -77.19 65.20 54.71
C TRP F 253 -78.02 65.89 53.63
N SER F 254 -78.66 67.01 53.99
CA SER F 254 -79.47 67.75 53.02
C SER F 254 -78.64 68.21 51.83
N ASN F 255 -77.36 68.54 52.06
CA ASN F 255 -76.48 68.91 50.96
C ASN F 255 -76.36 67.78 49.95
N ILE F 256 -76.22 66.54 50.44
CA ILE F 256 -76.20 65.40 49.54
C ILE F 256 -77.57 65.21 48.91
N ASP F 257 -78.63 65.60 49.61
CA ASP F 257 -79.97 65.61 49.01
C ASP F 257 -80.13 66.69 47.96
N THR F 258 -79.18 67.63 47.85
CA THR F 258 -79.16 68.49 46.68
C THR F 258 -78.55 67.80 45.47
N SER F 259 -77.68 66.81 45.70
CA SER F 259 -77.02 66.12 44.61
CA SER F 259 -77.02 66.12 44.61
C SER F 259 -77.94 65.17 43.86
N LYS F 260 -79.01 64.70 44.51
CA LYS F 260 -79.93 63.69 43.98
C LYS F 260 -79.22 62.40 43.62
N VAL F 261 -78.04 62.17 44.19
CA VAL F 261 -77.32 60.92 44.00
C VAL F 261 -78.00 59.85 44.86
N ASN F 262 -78.23 58.68 44.27
CA ASN F 262 -78.83 57.59 45.02
C ASN F 262 -77.82 57.08 46.04
N TYR F 263 -77.90 57.59 47.26
CA TYR F 263 -76.90 57.32 48.28
C TYR F 263 -77.52 56.62 49.48
N GLY F 264 -76.66 55.95 50.24
CA GLY F 264 -77.05 55.35 51.50
C GLY F 264 -76.11 55.77 52.61
N VAL F 265 -76.53 55.48 53.83
CA VAL F 265 -75.77 55.77 55.04
C VAL F 265 -75.66 54.51 55.87
N THR F 266 -74.45 54.21 56.34
CA THR F 266 -74.22 53.03 57.14
C THR F 266 -73.17 53.32 58.21
N VAL F 267 -72.90 52.29 59.01
CA VAL F 267 -71.86 52.38 60.04
C VAL F 267 -70.49 52.36 59.38
N LEU F 268 -69.53 52.99 60.05
CA LEU F 268 -68.15 52.92 59.61
C LEU F 268 -67.63 51.49 59.74
N PRO F 269 -66.71 51.09 58.87
CA PRO F 269 -66.11 49.75 58.99
C PRO F 269 -65.33 49.59 60.29
N THR F 270 -65.24 48.35 60.74
CA THR F 270 -64.40 48.04 61.88
C THR F 270 -62.95 47.87 61.42
N PHE F 271 -62.03 47.94 62.38
CA PHE F 271 -60.61 47.91 62.06
C PHE F 271 -59.91 46.97 63.02
N LYS F 272 -59.32 45.89 62.49
CA LYS F 272 -58.66 44.84 63.25
C LYS F 272 -59.61 44.21 64.27
N GLY F 273 -60.91 44.23 63.99
CA GLY F 273 -61.93 43.78 64.91
C GLY F 273 -62.47 44.86 65.83
N GLN F 274 -61.65 45.83 66.18
CA GLN F 274 -62.12 46.93 67.02
C GLN F 274 -62.86 47.95 66.17
N PRO F 275 -64.13 48.23 66.42
CA PRO F 275 -64.88 49.17 65.59
C PRO F 275 -64.45 50.60 65.85
N SER F 276 -64.78 51.47 64.89
CA SER F 276 -64.43 52.88 64.96
C SER F 276 -65.12 53.54 66.15
N LYS F 277 -64.59 54.70 66.53
CA LYS F 277 -65.01 55.40 67.75
C LYS F 277 -65.17 56.88 67.46
N PRO F 278 -66.31 57.29 66.90
CA PRO F 278 -66.55 58.71 66.63
C PRO F 278 -66.90 59.48 67.90
N PHE F 279 -66.68 60.78 67.83
CA PHE F 279 -67.09 61.67 68.92
C PHE F 279 -68.61 61.77 68.97
N VAL F 280 -69.17 61.41 70.12
CA VAL F 280 -70.60 61.49 70.36
C VAL F 280 -70.91 62.88 70.89
N GLY F 281 -71.58 63.69 70.08
CA GLY F 281 -71.95 65.03 70.50
C GLY F 281 -73.41 65.09 70.91
N VAL F 282 -73.68 65.32 72.18
CA VAL F 282 -75.03 65.20 72.72
C VAL F 282 -75.57 66.58 73.00
N LEU F 283 -76.60 66.97 72.26
CA LEU F 283 -77.38 68.17 72.56
C LEU F 283 -78.30 67.86 73.74
N SER F 284 -78.05 68.55 74.85
CA SER F 284 -78.85 68.41 76.07
C SER F 284 -79.37 69.77 76.48
N ALA F 285 -80.35 69.75 77.39
CA ALA F 285 -81.02 70.94 77.89
C ALA F 285 -80.61 71.13 79.35
N GLY F 286 -79.71 72.07 79.59
CA GLY F 286 -79.28 72.39 80.93
C GLY F 286 -80.22 73.39 81.59
N ILE F 287 -80.55 73.13 82.85
CA ILE F 287 -81.31 74.04 83.67
C ILE F 287 -80.34 74.97 84.37
N ASN F 288 -80.65 76.27 84.40
CA ASN F 288 -79.76 77.23 85.04
C ASN F 288 -79.70 76.96 86.54
N ALA F 289 -78.51 77.08 87.11
CA ALA F 289 -78.29 76.77 88.52
C ALA F 289 -78.82 77.86 89.45
N ALA F 290 -79.11 79.05 88.93
CA ALA F 290 -79.73 80.10 89.72
C ALA F 290 -81.25 80.07 89.64
N SER F 291 -81.81 79.05 89.00
CA SER F 291 -83.25 78.99 88.78
C SER F 291 -83.98 78.61 90.06
N PRO F 292 -85.00 79.36 90.44
CA PRO F 292 -86.02 78.84 91.37
C PRO F 292 -87.19 78.13 90.69
N ASN F 293 -87.00 77.70 89.44
CA ASN F 293 -88.06 77.12 88.63
C ASN F 293 -87.76 75.67 88.29
N LYS F 294 -87.31 74.90 89.30
CA LYS F 294 -86.78 73.56 89.05
C LYS F 294 -87.86 72.60 88.57
N GLU F 295 -88.95 72.47 89.34
CA GLU F 295 -89.95 71.44 89.05
C GLU F 295 -90.72 71.74 87.77
N LEU F 296 -90.96 73.02 87.46
CA LEU F 296 -91.68 73.38 86.24
C LEU F 296 -90.90 72.94 85.01
N ALA F 297 -89.61 73.30 84.94
CA ALA F 297 -88.79 72.92 83.80
C ALA F 297 -88.54 71.42 83.76
N LYS F 298 -88.46 70.76 84.92
CA LYS F 298 -88.31 69.32 84.93
C LYS F 298 -89.56 68.63 84.36
N GLU F 299 -90.74 69.15 84.70
CA GLU F 299 -91.98 68.62 84.14
CA GLU F 299 -91.98 68.62 84.14
C GLU F 299 -92.03 68.85 82.63
N PHE F 300 -91.65 70.05 82.19
CA PHE F 300 -91.66 70.36 80.75
C PHE F 300 -90.67 69.49 80.00
N LEU F 301 -89.54 69.15 80.60
CA LEU F 301 -88.53 68.34 79.92
C LEU F 301 -88.91 66.86 79.92
N GLU F 302 -89.50 66.36 81.00
CA GLU F 302 -89.74 64.93 81.10
C GLU F 302 -91.08 64.51 80.49
N ASN F 303 -92.15 65.24 80.78
CA ASN F 303 -93.48 64.81 80.34
C ASN F 303 -93.87 65.39 78.99
N TYR F 304 -93.17 66.41 78.50
CA TYR F 304 -93.51 67.02 77.21
C TYR F 304 -92.37 66.94 76.20
N LEU F 305 -91.14 67.29 76.61
CA LEU F 305 -90.03 67.28 75.66
C LEU F 305 -89.57 65.87 75.33
N LEU F 306 -89.09 65.14 76.33
CA LEU F 306 -88.49 63.83 76.10
C LEU F 306 -89.53 62.72 76.04
N THR F 307 -90.55 62.95 75.21
CA THR F 307 -91.61 62.01 74.90
C THR F 307 -91.73 61.89 73.39
N ASP F 308 -92.70 61.12 72.92
CA ASP F 308 -92.85 60.95 71.48
C ASP F 308 -93.31 62.23 70.80
N GLU F 309 -94.34 62.89 71.36
CA GLU F 309 -94.94 64.02 70.66
C GLU F 309 -94.05 65.26 70.72
N GLY F 310 -93.24 65.42 71.77
CA GLY F 310 -92.38 66.59 71.83
C GLY F 310 -91.25 66.54 70.81
N LEU F 311 -90.54 65.40 70.76
CA LEU F 311 -89.52 65.22 69.73
C LEU F 311 -90.12 65.18 68.34
N GLU F 312 -91.35 64.69 68.21
CA GLU F 312 -92.03 64.74 66.91
C GLU F 312 -92.26 66.18 66.47
N ALA F 313 -92.80 67.01 67.38
CA ALA F 313 -93.09 68.40 67.07
C ALA F 313 -91.83 69.20 66.76
N VAL F 314 -90.73 68.92 67.46
CA VAL F 314 -89.52 69.65 67.12
C VAL F 314 -88.93 69.13 65.81
N ASN F 315 -89.09 67.83 65.51
CA ASN F 315 -88.52 67.28 64.28
C ASN F 315 -89.32 67.62 63.04
N LYS F 316 -90.57 68.06 63.18
CA LYS F 316 -91.30 68.50 61.98
C LYS F 316 -90.65 69.72 61.34
N ASP F 317 -90.03 70.59 62.14
CA ASP F 317 -89.33 71.74 61.56
C ASP F 317 -87.88 71.38 61.22
N LYS F 318 -87.10 70.97 62.22
CA LYS F 318 -85.73 70.55 62.01
C LYS F 318 -85.47 69.29 62.81
N PRO F 319 -84.92 68.24 62.20
CA PRO F 319 -84.74 66.98 62.92
C PRO F 319 -83.59 67.04 63.92
N LEU F 320 -83.50 65.98 64.72
CA LEU F 320 -82.43 65.82 65.69
C LEU F 320 -81.58 64.59 65.44
N GLY F 321 -81.84 63.85 64.38
CA GLY F 321 -81.02 62.69 64.07
C GLY F 321 -81.27 61.56 65.04
N ALA F 322 -80.22 61.13 65.72
CA ALA F 322 -80.34 60.18 66.81
C ALA F 322 -80.72 60.94 68.08
N VAL F 323 -81.81 60.52 68.72
CA VAL F 323 -82.27 61.18 69.94
C VAL F 323 -81.95 60.29 71.13
N ALA F 324 -82.23 60.77 72.33
CA ALA F 324 -81.93 60.03 73.55
C ALA F 324 -83.07 59.15 74.03
N LEU F 325 -84.32 59.49 73.71
CA LEU F 325 -85.46 58.71 74.17
C LEU F 325 -85.60 57.43 73.35
N LYS F 326 -85.82 56.31 74.04
CA LYS F 326 -85.74 55.01 73.39
C LYS F 326 -86.89 54.79 72.42
N SER F 327 -88.12 55.12 72.84
CA SER F 327 -89.27 54.90 71.96
C SER F 327 -89.20 55.77 70.71
N TYR F 328 -88.79 57.02 70.86
CA TYR F 328 -88.64 57.88 69.68
C TYR F 328 -87.46 57.44 68.82
N GLU F 329 -86.45 56.81 69.40
CA GLU F 329 -85.44 56.17 68.58
C GLU F 329 -86.00 55.00 67.79
N GLU F 330 -86.96 54.27 68.36
CA GLU F 330 -87.60 53.21 67.58
C GLU F 330 -88.49 53.78 66.48
N GLU F 331 -89.10 54.94 66.73
CA GLU F 331 -89.86 55.61 65.66
C GLU F 331 -88.95 56.09 64.54
N LEU F 332 -87.80 56.69 64.88
CA LEU F 332 -86.93 57.23 63.85
C LEU F 332 -85.97 56.20 63.24
N ALA F 333 -85.88 54.99 63.80
CA ALA F 333 -84.94 54.01 63.28
C ALA F 333 -85.36 53.43 61.92
N LYS F 334 -86.54 53.77 61.40
CA LYS F 334 -86.87 53.36 60.04
C LYS F 334 -86.04 54.12 59.01
N ASP F 335 -85.54 55.30 59.35
CA ASP F 335 -84.59 55.99 58.50
C ASP F 335 -83.22 55.39 58.76
N PRO F 336 -82.58 54.78 57.75
CA PRO F 336 -81.29 54.11 58.00
C PRO F 336 -80.16 55.05 58.41
N ARG F 337 -80.26 56.34 58.05
CA ARG F 337 -79.31 57.32 58.53
C ARG F 337 -79.36 57.41 60.05
N ILE F 338 -80.57 57.33 60.61
CA ILE F 338 -80.73 57.43 62.06
C ILE F 338 -80.17 56.19 62.75
N ALA F 339 -80.37 55.02 62.15
CA ALA F 339 -79.82 53.78 62.70
C ALA F 339 -78.30 53.80 62.66
N ALA F 340 -77.72 54.26 61.55
CA ALA F 340 -76.27 54.36 61.45
C ALA F 340 -75.73 55.36 62.47
N THR F 341 -76.43 56.48 62.66
CA THR F 341 -76.00 57.48 63.62
C THR F 341 -76.04 56.91 65.04
N MET F 342 -77.10 56.18 65.39
CA MET F 342 -77.18 55.68 66.77
C MET F 342 -76.18 54.55 67.01
N GLU F 343 -75.89 53.71 66.01
CA GLU F 343 -74.89 52.68 66.26
C GLU F 343 -73.47 53.26 66.34
N ASN F 344 -73.14 54.26 65.51
CA ASN F 344 -71.87 54.95 65.69
C ASN F 344 -71.80 55.70 67.00
N ALA F 345 -72.94 56.21 67.49
CA ALA F 345 -72.95 56.92 68.76
C ALA F 345 -72.78 55.96 69.94
N GLN F 346 -73.40 54.78 69.87
CA GLN F 346 -73.27 53.84 70.96
C GLN F 346 -71.92 53.12 70.96
N LYS F 347 -71.24 53.05 69.82
CA LYS F 347 -69.90 52.49 69.79
C LYS F 347 -68.82 53.57 69.78
N GLY F 348 -69.21 54.85 69.89
CA GLY F 348 -68.25 55.94 69.85
C GLY F 348 -67.79 56.39 71.22
N GLU F 349 -66.94 57.41 71.21
CA GLU F 349 -66.40 58.01 72.43
C GLU F 349 -67.16 59.29 72.74
N ILE F 350 -67.62 59.43 73.98
CA ILE F 350 -68.34 60.62 74.38
C ILE F 350 -67.36 61.79 74.47
N MET F 351 -67.81 62.97 74.07
CA MET F 351 -66.95 64.14 74.06
CA MET F 351 -66.95 64.15 74.06
C MET F 351 -66.62 64.57 75.49
N PRO F 352 -65.36 64.88 75.78
CA PRO F 352 -65.01 65.31 77.13
C PRO F 352 -65.54 66.69 77.47
N ASN F 353 -65.92 66.86 78.74
CA ASN F 353 -66.45 68.11 79.25
C ASN F 353 -65.41 68.97 79.94
N ILE F 354 -64.12 68.71 79.68
CA ILE F 354 -63.03 69.33 80.43
C ILE F 354 -62.28 70.31 79.55
N PRO F 355 -61.64 71.35 80.12
CA PRO F 355 -60.96 72.34 79.28
C PRO F 355 -59.63 71.88 78.71
N GLN F 356 -58.99 70.86 79.29
CA GLN F 356 -57.75 70.34 78.73
C GLN F 356 -57.95 69.81 77.32
N MET F 357 -59.17 69.41 76.99
CA MET F 357 -59.55 69.03 75.64
C MET F 357 -59.12 70.08 74.61
N SER F 358 -59.16 71.36 74.99
CA SER F 358 -58.70 72.43 74.09
C SER F 358 -57.25 72.21 73.67
N ALA F 359 -56.36 71.95 74.63
CA ALA F 359 -54.98 71.64 74.29
C ALA F 359 -54.89 70.37 73.47
N PHE F 360 -55.81 69.43 73.70
CA PHE F 360 -55.95 68.27 72.83
C PHE F 360 -56.11 68.70 71.37
N TRP F 361 -57.07 69.59 71.11
CA TRP F 361 -57.27 70.08 69.75
C TRP F 361 -56.11 70.93 69.26
N TYR F 362 -55.20 71.34 70.15
CA TYR F 362 -53.97 71.97 69.73
C TYR F 362 -52.82 70.98 69.60
N ALA F 363 -52.86 69.88 70.37
CA ALA F 363 -51.73 68.94 70.34
C ALA F 363 -51.86 67.94 69.19
N VAL F 364 -52.90 67.09 69.25
CA VAL F 364 -52.98 65.95 68.34
C VAL F 364 -53.18 66.38 66.89
N ARG F 365 -53.77 67.56 66.67
CA ARG F 365 -53.85 68.09 65.31
C ARG F 365 -52.46 68.24 64.71
N THR F 366 -51.53 68.86 65.46
CA THR F 366 -50.16 68.97 64.99
C THR F 366 -49.56 67.60 64.72
N ALA F 367 -50.01 66.58 65.46
CA ALA F 367 -49.56 65.21 65.22
C ALA F 367 -49.82 64.80 63.77
N VAL F 368 -51.05 64.99 63.29
CA VAL F 368 -51.29 64.60 61.90
C VAL F 368 -50.62 65.56 60.95
N ILE F 369 -50.34 66.80 61.39
CA ILE F 369 -49.57 67.72 60.55
C ILE F 369 -48.12 67.23 60.45
N ASN F 370 -47.66 66.46 61.42
CA ASN F 370 -46.37 65.79 61.28
C ASN F 370 -46.49 64.42 60.64
N ALA F 371 -47.71 63.90 60.48
CA ALA F 371 -47.90 62.55 59.97
C ALA F 371 -48.16 62.54 58.46
N ALA F 372 -49.23 63.19 58.02
CA ALA F 372 -49.56 63.22 56.60
C ALA F 372 -48.55 64.02 55.79
N SER F 373 -47.87 64.98 56.43
CA SER F 373 -46.80 65.71 55.78
C SER F 373 -45.46 64.99 55.87
N GLY F 374 -45.31 64.08 56.82
CA GLY F 374 -44.07 63.33 56.94
C GLY F 374 -42.90 64.10 57.51
N ARG F 375 -43.16 65.19 58.22
CA ARG F 375 -42.09 65.90 58.92
C ARG F 375 -41.54 65.06 60.05
N GLN F 376 -42.42 64.37 60.77
CA GLN F 376 -42.05 63.39 61.77
C GLN F 376 -42.60 62.03 61.37
N THR F 377 -42.32 61.03 62.19
CA THR F 377 -42.87 59.70 61.98
C THR F 377 -44.17 59.56 62.75
N VAL F 378 -44.66 58.32 62.91
CA VAL F 378 -45.86 58.07 63.70
C VAL F 378 -45.59 58.33 65.17
N ASP F 379 -44.58 57.63 65.72
CA ASP F 379 -44.31 57.71 67.15
C ASP F 379 -43.86 59.11 67.57
N GLU F 380 -43.06 59.77 66.72
CA GLU F 380 -42.61 61.12 67.04
C GLU F 380 -43.78 62.08 67.16
N ALA F 381 -44.69 62.06 66.19
CA ALA F 381 -45.85 62.95 66.22
C ALA F 381 -46.77 62.63 67.40
N LEU F 382 -46.99 61.34 67.68
CA LEU F 382 -47.93 61.01 68.75
C LEU F 382 -47.35 61.32 70.13
N LYS F 383 -46.05 61.10 70.35
CA LYS F 383 -45.51 61.48 71.66
C LYS F 383 -45.25 62.97 71.76
N ASP F 384 -45.17 63.70 70.64
CA ASP F 384 -45.19 65.15 70.72
C ASP F 384 -46.56 65.67 71.09
N ALA F 385 -47.62 65.01 70.60
CA ALA F 385 -48.96 65.33 71.04
C ALA F 385 -49.26 64.82 72.44
N GLN F 386 -48.43 63.90 72.96
CA GLN F 386 -48.66 63.35 74.29
C GLN F 386 -48.45 64.40 75.37
N THR F 387 -47.31 65.08 75.35
CA THR F 387 -47.01 66.10 76.35
C THR F 387 -47.78 67.38 76.04
N SER G 35 71.71 63.19 2.73
CA SER G 35 71.55 63.25 1.29
C SER G 35 72.90 63.26 0.58
N GLU G 36 73.87 62.54 1.19
CA GLU G 36 75.17 62.37 0.56
C GLU G 36 75.07 61.60 -0.75
N LEU G 37 74.10 60.70 -0.86
CA LEU G 37 73.77 60.03 -2.12
C LEU G 37 72.35 60.34 -2.54
N GLY G 38 71.71 61.32 -1.93
CA GLY G 38 70.32 61.61 -2.25
C GLY G 38 70.16 62.29 -3.59
N LYS G 39 71.02 63.27 -3.89
CA LYS G 39 71.01 63.85 -5.22
C LYS G 39 71.56 62.88 -6.24
N GLU G 40 72.42 61.96 -5.81
CA GLU G 40 72.83 60.85 -6.67
C GLU G 40 71.65 59.93 -6.98
N LEU G 41 70.64 59.90 -6.10
CA LEU G 41 69.40 59.23 -6.45
C LEU G 41 68.51 60.10 -7.31
N LEU G 42 68.55 61.42 -7.11
CA LEU G 42 67.72 62.32 -7.91
C LEU G 42 68.13 62.29 -9.37
N GLU G 43 69.44 62.22 -9.64
CA GLU G 43 69.88 62.21 -11.03
C GLU G 43 69.49 60.91 -11.74
N ALA G 44 69.57 59.79 -11.03
CA ALA G 44 69.16 58.53 -11.63
C ALA G 44 67.65 58.44 -11.76
N ALA G 45 66.91 59.10 -10.87
CA ALA G 45 65.47 59.13 -10.99
C ALA G 45 65.03 59.99 -12.16
N ARG G 46 65.74 61.10 -12.41
CA ARG G 46 65.49 61.89 -13.60
C ARG G 46 65.90 61.14 -14.86
N ALA G 47 66.95 60.31 -14.78
CA ALA G 47 67.53 59.70 -15.98
C ALA G 47 67.15 58.24 -16.18
N GLY G 48 66.78 57.51 -15.12
CA GLY G 48 66.37 56.14 -15.29
C GLY G 48 67.49 55.14 -15.52
N GLN G 49 68.31 54.91 -14.48
CA GLN G 49 69.34 53.87 -14.50
C GLN G 49 69.06 52.89 -13.36
N ASP G 50 68.64 51.67 -13.72
CA ASP G 50 68.45 50.63 -12.71
C ASP G 50 69.77 50.19 -12.11
N ASP G 51 70.85 50.23 -12.90
CA ASP G 51 72.16 49.88 -12.38
C ASP G 51 72.65 50.89 -11.35
N GLU G 52 72.45 52.18 -11.62
CA GLU G 52 72.90 53.21 -10.69
C GLU G 52 72.19 53.09 -9.35
N VAL G 53 70.87 52.91 -9.38
CA VAL G 53 70.13 52.78 -8.13
C VAL G 53 70.41 51.45 -7.46
N ARG G 54 70.73 50.40 -8.23
CA ARG G 54 71.14 49.13 -7.64
C ARG G 54 72.45 49.29 -6.87
N ILE G 55 73.40 50.04 -7.43
CA ILE G 55 74.66 50.27 -6.74
C ILE G 55 74.47 51.19 -5.55
N LEU G 56 73.57 52.18 -5.67
CA LEU G 56 73.33 53.08 -4.56
C LEU G 56 72.62 52.38 -3.41
N MET G 57 71.76 51.41 -3.70
CA MET G 57 71.21 50.57 -2.64
C MET G 57 72.21 49.53 -2.15
N ALA G 58 73.21 49.19 -2.95
CA ALA G 58 74.33 48.40 -2.43
C ALA G 58 75.17 49.21 -1.47
N ARG G 59 75.24 50.52 -1.65
CA ARG G 59 75.91 51.43 -0.74
C ARG G 59 74.97 52.00 0.32
N GLY G 60 73.70 51.67 0.27
CA GLY G 60 72.75 52.13 1.26
C GLY G 60 72.38 53.58 1.14
N ALA G 61 72.05 54.02 -0.06
CA ALA G 61 71.64 55.40 -0.27
C ALA G 61 70.26 55.65 0.33
N GLU G 62 70.08 56.82 0.92
CA GLU G 62 68.81 57.17 1.56
C GLU G 62 67.73 57.41 0.52
N VAL G 63 66.53 56.88 0.79
CA VAL G 63 65.44 56.91 -0.19
C VAL G 63 64.48 58.07 0.00
N ASN G 64 64.54 58.76 1.13
CA ASN G 64 63.62 59.85 1.43
C ASN G 64 64.26 61.21 1.23
N ALA G 65 65.05 61.36 0.17
CA ALA G 65 65.79 62.59 -0.10
C ALA G 65 64.84 63.64 -0.66
N ALA G 66 64.41 64.57 0.18
CA ALA G 66 63.53 65.66 -0.22
C ALA G 66 64.36 66.89 -0.57
N ASP G 67 64.00 67.53 -1.68
CA ASP G 67 64.64 68.78 -2.08
C ASP G 67 63.92 69.95 -1.40
N ASN G 68 64.22 71.17 -1.84
CA ASN G 68 63.62 72.35 -1.21
C ASN G 68 62.12 72.45 -1.48
N THR G 69 61.62 71.81 -2.53
CA THR G 69 60.21 71.87 -2.88
C THR G 69 59.49 70.54 -2.62
N GLY G 70 60.15 69.59 -1.97
CA GLY G 70 59.51 68.36 -1.55
C GLY G 70 59.58 67.22 -2.55
N THR G 71 60.30 67.38 -3.65
CA THR G 71 60.31 66.37 -4.69
C THR G 71 61.24 65.22 -4.30
N THR G 72 60.69 64.04 -4.17
CA THR G 72 61.41 62.85 -3.73
C THR G 72 61.95 62.10 -4.94
N PRO G 73 62.84 61.12 -4.73
CA PRO G 73 63.21 60.23 -5.85
C PRO G 73 62.04 59.43 -6.37
N LEU G 74 61.06 59.12 -5.51
CA LEU G 74 59.87 58.44 -5.99
C LEU G 74 59.04 59.32 -6.91
N HIS G 75 59.02 60.63 -6.67
CA HIS G 75 58.30 61.55 -7.54
C HIS G 75 58.87 61.54 -8.95
N LEU G 76 60.20 61.65 -9.06
CA LEU G 76 60.82 61.64 -10.37
C LEU G 76 60.73 60.26 -11.02
N ALA G 77 60.78 59.21 -10.20
CA ALA G 77 60.61 57.86 -10.74
C ALA G 77 59.23 57.69 -11.34
N ALA G 78 58.22 58.30 -10.71
CA ALA G 78 56.86 58.23 -11.25
C ALA G 78 56.71 59.10 -12.49
N TYR G 79 57.21 60.33 -12.43
CA TYR G 79 57.15 61.24 -13.56
C TYR G 79 57.85 60.68 -14.79
N SER G 80 58.93 59.92 -14.58
CA SER G 80 59.69 59.40 -15.71
C SER G 80 58.99 58.22 -16.36
N GLY G 81 58.46 57.29 -15.58
CA GLY G 81 57.76 56.16 -16.13
C GLY G 81 58.57 54.89 -16.25
N HIS G 82 59.58 54.71 -15.41
CA HIS G 82 60.34 53.47 -15.34
C HIS G 82 59.92 52.73 -14.08
N LEU G 83 59.32 51.55 -14.24
CA LEU G 83 58.72 50.85 -13.12
C LEU G 83 59.75 50.25 -12.18
N GLU G 84 60.96 49.96 -12.67
CA GLU G 84 61.94 49.23 -11.86
C GLU G 84 62.47 50.09 -10.71
N ILE G 85 62.78 51.35 -11.00
CA ILE G 85 63.27 52.23 -9.94
C ILE G 85 62.19 52.49 -8.90
N VAL G 86 60.93 52.58 -9.34
CA VAL G 86 59.82 52.69 -8.39
C VAL G 86 59.73 51.45 -7.52
N GLU G 87 59.87 50.27 -8.14
CA GLU G 87 59.77 49.02 -7.40
C GLU G 87 60.86 48.92 -6.34
N VAL G 88 62.10 49.26 -6.70
CA VAL G 88 63.16 49.12 -5.70
C VAL G 88 63.08 50.22 -4.66
N LEU G 89 62.60 51.41 -5.03
CA LEU G 89 62.39 52.46 -4.03
C LEU G 89 61.35 52.04 -3.01
N LEU G 90 60.28 51.38 -3.46
CA LEU G 90 59.31 50.85 -2.51
C LEU G 90 59.84 49.63 -1.77
N LYS G 91 60.80 48.92 -2.35
CA LYS G 91 61.43 47.82 -1.63
C LYS G 91 62.27 48.31 -0.48
N TYR G 92 62.88 49.49 -0.63
CA TYR G 92 63.66 50.07 0.45
C TYR G 92 62.86 51.05 1.30
N GLY G 93 61.55 51.09 1.13
CA GLY G 93 60.70 51.82 2.05
C GLY G 93 60.54 53.30 1.77
N ALA G 94 60.46 53.67 0.51
CA ALA G 94 60.19 55.06 0.17
C ALA G 94 58.74 55.41 0.52
N GLU G 95 58.49 56.69 0.78
CA GLU G 95 57.17 57.12 1.19
C GLU G 95 56.24 57.18 -0.02
N VAL G 96 55.12 56.48 0.07
CA VAL G 96 54.19 56.41 -1.04
C VAL G 96 53.28 57.62 -1.11
N ASN G 97 53.07 58.32 0.01
CA ASN G 97 52.13 59.42 0.10
C ASN G 97 52.82 60.73 0.46
N ALA G 98 54.00 60.95 -0.10
CA ALA G 98 54.76 62.16 0.18
C ALA G 98 54.22 63.31 -0.66
N ALA G 99 53.67 64.33 0.01
CA ALA G 99 53.12 65.48 -0.68
C ALA G 99 54.20 66.55 -0.84
N ASP G 100 54.19 67.21 -2.00
CA ASP G 100 55.11 68.30 -2.28
C ASP G 100 54.51 69.61 -1.75
N VAL G 101 55.11 70.74 -2.13
CA VAL G 101 54.57 72.03 -1.75
C VAL G 101 53.32 72.41 -2.52
N PHE G 102 53.01 71.68 -3.59
CA PHE G 102 51.78 71.88 -4.35
C PHE G 102 50.72 70.83 -4.03
N GLY G 103 51.05 69.81 -3.25
CA GLY G 103 50.11 68.80 -2.86
C GLY G 103 50.16 67.52 -3.67
N TYR G 104 50.94 67.48 -4.74
CA TYR G 104 51.00 66.30 -5.58
C TYR G 104 51.78 65.19 -4.88
N THR G 105 51.28 63.97 -5.04
CA THR G 105 51.93 62.73 -4.66
C THR G 105 52.43 62.04 -5.92
N PRO G 106 53.17 60.94 -5.79
CA PRO G 106 53.51 60.17 -6.99
C PRO G 106 52.31 59.64 -7.75
N LEU G 107 51.20 59.38 -7.06
CA LEU G 107 50.00 58.92 -7.75
C LEU G 107 49.41 60.00 -8.64
N HIS G 108 49.46 61.25 -8.19
CA HIS G 108 49.00 62.37 -9.01
C HIS G 108 49.78 62.46 -10.31
N LEU G 109 51.11 62.52 -10.22
CA LEU G 109 51.93 62.62 -11.41
C LEU G 109 51.81 61.40 -12.29
N ALA G 110 51.65 60.22 -11.70
CA ALA G 110 51.47 59.01 -12.50
C ALA G 110 50.16 59.06 -13.27
N ALA G 111 49.11 59.59 -12.65
CA ALA G 111 47.83 59.70 -13.33
C ALA G 111 47.85 60.77 -14.40
N TYR G 112 48.62 61.83 -14.20
CA TYR G 112 48.73 62.89 -15.20
C TYR G 112 49.35 62.35 -16.49
N TRP G 113 50.48 61.66 -16.38
CA TRP G 113 51.24 61.28 -17.56
C TRP G 113 50.81 59.95 -18.14
N GLY G 114 49.87 59.26 -17.51
CA GLY G 114 49.31 58.07 -18.12
C GLY G 114 50.21 56.87 -18.07
N HIS G 115 50.70 56.54 -16.89
CA HIS G 115 51.55 55.37 -16.68
C HIS G 115 50.76 54.38 -15.83
N LEU G 116 50.29 53.31 -16.47
CA LEU G 116 49.31 52.43 -15.83
C LEU G 116 49.96 51.57 -14.75
N GLU G 117 51.09 50.93 -15.07
CA GLU G 117 51.70 49.97 -14.17
C GLU G 117 52.15 50.62 -12.87
N ILE G 118 52.67 51.85 -12.94
CA ILE G 118 53.12 52.45 -11.70
C ILE G 118 51.93 52.94 -10.88
N VAL G 119 50.83 53.30 -11.52
CA VAL G 119 49.58 53.57 -10.80
C VAL G 119 49.14 52.33 -10.05
N GLU G 120 49.18 51.18 -10.72
CA GLU G 120 48.78 49.92 -10.09
C GLU G 120 49.67 49.59 -8.91
N VAL G 121 50.99 49.69 -9.05
CA VAL G 121 51.85 49.29 -7.94
C VAL G 121 51.86 50.32 -6.82
N LEU G 122 51.56 51.59 -7.11
CA LEU G 122 51.38 52.56 -6.03
C LEU G 122 50.13 52.25 -5.22
N LEU G 123 49.03 51.93 -5.92
CA LEU G 123 47.82 51.52 -5.21
C LEU G 123 48.03 50.21 -4.46
N LYS G 124 48.89 49.35 -4.97
CA LYS G 124 49.20 48.09 -4.31
C LYS G 124 50.01 48.29 -3.04
N ASN G 125 50.69 49.43 -2.91
CA ASN G 125 51.53 49.70 -1.75
C ASN G 125 50.89 50.71 -0.80
N GLY G 126 49.59 50.94 -0.92
CA GLY G 126 48.89 51.78 0.01
C GLY G 126 48.89 53.26 -0.32
N ALA G 127 48.80 53.61 -1.60
CA ALA G 127 48.64 55.00 -1.98
C ALA G 127 47.19 55.42 -1.76
N ASP G 128 47.01 56.62 -1.23
CA ASP G 128 45.67 57.12 -0.92
C ASP G 128 44.99 57.53 -2.22
N VAL G 129 43.87 56.90 -2.53
CA VAL G 129 43.24 57.06 -3.83
C VAL G 129 42.47 58.37 -3.94
N ASN G 130 42.10 58.98 -2.81
CA ASN G 130 41.35 60.22 -2.79
C ASN G 130 42.19 61.39 -2.29
N ALA G 131 43.46 61.41 -2.66
CA ALA G 131 44.36 62.48 -2.23
C ALA G 131 44.06 63.77 -2.98
N ARG G 132 43.91 64.86 -2.24
CA ARG G 132 43.63 66.17 -2.82
C ARG G 132 44.93 66.97 -2.95
N ASP G 133 45.02 67.76 -4.01
CA ASP G 133 46.14 68.66 -4.19
C ASP G 133 45.79 70.03 -3.63
N SER G 134 46.57 71.04 -4.00
CA SER G 134 46.25 72.42 -3.65
C SER G 134 44.91 72.86 -4.24
N ASP G 135 44.56 72.33 -5.41
CA ASP G 135 43.28 72.64 -6.05
C ASP G 135 42.14 71.75 -5.59
N GLY G 136 42.42 70.76 -4.76
CA GLY G 136 41.42 69.79 -4.40
C GLY G 136 41.17 68.75 -5.47
N MET G 137 42.03 68.66 -6.47
CA MET G 137 41.84 67.72 -7.56
C MET G 137 42.48 66.38 -7.20
N THR G 138 41.65 65.34 -7.16
CA THR G 138 42.10 63.98 -6.92
C THR G 138 42.77 63.45 -8.18
N PRO G 139 43.49 62.33 -8.08
CA PRO G 139 44.03 61.71 -9.31
C PRO G 139 42.96 61.33 -10.32
N LEU G 140 41.74 61.00 -9.86
CA LEU G 140 40.66 60.71 -10.78
C LEU G 140 40.27 61.93 -11.60
N HIS G 141 40.32 63.12 -10.99
CA HIS G 141 40.13 64.36 -11.76
C HIS G 141 41.12 64.43 -12.91
N LEU G 142 42.39 64.14 -12.65
CA LEU G 142 43.41 64.24 -13.68
C LEU G 142 43.18 63.22 -14.79
N ALA G 143 42.96 61.96 -14.40
CA ALA G 143 42.77 60.91 -15.39
C ALA G 143 41.50 61.10 -16.21
N ALA G 144 40.48 61.75 -15.65
CA ALA G 144 39.29 62.05 -16.43
C ALA G 144 39.51 63.28 -17.30
N LYS G 145 40.31 64.23 -16.84
CA LYS G 145 40.59 65.42 -17.63
C LYS G 145 41.47 65.11 -18.82
N TRP G 146 42.31 64.08 -18.75
CA TRP G 146 43.22 63.81 -19.84
C TRP G 146 42.81 62.62 -20.71
N GLY G 147 41.85 61.82 -20.28
CA GLY G 147 41.30 60.80 -21.14
C GLY G 147 41.95 59.44 -21.07
N HIS G 148 42.43 59.03 -19.90
CA HIS G 148 43.05 57.71 -19.72
C HIS G 148 42.01 56.76 -19.13
N LEU G 149 41.51 55.82 -19.94
CA LEU G 149 40.44 54.94 -19.49
C LEU G 149 40.92 53.97 -18.42
N GLU G 150 42.01 53.26 -18.70
CA GLU G 150 42.43 52.17 -17.81
C GLU G 150 42.83 52.68 -16.45
N ILE G 151 43.43 53.88 -16.40
CA ILE G 151 43.73 54.49 -15.12
C ILE G 151 42.45 54.80 -14.36
N VAL G 152 41.44 55.34 -15.06
CA VAL G 152 40.15 55.62 -14.43
C VAL G 152 39.54 54.35 -13.85
N GLU G 153 39.64 53.25 -14.59
CA GLU G 153 39.01 52.01 -14.12
C GLU G 153 39.75 51.42 -12.93
N VAL G 154 41.09 51.41 -12.96
CA VAL G 154 41.85 50.93 -11.82
C VAL G 154 41.63 51.83 -10.60
N LEU G 155 41.46 53.13 -10.81
CA LEU G 155 41.18 54.01 -9.69
C LEU G 155 39.79 53.77 -9.11
N LEU G 156 38.82 53.49 -9.98
CA LEU G 156 37.48 53.19 -9.51
C LEU G 156 37.44 51.88 -8.76
N ARG G 157 38.29 50.92 -9.13
CA ARG G 157 38.34 49.65 -8.42
C ARG G 157 38.79 49.82 -6.97
N TYR G 158 39.62 50.81 -6.69
CA TYR G 158 40.19 50.98 -5.36
C TYR G 158 39.41 51.98 -4.52
N GLY G 159 38.28 52.46 -4.99
CA GLY G 159 37.42 53.30 -4.19
C GLY G 159 37.54 54.78 -4.41
N ALA G 160 37.85 55.23 -5.62
CA ALA G 160 37.94 56.66 -5.88
C ALA G 160 36.56 57.29 -5.81
N ASP G 161 36.48 58.49 -5.23
CA ASP G 161 35.21 59.16 -5.02
C ASP G 161 34.75 59.79 -6.33
N VAL G 162 33.55 59.40 -6.77
CA VAL G 162 32.98 59.93 -8.00
C VAL G 162 32.51 61.36 -7.82
N GLU G 163 32.17 61.75 -6.59
CA GLU G 163 31.51 63.03 -6.34
C GLU G 163 32.46 64.08 -5.76
N ALA G 164 33.76 63.86 -5.85
CA ALA G 164 34.72 64.84 -5.35
C ALA G 164 34.72 66.08 -6.23
N GLN G 165 34.62 67.25 -5.60
CA GLN G 165 34.64 68.53 -6.29
C GLN G 165 35.93 69.27 -5.98
N ASP G 166 36.43 70.00 -6.98
CA ASP G 166 37.63 70.80 -6.81
C ASP G 166 37.23 72.22 -6.38
N LYS G 167 38.16 73.17 -6.46
CA LYS G 167 37.88 74.53 -6.04
C LYS G 167 36.80 75.21 -6.88
N PHE G 168 36.61 74.78 -8.12
CA PHE G 168 35.58 75.33 -8.99
C PHE G 168 34.26 74.61 -8.84
N GLY G 169 34.18 73.57 -8.02
CA GLY G 169 32.97 72.78 -7.95
C GLY G 169 32.80 71.82 -9.10
N LYS G 170 33.90 71.30 -9.65
CA LYS G 170 33.86 70.38 -10.78
C LYS G 170 34.09 68.96 -10.29
N THR G 171 33.23 68.05 -10.70
CA THR G 171 33.45 66.63 -10.51
C THR G 171 34.24 66.09 -11.69
N PRO G 172 34.82 64.89 -11.58
CA PRO G 172 35.50 64.30 -12.75
C PRO G 172 34.59 64.11 -13.95
N PHE G 173 33.29 63.93 -13.73
CA PHE G 173 32.34 63.85 -14.83
C PHE G 173 32.31 65.17 -15.61
N ASP G 174 32.38 66.29 -14.90
CA ASP G 174 32.41 67.59 -15.56
C ASP G 174 33.69 67.79 -16.34
N LEU G 175 34.83 67.39 -15.78
CA LEU G 175 36.08 67.53 -16.50
C LEU G 175 36.14 66.59 -17.70
N ALA G 176 35.42 65.48 -17.65
CA ALA G 176 35.41 64.58 -18.78
C ALA G 176 34.48 65.06 -19.90
N ILE G 177 33.38 65.73 -19.55
CA ILE G 177 32.55 66.26 -20.63
C ILE G 177 33.14 67.54 -21.19
N ASP G 178 33.88 68.31 -20.39
CA ASP G 178 34.46 69.54 -20.90
C ASP G 178 35.61 69.27 -21.87
N ASN G 179 36.24 68.11 -21.82
CA ASN G 179 37.36 67.79 -22.68
C ASN G 179 37.02 66.72 -23.71
N GLY G 180 35.75 66.36 -23.86
CA GLY G 180 35.34 65.47 -24.92
C GLY G 180 35.61 64.00 -24.69
N ASN G 181 35.83 63.58 -23.45
CA ASN G 181 36.06 62.16 -23.15
C ASN G 181 34.72 61.54 -22.79
N GLU G 182 33.97 61.17 -23.84
CA GLU G 182 32.58 60.79 -23.66
C GLU G 182 32.41 59.41 -23.05
N ASP G 183 33.32 58.48 -23.34
CA ASP G 183 33.19 57.15 -22.74
C ASP G 183 33.50 57.17 -21.25
N ILE G 184 34.47 57.99 -20.83
CA ILE G 184 34.73 58.17 -19.41
C ILE G 184 33.47 58.71 -18.71
N ALA G 185 32.85 59.73 -19.32
CA ALA G 185 31.65 60.30 -18.73
C ALA G 185 30.50 59.31 -18.70
N GLU G 186 30.43 58.42 -19.69
CA GLU G 186 29.41 57.38 -19.68
C GLU G 186 29.59 56.44 -18.49
N VAL G 187 30.82 55.98 -18.29
CA VAL G 187 31.12 55.09 -17.16
C VAL G 187 30.80 55.78 -15.84
N LEU G 188 31.23 57.03 -15.70
CA LEU G 188 31.04 57.76 -14.46
C LEU G 188 29.57 58.05 -14.19
N GLN G 189 28.76 58.21 -15.24
CA GLN G 189 27.37 58.51 -15.04
C GLN G 189 26.58 57.26 -14.67
N ALA G 190 26.85 56.16 -15.36
CA ALA G 190 26.14 54.92 -15.08
C ALA G 190 26.43 54.40 -13.68
N LEU G 191 27.69 54.55 -13.22
CA LEU G 191 28.04 54.06 -11.89
C LEU G 191 27.26 54.80 -10.81
N LEU G 192 27.22 56.13 -10.91
CA LEU G 192 26.51 56.95 -9.95
C LEU G 192 25.02 56.64 -9.96
N ALA G 193 24.46 56.39 -11.15
CA ALA G 193 23.03 56.14 -11.23
C ALA G 193 22.65 54.81 -10.59
N ILE G 194 23.47 53.78 -10.77
CA ILE G 194 23.15 52.50 -10.14
C ILE G 194 23.33 52.58 -8.63
N ASN G 195 24.32 53.32 -8.15
CA ASN G 195 24.47 53.44 -6.70
C ASN G 195 23.31 54.20 -6.07
N ARG G 196 22.82 55.23 -6.77
CA ARG G 196 21.65 55.94 -6.26
C ARG G 196 20.40 55.07 -6.27
N GLN G 197 20.26 54.19 -7.24
CA GLN G 197 19.12 53.29 -7.23
C GLN G 197 19.21 52.29 -6.08
N ILE G 198 20.42 51.84 -5.74
CA ILE G 198 20.57 50.96 -4.58
C ILE G 198 20.14 51.68 -3.30
N ASN G 199 20.60 52.92 -3.13
CA ASN G 199 20.20 53.67 -1.95
C ASN G 199 18.71 53.93 -1.91
N LEU G 200 18.09 54.15 -3.07
CA LEU G 200 16.66 54.41 -3.10
C LEU G 200 15.84 53.17 -2.78
N GLU G 201 16.31 51.98 -3.18
CA GLU G 201 15.61 50.78 -2.76
C GLU G 201 15.79 50.51 -1.28
N LEU G 202 16.96 50.84 -0.72
CA LEU G 202 17.12 50.67 0.73
C LEU G 202 16.27 51.66 1.51
N TYR G 203 16.04 52.85 0.97
CA TYR G 203 15.20 53.83 1.62
C TYR G 203 13.75 53.36 1.73
N ALA G 204 13.22 52.79 0.64
CA ALA G 204 11.82 52.42 0.60
C ALA G 204 11.50 51.28 1.55
N SER G 205 12.48 50.44 1.87
CA SER G 205 12.26 49.33 2.77
C SER G 205 12.05 49.81 4.20
N TYR G 206 12.72 50.91 4.56
CA TYR G 206 12.68 51.50 5.88
C TYR G 206 11.38 52.30 6.10
N VAL G 207 10.85 52.89 5.04
CA VAL G 207 9.54 53.52 5.10
C VAL G 207 8.45 52.49 5.37
N TYR G 208 8.54 51.34 4.72
CA TYR G 208 7.58 50.28 4.95
C TYR G 208 7.72 49.69 6.33
N LEU G 209 8.94 49.62 6.87
CA LEU G 209 9.11 49.19 8.24
C LEU G 209 8.42 50.15 9.21
N SER G 210 8.60 51.45 9.00
CA SER G 210 7.90 52.44 9.81
C SER G 210 6.39 52.27 9.74
N MET G 211 5.86 52.16 8.52
CA MET G 211 4.43 51.98 8.31
C MET G 211 3.92 50.74 9.01
N SER G 212 4.64 49.63 8.91
CA SER G 212 4.19 48.38 9.51
C SER G 212 4.11 48.49 11.02
N TYR G 213 5.13 49.06 11.65
CA TYR G 213 5.06 49.13 13.12
C TYR G 213 4.20 50.28 13.62
N TYR G 214 3.69 51.14 12.72
CA TYR G 214 2.65 52.06 13.15
C TYR G 214 1.32 51.34 13.36
N PHE G 215 1.05 50.31 12.58
CA PHE G 215 -0.27 49.70 12.54
C PHE G 215 -0.47 48.63 13.58
N ASP G 216 0.48 48.40 14.47
CA ASP G 216 0.23 47.50 15.59
C ASP G 216 0.44 48.20 16.93
N ARG G 217 0.44 49.53 16.95
CA ARG G 217 0.28 50.25 18.19
C ARG G 217 -1.08 49.92 18.80
N ASP G 218 -1.18 50.02 20.12
CA ASP G 218 -2.42 49.61 20.77
C ASP G 218 -3.60 50.55 20.50
N ASP G 219 -3.35 51.74 19.98
CA ASP G 219 -4.42 52.60 19.52
C ASP G 219 -4.63 52.56 18.02
N VAL G 220 -3.84 51.77 17.29
CA VAL G 220 -4.08 51.45 15.89
C VAL G 220 -4.01 49.94 15.79
N ALA G 221 -5.13 49.28 16.01
CA ALA G 221 -5.10 47.83 16.17
C ALA G 221 -5.51 47.12 14.87
N LEU G 222 -4.70 47.28 13.84
CA LEU G 222 -4.97 46.67 12.54
C LEU G 222 -3.82 45.74 12.16
N LYS G 223 -4.01 44.43 12.38
CA LYS G 223 -2.94 43.46 12.26
C LYS G 223 -2.57 43.14 10.82
N ASN G 224 -3.54 43.19 9.92
CA ASN G 224 -3.30 42.78 8.55
C ASN G 224 -2.65 43.90 7.74
N PHE G 225 -2.94 45.15 8.09
CA PHE G 225 -2.18 46.27 7.57
C PHE G 225 -0.69 46.13 7.92
N ALA G 226 -0.41 45.83 9.18
CA ALA G 226 0.97 45.69 9.64
C ALA G 226 1.67 44.53 8.94
N LYS G 227 0.96 43.42 8.76
CA LYS G 227 1.52 42.27 8.07
C LYS G 227 1.83 42.58 6.60
N TYR G 228 0.92 43.29 5.94
CA TYR G 228 1.11 43.71 4.55
C TYR G 228 2.35 44.58 4.39
N PHE G 229 2.52 45.56 5.26
CA PHE G 229 3.65 46.46 5.10
C PHE G 229 4.98 45.83 5.51
N LEU G 230 4.97 44.84 6.40
CA LEU G 230 6.20 44.10 6.65
C LEU G 230 6.61 43.27 5.42
N HIS G 231 5.62 42.70 4.74
CA HIS G 231 5.92 41.98 3.50
C HIS G 231 6.56 42.90 2.47
N GLN G 232 6.03 44.11 2.30
CA GLN G 232 6.61 45.04 1.34
C GLN G 232 8.03 45.43 1.73
N SER G 233 8.29 45.62 3.02
CA SER G 233 9.63 45.94 3.49
C SER G 233 10.65 44.89 3.06
N HIS G 234 10.30 43.62 3.24
CA HIS G 234 11.25 42.57 2.88
C HIS G 234 11.42 42.44 1.37
N GLU G 235 10.36 42.70 0.59
CA GLU G 235 10.50 42.68 -0.85
C GLU G 235 11.45 43.76 -1.35
N GLU G 236 11.38 44.95 -0.77
CA GLU G 236 12.30 46.00 -1.20
C GLU G 236 13.74 45.71 -0.81
N ARG G 237 13.94 45.06 0.34
CA ARG G 237 15.29 44.61 0.69
C ARG G 237 15.83 43.65 -0.36
N GLU G 238 14.98 42.76 -0.87
CA GLU G 238 15.40 41.86 -1.94
C GLU G 238 15.72 42.60 -3.24
N HIS G 239 14.95 43.62 -3.58
CA HIS G 239 15.25 44.41 -4.78
C HIS G 239 16.64 45.04 -4.71
N ALA G 240 16.96 45.62 -3.55
CA ALA G 240 18.27 46.24 -3.38
C ALA G 240 19.40 45.21 -3.50
N GLU G 241 19.19 44.03 -2.90
CA GLU G 241 20.23 43.01 -2.99
C GLU G 241 20.43 42.49 -4.41
N LYS G 242 19.37 42.43 -5.20
CA LYS G 242 19.52 42.08 -6.60
C LYS G 242 20.36 43.09 -7.36
N LEU G 243 20.14 44.38 -7.09
CA LEU G 243 20.96 45.38 -7.77
C LEU G 243 22.42 45.29 -7.35
N MET G 244 22.67 44.96 -6.08
CA MET G 244 24.04 44.79 -5.62
C MET G 244 24.73 43.59 -6.28
N LYS G 245 23.99 42.50 -6.45
CA LYS G 245 24.56 41.34 -7.14
C LYS G 245 24.87 41.65 -8.60
N LEU G 246 23.97 42.37 -9.28
CA LEU G 246 24.23 42.78 -10.66
C LEU G 246 25.48 43.64 -10.75
N GLN G 247 25.62 44.61 -9.85
CA GLN G 247 26.79 45.46 -9.88
C GLN G 247 28.07 44.67 -9.63
N ASN G 248 28.01 43.61 -8.83
CA ASN G 248 29.21 42.79 -8.65
C ASN G 248 29.52 41.93 -9.86
N GLN G 249 28.52 41.50 -10.63
CA GLN G 249 28.80 40.71 -11.83
C GLN G 249 29.46 41.52 -12.92
N ARG G 250 29.19 42.82 -13.00
CA ARG G 250 29.75 43.65 -14.05
C ARG G 250 31.16 44.14 -13.74
N GLY G 251 31.62 43.97 -12.51
CA GLY G 251 32.91 44.51 -12.13
C GLY G 251 32.88 45.95 -11.69
N GLY G 252 31.70 46.48 -11.37
CA GLY G 252 31.59 47.83 -10.86
C GLY G 252 31.78 47.89 -9.36
N ALA G 253 31.77 49.10 -8.84
CA ALA G 253 32.12 49.39 -7.46
C ALA G 253 30.88 49.82 -6.69
N ILE G 254 30.40 48.96 -5.80
CA ILE G 254 29.33 49.35 -4.88
C ILE G 254 29.85 50.40 -3.91
N SER G 255 29.03 51.41 -3.64
CA SER G 255 29.39 52.49 -2.74
C SER G 255 28.14 52.89 -1.98
N LEU G 256 28.11 52.62 -0.67
CA LEU G 256 26.92 52.79 0.14
C LEU G 256 26.93 54.13 0.85
N GLN G 257 25.74 54.69 1.05
CA GLN G 257 25.52 55.97 1.69
C GLN G 257 24.59 55.80 2.89
N ASP G 258 24.31 56.89 3.58
CA ASP G 258 23.35 56.86 4.67
C ASP G 258 21.95 56.58 4.15
N ILE G 259 21.16 55.91 4.98
CA ILE G 259 19.74 55.73 4.72
C ILE G 259 19.00 56.67 5.65
N LYS G 260 18.26 57.61 5.07
CA LYS G 260 17.59 58.64 5.85
C LYS G 260 16.28 58.14 6.41
N LYS G 261 15.88 58.71 7.55
CA LYS G 261 14.66 58.25 8.23
C LYS G 261 13.42 58.71 7.47
N PRO G 262 12.31 57.95 7.51
CA PRO G 262 11.06 58.27 6.82
C PRO G 262 10.52 59.63 7.23
N ASP G 263 9.56 60.12 6.43
CA ASP G 263 9.04 61.47 6.62
C ASP G 263 8.14 61.57 7.84
N CYS G 264 7.41 60.51 8.17
CA CYS G 264 6.55 60.49 9.33
C CYS G 264 6.95 59.36 10.26
N ASP G 265 6.73 59.59 11.55
CA ASP G 265 6.55 58.48 12.49
C ASP G 265 5.08 58.14 12.65
N ASP G 266 4.19 59.11 12.47
CA ASP G 266 2.76 58.91 12.67
C ASP G 266 2.05 59.08 11.32
N TRP G 267 1.70 57.97 10.73
CA TRP G 267 0.71 57.95 9.68
C TRP G 267 -0.66 58.17 10.33
N GLU G 268 -1.70 58.34 9.53
CA GLU G 268 -2.94 58.79 10.12
C GLU G 268 -4.10 57.80 10.01
N SER G 269 -4.08 56.93 9.03
CA SER G 269 -5.16 55.98 8.77
C SER G 269 -4.62 54.96 7.80
N GLY G 270 -5.45 53.97 7.47
CA GLY G 270 -5.08 53.05 6.41
C GLY G 270 -5.07 53.69 5.04
N LEU G 271 -6.03 54.60 4.80
CA LEU G 271 -6.11 55.30 3.53
C LEU G 271 -4.88 56.16 3.29
N ASN G 272 -4.48 56.93 4.30
CA ASN G 272 -3.37 57.85 4.13
C ASN G 272 -2.06 57.10 3.90
N ALA G 273 -1.87 55.99 4.59
CA ALA G 273 -0.66 55.20 4.39
C ALA G 273 -0.65 54.53 3.02
N MET G 274 -1.81 54.05 2.55
CA MET G 274 -1.88 53.50 1.21
C MET G 274 -1.57 54.55 0.15
N GLU G 275 -2.02 55.78 0.35
CA GLU G 275 -1.72 56.84 -0.61
C GLU G 275 -0.26 57.23 -0.59
N CYS G 276 0.36 57.23 0.58
CA CYS G 276 1.79 57.51 0.65
C CYS G 276 2.60 56.40 -0.01
N ALA G 277 2.18 55.15 0.17
CA ALA G 277 2.86 54.04 -0.49
C ALA G 277 2.73 54.11 -2.00
N LEU G 278 1.58 54.56 -2.51
CA LEU G 278 1.42 54.72 -3.94
C LEU G 278 2.35 55.81 -4.48
N HIS G 279 2.42 56.94 -3.79
CA HIS G 279 3.34 58.01 -4.18
C HIS G 279 4.79 57.54 -4.20
N LEU G 280 5.16 56.73 -3.21
CA LEU G 280 6.51 56.19 -3.13
C LEU G 280 6.84 55.30 -4.31
N GLU G 281 5.95 54.35 -4.63
CA GLU G 281 6.26 53.43 -5.72
C GLU G 281 6.26 54.13 -7.06
N LYS G 282 5.48 55.20 -7.21
CA LYS G 282 5.56 55.97 -8.45
C LYS G 282 6.91 56.67 -8.59
N ASN G 283 7.44 57.20 -7.48
CA ASN G 283 8.77 57.80 -7.53
C ASN G 283 9.84 56.79 -7.93
N VAL G 284 9.77 55.59 -7.35
CA VAL G 284 10.75 54.55 -7.67
C VAL G 284 10.67 54.17 -9.15
N ASN G 285 9.46 54.04 -9.68
CA ASN G 285 9.28 53.72 -11.10
C ASN G 285 9.86 54.80 -12.00
N GLN G 286 9.70 56.06 -11.62
CA GLN G 286 10.24 57.14 -12.45
C GLN G 286 11.77 57.11 -12.49
N SER G 287 12.39 56.83 -11.34
CA SER G 287 13.86 56.74 -11.37
C SER G 287 14.33 55.52 -12.15
N LEU G 288 13.57 54.43 -12.14
CA LEU G 288 13.94 53.28 -12.95
C LEU G 288 13.85 53.58 -14.44
N LEU G 289 12.86 54.38 -14.85
CA LEU G 289 12.75 54.75 -16.26
C LEU G 289 13.91 55.63 -16.68
N GLU G 290 14.35 56.54 -15.81
CA GLU G 290 15.52 57.34 -16.15
C GLU G 290 16.77 56.49 -16.26
N LEU G 291 16.90 55.49 -15.39
CA LEU G 291 18.04 54.57 -15.47
C LEU G 291 18.02 53.79 -16.78
N HIS G 292 16.85 53.38 -17.24
CA HIS G 292 16.75 52.65 -18.50
C HIS G 292 17.11 53.53 -19.69
N LYS G 293 16.70 54.79 -19.67
CA LYS G 293 17.05 55.69 -20.77
C LYS G 293 18.55 55.95 -20.80
N LEU G 294 19.16 56.09 -19.62
CA LEU G 294 20.61 56.26 -19.56
C LEU G 294 21.33 55.03 -20.09
N ALA G 295 20.84 53.84 -19.74
CA ALA G 295 21.44 52.60 -20.24
C ALA G 295 21.28 52.47 -21.74
N THR G 296 20.21 53.00 -22.30
CA THR G 296 20.04 52.92 -23.74
C THR G 296 20.94 53.90 -24.48
N ASP G 297 21.23 55.06 -23.87
CA ASP G 297 22.22 55.94 -24.47
C ASP G 297 23.62 55.37 -24.46
N CYS G 298 23.96 54.56 -23.46
CA CYS G 298 25.30 54.03 -23.29
C CYS G 298 25.52 52.74 -24.06
N ASN G 299 24.54 52.26 -24.81
CA ASN G 299 24.62 51.02 -25.59
C ASN G 299 24.95 49.82 -24.70
N ASP G 300 24.05 49.55 -23.76
CA ASP G 300 24.21 48.48 -22.79
C ASP G 300 22.95 47.61 -22.80
N PRO G 301 22.83 46.69 -23.76
CA PRO G 301 21.60 45.89 -23.84
C PRO G 301 21.38 44.98 -22.66
N HIS G 302 22.44 44.54 -21.98
CA HIS G 302 22.26 43.64 -20.85
C HIS G 302 21.62 44.35 -19.66
N LEU G 303 22.01 45.60 -19.42
CA LEU G 303 21.40 46.38 -18.36
C LEU G 303 19.94 46.69 -18.68
N CYS G 304 19.65 47.01 -19.93
CA CYS G 304 18.28 47.28 -20.34
C CYS G 304 17.39 46.08 -20.13
N ASP G 305 17.86 44.89 -20.54
CA ASP G 305 17.06 43.70 -20.36
C ASP G 305 16.92 43.33 -18.89
N PHE G 306 17.97 43.54 -18.10
CA PHE G 306 17.88 43.30 -16.65
C PHE G 306 16.79 44.18 -16.03
N ILE G 307 16.80 45.47 -16.35
CA ILE G 307 15.82 46.38 -15.78
C ILE G 307 14.41 46.00 -16.19
N GLU G 308 14.19 45.81 -17.49
CA GLU G 308 12.83 45.52 -17.92
C GLU G 308 12.37 44.10 -17.60
N THR G 309 13.26 43.18 -17.23
CA THR G 309 12.84 41.85 -16.83
C THR G 309 12.56 41.75 -15.33
N HIS G 310 13.35 42.39 -14.49
CA HIS G 310 13.16 42.22 -13.05
C HIS G 310 12.54 43.41 -12.35
N TYR G 311 12.34 44.54 -13.01
CA TYR G 311 11.92 45.72 -12.25
C TYR G 311 10.70 46.42 -12.83
N LEU G 312 10.57 46.46 -14.16
CA LEU G 312 9.56 47.32 -14.76
C LEU G 312 8.15 46.74 -14.69
N ASN G 313 8.01 45.43 -14.64
CA ASN G 313 6.69 44.82 -14.55
C ASN G 313 6.19 44.73 -13.11
N GLU G 314 7.12 44.56 -12.16
CA GLU G 314 6.76 44.56 -10.75
C GLU G 314 6.25 45.93 -10.32
N GLN G 315 6.84 47.00 -10.83
CA GLN G 315 6.37 48.34 -10.50
C GLN G 315 4.95 48.56 -11.00
N VAL G 316 4.65 48.08 -12.21
CA VAL G 316 3.32 48.24 -12.77
C VAL G 316 2.31 47.46 -11.95
N LYS G 317 2.65 46.23 -11.56
CA LYS G 317 1.77 45.45 -10.71
C LYS G 317 1.52 46.12 -9.37
N ALA G 318 2.56 46.67 -8.75
CA ALA G 318 2.41 47.28 -7.44
C ALA G 318 1.57 48.53 -7.51
N ILE G 319 1.73 49.33 -8.57
CA ILE G 319 0.97 50.56 -8.71
C ILE G 319 -0.51 50.23 -8.96
N LYS G 320 -0.77 49.19 -9.75
CA LYS G 320 -2.16 48.78 -9.98
C LYS G 320 -2.82 48.31 -8.68
N GLU G 321 -2.11 47.52 -7.89
CA GLU G 321 -2.68 47.01 -6.64
C GLU G 321 -2.91 48.11 -5.62
N LEU G 322 -1.98 49.05 -5.50
CA LEU G 322 -2.15 50.12 -4.54
C LEU G 322 -3.25 51.08 -4.93
N GLY G 323 -3.43 51.34 -6.23
CA GLY G 323 -4.56 52.14 -6.65
C GLY G 323 -5.89 51.44 -6.44
N ASP G 324 -5.93 50.13 -6.62
CA ASP G 324 -7.09 49.33 -6.22
C ASP G 324 -7.44 49.54 -4.76
N HIS G 325 -6.46 49.38 -3.87
CA HIS G 325 -6.71 49.55 -2.44
C HIS G 325 -7.22 50.94 -2.11
N VAL G 326 -6.66 51.96 -2.74
CA VAL G 326 -7.09 53.33 -2.43
C VAL G 326 -8.53 53.54 -2.86
N THR G 327 -8.91 53.11 -4.06
CA THR G 327 -10.28 53.40 -4.48
C THR G 327 -11.30 52.58 -3.69
N ASN G 328 -10.97 51.35 -3.32
CA ASN G 328 -11.92 50.59 -2.51
C ASN G 328 -12.08 51.21 -1.12
N LEU G 329 -10.98 51.64 -0.50
CA LEU G 329 -11.09 52.27 0.80
C LEU G 329 -11.86 53.58 0.73
N ARG G 330 -11.69 54.36 -0.34
CA ARG G 330 -12.46 55.58 -0.46
C ARG G 330 -13.94 55.32 -0.70
N LYS G 331 -14.28 54.27 -1.45
CA LYS G 331 -15.69 53.97 -1.68
C LYS G 331 -16.38 53.47 -0.43
N MET G 332 -15.69 52.66 0.38
CA MET G 332 -16.29 52.15 1.60
C MET G 332 -16.58 53.24 2.61
N GLY G 333 -15.93 54.40 2.51
CA GLY G 333 -16.20 55.51 3.37
C GLY G 333 -15.10 55.87 4.35
N ALA G 334 -13.91 55.36 4.18
CA ALA G 334 -12.78 55.67 5.04
C ALA G 334 -12.19 57.03 4.67
N PRO G 335 -11.52 57.72 5.61
CA PRO G 335 -11.11 57.38 6.97
C PRO G 335 -12.14 57.66 8.04
N GLU G 336 -13.15 58.47 7.74
CA GLU G 336 -14.13 58.88 8.72
C GLU G 336 -15.16 57.80 9.02
N SER G 337 -14.97 56.60 8.52
CA SER G 337 -15.74 55.44 8.94
C SER G 337 -14.76 54.41 9.49
N GLY G 338 -14.82 54.18 10.81
CA GLY G 338 -13.97 53.16 11.39
C GLY G 338 -14.41 51.75 11.07
N LEU G 339 -15.66 51.58 10.65
CA LEU G 339 -16.15 50.29 10.20
C LEU G 339 -15.54 49.90 8.86
N ALA G 340 -15.17 50.88 8.05
CA ALA G 340 -14.63 50.58 6.73
C ALA G 340 -13.24 49.98 6.80
N GLU G 341 -12.37 50.53 7.64
CA GLU G 341 -11.01 50.04 7.71
C GLU G 341 -10.94 48.68 8.41
N TYR G 342 -11.80 48.44 9.39
CA TYR G 342 -11.88 47.14 10.03
C TYR G 342 -12.25 46.05 9.03
N LEU G 343 -13.25 46.32 8.20
CA LEU G 343 -13.73 45.32 7.28
C LEU G 343 -12.81 45.16 6.08
N PHE G 344 -12.13 46.23 5.65
CA PHE G 344 -11.09 46.09 4.65
C PHE G 344 -9.94 45.24 5.18
N ASP G 345 -9.54 45.47 6.43
CA ASP G 345 -8.55 44.63 7.10
C ASP G 345 -8.94 43.17 7.06
N LYS G 346 -10.20 42.86 7.36
CA LYS G 346 -10.62 41.46 7.38
C LYS G 346 -10.68 40.86 5.98
N HIS G 347 -11.36 41.52 5.04
CA HIS G 347 -11.73 40.84 3.82
C HIS G 347 -10.70 40.95 2.70
N THR G 348 -9.99 42.06 2.59
CA THR G 348 -9.03 42.19 1.51
C THR G 348 -7.63 41.76 1.95
N LEU G 349 -7.18 42.24 3.10
CA LEU G 349 -5.85 41.92 3.57
C LEU G 349 -5.80 40.62 4.37
N GLY G 350 -6.95 40.08 4.73
CA GLY G 350 -7.00 38.85 5.49
C GLY G 350 -6.59 37.63 4.70
N LYS H 22 82.26 123.56 -23.15
CA LYS H 22 83.52 122.85 -23.38
C LYS H 22 83.36 121.81 -24.50
N ILE H 23 82.12 121.59 -24.92
CA ILE H 23 81.86 120.78 -26.12
C ILE H 23 82.23 121.61 -27.33
N GLU H 24 83.10 121.07 -28.18
CA GLU H 24 83.66 121.83 -29.29
C GLU H 24 82.65 122.01 -30.42
N GLU H 25 82.80 123.13 -31.14
CA GLU H 25 81.92 123.51 -32.22
C GLU H 25 82.54 123.19 -33.57
N GLY H 26 81.68 123.03 -34.58
CA GLY H 26 82.14 122.66 -35.91
C GLY H 26 82.71 121.27 -36.02
N LYS H 27 82.48 120.43 -35.01
CA LYS H 27 83.13 119.14 -34.89
C LYS H 27 82.22 118.22 -34.08
N LEU H 28 82.17 116.95 -34.47
CA LEU H 28 81.28 115.98 -33.85
C LEU H 28 82.09 114.80 -33.35
N VAL H 29 81.93 114.48 -32.07
CA VAL H 29 82.50 113.28 -31.47
C VAL H 29 81.36 112.45 -30.88
N ILE H 30 81.39 111.14 -31.13
CA ILE H 30 80.32 110.23 -30.76
C ILE H 30 80.94 109.11 -29.93
N TRP H 31 80.19 108.65 -28.93
CA TRP H 31 80.56 107.46 -28.17
C TRP H 31 79.50 106.37 -28.36
N ILE H 32 79.97 105.17 -28.66
CA ILE H 32 79.09 104.05 -28.99
C ILE H 32 79.76 102.76 -28.50
N ASN H 33 78.97 101.87 -27.91
CA ASN H 33 79.50 100.65 -27.34
C ASN H 33 80.02 99.72 -28.44
N GLY H 34 81.11 99.02 -28.13
CA GLY H 34 81.82 98.19 -29.09
C GLY H 34 81.15 96.89 -29.48
N ASP H 35 79.96 96.59 -28.98
CA ASP H 35 79.22 95.41 -29.41
C ASP H 35 78.34 95.69 -30.62
N LYS H 36 78.49 96.86 -31.23
CA LYS H 36 77.67 97.32 -32.33
C LYS H 36 78.56 97.54 -33.55
N GLY H 37 77.95 98.04 -34.63
CA GLY H 37 78.70 98.45 -35.78
C GLY H 37 79.23 99.86 -35.63
N TYR H 38 80.16 100.06 -34.69
CA TYR H 38 80.79 101.37 -34.52
C TYR H 38 81.63 101.73 -35.74
N ASN H 39 82.17 100.72 -36.44
CA ASN H 39 82.80 100.97 -37.71
C ASN H 39 81.78 101.47 -38.74
N GLY H 40 80.54 100.99 -38.65
CA GLY H 40 79.48 101.56 -39.48
C GLY H 40 79.18 103.01 -39.14
N LEU H 41 79.31 103.36 -37.86
CA LEU H 41 79.20 104.76 -37.47
C LEU H 41 80.34 105.58 -38.05
N ALA H 42 81.54 104.99 -38.13
CA ALA H 42 82.64 105.65 -38.83
C ALA H 42 82.33 105.80 -40.32
N GLU H 43 81.69 104.79 -40.91
CA GLU H 43 81.35 104.86 -42.34
CA GLU H 43 81.36 104.86 -42.34
C GLU H 43 80.33 105.96 -42.62
N VAL H 44 79.31 106.08 -41.77
CA VAL H 44 78.34 107.14 -42.01
C VAL H 44 78.96 108.50 -41.70
N GLY H 45 79.89 108.55 -40.75
CA GLY H 45 80.65 109.77 -40.53
C GLY H 45 81.43 110.20 -41.75
N LYS H 46 82.06 109.24 -42.45
CA LYS H 46 82.82 109.64 -43.64
C LYS H 46 81.93 109.94 -44.83
N LYS H 47 80.73 109.34 -44.94
CA LYS H 47 79.78 109.87 -45.92
C LYS H 47 79.49 111.33 -45.64
N PHE H 48 79.22 111.66 -44.37
CA PHE H 48 78.97 113.05 -43.99
C PHE H 48 80.16 113.94 -44.27
N GLU H 49 81.39 113.40 -44.15
CA GLU H 49 82.58 114.20 -44.42
C GLU H 49 82.74 114.47 -45.92
N LYS H 50 82.59 113.45 -46.76
CA LYS H 50 82.68 113.69 -48.20
C LYS H 50 81.55 114.55 -48.71
N ASP H 51 80.40 114.54 -48.05
CA ASP H 51 79.29 115.35 -48.56
C ASP H 51 79.32 116.80 -48.05
N THR H 52 79.61 117.02 -46.77
CA THR H 52 79.53 118.34 -46.18
C THR H 52 80.85 118.87 -45.65
N GLY H 53 81.89 118.06 -45.55
CA GLY H 53 83.18 118.52 -45.06
C GLY H 53 83.31 118.61 -43.57
N ILE H 54 82.31 118.18 -42.81
CA ILE H 54 82.33 118.28 -41.36
C ILE H 54 82.82 116.95 -40.79
N LYS H 55 83.90 117.01 -40.02
CA LYS H 55 84.56 115.80 -39.53
C LYS H 55 83.74 115.16 -38.42
N VAL H 56 83.63 113.84 -38.46
CA VAL H 56 82.95 113.05 -37.44
C VAL H 56 83.91 112.01 -36.90
N THR H 57 84.16 112.04 -35.59
CA THR H 57 84.99 111.05 -34.92
C THR H 57 84.11 110.21 -34.01
N VAL H 58 84.34 108.91 -34.00
CA VAL H 58 83.66 108.00 -33.10
C VAL H 58 84.69 107.30 -32.24
N GLU H 59 84.30 107.01 -31.00
CA GLU H 59 85.17 106.31 -30.05
C GLU H 59 84.35 105.27 -29.30
N HIS H 60 84.96 104.11 -29.08
CA HIS H 60 84.26 102.96 -28.50
C HIS H 60 85.07 102.36 -27.34
N PRO H 61 85.08 103.04 -26.19
CA PRO H 61 85.69 102.45 -24.99
C PRO H 61 84.66 101.71 -24.15
N ASP H 62 85.17 101.02 -23.14
CA ASP H 62 84.30 100.33 -22.21
C ASP H 62 83.62 101.32 -21.26
N LYS H 63 82.61 100.83 -20.55
CA LYS H 63 81.91 101.55 -19.48
C LYS H 63 81.34 102.89 -19.93
N LEU H 64 80.84 102.96 -21.16
CA LEU H 64 80.34 104.24 -21.68
C LEU H 64 79.11 104.74 -20.95
N GLU H 65 78.33 103.85 -20.34
CA GLU H 65 77.19 104.31 -19.56
C GLU H 65 77.63 104.83 -18.21
N GLU H 66 78.75 104.32 -17.71
CA GLU H 66 79.40 104.94 -16.55
C GLU H 66 80.06 106.26 -16.96
N LYS H 67 80.54 106.34 -18.20
CA LYS H 67 81.41 107.43 -18.62
C LYS H 67 80.65 108.67 -19.09
N PHE H 68 79.48 108.49 -19.70
CA PHE H 68 78.75 109.66 -20.22
C PHE H 68 78.24 110.59 -19.12
N PRO H 69 77.49 110.14 -18.09
CA PRO H 69 76.90 111.11 -17.16
C PRO H 69 77.92 111.81 -16.28
N GLN H 70 79.01 111.14 -15.92
CA GLN H 70 80.02 111.75 -15.07
C GLN H 70 80.78 112.87 -15.76
N VAL H 71 80.75 112.93 -17.09
CA VAL H 71 81.45 113.98 -17.81
C VAL H 71 80.41 114.99 -18.31
N ALA H 72 79.20 114.50 -18.58
CA ALA H 72 78.10 115.36 -19.00
C ALA H 72 77.60 116.24 -17.87
N ALA H 73 77.77 115.82 -16.61
CA ALA H 73 77.50 116.70 -15.49
C ALA H 73 78.52 117.81 -15.36
N THR H 74 79.68 117.68 -16.01
CA THR H 74 80.65 118.76 -16.12
C THR H 74 80.44 119.60 -17.36
N GLY H 75 79.67 119.12 -18.33
CA GLY H 75 79.46 119.84 -19.57
C GLY H 75 80.36 119.46 -20.71
N ASP H 76 80.90 118.24 -20.71
CA ASP H 76 81.79 117.79 -21.79
C ASP H 76 81.49 116.36 -22.18
N GLY H 77 82.41 115.74 -22.91
CA GLY H 77 82.27 114.36 -23.31
C GLY H 77 81.96 114.22 -24.77
N PRO H 78 80.92 113.45 -25.09
CA PRO H 78 80.53 113.28 -26.49
C PRO H 78 79.47 114.30 -26.88
N ASP H 79 79.04 114.24 -28.13
CA ASP H 79 77.81 114.94 -28.50
C ASP H 79 76.64 113.98 -28.58
N ILE H 80 76.85 112.80 -29.18
CA ILE H 80 75.81 111.80 -29.39
C ILE H 80 76.21 110.52 -28.68
N ILE H 81 75.22 109.82 -28.11
CA ILE H 81 75.46 108.55 -27.44
C ILE H 81 74.38 107.55 -27.84
N PHE H 82 74.81 106.36 -28.24
CA PHE H 82 73.92 105.28 -28.66
C PHE H 82 73.77 104.29 -27.51
N TRP H 83 72.59 104.25 -26.91
CA TRP H 83 72.36 103.37 -25.76
C TRP H 83 70.88 103.12 -25.59
N ALA H 84 70.54 102.30 -24.60
CA ALA H 84 69.15 102.02 -24.28
C ALA H 84 68.45 103.26 -23.75
N HIS H 85 67.13 103.31 -24.00
CA HIS H 85 66.34 104.50 -23.68
C HIS H 85 66.04 104.63 -22.20
N ASP H 86 66.09 103.53 -21.43
CA ASP H 86 65.62 103.58 -20.05
C ASP H 86 66.51 104.43 -19.15
N ARG H 87 67.81 104.42 -19.39
CA ARG H 87 68.69 105.33 -18.68
C ARG H 87 68.70 106.73 -19.30
N PHE H 88 68.12 106.88 -20.50
CA PHE H 88 68.05 108.20 -21.12
C PHE H 88 67.02 109.08 -20.42
N GLY H 89 65.84 108.53 -20.12
CA GLY H 89 64.81 109.30 -19.44
C GLY H 89 65.27 109.81 -18.09
N GLY H 90 65.98 108.97 -17.34
CA GLY H 90 66.62 109.44 -16.12
C GLY H 90 67.62 110.54 -16.40
N TYR H 91 68.44 110.38 -17.45
CA TYR H 91 69.31 111.47 -17.85
C TYR H 91 68.55 112.58 -18.55
N ALA H 92 67.28 112.35 -18.92
CA ALA H 92 66.42 113.46 -19.30
C ALA H 92 66.06 114.30 -18.09
N GLN H 93 66.05 113.69 -16.91
CA GLN H 93 65.90 114.46 -15.67
C GLN H 93 67.20 115.15 -15.30
N SER H 94 68.32 114.48 -15.48
CA SER H 94 69.61 114.91 -14.98
C SER H 94 70.23 116.05 -15.80
N GLY H 95 69.55 116.57 -16.80
CA GLY H 95 70.09 117.65 -17.60
C GLY H 95 71.27 117.25 -18.45
N LEU H 96 71.33 116.00 -18.89
CA LEU H 96 72.45 115.48 -19.67
C LEU H 96 72.08 115.11 -21.10
N LEU H 97 70.80 114.92 -21.39
CA LEU H 97 70.32 114.70 -22.75
C LEU H 97 69.57 115.94 -23.25
N ALA H 98 69.83 116.30 -24.51
CA ALA H 98 69.25 117.49 -25.10
C ALA H 98 67.86 117.19 -25.63
N GLU H 99 66.95 118.14 -25.41
CA GLU H 99 65.60 118.05 -25.97
C GLU H 99 65.68 118.25 -27.47
N ILE H 100 65.43 117.18 -28.23
CA ILE H 100 65.53 117.26 -29.68
C ILE H 100 64.30 117.96 -30.25
N THR H 101 64.44 118.49 -31.46
CA THR H 101 63.35 119.12 -32.18
C THR H 101 63.27 118.48 -33.57
N PRO H 102 62.60 117.34 -33.69
CA PRO H 102 62.37 116.75 -35.01
C PRO H 102 61.06 117.22 -35.62
N ASP H 103 60.98 117.08 -36.95
CA ASP H 103 59.79 117.46 -37.67
CA ASP H 103 59.78 117.46 -37.68
C ASP H 103 58.73 116.35 -37.63
N LYS H 104 57.52 116.69 -38.04
CA LYS H 104 56.42 115.72 -38.02
C LYS H 104 56.49 114.74 -39.18
N ALA H 105 57.00 115.18 -40.33
CA ALA H 105 57.20 114.25 -41.44
C ALA H 105 58.28 113.22 -41.12
N PHE H 106 59.33 113.65 -40.42
CA PHE H 106 60.33 112.69 -39.97
C PHE H 106 59.81 111.81 -38.84
N GLN H 107 58.85 112.33 -38.06
CA GLN H 107 58.18 111.48 -37.08
C GLN H 107 57.29 110.45 -37.76
N ASP H 108 56.78 110.77 -38.95
CA ASP H 108 56.09 109.77 -39.76
C ASP H 108 57.07 108.81 -40.42
N LYS H 109 58.29 109.28 -40.68
CA LYS H 109 59.32 108.41 -41.27
C LYS H 109 59.72 107.27 -40.34
N LEU H 110 59.58 107.44 -39.04
CA LEU H 110 59.85 106.41 -38.06
C LEU H 110 58.55 105.90 -37.45
N TYR H 111 58.65 104.78 -36.74
CA TYR H 111 57.49 104.26 -36.05
C TYR H 111 57.28 105.00 -34.73
N PRO H 112 56.04 105.40 -34.42
CA PRO H 112 55.82 106.20 -33.19
C PRO H 112 56.01 105.40 -31.91
N PHE H 113 55.77 104.08 -31.93
CA PHE H 113 56.01 103.28 -30.74
C PHE H 113 57.49 103.23 -30.38
N THR H 114 58.38 103.51 -31.34
CA THR H 114 59.77 103.76 -31.01
C THR H 114 59.93 105.13 -30.35
N TRP H 115 59.15 106.12 -30.79
CA TRP H 115 59.22 107.44 -30.18
C TRP H 115 58.69 107.46 -28.75
N ASP H 116 57.83 106.51 -28.38
CA ASP H 116 57.41 106.40 -26.99
C ASP H 116 58.51 105.90 -26.07
N ALA H 117 59.65 105.46 -26.61
CA ALA H 117 60.75 105.02 -25.77
C ALA H 117 61.55 106.17 -25.19
N VAL H 118 61.56 107.31 -25.86
CA VAL H 118 62.43 108.42 -25.51
C VAL H 118 61.61 109.61 -25.01
N ARG H 119 60.48 109.33 -24.37
CA ARG H 119 59.63 110.34 -23.77
C ARG H 119 59.98 110.50 -22.30
N TYR H 120 59.98 111.75 -21.84
CA TYR H 120 60.18 112.04 -20.42
C TYR H 120 59.67 113.45 -20.15
N ASN H 121 58.69 113.57 -19.24
CA ASN H 121 58.05 114.84 -18.89
C ASN H 121 57.49 115.54 -20.12
N GLY H 122 56.97 114.75 -21.06
CA GLY H 122 56.41 115.29 -22.28
C GLY H 122 57.42 115.71 -23.33
N LYS H 123 58.69 115.88 -22.97
CA LYS H 123 59.70 116.33 -23.91
C LYS H 123 60.34 115.14 -24.61
N LEU H 124 60.89 115.38 -25.79
CA LEU H 124 61.47 114.34 -26.62
C LEU H 124 62.98 114.52 -26.61
N ILE H 125 63.70 113.45 -26.31
CA ILE H 125 65.10 113.57 -25.91
C ILE H 125 66.09 112.92 -26.89
N ALA H 126 65.66 111.97 -27.71
CA ALA H 126 66.63 111.19 -28.48
C ALA H 126 65.91 110.58 -29.68
N TYR H 127 66.70 110.28 -30.71
CA TYR H 127 66.17 109.65 -31.91
C TYR H 127 66.33 108.14 -31.81
N PRO H 128 65.26 107.37 -31.89
CA PRO H 128 65.41 105.91 -31.82
C PRO H 128 65.99 105.35 -33.11
N ILE H 129 66.91 104.40 -32.97
CA ILE H 129 67.49 103.74 -34.13
C ILE H 129 67.08 102.28 -34.12
N ALA H 130 67.49 101.55 -33.08
CA ALA H 130 67.29 100.11 -33.03
C ALA H 130 66.23 99.76 -32.00
N VAL H 131 65.51 98.66 -32.24
CA VAL H 131 64.43 98.23 -31.39
C VAL H 131 64.60 96.73 -31.13
N GLU H 132 64.47 96.32 -29.87
CA GLU H 132 64.80 94.99 -29.43
C GLU H 132 63.59 94.36 -28.73
N ALA H 133 63.37 93.08 -29.01
CA ALA H 133 62.25 92.34 -28.45
C ALA H 133 62.54 90.85 -28.52
N LEU H 134 62.08 90.13 -27.52
CA LEU H 134 62.32 88.69 -27.44
C LEU H 134 61.31 87.94 -28.29
N SER H 135 61.78 86.93 -29.02
CA SER H 135 60.94 86.18 -29.94
C SER H 135 61.17 84.69 -29.74
N LEU H 136 60.29 83.88 -30.34
CA LEU H 136 60.36 82.44 -30.19
C LEU H 136 61.30 81.89 -31.25
N ILE H 137 62.24 81.05 -30.82
CA ILE H 137 63.17 80.38 -31.71
C ILE H 137 62.84 78.88 -31.63
N TYR H 138 62.61 78.28 -32.79
CA TYR H 138 62.14 76.89 -32.83
C TYR H 138 62.97 76.08 -33.81
N ASN H 139 63.19 74.82 -33.46
CA ASN H 139 63.72 73.84 -34.39
C ASN H 139 62.65 73.48 -35.40
N LYS H 140 62.95 73.66 -36.69
CA LYS H 140 61.97 73.33 -37.72
C LYS H 140 61.79 71.82 -37.87
N ASP H 141 62.81 71.05 -37.50
CA ASP H 141 62.73 69.60 -37.66
C ASP H 141 61.88 68.98 -36.56
N LEU H 142 62.14 69.35 -35.30
CA LEU H 142 61.37 68.79 -34.20
C LEU H 142 59.91 69.25 -34.24
N LEU H 143 59.66 70.44 -34.78
CA LEU H 143 58.28 70.88 -34.90
C LEU H 143 58.08 71.67 -36.19
N PRO H 144 57.45 71.07 -37.20
CA PRO H 144 57.24 71.80 -38.47
C PRO H 144 56.19 72.88 -38.40
N ASN H 145 55.30 72.84 -37.41
CA ASN H 145 54.18 73.77 -37.32
C ASN H 145 54.11 74.34 -35.91
N PRO H 146 54.55 75.58 -35.69
CA PRO H 146 54.55 76.13 -34.35
C PRO H 146 53.14 76.36 -33.85
N PRO H 147 52.93 76.34 -32.54
CA PRO H 147 51.61 76.66 -31.98
C PRO H 147 51.47 78.15 -31.68
N LYS H 148 50.22 78.59 -31.63
CA LYS H 148 49.90 79.99 -31.41
C LYS H 148 49.27 80.25 -30.05
N THR H 149 49.13 79.23 -29.22
CA THR H 149 48.59 79.38 -27.88
C THR H 149 49.54 78.79 -26.86
N TRP H 150 49.67 79.46 -25.71
CA TRP H 150 50.44 78.90 -24.61
C TRP H 150 49.73 77.68 -24.02
N GLU H 151 48.40 77.66 -24.08
CA GLU H 151 47.63 76.53 -23.60
C GLU H 151 47.91 75.26 -24.37
N GLU H 152 48.53 75.37 -25.56
CA GLU H 152 48.95 74.20 -26.32
C GLU H 152 50.27 73.63 -25.82
N ILE H 153 51.10 74.44 -25.17
CA ILE H 153 52.44 74.03 -24.77
C ILE H 153 52.48 72.84 -23.81
N PRO H 154 51.62 72.74 -22.78
CA PRO H 154 51.67 71.53 -21.94
C PRO H 154 51.41 70.24 -22.71
N ALA H 155 50.34 70.20 -23.50
CA ALA H 155 49.95 68.99 -24.21
C ALA H 155 51.08 68.51 -25.13
N LEU H 156 51.62 69.43 -25.95
CA LEU H 156 52.70 69.04 -26.86
C LEU H 156 53.95 68.61 -26.10
N ASP H 157 54.13 69.10 -24.88
CA ASP H 157 55.25 68.64 -24.06
C ASP H 157 55.13 67.14 -23.79
N LYS H 158 53.89 66.66 -23.62
CA LYS H 158 53.65 65.23 -23.45
C LYS H 158 54.14 64.43 -24.65
N GLU H 159 54.18 65.06 -25.83
CA GLU H 159 54.76 64.39 -26.98
C GLU H 159 56.27 64.28 -26.85
N LEU H 160 56.94 65.36 -26.43
CA LEU H 160 58.40 65.38 -26.56
C LEU H 160 59.09 64.48 -25.54
N LYS H 161 58.50 64.29 -24.36
CA LYS H 161 59.02 63.28 -23.44
C LYS H 161 58.89 61.88 -24.00
N ALA H 162 58.02 61.68 -24.99
CA ALA H 162 57.94 60.41 -25.70
C ALA H 162 59.05 60.25 -26.73
N LYS H 163 59.79 61.31 -27.04
CA LYS H 163 60.96 61.23 -27.90
C LYS H 163 62.25 61.52 -27.15
N GLY H 164 62.17 61.69 -25.82
CA GLY H 164 63.35 62.07 -25.07
C GLY H 164 63.71 63.54 -25.22
N LYS H 165 62.74 64.39 -25.53
CA LYS H 165 62.96 65.81 -25.75
C LYS H 165 62.16 66.62 -24.75
N SER H 166 62.47 67.91 -24.68
CA SER H 166 61.73 68.84 -23.84
C SER H 166 61.11 69.92 -24.70
N ALA H 167 59.96 70.43 -24.26
CA ALA H 167 59.24 71.41 -25.06
C ALA H 167 59.88 72.79 -24.96
N LEU H 168 59.94 73.35 -23.77
CA LEU H 168 60.41 74.71 -23.58
C LEU H 168 61.41 74.73 -22.44
N MET H 169 62.54 75.40 -22.64
CA MET H 169 63.56 75.56 -21.62
C MET H 169 64.20 76.93 -21.82
N PHE H 170 64.11 77.79 -20.80
CA PHE H 170 64.65 79.13 -20.89
C PHE H 170 65.10 79.56 -19.49
N ASN H 171 65.50 80.83 -19.38
CA ASN H 171 66.00 81.38 -18.12
C ASN H 171 64.83 81.78 -17.24
N LEU H 172 64.59 81.01 -16.18
CA LEU H 172 63.56 81.34 -15.20
C LEU H 172 64.07 82.24 -14.08
N GLN H 173 65.37 82.53 -14.06
CA GLN H 173 65.96 83.31 -12.98
C GLN H 173 65.81 84.81 -13.18
N GLU H 174 65.14 85.26 -14.25
CA GLU H 174 64.96 86.66 -14.52
C GLU H 174 63.49 86.98 -14.78
N PRO H 175 62.99 88.11 -14.29
CA PRO H 175 61.67 88.58 -14.73
C PRO H 175 61.65 89.03 -16.18
N TYR H 176 62.82 89.34 -16.75
CA TYR H 176 62.90 89.81 -18.13
C TYR H 176 62.42 88.75 -19.12
N PHE H 177 62.57 87.47 -18.78
CA PHE H 177 62.08 86.40 -19.63
C PHE H 177 60.60 86.12 -19.36
N THR H 178 60.19 86.17 -18.10
CA THR H 178 58.86 85.72 -17.72
C THR H 178 57.77 86.78 -17.91
N TRP H 179 58.14 88.05 -18.03
CA TRP H 179 57.16 89.13 -18.13
C TRP H 179 56.25 89.09 -19.36
N PRO H 180 56.66 88.56 -20.53
CA PRO H 180 55.68 88.39 -21.62
C PRO H 180 54.45 87.58 -21.23
N LEU H 181 54.62 86.46 -20.53
CA LEU H 181 53.48 85.61 -20.23
C LEU H 181 52.62 86.18 -19.10
N ILE H 182 53.25 86.57 -17.99
CA ILE H 182 52.49 86.95 -16.81
C ILE H 182 51.75 88.27 -17.01
N ALA H 183 52.33 89.19 -17.77
CA ALA H 183 51.75 90.50 -17.98
C ALA H 183 50.97 90.62 -19.27
N ALA H 184 50.67 89.49 -19.92
CA ALA H 184 50.00 89.55 -21.21
C ALA H 184 48.54 89.94 -21.09
N ASP H 185 47.86 89.44 -20.06
CA ASP H 185 46.42 89.59 -19.92
C ASP H 185 46.01 90.49 -18.76
N GLY H 186 46.83 91.50 -18.45
CA GLY H 186 46.44 92.44 -17.41
C GLY H 186 47.56 92.98 -16.54
N GLY H 187 48.75 92.39 -16.65
CA GLY H 187 49.88 92.90 -15.92
C GLY H 187 50.62 93.99 -16.68
N TYR H 188 51.21 94.92 -15.92
CA TYR H 188 51.99 96.01 -16.49
C TYR H 188 52.84 96.61 -15.37
N ALA H 189 54.12 96.87 -15.69
CA ALA H 189 55.09 97.27 -14.67
C ALA H 189 54.68 98.58 -13.99
N PHE H 190 54.63 99.67 -14.75
CA PHE H 190 54.15 100.96 -14.25
C PHE H 190 53.14 101.50 -15.24
N LYS H 191 52.12 102.21 -14.73
CA LYS H 191 51.17 102.84 -15.64
C LYS H 191 51.85 103.98 -16.40
N TYR H 192 51.84 103.88 -17.72
CA TYR H 192 52.58 104.77 -18.60
C TYR H 192 51.63 105.41 -19.60
N GLU H 193 51.39 106.72 -19.44
CA GLU H 193 50.48 107.44 -20.31
C GLU H 193 51.04 108.84 -20.56
N ASN H 194 50.88 109.33 -21.80
CA ASN H 194 51.27 110.69 -22.19
C ASN H 194 52.75 110.97 -21.94
N GLY H 195 53.59 109.94 -22.03
CA GLY H 195 55.00 110.10 -21.77
C GLY H 195 55.39 110.17 -20.31
N LYS H 196 54.52 109.74 -19.40
CA LYS H 196 54.77 109.81 -17.97
C LYS H 196 54.51 108.46 -17.32
N TYR H 197 55.44 108.02 -16.48
CA TYR H 197 55.30 106.78 -15.73
C TYR H 197 54.79 107.08 -14.33
N ASP H 198 53.63 106.50 -13.99
CA ASP H 198 53.05 106.74 -12.67
C ASP H 198 53.74 105.86 -11.63
N ILE H 199 54.19 106.47 -10.55
CA ILE H 199 54.97 105.75 -9.55
C ILE H 199 54.06 104.98 -8.60
N LYS H 200 52.89 105.54 -8.26
CA LYS H 200 51.92 104.88 -7.40
C LYS H 200 51.16 103.77 -8.11
N ASP H 201 51.46 103.49 -9.37
CA ASP H 201 50.63 102.59 -10.16
C ASP H 201 51.49 101.45 -10.71
N VAL H 202 52.15 100.74 -9.79
CA VAL H 202 52.90 99.52 -10.06
C VAL H 202 51.89 98.39 -10.17
N GLY H 203 51.64 97.91 -11.39
CA GLY H 203 50.65 96.88 -11.58
C GLY H 203 51.18 95.45 -11.51
N VAL H 204 51.07 94.82 -10.34
CA VAL H 204 51.28 93.38 -10.21
C VAL H 204 50.14 92.70 -9.46
N ASP H 205 49.28 93.45 -8.79
CA ASP H 205 48.11 92.90 -8.10
C ASP H 205 46.89 92.93 -9.01
N ASN H 206 47.05 92.29 -10.18
CA ASN H 206 46.01 92.24 -11.18
C ASN H 206 45.67 90.79 -11.51
N ALA H 207 44.44 90.59 -11.99
CA ALA H 207 43.98 89.24 -12.33
C ALA H 207 44.79 88.63 -13.46
N GLY H 208 45.29 89.45 -14.38
CA GLY H 208 46.13 88.94 -15.45
C GLY H 208 47.46 88.41 -14.95
N ALA H 209 48.10 89.13 -14.02
CA ALA H 209 49.33 88.64 -13.42
C ALA H 209 49.08 87.36 -12.64
N LYS H 210 47.94 87.27 -11.97
CA LYS H 210 47.55 86.04 -11.28
C LYS H 210 47.42 84.89 -12.27
N ALA H 211 46.75 85.12 -13.40
CA ALA H 211 46.55 84.06 -14.38
C ALA H 211 47.88 83.61 -14.98
N GLY H 212 48.76 84.56 -15.29
CA GLY H 212 50.05 84.19 -15.84
C GLY H 212 50.92 83.42 -14.86
N LEU H 213 50.91 83.83 -13.59
CA LEU H 213 51.74 83.11 -12.63
C LEU H 213 51.16 81.75 -12.28
N THR H 214 49.82 81.61 -12.27
CA THR H 214 49.24 80.28 -12.15
C THR H 214 49.57 79.40 -13.34
N PHE H 215 49.60 79.96 -14.56
CA PHE H 215 50.04 79.14 -15.69
C PHE H 215 51.50 78.73 -15.55
N LEU H 216 52.32 79.61 -14.98
CA LEU H 216 53.71 79.25 -14.71
C LEU H 216 53.80 78.10 -13.70
N VAL H 217 53.00 78.17 -12.63
CA VAL H 217 53.06 77.10 -11.64
C VAL H 217 52.41 75.82 -12.15
N ASP H 218 51.54 75.90 -13.17
CA ASP H 218 51.07 74.68 -13.80
C ASP H 218 52.13 74.09 -14.72
N LEU H 219 52.92 74.94 -15.37
CA LEU H 219 54.01 74.42 -16.18
C LEU H 219 55.12 73.83 -15.33
N ILE H 220 55.29 74.32 -14.10
CA ILE H 220 56.38 73.82 -13.27
C ILE H 220 55.92 72.68 -12.34
N LYS H 221 54.64 72.64 -11.96
CA LYS H 221 54.19 71.63 -11.02
C LYS H 221 54.18 70.25 -11.67
N ASN H 222 53.61 70.14 -12.86
CA ASN H 222 53.58 68.89 -13.60
C ASN H 222 54.89 68.58 -14.29
N LYS H 223 55.94 69.35 -13.99
CA LYS H 223 57.31 69.08 -14.42
C LYS H 223 57.46 69.13 -15.95
N HIS H 224 56.81 70.12 -16.57
CA HIS H 224 57.09 70.38 -17.97
C HIS H 224 58.47 70.99 -18.15
N MET H 225 58.85 71.88 -17.23
CA MET H 225 60.17 72.46 -17.18
C MET H 225 60.76 72.27 -15.79
N ASN H 226 61.96 72.77 -15.59
CA ASN H 226 62.61 72.77 -14.29
C ASN H 226 62.64 74.20 -13.73
N ALA H 227 62.76 74.28 -12.41
CA ALA H 227 62.75 75.58 -11.75
C ALA H 227 64.15 76.16 -11.59
N ASP H 228 65.16 75.30 -11.47
CA ASP H 228 66.54 75.75 -11.31
C ASP H 228 67.23 76.00 -12.64
N THR H 229 66.51 75.91 -13.75
CA THR H 229 67.12 76.16 -15.05
C THR H 229 67.38 77.65 -15.23
N ASP H 230 68.25 77.96 -16.18
CA ASP H 230 68.62 79.33 -16.49
C ASP H 230 68.98 79.41 -17.96
N TYR H 231 69.71 80.46 -18.32
CA TYR H 231 69.96 80.78 -19.72
C TYR H 231 70.98 79.84 -20.35
N SER H 232 72.02 79.46 -19.60
CA SER H 232 73.12 78.69 -20.17
CA SER H 232 73.12 78.69 -20.16
C SER H 232 72.68 77.30 -20.56
N ILE H 233 72.06 76.56 -19.63
CA ILE H 233 71.60 75.21 -19.92
C ILE H 233 70.58 75.22 -21.05
N ALA H 234 69.70 76.23 -21.04
CA ALA H 234 68.67 76.36 -22.08
C ALA H 234 69.29 76.53 -23.45
N GLU H 235 70.15 77.53 -23.62
CA GLU H 235 70.73 77.79 -24.93
C GLU H 235 71.66 76.67 -25.37
N ALA H 236 72.39 76.05 -24.43
CA ALA H 236 73.28 74.96 -24.80
C ALA H 236 72.50 73.73 -25.24
N ALA H 237 71.38 73.44 -24.57
CA ALA H 237 70.55 72.32 -24.97
C ALA H 237 69.86 72.58 -26.29
N PHE H 238 69.46 73.84 -26.55
CA PHE H 238 68.85 74.15 -27.83
C PHE H 238 69.87 74.09 -28.96
N ASN H 239 71.12 74.46 -28.69
CA ASN H 239 72.17 74.30 -29.70
C ASN H 239 72.42 72.84 -30.01
N LYS H 240 72.27 71.95 -29.02
CA LYS H 240 72.30 70.53 -29.31
C LYS H 240 71.00 70.04 -29.94
N GLY H 241 69.91 70.78 -29.78
CA GLY H 241 68.65 70.35 -30.32
C GLY H 241 67.86 69.43 -29.42
N GLU H 242 68.03 69.56 -28.10
CA GLU H 242 67.28 68.73 -27.16
C GLU H 242 65.93 69.34 -26.81
N THR H 243 65.91 70.61 -26.44
CA THR H 243 64.68 71.35 -26.26
C THR H 243 64.34 72.00 -27.60
N ALA H 244 63.05 71.99 -27.96
CA ALA H 244 62.64 72.48 -29.27
C ALA H 244 62.31 73.97 -29.29
N MET H 245 61.71 74.49 -28.22
CA MET H 245 61.31 75.89 -28.17
C MET H 245 62.26 76.67 -27.26
N THR H 246 62.50 77.93 -27.61
CA THR H 246 63.13 78.83 -26.66
C THR H 246 62.66 80.25 -26.97
N ILE H 247 62.91 81.15 -26.02
CA ILE H 247 62.58 82.56 -26.16
C ILE H 247 63.86 83.36 -25.97
N ASN H 248 64.16 84.21 -26.95
CA ASN H 248 65.44 84.90 -26.94
C ASN H 248 65.37 86.14 -27.81
N GLY H 249 66.24 87.10 -27.50
CA GLY H 249 66.39 88.29 -28.30
C GLY H 249 67.36 88.06 -29.44
N PRO H 250 67.99 89.12 -29.93
CA PRO H 250 68.92 88.98 -31.06
C PRO H 250 70.27 88.40 -30.68
N TRP H 251 70.72 88.64 -29.45
CA TRP H 251 72.12 88.43 -29.08
C TRP H 251 72.56 86.98 -29.19
N ALA H 252 71.63 86.02 -29.20
CA ALA H 252 71.99 84.61 -29.29
C ALA H 252 71.80 84.04 -30.68
N TRP H 253 71.31 84.83 -31.63
CA TRP H 253 70.99 84.34 -32.97
C TRP H 253 72.21 83.67 -33.61
N SER H 254 73.33 84.38 -33.65
CA SER H 254 74.56 83.83 -34.23
C SER H 254 75.00 82.57 -33.51
N ASN H 255 74.77 82.50 -32.20
CA ASN H 255 75.09 81.28 -31.45
C ASN H 255 74.30 80.09 -32.00
N ILE H 256 73.02 80.29 -32.31
CA ILE H 256 72.26 79.22 -32.92
C ILE H 256 72.75 78.97 -34.33
N ASP H 257 73.29 80.00 -34.99
CA ASP H 257 73.95 79.79 -36.28
C ASP H 257 75.27 79.05 -36.16
N THR H 258 75.79 78.85 -34.95
CA THR H 258 76.88 77.91 -34.77
C THR H 258 76.37 76.46 -34.74
N SER H 259 75.12 76.27 -34.34
CA SER H 259 74.57 74.92 -34.23
CA SER H 259 74.56 74.92 -34.23
C SER H 259 74.26 74.30 -35.58
N LYS H 260 74.05 75.12 -36.62
CA LYS H 260 73.64 74.69 -37.95
C LYS H 260 72.32 73.91 -37.92
N VAL H 261 71.54 74.08 -36.86
CA VAL H 261 70.22 73.48 -36.78
C VAL H 261 69.28 74.27 -37.68
N ASN H 262 68.48 73.56 -38.48
CA ASN H 262 67.52 74.24 -39.34
C ASN H 262 66.41 74.83 -38.47
N TYR H 263 66.56 76.10 -38.11
CA TYR H 263 65.67 76.73 -37.15
C TYR H 263 64.95 77.90 -37.78
N GLY H 264 63.82 78.27 -37.16
CA GLY H 264 63.08 79.45 -37.54
C GLY H 264 62.79 80.32 -36.32
N VAL H 265 62.34 81.54 -36.60
CA VAL H 265 62.00 82.51 -35.59
C VAL H 265 60.60 83.04 -35.87
N THR H 266 59.77 83.08 -34.84
CA THR H 266 58.40 83.57 -34.98
C THR H 266 57.99 84.34 -33.74
N VAL H 267 56.75 84.83 -33.78
CA VAL H 267 56.17 85.53 -32.64
C VAL H 267 55.84 84.53 -31.53
N LEU H 268 55.86 85.02 -30.30
CA LEU H 268 55.43 84.20 -29.18
C LEU H 268 53.93 83.92 -29.28
N PRO H 269 53.48 82.77 -28.79
CA PRO H 269 52.04 82.48 -28.80
C PRO H 269 51.26 83.46 -27.94
N THR H 270 49.99 83.63 -28.30
CA THR H 270 49.09 84.42 -27.47
C THR H 270 48.55 83.56 -26.34
N PHE H 271 48.01 84.21 -25.32
CA PHE H 271 47.55 83.52 -24.12
C PHE H 271 46.19 84.07 -23.72
N LYS H 272 45.18 83.20 -23.75
CA LYS H 272 43.78 83.55 -23.46
C LYS H 272 43.29 84.66 -24.38
N GLY H 273 43.86 84.74 -25.58
CA GLY H 273 43.57 85.80 -26.51
C GLY H 273 44.47 87.02 -26.39
N GLN H 274 44.94 87.31 -25.19
CA GLN H 274 45.85 88.44 -25.00
C GLN H 274 47.27 88.02 -25.38
N PRO H 275 47.89 88.66 -26.36
CA PRO H 275 49.23 88.26 -26.77
C PRO H 275 50.28 88.65 -25.75
N SER H 276 51.44 88.00 -25.85
CA SER H 276 52.55 88.23 -24.94
C SER H 276 53.06 89.66 -25.05
N LYS H 277 53.80 90.09 -24.04
CA LYS H 277 54.22 91.48 -23.89
C LYS H 277 55.69 91.53 -23.48
N PRO H 278 56.61 91.39 -24.42
CA PRO H 278 58.03 91.46 -24.08
C PRO H 278 58.49 92.90 -23.85
N PHE H 279 59.60 93.01 -23.12
CA PHE H 279 60.23 94.31 -22.92
C PHE H 279 60.85 94.80 -24.23
N VAL H 280 60.42 95.96 -24.67
CA VAL H 280 60.93 96.60 -25.87
C VAL H 280 62.13 97.45 -25.47
N GLY H 281 63.33 97.02 -25.87
CA GLY H 281 64.53 97.77 -25.56
C GLY H 281 65.00 98.56 -26.76
N VAL H 282 64.95 99.88 -26.68
CA VAL H 282 65.18 100.72 -27.85
C VAL H 282 66.54 101.40 -27.70
N LEU H 283 67.45 101.06 -28.58
CA LEU H 283 68.71 101.77 -28.72
C LEU H 283 68.45 103.09 -29.46
N SER H 284 68.66 104.20 -28.76
CA SER H 284 68.48 105.54 -29.30
C SER H 284 69.76 106.32 -29.13
N ALA H 285 69.84 107.44 -29.85
CA ALA H 285 71.00 108.32 -29.85
C ALA H 285 70.62 109.62 -29.17
N GLY H 286 71.06 109.76 -27.92
CA GLY H 286 70.82 110.97 -27.17
C GLY H 286 71.87 112.03 -27.46
N ILE H 287 71.40 113.27 -27.64
CA ILE H 287 72.26 114.43 -27.80
C ILE H 287 72.54 114.99 -26.41
N ASN H 288 73.79 115.34 -26.14
CA ASN H 288 74.15 115.88 -24.85
C ASN H 288 73.47 117.22 -24.64
N ALA H 289 72.98 117.46 -23.42
CA ALA H 289 72.24 118.67 -23.11
C ALA H 289 73.14 119.90 -22.95
N ALA H 290 74.45 119.71 -22.82
CA ALA H 290 75.39 120.81 -22.78
C ALA H 290 75.93 121.15 -24.15
N SER H 291 75.40 120.51 -25.20
CA SER H 291 75.93 120.68 -26.55
C SER H 291 75.50 122.02 -27.13
N PRO H 292 76.43 122.82 -27.66
CA PRO H 292 76.08 123.88 -28.62
C PRO H 292 76.05 123.41 -30.07
N ASN H 293 75.96 122.11 -30.31
CA ASN H 293 76.06 121.52 -31.64
C ASN H 293 74.75 120.86 -32.04
N LYS H 294 73.63 121.55 -31.79
CA LYS H 294 72.31 120.92 -31.91
C LYS H 294 71.98 120.58 -33.37
N GLU H 295 72.04 121.57 -34.25
CA GLU H 295 71.58 121.39 -35.63
C GLU H 295 72.47 120.45 -36.42
N LEU H 296 73.78 120.46 -36.15
CA LEU H 296 74.70 119.58 -36.85
C LEU H 296 74.38 118.11 -36.56
N ALA H 297 74.24 117.77 -35.28
CA ALA H 297 73.93 116.41 -34.91
C ALA H 297 72.52 116.01 -35.32
N LYS H 298 71.58 116.97 -35.31
CA LYS H 298 70.24 116.66 -35.78
C LYS H 298 70.24 116.35 -37.27
N GLU H 299 71.03 117.09 -38.05
CA GLU H 299 71.17 116.80 -39.47
CA GLU H 299 71.17 116.80 -39.47
C GLU H 299 71.81 115.44 -39.70
N PHE H 300 72.87 115.13 -38.93
CA PHE H 300 73.53 113.84 -39.07
C PHE H 300 72.61 112.69 -38.70
N LEU H 301 71.73 112.90 -37.72
CA LEU H 301 70.84 111.82 -37.28
C LEU H 301 69.66 111.64 -38.24
N GLU H 302 69.13 112.73 -38.77
CA GLU H 302 67.93 112.64 -39.57
C GLU H 302 68.21 112.35 -41.04
N ASN H 303 69.16 113.06 -41.65
CA ASN H 303 69.38 112.92 -43.08
C ASN H 303 70.42 111.87 -43.44
N TYR H 304 71.20 111.39 -42.48
CA TYR H 304 72.22 110.39 -42.74
C TYR H 304 72.03 109.11 -41.94
N LEU H 305 71.78 109.21 -40.63
CA LEU H 305 71.64 108.01 -39.81
C LEU H 305 70.31 107.31 -40.05
N LEU H 306 69.20 107.99 -39.76
CA LEU H 306 67.88 107.38 -39.80
C LEU H 306 67.30 107.40 -41.21
N THR H 307 68.09 106.93 -42.16
CA THR H 307 67.72 106.76 -43.56
C THR H 307 68.10 105.35 -43.98
N ASP H 308 67.89 105.03 -45.26
CA ASP H 308 68.19 103.68 -45.72
C ASP H 308 69.69 103.41 -45.72
N GLU H 309 70.48 104.34 -46.26
CA GLU H 309 71.90 104.04 -46.44
C GLU H 309 72.68 104.08 -45.12
N GLY H 310 72.23 104.88 -44.14
CA GLY H 310 72.93 104.91 -42.87
C GLY H 310 72.76 103.63 -42.07
N LEU H 311 71.51 103.18 -41.93
CA LEU H 311 71.28 101.91 -41.27
C LEU H 311 71.84 100.74 -42.08
N GLU H 312 71.89 100.86 -43.41
CA GLU H 312 72.54 99.84 -44.20
C GLU H 312 74.03 99.76 -43.89
N ALA H 313 74.70 100.91 -43.86
CA ALA H 313 76.13 100.95 -43.61
C ALA H 313 76.47 100.47 -42.21
N VAL H 314 75.63 100.78 -41.21
CA VAL H 314 75.94 100.25 -39.88
C VAL H 314 75.62 98.75 -39.80
N ASN H 315 74.62 98.28 -40.55
CA ASN H 315 74.26 96.87 -40.49
C ASN H 315 75.20 95.96 -41.29
N LYS H 316 76.01 96.52 -42.19
CA LYS H 316 77.00 95.68 -42.87
C LYS H 316 78.03 95.12 -41.89
N ASP H 317 78.36 95.87 -40.83
CA ASP H 317 79.28 95.34 -39.83
C ASP H 317 78.54 94.56 -38.75
N LYS H 318 77.61 95.21 -38.05
CA LYS H 318 76.80 94.55 -37.03
C LYS H 318 75.36 95.02 -37.20
N PRO H 319 74.40 94.09 -37.25
CA PRO H 319 73.00 94.48 -37.49
C PRO H 319 72.37 95.12 -36.27
N LEU H 320 71.17 95.66 -36.48
CA LEU H 320 70.37 96.25 -35.43
C LEU H 320 69.04 95.55 -35.22
N GLY H 321 68.76 94.48 -35.97
CA GLY H 321 67.52 93.75 -35.77
C GLY H 321 66.35 94.53 -36.29
N ALA H 322 65.39 94.80 -35.41
CA ALA H 322 64.29 95.69 -35.73
C ALA H 322 64.73 97.14 -35.52
N VAL H 323 64.58 97.96 -36.55
CA VAL H 323 65.00 99.36 -36.47
C VAL H 323 63.77 100.22 -36.34
N ALA H 324 63.95 101.53 -36.18
CA ALA H 324 62.85 102.45 -36.00
C ALA H 324 62.34 103.07 -37.30
N LEU H 325 63.19 103.17 -38.33
CA LEU H 325 62.78 103.77 -39.60
C LEU H 325 61.93 102.80 -40.39
N LYS H 326 60.80 103.30 -40.94
CA LYS H 326 59.80 102.44 -41.53
C LYS H 326 60.29 101.79 -42.82
N SER H 327 60.91 102.58 -43.70
CA SER H 327 61.38 102.04 -44.97
C SER H 327 62.47 101.00 -44.77
N TYR H 328 63.40 101.25 -43.85
CA TYR H 328 64.44 100.27 -43.57
C TYR H 328 63.87 99.04 -42.86
N GLU H 329 62.77 99.20 -42.12
CA GLU H 329 62.07 98.02 -41.63
C GLU H 329 61.46 97.22 -42.76
N GLU H 330 60.98 97.88 -43.82
CA GLU H 330 60.49 97.13 -44.97
C GLU H 330 61.63 96.44 -45.72
N GLU H 331 62.82 97.05 -45.73
CA GLU H 331 63.98 96.38 -46.32
C GLU H 331 64.40 95.16 -45.50
N LEU H 332 64.42 95.28 -44.18
CA LEU H 332 64.86 94.16 -43.35
C LEU H 332 63.79 93.14 -43.04
N ALA H 333 62.52 93.42 -43.36
CA ALA H 333 61.45 92.48 -43.04
C ALA H 333 61.46 91.22 -43.88
N LYS H 334 62.34 91.11 -44.89
CA LYS H 334 62.48 89.84 -45.60
C LYS H 334 63.14 88.77 -44.73
N ASP H 335 63.90 89.19 -43.72
CA ASP H 335 64.41 88.25 -42.74
C ASP H 335 63.31 88.00 -41.73
N PRO H 336 62.82 86.76 -41.58
CA PRO H 336 61.69 86.52 -40.67
C PRO H 336 62.01 86.77 -39.21
N ARG H 337 63.29 86.68 -38.82
CA ARG H 337 63.68 87.07 -37.48
C ARG H 337 63.35 88.54 -37.22
N ILE H 338 63.56 89.38 -38.21
CA ILE H 338 63.31 90.81 -38.06
C ILE H 338 61.81 91.07 -37.96
N ALA H 339 61.01 90.35 -38.74
CA ALA H 339 59.56 90.49 -38.67
C ALA H 339 59.02 90.04 -37.31
N ALA H 340 59.54 88.91 -36.80
CA ALA H 340 59.12 88.45 -35.49
C ALA H 340 59.54 89.44 -34.40
N THR H 341 60.74 90.01 -34.53
CA THR H 341 61.20 91.00 -33.55
C THR H 341 60.32 92.24 -33.57
N MET H 342 59.95 92.73 -34.76
CA MET H 342 59.14 93.95 -34.79
C MET H 342 57.71 93.71 -34.34
N GLU H 343 57.15 92.52 -34.60
CA GLU H 343 55.79 92.29 -34.10
C GLU H 343 55.77 92.09 -32.59
N ASN H 344 56.78 91.40 -32.02
CA ASN H 344 56.87 91.33 -30.56
C ASN H 344 57.16 92.70 -29.95
N ALA H 345 57.88 93.57 -30.67
CA ALA H 345 58.17 94.90 -30.16
C ALA H 345 56.92 95.79 -30.19
N GLN H 346 56.12 95.68 -31.25
CA GLN H 346 54.92 96.50 -31.34
C GLN H 346 53.81 95.99 -30.43
N LYS H 347 53.81 94.71 -30.07
CA LYS H 347 52.84 94.21 -29.11
C LYS H 347 53.41 94.11 -27.70
N GLY H 348 54.65 94.55 -27.48
CA GLY H 348 55.29 94.45 -26.19
C GLY H 348 55.14 95.70 -25.34
N GLU H 349 55.75 95.65 -24.15
CA GLU H 349 55.74 96.77 -23.22
C GLU H 349 57.07 97.50 -23.30
N ILE H 350 57.01 98.82 -23.44
CA ILE H 350 58.22 99.61 -23.50
C ILE H 350 58.89 99.64 -22.13
N MET H 351 60.21 99.61 -22.11
CA MET H 351 60.93 99.58 -20.85
CA MET H 351 60.95 99.58 -20.85
C MET H 351 60.81 100.92 -20.13
N PRO H 352 60.54 100.90 -18.83
CA PRO H 352 60.42 102.17 -18.09
C PRO H 352 61.75 102.88 -17.92
N ASN H 353 61.68 104.21 -17.96
CA ASN H 353 62.84 105.07 -17.83
C ASN H 353 63.03 105.59 -16.41
N ILE H 354 62.41 104.95 -15.43
CA ILE H 354 62.35 105.47 -14.06
C ILE H 354 63.20 104.62 -13.13
N PRO H 355 63.74 105.17 -12.03
CA PRO H 355 64.61 104.37 -11.17
C PRO H 355 63.88 103.38 -10.27
N GLN H 356 62.57 103.57 -10.02
CA GLN H 356 61.82 102.60 -9.22
C GLN H 356 61.82 101.23 -9.88
N MET H 357 61.99 101.18 -11.20
CA MET H 357 62.17 99.93 -11.94
C MET H 357 63.24 99.05 -11.30
N SER H 358 64.29 99.65 -10.73
CA SER H 358 65.31 98.87 -10.04
C SER H 358 64.71 98.03 -8.91
N ALA H 359 63.89 98.66 -8.04
CA ALA H 359 63.21 97.89 -7.00
C ALA H 359 62.28 96.85 -7.61
N PHE H 360 61.71 97.15 -8.78
CA PHE H 360 60.97 96.16 -9.55
C PHE H 360 61.81 94.91 -9.76
N TRP H 361 63.03 95.08 -10.29
CA TRP H 361 63.92 93.95 -10.51
C TRP H 361 64.40 93.33 -9.21
N TYR H 362 64.17 93.99 -8.08
CA TYR H 362 64.41 93.37 -6.78
C TYR H 362 63.15 92.76 -6.20
N ALA H 363 61.97 93.29 -6.55
CA ALA H 363 60.74 92.77 -5.94
C ALA H 363 60.22 91.54 -6.69
N VAL H 364 59.82 91.72 -7.95
CA VAL H 364 59.09 90.68 -8.66
C VAL H 364 59.95 89.45 -8.92
N ARG H 365 61.27 89.62 -9.00
CA ARG H 365 62.16 88.46 -9.08
C ARG H 365 61.95 87.54 -7.89
N THR H 366 61.96 88.10 -6.68
CA THR H 366 61.69 87.31 -5.49
C THR H 366 60.33 86.63 -5.58
N ALA H 367 59.38 87.26 -6.27
CA ALA H 367 58.08 86.66 -6.49
C ALA H 367 58.20 85.29 -7.14
N VAL H 368 58.95 85.20 -8.24
CA VAL H 368 59.07 83.89 -8.87
C VAL H 368 59.95 82.98 -8.03
N ILE H 369 60.83 83.55 -7.20
CA ILE H 369 61.60 82.72 -6.28
C ILE H 369 60.68 82.14 -5.21
N ASN H 370 59.55 82.78 -4.95
CA ASN H 370 58.53 82.17 -4.10
C ASN H 370 57.53 81.35 -4.89
N ALA H 371 57.55 81.43 -6.23
CA ALA H 371 56.56 80.75 -7.05
C ALA H 371 57.07 79.40 -7.56
N ALA H 372 58.17 79.40 -8.31
CA ALA H 372 58.71 78.15 -8.84
C ALA H 372 59.28 77.27 -7.75
N SER H 373 59.70 77.86 -6.63
CA SER H 373 60.15 77.09 -5.49
C SER H 373 59.00 76.67 -4.58
N GLY H 374 57.87 77.36 -4.66
CA GLY H 374 56.72 76.99 -3.85
C GLY H 374 56.83 77.35 -2.38
N ARG H 375 57.70 78.30 -2.04
CA ARG H 375 57.74 78.78 -0.66
C ARG H 375 56.47 79.55 -0.32
N GLN H 376 55.97 80.33 -1.26
CA GLN H 376 54.68 81.00 -1.17
C GLN H 376 53.80 80.53 -2.29
N THR H 377 52.57 81.05 -2.32
CA THR H 377 51.65 80.73 -3.40
C THR H 377 51.78 81.81 -4.49
N VAL H 378 50.82 81.86 -5.41
CA VAL H 378 50.81 82.90 -6.45
C VAL H 378 50.52 84.25 -5.84
N ASP H 379 49.39 84.37 -5.13
CA ASP H 379 48.95 85.65 -4.60
C ASP H 379 49.92 86.18 -3.54
N GLU H 380 50.46 85.29 -2.70
CA GLU H 380 51.41 85.71 -1.67
C GLU H 380 52.66 86.33 -2.29
N ALA H 381 53.24 85.65 -3.29
CA ALA H 381 54.43 86.17 -3.95
C ALA H 381 54.15 87.47 -4.68
N LEU H 382 53.00 87.56 -5.37
CA LEU H 382 52.76 88.76 -6.16
C LEU H 382 52.44 89.97 -5.28
N LYS H 383 51.71 89.78 -4.16
CA LYS H 383 51.49 90.93 -3.30
C LYS H 383 52.69 91.23 -2.41
N ASP H 384 53.62 90.29 -2.25
CA ASP H 384 54.90 90.63 -1.64
C ASP H 384 55.74 91.47 -2.58
N ALA H 385 55.67 91.16 -3.88
CA ALA H 385 56.34 92.01 -4.87
C ALA H 385 55.60 93.32 -5.09
N GLN H 386 54.34 93.41 -4.65
CA GLN H 386 53.55 94.62 -4.84
C GLN H 386 54.11 95.78 -4.04
N THR H 387 54.31 95.58 -2.74
CA THR H 387 54.83 96.62 -1.87
C THR H 387 56.33 96.79 -2.06
N SER I 35 -4.12 12.82 94.76
CA SER I 35 -2.77 13.37 94.61
C SER I 35 -1.87 12.87 95.73
N GLU I 36 -2.11 11.63 96.16
CA GLU I 36 -1.24 10.99 97.15
C GLU I 36 0.17 10.79 96.61
N LEU I 37 0.31 10.59 95.30
CA LEU I 37 1.60 10.59 94.64
C LEU I 37 1.70 11.69 93.59
N GLY I 38 0.76 12.65 93.60
CA GLY I 38 0.76 13.69 92.59
C GLY I 38 1.87 14.70 92.79
N LYS I 39 2.08 15.12 94.04
CA LYS I 39 3.22 15.98 94.32
C LYS I 39 4.53 15.21 94.22
N GLU I 40 4.47 13.90 94.45
CA GLU I 40 5.61 13.03 94.17
C GLU I 40 5.91 12.99 92.67
N LEU I 41 4.90 13.23 91.83
CA LEU I 41 5.16 13.43 90.42
C LEU I 41 5.64 14.85 90.12
N LEU I 42 5.15 15.83 90.88
CA LEU I 42 5.57 17.21 90.67
C LEU I 42 7.04 17.40 90.95
N GLU I 43 7.55 16.74 92.00
CA GLU I 43 8.97 16.90 92.33
C GLU I 43 9.86 16.25 91.27
N ALA I 44 9.46 15.10 90.74
CA ALA I 44 10.25 14.46 89.69
C ALA I 44 10.12 15.22 88.38
N ALA I 45 8.99 15.88 88.15
CA ALA I 45 8.84 16.69 86.95
C ALA I 45 9.70 17.95 87.03
N ARG I 46 9.80 18.53 88.22
CA ARG I 46 10.73 19.64 88.41
C ARG I 46 12.18 19.18 88.31
N ALA I 47 12.47 17.95 88.74
CA ALA I 47 13.85 17.50 88.85
C ALA I 47 14.31 16.57 87.74
N GLY I 48 13.40 15.87 87.06
CA GLY I 48 13.80 15.03 85.96
C GLY I 48 14.43 13.70 86.35
N GLN I 49 13.64 12.80 86.93
CA GLN I 49 14.06 11.43 87.23
C GLN I 49 13.15 10.46 86.49
N ASP I 50 13.69 9.80 85.46
CA ASP I 50 12.93 8.78 84.75
C ASP I 50 12.68 7.57 85.64
N ASP I 51 13.61 7.26 86.54
CA ASP I 51 13.43 6.14 87.46
C ASP I 51 12.31 6.41 88.46
N GLU I 52 12.24 7.64 88.98
CA GLU I 52 11.20 7.98 89.95
C GLU I 52 9.81 7.86 89.32
N VAL I 53 9.65 8.41 88.11
CA VAL I 53 8.34 8.33 87.47
C VAL I 53 8.06 6.92 86.98
N ARG I 54 9.08 6.13 86.66
CA ARG I 54 8.87 4.73 86.32
C ARG I 54 8.34 3.95 87.52
N ILE I 55 8.88 4.22 88.71
CA ILE I 55 8.38 3.56 89.92
C ILE I 55 6.99 4.07 90.28
N LEU I 56 6.73 5.37 90.08
CA LEU I 56 5.42 5.91 90.39
C LEU I 56 4.35 5.37 89.46
N MET I 57 4.70 5.12 88.19
CA MET I 57 3.78 4.42 87.30
C MET I 57 3.72 2.94 87.59
N ALA I 58 4.75 2.36 88.22
CA ALA I 58 4.61 1.00 88.72
C ALA I 58 3.65 0.94 89.90
N ARG I 59 3.55 2.03 90.67
CA ARG I 59 2.60 2.14 91.75
C ARG I 59 1.29 2.79 91.31
N GLY I 60 1.18 3.21 90.05
CA GLY I 60 -0.05 3.77 89.53
C GLY I 60 -0.32 5.18 90.03
N ALA I 61 0.68 6.05 89.95
CA ALA I 61 0.49 7.44 90.35
C ALA I 61 -0.39 8.17 89.35
N GLU I 62 -1.24 9.05 89.86
CA GLU I 62 -2.15 9.79 89.01
C GLU I 62 -1.41 10.85 88.20
N VAL I 63 -1.75 10.96 86.91
CA VAL I 63 -1.01 11.83 86.00
C VAL I 63 -1.63 13.21 85.84
N ASN I 64 -2.86 13.42 86.29
CA ASN I 64 -3.56 14.69 86.12
C ASN I 64 -3.55 15.50 87.40
N ALA I 65 -2.43 15.53 88.10
CA ALA I 65 -2.33 16.20 89.39
C ALA I 65 -2.19 17.71 89.17
N ALA I 66 -3.28 18.44 89.34
CA ALA I 66 -3.28 19.89 89.18
C ALA I 66 -3.08 20.56 90.53
N ASP I 67 -2.23 21.57 90.56
CA ASP I 67 -2.01 22.36 91.77
C ASP I 67 -3.05 23.47 91.82
N ASN I 68 -2.86 24.44 92.73
CA ASN I 68 -3.82 25.52 92.89
C ASN I 68 -3.86 26.46 91.68
N THR I 69 -2.79 26.50 90.88
CA THR I 69 -2.73 27.37 89.71
C THR I 69 -2.81 26.60 88.40
N GLY I 70 -3.10 25.31 88.45
CA GLY I 70 -3.33 24.53 87.26
C GLY I 70 -2.11 23.86 86.66
N THR I 71 -0.96 23.92 87.33
CA THR I 71 0.27 23.40 86.75
C THR I 71 0.31 21.89 86.92
N THR I 72 0.37 21.18 85.81
CA THR I 72 0.34 19.72 85.78
C THR I 72 1.76 19.18 85.78
N PRO I 73 1.93 17.87 86.01
CA PRO I 73 3.26 17.28 85.80
C PRO I 73 3.74 17.39 84.37
N LEU I 74 2.82 17.41 83.40
CA LEU I 74 3.22 17.61 82.02
C LEU I 74 3.76 19.01 81.79
N HIS I 75 3.22 20.00 82.49
CA HIS I 75 3.72 21.36 82.36
C HIS I 75 5.17 21.47 82.80
N LEU I 76 5.49 20.89 83.97
CA LEU I 76 6.86 20.95 84.44
C LEU I 76 7.78 20.06 83.61
N ALA I 77 7.25 18.95 83.09
CA ALA I 77 8.03 18.11 82.20
C ALA I 77 8.41 18.85 80.93
N ALA I 78 7.48 19.69 80.44
CA ALA I 78 7.77 20.49 79.25
C ALA I 78 8.73 21.62 79.57
N TYR I 79 8.50 22.34 80.66
CA TYR I 79 9.36 23.44 81.07
C TYR I 79 10.79 22.96 81.33
N SER I 80 10.95 21.73 81.81
CA SER I 80 12.28 21.24 82.14
C SER I 80 13.06 20.83 80.89
N GLY I 81 12.41 20.14 79.96
CA GLY I 81 13.07 19.74 78.75
C GLY I 81 13.62 18.33 78.73
N HIS I 82 13.03 17.42 79.50
CA HIS I 82 13.39 16.01 79.46
C HIS I 82 12.26 15.28 78.73
N LEU I 83 12.58 14.68 77.57
CA LEU I 83 11.55 14.11 76.73
C LEU I 83 10.96 12.82 77.29
N GLU I 84 11.71 12.09 78.12
CA GLU I 84 11.27 10.78 78.56
C GLU I 84 10.08 10.86 79.51
N ILE I 85 10.12 11.80 80.44
CA ILE I 85 9.00 11.96 81.38
C ILE I 85 7.75 12.42 80.63
N VAL I 86 7.92 13.28 79.61
CA VAL I 86 6.80 13.68 78.77
C VAL I 86 6.24 12.47 78.04
N GLU I 87 7.11 11.63 77.49
CA GLU I 87 6.66 10.46 76.75
C GLU I 87 5.86 9.52 77.63
N VAL I 88 6.35 9.25 78.84
CA VAL I 88 5.62 8.30 79.69
C VAL I 88 4.35 8.93 80.26
N LEU I 89 4.36 10.25 80.48
CA LEU I 89 3.14 10.92 80.91
C LEU I 89 2.06 10.83 79.84
N LEU I 90 2.45 10.98 78.57
CA LEU I 90 1.49 10.78 77.49
C LEU I 90 1.14 9.32 77.29
N LYS I 91 2.04 8.41 77.68
CA LYS I 91 1.71 6.98 77.63
C LYS I 91 0.64 6.62 78.64
N TYR I 92 0.62 7.30 79.79
CA TYR I 92 -0.40 7.05 80.79
C TYR I 92 -1.58 8.02 80.68
N GLY I 93 -1.67 8.77 79.60
CA GLY I 93 -2.86 9.54 79.31
C GLY I 93 -2.95 10.90 79.98
N ALA I 94 -1.83 11.61 80.08
CA ALA I 94 -1.87 12.96 80.60
C ALA I 94 -2.54 13.88 79.58
N GLU I 95 -3.12 14.97 80.09
CA GLU I 95 -3.85 15.89 79.22
C GLU I 95 -2.87 16.77 78.45
N VAL I 96 -2.99 16.75 77.12
CA VAL I 96 -2.06 17.50 76.28
C VAL I 96 -2.45 18.97 76.19
N ASN I 97 -3.71 19.32 76.43
CA ASN I 97 -4.21 20.67 76.23
C ASN I 97 -4.73 21.26 77.54
N ALA I 98 -4.03 20.99 78.63
CA ALA I 98 -4.43 21.50 79.94
C ALA I 98 -3.99 22.95 80.09
N ALA I 99 -4.95 23.85 80.21
CA ALA I 99 -4.65 25.27 80.36
C ALA I 99 -4.54 25.62 81.84
N ASP I 100 -3.58 26.49 82.15
CA ASP I 100 -3.39 26.98 83.51
C ASP I 100 -4.31 28.18 83.75
N VAL I 101 -4.08 28.89 84.86
CA VAL I 101 -4.85 30.11 85.13
C VAL I 101 -4.41 31.27 84.25
N PHE I 102 -3.27 31.15 83.58
CA PHE I 102 -2.81 32.17 82.64
C PHE I 102 -3.06 31.78 81.18
N GLY I 103 -3.53 30.56 80.92
CA GLY I 103 -3.84 30.13 79.59
C GLY I 103 -2.76 29.29 78.92
N TYR I 104 -1.59 29.17 79.53
CA TYR I 104 -0.52 28.42 78.90
C TYR I 104 -0.79 26.92 78.96
N THR I 105 -0.45 26.25 77.87
CA THR I 105 -0.42 24.80 77.75
C THR I 105 1.03 24.34 77.75
N PRO I 106 1.28 23.03 77.79
CA PRO I 106 2.67 22.57 77.62
C PRO I 106 3.30 22.99 76.30
N LEU I 107 2.50 23.15 75.25
CA LEU I 107 3.06 23.60 73.97
C LEU I 107 3.56 25.03 74.05
N HIS I 108 2.85 25.89 74.79
CA HIS I 108 3.31 27.27 74.98
C HIS I 108 4.67 27.31 75.66
N LEU I 109 4.80 26.63 76.79
CA LEU I 109 6.07 26.63 77.52
C LEU I 109 7.17 25.96 76.72
N ALA I 110 6.84 24.92 75.97
CA ALA I 110 7.84 24.26 75.13
C ALA I 110 8.34 25.20 74.04
N ALA I 111 7.43 26.00 73.47
CA ALA I 111 7.85 26.94 72.43
C ALA I 111 8.63 28.10 73.01
N TYR I 112 8.33 28.50 74.25
CA TYR I 112 9.08 29.58 74.89
C TYR I 112 10.54 29.20 75.08
N TRP I 113 10.79 28.03 75.65
CA TRP I 113 12.14 27.66 76.05
C TRP I 113 12.92 26.98 74.94
N GLY I 114 12.31 26.72 73.80
CA GLY I 114 13.06 26.23 72.66
C GLY I 114 13.44 24.77 72.77
N HIS I 115 12.47 23.92 73.03
CA HIS I 115 12.69 22.48 73.11
C HIS I 115 11.95 21.84 71.92
N LEU I 116 12.71 21.41 70.92
CA LEU I 116 12.13 21.03 69.65
C LEU I 116 11.40 19.70 69.74
N GLU I 117 12.06 18.69 70.33
CA GLU I 117 11.51 17.34 70.33
C GLU I 117 10.20 17.25 71.11
N ILE I 118 10.09 17.99 72.20
CA ILE I 118 8.84 17.89 72.95
C ILE I 118 7.74 18.66 72.24
N VAL I 119 8.07 19.72 71.50
CA VAL I 119 7.10 20.37 70.63
C VAL I 119 6.59 19.39 69.60
N GLU I 120 7.50 18.63 68.98
CA GLU I 120 7.10 17.65 67.98
C GLU I 120 6.20 16.57 68.56
N VAL I 121 6.54 16.02 69.73
CA VAL I 121 5.72 14.93 70.25
C VAL I 121 4.42 15.45 70.86
N LEU I 122 4.36 16.70 71.29
CA LEU I 122 3.07 17.27 71.70
C LEU I 122 2.16 17.43 70.50
N LEU I 123 2.70 17.95 69.39
CA LEU I 123 1.90 18.04 68.17
C LEU I 123 1.51 16.66 67.65
N LYS I 124 2.35 15.66 67.89
CA LYS I 124 2.05 14.30 67.47
C LYS I 124 0.94 13.68 68.30
N ASN I 125 0.67 14.21 69.49
CA ASN I 125 -0.36 13.67 70.37
C ASN I 125 -1.61 14.54 70.41
N GLY I 126 -1.76 15.43 69.44
CA GLY I 126 -2.99 16.21 69.35
C GLY I 126 -3.00 17.49 70.15
N ALA I 127 -1.87 18.18 70.23
CA ALA I 127 -1.84 19.51 70.84
C ALA I 127 -2.40 20.53 69.86
N ASP I 128 -3.21 21.45 70.39
CA ASP I 128 -3.85 22.45 69.55
C ASP I 128 -2.81 23.51 69.16
N VAL I 129 -2.58 23.66 67.86
CA VAL I 129 -1.48 24.50 67.40
C VAL I 129 -1.82 25.98 67.47
N ASN I 130 -3.09 26.34 67.53
CA ASN I 130 -3.52 27.72 67.57
C ASN I 130 -4.13 28.09 68.93
N ALA I 131 -3.54 27.56 70.00
CA ALA I 131 -4.03 27.83 71.34
C ALA I 131 -3.66 29.24 71.78
N ARG I 132 -4.64 29.99 72.26
CA ARG I 132 -4.42 31.34 72.74
C ARG I 132 -4.26 31.36 74.25
N ASP I 133 -3.40 32.24 74.73
CA ASP I 133 -3.23 32.45 76.16
C ASP I 133 -4.14 33.57 76.63
N SER I 134 -3.87 34.09 77.83
CA SER I 134 -4.58 35.27 78.31
C SER I 134 -4.34 36.48 77.42
N ASP I 135 -3.16 36.57 76.81
CA ASP I 135 -2.84 37.67 75.90
C ASP I 135 -3.28 37.41 74.48
N GLY I 136 -3.81 36.23 74.18
CA GLY I 136 -4.11 35.87 72.83
C GLY I 136 -2.90 35.46 72.02
N MET I 137 -1.77 35.21 72.66
CA MET I 137 -0.54 34.87 71.96
C MET I 137 -0.48 33.36 71.76
N THR I 138 -0.43 32.94 70.51
CA THR I 138 -0.28 31.54 70.15
C THR I 138 1.16 31.12 70.39
N PRO I 139 1.46 29.81 70.38
CA PRO I 139 2.87 29.40 70.47
C PRO I 139 3.73 29.93 69.33
N LEU I 140 3.15 30.16 68.15
CA LEU I 140 3.91 30.75 67.05
C LEU I 140 4.35 32.16 67.38
N HIS I 141 3.51 32.93 68.09
CA HIS I 141 3.92 34.24 68.59
C HIS I 141 5.19 34.12 69.42
N LEU I 142 5.23 33.14 70.33
CA LEU I 142 6.37 33.00 71.21
C LEU I 142 7.62 32.60 70.43
N ALA I 143 7.50 31.59 69.57
CA ALA I 143 8.65 31.13 68.81
C ALA I 143 9.17 32.17 67.83
N ALA I 144 8.30 33.06 67.34
CA ALA I 144 8.77 34.14 66.50
C ALA I 144 9.38 35.28 67.32
N LYS I 145 8.86 35.49 68.53
CA LYS I 145 9.39 36.53 69.40
C LYS I 145 10.78 36.16 69.93
N TRP I 146 11.07 34.89 70.07
CA TRP I 146 12.35 34.50 70.66
C TRP I 146 13.36 34.01 69.64
N GLY I 147 12.96 33.73 68.41
CA GLY I 147 13.93 33.43 67.37
C GLY I 147 14.28 31.97 67.17
N HIS I 148 13.34 31.07 67.38
CA HIS I 148 13.57 29.64 67.18
C HIS I 148 13.03 29.24 65.81
N LEU I 149 13.93 28.97 64.86
CA LEU I 149 13.51 28.68 63.49
C LEU I 149 12.79 27.35 63.39
N GLU I 150 13.40 26.29 63.90
CA GLU I 150 12.88 24.94 63.69
C GLU I 150 11.52 24.75 64.35
N ILE I 151 11.31 25.40 65.49
CA ILE I 151 10.00 25.38 66.11
C ILE I 151 8.98 26.07 65.23
N VAL I 152 9.34 27.23 64.66
CA VAL I 152 8.46 27.94 63.76
C VAL I 152 8.09 27.08 62.56
N GLU I 153 9.04 26.34 62.03
CA GLU I 153 8.77 25.53 60.84
C GLU I 153 7.89 24.33 61.16
N VAL I 154 8.15 23.66 62.28
CA VAL I 154 7.30 22.54 62.68
C VAL I 154 5.90 23.03 63.02
N LEU I 155 5.77 24.22 63.58
CA LEU I 155 4.45 24.76 63.86
C LEU I 155 3.72 25.12 62.58
N LEU I 156 4.44 25.64 61.59
CA LEU I 156 3.82 25.96 60.32
C LEU I 156 3.38 24.71 59.58
N ARG I 157 4.10 23.61 59.76
CA ARG I 157 3.72 22.36 59.13
C ARG I 157 2.38 21.85 59.63
N TYR I 158 2.03 22.14 60.88
CA TYR I 158 0.82 21.60 61.48
C TYR I 158 -0.35 22.56 61.40
N GLY I 159 -0.21 23.67 60.71
CA GLY I 159 -1.31 24.57 60.45
C GLY I 159 -1.43 25.76 61.37
N ALA I 160 -0.31 26.31 61.84
CA ALA I 160 -0.36 27.50 62.69
C ALA I 160 -0.82 28.70 61.88
N ASP I 161 -1.65 29.54 62.49
CA ASP I 161 -2.23 30.68 61.80
C ASP I 161 -1.20 31.80 61.71
N VAL I 162 -0.91 32.24 60.49
CA VAL I 162 0.06 33.30 60.28
C VAL I 162 -0.52 34.65 60.67
N GLU I 163 -1.84 34.79 60.63
CA GLU I 163 -2.49 36.09 60.79
C GLU I 163 -3.12 36.28 62.16
N ALA I 164 -2.75 35.45 63.14
CA ALA I 164 -3.27 35.60 64.48
C ALA I 164 -2.72 36.86 65.14
N GLN I 165 -3.61 37.67 65.71
CA GLN I 165 -3.23 38.90 66.41
C GLN I 165 -3.46 38.74 67.90
N ASP I 166 -2.58 39.35 68.69
CA ASP I 166 -2.70 39.33 70.14
C ASP I 166 -3.51 40.55 70.59
N LYS I 167 -3.48 40.87 71.89
CA LYS I 167 -4.24 41.99 72.40
C LYS I 167 -3.78 43.34 71.85
N PHE I 168 -2.52 43.43 71.43
CA PHE I 168 -2.00 44.66 70.85
C PHE I 168 -2.20 44.73 69.34
N GLY I 169 -2.77 43.69 68.73
CA GLY I 169 -2.88 43.66 67.30
C GLY I 169 -1.59 43.30 66.59
N LYS I 170 -0.75 42.48 67.21
CA LYS I 170 0.52 42.07 66.65
C LYS I 170 0.42 40.66 66.08
N THR I 171 0.86 40.49 64.86
CA THR I 171 1.05 39.18 64.27
C THR I 171 2.44 38.67 64.61
N PRO I 172 2.70 37.37 64.44
CA PRO I 172 4.07 36.87 64.65
C PRO I 172 5.11 37.53 63.75
N PHE I 173 4.70 38.00 62.57
CA PHE I 173 5.61 38.75 61.71
C PHE I 173 6.06 40.04 62.38
N ASP I 174 5.13 40.71 63.06
CA ASP I 174 5.48 41.93 63.79
C ASP I 174 6.41 41.66 64.95
N LEU I 175 6.16 40.58 65.69
CA LEU I 175 7.05 40.25 66.80
C LEU I 175 8.41 39.80 66.31
N ALA I 176 8.48 39.26 65.09
CA ALA I 176 9.78 38.87 64.56
C ALA I 176 10.57 40.05 64.03
N ILE I 177 9.89 41.06 63.48
CA ILE I 177 10.65 42.22 63.04
C ILE I 177 11.02 43.12 64.23
N ASP I 178 10.21 43.12 65.28
CA ASP I 178 10.53 43.96 66.44
C ASP I 178 11.71 43.44 67.23
N ASN I 179 12.04 42.15 67.11
CA ASN I 179 13.14 41.56 67.85
C ASN I 179 14.30 41.16 66.96
N GLY I 180 14.29 41.56 65.70
CA GLY I 180 15.44 41.36 64.84
C GLY I 180 15.60 39.98 64.26
N ASN I 181 14.55 39.16 64.26
CA ASN I 181 14.62 37.83 63.68
C ASN I 181 14.19 37.91 62.22
N GLU I 182 15.13 38.30 61.36
CA GLU I 182 14.80 38.67 60.00
C GLU I 182 14.50 37.47 59.11
N ASP I 183 15.14 36.32 59.36
CA ASP I 183 14.85 35.14 58.55
C ASP I 183 13.47 34.57 58.85
N ILE I 184 13.05 34.62 60.12
CA ILE I 184 11.69 34.23 60.48
C ILE I 184 10.69 35.11 59.74
N ALA I 185 10.93 36.42 59.76
CA ALA I 185 10.03 37.35 59.09
C ALA I 185 10.02 37.13 57.59
N GLU I 186 11.15 36.73 57.01
CA GLU I 186 11.18 36.42 55.58
C GLU I 186 10.29 35.24 55.25
N VAL I 187 10.42 34.16 56.04
CA VAL I 187 9.60 32.97 55.84
C VAL I 187 8.12 33.31 55.97
N LEU I 188 7.78 34.06 57.02
CA LEU I 188 6.39 34.41 57.29
C LEU I 188 5.81 35.32 56.23
N GLN I 189 6.64 36.16 55.62
CA GLN I 189 6.13 37.08 54.61
C GLN I 189 5.92 36.37 53.28
N ALA I 190 6.88 35.53 52.89
CA ALA I 190 6.77 34.81 51.63
C ALA I 190 5.59 33.85 51.63
N LEU I 191 5.34 33.19 52.76
CA LEU I 191 4.23 32.24 52.83
C LEU I 191 2.90 32.93 52.61
N LEU I 192 2.69 34.05 53.30
CA LEU I 192 1.45 34.80 53.17
C LEU I 192 1.28 35.33 51.76
N ALA I 193 2.37 35.75 51.13
CA ALA I 193 2.25 36.32 49.79
C ALA I 193 1.86 35.26 48.76
N ILE I 194 2.42 34.05 48.87
CA ILE I 194 2.05 33.01 47.93
C ILE I 194 0.61 32.54 48.15
N ASN I 195 0.16 32.50 49.41
CA ASN I 195 -1.23 32.10 49.64
C ASN I 195 -2.21 33.14 49.11
N ARG I 196 -1.86 34.42 49.22
CA ARG I 196 -2.72 35.45 48.65
C ARG I 196 -2.73 35.41 47.14
N GLN I 197 -1.61 35.05 46.51
CA GLN I 197 -1.64 34.91 45.06
C GLN I 197 -2.50 33.73 44.62
N ILE I 198 -2.50 32.64 45.39
CA ILE I 198 -3.39 31.52 45.08
C ILE I 198 -4.85 31.96 45.15
N ASN I 199 -5.21 32.68 46.21
CA ASN I 199 -6.60 33.14 46.32
C ASN I 199 -6.94 34.13 45.20
N LEU I 200 -6.00 34.95 44.78
CA LEU I 200 -6.27 35.91 43.73
C LEU I 200 -6.45 35.24 42.37
N GLU I 201 -5.72 34.17 42.10
CA GLU I 201 -5.97 33.43 40.87
C GLU I 201 -7.30 32.70 40.91
N LEU I 202 -7.71 32.19 42.08
CA LEU I 202 -9.02 31.56 42.17
C LEU I 202 -10.15 32.57 42.02
N TYR I 203 -9.92 33.81 42.46
CA TYR I 203 -10.94 34.85 42.31
C TYR I 203 -11.17 35.19 40.85
N ALA I 204 -10.11 35.32 40.06
CA ALA I 204 -10.23 35.75 38.69
C ALA I 204 -10.94 34.74 37.82
N SER I 205 -10.88 33.45 38.18
CA SER I 205 -11.54 32.41 37.42
C SER I 205 -13.06 32.51 37.54
N TYR I 206 -13.52 32.96 38.71
CA TYR I 206 -14.94 33.07 39.03
C TYR I 206 -15.55 34.32 38.39
N VAL I 207 -14.76 35.37 38.24
CA VAL I 207 -15.19 36.55 37.49
C VAL I 207 -15.41 36.20 36.02
N TYR I 208 -14.51 35.41 35.46
CA TYR I 208 -14.66 34.98 34.08
C TYR I 208 -15.84 34.04 33.90
N LEU I 209 -16.12 33.21 34.90
CA LEU I 209 -17.31 32.38 34.85
C LEU I 209 -18.58 33.23 34.82
N SER I 210 -18.64 34.25 35.67
CA SER I 210 -19.75 35.18 35.65
C SER I 210 -19.91 35.84 34.29
N MET I 211 -18.81 36.38 33.77
CA MET I 211 -18.83 37.04 32.46
C MET I 211 -19.32 36.10 31.36
N SER I 212 -18.84 34.86 31.37
CA SER I 212 -19.20 33.91 30.32
C SER I 212 -20.70 33.62 30.36
N TYR I 213 -21.26 33.36 31.53
CA TYR I 213 -22.68 33.05 31.55
C TYR I 213 -23.57 34.28 31.48
N TYR I 214 -23.00 35.48 31.49
CA TYR I 214 -23.80 36.65 31.13
C TYR I 214 -24.07 36.69 29.64
N PHE I 215 -23.14 36.23 28.82
CA PHE I 215 -23.20 36.42 27.39
C PHE I 215 -23.99 35.37 26.66
N ASP I 216 -24.62 34.44 27.36
CA ASP I 216 -25.54 33.53 26.69
C ASP I 216 -26.94 33.60 27.28
N ARG I 217 -27.25 34.67 28.00
CA ARG I 217 -28.64 34.98 28.29
C ARG I 217 -29.39 35.24 26.99
N ASP I 218 -30.70 35.01 27.00
CA ASP I 218 -31.45 35.12 25.75
C ASP I 218 -31.59 36.56 25.27
N ASP I 219 -31.33 37.56 26.12
CA ASP I 219 -31.27 38.93 25.68
C ASP I 219 -29.85 39.43 25.45
N VAL I 220 -28.85 38.59 25.66
CA VAL I 220 -27.47 38.87 25.25
C VAL I 220 -27.02 37.63 24.46
N ALA I 221 -27.28 37.62 23.17
CA ALA I 221 -27.10 36.38 22.41
C ALA I 221 -25.78 36.39 21.65
N LEU I 222 -24.68 36.39 22.39
CA LEU I 222 -23.34 36.41 21.80
C LEU I 222 -22.57 35.17 22.24
N LYS I 223 -22.52 34.17 21.38
CA LYS I 223 -21.99 32.85 21.74
C LYS I 223 -20.48 32.81 21.83
N ASN I 224 -19.81 33.61 21.02
CA ASN I 224 -18.36 33.54 20.96
C ASN I 224 -17.71 34.34 22.10
N PHE I 225 -18.38 35.41 22.55
CA PHE I 225 -18.00 36.06 23.79
C PHE I 225 -18.05 35.09 24.96
N ALA I 226 -19.14 34.33 25.07
CA ALA I 226 -19.30 33.38 26.15
C ALA I 226 -18.24 32.28 26.10
N LYS I 227 -17.95 31.80 24.89
CA LYS I 227 -16.93 30.78 24.70
C LYS I 227 -15.54 31.29 25.10
N TYR I 228 -15.21 32.52 24.70
CA TYR I 228 -13.95 33.15 25.06
C TYR I 228 -13.77 33.25 26.57
N PHE I 229 -14.80 33.72 27.27
CA PHE I 229 -14.65 33.90 28.71
C PHE I 229 -14.66 32.59 29.48
N LEU I 230 -15.30 31.53 28.95
CA LEU I 230 -15.14 30.23 29.58
C LEU I 230 -13.72 29.70 29.44
N HIS I 231 -13.11 29.94 28.29
CA HIS I 231 -11.71 29.56 28.11
C HIS I 231 -10.81 30.27 29.13
N GLN I 232 -11.02 31.56 29.33
CA GLN I 232 -10.21 32.29 30.31
C GLN I 232 -10.41 31.77 31.72
N SER I 233 -11.65 31.41 32.07
CA SER I 233 -11.93 30.84 33.38
C SER I 233 -11.10 29.59 33.64
N HIS I 234 -11.05 28.70 32.66
CA HIS I 234 -10.30 27.46 32.88
C HIS I 234 -8.80 27.70 32.91
N GLU I 235 -8.30 28.67 32.14
CA GLU I 235 -6.87 29.00 32.21
C GLU I 235 -6.48 29.52 33.59
N GLU I 236 -7.32 30.35 34.20
CA GLU I 236 -6.98 30.84 35.53
C GLU I 236 -7.03 29.75 36.59
N ARG I 237 -7.96 28.80 36.44
CA ARG I 237 -7.95 27.64 37.32
C ARG I 237 -6.63 26.88 37.22
N GLU I 238 -6.09 26.75 36.01
CA GLU I 238 -4.79 26.11 35.84
C GLU I 238 -3.65 26.90 36.49
N HIS I 239 -3.70 28.23 36.39
CA HIS I 239 -2.67 29.05 37.03
C HIS I 239 -2.64 28.82 38.55
N ALA I 240 -3.82 28.80 39.16
CA ALA I 240 -3.88 28.56 40.61
C ALA I 240 -3.35 27.18 40.98
N GLU I 241 -3.68 26.17 40.17
CA GLU I 241 -3.20 24.83 40.48
C GLU I 241 -1.69 24.72 40.33
N LYS I 242 -1.10 25.44 39.39
CA LYS I 242 0.37 25.47 39.28
C LYS I 242 0.99 26.08 40.52
N LEU I 243 0.41 27.15 41.05
CA LEU I 243 0.99 27.72 42.26
C LEU I 243 0.86 26.77 43.45
N MET I 244 -0.23 26.02 43.51
CA MET I 244 -0.40 25.03 44.58
C MET I 244 0.62 23.92 44.48
N LYS I 245 0.91 23.45 43.26
CA LYS I 245 1.93 22.43 43.09
C LYS I 245 3.31 22.93 43.48
N LEU I 246 3.64 24.16 43.10
CA LEU I 246 4.91 24.76 43.51
C LEU I 246 5.03 24.83 45.02
N GLN I 247 3.98 25.29 45.69
CA GLN I 247 4.03 25.37 47.14
C GLN I 247 4.19 24.00 47.79
N ASN I 248 3.64 22.95 47.17
CA ASN I 248 3.86 21.62 47.73
C ASN I 248 5.27 21.10 47.50
N GLN I 249 5.93 21.50 46.40
CA GLN I 249 7.30 21.06 46.17
C GLN I 249 8.29 21.68 47.14
N ARG I 250 8.03 22.88 47.62
CA ARG I 250 8.95 23.56 48.52
C ARG I 250 8.79 23.14 49.96
N GLY I 251 7.73 22.41 50.29
CA GLY I 251 7.47 22.08 51.67
C GLY I 251 6.72 23.13 52.45
N GLY I 252 6.08 24.07 51.76
CA GLY I 252 5.27 25.07 52.42
C GLY I 252 3.85 24.60 52.66
N ALA I 253 3.08 25.45 53.32
CA ALA I 253 1.75 25.09 53.80
C ALA I 253 0.70 25.87 53.03
N ILE I 254 -0.04 25.17 52.17
CA ILE I 254 -1.19 25.78 51.51
C ILE I 254 -2.28 26.07 52.54
N SER I 255 -2.89 27.23 52.43
CA SER I 255 -3.94 27.67 53.35
C SER I 255 -4.98 28.42 52.53
N LEU I 256 -6.18 27.85 52.40
CA LEU I 256 -7.20 28.37 51.52
C LEU I 256 -8.18 29.25 52.28
N GLN I 257 -8.71 30.25 51.59
CA GLN I 257 -9.66 31.21 52.12
C GLN I 257 -10.93 31.21 51.27
N ASP I 258 -11.89 32.04 51.67
CA ASP I 258 -13.10 32.21 50.87
C ASP I 258 -12.78 32.85 49.54
N ILE I 259 -13.56 32.49 48.53
CA ILE I 259 -13.52 33.16 47.23
C ILE I 259 -14.76 34.03 47.15
N LYS I 260 -14.54 35.34 47.03
CA LYS I 260 -15.64 36.29 47.05
C LYS I 260 -16.30 36.41 45.69
N LYS I 261 -17.58 36.77 45.71
CA LYS I 261 -18.36 36.84 44.45
C LYS I 261 -17.94 38.06 43.63
N PRO I 262 -18.01 37.99 42.30
CA PRO I 262 -17.65 39.10 41.41
C PRO I 262 -18.43 40.36 41.70
N ASP I 263 -17.95 41.48 41.15
CA ASP I 263 -18.53 42.79 41.45
C ASP I 263 -19.88 42.99 40.79
N CYS I 264 -20.08 42.41 39.61
CA CYS I 264 -21.35 42.51 38.91
C CYS I 264 -21.91 41.13 38.65
N ASP I 265 -23.24 41.05 38.63
CA ASP I 265 -23.91 40.00 37.89
C ASP I 265 -24.25 40.43 36.48
N ASP I 266 -24.45 41.72 36.26
CA ASP I 266 -24.85 42.25 34.97
C ASP I 266 -23.74 43.14 34.43
N TRP I 267 -22.97 42.59 33.51
CA TRP I 267 -22.14 43.40 32.64
C TRP I 267 -23.05 44.09 31.63
N GLU I 268 -22.51 44.99 30.84
CA GLU I 268 -23.39 45.83 30.05
C GLU I 268 -23.27 45.67 28.55
N SER I 269 -22.13 45.23 28.05
CA SER I 269 -21.86 45.10 26.63
C SER I 269 -20.60 44.27 26.50
N GLY I 270 -20.20 44.00 25.26
CA GLY I 270 -18.92 43.36 25.04
C GLY I 270 -17.76 44.27 25.36
N LEU I 271 -17.90 45.56 25.04
CA LEU I 271 -16.85 46.53 25.32
C LEU I 271 -16.61 46.66 26.81
N ASN I 272 -17.67 46.79 27.60
CA ASN I 272 -17.52 47.00 29.03
C ASN I 272 -16.89 45.79 29.70
N ALA I 273 -17.28 44.58 29.28
CA ALA I 273 -16.69 43.39 29.85
C ALA I 273 -15.23 43.23 29.45
N MET I 274 -14.88 43.58 28.22
CA MET I 274 -13.47 43.54 27.82
C MET I 274 -12.64 44.54 28.62
N GLU I 275 -13.20 45.71 28.93
CA GLU I 275 -12.45 46.68 29.72
C GLU I 275 -12.30 46.23 31.17
N CYS I 276 -13.32 45.58 31.72
CA CYS I 276 -13.19 45.04 33.07
C CYS I 276 -12.17 43.91 33.12
N ALA I 277 -12.12 43.08 32.09
CA ALA I 277 -11.13 42.01 32.04
C ALA I 277 -9.72 42.57 31.93
N LEU I 278 -9.55 43.68 31.20
CA LEU I 278 -8.23 44.30 31.12
C LEU I 278 -7.80 44.84 32.47
N HIS I 279 -8.71 45.53 33.17
CA HIS I 279 -8.41 46.03 34.51
C HIS I 279 -8.02 44.89 35.47
N LEU I 280 -8.73 43.77 35.36
CA LEU I 280 -8.44 42.61 36.21
C LEU I 280 -7.04 42.06 35.96
N GLU I 281 -6.69 41.85 34.69
CA GLU I 281 -5.39 41.25 34.41
C GLU I 281 -4.25 42.20 34.77
N LYS I 282 -4.49 43.51 34.70
CA LYS I 282 -3.46 44.44 35.15
C LYS I 282 -3.25 44.34 36.66
N ASN I 283 -4.33 44.18 37.42
CA ASN I 283 -4.19 43.99 38.86
C ASN I 283 -3.39 42.73 39.20
N VAL I 284 -3.68 41.64 38.49
CA VAL I 284 -2.98 40.39 38.74
C VAL I 284 -1.49 40.54 38.43
N ASN I 285 -1.17 41.22 37.33
CA ASN I 285 0.23 41.45 36.96
C ASN I 285 0.96 42.28 38.01
N GLN I 286 0.28 43.27 38.58
CA GLN I 286 0.92 44.10 39.60
C GLN I 286 1.24 43.29 40.85
N SER I 287 0.32 42.42 41.27
CA SER I 287 0.63 41.59 42.44
C SER I 287 1.73 40.59 42.15
N LEU I 288 1.83 40.10 40.92
CA LEU I 288 2.94 39.21 40.57
C LEU I 288 4.28 39.93 40.62
N LEU I 289 4.32 41.20 40.21
CA LEU I 289 5.57 41.95 40.29
C LEU I 289 5.98 42.19 41.74
N GLU I 290 5.01 42.44 42.62
CA GLU I 290 5.36 42.58 44.04
C GLU I 290 5.89 41.27 44.61
N LEU I 291 5.30 40.14 44.19
CA LEU I 291 5.78 38.85 44.64
C LEU I 291 7.21 38.59 44.17
N HIS I 292 7.53 39.01 42.94
CA HIS I 292 8.89 38.83 42.43
C HIS I 292 9.90 39.69 43.19
N LYS I 293 9.52 40.91 43.54
CA LYS I 293 10.44 41.77 44.28
C LYS I 293 10.68 41.22 45.69
N LEU I 294 9.62 40.68 46.30
CA LEU I 294 9.77 40.05 47.61
C LEU I 294 10.68 38.83 47.53
N ALA I 295 10.53 38.02 46.48
CA ALA I 295 11.39 36.86 46.29
C ALA I 295 12.84 37.26 46.04
N THR I 296 13.07 38.41 45.42
CA THR I 296 14.44 38.84 45.19
C THR I 296 15.07 39.36 46.48
N ASP I 297 14.29 39.97 47.36
CA ASP I 297 14.84 40.35 48.66
C ASP I 297 15.21 39.15 49.52
N CYS I 298 14.48 38.05 49.39
CA CYS I 298 14.69 36.88 50.22
C CYS I 298 15.74 35.93 49.69
N ASN I 299 16.40 36.27 48.58
CA ASN I 299 17.44 35.46 47.94
C ASN I 299 16.91 34.07 47.59
N ASP I 300 15.92 34.04 46.72
CA ASP I 300 15.25 32.82 46.28
C ASP I 300 15.23 32.78 44.76
N PRO I 301 16.34 32.37 44.14
CA PRO I 301 16.38 32.38 42.67
C PRO I 301 15.41 31.42 42.01
N HIS I 302 15.05 30.33 42.68
CA HIS I 302 14.15 29.37 42.07
C HIS I 302 12.74 29.93 41.95
N LEU I 303 12.29 30.67 42.97
CA LEU I 303 10.99 31.32 42.91
C LEU I 303 10.96 32.41 41.85
N CYS I 304 12.04 33.19 41.74
CA CYS I 304 12.13 34.23 40.74
C CYS I 304 12.04 33.66 39.34
N ASP I 305 12.79 32.59 39.08
CA ASP I 305 12.74 31.97 37.76
C ASP I 305 11.40 31.32 37.48
N PHE I 306 10.76 30.73 38.49
CA PHE I 306 9.42 30.18 38.33
C PHE I 306 8.43 31.26 37.91
N ILE I 307 8.45 32.40 38.61
CA ILE I 307 7.52 33.48 38.31
C ILE I 307 7.76 34.01 36.91
N GLU I 308 9.01 34.33 36.58
CA GLU I 308 9.24 34.94 35.27
C GLU I 308 9.18 33.94 34.12
N THR I 309 9.19 32.63 34.38
CA THR I 309 9.03 31.67 33.30
C THR I 309 7.57 31.30 33.06
N HIS I 310 6.75 31.17 34.09
CA HIS I 310 5.38 30.72 33.88
C HIS I 310 4.32 31.81 34.02
N TYR I 311 4.68 33.01 34.46
CA TYR I 311 3.61 33.96 34.76
C TYR I 311 3.79 35.32 34.11
N LEU I 312 5.03 35.80 33.99
CA LEU I 312 5.23 37.19 33.60
C LEU I 312 5.06 37.42 32.11
N ASN I 313 5.27 36.43 31.27
CA ASN I 313 5.09 36.60 29.84
C ASN I 313 3.65 36.37 29.41
N GLU I 314 2.94 35.49 30.12
CA GLU I 314 1.52 35.27 29.86
C GLU I 314 0.70 36.50 30.19
N GLN I 315 1.06 37.21 31.25
CA GLN I 315 0.36 38.45 31.60
C GLN I 315 0.54 39.50 30.53
N VAL I 316 1.75 39.62 29.97
CA VAL I 316 2.02 40.59 28.93
C VAL I 316 1.24 40.26 27.68
N LYS I 317 1.19 38.97 27.31
CA LYS I 317 0.40 38.55 26.16
C LYS I 317 -1.08 38.85 26.35
N ALA I 318 -1.61 38.57 27.54
CA ALA I 318 -3.03 38.77 27.79
C ALA I 318 -3.39 40.24 27.76
N ILE I 319 -2.53 41.09 28.31
CA ILE I 319 -2.81 42.52 28.33
C ILE I 319 -2.75 43.10 26.92
N LYS I 320 -1.81 42.62 26.10
CA LYS I 320 -1.75 43.07 24.72
C LYS I 320 -3.00 42.67 23.94
N GLU I 321 -3.46 41.43 24.12
CA GLU I 321 -4.64 40.96 23.40
C GLU I 321 -5.90 41.68 23.84
N LEU I 322 -6.06 41.93 25.14
CA LEU I 322 -7.27 42.59 25.60
C LEU I 322 -7.29 44.06 25.19
N GLY I 323 -6.13 44.73 25.16
CA GLY I 323 -6.11 46.08 24.62
C GLY I 323 -6.40 46.15 23.14
N ASP I 324 -5.93 45.15 22.38
CA ASP I 324 -6.34 45.01 20.99
C ASP I 324 -7.85 44.94 20.85
N HIS I 325 -8.49 44.04 21.61
CA HIS I 325 -9.94 43.90 21.52
C HIS I 325 -10.67 45.19 21.86
N VAL I 326 -10.19 45.91 22.88
CA VAL I 326 -10.85 47.14 23.27
C VAL I 326 -10.76 48.19 22.17
N THR I 327 -9.58 48.38 21.58
CA THR I 327 -9.48 49.43 20.58
C THR I 327 -10.24 49.08 19.31
N ASN I 328 -10.26 47.81 18.92
CA ASN I 328 -11.04 47.46 17.72
C ASN I 328 -12.53 47.65 17.97
N LEU I 329 -13.03 47.25 19.14
CA LEU I 329 -14.43 47.45 19.44
C LEU I 329 -14.80 48.92 19.50
N ARG I 330 -13.91 49.76 20.03
CA ARG I 330 -14.21 51.19 20.06
C ARG I 330 -14.19 51.81 18.67
N LYS I 331 -13.29 51.35 17.79
CA LYS I 331 -13.25 51.91 16.44
C LYS I 331 -14.46 51.50 15.63
N MET I 332 -14.93 50.26 15.79
CA MET I 332 -16.09 49.81 15.03
C MET I 332 -17.36 50.56 15.42
N GLY I 333 -17.40 51.18 16.59
CA GLY I 333 -18.53 51.98 17.00
C GLY I 333 -19.36 51.42 18.13
N ALA I 334 -18.87 50.43 18.85
CA ALA I 334 -19.56 49.85 19.99
C ALA I 334 -19.41 50.75 21.20
N PRO I 335 -20.34 50.70 22.18
CA PRO I 335 -21.50 49.82 22.37
C PRO I 335 -22.77 50.28 21.68
N GLU I 336 -22.83 51.54 21.28
CA GLU I 336 -24.04 52.10 20.70
C GLU I 336 -24.27 51.69 19.27
N SER I 337 -23.48 50.74 18.75
CA SER I 337 -23.77 50.09 17.48
C SER I 337 -23.90 48.60 17.75
N GLY I 338 -25.10 48.07 17.61
CA GLY I 338 -25.29 46.64 17.78
C GLY I 338 -24.74 45.83 16.63
N LEU I 339 -24.53 46.45 15.48
CA LEU I 339 -23.89 45.79 14.36
C LEU I 339 -22.41 45.55 14.62
N ALA I 340 -21.79 46.37 15.44
CA ALA I 340 -20.36 46.24 15.70
C ALA I 340 -20.05 45.00 16.54
N GLU I 341 -20.83 44.77 17.59
CA GLU I 341 -20.54 43.63 18.45
C GLU I 341 -20.89 42.31 17.80
N TYR I 342 -21.94 42.27 16.98
CA TYR I 342 -22.26 41.08 16.21
C TYR I 342 -21.13 40.69 15.27
N LEU I 343 -20.58 41.66 14.56
CA LEU I 343 -19.55 41.36 13.59
C LEU I 343 -18.21 41.09 14.24
N PHE I 344 -17.91 41.73 15.38
CA PHE I 344 -16.74 41.36 16.16
C PHE I 344 -16.84 39.93 16.66
N ASP I 345 -18.02 39.55 17.15
CA ASP I 345 -18.30 38.18 17.54
C ASP I 345 -18.01 37.21 16.41
N LYS I 346 -18.44 37.52 15.19
CA LYS I 346 -18.23 36.61 14.09
C LYS I 346 -16.76 36.55 13.67
N HIS I 347 -16.13 37.71 13.44
CA HIS I 347 -14.86 37.70 12.73
C HIS I 347 -13.65 37.56 13.61
N THR I 348 -13.66 38.14 14.81
CA THR I 348 -12.48 38.04 15.67
C THR I 348 -12.56 36.84 16.61
N LEU I 349 -13.69 36.67 17.28
CA LEU I 349 -13.84 35.59 18.23
C LEU I 349 -14.29 34.29 17.58
N GLY I 350 -14.73 34.33 16.33
CA GLY I 350 -15.19 33.16 15.64
C GLY I 350 -14.08 32.20 15.30
N LYS J 22 9.10 62.77 136.20
CA LYS J 22 9.69 61.60 136.84
C LYS J 22 10.96 61.17 136.11
N ILE J 23 11.20 61.76 134.93
CA ILE J 23 12.48 61.58 134.24
C ILE J 23 13.54 62.39 134.98
N GLU J 24 14.62 61.73 135.39
CA GLU J 24 15.61 62.36 136.25
C GLU J 24 16.48 63.34 135.48
N GLU J 25 16.95 64.37 136.21
CA GLU J 25 17.76 65.45 135.66
C GLU J 25 19.23 65.24 135.97
N GLY J 26 20.09 65.85 135.14
CA GLY J 26 21.52 65.69 135.28
C GLY J 26 22.02 64.30 134.98
N LYS J 27 21.20 63.45 134.34
CA LYS J 27 21.49 62.04 134.17
C LYS J 27 20.75 61.57 132.93
N LEU J 28 21.40 60.69 132.17
CA LEU J 28 20.86 60.21 130.90
C LEU J 28 20.78 58.69 130.93
N VAL J 29 19.59 58.16 130.65
CA VAL J 29 19.37 56.73 130.47
C VAL J 29 18.80 56.51 129.06
N ILE J 30 19.33 55.50 128.36
CA ILE J 30 18.98 55.24 126.98
C ILE J 30 18.54 53.78 126.88
N TRP J 31 17.55 53.52 126.03
CA TRP J 31 17.14 52.17 125.69
C TRP J 31 17.38 51.91 124.22
N ILE J 32 18.02 50.78 123.92
CA ILE J 32 18.42 50.44 122.56
C ILE J 32 18.36 48.92 122.42
N ASN J 33 17.85 48.46 121.27
CA ASN J 33 17.66 47.04 121.06
C ASN J 33 19.00 46.33 120.93
N GLY J 34 19.06 45.10 121.46
CA GLY J 34 20.27 44.33 121.56
C GLY J 34 20.83 43.75 120.28
N ASP J 35 20.20 44.00 119.13
CA ASP J 35 20.74 43.57 117.85
C ASP J 35 21.68 44.60 117.25
N LYS J 36 22.04 45.62 118.02
CA LYS J 36 22.86 46.74 117.56
C LYS J 36 24.14 46.80 118.38
N GLY J 37 24.94 47.81 118.12
CA GLY J 37 26.10 48.07 118.96
C GLY J 37 25.73 48.87 120.19
N TYR J 38 24.96 48.27 121.09
CA TYR J 38 24.62 48.94 122.34
C TYR J 38 25.85 49.13 123.20
N ASN J 39 26.83 48.23 123.08
CA ASN J 39 28.12 48.45 123.72
C ASN J 39 28.82 49.67 123.12
N GLY J 40 28.62 49.93 121.82
CA GLY J 40 29.10 51.17 121.24
C GLY J 40 28.41 52.40 121.81
N LEU J 41 27.13 52.25 122.14
CA LEU J 41 26.43 53.32 122.84
C LEU J 41 27.00 53.53 124.23
N ALA J 42 27.41 52.46 124.89
CA ALA J 42 28.14 52.61 126.16
C ALA J 42 29.49 53.30 125.95
N GLU J 43 30.16 53.00 124.83
CA GLU J 43 31.45 53.63 124.56
CA GLU J 43 31.45 53.63 124.57
C GLU J 43 31.31 55.13 124.31
N VAL J 44 30.28 55.53 123.56
CA VAL J 44 30.11 56.96 123.34
C VAL J 44 29.63 57.64 124.61
N GLY J 45 28.86 56.91 125.45
CA GLY J 45 28.53 57.43 126.75
C GLY J 45 29.74 57.70 127.61
N LYS J 46 30.73 56.80 127.59
CA LYS J 46 31.90 57.05 128.41
C LYS J 46 32.84 58.09 127.81
N LYS J 47 32.85 58.28 126.48
CA LYS J 47 33.51 59.47 125.96
C LYS J 47 32.87 60.73 126.53
N PHE J 48 31.53 60.77 126.53
CA PHE J 48 30.82 61.91 127.09
C PHE J 48 31.12 62.07 128.58
N GLU J 49 31.33 60.97 129.30
CA GLU J 49 31.62 61.04 130.72
C GLU J 49 33.03 61.59 130.99
N LYS J 50 34.03 61.09 130.26
CA LYS J 50 35.38 61.63 130.45
C LYS J 50 35.48 63.08 129.97
N ASP J 51 34.65 63.50 129.02
CA ASP J 51 34.76 64.86 128.54
C ASP J 51 33.97 65.86 129.38
N THR J 52 32.73 65.53 129.77
CA THR J 52 31.86 66.47 130.46
C THR J 52 31.47 66.05 131.87
N GLY J 53 31.74 64.82 132.28
CA GLY J 53 31.40 64.37 133.61
C GLY J 53 29.96 63.96 133.82
N ILE J 54 29.15 63.93 132.76
CA ILE J 54 27.74 63.59 132.87
C ILE J 54 27.57 62.11 132.55
N LYS J 55 27.02 61.37 133.50
CA LYS J 55 26.92 59.92 133.38
C LYS J 55 25.84 59.52 132.38
N VAL J 56 26.17 58.53 131.55
CA VAL J 56 25.23 57.98 130.56
C VAL J 56 25.12 56.49 130.81
N THR J 57 23.90 56.01 131.05
CA THR J 57 23.62 54.59 131.20
C THR J 57 22.76 54.12 130.04
N VAL J 58 23.09 52.96 129.51
CA VAL J 58 22.31 52.34 128.45
C VAL J 58 21.80 50.99 128.94
N GLU J 59 20.61 50.62 128.49
CA GLU J 59 20.02 49.34 128.84
C GLU J 59 19.39 48.73 127.59
N HIS J 60 19.52 47.41 127.46
CA HIS J 60 19.11 46.69 126.26
C HIS J 60 18.26 45.47 126.63
N PRO J 61 17.01 45.68 127.04
CA PRO J 61 16.10 44.56 127.25
C PRO J 61 15.26 44.27 126.00
N ASP J 62 14.53 43.16 126.07
CA ASP J 62 13.63 42.81 124.98
C ASP J 62 12.40 43.70 125.00
N LYS J 63 11.64 43.64 123.90
CA LYS J 63 10.34 44.29 123.75
C LYS J 63 10.38 45.79 124.01
N LEU J 64 11.46 46.46 123.60
CA LEU J 64 11.59 47.89 123.88
C LEU J 64 10.56 48.73 123.16
N GLU J 65 10.03 48.27 122.03
CA GLU J 65 8.98 49.02 121.35
C GLU J 65 7.65 48.83 122.05
N GLU J 66 7.47 47.68 122.71
CA GLU J 66 6.35 47.51 123.62
C GLU J 66 6.56 48.34 124.89
N LYS J 67 7.82 48.49 125.30
CA LYS J 67 8.13 49.02 126.63
C LYS J 67 8.18 50.55 126.67
N PHE J 68 8.61 51.20 125.57
CA PHE J 68 8.71 52.67 125.61
C PHE J 68 7.36 53.37 125.74
N PRO J 69 6.34 53.12 124.88
CA PRO J 69 5.14 53.95 124.96
C PRO J 69 4.32 53.73 126.21
N GLN J 70 4.30 52.52 126.76
CA GLN J 70 3.54 52.23 127.96
C GLN J 70 4.09 52.92 129.20
N VAL J 71 5.34 53.36 129.17
CA VAL J 71 5.93 54.03 130.32
C VAL J 71 6.01 55.52 130.00
N ALA J 72 6.16 55.85 128.71
CA ALA J 72 6.18 57.24 128.28
C ALA J 72 4.81 57.90 128.38
N ALA J 73 3.73 57.11 128.33
CA ALA J 73 2.41 57.65 128.61
C ALA J 73 2.22 57.96 130.09
N THR J 74 3.08 57.42 130.95
CA THR J 74 3.12 57.81 132.35
C THR J 74 4.09 58.94 132.62
N GLY J 75 4.99 59.23 131.69
CA GLY J 75 5.99 60.27 131.88
C GLY J 75 7.32 59.80 132.40
N ASP J 76 7.68 58.54 132.16
CA ASP J 76 8.97 58.01 132.62
C ASP J 76 9.61 57.13 131.57
N GLY J 77 10.61 56.35 131.96
CA GLY J 77 11.26 55.43 131.07
C GLY J 77 12.65 55.90 130.71
N PRO J 78 12.94 55.92 129.41
CA PRO J 78 14.25 56.39 128.96
C PRO J 78 14.22 57.86 128.63
N ASP J 79 15.36 58.40 128.21
CA ASP J 79 15.35 59.71 127.57
C ASP J 79 15.43 59.58 126.06
N ILE J 80 16.30 58.70 125.57
CA ILE J 80 16.53 58.51 124.14
C ILE J 80 16.21 57.07 123.77
N ILE J 81 15.63 56.87 122.59
CA ILE J 81 15.31 55.53 122.09
C ILE J 81 15.73 55.42 120.63
N PHE J 82 16.45 54.34 120.30
CA PHE J 82 16.93 54.07 118.96
C PHE J 82 16.02 53.04 118.31
N TRP J 83 15.24 53.46 117.31
CA TRP J 83 14.28 52.55 116.68
C TRP J 83 13.92 53.10 115.30
N ALA J 84 13.09 52.33 114.60
CA ALA J 84 12.60 52.75 113.29
C ALA J 84 11.71 53.98 113.40
N HIS J 85 11.69 54.78 112.34
CA HIS J 85 11.00 56.05 112.35
C HIS J 85 9.48 55.91 112.21
N ASP J 86 9.01 54.79 111.67
CA ASP J 86 7.59 54.69 111.32
C ASP J 86 6.70 54.65 112.56
N ARG J 87 7.16 54.02 113.64
CA ARG J 87 6.42 54.09 114.89
C ARG J 87 6.72 55.37 115.66
N PHE J 88 7.73 56.13 115.23
CA PHE J 88 8.03 57.41 115.89
C PHE J 88 6.98 58.46 115.55
N GLY J 89 6.61 58.55 114.27
CA GLY J 89 5.61 59.53 113.86
C GLY J 89 4.28 59.32 114.56
N GLY J 90 3.86 58.06 114.69
CA GLY J 90 2.70 57.76 115.52
C GLY J 90 2.90 58.19 116.96
N TYR J 91 4.09 57.92 117.51
CA TYR J 91 4.39 58.44 118.84
C TYR J 91 4.69 59.93 118.82
N ALA J 92 4.87 60.52 117.62
CA ALA J 92 4.84 61.97 117.51
C ALA J 92 3.44 62.50 117.71
N GLN J 93 2.42 61.69 117.39
CA GLN J 93 1.04 62.04 117.72
C GLN J 93 0.76 61.81 119.20
N SER J 94 1.29 60.71 119.75
CA SER J 94 0.93 60.25 121.08
C SER J 94 1.57 61.04 122.20
N GLY J 95 2.31 62.12 121.89
CA GLY J 95 2.94 62.91 122.93
C GLY J 95 4.04 62.21 123.68
N LEU J 96 4.75 61.30 123.01
CA LEU J 96 5.81 60.51 123.64
C LEU J 96 7.20 60.81 123.09
N LEU J 97 7.29 61.41 121.91
CA LEU J 97 8.56 61.87 121.36
C LEU J 97 8.64 63.39 121.41
N ALA J 98 9.81 63.89 121.80
CA ALA J 98 10.02 65.32 121.96
C ALA J 98 10.35 65.98 120.63
N GLU J 99 9.77 67.15 120.40
CA GLU J 99 10.08 67.95 119.22
C GLU J 99 11.50 68.49 119.36
N ILE J 100 12.41 67.98 118.54
CA ILE J 100 13.81 68.40 118.64
C ILE J 100 13.98 69.77 117.99
N THR J 101 15.06 70.46 118.38
CA THR J 101 15.43 71.74 117.80
C THR J 101 16.88 71.66 117.34
N PRO J 102 17.13 71.14 116.14
CA PRO J 102 18.48 71.15 115.60
C PRO J 102 18.74 72.39 114.75
N ASP J 103 20.03 72.69 114.57
CA ASP J 103 20.43 73.83 113.78
CA ASP J 103 20.43 73.83 113.78
C ASP J 103 20.45 73.48 112.29
N LYS J 104 20.56 74.50 111.46
CA LYS J 104 20.56 74.31 110.01
C LYS J 104 21.90 73.82 109.50
N ALA J 105 23.00 74.22 110.14
CA ALA J 105 24.30 73.68 109.76
C ALA J 105 24.41 72.20 110.09
N PHE J 106 23.82 71.78 111.21
CA PHE J 106 23.78 70.35 111.53
C PHE J 106 22.79 69.62 110.63
N GLN J 107 21.77 70.32 110.14
CA GLN J 107 20.89 69.72 109.13
C GLN J 107 21.61 69.56 107.80
N ASP J 108 22.59 70.41 107.53
CA ASP J 108 23.46 70.20 106.38
C ASP J 108 24.49 69.11 106.65
N LYS J 109 24.86 68.90 107.91
CA LYS J 109 25.79 67.83 108.27
C LYS J 109 25.22 66.45 107.99
N LEU J 110 23.90 66.30 108.00
CA LEU J 110 23.24 65.05 107.68
C LEU J 110 22.53 65.16 106.33
N TYR J 111 22.12 64.01 105.80
CA TYR J 111 21.36 64.02 104.56
C TYR J 111 19.90 64.36 104.84
N PRO J 112 19.29 65.24 104.04
CA PRO J 112 17.91 65.65 104.33
C PRO J 112 16.89 64.55 104.07
N PHE J 113 17.15 63.63 103.14
CA PHE J 113 16.22 62.52 102.93
C PHE J 113 16.15 61.60 104.14
N THR J 114 17.17 61.62 105.00
CA THR J 114 17.04 61.00 106.31
C THR J 114 16.14 61.82 107.22
N TRP J 115 16.19 63.15 107.11
CA TRP J 115 15.33 64.00 107.92
C TRP J 115 13.87 63.91 107.52
N ASP J 116 13.57 63.49 106.29
CA ASP J 116 12.19 63.23 105.91
C ASP J 116 11.60 61.99 106.57
N ALA J 117 12.41 61.19 107.27
CA ALA J 117 11.90 60.01 107.94
C ALA J 117 11.23 60.35 109.27
N VAL J 118 11.63 61.46 109.90
CA VAL J 118 11.20 61.79 111.25
C VAL J 118 10.32 63.02 111.24
N ARG J 119 9.57 63.22 110.16
CA ARG J 119 8.62 64.32 110.03
C ARG J 119 7.24 63.85 110.44
N TYR J 120 6.52 64.71 111.16
CA TYR J 120 5.13 64.45 111.51
C TYR J 120 4.47 65.77 111.88
N ASN J 121 3.40 66.13 111.16
CA ASN J 121 2.67 67.39 111.34
C ASN J 121 3.60 68.59 111.24
N GLY J 122 4.59 68.50 110.34
CA GLY J 122 5.55 69.56 110.14
C GLY J 122 6.64 69.68 111.20
N LYS J 123 6.47 69.03 112.35
CA LYS J 123 7.46 69.12 113.42
C LYS J 123 8.50 68.02 113.26
N LEU J 124 9.68 68.25 113.83
CA LEU J 124 10.81 67.35 113.71
C LEU J 124 11.02 66.69 115.07
N ILE J 125 11.09 65.36 115.08
CA ILE J 125 10.92 64.60 116.32
C ILE J 125 12.18 63.84 116.75
N ALA J 126 13.10 63.53 115.85
CA ALA J 126 14.18 62.62 116.19
C ALA J 126 15.35 62.83 115.24
N TYR J 127 16.54 62.46 115.70
CA TYR J 127 17.74 62.58 114.88
C TYR J 127 18.00 61.27 114.18
N PRO J 128 18.06 61.23 112.85
CA PRO J 128 18.34 59.96 112.16
C PRO J 128 19.80 59.57 112.31
N ILE J 129 20.02 58.27 112.55
CA ILE J 129 21.39 57.76 112.63
C ILE J 129 21.63 56.80 111.48
N ALA J 130 20.87 55.72 111.43
CA ALA J 130 21.10 54.65 110.47
C ALA J 130 20.00 54.64 109.42
N VAL J 131 20.36 54.22 108.21
CA VAL J 131 19.43 54.20 107.08
C VAL J 131 19.54 52.84 106.40
N GLU J 132 18.40 52.23 106.10
CA GLU J 132 18.32 50.86 105.64
C GLU J 132 17.58 50.80 104.30
N ALA J 133 18.10 49.97 103.40
CA ALA J 133 17.52 49.81 102.08
C ALA J 133 17.97 48.50 101.48
N LEU J 134 17.07 47.88 100.72
CA LEU J 134 17.35 46.58 100.12
C LEU J 134 18.16 46.75 98.84
N SER J 135 19.18 45.89 98.66
CA SER J 135 20.08 45.99 97.53
C SER J 135 20.24 44.62 96.89
N LEU J 136 20.84 44.61 95.69
CA LEU J 136 21.03 43.37 94.95
C LEU J 136 22.33 42.73 95.40
N ILE J 137 22.27 41.44 95.72
CA ILE J 137 23.43 40.65 96.10
C ILE J 137 23.63 39.61 95.00
N TYR J 138 24.84 39.57 94.43
CA TYR J 138 25.10 38.72 93.28
C TYR J 138 26.36 37.90 93.49
N ASN J 139 26.33 36.67 92.96
CA ASN J 139 27.54 35.87 92.84
C ASN J 139 28.40 36.43 91.73
N LYS J 140 29.65 36.79 92.05
CA LYS J 140 30.54 37.32 91.03
C LYS J 140 30.98 36.25 90.04
N ASP J 141 30.98 34.99 90.47
CA ASP J 141 31.43 33.91 89.58
C ASP J 141 30.36 33.56 88.56
N LEU J 142 29.12 33.36 89.01
CA LEU J 142 28.05 33.02 88.09
C LEU J 142 27.73 34.17 87.14
N LEU J 143 27.95 35.40 87.57
CA LEU J 143 27.72 36.53 86.67
C LEU J 143 28.75 37.61 86.92
N PRO J 144 29.74 37.76 86.03
CA PRO J 144 30.77 38.80 86.23
C PRO J 144 30.28 40.20 85.96
N ASN J 145 29.18 40.37 85.22
CA ASN J 145 28.69 41.69 84.82
C ASN J 145 27.20 41.78 85.11
N PRO J 146 26.80 42.49 86.17
CA PRO J 146 25.38 42.55 86.52
C PRO J 146 24.60 43.34 85.49
N PRO J 147 23.31 43.07 85.32
CA PRO J 147 22.48 43.87 84.42
C PRO J 147 21.85 45.05 85.14
N LYS J 148 21.49 46.05 84.34
CA LYS J 148 20.91 47.28 84.86
C LYS J 148 19.44 47.44 84.52
N THR J 149 18.84 46.46 83.85
CA THR J 149 17.42 46.49 83.52
C THR J 149 16.74 45.23 84.02
N TRP J 150 15.52 45.38 84.53
CA TRP J 150 14.71 44.22 84.87
C TRP J 150 14.29 43.45 83.62
N GLU J 151 14.12 44.16 82.51
CA GLU J 151 13.76 43.53 81.25
C GLU J 151 14.85 42.57 80.76
N GLU J 152 16.06 42.67 81.30
CA GLU J 152 17.12 41.72 80.98
C GLU J 152 17.00 40.42 81.76
N ILE J 153 16.35 40.45 82.93
CA ILE J 153 16.29 39.30 83.83
C ILE J 153 15.62 38.06 83.22
N PRO J 154 14.51 38.15 82.47
CA PRO J 154 13.99 36.91 81.86
C PRO J 154 14.96 36.23 80.92
N ALA J 155 15.53 36.99 79.97
CA ALA J 155 16.42 36.42 78.97
C ALA J 155 17.60 35.71 79.61
N LEU J 156 18.29 36.37 80.55
CA LEU J 156 19.43 35.74 81.21
C LEU J 156 19.01 34.53 82.02
N ASP J 157 17.76 34.49 82.48
CA ASP J 157 17.28 33.30 83.17
C ASP J 157 17.33 32.09 82.25
N LYS J 158 17.04 32.30 80.95
CA LYS J 158 17.17 31.24 79.96
C LYS J 158 18.58 30.69 79.90
N GLU J 159 19.57 31.49 80.25
CA GLU J 159 20.92 30.97 80.33
C GLU J 159 21.10 30.04 81.53
N LEU J 160 20.56 30.43 82.69
CA LEU J 160 20.93 29.72 83.91
C LEU J 160 20.28 28.35 84.00
N LYS J 161 19.09 28.18 83.44
CA LYS J 161 18.51 26.85 83.33
C LYS J 161 19.34 25.93 82.43
N ALA J 162 20.17 26.51 81.57
CA ALA J 162 21.13 25.75 80.78
C ALA J 162 22.34 25.31 81.60
N LYS J 163 22.54 25.86 82.79
CA LYS J 163 23.59 25.43 83.69
C LYS J 163 23.03 24.76 84.94
N GLY J 164 21.71 24.56 85.01
CA GLY J 164 21.10 24.04 86.22
C GLY J 164 21.00 25.06 87.33
N LYS J 165 20.93 26.34 86.99
CA LYS J 165 20.88 27.42 87.96
C LYS J 165 19.59 28.22 87.77
N SER J 166 19.30 29.07 88.74
CA SER J 166 18.15 29.97 88.68
C SER J 166 18.64 31.41 88.75
N ALA J 167 17.91 32.29 88.07
CA ALA J 167 18.33 33.70 88.01
C ALA J 167 18.05 34.43 89.31
N LEU J 168 16.78 34.51 89.69
CA LEU J 168 16.39 35.29 90.85
C LEU J 168 15.46 34.46 91.71
N MET J 169 15.71 34.46 93.03
CA MET J 169 14.87 33.77 93.98
C MET J 169 14.88 34.58 95.28
N PHE J 170 13.69 35.03 95.70
CA PHE J 170 13.57 35.84 96.90
C PHE J 170 12.22 35.57 97.54
N ASN J 171 11.90 36.34 98.59
CA ASN J 171 10.67 36.16 99.33
C ASN J 171 9.53 36.85 98.61
N LEU J 172 8.64 36.07 98.01
CA LEU J 172 7.45 36.60 97.36
C LEU J 172 6.26 36.73 98.31
N GLN J 173 6.40 36.29 99.56
CA GLN J 173 5.30 36.29 100.51
C GLN J 173 5.13 37.64 101.21
N GLU J 174 5.94 38.64 100.88
CA GLU J 174 5.87 39.94 101.51
C GLU J 174 5.80 41.04 100.45
N PRO J 175 4.99 42.08 100.68
CA PRO J 175 5.08 43.27 99.83
C PRO J 175 6.36 44.06 100.03
N TYR J 176 7.05 43.84 101.15
CA TYR J 176 8.29 44.56 101.46
C TYR J 176 9.39 44.23 100.44
N PHE J 177 9.35 43.04 99.86
CA PHE J 177 10.33 42.69 98.84
C PHE J 177 9.88 43.16 97.46
N THR J 178 8.58 43.07 97.18
CA THR J 178 8.07 43.31 95.83
C THR J 178 7.85 44.77 95.52
N TRP J 179 7.74 45.63 96.53
CA TRP J 179 7.43 47.04 96.31
C TRP J 179 8.46 47.84 95.50
N PRO J 180 9.77 47.53 95.53
CA PRO J 180 10.68 48.21 94.59
C PRO J 180 10.27 48.11 93.12
N LEU J 181 9.87 46.93 92.65
CA LEU J 181 9.57 46.77 91.25
C LEU J 181 8.21 47.36 90.88
N ILE J 182 7.17 47.03 91.64
CA ILE J 182 5.81 47.40 91.25
C ILE J 182 5.59 48.91 91.36
N ALA J 183 6.22 49.55 92.34
CA ALA J 183 6.03 50.97 92.59
C ALA J 183 7.12 51.84 91.98
N ALA J 184 7.93 51.27 91.07
CA ALA J 184 9.05 52.03 90.52
C ALA J 184 8.58 53.09 89.53
N ASP J 185 7.58 52.76 88.72
CA ASP J 185 7.16 53.59 87.60
C ASP J 185 5.78 54.22 87.80
N GLY J 186 5.40 54.50 89.04
CA GLY J 186 4.14 55.18 89.27
C GLY J 186 3.38 54.77 90.52
N GLY J 187 3.81 53.70 91.17
CA GLY J 187 3.19 53.30 92.43
C GLY J 187 3.82 54.01 93.62
N TYR J 188 2.99 54.22 94.64
CA TYR J 188 3.43 54.84 95.89
C TYR J 188 2.39 54.56 96.96
N ALA J 189 2.85 54.18 98.16
CA ALA J 189 1.96 53.70 99.21
C ALA J 189 0.95 54.77 99.61
N PHE J 190 1.42 55.89 100.16
CA PHE J 190 0.59 57.03 100.49
C PHE J 190 1.24 58.28 99.92
N LYS J 191 0.41 59.24 99.49
CA LYS J 191 0.98 60.50 99.03
C LYS J 191 1.58 61.27 100.21
N TYR J 192 2.87 61.57 100.11
CA TYR J 192 3.64 62.14 101.20
C TYR J 192 4.30 63.43 100.75
N GLU J 193 3.82 64.56 101.27
CA GLU J 193 4.34 65.87 100.90
C GLU J 193 4.36 66.76 102.14
N ASN J 194 5.41 67.58 102.25
CA ASN J 194 5.57 68.58 103.32
C ASN J 194 5.52 67.94 104.71
N GLY J 195 5.97 66.70 104.83
CA GLY J 195 5.94 66.02 106.10
C GLY J 195 4.60 65.46 106.49
N LYS J 196 3.66 65.32 105.55
CA LYS J 196 2.31 64.84 105.84
C LYS J 196 1.95 63.71 104.89
N TYR J 197 1.40 62.63 105.44
CA TYR J 197 0.92 61.50 104.65
C TYR J 197 -0.58 61.62 104.42
N ASP J 198 -0.98 61.68 103.16
CA ASP J 198 -2.39 61.80 102.83
C ASP J 198 -3.07 60.44 102.94
N ILE J 199 -4.18 60.40 103.69
CA ILE J 199 -4.84 59.13 103.95
C ILE J 199 -5.74 58.73 102.79
N LYS J 200 -6.38 59.69 102.14
CA LYS J 200 -7.24 59.45 100.99
C LYS J 200 -6.45 59.16 99.72
N ASP J 201 -5.12 59.13 99.78
CA ASP J 201 -4.32 59.07 98.57
C ASP J 201 -3.39 57.84 98.64
N VAL J 202 -4.01 56.68 98.81
CA VAL J 202 -3.34 55.37 98.75
C VAL J 202 -3.16 55.03 97.28
N GLY J 203 -1.94 55.12 96.78
CA GLY J 203 -1.71 54.86 95.38
C GLY J 203 -1.36 53.43 95.02
N VAL J 204 -2.37 52.65 94.62
CA VAL J 204 -2.14 51.36 93.99
C VAL J 204 -2.90 51.20 92.68
N ASP J 205 -3.87 52.07 92.40
CA ASP J 205 -4.62 52.05 91.14
C ASP J 205 -3.95 52.97 90.12
N ASN J 206 -2.68 52.71 89.87
CA ASN J 206 -1.88 53.51 88.94
C ASN J 206 -1.30 52.60 87.85
N ALA J 207 -1.01 53.22 86.71
CA ALA J 207 -0.48 52.49 85.58
C ALA J 207 0.89 51.89 85.87
N GLY J 208 1.68 52.54 86.73
CA GLY J 208 2.96 51.98 87.11
C GLY J 208 2.83 50.71 87.93
N ALA J 209 1.90 50.70 88.89
CA ALA J 209 1.65 49.48 89.65
C ALA J 209 1.13 48.36 88.75
N LYS J 210 0.30 48.71 87.77
CA LYS J 210 -0.15 47.74 86.78
C LYS J 210 1.02 47.17 86.01
N ALA J 211 1.94 48.03 85.55
CA ALA J 211 3.08 47.55 84.77
C ALA J 211 3.98 46.66 85.60
N GLY J 212 4.23 47.03 86.86
CA GLY J 212 5.07 46.21 87.72
C GLY J 212 4.45 44.86 88.02
N LEU J 213 3.13 44.83 88.27
CA LEU J 213 2.51 43.56 88.60
C LEU J 213 2.37 42.68 87.36
N THR J 214 2.17 43.27 86.18
CA THR J 214 2.23 42.47 84.96
C THR J 214 3.63 41.93 84.71
N PHE J 215 4.68 42.70 85.02
CA PHE J 215 6.02 42.13 84.90
C PHE J 215 6.23 40.99 85.88
N LEU J 216 5.65 41.09 87.08
CA LEU J 216 5.71 39.99 88.03
C LEU J 216 5.00 38.75 87.49
N VAL J 217 3.82 38.93 86.89
CA VAL J 217 3.12 37.76 86.37
C VAL J 217 3.78 37.23 85.10
N ASP J 218 4.57 38.04 84.41
CA ASP J 218 5.37 37.48 83.32
C ASP J 218 6.57 36.71 83.84
N LEU J 219 7.14 37.15 84.96
CA LEU J 219 8.24 36.38 85.55
C LEU J 219 7.73 35.09 86.17
N ILE J 220 6.48 35.05 86.61
CA ILE J 220 5.97 33.84 87.25
C ILE J 220 5.26 32.90 86.27
N LYS J 221 4.67 33.45 85.19
CA LYS J 221 3.92 32.61 84.27
C LYS J 221 4.84 31.69 83.48
N ASN J 222 5.91 32.25 82.92
CA ASN J 222 6.89 31.47 82.18
C ASN J 222 7.85 30.71 83.09
N LYS J 223 7.58 30.69 84.40
CA LYS J 223 8.30 29.86 85.36
C LYS J 223 9.77 30.25 85.47
N HIS J 224 10.03 31.56 85.47
CA HIS J 224 11.38 32.02 85.81
C HIS J 224 11.65 31.83 87.30
N MET J 225 10.65 32.09 88.13
CA MET J 225 10.70 31.83 89.56
C MET J 225 9.51 30.97 89.97
N ASN J 226 9.42 30.69 91.26
CA ASN J 226 8.28 29.98 91.83
C ASN J 226 7.44 30.95 92.65
N ALA J 227 6.17 30.60 92.83
CA ALA J 227 5.25 31.45 93.57
C ALA J 227 5.22 31.13 95.06
N ASP J 228 5.47 29.88 95.43
CA ASP J 228 5.46 29.46 96.81
C ASP J 228 6.80 29.67 97.50
N THR J 229 7.76 30.30 96.82
CA THR J 229 9.06 30.54 97.43
C THR J 229 8.95 31.64 98.48
N ASP J 230 9.95 31.68 99.35
CA ASP J 230 10.00 32.68 100.41
C ASP J 230 11.47 32.96 100.72
N TYR J 231 11.71 33.52 101.90
CA TYR J 231 13.04 34.03 102.25
C TYR J 231 14.01 32.91 102.56
N SER J 232 13.56 31.86 103.23
CA SER J 232 14.47 30.82 103.70
CA SER J 232 14.47 30.82 103.71
C SER J 232 15.08 30.03 102.55
N ILE J 233 14.24 29.52 101.65
CA ILE J 233 14.74 28.76 100.50
C ILE J 233 15.63 29.63 99.64
N ALA J 234 15.25 30.89 99.46
CA ALA J 234 16.04 31.83 98.66
C ALA J 234 17.43 32.02 99.23
N GLU J 235 17.51 32.42 100.50
CA GLU J 235 18.82 32.69 101.10
C GLU J 235 19.64 31.41 101.24
N ALA J 236 19.01 30.28 101.53
CA ALA J 236 19.76 29.04 101.65
C ALA J 236 20.32 28.58 100.31
N ALA J 237 19.54 28.76 99.23
CA ALA J 237 20.02 28.40 97.91
C ALA J 237 21.11 29.36 97.44
N PHE J 238 21.01 30.64 97.81
CA PHE J 238 22.07 31.58 97.45
C PHE J 238 23.35 31.31 98.23
N ASN J 239 23.22 30.87 99.49
CA ASN J 239 24.41 30.46 100.24
C ASN J 239 25.08 29.25 99.62
N LYS J 240 24.30 28.34 99.03
CA LYS J 240 24.88 27.26 98.25
C LYS J 240 25.38 27.73 96.90
N GLY J 241 24.87 28.86 96.40
CA GLY J 241 25.26 29.34 95.10
C GLY J 241 24.45 28.76 93.95
N GLU J 242 23.19 28.41 94.20
CA GLU J 242 22.34 27.88 93.14
C GLU J 242 21.63 28.97 92.37
N THR J 243 20.99 29.90 93.07
CA THR J 243 20.45 31.11 92.46
C THR J 243 21.53 32.18 92.50
N ALA J 244 21.65 32.95 91.41
CA ALA J 244 22.73 33.93 91.32
C ALA J 244 22.37 35.29 91.87
N MET J 245 21.13 35.74 91.70
CA MET J 245 20.70 37.05 92.15
C MET J 245 19.82 36.92 93.38
N THR J 246 19.92 37.90 94.27
CA THR J 246 18.92 38.03 95.33
C THR J 246 18.82 39.49 95.72
N ILE J 247 17.76 39.81 96.45
CA ILE J 247 17.52 41.16 96.95
C ILE J 247 17.39 41.08 98.46
N ASN J 248 18.20 41.88 99.17
CA ASN J 248 18.26 41.74 100.62
C ASN J 248 18.81 43.02 101.23
N GLY J 249 18.46 43.25 102.49
CA GLY J 249 19.00 44.34 103.26
C GLY J 249 20.31 43.96 103.90
N PRO J 250 20.65 44.62 105.01
CA PRO J 250 21.93 44.34 105.67
C PRO J 250 21.93 43.04 106.48
N TRP J 251 20.77 42.65 107.02
CA TRP J 251 20.72 41.64 108.08
C TRP J 251 21.21 40.27 107.63
N ALA J 252 21.27 40.00 106.32
CA ALA J 252 21.72 38.71 105.84
C ALA J 252 23.15 38.73 105.33
N TRP J 253 23.80 39.90 105.34
CA TRP J 253 25.14 40.04 104.76
C TRP J 253 26.12 39.05 105.38
N SER J 254 26.20 39.03 106.71
CA SER J 254 27.09 38.11 107.41
C SER J 254 26.75 36.66 107.10
N ASN J 255 25.47 36.35 106.90
CA ASN J 255 25.07 35.00 106.49
C ASN J 255 25.73 34.61 105.18
N ILE J 256 25.75 35.54 104.22
CA ILE J 256 26.44 35.26 102.97
C ILE J 256 27.94 35.19 103.20
N ASP J 257 28.44 35.91 104.20
CA ASP J 257 29.83 35.77 104.61
C ASP J 257 30.12 34.44 105.29
N THR J 258 29.08 33.67 105.65
CA THR J 258 29.32 32.27 106.03
C THR J 258 29.51 31.39 104.80
N SER J 259 28.95 31.78 103.66
CA SER J 259 29.04 30.96 102.47
CA SER J 259 29.05 30.96 102.46
C SER J 259 30.42 31.00 101.82
N LYS J 260 31.20 32.05 102.08
CA LYS J 260 32.51 32.30 101.47
C LYS J 260 32.43 32.37 99.95
N VAL J 261 31.22 32.62 99.42
CA VAL J 261 31.05 32.82 97.99
C VAL J 261 31.58 34.20 97.62
N ASN J 262 32.35 34.27 96.55
CA ASN J 262 32.86 35.56 96.11
C ASN J 262 31.70 36.38 95.53
N TYR J 263 31.11 37.22 96.37
CA TYR J 263 29.90 37.93 96.01
C TYR J 263 30.12 39.43 96.04
N GLY J 264 29.24 40.15 95.33
CA GLY J 264 29.21 41.59 95.37
C GLY J 264 27.81 42.09 95.64
N VAL J 265 27.73 43.38 95.94
CA VAL J 265 26.47 44.07 96.22
C VAL J 265 26.39 45.30 95.34
N THR J 266 25.25 45.50 94.70
CA THR J 266 25.04 46.65 93.84
C THR J 266 23.61 47.14 93.95
N VAL J 267 23.31 48.20 93.20
CA VAL J 267 21.96 48.74 93.14
C VAL J 267 21.07 47.81 92.33
N LEU J 268 19.78 47.84 92.64
CA LEU J 268 18.81 47.10 91.86
C LEU J 268 18.71 47.70 90.46
N PRO J 269 18.41 46.88 89.45
CA PRO J 269 18.23 47.41 88.09
C PRO J 269 17.06 48.37 88.01
N THR J 270 17.14 49.28 87.05
CA THR J 270 16.01 50.16 86.76
C THR J 270 15.03 49.43 85.85
N PHE J 271 13.81 49.96 85.80
CA PHE J 271 12.73 49.31 85.06
C PHE J 271 11.98 50.35 84.25
N LYS J 272 12.02 50.20 82.93
CA LYS J 272 11.42 51.14 81.97
C LYS J 272 11.98 52.56 82.14
N GLY J 273 13.21 52.65 82.64
CA GLY J 273 13.82 53.92 82.97
C GLY J 273 13.59 54.38 84.39
N GLN J 274 12.46 54.03 84.98
CA GLN J 274 12.19 54.40 86.37
C GLN J 274 12.89 53.42 87.30
N PRO J 275 13.81 53.88 88.16
CA PRO J 275 14.52 52.96 89.03
C PRO J 275 13.63 52.44 90.15
N SER J 276 14.08 51.33 90.74
CA SER J 276 13.35 50.67 91.81
C SER J 276 13.24 51.58 93.03
N LYS J 277 12.29 51.25 93.90
CA LYS J 277 11.93 52.10 95.04
C LYS J 277 11.77 51.25 96.29
N PRO J 278 12.87 50.90 96.95
CA PRO J 278 12.79 50.12 98.19
C PRO J 278 12.33 50.96 99.37
N PHE J 279 11.80 50.26 100.38
CA PHE J 279 11.44 50.91 101.62
C PHE J 279 12.68 51.34 102.38
N VAL J 280 12.78 52.64 102.66
CA VAL J 280 13.89 53.20 103.41
C VAL J 280 13.52 53.13 104.89
N GLY J 281 14.21 52.27 105.63
CA GLY J 281 13.96 52.15 107.06
C GLY J 281 15.02 52.87 107.86
N VAL J 282 14.65 53.93 108.56
CA VAL J 282 15.61 54.82 109.18
C VAL J 282 15.55 54.60 110.69
N LEU J 283 16.64 54.09 111.24
CA LEU J 283 16.85 54.03 112.68
C LEU J 283 17.22 55.42 113.18
N SER J 284 16.35 56.01 113.98
CA SER J 284 16.54 57.33 114.56
C SER J 284 16.42 57.23 116.08
N ALA J 285 16.88 58.29 116.74
CA ALA J 285 16.91 58.38 118.20
C ALA J 285 15.89 59.43 118.62
N GLY J 286 14.73 58.98 119.10
CA GLY J 286 13.70 59.86 119.59
C GLY J 286 13.94 60.24 121.04
N ILE J 287 13.76 61.52 121.33
CA ILE J 287 13.81 62.04 122.70
C ILE J 287 12.41 61.96 123.27
N ASN J 288 12.29 61.50 124.52
CA ASN J 288 10.98 61.37 125.14
C ASN J 288 10.37 62.76 125.33
N ALA J 289 9.06 62.86 125.09
CA ALA J 289 8.37 64.14 125.16
C ALA J 289 8.11 64.60 126.58
N ALA J 290 8.25 63.72 127.57
CA ALA J 290 8.14 64.09 128.96
C ALA J 290 9.49 64.47 129.57
N SER J 291 10.53 64.53 128.75
CA SER J 291 11.88 64.76 129.25
C SER J 291 12.07 66.23 129.63
N PRO J 292 12.57 66.52 130.83
CA PRO J 292 13.19 67.82 131.11
C PRO J 292 14.68 67.87 130.80
N ASN J 293 15.18 66.93 129.98
CA ASN J 293 16.61 66.79 129.70
C ASN J 293 16.90 67.06 128.23
N LYS J 294 16.31 68.13 127.69
CA LYS J 294 16.34 68.36 126.24
C LYS J 294 17.75 68.67 125.75
N GLU J 295 18.40 69.69 126.33
CA GLU J 295 19.68 70.16 125.81
C GLU J 295 20.80 69.17 126.01
N LEU J 296 20.76 68.41 127.11
CA LEU J 296 21.79 67.41 127.36
C LEU J 296 21.78 66.32 126.28
N ALA J 297 20.59 65.76 126.02
CA ALA J 297 20.48 64.72 125.00
C ALA J 297 20.73 65.27 123.60
N LYS J 298 20.34 66.52 123.36
CA LYS J 298 20.63 67.13 122.06
C LYS J 298 22.13 67.29 121.85
N GLU J 299 22.85 67.69 122.91
CA GLU J 299 24.31 67.78 122.82
CA GLU J 299 24.31 67.78 122.82
C GLU J 299 24.93 66.41 122.59
N PHE J 300 24.45 65.40 123.31
CA PHE J 300 24.98 64.05 123.15
C PHE J 300 24.71 63.50 121.75
N LEU J 301 23.57 63.86 121.16
CA LEU J 301 23.24 63.35 119.83
C LEU J 301 23.98 64.09 118.73
N GLU J 302 24.17 65.40 118.88
CA GLU J 302 24.74 66.19 117.81
C GLU J 302 26.26 66.22 117.84
N ASN J 303 26.86 66.45 119.01
CA ASN J 303 28.30 66.63 119.10
C ASN J 303 29.06 65.33 119.36
N TYR J 304 28.38 64.27 119.77
CA TYR J 304 29.03 63.00 120.05
C TYR J 304 28.51 61.85 119.19
N LEU J 305 27.18 61.70 119.07
CA LEU J 305 26.63 60.59 118.31
C LEU J 305 26.78 60.79 116.81
N LEU J 306 26.16 61.84 116.29
CA LEU J 306 26.11 62.06 114.84
C LEU J 306 27.35 62.78 114.33
N THR J 307 28.51 62.26 114.72
CA THR J 307 29.82 62.70 114.27
C THR J 307 30.60 61.49 113.77
N ASP J 308 31.86 61.69 113.41
CA ASP J 308 32.66 60.59 112.89
C ASP J 308 32.97 59.57 113.99
N GLU J 309 33.43 60.04 115.15
CA GLU J 309 33.91 59.12 116.16
C GLU J 309 32.78 58.38 116.85
N GLY J 310 31.59 58.97 116.95
CA GLY J 310 30.48 58.27 117.59
C GLY J 310 29.97 57.12 116.76
N LEU J 311 29.71 57.37 115.47
CA LEU J 311 29.31 56.30 114.57
C LEU J 311 30.43 55.29 114.37
N GLU J 312 31.69 55.73 114.45
CA GLU J 312 32.81 54.79 114.40
C GLU J 312 32.78 53.85 115.60
N ALA J 313 32.62 54.41 116.80
CA ALA J 313 32.61 53.61 118.02
C ALA J 313 31.43 52.65 118.07
N VAL J 314 30.26 53.06 117.56
CA VAL J 314 29.16 52.11 117.56
C VAL J 314 29.36 51.06 116.47
N ASN J 315 29.99 51.41 115.35
CA ASN J 315 30.19 50.45 114.27
C ASN J 315 31.31 49.47 114.53
N LYS J 316 32.20 49.74 115.49
CA LYS J 316 33.21 48.72 115.81
C LYS J 316 32.57 47.46 116.39
N ASP J 317 31.45 47.58 117.11
CA ASP J 317 30.76 46.40 117.60
C ASP J 317 29.78 45.86 116.58
N LYS J 318 28.80 46.68 116.19
CA LYS J 318 27.82 46.29 115.17
C LYS J 318 27.63 47.47 114.22
N PRO J 319 27.71 47.26 112.92
CA PRO J 319 27.61 48.36 111.97
C PRO J 319 26.19 48.88 111.83
N LEU J 320 26.07 50.00 111.13
CA LEU J 320 24.79 50.60 110.82
C LEU J 320 24.51 50.69 109.33
N GLY J 321 25.41 50.19 108.49
CA GLY J 321 25.16 50.20 107.05
C GLY J 321 25.28 51.60 106.51
N ALA J 322 24.21 52.08 105.87
CA ALA J 322 24.13 53.46 105.44
C ALA J 322 23.69 54.32 106.63
N VAL J 323 24.48 55.35 106.93
CA VAL J 323 24.17 56.23 108.06
C VAL J 323 23.63 57.55 107.52
N ALA J 324 23.22 58.44 108.41
CA ALA J 324 22.66 59.72 108.01
C ALA J 324 23.68 60.84 107.91
N LEU J 325 24.80 60.76 108.64
CA LEU J 325 25.80 61.82 108.60
C LEU J 325 26.64 61.72 107.32
N LYS J 326 26.84 62.86 106.67
CA LYS J 326 27.43 62.86 105.33
C LYS J 326 28.89 62.44 105.35
N SER J 327 29.67 62.99 106.29
CA SER J 327 31.10 62.66 106.34
C SER J 327 31.32 61.20 106.67
N TYR J 328 30.55 60.66 107.61
CA TYR J 328 30.67 59.24 107.93
C TYR J 328 30.17 58.36 106.80
N GLU J 329 29.23 58.85 105.98
CA GLU J 329 28.90 58.14 104.76
C GLU J 329 30.05 58.14 103.77
N GLU J 330 30.84 59.22 103.73
CA GLU J 330 32.01 59.20 102.86
C GLU J 330 33.08 58.25 103.42
N GLU J 331 33.17 58.13 104.74
CA GLU J 331 34.08 57.14 105.31
C GLU J 331 33.65 55.71 105.00
N LEU J 332 32.35 55.42 105.11
CA LEU J 332 31.88 54.05 104.89
C LEU J 332 31.62 53.72 103.43
N ALA J 333 31.65 54.71 102.53
CA ALA J 333 31.35 54.44 101.13
C ALA J 333 32.45 53.65 100.41
N LYS J 334 33.59 53.38 101.06
CA LYS J 334 34.56 52.48 100.45
C LYS J 334 34.08 51.04 100.43
N ASP J 335 33.16 50.69 101.30
CA ASP J 335 32.51 49.39 101.24
C ASP J 335 31.40 49.49 100.20
N PRO J 336 31.44 48.72 99.12
CA PRO J 336 30.42 48.87 98.06
C PRO J 336 29.03 48.49 98.51
N ARG J 337 28.90 47.63 99.53
CA ARG J 337 27.59 47.37 100.10
C ARG J 337 26.96 48.63 100.65
N ILE J 338 27.78 49.48 101.28
CA ILE J 338 27.26 50.72 101.86
C ILE J 338 26.85 51.70 100.77
N ALA J 339 27.62 51.75 99.68
CA ALA J 339 27.27 52.62 98.55
C ALA J 339 25.96 52.16 97.90
N ALA J 340 25.81 50.84 97.71
CA ALA J 340 24.58 50.32 97.14
C ALA J 340 23.40 50.60 98.06
N THR J 341 23.60 50.45 99.38
CA THR J 341 22.53 50.72 100.32
C THR J 341 22.13 52.19 100.28
N MET J 342 23.09 53.11 100.22
CA MET J 342 22.71 54.52 100.24
C MET J 342 22.08 54.95 98.92
N GLU J 343 22.49 54.37 97.79
CA GLU J 343 21.83 54.77 96.55
C GLU J 343 20.41 54.20 96.45
N ASN J 344 20.19 52.96 96.92
CA ASN J 344 18.83 52.45 97.00
C ASN J 344 17.99 53.22 98.01
N ALA J 345 18.62 53.74 99.07
CA ALA J 345 17.88 54.50 100.06
C ALA J 345 17.51 55.88 99.52
N GLN J 346 18.40 56.51 98.77
CA GLN J 346 18.09 57.83 98.23
C GLN J 346 17.14 57.76 97.04
N LYS J 347 17.07 56.63 96.34
CA LYS J 347 16.09 56.48 95.28
C LYS J 347 14.85 55.70 95.73
N GLY J 348 14.77 55.33 97.02
CA GLY J 348 13.66 54.56 97.52
C GLY J 348 12.55 55.40 98.12
N GLU J 349 11.53 54.70 98.62
CA GLU J 349 10.39 55.35 99.26
C GLU J 349 10.54 55.24 100.76
N ILE J 350 10.37 56.38 101.45
CA ILE J 350 10.48 56.40 102.90
C ILE J 350 9.26 55.69 103.49
N MET J 351 9.49 54.94 104.58
CA MET J 351 8.41 54.19 105.19
CA MET J 351 8.42 54.19 105.20
C MET J 351 7.40 55.12 105.86
N PRO J 352 6.10 54.89 105.66
CA PRO J 352 5.10 55.76 106.27
C PRO J 352 5.01 55.58 107.78
N ASN J 353 4.76 56.70 108.46
CA ASN J 353 4.64 56.73 109.91
C ASN J 353 3.20 56.66 110.39
N ILE J 354 2.28 56.19 109.55
CA ILE J 354 0.85 56.27 109.82
C ILE J 354 0.29 54.88 110.08
N PRO J 355 -0.79 54.73 110.85
CA PRO J 355 -1.29 53.38 111.15
C PRO J 355 -2.06 52.72 110.01
N GLN J 356 -2.58 53.49 109.04
CA GLN J 356 -3.25 52.89 107.89
C GLN J 356 -2.33 51.98 107.11
N MET J 357 -1.01 52.21 107.20
CA MET J 357 -0.01 51.32 106.64
C MET J 357 -0.24 49.87 107.04
N SER J 358 -0.74 49.63 108.26
CA SER J 358 -1.05 48.28 108.69
C SER J 358 -2.06 47.62 107.76
N ALA J 359 -3.16 48.31 107.45
CA ALA J 359 -4.11 47.76 106.48
C ALA J 359 -3.46 47.59 105.12
N PHE J 360 -2.50 48.45 104.79
CA PHE J 360 -1.68 48.26 103.60
C PHE J 360 -1.06 46.88 103.60
N TRP J 361 -0.37 46.52 104.69
CA TRP J 361 0.24 45.21 104.80
C TRP J 361 -0.79 44.09 104.88
N TYR J 362 -2.06 44.43 105.09
CA TYR J 362 -3.12 43.44 104.97
C TYR J 362 -3.77 43.45 103.60
N ALA J 363 -3.75 44.59 102.90
CA ALA J 363 -4.44 44.66 101.61
C ALA J 363 -3.55 44.16 100.47
N VAL J 364 -2.44 44.87 100.21
CA VAL J 364 -1.66 44.62 99.00
C VAL J 364 -0.99 43.25 99.03
N ARG J 365 -0.73 42.71 100.22
CA ARG J 365 -0.23 41.34 100.31
C ARG J 365 -1.21 40.37 99.66
N THR J 366 -2.51 40.48 100.01
CA THR J 366 -3.52 39.65 99.36
C THR J 366 -3.52 39.85 97.86
N ALA J 367 -3.16 41.06 97.41
CA ALA J 367 -3.05 41.33 95.98
C ALA J 367 -2.10 40.35 95.31
N VAL J 368 -0.88 40.19 95.86
CA VAL J 368 0.02 39.25 95.21
C VAL J 368 -0.43 37.82 95.46
N ILE J 369 -1.20 37.58 96.52
CA ILE J 369 -1.76 36.25 96.72
C ILE J 369 -2.82 35.98 95.65
N ASN J 370 -3.41 37.01 95.08
CA ASN J 370 -4.27 36.82 93.92
C ASN J 370 -3.51 36.91 92.61
N ALA J 371 -2.24 37.35 92.64
CA ALA J 371 -1.47 37.55 91.43
C ALA J 371 -0.61 36.35 91.08
N ALA J 372 0.31 35.98 91.98
CA ALA J 372 1.19 34.85 91.71
C ALA J 372 0.45 33.52 91.73
N SER J 373 -0.69 33.46 92.44
CA SER J 373 -1.54 32.28 92.39
C SER J 373 -2.52 32.30 91.23
N GLY J 374 -2.80 33.48 90.67
CA GLY J 374 -3.69 33.56 89.54
C GLY J 374 -5.16 33.38 89.86
N ARG J 375 -5.55 33.58 91.12
CA ARG J 375 -6.97 33.56 91.45
C ARG J 375 -7.69 34.75 90.85
N GLN J 376 -7.04 35.91 90.84
CA GLN J 376 -7.51 37.11 90.15
C GLN J 376 -6.48 37.50 89.12
N THR J 377 -6.77 38.58 88.39
CA THR J 377 -5.84 39.13 87.43
C THR J 377 -5.01 40.21 88.10
N VAL J 378 -4.30 41.02 87.30
CA VAL J 378 -3.53 42.14 87.84
C VAL J 378 -4.48 43.22 88.39
N ASP J 379 -5.36 43.71 87.53
CA ASP J 379 -6.24 44.83 87.89
C ASP J 379 -7.20 44.44 89.01
N GLU J 380 -7.71 43.20 88.99
CA GLU J 380 -8.63 42.75 90.03
C GLU J 380 -7.95 42.75 91.40
N ALA J 381 -6.74 42.20 91.48
CA ALA J 381 -6.01 42.16 92.74
C ALA J 381 -5.64 43.55 93.21
N LEU J 382 -5.20 44.42 92.30
CA LEU J 382 -4.76 45.73 92.74
C LEU J 382 -5.92 46.62 93.17
N LYS J 383 -7.08 46.54 92.49
CA LYS J 383 -8.21 47.34 92.96
C LYS J 383 -8.90 46.71 94.16
N ASP J 384 -8.69 45.40 94.41
CA ASP J 384 -9.14 44.84 95.67
C ASP J 384 -8.26 45.33 96.81
N ALA J 385 -6.96 45.48 96.56
CA ALA J 385 -6.08 46.09 97.55
C ALA J 385 -6.28 47.59 97.66
N GLN J 386 -6.94 48.21 96.68
CA GLN J 386 -7.16 49.65 96.70
C GLN J 386 -8.10 50.05 97.83
N THR J 387 -9.26 49.43 97.91
CA THR J 387 -10.23 49.74 98.95
C THR J 387 -9.82 49.13 100.28
N SER K 35 -62.07 71.36 9.93
CA SER K 35 -62.02 71.45 8.47
C SER K 35 -61.95 72.92 8.04
N GLU K 36 -61.27 73.73 8.86
CA GLU K 36 -61.04 75.13 8.50
C GLU K 36 -60.18 75.25 7.25
N LEU K 37 -59.28 74.29 7.02
CA LEU K 37 -58.53 74.19 5.78
C LEU K 37 -58.83 72.88 5.06
N GLY K 38 -59.86 72.16 5.49
CA GLY K 38 -60.14 70.86 4.89
C GLY K 38 -60.73 70.97 3.51
N LYS K 39 -61.67 71.90 3.31
CA LYS K 39 -62.16 72.16 1.96
C LYS K 39 -61.11 72.85 1.12
N GLU K 40 -60.21 73.60 1.77
CA GLU K 40 -59.04 74.13 1.08
C GLU K 40 -58.12 73.00 0.62
N LEU K 41 -58.15 71.85 1.29
CA LEU K 41 -57.48 70.67 0.78
C LEU K 41 -58.31 69.98 -0.30
N LEU K 42 -59.63 70.02 -0.18
CA LEU K 42 -60.49 69.38 -1.18
C LEU K 42 -60.35 70.05 -2.54
N GLU K 43 -60.24 71.37 -2.55
CA GLU K 43 -60.12 72.07 -3.83
C GLU K 43 -58.79 71.78 -4.51
N ALA K 44 -57.70 71.71 -3.73
CA ALA K 44 -56.40 71.38 -4.31
C ALA K 44 -56.34 69.91 -4.71
N ALA K 45 -57.07 69.05 -4.02
CA ALA K 45 -57.11 67.65 -4.41
C ALA K 45 -57.90 67.46 -5.70
N ARG K 46 -58.98 68.24 -5.88
CA ARG K 46 -59.68 68.24 -7.16
C ARG K 46 -58.83 68.85 -8.27
N ALA K 47 -58.00 69.84 -7.94
CA ALA K 47 -57.29 70.61 -8.95
C ALA K 47 -55.83 70.23 -9.13
N GLY K 48 -55.18 69.66 -8.10
CA GLY K 48 -53.81 69.25 -8.26
C GLY K 48 -52.78 70.36 -8.20
N GLN K 49 -52.61 70.97 -7.01
CA GLN K 49 -51.56 71.96 -6.76
C GLN K 49 -50.66 71.45 -5.64
N ASP K 50 -49.43 71.06 -5.98
CA ASP K 50 -48.47 70.65 -4.96
C ASP K 50 -48.06 71.83 -4.09
N ASP K 51 -48.02 73.04 -4.67
CA ASP K 51 -47.68 74.22 -3.89
C ASP K 51 -48.76 74.55 -2.86
N GLU K 52 -50.04 74.43 -3.24
CA GLU K 52 -51.12 74.73 -2.32
C GLU K 52 -51.11 73.78 -1.14
N VAL K 53 -50.95 72.48 -1.40
CA VAL K 53 -50.92 71.52 -0.30
C VAL K 53 -49.63 71.63 0.50
N ARG K 54 -48.54 72.06 -0.13
CA ARG K 54 -47.31 72.32 0.62
C ARG K 54 -47.49 73.47 1.60
N ILE K 55 -48.19 74.52 1.18
CA ILE K 55 -48.45 75.64 2.08
C ILE K 55 -49.46 75.25 3.15
N LEU K 56 -50.45 74.43 2.79
CA LEU K 56 -51.43 74.00 3.78
C LEU K 56 -50.83 73.08 4.82
N MET K 57 -49.85 72.26 4.44
CA MET K 57 -49.10 71.51 5.42
C MET K 57 -48.09 72.36 6.17
N ALA K 58 -47.67 73.50 5.59
CA ALA K 58 -46.90 74.46 6.37
C ALA K 58 -47.76 75.13 7.42
N ARG K 59 -49.06 75.27 7.15
CA ARG K 59 -50.01 75.79 8.12
C ARG K 59 -50.68 74.70 8.94
N GLY K 60 -50.37 73.43 8.66
CA GLY K 60 -50.91 72.34 9.44
C GLY K 60 -52.36 72.04 9.15
N ALA K 61 -52.71 71.94 7.87
CA ALA K 61 -54.08 71.62 7.51
C ALA K 61 -54.39 70.15 7.82
N GLU K 62 -55.61 69.90 8.28
CA GLU K 62 -56.01 68.55 8.65
C GLU K 62 -56.20 67.68 7.41
N VAL K 63 -55.70 66.44 7.48
CA VAL K 63 -55.67 65.57 6.32
C VAL K 63 -56.86 64.62 6.25
N ASN K 64 -57.64 64.49 7.33
CA ASN K 64 -58.75 63.54 7.38
C ASN K 64 -60.09 64.26 7.21
N ALA K 65 -60.15 65.23 6.29
CA ALA K 65 -61.34 66.04 6.10
C ALA K 65 -62.36 65.24 5.29
N ALA K 66 -63.36 64.70 5.98
CA ALA K 66 -64.43 63.94 5.33
C ALA K 66 -65.62 64.84 5.06
N ASP K 67 -66.18 64.72 3.86
CA ASP K 67 -67.39 65.46 3.51
C ASP K 67 -68.61 64.66 3.96
N ASN K 68 -69.80 65.06 3.51
CA ASN K 68 -71.03 64.39 3.92
C ASN K 68 -71.13 62.97 3.38
N THR K 69 -70.43 62.65 2.30
CA THR K 69 -70.47 61.33 1.69
C THR K 69 -69.18 60.54 1.90
N GLY K 70 -68.28 61.04 2.73
CA GLY K 70 -67.08 60.31 3.09
C GLY K 70 -65.88 60.52 2.21
N THR K 71 -65.95 61.44 1.26
CA THR K 71 -64.86 61.61 0.30
C THR K 71 -63.74 62.43 0.95
N THR K 72 -62.57 61.83 1.05
CA THR K 72 -61.40 62.42 1.69
C THR K 72 -60.56 63.15 0.66
N PRO K 73 -59.59 63.96 1.10
CA PRO K 73 -58.62 64.50 0.14
C PRO K 73 -57.81 63.43 -0.54
N LEU K 74 -57.56 62.31 0.13
CA LEU K 74 -56.87 61.20 -0.51
C LEU K 74 -57.69 60.60 -1.63
N HIS K 75 -59.02 60.56 -1.48
CA HIS K 75 -59.87 60.03 -2.53
C HIS K 75 -59.77 60.86 -3.80
N LEU K 76 -59.84 62.18 -3.67
CA LEU K 76 -59.73 63.03 -4.85
C LEU K 76 -58.32 63.03 -5.40
N ALA K 77 -57.31 62.90 -4.53
CA ALA K 77 -55.95 62.80 -4.99
C ALA K 77 -55.75 61.54 -5.82
N ALA K 78 -56.41 60.45 -5.43
CA ALA K 78 -56.32 59.22 -6.21
C ALA K 78 -57.11 59.32 -7.51
N TYR K 79 -58.33 59.84 -7.45
CA TYR K 79 -59.17 60.01 -8.63
C TYR K 79 -58.50 60.92 -9.67
N SER K 80 -57.74 61.91 -9.21
CA SER K 80 -57.14 62.86 -10.14
C SER K 80 -55.91 62.26 -10.83
N GLY K 81 -55.06 61.56 -10.09
CA GLY K 81 -53.89 60.95 -10.68
C GLY K 81 -52.61 61.73 -10.56
N HIS K 82 -52.47 62.57 -9.54
CA HIS K 82 -51.23 63.27 -9.25
C HIS K 82 -50.60 62.60 -8.04
N LEU K 83 -49.42 62.00 -8.23
CA LEU K 83 -48.82 61.18 -7.19
C LEU K 83 -48.26 62.00 -6.03
N GLU K 84 -47.91 63.27 -6.27
CA GLU K 84 -47.23 64.06 -5.25
C GLU K 84 -48.15 64.40 -4.09
N ILE K 85 -49.40 64.79 -4.38
CA ILE K 85 -50.34 65.10 -3.32
C ILE K 85 -50.69 63.86 -2.52
N VAL K 86 -50.76 62.70 -3.19
CA VAL K 86 -50.96 61.44 -2.48
C VAL K 86 -49.78 61.15 -1.56
N GLU K 87 -48.57 61.37 -2.06
CA GLU K 87 -47.37 61.10 -1.27
C GLU K 87 -47.34 61.97 -0.02
N VAL K 88 -47.63 63.26 -0.16
CA VAL K 88 -47.55 64.13 1.02
C VAL K 88 -48.72 63.88 1.96
N LEU K 89 -49.89 63.51 1.42
CA LEU K 89 -51.01 63.15 2.29
C LEU K 89 -50.68 61.92 3.12
N LEU K 90 -50.01 60.94 2.52
CA LEU K 90 -49.57 59.79 3.31
C LEU K 90 -48.40 60.14 4.22
N LYS K 91 -47.62 61.17 3.87
CA LYS K 91 -46.56 61.62 4.77
C LYS K 91 -47.13 62.26 6.03
N TYR K 92 -48.29 62.92 5.92
CA TYR K 92 -48.93 63.51 7.09
C TYR K 92 -49.97 62.59 7.69
N GLY K 93 -50.03 61.33 7.29
CA GLY K 93 -50.84 60.35 7.98
C GLY K 93 -52.29 60.28 7.57
N ALA K 94 -52.58 60.45 6.29
CA ALA K 94 -53.94 60.28 5.81
C ALA K 94 -54.34 58.80 5.87
N GLU K 95 -55.63 58.55 5.99
CA GLU K 95 -56.12 57.18 6.12
C GLU K 95 -56.10 56.49 4.75
N VAL K 96 -55.42 55.35 4.68
CA VAL K 96 -55.29 54.64 3.41
C VAL K 96 -56.51 53.81 3.10
N ASN K 97 -57.28 53.42 4.11
CA ASN K 97 -58.40 52.49 3.95
C ASN K 97 -59.71 53.14 4.34
N ALA K 98 -59.88 54.42 3.99
CA ALA K 98 -61.10 55.15 4.33
C ALA K 98 -62.20 54.80 3.33
N ALA K 99 -63.26 54.17 3.81
CA ALA K 99 -64.38 53.79 2.96
C ALA K 99 -65.42 54.90 2.92
N ASP K 100 -65.98 55.13 1.74
CA ASP K 100 -67.04 56.11 1.56
C ASP K 100 -68.39 55.47 1.89
N VAL K 101 -69.49 56.15 1.54
CA VAL K 101 -70.82 55.59 1.74
C VAL K 101 -71.15 54.52 0.72
N PHE K 102 -70.35 54.39 -0.34
CA PHE K 102 -70.51 53.33 -1.32
C PHE K 102 -69.50 52.20 -1.15
N GLY K 103 -68.54 52.35 -0.25
CA GLY K 103 -67.57 51.32 0.02
C GLY K 103 -66.24 51.49 -0.67
N TYR K 104 -66.11 52.46 -1.57
CA TYR K 104 -64.87 52.63 -2.30
C TYR K 104 -63.80 53.23 -1.40
N THR K 105 -62.58 52.74 -1.56
CA THR K 105 -61.36 53.28 -0.99
C THR K 105 -60.57 53.98 -2.08
N PRO K 106 -59.47 54.66 -1.74
CA PRO K 106 -58.61 55.20 -2.80
C PRO K 106 -58.06 54.14 -3.74
N LEU K 107 -57.85 52.91 -3.25
CA LEU K 107 -57.36 51.85 -4.10
C LEU K 107 -58.39 51.47 -5.17
N HIS K 108 -59.67 51.46 -4.80
CA HIS K 108 -60.73 51.19 -5.76
C HIS K 108 -60.73 52.20 -6.90
N LEU K 109 -60.75 53.49 -6.57
CA LEU K 109 -60.77 54.53 -7.59
C LEU K 109 -59.48 54.54 -8.40
N ALA K 110 -58.35 54.24 -7.76
CA ALA K 110 -57.09 54.18 -8.50
C ALA K 110 -57.11 53.04 -9.49
N ALA K 111 -57.70 51.90 -9.12
CA ALA K 111 -57.77 50.77 -10.03
C ALA K 111 -58.77 51.01 -11.16
N TYR K 112 -59.83 51.78 -10.88
CA TYR K 112 -60.81 52.09 -11.92
C TYR K 112 -60.17 52.92 -13.03
N TRP K 113 -59.47 54.00 -12.66
CA TRP K 113 -59.00 54.95 -13.64
C TRP K 113 -57.64 54.59 -14.22
N GLY K 114 -57.01 53.55 -13.72
CA GLY K 114 -55.79 53.06 -14.34
C GLY K 114 -54.57 53.91 -14.05
N HIS K 115 -54.32 54.17 -12.77
CA HIS K 115 -53.17 54.93 -12.33
C HIS K 115 -52.25 53.97 -11.58
N LEU K 116 -51.14 53.59 -12.22
CA LEU K 116 -50.34 52.49 -11.71
C LEU K 116 -49.54 52.90 -10.48
N GLU K 117 -48.85 54.05 -10.54
CA GLU K 117 -47.95 54.45 -9.47
C GLU K 117 -48.69 54.69 -8.16
N ILE K 118 -49.90 55.24 -8.22
CA ILE K 118 -50.59 55.47 -6.96
C ILE K 118 -51.14 54.16 -6.40
N VAL K 119 -51.48 53.20 -7.28
CA VAL K 119 -51.82 51.85 -6.81
C VAL K 119 -50.64 51.25 -6.07
N GLU K 120 -49.44 51.38 -6.65
CA GLU K 120 -48.24 50.83 -6.03
C GLU K 120 -47.97 51.48 -4.67
N VAL K 121 -48.06 52.81 -4.58
CA VAL K 121 -47.72 53.43 -3.30
C VAL K 121 -48.84 53.26 -2.27
N LEU K 122 -50.09 53.06 -2.69
CA LEU K 122 -51.13 52.70 -1.73
C LEU K 122 -50.89 51.32 -1.16
N LEU K 123 -50.54 50.36 -2.02
CA LEU K 123 -50.21 49.03 -1.53
C LEU K 123 -48.95 49.06 -0.66
N LYS K 124 -48.04 49.98 -0.95
CA LYS K 124 -46.83 50.12 -0.15
C LYS K 124 -47.11 50.69 1.23
N ASN K 125 -48.25 51.37 1.41
CA ASN K 125 -48.59 51.98 2.69
C ASN K 125 -49.66 51.21 3.43
N GLY K 126 -49.91 49.96 3.04
CA GLY K 126 -50.82 49.11 3.78
C GLY K 126 -52.27 49.23 3.35
N ALA K 127 -52.52 49.38 2.06
CA ALA K 127 -53.89 49.32 1.55
C ALA K 127 -54.35 47.88 1.47
N ASP K 128 -55.59 47.64 1.89
CA ASP K 128 -56.13 46.29 1.89
C ASP K 128 -56.46 45.86 0.47
N VAL K 129 -55.82 44.80 0.00
CA VAL K 129 -55.90 44.43 -1.41
C VAL K 129 -57.21 43.72 -1.74
N ASN K 130 -57.90 43.18 -0.75
CA ASN K 130 -59.16 42.46 -0.96
C ASN K 130 -60.34 43.23 -0.38
N ALA K 131 -60.32 44.55 -0.52
CA ALA K 131 -61.40 45.38 0.00
C ALA K 131 -62.63 45.26 -0.88
N ARG K 132 -63.78 45.01 -0.25
CA ARG K 132 -65.04 44.88 -0.96
C ARG K 132 -65.81 46.20 -0.90
N ASP K 133 -66.52 46.51 -1.98
CA ASP K 133 -67.40 47.67 -2.01
C ASP K 133 -68.81 47.25 -1.62
N SER K 134 -69.78 48.12 -1.90
CA SER K 134 -71.18 47.77 -1.71
C SER K 134 -71.59 46.58 -2.57
N ASP K 135 -70.99 46.44 -3.75
CA ASP K 135 -71.28 45.33 -4.64
C ASP K 135 -70.44 44.09 -4.34
N GLY K 136 -69.51 44.19 -3.39
CA GLY K 136 -68.57 43.10 -3.18
C GLY K 136 -67.47 43.02 -4.20
N MET K 137 -67.29 44.06 -5.01
CA MET K 137 -66.27 44.04 -6.05
C MET K 137 -64.95 44.56 -5.49
N THR K 138 -63.94 43.72 -5.53
CA THR K 138 -62.60 44.08 -5.12
C THR K 138 -61.96 44.96 -6.19
N PRO K 139 -60.84 45.61 -5.89
CA PRO K 139 -60.13 46.35 -6.95
C PRO K 139 -59.70 45.48 -8.11
N LEU K 140 -59.41 44.20 -7.87
CA LEU K 140 -59.07 43.28 -8.95
C LEU K 140 -60.23 43.09 -9.91
N HIS K 141 -61.46 43.06 -9.39
CA HIS K 141 -62.64 43.05 -10.25
C HIS K 141 -62.63 44.24 -11.20
N LEU K 142 -62.33 45.43 -10.69
CA LEU K 142 -62.34 46.63 -11.52
C LEU K 142 -61.25 46.58 -12.58
N ALA K 143 -60.02 46.25 -12.15
CA ALA K 143 -58.90 46.22 -13.08
C ALA K 143 -59.06 45.12 -14.14
N ALA K 144 -59.76 44.04 -13.82
CA ALA K 144 -60.03 43.02 -14.83
C ALA K 144 -61.18 43.43 -15.73
N LYS K 145 -62.15 44.16 -15.20
CA LYS K 145 -63.27 44.62 -15.99
C LYS K 145 -62.87 45.69 -16.99
N TRP K 146 -61.84 46.48 -16.67
CA TRP K 146 -61.47 47.57 -17.56
C TRP K 146 -60.23 47.29 -18.41
N GLY K 147 -59.48 46.24 -18.11
CA GLY K 147 -58.40 45.84 -18.99
C GLY K 147 -57.04 46.43 -18.70
N HIS K 148 -56.70 46.67 -17.44
CA HIS K 148 -55.41 47.20 -17.06
C HIS K 148 -54.51 46.04 -16.61
N LEU K 149 -53.53 45.69 -17.43
CA LEU K 149 -52.69 44.52 -17.13
C LEU K 149 -51.79 44.77 -15.93
N GLU K 150 -51.05 45.86 -15.95
CA GLU K 150 -50.02 46.09 -14.93
C GLU K 150 -50.63 46.25 -13.55
N ILE K 151 -51.81 46.85 -13.47
CA ILE K 151 -52.52 46.93 -12.20
C ILE K 151 -52.89 45.54 -11.72
N VAL K 152 -53.40 44.70 -12.63
CA VAL K 152 -53.74 43.33 -12.28
C VAL K 152 -52.53 42.58 -11.74
N GLU K 153 -51.37 42.77 -12.36
CA GLU K 153 -50.18 42.05 -11.93
C GLU K 153 -49.66 42.53 -10.59
N VAL K 154 -49.64 43.85 -10.37
CA VAL K 154 -49.23 44.37 -9.08
C VAL K 154 -50.20 43.96 -7.99
N LEU K 155 -51.49 43.86 -8.31
CA LEU K 155 -52.46 43.41 -7.32
C LEU K 155 -52.28 41.93 -7.01
N LEU K 156 -51.95 41.13 -8.03
CA LEU K 156 -51.71 39.72 -7.79
C LEU K 156 -50.45 39.50 -6.97
N ARG K 157 -49.46 40.38 -7.11
CA ARG K 157 -48.24 40.26 -6.31
C ARG K 157 -48.51 40.44 -4.83
N TYR K 158 -49.51 41.23 -4.46
CA TYR K 158 -49.77 41.54 -3.07
C TYR K 158 -50.83 40.66 -2.45
N GLY K 159 -51.29 39.65 -3.16
CA GLY K 159 -52.20 38.67 -2.60
C GLY K 159 -53.66 38.88 -2.88
N ALA K 160 -54.03 39.42 -4.04
CA ALA K 160 -55.43 39.58 -4.38
C ALA K 160 -56.08 38.24 -4.61
N ASP K 161 -57.31 38.09 -4.13
CA ASP K 161 -58.02 36.82 -4.22
C ASP K 161 -58.56 36.62 -5.63
N VAL K 162 -58.17 35.51 -6.26
CA VAL K 162 -58.60 35.21 -7.61
C VAL K 162 -60.06 34.75 -7.61
N GLU K 163 -60.54 34.20 -6.50
CA GLU K 163 -61.84 33.55 -6.46
C GLU K 163 -62.91 34.39 -5.78
N ALA K 164 -62.67 35.69 -5.62
CA ALA K 164 -63.66 36.56 -5.02
C ALA K 164 -64.85 36.75 -5.96
N GLN K 165 -66.05 36.56 -5.44
CA GLN K 165 -67.28 36.75 -6.21
C GLN K 165 -68.03 37.98 -5.72
N ASP K 166 -68.68 38.68 -6.64
CA ASP K 166 -69.47 39.86 -6.31
C ASP K 166 -70.91 39.43 -6.06
N LYS K 167 -71.84 40.37 -6.03
CA LYS K 167 -73.24 40.05 -5.75
C LYS K 167 -73.87 39.18 -6.84
N PHE K 168 -73.35 39.20 -8.06
CA PHE K 168 -73.85 38.37 -9.13
C PHE K 168 -73.17 37.03 -9.20
N GLY K 169 -72.20 36.78 -8.34
CA GLY K 169 -71.43 35.55 -8.43
C GLY K 169 -70.38 35.57 -9.52
N LYS K 170 -69.82 36.73 -9.82
CA LYS K 170 -68.83 36.88 -10.88
C LYS K 170 -67.44 36.98 -10.25
N THR K 171 -66.51 36.18 -10.76
CA THR K 171 -65.10 36.33 -10.44
C THR K 171 -64.47 37.31 -11.41
N PRO K 172 -63.27 37.82 -11.10
CA PRO K 172 -62.59 38.68 -12.09
C PRO K 172 -62.32 38.01 -13.42
N PHE K 173 -62.18 36.69 -13.43
CA PHE K 173 -62.04 35.96 -14.69
C PHE K 173 -63.30 36.10 -15.55
N ASP K 174 -64.46 36.07 -14.91
CA ASP K 174 -65.72 36.26 -15.64
C ASP K 174 -65.84 37.67 -16.19
N LEU K 175 -65.46 38.66 -15.39
CA LEU K 175 -65.53 40.04 -15.88
C LEU K 175 -64.51 40.28 -16.98
N ALA K 176 -63.41 39.54 -16.98
CA ALA K 176 -62.43 39.72 -18.04
C ALA K 176 -62.84 39.03 -19.33
N ILE K 177 -63.56 37.90 -19.24
CA ILE K 177 -64.01 37.29 -20.49
C ILE K 177 -65.24 38.02 -21.03
N ASP K 178 -66.05 38.62 -20.15
CA ASP K 178 -67.24 39.32 -20.63
C ASP K 178 -66.90 40.62 -21.35
N ASN K 179 -65.73 41.19 -21.10
CA ASN K 179 -65.33 42.45 -21.72
C ASN K 179 -64.19 42.27 -22.71
N GLY K 180 -63.84 41.05 -23.06
CA GLY K 180 -62.87 40.82 -24.12
C GLY K 180 -61.42 41.00 -23.75
N ASN K 181 -61.09 40.98 -22.46
CA ASN K 181 -59.70 41.10 -22.03
C ASN K 181 -59.11 39.70 -21.89
N GLU K 182 -58.69 39.15 -23.03
CA GLU K 182 -58.35 37.74 -23.09
C GLU K 182 -57.01 37.42 -22.43
N ASP K 183 -56.05 38.34 -22.47
CA ASP K 183 -54.77 38.07 -21.82
C ASP K 183 -54.89 38.10 -20.30
N ILE K 184 -55.72 39.00 -19.76
CA ILE K 184 -56.01 38.98 -18.34
C ILE K 184 -56.61 37.64 -17.93
N ALA K 185 -57.59 37.17 -18.71
CA ALA K 185 -58.23 35.90 -18.40
C ALA K 185 -57.26 34.74 -18.51
N GLU K 186 -56.30 34.82 -19.43
CA GLU K 186 -55.28 33.78 -19.54
C GLU K 186 -54.43 33.72 -18.28
N VAL K 187 -53.96 34.88 -17.82
CA VAL K 187 -53.16 34.94 -16.61
C VAL K 187 -53.93 34.40 -15.42
N LEU K 188 -55.19 34.84 -15.28
CA LEU K 188 -56.01 34.43 -14.15
C LEU K 188 -56.34 32.95 -14.18
N GLN K 189 -56.44 32.36 -15.37
CA GLN K 189 -56.77 30.95 -15.45
C GLN K 189 -55.56 30.07 -15.16
N ALA K 190 -54.41 30.44 -15.71
CA ALA K 190 -53.20 29.66 -15.48
C ALA K 190 -52.78 29.68 -14.02
N LEU K 191 -52.94 30.81 -13.35
CA LEU K 191 -52.54 30.91 -11.95
C LEU K 191 -53.38 29.96 -11.08
N LEU K 192 -54.69 29.99 -11.27
CA LEU K 192 -55.59 29.13 -10.52
C LEU K 192 -55.30 27.66 -10.79
N ALA K 193 -54.98 27.32 -12.04
CA ALA K 193 -54.74 25.92 -12.38
C ALA K 193 -53.47 25.39 -11.72
N ILE K 194 -52.41 26.20 -11.68
CA ILE K 194 -51.19 25.73 -11.04
C ILE K 194 -51.37 25.64 -9.52
N ASN K 195 -52.14 26.54 -8.92
CA ASN K 195 -52.36 26.42 -7.48
C ASN K 195 -53.18 25.20 -7.14
N ARG K 196 -54.16 24.86 -7.98
CA ARG K 196 -54.92 23.64 -7.74
C ARG K 196 -54.08 22.39 -7.93
N GLN K 197 -53.13 22.41 -8.86
CA GLN K 197 -52.25 21.25 -8.99
C GLN K 197 -51.34 21.11 -7.78
N ILE K 198 -50.88 22.22 -7.19
CA ILE K 198 -50.09 22.13 -5.96
C ILE K 198 -50.92 21.50 -4.84
N ASN K 199 -52.16 21.94 -4.67
CA ASN K 199 -52.99 21.36 -3.64
C ASN K 199 -53.27 19.89 -3.90
N LEU K 200 -53.42 19.50 -5.17
CA LEU K 200 -53.70 18.11 -5.48
C LEU K 200 -52.50 17.21 -5.23
N GLU K 201 -51.28 17.71 -5.46
CA GLU K 201 -50.12 16.92 -5.09
C GLU K 201 -49.95 16.81 -3.59
N LEU K 202 -50.30 17.86 -2.84
CA LEU K 202 -50.24 17.75 -1.38
C LEU K 202 -51.29 16.80 -0.84
N TYR K 203 -52.45 16.71 -1.50
CA TYR K 203 -53.48 15.78 -1.09
C TYR K 203 -53.04 14.34 -1.22
N ALA K 204 -52.42 14.00 -2.34
CA ALA K 204 -52.05 12.61 -2.62
C ALA K 204 -50.99 12.10 -1.68
N SER K 205 -50.16 12.97 -1.12
CA SER K 205 -49.12 12.57 -0.19
C SER K 205 -49.72 12.10 1.13
N TYR K 206 -50.82 12.72 1.52
CA TYR K 206 -51.50 12.45 2.78
C TYR K 206 -52.33 11.17 2.69
N VAL K 207 -52.85 10.85 1.51
CA VAL K 207 -53.51 9.57 1.28
C VAL K 207 -52.52 8.42 1.41
N TYR K 208 -51.31 8.61 0.87
CA TYR K 208 -50.28 7.58 0.99
C TYR K 208 -49.79 7.45 2.42
N LEU K 209 -49.75 8.54 3.17
CA LEU K 209 -49.43 8.45 4.58
C LEU K 209 -50.46 7.61 5.34
N SER K 210 -51.73 7.87 5.08
CA SER K 210 -52.80 7.06 5.67
C SER K 210 -52.63 5.59 5.33
N MET K 211 -52.45 5.29 4.05
CA MET K 211 -52.28 3.91 3.59
C MET K 211 -51.10 3.24 4.26
N SER K 212 -49.97 3.94 4.37
CA SER K 212 -48.78 3.37 4.96
C SER K 212 -49.00 3.00 6.41
N TYR K 213 -49.59 3.90 7.20
CA TYR K 213 -49.77 3.56 8.60
C TYR K 213 -50.97 2.66 8.85
N TYR K 214 -51.77 2.34 7.83
CA TYR K 214 -52.73 1.27 7.99
C TYR K 214 -52.05 -0.09 8.00
N PHE K 215 -50.97 -0.25 7.25
CA PHE K 215 -50.37 -1.54 7.00
C PHE K 215 -49.39 -1.98 8.06
N ASP K 216 -49.21 -1.20 9.13
CA ASP K 216 -48.41 -1.69 10.24
C ASP K 216 -49.19 -1.70 11.54
N ARG K 217 -50.52 -1.68 11.46
CA ARG K 217 -51.33 -2.06 12.61
C ARG K 217 -51.06 -3.51 12.97
N ASP K 218 -51.26 -3.84 14.24
CA ASP K 218 -50.91 -5.20 14.68
C ASP K 218 -51.84 -6.27 14.12
N ASP K 219 -53.00 -5.90 13.59
CA ASP K 219 -53.84 -6.85 12.87
C ASP K 219 -53.69 -6.76 11.37
N VAL K 220 -52.84 -5.88 10.86
CA VAL K 220 -52.43 -5.86 9.45
C VAL K 220 -50.90 -5.83 9.48
N ALA K 221 -50.28 -6.98 9.52
CA ALA K 221 -48.84 -7.02 9.78
C ALA K 221 -48.05 -7.20 8.50
N LEU K 222 -48.12 -6.21 7.62
CA LEU K 222 -47.42 -6.25 6.33
C LEU K 222 -46.45 -5.08 6.23
N LYS K 223 -45.17 -5.34 6.51
CA LYS K 223 -44.17 -4.29 6.66
C LYS K 223 -43.74 -3.67 5.34
N ASN K 224 -43.74 -4.46 4.27
CA ASN K 224 -43.24 -3.97 3.01
C ASN K 224 -44.28 -3.17 2.25
N PHE K 225 -45.55 -3.47 2.45
CA PHE K 225 -46.63 -2.59 2.01
C PHE K 225 -46.50 -1.21 2.65
N ALA K 226 -46.28 -1.17 3.96
CA ALA K 226 -46.15 0.09 4.66
C ALA K 226 -44.94 0.88 4.19
N LYS K 227 -43.83 0.18 3.96
CA LYS K 227 -42.61 0.82 3.46
C LYS K 227 -42.82 1.42 2.06
N TYR K 228 -43.49 0.66 1.19
CA TYR K 228 -43.81 1.12 -0.15
C TYR K 228 -44.64 2.39 -0.14
N PHE K 229 -45.68 2.42 0.68
CA PHE K 229 -46.55 3.59 0.68
C PHE K 229 -45.93 4.80 1.35
N LEU K 230 -45.01 4.60 2.30
CA LEU K 230 -44.27 5.74 2.82
C LEU K 230 -43.35 6.35 1.75
N HIS K 231 -42.74 5.48 0.94
CA HIS K 231 -41.93 5.99 -0.17
C HIS K 231 -42.76 6.84 -1.13
N GLN K 232 -43.97 6.37 -1.47
CA GLN K 232 -44.82 7.15 -2.36
C GLN K 232 -45.22 8.49 -1.75
N SER K 233 -45.49 8.50 -0.45
CA SER K 233 -45.83 9.75 0.24
C SER K 233 -44.73 10.79 0.08
N HIS K 234 -43.49 10.39 0.28
CA HIS K 234 -42.40 11.36 0.18
C HIS K 234 -42.16 11.81 -1.27
N GLU K 235 -42.38 10.91 -2.24
CA GLU K 235 -42.25 11.31 -3.63
C GLU K 235 -43.28 12.37 -4.02
N GLU K 236 -44.51 12.23 -3.53
CA GLU K 236 -45.52 13.24 -3.86
C GLU K 236 -45.23 14.57 -3.18
N ARG K 237 -44.67 14.55 -1.98
CA ARG K 237 -44.21 15.79 -1.36
C ARG K 237 -43.17 16.49 -2.22
N GLU K 238 -42.27 15.73 -2.82
CA GLU K 238 -41.28 16.31 -3.72
C GLU K 238 -41.91 16.89 -4.98
N HIS K 239 -42.94 16.22 -5.54
CA HIS K 239 -43.62 16.77 -6.71
C HIS K 239 -44.24 18.13 -6.41
N ALA K 240 -44.89 18.25 -5.27
CA ALA K 240 -45.51 19.52 -4.90
C ALA K 240 -44.46 20.61 -4.72
N GLU K 241 -43.33 20.27 -4.10
CA GLU K 241 -42.29 21.27 -3.92
C GLU K 241 -41.67 21.72 -5.24
N LYS K 242 -41.56 20.81 -6.21
CA LYS K 242 -41.10 21.23 -7.54
C LYS K 242 -42.05 22.21 -8.19
N LEU K 243 -43.36 21.99 -8.06
CA LEU K 243 -44.29 22.94 -8.64
C LEU K 243 -44.21 24.30 -7.94
N MET K 244 -43.97 24.30 -6.64
CA MET K 244 -43.80 25.55 -5.91
C MET K 244 -42.57 26.31 -6.36
N LYS K 245 -41.46 25.60 -6.58
CA LYS K 245 -40.26 26.25 -7.08
C LYS K 245 -40.46 26.84 -8.47
N LEU K 246 -41.13 26.10 -9.35
CA LEU K 246 -41.45 26.62 -10.67
C LEU K 246 -42.27 27.89 -10.59
N GLN K 247 -43.31 27.89 -9.76
CA GLN K 247 -44.14 29.07 -9.62
C GLN K 247 -43.34 30.27 -9.08
N ASN K 248 -42.35 30.02 -8.23
CA ASN K 248 -41.53 31.14 -7.78
C ASN K 248 -40.57 31.65 -8.85
N GLN K 249 -40.10 30.80 -9.76
CA GLN K 249 -39.23 31.27 -10.83
C GLN K 249 -39.94 32.14 -11.85
N ARG K 250 -41.23 31.94 -12.05
CA ARG K 250 -41.98 32.71 -13.03
C ARG K 250 -42.47 34.04 -12.50
N GLY K 251 -42.38 34.26 -11.19
CA GLY K 251 -42.93 35.46 -10.62
C GLY K 251 -44.40 35.40 -10.29
N GLY K 252 -44.97 34.20 -10.23
CA GLY K 252 -46.36 34.03 -9.84
C GLY K 252 -46.52 33.94 -8.34
N ALA K 253 -47.77 33.87 -7.92
CA ALA K 253 -48.14 33.96 -6.51
C ALA K 253 -48.67 32.62 -6.03
N ILE K 254 -47.87 31.94 -5.19
CA ILE K 254 -48.34 30.75 -4.52
C ILE K 254 -49.44 31.10 -3.54
N SER K 255 -50.48 30.29 -3.50
CA SER K 255 -51.62 30.49 -2.62
C SER K 255 -52.10 29.13 -2.13
N LEU K 256 -51.92 28.86 -0.84
CA LEU K 256 -52.17 27.55 -0.28
C LEU K 256 -53.56 27.46 0.33
N GLN K 257 -54.14 26.27 0.27
CA GLN K 257 -55.47 25.97 0.78
C GLN K 257 -55.39 24.83 1.78
N ASP K 258 -56.54 24.46 2.34
CA ASP K 258 -56.61 23.31 3.22
C ASP K 258 -56.31 22.03 2.48
N ILE K 259 -55.71 21.08 3.18
CA ILE K 259 -55.54 19.73 2.68
C ILE K 259 -56.55 18.85 3.37
N LYS K 260 -57.45 18.25 2.60
CA LYS K 260 -58.55 17.49 3.18
C LYS K 260 -58.11 16.08 3.52
N LYS K 261 -58.82 15.48 4.48
CA LYS K 261 -58.45 14.14 4.98
C LYS K 261 -58.82 13.07 3.95
N PRO K 262 -58.06 11.98 3.87
CA PRO K 262 -58.35 10.89 2.93
C PRO K 262 -59.74 10.31 3.13
N ASP K 263 -60.18 9.54 2.14
CA ASP K 263 -61.54 9.02 2.15
C ASP K 263 -61.75 7.91 3.17
N CYS K 264 -60.73 7.11 3.42
CA CYS K 264 -60.81 6.05 4.41
C CYS K 264 -59.74 6.24 5.46
N ASP K 265 -60.06 5.79 6.68
CA ASP K 265 -59.04 5.40 7.64
C ASP K 265 -58.72 3.92 7.54
N ASP K 266 -59.68 3.11 7.12
CA ASP K 266 -59.53 1.66 7.06
C ASP K 266 -59.62 1.22 5.62
N TRP K 267 -58.45 0.95 5.03
CA TRP K 267 -58.39 0.17 3.83
C TRP K 267 -58.68 -1.29 4.18
N GLU K 268 -58.79 -2.16 3.20
CA GLU K 268 -59.31 -3.47 3.51
C GLU K 268 -58.34 -4.61 3.26
N SER K 269 -57.38 -4.44 2.36
CA SER K 269 -56.45 -5.48 1.97
C SER K 269 -55.35 -4.79 1.18
N GLY K 270 -54.35 -5.57 0.76
CA GLY K 270 -53.35 -5.03 -0.12
C GLY K 270 -53.90 -4.76 -1.51
N LEU K 271 -54.78 -5.64 -1.98
CA LEU K 271 -55.39 -5.46 -3.29
C LEU K 271 -56.23 -4.19 -3.36
N ASN K 272 -57.06 -3.96 -2.35
CA ASN K 272 -57.94 -2.80 -2.36
C ASN K 272 -57.16 -1.50 -2.31
N ALA K 273 -56.10 -1.47 -1.51
CA ALA K 273 -55.28 -0.27 -1.43
C ALA K 273 -54.51 -0.03 -2.72
N MET K 274 -54.03 -1.09 -3.36
CA MET K 274 -53.37 -0.92 -4.66
C MET K 274 -54.34 -0.40 -5.72
N GLU K 275 -55.59 -0.84 -5.68
CA GLU K 275 -56.57 -0.35 -6.64
C GLU K 275 -56.94 1.11 -6.38
N CYS K 276 -57.02 1.50 -5.11
CA CYS K 276 -57.28 2.89 -4.79
C CYS K 276 -56.11 3.78 -5.22
N ALA K 277 -54.88 3.29 -5.04
CA ALA K 277 -53.72 4.06 -5.48
C ALA K 277 -53.68 4.21 -7.00
N LEU K 278 -54.11 3.19 -7.73
CA LEU K 278 -54.18 3.31 -9.17
C LEU K 278 -55.20 4.35 -9.60
N HIS K 279 -56.39 4.32 -8.99
CA HIS K 279 -57.41 5.32 -9.27
C HIS K 279 -56.91 6.73 -8.98
N LEU K 280 -56.17 6.90 -7.89
CA LEU K 280 -55.63 8.20 -7.53
C LEU K 280 -54.64 8.71 -8.57
N GLU K 281 -53.68 7.87 -8.98
CA GLU K 281 -52.69 8.35 -9.92
C GLU K 281 -53.29 8.62 -11.29
N LYS K 282 -54.35 7.92 -11.66
CA LYS K 282 -55.03 8.24 -12.91
C LYS K 282 -55.70 9.60 -12.83
N ASN K 283 -56.31 9.95 -11.69
CA ASN K 283 -56.88 11.28 -11.52
C ASN K 283 -55.82 12.37 -11.65
N VAL K 284 -54.67 12.17 -11.02
CA VAL K 284 -53.60 13.16 -11.07
C VAL K 284 -53.11 13.35 -12.51
N ASN K 285 -52.96 12.24 -13.25
CA ASN K 285 -52.54 12.33 -14.64
C ASN K 285 -53.54 13.09 -15.50
N GLN K 286 -54.83 12.90 -15.25
CA GLN K 286 -55.84 13.61 -16.02
C GLN K 286 -55.78 15.11 -15.77
N SER K 287 -55.58 15.52 -14.52
CA SER K 287 -55.47 16.95 -14.27
C SER K 287 -54.19 17.53 -14.86
N LEU K 288 -53.11 16.76 -14.91
CA LEU K 288 -51.90 17.24 -15.57
C LEU K 288 -52.10 17.42 -17.07
N LEU K 289 -52.87 16.55 -17.70
CA LEU K 289 -53.15 16.72 -19.13
C LEU K 289 -53.98 17.96 -19.39
N GLU K 290 -54.94 18.25 -18.51
CA GLU K 290 -55.70 19.49 -18.68
C GLU K 290 -54.81 20.72 -18.50
N LEU K 291 -53.88 20.67 -17.55
CA LEU K 291 -52.94 21.76 -17.36
C LEU K 291 -52.07 21.97 -18.59
N HIS K 292 -51.65 20.88 -19.23
CA HIS K 292 -50.83 21.00 -20.44
C HIS K 292 -51.62 21.61 -21.59
N LYS K 293 -52.89 21.23 -21.74
CA LYS K 293 -53.69 21.80 -22.80
C LYS K 293 -53.93 23.29 -22.58
N LEU K 294 -54.15 23.68 -21.32
CA LEU K 294 -54.30 25.08 -21.00
C LEU K 294 -53.02 25.86 -21.29
N ALA K 295 -51.86 25.29 -20.96
CA ALA K 295 -50.59 25.94 -21.26
C ALA K 295 -50.35 26.06 -22.76
N THR K 296 -50.85 25.12 -23.54
CA THR K 296 -50.67 25.21 -24.98
C THR K 296 -51.59 26.27 -25.58
N ASP K 297 -52.77 26.48 -25.03
CA ASP K 297 -53.60 27.57 -25.49
C ASP K 297 -53.00 28.93 -25.17
N CYS K 298 -52.27 29.05 -24.07
CA CYS K 298 -51.73 30.33 -23.63
C CYS K 298 -50.38 30.66 -24.24
N ASN K 299 -49.88 29.82 -25.14
CA ASN K 299 -48.58 30.00 -25.80
C ASN K 299 -47.45 30.12 -24.78
N ASP K 300 -47.26 29.07 -24.01
CA ASP K 300 -46.24 29.00 -22.95
C ASP K 300 -45.41 27.75 -23.15
N PRO K 301 -44.43 27.78 -24.04
CA PRO K 301 -43.64 26.57 -24.30
C PRO K 301 -42.81 26.11 -23.11
N HIS K 302 -42.40 27.01 -22.23
CA HIS K 302 -41.59 26.62 -21.09
C HIS K 302 -42.39 25.78 -20.11
N LEU K 303 -43.65 26.16 -19.87
CA LEU K 303 -44.52 25.37 -19.00
C LEU K 303 -44.83 24.01 -19.60
N CYS K 304 -45.07 23.97 -20.92
CA CYS K 304 -45.33 22.70 -21.59
C CYS K 304 -44.15 21.75 -21.46
N ASP K 305 -42.94 22.26 -21.70
CA ASP K 305 -41.76 21.40 -21.59
C ASP K 305 -41.50 20.99 -20.15
N PHE K 306 -41.76 21.87 -19.18
CA PHE K 306 -41.63 21.51 -17.78
C PHE K 306 -42.56 20.36 -17.42
N ILE K 307 -43.83 20.46 -17.84
CA ILE K 307 -44.80 19.42 -17.51
C ILE K 307 -44.40 18.09 -18.16
N GLU K 308 -44.11 18.11 -19.45
CA GLU K 308 -43.82 16.85 -20.11
C GLU K 308 -42.43 16.30 -19.79
N THR K 309 -41.53 17.08 -19.20
CA THR K 309 -40.24 16.54 -18.79
C THR K 309 -40.25 16.00 -17.37
N HIS K 310 -40.94 16.64 -16.43
CA HIS K 310 -40.88 16.18 -15.05
C HIS K 310 -42.12 15.47 -14.56
N TYR K 311 -43.21 15.43 -15.33
CA TYR K 311 -44.43 14.91 -14.74
C TYR K 311 -45.11 13.84 -15.59
N LEU K 312 -45.07 13.96 -16.91
CA LEU K 312 -45.88 13.09 -17.74
C LEU K 312 -45.34 11.69 -17.91
N ASN K 313 -44.03 11.50 -17.78
CA ASN K 313 -43.46 10.17 -17.91
C ASN K 313 -43.47 9.42 -16.59
N GLU K 314 -43.37 10.15 -15.48
CA GLU K 314 -43.47 9.53 -14.16
C GLU K 314 -44.87 8.99 -13.92
N GLN K 315 -45.89 9.70 -14.39
CA GLN K 315 -47.26 9.21 -14.24
C GLN K 315 -47.47 7.91 -15.01
N VAL K 316 -46.91 7.83 -16.22
CA VAL K 316 -47.04 6.63 -17.03
C VAL K 316 -46.33 5.46 -16.36
N LYS K 317 -45.14 5.70 -15.83
CA LYS K 317 -44.43 4.64 -15.12
C LYS K 317 -45.20 4.16 -13.90
N ALA K 318 -45.77 5.09 -13.13
CA ALA K 318 -46.48 4.73 -11.91
C ALA K 318 -47.74 3.94 -12.22
N ILE K 319 -48.46 4.33 -13.28
CA ILE K 319 -49.68 3.62 -13.64
C ILE K 319 -49.36 2.22 -14.15
N LYS K 320 -48.27 2.08 -14.89
CA LYS K 320 -47.87 0.75 -15.35
C LYS K 320 -47.50 -0.16 -14.17
N GLU K 321 -46.75 0.37 -13.21
CA GLU K 321 -46.35 -0.44 -12.06
C GLU K 321 -47.52 -0.82 -11.17
N LEU K 322 -48.46 0.10 -10.96
CA LEU K 322 -49.60 -0.22 -10.11
C LEU K 322 -50.54 -1.20 -10.78
N GLY K 323 -50.71 -1.12 -12.09
CA GLY K 323 -51.49 -2.14 -12.78
C GLY K 323 -50.84 -3.50 -12.76
N ASP K 324 -49.50 -3.55 -12.86
CA ASP K 324 -48.77 -4.79 -12.63
C ASP K 324 -49.08 -5.39 -11.28
N HIS K 325 -48.98 -4.60 -10.21
CA HIS K 325 -49.24 -5.10 -8.87
C HIS K 325 -50.66 -5.63 -8.73
N VAL K 326 -51.63 -4.93 -9.32
CA VAL K 326 -53.02 -5.36 -9.20
C VAL K 326 -53.23 -6.71 -9.89
N THR K 327 -52.71 -6.86 -11.12
CA THR K 327 -52.97 -8.13 -11.79
C THR K 327 -52.25 -9.29 -11.16
N ASN K 328 -51.03 -9.07 -10.64
CA ASN K 328 -50.35 -10.18 -9.97
C ASN K 328 -51.07 -10.58 -8.70
N LEU K 329 -51.52 -9.60 -7.92
CA LEU K 329 -52.26 -9.93 -6.70
C LEU K 329 -53.57 -10.64 -7.00
N ARG K 330 -54.26 -10.25 -8.07
CA ARG K 330 -55.49 -10.95 -8.42
C ARG K 330 -55.23 -12.37 -8.90
N LYS K 331 -54.13 -12.59 -9.63
CA LYS K 331 -53.84 -13.94 -10.11
C LYS K 331 -53.43 -14.86 -8.98
N MET K 332 -52.68 -14.36 -8.00
CA MET K 332 -52.27 -15.19 -6.88
C MET K 332 -53.44 -15.63 -6.01
N GLY K 333 -54.57 -14.94 -6.07
CA GLY K 333 -55.75 -15.33 -5.35
C GLY K 333 -56.17 -14.43 -4.22
N ALA K 334 -55.62 -13.23 -4.12
CA ALA K 334 -55.97 -12.28 -3.09
C ALA K 334 -57.30 -11.60 -3.44
N PRO K 335 -58.04 -11.09 -2.44
CA PRO K 335 -57.80 -10.95 -1.00
C PRO K 335 -58.17 -12.16 -0.16
N GLU K 336 -58.96 -13.06 -0.71
CA GLU K 336 -59.46 -14.20 0.04
C GLU K 336 -58.43 -15.30 0.22
N SER K 337 -57.18 -15.06 -0.15
CA SER K 337 -56.07 -15.91 0.19
C SER K 337 -55.07 -15.09 0.99
N GLY K 338 -54.94 -15.40 2.28
CA GLY K 338 -53.94 -14.70 3.08
C GLY K 338 -52.53 -15.11 2.78
N LEU K 339 -52.34 -16.27 2.15
CA LEU K 339 -51.03 -16.69 1.71
C LEU K 339 -50.53 -15.87 0.54
N ALA K 340 -51.45 -15.32 -0.27
CA ALA K 340 -51.06 -14.55 -1.44
C ALA K 340 -50.44 -13.22 -1.06
N GLU K 341 -51.04 -12.51 -0.11
CA GLU K 341 -50.52 -11.20 0.24
C GLU K 341 -49.22 -11.29 1.03
N TYR K 342 -49.06 -12.32 1.85
CA TYR K 342 -47.81 -12.56 2.55
C TYR K 342 -46.66 -12.77 1.57
N LEU K 343 -46.89 -13.59 0.56
CA LEU K 343 -45.83 -13.92 -0.37
C LEU K 343 -45.56 -12.78 -1.36
N PHE K 344 -46.59 -12.03 -1.73
CA PHE K 344 -46.37 -10.81 -2.50
C PHE K 344 -45.54 -9.81 -1.71
N ASP K 345 -45.86 -9.64 -0.43
CA ASP K 345 -45.06 -8.82 0.47
C ASP K 345 -43.59 -9.24 0.46
N LYS K 346 -43.32 -10.54 0.53
CA LYS K 346 -41.94 -10.99 0.57
C LYS K 346 -41.24 -10.81 -0.77
N HIS K 347 -41.85 -11.28 -1.86
CA HIS K 347 -41.09 -11.44 -3.09
C HIS K 347 -41.09 -10.21 -3.99
N THR K 348 -42.19 -9.47 -4.05
CA THR K 348 -42.22 -8.31 -4.93
C THR K 348 -41.80 -7.03 -4.21
N LEU K 349 -42.36 -6.80 -3.03
CA LEU K 349 -42.05 -5.59 -2.30
C LEU K 349 -40.82 -5.72 -1.42
N GLY K 350 -40.31 -6.93 -1.24
CA GLY K 350 -39.14 -7.16 -0.41
C GLY K 350 -37.88 -6.64 -1.04
N LYS L 22 -120.24 87.96 -19.90
CA LYS L 22 -119.49 89.22 -19.81
C LYS L 22 -118.35 89.24 -20.82
N ILE L 23 -118.08 88.09 -21.44
CA ILE L 23 -117.15 88.03 -22.57
C ILE L 23 -117.84 88.64 -23.78
N GLU L 24 -117.19 89.64 -24.39
CA GLU L 24 -117.82 90.42 -25.44
C GLU L 24 -117.88 89.64 -26.76
N GLU L 25 -118.91 89.95 -27.55
CA GLU L 25 -119.18 89.29 -28.82
C GLU L 25 -118.70 90.14 -29.99
N GLY L 26 -118.43 89.48 -31.11
CA GLY L 26 -117.92 90.16 -32.29
C GLY L 26 -116.51 90.71 -32.12
N LYS L 27 -115.80 90.27 -31.10
CA LYS L 27 -114.52 90.86 -30.72
C LYS L 27 -113.71 89.79 -29.99
N LEU L 28 -112.41 89.77 -30.27
CA LEU L 28 -111.52 88.76 -29.72
C LEU L 28 -110.39 89.43 -28.94
N VAL L 29 -110.21 89.02 -27.69
CA VAL L 29 -109.08 89.44 -26.86
C VAL L 29 -108.34 88.18 -26.42
N ILE L 30 -107.01 88.23 -26.51
CA ILE L 30 -106.15 87.08 -26.24
C ILE L 30 -105.13 87.50 -25.20
N TRP L 31 -104.78 86.57 -24.30
CA TRP L 31 -103.69 86.75 -23.36
C TRP L 31 -102.60 85.73 -23.64
N ILE L 32 -101.36 86.20 -23.71
CA ILE L 32 -100.21 85.37 -24.07
C ILE L 32 -98.99 85.90 -23.33
N ASN L 33 -98.18 84.98 -22.81
CA ASN L 33 -97.02 85.38 -22.01
C ASN L 33 -95.98 86.05 -22.89
N GLY L 34 -95.31 87.05 -22.31
CA GLY L 34 -94.37 87.90 -23.02
C GLY L 34 -93.03 87.29 -23.39
N ASP L 35 -92.81 86.01 -23.09
CA ASP L 35 -91.59 85.33 -23.52
C ASP L 35 -91.74 84.70 -24.89
N LYS L 36 -92.83 85.00 -25.59
CA LYS L 36 -93.17 84.40 -26.86
C LYS L 36 -93.25 85.50 -27.92
N GLY L 37 -93.62 85.11 -29.14
CA GLY L 37 -93.91 86.07 -30.17
C GLY L 37 -95.32 86.61 -30.07
N TYR L 38 -95.60 87.36 -29.00
CA TYR L 38 -96.92 87.97 -28.87
C TYR L 38 -97.14 89.04 -29.93
N ASN L 39 -96.05 89.67 -30.40
CA ASN L 39 -96.16 90.54 -31.56
C ASN L 39 -96.53 89.74 -32.81
N GLY L 40 -96.09 88.48 -32.90
CA GLY L 40 -96.57 87.61 -33.97
C GLY L 40 -98.04 87.30 -33.84
N LEU L 41 -98.53 87.20 -32.61
CA LEU L 41 -99.97 87.06 -32.41
C LEU L 41 -100.71 88.32 -32.85
N ALA L 42 -100.12 89.49 -32.64
CA ALA L 42 -100.69 90.71 -33.19
C ALA L 42 -100.66 90.69 -34.73
N GLU L 43 -99.60 90.13 -35.32
CA GLU L 43 -99.52 90.07 -36.77
CA GLU L 43 -99.52 90.07 -36.77
C GLU L 43 -100.57 89.15 -37.36
N VAL L 44 -100.80 88.00 -36.73
CA VAL L 44 -101.84 87.12 -37.27
C VAL L 44 -103.22 87.71 -37.00
N GLY L 45 -103.37 88.44 -35.89
CA GLY L 45 -104.60 89.19 -35.68
C GLY L 45 -104.87 90.19 -36.77
N LYS L 46 -103.85 90.92 -37.23
CA LYS L 46 -104.11 91.89 -38.29
C LYS L 46 -104.27 91.24 -39.66
N LYS L 47 -103.68 90.06 -39.91
CA LYS L 47 -104.10 89.33 -41.11
C LYS L 47 -105.59 89.02 -41.04
N PHE L 48 -106.06 88.54 -39.89
CA PHE L 48 -107.48 88.27 -39.72
C PHE L 48 -108.32 89.52 -39.88
N GLU L 49 -107.79 90.68 -39.47
CA GLU L 49 -108.55 91.92 -39.60
C GLU L 49 -108.65 92.37 -41.05
N LYS L 50 -107.53 92.35 -41.79
CA LYS L 50 -107.61 92.71 -43.20
C LYS L 50 -108.43 91.71 -44.02
N ASP L 51 -108.51 90.46 -43.58
CA ASP L 51 -109.26 89.48 -44.37
C ASP L 51 -110.75 89.46 -44.03
N THR L 52 -111.11 89.51 -42.75
CA THR L 52 -112.50 89.37 -42.33
C THR L 52 -113.08 90.59 -41.62
N GLY L 53 -112.26 91.57 -41.25
CA GLY L 53 -112.76 92.76 -40.58
C GLY L 53 -113.02 92.61 -39.10
N ILE L 54 -112.69 91.47 -38.50
CA ILE L 54 -112.94 91.23 -37.09
C ILE L 54 -111.69 91.58 -36.30
N LYS L 55 -111.83 92.50 -35.35
CA LYS L 55 -110.67 93.01 -34.63
C LYS L 55 -110.17 91.98 -33.62
N VAL L 56 -108.85 91.86 -33.53
CA VAL L 56 -108.19 90.96 -32.58
C VAL L 56 -107.21 91.79 -31.76
N THR L 57 -107.39 91.79 -30.45
CA THR L 57 -106.46 92.46 -29.53
C THR L 57 -105.75 91.40 -28.70
N VAL L 58 -104.44 91.59 -28.51
CA VAL L 58 -103.65 90.72 -27.66
C VAL L 58 -103.04 91.56 -26.54
N GLU L 59 -102.90 90.94 -25.38
CA GLU L 59 -102.30 91.60 -24.23
C GLU L 59 -101.36 90.63 -23.53
N HIS L 60 -100.23 91.16 -23.06
CA HIS L 60 -99.15 90.34 -22.51
C HIS L 60 -98.69 90.89 -21.16
N PRO L 61 -99.48 90.71 -20.11
CA PRO L 61 -99.04 91.07 -18.76
C PRO L 61 -98.39 89.89 -18.05
N ASP L 62 -97.82 90.19 -16.89
CA ASP L 62 -97.25 89.13 -16.07
C ASP L 62 -98.34 88.32 -15.39
N LYS L 63 -97.95 87.18 -14.81
CA LYS L 63 -98.78 86.32 -13.98
C LYS L 63 -100.06 85.88 -14.68
N LEU L 64 -100.00 85.61 -15.99
CA LEU L 64 -101.21 85.26 -16.73
C LEU L 64 -101.81 83.93 -16.29
N GLU L 65 -101.00 83.03 -15.74
CA GLU L 65 -101.55 81.77 -15.25
C GLU L 65 -102.21 81.97 -13.90
N GLU L 66 -101.76 82.97 -13.15
CA GLU L 66 -102.50 83.41 -11.97
C GLU L 66 -103.75 84.17 -12.39
N LYS L 67 -103.70 84.88 -13.52
CA LYS L 67 -104.73 85.84 -13.88
C LYS L 67 -105.90 85.21 -14.61
N PHE L 68 -105.68 84.16 -15.42
CA PHE L 68 -106.79 83.57 -16.18
C PHE L 68 -107.83 82.90 -15.30
N PRO L 69 -107.50 81.96 -14.39
CA PRO L 69 -108.58 81.23 -13.70
C PRO L 69 -109.36 82.09 -12.72
N GLN L 70 -108.73 83.08 -12.10
CA GLN L 70 -109.43 83.93 -11.14
C GLN L 70 -110.46 84.84 -11.79
N VAL L 71 -110.37 85.06 -13.11
CA VAL L 71 -111.33 85.91 -13.80
C VAL L 71 -112.27 85.00 -14.58
N ALA L 72 -111.77 83.85 -15.02
CA ALA L 72 -112.59 82.88 -15.73
C ALA L 72 -113.60 82.20 -14.81
N ALA L 73 -113.31 82.14 -13.52
CA ALA L 73 -114.31 81.68 -12.56
C ALA L 73 -115.43 82.69 -12.37
N THR L 74 -115.20 83.94 -12.76
CA THR L 74 -116.27 84.94 -12.81
C THR L 74 -116.97 84.99 -14.16
N GLY L 75 -116.38 84.41 -15.19
CA GLY L 75 -116.97 84.44 -16.52
C GLY L 75 -116.45 85.53 -17.42
N ASP L 76 -115.24 86.03 -17.20
CA ASP L 76 -114.67 87.08 -18.03
C ASP L 76 -113.19 86.82 -18.31
N GLY L 77 -112.48 87.84 -18.78
CA GLY L 77 -111.08 87.73 -19.05
C GLY L 77 -110.78 87.69 -20.53
N PRO L 78 -109.98 86.72 -20.95
CA PRO L 78 -109.67 86.59 -22.37
C PRO L 78 -110.64 85.65 -23.06
N ASP L 79 -110.44 85.45 -24.35
CA ASP L 79 -111.10 84.34 -25.02
C ASP L 79 -110.14 83.16 -25.21
N ILE L 80 -108.91 83.45 -25.62
CA ILE L 80 -107.91 82.43 -25.92
C ILE L 80 -106.71 82.67 -25.01
N ILE L 81 -106.08 81.57 -24.57
CA ILE L 81 -104.90 81.64 -23.72
C ILE L 81 -103.86 80.63 -24.21
N PHE L 82 -102.63 81.10 -24.38
CA PHE L 82 -101.52 80.26 -24.85
C PHE L 82 -100.67 79.88 -23.63
N TRP L 83 -100.69 78.59 -23.27
CA TRP L 83 -99.97 78.15 -22.09
C TRP L 83 -99.75 76.64 -22.18
N ALA L 84 -99.04 76.11 -21.19
CA ALA L 84 -98.81 74.68 -21.09
C ALA L 84 -100.11 73.92 -20.85
N HIS L 85 -100.15 72.68 -21.34
CA HIS L 85 -101.35 71.88 -21.31
C HIS L 85 -101.66 71.31 -19.93
N ASP L 86 -100.65 71.20 -19.06
CA ASP L 86 -100.85 70.47 -17.80
C ASP L 86 -101.79 71.21 -16.85
N ARG L 87 -101.75 72.54 -16.84
CA ARG L 87 -102.73 73.29 -16.08
C ARG L 87 -104.04 73.45 -16.84
N PHE L 88 -104.06 73.11 -18.13
CA PHE L 88 -105.31 73.19 -18.89
C PHE L 88 -106.27 72.07 -18.49
N GLY L 89 -105.76 70.85 -18.36
CA GLY L 89 -106.61 69.73 -17.98
C GLY L 89 -107.27 69.94 -16.63
N GLY L 90 -106.51 70.48 -15.66
CA GLY L 90 -107.12 70.90 -14.41
C GLY L 90 -108.18 71.97 -14.61
N TYR L 91 -107.88 72.95 -15.47
CA TYR L 91 -108.91 73.93 -15.82
C TYR L 91 -109.95 73.34 -16.76
N ALA L 92 -109.68 72.15 -17.33
CA ALA L 92 -110.76 71.41 -17.99
C ALA L 92 -111.73 70.85 -16.97
N GLN L 93 -111.25 70.60 -15.74
CA GLN L 93 -112.16 70.24 -14.65
C GLN L 93 -112.88 71.47 -14.13
N SER L 94 -112.18 72.60 -14.02
CA SER L 94 -112.66 73.78 -13.33
C SER L 94 -113.69 74.58 -14.14
N GLY L 95 -114.09 74.10 -15.31
CA GLY L 95 -115.08 74.81 -16.10
C GLY L 95 -114.58 76.13 -16.67
N LEU L 96 -113.28 76.22 -16.95
CA LEU L 96 -112.68 77.45 -17.45
C LEU L 96 -112.14 77.34 -18.87
N LEU L 97 -111.93 76.12 -19.37
CA LEU L 97 -111.57 75.91 -20.77
C LEU L 97 -112.75 75.30 -21.53
N ALA L 98 -112.96 75.79 -22.74
CA ALA L 98 -114.08 75.37 -23.57
C ALA L 98 -113.74 74.09 -24.31
N GLU L 99 -114.71 73.18 -24.37
CA GLU L 99 -114.57 71.96 -25.14
C GLU L 99 -114.61 72.31 -26.63
N ILE L 100 -113.47 72.18 -27.30
CA ILE L 100 -113.38 72.54 -28.71
C ILE L 100 -114.01 71.45 -29.56
N THR L 101 -114.41 71.84 -30.77
CA THR L 101 -114.96 70.92 -31.76
C THR L 101 -114.17 71.06 -33.05
N PRO L 102 -113.03 70.40 -33.18
CA PRO L 102 -112.29 70.40 -34.45
C PRO L 102 -112.70 69.24 -35.34
N ASP L 103 -112.41 69.40 -36.62
CA ASP L 103 -112.73 68.37 -37.60
CA ASP L 103 -112.72 68.38 -37.60
C ASP L 103 -111.63 67.31 -37.62
N LYS L 104 -111.92 66.20 -38.30
CA LYS L 104 -110.98 65.10 -38.37
C LYS L 104 -109.88 65.34 -39.40
N ALA L 105 -110.18 66.08 -40.47
CA ALA L 105 -109.13 66.44 -41.42
C ALA L 105 -108.14 67.41 -40.78
N PHE L 106 -108.63 68.33 -39.95
CA PHE L 106 -107.71 69.21 -39.22
C PHE L 106 -106.98 68.46 -38.12
N GLN L 107 -107.58 67.38 -37.59
CA GLN L 107 -106.85 66.53 -36.67
C GLN L 107 -105.76 65.74 -37.38
N ASP L 108 -105.96 65.46 -38.68
CA ASP L 108 -104.87 64.91 -39.48
C ASP L 108 -103.84 65.97 -39.85
N LYS L 109 -104.26 67.24 -39.94
CA LYS L 109 -103.33 68.33 -40.22
C LYS L 109 -102.30 68.52 -39.11
N LEU L 110 -102.61 68.13 -37.88
CA LEU L 110 -101.69 68.20 -36.76
C LEU L 110 -101.28 66.80 -36.36
N TYR L 111 -100.23 66.73 -35.53
CA TYR L 111 -99.81 65.45 -35.00
C TYR L 111 -100.70 65.02 -33.84
N PRO L 112 -101.14 63.76 -33.81
CA PRO L 112 -102.06 63.34 -32.74
C PRO L 112 -101.42 63.26 -31.37
N PHE L 113 -100.10 63.00 -31.29
CA PHE L 113 -99.44 63.00 -29.99
C PHE L 113 -99.42 64.38 -29.36
N THR L 114 -99.57 65.44 -30.17
CA THR L 114 -99.86 66.75 -29.62
C THR L 114 -101.28 66.83 -29.09
N TRP L 115 -102.23 66.16 -29.76
CA TRP L 115 -103.61 66.17 -29.30
C TRP L 115 -103.80 65.37 -28.01
N ASP L 116 -102.90 64.45 -27.70
CA ASP L 116 -102.94 63.76 -26.41
C ASP L 116 -102.55 64.66 -25.24
N ALA L 117 -102.04 65.87 -25.51
CA ALA L 117 -101.68 66.79 -24.44
C ALA L 117 -102.89 67.49 -23.85
N VAL L 118 -103.95 67.66 -24.63
CA VAL L 118 -105.08 68.48 -24.25
C VAL L 118 -106.32 67.62 -24.04
N ARG L 119 -106.12 66.38 -23.60
CA ARG L 119 -107.20 65.47 -23.28
C ARG L 119 -107.52 65.54 -21.80
N TYR L 120 -108.82 65.50 -21.48
CA TYR L 120 -109.26 65.43 -20.08
C TYR L 120 -110.69 64.92 -20.08
N ASN L 121 -110.92 63.81 -19.37
CA ASN L 121 -112.23 63.15 -19.29
C ASN L 121 -112.80 62.84 -20.68
N GLY L 122 -111.92 62.49 -21.61
CA GLY L 122 -112.30 62.18 -22.96
C GLY L 122 -112.62 63.36 -23.85
N LYS L 123 -112.81 64.55 -23.28
CA LYS L 123 -113.13 65.73 -24.06
C LYS L 123 -111.87 66.45 -24.50
N LEU L 124 -111.97 67.22 -25.57
CA LEU L 124 -110.85 67.91 -26.15
C LEU L 124 -111.01 69.41 -25.89
N ILE L 125 -109.97 70.03 -25.33
CA ILE L 125 -110.13 71.33 -24.70
C ILE L 125 -109.37 72.46 -25.40
N ALA L 126 -108.33 72.17 -26.17
CA ALA L 126 -107.47 73.22 -26.67
C ALA L 126 -106.72 72.74 -27.91
N TYR L 127 -106.30 73.70 -28.74
CA TYR L 127 -105.56 73.38 -29.94
C TYR L 127 -104.07 73.47 -29.64
N PRO L 128 -103.30 72.41 -29.83
CA PRO L 128 -101.85 72.50 -29.58
C PRO L 128 -101.15 73.29 -30.67
N ILE L 129 -100.21 74.15 -30.26
CA ILE L 129 -99.42 74.92 -31.21
C ILE L 129 -97.98 74.47 -31.12
N ALA L 130 -97.36 74.65 -29.95
CA ALA L 130 -95.93 74.41 -29.79
C ALA L 130 -95.71 73.17 -28.94
N VAL L 131 -94.61 72.47 -29.19
CA VAL L 131 -94.27 71.24 -28.51
C VAL L 131 -92.82 71.31 -28.06
N GLU L 132 -92.56 70.95 -26.81
CA GLU L 132 -91.27 71.15 -26.17
C GLU L 132 -90.73 69.82 -25.65
N ALA L 133 -89.43 69.62 -25.82
CA ALA L 133 -88.77 68.39 -25.40
C ALA L 133 -87.29 68.64 -25.27
N LEU L 134 -86.68 67.99 -24.29
CA LEU L 134 -85.26 68.16 -24.00
C LEU L 134 -84.43 67.31 -24.95
N SER L 135 -83.34 67.88 -25.46
CA SER L 135 -82.50 67.21 -26.44
C SER L 135 -81.04 67.35 -26.02
N LEU L 136 -80.18 66.58 -26.69
CA LEU L 136 -78.75 66.58 -26.38
C LEU L 136 -78.08 67.68 -27.17
N ILE L 137 -77.29 68.50 -26.49
CA ILE L 137 -76.52 69.56 -27.11
C ILE L 137 -75.05 69.19 -26.94
N TYR L 138 -74.31 69.14 -28.04
CA TYR L 138 -72.94 68.66 -28.03
C TYR L 138 -72.00 69.64 -28.74
N ASN L 139 -70.79 69.74 -28.21
CA ASN L 139 -69.71 70.41 -28.91
C ASN L 139 -69.25 69.53 -30.07
N LYS L 140 -69.28 70.06 -31.29
CA LYS L 140 -68.85 69.29 -32.45
C LYS L 140 -67.34 69.10 -32.46
N ASP L 141 -66.60 70.01 -31.82
CA ASP L 141 -65.14 69.92 -31.84
C ASP L 141 -64.65 68.86 -30.85
N LEU L 142 -65.16 68.89 -29.62
CA LEU L 142 -64.74 67.92 -28.62
C LEU L 142 -65.21 66.51 -28.98
N LEU L 143 -66.32 66.38 -29.69
CA LEU L 143 -66.76 65.07 -30.10
C LEU L 143 -67.40 65.14 -31.49
N PRO L 144 -66.69 64.68 -32.53
CA PRO L 144 -67.27 64.74 -33.88
C PRO L 144 -68.37 63.72 -34.13
N ASN L 145 -68.44 62.66 -33.33
CA ASN L 145 -69.40 61.57 -33.55
C ASN L 145 -70.11 61.26 -32.24
N PRO L 146 -71.36 61.69 -32.09
CA PRO L 146 -72.06 61.46 -30.83
C PRO L 146 -72.36 59.98 -30.63
N PRO L 147 -72.49 59.54 -29.39
CA PRO L 147 -72.88 58.14 -29.12
C PRO L 147 -74.39 57.99 -29.03
N LYS L 148 -74.84 56.77 -29.26
CA LYS L 148 -76.27 56.45 -29.25
C LYS L 148 -76.68 55.60 -28.07
N THR L 149 -75.76 55.27 -27.17
CA THR L 149 -76.06 54.50 -25.98
C THR L 149 -75.58 55.23 -24.74
N TRP L 150 -76.38 55.17 -23.67
CA TRP L 150 -75.93 55.70 -22.39
C TRP L 150 -74.80 54.87 -21.81
N GLU L 151 -74.78 53.57 -22.13
CA GLU L 151 -73.72 52.69 -21.66
C GLU L 151 -72.36 53.08 -22.24
N GLU L 152 -72.34 53.90 -23.29
CA GLU L 152 -71.10 54.41 -23.82
C GLU L 152 -70.56 55.61 -23.03
N ILE L 153 -71.43 56.33 -22.33
CA ILE L 153 -71.07 57.57 -21.65
C ILE L 153 -69.99 57.40 -20.57
N PRO L 154 -70.02 56.35 -19.72
CA PRO L 154 -68.90 56.21 -18.75
C PRO L 154 -67.54 56.06 -19.41
N ALA L 155 -67.43 55.15 -20.38
CA ALA L 155 -66.14 54.87 -21.01
C ALA L 155 -65.56 56.13 -21.65
N LEU L 156 -66.36 56.85 -22.45
CA LEU L 156 -65.86 58.06 -23.09
C LEU L 156 -65.51 59.13 -22.07
N ASP L 157 -66.15 59.10 -20.89
CA ASP L 157 -65.76 60.03 -19.84
C ASP L 157 -64.31 59.83 -19.44
N LYS L 158 -63.87 58.57 -19.44
CA LYS L 158 -62.46 58.26 -19.18
C LYS L 158 -61.53 58.94 -20.17
N GLU L 159 -62.02 59.21 -21.38
CA GLU L 159 -61.22 59.97 -22.33
C GLU L 159 -61.11 61.43 -21.91
N LEU L 160 -62.22 62.04 -21.48
CA LEU L 160 -62.23 63.50 -21.34
C LEU L 160 -61.44 63.96 -20.13
N LYS L 161 -61.38 63.16 -19.06
CA LYS L 161 -60.50 63.47 -17.95
C LYS L 161 -59.03 63.42 -18.37
N ALA L 162 -58.72 62.73 -19.48
CA ALA L 162 -57.38 62.75 -20.05
C ALA L 162 -57.10 64.02 -20.82
N LYS L 163 -58.12 64.83 -21.11
CA LYS L 163 -57.94 66.14 -21.73
C LYS L 163 -58.30 67.28 -20.78
N GLY L 164 -58.61 66.97 -19.52
CA GLY L 164 -59.07 68.00 -18.60
C GLY L 164 -60.50 68.43 -18.85
N LYS L 165 -61.32 67.55 -19.42
CA LYS L 165 -62.70 67.85 -19.75
C LYS L 165 -63.63 66.89 -19.01
N SER L 166 -64.91 67.22 -19.03
CA SER L 166 -65.95 66.37 -18.43
C SER L 166 -66.93 65.96 -19.51
N ALA L 167 -67.48 64.75 -19.37
CA ALA L 167 -68.38 64.22 -20.39
C ALA L 167 -69.76 64.87 -20.32
N LEU L 168 -70.44 64.72 -19.20
CA LEU L 168 -71.82 65.19 -19.07
C LEU L 168 -71.95 65.96 -17.77
N MET L 169 -72.58 67.13 -17.84
CA MET L 169 -72.86 67.95 -16.67
C MET L 169 -74.19 68.65 -16.89
N PHE L 170 -75.15 68.40 -16.01
CA PHE L 170 -76.49 68.98 -16.13
C PHE L 170 -77.06 69.18 -14.73
N ASN L 171 -78.33 69.59 -14.69
CA ASN L 171 -79.00 69.87 -13.42
C ASN L 171 -79.52 68.57 -12.84
N LEU L 172 -78.88 68.11 -11.76
CA LEU L 172 -79.32 66.93 -11.03
C LEU L 172 -80.33 67.26 -9.94
N GLN L 173 -80.63 68.53 -9.71
CA GLN L 173 -81.51 68.94 -8.63
C GLN L 173 -82.98 68.86 -9.01
N GLU L 174 -83.30 68.42 -10.23
CA GLU L 174 -84.67 68.33 -10.68
C GLU L 174 -84.97 66.95 -11.24
N PRO L 175 -86.15 66.39 -10.98
CA PRO L 175 -86.57 65.19 -11.70
C PRO L 175 -86.87 65.45 -13.17
N TYR L 176 -87.09 66.71 -13.55
CA TYR L 176 -87.41 67.07 -14.93
C TYR L 176 -86.25 66.75 -15.87
N PHE L 177 -85.01 66.79 -15.36
CA PHE L 177 -83.86 66.43 -16.18
C PHE L 177 -83.62 64.92 -16.17
N THR L 178 -83.82 64.28 -15.01
CA THR L 178 -83.42 62.90 -14.84
C THR L 178 -84.46 61.90 -15.35
N TRP L 179 -85.70 62.32 -15.53
CA TRP L 179 -86.77 61.41 -15.93
C TRP L 179 -86.61 60.73 -17.29
N PRO L 180 -85.95 61.34 -18.30
CA PRO L 180 -85.67 60.57 -19.53
C PRO L 180 -84.92 59.26 -19.29
N LEU L 181 -83.88 59.27 -18.45
CA LEU L 181 -83.08 58.07 -18.28
C LEU L 181 -83.78 57.03 -17.40
N ILE L 182 -84.28 57.45 -16.24
CA ILE L 182 -84.80 56.51 -15.26
C ILE L 182 -86.09 55.85 -15.74
N ALA L 183 -86.92 56.59 -16.48
CA ALA L 183 -88.20 56.10 -16.93
C ALA L 183 -88.18 55.58 -18.35
N ALA L 184 -86.99 55.36 -18.92
CA ALA L 184 -86.90 54.95 -20.31
C ALA L 184 -87.32 53.50 -20.50
N ASP L 185 -86.94 52.63 -19.57
CA ASP L 185 -87.12 51.19 -19.73
C ASP L 185 -88.15 50.61 -18.76
N GLY L 186 -89.18 51.38 -18.42
CA GLY L 186 -90.24 50.83 -17.58
C GLY L 186 -90.85 51.79 -16.58
N GLY L 187 -90.25 52.95 -16.40
CA GLY L 187 -90.84 53.95 -15.53
C GLY L 187 -91.82 54.84 -16.25
N TYR L 188 -92.82 55.31 -15.50
CA TYR L 188 -93.84 56.21 -16.03
C TYR L 188 -94.55 56.86 -14.85
N ALA L 189 -94.77 58.19 -14.95
CA ALA L 189 -95.27 58.96 -13.82
C ALA L 189 -96.65 58.48 -13.37
N PHE L 190 -97.65 58.59 -14.23
CA PHE L 190 -98.98 58.06 -13.99
C PHE L 190 -99.43 57.27 -15.20
N LYS L 191 -100.19 56.21 -14.96
CA LYS L 191 -100.73 55.44 -16.09
C LYS L 191 -101.76 56.28 -16.83
N TYR L 192 -101.52 56.51 -18.12
CA TYR L 192 -102.31 57.43 -18.94
C TYR L 192 -102.83 56.70 -20.16
N GLU L 193 -104.14 56.47 -20.19
CA GLU L 193 -104.78 55.76 -21.29
C GLU L 193 -106.13 56.40 -21.58
N ASN L 194 -106.48 56.48 -22.87
CA ASN L 194 -107.79 56.97 -23.34
C ASN L 194 -108.08 58.38 -22.84
N GLY L 195 -107.05 59.20 -22.66
CA GLY L 195 -107.23 60.54 -22.16
C GLY L 195 -107.45 60.66 -20.67
N LYS L 196 -107.13 59.62 -19.90
CA LYS L 196 -107.37 59.60 -18.46
C LYS L 196 -106.09 59.20 -17.73
N TYR L 197 -105.74 59.95 -16.69
CA TYR L 197 -104.60 59.63 -15.84
C TYR L 197 -105.05 58.88 -14.61
N ASP L 198 -104.54 57.67 -14.42
CA ASP L 198 -104.91 56.85 -13.27
C ASP L 198 -104.16 57.31 -12.03
N ILE L 199 -104.89 57.58 -10.96
CA ILE L 199 -104.27 58.14 -9.76
C ILE L 199 -103.63 57.05 -8.92
N LYS L 200 -104.23 55.86 -8.87
CA LYS L 200 -103.67 54.72 -8.14
C LYS L 200 -102.50 54.07 -8.85
N ASP L 201 -102.07 54.59 -10.00
CA ASP L 201 -101.09 53.90 -10.82
C ASP L 201 -99.90 54.81 -11.07
N VAL L 202 -99.30 55.27 -9.98
CA VAL L 202 -98.05 56.02 -9.97
C VAL L 202 -96.91 55.02 -10.14
N GLY L 203 -96.31 54.98 -11.32
CA GLY L 203 -95.25 54.02 -11.57
C GLY L 203 -93.85 54.48 -11.26
N VAL L 204 -93.36 54.15 -10.07
CA VAL L 204 -91.94 54.28 -9.75
C VAL L 204 -91.35 53.01 -9.16
N ASP L 205 -92.19 52.06 -8.74
CA ASP L 205 -91.72 50.78 -8.22
C ASP L 205 -91.65 49.74 -9.34
N ASN L 206 -90.89 50.09 -10.38
CA ASN L 206 -90.73 49.25 -11.55
C ASN L 206 -89.26 48.94 -11.78
N ALA L 207 -89.00 47.82 -12.46
CA ALA L 207 -87.64 47.39 -12.72
C ALA L 207 -86.90 48.37 -13.62
N GLY L 208 -87.61 49.07 -14.50
CA GLY L 208 -86.97 50.06 -15.34
C GLY L 208 -86.50 51.27 -14.54
N ALA L 209 -87.31 51.74 -13.60
CA ALA L 209 -86.88 52.82 -12.74
C ALA L 209 -85.69 52.40 -11.88
N LYS L 210 -85.70 51.16 -11.42
CA LYS L 210 -84.55 50.62 -10.70
C LYS L 210 -83.30 50.64 -11.55
N ALA L 211 -83.41 50.18 -12.80
CA ALA L 211 -82.25 50.14 -13.69
C ALA L 211 -81.72 51.54 -13.97
N GLY L 212 -82.61 52.50 -14.21
CA GLY L 212 -82.18 53.86 -14.48
C GLY L 212 -81.52 54.50 -13.27
N LEU L 213 -82.06 54.28 -12.07
CA LEU L 213 -81.46 54.90 -10.91
C LEU L 213 -80.14 54.22 -10.53
N THR L 214 -80.02 52.91 -10.75
CA THR L 214 -78.71 52.27 -10.58
C THR L 214 -77.70 52.79 -11.60
N PHE L 215 -78.13 53.05 -12.84
CA PHE L 215 -77.18 53.67 -13.78
C PHE L 215 -76.78 55.07 -13.33
N LEU L 216 -77.71 55.80 -12.72
CA LEU L 216 -77.37 57.10 -12.15
C LEU L 216 -76.34 56.97 -11.02
N VAL L 217 -76.54 56.00 -10.14
CA VAL L 217 -75.59 55.84 -9.05
C VAL L 217 -74.26 55.25 -9.53
N ASP L 218 -74.24 54.59 -10.68
CA ASP L 218 -72.95 54.21 -11.25
C ASP L 218 -72.26 55.40 -11.90
N LEU L 219 -73.02 56.33 -12.48
CA LEU L 219 -72.40 57.54 -13.01
C LEU L 219 -71.91 58.45 -11.90
N ILE L 220 -72.53 58.40 -10.72
CA ILE L 220 -72.12 59.30 -9.66
C ILE L 220 -71.10 58.65 -8.72
N LYS L 221 -71.11 57.33 -8.58
CA LYS L 221 -70.21 56.68 -7.63
C LYS L 221 -68.77 56.74 -8.11
N ASN L 222 -68.53 56.40 -9.37
CA ASN L 222 -67.21 56.47 -9.97
C ASN L 222 -66.81 57.89 -10.36
N LYS L 223 -67.60 58.89 -9.96
CA LYS L 223 -67.27 60.31 -10.09
C LYS L 223 -67.15 60.72 -11.57
N HIS L 224 -68.06 60.23 -12.40
CA HIS L 224 -68.16 60.77 -13.75
C HIS L 224 -68.74 62.18 -13.72
N MET L 225 -69.73 62.41 -12.87
CA MET L 225 -70.31 63.72 -12.63
C MET L 225 -70.25 64.03 -11.14
N ASN L 226 -70.77 65.20 -10.77
CA ASN L 226 -70.91 65.59 -9.38
C ASN L 226 -72.38 65.56 -8.99
N ALA L 227 -72.63 65.42 -7.68
CA ALA L 227 -73.99 65.34 -7.18
C ALA L 227 -74.57 66.71 -6.83
N ASP L 228 -73.73 67.65 -6.42
CA ASP L 228 -74.17 68.98 -6.07
C ASP L 228 -74.27 69.91 -7.26
N THR L 229 -74.07 69.40 -8.48
CA THR L 229 -74.16 70.25 -9.65
C THR L 229 -75.62 70.59 -9.95
N ASP L 230 -75.80 71.63 -10.74
CA ASP L 230 -77.13 72.08 -11.12
C ASP L 230 -77.05 72.71 -12.50
N TYR L 231 -78.05 73.52 -12.84
CA TYR L 231 -78.20 74.03 -14.19
C TYR L 231 -77.19 75.13 -14.51
N SER L 232 -76.90 75.99 -13.54
CA SER L 232 -76.07 77.17 -13.81
CA SER L 232 -76.07 77.17 -13.81
C SER L 232 -74.63 76.76 -14.13
N ILE L 233 -74.01 75.96 -13.26
CA ILE L 233 -72.64 75.53 -13.47
C ILE L 233 -72.54 74.73 -14.77
N ALA L 234 -73.54 73.89 -15.03
CA ALA L 234 -73.56 73.07 -16.24
C ALA L 234 -73.56 73.94 -17.50
N GLU L 235 -74.55 74.84 -17.61
CA GLU L 235 -74.65 75.66 -18.80
C GLU L 235 -73.47 76.63 -18.94
N ALA L 236 -72.96 77.17 -17.82
CA ALA L 236 -71.83 78.07 -17.90
C ALA L 236 -70.57 77.35 -18.34
N ALA L 237 -70.36 76.12 -17.86
CA ALA L 237 -69.21 75.35 -18.28
C ALA L 237 -69.33 74.90 -19.73
N PHE L 238 -70.55 74.61 -20.20
CA PHE L 238 -70.72 74.25 -21.60
C PHE L 238 -70.54 75.45 -22.50
N ASN L 239 -70.92 76.65 -22.04
CA ASN L 239 -70.64 77.85 -22.82
C ASN L 239 -69.14 78.13 -22.91
N LYS L 240 -68.38 77.76 -21.89
CA LYS L 240 -66.92 77.81 -21.99
C LYS L 240 -66.38 76.65 -22.81
N GLY L 241 -67.13 75.56 -22.93
CA GLY L 241 -66.67 74.39 -23.65
C GLY L 241 -65.86 73.43 -22.81
N GLU L 242 -66.13 73.35 -21.51
CA GLU L 242 -65.42 72.43 -20.64
C GLU L 242 -66.07 71.06 -20.61
N THR L 243 -67.38 71.01 -20.39
CA THR L 243 -68.15 69.78 -20.54
C THR L 243 -68.64 69.71 -21.98
N ALA L 244 -68.60 68.51 -22.57
CA ALA L 244 -68.94 68.37 -23.98
C ALA L 244 -70.42 68.08 -24.22
N MET L 245 -71.07 67.31 -23.34
CA MET L 245 -72.47 66.96 -23.52
C MET L 245 -73.33 67.74 -22.54
N THR L 246 -74.54 68.08 -22.97
CA THR L 246 -75.55 68.54 -22.03
C THR L 246 -76.92 68.19 -22.57
N ILE L 247 -77.92 68.28 -21.69
CA ILE L 247 -79.31 68.01 -22.04
C ILE L 247 -80.12 69.26 -21.71
N ASN L 248 -80.85 69.76 -22.70
CA ASN L 248 -81.53 71.03 -22.52
C ASN L 248 -82.66 71.17 -23.53
N GLY L 249 -83.64 71.99 -23.16
CA GLY L 249 -84.73 72.32 -24.06
C GLY L 249 -84.37 73.47 -24.95
N PRO L 250 -85.37 74.20 -25.43
CA PRO L 250 -85.10 75.33 -26.35
C PRO L 250 -84.54 76.56 -25.66
N TRP L 251 -84.92 76.79 -24.40
CA TRP L 251 -84.74 78.09 -23.77
C TRP L 251 -83.29 78.51 -23.63
N ALA L 252 -82.33 77.57 -23.70
CA ALA L 252 -80.93 77.90 -23.57
C ALA L 252 -80.20 77.95 -24.90
N TRP L 253 -80.89 77.66 -26.01
CA TRP L 253 -80.24 77.59 -27.32
C TRP L 253 -79.51 78.88 -27.64
N SER L 254 -80.20 80.01 -27.56
CA SER L 254 -79.58 81.31 -27.84
C SER L 254 -78.40 81.57 -26.91
N ASN L 255 -78.48 81.10 -25.66
CA ASN L 255 -77.35 81.24 -24.75
C ASN L 255 -76.11 80.54 -25.29
N ILE L 256 -76.29 79.34 -25.85
CA ILE L 256 -75.15 78.68 -26.49
C ILE L 256 -74.74 79.41 -27.74
N ASP L 257 -75.69 80.10 -28.40
CA ASP L 257 -75.34 80.97 -29.51
C ASP L 257 -74.60 82.23 -29.06
N THR L 258 -74.54 82.51 -27.76
CA THR L 258 -73.61 83.52 -27.29
C THR L 258 -72.19 82.98 -27.19
N SER L 259 -72.05 81.66 -27.01
CA SER L 259 -70.72 81.07 -26.86
CA SER L 259 -70.72 81.06 -26.86
C SER L 259 -69.96 81.00 -28.17
N LYS L 260 -70.66 81.00 -29.30
CA LYS L 260 -70.08 80.83 -30.65
C LYS L 260 -69.33 79.52 -30.77
N VAL L 261 -69.61 78.56 -29.90
CA VAL L 261 -69.04 77.22 -30.01
C VAL L 261 -69.73 76.48 -31.14
N ASN L 262 -68.94 75.83 -31.99
CA ASN L 262 -69.52 75.07 -33.08
C ASN L 262 -70.21 73.84 -32.51
N TYR L 263 -71.51 73.94 -32.27
CA TYR L 263 -72.26 72.91 -31.56
C TYR L 263 -73.36 72.35 -32.45
N GLY L 264 -73.81 71.14 -32.08
CA GLY L 264 -74.94 70.52 -32.72
C GLY L 264 -75.94 70.04 -31.68
N VAL L 265 -77.12 69.68 -32.17
CA VAL L 265 -78.21 69.18 -31.35
C VAL L 265 -78.71 67.88 -31.94
N THR L 266 -78.88 66.86 -31.09
CA THR L 266 -79.36 65.57 -31.55
C THR L 266 -80.26 64.95 -30.49
N VAL L 267 -80.76 63.77 -30.81
CA VAL L 267 -81.58 63.00 -29.89
C VAL L 267 -80.71 62.45 -28.76
N LEU L 268 -81.34 62.25 -27.60
CA LEU L 268 -80.65 61.60 -26.50
C LEU L 268 -80.38 60.13 -26.85
N PRO L 269 -79.30 59.57 -26.33
CA PRO L 269 -79.00 58.15 -26.58
C PRO L 269 -80.08 57.25 -25.99
N THR L 270 -80.23 56.08 -26.59
CA THR L 270 -81.11 55.06 -26.04
C THR L 270 -80.39 54.29 -24.94
N PHE L 271 -81.16 53.60 -24.11
CA PHE L 271 -80.61 52.91 -22.95
C PHE L 271 -81.20 51.52 -22.87
N LYS L 272 -80.35 50.50 -23.00
CA LYS L 272 -80.74 49.09 -23.02
C LYS L 272 -81.74 48.80 -24.13
N GLY L 273 -81.69 49.58 -25.20
CA GLY L 273 -82.64 49.50 -26.28
C GLY L 273 -83.85 50.38 -26.12
N GLN L 274 -84.28 50.65 -24.89
CA GLN L 274 -85.41 51.54 -24.66
C GLN L 274 -84.95 52.99 -24.72
N PRO L 275 -85.46 53.79 -25.64
CA PRO L 275 -85.00 55.18 -25.75
C PRO L 275 -85.51 56.03 -24.59
N SER L 276 -84.83 57.17 -24.41
CA SER L 276 -85.15 58.10 -23.34
C SER L 276 -86.56 58.66 -23.51
N LYS L 277 -87.10 59.20 -22.42
CA LYS L 277 -88.49 59.64 -22.36
C LYS L 277 -88.57 61.01 -21.68
N PRO L 278 -88.32 62.08 -22.42
CA PRO L 278 -88.42 63.42 -21.83
C PRO L 278 -89.86 63.87 -21.67
N PHE L 279 -90.06 64.83 -20.77
CA PHE L 279 -91.36 65.45 -20.60
C PHE L 279 -91.69 66.32 -21.81
N VAL L 280 -92.82 65.99 -22.44
CA VAL L 280 -93.30 66.74 -23.60
C VAL L 280 -94.18 67.87 -23.07
N GLY L 281 -93.70 69.11 -23.19
CA GLY L 281 -94.47 70.25 -22.75
C GLY L 281 -95.12 70.96 -23.92
N VAL L 282 -96.44 70.93 -24.00
CA VAL L 282 -97.15 71.39 -25.18
C VAL L 282 -97.83 72.72 -24.86
N LEU L 283 -97.38 73.77 -25.52
CA LEU L 283 -98.06 75.06 -25.49
C LEU L 283 -99.29 74.98 -26.40
N SER L 284 -100.47 75.08 -25.81
CA SER L 284 -101.74 75.04 -26.52
C SER L 284 -102.53 76.30 -26.19
N ALA L 285 -103.56 76.53 -27.00
CA ALA L 285 -104.43 77.71 -26.89
C ALA L 285 -105.81 77.24 -26.42
N GLY L 286 -106.08 77.44 -25.15
CA GLY L 286 -107.37 77.10 -24.58
C GLY L 286 -108.38 78.22 -24.79
N ILE L 287 -109.59 77.82 -25.18
CA ILE L 287 -110.72 78.74 -25.31
C ILE L 287 -111.44 78.76 -23.97
N ASN L 288 -111.80 79.96 -23.50
CA ASN L 288 -112.47 80.09 -22.22
C ASN L 288 -113.85 79.42 -22.30
N ALA L 289 -114.21 78.72 -21.23
CA ALA L 289 -115.47 77.97 -21.19
C ALA L 289 -116.69 78.86 -21.01
N ALA L 290 -116.50 80.11 -20.61
CA ALA L 290 -117.60 81.06 -20.52
C ALA L 290 -117.78 81.86 -21.80
N SER L 291 -117.04 81.51 -22.85
CA SER L 291 -117.05 82.29 -24.09
C SER L 291 -118.31 82.01 -24.88
N PRO L 292 -119.04 83.04 -25.31
CA PRO L 292 -119.98 82.90 -26.42
C PRO L 292 -119.37 83.14 -27.80
N ASN L 293 -118.03 83.05 -27.91
CA ASN L 293 -117.32 83.37 -29.13
C ASN L 293 -116.62 82.14 -29.68
N LYS L 294 -117.33 81.01 -29.72
CA LYS L 294 -116.70 79.73 -30.02
C LYS L 294 -116.21 79.65 -31.46
N GLU L 295 -117.10 79.90 -32.43
CA GLU L 295 -116.76 79.69 -33.83
C GLU L 295 -115.73 80.70 -34.34
N LEU L 296 -115.77 81.93 -33.84
CA LEU L 296 -114.81 82.94 -34.25
C LEU L 296 -113.38 82.53 -33.86
N ALA L 297 -113.19 82.15 -32.60
CA ALA L 297 -111.86 81.74 -32.15
C ALA L 297 -111.45 80.42 -32.78
N LYS L 298 -112.40 79.52 -33.04
CA LYS L 298 -112.07 78.28 -33.73
C LYS L 298 -111.57 78.54 -35.15
N GLU L 299 -112.23 79.48 -35.84
CA GLU L 299 -111.78 79.87 -37.18
CA GLU L 299 -111.78 79.87 -37.18
C GLU L 299 -110.39 80.51 -37.12
N PHE L 300 -110.17 81.39 -36.14
CA PHE L 300 -108.86 82.05 -36.01
C PHE L 300 -107.76 81.04 -35.69
N LEU L 301 -108.08 80.00 -34.92
CA LEU L 301 -107.07 79.01 -34.55
C LEU L 301 -106.80 78.02 -35.67
N GLU L 302 -107.83 77.63 -36.42
CA GLU L 302 -107.66 76.59 -37.42
C GLU L 302 -107.20 77.13 -38.77
N ASN L 303 -107.82 78.19 -39.26
CA ASN L 303 -107.53 78.68 -40.60
C ASN L 303 -106.43 79.72 -40.64
N TYR L 304 -106.06 80.31 -39.51
CA TYR L 304 -105.02 81.33 -39.47
C TYR L 304 -103.85 80.96 -38.57
N LEU L 305 -104.10 80.48 -37.36
CA LEU L 305 -103.00 80.15 -36.45
C LEU L 305 -102.29 78.87 -36.87
N LEU L 306 -103.01 77.75 -36.86
CA LEU L 306 -102.40 76.44 -37.08
C LEU L 306 -102.27 76.13 -38.57
N THR L 307 -101.70 77.07 -39.30
CA THR L 307 -101.37 76.96 -40.71
C THR L 307 -99.91 77.36 -40.90
N ASP L 308 -99.45 77.39 -42.15
CA ASP L 308 -98.06 77.73 -42.40
C ASP L 308 -97.77 79.19 -42.08
N GLU L 309 -98.63 80.10 -42.57
CA GLU L 309 -98.31 81.52 -42.45
C GLU L 309 -98.49 82.03 -41.03
N GLY L 310 -99.39 81.44 -40.24
CA GLY L 310 -99.58 81.90 -38.86
C GLY L 310 -98.39 81.55 -37.98
N LEU L 311 -97.97 80.29 -38.02
CA LEU L 311 -96.78 79.89 -37.28
C LEU L 311 -95.52 80.56 -37.84
N GLU L 312 -95.49 80.85 -39.15
CA GLU L 312 -94.37 81.62 -39.69
C GLU L 312 -94.33 83.02 -39.10
N ALA L 313 -95.47 83.70 -39.07
CA ALA L 313 -95.53 85.06 -38.55
C ALA L 313 -95.20 85.13 -37.07
N VAL L 314 -95.62 84.13 -36.29
CA VAL L 314 -95.24 84.17 -34.88
C VAL L 314 -93.77 83.81 -34.71
N ASN L 315 -93.22 82.94 -35.56
CA ASN L 315 -91.83 82.54 -35.41
C ASN L 315 -90.84 83.58 -35.92
N LYS L 316 -91.28 84.56 -36.72
CA LYS L 316 -90.36 85.63 -37.09
C LYS L 316 -89.91 86.45 -35.90
N ASP L 317 -90.77 86.60 -34.88
CA ASP L 317 -90.35 87.30 -33.67
C ASP L 317 -89.70 86.36 -32.68
N LYS L 318 -90.44 85.33 -32.24
CA LYS L 318 -89.90 84.33 -31.32
C LYS L 318 -90.35 82.95 -31.79
N PRO L 319 -89.43 82.00 -31.93
CA PRO L 319 -89.80 80.69 -32.47
C PRO L 319 -90.59 79.86 -31.46
N LEU L 320 -91.10 78.73 -31.95
CA LEU L 320 -91.82 77.77 -31.13
C LEU L 320 -91.16 76.40 -31.11
N GLY L 321 -90.01 76.24 -31.77
CA GLY L 321 -89.32 74.96 -31.72
C GLY L 321 -90.05 73.93 -32.54
N ALA L 322 -90.42 72.83 -31.89
CA ALA L 322 -91.27 71.82 -32.50
C ALA L 322 -92.72 72.27 -32.37
N VAL L 323 -93.43 72.33 -33.49
CA VAL L 323 -94.82 72.77 -33.49
C VAL L 323 -95.72 71.55 -33.69
N ALA L 324 -97.02 71.75 -33.63
CA ALA L 324 -97.97 70.66 -33.77
C ALA L 324 -98.44 70.41 -35.20
N LEU L 325 -98.42 71.44 -36.06
CA LEU L 325 -98.88 71.29 -37.43
C LEU L 325 -97.83 70.57 -38.27
N LYS L 326 -98.28 69.58 -39.06
CA LYS L 326 -97.36 68.68 -39.73
C LYS L 326 -96.56 69.37 -40.82
N SER L 327 -97.25 70.18 -41.66
CA SER L 327 -96.56 70.85 -42.75
C SER L 327 -95.54 71.86 -42.24
N TYR L 328 -95.89 72.61 -41.19
CA TYR L 328 -94.93 73.55 -40.62
C TYR L 328 -93.80 72.83 -39.91
N GLU L 329 -94.05 71.61 -39.40
CA GLU L 329 -92.94 70.80 -38.92
C GLU L 329 -92.02 70.39 -40.06
N GLU L 330 -92.56 70.13 -41.25
CA GLU L 330 -91.69 69.84 -42.38
C GLU L 330 -90.91 71.08 -42.82
N GLU L 331 -91.51 72.26 -42.69
CA GLU L 331 -90.77 73.49 -42.98
C GLU L 331 -89.65 73.72 -41.97
N LEU L 332 -89.91 73.50 -40.67
CA LEU L 332 -88.89 73.76 -39.66
C LEU L 332 -87.92 72.60 -39.46
N ALA L 333 -88.17 71.43 -40.04
CA ALA L 333 -87.28 70.29 -39.82
C ALA L 333 -85.93 70.42 -40.50
N LYS L 334 -85.71 71.47 -41.31
CA LYS L 334 -84.37 71.70 -41.83
C LYS L 334 -83.41 72.16 -40.75
N ASP L 335 -83.91 72.73 -39.67
CA ASP L 335 -83.09 73.04 -38.51
C ASP L 335 -82.97 71.75 -37.69
N PRO L 336 -81.76 71.20 -37.51
CA PRO L 336 -81.63 69.92 -36.81
C PRO L 336 -82.03 69.98 -35.35
N ARG L 337 -81.98 71.16 -34.73
CA ARG L 337 -82.51 71.31 -33.38
C ARG L 337 -84.00 70.98 -33.34
N ILE L 338 -84.73 71.40 -34.38
CA ILE L 338 -86.17 71.15 -34.43
C ILE L 338 -86.45 69.67 -34.63
N ALA L 339 -85.65 69.00 -35.47
CA ALA L 339 -85.81 67.58 -35.69
C ALA L 339 -85.52 66.79 -34.41
N ALA L 340 -84.46 67.17 -33.70
CA ALA L 340 -84.14 66.51 -32.43
C ALA L 340 -85.24 66.74 -31.40
N THR L 341 -85.79 67.96 -31.36
CA THR L 341 -86.88 68.26 -30.44
C THR L 341 -88.12 67.44 -30.76
N MET L 342 -88.47 67.31 -32.04
CA MET L 342 -89.68 66.56 -32.35
C MET L 342 -89.51 65.06 -32.15
N GLU L 343 -88.30 64.52 -32.38
CA GLU L 343 -88.14 63.09 -32.12
C GLU L 343 -88.10 62.79 -30.62
N ASN L 344 -87.49 63.65 -29.81
CA ASN L 344 -87.58 63.47 -28.37
C ASN L 344 -89.01 63.68 -27.86
N ALA L 345 -89.77 64.54 -28.52
CA ALA L 345 -91.15 64.76 -28.11
C ALA L 345 -92.04 63.58 -28.47
N GLN L 346 -91.82 62.98 -29.64
CA GLN L 346 -92.64 61.85 -30.04
C GLN L 346 -92.25 60.57 -29.31
N LYS L 347 -91.01 60.46 -28.81
CA LYS L 347 -90.63 59.32 -28.00
C LYS L 347 -90.68 59.63 -26.50
N GLY L 348 -91.14 60.81 -26.12
CA GLY L 348 -91.17 61.20 -24.72
C GLY L 348 -92.52 60.93 -24.05
N GLU L 349 -92.59 61.31 -22.78
CA GLU L 349 -93.81 61.16 -21.99
C GLU L 349 -94.51 62.50 -21.90
N ILE L 350 -95.81 62.50 -22.19
CA ILE L 350 -96.59 63.74 -22.12
C ILE L 350 -96.77 64.12 -20.66
N MET L 351 -96.73 65.43 -20.38
CA MET L 351 -96.82 65.91 -19.02
CA MET L 351 -96.83 65.92 -19.02
C MET L 351 -98.24 65.69 -18.48
N PRO L 352 -98.38 65.19 -17.25
CA PRO L 352 -99.71 64.96 -16.69
C PRO L 352 -100.44 66.26 -16.36
N ASN L 353 -101.74 66.24 -16.57
CA ASN L 353 -102.61 67.38 -16.31
C ASN L 353 -103.29 67.32 -14.94
N ILE L 354 -102.77 66.51 -14.02
CA ILE L 354 -103.44 66.21 -12.76
C ILE L 354 -102.69 66.86 -11.61
N PRO L 355 -103.36 67.19 -10.49
CA PRO L 355 -102.65 67.86 -9.40
C PRO L 355 -101.77 66.96 -8.55
N GLN L 356 -101.99 65.64 -8.57
CA GLN L 356 -101.13 64.72 -7.83
C GLN L 356 -99.69 64.80 -8.32
N MET L 357 -99.50 65.22 -9.57
CA MET L 357 -98.17 65.50 -10.11
C MET L 357 -97.35 66.39 -9.20
N SER L 358 -98.01 67.33 -8.51
CA SER L 358 -97.30 68.20 -7.56
C SER L 358 -96.60 67.37 -6.48
N ALA L 359 -97.33 66.43 -5.86
CA ALA L 359 -96.69 65.55 -4.89
C ALA L 359 -95.59 64.72 -5.53
N PHE L 360 -95.76 64.38 -6.82
CA PHE L 360 -94.69 63.77 -7.61
C PHE L 360 -93.42 64.60 -7.52
N TRP L 361 -93.54 65.90 -7.83
CA TRP L 361 -92.38 66.77 -7.75
C TRP L 361 -91.89 66.98 -6.32
N TYR L 362 -92.69 66.58 -5.32
CA TYR L 362 -92.21 66.56 -3.95
C TYR L 362 -91.68 65.19 -3.56
N ALA L 363 -92.17 64.11 -4.17
CA ALA L 363 -91.73 62.78 -3.75
C ALA L 363 -90.43 62.37 -4.45
N VAL L 364 -90.48 62.22 -5.77
CA VAL L 364 -89.36 61.59 -6.49
C VAL L 364 -88.11 62.46 -6.45
N ARG L 365 -88.25 63.77 -6.30
CA ARG L 365 -87.09 64.63 -6.09
C ARG L 365 -86.31 64.18 -4.85
N THR L 366 -87.00 63.98 -3.74
CA THR L 366 -86.34 63.48 -2.54
C THR L 366 -85.67 62.13 -2.80
N ALA L 367 -86.24 61.35 -3.73
CA ALA L 367 -85.63 60.08 -4.11
C ALA L 367 -84.19 60.29 -4.58
N VAL L 368 -83.98 61.23 -5.51
CA VAL L 368 -82.59 61.43 -5.96
C VAL L 368 -81.78 62.12 -4.88
N ILE L 369 -82.44 62.83 -3.96
CA ILE L 369 -81.71 63.40 -2.83
C ILE L 369 -81.26 62.29 -1.89
N ASN L 370 -81.93 61.14 -1.92
CA ASN L 370 -81.42 59.98 -1.21
C ASN L 370 -80.52 59.11 -2.09
N ALA L 371 -80.46 59.37 -3.39
CA ALA L 371 -79.70 58.54 -4.31
C ALA L 371 -78.29 59.09 -4.56
N ALA L 372 -78.20 60.31 -5.10
CA ALA L 372 -76.91 60.90 -5.38
C ALA L 372 -76.15 61.24 -4.11
N SER L 373 -76.85 61.47 -3.00
CA SER L 373 -76.20 61.67 -1.72
C SER L 373 -75.90 60.37 -1.00
N GLY L 374 -76.59 59.28 -1.35
CA GLY L 374 -76.32 58.00 -0.74
C GLY L 374 -76.84 57.85 0.66
N ARG L 375 -77.82 58.65 1.07
CA ARG L 375 -78.45 58.46 2.37
C ARG L 375 -79.26 57.18 2.38
N GLN L 376 -79.94 56.88 1.28
CA GLN L 376 -80.63 55.62 1.06
C GLN L 376 -80.03 54.94 -0.16
N THR L 377 -80.55 53.76 -0.47
CA THR L 377 -80.14 53.03 -1.66
C THR L 377 -81.08 53.39 -2.81
N VAL L 378 -81.03 52.62 -3.90
CA VAL L 378 -81.93 52.84 -5.02
C VAL L 378 -83.36 52.48 -4.62
N ASP L 379 -83.56 51.24 -4.16
CA ASP L 379 -84.90 50.76 -3.86
C ASP L 379 -85.53 51.52 -2.71
N GLU L 380 -84.74 51.87 -1.69
CA GLU L 380 -85.27 52.63 -0.55
C GLU L 380 -85.80 53.98 -1.00
N ALA L 381 -85.02 54.71 -1.79
CA ALA L 381 -85.44 56.02 -2.27
C ALA L 381 -86.66 55.92 -3.17
N LEU L 382 -86.69 54.92 -4.07
CA LEU L 382 -87.79 54.86 -5.01
C LEU L 382 -89.09 54.42 -4.34
N LYS L 383 -89.03 53.50 -3.37
CA LYS L 383 -90.27 53.15 -2.69
C LYS L 383 -90.66 54.18 -1.64
N ASP L 384 -89.73 55.03 -1.20
CA ASP L 384 -90.14 56.18 -0.39
C ASP L 384 -90.85 57.21 -1.26
N ALA L 385 -90.41 57.38 -2.50
CA ALA L 385 -91.13 58.23 -3.44
C ALA L 385 -92.42 57.58 -3.94
N GLN L 386 -92.57 56.27 -3.76
CA GLN L 386 -93.75 55.56 -4.22
C GLN L 386 -94.99 56.00 -3.45
N THR L 387 -94.94 55.95 -2.12
CA THR L 387 -96.06 56.33 -1.29
C THR L 387 -96.20 57.85 -1.22
N SER M 35 -27.36 -1.37 -91.72
CA SER M 35 -26.68 -2.66 -91.77
C SER M 35 -25.87 -2.78 -93.06
N GLU M 36 -25.33 -1.64 -93.51
CA GLU M 36 -24.44 -1.65 -94.68
C GLU M 36 -23.16 -2.42 -94.40
N LEU M 37 -22.71 -2.44 -93.15
CA LEU M 37 -21.62 -3.30 -92.72
C LEU M 37 -22.07 -4.27 -91.63
N GLY M 38 -23.39 -4.41 -91.43
CA GLY M 38 -23.88 -5.28 -90.37
C GLY M 38 -23.73 -6.74 -90.69
N LYS M 39 -24.05 -7.13 -91.93
CA LYS M 39 -23.78 -8.50 -92.36
C LYS M 39 -22.29 -8.74 -92.52
N GLU M 40 -21.54 -7.68 -92.82
CA GLU M 40 -20.08 -7.76 -92.78
C GLU M 40 -19.58 -8.01 -91.36
N LEU M 41 -20.35 -7.60 -90.35
CA LEU M 41 -20.04 -8.01 -88.99
C LEU M 41 -20.53 -9.42 -88.70
N LEU M 42 -21.66 -9.82 -89.30
CA LEU M 42 -22.18 -11.16 -89.08
C LEU M 42 -21.24 -12.23 -89.60
N GLU M 43 -20.62 -11.98 -90.75
CA GLU M 43 -19.71 -12.99 -91.30
C GLU M 43 -18.44 -13.12 -90.46
N ALA M 44 -17.92 -12.01 -89.94
CA ALA M 44 -16.75 -12.09 -89.08
C ALA M 44 -17.10 -12.67 -87.73
N ALA M 45 -18.34 -12.47 -87.26
CA ALA M 45 -18.76 -13.08 -86.01
C ALA M 45 -18.93 -14.58 -86.15
N ARG M 46 -19.42 -15.03 -87.31
CA ARG M 46 -19.46 -16.46 -87.59
C ARG M 46 -18.06 -17.03 -87.76
N ALA M 47 -17.13 -16.24 -88.30
CA ALA M 47 -15.83 -16.77 -88.68
C ALA M 47 -14.70 -16.42 -87.72
N GLY M 48 -14.83 -15.35 -86.95
CA GLY M 48 -13.80 -15.02 -85.98
C GLY M 48 -12.55 -14.38 -86.55
N GLN M 49 -12.67 -13.14 -87.05
CA GLN M 49 -11.53 -12.34 -87.50
C GLN M 49 -11.47 -11.06 -86.67
N ASP M 50 -10.47 -10.97 -85.79
CA ASP M 50 -10.27 -9.73 -85.03
C ASP M 50 -9.84 -8.59 -85.94
N ASP M 51 -9.09 -8.89 -87.00
CA ASP M 51 -8.67 -7.86 -87.94
C ASP M 51 -9.86 -7.30 -88.72
N GLU M 52 -10.78 -8.15 -89.15
CA GLU M 52 -11.95 -7.69 -89.90
C GLU M 52 -12.81 -6.77 -89.05
N VAL M 53 -13.08 -7.16 -87.80
CA VAL M 53 -13.90 -6.31 -86.95
C VAL M 53 -13.13 -5.07 -86.50
N ARG M 54 -11.80 -5.14 -86.42
CA ARG M 54 -11.02 -3.94 -86.14
C ARG M 54 -11.12 -2.93 -87.28
N ILE M 55 -11.09 -3.41 -88.51
CA ILE M 55 -11.25 -2.51 -89.66
C ILE M 55 -12.68 -2.00 -89.75
N LEU M 56 -13.66 -2.84 -89.43
CA LEU M 56 -15.05 -2.40 -89.48
C LEU M 56 -15.35 -1.36 -88.41
N MET M 57 -14.72 -1.48 -87.24
CA MET M 57 -14.81 -0.41 -86.25
C MET M 57 -13.97 0.79 -86.61
N ALA M 58 -12.93 0.62 -87.44
CA ALA M 58 -12.25 1.78 -88.00
C ALA M 58 -13.13 2.51 -89.00
N ARG M 59 -14.03 1.79 -89.67
CA ARG M 59 -15.00 2.38 -90.56
C ARG M 59 -16.33 2.69 -89.87
N GLY M 60 -16.46 2.36 -88.59
CA GLY M 60 -17.66 2.67 -87.84
C GLY M 60 -18.84 1.79 -88.19
N ALA M 61 -18.62 0.48 -88.23
CA ALA M 61 -19.73 -0.44 -88.51
C ALA M 61 -20.68 -0.51 -87.32
N GLU M 62 -21.97 -0.61 -87.63
CA GLU M 62 -22.98 -0.65 -86.59
C GLU M 62 -22.95 -1.98 -85.86
N VAL M 63 -23.06 -1.93 -84.53
CA VAL M 63 -22.91 -3.13 -83.70
C VAL M 63 -24.23 -3.81 -83.35
N ASN M 64 -25.36 -3.15 -83.58
CA ASN M 64 -26.67 -3.70 -83.21
C ASN M 64 -27.40 -4.25 -84.42
N ALA M 65 -26.69 -4.94 -85.30
CA ALA M 65 -27.26 -5.44 -86.54
C ALA M 65 -28.08 -6.70 -86.25
N ALA M 66 -29.39 -6.55 -86.19
CA ALA M 66 -30.29 -7.68 -85.94
C ALA M 66 -30.80 -8.23 -87.27
N ASP M 67 -30.80 -9.56 -87.37
CA ASP M 67 -31.35 -10.22 -88.55
C ASP M 67 -32.85 -10.42 -88.36
N ASN M 68 -33.47 -11.23 -89.22
CA ASN M 68 -34.92 -11.44 -89.15
C ASN M 68 -35.33 -12.21 -87.90
N THR M 69 -34.42 -12.97 -87.29
CA THR M 69 -34.73 -13.75 -86.10
C THR M 69 -34.08 -13.19 -84.84
N GLY M 70 -33.48 -12.01 -84.93
CA GLY M 70 -32.95 -11.33 -83.76
C GLY M 70 -31.51 -11.64 -83.42
N THR M 71 -30.80 -12.37 -84.27
CA THR M 71 -29.44 -12.79 -83.94
C THR M 71 -28.48 -11.64 -84.21
N THR M 72 -27.80 -11.20 -83.17
CA THR M 72 -26.88 -10.07 -83.23
C THR M 72 -25.47 -10.55 -83.50
N PRO M 73 -24.55 -9.64 -83.83
CA PRO M 73 -23.14 -10.05 -83.89
C PRO M 73 -22.60 -10.53 -82.56
N LEU M 74 -23.13 -10.01 -81.45
CA LEU M 74 -22.73 -10.51 -80.14
C LEU M 74 -23.18 -11.94 -79.93
N HIS M 75 -24.34 -12.32 -80.46
CA HIS M 75 -24.80 -13.69 -80.33
C HIS M 75 -23.85 -14.67 -81.01
N LEU M 76 -23.45 -14.36 -82.25
CA LEU M 76 -22.53 -15.25 -82.95
C LEU M 76 -21.14 -15.19 -82.33
N ALA M 77 -20.73 -14.04 -81.80
CA ALA M 77 -19.46 -13.94 -81.12
C ALA M 77 -19.44 -14.83 -79.88
N ALA M 78 -20.58 -14.92 -79.19
CA ALA M 78 -20.67 -15.79 -78.02
C ALA M 78 -20.72 -17.25 -78.42
N TYR M 79 -21.54 -17.59 -79.42
CA TYR M 79 -21.66 -18.95 -79.90
C TYR M 79 -20.33 -19.49 -80.43
N SER M 80 -19.51 -18.61 -81.00
CA SER M 80 -18.25 -19.06 -81.58
C SER M 80 -17.19 -19.32 -80.51
N GLY M 81 -17.08 -18.43 -79.52
CA GLY M 81 -16.13 -18.62 -78.47
C GLY M 81 -14.81 -17.88 -78.63
N HIS M 82 -14.80 -16.77 -79.35
CA HIS M 82 -13.63 -15.91 -79.44
C HIS M 82 -13.88 -14.68 -78.59
N LEU M 83 -13.07 -14.49 -77.55
CA LEU M 83 -13.34 -13.45 -76.57
C LEU M 83 -13.06 -12.05 -77.11
N GLU M 84 -12.17 -11.92 -78.10
CA GLU M 84 -11.74 -10.60 -78.54
C GLU M 84 -12.85 -9.84 -79.26
N ILE M 85 -13.58 -10.53 -80.13
CA ILE M 85 -14.68 -9.89 -80.85
C ILE M 85 -15.79 -9.49 -79.87
N VAL M 86 -16.03 -10.32 -78.85
CA VAL M 86 -16.98 -9.97 -77.80
C VAL M 86 -16.51 -8.73 -77.06
N GLU M 87 -15.23 -8.67 -76.73
CA GLU M 87 -14.69 -7.53 -75.99
C GLU M 87 -14.84 -6.24 -76.78
N VAL M 88 -14.51 -6.27 -78.07
CA VAL M 88 -14.60 -5.03 -78.84
C VAL M 88 -16.06 -4.67 -79.14
N LEU M 89 -16.93 -5.67 -79.29
CA LEU M 89 -18.35 -5.39 -79.46
C LEU M 89 -18.92 -4.69 -78.23
N LEU M 90 -18.50 -5.14 -77.03
CA LEU M 90 -18.92 -4.44 -75.82
C LEU M 90 -18.21 -3.11 -75.65
N LYS M 91 -17.02 -2.95 -76.25
CA LYS M 91 -16.35 -1.65 -76.23
C LYS M 91 -17.10 -0.63 -77.07
N TYR M 92 -17.74 -1.07 -78.15
CA TYR M 92 -18.52 -0.16 -78.97
C TYR M 92 -20.00 -0.16 -78.60
N GLY M 93 -20.37 -0.75 -77.48
CA GLY M 93 -21.70 -0.60 -76.94
C GLY M 93 -22.75 -1.55 -77.49
N ALA M 94 -22.38 -2.80 -77.75
CA ALA M 94 -23.36 -3.78 -78.17
C ALA M 94 -24.28 -4.12 -77.01
N GLU M 95 -25.49 -4.56 -77.33
CA GLU M 95 -26.48 -4.86 -76.30
C GLU M 95 -26.17 -6.21 -75.66
N VAL M 96 -26.03 -6.19 -74.32
CA VAL M 96 -25.66 -7.42 -73.61
C VAL M 96 -26.87 -8.31 -73.37
N ASN M 97 -28.08 -7.76 -73.36
CA ASN M 97 -29.29 -8.49 -73.00
C ASN M 97 -30.27 -8.53 -74.16
N ALA M 98 -29.76 -8.70 -75.37
CA ALA M 98 -30.61 -8.75 -76.56
C ALA M 98 -31.22 -10.14 -76.69
N ALA M 99 -32.54 -10.22 -76.59
CA ALA M 99 -33.25 -11.48 -76.70
C ALA M 99 -33.64 -11.73 -78.16
N ASP M 100 -33.52 -12.99 -78.57
CA ASP M 100 -33.93 -13.41 -79.91
C ASP M 100 -35.42 -13.73 -79.92
N VAL M 101 -35.89 -14.36 -81.00
CA VAL M 101 -37.29 -14.78 -81.06
C VAL M 101 -37.55 -16.01 -80.21
N PHE M 102 -36.50 -16.69 -79.74
CA PHE M 102 -36.64 -17.82 -78.83
C PHE M 102 -36.34 -17.46 -77.38
N GLY M 103 -35.87 -16.24 -77.12
CA GLY M 103 -35.60 -15.79 -75.78
C GLY M 103 -34.14 -15.87 -75.36
N TYR M 104 -33.29 -16.49 -76.17
CA TYR M 104 -31.89 -16.63 -75.77
C TYR M 104 -31.16 -15.30 -75.88
N THR M 105 -30.29 -15.06 -74.91
CA THR M 105 -29.32 -13.98 -74.89
C THR M 105 -27.94 -14.55 -75.16
N PRO M 106 -26.92 -13.70 -75.32
CA PRO M 106 -25.56 -14.24 -75.42
C PRO M 106 -25.13 -15.05 -74.20
N LEU M 107 -25.65 -14.73 -73.02
CA LEU M 107 -25.30 -15.50 -71.83
C LEU M 107 -25.85 -16.92 -71.91
N HIS M 108 -27.05 -17.09 -72.46
CA HIS M 108 -27.62 -18.42 -72.64
C HIS M 108 -26.74 -19.28 -73.53
N LEU M 109 -26.40 -18.77 -74.72
CA LEU M 109 -25.57 -19.54 -75.65
C LEU M 109 -24.18 -19.77 -75.09
N ALA M 110 -23.64 -18.80 -74.36
CA ALA M 110 -22.32 -18.99 -73.74
C ALA M 110 -22.36 -20.09 -72.70
N ALA M 111 -23.46 -20.17 -71.94
CA ALA M 111 -23.56 -21.22 -70.92
C ALA M 111 -23.82 -22.57 -71.56
N TYR M 112 -24.51 -22.61 -72.70
CA TYR M 112 -24.73 -23.88 -73.39
C TYR M 112 -23.43 -24.51 -73.85
N TRP M 113 -22.59 -23.73 -74.52
CA TRP M 113 -21.41 -24.28 -75.17
C TRP M 113 -20.20 -24.33 -74.26
N GLY M 114 -20.30 -23.81 -73.05
CA GLY M 114 -19.23 -23.98 -72.08
C GLY M 114 -18.04 -23.09 -72.34
N HIS M 115 -18.27 -21.81 -72.48
CA HIS M 115 -17.19 -20.83 -72.69
C HIS M 115 -17.15 -19.95 -71.44
N LEU M 116 -16.13 -20.16 -70.61
CA LEU M 116 -16.10 -19.57 -69.28
C LEU M 116 -15.82 -18.08 -69.33
N GLU M 117 -14.78 -17.69 -70.08
CA GLU M 117 -14.34 -16.30 -70.08
C GLU M 117 -15.40 -15.35 -70.62
N ILE M 118 -16.14 -15.78 -71.64
CA ILE M 118 -17.14 -14.87 -72.17
C ILE M 118 -18.34 -14.80 -71.23
N VAL M 119 -18.64 -15.87 -70.49
CA VAL M 119 -19.64 -15.81 -69.43
C VAL M 119 -19.22 -14.79 -68.39
N GLU M 120 -17.95 -14.82 -67.99
CA GLU M 120 -17.45 -13.88 -67.00
C GLU M 120 -17.55 -12.44 -67.48
N VAL M 121 -17.14 -12.16 -68.72
CA VAL M 121 -17.15 -10.77 -69.16
C VAL M 121 -18.55 -10.30 -69.51
N LEU M 122 -19.47 -11.20 -69.84
CA LEU M 122 -20.87 -10.79 -70.00
C LEU M 122 -21.46 -10.41 -68.65
N LEU M 123 -21.19 -11.21 -67.62
CA LEU M 123 -21.64 -10.86 -66.28
C LEU M 123 -20.97 -9.58 -65.79
N LYS M 124 -19.75 -9.33 -66.23
CA LYS M 124 -19.04 -8.12 -65.85
C LYS M 124 -19.62 -6.88 -66.51
N ASN M 125 -20.36 -7.04 -67.60
CA ASN M 125 -20.94 -5.92 -68.32
C ASN M 125 -22.43 -5.79 -68.10
N GLY M 126 -22.96 -6.44 -67.07
CA GLY M 126 -24.35 -6.26 -66.71
C GLY M 126 -25.32 -7.19 -67.42
N ALA M 127 -24.92 -8.44 -67.65
CA ALA M 127 -25.84 -9.44 -68.17
C ALA M 127 -26.75 -9.92 -67.06
N ASP M 128 -28.03 -10.08 -67.37
CA ASP M 128 -29.01 -10.50 -66.38
C ASP M 128 -28.84 -11.99 -66.11
N VAL M 129 -28.54 -12.34 -64.86
CA VAL M 129 -28.17 -13.71 -64.55
C VAL M 129 -29.38 -14.63 -64.47
N ASN M 130 -30.57 -14.09 -64.29
CA ASN M 130 -31.79 -14.88 -64.17
C ASN M 130 -32.70 -14.69 -65.37
N ALA M 131 -32.10 -14.59 -66.56
CA ALA M 131 -32.88 -14.40 -67.78
C ALA M 131 -33.57 -15.70 -68.19
N ARG M 132 -34.87 -15.62 -68.45
CA ARG M 132 -35.65 -16.77 -68.87
C ARG M 132 -35.79 -16.79 -70.39
N ASP M 133 -35.79 -17.99 -70.95
CA ASP M 133 -36.04 -18.17 -72.37
C ASP M 133 -37.52 -18.42 -72.61
N SER M 134 -37.85 -18.92 -73.80
CA SER M 134 -39.22 -19.35 -74.09
C SER M 134 -39.65 -20.48 -73.17
N ASP M 135 -38.72 -21.34 -72.76
CA ASP M 135 -39.03 -22.44 -71.86
C ASP M 135 -38.95 -22.05 -70.40
N GLY M 136 -38.55 -20.83 -70.09
CA GLY M 136 -38.31 -20.44 -68.73
C GLY M 136 -37.00 -20.95 -68.17
N MET M 137 -36.10 -21.44 -69.01
CA MET M 137 -34.84 -22.00 -68.55
C MET M 137 -33.80 -20.89 -68.46
N THR M 138 -33.28 -20.67 -67.26
CA THR M 138 -32.22 -19.72 -67.02
C THR M 138 -30.91 -20.30 -67.52
N PRO M 139 -29.85 -19.49 -67.64
CA PRO M 139 -28.54 -20.06 -68.00
C PRO M 139 -28.04 -21.09 -67.00
N LEU M 140 -28.41 -20.96 -65.72
CA LEU M 140 -28.04 -21.97 -64.73
C LEU M 140 -28.66 -23.32 -65.04
N HIS M 141 -29.90 -23.33 -65.54
CA HIS M 141 -30.51 -24.57 -66.03
C HIS M 141 -29.63 -25.23 -67.07
N LEU M 142 -29.13 -24.45 -68.03
CA LEU M 142 -28.32 -25.01 -69.10
C LEU M 142 -26.99 -25.55 -68.57
N ALA M 143 -26.30 -24.75 -67.76
CA ALA M 143 -25.01 -25.17 -67.25
C ALA M 143 -25.12 -26.37 -66.30
N ALA M 144 -26.25 -26.52 -65.62
CA ALA M 144 -26.45 -27.71 -64.81
C ALA M 144 -26.85 -28.91 -65.64
N LYS M 145 -27.58 -28.68 -66.73
CA LYS M 145 -27.99 -29.76 -67.61
C LYS M 145 -26.81 -30.33 -68.39
N TRP M 146 -25.80 -29.52 -68.66
CA TRP M 146 -24.69 -30.00 -69.48
C TRP M 146 -23.44 -30.34 -68.68
N GLY M 147 -23.36 -29.94 -67.42
CA GLY M 147 -22.26 -30.39 -66.59
C GLY M 147 -21.04 -29.51 -66.54
N HIS M 148 -21.20 -28.20 -66.63
CA HIS M 148 -20.09 -27.26 -66.57
C HIS M 148 -20.00 -26.70 -65.16
N LEU M 149 -18.99 -27.12 -64.39
CA LEU M 149 -18.89 -26.72 -62.99
C LEU M 149 -18.57 -25.24 -62.85
N GLU M 150 -17.52 -24.78 -63.53
CA GLU M 150 -17.02 -23.43 -63.31
C GLU M 150 -18.04 -22.37 -63.73
N ILE M 151 -18.80 -22.67 -64.79
CA ILE M 151 -19.88 -21.78 -65.18
C ILE M 151 -20.94 -21.72 -64.09
N VAL M 152 -21.30 -22.87 -63.52
CA VAL M 152 -22.26 -22.92 -62.43
C VAL M 152 -21.79 -22.09 -61.25
N GLU M 153 -20.51 -22.16 -60.94
CA GLU M 153 -20.00 -21.44 -59.77
C GLU M 153 -19.96 -19.94 -60.01
N VAL M 154 -19.52 -19.52 -61.19
CA VAL M 154 -19.51 -18.09 -61.52
C VAL M 154 -20.93 -17.56 -61.58
N LEU M 155 -21.89 -18.35 -62.03
CA LEU M 155 -23.27 -17.91 -62.06
C LEU M 155 -23.83 -17.80 -60.65
N LEU M 156 -23.46 -18.73 -59.76
CA LEU M 156 -23.91 -18.65 -58.39
C LEU M 156 -23.32 -17.45 -57.67
N ARG M 157 -22.11 -17.05 -58.05
CA ARG M 157 -21.49 -15.89 -57.43
C ARG M 157 -22.26 -14.62 -57.72
N TYR M 158 -22.92 -14.54 -58.88
CA TYR M 158 -23.59 -13.32 -59.29
C TYR M 158 -25.07 -13.31 -58.96
N GLY M 159 -25.55 -14.30 -58.23
CA GLY M 159 -26.90 -14.31 -57.74
C GLY M 159 -27.91 -15.09 -58.55
N ALA M 160 -27.50 -16.19 -59.16
CA ALA M 160 -28.43 -17.02 -59.91
C ALA M 160 -29.41 -17.71 -58.97
N ASP M 161 -30.68 -17.78 -59.37
CA ASP M 161 -31.72 -18.34 -58.53
C ASP M 161 -31.64 -19.86 -58.55
N VAL M 162 -31.49 -20.46 -57.36
CA VAL M 162 -31.40 -21.90 -57.26
C VAL M 162 -32.76 -22.54 -57.47
N GLU M 163 -33.84 -21.82 -57.19
CA GLU M 163 -35.19 -22.39 -57.16
C GLU M 163 -36.01 -22.05 -58.39
N ALA M 164 -35.38 -21.59 -59.46
CA ALA M 164 -36.09 -21.29 -60.69
C ALA M 164 -36.59 -22.57 -61.35
N GLN M 165 -37.87 -22.59 -61.70
CA GLN M 165 -38.48 -23.73 -62.38
C GLN M 165 -38.81 -23.37 -63.82
N ASP M 166 -38.67 -24.35 -64.71
CA ASP M 166 -39.00 -24.16 -66.12
C ASP M 166 -40.46 -24.56 -66.34
N LYS M 167 -40.86 -24.75 -67.61
CA LYS M 167 -42.24 -25.09 -67.91
C LYS M 167 -42.65 -26.45 -67.37
N PHE M 168 -41.69 -27.35 -67.16
CA PHE M 168 -41.98 -28.67 -66.60
C PHE M 168 -41.92 -28.69 -65.08
N GLY M 169 -41.58 -27.56 -64.45
CA GLY M 169 -41.40 -27.55 -63.02
C GLY M 169 -40.09 -28.15 -62.57
N LYS M 170 -39.04 -28.01 -63.37
CA LYS M 170 -37.72 -28.54 -63.06
C LYS M 170 -36.80 -27.43 -62.58
N THR M 171 -36.16 -27.65 -61.45
CA THR M 171 -35.09 -26.80 -60.99
C THR M 171 -33.77 -27.27 -61.59
N PRO M 172 -32.71 -26.45 -61.55
CA PRO M 172 -31.41 -26.92 -62.02
C PRO M 172 -30.90 -28.15 -61.27
N PHE M 173 -31.30 -28.32 -60.01
CA PHE M 173 -30.94 -29.53 -59.27
C PHE M 173 -31.54 -30.77 -59.93
N ASP M 174 -32.79 -30.65 -60.40
CA ASP M 174 -33.42 -31.77 -61.10
C ASP M 174 -32.74 -32.08 -62.41
N LEU M 175 -32.37 -31.04 -63.17
CA LEU M 175 -31.68 -31.29 -64.43
C LEU M 175 -30.29 -31.85 -64.21
N ALA M 176 -29.68 -31.55 -63.06
CA ALA M 176 -28.37 -32.10 -62.78
C ALA M 176 -28.43 -33.55 -62.31
N ILE M 177 -29.50 -33.92 -61.59
CA ILE M 177 -29.59 -35.33 -61.22
C ILE M 177 -30.08 -36.18 -62.40
N ASP M 178 -30.88 -35.60 -63.30
CA ASP M 178 -31.37 -36.37 -64.43
C ASP M 178 -30.28 -36.68 -65.44
N ASN M 179 -29.19 -35.91 -65.46
CA ASN M 179 -28.12 -36.11 -66.42
C ASN M 179 -26.83 -36.59 -65.77
N GLY M 180 -26.88 -36.98 -64.50
CA GLY M 180 -25.74 -37.60 -63.86
C GLY M 180 -24.65 -36.68 -63.41
N ASN M 181 -24.92 -35.38 -63.27
CA ASN M 181 -23.92 -34.44 -62.80
C ASN M 181 -24.04 -34.32 -61.28
N GLU M 182 -23.44 -35.27 -60.58
CA GLU M 182 -23.69 -35.43 -59.15
C GLU M 182 -23.00 -34.37 -58.32
N ASP M 183 -21.83 -33.88 -58.73
CA ASP M 183 -21.16 -32.84 -57.96
C ASP M 183 -21.89 -31.50 -58.06
N ILE M 184 -22.44 -31.19 -59.23
CA ILE M 184 -23.28 -30.01 -59.37
C ILE M 184 -24.47 -30.10 -58.42
N ALA M 185 -25.13 -31.25 -58.40
CA ALA M 185 -26.28 -31.44 -57.53
C ALA M 185 -25.89 -31.35 -56.07
N GLU M 186 -24.69 -31.80 -55.71
CA GLU M 186 -24.23 -31.67 -54.34
C GLU M 186 -24.09 -30.21 -53.94
N VAL M 187 -23.44 -29.42 -54.80
CA VAL M 187 -23.27 -27.99 -54.53
C VAL M 187 -24.62 -27.31 -54.39
N LEU M 188 -25.53 -27.60 -55.32
CA LEU M 188 -26.84 -26.96 -55.33
C LEU M 188 -27.68 -27.36 -54.13
N GLN M 189 -27.49 -28.57 -53.62
CA GLN M 189 -28.28 -29.02 -52.48
C GLN M 189 -27.76 -28.42 -51.18
N ALA M 190 -26.44 -28.41 -51.01
CA ALA M 190 -25.85 -27.86 -49.80
C ALA M 190 -26.13 -26.38 -49.66
N LEU M 191 -26.09 -25.64 -50.77
CA LEU M 191 -26.33 -24.20 -50.70
C LEU M 191 -27.73 -23.90 -50.22
N LEU M 192 -28.72 -24.58 -50.80
CA LEU M 192 -30.10 -24.38 -50.42
C LEU M 192 -30.33 -24.76 -48.96
N ALA M 193 -29.68 -25.82 -48.50
CA ALA M 193 -29.89 -26.26 -47.13
C ALA M 193 -29.34 -25.26 -46.12
N ILE M 194 -28.17 -24.68 -46.40
CA ILE M 194 -27.63 -23.71 -45.47
C ILE M 194 -28.45 -22.42 -45.47
N ASN M 195 -28.98 -22.02 -46.64
CA ASN M 195 -29.80 -20.81 -46.65
C ASN M 195 -31.11 -21.02 -45.90
N ARG M 196 -31.68 -22.22 -45.99
CA ARG M 196 -32.88 -22.50 -45.22
C ARG M 196 -32.61 -22.56 -43.73
N GLN M 197 -31.43 -23.03 -43.33
CA GLN M 197 -31.12 -22.99 -41.90
C GLN M 197 -30.94 -21.57 -41.39
N ILE M 198 -30.38 -20.68 -42.22
CA ILE M 198 -30.29 -19.27 -41.83
C ILE M 198 -31.67 -18.68 -41.62
N ASN M 199 -32.58 -18.93 -42.56
CA ASN M 199 -33.94 -18.40 -42.41
C ASN M 199 -34.64 -19.01 -41.19
N LEU M 200 -34.38 -20.26 -40.88
CA LEU M 200 -35.02 -20.90 -39.74
C LEU M 200 -34.50 -20.35 -38.42
N GLU M 201 -33.21 -20.01 -38.34
CA GLU M 201 -32.73 -19.36 -37.14
C GLU M 201 -33.26 -17.95 -37.00
N LEU M 202 -33.45 -17.22 -38.10
CA LEU M 202 -34.05 -15.90 -38.01
C LEU M 202 -35.51 -15.97 -37.61
N TYR M 203 -36.21 -17.04 -38.01
CA TYR M 203 -37.61 -17.20 -37.62
C TYR M 203 -37.75 -17.40 -36.12
N ALA M 204 -36.90 -18.23 -35.52
CA ALA M 204 -37.03 -18.57 -34.12
C ALA M 204 -36.77 -17.39 -33.21
N SER M 205 -35.97 -16.42 -33.66
CA SER M 205 -35.68 -15.23 -32.86
C SER M 205 -36.90 -14.34 -32.71
N TYR M 206 -37.73 -14.32 -33.76
CA TYR M 206 -38.93 -13.49 -33.82
C TYR M 206 -40.07 -14.09 -33.02
N VAL M 207 -40.12 -15.42 -32.93
CA VAL M 207 -41.07 -16.09 -32.05
C VAL M 207 -40.76 -15.78 -30.59
N TYR M 208 -39.49 -15.77 -30.24
CA TYR M 208 -39.09 -15.44 -28.89
C TYR M 208 -39.35 -13.97 -28.57
N LEU M 209 -39.20 -13.09 -29.56
CA LEU M 209 -39.56 -11.70 -29.35
C LEU M 209 -41.05 -11.55 -29.06
N SER M 210 -41.89 -12.24 -29.82
CA SER M 210 -43.32 -12.25 -29.56
C SER M 210 -43.62 -12.74 -28.15
N MET M 211 -43.05 -13.89 -27.78
CA MET M 211 -43.26 -14.46 -26.46
C MET M 211 -42.85 -13.50 -25.35
N SER M 212 -41.70 -12.85 -25.52
CA SER M 212 -41.19 -11.95 -24.49
C SER M 212 -42.13 -10.77 -24.28
N TYR M 213 -42.59 -10.15 -25.35
CA TYR M 213 -43.46 -9.00 -25.16
C TYR M 213 -44.90 -9.38 -24.86
N TYR M 214 -45.24 -10.67 -24.89
CA TYR M 214 -46.52 -11.08 -24.33
C TYR M 214 -46.50 -11.03 -22.81
N PHE M 215 -45.37 -11.32 -22.20
CA PHE M 215 -45.29 -11.52 -20.76
C PHE M 215 -45.09 -10.25 -19.98
N ASP M 216 -45.09 -9.09 -20.62
CA ASP M 216 -45.10 -7.85 -19.86
C ASP M 216 -46.29 -6.97 -20.20
N ARG M 217 -47.33 -7.56 -20.79
CA ARG M 217 -48.62 -6.89 -20.82
C ARG M 217 -49.13 -6.70 -19.39
N ASP M 218 -49.97 -5.68 -19.19
CA ASP M 218 -50.40 -5.37 -17.83
C ASP M 218 -51.34 -6.41 -17.25
N ASP M 219 -51.92 -7.29 -18.06
CA ASP M 219 -52.67 -8.42 -17.56
C ASP M 219 -51.89 -9.72 -17.54
N VAL M 220 -50.63 -9.70 -17.97
CA VAL M 220 -49.70 -10.81 -17.79
C VAL M 220 -48.44 -10.19 -17.16
N ALA M 221 -48.41 -10.10 -15.84
CA ALA M 221 -47.36 -9.31 -15.21
C ALA M 221 -46.24 -10.21 -14.68
N LEU M 222 -45.54 -10.86 -15.60
CA LEU M 222 -44.45 -11.77 -15.24
C LEU M 222 -43.15 -11.28 -15.88
N LYS M 223 -42.33 -10.59 -15.11
CA LYS M 223 -41.15 -9.89 -15.63
C LYS M 223 -40.00 -10.81 -15.98
N ASN M 224 -39.87 -11.91 -15.25
CA ASN M 224 -38.73 -12.79 -15.45
C ASN M 224 -38.94 -13.74 -16.62
N PHE M 225 -40.20 -14.11 -16.88
CA PHE M 225 -40.55 -14.77 -18.13
C PHE M 225 -40.16 -13.92 -19.34
N ALA M 226 -40.51 -12.64 -19.30
CA ALA M 226 -40.21 -11.74 -20.40
C ALA M 226 -38.71 -11.57 -20.59
N LYS M 227 -37.98 -11.47 -19.48
CA LYS M 227 -36.53 -11.34 -19.54
C LYS M 227 -35.88 -12.59 -20.14
N TYR M 228 -36.35 -13.77 -19.72
CA TYR M 228 -35.86 -15.04 -20.24
C TYR M 228 -36.05 -15.14 -21.76
N PHE M 229 -37.24 -14.79 -22.24
CA PHE M 229 -37.48 -14.95 -23.67
C PHE M 229 -36.78 -13.88 -24.51
N LEU M 230 -36.50 -12.70 -23.95
CA LEU M 230 -35.66 -11.75 -24.68
C LEU M 230 -34.24 -12.26 -24.81
N HIS M 231 -33.73 -12.91 -23.77
CA HIS M 231 -32.41 -13.52 -23.85
C HIS M 231 -32.35 -14.58 -24.96
N GLN M 232 -33.37 -15.42 -25.04
CA GLN M 232 -33.39 -16.43 -26.10
C GLN M 232 -33.45 -15.82 -27.49
N SER M 233 -34.22 -14.73 -27.64
CA SER M 233 -34.28 -14.04 -28.92
C SER M 233 -32.91 -13.59 -29.40
N HIS M 234 -32.13 -12.99 -28.49
CA HIS M 234 -30.82 -12.50 -28.91
C HIS M 234 -29.85 -13.65 -29.19
N GLU M 235 -29.96 -14.76 -28.45
CA GLU M 235 -29.11 -15.91 -28.74
C GLU M 235 -29.37 -16.48 -30.13
N GLU M 236 -30.65 -16.54 -30.54
CA GLU M 236 -30.93 -17.06 -31.88
C GLU M 236 -30.45 -16.12 -32.97
N ARG M 237 -30.52 -14.81 -32.73
CA ARG M 237 -29.92 -13.87 -33.66
C ARG M 237 -28.43 -14.12 -33.85
N GLU M 238 -27.73 -14.45 -32.75
CA GLU M 238 -26.32 -14.79 -32.84
C GLU M 238 -26.08 -16.09 -33.62
N HIS M 239 -26.95 -17.09 -33.44
CA HIS M 239 -26.80 -18.33 -34.20
C HIS M 239 -26.89 -18.08 -35.70
N ALA M 240 -27.86 -17.27 -36.11
CA ALA M 240 -28.00 -16.97 -37.53
C ALA M 240 -26.79 -16.22 -38.07
N GLU M 241 -26.26 -15.28 -37.29
CA GLU M 241 -25.09 -14.54 -37.76
C GLU M 241 -23.86 -15.42 -37.87
N LYS M 242 -23.72 -16.41 -37.00
CA LYS M 242 -22.62 -17.38 -37.14
C LYS M 242 -22.75 -18.16 -38.43
N LEU M 243 -23.95 -18.58 -38.79
CA LEU M 243 -24.09 -19.32 -40.04
C LEU M 243 -23.79 -18.43 -41.24
N MET M 244 -24.14 -17.16 -41.16
CA MET M 244 -23.82 -16.22 -42.25
C MET M 244 -22.32 -16.02 -42.40
N LYS M 245 -21.60 -15.92 -41.27
CA LYS M 245 -20.15 -15.80 -41.34
C LYS M 245 -19.50 -17.04 -41.93
N LEU M 246 -19.97 -18.22 -41.54
CA LEU M 246 -19.47 -19.46 -42.12
C LEU M 246 -19.68 -19.50 -43.62
N GLN M 247 -20.88 -19.14 -44.07
CA GLN M 247 -21.14 -19.14 -45.50
C GLN M 247 -20.25 -18.15 -46.25
N ASN M 248 -19.89 -17.03 -45.61
CA ASN M 248 -18.97 -16.12 -46.29
C ASN M 248 -17.55 -16.63 -46.33
N GLN M 249 -17.12 -17.42 -45.34
CA GLN M 249 -15.77 -17.98 -45.37
C GLN M 249 -15.58 -19.02 -46.45
N ARG M 250 -16.62 -19.75 -46.80
CA ARG M 250 -16.51 -20.80 -47.80
C ARG M 250 -16.62 -20.29 -49.22
N GLY M 251 -17.01 -19.03 -49.41
CA GLY M 251 -17.22 -18.53 -50.75
C GLY M 251 -18.59 -18.80 -51.32
N GLY M 252 -19.55 -19.17 -50.48
CA GLY M 252 -20.91 -19.38 -50.93
C GLY M 252 -21.71 -18.10 -50.94
N ALA M 253 -22.95 -18.22 -51.41
CA ALA M 253 -23.81 -17.07 -51.68
C ALA M 253 -24.96 -17.04 -50.70
N ILE M 254 -24.93 -16.09 -49.77
CA ILE M 254 -26.07 -15.86 -48.89
C ILE M 254 -27.25 -15.33 -49.70
N SER M 255 -28.43 -15.84 -49.41
CA SER M 255 -29.66 -15.46 -50.10
C SER M 255 -30.77 -15.42 -49.08
N LEU M 256 -31.29 -14.22 -48.78
CA LEU M 256 -32.24 -14.03 -47.71
C LEU M 256 -33.66 -14.03 -48.24
N GLN M 257 -34.58 -14.50 -47.41
CA GLN M 257 -36.00 -14.61 -47.71
C GLN M 257 -36.81 -13.86 -46.66
N ASP M 258 -38.12 -13.85 -46.83
CA ASP M 258 -39.01 -13.26 -45.84
C ASP M 258 -38.95 -14.04 -44.54
N ILE M 259 -39.13 -13.33 -43.43
CA ILE M 259 -39.31 -13.94 -42.12
C ILE M 259 -40.79 -13.84 -41.78
N LYS M 260 -41.43 -14.99 -41.62
CA LYS M 260 -42.86 -15.02 -41.40
C LYS M 260 -43.21 -14.77 -39.94
N LYS M 261 -44.41 -14.23 -39.72
CA LYS M 261 -44.82 -13.87 -38.34
C LYS M 261 -45.14 -15.13 -37.54
N PRO M 262 -44.93 -15.11 -36.21
CA PRO M 262 -45.21 -16.25 -35.34
C PRO M 262 -46.65 -16.70 -35.41
N ASP M 263 -46.90 -17.90 -34.88
CA ASP M 263 -48.23 -18.51 -34.99
C ASP M 263 -49.26 -17.85 -34.10
N CYS M 264 -48.84 -17.36 -32.94
CA CYS M 264 -49.74 -16.67 -32.03
C CYS M 264 -49.23 -15.26 -31.77
N ASP M 265 -50.18 -14.36 -31.52
CA ASP M 265 -49.90 -13.17 -30.75
C ASP M 265 -50.18 -13.37 -29.28
N ASP M 266 -51.12 -14.25 -28.95
CA ASP M 266 -51.54 -14.48 -27.58
C ASP M 266 -51.17 -15.90 -27.19
N TRP M 267 -50.09 -16.03 -26.43
CA TRP M 267 -49.83 -17.23 -25.68
C TRP M 267 -50.79 -17.25 -24.49
N GLU M 268 -50.82 -18.33 -23.74
CA GLU M 268 -51.88 -18.46 -22.77
C GLU M 268 -51.43 -18.51 -21.33
N SER M 269 -50.21 -18.93 -21.06
CA SER M 269 -49.69 -19.09 -19.72
C SER M 269 -48.19 -19.26 -19.85
N GLY M 270 -47.51 -19.39 -18.71
CA GLY M 270 -46.10 -19.72 -18.75
C GLY M 270 -45.86 -21.14 -19.20
N LEU M 271 -46.73 -22.07 -18.79
CA LEU M 271 -46.60 -23.46 -19.18
C LEU M 271 -46.76 -23.62 -20.69
N ASN M 272 -47.77 -22.99 -21.27
CA ASN M 272 -48.03 -23.16 -22.69
C ASN M 272 -46.91 -22.59 -23.54
N ALA M 273 -46.36 -21.45 -23.12
CA ALA M 273 -45.25 -20.87 -23.86
C ALA M 273 -43.98 -21.70 -23.73
N MET M 274 -43.74 -22.27 -22.55
CA MET M 274 -42.59 -23.16 -22.41
C MET M 274 -42.73 -24.40 -23.27
N GLU M 275 -43.95 -24.93 -23.41
CA GLU M 275 -44.14 -26.10 -24.25
C GLU M 275 -43.99 -25.76 -25.73
N CYS M 276 -44.43 -24.58 -26.14
CA CYS M 276 -44.22 -24.17 -27.52
C CYS M 276 -42.74 -23.95 -27.82
N ALA M 277 -42.01 -23.40 -26.86
CA ALA M 277 -40.57 -23.22 -27.05
C ALA M 277 -39.84 -24.55 -27.14
N LEU M 278 -40.29 -25.55 -26.38
CA LEU M 278 -39.69 -26.87 -26.49
C LEU M 278 -39.94 -27.48 -27.86
N HIS M 279 -41.18 -27.39 -28.35
CA HIS M 279 -41.50 -27.88 -29.69
C HIS M 279 -40.64 -27.20 -30.77
N LEU M 280 -40.45 -25.88 -30.61
CA LEU M 280 -39.64 -25.13 -31.57
C LEU M 280 -38.19 -25.61 -31.59
N GLU M 281 -37.58 -25.75 -30.41
CA GLU M 281 -36.17 -26.14 -30.40
C GLU M 281 -35.98 -27.57 -30.88
N LYS M 282 -36.98 -28.43 -30.69
CA LYS M 282 -36.88 -29.77 -31.26
C LYS M 282 -36.91 -29.74 -32.78
N ASN M 283 -37.75 -28.88 -33.36
CA ASN M 283 -37.76 -28.73 -34.81
C ASN M 283 -36.42 -28.25 -35.35
N VAL M 284 -35.83 -27.28 -34.68
CA VAL M 284 -34.54 -26.74 -35.12
C VAL M 284 -33.46 -27.83 -35.06
N ASN M 285 -33.47 -28.62 -33.99
CA ASN M 285 -32.50 -29.71 -33.85
C ASN M 285 -32.66 -30.75 -34.96
N GLN M 286 -33.90 -31.04 -35.34
CA GLN M 286 -34.11 -32.03 -36.40
C GLN M 286 -33.57 -31.53 -37.74
N SER M 287 -33.78 -30.25 -38.04
CA SER M 287 -33.22 -29.74 -39.29
C SER M 287 -31.71 -29.69 -39.26
N LEU M 288 -31.11 -29.45 -38.10
CA LEU M 288 -29.65 -29.49 -38.00
C LEU M 288 -29.11 -30.90 -38.23
N LEU M 289 -29.82 -31.92 -37.77
CA LEU M 289 -29.37 -33.29 -38.00
C LEU M 289 -29.46 -33.65 -39.48
N GLU M 290 -30.50 -33.17 -40.17
CA GLU M 290 -30.56 -33.41 -41.61
C GLU M 290 -29.43 -32.71 -42.35
N LEU M 291 -29.09 -31.49 -41.91
CA LEU M 291 -27.97 -30.77 -42.51
C LEU M 291 -26.66 -31.51 -42.30
N HIS M 292 -26.48 -32.12 -41.12
CA HIS M 292 -25.25 -32.87 -40.86
C HIS M 292 -25.17 -34.13 -41.73
N LYS M 293 -26.29 -34.80 -41.93
CA LYS M 293 -26.27 -36.00 -42.77
C LYS M 293 -25.98 -35.65 -44.22
N LEU M 294 -26.53 -34.52 -44.68
CA LEU M 294 -26.24 -34.05 -46.03
C LEU M 294 -24.77 -33.70 -46.19
N ALA M 295 -24.19 -33.05 -45.17
CA ALA M 295 -22.77 -32.72 -45.21
C ALA M 295 -21.90 -33.95 -45.18
N THR M 296 -22.34 -35.03 -44.54
CA THR M 296 -21.55 -36.25 -44.53
C THR M 296 -21.63 -36.97 -45.86
N ASP M 297 -22.75 -36.88 -46.56
CA ASP M 297 -22.80 -37.45 -47.91
C ASP M 297 -21.91 -36.70 -48.89
N CYS M 298 -21.73 -35.40 -48.70
CA CYS M 298 -20.97 -34.59 -49.63
C CYS M 298 -19.48 -34.56 -49.34
N ASN M 299 -19.02 -35.31 -48.34
CA ASN M 299 -17.61 -35.39 -47.95
C ASN M 299 -17.06 -34.00 -47.60
N ASP M 300 -17.65 -33.41 -46.57
CA ASP M 300 -17.29 -32.06 -46.11
C ASP M 300 -17.03 -32.12 -44.61
N PRO M 301 -15.83 -32.55 -44.21
CA PRO M 301 -15.55 -32.68 -42.77
C PRO M 301 -15.56 -31.36 -42.02
N HIS M 302 -15.25 -30.25 -42.68
CA HIS M 302 -15.21 -28.97 -41.99
C HIS M 302 -16.61 -28.51 -41.59
N LEU M 303 -17.59 -28.73 -42.47
CA LEU M 303 -18.97 -28.41 -42.15
C LEU M 303 -19.51 -29.30 -41.04
N CYS M 304 -19.17 -30.59 -41.07
CA CYS M 304 -19.60 -31.51 -40.03
C CYS M 304 -19.06 -31.09 -38.68
N ASP M 305 -17.77 -30.77 -38.62
CA ASP M 305 -17.19 -30.34 -37.35
C ASP M 305 -17.74 -29.00 -36.88
N PHE M 306 -18.02 -28.08 -37.81
CA PHE M 306 -18.64 -26.82 -37.45
C PHE M 306 -20.01 -27.04 -36.81
N ILE M 307 -20.84 -27.89 -37.43
CA ILE M 307 -22.17 -28.15 -36.91
C ILE M 307 -22.09 -28.80 -35.54
N GLU M 308 -21.30 -29.86 -35.41
CA GLU M 308 -21.29 -30.55 -34.12
C GLU M 308 -20.51 -29.81 -33.04
N THR M 309 -19.71 -28.80 -33.38
CA THR M 309 -19.04 -28.02 -32.35
C THR M 309 -19.85 -26.83 -31.89
N HIS M 310 -20.56 -26.14 -32.78
CA HIS M 310 -21.28 -24.93 -32.35
C HIS M 310 -22.78 -25.09 -32.25
N TYR M 311 -23.36 -26.21 -32.67
CA TYR M 311 -24.82 -26.24 -32.73
C TYR M 311 -25.44 -27.45 -32.03
N LEU M 312 -24.79 -28.61 -32.10
CA LEU M 312 -25.46 -29.82 -31.66
C LEU M 312 -25.48 -29.99 -30.15
N ASN M 313 -24.55 -29.41 -29.42
CA ASN M 313 -24.55 -29.52 -27.97
C ASN M 313 -25.41 -28.45 -27.32
N GLU M 314 -25.50 -27.28 -27.95
CA GLU M 314 -26.39 -26.22 -27.47
C GLU M 314 -27.84 -26.63 -27.57
N GLN M 315 -28.21 -27.34 -28.63
CA GLN M 315 -29.58 -27.82 -28.79
C GLN M 315 -29.93 -28.81 -27.70
N VAL M 316 -29.01 -29.70 -27.36
CA VAL M 316 -29.24 -30.69 -26.31
C VAL M 316 -29.41 -30.01 -24.96
N LYS M 317 -28.56 -29.02 -24.68
CA LYS M 317 -28.69 -28.26 -23.44
C LYS M 317 -30.03 -27.53 -23.35
N ALA M 318 -30.45 -26.91 -24.45
CA ALA M 318 -31.69 -26.14 -24.44
C ALA M 318 -32.89 -27.05 -24.26
N ILE M 319 -32.88 -28.21 -24.90
CA ILE M 319 -34.01 -29.13 -24.78
C ILE M 319 -34.09 -29.70 -23.37
N LYS M 320 -32.94 -29.98 -22.75
CA LYS M 320 -32.95 -30.45 -21.37
C LYS M 320 -33.50 -29.39 -20.42
N GLU M 321 -33.09 -28.14 -20.60
CA GLU M 321 -33.54 -27.07 -19.71
C GLU M 321 -35.03 -26.79 -19.89
N LEU M 322 -35.52 -26.80 -21.13
CA LEU M 322 -36.94 -26.52 -21.34
C LEU M 322 -37.82 -27.65 -20.84
N GLY M 323 -37.37 -28.91 -20.96
CA GLY M 323 -38.12 -29.99 -20.35
C GLY M 323 -38.13 -29.95 -18.84
N ASP M 324 -37.02 -29.54 -18.24
CA ASP M 324 -37.00 -29.24 -16.81
C ASP M 324 -38.06 -28.24 -16.41
N HIS M 325 -38.11 -27.10 -17.11
CA HIS M 325 -39.09 -26.07 -16.79
C HIS M 325 -40.51 -26.58 -16.91
N VAL M 326 -40.79 -27.37 -17.96
CA VAL M 326 -42.14 -27.87 -18.15
C VAL M 326 -42.55 -28.81 -17.03
N THR M 327 -41.68 -29.74 -16.64
CA THR M 327 -42.11 -30.67 -15.59
C THR M 327 -42.24 -30.00 -14.24
N ASN M 328 -41.38 -29.03 -13.93
CA ASN M 328 -41.54 -28.34 -12.64
C ASN M 328 -42.82 -27.52 -12.62
N LEU M 329 -43.14 -26.83 -13.71
CA LEU M 329 -44.37 -26.07 -13.75
C LEU M 329 -45.60 -26.96 -13.66
N ARG M 330 -45.55 -28.14 -14.28
CA ARG M 330 -46.69 -29.04 -14.17
C ARG M 330 -46.84 -29.62 -12.77
N LYS M 331 -45.71 -29.90 -12.09
CA LYS M 331 -45.81 -30.43 -10.73
C LYS M 331 -46.32 -29.40 -9.75
N MET M 332 -45.91 -28.14 -9.91
CA MET M 332 -46.38 -27.10 -8.99
C MET M 332 -47.87 -26.84 -9.11
N GLY M 333 -48.49 -27.22 -10.21
CA GLY M 333 -49.92 -27.09 -10.38
C GLY M 333 -50.38 -26.06 -11.39
N ALA M 334 -49.51 -25.57 -12.23
CA ALA M 334 -49.85 -24.61 -13.27
C ALA M 334 -50.52 -25.33 -14.44
N PRO M 335 -51.35 -24.63 -15.24
CA PRO M 335 -51.69 -23.21 -15.29
C PRO M 335 -52.83 -22.80 -14.36
N GLU M 336 -53.60 -23.75 -13.88
CA GLU M 336 -54.77 -23.44 -13.08
C GLU M 336 -54.44 -23.07 -11.65
N SER M 337 -53.16 -22.88 -11.33
CA SER M 337 -52.74 -22.27 -10.08
C SER M 337 -51.94 -21.03 -10.42
N GLY M 338 -52.48 -19.86 -10.11
CA GLY M 338 -51.74 -18.64 -10.32
C GLY M 338 -50.61 -18.44 -9.34
N LEU M 339 -50.66 -19.12 -8.21
CA LEU M 339 -49.56 -19.08 -7.26
C LEU M 339 -48.34 -19.82 -7.77
N ALA M 340 -48.53 -20.80 -8.64
CA ALA M 340 -47.42 -21.60 -9.15
C ALA M 340 -46.55 -20.79 -10.10
N GLU M 341 -47.16 -20.05 -11.01
CA GLU M 341 -46.36 -19.31 -11.98
C GLU M 341 -45.67 -18.11 -11.36
N TYR M 342 -46.30 -17.46 -10.38
CA TYR M 342 -45.66 -16.39 -9.64
C TYR M 342 -44.40 -16.87 -8.93
N LEU M 343 -44.48 -18.01 -8.27
CA LEU M 343 -43.35 -18.49 -7.51
C LEU M 343 -42.28 -19.10 -8.39
N PHE M 344 -42.65 -19.71 -9.52
CA PHE M 344 -41.67 -20.12 -10.51
C PHE M 344 -40.93 -18.93 -11.08
N ASP M 345 -41.65 -17.85 -11.38
CA ASP M 345 -41.06 -16.59 -11.80
C ASP M 345 -40.03 -16.11 -10.80
N LYS M 346 -40.35 -16.15 -9.51
CA LYS M 346 -39.41 -15.65 -8.52
C LYS M 346 -38.20 -16.57 -8.36
N HIS M 347 -38.42 -17.87 -8.17
CA HIS M 347 -37.35 -18.71 -7.68
C HIS M 347 -36.50 -19.33 -8.77
N THR M 348 -37.07 -19.69 -9.91
CA THR M 348 -36.27 -20.31 -10.96
C THR M 348 -35.73 -19.28 -11.94
N LEU M 349 -36.59 -18.39 -12.42
CA LEU M 349 -36.17 -17.41 -13.40
C LEU M 349 -35.57 -16.16 -12.76
N GLY M 350 -35.72 -15.99 -11.46
CA GLY M 350 -35.20 -14.84 -10.77
C GLY M 350 -33.69 -14.83 -10.68
N LYS N 22 -56.29 -45.59 -131.63
CA LYS N 22 -55.20 -45.02 -132.44
C LYS N 22 -53.85 -45.55 -131.96
N ILE N 23 -53.85 -46.23 -130.81
CA ILE N 23 -52.67 -46.95 -130.36
C ILE N 23 -52.51 -48.21 -131.22
N GLU N 24 -51.34 -48.36 -131.84
CA GLU N 24 -51.14 -49.41 -132.83
C GLU N 24 -50.99 -50.78 -132.16
N GLU N 25 -51.40 -51.81 -132.89
CA GLU N 25 -51.40 -53.20 -132.42
C GLU N 25 -50.21 -53.95 -132.99
N GLY N 26 -49.81 -55.01 -132.27
CA GLY N 26 -48.65 -55.79 -132.67
C GLY N 26 -47.34 -55.06 -132.55
N LYS N 27 -47.31 -53.95 -131.84
CA LYS N 27 -46.18 -53.05 -131.81
C LYS N 27 -46.21 -52.28 -130.49
N LEU N 28 -45.04 -52.08 -129.90
CA LEU N 28 -44.91 -51.44 -128.60
C LEU N 28 -44.01 -50.22 -128.70
N VAL N 29 -44.52 -49.08 -128.25
CA VAL N 29 -43.74 -47.85 -128.12
C VAL N 29 -43.79 -47.40 -126.67
N ILE N 30 -42.64 -47.02 -126.13
CA ILE N 30 -42.49 -46.67 -124.72
C ILE N 30 -41.89 -45.28 -124.63
N TRP N 31 -42.32 -44.50 -123.66
CA TRP N 31 -41.71 -43.22 -123.33
C TRP N 31 -41.10 -43.27 -121.93
N ILE N 32 -39.85 -42.83 -121.82
CA ILE N 32 -39.10 -42.90 -120.57
C ILE N 32 -38.17 -41.70 -120.51
N ASN N 33 -38.06 -41.09 -119.33
CA ASN N 33 -37.26 -39.89 -119.17
C ASN N 33 -35.78 -40.22 -119.33
N GLY N 34 -35.05 -39.28 -119.93
CA GLY N 34 -33.65 -39.44 -120.28
C GLY N 34 -32.65 -39.44 -119.15
N ASP N 35 -33.08 -39.30 -117.90
CA ASP N 35 -32.19 -39.39 -116.76
C ASP N 35 -32.03 -40.82 -116.27
N LYS N 36 -32.54 -41.79 -117.02
CA LYS N 36 -32.56 -43.19 -116.64
C LYS N 36 -31.78 -43.99 -117.67
N GLY N 37 -31.77 -45.31 -117.49
CA GLY N 37 -31.21 -46.19 -118.48
C GLY N 37 -32.21 -46.50 -119.59
N TYR N 38 -32.56 -45.48 -120.37
CA TYR N 38 -33.46 -45.71 -121.51
C TYR N 38 -32.79 -46.58 -122.56
N ASN N 39 -31.46 -46.52 -122.66
CA ASN N 39 -30.75 -47.48 -123.49
C ASN N 39 -30.89 -48.89 -122.94
N GLY N 40 -30.98 -49.05 -121.63
CA GLY N 40 -31.31 -50.34 -121.05
C GLY N 40 -32.71 -50.81 -121.42
N LEU N 41 -33.65 -49.86 -121.54
CA LEU N 41 -34.97 -50.20 -122.04
C LEU N 41 -34.91 -50.64 -123.49
N ALA N 42 -34.02 -50.03 -124.29
CA ALA N 42 -33.79 -50.53 -125.64
C ALA N 42 -33.19 -51.93 -125.62
N GLU N 43 -32.29 -52.20 -124.66
CA GLU N 43 -31.68 -53.52 -124.57
CA GLU N 43 -31.68 -53.52 -124.57
C GLU N 43 -32.70 -54.59 -124.21
N VAL N 44 -33.59 -54.30 -123.27
CA VAL N 44 -34.60 -55.30 -122.94
C VAL N 44 -35.61 -55.43 -124.07
N GLY N 45 -35.86 -54.34 -124.80
CA GLY N 45 -36.68 -54.44 -125.99
C GLY N 45 -36.08 -55.36 -127.03
N LYS N 46 -34.76 -55.30 -127.23
CA LYS N 46 -34.17 -56.20 -128.23
C LYS N 46 -34.03 -57.62 -127.73
N LYS N 47 -33.91 -57.87 -126.41
CA LYS N 47 -34.08 -59.24 -125.94
C LYS N 47 -35.47 -59.76 -126.32
N PHE N 48 -36.50 -58.94 -126.08
CA PHE N 48 -37.85 -59.32 -126.45
C PHE N 48 -37.99 -59.55 -127.95
N GLU N 49 -37.25 -58.78 -128.76
CA GLU N 49 -37.32 -58.94 -130.21
C GLU N 49 -36.66 -60.24 -130.67
N LYS N 50 -35.46 -60.54 -130.16
CA LYS N 50 -34.82 -61.81 -130.54
C LYS N 50 -35.58 -63.01 -129.99
N ASP N 51 -36.32 -62.85 -128.90
CA ASP N 51 -37.02 -64.01 -128.36
C ASP N 51 -38.40 -64.22 -128.99
N THR N 52 -39.19 -63.16 -129.18
CA THR N 52 -40.56 -63.29 -129.66
C THR N 52 -40.82 -62.62 -131.00
N GLY N 53 -39.90 -61.82 -131.52
CA GLY N 53 -40.09 -61.18 -132.81
C GLY N 53 -40.95 -59.93 -132.79
N ILE N 54 -41.36 -59.47 -131.61
CA ILE N 54 -42.23 -58.30 -131.49
C ILE N 54 -41.36 -57.07 -131.24
N LYS N 55 -41.46 -56.08 -132.14
CA LYS N 55 -40.59 -54.92 -132.08
C LYS N 55 -40.97 -54.00 -130.94
N VAL N 56 -39.96 -53.48 -130.24
CA VAL N 56 -40.15 -52.54 -129.14
C VAL N 56 -39.33 -51.29 -129.46
N THR N 57 -39.98 -50.13 -129.52
CA THR N 57 -39.31 -48.86 -129.71
C THR N 57 -39.47 -48.03 -128.44
N VAL N 58 -38.38 -47.37 -128.04
CA VAL N 58 -38.41 -46.47 -126.90
C VAL N 58 -38.01 -45.08 -127.39
N GLU N 59 -38.59 -44.06 -126.76
CA GLU N 59 -38.28 -42.68 -127.09
C GLU N 59 -38.16 -41.88 -125.80
N HIS N 60 -37.19 -40.96 -125.77
CA HIS N 60 -36.84 -40.22 -124.56
C HIS N 60 -36.76 -38.72 -124.85
N PRO N 61 -37.90 -38.06 -125.03
CA PRO N 61 -37.91 -36.61 -125.14
C PRO N 61 -38.14 -35.93 -123.80
N ASP N 62 -37.99 -34.61 -123.80
CA ASP N 62 -38.26 -33.84 -122.61
C ASP N 62 -39.76 -33.74 -122.35
N LYS N 63 -40.11 -33.28 -121.15
CA LYS N 63 -41.47 -32.95 -120.74
C LYS N 63 -42.44 -34.11 -120.91
N LEU N 64 -41.99 -35.35 -120.64
CA LEU N 64 -42.84 -36.50 -120.86
C LEU N 64 -44.04 -36.55 -119.92
N GLU N 65 -43.94 -35.92 -118.75
CA GLU N 65 -45.09 -35.88 -117.86
C GLU N 65 -46.10 -34.83 -118.33
N GLU N 66 -45.61 -33.80 -119.01
CA GLU N 66 -46.51 -32.91 -119.72
C GLU N 66 -47.08 -33.59 -120.96
N LYS N 67 -46.31 -34.49 -121.57
CA LYS N 67 -46.63 -35.01 -122.90
C LYS N 67 -47.58 -36.21 -122.86
N PHE N 68 -47.50 -37.05 -121.81
CA PHE N 68 -48.35 -38.24 -121.78
C PHE N 68 -49.83 -37.91 -121.62
N PRO N 69 -50.28 -37.13 -120.63
CA PRO N 69 -51.74 -37.00 -120.44
C PRO N 69 -52.43 -36.23 -121.56
N GLN N 70 -51.76 -35.25 -122.16
CA GLN N 70 -52.36 -34.47 -123.23
C GLN N 70 -52.60 -35.27 -124.49
N VAL N 71 -51.92 -36.41 -124.66
CA VAL N 71 -52.11 -37.23 -125.85
C VAL N 71 -52.95 -38.45 -125.45
N ALA N 72 -52.82 -38.86 -124.19
CA ALA N 72 -53.62 -39.97 -123.69
C ALA N 72 -55.08 -39.60 -123.51
N ALA N 73 -55.38 -38.32 -123.33
CA ALA N 73 -56.76 -37.88 -123.34
C ALA N 73 -57.36 -37.91 -124.74
N THR N 74 -56.53 -37.97 -125.77
CA THR N 74 -56.97 -38.20 -127.13
C THR N 74 -57.02 -39.68 -127.49
N GLY N 75 -56.36 -40.54 -126.72
CA GLY N 75 -56.31 -41.95 -127.01
C GLY N 75 -55.09 -42.42 -127.78
N ASP N 76 -53.97 -41.70 -127.69
CA ASP N 76 -52.76 -42.07 -128.39
C ASP N 76 -51.53 -41.87 -127.52
N GLY N 77 -50.36 -41.88 -128.13
CA GLY N 77 -49.12 -41.65 -127.42
C GLY N 77 -48.32 -42.92 -127.26
N PRO N 78 -47.89 -43.20 -126.04
CA PRO N 78 -47.12 -44.42 -125.79
C PRO N 78 -48.03 -45.56 -125.37
N ASP N 79 -47.45 -46.71 -125.11
CA ASP N 79 -48.17 -47.75 -124.41
C ASP N 79 -47.78 -47.81 -122.94
N ILE N 80 -46.48 -47.71 -122.66
CA ILE N 80 -45.93 -47.80 -121.31
C ILE N 80 -45.20 -46.51 -120.98
N ILE N 81 -45.29 -46.07 -119.73
CA ILE N 81 -44.62 -44.87 -119.26
C ILE N 81 -43.98 -45.13 -117.91
N PHE N 82 -42.70 -44.79 -117.78
CA PHE N 82 -41.93 -44.97 -116.55
C PHE N 82 -41.84 -43.63 -115.82
N TRP N 83 -42.53 -43.52 -114.68
CA TRP N 83 -42.56 -42.26 -113.96
C TRP N 83 -42.94 -42.53 -112.51
N ALA N 84 -42.97 -41.46 -111.71
CA ALA N 84 -43.38 -41.56 -110.32
C ALA N 84 -44.86 -41.92 -110.21
N HIS N 85 -45.19 -42.60 -109.11
CA HIS N 85 -46.53 -43.14 -108.92
C HIS N 85 -47.54 -42.07 -108.54
N ASP N 86 -47.11 -40.94 -107.98
CA ASP N 86 -48.04 -39.97 -107.42
C ASP N 86 -48.90 -39.30 -108.47
N ARG N 87 -48.34 -39.04 -109.65
CA ARG N 87 -49.15 -38.55 -110.76
C ARG N 87 -49.88 -39.68 -111.48
N PHE N 88 -49.53 -40.94 -111.20
CA PHE N 88 -50.22 -42.06 -111.81
C PHE N 88 -51.62 -42.22 -111.23
N GLY N 89 -51.74 -42.14 -109.90
CA GLY N 89 -53.05 -42.28 -109.27
C GLY N 89 -54.04 -41.23 -109.74
N GLY N 90 -53.57 -39.98 -109.88
CA GLY N 90 -54.40 -38.97 -110.51
C GLY N 90 -54.76 -39.33 -111.94
N TYR N 91 -53.79 -39.84 -112.70
CA TYR N 91 -54.12 -40.35 -114.03
C TYR N 91 -54.85 -41.69 -113.96
N ALA N 92 -54.88 -42.33 -112.78
CA ALA N 92 -55.81 -43.44 -112.59
C ALA N 92 -57.24 -42.93 -112.50
N GLN N 93 -57.42 -41.68 -112.07
CA GLN N 93 -58.73 -41.07 -112.13
C GLN N 93 -59.05 -40.61 -113.55
N SER N 94 -58.06 -40.07 -114.25
CA SER N 94 -58.26 -39.40 -115.53
C SER N 94 -58.47 -40.36 -116.69
N GLY N 95 -58.54 -41.66 -116.45
CA GLY N 95 -58.76 -42.60 -117.53
C GLY N 95 -57.61 -42.72 -118.50
N LEU N 96 -56.37 -42.51 -118.01
CA LEU N 96 -55.19 -42.55 -118.86
C LEU N 96 -54.24 -43.69 -118.53
N LEU N 97 -54.35 -44.30 -117.35
CA LEU N 97 -53.59 -45.49 -117.02
C LEU N 97 -54.51 -46.70 -116.98
N ALA N 98 -54.02 -47.81 -117.53
CA ALA N 98 -54.80 -49.04 -117.64
C ALA N 98 -54.75 -49.83 -116.34
N GLU N 99 -55.89 -50.38 -115.95
CA GLU N 99 -55.96 -51.26 -114.79
C GLU N 99 -55.26 -52.57 -115.14
N ILE N 100 -54.11 -52.81 -114.52
CA ILE N 100 -53.34 -54.01 -114.82
C ILE N 100 -53.97 -55.22 -114.14
N THR N 101 -53.67 -56.41 -114.66
CA THR N 101 -54.10 -57.67 -114.07
C THR N 101 -52.89 -58.55 -113.87
N PRO N 102 -52.16 -58.39 -112.77
CA PRO N 102 -51.06 -59.29 -112.45
C PRO N 102 -51.51 -60.47 -111.60
N ASP N 103 -50.71 -61.52 -111.64
CA ASP N 103 -50.99 -62.71 -110.85
CA ASP N 103 -50.99 -62.72 -110.85
C ASP N 103 -50.50 -62.54 -109.41
N LYS N 104 -50.93 -63.46 -108.54
CA LYS N 104 -50.56 -63.40 -107.13
C LYS N 104 -49.15 -63.90 -106.88
N ALA N 105 -48.68 -64.87 -107.67
CA ALA N 105 -47.30 -65.31 -107.56
C ALA N 105 -46.33 -64.22 -107.99
N PHE N 106 -46.69 -63.46 -109.03
CA PHE N 106 -45.87 -62.31 -109.42
C PHE N 106 -45.99 -61.17 -108.41
N GLN N 107 -47.12 -61.09 -107.71
CA GLN N 107 -47.24 -60.14 -106.60
C GLN N 107 -46.36 -60.55 -105.43
N ASP N 108 -46.12 -61.85 -105.28
CA ASP N 108 -45.13 -62.33 -104.31
C ASP N 108 -43.71 -62.11 -104.81
N LYS N 109 -43.52 -62.11 -106.13
CA LYS N 109 -42.20 -61.85 -106.71
C LYS N 109 -41.70 -60.45 -106.42
N LEU N 110 -42.60 -59.50 -106.21
CA LEU N 110 -42.25 -58.12 -105.86
C LEU N 110 -42.62 -57.85 -104.41
N TYR N 111 -42.10 -56.74 -103.90
CA TYR N 111 -42.48 -56.33 -102.55
C TYR N 111 -43.84 -55.65 -102.55
N PRO N 112 -44.71 -55.99 -101.61
CA PRO N 112 -46.07 -55.41 -101.62
C PRO N 112 -46.09 -53.93 -101.26
N PHE N 113 -45.15 -53.45 -100.46
CA PHE N 113 -45.10 -52.02 -100.15
C PHE N 113 -44.78 -51.19 -101.38
N THR N 114 -44.17 -51.80 -102.40
CA THR N 114 -44.09 -51.16 -103.70
C THR N 114 -45.45 -51.16 -104.39
N TRP N 115 -46.24 -52.22 -104.21
CA TRP N 115 -47.57 -52.28 -104.82
C TRP N 115 -48.54 -51.29 -104.19
N ASP N 116 -48.28 -50.86 -102.94
CA ASP N 116 -49.11 -49.81 -102.35
C ASP N 116 -48.87 -48.44 -102.97
N ALA N 117 -47.86 -48.30 -103.84
CA ALA N 117 -47.61 -47.02 -104.50
C ALA N 117 -48.56 -46.78 -105.67
N VAL N 118 -49.07 -47.84 -106.29
CA VAL N 118 -49.84 -47.73 -107.52
C VAL N 118 -51.29 -48.13 -107.29
N ARG N 119 -51.78 -47.87 -106.07
CA ARG N 119 -53.17 -48.12 -105.72
C ARG N 119 -53.99 -46.85 -105.93
N TYR N 120 -55.20 -47.02 -106.45
CA TYR N 120 -56.14 -45.90 -106.57
C TYR N 120 -57.54 -46.48 -106.74
N ASN N 121 -58.44 -46.11 -105.83
CA ASN N 121 -59.83 -46.61 -105.82
C ASN N 121 -59.88 -48.13 -105.79
N GLY N 122 -58.93 -48.74 -105.09
CA GLY N 122 -58.84 -50.18 -104.99
C GLY N 122 -58.28 -50.89 -106.20
N LYS N 123 -58.18 -50.23 -107.35
CA LYS N 123 -57.68 -50.85 -108.56
C LYS N 123 -56.17 -50.68 -108.65
N LEU N 124 -55.53 -51.58 -109.40
CA LEU N 124 -54.09 -51.60 -109.53
C LEU N 124 -53.74 -51.15 -110.94
N ILE N 125 -52.84 -50.17 -111.05
CA ILE N 125 -52.70 -49.40 -112.29
C ILE N 125 -51.35 -49.59 -112.97
N ALA N 126 -50.29 -49.99 -112.26
CA ALA N 126 -48.96 -49.97 -112.84
C ALA N 126 -48.05 -50.93 -112.09
N TYR N 127 -47.01 -51.38 -112.77
CA TYR N 127 -46.05 -52.28 -112.16
C TYR N 127 -44.89 -51.47 -111.60
N PRO N 128 -44.59 -51.56 -110.30
CA PRO N 128 -43.47 -50.81 -109.75
C PRO N 128 -42.14 -51.43 -110.16
N ILE N 129 -41.18 -50.57 -110.52
CA ILE N 129 -39.85 -51.04 -110.87
C ILE N 129 -38.86 -50.53 -109.83
N ALA N 130 -38.73 -49.21 -109.72
CA ALA N 130 -37.71 -48.60 -108.88
C ALA N 130 -38.35 -47.96 -107.66
N VAL N 131 -37.61 -47.93 -106.55
CA VAL N 131 -38.11 -47.40 -105.29
C VAL N 131 -37.04 -46.48 -104.73
N GLU N 132 -37.46 -45.29 -104.27
CA GLU N 132 -36.56 -44.22 -103.89
C GLU N 132 -36.85 -43.79 -102.45
N ALA N 133 -35.78 -43.53 -101.70
CA ALA N 133 -35.90 -43.13 -100.31
C ALA N 133 -34.61 -42.44 -99.88
N LEU N 134 -34.76 -41.45 -99.02
CA LEU N 134 -33.63 -40.65 -98.56
C LEU N 134 -32.91 -41.39 -97.44
N SER N 135 -31.57 -41.38 -97.47
CA SER N 135 -30.76 -42.10 -96.51
C SER N 135 -29.66 -41.19 -96.00
N LEU N 136 -28.99 -41.64 -94.92
CA LEU N 136 -27.94 -40.86 -94.30
C LEU N 136 -26.63 -41.16 -95.00
N ILE N 137 -25.91 -40.12 -95.38
CA ILE N 137 -24.59 -40.22 -96.01
C ILE N 137 -23.60 -39.62 -95.03
N TYR N 138 -22.57 -40.38 -94.68
CA TYR N 138 -21.63 -39.98 -93.64
C TYR N 138 -20.20 -40.14 -94.12
N ASN N 139 -19.35 -39.21 -93.67
CA ASN N 139 -17.91 -39.36 -93.81
C ASN N 139 -17.43 -40.41 -92.82
N LYS N 140 -16.77 -41.46 -93.33
CA LYS N 140 -16.27 -42.51 -92.44
C LYS N 140 -15.08 -42.02 -91.61
N ASP N 141 -14.35 -41.02 -92.10
CA ASP N 141 -13.18 -40.54 -91.39
C ASP N 141 -13.58 -39.65 -90.22
N LEU N 142 -14.47 -38.69 -90.46
CA LEU N 142 -14.90 -37.80 -89.39
C LEU N 142 -15.71 -38.54 -88.33
N LEU N 143 -16.41 -39.59 -88.72
CA LEU N 143 -17.14 -40.37 -87.73
C LEU N 143 -17.09 -41.85 -88.08
N PRO N 144 -16.30 -42.65 -87.36
CA PRO N 144 -16.21 -44.08 -87.67
C PRO N 144 -17.44 -44.87 -87.24
N ASN N 145 -18.24 -44.34 -86.32
CA ASN N 145 -19.38 -45.08 -85.76
C ASN N 145 -20.60 -44.18 -85.77
N PRO N 146 -21.53 -44.39 -86.72
CA PRO N 146 -22.70 -43.53 -86.80
C PRO N 146 -23.62 -43.71 -85.60
N PRO N 147 -24.38 -42.68 -85.25
CA PRO N 147 -25.37 -42.82 -84.17
C PRO N 147 -26.72 -43.28 -84.69
N LYS N 148 -27.49 -43.87 -83.79
CA LYS N 148 -28.80 -44.42 -84.13
C LYS N 148 -29.95 -43.62 -83.53
N THR N 149 -29.66 -42.53 -82.82
CA THR N 149 -30.69 -41.68 -82.25
C THR N 149 -30.48 -40.24 -82.71
N TRP N 150 -31.59 -39.54 -82.98
CA TRP N 150 -31.51 -38.12 -83.26
C TRP N 150 -31.12 -37.34 -82.01
N GLU N 151 -31.51 -37.85 -80.84
CA GLU N 151 -31.17 -37.21 -79.58
C GLU N 151 -29.66 -37.20 -79.34
N GLU N 152 -28.91 -38.01 -80.08
CA GLU N 152 -27.45 -37.97 -80.00
C GLU N 152 -26.84 -36.85 -80.83
N ILE N 153 -27.55 -36.38 -81.85
CA ILE N 153 -27.02 -35.41 -82.80
C ILE N 153 -26.62 -34.07 -82.17
N PRO N 154 -27.39 -33.48 -81.24
CA PRO N 154 -26.89 -32.22 -80.63
C PRO N 154 -25.57 -32.38 -79.90
N ALA N 155 -25.46 -33.39 -79.03
CA ALA N 155 -24.26 -33.58 -78.22
C ALA N 155 -23.03 -33.75 -79.10
N LEU N 156 -23.09 -34.63 -80.11
CA LEU N 156 -21.94 -34.84 -80.98
C LEU N 156 -21.63 -33.59 -81.79
N ASP N 157 -22.62 -32.73 -82.03
CA ASP N 157 -22.34 -31.46 -82.70
C ASP N 157 -21.38 -30.62 -81.87
N LYS N 158 -21.50 -30.69 -80.53
CA LYS N 158 -20.57 -30.00 -79.64
C LYS N 158 -19.15 -30.48 -79.86
N GLU N 159 -18.96 -31.72 -80.32
CA GLU N 159 -17.63 -32.17 -80.67
C GLU N 159 -17.11 -31.50 -81.94
N LEU N 160 -17.95 -31.38 -82.97
CA LEU N 160 -17.44 -31.00 -84.27
C LEU N 160 -17.07 -29.52 -84.34
N LYS N 161 -17.77 -28.66 -83.58
CA LYS N 161 -17.34 -27.28 -83.47
C LYS N 161 -15.97 -27.16 -82.78
N ALA N 162 -15.56 -28.19 -82.03
CA ALA N 162 -14.23 -28.26 -81.47
C ALA N 162 -13.18 -28.65 -82.50
N LYS N 163 -13.58 -29.12 -83.67
CA LYS N 163 -12.67 -29.39 -84.77
C LYS N 163 -12.88 -28.44 -85.95
N GLY N 164 -13.76 -27.45 -85.80
CA GLY N 164 -14.09 -26.59 -86.92
C GLY N 164 -15.00 -27.23 -87.93
N LYS N 165 -15.81 -28.20 -87.51
CA LYS N 165 -16.71 -28.94 -88.39
C LYS N 165 -18.15 -28.74 -87.92
N SER N 166 -19.08 -29.15 -88.78
CA SER N 166 -20.50 -29.12 -88.46
C SER N 166 -21.06 -30.52 -88.52
N ALA N 167 -22.06 -30.78 -87.69
CA ALA N 167 -22.62 -32.14 -87.60
C ALA N 167 -23.52 -32.44 -88.79
N LEU N 168 -24.59 -31.67 -88.95
CA LEU N 168 -25.60 -31.95 -89.97
C LEU N 168 -25.90 -30.67 -90.72
N MET N 169 -25.93 -30.75 -92.05
CA MET N 169 -26.29 -29.61 -92.90
C MET N 169 -27.03 -30.16 -94.11
N PHE N 170 -28.28 -29.74 -94.30
CA PHE N 170 -29.09 -30.21 -95.40
C PHE N 170 -30.03 -29.09 -95.82
N ASN N 171 -30.94 -29.42 -96.75
CA ASN N 171 -31.88 -28.44 -97.29
C ASN N 171 -33.07 -28.30 -96.33
N LEU N 172 -33.13 -27.16 -95.64
CA LEU N 172 -34.26 -26.86 -94.78
C LEU N 172 -35.39 -26.15 -95.49
N GLN N 173 -35.21 -25.81 -96.77
CA GLN N 173 -36.21 -25.06 -97.51
C GLN N 173 -37.31 -25.94 -98.10
N GLU N 174 -37.28 -27.24 -97.85
CA GLU N 174 -38.28 -28.16 -98.36
C GLU N 174 -38.85 -29.03 -97.25
N PRO N 175 -40.16 -29.29 -97.28
CA PRO N 175 -40.70 -30.32 -96.37
C PRO N 175 -40.27 -31.72 -96.75
N TYR N 176 -39.80 -31.93 -97.98
CA TYR N 176 -39.39 -33.25 -98.45
C TYR N 176 -38.19 -33.77 -97.66
N PHE N 177 -37.34 -32.86 -97.16
CA PHE N 177 -36.21 -33.27 -96.34
C PHE N 177 -36.62 -33.44 -94.88
N THR N 178 -37.49 -32.56 -94.39
CA THR N 178 -37.79 -32.51 -92.96
C THR N 178 -38.84 -33.50 -92.51
N TRP N 179 -39.64 -34.04 -93.45
CA TRP N 179 -40.73 -34.94 -93.09
C TRP N 179 -40.33 -36.26 -92.42
N PRO N 180 -39.15 -36.85 -92.69
CA PRO N 180 -38.74 -38.01 -91.88
C PRO N 180 -38.73 -37.77 -90.37
N LEU N 181 -38.21 -36.63 -89.93
CA LEU N 181 -38.08 -36.40 -88.49
C LEU N 181 -39.42 -36.02 -87.86
N ILE N 182 -40.13 -35.06 -88.46
CA ILE N 182 -41.32 -34.50 -87.82
C ILE N 182 -42.46 -35.51 -87.80
N ALA N 183 -42.56 -36.34 -88.82
CA ALA N 183 -43.66 -37.30 -88.95
C ALA N 183 -43.28 -38.69 -88.48
N ALA N 184 -42.16 -38.83 -87.76
CA ALA N 184 -41.71 -40.16 -87.37
C ALA N 184 -42.57 -40.73 -86.25
N ASP N 185 -42.96 -39.90 -85.30
CA ASP N 185 -43.62 -40.35 -84.08
C ASP N 185 -45.09 -39.94 -83.99
N GLY N 186 -45.78 -39.84 -85.13
CA GLY N 186 -47.19 -39.54 -85.10
C GLY N 186 -47.71 -38.66 -86.22
N GLY N 187 -46.82 -38.07 -87.01
CA GLY N 187 -47.24 -37.29 -88.15
C GLY N 187 -47.42 -38.16 -89.40
N TYR N 188 -48.36 -37.73 -90.26
CA TYR N 188 -48.63 -38.42 -91.52
C TYR N 188 -49.42 -37.46 -92.41
N ALA N 189 -49.03 -37.39 -93.69
CA ALA N 189 -49.59 -36.39 -94.60
C ALA N 189 -51.10 -36.54 -94.76
N PHE N 190 -51.54 -37.67 -95.30
CA PHE N 190 -52.95 -38.00 -95.42
C PHE N 190 -53.16 -39.41 -94.90
N LYS N 191 -54.31 -39.65 -94.27
CA LYS N 191 -54.62 -41.01 -93.84
C LYS N 191 -54.86 -41.91 -95.04
N TYR N 192 -54.06 -42.97 -95.15
CA TYR N 192 -54.02 -43.82 -96.32
C TYR N 192 -54.27 -45.27 -95.92
N GLU N 193 -55.44 -45.79 -96.28
CA GLU N 193 -55.83 -47.16 -95.93
C GLU N 193 -56.58 -47.78 -97.09
N ASN N 194 -56.34 -49.07 -97.32
CA ASN N 194 -57.03 -49.87 -98.34
C ASN N 194 -56.90 -49.26 -99.74
N GLY N 195 -55.80 -48.60 -100.01
CA GLY N 195 -55.60 -47.97 -101.30
C GLY N 195 -56.32 -46.65 -101.50
N LYS N 196 -56.78 -46.00 -100.41
CA LYS N 196 -57.54 -44.77 -100.50
C LYS N 196 -56.92 -43.73 -99.57
N TYR N 197 -56.75 -42.52 -100.08
CA TYR N 197 -56.25 -41.39 -99.30
C TYR N 197 -57.42 -40.54 -98.81
N ASP N 198 -57.55 -40.41 -97.49
CA ASP N 198 -58.63 -39.63 -96.91
C ASP N 198 -58.30 -38.15 -96.99
N ILE N 199 -59.22 -37.35 -97.54
CA ILE N 199 -58.95 -35.94 -97.77
C ILE N 199 -59.18 -35.13 -96.49
N LYS N 200 -60.18 -35.51 -95.69
CA LYS N 200 -60.46 -34.84 -94.42
C LYS N 200 -59.47 -35.20 -93.33
N ASP N 201 -58.46 -36.01 -93.62
CA ASP N 201 -57.61 -36.55 -92.56
C ASP N 201 -56.15 -36.21 -92.87
N VAL N 202 -55.90 -34.91 -93.01
CA VAL N 202 -54.56 -34.33 -93.15
C VAL N 202 -53.96 -34.28 -91.74
N GLY N 203 -53.01 -35.16 -91.45
CA GLY N 203 -52.43 -35.19 -90.13
C GLY N 203 -51.19 -34.33 -89.92
N VAL N 204 -51.38 -33.12 -89.40
CA VAL N 204 -50.28 -32.31 -88.91
C VAL N 204 -50.53 -31.78 -87.50
N ASP N 205 -51.77 -31.87 -87.01
CA ASP N 205 -52.10 -31.44 -85.64
C ASP N 205 -52.02 -32.64 -84.69
N ASN N 206 -50.85 -33.27 -84.68
CA ASN N 206 -50.59 -34.43 -83.86
C ASN N 206 -49.41 -34.19 -82.94
N ALA N 207 -49.37 -34.93 -81.82
CA ALA N 207 -48.32 -34.76 -80.84
C ALA N 207 -46.96 -35.15 -81.41
N GLY N 208 -46.93 -36.10 -82.35
CA GLY N 208 -45.67 -36.47 -82.97
C GLY N 208 -45.10 -35.35 -83.84
N ALA N 209 -45.96 -34.69 -84.62
CA ALA N 209 -45.50 -33.55 -85.40
C ALA N 209 -45.02 -32.42 -84.50
N LYS N 210 -45.71 -32.22 -83.36
CA LYS N 210 -45.26 -31.25 -82.38
C LYS N 210 -43.88 -31.60 -81.85
N ALA N 211 -43.66 -32.87 -81.51
CA ALA N 211 -42.37 -33.28 -80.96
C ALA N 211 -41.25 -33.12 -82.00
N GLY N 212 -41.52 -33.49 -83.25
CA GLY N 212 -40.52 -33.33 -84.29
C GLY N 212 -40.18 -31.88 -84.57
N LEU N 213 -41.19 -31.01 -84.60
CA LEU N 213 -40.90 -29.61 -84.88
C LEU N 213 -40.23 -28.93 -83.69
N THR N 214 -40.56 -29.32 -82.46
CA THR N 214 -39.79 -28.82 -81.32
C THR N 214 -38.36 -29.31 -81.34
N PHE N 215 -38.11 -30.55 -81.78
CA PHE N 215 -36.72 -30.98 -81.92
C PHE N 215 -36.01 -30.18 -83.01
N LEU N 216 -36.72 -29.81 -84.07
CA LEU N 216 -36.13 -28.94 -85.09
C LEU N 216 -35.78 -27.57 -84.51
N VAL N 217 -36.68 -26.99 -83.71
CA VAL N 217 -36.38 -25.68 -83.15
C VAL N 217 -35.32 -25.77 -82.04
N ASP N 218 -35.12 -26.94 -81.45
CA ASP N 218 -33.98 -27.09 -80.55
C ASP N 218 -32.68 -27.23 -81.32
N LEU N 219 -32.71 -27.86 -82.49
CA LEU N 219 -31.51 -27.93 -83.31
C LEU N 219 -31.17 -26.57 -83.91
N ILE N 220 -32.16 -25.72 -84.12
CA ILE N 220 -31.88 -24.43 -84.75
C ILE N 220 -31.65 -23.32 -83.71
N LYS N 221 -32.26 -23.43 -82.53
CA LYS N 221 -32.14 -22.36 -81.54
C LYS N 221 -30.72 -22.29 -80.97
N ASN N 222 -30.18 -23.44 -80.57
CA ASN N 222 -28.82 -23.50 -80.06
C ASN N 222 -27.77 -23.48 -81.16
N LYS N 223 -28.18 -23.21 -82.41
CA LYS N 223 -27.28 -22.97 -83.54
C LYS N 223 -26.44 -24.20 -83.86
N HIS N 224 -27.07 -25.37 -83.83
CA HIS N 224 -26.41 -26.55 -84.37
C HIS N 224 -26.34 -26.49 -85.89
N MET N 225 -27.40 -26.00 -86.52
CA MET N 225 -27.45 -25.75 -87.95
C MET N 225 -27.87 -24.31 -88.19
N ASN N 226 -27.97 -23.95 -89.47
CA ASN N 226 -28.48 -22.65 -89.87
C ASN N 226 -29.86 -22.81 -90.48
N ALA N 227 -30.62 -21.71 -90.46
CA ALA N 227 -31.98 -21.74 -90.98
C ALA N 227 -32.05 -21.38 -92.45
N ASP N 228 -31.14 -20.54 -92.94
CA ASP N 228 -31.11 -20.13 -94.32
C ASP N 228 -30.35 -21.10 -95.22
N THR N 229 -29.91 -22.24 -94.68
CA THR N 229 -29.19 -23.21 -95.49
C THR N 229 -30.15 -23.93 -96.42
N ASP N 230 -29.58 -24.54 -97.45
CA ASP N 230 -30.35 -25.28 -98.44
C ASP N 230 -29.48 -26.41 -98.98
N TYR N 231 -29.86 -26.91 -100.15
CA TYR N 231 -29.26 -28.13 -100.68
C TYR N 231 -27.85 -27.88 -101.22
N SER N 232 -27.64 -26.72 -101.88
CA SER N 232 -26.36 -26.49 -102.57
CA SER N 232 -26.37 -26.48 -102.57
C SER N 232 -25.22 -26.35 -101.58
N ILE N 233 -25.37 -25.47 -100.58
CA ILE N 233 -24.31 -25.27 -99.60
C ILE N 233 -24.04 -26.56 -98.84
N ALA N 234 -25.11 -27.30 -98.53
CA ALA N 234 -24.98 -28.57 -97.81
C ALA N 234 -24.15 -29.57 -98.60
N GLU N 235 -24.56 -29.85 -99.84
CA GLU N 235 -23.85 -30.84 -100.63
C GLU N 235 -22.45 -30.39 -100.98
N ALA N 236 -22.24 -29.10 -101.23
CA ALA N 236 -20.90 -28.61 -101.55
C ALA N 236 -19.97 -28.70 -100.35
N ALA N 237 -20.48 -28.41 -99.15
CA ALA N 237 -19.67 -28.52 -97.96
C ALA N 237 -19.38 -29.98 -97.62
N PHE N 238 -20.33 -30.88 -97.89
CA PHE N 238 -20.07 -32.29 -97.66
C PHE N 238 -19.08 -32.85 -98.67
N ASN N 239 -19.10 -32.36 -99.91
CA ASN N 239 -18.09 -32.76 -100.87
C ASN N 239 -16.70 -32.29 -100.46
N LYS N 240 -16.60 -31.13 -99.79
CA LYS N 240 -15.34 -30.72 -99.20
C LYS N 240 -15.04 -31.48 -97.92
N GLY N 241 -16.06 -32.05 -97.27
CA GLY N 241 -15.85 -32.75 -96.03
C GLY N 241 -15.89 -31.86 -94.80
N GLU N 242 -16.66 -30.77 -94.85
CA GLU N 242 -16.78 -29.90 -93.69
C GLU N 242 -17.88 -30.34 -92.75
N THR N 243 -19.07 -30.60 -93.27
CA THR N 243 -20.14 -31.21 -92.51
C THR N 243 -20.02 -32.72 -92.67
N ALA N 244 -20.23 -33.46 -91.57
CA ALA N 244 -20.03 -34.90 -91.60
C ALA N 244 -21.26 -35.68 -92.00
N MET N 245 -22.45 -35.25 -91.59
CA MET N 245 -23.68 -35.96 -91.88
C MET N 245 -24.48 -35.22 -92.94
N THR N 246 -25.18 -35.98 -93.78
CA THR N 246 -26.19 -35.39 -94.64
C THR N 246 -27.26 -36.42 -94.92
N ILE N 247 -28.39 -35.94 -95.44
CA ILE N 247 -29.51 -36.79 -95.81
C ILE N 247 -29.81 -36.56 -97.28
N ASN N 248 -29.84 -37.64 -98.06
CA ASN N 248 -29.95 -37.48 -99.51
C ASN N 248 -30.45 -38.78 -100.12
N GLY N 249 -31.08 -38.65 -101.29
CA GLY N 249 -31.50 -39.78 -102.06
C GLY N 249 -30.38 -40.29 -102.95
N PRO N 250 -30.73 -40.95 -104.05
CA PRO N 250 -29.71 -41.49 -104.94
C PRO N 250 -29.02 -40.45 -105.81
N TRP N 251 -29.73 -39.38 -106.17
CA TRP N 251 -29.30 -38.51 -107.26
C TRP N 251 -27.99 -37.79 -106.99
N ALA N 252 -27.55 -37.70 -105.73
CA ALA N 252 -26.30 -37.03 -105.42
C ALA N 252 -25.16 -38.00 -105.16
N TRP N 253 -25.41 -39.31 -105.20
CA TRP N 253 -24.39 -40.30 -104.87
C TRP N 253 -23.14 -40.11 -105.70
N SER N 254 -23.29 -40.07 -107.03
CA SER N 254 -22.15 -39.89 -107.92
C SER N 254 -21.43 -38.58 -107.63
N ASN N 255 -22.17 -37.54 -107.24
CA ASN N 255 -21.53 -36.28 -106.87
C ASN N 255 -20.58 -36.47 -105.70
N ILE N 256 -20.98 -37.26 -104.70
CA ILE N 256 -20.07 -37.56 -103.61
C ILE N 256 -18.93 -38.45 -104.10
N ASP N 257 -19.20 -39.26 -105.13
CA ASP N 257 -18.12 -40.01 -105.77
C ASP N 257 -17.18 -39.12 -106.57
N THR N 258 -17.53 -37.85 -106.79
CA THR N 258 -16.54 -36.91 -107.29
C THR N 258 -15.61 -36.42 -106.18
N SER N 259 -16.09 -36.44 -104.94
CA SER N 259 -15.29 -35.95 -103.82
CA SER N 259 -15.29 -35.95 -103.82
C SER N 259 -14.17 -36.90 -103.43
N LYS N 260 -14.30 -38.18 -103.75
CA LYS N 260 -13.37 -39.25 -103.36
C LYS N 260 -13.21 -39.34 -101.84
N VAL N 261 -14.19 -38.80 -101.10
CA VAL N 261 -14.20 -38.93 -99.65
C VAL N 261 -14.63 -40.35 -99.30
N ASN N 262 -13.90 -40.97 -98.37
CA ASN N 262 -14.26 -42.32 -97.94
C ASN N 262 -15.56 -42.25 -97.13
N TYR N 263 -16.68 -42.46 -97.80
CA TYR N 263 -17.99 -42.25 -97.20
C TYR N 263 -18.78 -43.54 -97.17
N GLY N 264 -19.78 -43.58 -96.27
CA GLY N 264 -20.72 -44.67 -96.22
C GLY N 264 -22.14 -44.14 -96.21
N VAL N 265 -23.07 -45.07 -96.41
CA VAL N 265 -24.50 -44.78 -96.44
C VAL N 265 -25.20 -45.73 -95.49
N THR N 266 -26.08 -45.19 -94.65
CA THR N 266 -26.82 -46.00 -93.70
C THR N 266 -28.23 -45.45 -93.52
N VAL N 267 -28.99 -46.13 -92.67
CA VAL N 267 -30.34 -45.70 -92.35
C VAL N 267 -30.28 -44.46 -91.46
N LEU N 268 -31.33 -43.64 -91.55
CA LEU N 268 -31.45 -42.50 -90.66
C LEU N 268 -31.67 -42.99 -89.23
N PRO N 269 -31.20 -42.24 -88.23
CA PRO N 269 -31.44 -42.60 -86.83
C PRO N 269 -32.93 -42.60 -86.49
N THR N 270 -33.29 -43.41 -85.50
CA THR N 270 -34.64 -43.40 -84.98
C THR N 270 -34.76 -42.27 -83.96
N PHE N 271 -36.01 -41.89 -83.66
CA PHE N 271 -36.27 -40.75 -82.80
C PHE N 271 -37.37 -41.14 -81.80
N LYS N 272 -37.01 -41.13 -80.51
CA LYS N 272 -37.89 -41.52 -79.42
C LYS N 272 -38.40 -42.95 -79.60
N GLY N 273 -37.63 -43.78 -80.29
CA GLY N 273 -38.03 -45.14 -80.64
C GLY N 273 -38.75 -45.25 -81.97
N GLN N 274 -39.47 -44.22 -82.38
CA GLN N 274 -40.14 -44.25 -83.67
C GLN N 274 -39.15 -43.88 -84.77
N PRO N 275 -38.90 -44.75 -85.73
CA PRO N 275 -37.92 -44.46 -86.78
C PRO N 275 -38.45 -43.41 -87.76
N SER N 276 -37.51 -42.81 -88.48
CA SER N 276 -37.82 -41.77 -89.46
C SER N 276 -38.70 -42.33 -90.57
N LYS N 277 -39.35 -41.42 -91.30
CA LYS N 277 -40.35 -41.77 -92.30
C LYS N 277 -40.14 -40.94 -93.55
N PRO N 278 -39.21 -41.33 -94.42
CA PRO N 278 -38.99 -40.59 -95.67
C PRO N 278 -40.07 -40.87 -96.69
N PHE N 279 -40.19 -39.94 -97.63
CA PHE N 279 -41.10 -40.14 -98.77
C PHE N 279 -40.55 -41.20 -99.70
N VAL N 280 -41.36 -42.24 -99.91
CA VAL N 280 -41.01 -43.34 -100.80
C VAL N 280 -41.49 -42.96 -102.19
N GLY N 281 -40.56 -42.69 -103.09
CA GLY N 281 -40.92 -42.34 -104.45
C GLY N 281 -40.71 -43.52 -105.38
N VAL N 282 -41.79 -44.06 -105.94
CA VAL N 282 -41.72 -45.32 -106.67
C VAL N 282 -41.89 -45.02 -108.16
N LEU N 283 -40.83 -45.29 -108.92
CA LEU N 283 -40.89 -45.27 -110.37
C LEU N 283 -41.58 -46.55 -110.83
N SER N 284 -42.76 -46.40 -111.44
CA SER N 284 -43.54 -47.50 -111.96
C SER N 284 -43.83 -47.25 -113.44
N ALA N 285 -44.27 -48.33 -114.10
CA ALA N 285 -44.57 -48.31 -115.54
C ALA N 285 -46.07 -48.44 -115.71
N GLY N 286 -46.72 -47.33 -116.02
CA GLY N 286 -48.15 -47.33 -116.27
C GLY N 286 -48.45 -47.67 -117.71
N ILE N 287 -49.46 -48.53 -117.89
CA ILE N 287 -49.98 -48.87 -119.21
C ILE N 287 -51.08 -47.88 -119.54
N ASN N 288 -51.09 -47.37 -120.77
CA ASN N 288 -52.10 -46.41 -121.17
C ASN N 288 -53.47 -47.07 -121.17
N ALA N 289 -54.48 -46.34 -120.69
CA ALA N 289 -55.83 -46.87 -120.57
C ALA N 289 -56.56 -46.97 -121.90
N ALA N 290 -56.06 -46.32 -122.95
CA ALA N 290 -56.63 -46.45 -124.28
C ALA N 290 -55.96 -47.55 -125.08
N SER N 291 -55.07 -48.32 -124.45
CA SER N 291 -54.29 -49.33 -125.16
C SER N 291 -55.14 -50.55 -125.48
N PRO N 292 -55.15 -51.02 -126.72
CA PRO N 292 -55.56 -52.39 -127.01
C PRO N 292 -54.42 -53.40 -126.96
N ASN N 293 -53.31 -53.06 -126.30
CA ASN N 293 -52.10 -53.87 -126.29
C ASN N 293 -51.80 -54.36 -124.87
N LYS N 294 -52.83 -54.84 -124.18
CA LYS N 294 -52.72 -55.13 -122.75
C LYS N 294 -51.76 -56.29 -122.47
N GLU N 295 -52.02 -57.44 -123.10
CA GLU N 295 -51.28 -58.66 -122.77
C GLU N 295 -49.83 -58.59 -123.22
N LEU N 296 -49.56 -57.92 -124.35
CA LEU N 296 -48.19 -57.79 -124.83
C LEU N 296 -47.34 -57.01 -123.84
N ALA N 297 -47.81 -55.85 -123.41
CA ALA N 297 -47.06 -55.05 -122.45
C ALA N 297 -47.00 -55.70 -121.09
N LYS N 298 -48.05 -56.44 -120.70
CA LYS N 298 -48.00 -57.17 -119.44
C LYS N 298 -46.93 -58.26 -119.47
N GLU N 299 -46.82 -58.96 -120.61
CA GLU N 299 -45.77 -59.96 -120.77
CA GLU N 299 -45.77 -59.96 -120.77
C GLU N 299 -44.38 -59.32 -120.74
N PHE N 300 -44.23 -58.19 -121.42
CA PHE N 300 -42.94 -57.50 -121.45
C PHE N 300 -42.55 -56.99 -120.05
N LEU N 301 -43.54 -56.59 -119.25
CA LEU N 301 -43.24 -56.06 -117.92
C LEU N 301 -42.96 -57.18 -116.92
N GLU N 302 -43.69 -58.30 -117.03
CA GLU N 302 -43.58 -59.33 -116.01
C GLU N 302 -42.45 -60.32 -116.31
N ASN N 303 -42.35 -60.80 -117.55
CA ASN N 303 -41.39 -61.85 -117.85
C ASN N 303 -40.04 -61.32 -118.32
N TYR N 304 -39.95 -60.04 -118.67
CA TYR N 304 -38.69 -59.47 -119.14
C TYR N 304 -38.21 -58.30 -118.29
N LEU N 305 -39.09 -57.36 -117.95
CA LEU N 305 -38.66 -56.20 -117.18
C LEU N 305 -38.43 -56.54 -115.71
N LEU N 306 -39.47 -56.99 -115.02
CA LEU N 306 -39.41 -57.21 -113.58
C LEU N 306 -38.85 -58.59 -113.24
N THR N 307 -37.70 -58.90 -113.86
CA THR N 307 -36.93 -60.10 -113.62
C THR N 307 -35.48 -59.69 -113.34
N ASP N 308 -34.61 -60.67 -113.18
CA ASP N 308 -33.21 -60.37 -112.87
C ASP N 308 -32.52 -59.72 -114.07
N GLU N 309 -32.67 -60.30 -115.26
CA GLU N 309 -31.89 -59.84 -116.39
C GLU N 309 -32.39 -58.50 -116.93
N GLY N 310 -33.68 -58.19 -116.79
CA GLY N 310 -34.18 -56.90 -117.27
C GLY N 310 -33.69 -55.74 -116.43
N LEU N 311 -33.82 -55.85 -115.10
CA LEU N 311 -33.29 -54.83 -114.23
C LEU N 311 -31.77 -54.79 -114.28
N GLU N 312 -31.11 -55.92 -114.54
CA GLU N 312 -29.67 -55.91 -114.74
C GLU N 312 -29.29 -55.10 -115.98
N ALA N 313 -29.98 -55.35 -117.10
CA ALA N 313 -29.68 -54.66 -118.34
C ALA N 313 -29.97 -53.17 -118.24
N VAL N 314 -31.02 -52.77 -117.53
CA VAL N 314 -31.24 -51.33 -117.40
C VAL N 314 -30.23 -50.71 -116.41
N ASN N 315 -29.79 -51.47 -115.40
CA ASN N 315 -28.86 -50.92 -114.43
C ASN N 315 -27.42 -50.85 -114.94
N LYS N 316 -27.09 -51.58 -116.02
CA LYS N 316 -25.74 -51.41 -116.58
C LYS N 316 -25.51 -50.01 -117.12
N ASP N 317 -26.55 -49.34 -117.61
CA ASP N 317 -26.40 -47.96 -118.06
C ASP N 317 -26.63 -46.98 -116.92
N LYS N 318 -27.83 -47.01 -116.31
CA LYS N 318 -28.14 -46.16 -115.17
C LYS N 318 -28.88 -47.00 -114.13
N PRO N 319 -28.45 -46.97 -112.88
CA PRO N 319 -29.07 -47.81 -111.87
C PRO N 319 -30.44 -47.32 -111.45
N LEU N 320 -31.12 -48.15 -110.67
CA LEU N 320 -32.43 -47.81 -110.11
C LEU N 320 -32.43 -47.80 -108.59
N GLY N 321 -31.30 -48.04 -107.95
CA GLY N 321 -31.24 -47.98 -106.49
C GLY N 321 -31.95 -49.17 -105.89
N ALA N 322 -32.95 -48.89 -105.06
CA ALA N 322 -33.82 -49.93 -104.53
C ALA N 322 -34.90 -50.24 -105.58
N VAL N 323 -35.02 -51.51 -105.94
CA VAL N 323 -36.00 -51.91 -106.94
C VAL N 323 -37.15 -52.62 -106.23
N ALA N 324 -38.17 -53.00 -106.99
CA ALA N 324 -39.34 -53.64 -106.42
C ALA N 324 -39.28 -55.16 -106.43
N LEU N 325 -38.52 -55.76 -107.34
CA LEU N 325 -38.42 -57.22 -107.41
C LEU N 325 -37.51 -57.74 -106.31
N LYS N 326 -37.97 -58.80 -105.62
CA LYS N 326 -37.31 -59.26 -104.41
C LYS N 326 -35.93 -59.87 -104.71
N SER N 327 -35.85 -60.73 -105.72
CA SER N 327 -34.59 -61.38 -106.04
C SER N 327 -33.54 -60.38 -106.49
N TYR N 328 -33.94 -59.41 -107.33
CA TYR N 328 -33.00 -58.38 -107.74
C TYR N 328 -32.62 -57.45 -106.59
N GLU N 329 -33.51 -57.28 -105.60
CA GLU N 329 -33.10 -56.61 -104.38
C GLU N 329 -32.06 -57.40 -103.62
N GLU N 330 -32.15 -58.73 -103.63
CA GLU N 330 -31.10 -59.53 -102.99
C GLU N 330 -29.79 -59.44 -103.78
N GLU N 331 -29.87 -59.32 -105.10
CA GLU N 331 -28.65 -59.10 -105.88
C GLU N 331 -28.01 -57.74 -105.59
N LEU N 332 -28.82 -56.68 -105.50
CA LEU N 332 -28.27 -55.35 -105.28
C LEU N 332 -28.01 -55.02 -103.82
N ALA N 333 -28.46 -55.85 -102.87
CA ALA N 333 -28.27 -55.54 -101.47
C ALA N 333 -26.83 -55.68 -100.99
N LYS N 334 -25.90 -56.16 -101.83
CA LYS N 334 -24.49 -56.14 -101.46
C LYS N 334 -23.93 -54.72 -101.45
N ASP N 335 -24.55 -53.81 -102.18
CA ASP N 335 -24.21 -52.39 -102.09
C ASP N 335 -24.93 -51.83 -100.87
N PRO N 336 -24.22 -51.34 -99.85
CA PRO N 336 -24.90 -50.87 -98.64
C PRO N 336 -25.78 -49.66 -98.85
N ARG N 337 -25.51 -48.86 -99.89
CA ARG N 337 -26.43 -47.78 -100.25
C ARG N 337 -27.80 -48.32 -100.60
N ILE N 338 -27.83 -49.45 -101.30
CA ILE N 338 -29.11 -50.04 -101.71
C ILE N 338 -29.85 -50.60 -100.51
N ALA N 339 -29.12 -51.20 -99.56
CA ALA N 339 -29.75 -51.70 -98.35
C ALA N 339 -30.32 -50.57 -97.51
N ALA N 340 -29.57 -49.47 -97.38
CA ALA N 340 -30.07 -48.31 -96.64
C ALA N 340 -31.29 -47.72 -97.32
N THR N 341 -31.26 -47.66 -98.65
CA THR N 341 -32.40 -47.12 -99.40
C THR N 341 -33.64 -48.00 -99.20
N MET N 342 -33.49 -49.32 -99.24
CA MET N 342 -34.67 -50.17 -99.10
C MET N 342 -35.19 -50.18 -97.67
N GLU N 343 -34.32 -50.06 -96.66
CA GLU N 343 -34.87 -50.02 -95.31
C GLU N 343 -35.55 -48.69 -95.01
N ASN N 344 -35.01 -47.58 -95.51
CA ASN N 344 -35.73 -46.30 -95.38
C ASN N 344 -37.01 -46.31 -96.18
N ALA N 345 -37.05 -47.03 -97.31
CA ALA N 345 -38.26 -47.09 -98.11
C ALA N 345 -39.33 -47.94 -97.43
N GLN N 346 -38.93 -49.05 -96.81
CA GLN N 346 -39.91 -49.90 -96.14
C GLN N 346 -40.38 -49.32 -94.81
N LYS N 347 -39.59 -48.45 -94.18
CA LYS N 347 -40.05 -47.77 -92.98
C LYS N 347 -40.56 -46.35 -93.26
N GLY N 348 -40.61 -45.94 -94.53
CA GLY N 348 -41.04 -44.61 -94.89
C GLY N 348 -42.51 -44.51 -95.23
N GLU N 349 -42.92 -43.30 -95.59
CA GLU N 349 -44.30 -43.02 -95.99
C GLU N 349 -44.37 -42.95 -97.50
N ILE N 350 -45.34 -43.66 -98.07
CA ILE N 350 -45.52 -43.65 -99.52
C ILE N 350 -46.09 -42.29 -99.94
N MET N 351 -45.63 -41.81 -101.09
CA MET N 351 -46.06 -40.49 -101.55
CA MET N 351 -46.06 -40.50 -101.57
C MET N 351 -47.53 -40.53 -101.98
N PRO N 352 -48.32 -39.54 -101.57
CA PRO N 352 -49.74 -39.53 -101.95
C PRO N 352 -49.95 -39.25 -103.43
N ASN N 353 -50.96 -39.89 -103.99
CA ASN N 353 -51.32 -39.76 -105.39
C ASN N 353 -52.44 -38.76 -105.62
N ILE N 354 -52.69 -37.86 -104.67
CA ILE N 354 -53.86 -37.00 -104.68
C ILE N 354 -53.43 -35.55 -104.92
N PRO N 355 -54.29 -34.70 -105.51
CA PRO N 355 -53.86 -33.32 -105.80
C PRO N 355 -53.83 -32.40 -104.60
N GLN N 356 -54.53 -32.73 -103.50
CA GLN N 356 -54.47 -31.91 -102.29
C GLN N 356 -53.05 -31.84 -101.74
N MET N 357 -52.24 -32.86 -102.05
CA MET N 357 -50.81 -32.84 -101.72
C MET N 357 -50.14 -31.56 -102.16
N SER N 358 -50.57 -30.99 -103.29
CA SER N 358 -50.02 -29.72 -103.75
C SER N 358 -50.18 -28.62 -102.69
N ALA N 359 -51.40 -28.47 -102.16
CA ALA N 359 -51.61 -27.51 -101.08
C ALA N 359 -50.78 -27.87 -99.85
N PHE N 360 -50.55 -29.17 -99.64
CA PHE N 360 -49.60 -29.62 -98.63
C PHE N 360 -48.25 -28.95 -98.82
N TRP N 361 -47.71 -29.05 -100.03
CA TRP N 361 -46.42 -28.42 -100.32
C TRP N 361 -46.50 -26.90 -100.29
N TYR N 362 -47.70 -26.34 -100.26
CA TYR N 362 -47.85 -24.91 -100.03
C TYR N 362 -48.11 -24.59 -98.57
N ALA N 363 -48.72 -25.52 -97.81
CA ALA N 363 -49.05 -25.22 -96.42
C ALA N 363 -47.87 -25.48 -95.49
N VAL N 364 -47.45 -26.74 -95.37
CA VAL N 364 -46.50 -27.12 -94.33
C VAL N 364 -45.13 -26.49 -94.55
N ARG N 365 -44.77 -26.17 -95.81
CA ARG N 365 -43.55 -25.42 -96.06
C ARG N 365 -43.57 -24.10 -95.32
N THR N 366 -44.66 -23.34 -95.43
CA THR N 366 -44.78 -22.10 -94.68
C THR N 366 -44.66 -22.35 -93.18
N ALA N 367 -45.07 -23.53 -92.72
CA ALA N 367 -44.92 -23.90 -91.33
C ALA N 367 -43.47 -23.79 -90.89
N VAL N 368 -42.55 -24.40 -91.64
CA VAL N 368 -41.16 -24.31 -91.23
C VAL N 368 -40.62 -22.90 -91.48
N ILE N 369 -41.24 -22.15 -92.40
CA ILE N 369 -40.85 -20.76 -92.59
C ILE N 369 -41.29 -19.94 -91.37
N ASN N 370 -42.30 -20.41 -90.64
CA ASN N 370 -42.62 -19.78 -89.37
C ASN N 370 -41.88 -20.42 -88.20
N ALA N 371 -41.21 -21.56 -88.42
CA ALA N 371 -40.55 -22.28 -87.34
C ALA N 371 -39.08 -21.93 -87.23
N ALA N 372 -38.30 -22.17 -88.28
CA ALA N 372 -36.88 -21.88 -88.25
C ALA N 372 -36.60 -20.39 -88.21
N SER N 373 -37.53 -19.57 -88.72
CA SER N 373 -37.42 -18.12 -88.61
C SER N 373 -37.97 -17.60 -87.30
N GLY N 374 -38.83 -18.35 -86.63
CA GLY N 374 -39.37 -17.92 -85.35
C GLY N 374 -40.41 -16.83 -85.43
N ARG N 375 -41.05 -16.66 -86.59
CA ARG N 375 -42.16 -15.71 -86.68
C ARG N 375 -43.35 -16.22 -85.88
N GLN N 376 -43.60 -17.51 -85.92
CA GLN N 376 -44.59 -18.17 -85.09
C GLN N 376 -43.90 -19.21 -84.22
N THR N 377 -44.67 -19.89 -83.39
CA THR N 377 -44.15 -20.97 -82.57
C THR N 377 -44.34 -22.29 -83.31
N VAL N 378 -44.18 -23.40 -82.60
CA VAL N 378 -44.41 -24.72 -83.19
C VAL N 378 -45.90 -24.92 -83.49
N ASP N 379 -46.75 -24.78 -82.46
CA ASP N 379 -48.17 -25.05 -82.61
C ASP N 379 -48.83 -24.08 -83.58
N GLU N 380 -48.43 -22.80 -83.54
CA GLU N 380 -49.00 -21.81 -84.44
C GLU N 380 -48.73 -22.16 -85.90
N ALA N 381 -47.48 -22.50 -86.21
CA ALA N 381 -47.12 -22.85 -87.58
C ALA N 381 -47.82 -24.13 -88.03
N LEU N 382 -47.89 -25.13 -87.15
CA LEU N 382 -48.46 -26.40 -87.58
C LEU N 382 -49.97 -26.31 -87.74
N LYS N 383 -50.68 -25.56 -86.89
CA LYS N 383 -52.11 -25.42 -87.11
C LYS N 383 -52.44 -24.42 -88.20
N ASP N 384 -51.50 -23.54 -88.56
CA ASP N 384 -51.68 -22.74 -89.76
C ASP N 384 -51.53 -23.59 -91.01
N ALA N 385 -50.60 -24.56 -90.98
CA ALA N 385 -50.49 -25.53 -92.06
C ALA N 385 -51.62 -26.55 -92.03
N GLN N 386 -52.35 -26.66 -90.93
CA GLN N 386 -53.43 -27.63 -90.82
C GLN N 386 -54.59 -27.27 -91.75
N THR N 387 -55.07 -26.05 -91.66
CA THR N 387 -56.18 -25.60 -92.50
C THR N 387 -55.71 -25.32 -93.92
N SER O 35 82.76 37.28 28.81
CA SER O 35 82.02 38.53 28.98
C SER O 35 82.83 39.72 28.47
N GLU O 36 83.61 39.48 27.41
CA GLU O 36 84.34 40.54 26.74
C GLU O 36 83.40 41.58 26.13
N LEU O 37 82.21 41.15 25.70
CA LEU O 37 81.16 42.06 25.28
C LEU O 37 79.92 41.91 26.15
N GLY O 38 80.03 41.21 27.29
CA GLY O 38 78.87 40.98 28.13
C GLY O 38 78.42 42.22 28.87
N LYS O 39 79.37 42.98 29.42
CA LYS O 39 79.02 44.26 30.01
C LYS O 39 78.65 45.28 28.94
N GLU O 40 79.19 45.11 27.73
CA GLU O 40 78.72 45.88 26.59
C GLU O 40 77.29 45.56 26.24
N LEU O 41 76.83 44.35 26.59
CA LEU O 41 75.40 44.06 26.49
C LEU O 41 74.63 44.59 27.68
N LEU O 42 75.26 44.61 28.87
CA LEU O 42 74.58 45.13 30.06
C LEU O 42 74.27 46.61 29.93
N GLU O 43 75.19 47.37 29.34
CA GLU O 43 74.95 48.81 29.20
C GLU O 43 73.84 49.09 28.21
N ALA O 44 73.78 48.34 27.11
CA ALA O 44 72.70 48.53 26.15
C ALA O 44 71.38 48.02 26.69
N ALA O 45 71.42 47.00 27.56
CA ALA O 45 70.19 46.53 28.18
C ALA O 45 69.65 47.53 29.19
N ARG O 46 70.55 48.20 29.92
CA ARG O 46 70.14 49.29 30.79
C ARG O 46 69.64 50.49 29.99
N ALA O 47 70.22 50.72 28.81
CA ALA O 47 69.94 51.94 28.06
C ALA O 47 68.99 51.77 26.89
N GLY O 48 68.86 50.56 26.33
CA GLY O 48 67.93 50.35 25.25
C GLY O 48 68.38 50.86 23.89
N GLN O 49 69.40 50.24 23.31
CA GLN O 49 69.83 50.52 21.95
C GLN O 49 69.72 49.25 21.11
N ASP O 50 68.76 49.22 20.19
CA ASP O 50 68.64 48.09 19.28
C ASP O 50 69.81 48.02 18.32
N ASP O 51 70.37 49.18 17.94
CA ASP O 51 71.54 49.20 17.06
C ASP O 51 72.77 48.61 17.75
N GLU O 52 72.98 48.95 19.03
CA GLU O 52 74.14 48.46 19.74
C GLU O 52 74.09 46.94 19.88
N VAL O 53 72.92 46.40 20.24
CA VAL O 53 72.82 44.95 20.38
C VAL O 53 72.81 44.27 19.01
N ARG O 54 72.35 44.95 17.97
CA ARG O 54 72.46 44.40 16.62
C ARG O 54 73.92 44.27 16.19
N ILE O 55 74.74 45.26 16.51
CA ILE O 55 76.16 45.19 16.19
C ILE O 55 76.86 44.16 17.06
N LEU O 56 76.46 44.06 18.33
CA LEU O 56 77.08 43.08 19.22
C LEU O 56 76.73 41.66 18.81
N MET O 57 75.53 41.42 18.29
CA MET O 57 75.21 40.14 17.70
C MET O 57 75.86 39.95 16.33
N ALA O 58 76.19 41.03 15.64
CA ALA O 58 77.02 40.90 14.45
C ALA O 58 78.44 40.49 14.80
N ARG O 59 78.91 40.87 15.99
CA ARG O 59 80.21 40.46 16.50
C ARG O 59 80.12 39.21 17.36
N GLY O 60 78.92 38.68 17.59
CA GLY O 60 78.76 37.45 18.34
C GLY O 60 78.96 37.63 19.83
N ALA O 61 78.33 38.65 20.41
CA ALA O 61 78.43 38.85 21.85
C ALA O 61 77.66 37.78 22.61
N GLU O 62 78.21 37.35 23.73
CA GLU O 62 77.59 36.30 24.53
C GLU O 62 76.34 36.83 25.23
N VAL O 63 75.27 36.03 25.22
CA VAL O 63 73.98 36.47 25.73
C VAL O 63 73.72 36.07 27.17
N ASN O 64 74.53 35.17 27.74
CA ASN O 64 74.31 34.66 29.09
C ASN O 64 75.27 35.31 30.08
N ALA O 65 75.51 36.61 29.94
CA ALA O 65 76.47 37.32 30.78
C ALA O 65 75.85 37.60 32.14
N ALA O 66 76.23 36.79 33.13
CA ALA O 66 75.74 36.96 34.49
C ALA O 66 76.73 37.79 35.30
N ASP O 67 76.21 38.73 36.08
CA ASP O 67 77.04 39.53 36.97
C ASP O 67 77.20 38.79 38.30
N ASN O 68 77.71 39.48 39.32
CA ASN O 68 77.94 38.85 40.61
C ASN O 68 76.65 38.49 41.32
N THR O 69 75.54 39.13 40.98
CA THR O 69 74.25 38.87 41.61
C THR O 69 73.27 38.16 40.69
N GLY O 70 73.73 37.70 39.53
CA GLY O 70 72.92 36.90 38.64
C GLY O 70 72.10 37.66 37.62
N THR O 71 72.28 38.97 37.52
CA THR O 71 71.45 39.77 36.63
C THR O 71 71.95 39.63 35.19
N THR O 72 71.09 39.12 34.32
CA THR O 72 71.43 38.86 32.93
C THR O 72 71.05 40.06 32.07
N PRO O 73 71.50 40.09 30.81
CA PRO O 73 70.99 41.12 29.90
C PRO O 73 69.50 41.00 29.66
N LEU O 74 68.95 39.79 29.74
CA LEU O 74 67.50 39.63 29.63
C LEU O 74 66.77 40.26 30.79
N HIS O 75 67.36 40.21 31.99
CA HIS O 75 66.74 40.83 33.15
C HIS O 75 66.61 42.33 32.98
N LEU O 76 67.68 42.99 32.54
CA LEU O 76 67.61 44.43 32.33
C LEU O 76 66.74 44.78 31.14
N ALA O 77 66.73 43.92 30.12
CA ALA O 77 65.85 44.13 28.98
C ALA O 77 64.38 44.09 29.41
N ALA O 78 64.07 43.19 30.34
CA ALA O 78 62.70 43.11 30.85
C ALA O 78 62.37 44.29 31.76
N TYR O 79 63.29 44.63 32.68
CA TYR O 79 63.08 45.74 33.59
C TYR O 79 62.93 47.06 32.83
N SER O 80 63.59 47.21 31.69
CA SER O 80 63.53 48.45 30.96
C SER O 80 62.23 48.60 30.19
N GLY O 81 61.78 47.52 29.53
CA GLY O 81 60.54 47.58 28.79
C GLY O 81 60.66 47.85 27.31
N HIS O 82 61.79 47.48 26.70
CA HIS O 82 61.96 47.55 25.26
C HIS O 82 61.88 46.14 24.71
N LEU O 83 60.87 45.88 23.88
CA LEU O 83 60.59 44.51 23.44
C LEU O 83 61.62 43.99 22.43
N GLU O 84 62.28 44.89 21.69
CA GLU O 84 63.15 44.46 20.60
C GLU O 84 64.40 43.76 21.12
N ILE O 85 65.03 44.32 22.17
CA ILE O 85 66.22 43.70 22.72
C ILE O 85 65.88 42.35 23.36
N VAL O 86 64.69 42.24 23.97
CA VAL O 86 64.23 40.95 24.49
C VAL O 86 64.06 39.96 23.35
N GLU O 87 63.46 40.41 22.25
CA GLU O 87 63.22 39.52 21.11
C GLU O 87 64.53 39.00 20.54
N VAL O 88 65.52 39.87 20.36
CA VAL O 88 66.77 39.40 19.76
C VAL O 88 67.57 38.57 20.77
N LEU O 89 67.47 38.88 22.06
CA LEU O 89 68.12 38.06 23.06
C LEU O 89 67.56 36.65 23.06
N LEU O 90 66.24 36.52 22.91
CA LEU O 90 65.65 35.19 22.78
C LEU O 90 65.93 34.57 21.43
N LYS O 91 66.19 35.38 20.40
CA LYS O 91 66.59 34.84 19.11
C LYS O 91 67.98 34.21 19.18
N TYR O 92 68.86 34.75 20.01
CA TYR O 92 70.19 34.19 20.18
C TYR O 92 70.28 33.23 21.37
N GLY O 93 69.14 32.85 21.95
CA GLY O 93 69.12 31.78 22.92
C GLY O 93 69.44 32.18 24.34
N ALA O 94 68.97 33.35 24.77
CA ALA O 94 69.13 33.73 26.16
C ALA O 94 68.24 32.87 27.05
N GLU O 95 68.64 32.71 28.30
CA GLU O 95 67.89 31.87 29.23
C GLU O 95 66.64 32.58 29.70
N VAL O 96 65.49 31.94 29.52
CA VAL O 96 64.21 32.57 29.87
C VAL O 96 63.91 32.42 31.36
N ASN O 97 64.49 31.43 32.03
CA ASN O 97 64.17 31.12 33.41
C ASN O 97 65.40 31.26 34.31
N ALA O 98 66.20 32.28 34.06
CA ALA O 98 67.41 32.52 34.84
C ALA O 98 67.04 33.21 36.15
N ALA O 99 67.27 32.53 37.27
CA ALA O 99 66.98 33.09 38.58
C ALA O 99 68.18 33.83 39.12
N ASP O 100 67.93 34.96 39.77
CA ASP O 100 68.97 35.75 40.42
C ASP O 100 69.23 35.21 41.82
N VAL O 101 69.97 35.96 42.63
CA VAL O 101 70.20 35.58 44.02
C VAL O 101 68.97 35.81 44.89
N PHE O 102 67.99 36.55 44.40
CA PHE O 102 66.73 36.76 45.11
C PHE O 102 65.60 35.90 44.57
N GLY O 103 65.82 35.17 43.48
CA GLY O 103 64.82 34.29 42.92
C GLY O 103 64.04 34.86 41.76
N TYR O 104 64.21 36.15 41.46
CA TYR O 104 63.43 36.75 40.37
C TYR O 104 63.94 36.29 39.02
N THR O 105 63.01 36.05 38.11
CA THR O 105 63.23 35.80 36.71
C THR O 105 62.82 37.04 35.92
N PRO O 106 63.08 37.08 34.60
CA PRO O 106 62.54 38.19 33.82
C PRO O 106 61.03 38.30 33.86
N LEU O 107 60.31 37.19 34.03
CA LEU O 107 58.86 37.25 34.12
C LEU O 107 58.41 37.97 35.39
N HIS O 108 59.12 37.76 36.50
CA HIS O 108 58.81 38.47 37.74
C HIS O 108 58.93 39.98 37.57
N LEU O 109 60.07 40.43 37.06
CA LEU O 109 60.28 41.86 36.88
C LEU O 109 59.32 42.44 35.84
N ALA O 110 59.01 41.67 34.81
CA ALA O 110 58.06 42.14 33.81
C ALA O 110 56.67 42.31 34.41
N ALA O 111 56.29 41.40 35.30
CA ALA O 111 54.98 41.50 35.94
C ALA O 111 54.94 42.63 36.96
N TYR O 112 56.07 42.92 37.61
CA TYR O 112 56.13 44.02 38.57
C TYR O 112 55.89 45.35 37.87
N TRP O 113 56.58 45.62 36.79
CA TRP O 113 56.55 46.94 36.18
C TRP O 113 55.44 47.10 35.16
N GLY O 114 54.68 46.05 34.88
CA GLY O 114 53.50 46.19 34.05
C GLY O 114 53.81 46.35 32.58
N HIS O 115 54.60 45.44 32.03
CA HIS O 115 54.92 45.43 30.61
C HIS O 115 54.27 44.20 29.99
N LEU O 116 53.20 44.43 29.24
CA LEU O 116 52.35 43.33 28.80
C LEU O 116 53.00 42.50 27.71
N GLU O 117 53.54 43.17 26.69
CA GLU O 117 54.07 42.46 25.53
C GLU O 117 55.25 41.57 25.88
N ILE O 118 56.11 42.02 26.80
CA ILE O 118 57.25 41.17 27.12
C ILE O 118 56.81 40.01 28.00
N VAL O 119 55.76 40.19 28.82
CA VAL O 119 55.17 39.07 29.54
C VAL O 119 54.66 38.03 28.55
N GLU O 120 53.95 38.49 27.52
CA GLU O 120 53.42 37.59 26.50
C GLU O 120 54.53 36.82 25.79
N VAL O 121 55.59 37.52 25.36
CA VAL O 121 56.61 36.80 24.60
C VAL O 121 57.50 35.95 25.49
N LEU O 122 57.62 36.27 26.78
CA LEU O 122 58.30 35.36 27.69
C LEU O 122 57.51 34.08 27.88
N LEU O 123 56.19 34.21 28.07
CA LEU O 123 55.34 33.02 28.15
C LEU O 123 55.35 32.24 26.86
N LYS O 124 55.50 32.93 25.73
CA LYS O 124 55.55 32.28 24.42
C LYS O 124 56.84 31.50 24.23
N ASN O 125 57.90 31.82 24.99
CA ASN O 125 59.18 31.16 24.86
C ASN O 125 59.45 30.18 25.99
N GLY O 126 58.42 29.79 26.73
CA GLY O 126 58.57 28.78 27.75
C GLY O 126 59.00 29.29 29.11
N ALA O 127 58.51 30.46 29.52
CA ALA O 127 58.74 30.93 30.87
C ALA O 127 57.81 30.20 31.83
N ASP O 128 58.35 29.83 32.99
CA ASP O 128 57.58 29.07 33.97
C ASP O 128 56.62 30.02 34.68
N VAL O 129 55.33 29.74 34.56
CA VAL O 129 54.32 30.70 35.02
C VAL O 129 54.14 30.65 36.54
N ASN O 130 54.57 29.58 37.19
CA ASN O 130 54.43 29.43 38.64
C ASN O 130 55.78 29.49 39.34
N ALA O 131 56.66 30.34 38.86
CA ALA O 131 57.99 30.48 39.45
C ALA O 131 57.91 31.21 40.78
N ARG O 132 58.52 30.64 41.81
CA ARG O 132 58.56 31.24 43.13
C ARG O 132 59.86 31.99 43.35
N ASP O 133 59.77 33.10 44.07
CA ASP O 133 60.96 33.86 44.45
C ASP O 133 61.44 33.39 45.82
N SER O 134 62.30 34.20 46.44
CA SER O 134 62.71 33.93 47.82
C SER O 134 61.54 34.00 48.78
N ASP O 135 60.54 34.82 48.49
CA ASP O 135 59.35 34.93 49.32
C ASP O 135 58.28 33.92 48.95
N GLY O 136 58.49 33.14 47.90
CA GLY O 136 57.44 32.28 47.40
C GLY O 136 56.38 32.98 46.60
N MET O 137 56.62 34.23 46.20
CA MET O 137 55.63 35.00 45.46
C MET O 137 55.79 34.74 43.97
N THR O 138 54.75 34.22 43.36
CA THR O 138 54.70 33.99 41.92
C THR O 138 54.50 35.32 41.22
N PRO O 139 54.70 35.38 39.89
CA PRO O 139 54.37 36.62 39.17
C PRO O 139 52.92 37.03 39.29
N LEU O 140 52.01 36.08 39.47
CA LEU O 140 50.60 36.42 39.68
C LEU O 140 50.40 37.18 40.97
N HIS O 141 51.15 36.83 42.02
CA HIS O 141 51.14 37.60 43.25
C HIS O 141 51.48 39.06 42.98
N LEU O 142 52.52 39.31 42.18
CA LEU O 142 52.95 40.67 41.90
C LEU O 142 51.90 41.42 41.10
N ALA O 143 51.40 40.80 40.03
CA ALA O 143 50.42 41.47 39.19
C ALA O 143 49.10 41.71 39.91
N ALA O 144 48.75 40.88 40.88
CA ALA O 144 47.57 41.14 41.68
C ALA O 144 47.83 42.20 42.75
N LYS O 145 49.05 42.24 43.27
CA LYS O 145 49.40 43.23 44.28
C LYS O 145 49.47 44.63 43.68
N TRP O 146 49.81 44.76 42.40
CA TRP O 146 49.98 46.08 41.82
C TRP O 146 48.82 46.53 40.94
N GLY O 147 47.91 45.62 40.58
CA GLY O 147 46.70 46.04 39.90
C GLY O 147 46.74 46.04 38.39
N HIS O 148 47.48 45.12 37.78
CA HIS O 148 47.56 45.03 36.33
C HIS O 148 46.60 43.94 35.85
N LEU O 149 45.49 44.33 35.23
CA LEU O 149 44.47 43.37 34.84
C LEU O 149 44.94 42.46 33.71
N GLU O 150 45.45 43.04 32.63
CA GLU O 150 45.76 42.27 31.43
C GLU O 150 46.88 41.28 31.68
N ILE O 151 47.83 41.64 32.54
CA ILE O 151 48.87 40.70 32.93
C ILE O 151 48.27 39.53 33.69
N VAL O 152 47.35 39.83 34.62
CA VAL O 152 46.67 38.78 35.37
C VAL O 152 45.94 37.83 34.44
N GLU O 153 45.27 38.37 33.42
CA GLU O 153 44.50 37.52 32.53
C GLU O 153 45.39 36.66 31.64
N VAL O 154 46.46 37.24 31.10
CA VAL O 154 47.39 36.45 30.30
C VAL O 154 48.08 35.39 31.16
N LEU O 155 48.35 35.69 32.42
CA LEU O 155 48.95 34.69 33.30
C LEU O 155 47.96 33.57 33.63
N LEU O 156 46.68 33.93 33.79
CA LEU O 156 45.68 32.91 34.04
C LEU O 156 45.47 32.02 32.83
N ARG O 157 45.64 32.57 31.62
CA ARG O 157 45.50 31.77 30.42
C ARG O 157 46.55 30.68 30.33
N TYR O 158 47.74 30.90 30.89
CA TYR O 158 48.84 29.96 30.77
C TYR O 158 48.95 29.02 31.95
N GLY O 159 48.00 29.06 32.88
CA GLY O 159 47.96 28.10 33.96
C GLY O 159 48.54 28.55 35.27
N ALA O 160 48.45 29.84 35.60
CA ALA O 160 48.95 30.31 36.88
C ALA O 160 48.09 29.77 38.03
N ASP O 161 48.74 29.39 39.12
CA ASP O 161 48.04 28.78 40.24
C ASP O 161 47.33 29.87 41.06
N VAL O 162 46.02 29.71 41.21
CA VAL O 162 45.23 30.67 41.97
C VAL O 162 45.47 30.52 43.46
N GLU O 163 45.87 29.33 43.90
CA GLU O 163 45.93 29.00 45.32
C GLU O 163 47.35 29.02 45.88
N ALA O 164 48.30 29.60 45.16
CA ALA O 164 49.66 29.68 45.63
C ALA O 164 49.76 30.65 46.80
N GLN O 165 50.39 30.20 47.89
CA GLN O 165 50.60 31.02 49.08
C GLN O 165 52.08 31.38 49.22
N ASP O 166 52.34 32.59 49.72
CA ASP O 166 53.70 33.04 49.96
C ASP O 166 54.09 32.69 51.40
N LYS O 167 55.18 33.28 51.90
CA LYS O 167 55.65 32.97 53.25
C LYS O 167 54.67 33.39 54.33
N PHE O 168 53.81 34.37 54.05
CA PHE O 168 52.82 34.81 55.02
C PHE O 168 51.51 34.04 54.89
N GLY O 169 51.41 33.12 53.94
CA GLY O 169 50.15 32.44 53.70
C GLY O 169 49.15 33.28 52.94
N LYS O 170 49.61 34.14 52.04
CA LYS O 170 48.74 35.01 51.27
C LYS O 170 48.61 34.47 49.86
N THR O 171 47.38 34.35 49.39
CA THR O 171 47.09 34.08 47.99
C THR O 171 47.02 35.38 47.23
N PRO O 172 47.09 35.35 45.89
CA PRO O 172 46.92 36.59 45.12
C PRO O 172 45.57 37.28 45.36
N PHE O 173 44.54 36.52 45.72
CA PHE O 173 43.26 37.12 46.08
C PHE O 173 43.40 38.00 47.33
N ASP O 174 44.19 37.54 48.30
CA ASP O 174 44.43 38.33 49.50
C ASP O 174 45.21 39.60 49.19
N LEU O 175 46.24 39.49 48.34
CA LEU O 175 47.00 40.68 47.99
C LEU O 175 46.17 41.64 47.16
N ALA O 176 45.18 41.14 46.43
CA ALA O 176 44.33 42.04 45.66
C ALA O 176 43.28 42.72 46.51
N ILE O 177 42.79 42.06 47.56
CA ILE O 177 41.84 42.76 48.42
C ILE O 177 42.57 43.71 49.37
N ASP O 178 43.82 43.39 49.74
CA ASP O 178 44.55 44.28 50.65
C ASP O 178 44.96 45.58 49.99
N ASN O 179 45.05 45.61 48.66
CA ASN O 179 45.48 46.82 47.95
C ASN O 179 44.35 47.44 47.15
N GLY O 180 43.12 47.00 47.34
CA GLY O 180 41.98 47.67 46.74
C GLY O 180 41.74 47.36 45.28
N ASN O 181 42.29 46.27 44.75
CA ASN O 181 42.07 45.90 43.36
C ASN O 181 40.88 44.94 43.32
N GLU O 182 39.68 45.52 43.33
CA GLU O 182 38.47 44.74 43.54
C GLU O 182 38.07 43.93 42.32
N ASP O 183 38.34 44.42 41.12
CA ASP O 183 37.98 43.64 39.93
C ASP O 183 38.88 42.43 39.76
N ILE O 184 40.17 42.56 40.10
CA ILE O 184 41.07 41.40 40.11
C ILE O 184 40.55 40.35 41.08
N ALA O 185 40.17 40.78 42.28
CA ALA O 185 39.66 39.85 43.28
C ALA O 185 38.36 39.21 42.83
N GLU O 186 37.53 39.94 42.09
CA GLU O 186 36.30 39.36 41.55
C GLU O 186 36.60 38.24 40.57
N VAL O 187 37.52 38.49 39.64
CA VAL O 187 37.91 37.48 38.67
C VAL O 187 38.48 36.25 39.37
N LEU O 188 39.37 36.48 40.34
CA LEU O 188 40.02 35.38 41.04
C LEU O 188 39.05 34.58 41.88
N GLN O 189 38.01 35.22 42.39
CA GLN O 189 37.06 34.50 43.23
C GLN O 189 36.10 33.67 42.40
N ALA O 190 35.60 34.25 41.30
CA ALA O 190 34.67 33.54 40.44
C ALA O 190 35.31 32.32 39.80
N LEU O 191 36.59 32.44 39.40
CA LEU O 191 37.27 31.31 38.76
C LEU O 191 37.38 30.13 39.72
N LEU O 192 37.82 30.39 40.94
CA LEU O 192 37.96 29.35 41.94
C LEU O 192 36.61 28.71 42.26
N ALA O 193 35.55 29.51 42.32
CA ALA O 193 34.25 28.97 42.67
C ALA O 193 33.71 28.04 41.58
N ILE O 194 33.90 28.39 40.32
CA ILE O 194 33.42 27.52 39.25
C ILE O 194 34.26 26.23 39.19
N ASN O 195 35.57 26.31 39.44
CA ASN O 195 36.36 25.09 39.44
C ASN O 195 35.98 24.16 40.58
N ARG O 196 35.66 24.72 41.74
CA ARG O 196 35.20 23.89 42.85
C ARG O 196 33.84 23.27 42.56
N GLN O 197 32.96 23.97 41.85
CA GLN O 197 31.69 23.35 41.50
C GLN O 197 31.87 22.21 40.50
N ILE O 198 32.84 22.33 39.58
CA ILE O 198 33.14 21.23 38.67
C ILE O 198 33.62 20.01 39.46
N ASN O 199 34.53 20.22 40.39
CA ASN O 199 35.01 19.09 41.18
C ASN O 199 33.90 18.49 42.03
N LEU O 200 32.97 19.30 42.53
CA LEU O 200 31.89 18.79 43.35
C LEU O 200 30.89 17.98 42.54
N GLU O 201 30.65 18.37 41.29
CA GLU O 201 29.79 17.54 40.45
C GLU O 201 30.48 16.23 40.07
N LEU O 202 31.79 16.25 39.87
CA LEU O 202 32.50 15.00 39.60
C LEU O 202 32.51 14.09 40.81
N TYR O 203 32.54 14.66 42.01
CA TYR O 203 32.52 13.85 43.23
C TYR O 203 31.19 13.10 43.37
N ALA O 204 30.08 13.78 43.12
CA ALA O 204 28.77 13.19 43.35
C ALA O 204 28.48 12.04 42.40
N SER O 205 29.09 12.04 41.22
CA SER O 205 28.89 10.97 40.26
C SER O 205 29.52 9.66 40.74
N TYR O 206 30.63 9.78 41.46
CA TYR O 206 31.39 8.65 41.95
C TYR O 206 30.73 8.04 43.19
N VAL O 207 30.06 8.86 44.00
CA VAL O 207 29.25 8.36 45.10
C VAL O 207 28.10 7.52 44.58
N TYR O 208 27.45 7.98 43.52
CA TYR O 208 26.36 7.23 42.93
C TYR O 208 26.84 5.96 42.29
N LEU O 209 28.04 5.96 41.71
CA LEU O 209 28.62 4.73 41.20
C LEU O 209 28.83 3.71 42.31
N SER O 210 29.38 4.16 43.43
CA SER O 210 29.55 3.29 44.59
C SER O 210 28.21 2.71 45.04
N MET O 211 27.21 3.58 45.21
CA MET O 211 25.88 3.15 45.64
C MET O 211 25.29 2.13 44.69
N SER O 212 25.42 2.36 43.39
CA SER O 212 24.84 1.47 42.40
C SER O 212 25.45 0.08 42.47
N TYR O 213 26.78 0.00 42.55
CA TYR O 213 27.38 -1.32 42.59
C TYR O 213 27.34 -1.96 43.97
N TYR O 214 26.86 -1.25 44.99
CA TYR O 214 26.54 -1.93 46.24
C TYR O 214 25.28 -2.76 46.12
N PHE O 215 24.32 -2.31 45.32
CA PHE O 215 22.99 -2.90 45.29
C PHE O 215 22.87 -4.08 44.35
N ASP O 216 23.94 -4.52 43.72
CA ASP O 216 23.88 -5.76 42.96
C ASP O 216 24.90 -6.78 43.47
N ARG O 217 25.40 -6.61 44.68
CA ARG O 217 26.08 -7.70 45.36
C ARG O 217 25.11 -8.84 45.58
N ASP O 218 25.64 -10.07 45.66
CA ASP O 218 24.75 -11.22 45.76
C ASP O 218 24.02 -11.32 47.10
N ASP O 219 24.47 -10.58 48.12
CA ASP O 219 23.72 -10.48 49.36
C ASP O 219 22.88 -9.21 49.46
N VAL O 220 22.92 -8.35 48.44
CA VAL O 220 21.99 -7.22 48.31
C VAL O 220 21.42 -7.34 46.91
N ALA O 221 20.35 -8.07 46.74
CA ALA O 221 19.89 -8.42 45.40
C ALA O 221 18.73 -7.52 44.97
N LEU O 222 19.01 -6.23 44.83
CA LEU O 222 17.99 -5.25 44.43
C LEU O 222 18.40 -4.58 43.12
N LYS O 223 17.86 -5.03 42.01
CA LYS O 223 18.31 -4.63 40.68
C LYS O 223 17.87 -3.23 40.30
N ASN O 224 16.70 -2.81 40.78
CA ASN O 224 16.16 -1.53 40.36
C ASN O 224 16.76 -0.38 41.15
N PHE O 225 17.15 -0.63 42.40
CA PHE O 225 17.99 0.31 43.14
C PHE O 225 19.29 0.58 42.39
N ALA O 226 19.96 -0.49 41.95
CA ALA O 226 21.22 -0.35 41.24
C ALA O 226 21.05 0.40 39.93
N LYS O 227 19.97 0.11 39.22
CA LYS O 227 19.68 0.80 37.96
C LYS O 227 19.44 2.29 38.18
N TYR O 228 18.67 2.62 39.22
CA TYR O 228 18.39 4.00 39.59
C TYR O 228 19.66 4.78 39.88
N PHE O 229 20.56 4.21 40.68
CA PHE O 229 21.75 4.94 41.04
C PHE O 229 22.77 5.04 39.90
N LEU O 230 22.78 4.08 38.97
CA LEU O 230 23.61 4.26 37.79
C LEU O 230 23.09 5.41 36.92
N HIS O 231 21.77 5.54 36.81
CA HIS O 231 21.21 6.68 36.10
C HIS O 231 21.63 8.01 36.72
N GLN O 232 21.59 8.10 38.04
CA GLN O 232 22.01 9.34 38.70
C GLN O 232 23.49 9.63 38.47
N SER O 233 24.32 8.59 38.48
CA SER O 233 25.75 8.77 38.21
C SER O 233 25.99 9.42 36.85
N HIS O 234 25.30 8.93 35.82
CA HIS O 234 25.52 9.50 34.49
C HIS O 234 24.96 10.92 34.37
N GLU O 235 23.86 11.21 35.06
CA GLU O 235 23.34 12.58 35.04
C GLU O 235 24.31 13.57 35.67
N GLU O 236 24.97 13.18 36.76
CA GLU O 236 25.93 14.10 37.37
C GLU O 236 27.16 14.29 36.50
N ARG O 237 27.58 13.24 35.79
CA ARG O 237 28.66 13.41 34.80
C ARG O 237 28.29 14.46 33.75
N GLU O 238 27.03 14.44 33.31
CA GLU O 238 26.57 15.44 32.35
C GLU O 238 26.56 16.85 32.94
N HIS O 239 26.17 16.99 34.21
CA HIS O 239 26.20 18.31 34.85
C HIS O 239 27.60 18.89 34.87
N ALA O 240 28.59 18.07 35.22
CA ALA O 240 29.96 18.55 35.24
C ALA O 240 30.44 18.94 33.85
N GLU O 241 30.09 18.17 32.84
CA GLU O 241 30.50 18.51 31.49
C GLU O 241 29.86 19.81 30.99
N LYS O 242 28.62 20.08 31.40
CA LYS O 242 28.01 21.36 31.06
C LYS O 242 28.75 22.53 31.68
N LEU O 243 29.18 22.38 32.94
CA LEU O 243 29.94 23.47 33.54
C LEU O 243 31.28 23.67 32.85
N MET O 244 31.90 22.58 32.39
CA MET O 244 33.16 22.71 31.67
C MET O 244 32.98 23.41 30.34
N LYS O 245 31.89 23.12 29.63
CA LYS O 245 31.62 23.80 28.38
C LYS O 245 31.36 25.29 28.59
N LEU O 246 30.60 25.63 29.63
CA LEU O 246 30.38 27.04 29.96
C LEU O 246 31.69 27.76 30.24
N GLN O 247 32.56 27.15 31.04
CA GLN O 247 33.83 27.77 31.34
C GLN O 247 34.69 27.96 30.08
N ASN O 248 34.58 27.05 29.11
CA ASN O 248 35.32 27.26 27.87
C ASN O 248 34.72 28.37 27.01
N GLN O 249 33.41 28.59 27.05
CA GLN O 249 32.82 29.67 26.27
C GLN O 249 33.20 31.04 26.78
N ARG O 250 33.44 31.18 28.07
CA ARG O 250 33.76 32.48 28.65
C ARG O 250 35.23 32.85 28.52
N GLY O 251 36.08 31.90 28.12
CA GLY O 251 37.50 32.16 28.07
C GLY O 251 38.21 31.95 29.39
N GLY O 252 37.59 31.26 30.33
CA GLY O 252 38.23 30.95 31.59
C GLY O 252 39.06 29.68 31.51
N ALA O 253 39.74 29.39 32.60
CA ALA O 253 40.74 28.31 32.67
C ALA O 253 40.22 27.18 33.54
N ILE O 254 39.87 26.05 32.92
CA ILE O 254 39.54 24.85 33.66
C ILE O 254 40.79 24.34 34.36
N SER O 255 40.62 23.91 35.61
CA SER O 255 41.72 23.39 36.43
C SER O 255 41.18 22.25 37.27
N LEU O 256 41.61 21.03 36.98
CA LEU O 256 41.06 19.84 37.58
C LEU O 256 41.88 19.39 38.79
N GLN O 257 41.20 18.80 39.76
CA GLN O 257 41.80 18.31 40.99
C GLN O 257 41.48 16.82 41.16
N ASP O 258 41.98 16.25 42.24
CA ASP O 258 41.65 14.86 42.57
C ASP O 258 40.17 14.73 42.90
N ILE O 259 39.62 13.57 42.58
CA ILE O 259 38.28 13.18 42.99
C ILE O 259 38.44 12.18 44.12
N LYS O 260 37.94 12.53 45.30
CA LYS O 260 38.13 11.71 46.48
C LYS O 260 37.10 10.59 46.54
N LYS O 261 37.48 9.53 47.25
CA LYS O 261 36.62 8.33 47.35
C LYS O 261 35.39 8.62 48.19
N PRO O 262 34.27 7.96 47.92
CA PRO O 262 33.06 8.11 48.75
C PRO O 262 33.32 7.71 50.20
N ASP O 263 32.38 8.12 51.06
CA ASP O 263 32.55 7.91 52.50
C ASP O 263 32.38 6.46 52.91
N CYS O 264 31.52 5.72 52.23
CA CYS O 264 31.31 4.32 52.51
C CYS O 264 31.60 3.48 51.28
N ASP O 265 32.07 2.26 51.51
CA ASP O 265 31.90 1.18 50.56
C ASP O 265 30.63 0.38 50.82
N ASP O 266 30.20 0.32 52.08
CA ASP O 266 29.04 -0.46 52.48
C ASP O 266 27.95 0.48 52.97
N TRP O 267 26.98 0.71 52.11
CA TRP O 267 25.71 1.24 52.55
C TRP O 267 24.95 0.14 53.28
N GLU O 268 23.82 0.46 53.88
CA GLU O 268 23.23 -0.52 54.77
C GLU O 268 21.88 -1.03 54.34
N SER O 269 21.12 -0.26 53.58
CA SER O 269 19.78 -0.61 53.17
C SER O 269 19.40 0.35 52.05
N GLY O 270 18.21 0.17 51.50
CA GLY O 270 17.71 1.13 50.54
C GLY O 270 17.36 2.46 51.19
N LEU O 271 16.82 2.40 52.41
CA LEU O 271 16.47 3.63 53.13
C LEU O 271 17.70 4.47 53.43
N ASN O 272 18.76 3.84 53.93
CA ASN O 272 19.95 4.57 54.33
C ASN O 272 20.63 5.21 53.12
N ALA O 273 20.66 4.51 52.00
CA ALA O 273 21.26 5.07 50.80
C ALA O 273 20.42 6.21 50.23
N MET O 274 19.09 6.09 50.30
CA MET O 274 18.25 7.20 49.86
C MET O 274 18.44 8.42 50.74
N GLU O 275 18.64 8.23 52.05
CA GLU O 275 18.86 9.38 52.93
C GLU O 275 20.21 10.01 52.69
N CYS O 276 21.23 9.20 52.39
CA CYS O 276 22.53 9.77 52.07
C CYS O 276 22.49 10.53 50.74
N ALA O 277 21.74 10.03 49.77
CA ALA O 277 21.59 10.74 48.51
C ALA O 277 20.86 12.06 48.68
N LEU O 278 19.87 12.10 49.58
CA LEU O 278 19.19 13.37 49.86
C LEU O 278 20.13 14.37 50.49
N HIS O 279 20.92 13.94 51.47
CA HIS O 279 21.91 14.83 52.09
C HIS O 279 22.90 15.37 51.07
N LEU O 280 23.33 14.51 50.13
CA LEU O 280 24.26 14.92 49.10
C LEU O 280 23.68 16.00 48.19
N GLU O 281 22.45 15.78 47.70
CA GLU O 281 21.88 16.75 46.78
C GLU O 281 21.58 18.07 47.47
N LYS O 282 21.27 18.04 48.77
CA LYS O 282 21.10 19.29 49.50
C LYS O 282 22.41 20.07 49.59
N ASN O 283 23.52 19.37 49.82
CA ASN O 283 24.82 20.03 49.82
C ASN O 283 25.14 20.69 48.48
N VAL O 284 24.88 19.97 47.39
CA VAL O 284 25.15 20.51 46.06
C VAL O 284 24.30 21.76 45.80
N ASN O 285 23.03 21.73 46.20
CA ASN O 285 22.14 22.87 46.02
C ASN O 285 22.64 24.09 46.82
N GLN O 286 23.15 23.85 48.03
CA GLN O 286 23.65 24.97 48.82
C GLN O 286 24.87 25.62 48.16
N SER O 287 25.78 24.82 47.62
CA SER O 287 26.92 25.43 46.94
C SER O 287 26.51 26.15 45.67
N LEU O 288 25.47 25.67 44.98
CA LEU O 288 24.98 26.40 43.81
C LEU O 288 24.38 27.75 44.19
N LEU O 289 23.70 27.82 45.33
CA LEU O 289 23.15 29.10 45.77
C LEU O 289 24.25 30.08 46.13
N GLU O 290 25.34 29.60 46.74
CA GLU O 290 26.45 30.51 47.00
C GLU O 290 27.10 31.00 45.72
N LEU O 291 27.20 30.12 44.72
CA LEU O 291 27.74 30.53 43.43
C LEU O 291 26.87 31.58 42.78
N HIS O 292 25.54 31.47 42.90
CA HIS O 292 24.64 32.45 42.32
C HIS O 292 24.78 33.80 43.02
N LYS O 293 24.93 33.79 44.34
CA LYS O 293 25.08 35.06 45.05
C LYS O 293 26.39 35.74 44.69
N LEU O 294 27.45 34.95 44.53
CA LEU O 294 28.73 35.50 44.09
C LEU O 294 28.62 36.10 42.70
N ALA O 295 27.91 35.41 41.80
CA ALA O 295 27.71 35.93 40.45
C ALA O 295 26.89 37.20 40.45
N THR O 296 25.97 37.34 41.39
CA THR O 296 25.17 38.57 41.44
C THR O 296 25.98 39.73 41.99
N ASP O 297 26.91 39.47 42.91
CA ASP O 297 27.80 40.54 43.35
C ASP O 297 28.74 41.02 42.25
N CYS O 298 29.13 40.14 41.34
CA CYS O 298 30.10 40.47 40.29
C CYS O 298 29.47 41.07 39.05
N ASN O 299 28.15 41.28 39.05
CA ASN O 299 27.40 41.83 37.92
C ASN O 299 27.61 40.99 36.66
N ASP O 300 27.17 39.74 36.74
CA ASP O 300 27.30 38.77 35.65
C ASP O 300 25.94 38.15 35.38
N PRO O 301 25.09 38.84 34.62
CA PRO O 301 23.74 38.29 34.39
C PRO O 301 23.72 37.00 33.60
N HIS O 302 24.71 36.76 32.74
CA HIS O 302 24.71 35.55 31.94
C HIS O 302 24.97 34.32 32.80
N LEU O 303 25.87 34.44 33.78
CA LEU O 303 26.12 33.34 34.70
C LEU O 303 24.91 33.08 35.59
N CYS O 304 24.26 34.14 36.05
CA CYS O 304 23.06 33.98 36.88
C CYS O 304 21.96 33.25 36.12
N ASP O 305 21.72 33.65 34.88
CA ASP O 305 20.68 32.99 34.09
C ASP O 305 21.07 31.56 33.74
N PHE O 306 22.35 31.29 33.49
CA PHE O 306 22.80 29.92 33.26
C PHE O 306 22.52 29.04 34.46
N ILE O 307 22.88 29.52 35.65
CA ILE O 307 22.67 28.73 36.87
C ILE O 307 21.20 28.48 37.10
N GLU O 308 20.38 29.52 37.07
CA GLU O 308 18.97 29.31 37.37
C GLU O 308 18.19 28.64 36.25
N THR O 309 18.73 28.54 35.04
CA THR O 309 18.05 27.81 33.98
C THR O 309 18.43 26.34 33.94
N HIS O 310 19.69 25.99 34.17
CA HIS O 310 20.08 24.59 34.03
C HIS O 310 20.34 23.87 35.35
N TYR O 311 20.32 24.54 36.48
CA TYR O 311 20.75 23.86 37.70
C TYR O 311 19.76 23.98 38.85
N LEU O 312 19.11 25.13 39.00
CA LEU O 312 18.35 25.38 40.21
C LEU O 312 17.01 24.67 40.25
N ASN O 313 16.42 24.36 39.11
CA ASN O 313 15.15 23.67 39.10
C ASN O 313 15.32 22.15 39.15
N GLU O 314 16.42 21.66 38.58
CA GLU O 314 16.74 20.24 38.68
C GLU O 314 17.03 19.82 40.11
N GLN O 315 17.70 20.68 40.87
CA GLN O 315 17.97 20.38 42.27
C GLN O 315 16.68 20.29 43.07
N VAL O 316 15.73 21.19 42.80
CA VAL O 316 14.46 21.17 43.51
C VAL O 316 13.68 19.91 43.18
N LYS O 317 13.67 19.52 41.90
CA LYS O 317 13.01 18.29 41.50
C LYS O 317 13.64 17.07 42.18
N ALA O 318 14.97 17.02 42.21
CA ALA O 318 15.65 15.87 42.78
C ALA O 318 15.40 15.76 44.28
N ILE O 319 15.39 16.89 44.98
CA ILE O 319 15.17 16.87 46.41
C ILE O 319 13.74 16.46 46.73
N LYS O 320 12.77 16.91 45.91
CA LYS O 320 11.39 16.49 46.11
C LYS O 320 11.23 14.98 45.91
N GLU O 321 11.85 14.44 44.86
CA GLU O 321 11.73 13.02 44.58
C GLU O 321 12.41 12.15 45.63
N LEU O 322 13.57 12.58 46.11
CA LEU O 322 14.26 11.78 47.12
C LEU O 322 13.55 11.83 48.46
N GLY O 323 12.95 12.96 48.82
CA GLY O 323 12.14 12.99 50.03
C GLY O 323 10.89 12.15 49.93
N ASP O 324 10.27 12.12 48.73
CA ASP O 324 9.19 11.16 48.47
C ASP O 324 9.61 9.73 48.74
N HIS O 325 10.74 9.31 48.17
CA HIS O 325 11.21 7.95 48.36
C HIS O 325 11.46 7.64 49.82
N VAL O 326 12.04 8.58 50.56
CA VAL O 326 12.35 8.32 51.96
C VAL O 326 11.07 8.16 52.78
N THR O 327 10.08 9.02 52.58
CA THR O 327 8.87 8.87 53.41
C THR O 327 8.08 7.62 53.04
N ASN O 328 8.04 7.25 51.76
CA ASN O 328 7.32 6.02 51.43
C ASN O 328 8.02 4.80 52.00
N LEU O 329 9.35 4.75 51.93
CA LEU O 329 10.07 3.63 52.50
C LEU O 329 9.91 3.56 54.01
N ARG O 330 9.88 4.70 54.69
CA ARG O 330 9.67 4.67 56.13
C ARG O 330 8.26 4.24 56.50
N LYS O 331 7.26 4.63 55.71
CA LYS O 331 5.89 4.22 56.02
C LYS O 331 5.67 2.74 55.78
N MET O 332 6.27 2.18 54.73
CA MET O 332 6.11 0.76 54.46
C MET O 332 6.74 -0.11 55.54
N GLY O 333 7.66 0.41 56.33
CA GLY O 333 8.24 -0.32 57.43
C GLY O 333 9.70 -0.70 57.28
N ALA O 334 10.40 -0.14 56.33
CA ALA O 334 11.81 -0.41 56.12
C ALA O 334 12.65 0.35 57.14
N PRO O 335 13.87 -0.12 57.46
CA PRO O 335 14.66 -1.22 56.92
C PRO O 335 14.38 -2.57 57.56
N GLU O 336 13.74 -2.58 58.72
CA GLU O 336 13.52 -3.82 59.45
C GLU O 336 12.39 -4.66 58.88
N SER O 337 11.87 -4.30 57.71
CA SER O 337 10.99 -5.16 56.95
C SER O 337 11.63 -5.41 55.60
N GLY O 338 12.06 -6.65 55.36
CA GLY O 338 12.62 -6.98 54.06
C GLY O 338 11.58 -7.06 52.96
N LEU O 339 10.31 -7.23 53.33
CA LEU O 339 9.23 -7.20 52.36
C LEU O 339 9.00 -5.80 51.82
N ALA O 340 9.32 -4.78 52.59
CA ALA O 340 9.08 -3.40 52.16
C ALA O 340 10.03 -2.99 51.04
N GLU O 341 11.31 -3.32 51.17
CA GLU O 341 12.26 -2.89 50.15
C GLU O 341 12.10 -3.68 48.85
N TYR O 342 11.74 -4.96 48.95
CA TYR O 342 11.45 -5.75 47.77
C TYR O 342 10.29 -5.16 46.96
N LEU O 343 9.22 -4.78 47.65
CA LEU O 343 8.05 -4.29 46.95
C LEU O 343 8.23 -2.86 46.48
N PHE O 344 9.00 -2.04 47.21
CA PHE O 344 9.37 -0.74 46.70
C PHE O 344 10.22 -0.85 45.44
N ASP O 345 11.16 -1.79 45.43
CA ASP O 345 11.94 -2.10 44.25
C ASP O 345 11.05 -2.44 43.06
N LYS O 346 10.02 -3.26 43.28
CA LYS O 346 9.16 -3.65 42.17
C LYS O 346 8.27 -2.50 41.70
N HIS O 347 7.58 -1.84 42.62
CA HIS O 347 6.48 -0.98 42.20
C HIS O 347 6.89 0.45 41.92
N THR O 348 7.84 1.00 42.66
CA THR O 348 8.21 2.39 42.42
C THR O 348 9.37 2.51 41.45
N LEU O 349 10.42 1.72 41.66
CA LEU O 349 11.59 1.79 40.81
C LEU O 349 11.48 0.91 39.57
N GLY O 350 10.49 0.04 39.52
CA GLY O 350 10.32 -0.84 38.39
C GLY O 350 9.84 -0.14 37.15
N LYS P 22 102.54 75.18 80.22
CA LYS P 22 103.21 75.76 79.05
C LYS P 22 102.21 76.51 78.19
N ILE P 23 100.93 76.37 78.48
CA ILE P 23 99.90 77.19 77.86
C ILE P 23 99.98 78.59 78.47
N GLU P 24 100.13 79.60 77.62
CA GLU P 24 100.40 80.95 78.08
C GLU P 24 99.14 81.61 78.66
N GLU P 25 99.36 82.51 79.61
CA GLU P 25 98.31 83.21 80.33
C GLU P 25 98.12 84.61 79.79
N GLY P 26 96.91 85.15 79.99
CA GLY P 26 96.58 86.46 79.47
C GLY P 26 96.49 86.54 77.97
N LYS P 27 96.42 85.40 77.30
CA LYS P 27 96.54 85.32 75.85
C LYS P 27 95.80 84.07 75.39
N LEU P 28 95.11 84.18 74.25
CA LEU P 28 94.29 83.10 73.73
C LEU P 28 94.74 82.76 72.32
N VAL P 29 95.03 81.48 72.09
CA VAL P 29 95.32 80.95 70.76
C VAL P 29 94.32 79.83 70.48
N ILE P 30 93.77 79.83 69.27
CA ILE P 30 92.71 78.91 68.87
C ILE P 30 93.16 78.22 67.60
N TRP P 31 92.82 76.93 67.47
CA TRP P 31 93.01 76.18 66.24
C TRP P 31 91.65 75.75 65.69
N ILE P 32 91.46 76.00 64.40
CA ILE P 32 90.18 75.74 63.73
C ILE P 32 90.46 75.34 62.29
N ASN P 33 89.74 74.34 61.80
CA ASN P 33 89.98 73.82 60.46
C ASN P 33 89.58 74.85 59.42
N GLY P 34 90.35 74.88 58.33
CA GLY P 34 90.20 75.87 57.27
C GLY P 34 89.01 75.74 56.36
N ASP P 35 88.13 74.77 56.58
CA ASP P 35 86.91 74.65 55.81
C ASP P 35 85.77 75.45 56.43
N LYS P 36 86.06 76.26 57.43
CA LYS P 36 85.07 77.01 58.19
C LYS P 36 85.35 78.50 58.03
N GLY P 37 84.57 79.31 58.74
CA GLY P 37 84.84 80.73 58.81
C GLY P 37 85.87 81.05 59.87
N TYR P 38 87.11 80.60 59.66
CA TYR P 38 88.18 80.93 60.61
C TYR P 38 88.48 82.42 60.59
N ASN P 39 88.25 83.08 59.45
CA ASN P 39 88.31 84.53 59.43
C ASN P 39 87.21 85.14 60.29
N GLY P 40 86.05 84.49 60.37
CA GLY P 40 85.03 84.92 61.32
C GLY P 40 85.47 84.73 62.76
N LEU P 41 86.26 83.70 63.03
CA LEU P 41 86.85 83.56 64.35
C LEU P 41 87.85 84.67 64.63
N ALA P 42 88.58 85.12 63.61
CA ALA P 42 89.42 86.30 63.76
C ALA P 42 88.58 87.55 64.03
N GLU P 43 87.41 87.65 63.37
CA GLU P 43 86.56 88.81 63.57
CA GLU P 43 86.56 88.81 63.57
C GLU P 43 86.00 88.85 64.99
N VAL P 44 85.57 87.71 65.52
CA VAL P 44 85.07 87.73 66.89
C VAL P 44 86.20 87.94 67.88
N GLY P 45 87.41 87.45 67.53
CA GLY P 45 88.58 87.77 68.34
C GLY P 45 88.85 89.26 68.40
N LYS P 46 88.71 89.96 67.28
CA LYS P 46 88.97 91.40 67.33
C LYS P 46 87.83 92.18 67.97
N LYS P 47 86.58 91.70 67.92
CA LYS P 47 85.57 92.30 68.79
C LYS P 47 85.98 92.18 70.26
N PHE P 48 86.44 90.99 70.66
CA PHE P 48 86.92 90.79 72.01
C PHE P 48 88.11 91.69 72.34
N GLU P 49 88.96 91.97 71.35
CA GLU P 49 90.11 92.82 71.59
C GLU P 49 89.72 94.28 71.77
N LYS P 50 88.84 94.80 70.90
CA LYS P 50 88.38 96.17 71.08
C LYS P 50 87.55 96.34 72.34
N ASP P 51 86.88 95.29 72.81
CA ASP P 51 86.06 95.45 74.00
C ASP P 51 86.84 95.26 75.30
N THR P 52 87.70 94.26 75.38
CA THR P 52 88.38 93.93 76.63
C THR P 52 89.90 94.07 76.57
N GLY P 53 90.50 94.25 75.39
CA GLY P 53 91.93 94.40 75.28
C GLY P 53 92.73 93.11 75.31
N ILE P 54 92.07 91.96 75.33
CA ILE P 54 92.75 90.68 75.41
C ILE P 54 92.91 90.12 74.00
N LYS P 55 94.16 89.87 73.61
CA LYS P 55 94.46 89.48 72.23
C LYS P 55 94.04 88.04 71.99
N VAL P 56 93.43 87.80 70.81
CA VAL P 56 93.02 86.47 70.38
C VAL P 56 93.67 86.19 69.04
N THR P 57 94.45 85.11 68.96
CA THR P 57 95.05 84.65 67.71
C THR P 57 94.41 83.33 67.31
N VAL P 58 94.12 83.19 66.03
CA VAL P 58 93.62 81.95 65.47
C VAL P 58 94.58 81.46 64.41
N GLU P 59 94.69 80.14 64.30
CA GLU P 59 95.54 79.51 63.32
C GLU P 59 94.82 78.32 62.70
N HIS P 60 94.99 78.16 61.38
CA HIS P 60 94.24 77.15 60.62
C HIS P 60 95.18 76.32 59.74
N PRO P 61 95.93 75.41 60.36
CA PRO P 61 96.74 74.48 59.57
C PRO P 61 95.99 73.17 59.30
N ASP P 62 96.59 72.34 58.47
CA ASP P 62 96.02 71.03 58.20
C ASP P 62 96.24 70.10 59.39
N LYS P 63 95.54 68.96 59.34
CA LYS P 63 95.69 67.84 60.28
C LYS P 63 95.53 68.27 61.74
N LEU P 64 94.60 69.19 62.01
CA LEU P 64 94.44 69.69 63.38
C LEU P 64 93.94 68.62 64.35
N GLU P 65 93.23 67.61 63.85
CA GLU P 65 92.79 66.55 64.74
C GLU P 65 93.94 65.59 65.03
N GLU P 66 94.89 65.48 64.11
CA GLU P 66 96.15 64.81 64.41
C GLU P 66 97.00 65.68 65.33
N LYS P 67 96.89 67.00 65.21
CA LYS P 67 97.84 67.91 65.85
C LYS P 67 97.46 68.24 67.30
N PHE P 68 96.16 68.31 67.62
CA PHE P 68 95.78 68.69 68.98
C PHE P 68 96.18 67.66 70.04
N PRO P 69 95.84 66.36 69.92
CA PRO P 69 96.11 65.46 71.06
C PRO P 69 97.59 65.19 71.28
N GLN P 70 98.40 65.18 70.22
CA GLN P 70 99.82 64.92 70.36
C GLN P 70 100.57 66.05 71.07
N VAL P 71 99.98 67.24 71.14
CA VAL P 71 100.64 68.35 71.81
C VAL P 71 99.93 68.57 73.16
N ALA P 72 98.64 68.24 73.20
CA ALA P 72 97.88 68.34 74.44
C ALA P 72 98.29 67.28 75.45
N ALA P 73 98.82 66.14 74.99
CA ALA P 73 99.40 65.17 75.90
C ALA P 73 100.71 65.66 76.51
N THR P 74 101.34 66.67 75.90
CA THR P 74 102.48 67.35 76.49
C THR P 74 102.09 68.54 77.36
N GLY P 75 100.86 69.03 77.22
CA GLY P 75 100.41 70.18 77.98
C GLY P 75 100.53 71.50 77.26
N ASP P 76 100.51 71.50 75.92
CA ASP P 76 100.60 72.73 75.16
C ASP P 76 99.66 72.72 73.96
N GLY P 77 99.87 73.63 73.03
CA GLY P 77 99.07 73.69 71.82
C GLY P 77 98.12 74.87 71.84
N PRO P 78 96.86 74.62 71.55
CA PRO P 78 95.87 75.68 71.57
C PRO P 78 95.20 75.80 72.93
N ASP P 79 94.28 76.75 73.06
CA ASP P 79 93.38 76.72 74.19
C ASP P 79 92.02 76.16 73.80
N ILE P 80 91.49 76.57 72.64
CA ILE P 80 90.18 76.17 72.16
C ILE P 80 90.34 75.47 70.83
N ILE P 81 89.52 74.44 70.59
CA ILE P 81 89.53 73.70 69.33
C ILE P 81 88.10 73.46 68.86
N PHE P 82 87.84 73.79 67.59
CA PHE P 82 86.53 73.62 66.98
C PHE P 82 86.53 72.35 66.14
N TRP P 83 85.80 71.32 66.58
CA TRP P 83 85.81 70.05 65.87
C TRP P 83 84.56 69.26 66.25
N ALA P 84 84.41 68.09 65.64
CA ALA P 84 83.30 67.21 65.96
C ALA P 84 83.40 66.67 67.38
N HIS P 85 82.25 66.38 67.96
CA HIS P 85 82.17 66.00 69.37
C HIS P 85 82.61 64.56 69.61
N ASP P 86 82.58 63.70 68.59
CA ASP P 86 82.80 62.27 68.81
C ASP P 86 84.24 61.97 69.22
N ARG P 87 85.20 62.70 68.69
CA ARG P 87 86.57 62.56 69.15
C ARG P 87 86.82 63.37 70.42
N PHE P 88 85.89 64.25 70.80
CA PHE P 88 86.05 65.02 72.04
C PHE P 88 85.84 64.13 73.26
N GLY P 89 84.80 63.30 73.24
CA GLY P 89 84.52 62.42 74.36
C GLY P 89 85.67 61.46 74.64
N GLY P 90 86.27 60.92 73.58
CA GLY P 90 87.50 60.16 73.75
C GLY P 90 88.62 61.00 74.34
N TYR P 91 88.77 62.23 73.86
CA TYR P 91 89.71 63.14 74.49
C TYR P 91 89.21 63.67 75.82
N ALA P 92 87.92 63.46 76.13
CA ALA P 92 87.45 63.66 77.49
C ALA P 92 88.00 62.57 78.41
N GLN P 93 88.28 61.39 77.86
CA GLN P 93 88.96 60.35 78.62
C GLN P 93 90.45 60.66 78.72
N SER P 94 91.04 61.15 77.64
CA SER P 94 92.48 61.28 77.51
C SER P 94 93.07 62.46 78.29
N GLY P 95 92.25 63.19 79.05
CA GLY P 95 92.75 64.31 79.81
C GLY P 95 93.22 65.47 78.97
N LEU P 96 92.60 65.67 77.79
CA LEU P 96 92.99 66.73 76.88
C LEU P 96 91.93 67.80 76.69
N LEU P 97 90.68 67.53 77.04
CA LEU P 97 89.63 68.52 77.05
C LEU P 97 89.25 68.91 78.46
N ALA P 98 89.05 70.20 78.69
CA ALA P 98 88.76 70.71 80.02
C ALA P 98 87.27 70.59 80.33
N GLU P 99 86.97 70.19 81.57
CA GLU P 99 85.59 70.15 82.03
C GLU P 99 85.08 71.57 82.19
N ILE P 100 84.14 71.96 81.32
CA ILE P 100 83.62 73.33 81.35
C ILE P 100 82.63 73.47 82.50
N THR P 101 82.42 74.72 82.92
CA THR P 101 81.44 75.05 83.95
C THR P 101 80.53 76.15 83.40
N PRO P 102 79.50 75.79 82.63
CA PRO P 102 78.53 76.79 82.19
C PRO P 102 77.36 76.91 83.16
N ASP P 103 76.67 78.04 83.06
CA ASP P 103 75.52 78.30 83.91
CA ASP P 103 75.52 78.30 83.91
C ASP P 103 74.27 77.64 83.32
N LYS P 104 73.21 77.59 84.12
CA LYS P 104 71.97 76.97 83.69
C LYS P 104 71.16 77.87 82.78
N ALA P 105 71.24 79.19 82.97
CA ALA P 105 70.58 80.10 82.04
C ALA P 105 71.22 80.06 80.66
N PHE P 106 72.55 79.91 80.61
CA PHE P 106 73.21 79.74 79.32
C PHE P 106 72.94 78.36 78.75
N GLN P 107 72.68 77.37 79.60
CA GLN P 107 72.25 76.07 79.11
C GLN P 107 70.84 76.14 78.54
N ASP P 108 70.02 77.07 79.04
CA ASP P 108 68.73 77.35 78.40
C ASP P 108 68.89 78.17 77.13
N LYS P 109 69.95 78.98 77.05
CA LYS P 109 70.23 79.75 75.85
C LYS P 109 70.53 78.88 74.64
N LEU P 110 71.04 77.67 74.86
CA LEU P 110 71.32 76.72 73.80
C LEU P 110 70.32 75.57 73.87
N TYR P 111 70.30 74.78 72.81
CA TYR P 111 69.44 73.59 72.81
C TYR P 111 70.13 72.46 73.56
N PRO P 112 69.39 71.76 74.43
CA PRO P 112 70.02 70.70 75.24
C PRO P 112 70.44 69.48 74.45
N PHE P 113 69.76 69.18 73.34
CA PHE P 113 70.17 68.05 72.51
C PHE P 113 71.52 68.31 71.86
N THR P 114 71.93 69.57 71.75
CA THR P 114 73.32 69.87 71.41
C THR P 114 74.24 69.59 72.58
N TRP P 115 73.78 69.83 73.81
CA TRP P 115 74.60 69.55 74.98
C TRP P 115 74.78 68.05 75.22
N ASP P 116 73.89 67.22 74.69
CA ASP P 116 74.10 65.77 74.77
C ASP P 116 75.22 65.29 73.86
N ALA P 117 75.76 66.15 73.00
CA ALA P 117 76.87 65.75 72.13
C ALA P 117 78.21 65.74 72.86
N VAL P 118 78.34 66.56 73.90
CA VAL P 118 79.63 66.78 74.56
C VAL P 118 79.61 66.22 75.97
N ARG P 119 78.84 65.15 76.16
CA ARG P 119 78.78 64.45 77.44
C ARG P 119 79.76 63.28 77.45
N TYR P 120 80.43 63.09 78.58
CA TYR P 120 81.31 61.94 78.77
C TYR P 120 81.53 61.75 80.26
N ASN P 121 81.17 60.56 80.76
CA ASN P 121 81.27 60.21 82.19
C ASN P 121 80.52 61.23 83.06
N GLY P 122 79.40 61.73 82.56
CA GLY P 122 78.61 62.70 83.27
C GLY P 122 79.14 64.12 83.25
N LYS P 123 80.40 64.33 82.89
CA LYS P 123 80.99 65.66 82.88
C LYS P 123 80.76 66.33 81.53
N LEU P 124 80.81 67.65 81.53
CA LEU P 124 80.54 68.45 80.34
C LEU P 124 81.85 69.07 79.89
N ILE P 125 82.18 68.90 78.61
CA ILE P 125 83.54 69.11 78.14
C ILE P 125 83.69 70.26 77.16
N ALA P 126 82.63 70.66 76.46
CA ALA P 126 82.80 71.61 75.37
C ALA P 126 81.47 72.30 75.09
N TYR P 127 81.56 73.49 74.50
CA TYR P 127 80.37 74.25 74.14
C TYR P 127 79.99 73.96 72.71
N PRO P 128 78.78 73.47 72.44
CA PRO P 128 78.40 73.20 71.05
C PRO P 128 78.12 74.50 70.30
N ILE P 129 78.58 74.57 69.06
CA ILE P 129 78.31 75.73 68.22
C ILE P 129 77.44 75.30 67.05
N ALA P 130 77.94 74.40 66.22
CA ALA P 130 77.27 74.02 64.99
C ALA P 130 76.72 72.61 65.10
N VAL P 131 75.61 72.36 64.40
CA VAL P 131 74.93 71.08 64.44
C VAL P 131 74.64 70.65 63.01
N GLU P 132 74.92 69.39 62.69
CA GLU P 132 74.89 68.89 61.33
C GLU P 132 73.97 67.67 61.25
N ALA P 133 73.19 67.61 60.17
CA ALA P 133 72.24 66.53 59.97
C ALA P 133 71.89 66.45 58.49
N LEU P 134 71.68 65.23 58.01
CA LEU P 134 71.39 64.99 56.60
C LEU P 134 69.89 65.24 56.34
N SER P 135 69.60 65.91 55.23
CA SER P 135 68.24 66.28 54.89
C SER P 135 67.96 65.91 53.44
N LEU P 136 66.68 65.97 53.07
CA LEU P 136 66.27 65.60 51.72
C LEU P 136 66.37 66.83 50.83
N ILE P 137 67.02 66.67 49.68
CA ILE P 137 67.15 67.72 48.68
C ILE P 137 66.37 67.26 47.45
N TYR P 138 65.44 68.10 47.00
CA TYR P 138 64.53 67.72 45.93
C TYR P 138 64.49 68.78 44.85
N ASN P 139 64.35 68.32 43.60
CA ASN P 139 64.02 69.21 42.49
C ASN P 139 62.56 69.63 42.61
N LYS P 140 62.32 70.94 42.66
CA LYS P 140 60.95 71.43 42.76
C LYS P 140 60.19 71.22 41.46
N ASP P 141 60.89 71.16 40.32
CA ASP P 141 60.22 71.01 39.05
C ASP P 141 59.76 69.57 38.82
N LEU P 142 60.66 68.61 39.05
CA LEU P 142 60.31 67.21 38.87
C LEU P 142 59.26 66.75 39.88
N LEU P 143 59.25 67.35 41.07
CA LEU P 143 58.23 66.98 42.04
C LEU P 143 57.81 68.22 42.84
N PRO P 144 56.62 68.76 42.55
CA PRO P 144 56.18 69.96 43.30
C PRO P 144 55.74 69.66 44.72
N ASN P 145 55.42 68.41 45.04
CA ASN P 145 54.89 68.06 46.36
C ASN P 145 55.65 66.86 46.90
N PRO P 146 56.57 67.06 47.85
CA PRO P 146 57.36 65.94 48.35
C PRO P 146 56.50 64.97 49.14
N PRO P 147 56.89 63.70 49.20
CA PRO P 147 56.16 62.74 50.03
C PRO P 147 56.72 62.68 51.44
N LYS P 148 55.87 62.21 52.36
CA LYS P 148 56.23 62.14 53.77
C LYS P 148 56.40 60.71 54.26
N THR P 149 56.26 59.71 53.38
CA THR P 149 56.46 58.32 53.75
C THR P 149 57.48 57.69 52.81
N TRP P 150 58.32 56.81 53.37
CA TRP P 150 59.22 56.03 52.54
C TRP P 150 58.45 55.00 51.72
N GLU P 151 57.32 54.53 52.25
CA GLU P 151 56.47 53.58 51.54
C GLU P 151 55.90 54.18 50.26
N GLU P 152 55.94 55.50 50.11
CA GLU P 152 55.51 56.15 48.87
C GLU P 152 56.60 56.12 47.81
N ILE P 153 57.86 56.01 48.20
CA ILE P 153 58.99 56.11 47.28
C ILE P 153 59.00 55.05 46.18
N PRO P 154 58.70 53.76 46.44
CA PRO P 154 58.66 52.81 45.31
C PRO P 154 57.64 53.17 44.24
N ALA P 155 56.40 53.45 44.65
CA ALA P 155 55.33 53.73 43.71
C ALA P 155 55.66 54.92 42.82
N LEU P 156 56.10 56.03 43.42
CA LEU P 156 56.45 57.20 42.62
C LEU P 156 57.65 56.94 41.71
N ASP P 157 58.51 55.99 42.09
CA ASP P 157 59.60 55.62 41.21
C ASP P 157 59.07 55.07 39.90
N LYS P 158 57.96 54.34 39.96
CA LYS P 158 57.30 53.84 38.75
C LYS P 158 56.89 54.98 37.84
N GLU P 159 56.64 56.17 38.39
CA GLU P 159 56.37 57.32 37.54
C GLU P 159 57.62 57.78 36.82
N LEU P 160 58.76 57.86 37.52
CA LEU P 160 59.91 58.55 36.96
C LEU P 160 60.58 57.76 35.85
N LYS P 161 60.53 56.42 35.92
CA LYS P 161 61.00 55.62 34.79
C LYS P 161 60.13 55.82 33.55
N ALA P 162 58.91 56.32 33.73
CA ALA P 162 58.06 56.72 32.61
C ALA P 162 58.47 58.06 32.01
N LYS P 163 59.33 58.81 32.68
CA LYS P 163 59.89 60.04 32.13
C LYS P 163 61.38 59.92 31.85
N GLY P 164 61.95 58.74 32.03
CA GLY P 164 63.39 58.58 31.90
C GLY P 164 64.17 59.13 33.08
N LYS P 165 63.55 59.16 34.26
CA LYS P 165 64.17 59.71 35.47
C LYS P 165 64.24 58.63 36.54
N SER P 166 65.00 58.91 37.59
CA SER P 166 65.11 58.03 38.74
C SER P 166 64.63 58.75 39.98
N ALA P 167 64.05 57.99 40.91
CA ALA P 167 63.48 58.60 42.11
C ALA P 167 64.55 59.01 43.10
N LEU P 168 65.33 58.05 43.59
CA LEU P 168 66.31 58.31 44.64
C LEU P 168 67.64 57.67 44.23
N MET P 169 68.71 58.43 44.39
CA MET P 169 70.06 57.93 44.11
C MET P 169 71.01 58.60 45.10
N PHE P 170 71.68 57.81 45.92
CA PHE P 170 72.59 58.33 46.92
C PHE P 170 73.73 57.33 47.13
N ASN P 171 74.58 57.61 48.12
CA ASN P 171 75.73 56.78 48.40
C ASN P 171 75.30 55.59 49.26
N LEU P 172 75.29 54.40 48.66
CA LEU P 172 74.98 53.17 49.37
C LEU P 172 76.22 52.52 49.97
N GLN P 173 77.40 53.06 49.71
CA GLN P 173 78.64 52.46 50.19
C GLN P 173 79.00 52.84 51.62
N GLU P 174 78.14 53.62 52.29
CA GLU P 174 78.40 54.04 53.65
C GLU P 174 77.19 53.76 54.54
N PRO P 175 77.42 53.31 55.78
CA PRO P 175 76.30 53.27 56.74
C PRO P 175 75.83 54.65 57.17
N TYR P 176 76.66 55.68 56.97
CA TYR P 176 76.31 57.04 57.37
C TYR P 176 75.09 57.55 56.60
N PHE P 177 74.89 57.07 55.37
CA PHE P 177 73.71 57.47 54.60
C PHE P 177 72.51 56.60 54.95
N THR P 178 72.74 55.30 55.16
CA THR P 178 71.64 54.34 55.30
C THR P 178 71.06 54.29 56.71
N TRP P 179 71.79 54.76 57.72
CA TRP P 179 71.34 54.65 59.10
C TRP P 179 70.04 55.39 59.44
N PRO P 180 69.68 56.52 58.80
CA PRO P 180 68.34 57.08 59.04
C PRO P 180 67.20 56.10 58.81
N LEU P 181 67.22 55.34 57.73
CA LEU P 181 66.10 54.46 57.41
C LEU P 181 66.09 53.21 58.28
N ILE P 182 67.23 52.52 58.38
CA ILE P 182 67.26 51.22 59.03
C ILE P 182 67.06 51.35 60.53
N ALA P 183 67.55 52.42 61.14
CA ALA P 183 67.47 52.61 62.58
C ALA P 183 66.31 53.50 63.00
N ALA P 184 65.36 53.75 62.10
CA ALA P 184 64.28 54.67 62.42
C ALA P 184 63.28 54.05 63.39
N ASP P 185 62.97 52.77 63.21
CA ASP P 185 61.90 52.09 63.93
C ASP P 185 62.41 51.05 64.92
N GLY P 186 63.59 51.26 65.51
CA GLY P 186 64.06 50.34 66.52
C GLY P 186 65.56 50.10 66.56
N GLY P 187 66.27 50.56 65.53
CA GLY P 187 67.72 50.44 65.53
C GLY P 187 68.40 51.60 66.22
N TYR P 188 69.55 51.32 66.83
CA TYR P 188 70.35 52.34 67.50
C TYR P 188 71.75 51.78 67.69
N ALA P 189 72.77 52.61 67.41
CA ALA P 189 74.15 52.14 67.38
C ALA P 189 74.60 51.60 68.73
N PHE P 190 74.63 52.46 69.75
CA PHE P 190 74.92 52.05 71.11
C PHE P 190 73.87 52.63 72.03
N LYS P 191 73.52 51.89 73.09
CA LYS P 191 72.57 52.44 74.05
C LYS P 191 73.23 53.60 74.81
N TYR P 192 72.60 54.77 74.74
CA TYR P 192 73.16 56.02 75.24
C TYR P 192 72.19 56.66 76.22
N GLU P 193 72.54 56.64 77.51
CA GLU P 193 71.69 57.20 78.55
C GLU P 193 72.55 57.89 79.59
N ASN P 194 72.06 59.03 80.11
CA ASN P 194 72.72 59.78 81.19
C ASN P 194 74.15 60.18 80.84
N GLY P 195 74.41 60.41 79.55
CA GLY P 195 75.75 60.77 79.12
C GLY P 195 76.73 59.61 79.02
N LYS P 196 76.25 58.38 78.99
CA LYS P 196 77.10 57.20 78.95
C LYS P 196 76.67 56.28 77.82
N TYR P 197 77.64 55.81 77.03
CA TYR P 197 77.38 54.86 75.95
C TYR P 197 77.68 53.44 76.44
N ASP P 198 76.68 52.58 76.40
CA ASP P 198 76.84 51.20 76.84
C ASP P 198 77.54 50.38 75.75
N ILE P 199 78.61 49.69 76.13
CA ILE P 199 79.41 48.98 75.15
C ILE P 199 78.79 47.62 74.81
N LYS P 200 78.18 46.96 75.80
CA LYS P 200 77.51 45.69 75.60
C LYS P 200 76.16 45.81 74.90
N ASP P 201 75.77 47.03 74.52
CA ASP P 201 74.40 47.25 74.05
C ASP P 201 74.45 47.89 72.65
N VAL P 202 75.13 47.19 71.74
CA VAL P 202 75.18 47.52 70.32
C VAL P 202 73.88 47.02 69.71
N GLY P 203 72.98 47.94 69.36
CA GLY P 203 71.69 47.53 68.82
C GLY P 203 71.63 47.42 67.31
N VAL P 204 71.83 46.22 66.78
CA VAL P 204 71.51 45.94 65.39
C VAL P 204 70.65 44.69 65.23
N ASP P 205 70.51 43.87 66.27
CA ASP P 205 69.65 42.69 66.24
C ASP P 205 68.26 43.04 66.76
N ASN P 206 67.64 44.03 66.13
CA ASN P 206 66.33 44.52 66.51
C ASN P 206 65.37 44.42 65.32
N ALA P 207 64.08 44.35 65.64
CA ALA P 207 63.06 44.22 64.60
C ALA P 207 63.01 45.46 63.71
N GLY P 208 63.34 46.63 64.26
CA GLY P 208 63.37 47.83 63.45
C GLY P 208 64.48 47.81 62.42
N ALA P 209 65.67 47.36 62.82
CA ALA P 209 66.76 47.22 61.86
C ALA P 209 66.42 46.20 60.79
N LYS P 210 65.74 45.11 61.19
CA LYS P 210 65.26 44.13 60.22
C LYS P 210 64.31 44.76 59.22
N ALA P 211 63.35 45.56 59.72
CA ALA P 211 62.37 46.18 58.83
C ALA P 211 63.03 47.16 57.87
N GLY P 212 63.98 47.96 58.38
CA GLY P 212 64.66 48.90 57.51
C GLY P 212 65.51 48.22 56.45
N LEU P 213 66.21 47.14 56.82
CA LEU P 213 67.05 46.48 55.83
C LEU P 213 66.21 45.70 54.82
N THR P 214 65.07 45.14 55.24
CA THR P 214 64.15 44.56 54.27
C THR P 214 63.57 45.62 53.33
N PHE P 215 63.29 46.82 53.84
CA PHE P 215 62.84 47.87 52.92
C PHE P 215 63.95 48.25 51.94
N LEU P 216 65.20 48.22 52.40
CA LEU P 216 66.32 48.46 51.50
C LEU P 216 66.41 47.38 50.43
N VAL P 217 66.25 46.11 50.80
CA VAL P 217 66.33 45.05 49.80
C VAL P 217 65.09 45.04 48.90
N ASP P 218 63.97 45.61 49.34
CA ASP P 218 62.86 45.79 48.42
C ASP P 218 63.10 46.93 47.46
N LEU P 219 63.80 47.98 47.90
CA LEU P 219 64.14 49.06 46.98
C LEU P 219 65.21 48.62 45.99
N ILE P 220 66.06 47.67 46.36
CA ILE P 220 67.13 47.26 45.46
C ILE P 220 66.74 46.05 44.61
N LYS P 221 65.84 45.18 45.10
CA LYS P 221 65.49 43.98 44.36
C LYS P 221 64.70 44.31 43.11
N ASN P 222 63.66 45.15 43.24
CA ASN P 222 62.86 45.58 42.11
C ASN P 222 63.54 46.67 41.29
N LYS P 223 64.81 46.95 41.56
CA LYS P 223 65.64 47.84 40.74
C LYS P 223 65.11 49.27 40.73
N HIS P 224 64.68 49.76 41.90
CA HIS P 224 64.40 51.17 42.04
C HIS P 224 65.69 51.98 42.03
N MET P 225 66.72 51.47 42.69
CA MET P 225 68.05 52.05 42.67
C MET P 225 69.06 50.99 42.24
N ASN P 226 70.33 51.38 42.20
CA ASN P 226 71.43 50.46 41.94
C ASN P 226 72.21 50.23 43.23
N ALA P 227 72.91 49.08 43.26
CA ALA P 227 73.68 48.72 44.45
C ALA P 227 75.11 49.24 44.39
N ASP P 228 75.68 49.37 43.20
CA ASP P 228 77.04 49.86 43.05
C ASP P 228 77.13 51.38 42.99
N THR P 229 76.01 52.07 43.21
CA THR P 229 76.05 53.52 43.19
C THR P 229 76.74 54.05 44.44
N ASP P 230 77.16 55.31 44.36
CA ASP P 230 77.84 55.97 45.47
C ASP P 230 77.52 57.46 45.39
N TYR P 231 78.36 58.26 46.05
CA TYR P 231 78.07 59.67 46.24
C TYR P 231 78.29 60.48 44.96
N SER P 232 79.33 60.14 44.19
CA SER P 232 79.71 60.97 43.05
CA SER P 232 79.71 60.96 43.04
C SER P 232 78.65 60.90 41.95
N ILE P 233 78.28 59.68 41.54
CA ILE P 233 77.27 59.53 40.49
C ILE P 233 75.95 60.14 40.93
N ALA P 234 75.59 59.96 42.20
CA ALA P 234 74.36 60.51 42.74
C ALA P 234 74.33 62.02 42.64
N GLU P 235 75.33 62.69 43.21
CA GLU P 235 75.35 64.14 43.21
C GLU P 235 75.51 64.71 41.80
N ALA P 236 76.29 64.06 40.95
CA ALA P 236 76.45 64.54 39.58
C ALA P 236 75.16 64.41 38.78
N ALA P 237 74.42 63.31 38.97
CA ALA P 237 73.16 63.16 38.29
C ALA P 237 72.10 64.11 38.83
N PHE P 238 72.14 64.41 40.12
CA PHE P 238 71.19 65.37 40.67
C PHE P 238 71.52 66.79 40.20
N ASN P 239 72.80 67.10 40.02
CA ASN P 239 73.17 68.40 39.45
C ASN P 239 72.69 68.53 38.01
N LYS P 240 72.67 67.42 37.27
CA LYS P 240 72.04 67.44 35.94
C LYS P 240 70.53 67.41 36.03
N GLY P 241 69.98 66.96 37.15
CA GLY P 241 68.53 66.87 37.30
C GLY P 241 67.95 65.58 36.78
N GLU P 242 68.70 64.49 36.81
CA GLU P 242 68.19 63.20 36.36
C GLU P 242 67.46 62.45 37.47
N THR P 243 68.08 62.33 38.64
CA THR P 243 67.40 61.82 39.83
C THR P 243 66.79 63.01 40.56
N ALA P 244 65.58 62.82 41.07
CA ALA P 244 64.84 63.93 41.69
C ALA P 244 65.12 64.07 43.18
N MET P 245 65.28 62.97 43.91
CA MET P 245 65.50 63.02 45.35
C MET P 245 66.95 62.70 45.66
N THR P 246 67.47 63.33 46.71
CA THR P 246 68.74 62.89 47.28
C THR P 246 68.74 63.23 48.77
N ILE P 247 69.70 62.62 49.48
CA ILE P 247 69.88 62.87 50.90
C ILE P 247 71.30 63.35 51.11
N ASN P 248 71.45 64.50 51.76
CA ASN P 248 72.76 65.12 51.87
C ASN P 248 72.78 66.09 53.03
N GLY P 249 73.98 66.33 53.55
CA GLY P 249 74.20 67.32 54.57
C GLY P 249 74.42 68.69 53.96
N PRO P 250 75.12 69.56 54.68
CA PRO P 250 75.34 70.93 54.17
C PRO P 250 76.40 71.02 53.09
N TRP P 251 77.39 70.13 53.12
CA TRP P 251 78.62 70.32 52.35
C TRP P 251 78.40 70.33 50.84
N ALA P 252 77.28 69.80 50.36
CA ALA P 252 77.02 69.77 48.93
C ALA P 252 76.05 70.85 48.47
N TRP P 253 75.53 71.66 49.41
CA TRP P 253 74.50 72.65 49.08
C TRP P 253 74.97 73.59 47.98
N SER P 254 76.14 74.20 48.18
CA SER P 254 76.69 75.11 47.17
C SER P 254 76.90 74.42 45.84
N ASN P 255 77.25 73.12 45.86
CA ASN P 255 77.39 72.36 44.62
C ASN P 255 76.08 72.34 43.86
N ILE P 256 74.96 72.14 44.56
CA ILE P 256 73.66 72.21 43.90
C ILE P 256 73.36 73.64 43.47
N ASP P 257 73.90 74.62 44.19
CA ASP P 257 73.81 76.00 43.74
C ASP P 257 74.67 76.29 42.52
N THR P 258 75.55 75.36 42.12
CA THR P 258 76.17 75.47 40.80
C THR P 258 75.24 74.99 39.71
N SER P 259 74.31 74.09 40.04
CA SER P 259 73.41 73.54 39.03
CA SER P 259 73.40 73.54 39.04
C SER P 259 72.34 74.53 38.60
N LYS P 260 72.02 75.52 39.43
CA LYS P 260 70.94 76.49 39.21
C LYS P 260 69.59 75.81 39.04
N VAL P 261 69.47 74.57 39.52
CA VAL P 261 68.20 73.87 39.51
C VAL P 261 67.32 74.45 40.61
N ASN P 262 66.06 74.72 40.30
CA ASN P 262 65.15 75.24 41.31
C ASN P 262 64.83 74.13 42.30
N TYR P 263 65.58 74.07 43.39
CA TYR P 263 65.50 72.97 44.34
C TYR P 263 65.07 73.46 45.71
N GLY P 264 64.54 72.52 46.50
CA GLY P 264 64.21 72.78 47.88
C GLY P 264 64.82 71.72 48.79
N VAL P 265 64.77 72.01 50.09
CA VAL P 265 65.30 71.13 51.12
C VAL P 265 64.22 70.93 52.17
N THR P 266 64.01 69.67 52.56
CA THR P 266 63.00 69.35 53.55
C THR P 266 63.48 68.19 54.42
N VAL P 267 62.63 67.83 55.38
CA VAL P 267 62.91 66.71 56.25
C VAL P 267 62.74 65.40 55.47
N LEU P 268 63.48 64.38 55.90
CA LEU P 268 63.31 63.06 55.33
C LEU P 268 61.92 62.51 55.70
N PRO P 269 61.34 61.68 54.83
CA PRO P 269 60.05 61.07 55.15
C PRO P 269 60.14 60.16 56.37
N THR P 270 59.01 60.00 57.05
CA THR P 270 58.91 59.05 58.14
C THR P 270 58.64 57.66 57.57
N PHE P 271 58.88 56.64 58.39
CA PHE P 271 58.77 55.26 57.94
C PHE P 271 58.03 54.46 59.00
N LYS P 272 56.87 53.93 58.61
CA LYS P 272 55.98 53.18 59.51
C LYS P 272 55.57 54.01 60.73
N GLY P 273 55.56 55.33 60.58
CA GLY P 273 55.30 56.24 61.67
C GLY P 273 56.54 56.69 62.41
N GLN P 274 57.57 55.86 62.47
CA GLN P 274 58.81 56.24 63.12
C GLN P 274 59.66 57.07 62.17
N PRO P 275 59.99 58.32 62.50
CA PRO P 275 60.76 59.15 61.57
C PRO P 275 62.21 58.71 61.51
N SER P 276 62.87 59.15 60.43
CA SER P 276 64.27 58.80 60.19
C SER P 276 65.16 59.36 61.28
N LYS P 277 66.37 58.80 61.37
CA LYS P 277 67.30 59.10 62.47
C LYS P 277 68.70 59.31 61.91
N PRO P 278 68.99 60.50 61.40
CA PRO P 278 70.34 60.77 60.88
C PRO P 278 71.35 61.00 62.00
N PHE P 279 72.61 60.79 61.65
CA PHE P 279 73.69 61.10 62.58
C PHE P 279 73.83 62.60 62.77
N VAL P 280 73.71 63.03 64.01
CA VAL P 280 73.85 64.44 64.39
C VAL P 280 75.33 64.70 64.67
N GLY P 281 75.97 65.45 63.78
CA GLY P 281 77.37 65.78 63.98
C GLY P 281 77.54 67.19 64.50
N VAL P 282 78.02 67.33 65.73
CA VAL P 282 78.01 68.62 66.41
C VAL P 282 79.44 69.13 66.48
N LEU P 283 79.68 70.24 65.78
CA LEU P 283 80.92 70.99 65.92
C LEU P 283 80.87 71.79 67.22
N SER P 284 81.75 71.44 68.15
CA SER P 284 81.87 72.09 69.44
C SER P 284 83.29 72.58 69.63
N ALA P 285 83.46 73.46 70.63
CA ALA P 285 84.74 74.08 70.94
C ALA P 285 85.20 73.53 72.29
N GLY P 286 86.16 72.61 72.24
CA GLY P 286 86.74 72.04 73.44
C GLY P 286 87.86 72.92 73.98
N ILE P 287 87.86 73.10 75.30
CA ILE P 287 88.93 73.80 76.00
C ILE P 287 89.96 72.76 76.40
N ASN P 288 91.24 73.08 76.20
CA ASN P 288 92.30 72.14 76.54
C ASN P 288 92.33 71.92 78.06
N ALA P 289 92.54 70.66 78.46
CA ALA P 289 92.51 70.31 79.88
C ALA P 289 93.77 70.74 80.62
N ALA P 290 94.84 71.10 79.91
CA ALA P 290 96.04 71.64 80.54
C ALA P 290 96.01 73.16 80.62
N SER P 291 94.89 73.77 80.26
CA SER P 291 94.81 75.23 80.20
C SER P 291 94.69 75.82 81.60
N PRO P 292 95.52 76.80 81.94
CA PRO P 292 95.21 77.71 83.06
C PRO P 292 94.39 78.92 82.64
N ASN P 293 93.72 78.88 81.49
CA ASN P 293 93.01 80.02 80.92
C ASN P 293 91.52 79.74 80.86
N LYS P 294 90.96 79.19 81.94
CA LYS P 294 89.59 78.67 81.91
C LYS P 294 88.57 79.78 81.74
N GLU P 295 88.59 80.78 82.62
CA GLU P 295 87.55 81.80 82.65
C GLU P 295 87.60 82.71 81.42
N LEU P 296 88.79 82.98 80.90
CA LEU P 296 88.92 83.83 79.71
C LEU P 296 88.24 83.17 78.51
N ALA P 297 88.56 81.90 78.25
CA ALA P 297 87.95 81.21 77.13
C ALA P 297 86.46 80.96 77.35
N LYS P 298 86.06 80.74 78.61
CA LYS P 298 84.64 80.59 78.88
C LYS P 298 83.87 81.87 78.60
N GLU P 299 84.46 83.02 78.95
CA GLU P 299 83.84 84.31 78.64
CA GLU P 299 83.84 84.31 78.64
C GLU P 299 83.77 84.52 77.13
N PHE P 300 84.86 84.20 76.41
CA PHE P 300 84.87 84.36 74.97
C PHE P 300 83.86 83.45 74.29
N LEU P 301 83.63 82.26 74.83
CA LEU P 301 82.69 81.33 74.22
C LEU P 301 81.24 81.68 74.55
N GLU P 302 80.97 82.16 75.76
CA GLU P 302 79.59 82.38 76.18
C GLU P 302 79.08 83.76 75.80
N ASN P 303 79.87 84.81 76.05
CA ASN P 303 79.38 86.17 75.84
C ASN P 303 79.69 86.71 74.45
N TYR P 304 80.57 86.06 73.69
CA TYR P 304 80.92 86.54 72.35
C TYR P 304 80.64 85.51 71.27
N LEU P 305 81.04 84.26 71.46
CA LEU P 305 80.83 83.24 70.42
C LEU P 305 79.38 82.81 70.33
N LEU P 306 78.85 82.23 71.41
CA LEU P 306 77.52 81.64 71.38
C LEU P 306 76.43 82.68 71.65
N THR P 307 76.50 83.78 70.90
CA THR P 307 75.53 84.86 70.90
C THR P 307 75.13 85.13 69.45
N ASP P 308 74.29 86.15 69.25
CA ASP P 308 73.84 86.45 67.90
C ASP P 308 74.97 86.99 67.03
N GLU P 309 75.73 87.95 67.56
CA GLU P 309 76.71 88.62 66.71
C GLU P 309 77.93 87.75 66.43
N GLY P 310 78.29 86.83 67.33
CA GLY P 310 79.43 85.98 67.07
C GLY P 310 79.17 84.96 65.97
N LEU P 311 78.03 84.26 66.07
CA LEU P 311 77.64 83.34 65.01
C LEU P 311 77.33 84.09 63.72
N GLU P 312 76.84 85.33 63.81
CA GLU P 312 76.64 86.13 62.60
C GLU P 312 77.98 86.42 61.92
N ALA P 313 78.97 86.86 62.70
CA ALA P 313 80.27 87.20 62.15
C ALA P 313 80.98 85.99 61.56
N VAL P 314 80.83 84.81 62.19
CA VAL P 314 81.47 83.65 61.58
C VAL P 314 80.69 83.18 60.34
N ASN P 315 79.36 83.37 60.33
CA ASN P 315 78.57 82.92 59.18
C ASN P 315 78.66 83.86 57.98
N LYS P 316 79.14 85.10 58.16
CA LYS P 316 79.35 85.95 56.99
C LYS P 316 80.41 85.38 56.06
N ASP P 317 81.42 84.69 56.60
CA ASP P 317 82.41 84.05 55.74
C ASP P 317 81.98 82.65 55.32
N LYS P 318 81.77 81.76 56.30
CA LYS P 318 81.29 80.41 56.02
C LYS P 318 80.20 80.07 57.04
N PRO P 319 79.05 79.58 56.59
CA PRO P 319 77.95 79.31 57.51
C PRO P 319 78.20 78.07 58.36
N LEU P 320 77.32 77.88 59.34
CA LEU P 320 77.34 76.73 60.21
C LEU P 320 76.07 75.88 60.12
N GLY P 321 75.13 76.26 59.27
CA GLY P 321 73.92 75.46 59.10
C GLY P 321 73.03 75.61 60.31
N ALA P 322 72.71 74.47 60.94
CA ALA P 322 72.00 74.48 62.21
C ALA P 322 72.99 74.73 63.32
N VAL P 323 72.72 75.75 64.14
CA VAL P 323 73.62 76.09 65.25
C VAL P 323 72.98 75.63 66.55
N ALA P 324 73.69 75.80 67.66
CA ALA P 324 73.20 75.36 68.96
C ALA P 324 72.46 76.44 69.73
N LEU P 325 72.74 77.71 69.47
CA LEU P 325 72.07 78.79 70.20
C LEU P 325 70.67 79.01 69.66
N LYS P 326 69.70 79.15 70.57
CA LYS P 326 68.29 79.12 70.20
C LYS P 326 67.90 80.37 69.41
N SER P 327 68.32 81.54 69.88
CA SER P 327 67.96 82.78 69.19
C SER P 327 68.56 82.85 67.79
N TYR P 328 69.81 82.44 67.65
CA TYR P 328 70.42 82.42 66.32
C TYR P 328 69.81 81.34 65.43
N GLU P 329 69.28 80.26 66.02
CA GLU P 329 68.48 79.33 65.24
C GLU P 329 67.20 79.98 64.76
N GLU P 330 66.59 80.85 65.57
CA GLU P 330 65.41 81.56 65.08
C GLU P 330 65.77 82.56 63.99
N GLU P 331 66.96 83.16 64.06
CA GLU P 331 67.42 84.03 62.97
C GLU P 331 67.66 83.24 61.69
N LEU P 332 68.29 82.07 61.78
CA LEU P 332 68.61 81.31 60.58
C LEU P 332 67.47 80.43 60.09
N ALA P 333 66.40 80.27 60.86
CA ALA P 333 65.32 79.38 60.45
C ALA P 333 64.49 79.93 59.29
N LYS P 334 64.73 81.17 58.84
CA LYS P 334 64.07 81.63 57.62
C LYS P 334 64.60 80.93 56.38
N ASP P 335 65.81 80.40 56.44
CA ASP P 335 66.31 79.55 55.37
C ASP P 335 65.75 78.15 55.59
N PRO P 336 64.95 77.61 54.67
CA PRO P 336 64.32 76.30 54.92
C PRO P 336 65.31 75.15 55.00
N ARG P 337 66.50 75.30 54.40
CA ARG P 337 67.55 74.30 54.58
C ARG P 337 67.94 74.19 56.06
N ILE P 338 67.99 75.33 56.75
CA ILE P 338 68.38 75.35 58.15
C ILE P 338 67.28 74.71 59.01
N ALA P 339 66.02 74.96 58.67
CA ALA P 339 64.91 74.35 59.40
C ALA P 339 64.89 72.83 59.21
N ALA P 340 65.12 72.39 57.97
CA ALA P 340 65.19 70.95 57.71
C ALA P 340 66.36 70.31 58.45
N THR P 341 67.50 71.00 58.47
CA THR P 341 68.67 70.48 59.18
C THR P 341 68.40 70.36 60.67
N MET P 342 67.75 71.38 61.28
CA MET P 342 67.53 71.30 62.71
C MET P 342 66.46 70.28 63.07
N GLU P 343 65.45 70.09 62.23
CA GLU P 343 64.47 69.06 62.57
C GLU P 343 65.03 67.65 62.39
N ASN P 344 65.85 67.42 61.36
CA ASN P 344 66.53 66.13 61.26
C ASN P 344 67.54 65.93 62.38
N ALA P 345 68.14 67.02 62.88
CA ALA P 345 69.09 66.90 63.98
C ALA P 345 68.38 66.60 65.29
N GLN P 346 67.23 67.21 65.53
CA GLN P 346 66.51 66.96 66.77
C GLN P 346 65.79 65.62 66.76
N LYS P 347 65.48 65.07 65.59
CA LYS P 347 64.92 63.73 65.53
C LYS P 347 65.96 62.66 65.21
N GLY P 348 67.23 63.04 65.10
CA GLY P 348 68.29 62.11 64.74
C GLY P 348 68.99 61.51 65.94
N GLU P 349 69.98 60.67 65.64
CA GLU P 349 70.79 60.02 66.66
C GLU P 349 72.12 60.75 66.78
N ILE P 350 72.51 61.08 68.02
CA ILE P 350 73.77 61.76 68.24
C ILE P 350 74.92 60.79 68.00
N MET P 351 76.00 61.29 67.42
CA MET P 351 77.12 60.44 67.10
CA MET P 351 77.13 60.44 67.10
C MET P 351 77.83 59.97 68.36
N PRO P 352 78.18 58.69 68.46
CA PRO P 352 78.86 58.19 69.66
C PRO P 352 80.29 58.70 69.77
N ASN P 353 80.71 58.94 71.01
CA ASN P 353 82.04 59.44 71.32
C ASN P 353 83.01 58.33 71.71
N ILE P 354 82.69 57.08 71.38
CA ILE P 354 83.42 55.93 71.88
C ILE P 354 84.20 55.26 70.75
N PRO P 355 85.32 54.58 71.04
CA PRO P 355 86.12 54.00 69.94
C PRO P 355 85.54 52.73 69.34
N GLN P 356 84.65 52.02 70.04
CA GLN P 356 84.01 50.84 69.47
C GLN P 356 83.22 51.19 68.22
N MET P 357 82.78 52.44 68.11
CA MET P 357 82.14 52.95 66.90
C MET P 357 82.96 52.64 65.64
N SER P 358 84.30 52.65 65.77
CA SER P 358 85.15 52.29 64.63
C SER P 358 84.83 50.90 64.11
N ALA P 359 84.77 49.91 65.02
CA ALA P 359 84.37 48.56 64.60
C ALA P 359 82.96 48.55 64.03
N PHE P 360 82.09 49.44 64.54
CA PHE P 360 80.79 49.66 63.93
C PHE P 360 80.93 49.97 62.45
N TRP P 361 81.76 50.96 62.12
CA TRP P 361 81.98 51.30 60.72
C TRP P 361 82.70 50.21 59.95
N TYR P 362 83.25 49.22 60.65
CA TYR P 362 83.78 48.04 59.98
C TYR P 362 82.77 46.91 59.94
N ALA P 363 81.85 46.85 60.90
CA ALA P 363 80.91 45.73 60.93
C ALA P 363 79.70 45.96 60.03
N VAL P 364 78.89 46.99 60.36
CA VAL P 364 77.60 47.15 59.71
C VAL P 364 77.74 47.51 58.24
N ARG P 365 78.85 48.13 57.85
CA ARG P 365 79.11 48.35 56.43
C ARG P 365 79.13 47.03 55.67
N THR P 366 79.87 46.04 56.18
CA THR P 366 79.86 44.73 55.56
C THR P 366 78.45 44.14 55.50
N ALA P 367 77.62 44.51 56.47
CA ALA P 367 76.22 44.07 56.46
C ALA P 367 75.53 44.48 55.16
N VAL P 368 75.65 45.75 54.77
CA VAL P 368 74.98 46.14 53.52
C VAL P 368 75.73 45.57 52.33
N ILE P 369 77.02 45.25 52.49
CA ILE P 369 77.74 44.59 51.41
C ILE P 369 77.23 43.17 51.26
N ASN P 370 76.66 42.59 52.32
CA ASN P 370 75.97 41.32 52.17
C ASN P 370 74.50 41.49 51.84
N ALA P 371 73.96 42.71 51.91
CA ALA P 371 72.55 42.95 51.69
C ALA P 371 72.24 43.36 50.26
N ALA P 372 72.81 44.49 49.80
CA ALA P 372 72.57 44.96 48.44
C ALA P 372 73.18 44.05 47.40
N SER P 373 74.24 43.31 47.76
CA SER P 373 74.81 42.31 46.87
C SER P 373 74.10 40.97 46.96
N GLY P 374 73.39 40.70 48.05
CA GLY P 374 72.67 39.46 48.19
C GLY P 374 73.52 38.25 48.47
N ARG P 375 74.73 38.45 48.98
CA ARG P 375 75.54 37.30 49.40
C ARG P 375 74.94 36.63 50.62
N GLN P 376 74.41 37.42 51.54
CA GLN P 376 73.65 36.95 52.68
C GLN P 376 72.24 37.52 52.61
N THR P 377 71.42 37.17 53.59
CA THR P 377 70.08 37.71 53.68
C THR P 377 70.11 38.93 54.61
N VAL P 378 68.95 39.39 55.04
CA VAL P 378 68.87 40.50 56.00
C VAL P 378 69.40 40.08 57.36
N ASP P 379 68.82 39.02 57.93
CA ASP P 379 69.17 38.59 59.28
C ASP P 379 70.62 38.11 59.36
N GLU P 380 71.09 37.42 58.32
CA GLU P 380 72.48 36.94 58.32
C GLU P 380 73.46 38.10 58.37
N ALA P 381 73.25 39.11 57.52
CA ALA P 381 74.14 40.27 57.50
C ALA P 381 74.07 41.05 58.80
N LEU P 382 72.87 41.23 59.35
CA LEU P 382 72.77 42.05 60.55
C LEU P 382 73.34 41.34 61.79
N LYS P 383 73.16 40.02 61.91
CA LYS P 383 73.77 39.34 63.04
C LYS P 383 75.26 39.09 62.83
N ASP P 384 75.74 39.14 61.58
CA ASP P 384 77.18 39.15 61.38
C ASP P 384 77.78 40.49 61.78
N ALA P 385 77.04 41.57 61.54
CA ALA P 385 77.47 42.88 62.05
C ALA P 385 77.25 43.02 63.55
N GLN P 386 76.43 42.14 64.14
CA GLN P 386 76.16 42.22 65.58
C GLN P 386 77.41 41.91 66.40
N THR P 387 78.05 40.78 66.13
CA THR P 387 79.24 40.38 66.87
C THR P 387 80.46 41.19 66.41
N SER Q 35 -72.20 -61.19 -9.33
CA SER Q 35 -72.15 -60.89 -10.75
C SER Q 35 -73.55 -60.71 -11.32
N GLU Q 36 -74.44 -60.17 -10.49
CA GLU Q 36 -75.79 -59.84 -10.94
C GLU Q 36 -75.77 -58.77 -12.03
N LEU Q 37 -74.79 -57.87 -11.99
CA LEU Q 37 -74.55 -56.92 -13.07
C LEU Q 37 -73.16 -57.11 -13.67
N GLY Q 38 -72.50 -58.23 -13.36
CA GLY Q 38 -71.15 -58.44 -13.85
C GLY Q 38 -71.11 -58.76 -15.33
N LYS Q 39 -72.01 -59.62 -15.79
CA LYS Q 39 -72.12 -59.87 -17.22
C LYS Q 39 -72.72 -58.67 -17.94
N GLU Q 40 -73.52 -57.88 -17.22
CA GLU Q 40 -73.97 -56.59 -17.75
C GLU Q 40 -72.79 -55.63 -17.91
N LEU Q 41 -71.73 -55.83 -17.13
CA LEU Q 41 -70.49 -55.09 -17.39
C LEU Q 41 -69.69 -55.72 -18.51
N LEU Q 42 -69.74 -57.05 -18.64
CA LEU Q 42 -69.01 -57.74 -19.70
C LEU Q 42 -69.52 -57.34 -21.08
N GLU Q 43 -70.84 -57.20 -21.22
CA GLU Q 43 -71.39 -56.85 -22.52
C GLU Q 43 -71.01 -55.42 -22.91
N ALA Q 44 -71.03 -54.50 -21.95
CA ALA Q 44 -70.63 -53.12 -22.25
C ALA Q 44 -69.13 -53.02 -22.48
N ALA Q 45 -68.34 -53.89 -21.83
CA ALA Q 45 -66.90 -53.89 -22.08
C ALA Q 45 -66.59 -54.44 -23.46
N ARG Q 46 -67.34 -55.45 -23.91
CA ARG Q 46 -67.21 -55.92 -25.28
C ARG Q 46 -67.69 -54.88 -26.28
N ALA Q 47 -68.70 -54.08 -25.91
CA ALA Q 47 -69.35 -53.20 -26.87
C ALA Q 47 -68.96 -51.73 -26.73
N GLY Q 48 -68.49 -51.29 -25.57
CA GLY Q 48 -68.07 -49.92 -25.42
C GLY Q 48 -69.18 -48.89 -25.30
N GLN Q 49 -69.91 -48.92 -24.19
CA GLN Q 49 -70.91 -47.91 -23.85
C GLN Q 49 -70.53 -47.23 -22.54
N ASP Q 50 -70.10 -45.97 -22.62
CA ASP Q 50 -69.80 -45.22 -21.41
C ASP Q 50 -71.07 -44.93 -20.61
N ASP Q 51 -72.20 -44.76 -21.30
CA ASP Q 51 -73.46 -44.55 -20.60
C ASP Q 51 -73.91 -45.77 -19.83
N GLU Q 52 -73.76 -46.97 -20.41
CA GLU Q 52 -74.16 -48.19 -19.74
C GLU Q 52 -73.34 -48.41 -18.47
N VAL Q 53 -72.02 -48.23 -18.56
CA VAL Q 53 -71.19 -48.43 -17.38
C VAL Q 53 -71.38 -47.29 -16.38
N ARG Q 54 -71.75 -46.09 -16.84
CA ARG Q 54 -72.07 -45.01 -15.92
C ARG Q 54 -73.32 -45.34 -15.11
N ILE Q 55 -74.33 -45.92 -15.77
CA ILE Q 55 -75.54 -46.30 -15.06
C ILE Q 55 -75.27 -47.50 -14.14
N LEU Q 56 -74.43 -48.43 -14.58
CA LEU Q 56 -74.12 -49.59 -13.75
C LEU Q 56 -73.31 -49.20 -12.52
N MET Q 57 -72.44 -48.19 -12.63
CA MET Q 57 -71.80 -47.63 -11.45
C MET Q 57 -72.73 -46.75 -10.63
N ALA Q 58 -73.79 -46.21 -11.25
CA ALA Q 58 -74.83 -45.56 -10.46
C ALA Q 58 -75.62 -46.59 -9.65
N ARG Q 59 -75.73 -47.81 -10.16
CA ARG Q 59 -76.37 -48.91 -9.45
C ARG Q 59 -75.37 -49.73 -8.64
N GLY Q 60 -74.08 -49.41 -8.71
CA GLY Q 60 -73.07 -50.10 -7.93
C GLY Q 60 -72.75 -51.48 -8.45
N ALA Q 61 -72.52 -51.61 -9.75
CA ALA Q 61 -72.16 -52.90 -10.31
C ALA Q 61 -70.74 -53.29 -9.89
N GLU Q 62 -70.55 -54.58 -9.64
CA GLU Q 62 -69.25 -55.07 -9.20
C GLU Q 62 -68.25 -55.06 -10.35
N VAL Q 63 -67.03 -54.61 -10.06
CA VAL Q 63 -66.02 -54.40 -11.10
C VAL Q 63 -65.07 -55.58 -11.27
N ASN Q 64 -65.06 -56.54 -10.34
CA ASN Q 64 -64.14 -57.68 -10.39
C ASN Q 64 -64.84 -58.94 -10.87
N ALA Q 65 -65.70 -58.80 -11.88
CA ALA Q 65 -66.49 -59.93 -12.37
C ALA Q 65 -65.62 -60.82 -13.25
N ALA Q 66 -65.15 -61.93 -12.70
CA ALA Q 66 -64.33 -62.88 -13.44
C ALA Q 66 -65.20 -63.99 -14.01
N ASP Q 67 -64.95 -64.34 -15.27
CA ASP Q 67 -65.64 -65.44 -15.90
C ASP Q 67 -64.91 -66.75 -15.59
N ASN Q 68 -65.27 -67.82 -16.30
CA ASN Q 68 -64.65 -69.12 -16.03
C ASN Q 68 -63.19 -69.17 -16.43
N THR Q 69 -62.74 -68.29 -17.33
CA THR Q 69 -61.36 -68.26 -17.78
C THR Q 69 -60.60 -67.05 -17.27
N GLY Q 70 -61.18 -66.28 -16.35
CA GLY Q 70 -60.49 -65.19 -15.71
C GLY Q 70 -60.60 -63.85 -16.38
N THR Q 71 -61.40 -63.72 -17.42
CA THR Q 71 -61.47 -62.48 -18.18
C THR Q 71 -62.34 -61.48 -17.44
N THR Q 72 -61.75 -60.35 -17.07
CA THR Q 72 -62.42 -59.31 -16.30
C THR Q 72 -63.02 -58.27 -17.24
N PRO Q 73 -63.87 -57.38 -16.72
CA PRO Q 73 -64.30 -56.24 -17.55
C PRO Q 73 -63.16 -55.35 -17.96
N LEU Q 74 -62.11 -55.26 -17.13
CA LEU Q 74 -60.93 -54.48 -17.52
C LEU Q 74 -60.21 -55.11 -18.69
N HIS Q 75 -60.20 -56.45 -18.78
CA HIS Q 75 -59.56 -57.11 -19.91
C HIS Q 75 -60.24 -56.76 -21.21
N LEU Q 76 -61.57 -56.84 -21.24
CA LEU Q 76 -62.29 -56.50 -22.47
C LEU Q 76 -62.22 -55.00 -22.76
N ALA Q 77 -62.19 -54.18 -21.71
CA ALA Q 77 -62.03 -52.75 -21.91
C ALA Q 77 -60.68 -52.43 -22.55
N ALA Q 78 -59.64 -53.18 -22.18
CA ALA Q 78 -58.33 -52.99 -22.78
C ALA Q 78 -58.29 -53.53 -24.21
N TYR Q 79 -58.82 -54.74 -24.41
CA TYR Q 79 -58.85 -55.34 -25.74
C TYR Q 79 -59.65 -54.50 -26.73
N SER Q 80 -60.68 -53.79 -26.26
CA SER Q 80 -61.52 -53.01 -27.16
C SER Q 80 -60.84 -51.71 -27.55
N GLY Q 81 -60.22 -51.02 -26.61
CA GLY Q 81 -59.55 -49.78 -26.91
C GLY Q 81 -60.33 -48.52 -26.66
N HIS Q 82 -61.28 -48.54 -25.72
CA HIS Q 82 -62.00 -47.35 -25.29
C HIS Q 82 -61.46 -46.96 -23.92
N LEU Q 83 -60.84 -45.77 -23.84
CA LEU Q 83 -60.15 -45.39 -22.62
C LEU Q 83 -61.09 -45.02 -21.48
N GLU Q 84 -62.33 -44.61 -21.79
CA GLU Q 84 -63.21 -44.10 -20.75
C GLU Q 84 -63.69 -45.21 -19.82
N ILE Q 85 -64.05 -46.36 -20.37
CA ILE Q 85 -64.48 -47.48 -19.53
C ILE Q 85 -63.32 -47.98 -18.68
N VAL Q 86 -62.10 -47.98 -19.21
CA VAL Q 86 -60.93 -48.32 -18.43
C VAL Q 86 -60.74 -47.33 -17.29
N GLU Q 87 -60.89 -46.04 -17.59
CA GLU Q 87 -60.72 -45.01 -16.57
C GLU Q 87 -61.72 -45.18 -15.44
N VAL Q 88 -62.99 -45.41 -15.76
CA VAL Q 88 -63.97 -45.51 -14.68
C VAL Q 88 -63.84 -46.84 -13.95
N LEU Q 89 -63.41 -47.90 -14.63
CA LEU Q 89 -63.16 -49.17 -13.96
C LEU Q 89 -62.03 -49.02 -12.95
N LEU Q 90 -60.99 -48.27 -13.30
CA LEU Q 90 -59.93 -47.99 -12.34
C LEU Q 90 -60.37 -47.00 -11.27
N LYS Q 91 -61.35 -46.14 -11.59
CA LYS Q 91 -61.90 -45.25 -10.58
C LYS Q 91 -62.67 -46.03 -9.51
N TYR Q 92 -63.31 -47.12 -9.89
CA TYR Q 92 -64.03 -47.95 -8.93
C TYR Q 92 -63.20 -49.11 -8.42
N GLY Q 93 -61.89 -49.12 -8.69
CA GLY Q 93 -60.99 -50.06 -8.05
C GLY Q 93 -60.89 -51.42 -8.70
N ALA Q 94 -60.92 -51.47 -10.03
CA ALA Q 94 -60.70 -52.73 -10.71
C ALA Q 94 -59.24 -53.16 -10.56
N GLU Q 95 -59.02 -54.47 -10.65
CA GLU Q 95 -57.67 -54.99 -10.47
C GLU Q 95 -56.84 -54.77 -11.72
N VAL Q 96 -55.69 -54.11 -11.56
CA VAL Q 96 -54.85 -53.76 -12.69
C VAL Q 96 -53.98 -54.94 -13.12
N ASN Q 97 -53.71 -55.89 -12.23
CA ASN Q 97 -52.78 -56.98 -12.49
C ASN Q 97 -53.48 -58.33 -12.41
N ALA Q 98 -54.70 -58.40 -12.91
CA ALA Q 98 -55.47 -59.64 -12.88
C ALA Q 98 -55.02 -60.55 -14.01
N ALA Q 99 -54.45 -61.69 -13.66
CA ALA Q 99 -53.99 -62.66 -14.65
C ALA Q 99 -55.09 -63.65 -14.99
N ASP Q 100 -55.19 -63.99 -16.27
CA ASP Q 100 -56.14 -64.98 -16.74
C ASP Q 100 -55.55 -66.38 -16.59
N VAL Q 101 -56.20 -67.38 -17.20
CA VAL Q 101 -55.66 -68.74 -17.18
C VAL Q 101 -54.48 -68.91 -18.11
N PHE Q 102 -54.24 -67.93 -19.00
CA PHE Q 102 -53.08 -67.95 -19.87
C PHE Q 102 -51.98 -67.02 -19.41
N GLY Q 103 -52.21 -66.22 -18.37
CA GLY Q 103 -51.21 -65.34 -17.82
C GLY Q 103 -51.31 -63.90 -18.28
N TYR Q 104 -52.17 -63.61 -19.24
CA TYR Q 104 -52.25 -62.24 -19.75
C TYR Q 104 -52.95 -61.33 -18.75
N THR Q 105 -52.44 -60.12 -18.64
CA THR Q 105 -53.02 -59.01 -17.92
C THR Q 105 -53.60 -58.02 -18.92
N PRO Q 106 -54.31 -56.98 -18.46
CA PRO Q 106 -54.72 -55.94 -19.42
C PRO Q 106 -53.56 -55.26 -20.11
N LEU Q 107 -52.40 -55.17 -19.46
CA LEU Q 107 -51.25 -54.55 -20.11
C LEU Q 107 -50.76 -55.39 -21.30
N HIS Q 108 -50.79 -56.72 -21.16
CA HIS Q 108 -50.41 -57.60 -22.27
C HIS Q 108 -51.29 -57.36 -23.48
N LEU Q 109 -52.61 -57.43 -23.30
CA LEU Q 109 -53.54 -57.23 -24.41
C LEU Q 109 -53.45 -55.82 -24.98
N ALA Q 110 -53.22 -54.84 -24.12
CA ALA Q 110 -53.07 -53.47 -24.61
C ALA Q 110 -51.83 -53.33 -25.47
N ALA Q 111 -50.75 -54.01 -25.08
CA ALA Q 111 -49.52 -53.94 -25.87
C ALA Q 111 -49.64 -54.72 -27.17
N TYR Q 112 -50.43 -55.80 -27.17
CA TYR Q 112 -50.64 -56.57 -28.40
C TYR Q 112 -51.35 -55.73 -29.45
N TRP Q 113 -52.45 -55.08 -29.09
CA TRP Q 113 -53.28 -54.43 -30.07
C TRP Q 113 -52.86 -52.99 -30.34
N GLY Q 114 -51.86 -52.48 -29.64
CA GLY Q 114 -51.32 -51.18 -29.98
C GLY Q 114 -52.19 -50.03 -29.56
N HIS Q 115 -52.58 -50.00 -28.30
CA HIS Q 115 -53.38 -48.91 -27.74
C HIS Q 115 -52.50 -48.16 -26.74
N LEU Q 116 -52.05 -46.97 -27.13
CA LEU Q 116 -51.01 -46.28 -26.38
C LEU Q 116 -51.55 -45.70 -25.07
N GLU Q 117 -52.68 -45.00 -25.14
CA GLU Q 117 -53.20 -44.30 -23.98
C GLU Q 117 -53.58 -45.24 -22.85
N ILE Q 118 -54.13 -46.41 -23.17
CA ILE Q 118 -54.49 -47.31 -22.10
C ILE Q 118 -53.27 -47.98 -21.51
N VAL Q 119 -52.22 -48.18 -22.31
CA VAL Q 119 -50.93 -48.64 -21.78
C VAL Q 119 -50.40 -47.61 -20.78
N GLU Q 120 -50.46 -46.33 -21.15
CA GLU Q 120 -49.99 -45.27 -20.26
C GLU Q 120 -50.77 -45.23 -18.96
N VAL Q 121 -52.10 -45.29 -19.02
CA VAL Q 121 -52.87 -45.18 -17.79
C VAL Q 121 -52.82 -46.46 -16.96
N LEU Q 122 -52.57 -47.61 -17.57
CA LEU Q 122 -52.34 -48.82 -16.78
C LEU Q 122 -51.03 -48.72 -16.03
N LEU Q 123 -49.97 -48.25 -16.71
CA LEU Q 123 -48.70 -48.03 -16.02
C LEU Q 123 -48.81 -46.95 -14.96
N LYS Q 124 -49.70 -45.98 -15.17
CA LYS Q 124 -49.92 -44.93 -14.19
C LYS Q 124 -50.64 -45.44 -12.95
N ASN Q 125 -51.34 -46.56 -13.05
CA ASN Q 125 -52.09 -47.11 -11.93
C ASN Q 125 -51.41 -48.32 -11.31
N GLY Q 126 -50.12 -48.52 -11.59
CA GLY Q 126 -49.37 -49.57 -10.95
C GLY Q 126 -49.44 -50.92 -11.63
N ALA Q 127 -49.46 -50.94 -12.96
CA ALA Q 127 -49.36 -52.19 -13.68
C ALA Q 127 -47.91 -52.67 -13.69
N ASP Q 128 -47.71 -53.96 -13.49
CA ASP Q 128 -46.37 -54.52 -13.43
C ASP Q 128 -45.80 -54.62 -14.83
N VAL Q 129 -44.68 -53.93 -15.06
CA VAL Q 129 -44.16 -53.76 -16.42
C VAL Q 129 -43.43 -55.01 -16.90
N ASN Q 130 -43.00 -55.88 -15.98
CA ASN Q 130 -42.27 -57.10 -16.33
C ASN Q 130 -43.10 -58.34 -16.07
N ALA Q 131 -44.41 -58.28 -16.33
CA ALA Q 131 -45.29 -59.41 -16.11
C ALA Q 131 -45.07 -60.47 -17.17
N ARG Q 132 -44.90 -61.71 -16.74
CA ARG Q 132 -44.71 -62.83 -17.64
C ARG Q 132 -46.02 -63.57 -17.85
N ASP Q 133 -46.20 -64.07 -19.07
CA ASP Q 133 -47.36 -64.89 -19.38
C ASP Q 133 -47.00 -66.37 -19.21
N SER Q 134 -47.83 -67.25 -19.76
CA SER Q 134 -47.51 -68.68 -19.77
C SER Q 134 -46.24 -68.96 -20.56
N ASP Q 135 -45.96 -68.15 -21.59
CA ASP Q 135 -44.76 -68.31 -22.39
C ASP Q 135 -43.56 -67.56 -21.82
N GLY Q 136 -43.75 -66.82 -20.74
CA GLY Q 136 -42.70 -65.96 -20.24
C GLY Q 136 -42.51 -64.69 -21.04
N MET Q 137 -43.44 -64.35 -21.91
CA MET Q 137 -43.31 -63.17 -22.75
C MET Q 137 -43.88 -61.96 -22.02
N THR Q 138 -43.03 -60.97 -21.79
CA THR Q 138 -43.43 -59.71 -21.18
C THR Q 138 -44.17 -58.88 -22.22
N PRO Q 139 -44.86 -57.81 -21.79
CA PRO Q 139 -45.48 -56.91 -22.79
C PRO Q 139 -44.47 -56.29 -23.76
N LEU Q 140 -43.23 -56.10 -23.32
CA LEU Q 140 -42.20 -55.59 -24.23
C LEU Q 140 -41.92 -56.57 -25.35
N HIS Q 141 -41.94 -57.87 -25.05
CA HIS Q 141 -41.84 -58.89 -26.11
C HIS Q 141 -42.91 -58.68 -27.16
N LEU Q 142 -44.15 -58.44 -26.74
CA LEU Q 142 -45.25 -58.28 -27.68
C LEU Q 142 -45.08 -57.02 -28.51
N ALA Q 143 -44.80 -55.89 -27.85
CA ALA Q 143 -44.65 -54.64 -28.56
C ALA Q 143 -43.46 -54.63 -29.50
N ALA Q 144 -42.41 -55.39 -29.20
CA ALA Q 144 -41.30 -55.51 -30.12
C ALA Q 144 -41.61 -56.46 -31.25
N LYS Q 145 -42.40 -57.50 -30.98
CA LYS Q 145 -42.77 -58.46 -32.00
C LYS Q 145 -43.73 -57.86 -33.02
N TRP Q 146 -44.54 -56.89 -32.61
CA TRP Q 146 -45.52 -56.34 -33.54
C TRP Q 146 -45.14 -54.99 -34.12
N GLY Q 147 -44.14 -54.31 -33.58
CA GLY Q 147 -43.63 -53.11 -34.20
C GLY Q 147 -44.25 -51.81 -33.75
N HIS Q 148 -44.62 -51.69 -32.48
CA HIS Q 148 -45.19 -50.46 -31.93
C HIS Q 148 -44.08 -49.69 -31.21
N LEU Q 149 -43.64 -48.59 -31.80
CA LEU Q 149 -42.51 -47.85 -31.24
C LEU Q 149 -42.87 -47.17 -29.93
N GLU Q 150 -43.97 -46.40 -29.93
CA GLU Q 150 -44.29 -45.56 -28.78
C GLU Q 150 -44.61 -46.41 -27.54
N ILE Q 151 -45.22 -47.57 -27.75
CA ILE Q 151 -45.44 -48.48 -26.64
C ILE Q 151 -44.12 -48.98 -26.08
N VAL Q 152 -43.17 -49.33 -26.97
CA VAL Q 152 -41.85 -49.76 -26.54
C VAL Q 152 -41.17 -48.68 -25.72
N GLU Q 153 -41.29 -47.43 -26.15
CA GLU Q 153 -40.61 -46.35 -25.44
C GLU Q 153 -41.24 -46.07 -24.08
N VAL Q 154 -42.57 -46.05 -24.01
CA VAL Q 154 -43.23 -45.85 -22.72
C VAL Q 154 -42.95 -47.03 -21.79
N LEU Q 155 -42.82 -48.24 -22.33
CA LEU Q 155 -42.48 -49.37 -21.48
C LEU Q 155 -41.05 -49.28 -20.98
N LEU Q 156 -40.14 -48.80 -21.83
CA LEU Q 156 -38.75 -48.63 -21.40
C LEU Q 156 -38.63 -47.55 -20.35
N ARG Q 157 -39.49 -46.53 -20.41
CA ARG Q 157 -39.45 -45.47 -19.40
C ARG Q 157 -39.78 -45.99 -18.02
N TYR Q 158 -40.62 -47.01 -17.92
CA TYR Q 158 -41.09 -47.51 -16.64
C TYR Q 158 -40.28 -48.68 -16.12
N GLY Q 159 -39.20 -49.04 -16.79
CA GLY Q 159 -38.29 -50.05 -16.29
C GLY Q 159 -38.47 -51.44 -16.86
N ALA Q 160 -38.88 -51.57 -18.11
CA ALA Q 160 -39.02 -52.90 -18.71
C ALA Q 160 -37.66 -53.53 -18.91
N ASP Q 161 -37.57 -54.83 -18.64
CA ASP Q 161 -36.30 -55.55 -18.72
C ASP Q 161 -35.95 -55.83 -20.17
N VAL Q 162 -34.77 -55.35 -20.59
CA VAL Q 162 -34.32 -55.56 -21.95
C VAL Q 162 -33.88 -57.00 -22.18
N GLU Q 163 -33.45 -57.68 -21.11
CA GLU Q 163 -32.81 -58.98 -21.23
C GLU Q 163 -33.73 -60.14 -20.85
N ALA Q 164 -35.04 -59.90 -20.78
CA ALA Q 164 -35.98 -60.97 -20.46
C ALA Q 164 -36.07 -61.95 -21.62
N GLN Q 165 -35.95 -63.24 -21.30
CA GLN Q 165 -36.05 -64.31 -22.28
C GLN Q 165 -37.33 -65.10 -22.07
N ASP Q 166 -37.92 -65.56 -23.17
CA ASP Q 166 -39.13 -66.37 -23.11
C ASP Q 166 -38.73 -67.85 -23.08
N LYS Q 167 -39.69 -68.75 -23.33
CA LYS Q 167 -39.40 -70.18 -23.27
C LYS Q 167 -38.41 -70.62 -24.33
N PHE Q 168 -38.31 -69.90 -25.44
CA PHE Q 168 -37.37 -70.22 -26.50
C PHE Q 168 -36.01 -69.57 -26.29
N GLY Q 169 -35.85 -68.76 -25.24
CA GLY Q 169 -34.62 -68.03 -25.07
C GLY Q 169 -34.52 -66.81 -25.96
N LYS Q 170 -35.63 -66.17 -26.28
CA LYS Q 170 -35.66 -65.00 -27.14
C LYS Q 170 -35.83 -63.74 -26.30
N THR Q 171 -34.97 -62.77 -26.54
CA THR Q 171 -35.15 -61.43 -25.99
C THR Q 171 -36.02 -60.61 -26.94
N PRO Q 172 -36.56 -59.48 -26.48
CA PRO Q 172 -37.29 -58.61 -27.42
C PRO Q 172 -36.48 -58.13 -28.60
N PHE Q 173 -35.16 -58.01 -28.44
CA PHE Q 173 -34.30 -57.68 -29.57
C PHE Q 173 -34.35 -58.76 -30.65
N ASP Q 174 -34.40 -60.03 -30.23
CA ASP Q 174 -34.50 -61.13 -31.19
C ASP Q 174 -35.84 -61.11 -31.90
N LEU Q 175 -36.93 -60.86 -31.16
CA LEU Q 175 -38.24 -60.81 -31.80
C LEU Q 175 -38.36 -59.60 -32.72
N ALA Q 176 -37.61 -58.54 -32.45
CA ALA Q 176 -37.67 -57.38 -33.33
C ALA Q 176 -36.84 -57.58 -34.59
N ILE Q 177 -35.73 -58.33 -34.50
CA ILE Q 177 -35.00 -58.57 -35.75
C ILE Q 177 -35.66 -59.67 -36.57
N ASP Q 178 -36.36 -60.61 -35.92
CA ASP Q 178 -37.01 -61.67 -36.67
C ASP Q 178 -38.22 -61.18 -37.46
N ASN Q 179 -38.81 -60.05 -37.06
CA ASN Q 179 -39.98 -59.52 -37.73
C ASN Q 179 -39.70 -58.24 -38.49
N GLY Q 180 -38.44 -57.85 -38.63
CA GLY Q 180 -38.09 -56.74 -39.48
C GLY Q 180 -38.30 -55.37 -38.87
N ASN Q 181 -38.43 -55.26 -37.56
CA ASN Q 181 -38.59 -53.97 -36.89
C ASN Q 181 -37.20 -53.45 -36.51
N GLU Q 182 -36.53 -52.84 -37.48
CA GLU Q 182 -35.12 -52.53 -37.33
C GLU Q 182 -34.87 -51.34 -36.41
N ASP Q 183 -35.77 -50.36 -36.38
CA ASP Q 183 -35.58 -49.22 -35.49
C ASP Q 183 -35.78 -49.61 -34.02
N ILE Q 184 -36.73 -50.49 -33.75
CA ILE Q 184 -36.88 -51.03 -32.41
C ILE Q 184 -35.59 -51.73 -31.97
N ALA Q 185 -35.05 -52.56 -32.84
CA ALA Q 185 -33.82 -53.27 -32.53
C ALA Q 185 -32.65 -52.32 -32.33
N GLU Q 186 -32.62 -51.23 -33.07
CA GLU Q 186 -31.57 -50.23 -32.88
C GLU Q 186 -31.65 -49.60 -31.50
N VAL Q 187 -32.85 -49.21 -31.09
CA VAL Q 187 -33.04 -48.62 -29.77
C VAL Q 187 -32.64 -49.61 -28.68
N LEU Q 188 -33.09 -50.85 -28.82
CA LEU Q 188 -32.82 -51.88 -27.82
C LEU Q 188 -31.34 -52.22 -27.74
N GLN Q 189 -30.62 -52.13 -28.85
CA GLN Q 189 -29.22 -52.48 -28.84
C GLN Q 189 -28.37 -51.36 -28.25
N ALA Q 190 -28.68 -50.12 -28.62
CA ALA Q 190 -27.92 -48.99 -28.10
C ALA Q 190 -28.09 -48.84 -26.59
N LEU Q 191 -29.30 -49.08 -26.09
CA LEU Q 191 -29.54 -48.94 -24.66
C LEU Q 191 -28.71 -49.93 -23.85
N LEU Q 192 -28.71 -51.18 -24.28
CA LEU Q 192 -27.95 -52.22 -23.62
C LEU Q 192 -26.46 -51.92 -23.67
N ALA Q 193 -25.99 -51.40 -24.80
CA ALA Q 193 -24.55 -51.14 -24.93
C ALA Q 193 -24.10 -50.01 -24.01
N ILE Q 194 -24.89 -48.95 -23.87
CA ILE Q 194 -24.51 -47.88 -22.98
C ILE Q 194 -24.57 -48.33 -21.51
N ASN Q 195 -25.55 -49.16 -21.16
CA ASN Q 195 -25.58 -49.64 -19.78
C ASN Q 195 -24.41 -50.54 -19.45
N ARG Q 196 -23.97 -51.36 -20.41
CA ARG Q 196 -22.80 -52.18 -20.18
C ARG Q 196 -21.54 -51.35 -20.09
N GLN Q 197 -21.45 -50.25 -20.83
CA GLN Q 197 -20.28 -49.39 -20.67
C GLN Q 197 -20.26 -48.70 -19.31
N ILE Q 198 -21.43 -48.34 -18.78
CA ILE Q 198 -21.48 -47.78 -17.43
C ILE Q 198 -20.97 -48.79 -16.40
N ASN Q 199 -21.44 -50.04 -16.51
CA ASN Q 199 -20.98 -51.05 -15.57
C ASN Q 199 -19.49 -51.32 -15.73
N LEU Q 200 -18.97 -51.25 -16.95
CA LEU Q 200 -17.55 -51.51 -17.16
C LEU Q 200 -16.68 -50.39 -16.60
N GLU Q 201 -17.14 -49.14 -16.67
CA GLU Q 201 -16.39 -48.08 -16.02
C GLU Q 201 -16.45 -48.18 -14.51
N LEU Q 202 -17.57 -48.63 -13.95
CA LEU Q 202 -17.63 -48.83 -12.51
C LEU Q 202 -16.75 -49.98 -12.06
N TYR Q 203 -16.59 -51.00 -12.89
CA TYR Q 203 -15.72 -52.12 -12.57
C TYR Q 203 -14.27 -51.69 -12.47
N ALA Q 204 -13.80 -50.89 -13.41
CA ALA Q 204 -12.40 -50.51 -13.48
C ALA Q 204 -11.97 -49.65 -12.31
N SER Q 205 -12.91 -48.91 -11.71
CA SER Q 205 -12.60 -48.05 -10.58
C SER Q 205 -12.29 -48.88 -9.34
N TYR Q 206 -12.95 -50.03 -9.21
CA TYR Q 206 -12.82 -50.93 -8.08
C TYR Q 206 -11.54 -51.76 -8.16
N VAL Q 207 -11.10 -52.07 -9.38
CA VAL Q 207 -9.80 -52.71 -9.58
C VAL Q 207 -8.68 -51.77 -9.15
N TYR Q 208 -8.79 -50.50 -9.49
CA TYR Q 208 -7.79 -49.54 -9.08
C TYR Q 208 -7.80 -49.30 -7.59
N LEU Q 209 -8.98 -49.37 -6.96
CA LEU Q 209 -9.04 -49.30 -5.51
C LEU Q 209 -8.30 -50.46 -4.86
N SER Q 210 -8.52 -51.67 -5.37
CA SER Q 210 -7.80 -52.84 -4.89
C SER Q 210 -6.30 -52.65 -5.04
N MET Q 211 -5.86 -52.25 -6.24
CA MET Q 211 -4.43 -52.04 -6.50
C MET Q 211 -3.84 -51.01 -5.56
N SER Q 212 -4.55 -49.90 -5.33
CA SER Q 212 -4.03 -48.85 -4.48
C SER Q 212 -3.82 -49.33 -3.05
N TYR Q 213 -4.80 -50.02 -2.49
CA TYR Q 213 -4.62 -50.46 -1.12
C TYR Q 213 -3.76 -51.70 -0.99
N TYR Q 214 -3.34 -52.31 -2.09
CA TYR Q 214 -2.29 -53.31 -1.99
C TYR Q 214 -0.94 -52.68 -1.72
N PHE Q 215 -0.70 -51.49 -2.24
CA PHE Q 215 0.62 -50.89 -2.23
C PHE Q 215 0.93 -50.11 -0.97
N ASP Q 216 0.05 -50.10 0.02
CA ASP Q 216 0.41 -49.52 1.30
C ASP Q 216 0.28 -50.52 2.43
N ARG Q 217 0.26 -51.81 2.12
CA ARG Q 217 0.50 -52.82 3.14
C ARG Q 217 1.90 -52.66 3.70
N ASP Q 218 2.10 -53.09 4.95
CA ASP Q 218 3.40 -52.85 5.58
C ASP Q 218 4.52 -53.69 4.98
N ASP Q 219 4.21 -54.73 4.21
CA ASP Q 219 5.22 -55.45 3.46
C ASP Q 219 5.31 -55.04 2.00
N VAL Q 220 4.49 -54.09 1.57
CA VAL Q 220 4.63 -53.44 0.26
C VAL Q 220 4.60 -51.95 0.56
N ALA Q 221 5.74 -51.36 0.84
CA ALA Q 221 5.76 -49.99 1.35
C ALA Q 221 6.09 -49.00 0.25
N LEU Q 222 5.20 -48.88 -0.73
CA LEU Q 222 5.38 -47.97 -1.85
C LEU Q 222 4.24 -46.97 -1.91
N LYS Q 223 4.47 -45.77 -1.38
CA LYS Q 223 3.41 -44.78 -1.18
C LYS Q 223 2.94 -44.12 -2.45
N ASN Q 224 3.85 -43.95 -3.41
CA ASN Q 224 3.51 -43.21 -4.62
C ASN Q 224 2.78 -44.09 -5.62
N PHE Q 225 3.06 -45.39 -5.61
CA PHE Q 225 2.22 -46.35 -6.33
C PHE Q 225 0.78 -46.30 -5.85
N ALA Q 226 0.60 -46.31 -4.53
CA ALA Q 226 -0.74 -46.28 -3.94
C ALA Q 226 -1.45 -44.98 -4.28
N LYS Q 227 -0.73 -43.88 -4.24
CA LYS Q 227 -1.31 -42.58 -4.58
C LYS Q 227 -1.75 -42.52 -6.04
N TYR Q 228 -0.90 -43.05 -6.94
CA TYR Q 228 -1.20 -43.10 -8.36
C TYR Q 228 -2.48 -43.89 -8.63
N PHE Q 229 -2.60 -45.07 -8.02
CA PHE Q 229 -3.77 -45.89 -8.30
C PHE Q 229 -5.04 -45.37 -7.66
N LEU Q 230 -4.95 -44.64 -6.55
CA LEU Q 230 -6.14 -43.97 -6.03
C LEU Q 230 -6.61 -42.87 -6.98
N HIS Q 231 -5.67 -42.14 -7.58
CA HIS Q 231 -6.04 -41.14 -8.57
C HIS Q 231 -6.79 -41.77 -9.75
N GLN Q 232 -6.29 -42.91 -10.24
CA GLN Q 232 -6.97 -43.57 -11.35
C GLN Q 232 -8.37 -44.05 -10.97
N SER Q 233 -8.52 -44.54 -9.74
CA SER Q 233 -9.83 -44.97 -9.26
C SER Q 233 -10.85 -43.83 -9.34
N HIS Q 234 -10.47 -42.65 -8.87
CA HIS Q 234 -11.42 -41.54 -8.89
C HIS Q 234 -11.70 -41.04 -10.31
N GLU Q 235 -10.70 -41.10 -11.20
CA GLU Q 235 -10.95 -40.72 -12.59
C GLU Q 235 -11.97 -41.64 -13.26
N GLU Q 236 -11.88 -42.94 -12.99
CA GLU Q 236 -12.85 -43.85 -13.60
C GLU Q 236 -14.25 -43.66 -13.03
N ARG Q 237 -14.36 -43.32 -11.74
CA ARG Q 237 -15.66 -42.96 -11.19
C ARG Q 237 -16.26 -41.76 -11.93
N GLU Q 238 -15.42 -40.78 -12.26
CA GLU Q 238 -15.90 -39.64 -13.05
C GLU Q 238 -16.34 -40.03 -14.45
N HIS Q 239 -15.62 -40.94 -15.10
CA HIS Q 239 -16.03 -41.41 -16.43
C HIS Q 239 -17.42 -42.03 -16.40
N ALA Q 240 -17.67 -42.88 -15.40
CA ALA Q 240 -18.98 -43.51 -15.30
C ALA Q 240 -20.08 -42.48 -15.06
N GLU Q 241 -19.80 -41.49 -14.21
CA GLU Q 241 -20.81 -40.47 -13.95
C GLU Q 241 -21.12 -39.62 -15.18
N LYS Q 242 -20.11 -39.37 -16.02
CA LYS Q 242 -20.36 -38.67 -17.28
C LYS Q 242 -21.28 -39.47 -18.19
N LEU Q 243 -21.07 -40.78 -18.26
CA LEU Q 243 -21.96 -41.58 -19.10
C LEU Q 243 -23.39 -41.59 -18.55
N MET Q 244 -23.54 -41.58 -17.23
CA MET Q 244 -24.86 -41.52 -16.63
C MET Q 244 -25.56 -40.20 -16.93
N LYS Q 245 -24.82 -39.09 -16.88
CA LYS Q 245 -25.41 -37.80 -17.22
C LYS Q 245 -25.84 -37.75 -18.68
N LEU Q 246 -25.01 -38.27 -19.58
CA LEU Q 246 -25.38 -38.33 -20.99
C LEU Q 246 -26.65 -39.13 -21.20
N GLN Q 247 -26.75 -40.29 -20.55
CA GLN Q 247 -27.95 -41.10 -20.70
C GLN Q 247 -29.18 -40.39 -20.16
N ASN Q 248 -29.03 -39.57 -19.13
CA ASN Q 248 -30.19 -38.82 -18.66
C ASN Q 248 -30.58 -37.68 -19.59
N GLN Q 249 -29.62 -37.08 -20.31
CA GLN Q 249 -29.97 -36.02 -21.25
C GLN Q 249 -30.74 -36.53 -22.47
N ARG Q 250 -30.51 -37.76 -22.87
CA ARG Q 250 -31.16 -38.31 -24.05
C ARG Q 250 -32.55 -38.85 -23.75
N GLY Q 251 -32.92 -38.99 -22.49
CA GLY Q 251 -34.18 -39.60 -22.15
C GLY Q 251 -34.16 -41.10 -22.08
N GLY Q 252 -32.98 -41.70 -22.00
CA GLY Q 252 -32.86 -43.13 -21.84
C GLY Q 252 -32.93 -43.57 -20.40
N ALA Q 253 -32.91 -44.87 -20.19
CA ALA Q 253 -33.16 -45.48 -18.90
C ALA Q 253 -31.89 -46.11 -18.37
N ILE Q 254 -31.31 -45.50 -17.33
CA ILE Q 254 -30.19 -46.10 -16.63
C ILE Q 254 -30.65 -47.35 -15.90
N SER Q 255 -29.85 -48.40 -15.96
CA SER Q 255 -30.16 -49.68 -15.33
C SER Q 255 -28.86 -50.26 -14.79
N LEU Q 256 -28.74 -50.31 -13.47
CA LEU Q 256 -27.49 -50.69 -12.82
C LEU Q 256 -27.48 -52.17 -12.46
N GLN Q 257 -26.29 -52.75 -12.50
CA GLN Q 257 -26.06 -54.16 -12.20
C GLN Q 257 -25.03 -54.28 -11.08
N ASP Q 258 -24.73 -55.52 -10.70
CA ASP Q 258 -23.70 -55.78 -9.72
C ASP Q 258 -22.34 -55.38 -10.27
N ILE Q 259 -21.46 -54.94 -9.37
CA ILE Q 259 -20.06 -54.71 -9.68
C ILE Q 259 -19.27 -55.86 -9.08
N LYS Q 260 -18.60 -56.62 -9.92
CA LYS Q 260 -17.91 -57.81 -9.48
C LYS Q 260 -16.54 -57.47 -8.92
N LYS Q 261 -16.06 -58.37 -8.07
CA LYS Q 261 -14.77 -58.17 -7.36
C LYS Q 261 -13.60 -58.31 -8.32
N PRO Q 262 -12.50 -57.58 -8.12
CA PRO Q 262 -11.31 -57.73 -8.96
C PRO Q 262 -10.77 -59.15 -8.96
N ASP Q 263 -9.89 -59.43 -9.92
CA ASP Q 263 -9.39 -60.79 -10.11
C ASP Q 263 -8.40 -61.19 -9.03
N CYS Q 264 -7.63 -60.25 -8.51
CA CYS Q 264 -6.68 -60.52 -7.44
C CYS Q 264 -6.98 -59.65 -6.24
N ASP Q 265 -6.67 -60.19 -5.07
CA ASP Q 265 -6.39 -59.36 -3.91
C ASP Q 265 -4.91 -59.07 -3.77
N ASP Q 266 -4.06 -59.96 -4.26
CA ASP Q 266 -2.61 -59.84 -4.14
C ASP Q 266 -2.01 -59.67 -5.53
N TRP Q 267 -1.68 -58.44 -5.86
CA TRP Q 267 -0.76 -58.18 -6.95
C TRP Q 267 0.65 -58.55 -6.48
N GLU Q 268 1.61 -58.52 -7.38
CA GLU Q 268 2.88 -59.11 -7.01
C GLU Q 268 4.04 -58.14 -6.97
N SER Q 269 3.98 -57.04 -7.71
CA SER Q 269 5.06 -56.07 -7.80
C SER Q 269 4.47 -54.84 -8.45
N GLY Q 270 5.30 -53.81 -8.60
CA GLY Q 270 4.87 -52.64 -9.35
C GLY Q 270 4.75 -52.93 -10.83
N LEU Q 271 5.66 -53.75 -11.36
CA LEU Q 271 5.63 -54.11 -12.77
C LEU Q 271 4.37 -54.88 -13.12
N ASN Q 272 4.03 -55.88 -12.30
CA ASN Q 272 2.88 -56.73 -12.60
C ASN Q 272 1.58 -55.93 -12.55
N ALA Q 273 1.46 -55.03 -11.58
CA ALA Q 273 0.27 -54.20 -11.49
C ALA Q 273 0.18 -53.21 -12.64
N MET Q 274 1.30 -52.64 -13.07
CA MET Q 274 1.27 -51.77 -14.24
C MET Q 274 0.87 -52.53 -15.49
N GLU Q 275 1.30 -53.78 -15.64
CA GLU Q 275 0.91 -54.56 -16.81
C GLU Q 275 -0.56 -54.94 -16.77
N CYS Q 276 -1.09 -55.23 -15.59
CA CYS Q 276 -2.51 -55.51 -15.47
C CYS Q 276 -3.35 -54.27 -15.77
N ALA Q 277 -2.88 -53.10 -15.33
CA ALA Q 277 -3.58 -51.86 -15.64
C ALA Q 277 -3.57 -51.55 -17.13
N LEU Q 278 -2.47 -51.88 -17.81
CA LEU Q 278 -2.42 -51.68 -19.25
C LEU Q 278 -3.42 -52.59 -19.96
N HIS Q 279 -3.47 -53.86 -19.57
CA HIS Q 279 -4.43 -54.80 -20.14
C HIS Q 279 -5.87 -54.32 -19.93
N LEU Q 280 -6.15 -53.78 -18.74
CA LEU Q 280 -7.48 -53.27 -18.43
C LEU Q 280 -7.87 -52.11 -19.32
N GLU Q 281 -6.99 -51.12 -19.47
CA GLU Q 281 -7.35 -49.96 -20.26
C GLU Q 281 -7.48 -50.31 -21.75
N LYS Q 282 -6.74 -51.30 -22.22
CA LYS Q 282 -6.93 -51.75 -23.59
C LYS Q 282 -8.30 -52.38 -23.79
N ASN Q 283 -8.75 -53.17 -22.81
CA ASN Q 283 -10.10 -53.73 -22.90
C ASN Q 283 -11.17 -52.65 -22.94
N VAL Q 284 -11.03 -51.62 -22.10
CA VAL Q 284 -12.01 -50.54 -22.08
C VAL Q 284 -12.03 -49.80 -23.42
N ASN Q 285 -10.85 -49.55 -24.00
CA ASN Q 285 -10.78 -48.89 -25.29
C ASN Q 285 -11.45 -49.71 -26.38
N GLN Q 286 -11.29 -51.03 -26.35
CA GLN Q 286 -11.92 -51.87 -27.36
C GLN Q 286 -13.44 -51.82 -27.26
N SER Q 287 -13.98 -51.84 -26.05
CA SER Q 287 -15.43 -51.73 -25.94
C SER Q 287 -15.94 -50.36 -26.36
N LEU Q 288 -15.15 -49.30 -26.13
CA LEU Q 288 -15.55 -47.99 -26.62
C LEU Q 288 -15.58 -47.91 -28.13
N LEU Q 289 -14.65 -48.58 -28.80
CA LEU Q 289 -14.65 -48.60 -30.26
C LEU Q 289 -15.86 -49.35 -30.80
N GLU Q 290 -16.25 -50.44 -30.14
CA GLU Q 290 -17.46 -51.13 -30.57
C GLU Q 290 -18.71 -50.25 -30.37
N LEU Q 291 -18.74 -49.51 -29.27
CA LEU Q 291 -19.86 -48.59 -29.04
C LEU Q 291 -19.93 -47.51 -30.11
N HIS Q 292 -18.77 -47.01 -30.55
CA HIS Q 292 -18.75 -45.99 -31.60
C HIS Q 292 -19.23 -46.55 -32.92
N LYS Q 293 -18.85 -47.77 -33.25
CA LYS Q 293 -19.30 -48.37 -34.50
C LYS Q 293 -20.80 -48.61 -34.49
N LEU Q 294 -21.32 -49.04 -33.33
CA LEU Q 294 -22.77 -49.21 -33.20
C LEU Q 294 -23.50 -47.88 -33.35
N ALA Q 295 -22.96 -46.82 -32.75
CA ALA Q 295 -23.57 -45.49 -32.89
C ALA Q 295 -23.52 -44.99 -34.32
N THR Q 296 -22.50 -45.38 -35.08
CA THR Q 296 -22.43 -44.94 -36.47
C THR Q 296 -23.43 -45.71 -37.33
N ASP Q 297 -23.69 -46.96 -37.01
CA ASP Q 297 -24.73 -47.68 -37.74
C ASP Q 297 -26.12 -47.11 -37.47
N CYS Q 298 -26.36 -46.58 -36.28
CA CYS Q 298 -27.67 -46.10 -35.88
C CYS Q 298 -27.93 -44.65 -36.28
N ASN Q 299 -26.99 -44.01 -36.98
CA ASN Q 299 -27.09 -42.62 -37.41
C ASN Q 299 -27.33 -41.69 -36.24
N ASP Q 300 -26.35 -41.66 -35.33
CA ASP Q 300 -26.41 -40.85 -34.12
C ASP Q 300 -25.14 -40.02 -34.02
N PRO Q 301 -25.07 -38.89 -34.72
CA PRO Q 301 -23.84 -38.10 -34.70
C PRO Q 301 -23.50 -37.51 -33.35
N HIS Q 302 -24.49 -37.24 -32.50
CA HIS Q 302 -24.22 -36.65 -31.20
C HIS Q 302 -23.51 -37.63 -30.29
N LEU Q 303 -23.91 -38.90 -30.33
CA LEU Q 303 -23.22 -39.93 -29.55
C LEU Q 303 -21.81 -40.15 -30.05
N CYS Q 304 -21.62 -40.16 -31.36
CA CYS Q 304 -20.29 -40.33 -31.93
C CYS Q 304 -19.36 -39.21 -31.49
N ASP Q 305 -19.84 -37.97 -31.57
CA ASP Q 305 -18.99 -36.86 -31.16
C ASP Q 305 -18.74 -36.86 -29.66
N PHE Q 306 -19.72 -37.26 -28.86
CA PHE Q 306 -19.52 -37.39 -27.42
C PHE Q 306 -18.41 -38.39 -27.11
N ILE Q 307 -18.47 -39.56 -27.75
CA ILE Q 307 -17.47 -40.60 -27.50
C ILE Q 307 -16.10 -40.13 -27.91
N GLU Q 308 -15.96 -39.61 -29.13
CA GLU Q 308 -14.64 -39.24 -29.59
C GLU Q 308 -14.11 -37.95 -28.97
N THR Q 309 -14.95 -37.15 -28.31
CA THR Q 309 -14.47 -35.96 -27.63
C THR Q 309 -14.08 -36.22 -26.18
N HIS Q 310 -14.82 -37.06 -25.45
CA HIS Q 310 -14.52 -37.25 -24.05
C HIS Q 310 -13.87 -38.58 -23.70
N TYR Q 311 -13.75 -39.52 -24.64
CA TYR Q 311 -13.30 -40.84 -24.23
C TYR Q 311 -12.14 -41.38 -25.06
N LEU Q 312 -12.12 -41.10 -26.36
CA LEU Q 312 -11.18 -41.78 -27.23
C LEU Q 312 -9.76 -41.25 -27.14
N ASN Q 313 -9.58 -39.99 -26.77
CA ASN Q 313 -8.24 -39.43 -26.64
C ASN Q 313 -7.64 -39.70 -25.27
N GLU Q 314 -8.48 -39.77 -24.24
CA GLU Q 314 -8.01 -40.12 -22.91
C GLU Q 314 -7.51 -41.55 -22.86
N GLN Q 315 -8.16 -42.46 -23.57
CA GLN Q 315 -7.70 -43.84 -23.62
C GLN Q 315 -6.33 -43.94 -24.27
N VAL Q 316 -6.11 -43.18 -25.35
CA VAL Q 316 -4.83 -43.20 -26.03
C VAL Q 316 -3.73 -42.65 -25.14
N LYS Q 317 -4.03 -41.56 -24.43
CA LYS Q 317 -3.06 -41.01 -23.48
C LYS Q 317 -2.72 -42.00 -22.37
N ALA Q 318 -3.73 -42.67 -21.82
CA ALA Q 318 -3.51 -43.59 -20.72
C ALA Q 318 -2.69 -44.80 -21.17
N ILE Q 319 -2.96 -45.30 -22.37
CA ILE Q 319 -2.23 -46.46 -22.86
C ILE Q 319 -0.78 -46.09 -23.15
N LYS Q 320 -0.54 -44.89 -23.67
CA LYS Q 320 0.83 -44.45 -23.90
C LYS Q 320 1.60 -44.31 -22.59
N GLU Q 321 0.97 -43.73 -21.57
CA GLU Q 321 1.65 -43.55 -20.28
C GLU Q 321 1.92 -44.88 -19.59
N LEU Q 322 0.98 -45.81 -19.64
CA LEU Q 322 1.20 -47.09 -18.98
C LEU Q 322 2.25 -47.92 -19.69
N GLY Q 323 2.31 -47.86 -21.02
CA GLY Q 323 3.40 -48.53 -21.71
C GLY Q 323 4.75 -47.92 -21.44
N ASP Q 324 4.81 -46.59 -21.29
CA ASP Q 324 6.01 -45.93 -20.80
C ASP Q 324 6.47 -46.50 -19.47
N HIS Q 325 5.56 -46.56 -18.49
CA HIS Q 325 5.92 -47.07 -17.17
C HIS Q 325 6.42 -48.50 -17.23
N VAL Q 326 5.78 -49.34 -18.05
CA VAL Q 326 6.20 -50.73 -18.13
C VAL Q 326 7.60 -50.86 -18.71
N THR Q 327 7.91 -50.14 -19.80
CA THR Q 327 9.23 -50.31 -20.38
C THR Q 327 10.33 -49.73 -19.49
N ASN Q 328 10.06 -48.62 -18.80
CA ASN Q 328 11.08 -48.08 -17.90
C ASN Q 328 11.34 -49.03 -16.74
N LEU Q 329 10.28 -49.59 -16.16
CA LEU Q 329 10.46 -50.54 -15.06
C LEU Q 329 11.19 -51.79 -15.51
N ARG Q 330 10.93 -52.27 -16.72
CA ARG Q 330 11.66 -53.44 -17.20
C ARG Q 330 13.12 -53.13 -17.48
N LYS Q 331 13.42 -51.93 -17.97
CA LYS Q 331 14.82 -51.59 -18.25
C LYS Q 331 15.61 -51.41 -16.96
N MET Q 332 15.00 -50.83 -15.93
CA MET Q 332 15.71 -50.63 -14.66
C MET Q 332 16.04 -51.95 -13.98
N GLY Q 333 15.36 -53.04 -14.32
CA GLY Q 333 15.67 -54.33 -13.78
C GLY Q 333 14.64 -54.92 -12.83
N ALA Q 334 13.45 -54.38 -12.77
CA ALA Q 334 12.38 -54.88 -11.93
C ALA Q 334 11.74 -56.11 -12.58
N PRO Q 335 11.12 -57.00 -11.79
CA PRO Q 335 10.83 -57.01 -10.36
C PRO Q 335 11.93 -57.55 -9.47
N GLU Q 336 12.89 -58.26 -10.05
CA GLU Q 336 13.93 -58.91 -9.28
C GLU Q 336 15.00 -57.95 -8.81
N SER Q 337 14.81 -56.65 -8.98
CA SER Q 337 15.64 -55.64 -8.35
C SER Q 337 14.73 -54.78 -7.48
N GLY Q 338 14.89 -54.88 -6.16
CA GLY Q 338 14.12 -54.02 -5.28
C GLY Q 338 14.56 -52.58 -5.28
N LEU Q 339 15.79 -52.33 -5.74
CA LEU Q 339 16.26 -50.96 -5.89
C LEU Q 339 15.57 -50.25 -7.04
N ALA Q 340 15.11 -50.99 -8.04
CA ALA Q 340 14.48 -50.38 -9.20
C ALA Q 340 13.11 -49.81 -8.87
N GLU Q 341 12.30 -50.55 -8.13
CA GLU Q 341 10.95 -50.08 -7.83
C GLU Q 341 10.97 -48.93 -6.82
N TYR Q 342 11.90 -48.95 -5.86
CA TYR Q 342 12.06 -47.84 -4.94
C TYR Q 342 12.39 -46.55 -5.67
N LEU Q 343 13.32 -46.61 -6.62
CA LEU Q 343 13.75 -45.41 -7.30
C LEU Q 343 12.74 -44.95 -8.34
N PHE Q 344 12.02 -45.88 -8.97
CA PHE Q 344 10.90 -45.50 -9.81
C PHE Q 344 9.82 -44.80 -9.01
N ASP Q 345 9.51 -45.33 -7.82
CA ASP Q 345 8.59 -44.68 -6.89
C ASP Q 345 9.02 -43.24 -6.60
N LYS Q 346 10.31 -43.02 -6.35
CA LYS Q 346 10.75 -41.68 -6.00
C LYS Q 346 10.73 -40.76 -7.21
N HIS Q 347 11.31 -41.17 -8.33
CA HIS Q 347 11.61 -40.21 -9.39
C HIS Q 347 10.48 -40.02 -10.40
N THR Q 348 9.75 -41.07 -10.74
CA THR Q 348 8.70 -40.93 -11.72
C THR Q 348 7.36 -40.61 -11.08
N LEU Q 349 6.98 -41.35 -10.06
CA LEU Q 349 5.70 -41.16 -9.42
C LEU Q 349 5.75 -40.10 -8.34
N GLY Q 350 6.92 -39.66 -7.93
CA GLY Q 350 7.06 -38.66 -6.90
C GLY Q 350 6.63 -37.29 -7.33
N LYS R 22 -85.80 -112.56 -50.55
CA LYS R 22 -87.05 -111.82 -50.44
C LYS R 22 -86.98 -110.51 -51.22
N ILE R 23 -85.78 -110.16 -51.67
CA ILE R 23 -85.62 -109.04 -52.59
C ILE R 23 -86.12 -109.47 -53.97
N GLU R 24 -87.05 -108.71 -54.52
CA GLU R 24 -87.74 -109.11 -55.74
C GLU R 24 -86.85 -108.95 -56.97
N GLU R 25 -87.08 -109.80 -57.97
CA GLU R 25 -86.31 -109.86 -59.19
C GLU R 25 -87.05 -109.15 -60.33
N GLY R 26 -86.29 -108.69 -61.32
CA GLY R 26 -86.85 -107.95 -62.43
C GLY R 26 -87.40 -106.59 -62.06
N LYS R 27 -87.06 -106.09 -60.89
CA LYS R 27 -87.68 -104.89 -60.33
C LYS R 27 -86.68 -104.25 -59.38
N LEU R 28 -86.63 -102.92 -59.39
CA LEU R 28 -85.68 -102.16 -58.60
C LEU R 28 -86.40 -101.18 -57.70
N VAL R 29 -86.12 -101.25 -56.39
CA VAL R 29 -86.59 -100.29 -55.42
C VAL R 29 -85.39 -99.66 -54.73
N ILE R 30 -85.42 -98.34 -54.58
CA ILE R 30 -84.31 -97.57 -54.06
C ILE R 30 -84.81 -96.75 -52.88
N TRP R 31 -83.97 -96.60 -51.86
CA TRP R 31 -84.23 -95.69 -50.76
C TRP R 31 -83.18 -94.59 -50.73
N ILE R 32 -83.64 -93.35 -50.62
CA ILE R 32 -82.78 -92.17 -50.67
C ILE R 32 -83.37 -91.09 -49.78
N ASN R 33 -82.50 -90.41 -49.03
CA ASN R 33 -82.96 -89.42 -48.06
C ASN R 33 -83.55 -88.21 -48.79
N GLY R 34 -84.60 -87.63 -48.20
CA GLY R 34 -85.38 -86.57 -48.78
C GLY R 34 -84.73 -85.21 -48.85
N ASP R 35 -83.49 -85.06 -48.40
CA ASP R 35 -82.76 -83.80 -48.53
C ASP R 35 -82.01 -83.71 -49.85
N LYS R 36 -82.24 -84.64 -50.76
CA LYS R 36 -81.55 -84.75 -52.02
C LYS R 36 -82.54 -84.62 -53.16
N GLY R 37 -82.04 -84.77 -54.39
CA GLY R 37 -82.91 -84.83 -55.53
C GLY R 37 -83.45 -86.23 -55.75
N TYR R 38 -84.30 -86.69 -54.82
CA TYR R 38 -84.93 -87.99 -54.99
C TYR R 38 -85.89 -87.99 -56.18
N ASN R 39 -86.47 -86.83 -56.48
CA ASN R 39 -87.23 -86.70 -57.72
C ASN R 39 -86.32 -86.85 -58.93
N GLY R 40 -85.06 -86.42 -58.83
CA GLY R 40 -84.11 -86.72 -59.89
C GLY R 40 -83.80 -88.19 -60.01
N LEU R 41 -83.82 -88.91 -58.89
CA LEU R 41 -83.70 -90.36 -58.95
C LEU R 41 -84.91 -90.98 -59.62
N ALA R 42 -86.10 -90.41 -59.41
CA ALA R 42 -87.27 -90.85 -60.17
C ALA R 42 -87.11 -90.55 -61.66
N GLU R 43 -86.50 -89.40 -61.99
CA GLU R 43 -86.31 -89.04 -63.39
CA GLU R 43 -86.31 -89.04 -63.39
C GLU R 43 -85.33 -90.00 -64.08
N VAL R 44 -84.25 -90.36 -63.41
CA VAL R 44 -83.33 -91.30 -64.05
C VAL R 44 -83.95 -92.69 -64.10
N GLY R 45 -84.79 -93.02 -63.11
CA GLY R 45 -85.54 -94.25 -63.19
C GLY R 45 -86.44 -94.31 -64.40
N LYS R 46 -87.12 -93.20 -64.72
CA LYS R 46 -87.99 -93.24 -65.89
C LYS R 46 -87.22 -93.17 -67.20
N LYS R 47 -86.03 -92.55 -67.24
CA LYS R 47 -85.18 -92.77 -68.43
C LYS R 47 -84.90 -94.24 -68.61
N PHE R 48 -84.52 -94.93 -67.53
CA PHE R 48 -84.26 -96.36 -67.60
C PHE R 48 -85.51 -97.14 -68.03
N GLU R 49 -86.69 -96.67 -67.62
CA GLU R 49 -87.93 -97.36 -68.00
C GLU R 49 -88.23 -97.19 -69.48
N LYS R 50 -88.14 -95.95 -70.00
CA LYS R 50 -88.38 -95.76 -71.43
C LYS R 50 -87.31 -96.43 -72.28
N ASP R 51 -86.10 -96.61 -71.77
CA ASP R 51 -85.06 -97.23 -72.59
C ASP R 51 -85.08 -98.75 -72.53
N THR R 52 -85.24 -99.34 -71.35
CA THR R 52 -85.14 -100.79 -71.18
C THR R 52 -86.42 -101.46 -70.71
N GLY R 53 -87.43 -100.70 -70.28
CA GLY R 53 -88.67 -101.30 -69.83
C GLY R 53 -88.66 -101.83 -68.41
N ILE R 54 -87.58 -101.64 -67.67
CA ILE R 54 -87.47 -102.16 -66.30
C ILE R 54 -87.87 -101.07 -65.33
N LYS R 55 -88.89 -101.35 -64.51
CA LYS R 55 -89.46 -100.34 -63.63
C LYS R 55 -88.53 -100.06 -62.46
N VAL R 56 -88.40 -98.78 -62.12
CA VAL R 56 -87.60 -98.32 -60.99
C VAL R 56 -88.50 -97.49 -60.08
N THR R 57 -88.62 -97.92 -58.82
CA THR R 57 -89.35 -97.17 -57.81
C THR R 57 -88.38 -96.62 -56.77
N VAL R 58 -88.59 -95.38 -56.36
CA VAL R 58 -87.79 -94.77 -55.30
C VAL R 58 -88.73 -94.37 -54.18
N GLU R 59 -88.21 -94.46 -52.95
CA GLU R 59 -88.97 -94.07 -51.78
C GLU R 59 -88.07 -93.29 -50.83
N HIS R 60 -88.63 -92.25 -50.21
CA HIS R 60 -87.86 -91.31 -49.40
C HIS R 60 -88.53 -91.09 -48.04
N PRO R 61 -88.45 -92.07 -47.15
CA PRO R 61 -88.93 -91.88 -45.78
C PRO R 61 -87.82 -91.41 -44.85
N ASP R 62 -88.22 -91.05 -43.64
CA ASP R 62 -87.24 -90.66 -42.63
C ASP R 62 -86.50 -91.88 -42.10
N LYS R 63 -85.42 -91.61 -41.36
CA LYS R 63 -84.64 -92.61 -40.62
C LYS R 63 -84.14 -93.75 -41.50
N LEU R 64 -83.76 -93.46 -42.75
CA LEU R 64 -83.34 -94.51 -43.67
C LEU R 64 -82.06 -95.20 -43.23
N GLU R 65 -81.21 -94.52 -42.47
CA GLU R 65 -79.99 -95.18 -41.98
C GLU R 65 -80.32 -96.09 -40.80
N GLU R 66 -81.38 -95.75 -40.06
CA GLU R 66 -81.92 -96.69 -39.09
C GLU R 66 -82.65 -97.83 -39.79
N LYS R 67 -83.25 -97.55 -40.96
CA LYS R 67 -84.18 -98.48 -41.58
C LYS R 67 -83.49 -99.51 -42.47
N PHE R 68 -82.37 -99.16 -43.11
CA PHE R 68 -81.72 -100.12 -44.01
C PHE R 68 -81.13 -101.33 -43.30
N PRO R 69 -80.28 -101.19 -42.25
CA PRO R 69 -79.63 -102.39 -41.72
C PRO R 69 -80.57 -103.33 -40.98
N GLN R 70 -81.62 -102.80 -40.34
CA GLN R 70 -82.56 -103.64 -39.61
C GLN R 70 -83.40 -104.52 -40.53
N VAL R 71 -83.49 -104.18 -41.81
CA VAL R 71 -84.28 -104.98 -42.75
C VAL R 71 -83.31 -105.78 -43.61
N ALA R 72 -82.12 -105.22 -43.84
CA ALA R 72 -81.08 -105.92 -44.60
C ALA R 72 -80.50 -107.10 -43.83
N ALA R 73 -80.55 -107.05 -42.50
CA ALA R 73 -80.18 -108.23 -41.71
C ALA R 73 -81.22 -109.34 -41.81
N THR R 74 -82.43 -109.03 -42.27
CA THR R 74 -83.42 -110.02 -42.61
C THR R 74 -83.35 -110.47 -44.05
N GLY R 75 -82.67 -109.71 -44.91
CA GLY R 75 -82.59 -110.04 -46.32
C GLY R 75 -83.59 -109.35 -47.21
N ASP R 76 -84.10 -108.18 -46.80
CA ASP R 76 -85.07 -107.45 -47.60
C ASP R 76 -84.78 -105.96 -47.59
N GLY R 77 -85.75 -105.16 -48.00
CA GLY R 77 -85.62 -103.73 -47.99
C GLY R 77 -85.44 -103.17 -49.38
N PRO R 78 -84.44 -102.33 -49.55
CA PRO R 78 -84.17 -101.75 -50.88
C PRO R 78 -83.17 -102.60 -51.65
N ASP R 79 -82.86 -102.17 -52.87
CA ASP R 79 -81.70 -102.71 -53.54
C ASP R 79 -80.51 -101.77 -53.44
N ILE R 80 -80.75 -100.47 -53.65
CA ILE R 80 -79.72 -99.45 -53.65
C ILE R 80 -80.02 -98.43 -52.57
N ILE R 81 -78.97 -97.92 -51.92
CA ILE R 81 -79.11 -96.90 -50.88
C ILE R 81 -78.06 -95.83 -51.07
N PHE R 82 -78.49 -94.57 -51.06
CA PHE R 82 -77.62 -93.40 -51.23
C PHE R 82 -77.35 -92.81 -49.86
N TRP R 83 -76.11 -92.92 -49.39
CA TRP R 83 -75.77 -92.43 -48.05
C TRP R 83 -74.26 -92.23 -47.97
N ALA R 84 -73.82 -91.74 -46.81
CA ALA R 84 -72.40 -91.54 -46.56
C ALA R 84 -71.67 -92.89 -46.50
N HIS R 85 -70.39 -92.85 -46.87
CA HIS R 85 -69.60 -94.06 -46.99
C HIS R 85 -69.15 -94.64 -45.65
N ASP R 86 -69.11 -93.82 -44.60
CA ASP R 86 -68.52 -94.24 -43.34
C ASP R 86 -69.33 -95.34 -42.65
N ARG R 87 -70.65 -95.27 -42.75
CA ARG R 87 -71.48 -96.36 -42.25
C ARG R 87 -71.57 -97.51 -43.26
N PHE R 88 -71.12 -97.29 -44.50
CA PHE R 88 -71.13 -98.37 -45.48
C PHE R 88 -70.07 -99.41 -45.17
N GLY R 89 -68.85 -98.96 -44.83
CA GLY R 89 -67.77 -99.89 -44.52
C GLY R 89 -68.11 -100.78 -43.34
N GLY R 90 -68.73 -100.21 -42.31
CA GLY R 90 -69.26 -101.02 -41.23
C GLY R 90 -70.31 -102.00 -41.72
N TYR R 91 -71.21 -101.54 -42.58
CA TYR R 91 -72.15 -102.46 -43.21
C TYR R 91 -71.48 -103.32 -44.27
N ALA R 92 -70.25 -102.98 -44.68
CA ALA R 92 -69.46 -103.93 -45.45
C ALA R 92 -69.00 -105.09 -44.58
N GLN R 93 -68.87 -104.85 -43.28
CA GLN R 93 -68.61 -105.95 -42.35
C GLN R 93 -69.88 -106.73 -42.07
N SER R 94 -71.01 -106.03 -41.94
CA SER R 94 -72.25 -106.61 -41.46
C SER R 94 -72.97 -107.46 -42.51
N GLY R 95 -72.39 -107.65 -43.69
CA GLY R 95 -73.03 -108.46 -44.71
C GLY R 95 -74.28 -107.84 -45.28
N LEU R 96 -74.35 -106.50 -45.32
CA LEU R 96 -75.53 -105.80 -45.82
C LEU R 96 -75.29 -105.01 -47.10
N LEU R 97 -74.03 -104.74 -47.45
CA LEU R 97 -73.70 -104.13 -48.73
C LEU R 97 -73.02 -105.15 -49.63
N ALA R 98 -73.40 -105.12 -50.90
CA ALA R 98 -72.90 -106.09 -51.87
C ALA R 98 -71.56 -105.64 -52.43
N GLU R 99 -70.65 -106.60 -52.58
CA GLU R 99 -69.36 -106.35 -53.22
C GLU R 99 -69.58 -106.10 -54.70
N ILE R 100 -69.38 -104.85 -55.13
CA ILE R 100 -69.62 -104.50 -56.53
C ILE R 100 -68.46 -104.99 -57.39
N THR R 101 -68.74 -105.14 -58.68
CA THR R 101 -67.73 -105.51 -59.66
C THR R 101 -67.76 -104.50 -60.80
N PRO R 102 -67.08 -103.37 -60.65
CA PRO R 102 -66.97 -102.42 -61.75
C PRO R 102 -65.73 -102.67 -62.60
N ASP R 103 -65.77 -102.15 -63.81
CA ASP R 103 -64.66 -102.30 -64.74
CA ASP R 103 -64.67 -102.29 -64.74
C ASP R 103 -63.59 -101.24 -64.46
N LYS R 104 -62.43 -101.42 -65.08
CA LYS R 104 -61.32 -100.51 -64.88
C LYS R 104 -61.47 -99.23 -65.69
N ALA R 105 -62.10 -99.31 -66.87
CA ALA R 105 -62.38 -98.10 -67.63
C ALA R 105 -63.41 -97.22 -66.92
N PHE R 106 -64.40 -97.83 -66.27
CA PHE R 106 -65.33 -97.06 -65.47
C PHE R 106 -64.68 -96.55 -64.19
N GLN R 107 -63.66 -97.26 -63.69
CA GLN R 107 -62.88 -96.74 -62.57
C GLN R 107 -62.03 -95.55 -63.00
N ASP R 108 -61.65 -95.50 -64.27
CA ASP R 108 -61.02 -94.31 -64.81
C ASP R 108 -62.04 -93.20 -65.07
N LYS R 109 -63.29 -93.57 -65.35
CA LYS R 109 -64.35 -92.58 -65.55
C LYS R 109 -64.64 -91.76 -64.29
N LEU R 110 -64.37 -92.32 -63.12
CA LEU R 110 -64.53 -91.61 -61.86
C LEU R 110 -63.17 -91.31 -61.25
N TYR R 111 -63.18 -90.45 -60.24
CA TYR R 111 -61.94 -90.14 -59.53
C TYR R 111 -61.63 -91.24 -58.53
N PRO R 112 -60.38 -91.70 -58.46
CA PRO R 112 -60.05 -92.81 -57.55
C PRO R 112 -60.11 -92.43 -56.08
N PHE R 113 -59.85 -91.16 -55.74
CA PHE R 113 -59.96 -90.76 -54.34
C PHE R 113 -61.39 -90.83 -53.84
N THR R 114 -62.37 -90.81 -54.76
CA THR R 114 -63.73 -91.16 -54.39
C THR R 114 -63.87 -92.66 -54.15
N TRP R 115 -63.13 -93.48 -54.92
CA TRP R 115 -63.19 -94.93 -54.72
C TRP R 115 -62.52 -95.35 -53.42
N ASP R 116 -61.62 -94.55 -52.87
CA ASP R 116 -61.06 -94.85 -51.56
C ASP R 116 -62.06 -94.65 -50.42
N ALA R 117 -63.23 -94.09 -50.70
CA ALA R 117 -64.24 -93.90 -49.66
C ALA R 117 -65.00 -95.19 -49.37
N VAL R 118 -65.11 -96.09 -50.35
CA VAL R 118 -65.96 -97.26 -50.26
C VAL R 118 -65.12 -98.53 -50.21
N ARG R 119 -63.93 -98.43 -49.63
CA ARG R 119 -63.05 -99.57 -49.45
C ARG R 119 -63.26 -100.16 -48.06
N TYR R 120 -63.25 -101.49 -47.98
CA TYR R 120 -63.31 -102.19 -46.70
C TYR R 120 -62.81 -103.61 -46.91
N ASN R 121 -61.76 -103.98 -46.17
CA ASN R 121 -61.12 -105.31 -46.27
C ASN R 121 -60.68 -105.60 -47.70
N GLY R 122 -60.24 -104.58 -48.41
CA GLY R 122 -59.82 -104.71 -49.79
C GLY R 122 -60.92 -104.83 -50.81
N LYS R 123 -62.16 -105.09 -50.40
CA LYS R 123 -63.26 -105.26 -51.33
C LYS R 123 -63.93 -103.91 -51.58
N LEU R 124 -64.60 -103.80 -52.73
CA LEU R 124 -65.23 -102.58 -53.15
C LEU R 124 -66.74 -102.76 -53.04
N ILE R 125 -67.41 -101.82 -52.37
CA ILE R 125 -68.77 -102.07 -51.89
C ILE R 125 -69.83 -101.18 -52.54
N ALA R 126 -69.46 -100.01 -53.07
CA ALA R 126 -70.47 -99.06 -53.50
C ALA R 126 -69.88 -98.11 -54.52
N TYR R 127 -70.74 -97.53 -55.34
CA TYR R 127 -70.32 -96.57 -56.35
C TYR R 127 -70.44 -95.17 -55.80
N PRO R 128 -69.35 -94.39 -55.74
CA PRO R 128 -69.46 -93.02 -55.23
C PRO R 128 -70.15 -92.11 -56.24
N ILE R 129 -71.04 -91.25 -55.73
CA ILE R 129 -71.72 -90.28 -56.59
C ILE R 129 -71.28 -88.88 -56.19
N ALA R 130 -71.57 -88.49 -54.96
CA ALA R 130 -71.33 -87.13 -54.50
C ALA R 130 -70.17 -87.09 -53.53
N VAL R 131 -69.45 -85.97 -53.50
CA VAL R 131 -68.28 -85.79 -52.66
C VAL R 131 -68.40 -84.44 -51.97
N GLU R 132 -68.14 -84.43 -50.66
CA GLU R 132 -68.40 -83.28 -49.81
C GLU R 132 -67.13 -82.87 -49.08
N ALA R 133 -66.91 -81.56 -49.00
CA ALA R 133 -65.72 -81.02 -48.35
C ALA R 133 -65.97 -79.58 -47.97
N LEU R 134 -65.41 -79.17 -46.83
CA LEU R 134 -65.60 -77.83 -46.31
C LEU R 134 -64.67 -76.86 -47.00
N SER R 135 -65.19 -75.68 -47.35
CA SER R 135 -64.43 -74.68 -48.09
C SER R 135 -64.60 -73.33 -47.44
N LEU R 136 -63.77 -72.37 -47.85
CA LEU R 136 -63.79 -71.03 -47.28
C LEU R 136 -64.81 -70.19 -48.04
N ILE R 137 -65.69 -69.53 -47.29
CA ILE R 137 -66.69 -68.63 -47.85
C ILE R 137 -66.33 -67.24 -47.37
N TYR R 138 -66.18 -66.30 -48.31
CA TYR R 138 -65.70 -64.97 -48.01
C TYR R 138 -66.60 -63.90 -48.61
N ASN R 139 -66.75 -62.80 -47.87
CA ASN R 139 -67.36 -61.59 -48.43
C ASN R 139 -66.37 -60.94 -49.39
N LYS R 140 -66.79 -60.75 -50.64
CA LYS R 140 -65.91 -60.11 -51.62
C LYS R 140 -65.72 -58.64 -51.33
N ASP R 141 -66.68 -58.01 -50.66
CA ASP R 141 -66.58 -56.58 -50.38
C ASP R 141 -65.61 -56.30 -49.24
N LEU R 142 -65.77 -57.02 -48.12
CA LEU R 142 -64.88 -56.82 -46.99
C LEU R 142 -63.45 -57.24 -47.31
N LEU R 143 -63.26 -58.20 -48.20
CA LEU R 143 -61.91 -58.59 -48.57
C LEU R 143 -61.87 -58.96 -50.05
N PRO R 144 -61.31 -58.08 -50.89
CA PRO R 144 -61.24 -58.40 -52.33
C PRO R 144 -60.21 -59.44 -52.69
N ASN R 145 -59.22 -59.69 -51.82
CA ASN R 145 -58.13 -60.60 -52.11
C ASN R 145 -57.94 -61.56 -50.94
N PRO R 146 -58.38 -62.81 -51.07
CA PRO R 146 -58.27 -63.74 -49.95
C PRO R 146 -56.82 -64.09 -49.68
N PRO R 147 -56.48 -64.46 -48.44
CA PRO R 147 -55.13 -64.91 -48.13
C PRO R 147 -54.99 -66.42 -48.30
N LYS R 148 -53.75 -66.85 -48.51
CA LYS R 148 -53.44 -68.25 -48.74
C LYS R 148 -52.69 -68.89 -47.58
N THR R 149 -52.45 -68.16 -46.50
CA THR R 149 -51.78 -68.69 -45.32
C THR R 149 -52.64 -68.44 -44.09
N TRP R 150 -52.67 -69.42 -43.18
CA TRP R 150 -53.31 -69.20 -41.89
C TRP R 150 -52.53 -68.22 -41.04
N GLU R 151 -51.22 -68.17 -41.22
CA GLU R 151 -50.37 -67.23 -40.51
C GLU R 151 -50.70 -65.78 -40.84
N GLU R 152 -51.43 -65.55 -41.94
CA GLU R 152 -51.88 -64.21 -42.28
C GLU R 152 -53.14 -63.82 -41.51
N ILE R 153 -53.93 -64.78 -41.05
CA ILE R 153 -55.23 -64.53 -40.42
C ILE R 153 -55.14 -63.68 -39.16
N PRO R 154 -54.18 -63.87 -38.24
CA PRO R 154 -54.13 -62.96 -37.07
C PRO R 154 -53.92 -61.51 -37.45
N ALA R 155 -52.93 -61.23 -38.29
CA ALA R 155 -52.59 -59.86 -38.65
C ALA R 155 -53.77 -59.14 -39.28
N LEU R 156 -54.42 -59.77 -40.27
CA LEU R 156 -55.57 -59.15 -40.92
C LEU R 156 -56.73 -58.96 -39.95
N ASP R 157 -56.81 -59.80 -38.91
CA ASP R 157 -57.83 -59.61 -37.89
C ASP R 157 -57.65 -58.26 -37.21
N LYS R 158 -56.40 -57.83 -37.01
CA LYS R 158 -56.11 -56.51 -36.47
C LYS R 158 -56.69 -55.41 -37.33
N GLU R 159 -56.86 -55.66 -38.63
CA GLU R 159 -57.53 -54.68 -39.47
C GLU R 159 -59.02 -54.63 -39.18
N LEU R 160 -59.67 -55.78 -39.02
CA LEU R 160 -61.13 -55.78 -39.01
C LEU R 160 -61.70 -55.22 -37.71
N LYS R 161 -61.00 -55.38 -36.60
CA LYS R 161 -61.41 -54.71 -35.37
C LYS R 161 -61.31 -53.19 -35.50
N ALA R 162 -60.53 -52.70 -36.46
CA ALA R 162 -60.49 -51.28 -36.78
C ALA R 162 -61.69 -50.83 -37.60
N LYS R 163 -62.47 -51.76 -38.14
CA LYS R 163 -63.72 -51.44 -38.82
C LYS R 163 -64.94 -51.94 -38.06
N GLY R 164 -64.74 -52.49 -36.87
CA GLY R 164 -65.85 -53.10 -36.15
C GLY R 164 -66.26 -54.45 -36.68
N LYS R 165 -65.33 -55.17 -37.32
CA LYS R 165 -65.61 -56.45 -37.92
C LYS R 165 -64.73 -57.52 -37.29
N SER R 166 -65.06 -58.78 -37.58
CA SER R 166 -64.27 -59.92 -37.11
C SER R 166 -63.76 -60.69 -38.31
N ALA R 167 -62.58 -61.29 -38.16
CA ALA R 167 -61.95 -61.99 -39.28
C ALA R 167 -62.61 -63.34 -39.53
N LEU R 168 -62.57 -64.23 -38.54
CA LEU R 168 -63.05 -65.59 -38.72
C LEU R 168 -63.94 -65.94 -37.54
N MET R 169 -65.10 -66.53 -37.83
CA MET R 169 -66.02 -67.01 -36.80
C MET R 169 -66.71 -68.26 -37.33
N PHE R 170 -66.53 -69.38 -36.63
CA PHE R 170 -67.12 -70.65 -37.05
C PHE R 170 -67.43 -71.47 -35.81
N ASN R 171 -67.86 -72.71 -36.03
CA ASN R 171 -68.24 -73.60 -34.96
C ASN R 171 -67.00 -74.24 -34.34
N LEU R 172 -66.65 -73.83 -33.13
CA LEU R 172 -65.53 -74.42 -32.40
C LEU R 172 -65.97 -75.61 -31.55
N GLN R 173 -67.26 -75.90 -31.48
CA GLN R 173 -67.76 -76.98 -30.64
C GLN R 173 -67.66 -78.35 -31.28
N GLU R 174 -67.11 -78.45 -32.48
CA GLU R 174 -66.97 -79.71 -33.17
C GLU R 174 -65.55 -79.92 -33.66
N PRO R 175 -65.03 -81.15 -33.57
CA PRO R 175 -63.76 -81.45 -34.25
C PRO R 175 -63.89 -81.46 -35.77
N TYR R 176 -65.11 -81.59 -36.29
CA TYR R 176 -65.34 -81.64 -37.73
C TYR R 176 -64.94 -80.33 -38.41
N PHE R 177 -65.03 -79.21 -37.68
CA PHE R 177 -64.58 -77.93 -38.24
C PHE R 177 -63.09 -77.73 -38.04
N THR R 178 -62.56 -78.15 -36.90
CA THR R 178 -61.19 -77.82 -36.53
C THR R 178 -60.15 -78.77 -37.13
N TRP R 179 -60.55 -79.95 -37.58
CA TRP R 179 -59.61 -80.95 -38.08
C TRP R 179 -58.82 -80.55 -39.33
N PRO R 180 -59.33 -79.69 -40.25
CA PRO R 180 -58.45 -79.21 -41.33
C PRO R 180 -57.17 -78.54 -40.85
N LEU R 181 -57.25 -77.68 -39.84
CA LEU R 181 -56.07 -76.94 -39.40
C LEU R 181 -55.12 -77.81 -38.58
N ILE R 182 -55.64 -78.52 -37.58
CA ILE R 182 -54.78 -79.21 -36.63
C ILE R 182 -54.10 -80.41 -37.29
N ALA R 183 -54.77 -81.08 -38.23
CA ALA R 183 -54.25 -82.27 -38.86
C ALA R 183 -53.59 -81.99 -40.21
N ALA R 184 -53.32 -80.72 -40.52
CA ALA R 184 -52.78 -80.38 -41.84
C ALA R 184 -51.33 -80.79 -41.97
N ASP R 185 -50.55 -80.61 -40.90
CA ASP R 185 -49.09 -80.77 -40.96
C ASP R 185 -48.60 -81.98 -40.16
N GLY R 186 -49.40 -83.05 -40.08
CA GLY R 186 -48.94 -84.25 -39.42
C GLY R 186 -49.99 -85.02 -38.64
N GLY R 187 -51.16 -84.44 -38.44
CA GLY R 187 -52.24 -85.15 -37.79
C GLY R 187 -53.06 -85.97 -38.76
N TYR R 188 -53.60 -87.09 -38.26
CA TYR R 188 -54.45 -87.97 -39.04
C TYR R 188 -55.22 -88.88 -38.08
N ALA R 189 -56.52 -89.05 -38.33
CA ALA R 189 -57.40 -89.73 -37.38
C ALA R 189 -56.95 -91.18 -37.16
N PHE R 190 -57.00 -92.00 -38.20
CA PHE R 190 -56.50 -93.37 -38.16
C PHE R 190 -55.59 -93.59 -39.37
N LYS R 191 -54.55 -94.40 -39.18
CA LYS R 191 -53.70 -94.73 -40.31
C LYS R 191 -54.48 -95.61 -41.31
N TYR R 192 -54.58 -95.12 -42.54
CA TYR R 192 -55.43 -95.72 -43.56
C TYR R 192 -54.60 -96.03 -44.80
N GLU R 193 -54.36 -97.32 -45.05
CA GLU R 193 -53.55 -97.76 -46.18
C GLU R 193 -54.17 -99.01 -46.77
N ASN R 194 -54.13 -99.13 -48.11
CA ASN R 194 -54.59 -100.31 -48.85
C ASN R 194 -56.05 -100.66 -48.55
N GLY R 195 -56.85 -99.66 -48.24
CA GLY R 195 -58.25 -99.90 -47.91
C GLY R 195 -58.49 -100.40 -46.51
N LYS R 196 -57.54 -100.25 -45.60
CA LYS R 196 -57.65 -100.75 -44.24
C LYS R 196 -57.30 -99.64 -43.25
N TYR R 197 -58.14 -99.47 -42.23
CA TYR R 197 -57.91 -98.51 -41.16
C TYR R 197 -57.27 -99.20 -39.97
N ASP R 198 -56.08 -98.75 -39.58
CA ASP R 198 -55.38 -99.35 -38.46
C ASP R 198 -55.95 -98.82 -37.15
N ILE R 199 -56.31 -99.74 -36.26
CA ILE R 199 -56.97 -99.34 -35.01
C ILE R 199 -55.96 -98.88 -33.97
N LYS R 200 -54.78 -99.50 -33.93
CA LYS R 200 -53.72 -99.13 -33.01
C LYS R 200 -53.00 -97.84 -33.44
N ASP R 201 -53.41 -97.20 -34.53
CA ASP R 201 -52.64 -96.10 -35.09
C ASP R 201 -53.53 -94.86 -35.19
N VAL R 202 -54.08 -94.46 -34.05
CA VAL R 202 -54.83 -93.22 -33.87
C VAL R 202 -53.80 -92.10 -33.75
N GLY R 203 -53.67 -91.29 -34.79
CA GLY R 203 -52.68 -90.23 -34.75
C GLY R 203 -53.16 -88.89 -34.22
N VAL R 204 -52.93 -88.64 -32.93
CA VAL R 204 -53.10 -87.30 -32.37
C VAL R 204 -51.88 -86.86 -31.57
N ASP R 205 -50.97 -87.77 -31.23
CA ASP R 205 -49.75 -87.44 -30.53
C ASP R 205 -48.61 -87.18 -31.52
N ASN R 206 -48.86 -86.24 -32.42
CA ASN R 206 -47.92 -85.87 -33.47
C ASN R 206 -47.58 -84.40 -33.39
N ALA R 207 -46.40 -84.04 -33.90
CA ALA R 207 -45.95 -82.66 -33.87
C ALA R 207 -46.84 -81.74 -34.70
N GLY R 208 -47.45 -82.28 -35.76
CA GLY R 208 -48.37 -81.47 -36.54
C GLY R 208 -49.64 -81.12 -35.78
N ALA R 209 -50.20 -82.10 -35.06
CA ALA R 209 -51.36 -81.80 -34.22
C ALA R 209 -51.02 -80.80 -33.13
N LYS R 210 -49.81 -80.93 -32.57
CA LYS R 210 -49.33 -79.94 -31.59
C LYS R 210 -49.28 -78.55 -32.21
N ALA R 211 -48.71 -78.43 -33.41
CA ALA R 211 -48.59 -77.13 -34.05
C ALA R 211 -49.95 -76.53 -34.36
N GLY R 212 -50.88 -77.35 -34.85
CA GLY R 212 -52.22 -76.85 -35.15
C GLY R 212 -52.96 -76.40 -33.90
N LEU R 213 -52.85 -77.17 -32.81
CA LEU R 213 -53.57 -76.78 -31.61
C LEU R 213 -52.93 -75.57 -30.93
N THR R 214 -51.59 -75.43 -31.01
CA THR R 214 -50.98 -74.20 -30.55
C THR R 214 -51.40 -73.00 -31.41
N PHE R 215 -51.56 -73.19 -32.72
CA PHE R 215 -52.07 -72.07 -33.52
C PHE R 215 -53.51 -71.74 -33.12
N LEU R 216 -54.30 -72.74 -32.76
CA LEU R 216 -55.65 -72.48 -32.27
C LEU R 216 -55.61 -71.69 -30.96
N VAL R 217 -54.72 -72.07 -30.03
CA VAL R 217 -54.66 -71.33 -28.77
C VAL R 217 -54.03 -69.95 -28.95
N ASP R 218 -53.26 -69.73 -30.01
CA ASP R 218 -52.83 -68.36 -30.31
C ASP R 218 -53.95 -67.54 -30.92
N LEU R 219 -54.83 -68.17 -31.70
CA LEU R 219 -55.98 -67.43 -32.22
C LEU R 219 -56.99 -67.14 -31.13
N ILE R 220 -57.05 -67.96 -30.09
CA ILE R 220 -58.04 -67.74 -29.04
C ILE R 220 -57.48 -66.92 -27.88
N LYS R 221 -56.17 -66.99 -27.62
CA LYS R 221 -55.61 -66.29 -26.47
C LYS R 221 -55.63 -64.79 -26.68
N ASN R 222 -55.17 -64.33 -27.84
CA ASN R 222 -55.19 -62.91 -28.19
C ASN R 222 -56.56 -62.43 -28.62
N LYS R 223 -57.59 -63.26 -28.47
CA LYS R 223 -58.99 -62.87 -28.66
C LYS R 223 -59.27 -62.47 -30.11
N HIS R 224 -58.71 -63.23 -31.04
CA HIS R 224 -59.12 -63.07 -32.44
C HIS R 224 -60.53 -63.62 -32.64
N MET R 225 -60.83 -64.74 -32.01
CA MET R 225 -62.16 -65.33 -32.00
C MET R 225 -62.61 -65.54 -30.56
N ASN R 226 -63.81 -66.10 -30.41
CA ASN R 226 -64.33 -66.49 -29.11
C ASN R 226 -64.33 -68.00 -28.99
N ALA R 227 -64.32 -68.48 -27.74
CA ALA R 227 -64.29 -69.93 -27.50
C ALA R 227 -65.68 -70.53 -27.39
N ASP R 228 -66.65 -69.76 -26.92
CA ASP R 228 -68.02 -70.23 -26.77
C ASP R 228 -68.83 -70.09 -28.04
N THR R 229 -68.22 -69.67 -29.15
CA THR R 229 -68.95 -69.54 -30.39
C THR R 229 -69.27 -70.91 -30.97
N ASP R 230 -70.23 -70.92 -31.88
CA ASP R 230 -70.65 -72.15 -32.54
C ASP R 230 -71.15 -71.80 -33.94
N TYR R 231 -71.94 -72.70 -34.51
CA TYR R 231 -72.31 -72.59 -35.91
C TYR R 231 -73.38 -71.51 -36.13
N SER R 232 -74.33 -71.39 -35.20
CA SER R 232 -75.46 -70.50 -35.43
CA SER R 232 -75.46 -70.50 -35.42
C SER R 232 -75.03 -69.04 -35.43
N ILE R 233 -74.32 -68.61 -34.39
CA ILE R 233 -73.86 -67.22 -34.32
C ILE R 233 -72.95 -66.91 -35.48
N ALA R 234 -72.09 -67.85 -35.86
CA ALA R 234 -71.17 -67.66 -36.98
C ALA R 234 -71.92 -67.42 -38.28
N GLU R 235 -72.80 -68.35 -38.65
CA GLU R 235 -73.52 -68.21 -39.91
C GLU R 235 -74.46 -67.02 -39.91
N ALA R 236 -75.09 -66.71 -38.77
CA ALA R 236 -75.99 -65.57 -38.71
C ALA R 236 -75.23 -64.25 -38.85
N ALA R 237 -74.04 -64.17 -38.23
CA ALA R 237 -73.23 -62.97 -38.36
C ALA R 237 -72.66 -62.82 -39.76
N PHE R 238 -72.33 -63.94 -40.41
CA PHE R 238 -71.84 -63.87 -41.79
C PHE R 238 -72.96 -63.49 -42.75
N ASN R 239 -74.20 -63.93 -42.48
CA ASN R 239 -75.33 -63.49 -43.28
C ASN R 239 -75.58 -61.99 -43.13
N LYS R 240 -75.31 -61.44 -41.95
CA LYS R 240 -75.34 -59.99 -41.79
C LYS R 240 -74.10 -59.33 -42.38
N GLY R 241 -73.01 -60.07 -42.54
CA GLY R 241 -71.79 -59.50 -43.06
C GLY R 241 -70.90 -58.88 -42.01
N GLU R 242 -70.95 -59.39 -40.77
CA GLU R 242 -70.10 -58.87 -39.71
C GLU R 242 -68.74 -59.54 -39.68
N THR R 243 -68.71 -60.87 -39.70
CA THR R 243 -67.48 -61.63 -39.88
C THR R 243 -67.28 -61.85 -41.38
N ALA R 244 -66.04 -61.72 -41.84
CA ALA R 244 -65.76 -61.79 -43.26
C ALA R 244 -65.46 -63.21 -43.75
N MET R 245 -64.78 -64.02 -42.95
CA MET R 245 -64.42 -65.37 -43.35
C MET R 245 -65.28 -66.39 -42.62
N THR R 246 -65.58 -67.49 -43.29
CA THR R 246 -66.14 -68.64 -42.60
C THR R 246 -65.74 -69.90 -43.35
N ILE R 247 -65.92 -71.04 -42.69
CA ILE R 247 -65.62 -72.34 -43.26
C ILE R 247 -66.89 -73.17 -43.21
N ASN R 248 -67.31 -73.71 -44.36
CA ASN R 248 -68.59 -74.38 -44.41
C ASN R 248 -68.64 -75.30 -45.62
N GLY R 249 -69.48 -76.32 -45.52
CA GLY R 249 -69.74 -77.22 -46.62
C GLY R 249 -70.81 -76.67 -47.55
N PRO R 250 -71.50 -77.56 -48.27
CA PRO R 250 -72.53 -77.09 -49.21
C PRO R 250 -73.82 -76.65 -48.54
N TRP R 251 -74.16 -77.26 -47.40
CA TRP R 251 -75.51 -77.16 -46.86
C TRP R 251 -75.94 -75.75 -46.48
N ALA R 252 -74.99 -74.83 -46.31
CA ALA R 252 -75.32 -73.46 -45.94
C ALA R 252 -75.26 -72.50 -47.11
N TRP R 253 -74.87 -72.98 -48.31
CA TRP R 253 -74.67 -72.10 -49.46
C TRP R 253 -75.93 -71.29 -49.75
N SER R 254 -77.07 -71.97 -49.89
CA SER R 254 -78.33 -71.28 -50.17
C SER R 254 -78.67 -70.28 -49.07
N ASN R 255 -78.32 -70.60 -47.81
CA ASN R 255 -78.54 -69.66 -46.73
C ASN R 255 -77.79 -68.36 -46.97
N ILE R 256 -76.55 -68.45 -47.44
CA ILE R 256 -75.82 -67.23 -47.79
C ILE R 256 -76.45 -66.58 -49.01
N ASP R 257 -77.06 -67.37 -49.88
CA ASP R 257 -77.83 -66.81 -50.99
C ASP R 257 -79.12 -66.14 -50.52
N THR R 258 -79.52 -66.32 -49.27
CA THR R 258 -80.57 -65.47 -48.72
C THR R 258 -80.03 -64.11 -48.31
N SER R 259 -78.73 -64.02 -47.99
CA SER R 259 -78.15 -62.76 -47.55
CA SER R 259 -78.15 -62.76 -47.55
C SER R 259 -77.97 -61.76 -48.68
N LYS R 260 -77.87 -62.25 -49.92
CA LYS R 260 -77.57 -61.43 -51.11
C LYS R 260 -76.26 -60.69 -50.98
N VAL R 261 -75.37 -61.16 -50.10
CA VAL R 261 -74.03 -60.60 -49.97
C VAL R 261 -73.20 -61.09 -51.14
N ASN R 262 -72.47 -60.17 -51.77
CA ASN R 262 -71.61 -60.55 -52.88
C ASN R 262 -70.44 -61.36 -52.34
N TYR R 263 -70.58 -62.68 -52.35
CA TYR R 263 -69.61 -63.57 -51.72
C TYR R 263 -68.97 -64.49 -52.73
N GLY R 264 -67.80 -65.02 -52.34
CA GLY R 264 -67.13 -66.03 -53.13
C GLY R 264 -66.75 -67.21 -52.26
N VAL R 265 -66.35 -68.29 -52.93
CA VAL R 265 -65.94 -69.53 -52.28
C VAL R 265 -64.58 -69.92 -52.83
N THR R 266 -63.65 -70.28 -51.95
CA THR R 266 -62.32 -70.69 -52.37
C THR R 266 -61.80 -71.78 -51.44
N VAL R 267 -60.59 -72.23 -51.74
CA VAL R 267 -59.92 -73.23 -50.92
C VAL R 267 -59.47 -72.59 -49.61
N LEU R 268 -59.38 -73.43 -48.58
CA LEU R 268 -58.83 -72.97 -47.31
C LEU R 268 -57.34 -72.66 -47.48
N PRO R 269 -56.82 -71.70 -46.71
CA PRO R 269 -55.39 -71.41 -46.77
C PRO R 269 -54.55 -72.59 -46.32
N THR R 270 -53.32 -72.65 -46.83
CA THR R 270 -52.36 -73.63 -46.36
C THR R 270 -51.70 -73.14 -45.09
N PHE R 271 -51.08 -74.07 -44.37
CA PHE R 271 -50.50 -73.75 -43.06
C PHE R 271 -49.12 -74.39 -42.97
N LYS R 272 -48.09 -73.53 -42.84
CA LYS R 272 -46.69 -73.94 -42.81
C LYS R 272 -46.30 -74.73 -44.07
N GLY R 273 -46.98 -74.47 -45.17
CA GLY R 273 -46.80 -75.20 -46.40
C GLY R 273 -47.70 -76.41 -46.55
N GLN R 274 -48.07 -77.04 -45.44
CA GLN R 274 -48.99 -78.18 -45.50
C GLN R 274 -50.43 -77.69 -45.61
N PRO R 275 -51.15 -78.01 -46.67
CA PRO R 275 -52.52 -77.52 -46.81
C PRO R 275 -53.47 -78.20 -45.85
N SER R 276 -54.62 -77.55 -45.65
CA SER R 276 -55.64 -78.05 -44.74
C SER R 276 -56.19 -79.39 -45.23
N LYS R 277 -56.84 -80.10 -44.31
CA LYS R 277 -57.29 -81.47 -44.54
C LYS R 277 -58.70 -81.66 -44.01
N PRO R 278 -59.71 -81.25 -44.78
CA PRO R 278 -61.10 -81.43 -44.34
C PRO R 278 -61.55 -82.87 -44.51
N PHE R 279 -62.59 -83.20 -43.74
CA PHE R 279 -63.23 -84.51 -43.88
C PHE R 279 -63.98 -84.59 -45.19
N VAL R 280 -63.61 -85.58 -46.00
CA VAL R 280 -64.25 -85.84 -47.28
C VAL R 280 -65.43 -86.77 -47.02
N GLY R 281 -66.64 -86.25 -47.17
CA GLY R 281 -67.82 -87.07 -46.98
C GLY R 281 -68.43 -87.47 -48.31
N VAL R 282 -68.39 -88.76 -48.63
CA VAL R 282 -68.75 -89.23 -49.96
C VAL R 282 -70.09 -89.94 -49.88
N LEU R 283 -71.10 -89.34 -50.54
CA LEU R 283 -72.37 -90.00 -50.75
C LEU R 283 -72.21 -91.03 -51.87
N SER R 284 -72.37 -92.30 -51.52
CA SER R 284 -72.28 -93.42 -52.44
C SER R 284 -73.56 -94.24 -52.38
N ALA R 285 -73.72 -95.09 -53.39
CA ALA R 285 -74.90 -95.94 -53.54
C ALA R 285 -74.49 -97.38 -53.30
N GLY R 286 -74.80 -97.89 -52.12
CA GLY R 286 -74.52 -99.27 -51.78
C GLY R 286 -75.61 -100.20 -52.27
N ILE R 287 -75.19 -101.33 -52.84
CA ILE R 287 -76.09 -102.39 -53.25
C ILE R 287 -76.24 -103.34 -52.08
N ASN R 288 -77.48 -103.76 -51.81
CA ASN R 288 -77.72 -104.66 -50.68
C ASN R 288 -77.05 -106.01 -50.95
N ALA R 289 -76.45 -106.58 -49.90
CA ALA R 289 -75.72 -107.84 -50.04
C ALA R 289 -76.62 -109.05 -50.17
N ALA R 290 -77.90 -108.92 -49.85
CA ALA R 290 -78.86 -110.00 -50.05
C ALA R 290 -79.54 -109.92 -51.41
N SER R 291 -79.10 -109.00 -52.27
CA SER R 291 -79.76 -108.77 -53.55
C SER R 291 -79.41 -109.88 -54.54
N PRO R 292 -80.40 -110.48 -55.18
CA PRO R 292 -80.17 -111.21 -56.43
C PRO R 292 -80.27 -110.34 -57.69
N ASN R 293 -80.16 -109.02 -57.54
CA ASN R 293 -80.39 -108.07 -58.63
C ASN R 293 -79.10 -107.31 -58.93
N LYS R 294 -77.98 -108.03 -59.00
CA LYS R 294 -76.66 -107.39 -59.07
C LYS R 294 -76.47 -106.64 -60.38
N GLU R 295 -76.63 -107.32 -61.52
CA GLU R 295 -76.30 -106.74 -62.80
C GLU R 295 -77.24 -105.62 -63.20
N LEU R 296 -78.51 -105.72 -62.82
CA LEU R 296 -79.48 -104.67 -63.14
C LEU R 296 -79.10 -103.36 -62.46
N ALA R 297 -78.84 -103.41 -61.16
CA ALA R 297 -78.47 -102.20 -60.43
C ALA R 297 -77.09 -101.70 -60.85
N LYS R 298 -76.17 -102.61 -61.20
CA LYS R 298 -74.87 -102.17 -61.70
C LYS R 298 -75.01 -101.42 -63.02
N GLU R 299 -75.89 -101.91 -63.91
CA GLU R 299 -76.14 -101.21 -65.16
CA GLU R 299 -76.15 -101.22 -65.16
C GLU R 299 -76.78 -99.85 -64.91
N PHE R 300 -77.75 -99.79 -64.00
CA PHE R 300 -78.41 -98.52 -63.68
C PHE R 300 -77.43 -97.53 -63.07
N LEU R 301 -76.46 -98.00 -62.28
CA LEU R 301 -75.52 -97.09 -61.64
C LEU R 301 -74.43 -96.64 -62.61
N GLU R 302 -73.98 -97.52 -63.50
CA GLU R 302 -72.84 -97.19 -64.34
C GLU R 302 -73.26 -96.48 -65.63
N ASN R 303 -74.28 -96.98 -66.32
CA ASN R 303 -74.64 -96.44 -67.62
C ASN R 303 -75.68 -95.33 -67.55
N TYR R 304 -76.35 -95.16 -66.42
CA TYR R 304 -77.37 -94.13 -66.28
C TYR R 304 -77.08 -93.14 -65.16
N LEU R 305 -76.71 -93.63 -63.97
CA LEU R 305 -76.47 -92.72 -62.86
C LEU R 305 -75.15 -91.97 -63.01
N LEU R 306 -74.04 -92.70 -63.04
CA LEU R 306 -72.71 -92.09 -63.02
C LEU R 306 -72.26 -91.69 -64.43
N THR R 307 -73.14 -90.98 -65.12
CA THR R 307 -72.89 -90.40 -66.43
C THR R 307 -73.27 -88.92 -66.37
N ASP R 308 -73.18 -88.24 -67.52
CA ASP R 308 -73.49 -86.81 -67.54
C ASP R 308 -74.98 -86.57 -67.31
N GLU R 309 -75.85 -87.30 -68.01
CA GLU R 309 -77.27 -86.98 -67.96
C GLU R 309 -77.92 -87.41 -66.65
N GLY R 310 -77.40 -88.45 -66.00
CA GLY R 310 -77.98 -88.86 -64.73
C GLY R 310 -77.71 -87.88 -63.61
N LEU R 311 -76.44 -87.48 -63.46
CA LEU R 311 -76.11 -86.45 -62.48
C LEU R 311 -76.73 -85.11 -62.86
N GLU R 312 -76.90 -84.83 -64.15
CA GLU R 312 -77.60 -83.62 -64.55
C GLU R 312 -79.05 -83.65 -64.08
N ALA R 313 -79.74 -84.77 -64.33
CA ALA R 313 -81.15 -84.89 -63.96
C ALA R 313 -81.34 -84.84 -62.44
N VAL R 314 -80.42 -85.42 -61.68
CA VAL R 314 -80.60 -85.31 -60.23
C VAL R 314 -80.24 -83.90 -59.74
N ASN R 315 -79.29 -83.22 -60.40
CA ASN R 315 -78.90 -81.89 -59.97
C ASN R 315 -79.89 -80.81 -60.37
N LYS R 316 -80.80 -81.08 -61.32
CA LYS R 316 -81.83 -80.08 -61.62
C LYS R 316 -82.75 -79.85 -60.43
N ASP R 317 -83.00 -80.87 -59.61
CA ASP R 317 -83.80 -80.67 -58.41
C ASP R 317 -82.95 -80.23 -57.23
N LYS R 318 -81.97 -81.05 -56.85
CA LYS R 318 -81.05 -80.71 -55.77
C LYS R 318 -79.64 -81.09 -56.19
N PRO R 319 -78.68 -80.19 -56.06
CA PRO R 319 -77.32 -80.47 -56.54
C PRO R 319 -76.59 -81.45 -55.63
N LEU R 320 -75.42 -81.89 -56.11
CA LEU R 320 -74.54 -82.77 -55.35
C LEU R 320 -73.18 -82.15 -55.08
N GLY R 321 -72.96 -80.91 -55.50
CA GLY R 321 -71.69 -80.25 -55.22
C GLY R 321 -70.58 -80.84 -56.06
N ALA R 322 -69.55 -81.35 -55.40
CA ALA R 322 -68.49 -82.10 -56.06
C ALA R 322 -68.96 -83.54 -56.24
N VAL R 323 -68.92 -84.02 -57.48
CA VAL R 323 -69.36 -85.38 -57.78
C VAL R 323 -68.13 -86.24 -58.03
N ALA R 324 -68.34 -87.54 -58.25
CA ALA R 324 -67.24 -88.46 -58.45
C ALA R 324 -66.88 -88.67 -59.91
N LEU R 325 -67.82 -88.47 -60.83
CA LEU R 325 -67.54 -88.67 -62.25
C LEU R 325 -66.74 -87.49 -62.81
N LYS R 326 -65.69 -87.81 -63.58
CA LYS R 326 -64.72 -86.80 -63.99
C LYS R 326 -65.32 -85.81 -64.98
N SER R 327 -66.04 -86.30 -65.98
CA SER R 327 -66.62 -85.42 -67.00
C SER R 327 -67.66 -84.48 -66.39
N TYR R 328 -68.50 -85.01 -65.50
CA TYR R 328 -69.49 -84.15 -64.85
C TYR R 328 -68.83 -83.19 -63.87
N GLU R 329 -67.67 -83.55 -63.31
CA GLU R 329 -66.90 -82.56 -62.57
C GLU R 329 -66.39 -81.46 -63.47
N GLU R 330 -66.02 -81.78 -64.72
CA GLU R 330 -65.63 -80.72 -65.63
C GLU R 330 -66.82 -79.85 -66.04
N GLU R 331 -68.01 -80.44 -66.12
CA GLU R 331 -69.21 -79.63 -66.37
C GLU R 331 -69.52 -78.70 -65.20
N LEU R 332 -69.42 -79.21 -63.96
CA LEU R 332 -69.76 -78.39 -62.80
C LEU R 332 -68.63 -77.50 -62.31
N ALA R 333 -67.41 -77.66 -62.83
CA ALA R 333 -66.30 -76.86 -62.35
C ALA R 333 -66.36 -75.39 -62.78
N LYS R 334 -67.32 -75.00 -63.61
CA LYS R 334 -67.51 -73.58 -63.90
C LYS R 334 -68.06 -72.83 -62.70
N ASP R 335 -68.73 -73.52 -61.79
CA ASP R 335 -69.13 -72.92 -60.54
C ASP R 335 -67.93 -72.97 -59.60
N PRO R 336 -67.40 -71.83 -59.14
CA PRO R 336 -66.18 -71.85 -58.32
C PRO R 336 -66.37 -72.52 -56.97
N ARG R 337 -67.60 -72.56 -56.46
CA ARG R 337 -67.89 -73.33 -55.25
C ARG R 337 -67.56 -74.81 -55.46
N ILE R 338 -67.88 -75.33 -56.64
CA ILE R 338 -67.64 -76.73 -56.94
C ILE R 338 -66.15 -77.00 -57.07
N ALA R 339 -65.41 -76.07 -57.68
CA ALA R 339 -63.96 -76.22 -57.79
C ALA R 339 -63.29 -76.19 -56.41
N ALA R 340 -63.74 -75.26 -55.55
CA ALA R 340 -63.19 -75.21 -54.20
C ALA R 340 -63.52 -76.48 -53.42
N THR R 341 -64.74 -76.99 -53.60
CA THR R 341 -65.13 -78.22 -52.91
C THR R 341 -64.28 -79.40 -53.39
N MET R 342 -64.03 -79.51 -54.70
CA MET R 342 -63.27 -80.66 -55.15
C MET R 342 -61.79 -80.55 -54.80
N GLU R 343 -61.23 -79.34 -54.74
CA GLU R 343 -59.83 -79.25 -54.34
C GLU R 343 -59.66 -79.51 -52.83
N ASN R 344 -60.59 -79.03 -52.00
CA ASN R 344 -60.54 -79.40 -50.59
C ASN R 344 -60.81 -80.88 -50.39
N ALA R 345 -61.60 -81.50 -51.25
CA ALA R 345 -61.86 -82.93 -51.13
C ALA R 345 -60.65 -83.75 -51.53
N GLN R 346 -59.96 -83.34 -52.59
CA GLN R 346 -58.79 -84.09 -53.03
C GLN R 346 -57.58 -83.86 -52.13
N LYS R 347 -57.52 -82.74 -51.40
CA LYS R 347 -56.46 -82.54 -50.43
C LYS R 347 -56.88 -82.87 -49.01
N GLY R 348 -58.11 -83.37 -48.82
CA GLY R 348 -58.62 -83.65 -47.49
C GLY R 348 -58.42 -85.09 -47.06
N GLU R 349 -58.91 -85.40 -45.86
CA GLU R 349 -58.84 -86.74 -45.31
C GLU R 349 -60.18 -87.43 -45.47
N ILE R 350 -60.16 -88.64 -45.99
CA ILE R 350 -61.40 -89.40 -46.17
C ILE R 350 -61.92 -89.83 -44.81
N MET R 351 -63.25 -89.81 -44.66
CA MET R 351 -63.84 -90.16 -43.38
CA MET R 351 -63.85 -90.16 -43.38
C MET R 351 -63.68 -91.66 -43.10
N PRO R 352 -63.29 -92.03 -41.88
CA PRO R 352 -63.12 -93.44 -41.56
C PRO R 352 -64.44 -94.19 -41.48
N ASN R 353 -64.41 -95.44 -41.92
CA ASN R 353 -65.57 -96.31 -41.94
C ASN R 353 -65.64 -97.23 -40.72
N ILE R 354 -64.93 -96.90 -39.65
CA ILE R 354 -64.74 -97.81 -38.52
C ILE R 354 -65.48 -97.27 -37.30
N PRO R 355 -65.91 -98.13 -36.37
CA PRO R 355 -66.69 -97.62 -35.22
C PRO R 355 -65.86 -96.94 -34.14
N GLN R 356 -64.54 -97.18 -34.09
CA GLN R 356 -63.70 -96.48 -33.13
C GLN R 356 -63.72 -94.97 -33.34
N MET R 357 -64.02 -94.55 -34.57
CA MET R 357 -64.25 -93.13 -34.89
C MET R 357 -65.22 -92.48 -33.92
N SER R 358 -66.22 -93.23 -33.45
CA SER R 358 -67.17 -92.70 -32.46
C SER R 358 -66.45 -92.22 -31.21
N ALA R 359 -65.56 -93.06 -30.65
CA ALA R 359 -64.77 -92.65 -29.50
C ALA R 359 -63.87 -91.46 -29.85
N PHE R 360 -63.43 -91.40 -31.11
CA PHE R 360 -62.74 -90.22 -31.62
C PHE R 360 -63.58 -88.96 -31.37
N TRP R 361 -64.85 -88.99 -31.82
CA TRP R 361 -65.72 -87.85 -31.60
C TRP R 361 -66.06 -87.64 -30.13
N TYR R 362 -65.74 -88.61 -29.28
CA TYR R 362 -65.84 -88.39 -27.84
C TYR R 362 -64.53 -87.97 -27.23
N ALA R 363 -63.40 -88.36 -27.82
CA ALA R 363 -62.10 -88.04 -27.23
C ALA R 363 -61.63 -86.64 -27.62
N VAL R 364 -61.35 -86.44 -28.91
CA VAL R 364 -60.67 -85.23 -29.35
C VAL R 364 -61.52 -83.98 -29.15
N ARG R 365 -62.85 -84.13 -29.14
CA ARG R 365 -63.71 -83.00 -28.80
C ARG R 365 -63.38 -82.47 -27.41
N THR R 366 -63.29 -83.38 -26.42
CA THR R 366 -62.89 -82.96 -25.08
C THR R 366 -61.53 -82.27 -25.10
N ALA R 367 -60.66 -82.67 -26.04
CA ALA R 367 -59.36 -82.02 -26.19
C ALA R 367 -59.53 -80.52 -26.41
N VAL R 368 -60.38 -80.12 -27.35
CA VAL R 368 -60.53 -78.68 -27.56
C VAL R 368 -61.31 -78.06 -26.40
N ILE R 369 -62.11 -78.86 -25.69
CA ILE R 369 -62.77 -78.34 -24.50
C ILE R 369 -61.75 -78.10 -23.40
N ASN R 370 -60.61 -78.78 -23.45
CA ASN R 370 -59.51 -78.44 -22.57
C ASN R 370 -58.57 -77.41 -23.18
N ALA R 371 -58.71 -77.10 -24.46
CA ALA R 371 -57.79 -76.19 -25.15
C ALA R 371 -58.31 -74.76 -25.19
N ALA R 372 -59.48 -74.54 -25.80
CA ALA R 372 -60.03 -73.20 -25.88
C ALA R 372 -60.49 -72.68 -24.53
N SER R 373 -60.82 -73.57 -23.60
CA SER R 373 -61.14 -73.17 -22.24
C SER R 373 -59.90 -73.04 -21.36
N GLY R 374 -58.79 -73.67 -21.75
CA GLY R 374 -57.57 -73.54 -20.98
C GLY R 374 -57.54 -74.32 -19.69
N ARG R 375 -58.40 -75.33 -19.55
CA ARG R 375 -58.32 -76.20 -18.38
C ARG R 375 -57.04 -77.03 -18.40
N GLN R 376 -56.65 -77.50 -19.58
CA GLN R 376 -55.38 -78.16 -19.80
C GLN R 376 -54.58 -77.36 -20.82
N THR R 377 -53.38 -77.84 -21.12
CA THR R 377 -52.55 -77.22 -22.15
C THR R 377 -52.81 -77.92 -23.48
N VAL R 378 -51.94 -77.69 -24.47
CA VAL R 378 -52.06 -78.37 -25.75
C VAL R 378 -51.73 -79.86 -25.60
N ASP R 379 -50.55 -80.16 -25.08
CA ASP R 379 -50.09 -81.55 -24.99
C ASP R 379 -50.96 -82.37 -24.05
N GLU R 380 -51.41 -81.77 -22.93
CA GLU R 380 -52.26 -82.48 -21.98
C GLU R 380 -53.57 -82.89 -22.64
N ALA R 381 -54.22 -81.96 -23.33
CA ALA R 381 -55.49 -82.27 -24.00
C ALA R 381 -55.31 -83.30 -25.10
N LEU R 382 -54.24 -83.17 -25.89
CA LEU R 382 -54.08 -84.09 -27.01
C LEU R 382 -53.71 -85.50 -26.57
N LYS R 383 -52.88 -85.64 -25.52
CA LYS R 383 -52.60 -86.99 -25.05
C LYS R 383 -53.72 -87.55 -24.19
N ASP R 384 -54.61 -86.70 -23.66
CA ASP R 384 -55.84 -87.22 -23.06
C ASP R 384 -56.78 -87.74 -24.12
N ALA R 385 -56.83 -87.07 -25.28
CA ALA R 385 -57.60 -87.59 -26.39
C ALA R 385 -56.91 -88.77 -27.07
N GLN R 386 -55.61 -88.98 -26.80
CA GLN R 386 -54.88 -90.09 -27.42
C GLN R 386 -55.38 -91.44 -26.93
N THR R 387 -55.45 -91.62 -25.61
CA THR R 387 -55.91 -92.88 -25.04
C THR R 387 -57.44 -92.99 -25.13
N SER S 35 62.20 -70.38 -16.73
CA SER S 35 62.02 -70.05 -18.14
C SER S 35 61.90 -71.32 -18.98
N GLU S 36 61.29 -72.34 -18.39
CA GLU S 36 61.02 -73.58 -19.12
C GLU S 36 60.04 -73.35 -20.26
N LEU S 37 59.13 -72.38 -20.11
CA LEU S 37 58.27 -71.92 -21.20
C LEU S 37 58.51 -70.45 -21.51
N GLY S 38 59.58 -69.87 -20.98
CA GLY S 38 59.83 -68.45 -21.19
C GLY S 38 60.28 -68.13 -22.60
N LYS S 39 61.19 -68.94 -23.15
CA LYS S 39 61.56 -68.78 -24.55
C LYS S 39 60.42 -69.22 -25.46
N GLU S 40 59.57 -70.14 -24.99
CA GLU S 40 58.34 -70.46 -25.69
C GLU S 40 57.39 -69.27 -25.71
N LEU S 41 57.51 -68.36 -24.73
CA LEU S 41 56.79 -67.11 -24.82
C LEU S 41 57.52 -66.11 -25.71
N LEU S 42 58.85 -66.15 -25.73
CA LEU S 42 59.62 -65.23 -26.56
C LEU S 42 59.36 -65.47 -28.04
N GLU S 43 59.23 -66.73 -28.44
CA GLU S 43 58.99 -67.03 -29.86
C GLU S 43 57.60 -66.58 -30.29
N ALA S 44 56.60 -66.75 -29.42
CA ALA S 44 55.26 -66.30 -29.76
C ALA S 44 55.16 -64.77 -29.70
N ALA S 45 55.96 -64.14 -28.85
CA ALA S 45 55.98 -62.67 -28.82
C ALA S 45 56.64 -62.11 -30.06
N ARG S 46 57.69 -62.78 -30.56
CA ARG S 46 58.28 -62.38 -31.83
C ARG S 46 57.32 -62.66 -33.00
N ALA S 47 56.51 -63.71 -32.89
CA ALA S 47 55.71 -64.17 -34.03
C ALA S 47 54.24 -63.78 -33.94
N GLY S 48 53.71 -63.55 -32.75
CA GLY S 48 52.32 -63.14 -32.65
C GLY S 48 51.29 -64.24 -32.83
N GLN S 49 51.23 -65.17 -31.87
CA GLN S 49 50.19 -66.21 -31.82
C GLN S 49 49.41 -66.07 -30.53
N ASP S 50 48.16 -65.62 -30.63
CA ASP S 50 47.30 -65.56 -29.45
C ASP S 50 46.95 -66.95 -28.93
N ASP S 51 46.85 -67.93 -29.83
CA ASP S 51 46.58 -69.30 -29.41
C ASP S 51 47.74 -69.89 -28.63
N GLU S 52 48.98 -69.63 -29.08
CA GLU S 52 50.15 -70.18 -28.39
C GLU S 52 50.25 -69.62 -26.98
N VAL S 53 50.07 -68.30 -26.83
CA VAL S 53 50.16 -67.72 -25.50
C VAL S 53 48.94 -68.09 -24.65
N ARG S 54 47.80 -68.33 -25.28
CA ARG S 54 46.63 -68.82 -24.53
C ARG S 54 46.90 -70.20 -23.95
N ILE S 55 47.54 -71.07 -24.73
CA ILE S 55 47.88 -72.41 -24.23
C ILE S 55 48.98 -72.33 -23.18
N LEU S 56 49.95 -71.43 -23.38
CA LEU S 56 51.03 -71.29 -22.41
C LEU S 56 50.52 -70.73 -21.08
N MET S 57 49.52 -69.85 -21.11
CA MET S 57 48.86 -69.44 -19.88
C MET S 57 47.93 -70.50 -19.34
N ALA S 58 47.44 -71.40 -20.19
CA ALA S 58 46.74 -72.57 -19.66
C ALA S 58 47.69 -73.51 -18.94
N ARG S 59 48.96 -73.54 -19.36
CA ARG S 59 50.00 -74.31 -18.67
C ARG S 59 50.74 -73.49 -17.63
N GLY S 60 50.41 -72.21 -17.49
CA GLY S 60 51.03 -71.38 -16.48
C GLY S 60 52.45 -70.98 -16.79
N ALA S 61 52.69 -70.50 -18.02
CA ALA S 61 54.03 -70.05 -18.39
C ALA S 61 54.37 -68.75 -17.68
N GLU S 62 55.63 -68.63 -17.28
CA GLU S 62 56.07 -67.44 -16.57
C GLU S 62 56.15 -66.23 -17.51
N VAL S 63 55.68 -65.08 -17.02
CA VAL S 63 55.55 -63.90 -17.86
C VAL S 63 56.74 -62.94 -17.75
N ASN S 64 57.61 -63.13 -16.77
CA ASN S 64 58.74 -62.23 -16.54
C ASN S 64 60.04 -62.83 -17.04
N ALA S 65 60.00 -63.49 -18.20
CA ALA S 65 61.18 -64.17 -18.74
C ALA S 65 62.13 -63.16 -19.35
N ALA S 66 63.19 -62.83 -18.62
CA ALA S 66 64.19 -61.88 -19.11
C ALA S 66 65.34 -62.65 -19.74
N ASP S 67 65.80 -62.16 -20.90
CA ASP S 67 66.96 -62.74 -21.56
C ASP S 67 68.22 -62.10 -21.00
N ASN S 68 69.36 -62.31 -21.67
CA ASN S 68 70.63 -61.78 -21.19
C ASN S 68 70.70 -60.26 -21.29
N THR S 69 69.91 -59.65 -22.16
CA THR S 69 69.91 -58.21 -22.35
C THR S 69 68.65 -57.54 -21.79
N GLY S 70 67.81 -58.28 -21.08
CA GLY S 70 66.66 -57.70 -20.41
C GLY S 70 65.38 -57.67 -21.20
N THR S 71 65.35 -58.27 -22.38
CA THR S 71 64.18 -58.17 -23.24
C THR S 71 63.11 -59.16 -22.77
N THR S 72 61.96 -58.64 -22.39
CA THR S 72 60.86 -59.43 -21.86
C THR S 72 59.91 -59.82 -22.98
N PRO S 73 58.99 -60.75 -22.71
CA PRO S 73 57.92 -61.01 -23.69
C PRO S 73 57.06 -59.78 -23.95
N LEU S 74 56.90 -58.92 -22.96
CA LEU S 74 56.16 -57.68 -23.16
C LEU S 74 56.88 -56.75 -24.13
N HIS S 75 58.21 -56.74 -24.10
CA HIS S 75 58.98 -55.91 -25.02
C HIS S 75 58.74 -56.33 -26.47
N LEU S 76 58.81 -57.63 -26.73
CA LEU S 76 58.59 -58.09 -28.10
C LEU S 76 57.13 -57.96 -28.49
N ALA S 77 56.22 -58.11 -27.53
CA ALA S 77 54.81 -57.90 -27.81
C ALA S 77 54.54 -56.46 -28.22
N ALA S 78 55.25 -55.52 -27.59
CA ALA S 78 55.10 -54.11 -27.95
C ALA S 78 55.76 -53.81 -29.29
N TYR S 79 56.99 -54.31 -29.49
CA TYR S 79 57.70 -54.09 -30.75
C TYR S 79 56.94 -54.68 -31.93
N SER S 80 56.21 -55.76 -31.73
CA SER S 80 55.51 -56.41 -32.83
C SER S 80 54.24 -55.66 -33.20
N GLY S 81 53.47 -55.22 -32.22
CA GLY S 81 52.26 -54.49 -32.49
C GLY S 81 50.98 -55.30 -32.50
N HIS S 82 50.94 -56.40 -31.76
CA HIS S 82 49.71 -57.18 -31.58
C HIS S 82 49.19 -56.91 -30.17
N LEU S 83 48.01 -56.31 -30.08
CA LEU S 83 47.52 -55.84 -28.78
C LEU S 83 47.06 -56.98 -27.89
N GLU S 84 46.69 -58.13 -28.46
CA GLU S 84 46.09 -59.20 -27.65
C GLU S 84 47.12 -59.85 -26.72
N ILE S 85 48.32 -60.11 -27.24
CA ILE S 85 49.36 -60.70 -26.41
C ILE S 85 49.79 -59.74 -25.31
N VAL S 86 49.82 -58.44 -25.61
CA VAL S 86 50.08 -57.44 -24.59
C VAL S 86 49.00 -57.46 -23.52
N GLU S 87 47.74 -57.55 -23.94
CA GLU S 87 46.63 -57.55 -23.01
C GLU S 87 46.70 -58.75 -22.07
N VAL S 88 46.97 -59.94 -22.61
CA VAL S 88 46.98 -61.10 -21.74
C VAL S 88 48.24 -61.14 -20.88
N LEU S 89 49.36 -60.60 -21.39
CA LEU S 89 50.56 -60.48 -20.56
C LEU S 89 50.33 -59.57 -19.38
N LEU S 90 49.61 -58.47 -19.59
CA LEU S 90 49.24 -57.61 -18.46
C LEU S 90 48.15 -58.24 -17.60
N LYS S 91 47.34 -59.13 -18.16
CA LYS S 91 46.37 -59.85 -17.34
C LYS S 91 47.05 -60.82 -16.38
N TYR S 92 48.18 -61.39 -16.79
CA TYR S 92 48.92 -62.28 -15.92
C TYR S 92 50.03 -61.58 -15.16
N GLY S 93 50.06 -60.25 -15.17
CA GLY S 93 50.93 -59.50 -14.30
C GLY S 93 52.34 -59.29 -14.80
N ALA S 94 52.51 -59.07 -16.10
CA ALA S 94 53.83 -58.73 -16.61
C ALA S 94 54.23 -57.34 -16.16
N GLU S 95 55.54 -57.10 -16.09
CA GLU S 95 56.05 -55.82 -15.61
C GLU S 95 55.92 -54.76 -16.70
N VAL S 96 55.24 -53.66 -16.37
CA VAL S 96 54.99 -52.62 -17.36
C VAL S 96 56.19 -51.70 -17.51
N ASN S 97 57.06 -51.61 -16.51
CA ASN S 97 58.16 -50.67 -16.49
C ASN S 97 59.51 -51.38 -16.42
N ALA S 98 59.62 -52.48 -17.15
CA ALA S 98 60.86 -53.26 -17.16
C ALA S 98 61.86 -52.61 -18.11
N ALA S 99 62.98 -52.13 -17.55
CA ALA S 99 64.02 -51.50 -18.35
C ALA S 99 65.03 -52.53 -18.81
N ASP S 100 65.49 -52.39 -20.06
CA ASP S 100 66.52 -53.24 -20.61
C ASP S 100 67.90 -52.70 -20.24
N VAL S 101 68.95 -53.24 -20.87
CA VAL S 101 70.30 -52.73 -20.63
C VAL S 101 70.54 -51.39 -21.31
N PHE S 102 69.65 -50.98 -22.21
CA PHE S 102 69.73 -49.67 -22.84
C PHE S 102 68.76 -48.66 -22.26
N GLY S 103 67.88 -49.09 -21.35
CA GLY S 103 66.95 -48.21 -20.70
C GLY S 103 65.55 -48.20 -21.29
N TYR S 104 65.34 -48.85 -22.42
CA TYR S 104 64.02 -48.83 -23.05
C TYR S 104 63.04 -49.69 -22.28
N THR S 105 61.81 -49.19 -22.18
CA THR S 105 60.65 -49.89 -21.68
C THR S 105 59.75 -50.26 -22.85
N PRO S 106 58.69 -51.03 -22.63
CA PRO S 106 57.73 -51.24 -23.73
C PRO S 106 57.10 -49.97 -24.24
N LEU S 107 56.95 -48.94 -23.40
CA LEU S 107 56.39 -47.68 -23.86
C LEU S 107 57.32 -46.99 -24.85
N HIS S 108 58.63 -47.06 -24.62
CA HIS S 108 59.60 -46.50 -25.55
C HIS S 108 59.48 -47.13 -26.93
N LEU S 109 59.53 -48.46 -27.00
CA LEU S 109 59.44 -49.15 -28.27
C LEU S 109 58.09 -48.94 -28.93
N ALA S 110 57.02 -48.86 -28.13
CA ALA S 110 55.71 -48.60 -28.69
C ALA S 110 55.63 -47.22 -29.32
N ALA S 111 56.27 -46.24 -28.67
CA ALA S 111 56.26 -44.89 -29.21
C ALA S 111 57.15 -44.77 -30.44
N TYR S 112 58.23 -45.56 -30.50
CA TYR S 112 59.10 -45.53 -31.68
C TYR S 112 58.37 -46.02 -32.92
N TRP S 113 57.69 -47.15 -32.83
CA TRP S 113 57.12 -47.79 -34.00
C TRP S 113 55.71 -47.31 -34.31
N GLY S 114 55.14 -46.46 -33.47
CA GLY S 114 53.87 -45.84 -33.81
C GLY S 114 52.68 -46.76 -33.66
N HIS S 115 52.56 -47.39 -32.51
CA HIS S 115 51.42 -48.27 -32.21
C HIS S 115 50.60 -47.60 -31.13
N LEU S 116 49.45 -47.06 -31.52
CA LEU S 116 48.69 -46.17 -30.64
C LEU S 116 48.00 -46.95 -29.52
N GLU S 117 47.31 -48.03 -29.87
CA GLU S 117 46.51 -48.76 -28.89
C GLU S 117 47.36 -49.35 -27.78
N ILE S 118 48.56 -49.84 -28.09
CA ILE S 118 49.36 -50.42 -27.03
C ILE S 118 49.97 -49.33 -26.17
N VAL S 119 50.24 -48.15 -26.74
CA VAL S 119 50.63 -46.99 -25.93
C VAL S 119 49.53 -46.65 -24.94
N GLU S 120 48.27 -46.63 -25.42
CA GLU S 120 47.15 -46.32 -24.56
C GLU S 120 47.00 -47.34 -23.44
N VAL S 121 47.08 -48.63 -23.74
CA VAL S 121 46.86 -49.61 -22.68
C VAL S 121 48.06 -49.74 -21.76
N LEU S 122 49.27 -49.39 -22.22
CA LEU S 122 50.40 -49.32 -21.30
C LEU S 122 50.22 -48.18 -20.32
N LEU S 123 49.81 -47.00 -20.82
CA LEU S 123 49.53 -45.89 -19.93
C LEU S 123 48.36 -46.19 -19.00
N LYS S 124 47.41 -47.01 -19.46
CA LYS S 124 46.29 -47.40 -18.64
C LYS S 124 46.68 -48.35 -17.52
N ASN S 125 47.82 -49.03 -17.65
CA ASN S 125 48.28 -49.98 -16.65
C ASN S 125 49.43 -49.44 -15.81
N GLY S 126 49.65 -48.14 -15.83
CA GLY S 126 50.64 -47.53 -14.96
C GLY S 126 52.04 -47.48 -15.53
N ALA S 127 52.17 -47.25 -16.83
CA ALA S 127 53.49 -47.02 -17.42
C ALA S 127 53.94 -45.60 -17.11
N ASP S 128 55.21 -45.47 -16.76
CA ASP S 128 55.76 -44.17 -16.40
C ASP S 128 55.96 -43.34 -17.66
N VAL S 129 55.30 -42.19 -17.72
CA VAL S 129 55.25 -41.42 -18.96
C VAL S 129 56.53 -40.63 -19.19
N ASN S 130 57.32 -40.39 -18.14
CA ASN S 130 58.55 -39.62 -18.24
C ASN S 130 59.78 -40.50 -18.03
N ALA S 131 59.74 -41.72 -18.56
CA ALA S 131 60.85 -42.65 -18.41
C ALA S 131 62.00 -42.24 -19.32
N ARG S 132 63.20 -42.16 -18.75
CA ARG S 132 64.39 -41.82 -19.50
C ARG S 132 65.15 -43.07 -19.90
N ASP S 133 65.76 -43.04 -21.09
CA ASP S 133 66.61 -44.12 -21.53
C ASP S 133 68.06 -43.81 -21.17
N SER S 134 68.99 -44.54 -21.78
CA SER S 134 70.41 -44.23 -21.62
C SER S 134 70.75 -42.84 -22.13
N ASP S 135 70.04 -42.37 -23.14
CA ASP S 135 70.26 -41.03 -23.68
C ASP S 135 69.46 -39.96 -22.97
N GLY S 136 68.62 -40.34 -22.01
CA GLY S 136 67.72 -39.40 -21.39
C GLY S 136 66.53 -39.04 -22.24
N MET S 137 66.26 -39.79 -23.31
CA MET S 137 65.16 -39.49 -24.20
C MET S 137 63.89 -40.17 -23.70
N THR S 138 62.88 -39.37 -23.39
CA THR S 138 61.58 -39.86 -22.98
C THR S 138 60.84 -40.39 -24.20
N PRO S 139 59.74 -41.14 -24.01
CA PRO S 139 58.94 -41.54 -25.18
C PRO S 139 58.40 -40.36 -25.99
N LEU S 140 58.16 -39.22 -25.34
CA LEU S 140 57.72 -38.04 -26.08
C LEU S 140 58.80 -37.55 -27.03
N HIS S 141 60.08 -37.65 -26.65
CA HIS S 141 61.17 -37.37 -27.57
C HIS S 141 61.06 -38.21 -28.83
N LEU S 142 60.79 -39.51 -28.66
CA LEU S 142 60.72 -40.41 -29.81
C LEU S 142 59.52 -40.07 -30.70
N ALA S 143 58.35 -39.89 -30.09
CA ALA S 143 57.15 -39.62 -30.87
C ALA S 143 57.22 -38.26 -31.55
N ALA S 144 57.95 -37.30 -31.00
CA ALA S 144 58.14 -36.03 -31.68
C ALA S 144 59.20 -36.12 -32.76
N LYS S 145 60.21 -36.96 -32.55
CA LYS S 145 61.25 -37.15 -33.55
C LYS S 145 60.75 -37.89 -34.78
N TRP S 146 59.74 -38.75 -34.62
CA TRP S 146 59.28 -39.53 -35.76
C TRP S 146 57.98 -39.04 -36.37
N GLY S 147 57.26 -38.15 -35.70
CA GLY S 147 56.11 -37.51 -36.32
C GLY S 147 54.78 -38.19 -36.10
N HIS S 148 54.56 -38.80 -34.94
CA HIS S 148 53.29 -39.45 -34.61
C HIS S 148 52.45 -38.49 -33.77
N LEU S 149 51.40 -37.92 -34.36
CA LEU S 149 50.61 -36.92 -33.65
C LEU S 149 49.82 -37.52 -32.50
N GLU S 150 49.07 -38.59 -32.77
CA GLU S 150 48.14 -39.12 -31.78
C GLU S 150 48.86 -39.67 -30.56
N ILE S 151 50.05 -40.24 -30.78
CA ILE S 151 50.87 -40.68 -29.66
C ILE S 151 51.30 -39.49 -28.82
N VAL S 152 51.72 -38.40 -29.47
CA VAL S 152 52.11 -37.19 -28.77
C VAL S 152 50.96 -36.67 -27.93
N GLU S 153 49.75 -36.69 -28.48
CA GLU S 153 48.61 -36.14 -27.75
C GLU S 153 48.22 -37.01 -26.56
N VAL S 154 48.20 -38.33 -26.74
CA VAL S 154 47.91 -39.23 -25.64
C VAL S 154 48.98 -39.14 -24.56
N LEU S 155 50.24 -38.92 -24.95
CA LEU S 155 51.30 -38.77 -23.97
C LEU S 155 51.16 -37.45 -23.22
N LEU S 156 50.74 -36.39 -23.91
CA LEU S 156 50.54 -35.11 -23.25
C LEU S 156 49.36 -35.18 -22.29
N ARG S 157 48.35 -35.99 -22.60
CA ARG S 157 47.22 -36.13 -21.69
C ARG S 157 47.62 -36.74 -20.36
N TYR S 158 48.63 -37.59 -20.34
CA TYR S 158 49.01 -38.29 -19.13
C TYR S 158 50.14 -37.61 -18.37
N GLY S 159 50.55 -36.43 -18.79
CA GLY S 159 51.51 -35.64 -18.05
C GLY S 159 52.94 -35.73 -18.51
N ALA S 160 53.19 -35.89 -19.80
CA ALA S 160 54.55 -35.93 -20.31
C ALA S 160 55.19 -34.56 -20.18
N ASP S 161 56.46 -34.54 -19.80
CA ASP S 161 57.17 -33.29 -19.57
C ASP S 161 57.58 -32.67 -20.90
N VAL S 162 57.14 -31.43 -21.13
CA VAL S 162 57.45 -30.73 -22.37
C VAL S 162 58.90 -30.27 -22.37
N GLU S 163 59.50 -30.06 -21.19
CA GLU S 163 60.80 -29.42 -21.08
C GLU S 163 61.92 -30.40 -20.78
N ALA S 164 61.68 -31.70 -20.98
CA ALA S 164 62.72 -32.70 -20.76
C ALA S 164 63.81 -32.58 -21.82
N GLN S 165 65.07 -32.53 -21.39
CA GLN S 165 66.21 -32.46 -22.27
C GLN S 165 66.98 -33.77 -22.24
N ASP S 166 67.54 -34.14 -23.39
CA ASP S 166 68.35 -35.34 -23.49
C ASP S 166 69.82 -34.98 -23.26
N LYS S 167 70.75 -35.88 -23.60
CA LYS S 167 72.17 -35.63 -23.36
C LYS S 167 72.69 -34.46 -24.19
N PHE S 168 72.06 -34.14 -25.31
CA PHE S 168 72.48 -33.02 -26.14
C PHE S 168 71.80 -31.72 -25.74
N GLY S 169 70.91 -31.75 -24.75
CA GLY S 169 70.14 -30.57 -24.41
C GLY S 169 69.01 -30.28 -25.36
N LYS S 170 68.40 -31.31 -25.93
CA LYS S 170 67.31 -31.16 -26.89
C LYS S 170 65.99 -31.47 -26.21
N THR S 171 65.03 -30.57 -26.36
CA THR S 171 63.65 -30.84 -25.97
C THR S 171 62.93 -31.50 -27.13
N PRO S 172 61.76 -32.10 -26.89
CA PRO S 172 60.98 -32.65 -28.00
C PRO S 172 60.59 -31.61 -29.05
N PHE S 173 60.47 -30.34 -28.66
CA PHE S 173 60.22 -29.28 -29.63
C PHE S 173 61.39 -29.15 -30.60
N ASP S 174 62.61 -29.28 -30.10
CA ASP S 174 63.79 -29.21 -30.95
C ASP S 174 63.85 -30.40 -31.90
N LEU S 175 63.54 -31.59 -31.41
CA LEU S 175 63.54 -32.76 -32.29
C LEU S 175 62.43 -32.70 -33.32
N ALA S 176 61.34 -32.00 -32.99
CA ALA S 176 60.26 -31.88 -33.96
C ALA S 176 60.57 -30.82 -35.02
N ILE S 177 61.29 -29.76 -34.67
CA ILE S 177 61.64 -28.81 -35.72
C ILE S 177 62.81 -29.32 -36.56
N ASP S 178 63.69 -30.13 -35.98
CA ASP S 178 64.82 -30.64 -36.75
C ASP S 178 64.40 -31.67 -37.78
N ASN S 179 63.25 -32.32 -37.60
CA ASN S 179 62.78 -33.33 -38.53
C ASN S 179 61.56 -32.91 -39.33
N GLY S 180 61.19 -31.63 -39.27
CA GLY S 180 60.14 -31.11 -40.12
C GLY S 180 58.73 -31.42 -39.69
N ASN S 181 58.52 -31.79 -38.42
CA ASN S 181 57.17 -32.06 -37.92
C ASN S 181 56.61 -30.78 -37.32
N GLU S 182 56.08 -29.92 -38.21
CA GLU S 182 55.75 -28.56 -37.81
C GLU S 182 54.49 -28.48 -36.96
N ASP S 183 53.51 -29.36 -37.19
CA ASP S 183 52.30 -29.32 -36.37
C ASP S 183 52.56 -29.80 -34.95
N ILE S 184 53.43 -30.80 -34.79
CA ILE S 184 53.85 -31.20 -33.45
C ILE S 184 54.50 -30.04 -32.72
N ALA S 185 55.41 -29.35 -33.41
CA ALA S 185 56.09 -28.20 -32.80
C ALA S 185 55.11 -27.08 -32.46
N GLU S 186 54.07 -26.90 -33.28
CA GLU S 186 53.06 -25.90 -32.99
C GLU S 186 52.33 -26.22 -31.69
N VAL S 187 51.90 -27.48 -31.55
CA VAL S 187 51.20 -27.91 -30.34
C VAL S 187 52.10 -27.73 -29.12
N LEU S 188 53.35 -28.16 -29.24
CA LEU S 188 54.28 -28.10 -28.11
C LEU S 188 54.62 -26.67 -27.74
N GLN S 189 54.60 -25.76 -28.69
CA GLN S 189 54.95 -24.37 -28.39
C GLN S 189 53.78 -23.65 -27.75
N ALA S 190 52.57 -23.86 -28.27
CA ALA S 190 51.40 -23.20 -27.71
C ALA S 190 51.12 -23.66 -26.29
N LEU S 191 51.33 -24.95 -26.00
CA LEU S 191 51.07 -25.45 -24.66
C LEU S 191 51.98 -24.79 -23.63
N LEU S 192 53.27 -24.73 -23.94
CA LEU S 192 54.24 -24.11 -23.06
C LEU S 192 53.94 -22.64 -22.85
N ALA S 193 53.51 -21.95 -23.92
CA ALA S 193 53.26 -20.53 -23.79
C ALA S 193 52.05 -20.23 -22.89
N ILE S 194 51.00 -21.04 -23.00
CA ILE S 194 49.84 -20.81 -22.14
C ILE S 194 50.16 -21.16 -20.69
N ASN S 195 50.97 -22.19 -20.45
CA ASN S 195 51.33 -22.50 -19.08
C ASN S 195 52.19 -21.41 -18.46
N ARG S 196 53.08 -20.83 -19.24
CA ARG S 196 53.88 -19.72 -18.73
C ARG S 196 53.03 -18.49 -18.46
N GLN S 197 52.00 -18.25 -19.26
CA GLN S 197 51.13 -17.12 -18.96
C GLN S 197 50.32 -17.35 -17.68
N ILE S 198 49.93 -18.59 -17.42
CA ILE S 198 49.25 -18.89 -16.15
C ILE S 198 50.17 -18.60 -14.97
N ASN S 199 51.42 -19.05 -15.05
CA ASN S 199 52.35 -18.78 -13.97
C ASN S 199 52.63 -17.30 -13.81
N LEU S 200 52.65 -16.56 -14.91
CA LEU S 200 52.92 -15.12 -14.83
C LEU S 200 51.75 -14.37 -14.21
N GLU S 201 50.52 -14.80 -14.46
CA GLU S 201 49.39 -14.16 -13.78
C GLU S 201 49.37 -14.51 -12.30
N LEU S 202 49.78 -15.73 -11.94
CA LEU S 202 49.85 -16.06 -10.51
C LEU S 202 50.96 -15.30 -9.81
N TYR S 203 52.05 -14.99 -10.52
CA TYR S 203 53.13 -14.21 -9.94
C TYR S 203 52.68 -12.80 -9.60
N ALA S 204 51.96 -12.16 -10.50
CA ALA S 204 51.59 -10.75 -10.33
C ALA S 204 50.62 -10.56 -9.18
N SER S 205 49.84 -11.58 -8.84
CA SER S 205 48.89 -11.49 -7.74
C SER S 205 49.61 -11.42 -6.40
N TYR S 206 50.75 -12.11 -6.31
CA TYR S 206 51.54 -12.20 -5.10
C TYR S 206 52.37 -10.94 -4.87
N VAL S 207 52.78 -10.28 -5.94
CA VAL S 207 53.43 -8.98 -5.84
C VAL S 207 52.46 -7.94 -5.29
N TYR S 208 51.21 -7.97 -5.75
CA TYR S 208 50.21 -7.06 -5.24
C TYR S 208 49.85 -7.36 -3.80
N LEU S 209 49.87 -8.63 -3.41
CA LEU S 209 49.67 -8.96 -2.00
C LEU S 209 50.78 -8.37 -1.12
N SER S 210 52.03 -8.50 -1.57
CA SER S 210 53.15 -7.90 -0.86
C SER S 210 52.96 -6.39 -0.73
N MET S 211 52.67 -5.73 -1.85
CA MET S 211 52.47 -4.28 -1.87
C MET S 211 51.36 -3.86 -0.92
N SER S 212 50.24 -4.59 -0.92
CA SER S 212 49.11 -4.23 -0.08
C SER S 212 49.46 -4.31 1.39
N TYR S 213 50.12 -5.39 1.82
CA TYR S 213 50.43 -5.47 3.24
C TYR S 213 51.66 -4.67 3.64
N TYR S 214 52.36 -4.05 2.69
CA TYR S 214 53.34 -3.05 3.06
C TYR S 214 52.68 -1.77 3.54
N PHE S 215 51.54 -1.42 2.97
CA PHE S 215 50.93 -0.12 3.18
C PHE S 215 50.04 -0.04 4.40
N ASP S 216 49.96 -1.10 5.20
CA ASP S 216 49.27 -0.98 6.47
C ASP S 216 50.17 -1.33 7.64
N ARG S 217 51.48 -1.30 7.45
CA ARG S 217 52.40 -1.28 8.57
C ARG S 217 52.18 0.00 9.37
N ASP S 218 52.50 -0.05 10.67
CA ASP S 218 52.21 1.10 11.51
C ASP S 218 53.09 2.31 11.21
N ASP S 219 54.18 2.14 10.48
CA ASP S 219 54.97 3.27 10.02
C ASP S 219 54.68 3.64 8.57
N VAL S 220 53.78 2.92 7.90
CA VAL S 220 53.25 3.32 6.60
C VAL S 220 51.72 3.25 6.75
N ALA S 221 51.11 4.33 7.19
CA ALA S 221 49.71 4.26 7.58
C ALA S 221 48.81 4.80 6.48
N LEU S 222 48.78 4.11 5.35
CA LEU S 222 47.97 4.52 4.20
C LEU S 222 46.98 3.41 3.85
N LYS S 223 45.74 3.56 4.31
CA LYS S 223 44.75 2.49 4.22
C LYS S 223 44.19 2.29 2.82
N ASN S 224 44.10 3.35 2.04
CA ASN S 224 43.47 3.25 0.74
C ASN S 224 44.43 2.72 -0.31
N PHE S 225 45.73 2.98 -0.14
CA PHE S 225 46.75 2.29 -0.92
C PHE S 225 46.66 0.78 -0.71
N ALA S 226 46.57 0.35 0.54
CA ALA S 226 46.49 -1.07 0.85
C ALA S 226 45.24 -1.71 0.28
N LYS S 227 44.12 -0.99 0.36
CA LYS S 227 42.87 -1.47 -0.20
C LYS S 227 42.93 -1.63 -1.71
N TYR S 228 43.53 -0.64 -2.38
CA TYR S 228 43.72 -0.66 -3.83
C TYR S 228 44.53 -1.87 -4.27
N PHE S 229 45.64 -2.12 -3.59
CA PHE S 229 46.50 -3.22 -4.02
C PHE S 229 45.93 -4.59 -3.67
N LEU S 230 45.10 -4.69 -2.63
CA LEU S 230 44.40 -5.95 -2.41
C LEU S 230 43.39 -6.24 -3.52
N HIS S 231 42.71 -5.18 -3.98
CA HIS S 231 41.80 -5.34 -5.11
C HIS S 231 42.54 -5.85 -6.35
N GLN S 232 43.70 -5.29 -6.64
CA GLN S 232 44.46 -5.76 -7.81
C GLN S 232 44.91 -7.20 -7.66
N SER S 233 45.30 -7.60 -6.45
CA SER S 233 45.69 -8.98 -6.19
C SER S 233 44.57 -9.95 -6.55
N HIS S 234 43.35 -9.65 -6.13
CA HIS S 234 42.25 -10.57 -6.42
C HIS S 234 41.88 -10.57 -7.90
N GLU S 235 42.00 -9.43 -8.58
CA GLU S 235 41.75 -9.40 -10.02
C GLU S 235 42.72 -10.28 -10.79
N GLU S 236 44.01 -10.27 -10.40
CA GLU S 236 44.97 -11.11 -11.10
C GLU S 236 44.73 -12.59 -10.83
N ARG S 237 44.28 -12.92 -9.62
CA ARG S 237 43.89 -14.31 -9.35
C ARG S 237 42.75 -14.74 -10.28
N GLU S 238 41.80 -13.85 -10.55
CA GLU S 238 40.73 -14.16 -11.50
C GLU S 238 41.24 -14.33 -12.92
N HIS S 239 42.21 -13.51 -13.35
CA HIS S 239 42.79 -13.67 -14.68
C HIS S 239 43.41 -15.04 -14.86
N ALA S 240 44.17 -15.48 -13.86
CA ALA S 240 44.80 -16.80 -13.96
C ALA S 240 43.76 -17.91 -14.01
N GLU S 241 42.69 -17.79 -13.22
CA GLU S 241 41.67 -18.82 -13.25
C GLU S 241 40.93 -18.87 -14.58
N LYS S 242 40.74 -17.72 -15.23
CA LYS S 242 40.16 -17.73 -16.57
C LYS S 242 41.04 -18.46 -17.56
N LEU S 243 42.35 -18.26 -17.48
CA LEU S 243 43.21 -18.99 -18.41
C LEU S 243 43.19 -20.49 -18.14
N MET S 244 43.06 -20.88 -16.88
CA MET S 244 42.97 -22.30 -16.55
C MET S 244 41.68 -22.92 -17.08
N LYS S 245 40.57 -22.18 -16.99
CA LYS S 245 39.32 -22.68 -17.54
C LYS S 245 39.38 -22.82 -19.05
N LEU S 246 39.97 -21.84 -19.74
CA LEU S 246 40.17 -21.95 -21.18
C LEU S 246 40.99 -23.16 -21.56
N GLN S 247 42.09 -23.40 -20.85
CA GLN S 247 42.91 -24.55 -21.15
C GLN S 247 42.17 -25.86 -20.91
N ASN S 248 41.25 -25.90 -19.95
CA ASN S 248 40.48 -27.12 -19.77
C ASN S 248 39.41 -27.31 -20.86
N GLN S 249 38.88 -26.23 -21.42
CA GLN S 249 37.90 -26.38 -22.51
C GLN S 249 38.52 -26.91 -23.78
N ARG S 250 39.78 -26.62 -24.04
CA ARG S 250 40.42 -27.05 -25.27
C ARG S 250 40.95 -28.46 -25.20
N GLY S 251 40.98 -29.07 -24.03
CA GLY S 251 41.57 -30.38 -23.88
C GLY S 251 43.06 -30.39 -23.69
N GLY S 252 43.65 -29.25 -23.32
CA GLY S 252 45.06 -29.18 -23.03
C GLY S 252 45.37 -29.53 -21.58
N ALA S 253 46.65 -29.56 -21.28
CA ALA S 253 47.15 -30.06 -20.00
C ALA S 253 47.72 -28.92 -19.19
N ILE S 254 47.02 -28.54 -18.12
CA ILE S 254 47.55 -27.57 -17.17
C ILE S 254 48.74 -28.19 -16.45
N SER S 255 49.79 -27.39 -16.26
CA SER S 255 51.01 -27.83 -15.59
C SER S 255 51.53 -26.67 -14.76
N LEU S 256 51.48 -26.81 -13.45
CA LEU S 256 51.79 -25.71 -12.54
C LEU S 256 53.23 -25.78 -12.06
N GLN S 257 53.81 -24.61 -11.83
CA GLN S 257 55.19 -24.45 -11.37
C GLN S 257 55.22 -23.66 -10.07
N ASP S 258 56.41 -23.46 -9.53
CA ASP S 258 56.57 -22.62 -8.35
C ASP S 258 56.21 -21.18 -8.66
N ILE S 259 55.69 -20.48 -7.66
CA ILE S 259 55.48 -19.05 -7.72
C ILE S 259 56.57 -18.40 -6.88
N LYS S 260 57.40 -17.59 -7.51
CA LYS S 260 58.55 -17.01 -6.85
C LYS S 260 58.16 -15.77 -6.06
N LYS S 261 58.95 -15.47 -5.04
CA LYS S 261 58.65 -14.34 -4.14
C LYS S 261 58.90 -13.02 -4.85
N PRO S 262 58.17 -11.95 -4.51
CA PRO S 262 58.39 -10.63 -5.10
C PRO S 262 59.80 -10.12 -4.87
N ASP S 263 60.15 -9.07 -5.62
CA ASP S 263 61.51 -8.56 -5.59
C ASP S 263 61.82 -7.79 -4.31
N CYS S 264 60.84 -7.12 -3.74
CA CYS S 264 61.01 -6.40 -2.49
C CYS S 264 60.05 -6.92 -1.44
N ASP S 265 60.48 -6.84 -0.19
CA ASP S 265 59.55 -6.77 0.93
C ASP S 265 59.24 -5.34 1.31
N ASP S 266 60.17 -4.42 1.07
CA ASP S 266 60.03 -3.02 1.45
C ASP S 266 59.98 -2.18 0.19
N TRP S 267 58.78 -1.77 -0.17
CA TRP S 267 58.60 -0.66 -1.08
C TRP S 267 58.93 0.62 -0.33
N GLU S 268 58.97 1.75 -1.02
CA GLU S 268 59.51 2.93 -0.37
C GLU S 268 58.55 4.07 -0.20
N SER S 269 57.52 4.15 -1.01
CA SER S 269 56.55 5.24 -0.99
C SER S 269 55.37 4.80 -1.84
N GLY S 270 54.35 5.65 -1.92
CA GLY S 270 53.26 5.39 -2.83
C GLY S 270 53.68 5.54 -4.28
N LEU S 271 54.53 6.53 -4.56
CA LEU S 271 55.01 6.77 -5.91
C LEU S 271 55.82 5.59 -6.42
N ASN S 272 56.75 5.09 -5.60
CA ASN S 272 57.62 4.01 -6.05
C ASN S 272 56.83 2.73 -6.30
N ALA S 273 55.84 2.44 -5.46
CA ALA S 273 55.03 1.25 -5.66
C ALA S 273 54.14 1.39 -6.90
N MET S 274 53.60 2.59 -7.14
CA MET S 274 52.84 2.80 -8.36
C MET S 274 53.69 2.62 -9.61
N GLU S 275 54.95 3.06 -9.56
CA GLU S 275 55.83 2.89 -10.72
C GLU S 275 56.22 1.44 -10.93
N CYS S 276 56.41 0.70 -9.84
CA CYS S 276 56.68 -0.73 -9.98
C CYS S 276 55.47 -1.48 -10.54
N ALA S 277 54.27 -1.09 -10.11
CA ALA S 277 53.07 -1.71 -10.66
C ALA S 277 52.88 -1.41 -12.13
N LEU S 278 53.26 -0.20 -12.57
CA LEU S 278 53.19 0.11 -13.99
C LEU S 278 54.16 -0.74 -14.79
N HIS S 279 55.39 -0.86 -14.31
CA HIS S 279 56.38 -1.72 -14.97
C HIS S 279 55.90 -3.17 -15.07
N LEU S 280 55.26 -3.66 -14.02
CA LEU S 280 54.74 -5.02 -14.00
C LEU S 280 53.66 -5.22 -15.06
N GLU S 281 52.67 -4.32 -15.10
CA GLU S 281 51.58 -4.50 -16.06
C GLU S 281 52.06 -4.35 -17.49
N LYS S 282 53.09 -3.55 -17.73
CA LYS S 282 53.65 -3.48 -19.08
C LYS S 282 54.31 -4.80 -19.47
N ASN S 283 55.01 -5.44 -18.54
CA ASN S 283 55.59 -6.76 -18.83
C ASN S 283 54.51 -7.79 -19.18
N VAL S 284 53.43 -7.79 -18.41
CA VAL S 284 52.34 -8.74 -18.67
C VAL S 284 51.73 -8.50 -20.04
N ASN S 285 51.52 -7.24 -20.40
CA ASN S 285 50.97 -6.91 -21.72
C ASN S 285 51.88 -7.37 -22.85
N GLN S 286 53.20 -7.23 -22.66
CA GLN S 286 54.12 -7.67 -23.70
C GLN S 286 54.07 -9.18 -23.91
N SER S 287 53.98 -9.94 -22.82
CA SER S 287 53.88 -11.38 -22.99
C SER S 287 52.55 -11.79 -23.62
N LEU S 288 51.48 -11.04 -23.33
CA LEU S 288 50.20 -11.33 -23.99
C LEU S 288 50.26 -11.07 -25.49
N LEU S 289 50.99 -10.04 -25.90
CA LEU S 289 51.12 -9.77 -27.33
C LEU S 289 51.92 -10.86 -28.03
N GLU S 290 52.95 -11.38 -27.37
CA GLU S 290 53.68 -12.50 -27.96
C GLU S 290 52.81 -13.75 -28.08
N LEU S 291 51.96 -13.98 -27.07
CA LEU S 291 51.04 -15.11 -27.13
C LEU S 291 50.06 -14.96 -28.29
N HIS S 292 49.59 -13.73 -28.53
CA HIS S 292 48.65 -13.51 -29.64
C HIS S 292 49.33 -13.74 -30.99
N LYS S 293 50.59 -13.31 -31.13
CA LYS S 293 51.28 -13.52 -32.40
C LYS S 293 51.54 -15.00 -32.64
N LEU S 294 51.86 -15.74 -31.58
CA LEU S 294 52.03 -17.18 -31.71
C LEU S 294 50.73 -17.85 -32.09
N ALA S 295 49.60 -17.43 -31.51
CA ALA S 295 48.30 -17.98 -31.86
C ALA S 295 47.92 -17.65 -33.30
N THR S 296 48.36 -16.52 -33.82
CA THR S 296 48.05 -16.19 -35.19
C THR S 296 48.89 -16.99 -36.17
N ASP S 297 50.13 -17.34 -35.80
CA ASP S 297 50.90 -18.24 -36.65
C ASP S 297 50.33 -19.64 -36.69
N CYS S 298 49.69 -20.09 -35.62
CA CYS S 298 49.18 -21.46 -35.52
C CYS S 298 47.78 -21.61 -36.08
N ASN S 299 47.20 -20.55 -36.64
CA ASN S 299 45.85 -20.55 -37.21
C ASN S 299 44.81 -21.00 -36.18
N ASP S 300 44.70 -20.21 -35.10
CA ASP S 300 43.80 -20.49 -33.99
C ASP S 300 42.96 -19.25 -33.73
N PRO S 301 41.89 -19.04 -34.51
CA PRO S 301 41.09 -17.83 -34.31
C PRO S 301 40.39 -17.75 -32.98
N HIS S 302 40.06 -18.88 -32.37
CA HIS S 302 39.35 -18.85 -31.09
C HIS S 302 40.24 -18.33 -29.98
N LEU S 303 41.52 -18.73 -29.98
CA LEU S 303 42.47 -18.23 -29.00
C LEU S 303 42.73 -16.74 -29.20
N CYS S 304 42.85 -16.31 -30.45
CA CYS S 304 43.06 -14.90 -30.74
C CYS S 304 41.90 -14.05 -30.24
N ASP S 305 40.67 -14.49 -30.50
CA ASP S 305 39.52 -13.73 -30.04
C ASP S 305 39.39 -13.76 -28.52
N PHE S 306 39.74 -14.89 -27.89
CA PHE S 306 39.74 -14.95 -26.43
C PHE S 306 40.71 -13.94 -25.84
N ILE S 307 41.93 -13.89 -26.37
CA ILE S 307 42.94 -12.97 -25.84
C ILE S 307 42.49 -11.53 -26.04
N GLU S 308 42.09 -11.17 -27.24
CA GLU S 308 41.74 -9.78 -27.47
C GLU S 308 40.40 -9.37 -26.87
N THR S 309 39.55 -10.31 -26.46
CA THR S 309 38.31 -9.95 -25.79
C THR S 309 38.45 -9.84 -24.29
N HIS S 310 39.21 -10.72 -23.65
CA HIS S 310 39.29 -10.69 -22.19
C HIS S 310 40.59 -10.13 -21.62
N TYR S 311 41.59 -9.85 -22.44
CA TYR S 311 42.87 -9.50 -21.84
C TYR S 311 43.48 -8.21 -22.38
N LEU S 312 43.30 -7.93 -23.67
CA LEU S 312 44.06 -6.86 -24.29
C LEU S 312 43.50 -5.47 -23.98
N ASN S 313 42.22 -5.35 -23.69
CA ASN S 313 41.65 -4.06 -23.36
C ASN S 313 41.79 -3.73 -21.88
N GLU S 314 41.78 -4.75 -21.03
CA GLU S 314 42.01 -4.56 -19.60
C GLU S 314 43.42 -4.08 -19.33
N GLN S 315 44.40 -4.59 -20.08
CA GLN S 315 45.78 -4.15 -19.93
C GLN S 315 45.92 -2.69 -20.30
N VAL S 316 45.26 -2.26 -21.36
CA VAL S 316 45.33 -0.87 -21.79
C VAL S 316 44.69 0.04 -20.75
N LYS S 317 43.56 -0.36 -20.21
CA LYS S 317 42.92 0.41 -19.14
C LYS S 317 43.81 0.53 -17.92
N ALA S 318 44.43 -0.58 -17.51
CA ALA S 318 45.26 -0.58 -16.31
C ALA S 318 46.49 0.29 -16.49
N ILE S 319 47.10 0.25 -17.68
CA ILE S 319 48.29 1.05 -17.92
C ILE S 319 47.94 2.53 -17.95
N LYS S 320 46.79 2.88 -18.53
CA LYS S 320 46.36 4.27 -18.52
C LYS S 320 46.11 4.78 -17.11
N GLU S 321 45.45 3.98 -16.28
CA GLU S 321 45.16 4.39 -14.91
C GLU S 321 46.41 4.52 -14.06
N LEU S 322 47.36 3.59 -14.21
CA LEU S 322 48.57 3.67 -13.41
C LEU S 322 49.46 4.82 -13.84
N GLY S 323 49.51 5.14 -15.13
CA GLY S 323 50.23 6.33 -15.55
C GLY S 323 49.59 7.62 -15.07
N ASP S 324 48.25 7.66 -15.04
CA ASP S 324 47.54 8.76 -14.38
C ASP S 324 47.99 8.95 -12.94
N HIS S 325 47.98 7.86 -12.16
CA HIS S 325 48.37 7.96 -10.75
C HIS S 325 49.80 8.46 -10.60
N VAL S 326 50.71 7.97 -11.44
CA VAL S 326 52.10 8.38 -11.32
C VAL S 326 52.26 9.86 -11.62
N THR S 327 51.64 10.38 -12.69
CA THR S 327 51.86 11.79 -12.98
C THR S 327 51.19 12.70 -11.96
N ASN S 328 50.03 12.31 -11.42
CA ASN S 328 49.42 13.16 -10.40
C ASN S 328 50.26 13.18 -9.13
N LEU S 329 50.78 12.01 -8.71
CA LEU S 329 51.62 11.98 -7.53
C LEU S 329 52.90 12.77 -7.72
N ARG S 330 53.49 12.74 -8.92
CA ARG S 330 54.69 13.52 -9.16
C ARG S 330 54.40 15.02 -9.18
N LYS S 331 53.24 15.43 -9.70
CA LYS S 331 52.92 16.85 -9.73
C LYS S 331 52.62 17.39 -8.33
N MET S 332 51.95 16.60 -7.49
CA MET S 332 51.66 17.06 -6.15
C MET S 332 52.91 17.25 -5.29
N GLY S 333 54.02 16.62 -5.67
CA GLY S 333 55.27 16.80 -4.96
C GLY S 333 55.78 15.62 -4.19
N ALA S 334 55.24 14.44 -4.40
CA ALA S 334 55.68 13.23 -3.74
C ALA S 334 56.95 12.71 -4.39
N PRO S 335 57.78 11.94 -3.66
CA PRO S 335 57.66 11.37 -2.32
C PRO S 335 58.12 12.28 -1.19
N GLU S 336 58.88 13.32 -1.52
CA GLU S 336 59.45 14.20 -0.51
C GLU S 336 58.45 15.17 0.08
N SER S 337 57.17 15.03 -0.24
CA SER S 337 56.10 15.73 0.46
C SER S 337 55.17 14.69 1.05
N GLY S 338 55.16 14.59 2.38
CA GLY S 338 54.24 13.67 3.03
C GLY S 338 52.80 14.13 2.98
N LEU S 339 52.58 15.42 2.75
CA LEU S 339 51.23 15.93 2.58
C LEU S 339 50.62 15.48 1.25
N ALA S 340 51.45 15.21 0.26
CA ALA S 340 50.95 14.82 -1.05
C ALA S 340 50.35 13.42 -1.03
N GLU S 341 51.04 12.47 -0.39
CA GLU S 341 50.54 11.10 -0.40
C GLU S 341 49.32 10.93 0.50
N TYR S 342 49.25 11.67 1.60
CA TYR S 342 48.07 11.66 2.45
C TYR S 342 46.84 12.14 1.68
N LEU S 343 46.97 13.23 0.94
CA LEU S 343 45.83 13.79 0.25
C LEU S 343 45.47 13.00 -1.00
N PHE S 344 46.45 12.41 -1.67
CA PHE S 344 46.15 11.47 -2.75
C PHE S 344 45.39 10.26 -2.22
N ASP S 345 45.82 9.73 -1.08
CA ASP S 345 45.10 8.66 -0.39
C ASP S 345 43.65 9.04 -0.14
N LYS S 346 43.40 10.25 0.33
CA LYS S 346 42.03 10.65 0.63
C LYS S 346 41.20 10.86 -0.64
N HIS S 347 41.71 11.64 -1.59
CA HIS S 347 40.84 12.14 -2.64
C HIS S 347 40.75 11.23 -3.86
N THR S 348 41.83 10.57 -4.24
CA THR S 348 41.77 9.73 -5.42
C THR S 348 41.41 8.29 -5.07
N LEU S 349 42.07 7.72 -4.08
CA LEU S 349 41.82 6.33 -3.71
C LEU S 349 40.67 6.18 -2.73
N GLY S 350 40.21 7.27 -2.15
CA GLY S 350 39.12 7.22 -1.20
C GLY S 350 37.78 6.90 -1.82
N LYS T 22 117.30 -76.56 -54.35
CA LYS T 22 116.57 -77.80 -54.53
C LYS T 22 115.33 -77.59 -55.41
N ILE T 23 115.01 -76.32 -55.67
CA ILE T 23 113.97 -75.99 -56.64
C ILE T 23 114.55 -76.23 -58.04
N GLU T 24 113.85 -77.05 -58.83
CA GLU T 24 114.38 -77.50 -60.11
C GLU T 24 114.31 -76.40 -61.16
N GLU T 25 115.26 -76.45 -62.10
CA GLU T 25 115.41 -75.46 -63.16
C GLU T 25 114.83 -75.98 -64.47
N GLY T 26 114.45 -75.05 -65.35
CA GLY T 26 113.82 -75.41 -66.61
C GLY T 26 112.45 -76.02 -66.48
N LYS T 27 111.83 -75.89 -65.31
CA LYS T 27 110.60 -76.60 -64.98
C LYS T 27 109.85 -75.79 -63.93
N LEU T 28 108.53 -75.73 -64.06
CA LEU T 28 107.70 -74.93 -63.19
C LEU T 28 106.65 -75.81 -62.52
N VAL T 29 106.60 -75.76 -61.20
CA VAL T 29 105.54 -76.42 -60.42
C VAL T 29 104.84 -75.35 -59.58
N ILE T 30 103.51 -75.41 -59.56
CA ILE T 30 102.68 -74.40 -58.92
C ILE T 30 101.75 -75.12 -57.94
N TRP T 31 101.50 -74.47 -56.80
CA TRP T 31 100.50 -74.93 -55.85
C TRP T 31 99.38 -73.90 -55.74
N ILE T 32 98.14 -74.38 -55.83
CA ILE T 32 96.97 -73.51 -55.84
C ILE T 32 95.82 -74.24 -55.17
N ASN T 33 95.06 -73.53 -54.35
CA ASN T 33 93.98 -74.16 -53.58
C ASN T 33 92.85 -74.60 -54.51
N GLY T 34 92.25 -75.74 -54.17
CA GLY T 34 91.26 -76.40 -54.99
C GLY T 34 89.89 -75.74 -55.07
N ASP T 35 89.68 -74.60 -54.41
CA ASP T 35 88.44 -73.87 -54.52
C ASP T 35 88.45 -72.88 -55.69
N LYS T 36 89.47 -72.95 -56.53
CA LYS T 36 89.68 -72.03 -57.64
C LYS T 36 89.67 -72.80 -58.94
N GLY T 37 89.93 -72.08 -60.03
CA GLY T 37 90.12 -72.73 -61.32
C GLY T 37 91.53 -73.23 -61.49
N TYR T 38 91.92 -74.23 -60.69
CA TYR T 38 93.24 -74.82 -60.85
C TYR T 38 93.37 -75.55 -62.18
N ASN T 39 92.25 -76.06 -62.70
CA ASN T 39 92.24 -76.58 -64.06
C ASN T 39 92.50 -75.47 -65.08
N GLY T 40 92.04 -74.25 -64.78
CA GLY T 40 92.41 -73.11 -65.61
C GLY T 40 93.88 -72.80 -65.54
N LEU T 41 94.49 -73.02 -64.38
CA LEU T 41 95.94 -72.90 -64.28
C LEU T 41 96.65 -73.97 -65.09
N ALA T 42 96.07 -75.17 -65.17
CA ALA T 42 96.60 -76.18 -66.08
C ALA T 42 96.43 -75.76 -67.53
N GLU T 43 95.31 -75.10 -67.85
CA GLU T 43 95.09 -74.64 -69.22
CA GLU T 43 95.09 -74.64 -69.23
C GLU T 43 96.09 -73.57 -69.63
N VAL T 44 96.37 -72.62 -68.75
CA VAL T 44 97.35 -71.60 -69.12
C VAL T 44 98.74 -72.20 -69.13
N GLY T 45 99.00 -73.21 -68.29
CA GLY T 45 100.25 -73.94 -68.39
C GLY T 45 100.43 -74.61 -69.74
N LYS T 46 99.36 -75.21 -70.28
CA LYS T 46 99.52 -75.86 -71.58
C LYS T 46 99.56 -74.85 -72.74
N LYS T 47 98.94 -73.68 -72.62
CA LYS T 47 99.24 -72.63 -73.60
C LYS T 47 100.73 -72.31 -73.59
N PHE T 48 101.30 -72.14 -72.39
CA PHE T 48 102.73 -71.88 -72.27
C PHE T 48 103.56 -73.03 -72.84
N GLU T 49 103.08 -74.27 -72.72
CA GLU T 49 103.82 -75.42 -73.25
C GLU T 49 103.79 -75.44 -74.77
N LYS T 50 102.61 -75.26 -75.38
CA LYS T 50 102.55 -75.23 -76.84
C LYS T 50 103.29 -74.03 -77.42
N ASP T 51 103.39 -72.92 -76.67
CA ASP T 51 104.07 -71.76 -77.23
C ASP T 51 105.58 -71.80 -77.03
N THR T 52 106.07 -72.17 -75.84
CA THR T 52 107.49 -72.10 -75.53
C THR T 52 108.13 -73.45 -75.23
N GLY T 53 107.36 -74.52 -75.07
CA GLY T 53 107.92 -75.83 -74.79
C GLY T 53 108.32 -76.08 -73.36
N ILE T 54 108.04 -75.15 -72.45
CA ILE T 54 108.43 -75.29 -71.05
C ILE T 54 107.26 -75.86 -70.28
N LYS T 55 107.48 -77.01 -69.63
CA LYS T 55 106.41 -77.73 -68.98
C LYS T 55 106.00 -77.03 -67.68
N VAL T 56 104.69 -76.96 -67.44
CA VAL T 56 104.12 -76.38 -66.23
C VAL T 56 103.23 -77.42 -65.59
N THR T 57 103.52 -77.77 -64.34
CA THR T 57 102.70 -78.68 -63.55
C THR T 57 102.06 -77.92 -62.41
N VAL T 58 100.77 -78.18 -62.16
CA VAL T 58 100.06 -77.60 -61.04
C VAL T 58 99.57 -78.72 -60.15
N GLU T 59 99.54 -78.44 -58.85
CA GLU T 59 99.05 -79.40 -57.87
C GLU T 59 98.17 -78.68 -56.85
N HIS T 60 97.09 -79.35 -56.45
CA HIS T 60 96.06 -78.73 -55.59
C HIS T 60 95.74 -79.65 -54.41
N PRO T 61 96.63 -79.73 -53.43
CA PRO T 61 96.30 -80.45 -52.20
C PRO T 61 95.74 -79.53 -51.13
N ASP T 62 95.27 -80.14 -50.05
CA ASP T 62 94.78 -79.36 -48.92
C ASP T 62 95.93 -78.73 -48.15
N LYS T 63 95.59 -77.81 -47.26
CA LYS T 63 96.49 -77.17 -46.30
C LYS T 63 97.70 -76.53 -46.96
N LEU T 64 97.52 -75.92 -48.14
CA LEU T 64 98.65 -75.34 -48.86
C LEU T 64 99.29 -74.17 -48.14
N GLU T 65 98.53 -73.47 -47.29
CA GLU T 65 99.12 -72.36 -46.54
C GLU T 65 99.91 -72.91 -45.36
N GLU T 66 99.52 -74.08 -44.86
CA GLU T 66 100.38 -74.80 -43.92
C GLU T 66 101.59 -75.39 -44.63
N LYS T 67 101.42 -75.76 -45.91
CA LYS T 67 102.42 -76.57 -46.61
C LYS T 67 103.52 -75.72 -47.25
N PHE T 68 103.22 -74.51 -47.71
CA PHE T 68 104.24 -73.71 -48.38
C PHE T 68 105.37 -73.27 -47.45
N PRO T 69 105.12 -72.62 -46.29
CA PRO T 69 106.25 -72.07 -45.54
C PRO T 69 107.13 -73.13 -44.91
N GLN T 70 106.57 -74.28 -44.51
CA GLN T 70 107.35 -75.33 -43.89
C GLN T 70 108.32 -76.00 -44.86
N VAL T 71 108.10 -75.86 -46.16
CA VAL T 71 109.00 -76.47 -47.15
C VAL T 71 109.87 -75.35 -47.74
N ALA T 72 109.31 -74.14 -47.80
CA ALA T 72 110.06 -72.99 -48.29
C ALA T 72 111.15 -72.56 -47.31
N ALA T 73 110.99 -72.85 -46.02
CA ALA T 73 112.08 -72.64 -45.08
C ALA T 73 113.21 -73.63 -45.27
N THR T 74 112.96 -74.75 -45.96
CA THR T 74 114.00 -75.66 -46.38
C THR T 74 114.58 -75.32 -47.75
N GLY T 75 113.89 -74.50 -48.53
CA GLY T 75 114.35 -74.16 -49.86
C GLY T 75 113.76 -74.98 -50.98
N ASP T 76 112.56 -75.56 -50.78
CA ASP T 76 111.93 -76.37 -51.81
C ASP T 76 110.43 -76.08 -51.88
N GLY T 77 109.69 -76.95 -52.54
CA GLY T 77 108.26 -76.82 -52.64
C GLY T 77 107.82 -76.39 -54.03
N PRO T 78 107.00 -75.37 -54.09
CA PRO T 78 106.55 -74.86 -55.39
C PRO T 78 107.45 -73.74 -55.89
N ASP T 79 107.12 -73.21 -57.05
CA ASP T 79 107.71 -71.94 -57.45
C ASP T 79 106.74 -70.79 -57.23
N ILE T 80 105.48 -70.99 -57.60
CA ILE T 80 104.45 -69.97 -57.52
C ILE T 80 103.33 -70.47 -56.60
N ILE T 81 102.75 -69.55 -55.82
CA ILE T 81 101.65 -69.88 -54.92
C ILE T 81 100.57 -68.80 -55.02
N PHE T 82 99.32 -69.23 -55.21
CA PHE T 82 98.18 -68.34 -55.32
C PHE T 82 97.45 -68.32 -53.99
N TRP T 83 97.49 -67.19 -53.29
CA TRP T 83 96.88 -67.09 -51.97
C TRP T 83 96.65 -65.63 -51.63
N ALA T 84 96.04 -65.40 -50.47
CA ALA T 84 95.81 -64.04 -49.98
C ALA T 84 97.12 -63.36 -49.66
N HIS T 85 97.11 -62.03 -49.79
CA HIS T 85 98.31 -61.22 -49.66
C HIS T 85 98.76 -61.04 -48.21
N ASP T 86 97.83 -61.19 -47.25
CA ASP T 86 98.14 -60.83 -45.87
C ASP T 86 99.17 -61.76 -45.24
N ARG T 87 99.14 -63.04 -45.59
CA ARG T 87 100.19 -63.94 -45.15
C ARG T 87 101.42 -63.86 -46.04
N PHE T 88 101.32 -63.19 -47.18
CA PHE T 88 102.49 -63.02 -48.05
C PHE T 88 103.48 -62.03 -47.46
N GLY T 89 102.98 -60.89 -46.96
CA GLY T 89 103.86 -59.91 -46.36
C GLY T 89 104.64 -60.45 -45.18
N GLY T 90 103.98 -61.25 -44.34
CA GLY T 90 104.70 -61.97 -43.30
C GLY T 90 105.73 -62.91 -43.87
N TYR T 91 105.37 -63.64 -44.94
CA TYR T 91 106.36 -64.45 -45.63
C TYR T 91 107.30 -63.60 -46.47
N ALA T 92 106.98 -62.32 -46.67
CA ALA T 92 107.98 -61.39 -47.20
C ALA T 92 109.06 -61.11 -46.15
N GLN T 93 108.70 -61.21 -44.87
CA GLN T 93 109.69 -61.14 -43.81
C GLN T 93 110.46 -62.44 -43.69
N SER T 94 109.77 -63.57 -43.84
CA SER T 94 110.33 -64.87 -43.54
C SER T 94 111.28 -65.39 -44.62
N GLY T 95 111.57 -64.61 -45.65
CA GLY T 95 112.48 -65.06 -46.69
C GLY T 95 111.93 -66.18 -47.54
N LEU T 96 110.62 -66.24 -47.72
CA LEU T 96 109.97 -67.30 -48.48
C LEU T 96 109.31 -66.82 -49.77
N LEU T 97 109.04 -65.53 -49.90
CA LEU T 97 108.56 -64.97 -51.15
C LEU T 97 109.65 -64.14 -51.82
N ALA T 98 109.75 -64.28 -53.13
CA ALA T 98 110.79 -63.62 -53.91
C ALA T 98 110.38 -62.19 -54.25
N GLU T 99 111.34 -61.27 -54.14
CA GLU T 99 111.11 -59.89 -54.55
C GLU T 99 111.01 -59.83 -56.06
N ILE T 100 109.81 -59.56 -56.57
CA ILE T 100 109.59 -59.54 -58.01
C ILE T 100 110.14 -58.24 -58.60
N THR T 101 110.43 -58.28 -59.89
CA THR T 101 110.87 -57.10 -60.64
C THR T 101 109.96 -56.93 -61.85
N PRO T 102 108.81 -56.29 -61.68
CA PRO T 102 107.96 -55.96 -62.83
C PRO T 102 108.28 -54.59 -63.42
N ASP T 103 107.87 -54.41 -64.67
CA ASP T 103 108.09 -53.15 -65.35
CA ASP T 103 108.09 -53.15 -65.36
C ASP T 103 106.99 -52.15 -64.99
N LYS T 104 107.22 -50.89 -65.36
CA LYS T 104 106.26 -49.83 -65.05
C LYS T 104 105.08 -49.83 -65.99
N ALA T 105 105.27 -50.23 -67.26
CA ALA T 105 104.14 -50.37 -68.17
C ALA T 105 103.22 -51.50 -67.74
N PHE T 106 103.79 -52.60 -67.23
CA PHE T 106 102.95 -53.66 -66.68
C PHE T 106 102.32 -53.25 -65.36
N GLN T 107 102.96 -52.35 -64.61
CA GLN T 107 102.33 -51.79 -63.43
C GLN T 107 101.17 -50.87 -63.81
N ASP T 108 101.23 -50.25 -64.99
CA ASP T 108 100.09 -49.53 -65.52
C ASP T 108 99.02 -50.49 -66.06
N LYS T 109 99.44 -51.67 -66.52
CA LYS T 109 98.49 -52.67 -67.00
C LYS T 109 97.56 -53.17 -65.91
N LEU T 110 98.00 -53.14 -64.65
CA LEU T 110 97.18 -53.53 -63.51
C LEU T 110 96.80 -52.30 -62.70
N TYR T 111 95.85 -52.48 -61.80
CA TYR T 111 95.46 -51.40 -60.91
C TYR T 111 96.46 -51.28 -59.75
N PRO T 112 96.89 -50.06 -59.43
CA PRO T 112 97.91 -49.91 -58.37
C PRO T 112 97.39 -50.23 -56.98
N PHE T 113 96.10 -50.03 -56.71
CA PHE T 113 95.56 -50.40 -55.41
C PHE T 113 95.61 -51.90 -55.17
N THR T 114 95.69 -52.70 -56.25
CA THR T 114 96.02 -54.10 -56.10
C THR T 114 97.50 -54.27 -55.74
N TRP T 115 98.37 -53.42 -56.30
CA TRP T 115 99.80 -53.51 -55.98
C TRP T 115 100.09 -53.10 -54.54
N ASP T 116 99.23 -52.30 -53.91
CA ASP T 116 99.39 -51.99 -52.50
C ASP T 116 99.11 -53.18 -51.59
N ALA T 117 98.59 -54.29 -52.12
CA ALA T 117 98.33 -55.47 -51.32
C ALA T 117 99.59 -56.28 -51.05
N VAL T 118 100.58 -56.20 -51.94
CA VAL T 118 101.74 -57.06 -51.89
C VAL T 118 102.99 -56.26 -51.57
N ARG T 119 102.82 -55.18 -50.80
CA ARG T 119 103.93 -54.36 -50.34
C ARG T 119 104.40 -54.82 -48.97
N TYR T 120 105.71 -54.82 -48.77
CA TYR T 120 106.28 -55.13 -47.46
C TYR T 120 107.71 -54.59 -47.43
N ASN T 121 108.00 -53.69 -46.49
CA ASN T 121 109.31 -53.05 -46.35
C ASN T 121 109.74 -52.36 -47.64
N GLY T 122 108.77 -51.80 -48.35
CA GLY T 122 109.03 -51.12 -49.61
C GLY T 122 109.25 -52.02 -50.81
N LYS T 123 109.51 -53.31 -50.60
CA LYS T 123 109.77 -54.23 -51.69
C LYS T 123 108.47 -54.84 -52.19
N LEU T 124 108.47 -55.28 -53.44
CA LEU T 124 107.29 -55.83 -54.09
C LEU T 124 107.49 -57.34 -54.25
N ILE T 125 106.51 -58.12 -53.79
CA ILE T 125 106.73 -59.53 -53.55
C ILE T 125 105.91 -60.45 -54.45
N ALA T 126 104.80 -59.99 -55.03
CA ALA T 126 103.90 -60.90 -55.71
C ALA T 126 103.04 -60.13 -56.70
N TYR T 127 102.55 -60.84 -57.71
CA TYR T 127 101.70 -60.23 -58.71
C TYR T 127 100.24 -60.44 -58.33
N PRO T 128 99.45 -59.39 -58.15
CA PRO T 128 98.04 -59.59 -57.80
C PRO T 128 97.24 -60.08 -58.99
N ILE T 129 96.35 -61.04 -58.74
CA ILE T 129 95.47 -61.55 -59.80
C ILE T 129 94.03 -61.18 -59.46
N ALA T 130 93.53 -61.69 -58.34
CA ALA T 130 92.13 -61.54 -57.98
C ALA T 130 91.99 -60.58 -56.80
N VAL T 131 90.86 -59.88 -56.77
CA VAL T 131 90.59 -58.87 -55.75
C VAL T 131 89.18 -59.11 -55.21
N GLU T 132 89.04 -59.10 -53.89
CA GLU T 132 87.82 -59.50 -53.22
C GLU T 132 87.33 -58.39 -52.31
N ALA T 133 86.02 -58.18 -52.31
CA ALA T 133 85.40 -57.13 -51.51
C ALA T 133 83.93 -57.45 -51.31
N LEU T 134 83.41 -57.10 -50.14
CA LEU T 134 82.03 -57.38 -49.79
C LEU T 134 81.11 -56.32 -50.39
N SER T 135 79.98 -56.78 -50.95
CA SER T 135 79.04 -55.89 -51.63
C SER T 135 77.63 -56.18 -51.13
N LEU T 136 76.71 -55.28 -51.47
CA LEU T 136 75.33 -55.40 -51.05
C LEU T 136 74.58 -56.27 -52.06
N ILE T 137 73.86 -57.26 -51.55
CA ILE T 137 73.03 -58.15 -52.37
C ILE T 137 71.58 -57.87 -51.97
N TYR T 138 70.75 -57.56 -52.95
CA TYR T 138 69.39 -57.14 -52.68
C TYR T 138 68.39 -57.91 -53.54
N ASN T 139 67.23 -58.19 -52.95
CA ASN T 139 66.09 -58.68 -53.71
C ASN T 139 65.51 -57.52 -54.54
N LYS T 140 65.45 -57.71 -55.86
CA LYS T 140 64.90 -56.66 -56.71
C LYS T 140 63.39 -56.53 -56.53
N ASP T 141 62.71 -57.60 -56.11
CA ASP T 141 61.27 -57.54 -55.96
C ASP T 141 60.86 -56.80 -54.70
N LEU T 142 61.49 -57.15 -53.56
CA LEU T 142 61.16 -56.50 -52.31
C LEU T 142 61.59 -55.03 -52.31
N LEU T 143 62.63 -54.69 -53.06
CA LEU T 143 63.02 -53.29 -53.15
C LEU T 143 63.53 -52.98 -54.55
N PRO T 144 62.73 -52.27 -55.36
CA PRO T 144 63.18 -51.94 -56.72
C PRO T 144 64.23 -50.86 -56.78
N ASN T 145 64.39 -50.06 -55.73
CA ASN T 145 65.31 -48.92 -55.74
C ASN T 145 66.14 -48.96 -54.46
N PRO T 146 67.41 -49.38 -54.55
CA PRO T 146 68.23 -49.47 -53.34
C PRO T 146 68.54 -48.10 -52.78
N PRO T 147 68.78 -47.99 -51.47
CA PRO T 147 69.19 -46.72 -50.89
C PRO T 147 70.70 -46.56 -50.88
N LYS T 148 71.12 -45.29 -50.82
CA LYS T 148 72.54 -44.96 -50.85
C LYS T 148 73.06 -44.44 -49.52
N THR T 149 72.22 -44.38 -48.50
CA THR T 149 72.64 -43.95 -47.17
C THR T 149 72.29 -45.01 -46.14
N TRP T 150 73.18 -45.21 -45.17
CA TRP T 150 72.85 -46.09 -44.04
C TRP T 150 71.78 -45.47 -43.16
N GLU T 151 71.73 -44.13 -43.11
CA GLU T 151 70.71 -43.44 -42.33
C GLU T 151 69.31 -43.70 -42.87
N GLU T 152 69.18 -44.21 -44.09
CA GLU T 152 67.90 -44.60 -44.64
C GLU T 152 67.45 -45.97 -44.15
N ILE T 153 68.38 -46.83 -43.75
CA ILE T 153 68.09 -48.22 -43.39
C ILE T 153 67.11 -48.36 -42.22
N PRO T 154 67.22 -47.60 -41.12
CA PRO T 154 66.20 -47.76 -40.06
C PRO T 154 64.78 -47.47 -40.53
N ALA T 155 64.57 -46.33 -41.20
CA ALA T 155 63.24 -45.93 -41.62
C ALA T 155 62.60 -46.99 -42.52
N LEU T 156 63.32 -47.44 -43.54
CA LEU T 156 62.77 -48.45 -44.45
C LEU T 156 62.52 -49.76 -43.73
N ASP T 157 63.26 -50.04 -42.65
CA ASP T 157 62.99 -51.24 -41.85
C ASP T 157 61.58 -51.18 -41.28
N LYS T 158 61.12 -49.98 -40.90
CA LYS T 158 59.75 -49.79 -40.44
C LYS T 158 58.74 -50.20 -41.50
N GLU T 159 59.11 -50.13 -42.78
CA GLU T 159 58.22 -50.63 -43.81
C GLU T 159 58.16 -52.16 -43.79
N LEU T 160 59.31 -52.82 -43.65
CA LEU T 160 59.34 -54.26 -43.90
C LEU T 160 58.66 -55.06 -42.80
N LYS T 161 58.71 -54.58 -41.55
CA LYS T 161 57.92 -55.20 -40.50
C LYS T 161 56.43 -55.07 -40.75
N ALA T 162 56.02 -54.12 -41.59
CA ALA T 162 54.63 -54.03 -42.04
C ALA T 162 54.28 -55.05 -43.09
N LYS T 163 55.28 -55.73 -43.68
CA LYS T 163 55.03 -56.83 -44.60
C LYS T 163 55.49 -58.17 -44.04
N GLY T 164 55.91 -58.20 -42.78
CA GLY T 164 56.47 -59.41 -42.22
C GLY T 164 57.86 -59.73 -42.69
N LYS T 165 58.63 -58.71 -43.08
CA LYS T 165 59.97 -58.87 -43.60
C LYS T 165 60.96 -58.12 -42.71
N SER T 166 62.24 -58.39 -42.94
CA SER T 166 63.32 -57.70 -42.24
C SER T 166 64.20 -56.98 -43.24
N ALA T 167 64.76 -55.86 -42.83
CA ALA T 167 65.55 -55.04 -43.74
C ALA T 167 66.93 -55.64 -43.97
N LEU T 168 67.72 -55.78 -42.92
CA LEU T 168 69.10 -56.23 -43.06
C LEU T 168 69.36 -57.32 -42.03
N MET T 169 69.99 -58.40 -42.47
CA MET T 169 70.37 -59.50 -41.58
C MET T 169 71.68 -60.08 -42.11
N PHE T 170 72.73 -60.05 -41.28
CA PHE T 170 74.03 -60.54 -41.67
C PHE T 170 74.75 -61.08 -40.44
N ASN T 171 76.01 -61.46 -40.63
CA ASN T 171 76.80 -62.04 -39.56
C ASN T 171 77.36 -60.94 -38.67
N LEU T 172 76.83 -60.81 -37.46
CA LEU T 172 77.33 -59.86 -36.48
C LEU T 172 78.44 -60.43 -35.61
N GLN T 173 78.76 -61.71 -35.77
CA GLN T 173 79.75 -62.36 -34.91
C GLN T 173 81.18 -62.15 -35.40
N GLU T 174 81.38 -61.39 -36.47
CA GLU T 174 82.71 -61.13 -37.01
C GLU T 174 82.93 -59.65 -37.20
N PRO T 175 84.14 -59.15 -36.91
CA PRO T 175 84.49 -57.78 -37.32
C PRO T 175 84.64 -57.63 -38.82
N TYR T 176 84.84 -58.74 -39.54
CA TYR T 176 85.02 -58.69 -40.99
C TYR T 176 83.77 -58.17 -41.69
N PHE T 177 82.59 -58.39 -41.12
CA PHE T 177 81.37 -57.85 -41.70
C PHE T 177 81.12 -56.42 -41.26
N THR T 178 81.43 -56.10 -40.00
CA THR T 178 81.05 -54.82 -39.41
C THR T 178 82.03 -53.70 -39.72
N TRP T 179 83.25 -54.02 -40.13
CA TRP T 179 84.28 -53.00 -40.36
C TRP T 179 83.98 -51.99 -41.47
N PRO T 180 83.23 -52.33 -42.54
CA PRO T 180 82.83 -51.26 -43.49
C PRO T 180 82.10 -50.09 -42.84
N LEU T 181 81.15 -50.35 -41.94
CA LEU T 181 80.36 -49.27 -41.38
C LEU T 181 81.14 -48.49 -40.32
N ILE T 182 81.76 -49.18 -39.37
CA ILE T 182 82.35 -48.51 -38.22
C ILE T 182 83.59 -47.73 -38.63
N ALA T 183 84.34 -48.22 -39.60
CA ALA T 183 85.59 -47.58 -40.02
C ALA T 183 85.43 -46.70 -41.25
N ALA T 184 84.19 -46.37 -41.62
CA ALA T 184 83.96 -45.60 -42.83
C ALA T 184 84.36 -44.15 -42.67
N ASP T 185 84.08 -43.57 -41.50
CA ASP T 185 84.22 -42.14 -41.27
C ASP T 185 85.34 -41.80 -40.29
N GLY T 186 86.40 -42.60 -40.26
CA GLY T 186 87.53 -42.28 -39.40
C GLY T 186 88.25 -43.45 -38.75
N GLY T 187 87.66 -44.64 -38.84
CA GLY T 187 88.33 -45.82 -38.33
C GLY T 187 89.25 -46.45 -39.35
N TYR T 188 90.32 -47.08 -38.85
CA TYR T 188 91.28 -47.77 -39.70
C TYR T 188 92.10 -48.70 -38.81
N ALA T 189 92.32 -49.94 -39.27
CA ALA T 189 92.93 -50.98 -38.44
C ALA T 189 94.35 -50.58 -38.00
N PHE T 190 95.26 -50.44 -38.96
CA PHE T 190 96.61 -49.96 -38.69
C PHE T 190 96.93 -48.85 -39.68
N LYS T 191 97.71 -47.86 -39.24
CA LYS T 191 98.13 -46.82 -40.17
C LYS T 191 99.09 -47.40 -41.19
N TYR T 192 98.74 -47.28 -42.47
CA TYR T 192 99.43 -47.92 -43.56
C TYR T 192 99.85 -46.88 -44.59
N GLU T 193 101.16 -46.61 -44.68
CA GLU T 193 101.68 -45.61 -45.59
C GLU T 193 103.00 -46.11 -46.17
N ASN T 194 103.23 -45.83 -47.45
CA ASN T 194 104.48 -46.15 -48.15
C ASN T 194 104.83 -47.63 -48.08
N GLY T 195 103.82 -48.49 -48.03
CA GLY T 195 104.05 -49.91 -47.94
C GLY T 195 104.41 -50.42 -46.57
N LYS T 196 104.16 -49.63 -45.52
CA LYS T 196 104.54 -50.00 -44.15
C LYS T 196 103.33 -49.84 -43.24
N TYR T 197 103.09 -50.85 -42.40
CA TYR T 197 102.02 -50.81 -41.41
C TYR T 197 102.60 -50.40 -40.05
N ASP T 198 102.09 -49.30 -39.51
CA ASP T 198 102.57 -48.81 -38.21
C ASP T 198 101.93 -49.61 -37.09
N ILE T 199 102.77 -50.14 -36.19
CA ILE T 199 102.26 -51.02 -35.14
C ILE T 199 101.70 -50.21 -33.98
N LYS T 200 102.30 -49.06 -33.67
CA LYS T 200 101.82 -48.18 -32.60
C LYS T 200 100.57 -47.38 -33.01
N ASP T 201 100.05 -47.59 -34.21
CA ASP T 201 98.99 -46.73 -34.73
C ASP T 201 97.77 -47.58 -35.10
N VAL T 202 97.28 -48.33 -34.12
CA VAL T 202 96.04 -49.10 -34.21
C VAL T 202 94.90 -48.11 -34.00
N GLY T 203 94.18 -47.79 -35.07
CA GLY T 203 93.11 -46.82 -34.96
C GLY T 203 91.73 -47.38 -34.65
N VAL T 204 91.36 -47.40 -33.38
CA VAL T 204 89.97 -47.65 -32.98
C VAL T 204 89.44 -46.61 -32.02
N ASP T 205 90.31 -45.78 -31.44
CA ASP T 205 89.89 -44.70 -30.55
C ASP T 205 89.71 -43.40 -31.34
N ASN T 206 88.86 -43.48 -32.36
CA ASN T 206 88.59 -42.35 -33.24
C ASN T 206 87.10 -42.04 -33.23
N ALA T 207 86.78 -40.78 -33.57
CA ALA T 207 85.39 -40.34 -33.58
C ALA T 207 84.57 -41.08 -34.64
N GLY T 208 85.21 -41.48 -35.74
CA GLY T 208 84.49 -42.23 -36.75
C GLY T 208 84.09 -43.62 -36.27
N ALA T 209 84.99 -44.30 -35.57
CA ALA T 209 84.65 -45.61 -34.99
C ALA T 209 83.55 -45.45 -33.96
N LYS T 210 83.59 -44.37 -33.17
CA LYS T 210 82.52 -44.08 -32.22
C LYS T 210 81.19 -43.90 -32.94
N ALA T 211 81.19 -43.13 -34.03
CA ALA T 211 79.94 -42.89 -34.77
C ALA T 211 79.40 -44.17 -35.37
N GLY T 212 80.26 -45.00 -35.95
CA GLY T 212 79.82 -46.26 -36.52
C GLY T 212 79.27 -47.22 -35.48
N LEU T 213 79.93 -47.31 -34.32
CA LEU T 213 79.43 -48.23 -33.31
C LEU T 213 78.16 -47.72 -32.64
N THR T 214 78.01 -46.40 -32.49
CA THR T 214 76.73 -45.87 -32.06
C THR T 214 75.62 -46.12 -33.07
N PHE T 215 75.93 -46.04 -34.37
CA PHE T 215 74.91 -46.41 -35.34
C PHE T 215 74.56 -47.88 -35.25
N LEU T 216 75.53 -48.73 -34.96
CA LEU T 216 75.25 -50.14 -34.74
C LEU T 216 74.35 -50.35 -33.52
N VAL T 217 74.61 -49.64 -32.43
CA VAL T 217 73.76 -49.82 -31.26
C VAL T 217 72.40 -49.16 -31.43
N ASP T 218 72.27 -48.20 -32.36
CA ASP T 218 70.94 -47.73 -32.71
C ASP T 218 70.19 -48.72 -33.58
N LEU T 219 70.89 -49.44 -34.44
CA LEU T 219 70.23 -50.47 -35.23
C LEU T 219 69.84 -51.66 -34.36
N ILE T 220 70.58 -51.91 -33.29
CA ILE T 220 70.27 -53.08 -32.47
C ILE T 220 69.34 -52.74 -31.29
N LYS T 221 69.36 -51.49 -30.81
CA LYS T 221 68.55 -51.15 -29.64
C LYS T 221 67.07 -51.13 -29.99
N ASN T 222 66.71 -50.46 -31.09
CA ASN T 222 65.34 -50.41 -31.56
C ASN T 222 64.92 -51.68 -32.28
N LYS T 223 65.75 -52.73 -32.24
CA LYS T 223 65.40 -54.07 -32.72
C LYS T 223 65.13 -54.07 -34.22
N HIS T 224 65.97 -53.35 -34.97
CA HIS T 224 65.95 -53.51 -36.43
C HIS T 224 66.53 -54.85 -36.84
N MET T 225 67.60 -55.27 -36.16
CA MET T 225 68.20 -56.58 -36.34
C MET T 225 68.28 -57.28 -34.98
N ASN T 226 68.84 -58.49 -35.00
CA ASN T 226 69.12 -59.24 -33.79
C ASN T 226 70.62 -59.27 -33.53
N ALA T 227 70.98 -59.49 -32.27
CA ALA T 227 72.39 -59.51 -31.89
C ALA T 227 73.00 -60.89 -31.97
N ASP T 228 72.20 -61.93 -31.76
CA ASP T 228 72.68 -63.30 -31.81
C ASP T 228 72.67 -63.88 -33.22
N THR T 229 72.34 -63.06 -34.23
CA THR T 229 72.34 -63.56 -35.60
C THR T 229 73.77 -63.77 -36.10
N ASP T 230 73.88 -64.55 -37.16
CA ASP T 230 75.17 -64.84 -37.76
C ASP T 230 74.95 -65.08 -39.26
N TYR T 231 75.92 -65.75 -39.88
CA TYR T 231 75.95 -65.87 -41.33
C TYR T 231 74.91 -66.87 -41.85
N SER T 232 74.72 -67.98 -41.12
CA SER T 232 73.86 -69.05 -41.63
CA SER T 232 73.86 -69.05 -41.62
C SER T 232 72.40 -68.62 -41.69
N ILE T 233 71.87 -68.10 -40.58
CA ILE T 233 70.48 -67.66 -40.55
C ILE T 233 70.25 -66.55 -41.57
N ALA T 234 71.22 -65.64 -41.69
CA ALA T 234 71.12 -64.53 -42.63
C ALA T 234 71.02 -65.03 -44.06
N GLU T 235 71.98 -65.83 -44.50
CA GLU T 235 71.98 -66.31 -45.88
C GLU T 235 70.80 -67.23 -46.15
N ALA T 236 70.40 -68.06 -45.18
CA ALA T 236 69.27 -68.94 -45.41
C ALA T 236 67.96 -68.17 -45.52
N ALA T 237 67.80 -67.12 -44.71
CA ALA T 237 66.61 -66.29 -44.80
C ALA T 237 66.59 -65.48 -46.09
N PHE T 238 67.76 -65.03 -46.56
CA PHE T 238 67.80 -64.30 -47.82
C PHE T 238 67.53 -65.23 -48.99
N ASN T 239 67.96 -66.50 -48.92
CA ASN T 239 67.62 -67.45 -49.95
C ASN T 239 66.12 -67.73 -49.99
N LYS T 240 65.45 -67.68 -48.84
CA LYS T 240 63.99 -67.73 -48.83
C LYS T 240 63.37 -66.40 -49.24
N GLY T 241 64.11 -65.31 -49.13
CA GLY T 241 63.57 -64.01 -49.46
C GLY T 241 62.84 -63.33 -48.33
N GLU T 242 63.24 -63.60 -47.08
CA GLU T 242 62.60 -62.96 -45.94
C GLU T 242 63.26 -61.63 -45.60
N THR T 243 64.58 -61.60 -45.49
CA THR T 243 65.33 -60.36 -45.37
C THR T 243 65.68 -59.89 -46.77
N ALA T 244 65.58 -58.58 -47.01
CA ALA T 244 65.78 -58.06 -48.34
C ALA T 244 67.23 -57.67 -48.63
N MET T 245 67.96 -57.16 -47.66
CA MET T 245 69.33 -56.72 -47.86
C MET T 245 70.29 -57.71 -47.19
N THR T 246 71.46 -57.89 -47.81
CA THR T 246 72.54 -58.56 -47.12
C THR T 246 73.87 -58.04 -47.67
N ILE T 247 74.94 -58.33 -46.94
CA ILE T 247 76.29 -57.94 -47.34
C ILE T 247 77.13 -59.20 -47.43
N ASN T 248 77.77 -59.40 -48.58
CA ASN T 248 78.46 -60.66 -48.81
C ASN T 248 79.49 -60.47 -49.91
N GLY T 249 80.51 -61.34 -49.87
CA GLY T 249 81.51 -61.39 -50.92
C GLY T 249 81.07 -62.27 -52.06
N PRO T 250 82.02 -62.82 -52.81
CA PRO T 250 81.66 -63.65 -53.96
C PRO T 250 81.18 -65.05 -53.59
N TRP T 251 81.68 -65.60 -52.46
CA TRP T 251 81.56 -67.03 -52.19
C TRP T 251 80.12 -67.50 -52.04
N ALA T 252 79.18 -66.60 -51.78
CA ALA T 252 77.79 -66.99 -51.61
C ALA T 252 76.94 -66.71 -52.84
N TRP T 253 77.52 -66.12 -53.89
CA TRP T 253 76.75 -65.72 -55.06
C TRP T 253 75.99 -66.88 -55.65
N SER T 254 76.70 -67.99 -55.94
CA SER T 254 76.06 -69.17 -56.50
C SER T 254 74.97 -69.71 -55.58
N ASN T 255 75.16 -69.59 -54.27
CA ASN T 255 74.13 -70.00 -53.32
C ASN T 255 72.84 -69.22 -53.55
N ILE T 256 72.95 -67.91 -53.77
CA ILE T 256 71.77 -67.13 -54.09
C ILE T 256 71.24 -67.51 -55.47
N ASP T 257 72.12 -67.97 -56.37
CA ASP T 257 71.67 -68.52 -57.63
C ASP T 257 70.99 -69.87 -57.48
N THR T 258 71.05 -70.49 -56.30
CA THR T 258 70.17 -71.62 -56.03
C THR T 258 68.76 -71.16 -55.67
N SER T 259 68.63 -69.95 -55.13
CA SER T 259 67.33 -69.45 -54.71
CA SER T 259 67.33 -69.45 -54.71
C SER T 259 66.44 -69.06 -55.88
N LYS T 260 67.04 -68.74 -57.03
CA LYS T 260 66.33 -68.23 -58.21
C LYS T 260 65.56 -66.95 -57.91
N VAL T 261 65.93 -66.25 -56.85
CA VAL T 261 65.34 -64.96 -56.54
C VAL T 261 65.92 -63.93 -57.48
N ASN T 262 65.06 -63.09 -58.05
CA ASN T 262 65.53 -62.04 -58.95
C ASN T 262 66.26 -60.99 -58.13
N TYR T 263 67.59 -61.12 -58.04
CA TYR T 263 68.39 -60.30 -57.16
C TYR T 263 69.40 -59.49 -57.94
N GLY T 264 69.87 -58.41 -57.31
CA GLY T 264 70.93 -57.61 -57.85
C GLY T 264 72.03 -57.39 -56.82
N VAL T 265 73.15 -56.88 -57.30
CA VAL T 265 74.32 -56.59 -56.47
C VAL T 265 74.75 -55.16 -56.73
N THR T 266 75.01 -54.41 -55.66
CA THR T 266 75.43 -53.03 -55.79
C THR T 266 76.43 -52.70 -54.69
N VAL T 267 76.89 -51.44 -54.72
CA VAL T 267 77.80 -50.94 -53.70
C VAL T 267 77.04 -50.73 -52.39
N LEU T 268 77.76 -50.84 -51.29
CA LEU T 268 77.18 -50.53 -49.99
C LEU T 268 76.87 -49.03 -49.92
N PRO T 269 75.85 -48.66 -49.16
CA PRO T 269 75.53 -47.23 -48.99
C PRO T 269 76.66 -46.49 -48.28
N THR T 270 76.74 -45.19 -48.55
CA THR T 270 77.66 -44.34 -47.84
C THR T 270 77.04 -43.92 -46.51
N PHE T 271 77.89 -43.44 -45.60
CA PHE T 271 77.44 -43.11 -44.24
C PHE T 271 78.04 -41.77 -43.85
N LYS T 272 77.18 -40.78 -43.62
CA LYS T 272 77.56 -39.41 -43.28
C LYS T 272 78.45 -38.80 -44.37
N GLY T 273 78.30 -39.27 -45.60
CA GLY T 273 79.15 -38.88 -46.70
C GLY T 273 80.37 -39.74 -46.90
N GLN T 274 80.90 -40.31 -45.82
CA GLN T 274 82.06 -41.19 -45.94
C GLN T 274 81.60 -42.58 -46.35
N PRO T 275 82.03 -43.11 -47.49
CA PRO T 275 81.58 -44.42 -47.93
C PRO T 275 82.18 -45.54 -47.10
N SER T 276 81.53 -46.70 -47.17
CA SER T 276 81.96 -47.88 -46.42
C SER T 276 83.34 -48.33 -46.87
N LYS T 277 83.98 -49.14 -46.02
CA LYS T 277 85.37 -49.53 -46.21
C LYS T 277 85.52 -51.02 -45.94
N PRO T 278 85.20 -51.87 -46.91
CA PRO T 278 85.37 -53.32 -46.71
C PRO T 278 86.82 -53.74 -46.81
N PHE T 279 87.10 -54.91 -46.22
CA PHE T 279 88.42 -55.51 -46.35
C PHE T 279 88.64 -56.01 -47.76
N VAL T 280 89.69 -55.50 -48.40
CA VAL T 280 90.07 -55.90 -49.74
C VAL T 280 91.00 -57.10 -49.61
N GLY T 281 90.51 -58.27 -50.03
CA GLY T 281 91.33 -59.47 -49.99
C GLY T 281 91.86 -59.82 -51.35
N VAL T 282 93.18 -59.73 -51.54
CA VAL T 282 93.76 -59.84 -52.86
C VAL T 282 94.48 -61.18 -52.96
N LEU T 283 93.97 -62.04 -53.85
CA LEU T 283 94.66 -63.26 -54.23
C LEU T 283 95.79 -62.89 -55.19
N SER T 284 97.02 -63.13 -54.76
CA SER T 284 98.22 -62.86 -55.54
C SER T 284 99.05 -64.14 -55.63
N ALA T 285 99.99 -64.11 -56.57
CA ALA T 285 100.87 -65.24 -56.86
C ALA T 285 102.28 -64.89 -56.41
N GLY T 286 102.68 -65.42 -55.26
CA GLY T 286 104.01 -65.20 -54.74
C GLY T 286 105.01 -66.19 -55.34
N ILE T 287 106.17 -65.67 -55.71
CA ILE T 287 107.28 -66.48 -56.18
C ILE T 287 108.12 -66.86 -54.97
N ASN T 288 108.53 -68.12 -54.89
CA ASN T 288 109.32 -68.57 -53.75
C ASN T 288 110.68 -67.86 -53.76
N ALA T 289 111.15 -67.47 -52.57
CA ALA T 289 112.40 -66.72 -52.45
C ALA T 289 113.63 -67.59 -52.64
N ALA T 290 113.49 -68.91 -52.57
CA ALA T 290 114.59 -69.82 -52.83
C ALA T 290 114.66 -70.23 -54.30
N SER T 291 113.81 -69.65 -55.14
CA SER T 291 113.72 -70.06 -56.54
C SER T 291 114.90 -69.53 -57.34
N PRO T 292 115.58 -70.40 -58.09
CA PRO T 292 116.42 -69.93 -59.21
C PRO T 292 115.68 -69.81 -60.53
N ASN T 293 114.34 -69.73 -60.50
CA ASN T 293 113.51 -69.74 -61.69
C ASN T 293 112.75 -68.41 -61.83
N LYS T 294 113.46 -67.31 -61.62
CA LYS T 294 112.80 -66.00 -61.51
C LYS T 294 112.17 -65.56 -62.83
N GLU T 295 112.97 -65.52 -63.90
CA GLU T 295 112.50 -64.95 -65.16
C GLU T 295 111.44 -65.81 -65.83
N LEU T 296 111.52 -67.13 -65.68
CA LEU T 296 110.52 -68.02 -66.25
C LEU T 296 109.15 -67.77 -65.65
N ALA T 297 109.07 -67.75 -64.32
CA ALA T 297 107.79 -67.51 -63.66
C ALA T 297 107.31 -66.08 -63.87
N LYS T 298 108.23 -65.12 -63.97
CA LYS T 298 107.82 -63.74 -64.25
C LYS T 298 107.21 -63.64 -65.65
N GLU T 299 107.79 -64.34 -66.61
CA GLU T 299 107.22 -64.37 -67.96
CA GLU T 299 107.22 -64.37 -67.96
C GLU T 299 105.85 -65.04 -67.96
N PHE T 300 105.72 -66.15 -67.25
CA PHE T 300 104.44 -66.85 -67.17
C PHE T 300 103.38 -66.00 -66.50
N LEU T 301 103.76 -65.20 -65.50
CA LEU T 301 102.79 -64.38 -64.79
C LEU T 301 102.40 -63.13 -65.58
N GLU T 302 103.35 -62.53 -66.29
CA GLU T 302 103.09 -61.25 -66.93
C GLU T 302 102.50 -61.43 -68.34
N ASN T 303 103.09 -62.30 -69.15
CA ASN T 303 102.67 -62.42 -70.54
C ASN T 303 101.57 -63.45 -70.77
N TYR T 304 101.31 -64.33 -69.80
CA TYR T 304 100.29 -65.35 -69.95
C TYR T 304 99.20 -65.26 -68.89
N LEU T 305 99.56 -65.11 -67.62
CA LEU T 305 98.55 -65.08 -66.57
C LEU T 305 97.80 -63.76 -66.54
N LEU T 306 98.52 -62.66 -66.30
CA LEU T 306 97.88 -61.35 -66.10
C LEU T 306 97.61 -60.65 -67.43
N THR T 307 96.98 -61.38 -68.34
CA THR T 307 96.52 -60.91 -69.64
C THR T 307 95.06 -61.28 -69.78
N ASP T 308 94.48 -60.99 -70.94
CA ASP T 308 93.07 -61.29 -71.16
C ASP T 308 92.82 -62.79 -71.23
N GLU T 309 93.62 -63.51 -72.01
CA GLU T 309 93.33 -64.92 -72.25
C GLU T 309 93.64 -65.79 -71.04
N GLY T 310 94.61 -65.41 -70.21
CA GLY T 310 94.92 -66.21 -69.03
C GLY T 310 93.83 -66.14 -67.98
N LEU T 311 93.39 -64.93 -67.65
CA LEU T 311 92.28 -64.78 -66.73
C LEU T 311 90.98 -65.32 -67.32
N GLU T 312 90.82 -65.24 -68.65
CA GLU T 312 89.67 -65.86 -69.28
C GLU T 312 89.68 -67.37 -69.09
N ALA T 313 90.82 -68.01 -69.36
CA ALA T 313 90.93 -69.46 -69.23
C ALA T 313 90.75 -69.93 -67.79
N VAL T 314 91.23 -69.16 -66.81
CA VAL T 314 91.00 -69.59 -65.44
C VAL T 314 89.55 -69.33 -65.03
N ASN T 315 88.92 -68.28 -65.57
CA ASN T 315 87.54 -67.98 -65.20
C ASN T 315 86.51 -68.87 -65.88
N LYS T 316 86.88 -69.58 -66.95
CA LYS T 316 85.93 -70.54 -67.51
C LYS T 316 85.60 -71.67 -66.54
N ASP T 317 86.55 -72.06 -65.69
CA ASP T 317 86.25 -73.07 -64.68
C ASP T 317 85.69 -72.44 -63.41
N LYS T 318 86.46 -71.56 -62.78
CA LYS T 318 86.00 -70.85 -61.58
C LYS T 318 86.40 -69.39 -61.72
N PRO T 319 85.48 -68.46 -61.50
CA PRO T 319 85.79 -67.04 -61.69
C PRO T 319 86.66 -66.48 -60.57
N LEU T 320 87.13 -65.26 -60.79
CA LEU T 320 87.92 -64.53 -59.80
C LEU T 320 87.25 -63.24 -59.36
N GLY T 321 86.06 -62.94 -59.84
CA GLY T 321 85.37 -61.74 -59.39
C GLY T 321 86.01 -60.50 -59.95
N ALA T 322 86.44 -59.61 -59.07
CA ALA T 322 87.23 -58.46 -59.46
C ALA T 322 88.68 -58.89 -59.59
N VAL T 323 89.28 -58.62 -60.75
CA VAL T 323 90.67 -59.00 -60.99
C VAL T 323 91.54 -57.74 -60.93
N ALA T 324 92.85 -57.92 -61.05
CA ALA T 324 93.77 -56.79 -60.97
C ALA T 324 94.11 -56.18 -62.32
N LEU T 325 94.00 -56.92 -63.41
CA LEU T 325 94.33 -56.39 -64.73
C LEU T 325 93.20 -55.51 -65.24
N LYS T 326 93.57 -54.34 -65.78
CA LYS T 326 92.59 -53.31 -66.09
C LYS T 326 91.70 -53.72 -67.26
N SER T 327 92.30 -54.24 -68.34
CA SER T 327 91.52 -54.62 -69.51
C SER T 327 90.56 -55.75 -69.19
N TYR T 328 91.01 -56.75 -68.43
CA TYR T 328 90.11 -57.83 -68.04
C TYR T 328 89.05 -57.36 -67.06
N GLU T 329 89.33 -56.33 -66.27
CA GLU T 329 88.27 -55.70 -65.49
C GLU T 329 87.25 -55.02 -66.39
N GLU T 330 87.69 -54.44 -67.52
CA GLU T 330 86.70 -53.88 -68.44
C GLU T 330 85.89 -54.98 -69.13
N GLU T 331 86.50 -56.13 -69.38
CA GLU T 331 85.75 -57.26 -69.91
C GLU T 331 84.72 -57.78 -68.91
N LEU T 332 85.10 -57.91 -67.64
CA LEU T 332 84.18 -58.47 -66.65
C LEU T 332 83.23 -57.43 -66.04
N ALA T 333 83.42 -56.15 -66.30
CA ALA T 333 82.56 -55.13 -65.71
C ALA T 333 81.14 -55.12 -66.28
N LYS T 334 80.85 -55.91 -67.31
CA LYS T 334 79.46 -56.03 -67.76
C LYS T 334 78.61 -56.79 -66.75
N ASP T 335 79.22 -57.62 -65.92
CA ASP T 335 78.52 -58.25 -64.82
C ASP T 335 78.46 -57.23 -63.69
N PRO T 336 77.27 -56.79 -63.26
CA PRO T 336 77.21 -55.75 -62.22
C PRO T 336 77.75 -56.18 -60.87
N ARG T 337 77.76 -57.48 -60.59
CA ARG T 337 78.43 -57.98 -59.38
C ARG T 337 79.90 -57.63 -59.40
N ILE T 338 80.54 -57.73 -60.56
CA ILE T 338 81.96 -57.44 -60.67
C ILE T 338 82.22 -55.95 -60.50
N ALA T 339 81.34 -55.11 -61.05
CA ALA T 339 81.47 -53.67 -60.88
C ALA T 339 81.30 -53.27 -59.42
N ALA T 340 80.31 -53.85 -58.74
CA ALA T 340 80.12 -53.56 -57.33
C ALA T 340 81.31 -54.03 -56.51
N THR T 341 81.87 -55.20 -56.85
CA THR T 341 83.03 -55.70 -56.13
C THR T 341 84.23 -54.79 -56.33
N MET T 342 84.46 -54.31 -57.56
CA MET T 342 85.64 -53.48 -57.76
C MET T 342 85.47 -52.08 -57.15
N GLU T 343 84.26 -51.54 -57.11
CA GLU T 343 84.11 -50.25 -56.45
C GLU T 343 84.22 -50.35 -54.94
N ASN T 344 83.68 -51.41 -54.33
CA ASN T 344 83.91 -51.63 -52.91
C ASN T 344 85.38 -51.92 -52.62
N ALA T 345 86.09 -52.56 -53.55
CA ALA T 345 87.50 -52.84 -53.34
C ALA T 345 88.34 -51.58 -53.45
N GLN T 346 88.02 -50.69 -54.38
CA GLN T 346 88.79 -49.46 -54.54
C GLN T 346 88.46 -48.44 -53.45
N LYS T 347 87.28 -48.52 -52.85
CA LYS T 347 86.97 -47.65 -51.71
C LYS T 347 87.17 -48.33 -50.36
N GLY T 348 87.66 -49.57 -50.36
CA GLY T 348 87.83 -50.32 -49.13
C GLY T 348 89.22 -50.20 -48.55
N GLU T 349 89.43 -50.90 -47.42
CA GLU T 349 90.70 -50.94 -46.73
C GLU T 349 91.43 -52.24 -47.08
N ILE T 350 92.69 -52.12 -47.47
CA ILE T 350 93.47 -53.30 -47.80
C ILE T 350 93.78 -54.07 -46.52
N MET T 351 93.78 -55.40 -46.62
CA MET T 351 94.01 -56.22 -45.44
CA MET T 351 94.01 -56.23 -45.44
C MET T 351 95.46 -56.11 -44.99
N PRO T 352 95.71 -55.96 -43.70
CA PRO T 352 97.09 -55.85 -43.21
C PRO T 352 97.85 -57.17 -43.31
N ASN T 353 99.14 -57.05 -43.62
CA ASN T 353 100.02 -58.20 -43.76
C ASN T 353 100.83 -58.49 -42.50
N ILE T 354 100.39 -57.98 -41.36
CA ILE T 354 101.19 -58.01 -40.13
C ILE T 354 100.54 -58.96 -39.12
N PRO T 355 101.31 -59.55 -38.21
CA PRO T 355 100.72 -60.52 -37.27
C PRO T 355 99.92 -59.90 -36.13
N GLN T 356 100.14 -58.61 -35.81
CA GLN T 356 99.34 -57.95 -34.78
C GLN T 356 97.86 -57.94 -35.14
N MET T 357 97.56 -58.02 -36.44
CA MET T 357 96.18 -58.17 -36.92
C MET T 357 95.46 -59.31 -36.21
N SER T 358 96.17 -60.38 -35.86
CA SER T 358 95.57 -61.49 -35.12
C SER T 358 94.97 -61.01 -33.81
N ALA T 359 95.74 -60.24 -33.02
CA ALA T 359 95.20 -59.67 -31.79
C ALA T 359 94.05 -58.72 -32.08
N PHE T 360 94.10 -58.05 -33.24
CA PHE T 360 92.95 -57.28 -33.73
C PHE T 360 91.70 -58.15 -33.76
N TRP T 361 91.79 -59.31 -34.42
CA TRP T 361 90.64 -60.21 -34.47
C TRP T 361 90.29 -60.81 -33.12
N TYR T 362 91.17 -60.67 -32.12
CA TYR T 362 90.83 -61.02 -30.77
C TYR T 362 90.33 -59.83 -29.96
N ALA T 363 90.76 -58.61 -30.31
CA ALA T 363 90.37 -57.46 -29.51
C ALA T 363 89.00 -56.91 -29.94
N VAL T 364 88.92 -56.41 -31.18
CA VAL T 364 87.75 -55.64 -31.60
C VAL T 364 86.50 -56.52 -31.67
N ARG T 365 86.66 -57.82 -31.90
CA ARG T 365 85.53 -58.73 -31.83
C ARG T 365 84.86 -58.66 -30.45
N THR T 366 85.66 -58.75 -29.39
CA THR T 366 85.11 -58.60 -28.05
C THR T 366 84.42 -57.26 -27.88
N ALA T 367 84.89 -56.24 -28.60
CA ALA T 367 84.24 -54.93 -28.57
C ALA T 367 82.77 -55.04 -28.95
N VAL T 368 82.46 -55.71 -30.07
CA VAL T 368 81.06 -55.82 -30.43
C VAL T 368 80.35 -56.79 -29.51
N ILE T 369 81.09 -57.72 -28.87
CA ILE T 369 80.47 -58.58 -27.88
C ILE T 369 80.10 -57.78 -26.64
N ASN T 370 80.78 -56.64 -26.43
CA ASN T 370 80.33 -55.73 -25.39
C ASN T 370 79.35 -54.69 -25.91
N ALA T 371 79.16 -54.59 -27.23
CA ALA T 371 78.32 -53.56 -27.82
C ALA T 371 76.91 -54.07 -28.07
N ALA T 372 76.76 -55.10 -28.91
CA ALA T 372 75.44 -55.63 -29.22
C ALA T 372 74.80 -56.32 -28.03
N SER T 373 75.61 -56.81 -27.10
CA SER T 373 75.09 -57.37 -25.85
C SER T 373 74.85 -56.31 -24.79
N GLY T 374 75.50 -55.16 -24.91
CA GLY T 374 75.28 -54.10 -23.94
C GLY T 374 75.94 -54.31 -22.59
N ARG T 375 76.95 -55.18 -22.52
CA ARG T 375 77.70 -55.32 -21.28
C ARG T 375 78.51 -54.06 -20.99
N GLN T 376 79.08 -53.46 -22.03
CA GLN T 376 79.74 -52.17 -21.96
C GLN T 376 79.02 -51.20 -22.88
N THR T 377 79.52 -49.97 -22.92
CA THR T 377 78.98 -48.96 -23.83
C THR T 377 79.81 -48.98 -25.11
N VAL T 378 79.66 -47.94 -25.93
CA VAL T 378 80.46 -47.81 -27.15
C VAL T 378 81.91 -47.53 -26.81
N ASP T 379 82.16 -46.47 -26.05
CA ASP T 379 83.52 -46.04 -25.75
C ASP T 379 84.26 -47.06 -24.91
N GLU T 380 83.56 -47.70 -23.95
CA GLU T 380 84.20 -48.72 -23.12
C GLU T 380 84.69 -49.89 -23.95
N ALA T 381 83.83 -50.41 -24.84
CA ALA T 381 84.23 -51.53 -25.69
C ALA T 381 85.35 -51.15 -26.64
N LEU T 382 85.28 -49.95 -27.23
CA LEU T 382 86.30 -49.60 -28.22
C LEU T 382 87.65 -49.32 -27.57
N LYS T 383 87.69 -48.70 -26.39
CA LYS T 383 88.98 -48.51 -25.75
C LYS T 383 89.48 -49.77 -25.06
N ASP T 384 88.59 -50.73 -24.79
CA ASP T 384 89.07 -52.04 -24.37
C ASP T 384 89.71 -52.79 -25.54
N ALA T 385 89.14 -52.63 -26.73
CA ALA T 385 89.77 -53.17 -27.92
C ALA T 385 91.00 -52.38 -28.34
N GLN T 386 91.17 -51.15 -27.83
CA GLN T 386 92.32 -50.33 -28.19
C GLN T 386 93.62 -50.91 -27.68
N THR T 387 93.68 -51.22 -26.39
CA THR T 387 94.88 -51.78 -25.79
C THR T 387 95.03 -53.26 -26.15
N SER U 35 11.76 -38.49 86.21
CA SER U 35 10.42 -39.05 86.04
C SER U 35 9.61 -38.91 87.33
N GLU U 36 9.86 -37.82 88.05
CA GLU U 36 9.07 -37.52 89.24
C GLU U 36 7.62 -37.25 88.91
N LEU U 37 7.35 -36.72 87.72
CA LEU U 37 5.99 -36.60 87.19
C LEU U 37 5.83 -37.39 85.89
N GLY U 38 6.79 -38.27 85.58
CA GLY U 38 6.72 -38.99 84.32
C GLY U 38 5.67 -40.08 84.34
N LYS U 39 5.58 -40.84 85.43
CA LYS U 39 4.49 -41.80 85.57
C LYS U 39 3.17 -41.09 85.79
N GLU U 40 3.20 -39.88 86.38
CA GLU U 40 2.03 -39.04 86.42
C GLU U 40 1.59 -38.61 85.03
N LEU U 41 2.51 -38.57 84.07
CA LEU U 41 2.12 -38.40 82.68
C LEU U 41 1.66 -39.71 82.06
N LEU U 42 2.24 -40.83 82.47
CA LEU U 42 1.84 -42.13 81.94
C LEU U 42 0.40 -42.46 82.28
N GLU U 43 -0.02 -42.13 83.50
CA GLU U 43 -1.39 -42.43 83.90
C GLU U 43 -2.40 -41.58 83.14
N ALA U 44 -2.07 -40.31 82.92
CA ALA U 44 -2.98 -39.47 82.15
C ALA U 44 -2.96 -39.83 80.67
N ALA U 45 -1.83 -40.34 80.17
CA ALA U 45 -1.79 -40.80 78.79
C ALA U 45 -2.60 -42.07 78.60
N ARG U 46 -2.58 -42.97 79.60
CA ARG U 46 -3.45 -44.13 79.56
C ARG U 46 -4.92 -43.73 79.72
N ALA U 47 -5.20 -42.67 80.47
CA ALA U 47 -6.57 -42.34 80.83
C ALA U 47 -7.16 -41.18 80.05
N GLY U 48 -6.33 -40.28 79.51
CA GLY U 48 -6.86 -39.19 78.72
C GLY U 48 -7.49 -38.05 79.50
N GLN U 49 -6.67 -37.30 80.24
CA GLN U 49 -7.09 -36.08 80.93
C GLN U 49 -6.29 -34.91 80.40
N ASP U 50 -6.94 -34.02 79.64
CA ASP U 50 -6.28 -32.80 79.18
C ASP U 50 -5.97 -31.87 80.34
N ASP U 51 -6.83 -31.86 81.36
CA ASP U 51 -6.59 -31.03 82.53
C ASP U 51 -5.36 -31.49 83.31
N GLU U 52 -5.21 -32.81 83.48
CA GLU U 52 -4.07 -33.33 84.23
C GLU U 52 -2.76 -32.99 83.53
N VAL U 53 -2.70 -33.19 82.22
CA VAL U 53 -1.46 -32.86 81.50
C VAL U 53 -1.27 -31.36 81.39
N ARG U 54 -2.34 -30.58 81.39
CA ARG U 54 -2.20 -29.12 81.43
C ARG U 54 -1.57 -28.67 82.74
N ILE U 55 -1.99 -29.28 83.86
CA ILE U 55 -1.40 -28.93 85.15
C ILE U 55 0.04 -29.44 85.24
N LEU U 56 0.31 -30.63 84.68
CA LEU U 56 1.66 -31.17 84.72
C LEU U 56 2.62 -30.35 83.87
N MET U 57 2.15 -29.79 82.75
CA MET U 57 2.96 -28.83 82.01
C MET U 57 3.01 -27.47 82.68
N ALA U 58 2.04 -27.14 83.53
CA ALA U 58 2.18 -25.96 84.37
C ALA U 58 3.24 -26.17 85.44
N ARG U 59 3.44 -27.41 85.87
CA ARG U 59 4.51 -27.76 86.79
C ARG U 59 5.79 -28.19 86.09
N GLY U 60 5.78 -28.26 84.75
CA GLY U 60 6.96 -28.60 84.00
C GLY U 60 7.32 -30.07 84.07
N ALA U 61 6.33 -30.95 83.85
CA ALA U 61 6.60 -32.37 83.85
C ALA U 61 7.40 -32.77 82.61
N GLU U 62 8.32 -33.71 82.79
CA GLU U 62 9.17 -34.14 81.68
C GLU U 62 8.37 -34.98 80.69
N VAL U 63 8.59 -34.73 79.40
CA VAL U 63 7.79 -35.35 78.35
C VAL U 63 8.43 -36.61 77.77
N ASN U 64 9.71 -36.87 78.05
CA ASN U 64 10.42 -38.01 77.48
C ASN U 64 10.56 -39.15 78.49
N ALA U 65 9.50 -39.41 79.25
CA ALA U 65 9.55 -40.41 80.31
C ALA U 65 9.43 -41.80 79.69
N ALA U 66 10.55 -42.50 79.57
CA ALA U 66 10.58 -43.84 79.03
C ALA U 66 10.52 -44.86 80.16
N ASP U 67 9.70 -45.89 79.99
CA ASP U 67 9.62 -46.98 80.94
C ASP U 67 10.70 -48.02 80.61
N ASN U 68 10.61 -49.20 81.23
CA ASN U 68 11.62 -50.23 81.01
C ASN U 68 11.56 -50.81 79.61
N THR U 69 10.43 -50.69 78.91
CA THR U 69 10.28 -51.23 77.57
C THR U 69 10.20 -50.12 76.51
N GLY U 70 10.46 -48.88 76.88
CA GLY U 70 10.56 -47.79 75.93
C GLY U 70 9.27 -47.05 75.63
N THR U 71 8.19 -47.36 76.35
CA THR U 71 6.90 -46.76 76.05
C THR U 71 6.84 -45.35 76.63
N THR U 72 6.65 -44.37 75.76
CA THR U 72 6.64 -42.97 76.13
C THR U 72 5.21 -42.51 76.39
N PRO U 73 5.03 -41.33 76.98
CA PRO U 73 3.68 -40.78 77.06
C PRO U 73 3.05 -40.52 75.70
N LEU U 74 3.88 -40.23 74.68
CA LEU U 74 3.37 -40.07 73.33
C LEU U 74 2.83 -41.40 72.78
N HIS U 75 3.46 -42.51 73.14
CA HIS U 75 2.98 -43.82 72.68
C HIS U 75 1.59 -44.10 73.21
N LEU U 76 1.38 -43.88 74.50
CA LEU U 76 0.05 -44.12 75.07
C LEU U 76 -0.95 -43.10 74.58
N ALA U 77 -0.51 -41.87 74.35
CA ALA U 77 -1.40 -40.86 73.79
C ALA U 77 -1.87 -41.25 72.40
N ALA U 78 -0.99 -41.87 71.61
CA ALA U 78 -1.36 -42.34 70.29
C ALA U 78 -2.27 -43.57 70.37
N TYR U 79 -1.90 -44.54 71.21
CA TYR U 79 -2.69 -45.75 71.38
C TYR U 79 -4.10 -45.44 71.87
N SER U 80 -4.24 -44.39 72.68
CA SER U 80 -5.55 -44.07 73.25
C SER U 80 -6.45 -43.39 72.22
N GLY U 81 -5.91 -42.44 71.46
CA GLY U 81 -6.71 -41.76 70.46
C GLY U 81 -7.29 -40.44 70.87
N HIS U 82 -6.65 -39.73 71.81
CA HIS U 82 -7.04 -38.38 72.18
C HIS U 82 -6.02 -37.42 71.59
N LEU U 83 -6.46 -36.56 70.67
CA LEU U 83 -5.53 -35.73 69.92
C LEU U 83 -4.93 -34.60 70.75
N GLU U 84 -5.61 -34.17 71.82
CA GLU U 84 -5.17 -33.00 72.56
C GLU U 84 -3.89 -33.26 73.33
N ILE U 85 -3.81 -34.43 73.99
CA ILE U 85 -2.61 -34.77 74.74
C ILE U 85 -1.42 -34.95 73.80
N VAL U 86 -1.67 -35.51 72.60
CA VAL U 86 -0.62 -35.62 71.59
C VAL U 86 -0.16 -34.23 71.17
N GLU U 87 -1.11 -33.32 70.95
CA GLU U 87 -0.77 -31.97 70.52
C GLU U 87 0.09 -31.26 71.55
N VAL U 88 -0.29 -31.34 72.82
CA VAL U 88 0.50 -30.62 73.82
C VAL U 88 1.83 -31.31 74.08
N LEU U 89 1.89 -32.65 73.95
CA LEU U 89 3.16 -33.35 74.07
C LEU U 89 4.13 -32.92 72.98
N LEU U 90 3.61 -32.74 71.76
CA LEU U 90 4.45 -32.22 70.69
C LEU U 90 4.74 -30.73 70.87
N LYS U 91 3.87 -30.00 71.56
CA LYS U 91 4.16 -28.61 71.86
C LYS U 91 5.30 -28.47 72.84
N TYR U 92 5.45 -29.43 73.76
CA TYR U 92 6.57 -29.40 74.70
C TYR U 92 7.75 -30.24 74.23
N GLY U 93 7.74 -30.68 72.98
CA GLY U 93 8.92 -31.28 72.39
C GLY U 93 9.12 -32.75 72.65
N ALA U 94 8.03 -33.52 72.67
CA ALA U 94 8.16 -34.97 72.79
C ALA U 94 8.75 -35.55 71.52
N GLU U 95 9.41 -36.70 71.65
CA GLU U 95 10.07 -37.32 70.51
C GLU U 95 9.04 -38.00 69.62
N VAL U 96 9.05 -37.63 68.33
CA VAL U 96 8.06 -38.17 67.41
C VAL U 96 8.46 -39.54 66.88
N ASN U 97 9.76 -39.87 66.91
CA ASN U 97 10.27 -41.10 66.32
C ASN U 97 10.92 -41.99 67.37
N ALA U 98 10.32 -42.06 68.55
CA ALA U 98 10.87 -42.87 69.63
C ALA U 98 10.48 -44.33 69.42
N ALA U 99 11.47 -45.18 69.20
CA ALA U 99 11.23 -46.59 69.00
C ALA U 99 11.27 -47.35 70.33
N ASP U 100 10.38 -48.31 70.48
CA ASP U 100 10.33 -49.15 71.67
C ASP U 100 11.29 -50.33 71.49
N VAL U 101 11.20 -51.32 72.38
CA VAL U 101 12.01 -52.53 72.24
C VAL U 101 11.52 -53.44 71.13
N PHE U 102 10.32 -53.19 70.61
CA PHE U 102 9.80 -53.94 69.47
C PHE U 102 9.89 -53.17 68.17
N GLY U 103 10.30 -51.91 68.21
CA GLY U 103 10.47 -51.12 67.01
C GLY U 103 9.32 -50.19 66.69
N TYR U 104 8.20 -50.29 67.40
CA TYR U 104 7.06 -49.45 67.10
C TYR U 104 7.29 -48.02 67.54
N THR U 105 6.84 -47.09 66.71
CA THR U 105 6.76 -45.67 66.98
C THR U 105 5.31 -45.31 67.24
N PRO U 106 5.02 -44.06 67.64
CA PRO U 106 3.60 -43.66 67.72
C PRO U 106 2.87 -43.74 66.41
N LEU U 107 3.57 -43.56 65.28
CA LEU U 107 2.91 -43.69 63.98
C LEU U 107 2.44 -45.11 63.72
N HIS U 108 3.24 -46.10 64.13
CA HIS U 108 2.85 -47.50 63.98
C HIS U 108 1.55 -47.79 64.73
N LEU U 109 1.52 -47.44 66.02
CA LEU U 109 0.33 -47.70 66.82
C LEU U 109 -0.86 -46.90 66.33
N ALA U 110 -0.64 -45.68 65.86
CA ALA U 110 -1.72 -44.89 65.32
C ALA U 110 -2.30 -45.51 64.07
N ALA U 111 -1.44 -46.09 63.23
CA ALA U 111 -1.92 -46.73 62.01
C ALA U 111 -2.61 -48.05 62.31
N TYR U 112 -2.19 -48.75 63.38
CA TYR U 112 -2.85 -49.99 63.76
C TYR U 112 -4.28 -49.76 64.18
N TRP U 113 -4.51 -48.80 65.06
CA TRP U 113 -5.82 -48.61 65.66
C TRP U 113 -6.73 -47.70 64.85
N GLY U 114 -6.23 -47.12 63.77
CA GLY U 114 -7.11 -46.39 62.88
C GLY U 114 -7.51 -45.03 63.40
N HIS U 115 -6.54 -44.23 63.80
CA HIS U 115 -6.79 -42.88 64.28
C HIS U 115 -6.19 -41.92 63.25
N LEU U 116 -7.05 -41.27 62.48
CA LEU U 116 -6.61 -40.52 61.31
C LEU U 116 -5.92 -39.22 61.70
N GLU U 117 -6.54 -38.44 62.59
CA GLU U 117 -6.03 -37.12 62.91
C GLU U 117 -4.65 -37.18 63.57
N ILE U 118 -4.41 -38.18 64.41
CA ILE U 118 -3.10 -38.22 65.04
C ILE U 118 -2.05 -38.71 64.05
N VAL U 119 -2.43 -39.55 63.09
CA VAL U 119 -1.53 -39.90 61.99
C VAL U 119 -1.14 -38.65 61.23
N GLU U 120 -2.13 -37.80 60.92
CA GLU U 120 -1.87 -36.57 60.19
C GLU U 120 -0.92 -35.64 60.97
N VAL U 121 -1.18 -35.44 62.26
CA VAL U 121 -0.33 -34.50 62.99
C VAL U 121 1.03 -35.08 63.32
N LEU U 122 1.17 -36.40 63.39
CA LEU U 122 2.50 -36.99 63.51
C LEU U 122 3.30 -36.78 62.24
N LEU U 123 2.67 -37.00 61.09
CA LEU U 123 3.34 -36.73 59.82
C LEU U 123 3.65 -35.25 59.66
N LYS U 124 2.81 -34.39 60.24
CA LYS U 124 3.03 -32.95 60.18
C LYS U 124 4.21 -32.53 61.04
N ASN U 125 4.59 -33.34 62.02
CA ASN U 125 5.69 -32.99 62.92
C ASN U 125 6.96 -33.77 62.62
N GLY U 126 7.05 -34.37 61.44
CA GLY U 126 8.27 -35.03 61.03
C GLY U 126 8.39 -36.48 61.45
N ALA U 127 7.29 -37.22 61.44
CA ALA U 127 7.36 -38.66 61.67
C ALA U 127 7.85 -39.35 60.41
N ASP U 128 8.73 -40.33 60.58
CA ASP U 128 9.31 -41.05 59.46
C ASP U 128 8.28 -42.02 58.90
N VAL U 129 7.92 -41.83 57.63
CA VAL U 129 6.80 -42.56 57.06
C VAL U 129 7.18 -43.99 56.69
N ASN U 130 8.47 -44.29 56.54
CA ASN U 130 8.94 -45.61 56.16
C ASN U 130 9.67 -46.29 57.32
N ALA U 131 9.18 -46.10 58.54
CA ALA U 131 9.82 -46.69 59.71
C ALA U 131 9.52 -48.18 59.78
N ARG U 132 10.56 -48.98 59.96
CA ARG U 132 10.43 -50.42 60.06
C ARG U 132 10.41 -50.85 61.53
N ASP U 133 9.63 -51.88 61.81
CA ASP U 133 9.61 -52.46 63.16
C ASP U 133 10.58 -53.63 63.22
N SER U 134 10.44 -54.46 64.25
CA SER U 134 11.23 -55.68 64.33
C SER U 134 10.93 -56.63 63.17
N ASP U 135 9.71 -56.61 62.66
CA ASP U 135 9.33 -57.44 61.52
C ASP U 135 9.62 -56.78 60.18
N GLY U 136 10.10 -55.55 60.18
CA GLY U 136 10.25 -54.81 58.95
C GLY U 136 8.96 -54.27 58.38
N MET U 137 7.88 -54.27 59.17
CA MET U 137 6.59 -53.81 58.70
C MET U 137 6.46 -52.31 58.92
N THR U 138 6.29 -51.57 57.84
CA THR U 138 6.06 -50.14 57.89
C THR U 138 4.64 -49.87 58.35
N PRO U 139 4.31 -48.63 58.72
CA PRO U 139 2.90 -48.32 59.03
C PRO U 139 1.95 -48.58 57.88
N LEU U 140 2.43 -48.45 56.63
CA LEU U 140 1.58 -48.77 55.49
C LEU U 140 1.21 -50.24 55.46
N HIS U 141 2.13 -51.12 55.85
CA HIS U 141 1.79 -52.54 56.02
C HIS U 141 0.62 -52.71 56.96
N LEU U 142 0.64 -52.02 58.10
CA LEU U 142 -0.42 -52.17 59.08
C LEU U 142 -1.75 -51.64 58.55
N ALA U 143 -1.73 -50.44 57.98
CA ALA U 143 -2.96 -49.84 57.47
C ALA U 143 -3.55 -50.62 56.30
N ALA U 144 -2.70 -51.29 55.52
CA ALA U 144 -3.22 -52.14 54.45
C ALA U 144 -3.71 -53.47 54.98
N LYS U 145 -3.08 -53.98 56.05
CA LYS U 145 -3.50 -55.23 56.64
C LYS U 145 -4.83 -55.10 57.36
N TRP U 146 -5.14 -53.92 57.88
CA TRP U 146 -6.37 -53.77 58.66
C TRP U 146 -7.50 -53.08 57.90
N GLY U 147 -7.22 -52.46 56.76
CA GLY U 147 -8.29 -51.94 55.92
C GLY U 147 -8.70 -50.51 56.16
N HIS U 148 -7.76 -49.64 56.53
CA HIS U 148 -8.05 -48.23 56.74
C HIS U 148 -7.66 -47.46 55.49
N LEU U 149 -8.66 -46.99 54.73
CA LEU U 149 -8.38 -46.32 53.46
C LEU U 149 -7.71 -44.97 53.65
N GLU U 150 -8.30 -44.12 54.49
CA GLU U 150 -7.83 -42.75 54.59
C GLU U 150 -6.41 -42.67 55.16
N ILE U 151 -6.08 -43.58 56.07
CA ILE U 151 -4.72 -43.66 56.57
C ILE U 151 -3.76 -44.04 55.44
N VAL U 152 -4.16 -45.02 54.61
CA VAL U 152 -3.34 -45.42 53.47
C VAL U 152 -3.11 -44.24 52.54
N GLU U 153 -4.14 -43.44 52.29
CA GLU U 153 -3.99 -42.34 51.36
C GLU U 153 -3.12 -41.23 51.91
N VAL U 154 -3.30 -40.88 53.19
CA VAL U 154 -2.45 -39.87 53.81
C VAL U 154 -1.00 -40.35 53.88
N LEU U 155 -0.79 -41.66 54.08
CA LEU U 155 0.57 -42.18 54.10
C LEU U 155 1.19 -42.15 52.71
N LEU U 156 0.38 -42.43 51.68
CA LEU U 156 0.89 -42.36 50.31
C LEU U 156 1.22 -40.94 49.91
N ARG U 157 0.49 -39.96 50.45
CA ARG U 157 0.78 -38.56 50.14
C ARG U 157 2.15 -38.14 50.65
N TYR U 158 2.62 -38.73 51.74
CA TYR U 158 3.87 -38.31 52.36
C TYR U 158 5.06 -39.16 51.92
N GLY U 159 4.87 -40.06 50.97
CA GLY U 159 5.97 -40.79 50.39
C GLY U 159 6.21 -42.18 50.93
N ALA U 160 5.16 -42.89 51.34
CA ALA U 160 5.32 -44.25 51.82
C ALA U 160 5.73 -45.18 50.68
N ASP U 161 6.64 -46.10 50.97
CA ASP U 161 7.18 -46.98 49.95
C ASP U 161 6.17 -48.08 49.64
N VAL U 162 5.77 -48.20 48.38
CA VAL U 162 4.81 -49.21 47.97
C VAL U 162 5.47 -50.59 47.93
N GLU U 163 6.79 -50.65 47.74
CA GLU U 163 7.48 -51.90 47.49
C GLU U 163 8.24 -52.42 48.70
N ALA U 164 7.95 -51.91 49.88
CA ALA U 164 8.61 -52.38 51.09
C ALA U 164 8.15 -53.80 51.44
N GLN U 165 9.11 -54.68 51.68
CA GLN U 165 8.83 -56.06 52.05
C GLN U 165 9.19 -56.31 53.51
N ASP U 166 8.42 -57.14 54.18
CA ASP U 166 8.68 -57.50 55.56
C ASP U 166 9.55 -58.76 55.59
N LYS U 167 9.66 -59.41 56.76
CA LYS U 167 10.50 -60.59 56.88
C LYS U 167 10.02 -61.76 56.03
N PHE U 168 8.74 -61.81 55.70
CA PHE U 168 8.19 -62.86 54.85
C PHE U 168 8.25 -62.52 53.37
N GLY U 169 8.73 -61.33 53.03
CA GLY U 169 8.69 -60.91 51.65
C GLY U 169 7.34 -60.44 51.18
N LYS U 170 6.54 -59.85 52.07
CA LYS U 170 5.21 -59.38 51.75
C LYS U 170 5.22 -57.88 51.58
N THR U 171 4.65 -57.41 50.48
CA THR U 171 4.38 -55.98 50.30
C THR U 171 3.01 -55.66 50.88
N PRO U 172 2.70 -54.38 51.09
CA PRO U 172 1.35 -54.03 51.54
C PRO U 172 0.25 -54.47 50.59
N PHE U 173 0.55 -54.59 49.29
CA PHE U 173 -0.42 -55.12 48.34
C PHE U 173 -0.76 -56.58 48.67
N ASP U 174 0.24 -57.36 49.08
CA ASP U 174 0.00 -58.74 49.46
C ASP U 174 -0.83 -58.82 50.73
N LEU U 175 -0.53 -57.98 51.72
CA LEU U 175 -1.32 -58.01 52.95
C LEU U 175 -2.74 -57.52 52.71
N ALA U 176 -2.94 -56.67 51.70
CA ALA U 176 -4.29 -56.21 51.41
C ALA U 176 -5.09 -57.25 50.64
N ILE U 177 -4.44 -58.05 49.79
CA ILE U 177 -5.22 -59.09 49.11
C ILE U 177 -5.45 -60.28 50.04
N ASP U 178 -4.53 -60.53 50.98
CA ASP U 178 -4.72 -61.65 51.89
C ASP U 178 -5.84 -61.42 52.89
N ASN U 179 -6.20 -60.17 53.15
CA ASN U 179 -7.25 -59.86 54.12
C ASN U 179 -8.49 -59.29 53.47
N GLY U 180 -8.60 -59.35 52.15
CA GLY U 180 -9.83 -58.98 51.48
C GLY U 180 -10.08 -57.50 51.32
N ASN U 181 -9.05 -56.67 51.44
CA ASN U 181 -9.21 -55.23 51.26
C ASN U 181 -8.92 -54.90 49.80
N GLU U 182 -9.94 -55.09 48.95
CA GLU U 182 -9.73 -55.07 47.51
C GLU U 182 -9.54 -53.66 46.97
N ASP U 183 -10.19 -52.66 47.56
CA ASP U 183 -10.01 -51.29 47.08
C ASP U 183 -8.62 -50.75 47.41
N ILE U 184 -8.09 -51.11 48.58
CA ILE U 184 -6.71 -50.76 48.91
C ILE U 184 -5.76 -51.36 47.88
N ALA U 185 -5.96 -52.65 47.56
CA ALA U 185 -5.10 -53.31 46.59
C ALA U 185 -5.24 -52.69 45.21
N GLU U 186 -6.43 -52.21 44.85
CA GLU U 186 -6.62 -51.54 43.58
C GLU U 186 -5.79 -50.27 43.51
N VAL U 187 -5.88 -49.45 44.56
CA VAL U 187 -5.10 -48.21 44.62
C VAL U 187 -3.62 -48.50 44.52
N LEU U 188 -3.15 -49.48 45.31
CA LEU U 188 -1.74 -49.81 45.35
C LEU U 188 -1.24 -50.37 44.03
N GLN U 189 -2.09 -51.06 43.29
CA GLN U 189 -1.66 -51.65 42.04
C GLN U 189 -1.61 -50.61 40.93
N ALA U 190 -2.62 -49.74 40.87
CA ALA U 190 -2.65 -48.71 39.84
C ALA U 190 -1.50 -47.72 40.01
N LEU U 191 -1.16 -47.38 41.24
CA LEU U 191 -0.08 -46.42 41.47
C LEU U 191 1.26 -46.96 40.96
N LEU U 192 1.56 -48.21 41.31
CA LEU U 192 2.79 -48.84 40.88
C LEU U 192 2.85 -48.95 39.36
N ALA U 193 1.71 -49.25 38.73
CA ALA U 193 1.71 -49.43 37.29
C ALA U 193 1.97 -48.12 36.56
N ILE U 194 1.39 -47.02 37.04
CA ILE U 194 1.65 -45.74 36.38
C ILE U 194 3.09 -45.28 36.60
N ASN U 195 3.66 -45.55 37.77
CA ASN U 195 5.05 -45.16 37.98
C ASN U 195 6.00 -45.96 37.11
N ARG U 196 5.70 -47.25 36.91
CA ARG U 196 6.53 -48.04 36.01
C ARG U 196 6.39 -47.59 34.56
N GLN U 197 5.21 -47.13 34.15
CA GLN U 197 5.09 -46.62 32.80
C GLN U 197 5.87 -45.32 32.62
N ILE U 198 5.92 -44.47 33.66
CA ILE U 198 6.74 -43.27 33.59
C ILE U 198 8.21 -43.64 33.40
N ASN U 199 8.70 -44.59 34.20
CA ASN U 199 10.10 -44.99 34.06
C ASN U 199 10.36 -45.62 32.70
N LEU U 200 9.40 -46.35 32.15
CA LEU U 200 9.60 -46.98 30.85
C LEU U 200 9.62 -45.97 29.71
N GLU U 201 8.84 -44.89 29.82
CA GLU U 201 8.95 -43.85 28.81
C GLU U 201 10.26 -43.09 28.94
N LEU U 202 10.77 -42.89 30.16
CA LEU U 202 12.06 -42.24 30.30
C LEU U 202 13.19 -43.12 29.79
N TYR U 203 13.05 -44.43 29.89
CA TYR U 203 14.07 -45.35 29.38
C TYR U 203 14.18 -45.27 27.87
N ALA U 204 13.05 -45.24 27.17
CA ALA U 204 13.04 -45.29 25.72
C ALA U 204 13.64 -44.04 25.10
N SER U 205 13.58 -42.90 25.81
CA SER U 205 14.14 -41.66 25.30
C SER U 205 15.66 -41.72 25.26
N TYR U 206 16.25 -42.43 26.22
CA TYR U 206 17.69 -42.55 26.38
C TYR U 206 18.27 -43.55 25.38
N VAL U 207 17.50 -44.57 25.01
CA VAL U 207 17.89 -45.48 23.93
C VAL U 207 17.95 -44.74 22.60
N TYR U 208 16.98 -43.87 22.35
CA TYR U 208 16.98 -43.09 21.13
C TYR U 208 18.11 -42.07 21.12
N LEU U 209 18.47 -41.52 22.28
CA LEU U 209 19.63 -40.65 22.35
C LEU U 209 20.91 -41.39 21.98
N SER U 210 21.07 -42.60 22.51
CA SER U 210 22.21 -43.44 22.16
C SER U 210 22.26 -43.70 20.66
N MET U 211 21.13 -44.13 20.10
CA MET U 211 21.04 -44.41 18.66
C MET U 211 21.38 -43.20 17.83
N SER U 212 20.87 -42.03 18.20
CA SER U 212 21.12 -40.81 17.44
C SER U 212 22.59 -40.46 17.41
N TYR U 213 23.26 -40.50 18.57
CA TYR U 213 24.67 -40.14 18.54
C TYR U 213 25.58 -41.25 18.06
N TYR U 214 25.05 -42.45 17.81
CA TYR U 214 25.84 -43.43 17.07
C TYR U 214 25.97 -43.05 15.60
N PHE U 215 24.96 -42.45 15.03
CA PHE U 215 24.87 -42.25 13.60
C PHE U 215 25.56 -41.00 13.11
N ASP U 216 26.23 -40.25 13.98
CA ASP U 216 27.06 -39.16 13.51
C ASP U 216 28.51 -39.31 13.94
N ARG U 217 28.92 -40.51 14.30
CA ARG U 217 30.34 -40.82 14.38
C ARG U 217 30.97 -40.69 13.01
N ASP U 218 32.26 -40.38 12.96
CA ASP U 218 32.89 -40.13 11.67
C ASP U 218 33.03 -41.38 10.81
N ASP U 219 32.87 -42.58 11.38
CA ASP U 219 32.81 -43.79 10.59
C ASP U 219 31.39 -44.28 10.35
N VAL U 220 30.38 -43.57 10.86
CA VAL U 220 28.99 -43.80 10.52
C VAL U 220 28.44 -42.43 10.14
N ALA U 221 28.56 -42.06 8.88
CA ALA U 221 28.28 -40.67 8.50
C ALA U 221 26.89 -40.55 7.88
N LEU U 222 25.87 -40.81 8.69
CA LEU U 222 24.48 -40.73 8.22
C LEU U 222 23.71 -39.70 9.04
N LYS U 223 23.56 -38.50 8.50
CA LYS U 223 23.04 -37.36 9.25
C LYS U 223 21.54 -37.42 9.48
N ASN U 224 20.81 -38.02 8.54
CA ASN U 224 19.36 -38.01 8.63
C ASN U 224 18.85 -39.11 9.55
N PHE U 225 19.59 -40.21 9.64
CA PHE U 225 19.34 -41.20 10.69
C PHE U 225 19.47 -40.57 12.07
N ALA U 226 20.55 -39.82 12.29
CA ALA U 226 20.79 -39.18 13.57
C ALA U 226 19.71 -38.16 13.90
N LYS U 227 19.29 -37.40 12.89
CA LYS U 227 18.23 -36.42 13.08
C LYS U 227 16.90 -37.09 13.45
N TYR U 228 16.57 -38.19 12.76
CA TYR U 228 15.37 -38.96 13.04
C TYR U 228 15.33 -39.46 14.47
N PHE U 229 16.44 -40.04 14.94
CA PHE U 229 16.43 -40.60 16.27
C PHE U 229 16.48 -39.55 17.37
N LEU U 230 17.03 -38.37 17.10
CA LEU U 230 16.91 -37.28 18.07
C LEU U 230 15.47 -36.81 18.20
N HIS U 231 14.75 -36.77 17.08
CA HIS U 231 13.33 -36.44 17.13
C HIS U 231 12.55 -37.42 17.99
N GLN U 232 12.82 -38.72 17.82
CA GLN U 232 12.12 -39.72 18.63
C GLN U 232 12.44 -39.58 20.10
N SER U 233 13.70 -39.26 20.43
CA SER U 233 14.10 -39.05 21.82
C SER U 233 13.26 -37.96 22.48
N HIS U 234 13.09 -36.84 21.79
CA HIS U 234 12.34 -35.75 22.39
C HIS U 234 10.84 -36.07 22.49
N GLU U 235 10.31 -36.82 21.53
CA GLU U 235 8.91 -37.23 21.63
C GLU U 235 8.66 -38.12 22.84
N GLU U 236 9.57 -39.04 23.13
CA GLU U 236 9.37 -39.89 24.30
C GLU U 236 9.50 -39.12 25.60
N ARG U 237 10.38 -38.10 25.64
CA ARG U 237 10.43 -37.23 26.80
C ARG U 237 9.09 -36.54 27.03
N GLU U 238 8.43 -36.12 25.95
CA GLU U 238 7.10 -35.52 26.06
C GLU U 238 6.05 -36.51 26.57
N HIS U 239 6.12 -37.77 26.11
CA HIS U 239 5.19 -38.78 26.61
C HIS U 239 5.30 -38.96 28.11
N ALA U 240 6.52 -39.05 28.61
CA ALA U 240 6.72 -39.21 30.05
C ALA U 240 6.20 -38.00 30.83
N GLU U 241 6.42 -36.79 30.31
CA GLU U 241 5.93 -35.62 31.00
C GLU U 241 4.41 -35.54 31.01
N LYS U 242 3.75 -36.02 29.96
CA LYS U 242 2.29 -36.10 29.98
C LYS U 242 1.79 -37.04 31.06
N LEU U 243 2.46 -38.19 31.22
CA LEU U 243 2.01 -39.09 32.28
C LEU U 243 2.23 -38.49 33.67
N MET U 244 3.30 -37.72 33.84
CA MET U 244 3.55 -37.05 35.11
C MET U 244 2.48 -35.99 35.41
N LYS U 245 2.08 -35.24 34.39
CA LYS U 245 1.02 -34.26 34.59
C LYS U 245 -0.31 -34.92 34.94
N LEU U 246 -0.64 -36.03 34.28
CA LEU U 246 -1.85 -36.77 34.62
C LEU U 246 -1.82 -37.25 36.06
N GLN U 247 -0.69 -37.81 36.49
CA GLN U 247 -0.60 -38.28 37.86
C GLN U 247 -0.74 -37.14 38.86
N ASN U 248 -0.29 -35.94 38.51
CA ASN U 248 -0.48 -34.82 39.43
C ASN U 248 -1.93 -34.33 39.46
N GLN U 249 -2.67 -34.46 38.36
CA GLN U 249 -4.07 -34.04 38.37
C GLN U 249 -4.95 -34.95 39.22
N ARG U 250 -4.60 -36.22 39.34
CA ARG U 250 -5.41 -37.16 40.08
C ARG U 250 -5.13 -37.13 41.57
N GLY U 251 -4.06 -36.47 42.00
CA GLY U 251 -3.68 -36.50 43.39
C GLY U 251 -2.83 -37.68 43.78
N GLY U 252 -2.24 -38.37 42.82
CA GLY U 252 -1.34 -39.47 43.11
C GLY U 252 0.08 -39.00 43.34
N ALA U 253 0.94 -39.94 43.69
CA ALA U 253 2.30 -39.67 44.13
C ALA U 253 3.29 -40.16 43.09
N ILE U 254 3.93 -39.22 42.39
CA ILE U 254 5.02 -39.57 41.49
C ILE U 254 6.20 -40.08 42.31
N SER U 255 6.85 -41.13 41.83
CA SER U 255 7.98 -41.74 42.50
C SER U 255 8.96 -42.20 41.43
N LEU U 256 10.12 -41.54 41.35
CA LEU U 256 11.07 -41.76 40.28
C LEU U 256 12.14 -42.75 40.69
N GLN U 257 12.63 -43.51 39.71
CA GLN U 257 13.66 -44.53 39.88
C GLN U 257 14.83 -44.24 38.96
N ASP U 258 15.85 -45.09 39.02
CA ASP U 258 16.98 -44.98 38.12
C ASP U 258 16.56 -45.26 36.69
N ILE U 259 17.22 -44.59 35.75
CA ILE U 259 17.08 -44.89 34.34
C ILE U 259 18.31 -45.65 33.92
N LYS U 260 18.13 -46.89 33.46
CA LYS U 260 19.25 -47.75 33.14
C LYS U 260 19.77 -47.48 31.74
N LYS U 261 21.04 -47.84 31.54
CA LYS U 261 21.73 -47.56 30.27
C LYS U 261 21.18 -48.46 29.17
N PRO U 262 21.18 -48.00 27.91
CA PRO U 262 20.76 -48.85 26.79
C PRO U 262 21.62 -50.11 26.67
N ASP U 263 21.11 -51.06 25.87
CA ASP U 263 21.76 -52.36 25.77
C ASP U 263 23.04 -52.31 24.96
N CYS U 264 23.11 -51.43 23.96
CA CYS U 264 24.31 -51.28 23.16
C CYS U 264 24.80 -49.84 23.23
N ASP U 265 26.11 -49.70 23.12
CA ASP U 265 26.70 -48.45 22.64
C ASP U 265 26.91 -48.47 21.14
N ASP U 266 27.12 -49.65 20.56
CA ASP U 266 27.40 -49.80 19.14
C ASP U 266 26.27 -50.56 18.49
N TRP U 267 25.40 -49.83 17.81
CA TRP U 267 24.51 -50.41 16.84
C TRP U 267 25.34 -50.77 15.61
N GLU U 268 24.74 -51.44 14.64
CA GLU U 268 25.57 -51.99 13.59
C GLU U 268 25.30 -51.45 12.21
N SER U 269 24.11 -50.96 11.95
CA SER U 269 23.70 -50.47 10.64
C SER U 269 22.42 -49.69 10.84
N GLY U 270 21.90 -49.13 9.76
CA GLY U 270 20.58 -48.51 9.83
C GLY U 270 19.48 -49.54 9.99
N LEU U 271 19.62 -50.69 9.33
CA LEU U 271 18.63 -51.74 9.43
C LEU U 271 18.53 -52.28 10.84
N ASN U 272 19.68 -52.56 11.47
CA ASN U 272 19.66 -53.15 12.80
C ASN U 272 19.08 -52.19 13.83
N ALA U 273 19.38 -50.91 13.71
CA ALA U 273 18.82 -49.93 14.64
C ALA U 273 17.32 -49.76 14.42
N MET U 274 16.87 -49.78 13.16
CA MET U 274 15.43 -49.71 12.92
C MET U 274 14.70 -50.93 13.49
N GLU U 275 15.32 -52.11 13.41
CA GLU U 275 14.68 -53.29 13.99
C GLU U 275 14.66 -53.26 15.50
N CYS U 276 15.71 -52.72 16.12
CA CYS U 276 15.70 -52.58 17.57
C CYS U 276 14.65 -51.55 18.01
N ALA U 277 14.49 -50.48 17.25
CA ALA U 277 13.47 -49.49 17.57
C ALA U 277 12.06 -50.07 17.44
N LEU U 278 11.85 -50.94 16.46
CA LEU U 278 10.56 -51.59 16.33
C LEU U 278 10.27 -52.50 17.51
N HIS U 279 11.25 -53.30 17.92
CA HIS U 279 11.10 -54.15 19.09
C HIS U 279 10.78 -53.33 20.35
N LEU U 280 11.44 -52.18 20.49
CA LEU U 280 11.21 -51.31 21.64
C LEU U 280 9.78 -50.78 21.67
N GLU U 281 9.30 -50.26 20.54
CA GLU U 281 7.96 -49.69 20.55
C GLU U 281 6.89 -50.75 20.74
N LYS U 282 7.15 -51.98 20.28
CA LYS U 282 6.20 -53.04 20.56
C LYS U 282 6.13 -53.37 22.04
N ASN U 283 7.28 -53.37 22.73
CA ASN U 283 7.27 -53.57 24.18
C ASN U 283 6.48 -52.49 24.90
N VAL U 284 6.66 -51.23 24.50
CA VAL U 284 5.95 -50.13 25.14
C VAL U 284 4.45 -50.26 24.93
N ASN U 285 4.03 -50.64 23.71
CA ASN U 285 2.62 -50.85 23.42
C ASN U 285 2.01 -51.96 24.27
N GLN U 286 2.77 -53.04 24.49
CA GLN U 286 2.25 -54.13 25.30
C GLN U 286 2.04 -53.70 26.75
N SER U 287 2.97 -52.93 27.30
CA SER U 287 2.76 -52.46 28.67
C SER U 287 1.60 -51.48 28.76
N LEU U 288 1.37 -50.68 27.72
CA LEU U 288 0.21 -49.79 27.73
C LEU U 288 -1.09 -50.57 27.69
N LEU U 289 -1.14 -51.68 26.97
CA LEU U 289 -2.35 -52.48 26.94
C LEU U 289 -2.62 -53.13 28.30
N GLU U 290 -1.57 -53.56 28.99
CA GLU U 290 -1.78 -54.08 30.34
C GLU U 290 -2.28 -53.00 31.29
N LEU U 291 -1.76 -51.78 31.15
CA LEU U 291 -2.24 -50.68 31.97
C LEU U 291 -3.71 -50.38 31.70
N HIS U 292 -4.13 -50.46 30.45
CA HIS U 292 -5.54 -50.23 30.12
C HIS U 292 -6.44 -51.30 30.70
N LYS U 293 -6.00 -52.57 30.67
CA LYS U 293 -6.82 -53.63 31.24
C LYS U 293 -6.93 -53.48 32.75
N LEU U 294 -5.85 -53.08 33.40
CA LEU U 294 -5.89 -52.82 34.83
C LEU U 294 -6.83 -51.67 35.16
N ALA U 295 -6.80 -50.61 34.35
CA ALA U 295 -7.71 -49.49 34.57
C ALA U 295 -9.16 -49.89 34.35
N THR U 296 -9.42 -50.84 33.46
CA THR U 296 -10.79 -51.27 33.25
C THR U 296 -11.29 -52.13 34.38
N ASP U 297 -10.40 -52.92 35.00
CA ASP U 297 -10.82 -53.67 36.18
C ASP U 297 -11.13 -52.75 37.36
N CYS U 298 -10.45 -51.62 37.47
CA CYS U 298 -10.61 -50.72 38.61
C CYS U 298 -11.74 -49.73 38.44
N ASN U 299 -12.49 -49.80 37.35
CA ASN U 299 -13.61 -48.89 37.05
C ASN U 299 -13.15 -47.43 37.04
N ASP U 300 -12.25 -47.13 36.13
CA ASP U 300 -11.65 -45.80 35.98
C ASP U 300 -11.79 -45.36 34.54
N PRO U 301 -12.96 -44.85 34.14
CA PRO U 301 -13.14 -44.47 32.73
C PRO U 301 -12.27 -43.32 32.28
N HIS U 302 -11.87 -42.43 33.18
CA HIS U 302 -11.05 -41.29 32.78
C HIS U 302 -9.65 -41.74 32.40
N LEU U 303 -9.08 -42.69 33.13
CA LEU U 303 -7.78 -43.23 32.78
C LEU U 303 -7.83 -44.01 31.48
N CYS U 304 -8.89 -44.78 31.26
CA CYS U 304 -9.05 -45.52 30.01
C CYS U 304 -9.11 -44.58 28.82
N ASP U 305 -9.91 -43.52 28.93
CA ASP U 305 -10.00 -42.58 27.82
C ASP U 305 -8.71 -41.81 27.61
N PHE U 306 -8.00 -41.48 28.69
CA PHE U 306 -6.69 -40.83 28.57
C PHE U 306 -5.72 -41.71 27.79
N ILE U 307 -5.65 -43.00 28.15
CA ILE U 307 -4.72 -43.91 27.49
C ILE U 307 -5.08 -44.06 26.03
N GLU U 308 -6.34 -44.35 25.73
CA GLU U 308 -6.69 -44.59 24.34
C GLU U 308 -6.75 -43.32 23.50
N THR U 309 -6.77 -42.14 24.10
CA THR U 309 -6.74 -40.90 23.32
C THR U 309 -5.32 -40.41 23.05
N HIS U 310 -4.42 -40.51 24.02
CA HIS U 310 -3.08 -39.96 23.81
C HIS U 310 -1.99 -40.99 23.57
N TYR U 311 -2.26 -42.28 23.69
CA TYR U 311 -1.16 -43.22 23.63
C TYR U 311 -1.36 -44.36 22.65
N LEU U 312 -2.59 -44.86 22.52
CA LEU U 312 -2.79 -46.09 21.79
C LEU U 312 -2.75 -45.92 20.27
N ASN U 313 -3.07 -44.75 19.76
CA ASN U 313 -3.03 -44.53 18.32
C ASN U 313 -1.64 -44.11 17.86
N GLU U 314 -0.89 -43.42 18.71
CA GLU U 314 0.49 -43.08 18.40
C GLU U 314 1.36 -44.30 18.30
N GLN U 315 1.13 -45.29 19.16
CA GLN U 315 1.89 -46.52 19.10
C GLN U 315 1.64 -47.27 17.80
N VAL U 316 0.39 -47.29 17.35
CA VAL U 316 0.04 -47.97 16.11
C VAL U 316 0.70 -47.27 14.93
N LYS U 317 0.66 -45.94 14.92
CA LYS U 317 1.33 -45.19 13.87
C LYS U 317 2.83 -45.45 13.84
N ALA U 318 3.47 -45.46 15.01
CA ALA U 318 4.90 -45.65 15.07
C ALA U 318 5.31 -47.04 14.62
N ILE U 319 4.52 -48.05 14.99
CA ILE U 319 4.85 -49.42 14.60
C ILE U 319 4.66 -49.60 13.09
N LYS U 320 3.64 -48.97 12.52
CA LYS U 320 3.46 -49.03 11.07
C LYS U 320 4.62 -48.37 10.33
N GLU U 321 5.05 -47.21 10.80
CA GLU U 321 6.14 -46.51 10.14
C GLU U 321 7.47 -47.24 10.25
N LEU U 322 7.75 -47.82 11.42
CA LEU U 322 9.02 -48.53 11.57
C LEU U 322 9.03 -49.83 10.79
N GLY U 323 7.90 -50.52 10.67
CA GLY U 323 7.86 -51.69 9.80
C GLY U 323 8.01 -51.34 8.33
N ASP U 324 7.45 -50.20 7.92
CA ASP U 324 7.72 -49.66 6.59
C ASP U 324 9.20 -49.48 6.34
N HIS U 325 9.89 -48.79 7.25
CA HIS U 325 11.32 -48.55 7.08
C HIS U 325 12.10 -49.86 7.00
N VAL U 326 11.75 -50.84 7.82
CA VAL U 326 12.49 -52.10 7.81
C VAL U 326 12.32 -52.83 6.48
N THR U 327 11.08 -52.91 5.96
CA THR U 327 10.91 -53.66 4.72
C THR U 327 11.54 -52.94 3.53
N ASN U 328 11.49 -51.61 3.50
CA ASN U 328 12.14 -50.92 2.40
C ASN U 328 13.65 -51.09 2.44
N LEU U 329 14.25 -50.99 3.63
CA LEU U 329 15.68 -51.18 3.74
C LEU U 329 16.10 -52.60 3.37
N ARG U 330 15.29 -53.60 3.73
CA ARG U 330 15.62 -54.97 3.35
C ARG U 330 15.48 -55.19 1.84
N LYS U 331 14.49 -54.56 1.21
CA LYS U 331 14.33 -54.74 -0.23
C LYS U 331 15.44 -54.06 -1.01
N MET U 332 15.89 -52.89 -0.57
CA MET U 332 16.97 -52.20 -1.26
C MET U 332 18.29 -52.95 -1.21
N GLY U 333 18.46 -53.86 -0.26
CA GLY U 333 19.64 -54.68 -0.17
C GLY U 333 20.56 -54.41 0.99
N ALA U 334 20.12 -53.67 1.99
CA ALA U 334 20.90 -53.38 3.17
C ALA U 334 20.89 -54.58 4.12
N PRO U 335 21.91 -54.73 4.98
CA PRO U 335 23.06 -53.88 5.30
C PRO U 335 24.27 -54.07 4.41
N GLU U 336 24.32 -55.18 3.68
CA GLU U 336 25.49 -55.50 2.87
C GLU U 336 25.57 -54.71 1.59
N SER U 337 24.71 -53.70 1.41
CA SER U 337 24.85 -52.73 0.35
C SER U 337 24.97 -51.36 1.01
N GLY U 338 26.14 -50.75 0.90
CA GLY U 338 26.30 -49.41 1.44
C GLY U 338 25.62 -48.35 0.61
N LEU U 339 25.32 -48.65 -0.65
CA LEU U 339 24.56 -47.74 -1.49
C LEU U 339 23.10 -47.66 -1.06
N ALA U 340 22.58 -48.71 -0.43
CA ALA U 340 21.18 -48.71 -0.03
C ALA U 340 20.93 -47.77 1.13
N GLU U 341 21.79 -47.78 2.15
CA GLU U 341 21.57 -46.94 3.31
C GLU U 341 21.82 -45.47 3.00
N TYR U 342 22.77 -45.16 2.14
CA TYR U 342 22.99 -43.79 1.69
C TYR U 342 21.76 -43.22 1.00
N LEU U 343 21.17 -44.00 0.10
CA LEU U 343 20.05 -43.50 -0.66
C LEU U 343 18.75 -43.49 0.16
N PHE U 344 18.60 -44.42 1.09
CA PHE U 344 17.50 -44.34 2.04
C PHE U 344 17.62 -43.09 2.91
N ASP U 345 18.83 -42.79 3.38
CA ASP U 345 19.11 -41.56 4.10
C ASP U 345 18.68 -40.34 3.30
N LYS U 346 19.00 -40.30 2.02
CA LYS U 346 18.65 -39.13 1.21
C LYS U 346 17.15 -39.05 0.96
N HIS U 347 16.53 -40.12 0.48
CA HIS U 347 15.21 -39.99 -0.10
C HIS U 347 14.08 -40.16 0.91
N THR U 348 14.22 -41.03 1.89
CA THR U 348 13.13 -41.22 2.83
C THR U 348 13.26 -40.33 4.05
N LEU U 349 14.44 -40.27 4.65
CA LEU U 349 14.66 -39.48 5.84
C LEU U 349 15.02 -38.04 5.53
N GLY U 350 15.33 -37.73 4.29
CA GLY U 350 15.69 -36.38 3.90
C GLY U 350 14.53 -35.42 3.92
N LYS V 22 1.70 -99.35 112.87
CA LYS V 22 1.20 -98.42 113.86
C LYS V 22 -0.12 -97.80 113.40
N ILE V 23 -0.48 -98.03 112.15
CA ILE V 23 -1.81 -97.67 111.65
C ILE V 23 -2.81 -98.67 112.22
N GLU V 24 -3.84 -98.16 112.88
CA GLU V 24 -4.76 -99.00 113.63
C GLU V 24 -5.72 -99.74 112.70
N GLU V 25 -6.15 -100.92 113.14
CA GLU V 25 -7.01 -101.82 112.38
C GLU V 25 -8.45 -101.70 112.86
N GLY V 26 -9.39 -102.04 111.98
CA GLY V 26 -10.81 -101.94 112.29
C GLY V 26 -11.30 -100.52 112.45
N LYS V 27 -10.52 -99.54 112.01
CA LYS V 27 -10.79 -98.14 112.28
C LYS V 27 -10.15 -97.32 111.15
N LEU V 28 -10.86 -96.27 110.73
CA LEU V 28 -10.42 -95.44 109.62
C LEU V 28 -10.30 -93.99 110.06
N VAL V 29 -9.14 -93.40 109.84
CA VAL V 29 -8.90 -91.98 110.05
C VAL V 29 -8.45 -91.36 108.73
N ILE V 30 -9.02 -90.21 108.39
CA ILE V 30 -8.79 -89.55 107.12
C ILE V 30 -8.32 -88.12 107.39
N TRP V 31 -7.41 -87.63 106.58
CA TRP V 31 -7.00 -86.23 106.59
C TRP V 31 -7.37 -85.57 105.28
N ILE V 32 -8.01 -84.40 105.38
CA ILE V 32 -8.52 -83.68 104.21
C ILE V 32 -8.44 -82.19 104.50
N ASN V 33 -8.02 -81.42 103.49
CA ASN V 33 -7.81 -79.99 103.68
C ASN V 33 -9.15 -79.28 103.89
N GLY V 34 -9.14 -78.26 104.74
CA GLY V 34 -10.33 -77.56 105.17
C GLY V 34 -10.98 -76.64 104.16
N ASP V 35 -10.46 -76.55 102.94
CA ASP V 35 -11.10 -75.77 101.89
C ASP V 35 -12.11 -76.59 101.11
N LYS V 36 -12.43 -77.79 101.58
CA LYS V 36 -13.31 -78.73 100.90
C LYS V 36 -14.50 -79.03 101.79
N GLY V 37 -15.35 -79.93 101.32
CA GLY V 37 -16.43 -80.42 102.16
C GLY V 37 -15.98 -81.54 103.06
N TYR V 38 -15.11 -81.22 104.02
CA TYR V 38 -14.68 -82.22 104.99
C TYR V 38 -15.83 -82.65 105.89
N ASN V 39 -16.81 -81.76 106.10
CA ASN V 39 -18.04 -82.17 106.76
C ASN V 39 -18.81 -83.16 105.91
N GLY V 40 -18.74 -83.04 104.59
CA GLY V 40 -19.29 -84.06 103.72
C GLY V 40 -18.57 -85.39 103.85
N LEU V 41 -17.26 -85.35 104.09
CA LEU V 41 -16.53 -86.57 104.39
C LEU V 41 -16.98 -87.17 105.71
N ALA V 42 -17.31 -86.33 106.69
CA ALA V 42 -17.92 -86.84 107.92
C ALA V 42 -19.30 -87.45 107.64
N GLU V 43 -20.07 -86.85 106.73
CA GLU V 43 -21.39 -87.38 106.40
CA GLU V 43 -21.39 -87.38 106.41
C GLU V 43 -21.29 -88.74 105.73
N VAL V 44 -20.36 -88.91 104.81
CA VAL V 44 -20.24 -90.21 104.17
C VAL V 44 -19.65 -91.22 105.15
N GLY V 45 -18.80 -90.76 106.07
CA GLY V 45 -18.35 -91.64 107.15
C GLY V 45 -19.50 -92.14 108.00
N LYS V 46 -20.46 -91.27 108.33
CA LYS V 46 -21.57 -91.75 109.14
C LYS V 46 -22.57 -92.59 108.36
N LYS V 47 -22.71 -92.38 107.04
CA LYS V 47 -23.44 -93.39 106.26
C LYS V 47 -22.78 -94.76 106.39
N PHE V 48 -21.45 -94.79 106.25
CA PHE V 48 -20.72 -96.04 106.41
C PHE V 48 -20.88 -96.62 107.81
N GLU V 49 -21.00 -95.76 108.82
CA GLU V 49 -21.16 -96.24 110.19
C GLU V 49 -22.55 -96.85 110.41
N LYS V 50 -23.61 -96.17 109.96
CA LYS V 50 -24.95 -96.75 110.10
C LYS V 50 -25.13 -97.99 109.25
N ASP V 51 -24.38 -98.12 108.14
CA ASP V 51 -24.57 -99.30 107.30
C ASP V 51 -23.72 -100.49 107.74
N THR V 52 -22.46 -100.28 108.09
CA THR V 52 -21.55 -101.37 108.41
C THR V 52 -21.02 -101.38 109.84
N GLY V 53 -21.23 -100.31 110.61
CA GLY V 53 -20.76 -100.25 111.98
C GLY V 53 -19.30 -99.91 112.16
N ILE V 54 -18.59 -99.58 111.09
CA ILE V 54 -17.17 -99.28 111.16
C ILE V 54 -16.99 -97.77 111.26
N LYS V 55 -16.34 -97.32 112.32
CA LYS V 55 -16.23 -95.90 112.62
C LYS V 55 -15.24 -95.23 111.67
N VAL V 56 -15.61 -94.04 111.20
CA VAL V 56 -14.76 -93.24 110.32
C VAL V 56 -14.59 -91.86 110.98
N THR V 57 -13.34 -91.48 111.23
CA THR V 57 -13.01 -90.15 111.76
C THR V 57 -12.26 -89.37 110.70
N VAL V 58 -12.60 -88.10 110.55
CA VAL V 58 -11.90 -87.21 109.65
C VAL V 58 -11.33 -86.06 110.45
N GLU V 59 -10.18 -85.56 110.02
CA GLU V 59 -9.53 -84.44 110.66
C GLU V 59 -8.99 -83.49 109.61
N HIS V 60 -9.11 -82.18 109.86
CA HIS V 60 -8.79 -81.16 108.88
C HIS V 60 -7.89 -80.08 109.49
N PRO V 61 -6.61 -80.40 109.72
CA PRO V 61 -5.66 -79.38 110.15
C PRO V 61 -4.94 -78.74 108.98
N ASP V 62 -4.18 -77.69 109.28
CA ASP V 62 -3.37 -77.05 108.26
C ASP V 62 -2.16 -77.90 107.91
N LYS V 63 -1.50 -77.52 106.81
CA LYS V 63 -0.23 -78.09 106.36
C LYS V 63 -0.28 -79.60 106.19
N LEU V 64 -1.40 -80.14 105.70
CA LEU V 64 -1.55 -81.58 105.58
C LEU V 64 -0.60 -82.18 104.56
N GLU V 65 -0.16 -81.41 103.57
CA GLU V 65 0.80 -81.94 102.61
C GLU V 65 2.20 -81.95 103.21
N GLU V 66 2.46 -81.04 104.14
CA GLU V 66 3.66 -81.13 104.95
C GLU V 66 3.54 -82.28 105.95
N LYS V 67 2.32 -82.55 106.42
CA LYS V 67 2.12 -83.44 107.56
C LYS V 67 2.04 -84.91 107.17
N PHE V 68 1.51 -85.24 105.98
CA PHE V 68 1.38 -86.65 105.60
C PHE V 68 2.71 -87.35 105.40
N PRO V 69 3.65 -86.85 104.57
CA PRO V 69 4.85 -87.68 104.29
C PRO V 69 5.77 -87.82 105.48
N GLN V 70 5.86 -86.81 106.35
CA GLN V 70 6.75 -86.87 107.50
C GLN V 70 6.29 -87.89 108.54
N VAL V 71 5.02 -88.30 108.50
CA VAL V 71 4.52 -89.29 109.46
C VAL V 71 4.40 -90.63 108.74
N ALA V 72 4.13 -90.57 107.44
CA ALA V 72 4.03 -91.78 106.62
C ALA V 72 5.39 -92.43 106.41
N ALA V 73 6.47 -91.65 106.48
CA ALA V 73 7.80 -92.25 106.47
C ALA V 73 8.11 -92.97 107.78
N THR V 74 7.36 -92.70 108.83
CA THR V 74 7.44 -93.47 110.07
C THR V 74 6.47 -94.64 110.09
N GLY V 75 5.47 -94.65 109.20
CA GLY V 75 4.48 -95.71 109.18
C GLY V 75 3.20 -95.41 109.93
N ASP V 76 2.85 -94.14 110.10
CA ASP V 76 1.63 -93.78 110.80
C ASP V 76 0.91 -92.63 110.10
N GLY V 77 -0.03 -92.00 110.80
CA GLY V 77 -0.74 -90.87 110.26
C GLY V 77 -2.17 -91.23 109.91
N PRO V 78 -2.57 -90.86 108.69
CA PRO V 78 -3.92 -91.19 108.25
C PRO V 78 -3.96 -92.52 107.52
N ASP V 79 -5.13 -92.91 107.06
CA ASP V 79 -5.21 -93.99 106.08
C ASP V 79 -5.42 -93.43 104.67
N ILE V 80 -6.31 -92.45 104.53
CA ILE V 80 -6.68 -91.86 103.25
C ILE V 80 -6.35 -90.38 103.28
N ILE V 81 -5.88 -89.84 102.16
CA ILE V 81 -5.57 -88.43 102.03
C ILE V 81 -6.11 -87.89 100.71
N PHE V 82 -6.84 -86.78 100.77
CA PHE V 82 -7.43 -86.13 99.61
C PHE V 82 -6.55 -84.95 99.21
N TRP V 83 -5.88 -85.06 98.06
CA TRP V 83 -4.96 -84.02 97.63
C TRP V 83 -4.74 -84.14 96.13
N ALA V 84 -3.96 -83.20 95.59
CA ALA V 84 -3.60 -83.23 94.18
C ALA V 84 -2.71 -84.43 93.87
N HIS V 85 -2.82 -84.90 92.62
CA HIS V 85 -2.15 -86.12 92.20
C HIS V 85 -0.66 -85.94 91.97
N ASP V 86 -0.20 -84.71 91.72
CA ASP V 86 1.18 -84.50 91.30
C ASP V 86 2.18 -84.80 92.41
N ARG V 87 1.83 -84.51 93.66
CA ARG V 87 2.67 -84.94 94.76
C ARG V 87 2.42 -86.39 95.16
N PHE V 88 1.35 -87.00 94.62
CA PHE V 88 1.10 -88.41 94.92
C PHE V 88 2.08 -89.32 94.20
N GLY V 89 2.34 -89.04 92.92
CA GLY V 89 3.27 -89.85 92.16
C GLY V 89 4.67 -89.84 92.76
N GLY V 90 5.11 -88.67 93.21
CA GLY V 90 6.35 -88.62 93.98
C GLY V 90 6.27 -89.44 95.25
N TYR V 91 5.15 -89.35 95.96
CA TYR V 91 4.95 -90.23 97.11
C TYR V 91 4.63 -91.65 96.68
N ALA V 92 4.32 -91.87 95.40
CA ALA V 92 4.31 -93.24 94.88
C ALA V 92 5.72 -93.79 94.79
N GLN V 93 6.71 -92.92 94.62
CA GLN V 93 8.10 -93.34 94.71
C GLN V 93 8.52 -93.53 96.16
N SER V 94 8.07 -92.65 97.05
CA SER V 94 8.56 -92.58 98.42
C SER V 94 8.00 -93.67 99.32
N GLY V 95 7.21 -94.61 98.79
CA GLY V 95 6.67 -95.67 99.61
C GLY V 95 5.65 -95.22 100.62
N LEU V 96 4.91 -94.15 100.31
CA LEU V 96 3.92 -93.59 101.23
C LEU V 96 2.48 -93.71 100.74
N LEU V 97 2.27 -93.97 99.46
CA LEU V 97 0.95 -94.25 98.92
C LEU V 97 0.84 -95.73 98.54
N ALA V 98 -0.30 -96.33 98.87
CA ALA V 98 -0.53 -97.74 98.65
C ALA V 98 -0.98 -97.99 97.21
N GLU V 99 -0.45 -99.05 96.61
CA GLU V 99 -0.88 -99.47 95.29
C GLU V 99 -2.30 -100.04 95.39
N ILE V 100 -3.27 -99.33 94.84
CA ILE V 100 -4.66 -99.75 94.94
C ILE V 100 -4.93 -100.88 93.94
N THR V 101 -5.97 -101.65 94.22
CA THR V 101 -6.42 -102.73 93.33
C THR V 101 -7.90 -102.53 93.05
N PRO V 102 -8.25 -101.68 92.09
CA PRO V 102 -9.64 -101.54 91.67
C PRO V 102 -10.00 -102.50 90.54
N ASP V 103 -11.30 -102.73 90.41
CA ASP V 103 -11.80 -103.61 89.35
CA ASP V 103 -11.81 -103.60 89.36
C ASP V 103 -11.94 -102.84 88.05
N LYS V 104 -12.15 -103.59 86.96
CA LYS V 104 -12.26 -102.99 85.64
C LYS V 104 -13.64 -102.37 85.41
N ALA V 105 -14.69 -102.95 86.01
CA ALA V 105 -16.01 -102.32 85.91
C ALA V 105 -16.05 -101.00 86.67
N PHE V 106 -15.37 -100.92 87.80
CA PHE V 106 -15.26 -99.65 88.50
C PHE V 106 -14.34 -98.68 87.76
N GLN V 107 -13.38 -99.20 87.01
CA GLN V 107 -12.59 -98.34 86.14
C GLN V 107 -13.41 -97.80 84.98
N ASP V 108 -14.44 -98.56 84.56
CA ASP V 108 -15.41 -98.03 83.60
C ASP V 108 -16.38 -97.06 84.27
N LYS V 109 -16.63 -97.23 85.57
CA LYS V 109 -17.49 -96.31 86.30
C LYS V 109 -16.92 -94.90 86.37
N LEU V 110 -15.61 -94.75 86.30
CA LEU V 110 -14.95 -93.45 86.30
C LEU V 110 -14.37 -93.18 84.91
N TYR V 111 -13.98 -91.92 84.70
CA TYR V 111 -13.34 -91.57 83.45
C TYR V 111 -11.86 -91.97 83.49
N PRO V 112 -11.35 -92.59 82.41
CA PRO V 112 -9.95 -93.05 82.44
C PRO V 112 -8.93 -91.93 82.41
N PHE V 113 -9.26 -90.77 81.81
CA PHE V 113 -8.34 -89.65 81.84
C PHE V 113 -8.13 -89.11 83.25
N THR V 114 -9.06 -89.38 84.15
CA THR V 114 -8.82 -89.16 85.57
C THR V 114 -7.85 -90.20 86.12
N TRP V 115 -7.95 -91.44 85.64
CA TRP V 115 -7.04 -92.49 86.10
C TRP V 115 -5.61 -92.28 85.62
N ASP V 116 -5.41 -91.51 84.54
CA ASP V 116 -4.07 -91.17 84.12
C ASP V 116 -3.39 -90.16 85.05
N ALA V 117 -4.13 -89.59 86.00
CA ALA V 117 -3.53 -88.65 86.95
C ALA V 117 -2.75 -89.36 88.05
N VAL V 118 -3.11 -90.59 88.38
CA VAL V 118 -2.57 -91.30 89.53
C VAL V 118 -1.73 -92.48 89.09
N ARG V 119 -1.09 -92.35 87.93
CA ARG V 119 -0.17 -93.35 87.41
C ARG V 119 1.25 -93.02 87.82
N TYR V 120 2.01 -94.06 88.18
CA TYR V 120 3.44 -93.89 88.47
C TYR V 120 4.10 -95.26 88.38
N ASN V 121 5.09 -95.39 87.50
CA ASN V 121 5.81 -96.65 87.26
C ASN V 121 4.85 -97.78 86.89
N GLY V 122 3.79 -97.44 86.16
CA GLY V 122 2.79 -98.40 85.75
C GLY V 122 1.80 -98.81 86.82
N LYS V 123 2.07 -98.53 88.09
CA LYS V 123 1.18 -98.93 89.18
C LYS V 123 0.16 -97.83 89.44
N LEU V 124 -0.97 -98.22 90.01
CA LEU V 124 -2.09 -97.32 90.27
C LEU V 124 -2.16 -97.07 91.76
N ILE V 125 -2.21 -95.81 92.16
CA ILE V 125 -1.92 -95.44 93.54
C ILE V 125 -3.10 -94.84 94.29
N ALA V 126 -4.09 -94.28 93.59
CA ALA V 126 -5.13 -93.52 94.29
C ALA V 126 -6.37 -93.45 93.42
N TYR V 127 -7.52 -93.24 94.07
CA TYR V 127 -8.78 -93.13 93.37
C TYR V 127 -9.07 -91.67 93.09
N PRO V 128 -9.24 -91.25 91.85
CA PRO V 128 -9.55 -89.84 91.57
C PRO V 128 -10.99 -89.51 91.96
N ILE V 129 -11.17 -88.35 92.57
CA ILE V 129 -12.51 -87.88 92.93
C ILE V 129 -12.83 -86.64 92.12
N ALA V 130 -12.05 -85.58 92.31
CA ALA V 130 -12.35 -84.28 91.72
C ALA V 130 -11.35 -83.97 90.63
N VAL V 131 -11.80 -83.22 89.62
CA VAL V 131 -10.98 -82.88 88.46
C VAL V 131 -11.12 -81.38 88.22
N GLU V 132 -10.00 -80.71 87.99
CA GLU V 132 -9.93 -79.25 87.94
C GLU V 132 -9.31 -78.81 86.61
N ALA V 133 -9.88 -77.76 86.03
CA ALA V 133 -9.43 -77.24 84.76
C ALA V 133 -9.90 -75.79 84.62
N LEU V 134 -9.07 -74.98 83.98
CA LEU V 134 -9.37 -73.57 83.81
C LEU V 134 -10.30 -73.38 82.61
N SER V 135 -11.29 -72.51 82.77
CA SER V 135 -12.29 -72.29 81.75
C SER V 135 -12.48 -70.79 81.54
N LEU V 136 -13.19 -70.43 80.46
CA LEU V 136 -13.41 -69.04 80.12
C LEU V 136 -14.66 -68.56 80.84
N ILE V 137 -14.54 -67.41 81.51
CA ILE V 137 -15.65 -66.77 82.21
C ILE V 137 -15.92 -65.47 81.47
N TYR V 138 -17.17 -65.26 81.05
CA TYR V 138 -17.52 -64.13 80.22
C TYR V 138 -18.74 -63.40 80.77
N ASN V 139 -18.73 -62.08 80.62
CA ASN V 139 -19.92 -61.28 80.85
C ASN V 139 -20.89 -61.51 79.70
N LYS V 140 -22.11 -61.95 80.02
CA LYS V 140 -23.11 -62.17 78.96
C LYS V 140 -23.61 -60.86 78.37
N ASP V 141 -23.54 -59.77 79.14
CA ASP V 141 -24.05 -58.50 78.65
C ASP V 141 -23.06 -57.86 77.67
N LEU V 142 -21.78 -57.80 78.05
CA LEU V 142 -20.79 -57.20 77.16
C LEU V 142 -20.57 -58.03 75.90
N LEU V 143 -20.78 -59.33 75.98
CA LEU V 143 -20.66 -60.15 74.78
C LEU V 143 -21.69 -61.27 74.80
N PRO V 144 -22.76 -61.16 74.00
CA PRO V 144 -23.78 -62.21 73.99
C PRO V 144 -23.35 -63.48 73.29
N ASN V 145 -22.33 -63.43 72.43
CA ASN V 145 -21.91 -64.57 71.63
C ASN V 145 -20.39 -64.73 71.74
N PRO V 146 -19.92 -65.71 72.53
CA PRO V 146 -18.48 -65.86 72.70
C PRO V 146 -17.82 -66.33 71.42
N PRO V 147 -16.54 -66.01 71.23
CA PRO V 147 -15.81 -66.51 70.06
C PRO V 147 -15.14 -67.86 70.35
N LYS V 148 -14.86 -68.58 69.27
CA LYS V 148 -14.27 -69.91 69.38
C LYS V 148 -12.84 -69.96 68.87
N THR V 149 -12.28 -68.82 68.45
CA THR V 149 -10.91 -68.75 67.99
C THR V 149 -10.15 -67.68 68.77
N TRP V 150 -8.89 -67.97 69.09
CA TRP V 150 -8.04 -66.94 69.69
C TRP V 150 -7.71 -65.85 68.68
N GLU V 151 -7.65 -66.21 67.40
CA GLU V 151 -7.40 -65.24 66.34
C GLU V 151 -8.50 -64.19 66.25
N GLU V 152 -9.66 -64.45 66.85
CA GLU V 152 -10.72 -63.45 66.90
C GLU V 152 -10.51 -62.43 68.01
N ILE V 153 -9.76 -62.78 69.05
CA ILE V 153 -9.59 -61.94 70.24
C ILE V 153 -8.96 -60.58 69.95
N PRO V 154 -7.92 -60.44 69.11
CA PRO V 154 -7.41 -59.07 68.83
C PRO V 154 -8.46 -58.16 68.21
N ALA V 155 -9.13 -58.63 67.15
CA ALA V 155 -10.09 -57.80 66.43
C ALA V 155 -11.20 -57.30 67.35
N LEU V 156 -11.81 -58.21 68.12
CA LEU V 156 -12.88 -57.80 69.03
C LEU V 156 -12.36 -56.86 70.12
N ASP V 157 -11.08 -56.95 70.46
CA ASP V 157 -10.50 -56.00 71.41
C ASP V 157 -10.61 -54.59 70.87
N LYS V 158 -10.45 -54.41 69.56
CA LYS V 158 -10.63 -53.12 68.92
C LYS V 158 -12.03 -52.57 69.15
N GLU V 159 -13.02 -53.45 69.34
CA GLU V 159 -14.35 -52.97 69.69
C GLU V 159 -14.39 -52.44 71.11
N LEU V 160 -13.77 -53.14 72.06
CA LEU V 160 -14.01 -52.80 73.47
C LEU V 160 -13.32 -51.52 73.89
N LYS V 161 -12.18 -51.18 73.29
CA LYS V 161 -11.59 -49.88 73.51
C LYS V 161 -12.48 -48.75 73.00
N ALA V 162 -13.39 -49.06 72.08
CA ALA V 162 -14.39 -48.10 71.63
C ALA V 162 -15.52 -47.92 72.64
N LYS V 163 -15.62 -48.79 73.63
CA LYS V 163 -16.57 -48.64 74.73
C LYS V 163 -15.89 -48.35 76.06
N GLY V 164 -14.57 -48.18 76.06
CA GLY V 164 -13.85 -48.02 77.30
C GLY V 164 -13.66 -49.31 78.07
N LYS V 165 -13.66 -50.44 77.36
CA LYS V 165 -13.54 -51.76 77.98
C LYS V 165 -12.29 -52.46 77.45
N SER V 166 -11.93 -53.56 78.11
CA SER V 166 -10.82 -54.39 77.69
C SER V 166 -11.33 -55.79 77.38
N ALA V 167 -10.68 -56.45 76.43
CA ALA V 167 -11.14 -57.76 76.00
C ALA V 167 -10.75 -58.85 77.01
N LEU V 168 -9.46 -59.03 77.24
CA LEU V 168 -8.98 -60.11 78.09
C LEU V 168 -7.96 -59.55 79.07
N MET V 169 -8.11 -59.93 80.34
CA MET V 169 -7.16 -59.53 81.37
C MET V 169 -7.06 -60.68 82.37
N PHE V 170 -5.87 -61.23 82.54
CA PHE V 170 -5.65 -62.35 83.44
C PHE V 170 -4.24 -62.26 84.01
N ASN V 171 -3.86 -63.29 84.76
CA ASN V 171 -2.56 -63.33 85.42
C ASN V 171 -1.50 -63.79 84.42
N LEU V 172 -0.65 -62.86 83.99
CA LEU V 172 0.47 -63.19 83.11
C LEU V 172 1.73 -63.57 83.87
N GLN V 173 1.71 -63.50 85.20
CA GLN V 173 2.89 -63.78 86.01
C GLN V 173 3.09 -65.26 86.28
N GLU V 174 2.23 -66.12 85.75
CA GLU V 174 2.33 -67.55 85.97
C GLU V 174 2.29 -68.30 84.65
N PRO V 175 3.10 -69.36 84.50
CA PRO V 175 2.90 -70.27 83.35
C PRO V 175 1.63 -71.07 83.44
N TYR V 176 1.04 -71.20 84.64
CA TYR V 176 -0.17 -71.97 84.83
C TYR V 176 -1.34 -71.38 84.06
N PHE V 177 -1.35 -70.06 83.84
CA PHE V 177 -2.39 -69.45 83.05
C PHE V 177 -2.09 -69.51 81.56
N THR V 178 -0.82 -69.33 81.19
CA THR V 178 -0.44 -69.17 79.80
C THR V 178 -0.27 -70.49 79.05
N TRP V 179 -0.09 -71.60 79.77
CA TRP V 179 0.17 -72.89 79.14
C TRP V 179 -0.94 -73.42 78.22
N PRO V 180 -2.24 -73.14 78.46
CA PRO V 180 -3.24 -73.52 77.45
C PRO V 180 -2.96 -73.01 76.05
N LEU V 181 -2.59 -71.74 75.90
CA LEU V 181 -2.40 -71.18 74.57
C LEU V 181 -1.10 -71.64 73.93
N ILE V 182 0.01 -71.54 74.66
CA ILE V 182 1.32 -71.77 74.05
C ILE V 182 1.52 -73.25 73.71
N ALA V 183 0.97 -74.14 74.52
CA ALA V 183 1.15 -75.57 74.34
C ALA V 183 -0.01 -76.23 73.61
N ALA V 184 -0.87 -75.44 72.98
CA ALA V 184 -2.06 -76.01 72.34
C ALA V 184 -1.70 -76.74 71.05
N ASP V 185 -0.77 -76.19 70.27
CA ASP V 185 -0.48 -76.68 68.93
C ASP V 185 0.91 -77.31 68.82
N GLY V 186 1.38 -77.95 69.89
CA GLY V 186 2.65 -78.65 69.80
C GLY V 186 3.53 -78.61 71.03
N GLY V 187 3.18 -77.78 72.01
CA GLY V 187 3.91 -77.75 73.26
C GLY V 187 3.38 -78.76 74.25
N TYR V 188 4.28 -79.25 75.09
CA TYR V 188 3.95 -80.21 76.15
C TYR V 188 5.08 -80.24 77.16
N ALA V 189 4.74 -80.23 78.44
CA ALA V 189 5.74 -80.07 79.50
C ALA V 189 6.75 -81.20 79.49
N PHE V 190 6.31 -82.43 79.74
CA PHE V 190 7.14 -83.61 79.65
C PHE V 190 6.42 -84.66 78.82
N LYS V 191 7.18 -85.44 78.06
CA LYS V 191 6.55 -86.52 77.31
C LYS V 191 6.04 -87.60 78.27
N TYR V 192 4.74 -87.87 78.20
CA TYR V 192 4.06 -88.72 79.16
C TYR V 192 3.33 -89.84 78.42
N GLU V 193 3.83 -91.06 78.55
CA GLU V 193 3.26 -92.22 77.88
C GLU V 193 3.31 -93.42 78.80
N ASN V 194 2.26 -94.25 78.76
CA ASN V 194 2.18 -95.51 79.52
C ASN V 194 2.37 -95.30 81.02
N GLY V 195 1.95 -94.15 81.52
CA GLY V 195 2.11 -93.85 82.94
C GLY V 195 3.50 -93.42 83.36
N LYS V 196 4.35 -93.01 82.41
CA LYS V 196 5.73 -92.64 82.70
C LYS V 196 6.03 -91.29 82.07
N TYR V 197 6.65 -90.40 82.86
CA TYR V 197 7.07 -89.09 82.38
C TYR V 197 8.54 -89.13 82.00
N ASP V 198 8.84 -88.83 80.74
CA ASP V 198 10.21 -88.84 80.25
C ASP V 198 10.93 -87.57 80.69
N ILE V 199 12.10 -87.73 81.31
CA ILE V 199 12.80 -86.58 81.87
C ILE V 199 13.61 -85.86 80.80
N LYS V 200 14.17 -86.61 79.84
CA LYS V 200 14.93 -86.03 78.73
C LYS V 200 14.04 -85.39 77.67
N ASP V 201 12.73 -85.39 77.86
CA ASP V 201 11.81 -84.99 76.79
C ASP V 201 10.93 -83.85 77.29
N VAL V 202 11.57 -82.77 77.74
CA VAL V 202 10.93 -81.51 78.11
C VAL V 202 10.63 -80.77 76.82
N GLY V 203 9.37 -80.72 76.43
CA GLY V 203 9.02 -80.07 75.18
C GLY V 203 8.68 -78.59 75.28
N VAL V 204 9.66 -77.73 75.02
CA VAL V 204 9.40 -76.31 74.81
C VAL V 204 10.05 -75.78 73.54
N ASP V 205 10.97 -76.53 72.94
CA ASP V 205 11.60 -76.15 71.68
C ASP V 205 10.83 -76.74 70.51
N ASN V 206 9.54 -76.43 70.45
CA ASN V 206 8.65 -76.92 69.42
C ASN V 206 8.00 -75.76 68.68
N ALA V 207 7.59 -76.02 67.44
CA ALA V 207 6.97 -74.99 66.61
C ALA V 207 5.65 -74.51 67.19
N GLY V 208 4.93 -75.39 67.91
CA GLY V 208 3.70 -74.96 68.54
C GLY V 208 3.94 -73.98 69.67
N ALA V 209 4.95 -74.23 70.50
CA ALA V 209 5.29 -73.28 71.56
C ALA V 209 5.74 -71.96 70.97
N LYS V 210 6.48 -72.01 69.85
CA LYS V 210 6.86 -70.79 69.15
C LYS V 210 5.64 -70.02 68.69
N ALA V 211 4.66 -70.72 68.08
CA ALA V 211 3.46 -70.05 67.58
C ALA V 211 2.66 -69.43 68.71
N GLY V 212 2.51 -70.15 69.83
CA GLY V 212 1.77 -69.61 70.96
C GLY V 212 2.45 -68.41 71.57
N LEU V 213 3.78 -68.44 71.71
CA LEU V 213 4.46 -67.31 72.32
C LEU V 213 4.51 -66.12 71.38
N THR V 214 4.60 -66.34 70.07
CA THR V 214 4.44 -65.23 69.13
C THR V 214 3.03 -64.65 69.17
N PHE V 215 2.00 -65.47 69.35
CA PHE V 215 0.67 -64.91 69.52
C PHE V 215 0.56 -64.11 70.80
N LEU V 216 1.25 -64.53 71.85
CA LEU V 216 1.30 -63.75 73.08
C LEU V 216 1.98 -62.41 72.85
N VAL V 217 3.10 -62.40 72.13
CA VAL V 217 3.78 -61.12 71.89
C VAL V 217 3.02 -60.26 70.90
N ASP V 218 2.15 -60.83 70.07
CA ASP V 218 1.27 -60.00 69.27
C ASP V 218 0.14 -59.42 70.10
N LEU V 219 -0.34 -60.16 71.10
CA LEU V 219 -1.35 -59.60 71.98
C LEU V 219 -0.78 -58.53 72.90
N ILE V 220 0.52 -58.61 73.20
CA ILE V 220 1.09 -57.63 74.11
C ILE V 220 1.74 -56.45 73.38
N LYS V 221 2.21 -56.66 72.14
CA LYS V 221 2.91 -55.60 71.43
C LYS V 221 1.94 -54.49 71.03
N ASN V 222 0.82 -54.87 70.43
CA ASN V 222 -0.22 -53.91 70.04
C ASN V 222 -1.07 -53.45 71.21
N LYS V 223 -0.69 -53.81 72.44
CA LYS V 223 -1.30 -53.30 73.66
C LYS V 223 -2.76 -53.71 73.79
N HIS V 224 -3.05 -54.96 73.43
CA HIS V 224 -4.37 -55.51 73.75
C HIS V 224 -4.50 -55.75 75.25
N MET V 225 -3.44 -56.24 75.88
CA MET V 225 -3.36 -56.39 77.32
C MET V 225 -2.13 -55.68 77.84
N ASN V 226 -1.90 -55.77 79.15
CA ASN V 226 -0.71 -55.26 79.79
C ASN V 226 0.18 -56.42 80.23
N ALA V 227 1.47 -56.12 80.38
CA ALA V 227 2.43 -57.15 80.76
C ALA V 227 2.60 -57.27 82.27
N ASP V 228 2.42 -56.17 82.99
CA ASP V 228 2.56 -56.16 84.45
C ASP V 228 1.27 -56.57 85.16
N THR V 229 0.25 -56.98 84.43
CA THR V 229 -0.99 -57.39 85.06
C THR V 229 -0.83 -58.74 85.73
N ASP V 230 -1.75 -59.04 86.64
CA ASP V 230 -1.73 -60.30 87.37
C ASP V 230 -3.16 -60.67 87.72
N TYR V 231 -3.31 -61.53 88.71
CA TYR V 231 -4.60 -62.14 89.01
C TYR V 231 -5.53 -61.16 89.72
N SER V 232 -4.99 -60.33 90.62
CA SER V 232 -5.84 -59.48 91.45
CA SER V 232 -5.83 -59.47 91.45
C SER V 232 -6.54 -58.40 90.63
N ILE V 233 -5.76 -57.65 89.84
CA ILE V 233 -6.34 -56.59 89.02
C ILE V 233 -7.33 -57.18 88.02
N ALA V 234 -6.99 -58.35 87.46
CA ALA V 234 -7.86 -59.01 86.50
C ALA V 234 -9.21 -59.37 87.11
N GLU V 235 -9.19 -60.11 88.22
CA GLU V 235 -10.44 -60.55 88.83
C GLU V 235 -11.22 -59.38 89.39
N ALA V 236 -10.54 -58.36 89.94
CA ALA V 236 -11.25 -57.21 90.48
C ALA V 236 -11.91 -56.40 89.38
N ALA V 237 -11.24 -56.25 88.24
CA ALA V 237 -11.83 -55.53 87.12
C ALA V 237 -12.98 -56.33 86.49
N PHE V 238 -12.87 -57.66 86.47
CA PHE V 238 -13.98 -58.46 85.96
C PHE V 238 -15.17 -58.43 86.89
N ASN V 239 -14.92 -58.36 88.21
CA ASN V 239 -16.03 -58.20 89.15
C ASN V 239 -16.73 -56.86 88.97
N LYS V 240 -15.99 -55.82 88.59
CA LYS V 240 -16.62 -54.56 88.21
C LYS V 240 -17.24 -54.62 86.83
N GLY V 241 -16.80 -55.56 85.99
CA GLY V 241 -17.31 -55.65 84.63
C GLY V 241 -16.60 -54.77 83.64
N GLU V 242 -15.31 -54.49 83.86
CA GLU V 242 -14.55 -53.68 82.92
C GLU V 242 -13.93 -54.51 81.81
N THR V 243 -13.26 -55.60 82.16
CA THR V 243 -12.80 -56.58 81.18
C THR V 243 -13.89 -57.61 81.02
N ALA V 244 -14.12 -58.05 79.77
CA ALA V 244 -15.23 -58.96 79.50
C ALA V 244 -14.85 -60.43 79.60
N MET V 245 -13.63 -60.80 79.20
CA MET V 245 -13.20 -62.18 79.22
C MET V 245 -12.21 -62.41 80.35
N THR V 246 -12.25 -63.59 80.93
CA THR V 246 -11.16 -64.02 81.82
C THR V 246 -11.06 -65.53 81.76
N ILE V 247 -9.94 -66.04 82.26
CA ILE V 247 -9.69 -67.47 82.35
C ILE V 247 -9.43 -67.83 83.80
N ASN V 248 -10.19 -68.80 84.32
CA ASN V 248 -10.12 -69.09 85.74
C ASN V 248 -10.65 -70.49 86.01
N GLY V 249 -10.18 -71.06 87.12
CA GLY V 249 -10.68 -72.33 87.59
C GLY V 249 -11.91 -72.15 88.44
N PRO V 250 -12.17 -73.11 89.33
CA PRO V 250 -13.38 -73.03 90.16
C PRO V 250 -13.29 -72.02 91.30
N TRP V 251 -12.07 -71.80 91.82
CA TRP V 251 -11.90 -71.12 93.10
C TRP V 251 -12.41 -69.69 93.11
N ALA V 252 -12.56 -69.06 91.96
CA ALA V 252 -13.04 -67.68 91.90
C ALA V 252 -14.52 -67.57 91.54
N TRP V 253 -15.18 -68.69 91.28
CA TRP V 253 -16.57 -68.67 90.81
C TRP V 253 -17.46 -67.90 91.78
N SER V 254 -17.42 -68.26 93.06
CA SER V 254 -18.23 -67.59 94.06
C SER V 254 -17.90 -66.11 94.14
N ASN V 255 -16.63 -65.75 93.92
CA ASN V 255 -16.24 -64.34 93.89
C ASN V 255 -16.99 -63.60 92.81
N ILE V 256 -17.12 -64.21 91.62
CA ILE V 256 -17.92 -63.59 90.57
C ILE V 256 -19.39 -63.59 90.96
N ASP V 257 -19.82 -64.57 91.75
CA ASP V 257 -21.16 -64.55 92.31
C ASP V 257 -21.35 -63.48 93.37
N THR V 258 -20.28 -62.84 93.82
CA THR V 258 -20.45 -61.62 94.60
C THR V 258 -20.73 -60.42 93.71
N SER V 259 -20.28 -60.46 92.46
CA SER V 259 -20.46 -59.33 91.55
CA SER V 259 -20.46 -59.33 91.55
C SER V 259 -21.89 -59.20 91.07
N LYS V 260 -22.67 -60.28 91.07
CA LYS V 260 -24.02 -60.35 90.54
C LYS V 260 -24.08 -59.97 89.06
N VAL V 261 -22.94 -60.06 88.37
CA VAL V 261 -22.90 -59.84 86.94
C VAL V 261 -23.48 -61.06 86.25
N ASN V 262 -24.36 -60.83 85.27
CA ASN V 262 -24.93 -61.95 84.53
C ASN V 262 -23.85 -62.56 83.64
N TYR V 263 -23.19 -63.61 84.15
CA TYR V 263 -22.03 -64.17 83.49
C TYR V 263 -22.28 -65.62 83.11
N GLY V 264 -21.49 -66.09 82.15
CA GLY V 264 -21.49 -67.49 81.77
C GLY V 264 -20.08 -68.04 81.76
N VAL V 265 -20.00 -69.37 81.66
CA VAL V 265 -18.75 -70.10 81.63
C VAL V 265 -18.76 -71.03 80.43
N THR V 266 -17.68 -71.03 79.66
CA THR V 266 -17.58 -71.89 78.49
C THR V 266 -16.14 -72.38 78.33
N VAL V 267 -15.95 -73.17 77.28
CA VAL V 267 -14.63 -73.67 76.94
C VAL V 267 -13.78 -72.54 76.36
N LEU V 268 -12.47 -72.66 76.53
CA LEU V 268 -11.56 -71.73 75.91
C LEU V 268 -11.60 -71.90 74.39
N PRO V 269 -11.37 -70.82 73.64
CA PRO V 269 -11.33 -70.94 72.17
C PRO V 269 -10.18 -71.82 71.72
N THR V 270 -10.36 -72.42 70.54
CA THR V 270 -9.29 -73.18 69.92
C THR V 270 -8.37 -72.23 69.16
N PHE V 271 -7.17 -72.70 68.86
CA PHE V 271 -6.15 -71.86 68.24
C PHE V 271 -5.50 -72.63 67.10
N LYS V 272 -5.65 -72.11 65.87
CA LYS V 272 -5.17 -72.73 64.65
C LYS V 272 -5.73 -74.13 64.47
N GLY V 273 -6.92 -74.39 65.02
CA GLY V 273 -7.53 -75.69 65.02
C GLY V 273 -7.18 -76.55 66.23
N GLN V 274 -5.99 -76.36 66.79
CA GLN V 274 -5.61 -77.12 67.99
C GLN V 274 -6.20 -76.45 69.21
N PRO V 275 -7.05 -77.14 69.98
CA PRO V 275 -7.66 -76.51 71.15
C PRO V 275 -6.67 -76.31 72.29
N SER V 276 -7.04 -75.42 73.21
CA SER V 276 -6.20 -75.11 74.35
C SER V 276 -6.00 -76.32 75.23
N LYS V 277 -4.97 -76.25 76.09
CA LYS V 277 -4.53 -77.39 76.89
C LYS V 277 -4.25 -76.93 78.32
N PRO V 278 -5.28 -76.80 79.15
CA PRO V 278 -5.06 -76.39 80.53
C PRO V 278 -4.52 -77.54 81.38
N PHE V 279 -3.89 -77.15 82.50
CA PHE V 279 -3.43 -78.13 83.47
C PHE V 279 -4.61 -78.76 84.18
N VAL V 280 -4.71 -80.08 84.08
CA VAL V 280 -5.76 -80.85 84.74
C VAL V 280 -5.26 -81.19 86.14
N GLY V 281 -5.86 -80.58 87.15
CA GLY V 281 -5.49 -80.88 88.53
C GLY V 281 -6.49 -81.80 89.19
N VAL V 282 -6.08 -83.02 89.52
CA VAL V 282 -7.00 -84.05 89.95
C VAL V 282 -6.80 -84.28 91.45
N LEU V 283 -7.84 -83.94 92.22
CA LEU V 283 -7.90 -84.30 93.62
C LEU V 283 -8.26 -85.78 93.72
N SER V 284 -7.33 -86.57 94.26
CA SER V 284 -7.50 -88.00 94.45
C SER V 284 -7.25 -88.34 95.91
N ALA V 285 -7.67 -89.55 96.29
CA ALA V 285 -7.56 -90.05 97.66
C ALA V 285 -6.54 -91.17 97.67
N GLY V 286 -5.34 -90.86 98.15
CA GLY V 286 -4.28 -91.85 98.27
C GLY V 286 -4.40 -92.62 99.57
N ILE V 287 -4.22 -93.93 99.47
CA ILE V 287 -4.17 -94.82 100.62
C ILE V 287 -2.71 -94.90 101.06
N ASN V 288 -2.48 -94.81 102.37
CA ASN V 288 -1.12 -94.87 102.89
C ASN V 288 -0.52 -96.24 102.62
N ALA V 289 0.76 -96.27 102.24
CA ALA V 289 1.43 -97.51 101.87
C ALA V 289 1.80 -98.36 103.09
N ALA V 290 1.77 -97.79 104.28
CA ALA V 290 2.00 -98.56 105.51
C ALA V 290 0.70 -99.09 106.09
N SER V 291 -0.41 -98.92 105.40
CA SER V 291 -1.72 -99.29 105.93
C SER V 291 -1.91 -100.81 105.89
N PRO V 292 -2.30 -101.43 107.00
CA PRO V 292 -2.92 -102.76 106.94
C PRO V 292 -4.44 -102.73 106.77
N ASN V 293 -4.99 -101.60 106.30
CA ASN V 293 -6.43 -101.39 106.21
C ASN V 293 -6.85 -101.23 104.76
N LYS V 294 -6.34 -102.09 103.88
CA LYS V 294 -6.50 -101.91 102.44
C LYS V 294 -7.95 -102.07 102.00
N GLU V 295 -8.57 -103.21 102.33
CA GLU V 295 -9.90 -103.53 101.81
C GLU V 295 -10.98 -102.63 102.39
N LEU V 296 -10.83 -102.22 103.65
CA LEU V 296 -11.81 -101.34 104.28
C LEU V 296 -11.86 -99.99 103.56
N ALA V 297 -10.70 -99.36 103.35
CA ALA V 297 -10.67 -98.09 102.67
C ALA V 297 -11.04 -98.22 101.21
N LYS V 298 -10.70 -99.34 100.57
CA LYS V 298 -11.12 -99.56 99.19
C LYS V 298 -12.63 -99.65 99.08
N GLU V 299 -13.27 -100.34 100.04
CA GLU V 299 -14.73 -100.41 100.05
CA GLU V 299 -14.73 -100.41 100.06
C GLU V 299 -15.34 -99.04 100.29
N PHE V 300 -14.77 -98.26 101.22
CA PHE V 300 -15.29 -96.93 101.50
C PHE V 300 -15.14 -96.00 100.30
N LEU V 301 -14.06 -96.17 99.52
CA LEU V 301 -13.83 -95.31 98.38
C LEU V 301 -14.68 -95.70 97.18
N GLU V 302 -14.88 -97.01 96.97
CA GLU V 302 -15.57 -97.46 95.77
C GLU V 302 -17.08 -97.50 95.94
N ASN V 303 -17.57 -98.06 97.04
CA ASN V 303 -19.01 -98.26 97.19
C ASN V 303 -19.72 -97.10 97.88
N TYR V 304 -18.97 -96.19 98.52
CA TYR V 304 -19.58 -95.05 99.20
C TYR V 304 -19.11 -93.71 98.67
N LEU V 305 -17.80 -93.53 98.48
CA LEU V 305 -17.29 -92.23 98.02
C LEU V 305 -17.58 -92.01 96.54
N LEU V 306 -17.03 -92.86 95.68
CA LEU V 306 -17.11 -92.65 94.24
C LEU V 306 -18.40 -93.21 93.66
N THR V 307 -19.52 -92.83 94.29
CA THR V 307 -20.87 -93.13 93.85
C THR V 307 -21.66 -91.83 93.80
N ASP V 308 -22.95 -91.93 93.49
CA ASP V 308 -23.77 -90.72 93.39
C ASP V 308 -23.96 -90.07 94.75
N GLU V 309 -24.33 -90.85 95.78
CA GLU V 309 -24.70 -90.26 97.04
C GLU V 309 -23.50 -89.73 97.82
N GLY V 310 -22.31 -90.32 97.63
CA GLY V 310 -21.14 -89.83 98.34
C GLY V 310 -20.67 -88.48 97.83
N LEU V 311 -20.54 -88.36 96.51
CA LEU V 311 -20.19 -87.07 95.92
C LEU V 311 -21.31 -86.05 96.12
N GLU V 312 -22.57 -86.51 96.18
CA GLU V 312 -23.66 -85.60 96.50
C GLU V 312 -23.51 -85.04 97.92
N ALA V 313 -23.25 -85.92 98.89
CA ALA V 313 -23.13 -85.50 100.28
C ALA V 313 -21.92 -84.59 100.48
N VAL V 314 -20.81 -84.83 99.78
CA VAL V 314 -19.69 -83.92 99.96
C VAL V 314 -19.97 -82.60 99.23
N ASN V 315 -20.70 -82.61 98.11
CA ASN V 315 -20.97 -81.39 97.37
C ASN V 315 -22.05 -80.52 98.00
N LYS V 316 -22.85 -81.06 98.93
CA LYS V 316 -23.81 -80.18 99.62
C LYS V 316 -23.10 -79.14 100.48
N ASP V 317 -21.92 -79.45 101.02
CA ASP V 317 -21.16 -78.46 101.77
C ASP V 317 -20.26 -77.64 100.85
N LYS V 318 -19.33 -78.31 100.15
CA LYS V 318 -18.45 -77.64 99.20
C LYS V 318 -18.36 -78.51 97.95
N PRO V 319 -18.56 -77.92 96.77
CA PRO V 319 -18.57 -78.72 95.54
C PRO V 319 -17.17 -79.16 95.13
N LEU V 320 -17.14 -80.03 94.13
CA LEU V 320 -15.90 -80.52 93.55
C LEU V 320 -15.76 -80.18 92.07
N GLY V 321 -16.71 -79.46 91.50
CA GLY V 321 -16.60 -79.06 90.11
C GLY V 321 -16.80 -80.25 89.18
N ALA V 322 -15.80 -80.52 88.36
CA ALA V 322 -15.78 -81.72 87.55
C ALA V 322 -15.26 -82.88 88.40
N VAL V 323 -16.03 -83.95 88.46
CA VAL V 323 -15.65 -85.12 89.26
C VAL V 323 -15.19 -86.22 88.31
N ALA V 324 -14.74 -87.34 88.88
CA ALA V 324 -14.23 -88.45 88.08
C ALA V 324 -15.28 -89.50 87.75
N LEU V 325 -16.32 -89.63 88.57
CA LEU V 325 -17.35 -90.63 88.32
C LEU V 325 -18.29 -90.18 87.22
N LYS V 326 -18.58 -91.08 86.29
CA LYS V 326 -19.28 -90.71 85.06
C LYS V 326 -20.73 -90.32 85.33
N SER V 327 -21.44 -91.12 86.13
CA SER V 327 -22.84 -90.84 86.42
C SER V 327 -23.01 -89.52 87.16
N TYR V 328 -22.14 -89.27 88.15
CA TYR V 328 -22.21 -88.00 88.86
C TYR V 328 -21.78 -86.82 87.99
N GLU V 329 -20.93 -87.06 86.98
CA GLU V 329 -20.69 -86.03 85.98
C GLU V 329 -21.94 -85.76 85.15
N GLU V 330 -22.74 -86.79 84.88
CA GLU V 330 -23.99 -86.52 84.17
C GLU V 330 -24.98 -85.78 85.06
N GLU V 331 -24.95 -86.03 86.37
CA GLU V 331 -25.79 -85.26 87.28
C GLU V 331 -25.35 -83.80 87.35
N LEU V 332 -24.04 -83.54 87.43
CA LEU V 332 -23.56 -82.17 87.56
C LEU V 332 -23.43 -81.44 86.23
N ALA V 333 -23.56 -82.12 85.09
CA ALA V 333 -23.38 -81.45 83.80
C ALA V 333 -24.52 -80.51 83.44
N LYS V 334 -25.59 -80.43 84.24
CA LYS V 334 -26.60 -79.41 84.00
C LYS V 334 -26.09 -78.02 84.35
N ASP V 335 -25.09 -77.92 85.21
CA ASP V 335 -24.42 -76.66 85.45
C ASP V 335 -23.40 -76.46 84.33
N PRO V 336 -23.53 -75.40 83.52
CA PRO V 336 -22.61 -75.25 82.39
C PRO V 336 -21.18 -74.99 82.79
N ARG V 337 -20.94 -74.47 83.99
CA ARG V 337 -19.57 -74.36 84.50
C ARG V 337 -18.92 -75.74 84.60
N ILE V 338 -19.70 -76.74 85.03
CA ILE V 338 -19.17 -78.09 85.20
C ILE V 338 -18.87 -78.71 83.83
N ALA V 339 -19.74 -78.45 82.84
CA ALA V 339 -19.50 -78.96 81.49
C ALA V 339 -18.25 -78.33 80.88
N ALA V 340 -18.10 -77.01 81.06
CA ALA V 340 -16.90 -76.33 80.56
C ALA V 340 -15.64 -76.86 81.25
N THR V 341 -15.73 -77.10 82.56
CA THR V 341 -14.59 -77.63 83.29
C THR V 341 -14.22 -79.02 82.80
N MET V 342 -15.21 -79.89 82.56
CA MET V 342 -14.86 -81.24 82.15
C MET V 342 -14.35 -81.28 80.70
N GLU V 343 -14.86 -80.40 79.82
CA GLU V 343 -14.31 -80.42 78.47
C GLU V 343 -12.90 -79.84 78.41
N ASN V 344 -12.61 -78.78 79.19
CA ASN V 344 -11.23 -78.31 79.28
C ASN V 344 -10.33 -79.33 79.95
N ALA V 345 -10.87 -80.13 80.88
CA ALA V 345 -10.07 -81.15 81.54
C ALA V 345 -9.76 -82.31 80.60
N GLN V 346 -10.74 -82.71 79.79
CA GLN V 346 -10.52 -83.82 78.86
C GLN V 346 -9.67 -83.42 77.66
N LYS V 347 -9.64 -82.13 77.31
CA LYS V 347 -8.74 -81.67 76.25
C LYS V 347 -7.47 -81.05 76.79
N GLY V 348 -7.26 -81.07 78.12
CA GLY V 348 -6.09 -80.45 78.71
C GLY V 348 -4.95 -81.43 78.95
N GLU V 349 -3.87 -80.90 79.53
CA GLU V 349 -2.69 -81.69 79.85
C GLU V 349 -2.71 -82.03 81.33
N ILE V 350 -2.50 -83.31 81.65
CA ILE V 350 -2.48 -83.73 83.03
C ILE V 350 -1.20 -83.22 83.70
N MET V 351 -1.32 -82.83 84.97
CA MET V 351 -0.17 -82.27 85.67
CA MET V 351 -0.18 -82.28 85.68
C MET V 351 0.87 -83.35 85.94
N PRO V 352 2.15 -83.07 85.70
CA PRO V 352 3.19 -84.07 85.94
C PRO V 352 3.42 -84.33 87.42
N ASN V 353 3.70 -85.59 87.73
CA ASN V 353 3.95 -86.04 89.10
C ASN V 353 5.43 -86.10 89.44
N ILE V 354 6.28 -85.40 88.69
CA ILE V 354 7.72 -85.55 88.80
C ILE V 354 8.33 -84.28 89.38
N PRO V 355 9.48 -84.36 90.07
CA PRO V 355 10.03 -83.15 90.70
C PRO V 355 10.72 -82.19 89.73
N GLN V 356 11.12 -82.65 88.53
CA GLN V 356 11.71 -81.74 87.55
C GLN V 356 10.74 -80.64 87.14
N MET V 357 9.43 -80.91 87.28
CA MET V 357 8.40 -79.90 87.09
C MET V 357 8.70 -78.62 87.86
N SER V 358 9.31 -78.74 89.06
CA SER V 358 9.69 -77.57 89.83
C SER V 358 10.62 -76.65 89.03
N ALA V 359 11.68 -77.22 88.44
CA ALA V 359 12.55 -76.42 87.59
C ALA V 359 11.79 -75.86 86.39
N PHE V 360 10.78 -76.60 85.91
CA PHE V 360 9.86 -76.09 84.91
C PHE V 360 9.26 -74.77 85.36
N TRP V 361 8.69 -74.74 86.58
CA TRP V 361 8.13 -73.51 87.10
C TRP V 361 9.18 -72.46 87.40
N TYR V 362 10.46 -72.83 87.39
CA TYR V 362 11.53 -71.85 87.47
C TYR V 362 12.05 -71.47 86.08
N ALA V 363 11.94 -72.37 85.10
CA ALA V 363 12.51 -72.07 83.79
C ALA V 363 11.53 -71.26 82.92
N VAL V 364 10.39 -71.87 82.58
CA VAL V 364 9.51 -71.29 81.57
C VAL V 364 8.88 -69.99 82.04
N ARG V 365 8.73 -69.80 83.35
CA ARG V 365 8.27 -68.52 83.88
C ARG V 365 9.21 -67.40 83.44
N THR V 366 10.52 -67.61 83.62
CA THR V 366 11.50 -66.62 83.16
C THR V 366 11.37 -66.39 81.66
N ALA V 367 10.94 -67.41 80.91
CA ALA V 367 10.70 -67.27 79.49
C ALA V 367 9.72 -66.14 79.21
N VAL V 368 8.56 -66.14 79.89
CA VAL V 368 7.62 -65.06 79.62
C VAL V 368 8.12 -63.76 80.23
N ILE V 369 8.98 -63.83 81.23
CA ILE V 369 9.60 -62.61 81.76
C ILE V 369 10.56 -62.03 80.73
N ASN V 370 11.08 -62.87 79.83
CA ASN V 370 11.83 -62.34 78.70
C ASN V 370 10.95 -62.07 77.49
N ALA V 371 9.68 -62.49 77.52
CA ALA V 371 8.80 -62.35 76.36
C ALA V 371 7.94 -61.10 76.45
N ALA V 372 7.11 -61.00 77.49
CA ALA V 372 6.24 -59.85 77.65
C ALA V 372 7.01 -58.59 77.98
N SER V 373 8.20 -58.71 78.56
CA SER V 373 9.08 -57.58 78.78
C SER V 373 9.95 -57.25 77.58
N GLY V 374 10.15 -58.22 76.68
CA GLY V 374 10.94 -57.97 75.50
C GLY V 374 12.43 -57.89 75.72
N ARG V 375 12.93 -58.44 76.83
CA ARG V 375 14.37 -58.50 77.02
C ARG V 375 15.00 -59.47 76.04
N GLN V 376 14.33 -60.58 75.77
CA GLN V 376 14.71 -61.53 74.73
C GLN V 376 13.58 -61.62 73.71
N THR V 377 13.79 -62.44 72.69
CA THR V 377 12.76 -62.69 71.70
C THR V 377 11.97 -63.94 72.11
N VAL V 378 11.18 -64.48 71.19
CA VAL V 378 10.45 -65.71 71.45
C VAL V 378 11.40 -66.89 71.57
N ASP V 379 12.20 -67.12 70.53
CA ASP V 379 13.08 -68.28 70.49
C ASP V 379 14.14 -68.23 71.58
N GLU V 380 14.68 -67.03 71.85
CA GLU V 380 15.70 -66.89 72.90
C GLU V 380 15.14 -67.29 74.26
N ALA V 381 13.95 -66.78 74.61
CA ALA V 381 13.35 -67.11 75.90
C ALA V 381 12.99 -68.59 75.99
N LEU V 382 12.45 -69.16 74.90
CA LEU V 382 12.02 -70.55 74.99
C LEU V 382 13.20 -71.52 75.04
N LYS V 383 14.29 -71.25 74.31
CA LYS V 383 15.43 -72.14 74.44
C LYS V 383 16.25 -71.86 75.69
N ASP V 384 16.09 -70.69 76.31
CA ASP V 384 16.65 -70.51 77.64
C ASP V 384 15.87 -71.30 78.68
N ALA V 385 14.56 -71.38 78.50
CA ALA V 385 13.75 -72.25 79.36
C ALA V 385 13.93 -73.73 79.01
N GLN V 386 14.49 -74.03 77.84
CA GLN V 386 14.68 -75.42 77.43
C GLN V 386 15.70 -76.12 78.31
N THR V 387 16.88 -75.54 78.46
CA THR V 387 17.94 -76.13 79.27
C THR V 387 17.65 -75.93 80.75
N SER W 35 29.50 -5.38 90.37
CA SER W 35 30.07 -6.67 90.00
C SER W 35 29.80 -7.70 91.10
N GLU W 36 28.64 -7.57 91.75
CA GLU W 36 28.22 -8.55 92.73
C GLU W 36 27.98 -9.92 92.09
N LEU W 37 27.57 -9.95 90.83
CA LEU W 37 27.50 -11.17 90.05
C LEU W 37 28.42 -11.11 88.83
N GLY W 38 29.32 -10.13 88.79
CA GLY W 38 30.18 -9.99 87.62
C GLY W 38 31.25 -11.05 87.55
N LYS W 39 31.89 -11.35 88.68
CA LYS W 39 32.83 -12.47 88.70
C LYS W 39 32.09 -13.80 88.60
N GLU W 40 30.84 -13.83 89.05
CA GLU W 40 29.99 -14.99 88.79
C GLU W 40 29.70 -15.15 87.30
N LEU W 41 29.76 -14.05 86.54
CA LEU W 41 29.72 -14.17 85.10
C LEU W 41 31.08 -14.54 84.53
N LEU W 42 32.17 -14.08 85.16
CA LEU W 42 33.51 -14.39 84.68
C LEU W 42 33.80 -15.89 84.78
N GLU W 43 33.34 -16.52 85.87
CA GLU W 43 33.61 -17.95 86.03
C GLU W 43 32.82 -18.77 85.00
N ALA W 44 31.59 -18.39 84.72
CA ALA W 44 30.81 -19.11 83.71
C ALA W 44 31.33 -18.83 82.32
N ALA W 45 31.89 -17.65 82.09
CA ALA W 45 32.49 -17.34 80.80
C ALA W 45 33.77 -18.13 80.58
N ARG W 46 34.56 -18.32 81.64
CA ARG W 46 35.71 -19.20 81.56
C ARG W 46 35.30 -20.66 81.39
N ALA W 47 34.17 -21.05 81.98
CA ALA W 47 33.79 -22.47 82.04
C ALA W 47 32.71 -22.86 81.04
N GLY W 48 31.88 -21.94 80.59
CA GLY W 48 30.86 -22.28 79.61
C GLY W 48 29.66 -23.01 80.14
N GLN W 49 28.84 -22.32 80.95
CA GLN W 49 27.56 -22.85 81.41
C GLN W 49 26.43 -21.93 80.94
N ASP W 50 25.63 -22.40 79.98
CA ASP W 50 24.48 -21.64 79.54
C ASP W 50 23.43 -21.54 80.63
N ASP W 51 23.32 -22.57 81.47
CA ASP W 51 22.36 -22.53 82.58
C ASP W 51 22.75 -21.48 83.62
N GLU W 52 24.05 -21.39 83.94
CA GLU W 52 24.50 -20.43 84.94
C GLU W 52 24.24 -19.00 84.48
N VAL W 53 24.56 -18.70 83.22
CA VAL W 53 24.33 -17.35 82.73
C VAL W 53 22.84 -17.10 82.51
N ARG W 54 22.05 -18.14 82.22
CA ARG W 54 20.60 -17.96 82.14
C ARG W 54 20.03 -17.58 83.50
N ILE W 55 20.52 -18.21 84.58
CA ILE W 55 20.04 -17.87 85.91
C ILE W 55 20.55 -16.49 86.33
N LEU W 56 21.79 -16.15 85.94
CA LEU W 56 22.32 -14.84 86.28
C LEU W 56 21.60 -13.73 85.56
N MET W 57 21.15 -13.96 84.33
CA MET W 57 20.28 -13.01 83.65
C MET W 57 18.86 -13.05 84.19
N ALA W 58 18.44 -14.16 84.80
CA ALA W 58 17.18 -14.15 85.52
C ALA W 58 17.28 -13.31 86.79
N ARG W 59 18.48 -13.21 87.38
CA ARG W 59 18.73 -12.35 88.51
C ARG W 59 19.24 -10.98 88.11
N GLY W 60 19.44 -10.74 86.81
CA GLY W 60 19.87 -9.44 86.33
C GLY W 60 21.33 -9.14 86.61
N ALA W 61 22.21 -10.08 86.29
CA ALA W 61 23.63 -9.86 86.48
C ALA W 61 24.15 -8.85 85.46
N GLU W 62 25.07 -8.00 85.90
CA GLU W 62 25.62 -6.97 85.02
C GLU W 62 26.56 -7.58 83.99
N VAL W 63 26.44 -7.12 82.74
CA VAL W 63 27.16 -7.72 81.63
C VAL W 63 28.47 -7.02 81.30
N ASN W 64 28.71 -5.83 81.84
CA ASN W 64 29.90 -5.05 81.53
C ASN W 64 30.93 -5.13 82.66
N ALA W 65 31.11 -6.31 83.23
CA ALA W 65 32.00 -6.49 84.37
C ALA W 65 33.44 -6.52 83.88
N ALA W 66 34.16 -5.42 84.04
CA ALA W 66 35.55 -5.32 83.65
C ALA W 66 36.45 -5.61 84.85
N ASP W 67 37.49 -6.41 84.62
CA ASP W 67 38.47 -6.68 85.65
C ASP W 67 39.54 -5.59 85.64
N ASN W 68 40.65 -5.82 86.34
CA ASN W 68 41.71 -4.82 86.41
C ASN W 68 42.42 -4.62 85.08
N THR W 69 42.38 -5.60 84.19
CA THR W 69 43.04 -5.52 82.89
C THR W 69 42.06 -5.37 81.73
N GLY W 70 40.78 -5.15 82.02
CA GLY W 70 39.79 -4.86 81.00
C GLY W 70 39.09 -6.05 80.41
N THR W 71 39.31 -7.24 80.94
CA THR W 71 38.73 -8.44 80.34
C THR W 71 37.28 -8.58 80.75
N THR W 72 36.40 -8.57 79.77
CA THR W 72 34.95 -8.63 79.98
C THR W 72 34.47 -10.07 79.93
N PRO W 73 33.22 -10.32 80.35
CA PRO W 73 32.67 -11.67 80.12
C PRO W 73 32.55 -12.01 78.65
N LEU W 74 32.37 -11.00 77.78
CA LEU W 74 32.35 -11.25 76.35
C LEU W 74 33.70 -11.71 75.85
N HIS W 75 34.79 -11.18 76.43
CA HIS W 75 36.12 -11.59 76.02
C HIS W 75 36.35 -13.07 76.30
N LEU W 76 36.00 -13.52 77.51
CA LEU W 76 36.18 -14.93 77.83
C LEU W 76 35.21 -15.80 77.06
N ALA W 77 34.00 -15.29 76.79
CA ALA W 77 33.05 -16.03 75.99
C ALA W 77 33.58 -16.24 74.58
N ALA W 78 34.29 -15.24 74.04
CA ALA W 78 34.89 -15.38 72.72
C ALA W 78 36.09 -16.30 72.74
N TYR W 79 36.98 -16.12 73.73
CA TYR W 79 38.16 -16.97 73.87
C TYR W 79 37.80 -18.43 74.05
N SER W 80 36.66 -18.71 74.71
CA SER W 80 36.29 -20.09 74.99
C SER W 80 35.70 -20.76 73.75
N GLY W 81 34.84 -20.07 73.02
CA GLY W 81 34.27 -20.64 71.81
C GLY W 81 32.89 -21.26 71.98
N HIS W 82 32.11 -20.80 72.95
CA HIS W 82 30.72 -21.22 73.10
C HIS W 82 29.84 -20.07 72.63
N LEU W 83 29.08 -20.33 71.56
CA LEU W 83 28.32 -19.25 70.92
C LEU W 83 27.12 -18.79 71.74
N GLU W 84 26.58 -19.65 72.61
CA GLU W 84 25.34 -19.32 73.30
C GLU W 84 25.53 -18.21 74.32
N ILE W 85 26.62 -18.28 75.09
CA ILE W 85 26.89 -17.25 76.08
C ILE W 85 27.18 -15.92 75.40
N VAL W 86 27.85 -15.95 74.24
CA VAL W 86 28.06 -14.74 73.46
C VAL W 86 26.73 -14.17 72.99
N GLU W 87 25.84 -15.04 72.52
CA GLU W 87 24.55 -14.60 72.03
C GLU W 87 23.73 -13.93 73.13
N VAL W 88 23.69 -14.54 74.31
CA VAL W 88 22.88 -13.93 75.36
C VAL W 88 23.55 -12.69 75.94
N LEU W 89 24.88 -12.65 75.95
CA LEU W 89 25.57 -11.43 76.38
C LEU W 89 25.26 -10.27 75.45
N LEU W 90 25.20 -10.54 74.14
CA LEU W 90 24.79 -9.50 73.21
C LEU W 90 23.31 -9.22 73.29
N LYS W 91 22.51 -10.19 73.73
CA LYS W 91 21.09 -9.93 73.94
C LYS W 91 20.85 -8.97 75.10
N TYR W 92 21.71 -9.03 76.12
CA TYR W 92 21.61 -8.12 77.24
C TYR W 92 22.49 -6.88 77.09
N GLY W 93 23.05 -6.66 75.91
CA GLY W 93 23.71 -5.40 75.61
C GLY W 93 25.15 -5.30 76.06
N ALA W 94 25.92 -6.39 75.94
CA ALA W 94 27.34 -6.31 76.23
C ALA W 94 28.05 -5.51 75.15
N GLU W 95 29.18 -4.92 75.52
CA GLU W 95 29.92 -4.08 74.59
C GLU W 95 30.68 -4.92 73.59
N VAL W 96 30.44 -4.69 72.30
CA VAL W 96 31.07 -5.48 71.27
C VAL W 96 32.49 -5.02 70.97
N ASN W 97 32.82 -3.77 71.27
CA ASN W 97 34.10 -3.18 70.90
C ASN W 97 34.88 -2.75 72.13
N ALA W 98 34.83 -3.56 73.19
CA ALA W 98 35.53 -3.26 74.43
C ALA W 98 37.00 -3.63 74.29
N ALA W 99 37.88 -2.63 74.35
CA ALA W 99 39.31 -2.87 74.25
C ALA W 99 39.92 -3.09 75.63
N ASP W 100 40.85 -4.03 75.70
CA ASP W 100 41.58 -4.32 76.93
C ASP W 100 42.77 -3.36 77.05
N VAL W 101 43.67 -3.64 78.00
CA VAL W 101 44.88 -2.85 78.14
C VAL W 101 45.89 -3.15 77.05
N PHE W 102 45.70 -4.22 76.29
CA PHE W 102 46.56 -4.54 75.17
C PHE W 102 45.93 -4.18 73.82
N GLY W 103 44.67 -3.76 73.82
CA GLY W 103 44.00 -3.35 72.60
C GLY W 103 43.10 -4.40 71.98
N TYR W 104 43.14 -5.63 72.48
CA TYR W 104 42.32 -6.68 71.88
C TYR W 104 40.85 -6.49 72.21
N THR W 105 40.01 -6.77 71.24
CA THR W 105 38.57 -6.86 71.34
C THR W 105 38.18 -8.33 71.28
N PRO W 106 36.89 -8.66 71.50
CA PRO W 106 36.47 -10.05 71.28
C PRO W 106 36.69 -10.53 69.85
N LEU W 107 36.63 -9.63 68.87
CA LEU W 107 36.87 -10.04 67.49
C LEU W 107 38.32 -10.48 67.28
N HIS W 108 39.27 -9.79 67.93
CA HIS W 108 40.67 -10.19 67.85
C HIS W 108 40.88 -11.61 68.37
N LEU W 109 40.41 -11.87 69.58
CA LEU W 109 40.58 -13.20 70.18
C LEU W 109 39.83 -14.26 69.40
N ALA W 110 38.66 -13.92 68.85
CA ALA W 110 37.92 -14.87 68.05
C ALA W 110 38.67 -15.21 66.77
N ALA W 111 39.33 -14.23 66.17
CA ALA W 111 40.09 -14.48 64.95
C ALA W 111 41.37 -15.26 65.25
N TYR W 112 41.96 -15.05 66.44
CA TYR W 112 43.16 -15.80 66.80
C TYR W 112 42.87 -17.29 66.92
N TRP W 113 41.82 -17.65 67.65
CA TRP W 113 41.57 -19.04 67.97
C TRP W 113 40.74 -19.76 66.92
N GLY W 114 40.28 -19.06 65.90
CA GLY W 114 39.64 -19.73 64.79
C GLY W 114 38.23 -20.19 65.08
N HIS W 115 37.40 -19.30 65.58
CA HIS W 115 36.00 -19.59 65.87
C HIS W 115 35.15 -18.80 64.89
N LEU W 116 34.58 -19.49 63.91
CA LEU W 116 33.96 -18.81 62.77
C LEU W 116 32.63 -18.18 63.15
N GLU W 117 31.77 -18.93 63.83
CA GLU W 117 30.41 -18.46 64.12
C GLU W 117 30.42 -17.24 65.02
N ILE W 118 31.32 -17.17 65.99
CA ILE W 118 31.31 -16.01 66.86
C ILE W 118 31.90 -14.80 66.14
N VAL W 119 32.83 -15.02 65.21
CA VAL W 119 33.29 -13.94 64.34
C VAL W 119 32.13 -13.38 63.54
N GLU W 120 31.31 -14.28 62.98
CA GLU W 120 30.16 -13.85 62.19
C GLU W 120 29.17 -13.06 63.03
N VAL W 121 28.83 -13.54 64.23
CA VAL W 121 27.82 -12.82 65.00
C VAL W 121 28.37 -11.56 65.64
N LEU W 122 29.69 -11.47 65.86
CA LEU W 122 30.26 -10.19 66.30
C LEU W 122 30.19 -9.17 65.19
N LEU W 123 30.53 -9.58 63.96
CA LEU W 123 30.39 -8.67 62.82
C LEU W 123 28.92 -8.30 62.58
N LYS W 124 28.01 -9.21 62.90
CA LYS W 124 26.59 -8.95 62.74
C LYS W 124 26.08 -7.95 63.76
N ASN W 125 26.79 -7.77 64.87
CA ASN W 125 26.36 -6.85 65.93
C ASN W 125 27.18 -5.58 65.95
N GLY W 126 27.89 -5.28 64.87
CA GLY W 126 28.59 -4.02 64.76
C GLY W 126 29.99 -4.01 65.34
N ALA W 127 30.73 -5.10 65.19
CA ALA W 127 32.13 -5.12 65.57
C ALA W 127 32.96 -4.41 64.50
N ASP W 128 33.91 -3.60 64.94
CA ASP W 128 34.74 -2.84 64.01
C ASP W 128 35.75 -3.78 63.36
N VAL W 129 35.70 -3.88 62.05
CA VAL W 129 36.48 -4.89 61.35
C VAL W 129 37.94 -4.49 61.19
N ASN W 130 38.26 -3.20 61.32
CA ASN W 130 39.62 -2.70 61.18
C ASN W 130 40.17 -2.21 62.50
N ALA W 131 39.85 -2.91 63.59
CA ALA W 131 40.33 -2.52 64.91
C ALA W 131 41.81 -2.87 65.07
N ARG W 132 42.58 -1.89 65.52
CA ARG W 132 44.01 -2.07 65.74
C ARG W 132 44.29 -2.38 67.21
N ASP W 133 45.28 -3.23 67.44
CA ASP W 133 45.72 -3.51 68.80
C ASP W 133 46.89 -2.59 69.16
N SER W 134 47.60 -2.94 70.23
CA SER W 134 48.81 -2.21 70.58
C SER W 134 49.87 -2.31 69.48
N ASP W 135 49.90 -3.41 68.74
CA ASP W 135 50.85 -3.59 67.65
C ASP W 135 50.33 -3.04 66.33
N GLY W 136 49.09 -2.55 66.30
CA GLY W 136 48.49 -2.15 65.04
C GLY W 136 48.00 -3.30 64.20
N MET W 137 47.92 -4.50 64.76
CA MET W 137 47.50 -5.68 64.01
C MET W 137 45.99 -5.81 64.07
N THR W 138 45.36 -5.75 62.90
CA THR W 138 43.93 -5.96 62.77
C THR W 138 43.61 -7.43 62.92
N PRO W 139 42.33 -7.80 63.10
CA PRO W 139 41.99 -9.23 63.11
C PRO W 139 42.36 -9.95 61.82
N LEU W 140 42.36 -9.26 60.69
CA LEU W 140 42.78 -9.88 59.44
C LEU W 140 44.25 -10.28 59.49
N HIS W 141 45.09 -9.46 60.13
CA HIS W 141 46.48 -9.85 60.36
C HIS W 141 46.56 -11.18 61.08
N LEU W 142 45.75 -11.36 62.12
CA LEU W 142 45.80 -12.59 62.91
C LEU W 142 45.32 -13.78 62.09
N ALA W 143 44.18 -13.63 61.41
CA ALA W 143 43.64 -14.74 60.63
C ALA W 143 44.52 -15.10 59.45
N ALA W 144 45.28 -14.15 58.91
CA ALA W 144 46.23 -14.48 57.86
C ALA W 144 47.49 -15.09 58.42
N LYS W 145 47.89 -14.69 59.62
CA LYS W 145 49.09 -15.23 60.24
C LYS W 145 48.87 -16.68 60.69
N TRP W 146 47.64 -17.06 61.02
CA TRP W 146 47.40 -18.40 61.53
C TRP W 146 46.79 -19.34 60.52
N GLY W 147 46.29 -18.85 59.39
CA GLY W 147 45.86 -19.73 58.32
C GLY W 147 44.41 -20.14 58.34
N HIS W 148 43.51 -19.27 58.78
CA HIS W 148 42.08 -19.55 58.80
C HIS W 148 41.43 -18.92 57.56
N LEU W 149 41.05 -19.75 56.60
CA LEU W 149 40.51 -19.22 55.34
C LEU W 149 39.15 -18.56 55.53
N GLU W 150 38.22 -19.28 56.14
CA GLU W 150 36.84 -18.80 56.20
C GLU W 150 36.71 -17.52 57.01
N ILE W 151 37.53 -17.39 58.05
CA ILE W 151 37.57 -16.13 58.80
C ILE W 151 38.07 -15.01 57.92
N VAL W 152 39.12 -15.26 57.14
CA VAL W 152 39.64 -14.25 56.21
C VAL W 152 38.56 -13.83 55.23
N GLU W 153 37.79 -14.77 54.72
CA GLU W 153 36.79 -14.43 53.72
C GLU W 153 35.62 -13.64 54.32
N VAL W 154 35.15 -14.06 55.50
CA VAL W 154 34.09 -13.30 56.16
C VAL W 154 34.57 -11.91 56.55
N LEU W 155 35.84 -11.77 56.92
CA LEU W 155 36.37 -10.46 57.24
C LEU W 155 36.48 -9.59 56.00
N LEU W 156 36.86 -10.18 54.86
CA LEU W 156 36.93 -9.43 53.62
C LEU W 156 35.56 -9.01 53.15
N ARG W 157 34.53 -9.80 53.44
CA ARG W 157 33.18 -9.42 53.06
C ARG W 157 32.71 -8.16 53.77
N TYR W 158 33.19 -7.91 54.98
CA TYR W 158 32.72 -6.79 55.78
C TYR W 158 33.61 -5.57 55.66
N GLY W 159 34.59 -5.59 54.78
CA GLY W 159 35.39 -4.43 54.49
C GLY W 159 36.71 -4.33 55.21
N ALA W 160 37.37 -5.45 55.47
CA ALA W 160 38.68 -5.41 56.12
C ALA W 160 39.72 -4.82 55.17
N ASP W 161 40.61 -4.00 55.71
CA ASP W 161 41.60 -3.31 54.89
C ASP W 161 42.73 -4.26 54.53
N VAL W 162 42.96 -4.42 53.22
CA VAL W 162 44.00 -5.30 52.74
C VAL W 162 45.38 -4.69 52.97
N GLU W 163 45.46 -3.36 53.04
CA GLU W 163 46.74 -2.66 53.04
C GLU W 163 47.14 -2.15 54.42
N ALA W 164 46.51 -2.65 55.47
CA ALA W 164 46.86 -2.24 56.83
C ALA W 164 48.23 -2.78 57.21
N GLN W 165 49.10 -1.91 57.72
CA GLN W 165 50.43 -2.29 58.16
C GLN W 165 50.52 -2.21 59.68
N ASP W 166 51.29 -3.11 60.27
CA ASP W 166 51.50 -3.12 61.71
C ASP W 166 52.76 -2.30 62.02
N LYS W 167 53.28 -2.43 63.24
CA LYS W 167 54.46 -1.65 63.65
C LYS W 167 55.70 -2.00 62.83
N PHE W 168 55.77 -3.20 62.28
CA PHE W 168 56.90 -3.60 61.45
C PHE W 168 56.71 -3.25 59.98
N GLY W 169 55.56 -2.70 59.62
CA GLY W 169 55.28 -2.46 58.22
C GLY W 169 54.86 -3.70 57.47
N LYS W 170 54.18 -4.62 58.13
CA LYS W 170 53.74 -5.87 57.51
C LYS W 170 52.25 -5.79 57.20
N THR W 171 51.89 -6.12 55.97
CA THR W 171 50.51 -6.33 55.60
C THR W 171 50.12 -7.77 55.88
N PRO W 172 48.82 -8.08 55.90
CA PRO W 172 48.42 -9.49 56.05
C PRO W 172 48.95 -10.40 54.96
N PHE W 173 49.20 -9.87 53.77
CA PHE W 173 49.82 -10.65 52.71
C PHE W 173 51.24 -11.09 53.10
N ASP W 174 51.97 -10.19 53.77
CA ASP W 174 53.31 -10.53 54.23
C ASP W 174 53.27 -11.59 55.33
N LEU W 175 52.33 -11.47 56.27
CA LEU W 175 52.23 -12.47 57.32
C LEU W 175 51.75 -13.81 56.77
N ALA W 176 51.02 -13.80 55.67
CA ALA W 176 50.58 -15.05 55.08
C ALA W 176 51.69 -15.72 54.28
N ILE W 177 52.57 -14.94 53.64
CA ILE W 177 53.67 -15.61 52.95
C ILE W 177 54.75 -16.03 53.92
N ASP W 178 54.92 -15.32 55.04
CA ASP W 178 55.95 -15.70 56.00
C ASP W 178 55.60 -16.97 56.75
N ASN W 179 54.34 -17.36 56.82
CA ASN W 179 53.92 -18.55 57.53
C ASN W 179 53.42 -19.64 56.61
N GLY W 180 53.60 -19.50 55.30
CA GLY W 180 53.31 -20.58 54.38
C GLY W 180 51.85 -20.76 54.03
N ASN W 181 51.00 -19.75 54.26
CA ASN W 181 49.59 -19.84 53.91
C ASN W 181 49.41 -19.28 52.50
N GLU W 182 49.69 -20.12 51.51
CA GLU W 182 49.80 -19.65 50.14
C GLU W 182 48.46 -19.32 49.50
N ASP W 183 47.40 -20.04 49.86
CA ASP W 183 46.10 -19.75 49.30
C ASP W 183 45.53 -18.44 49.82
N ILE W 184 45.77 -18.14 51.10
CA ILE W 184 45.40 -16.83 51.65
C ILE W 184 46.11 -15.73 50.88
N ALA W 185 47.41 -15.89 50.66
CA ALA W 185 48.18 -14.89 49.93
C ALA W 185 47.70 -14.75 48.50
N GLU W 186 47.26 -15.84 47.88
CA GLU W 186 46.72 -15.77 46.53
C GLU W 186 45.45 -14.92 46.50
N VAL W 187 44.54 -15.17 47.43
CA VAL W 187 43.29 -14.40 47.51
C VAL W 187 43.60 -12.93 47.73
N LEU W 188 44.50 -12.63 48.66
CA LEU W 188 44.83 -11.27 49.01
C LEU W 188 45.52 -10.54 47.88
N GLN W 189 46.29 -11.26 47.06
CA GLN W 189 47.00 -10.62 45.97
C GLN W 189 46.07 -10.33 44.80
N ALA W 190 45.21 -11.29 44.46
CA ALA W 190 44.29 -11.10 43.35
C ALA W 190 43.30 -9.98 43.62
N LEU W 191 42.83 -9.87 44.87
CA LEU W 191 41.86 -8.83 45.20
C LEU W 191 42.45 -7.44 45.01
N LEU W 192 43.66 -7.24 45.52
CA LEU W 192 44.34 -5.96 45.40
C LEU W 192 44.61 -5.63 43.94
N ALA W 193 44.97 -6.63 43.14
CA ALA W 193 45.29 -6.36 41.74
C ALA W 193 44.06 -5.94 40.94
N ILE W 194 42.92 -6.57 41.20
CA ILE W 194 41.71 -6.17 40.48
C ILE W 194 41.24 -4.79 40.92
N ASN W 195 41.39 -4.45 42.21
CA ASN W 195 40.98 -3.12 42.63
C ASN W 195 41.88 -2.04 42.04
N ARG W 196 43.17 -2.32 41.91
CA ARG W 196 44.06 -1.37 41.26
C ARG W 196 43.76 -1.21 39.78
N GLN W 197 43.34 -2.29 39.11
CA GLN W 197 42.96 -2.14 37.71
C GLN W 197 41.69 -1.31 37.56
N ILE W 198 40.74 -1.43 38.50
CA ILE W 198 39.56 -0.57 38.47
C ILE W 198 39.94 0.89 38.60
N ASN W 199 40.81 1.19 39.56
CA ASN W 199 41.24 2.58 39.72
C ASN W 199 42.01 3.08 38.51
N LEU W 200 42.78 2.22 37.86
CA LEU W 200 43.54 2.64 36.70
C LEU W 200 42.65 2.90 35.50
N GLU W 201 41.57 2.14 35.33
CA GLU W 201 40.63 2.47 34.28
C GLU W 201 39.86 3.74 34.57
N LEU W 202 39.54 4.02 35.84
CA LEU W 202 38.89 5.28 36.15
C LEU W 202 39.82 6.47 35.96
N TYR W 203 41.12 6.28 36.15
CA TYR W 203 42.08 7.35 35.94
C TYR W 203 42.16 7.74 34.47
N ALA W 204 42.19 6.76 33.58
CA ALA W 204 42.38 7.03 32.16
C ALA W 204 41.20 7.75 31.55
N SER W 205 40.02 7.59 32.12
CA SER W 205 38.83 8.27 31.61
C SER W 205 38.90 9.77 31.86
N TYR W 206 39.51 10.15 32.97
CA TYR W 206 39.63 11.53 33.41
C TYR W 206 40.72 12.26 32.63
N VAL W 207 41.77 11.56 32.23
CA VAL W 207 42.77 12.11 31.35
C VAL W 207 42.17 12.44 30.00
N TYR W 208 41.34 11.55 29.48
CA TYR W 208 40.68 11.81 28.21
C TYR W 208 39.67 12.94 28.31
N LEU W 209 39.02 13.08 29.45
CA LEU W 209 38.15 14.24 29.66
C LEU W 209 38.93 15.55 29.60
N SER W 210 40.08 15.58 30.28
CA SER W 210 40.95 16.74 30.23
C SER W 210 41.36 17.06 28.79
N MET W 211 41.85 16.05 28.07
CA MET W 211 42.26 16.21 26.70
C MET W 211 41.14 16.74 25.82
N SER W 212 39.94 16.20 25.97
CA SER W 212 38.82 16.61 25.15
C SER W 212 38.47 18.07 25.36
N TYR W 213 38.40 18.51 26.62
CA TYR W 213 38.04 19.90 26.84
C TYR W 213 39.20 20.86 26.64
N TYR W 214 40.42 20.36 26.41
CA TYR W 214 41.47 21.24 25.94
C TYR W 214 41.26 21.67 24.50
N PHE W 215 40.69 20.78 23.68
CA PHE W 215 40.64 20.98 22.25
C PHE W 215 39.45 21.78 21.78
N ASP W 216 38.62 22.29 22.68
CA ASP W 216 37.59 23.22 22.27
C ASP W 216 37.71 24.56 22.97
N ARG W 217 38.87 24.87 23.54
CA ARG W 217 39.17 26.24 23.91
C ARG W 217 39.18 27.11 22.66
N ASP W 218 38.90 28.40 22.83
CA ASP W 218 38.77 29.26 21.66
C ASP W 218 40.11 29.54 20.98
N ASP W 219 41.23 29.25 21.61
CA ASP W 219 42.53 29.30 20.95
C ASP W 219 43.03 27.94 20.50
N VAL W 220 42.27 26.87 20.74
CA VAL W 220 42.53 25.56 20.16
C VAL W 220 41.20 25.12 19.56
N ALA W 221 40.95 25.49 18.32
CA ALA W 221 39.61 25.31 17.75
C ALA W 221 39.54 24.07 16.87
N LEU W 222 39.71 22.90 17.49
CA LEU W 222 39.68 21.63 16.77
C LEU W 222 38.57 20.76 17.33
N LYS W 223 37.42 20.73 16.65
CA LYS W 223 36.21 20.11 17.17
C LYS W 223 36.25 18.59 17.12
N ASN W 224 36.93 18.03 16.13
CA ASN W 224 36.91 16.59 15.94
C ASN W 224 37.91 15.90 16.85
N PHE W 225 39.00 16.58 17.19
CA PHE W 225 39.87 16.12 18.27
C PHE W 225 39.11 16.01 19.58
N ALA W 226 38.34 17.04 19.92
CA ALA W 226 37.58 17.05 21.15
C ALA W 226 36.52 15.95 21.17
N LYS W 227 35.87 15.73 20.03
CA LYS W 227 34.87 14.69 19.92
C LYS W 227 35.49 13.30 20.09
N TYR W 228 36.65 13.08 19.47
CA TYR W 228 37.38 11.83 19.58
C TYR W 228 37.74 11.52 21.04
N PHE W 229 38.27 12.50 21.75
CA PHE W 229 38.70 12.22 23.11
C PHE W 229 37.54 12.09 24.09
N LEU W 230 36.40 12.72 23.81
CA LEU W 230 35.22 12.44 24.63
C LEU W 230 34.74 11.01 24.44
N HIS W 231 34.79 10.52 23.20
CA HIS W 231 34.45 9.12 22.95
C HIS W 231 35.35 8.17 23.74
N GLN W 232 36.65 8.43 23.76
CA GLN W 232 37.56 7.58 24.51
C GLN W 232 37.27 7.62 26.01
N SER W 233 36.94 8.80 26.53
CA SER W 233 36.59 8.94 27.94
C SER W 233 35.43 8.01 28.32
N HIS W 234 34.38 8.01 27.51
CA HIS W 234 33.23 7.18 27.85
C HIS W 234 33.53 5.68 27.68
N GLU W 235 34.38 5.32 26.72
CA GLU W 235 34.76 3.92 26.60
C GLU W 235 35.52 3.42 27.82
N GLU W 236 36.42 4.25 28.37
CA GLU W 236 37.14 3.82 29.56
C GLU W 236 36.24 3.72 30.78
N ARG W 237 35.24 4.59 30.88
CA ARG W 237 34.25 4.44 31.94
C ARG W 237 33.52 3.10 31.84
N GLU W 238 33.22 2.67 30.61
CA GLU W 238 32.61 1.35 30.42
C GLU W 238 33.54 0.21 30.81
N HIS W 239 34.84 0.33 30.51
CA HIS W 239 35.79 -0.71 30.90
C HIS W 239 35.82 -0.89 32.42
N ALA W 240 35.85 0.23 33.15
CA ALA W 240 35.86 0.15 34.61
C ALA W 240 34.59 -0.48 35.15
N GLU W 241 33.44 -0.13 34.56
CA GLU W 241 32.20 -0.71 35.03
C GLU W 241 32.12 -2.22 34.75
N LYS W 242 32.69 -2.68 33.65
CA LYS W 242 32.76 -4.11 33.40
C LYS W 242 33.59 -4.83 34.46
N LEU W 243 34.72 -4.24 34.85
CA LEU W 243 35.51 -4.89 35.89
C LEU W 243 34.77 -4.92 37.22
N MET W 244 34.00 -3.87 37.51
CA MET W 244 33.20 -3.86 38.74
C MET W 244 32.12 -4.93 38.72
N LYS W 245 31.47 -5.13 37.58
CA LYS W 245 30.46 -6.18 37.48
C LYS W 245 31.08 -7.56 37.65
N LEU W 246 32.25 -7.80 37.04
CA LEU W 246 32.95 -9.07 37.22
C LEU W 246 33.28 -9.31 38.67
N GLN W 247 33.80 -8.30 39.37
CA GLN W 247 34.13 -8.47 40.77
C GLN W 247 32.89 -8.77 41.61
N ASN W 248 31.73 -8.23 41.24
CA ASN W 248 30.53 -8.58 41.98
C ASN W 248 30.04 -9.98 41.69
N GLN W 249 30.26 -10.51 40.49
CA GLN W 249 29.84 -11.88 40.20
C GLN W 249 30.65 -12.93 40.96
N ARG W 250 31.91 -12.64 41.26
CA ARG W 250 32.76 -13.60 41.93
C ARG W 250 32.59 -13.59 43.43
N GLY W 251 31.89 -12.61 43.98
CA GLY W 251 31.78 -12.49 45.42
C GLY W 251 32.91 -11.76 46.08
N GLY W 252 33.71 -11.01 45.32
CA GLY W 252 34.78 -10.21 45.88
C GLY W 252 34.29 -8.85 46.33
N ALA W 253 35.21 -8.10 46.91
CA ALA W 253 34.89 -6.83 47.58
C ALA W 253 35.49 -5.68 46.79
N ILE W 254 34.63 -4.89 46.14
CA ILE W 254 35.07 -3.66 45.51
C ILE W 254 35.49 -2.67 46.58
N SER W 255 36.60 -1.98 46.33
CA SER W 255 37.14 -0.99 47.26
C SER W 255 37.70 0.16 46.45
N LEU W 256 37.06 1.32 46.53
CA LEU W 256 37.40 2.46 45.68
C LEU W 256 38.36 3.41 46.37
N GLN W 257 39.20 4.04 45.58
CA GLN W 257 40.20 5.00 46.04
C GLN W 257 40.01 6.33 45.34
N ASP W 258 40.86 7.30 45.68
CA ASP W 258 40.85 8.58 44.99
C ASP W 258 41.26 8.42 43.55
N ILE W 259 40.71 9.27 42.68
CA ILE W 259 41.14 9.39 41.31
C ILE W 259 41.96 10.66 41.20
N LYS W 260 43.22 10.54 40.84
CA LYS W 260 44.12 11.67 40.83
C LYS W 260 43.99 12.46 39.53
N LYS W 261 44.37 13.73 39.61
CA LYS W 261 44.23 14.65 38.47
C LYS W 261 45.23 14.30 37.38
N PRO W 262 44.91 14.55 36.11
CA PRO W 262 45.86 14.33 35.02
C PRO W 262 47.13 15.16 35.18
N ASP W 263 48.14 14.79 34.40
CA ASP W 263 49.46 15.41 34.54
C ASP W 263 49.50 16.82 33.99
N CYS W 264 48.73 17.09 32.95
CA CYS W 264 48.66 18.42 32.37
C CYS W 264 47.23 18.93 32.40
N ASP W 265 47.10 20.25 32.51
CA ASP W 265 45.91 20.94 32.04
C ASP W 265 46.09 21.42 30.62
N ASP W 266 47.32 21.72 30.20
CA ASP W 266 47.60 22.25 28.88
C ASP W 266 48.42 21.24 28.11
N TRP W 267 47.76 20.54 27.21
CA TRP W 267 48.43 19.83 26.15
C TRP W 267 48.92 20.87 25.13
N GLU W 268 49.69 20.44 24.14
CA GLU W 268 50.35 21.44 23.33
C GLU W 268 49.94 21.45 21.87
N SER W 269 49.47 20.33 21.34
CA SER W 269 49.11 20.19 19.94
C SER W 269 48.32 18.90 19.83
N GLY W 270 47.86 18.61 18.61
CA GLY W 270 47.24 17.32 18.38
C GLY W 270 48.23 16.18 18.42
N LEU W 271 49.44 16.42 17.92
CA LEU W 271 50.49 15.40 17.93
C LEU W 271 50.88 15.03 19.35
N ASN W 272 51.10 16.03 20.20
CA ASN W 272 51.55 15.76 21.56
C ASN W 272 50.49 15.00 22.36
N ALA W 273 49.22 15.36 22.17
CA ALA W 273 48.16 14.66 22.88
C ALA W 273 48.00 13.24 22.36
N MET W 274 48.15 13.01 21.06
CA MET W 274 48.10 11.65 20.55
C MET W 274 49.24 10.81 21.08
N GLU W 275 50.43 11.40 21.25
CA GLU W 275 51.55 10.64 21.80
C GLU W 275 51.36 10.33 23.27
N CYS W 276 50.77 11.26 24.02
CA CYS W 276 50.47 10.98 25.42
C CYS W 276 49.41 9.90 25.55
N ALA W 277 48.41 9.91 24.68
CA ALA W 277 47.40 8.86 24.70
C ALA W 277 47.97 7.50 24.36
N LEU W 278 48.94 7.45 23.44
CA LEU W 278 49.59 6.19 23.14
C LEU W 278 50.38 5.66 24.34
N HIS W 279 51.14 6.54 24.99
CA HIS W 279 51.86 6.15 26.20
C HIS W 279 50.92 5.62 27.28
N LEU W 280 49.77 6.27 27.44
CA LEU W 280 48.79 5.84 28.43
C LEU W 280 48.26 4.44 28.14
N GLU W 281 47.84 4.19 26.89
CA GLU W 281 47.27 2.90 26.59
C GLU W 281 48.30 1.78 26.67
N LYS W 282 49.57 2.09 26.41
CA LYS W 282 50.60 1.08 26.60
C LYS W 282 50.78 0.73 28.07
N ASN W 283 50.70 1.73 28.96
CA ASN W 283 50.75 1.44 30.39
C ASN W 283 49.60 0.56 30.84
N VAL W 284 48.40 0.85 30.36
CA VAL W 284 47.23 0.06 30.74
C VAL W 284 47.38 -1.39 30.26
N ASN W 285 47.88 -1.57 29.04
CA ASN W 285 48.10 -2.92 28.50
C ASN W 285 49.12 -3.69 29.33
N GLN W 286 50.17 -3.01 29.79
CA GLN W 286 51.18 -3.70 30.59
C GLN W 286 50.61 -4.17 31.92
N SER W 287 49.78 -3.35 32.56
CA SER W 287 49.19 -3.80 33.81
C SER W 287 48.18 -4.93 33.59
N LEU W 288 47.50 -4.93 32.45
CA LEU W 288 46.61 -6.06 32.15
C LEU W 288 47.38 -7.35 31.95
N LEU W 289 48.56 -7.29 31.34
CA LEU W 289 49.36 -8.49 31.17
C LEU W 289 49.85 -9.02 32.50
N GLU W 290 50.21 -8.13 33.42
CA GLU W 290 50.60 -8.59 34.75
C GLU W 290 49.43 -9.25 35.48
N LEU W 291 48.23 -8.68 35.33
CA LEU W 291 47.05 -9.28 35.93
C LEU W 291 46.77 -10.67 35.36
N HIS W 292 46.98 -10.86 34.06
CA HIS W 292 46.77 -12.17 33.45
C HIS W 292 47.79 -13.19 33.96
N LYS W 293 49.03 -12.77 34.13
CA LYS W 293 50.03 -13.71 34.64
C LYS W 293 49.74 -14.10 36.08
N LEU W 294 49.28 -13.14 36.88
CA LEU W 294 48.88 -13.44 38.25
C LEU W 294 47.70 -14.41 38.28
N ALA W 295 46.72 -14.20 37.40
CA ALA W 295 45.58 -15.10 37.32
C ALA W 295 45.99 -16.50 36.87
N THR W 296 47.02 -16.61 36.05
CA THR W 296 47.46 -17.93 35.62
C THR W 296 48.21 -18.66 36.73
N ASP W 297 48.93 -17.92 37.57
CA ASP W 297 49.55 -18.56 38.73
C ASP W 297 48.53 -19.07 39.73
N CYS W 298 47.39 -18.39 39.85
CA CYS W 298 46.38 -18.74 40.84
C CYS W 298 45.40 -19.80 40.37
N ASN W 299 45.59 -20.33 39.16
CA ASN W 299 44.70 -21.35 38.58
C ASN W 299 43.26 -20.86 38.51
N ASP W 300 43.05 -19.79 37.76
CA ASP W 300 41.74 -19.16 37.59
C ASP W 300 41.45 -19.01 36.11
N PRO W 301 40.98 -20.07 35.46
CA PRO W 301 40.74 -19.98 34.00
C PRO W 301 39.66 -19.00 33.62
N HIS W 302 38.67 -18.77 34.48
CA HIS W 302 37.59 -17.86 34.14
C HIS W 302 38.08 -16.42 34.07
N LEU W 303 38.95 -16.03 34.99
CA LEU W 303 39.54 -14.70 34.95
C LEU W 303 40.44 -14.52 33.73
N CYS W 304 41.21 -15.55 33.39
CA CYS W 304 42.08 -15.48 32.23
C CYS W 304 41.27 -15.29 30.96
N ASP W 305 40.20 -16.07 30.81
CA ASP W 305 39.38 -15.94 29.61
C ASP W 305 38.63 -14.61 29.58
N PHE W 306 38.20 -14.10 30.74
CA PHE W 306 37.58 -12.78 30.79
C PHE W 306 38.54 -11.71 30.30
N ILE W 307 39.77 -11.73 30.80
CA ILE W 307 40.76 -10.72 30.42
C ILE W 307 41.06 -10.80 28.93
N GLU W 308 41.37 -11.99 28.44
CA GLU W 308 41.75 -12.07 27.03
C GLU W 308 40.56 -11.96 26.07
N THR W 309 39.32 -12.06 26.54
CA THR W 309 38.18 -11.85 25.66
C THR W 309 37.72 -10.40 25.61
N HIS W 310 37.73 -9.69 26.74
CA HIS W 310 37.21 -8.33 26.74
C HIS W 310 38.26 -7.24 26.81
N TYR W 311 39.53 -7.55 27.01
CA TYR W 311 40.48 -6.48 27.25
C TYR W 311 41.72 -6.53 26.37
N LEU W 312 42.21 -7.72 26.05
CA LEU W 312 43.52 -7.81 25.42
C LEU W 312 43.50 -7.49 23.93
N ASN W 313 42.37 -7.67 23.25
CA ASN W 313 42.31 -7.36 21.84
C ASN W 313 41.94 -5.90 21.60
N GLU W 314 41.18 -5.31 22.51
CA GLU W 314 40.87 -3.88 22.42
C GLU W 314 42.10 -3.04 22.63
N GLN W 315 42.99 -3.44 23.52
CA GLN W 315 44.24 -2.72 23.72
C GLN W 315 45.11 -2.74 22.48
N VAL W 316 45.17 -3.89 21.81
CA VAL W 316 45.96 -4.01 20.59
C VAL W 316 45.39 -3.13 19.49
N LYS W 317 44.07 -3.13 19.35
CA LYS W 317 43.44 -2.26 18.36
C LYS W 317 43.70 -0.79 18.65
N ALA W 318 43.60 -0.39 19.92
CA ALA W 318 43.78 1.01 20.27
C ALA W 318 45.22 1.46 20.04
N ILE W 319 46.18 0.60 20.34
CA ILE W 319 47.58 0.96 20.16
C ILE W 319 47.92 1.05 18.68
N LYS W 320 47.34 0.16 17.86
CA LYS W 320 47.56 0.26 16.42
C LYS W 320 46.98 1.55 15.85
N GLU W 321 45.77 1.92 16.27
CA GLU W 321 45.14 3.13 15.76
C GLU W 321 45.88 4.39 16.19
N LEU W 322 46.33 4.43 17.44
CA LEU W 322 47.03 5.64 17.91
C LEU W 322 48.40 5.77 17.27
N GLY W 323 49.10 4.67 17.01
CA GLY W 323 50.33 4.77 16.27
C GLY W 323 50.14 5.19 14.82
N ASP W 324 49.04 4.74 14.19
CA ASP W 324 48.65 5.27 12.89
C ASP W 324 48.50 6.78 12.91
N HIS W 325 47.73 7.29 13.87
CA HIS W 325 47.51 8.74 13.95
C HIS W 325 48.83 9.50 14.14
N VAL W 326 49.72 8.96 14.98
CA VAL W 326 50.97 9.67 15.23
C VAL W 326 51.83 9.72 13.97
N THR W 327 51.96 8.61 13.24
CA THR W 327 52.83 8.66 12.07
C THR W 327 52.24 9.51 10.96
N ASN W 328 50.91 9.51 10.78
CA ASN W 328 50.34 10.36 9.75
C ASN W 328 50.51 11.83 10.10
N LEU W 329 50.29 12.20 11.37
CA LEU W 329 50.49 13.58 11.76
C LEU W 329 51.94 14.02 11.62
N ARG W 330 52.89 13.14 11.92
CA ARG W 330 54.29 13.50 11.74
C ARG W 330 54.66 13.65 10.27
N LYS W 331 54.10 12.81 9.40
CA LYS W 331 54.43 12.92 7.97
C LYS W 331 53.83 14.17 7.36
N MET W 332 52.61 14.56 7.76
CA MET W 332 52.01 15.76 7.21
C MET W 332 52.76 17.03 7.59
N GLY W 333 53.56 17.00 8.65
CA GLY W 333 54.38 18.12 9.03
C GLY W 333 53.99 18.81 10.32
N ALA W 334 53.16 18.21 11.13
CA ALA W 334 52.76 18.76 12.41
C ALA W 334 53.86 18.55 13.44
N PRO W 335 53.93 19.38 14.50
CA PRO W 335 53.05 20.47 14.95
C PRO W 335 53.34 21.83 14.32
N GLU W 336 54.51 21.99 13.72
CA GLU W 336 54.92 23.28 13.19
C GLU W 336 54.25 23.61 11.87
N SER W 337 53.28 22.83 11.43
CA SER W 337 52.40 23.19 10.33
C SER W 337 50.98 23.21 10.85
N GLY W 338 50.38 24.40 10.92
CA GLY W 338 49.00 24.49 11.34
C GLY W 338 48.03 24.00 10.29
N LEU W 339 48.47 23.92 9.04
CA LEU W 339 47.64 23.36 7.98
C LEU W 339 47.50 21.86 8.13
N ALA W 340 48.48 21.19 8.75
CA ALA W 340 48.44 19.75 8.88
C ALA W 340 47.37 19.30 9.87
N GLU W 341 47.30 19.96 11.02
CA GLU W 341 46.33 19.54 12.04
C GLU W 341 44.90 19.88 11.64
N TYR W 342 44.69 20.99 10.94
CA TYR W 342 43.38 21.32 10.41
C TYR W 342 42.88 20.26 9.45
N LEU W 343 43.74 19.82 8.54
CA LEU W 343 43.31 18.86 7.52
C LEU W 343 43.20 17.45 8.09
N PHE W 344 44.04 17.11 9.06
CA PHE W 344 43.86 15.84 9.78
C PHE W 344 42.53 15.83 10.52
N ASP W 345 42.19 16.94 11.17
CA ASP W 345 40.90 17.11 11.81
C ASP W 345 39.75 16.87 10.83
N LYS W 346 39.85 17.42 9.63
CA LYS W 346 38.77 17.25 8.67
C LYS W 346 38.70 15.83 8.13
N HIS W 347 39.82 15.29 7.65
CA HIS W 347 39.73 14.10 6.82
C HIS W 347 39.79 12.79 7.60
N THR W 348 40.57 12.73 8.68
CA THR W 348 40.66 11.48 9.42
C THR W 348 39.64 11.40 10.55
N LEU W 349 39.54 12.46 11.35
CA LEU W 349 38.63 12.46 12.47
C LEU W 349 37.24 12.91 12.10
N GLY W 350 37.05 13.45 10.90
CA GLY W 350 35.74 13.92 10.47
C GLY W 350 34.78 12.80 10.17
N LYS X 22 87.76 -21.53 120.07
CA LYS X 22 86.73 -22.18 120.87
C LYS X 22 86.13 -23.38 120.13
N ILE X 23 86.47 -23.51 118.86
CA ILE X 23 86.13 -24.71 118.11
C ILE X 23 87.04 -25.84 118.57
N GLU X 24 86.45 -26.95 119.00
CA GLU X 24 87.21 -28.02 119.64
C GLU X 24 88.01 -28.83 118.61
N GLU X 25 89.14 -29.36 119.07
CA GLU X 25 90.08 -30.12 118.25
C GLU X 25 89.89 -31.62 118.45
N GLY X 26 90.30 -32.39 117.45
CA GLY X 26 90.13 -33.83 117.50
C GLY X 26 88.70 -34.31 117.44
N LYS X 27 87.78 -33.42 117.05
CA LYS X 27 86.35 -33.67 117.15
C LYS X 27 85.65 -32.83 116.10
N LEU X 28 84.63 -33.41 115.47
CA LEU X 28 83.92 -32.75 114.38
C LEU X 28 82.44 -32.66 114.72
N VAL X 29 81.89 -31.45 114.65
CA VAL X 29 80.45 -31.21 114.78
C VAL X 29 79.97 -30.51 113.51
N ILE X 30 78.85 -30.97 112.99
CA ILE X 30 78.31 -30.49 111.71
C ILE X 30 76.88 -30.04 111.95
N TRP X 31 76.47 -28.97 111.27
CA TRP X 31 75.09 -28.52 111.24
C TRP X 31 74.54 -28.63 109.82
N ILE X 32 73.36 -29.23 109.71
CA ILE X 32 72.74 -29.51 108.42
C ILE X 32 71.23 -29.42 108.58
N ASN X 33 70.57 -28.80 107.60
CA ASN X 33 69.12 -28.58 107.70
C ASN X 33 68.38 -29.91 107.60
N GLY X 34 67.28 -30.01 108.35
CA GLY X 34 66.52 -31.22 108.49
C GLY X 34 65.68 -31.66 107.31
N ASP X 35 65.71 -30.93 106.20
CA ASP X 35 65.02 -31.35 104.99
C ASP X 35 65.89 -32.24 104.11
N LYS X 36 67.03 -32.67 104.63
CA LYS X 36 68.01 -33.45 103.88
C LYS X 36 68.20 -34.79 104.57
N GLY X 37 69.13 -35.58 104.04
CA GLY X 37 69.52 -36.81 104.70
C GLY X 37 70.56 -36.56 105.77
N TYR X 38 70.17 -35.87 106.84
CA TYR X 38 71.08 -35.64 107.96
C TYR X 38 71.41 -36.96 108.66
N ASN X 39 70.48 -37.92 108.62
CA ASN X 39 70.80 -39.26 109.08
C ASN X 39 71.85 -39.91 108.20
N GLY X 40 71.85 -39.59 106.90
CA GLY X 40 72.94 -40.03 106.04
C GLY X 40 74.27 -39.38 106.41
N LEU X 41 74.23 -38.14 106.88
CA LEU X 41 75.43 -37.52 107.40
C LEU X 41 75.91 -38.21 108.67
N ALA X 42 74.97 -38.68 109.50
CA ALA X 42 75.35 -39.52 110.63
C ALA X 42 75.96 -40.85 110.17
N GLU X 43 75.43 -41.41 109.08
CA GLU X 43 75.95 -42.68 108.58
CA GLU X 43 75.95 -42.68 108.58
C GLU X 43 77.38 -42.52 108.06
N VAL X 44 77.65 -41.43 107.32
CA VAL X 44 79.01 -41.25 106.84
C VAL X 44 79.94 -40.90 107.99
N GLY X 45 79.41 -40.21 109.01
CA GLY X 45 80.18 -39.98 110.21
C GLY X 45 80.59 -41.28 110.89
N LYS X 46 79.68 -42.25 110.96
CA LYS X 46 80.06 -43.50 111.61
C LYS X 46 80.94 -44.38 110.73
N LYS X 47 80.86 -44.28 109.39
CA LYS X 47 81.91 -44.90 108.59
C LYS X 47 83.27 -44.31 108.95
N PHE X 48 83.34 -42.98 109.05
CA PHE X 48 84.59 -42.33 109.45
C PHE X 48 85.04 -42.76 110.84
N GLU X 49 84.09 -43.03 111.74
CA GLU X 49 84.44 -43.46 113.09
C GLU X 49 85.00 -44.87 113.11
N LYS X 50 84.34 -45.81 112.42
CA LYS X 50 84.87 -47.17 112.37
C LYS X 50 86.19 -47.25 111.60
N ASP X 51 86.43 -46.32 110.66
CA ASP X 51 87.68 -46.40 109.92
C ASP X 51 88.85 -45.70 110.61
N THR X 52 88.63 -44.50 111.16
CA THR X 52 89.70 -43.70 111.73
C THR X 52 89.59 -43.43 113.22
N GLY X 53 88.45 -43.74 113.84
CA GLY X 53 88.28 -43.52 115.27
C GLY X 53 87.95 -42.09 115.67
N ILE X 54 87.73 -41.19 114.71
CA ILE X 54 87.46 -39.80 115.01
C ILE X 54 85.95 -39.60 115.02
N LYS X 55 85.42 -39.11 116.14
CA LYS X 55 83.98 -39.02 116.32
C LYS X 55 83.42 -37.85 115.51
N VAL X 56 82.27 -38.07 114.88
CA VAL X 56 81.56 -37.06 114.10
C VAL X 56 80.15 -36.96 114.66
N THR X 57 79.77 -35.76 115.10
CA THR X 57 78.41 -35.48 115.56
C THR X 57 77.74 -34.53 114.59
N VAL X 58 76.48 -34.80 114.27
CA VAL X 58 75.68 -33.91 113.44
C VAL X 58 74.47 -33.46 114.22
N GLU X 59 74.05 -32.22 113.97
CA GLU X 59 72.88 -31.66 114.62
C GLU X 59 72.05 -30.91 113.59
N HIS X 60 70.72 -31.03 113.71
CA HIS X 60 69.79 -30.50 112.72
C HIS X 60 68.69 -29.68 113.39
N PRO X 61 69.00 -28.48 113.86
CA PRO X 61 67.97 -27.58 114.37
C PRO X 61 67.46 -26.64 113.29
N ASP X 62 66.40 -25.91 113.64
CA ASP X 62 65.87 -24.91 112.72
C ASP X 62 66.77 -23.69 112.67
N LYS X 63 66.51 -22.84 111.69
CA LYS X 63 67.15 -21.52 111.52
C LYS X 63 68.67 -21.59 111.47
N LEU X 64 69.22 -22.64 110.84
CA LEU X 64 70.67 -22.81 110.81
C LEU X 64 71.38 -21.71 110.03
N GLU X 65 70.70 -21.08 109.07
CA GLU X 65 71.34 -19.99 108.36
C GLU X 65 71.32 -18.71 109.18
N GLU X 66 70.33 -18.59 110.07
CA GLU X 66 70.38 -17.56 111.09
C GLU X 66 71.42 -17.89 112.15
N LYS X 67 71.63 -19.19 112.41
CA LYS X 67 72.41 -19.61 113.58
C LYS X 67 73.92 -19.67 113.30
N PHE X 68 74.33 -20.00 112.07
CA PHE X 68 75.76 -20.12 111.80
C PHE X 68 76.52 -18.79 111.89
N PRO X 69 76.11 -17.71 111.21
CA PRO X 69 76.98 -16.52 111.21
C PRO X 69 77.03 -15.82 112.56
N GLN X 70 75.95 -15.84 113.33
CA GLN X 70 75.93 -15.18 114.63
C GLN X 70 76.84 -15.84 115.65
N VAL X 71 77.23 -17.10 115.43
CA VAL X 71 78.11 -17.79 116.37
C VAL X 71 79.50 -17.85 115.74
N ALA X 72 79.56 -17.89 114.41
CA ALA X 72 80.84 -17.87 113.71
C ALA X 72 81.53 -16.53 113.80
N ALA X 73 80.77 -15.44 113.99
CA ALA X 73 81.39 -14.16 114.28
C ALA X 73 82.00 -14.11 115.67
N THR X 74 81.62 -15.02 116.56
CA THR X 74 82.27 -15.20 117.84
C THR X 74 83.42 -16.19 117.79
N GLY X 75 83.50 -17.02 116.75
CA GLY X 75 84.53 -18.02 116.63
C GLY X 75 84.14 -19.40 117.12
N ASP X 76 82.85 -19.73 117.11
CA ASP X 76 82.40 -21.05 117.54
C ASP X 76 81.30 -21.58 116.63
N GLY X 77 80.59 -22.61 117.10
CA GLY X 77 79.50 -23.18 116.35
C GLY X 77 79.85 -24.53 115.77
N PRO X 78 79.60 -24.70 114.49
CA PRO X 78 79.94 -25.96 113.83
C PRO X 78 81.33 -25.91 113.22
N ASP X 79 81.74 -27.01 112.60
CA ASP X 79 82.90 -26.95 111.71
C ASP X 79 82.47 -26.89 110.25
N ILE X 80 81.48 -27.70 109.88
CA ILE X 80 81.01 -27.82 108.50
C ILE X 80 79.53 -27.45 108.47
N ILE X 81 79.12 -26.78 107.39
CA ILE X 81 77.72 -26.39 107.21
C ILE X 81 77.30 -26.68 105.76
N PHE X 82 76.17 -27.36 105.61
CA PHE X 82 75.62 -27.71 104.30
C PHE X 82 74.49 -26.73 103.97
N TRP X 83 74.73 -25.88 102.97
CA TRP X 83 73.74 -24.86 102.62
C TRP X 83 74.01 -24.38 101.20
N ALA X 84 73.15 -23.48 100.73
CA ALA X 84 73.30 -22.88 99.42
C ALA X 84 74.55 -21.99 99.37
N HIS X 85 75.12 -21.89 98.17
CA HIS X 85 76.39 -21.21 97.98
C HIS X 85 76.26 -19.69 98.01
N ASP X 86 75.06 -19.17 97.74
CA ASP X 86 74.92 -17.72 97.55
C ASP X 86 75.15 -16.95 98.85
N ARG X 87 74.75 -17.49 99.98
CA ARG X 87 75.09 -16.88 101.26
C ARG X 87 76.48 -17.25 101.72
N PHE X 88 77.12 -18.22 101.06
CA PHE X 88 78.49 -18.58 101.42
C PHE X 88 79.47 -17.51 100.97
N GLY X 89 79.33 -17.03 99.74
CA GLY X 89 80.22 -16.00 99.23
C GLY X 89 80.18 -14.74 100.07
N GLY X 90 78.99 -14.34 100.49
CA GLY X 90 78.89 -13.25 101.46
C GLY X 90 79.59 -13.59 102.76
N TYR X 91 79.41 -14.81 103.26
CA TYR X 91 80.18 -15.25 104.41
C TYR X 91 81.63 -15.53 104.07
N ALA X 92 81.96 -15.61 102.78
CA ALA X 92 83.35 -15.59 102.37
C ALA X 92 83.95 -14.20 102.59
N GLN X 93 83.11 -13.16 102.53
CA GLN X 93 83.56 -11.83 102.90
C GLN X 93 83.63 -11.68 104.41
N SER X 94 82.66 -12.25 105.12
CA SER X 94 82.47 -12.00 106.54
C SER X 94 83.47 -12.76 107.43
N GLY X 95 84.43 -13.47 106.85
CA GLY X 95 85.40 -14.19 107.64
C GLY X 95 84.84 -15.36 108.41
N LEU X 96 83.79 -15.99 107.88
CA LEU X 96 83.13 -17.10 108.56
C LEU X 96 83.27 -18.43 107.84
N LEU X 97 83.63 -18.42 106.56
CA LEU X 97 83.94 -19.65 105.83
C LEU X 97 85.44 -19.74 105.57
N ALA X 98 85.98 -20.93 105.73
CA ALA X 98 87.41 -21.17 105.59
C ALA X 98 87.78 -21.37 104.13
N GLU X 99 88.89 -20.79 103.72
CA GLU X 99 89.43 -21.00 102.38
C GLU X 99 89.96 -22.43 102.28
N ILE X 100 89.28 -23.26 101.50
CA ILE X 100 89.67 -24.66 101.39
C ILE X 100 90.87 -24.79 100.47
N THR X 101 91.59 -25.89 100.62
CA THR X 101 92.73 -26.21 99.75
C THR X 101 92.53 -27.61 99.20
N PRO X 102 91.77 -27.75 98.12
CA PRO X 102 91.64 -29.05 97.46
C PRO X 102 92.68 -29.23 96.36
N ASP X 103 92.91 -30.50 96.02
CA ASP X 103 93.87 -30.84 94.98
CA ASP X 103 93.87 -30.84 94.98
C ASP X 103 93.22 -30.72 93.60
N LYS X 104 94.06 -30.76 92.57
CA LYS X 104 93.57 -30.62 91.20
C LYS X 104 92.96 -31.92 90.67
N ALA X 105 93.45 -33.07 91.12
CA ALA X 105 92.81 -34.33 90.75
C ALA X 105 91.43 -34.45 91.36
N PHE X 106 91.26 -33.97 92.59
CA PHE X 106 89.93 -33.95 93.19
C PHE X 106 89.05 -32.88 92.54
N GLN X 107 89.66 -31.82 92.01
CA GLN X 107 88.90 -30.85 91.23
C GLN X 107 88.45 -31.44 89.90
N ASP X 108 89.22 -32.40 89.37
CA ASP X 108 88.76 -33.17 88.21
C ASP X 108 87.72 -34.21 88.61
N LYS X 109 87.75 -34.69 89.85
CA LYS X 109 86.76 -35.64 90.33
C LYS X 109 85.36 -35.04 90.39
N LEU X 110 85.25 -33.72 90.54
CA LEU X 110 83.97 -33.03 90.53
C LEU X 110 83.83 -32.21 89.26
N TYR X 111 82.62 -31.74 89.01
CA TYR X 111 82.39 -30.87 87.88
C TYR X 111 82.81 -29.44 88.21
N PRO X 112 83.53 -28.77 87.31
CA PRO X 112 84.02 -27.42 87.62
C PRO X 112 82.93 -26.37 87.68
N PHE X 113 81.83 -26.55 86.93
CA PHE X 113 80.72 -25.60 87.03
C PHE X 113 80.06 -25.63 88.40
N THR X 114 80.23 -26.72 89.15
CA THR X 114 79.88 -26.71 90.56
C THR X 114 80.90 -25.90 91.37
N TRP X 115 82.18 -25.95 90.98
CA TRP X 115 83.19 -25.18 91.69
C TRP X 115 83.05 -23.68 91.45
N ASP X 116 82.40 -23.27 90.35
CA ASP X 116 82.11 -21.86 90.15
C ASP X 116 81.04 -21.32 91.10
N ALA X 117 80.37 -22.19 91.86
CA ALA X 117 79.36 -21.73 92.81
C ALA X 117 79.98 -21.18 94.10
N VAL X 118 81.18 -21.65 94.45
CA VAL X 118 81.78 -21.35 95.73
C VAL X 118 83.02 -20.47 95.56
N ARG X 119 83.00 -19.64 94.53
CA ARG X 119 84.07 -18.69 94.27
C ARG X 119 83.74 -17.34 94.88
N TYR X 120 84.75 -16.69 95.47
CA TYR X 120 84.59 -15.34 95.99
C TYR X 120 85.97 -14.72 96.15
N ASN X 121 86.20 -13.59 95.46
CA ASN X 121 87.48 -12.90 95.46
C ASN X 121 88.63 -13.81 95.03
N GLY X 122 88.33 -14.72 94.09
CA GLY X 122 89.31 -15.66 93.61
C GLY X 122 89.60 -16.84 94.51
N LYS X 123 89.20 -16.79 95.77
CA LYS X 123 89.49 -17.86 96.71
C LYS X 123 88.35 -18.88 96.68
N LEU X 124 88.67 -20.10 97.10
CA LEU X 124 87.72 -21.21 97.06
C LEU X 124 87.35 -21.55 98.50
N ILE X 125 86.04 -21.61 98.77
CA ILE X 125 85.55 -21.55 100.14
C ILE X 125 84.87 -22.84 100.61
N ALA X 126 84.35 -23.67 99.71
CA ALA X 126 83.51 -24.77 100.13
C ALA X 126 83.49 -25.85 99.05
N TYR X 127 83.20 -27.07 99.47
CA TYR X 127 83.13 -28.19 98.55
C TYR X 127 81.68 -28.38 98.10
N PRO X 128 81.39 -28.31 96.81
CA PRO X 128 80.00 -28.52 96.37
C PRO X 128 79.61 -29.99 96.46
N ILE X 129 78.39 -30.23 96.93
CA ILE X 129 77.87 -31.59 97.00
C ILE X 129 76.70 -31.72 96.04
N ALA X 130 75.64 -30.96 96.28
CA ALA X 130 74.40 -31.09 95.54
C ALA X 130 74.20 -29.90 94.61
N VAL X 131 73.54 -30.14 93.49
CA VAL X 131 73.32 -29.11 92.46
C VAL X 131 71.85 -29.17 92.06
N GLU X 132 71.22 -27.99 91.99
CA GLU X 132 69.78 -27.87 91.82
C GLU X 132 69.48 -27.01 90.60
N ALA X 133 68.47 -27.43 89.84
CA ALA X 133 68.08 -26.74 88.63
C ALA X 133 66.65 -27.13 88.27
N LEU X 134 65.91 -26.16 87.74
CA LEU X 134 64.51 -26.37 87.38
C LEU X 134 64.41 -27.07 86.03
N SER X 135 63.51 -28.05 85.93
CA SER X 135 63.35 -28.85 84.73
C SER X 135 61.89 -28.94 84.37
N LEU X 136 61.62 -29.43 83.15
CA LEU X 136 60.26 -29.54 82.67
C LEU X 136 59.68 -30.88 83.11
N ILE X 137 58.48 -30.84 83.69
CA ILE X 137 57.76 -32.03 84.12
C ILE X 137 56.53 -32.12 83.24
N TYR X 138 56.34 -33.26 82.58
CA TYR X 138 55.27 -33.42 81.60
C TYR X 138 54.47 -34.70 81.86
N ASN X 139 53.17 -34.61 81.60
CA ASN X 139 52.33 -35.79 81.54
C ASN X 139 52.65 -36.55 80.26
N LYS X 140 53.03 -37.83 80.39
CA LYS X 140 53.32 -38.63 79.21
C LYS X 140 52.07 -38.97 78.42
N ASP X 141 50.91 -39.00 79.09
CA ASP X 141 49.67 -39.36 78.41
C ASP X 141 49.15 -38.20 77.57
N LEU X 142 49.08 -37.01 78.17
CA LEU X 142 48.58 -35.84 77.43
C LEU X 142 49.53 -35.45 76.30
N LEU X 143 50.81 -35.71 76.45
CA LEU X 143 51.75 -35.41 75.36
C LEU X 143 52.84 -36.47 75.30
N PRO X 144 52.77 -37.38 74.32
CA PRO X 144 53.80 -38.43 74.21
C PRO X 144 55.14 -37.91 73.71
N ASN X 145 55.18 -36.76 73.05
CA ASN X 145 56.41 -36.24 72.44
C ASN X 145 56.59 -34.78 72.84
N PRO X 146 57.50 -34.49 73.77
CA PRO X 146 57.66 -33.11 74.21
C PRO X 146 58.26 -32.25 73.12
N PRO X 147 57.98 -30.94 73.13
CA PRO X 147 58.60 -30.04 72.16
C PRO X 147 59.93 -29.48 72.68
N LYS X 148 60.76 -29.05 71.73
CA LYS X 148 62.09 -28.53 72.04
C LYS X 148 62.20 -27.04 71.81
N THR X 149 61.12 -26.37 71.40
CA THR X 149 61.13 -24.93 71.20
C THR X 149 60.00 -24.29 72.00
N TRP X 150 60.28 -23.11 72.58
CA TRP X 150 59.22 -22.34 73.21
C TRP X 150 58.24 -21.80 72.19
N GLU X 151 58.71 -21.54 70.98
CA GLU X 151 57.85 -21.07 69.90
C GLU X 151 56.79 -22.09 69.52
N GLU X 152 56.97 -23.34 69.93
CA GLU X 152 55.96 -24.36 69.71
C GLU X 152 54.84 -24.32 70.74
N ILE X 153 55.11 -23.78 71.92
CA ILE X 153 54.17 -23.79 73.05
C ILE X 153 52.85 -23.07 72.75
N PRO X 154 52.80 -21.89 72.11
CA PRO X 154 51.49 -21.30 71.81
C PRO X 154 50.61 -22.18 70.93
N ALA X 155 51.16 -22.67 69.81
CA ALA X 155 50.38 -23.46 68.87
C ALA X 155 49.77 -24.69 69.53
N LEU X 156 50.60 -25.46 70.25
CA LEU X 156 50.09 -26.65 70.92
C LEU X 156 49.07 -26.31 71.99
N ASP X 157 49.15 -25.10 72.56
CA ASP X 157 48.13 -24.68 73.52
C ASP X 157 46.76 -24.63 72.86
N LYS X 158 46.72 -24.24 71.57
CA LYS X 158 45.48 -24.25 70.81
C LYS X 158 44.89 -25.66 70.73
N GLU X 159 45.73 -26.69 70.83
CA GLU X 159 45.19 -28.04 70.89
C GLU X 159 44.53 -28.32 72.23
N LEU X 160 45.15 -27.89 73.34
CA LEU X 160 44.69 -28.37 74.63
C LEU X 160 43.38 -27.72 75.07
N LYS X 161 43.13 -26.47 74.65
CA LYS X 161 41.82 -25.89 74.87
C LYS X 161 40.72 -26.62 74.10
N ALA X 162 41.09 -27.38 73.06
CA ALA X 162 40.17 -28.25 72.37
C ALA X 162 39.87 -29.53 73.13
N LYS X 163 40.64 -29.84 74.17
CA LYS X 163 40.37 -30.97 75.05
C LYS X 163 39.97 -30.52 76.45
N GLY X 164 39.83 -29.22 76.67
CA GLY X 164 39.58 -28.71 78.01
C GLY X 164 40.80 -28.71 78.90
N LYS X 165 41.99 -28.63 78.31
CA LYS X 165 43.24 -28.66 79.05
C LYS X 165 44.01 -27.38 78.82
N SER X 166 45.05 -27.17 79.62
CA SER X 166 45.95 -26.04 79.49
C SER X 166 47.36 -26.53 79.22
N ALA X 167 48.11 -25.74 78.45
CA ALA X 167 49.45 -26.17 78.06
C ALA X 167 50.44 -26.01 79.21
N LEU X 168 50.64 -24.78 79.68
CA LEU X 168 51.65 -24.51 80.69
C LEU X 168 51.01 -23.66 81.78
N MET X 169 51.27 -24.03 83.03
CA MET X 169 50.80 -23.27 84.20
C MET X 169 51.86 -23.40 85.28
N PHE X 170 52.42 -22.26 85.71
CA PHE X 170 53.45 -22.26 86.73
C PHE X 170 53.34 -20.96 87.53
N ASN X 171 54.31 -20.75 88.42
CA ASN X 171 54.31 -19.58 89.30
C ASN X 171 54.88 -18.40 88.55
N LEU X 172 54.02 -17.44 88.21
CA LEU X 172 54.44 -16.21 87.57
C LEU X 172 54.78 -15.11 88.58
N GLN X 173 54.58 -15.36 89.86
CA GLN X 173 54.81 -14.35 90.88
C GLN X 173 56.27 -14.25 91.32
N GLU X 174 57.16 -15.04 90.72
CA GLU X 174 58.56 -15.02 91.08
C GLU X 174 59.43 -14.87 89.84
N PRO X 175 60.51 -14.08 89.93
CA PRO X 175 61.52 -14.10 88.85
C PRO X 175 62.28 -15.41 88.77
N TYR X 176 62.28 -16.19 89.85
CA TYR X 176 63.02 -17.45 89.89
C TYR X 176 62.47 -18.45 88.87
N PHE X 177 61.19 -18.36 88.55
CA PHE X 177 60.61 -19.24 87.53
C PHE X 177 60.82 -18.68 86.14
N THR X 178 60.70 -17.36 85.99
CA THR X 178 60.67 -16.73 84.67
C THR X 178 62.06 -16.48 84.09
N TRP X 179 63.11 -16.48 84.92
CA TRP X 179 64.45 -16.15 84.45
C TRP X 179 65.05 -17.10 83.41
N PRO X 180 64.71 -18.41 83.38
CA PRO X 180 65.17 -19.23 82.25
C PRO X 180 64.79 -18.69 80.88
N LEU X 181 63.55 -18.25 80.69
CA LEU X 181 63.12 -17.82 79.37
C LEU X 181 63.66 -16.44 79.01
N ILE X 182 63.51 -15.46 79.92
CA ILE X 182 63.83 -14.08 79.59
C ILE X 182 65.33 -13.88 79.42
N ALA X 183 66.15 -14.60 80.18
CA ALA X 183 67.59 -14.43 80.16
C ALA X 183 68.28 -15.47 79.29
N ALA X 184 67.53 -16.19 78.45
CA ALA X 184 68.14 -17.26 77.66
C ALA X 184 68.99 -16.71 76.53
N ASP X 185 68.53 -15.64 75.88
CA ASP X 185 69.14 -15.12 74.66
C ASP X 185 69.81 -13.77 74.85
N GLY X 186 70.36 -13.51 76.04
CA GLY X 186 71.10 -12.28 76.24
C GLY X 186 70.97 -11.63 77.60
N GLY X 187 70.04 -12.12 78.42
CA GLY X 187 69.91 -11.62 79.78
C GLY X 187 70.81 -12.35 80.74
N TYR X 188 71.25 -11.62 81.78
CA TYR X 188 72.09 -12.18 82.83
C TYR X 188 72.06 -11.23 84.02
N ALA X 189 71.92 -11.80 85.23
CA ALA X 189 71.68 -10.99 86.42
C ALA X 189 72.83 -10.03 86.69
N PHE X 190 74.02 -10.56 86.96
CA PHE X 190 75.23 -9.76 87.12
C PHE X 190 76.33 -10.37 86.27
N LYS X 191 77.20 -9.52 85.73
CA LYS X 191 78.34 -10.05 84.97
C LYS X 191 79.30 -10.76 85.91
N TYR X 192 79.55 -12.03 85.64
CA TYR X 192 80.30 -12.91 86.53
C TYR X 192 81.46 -13.53 85.77
N GLU X 193 82.68 -13.10 86.10
CA GLU X 193 83.88 -13.60 85.44
C GLU X 193 85.00 -13.74 86.46
N ASN X 194 85.80 -14.81 86.31
CA ASN X 194 86.98 -15.06 87.14
C ASN X 194 86.65 -15.13 88.62
N GLY X 195 85.44 -15.59 88.95
CA GLY X 195 85.03 -15.67 90.33
C GLY X 195 84.58 -14.36 90.95
N LYS X 196 84.27 -13.34 90.14
CA LYS X 196 83.91 -12.02 90.63
C LYS X 196 82.62 -11.57 89.96
N TYR X 197 81.69 -11.07 90.76
CA TYR X 197 80.43 -10.51 90.26
C TYR X 197 80.54 -9.00 90.15
N ASP X 198 80.35 -8.48 88.94
CA ASP X 198 80.44 -7.04 88.72
C ASP X 198 79.14 -6.37 89.16
N ILE X 199 79.28 -5.34 89.99
CA ILE X 199 78.10 -4.70 90.57
C ILE X 199 77.50 -3.69 89.59
N LYS X 200 78.34 -3.00 88.82
CA LYS X 200 77.89 -2.03 87.83
C LYS X 200 77.32 -2.70 86.57
N ASP X 201 77.28 -4.03 86.52
CA ASP X 201 76.95 -4.73 85.28
C ASP X 201 75.75 -5.64 85.51
N VAL X 202 74.66 -5.04 85.97
CA VAL X 202 73.35 -5.69 86.12
C VAL X 202 72.72 -5.73 84.73
N GLY X 203 72.68 -6.90 84.12
CA GLY X 203 72.14 -7.01 82.78
C GLY X 203 70.66 -7.31 82.69
N VAL X 204 69.84 -6.27 82.54
CA VAL X 204 68.44 -6.44 82.16
C VAL X 204 68.04 -5.55 80.99
N ASP X 205 68.87 -4.57 80.62
CA ASP X 205 68.62 -3.71 79.47
C ASP X 205 69.30 -4.28 78.23
N ASN X 206 68.96 -5.53 77.91
CA ASN X 206 69.53 -6.24 76.79
C ASN X 206 68.42 -6.71 75.85
N ALA X 207 68.80 -6.90 74.58
CA ALA X 207 67.83 -7.33 73.58
C ALA X 207 67.27 -8.71 73.87
N GLY X 208 68.07 -9.58 74.51
CA GLY X 208 67.56 -10.89 74.88
C GLY X 208 66.48 -10.83 75.94
N ALA X 209 66.68 -9.98 76.96
CA ALA X 209 65.65 -9.79 77.97
C ALA X 209 64.39 -9.20 77.36
N LYS X 210 64.56 -8.27 76.40
CA LYS X 210 63.42 -7.73 75.67
C LYS X 210 62.67 -8.82 74.94
N ALA X 211 63.40 -9.70 74.24
CA ALA X 211 62.75 -10.77 73.47
C ALA X 211 62.02 -11.74 74.38
N GLY X 212 62.63 -12.10 75.51
CA GLY X 212 61.98 -13.01 76.45
C GLY X 212 60.73 -12.40 77.06
N LEU X 213 60.78 -11.13 77.44
CA LEU X 213 59.61 -10.52 78.06
C LEU X 213 58.50 -10.28 77.04
N THR X 214 58.86 -9.96 75.79
CA THR X 214 57.83 -9.91 74.74
C THR X 214 57.22 -11.28 74.49
N PHE X 215 58.01 -12.36 74.55
CA PHE X 215 57.40 -13.68 74.42
C PHE X 215 56.48 -13.98 75.60
N LEU X 216 56.82 -13.49 76.79
CA LEU X 216 55.94 -13.64 77.93
C LEU X 216 54.63 -12.88 77.72
N VAL X 217 54.71 -11.64 77.20
CA VAL X 217 53.48 -10.89 76.99
C VAL X 217 52.69 -11.43 75.81
N ASP X 218 53.32 -12.16 74.89
CA ASP X 218 52.55 -12.86 73.87
C ASP X 218 51.86 -14.10 74.44
N LEU X 219 52.50 -14.78 75.39
CA LEU X 219 51.84 -15.91 76.02
C LEU X 219 50.71 -15.45 76.94
N ILE X 220 50.79 -14.25 77.48
CA ILE X 220 49.74 -13.80 78.39
C ILE X 220 48.65 -13.00 77.68
N LYS X 221 48.98 -12.31 76.57
CA LYS X 221 48.00 -11.48 75.91
C LYS X 221 46.92 -12.31 75.24
N ASN X 222 47.32 -13.33 74.48
CA ASN X 222 46.39 -14.23 73.83
C ASN X 222 45.80 -15.27 74.79
N LYS X 223 46.06 -15.12 76.09
CA LYS X 223 45.41 -15.92 77.15
C LYS X 223 45.78 -17.39 77.04
N HIS X 224 47.06 -17.66 76.75
CA HIS X 224 47.54 -19.03 76.87
C HIS X 224 47.64 -19.43 78.33
N MET X 225 48.10 -18.52 79.19
CA MET X 225 48.13 -18.70 80.63
C MET X 225 47.39 -17.55 81.29
N ASN X 226 47.37 -17.57 82.63
CA ASN X 226 46.82 -16.49 83.43
C ASN X 226 47.96 -15.73 84.11
N ALA X 227 47.67 -14.49 84.47
CA ALA X 227 48.68 -13.64 85.09
C ALA X 227 48.67 -13.74 86.62
N ASP X 228 47.50 -14.01 87.20
CA ASP X 228 47.37 -14.14 88.64
C ASP X 228 47.68 -15.54 89.15
N THR X 229 48.13 -16.43 88.28
CA THR X 229 48.46 -17.78 88.71
C THR X 229 49.75 -17.77 89.52
N ASP X 230 49.95 -18.85 90.28
CA ASP X 230 51.13 -19.00 91.10
C ASP X 230 51.43 -20.49 91.22
N TYR X 231 52.21 -20.84 92.24
CA TYR X 231 52.75 -22.19 92.36
C TYR X 231 51.69 -23.20 92.80
N SER X 232 50.80 -22.79 93.72
CA SER X 232 49.86 -23.75 94.30
CA SER X 232 49.86 -23.74 94.31
C SER X 232 48.84 -24.24 93.27
N ILE X 233 48.18 -23.31 92.58
CA ILE X 233 47.20 -23.70 91.57
C ILE X 233 47.85 -24.52 90.47
N ALA X 234 49.07 -24.13 90.08
CA ALA X 234 49.81 -24.84 89.04
C ALA X 234 50.08 -26.29 89.44
N GLU X 235 50.72 -26.48 90.58
CA GLU X 235 51.07 -27.84 91.01
C GLU X 235 49.83 -28.67 91.31
N ALA X 236 48.79 -28.06 91.88
CA ALA X 236 47.58 -28.81 92.19
C ALA X 236 46.86 -29.24 90.91
N ALA X 237 46.83 -28.37 89.90
CA ALA X 237 46.21 -28.73 88.64
C ALA X 237 47.03 -29.78 87.89
N PHE X 238 48.36 -29.72 88.00
CA PHE X 238 49.17 -30.74 87.37
C PHE X 238 49.04 -32.08 88.08
N ASN X 239 48.85 -32.07 89.41
CA ASN X 239 48.59 -33.32 90.11
C ASN X 239 47.25 -33.92 89.70
N LYS X 240 46.27 -33.08 89.37
CA LYS X 240 45.03 -33.60 88.77
C LYS X 240 45.21 -33.96 87.31
N GLY X 241 46.23 -33.41 86.65
CA GLY X 241 46.44 -33.69 85.25
C GLY X 241 45.67 -32.78 84.31
N GLU X 242 45.40 -31.54 84.74
CA GLU X 242 44.68 -30.60 83.88
C GLU X 242 45.63 -29.82 82.98
N THR X 243 46.68 -29.26 83.53
CA THR X 243 47.77 -28.67 82.74
C THR X 243 48.80 -29.76 82.48
N ALA X 244 49.33 -29.78 81.25
CA ALA X 244 50.23 -30.86 80.86
C ALA X 244 51.70 -30.55 81.16
N MET X 245 52.12 -29.30 81.01
CA MET X 245 53.52 -28.92 81.22
C MET X 245 53.65 -28.16 82.53
N THR X 246 54.79 -28.34 83.20
CA THR X 246 55.14 -27.45 84.29
C THR X 246 56.67 -27.39 84.39
N ILE X 247 57.15 -26.40 85.13
CA ILE X 247 58.57 -26.23 85.37
C ILE X 247 58.80 -26.23 86.87
N ASN X 248 59.70 -27.10 87.33
CA ASN X 248 59.86 -27.29 88.76
C ASN X 248 61.21 -27.91 89.05
N GLY X 249 61.70 -27.66 90.27
CA GLY X 249 62.90 -28.28 90.75
C GLY X 249 62.63 -29.64 91.35
N PRO X 250 63.50 -30.09 92.26
CA PRO X 250 63.31 -31.42 92.85
C PRO X 250 62.21 -31.49 93.90
N TRP X 251 61.96 -30.38 94.60
CA TRP X 251 61.18 -30.42 95.84
C TRP X 251 59.73 -30.87 95.64
N ALA X 252 59.22 -30.80 94.42
CA ALA X 252 57.84 -31.20 94.15
C ALA X 252 57.73 -32.58 93.53
N TRP X 253 58.87 -33.24 93.25
CA TRP X 253 58.84 -34.52 92.55
C TRP X 253 57.97 -35.54 93.26
N SER X 254 58.23 -35.74 94.56
CA SER X 254 57.44 -36.69 95.34
C SER X 254 55.97 -36.31 95.35
N ASN X 255 55.66 -35.02 95.33
CA ASN X 255 54.27 -34.57 95.25
C ASN X 255 53.61 -35.10 93.98
N ILE X 256 54.31 -35.05 92.86
CA ILE X 256 53.78 -35.62 91.63
C ILE X 256 53.72 -37.14 91.75
N ASP X 257 54.61 -37.73 92.54
CA ASP X 257 54.52 -39.16 92.84
C ASP X 257 53.35 -39.48 93.74
N THR X 258 52.68 -38.49 94.33
CA THR X 258 51.40 -38.75 94.96
C THR X 258 50.28 -38.82 93.93
N SER X 259 50.45 -38.16 92.79
CA SER X 259 49.40 -38.13 91.77
CA SER X 259 49.40 -38.13 91.76
C SER X 259 49.28 -39.46 91.03
N LYS X 260 50.35 -40.26 90.99
CA LYS X 260 50.44 -41.51 90.23
C LYS X 260 50.20 -41.28 88.75
N VAL X 261 50.37 -40.04 88.28
CA VAL X 261 50.28 -39.75 86.86
C VAL X 261 51.55 -40.24 86.18
N ASN X 262 51.39 -40.91 85.05
CA ASN X 262 52.56 -41.39 84.32
C ASN X 262 53.27 -40.19 83.69
N TYR X 263 54.27 -39.67 84.40
CA TYR X 263 54.92 -38.44 84.00
C TYR X 263 56.40 -38.67 83.72
N GLY X 264 56.97 -37.74 82.96
CA GLY X 264 58.39 -37.72 82.70
C GLY X 264 58.98 -36.35 82.99
N VAL X 265 60.31 -36.31 83.03
CA VAL X 265 61.07 -35.09 83.28
C VAL X 265 62.10 -34.94 82.19
N THR X 266 62.19 -33.73 81.62
CA THR X 266 63.15 -33.46 80.57
C THR X 266 63.68 -32.04 80.70
N VAL X 267 64.58 -31.69 79.79
CA VAL X 267 65.14 -30.35 79.73
C VAL X 267 64.08 -29.38 79.21
N LEU X 268 64.20 -28.12 79.63
CA LEU X 268 63.35 -27.08 79.09
C LEU X 268 63.66 -26.85 77.62
N PRO X 269 62.66 -26.46 76.83
CA PRO X 269 62.91 -26.16 75.41
C PRO X 269 63.86 -24.98 75.24
N THR X 270 64.56 -24.98 74.11
CA THR X 270 65.39 -23.85 73.76
C THR X 270 64.53 -22.77 73.10
N PHE X 271 65.06 -21.55 73.05
CA PHE X 271 64.31 -20.41 72.56
C PHE X 271 65.18 -19.60 71.62
N LYS X 272 64.77 -19.52 70.35
CA LYS X 272 65.51 -18.84 69.29
C LYS X 272 66.92 -19.42 69.12
N GLY X 273 67.09 -20.70 69.48
CA GLY X 273 68.37 -21.34 69.49
C GLY X 273 69.12 -21.24 70.80
N GLN X 274 68.92 -20.17 71.56
CA GLN X 274 69.56 -20.02 72.85
C GLN X 274 68.78 -20.80 73.90
N PRO X 275 69.37 -21.79 74.55
CA PRO X 275 68.63 -22.58 75.54
C PRO X 275 68.36 -21.80 76.81
N SER X 276 67.38 -22.29 77.57
CA SER X 276 66.97 -21.65 78.81
C SER X 276 68.10 -21.66 79.83
N LYS X 277 67.98 -20.80 80.83
CA LYS X 277 69.04 -20.55 81.80
C LYS X 277 68.46 -20.50 83.20
N PRO X 278 68.23 -21.65 83.83
CA PRO X 278 67.71 -21.66 85.20
C PRO X 278 68.78 -21.33 86.22
N PHE X 279 68.31 -20.88 87.38
CA PHE X 279 69.21 -20.65 88.51
C PHE X 279 69.74 -21.96 89.05
N VAL X 280 71.06 -22.08 89.06
CA VAL X 280 71.74 -23.25 89.57
C VAL X 280 71.98 -23.03 91.06
N GLY X 281 71.26 -23.77 91.90
CA GLY X 281 71.44 -23.65 93.33
C GLY X 281 72.27 -24.79 93.89
N VAL X 282 73.47 -24.49 94.38
CA VAL X 282 74.43 -25.51 94.73
C VAL X 282 74.53 -25.59 96.25
N LEU X 283 74.10 -26.73 96.79
CA LEU X 283 74.33 -27.06 98.20
C LEU X 283 75.79 -27.48 98.36
N SER X 284 76.55 -26.69 99.11
CA SER X 284 77.95 -26.95 99.39
C SER X 284 78.16 -26.96 100.90
N ALA X 285 79.32 -27.49 101.30
CA ALA X 285 79.69 -27.64 102.70
C ALA X 285 80.83 -26.67 102.99
N GLY X 286 80.50 -25.57 103.65
CA GLY X 286 81.49 -24.58 104.04
C GLY X 286 82.14 -24.96 105.36
N ILE X 287 83.47 -24.81 105.41
CA ILE X 287 84.24 -24.99 106.62
C ILE X 287 84.32 -23.64 107.33
N ASN X 288 84.11 -23.64 108.65
CA ASN X 288 84.15 -22.39 109.40
C ASN X 288 85.55 -21.80 109.35
N ALA X 289 85.63 -20.48 109.21
CA ALA X 289 86.92 -19.81 109.08
C ALA X 289 87.67 -19.69 110.41
N ALA X 290 86.99 -19.90 111.54
CA ALA X 290 87.64 -19.93 112.84
C ALA X 290 88.09 -21.32 113.23
N SER X 291 87.97 -22.29 112.33
CA SER X 291 88.26 -23.68 112.65
C SER X 291 89.77 -23.92 112.70
N PRO X 292 90.28 -24.52 113.78
CA PRO X 292 91.59 -25.17 113.72
C PRO X 292 91.54 -26.62 113.28
N ASN X 293 90.46 -27.05 112.63
CA ASN X 293 90.23 -28.44 112.27
C ASN X 293 90.19 -28.60 110.75
N LYS X 294 91.15 -27.97 110.06
CA LYS X 294 91.08 -27.87 108.60
C LYS X 294 91.25 -29.24 107.93
N GLU X 295 92.35 -29.93 108.24
CA GLU X 295 92.68 -31.16 107.51
C GLU X 295 91.72 -32.29 107.82
N LEU X 296 91.20 -32.34 109.04
CA LEU X 296 90.24 -33.39 109.40
C LEU X 296 88.96 -33.28 108.57
N ALA X 297 88.39 -32.06 108.53
CA ALA X 297 87.17 -31.86 107.76
C ALA X 297 87.44 -31.98 106.26
N LYS X 298 88.62 -31.58 105.79
CA LYS X 298 88.95 -31.75 104.39
C LYS X 298 89.02 -33.23 104.01
N GLU X 299 89.60 -34.05 104.90
CA GLU X 299 89.64 -35.49 104.67
CA GLU X 299 89.64 -35.49 104.67
C GLU X 299 88.24 -36.08 104.67
N PHE X 300 87.40 -35.66 105.62
CA PHE X 300 86.03 -36.16 105.68
C PHE X 300 85.23 -35.76 104.45
N LEU X 301 85.48 -34.58 103.90
CA LEU X 301 84.73 -34.12 102.73
C LEU X 301 85.22 -34.77 101.45
N GLU X 302 86.54 -34.98 101.33
CA GLU X 302 87.08 -35.45 100.06
C GLU X 302 87.08 -36.97 99.96
N ASN X 303 87.52 -37.67 101.00
CA ASN X 303 87.68 -39.12 100.92
C ASN X 303 86.45 -39.88 101.36
N TYR X 304 85.49 -39.23 102.04
CA TYR X 304 84.30 -39.91 102.51
C TYR X 304 83.01 -39.31 101.95
N LEU X 305 82.87 -37.97 101.98
CA LEU X 305 81.64 -37.36 101.51
C LEU X 305 81.54 -37.37 99.99
N LEU X 306 82.48 -36.71 99.32
CA LEU X 306 82.40 -36.52 97.88
C LEU X 306 82.98 -37.72 97.12
N THR X 307 82.51 -38.90 97.50
CA THR X 307 82.84 -40.17 96.86
C THR X 307 81.53 -40.89 96.56
N ASP X 308 81.63 -42.11 96.04
CA ASP X 308 80.43 -42.85 95.69
C ASP X 308 79.64 -43.27 96.93
N GLU X 309 80.32 -43.82 97.93
CA GLU X 309 79.60 -44.40 99.06
C GLU X 309 79.03 -43.33 99.99
N GLY X 310 79.67 -42.15 100.07
CA GLY X 310 79.14 -41.11 100.93
C GLY X 310 77.85 -40.51 100.39
N LEU X 311 77.86 -40.13 99.11
CA LEU X 311 76.63 -39.65 98.49
C LEU X 311 75.57 -40.75 98.40
N GLU X 312 76.00 -42.01 98.28
CA GLU X 312 75.04 -43.11 98.32
C GLU X 312 74.35 -43.18 99.68
N ALA X 313 75.15 -43.14 100.75
CA ALA X 313 74.61 -43.24 102.10
C ALA X 313 73.71 -42.06 102.43
N VAL X 314 74.04 -40.86 101.97
CA VAL X 314 73.13 -39.75 102.26
C VAL X 314 71.87 -39.85 101.38
N ASN X 315 71.98 -40.38 100.16
CA ASN X 315 70.82 -40.47 99.28
C ASN X 315 69.88 -41.60 99.64
N LYS X 316 70.32 -42.58 100.44
CA LYS X 316 69.36 -43.61 100.88
C LYS X 316 68.25 -43.02 101.75
N ASP X 317 68.55 -41.97 102.52
CA ASP X 317 67.50 -41.32 103.30
C ASP X 317 66.80 -40.24 102.50
N LYS X 318 67.55 -39.24 102.04
CA LYS X 318 66.98 -38.17 101.21
C LYS X 318 67.95 -37.90 100.07
N PRO X 319 67.48 -37.86 98.82
CA PRO X 319 68.39 -37.69 97.69
C PRO X 319 68.89 -36.25 97.57
N LEU X 320 69.85 -36.08 96.68
CA LEU X 320 70.41 -34.77 96.37
C LEU X 320 70.21 -34.36 94.92
N GLY X 321 69.53 -35.18 94.12
CA GLY X 321 69.26 -34.80 92.74
C GLY X 321 70.52 -34.88 91.91
N ALA X 322 70.89 -33.76 91.30
CA ALA X 322 72.16 -33.64 90.61
C ALA X 322 73.25 -33.32 91.63
N VAL X 323 74.30 -34.13 91.65
CA VAL X 323 75.38 -33.93 92.60
C VAL X 323 76.58 -33.37 91.86
N ALA X 324 77.65 -33.05 92.59
CA ALA X 324 78.83 -32.45 91.99
C ALA X 324 79.88 -33.47 91.57
N LEU X 325 79.93 -34.64 92.19
CA LEU X 325 80.93 -35.65 91.86
C LEU X 325 80.56 -36.36 90.56
N LYS X 326 81.54 -36.51 89.68
CA LYS X 326 81.26 -36.97 88.32
C LYS X 326 80.82 -38.43 88.29
N SER X 327 81.53 -39.30 89.03
CA SER X 327 81.19 -40.72 89.02
C SER X 327 79.81 -40.97 89.61
N TYR X 328 79.48 -40.28 90.71
CA TYR X 328 78.16 -40.42 91.29
C TYR X 328 77.07 -39.82 90.41
N GLU X 329 77.42 -38.81 89.60
CA GLU X 329 76.49 -38.35 88.58
C GLU X 329 76.27 -39.42 87.52
N GLU X 330 77.30 -40.20 87.19
CA GLU X 330 77.08 -41.30 86.24
C GLU X 330 76.24 -42.41 86.87
N GLU X 331 76.38 -42.62 88.18
CA GLU X 331 75.50 -43.57 88.87
C GLU X 331 74.05 -43.10 88.88
N LEU X 332 73.82 -41.81 89.17
CA LEU X 332 72.44 -41.32 89.26
C LEU X 332 71.83 -40.92 87.92
N ALA X 333 72.62 -40.88 86.84
CA ALA X 333 72.08 -40.45 85.56
C ALA X 333 71.14 -41.47 84.93
N LYS X 334 70.97 -42.66 85.51
CA LYS X 334 69.96 -43.58 85.00
C LYS X 334 68.55 -43.09 85.32
N ASP X 335 68.40 -42.25 86.33
CA ASP X 335 67.13 -41.59 86.58
C ASP X 335 67.05 -40.38 85.65
N PRO X 336 66.07 -40.33 84.74
CA PRO X 336 66.04 -39.22 83.77
C PRO X 336 65.79 -37.86 84.40
N ARG X 337 65.16 -37.83 85.58
CA ARG X 337 65.04 -36.57 86.31
C ARG X 337 66.41 -36.00 86.65
N ILE X 338 67.35 -36.88 87.01
CA ILE X 338 68.69 -36.43 87.39
C ILE X 338 69.43 -35.92 86.16
N ALA X 339 69.26 -36.58 85.01
CA ALA X 339 69.88 -36.13 83.78
C ALA X 339 69.33 -34.78 83.34
N ALA X 340 68.02 -34.61 83.43
CA ALA X 340 67.41 -33.32 83.10
C ALA X 340 67.90 -32.22 84.04
N THR X 341 68.00 -32.55 85.33
CA THR X 341 68.49 -31.57 86.30
C THR X 341 69.93 -31.17 86.00
N MET X 342 70.80 -32.14 85.67
CA MET X 342 72.19 -31.77 85.43
C MET X 342 72.36 -31.02 84.12
N GLU X 343 71.57 -31.32 83.09
CA GLU X 343 71.72 -30.55 81.86
C GLU X 343 71.17 -29.12 82.01
N ASN X 344 70.06 -28.95 82.74
CA ASN X 344 69.61 -27.59 83.04
C ASN X 344 70.59 -26.85 83.94
N ALA X 345 71.29 -27.58 84.82
CA ALA X 345 72.26 -26.94 85.69
C ALA X 345 73.50 -26.52 84.93
N GLN X 346 73.96 -27.35 83.99
CA GLN X 346 75.15 -27.01 83.22
C GLN X 346 74.86 -25.95 82.16
N LYS X 347 73.62 -25.81 81.71
CA LYS X 347 73.28 -24.73 80.79
C LYS X 347 72.64 -23.53 81.50
N GLY X 348 72.54 -23.57 82.83
CA GLY X 348 71.90 -22.51 83.58
C GLY X 348 72.87 -21.46 84.08
N GLU X 349 72.32 -20.49 84.81
CA GLU X 349 73.10 -19.41 85.41
C GLU X 349 73.30 -19.70 86.88
N ILE X 350 74.54 -19.60 87.33
CA ILE X 350 74.85 -19.84 88.74
C ILE X 350 74.30 -18.68 89.57
N MET X 351 73.79 -18.99 90.75
CA MET X 351 73.19 -17.97 91.60
CA MET X 351 73.19 -17.98 91.61
C MET X 351 74.27 -17.03 92.14
N PRO X 352 74.03 -15.72 92.11
CA PRO X 352 75.03 -14.78 92.63
C PRO X 352 75.15 -14.83 94.14
N ASN X 353 76.39 -14.65 94.61
CA ASN X 353 76.72 -14.67 96.02
C ASN X 353 76.78 -13.27 96.64
N ILE X 354 76.17 -12.27 95.99
CA ILE X 354 76.33 -10.88 96.36
C ILE X 354 75.03 -10.34 96.93
N PRO X 355 75.06 -9.33 97.82
CA PRO X 355 73.82 -8.85 98.43
C PRO X 355 72.97 -7.97 97.52
N GLN X 356 73.54 -7.39 96.46
CA GLN X 356 72.75 -6.59 95.52
C GLN X 356 71.66 -7.44 94.86
N MET X 357 71.89 -8.76 94.78
CA MET X 357 70.88 -9.71 94.33
C MET X 357 69.54 -9.51 95.03
N SER X 358 69.57 -9.12 96.31
CA SER X 358 68.33 -8.83 97.04
C SER X 358 67.51 -7.75 96.35
N ALA X 359 68.15 -6.63 96.00
CA ALA X 359 67.46 -5.59 95.25
C ALA X 359 66.99 -6.10 93.89
N PHE X 360 67.75 -7.03 93.31
CA PHE X 360 67.32 -7.75 92.12
C PHE X 360 65.94 -8.37 92.35
N TRP X 361 65.80 -9.14 93.42
CA TRP X 361 64.51 -9.75 93.73
C TRP X 361 63.46 -8.72 94.12
N TYR X 362 63.86 -7.48 94.38
CA TYR X 362 62.89 -6.40 94.55
C TYR X 362 62.65 -5.64 93.27
N ALA X 363 63.63 -5.59 92.36
CA ALA X 363 63.46 -4.80 91.14
C ALA X 363 62.72 -5.57 90.06
N VAL X 364 63.34 -6.65 89.57
CA VAL X 364 62.83 -7.32 88.37
C VAL X 364 61.48 -7.98 88.60
N ARG X 365 61.17 -8.36 89.84
CA ARG X 365 59.84 -8.85 90.17
C ARG X 365 58.79 -7.81 89.82
N THR X 366 59.00 -6.56 90.25
CA THR X 366 58.07 -5.48 89.88
C THR X 366 57.98 -5.34 88.36
N ALA X 367 59.06 -5.67 87.65
CA ALA X 367 59.04 -5.64 86.19
C ALA X 367 57.92 -6.53 85.65
N VAL X 368 57.84 -7.79 86.12
CA VAL X 368 56.77 -8.63 85.59
C VAL X 368 55.43 -8.20 86.16
N ILE X 369 55.42 -7.52 87.31
CA ILE X 369 54.18 -6.96 87.82
C ILE X 369 53.72 -5.81 86.94
N ASN X 370 54.64 -5.17 86.22
CA ASN X 370 54.24 -4.22 85.20
C ASN X 370 54.05 -4.86 83.84
N ALA X 371 54.45 -6.13 83.67
CA ALA X 371 54.39 -6.78 82.37
C ALA X 371 53.12 -7.61 82.20
N ALA X 372 52.91 -8.61 83.06
CA ALA X 372 51.73 -9.45 82.96
C ALA X 372 50.46 -8.69 83.31
N SER X 373 50.56 -7.63 84.11
CA SER X 373 49.42 -6.77 84.39
C SER X 373 49.24 -5.69 83.33
N GLY X 374 50.27 -5.37 82.57
CA GLY X 374 50.15 -4.38 81.52
C GLY X 374 50.08 -2.95 82.01
N ARG X 375 50.54 -2.67 83.22
CA ARG X 375 50.62 -1.29 83.69
C ARG X 375 51.69 -0.52 82.91
N GLN X 376 52.80 -1.18 82.62
CA GLN X 376 53.83 -0.65 81.75
C GLN X 376 54.01 -1.59 80.56
N THR X 377 54.91 -1.23 79.67
CA THR X 377 55.24 -2.08 78.53
C THR X 377 56.42 -2.98 78.90
N VAL X 378 57.03 -3.61 77.90
CA VAL X 378 58.22 -4.43 78.14
C VAL X 378 59.40 -3.56 78.53
N ASP X 379 59.73 -2.58 77.68
CA ASP X 379 60.91 -1.76 77.89
C ASP X 379 60.79 -0.90 79.14
N GLU X 380 59.58 -0.38 79.40
CA GLU X 380 59.38 0.44 80.61
C GLU X 380 59.64 -0.36 81.87
N ALA X 381 59.07 -1.57 81.95
CA ALA X 381 59.27 -2.41 83.14
C ALA X 381 60.72 -2.83 83.28
N LEU X 382 61.39 -3.19 82.18
CA LEU X 382 62.75 -3.68 82.30
C LEU X 382 63.73 -2.56 82.65
N LYS X 383 63.54 -1.35 82.10
CA LYS X 383 64.45 -0.28 82.51
C LYS X 383 64.08 0.31 83.85
N ASP X 384 62.85 0.09 84.34
CA ASP X 384 62.56 0.41 85.73
C ASP X 384 63.24 -0.57 86.67
N ALA X 385 63.31 -1.84 86.27
CA ALA X 385 64.08 -2.80 87.05
C ALA X 385 65.58 -2.62 86.87
N GLN X 386 66.00 -1.88 85.84
CA GLN X 386 67.43 -1.67 85.59
C GLN X 386 68.07 -0.84 86.70
N THR X 387 67.50 0.31 87.00
CA THR X 387 68.03 1.19 88.03
C THR X 387 67.69 0.65 89.42
N SER Y 35 -18.36 35.68 -86.10
CA SER Y 35 -19.65 35.01 -85.99
C SER Y 35 -20.02 34.32 -87.30
N GLU Y 36 -19.00 33.83 -88.00
CA GLU Y 36 -19.22 33.06 -89.22
C GLU Y 36 -19.96 31.75 -88.93
N LEU Y 37 -19.76 31.19 -87.73
CA LEU Y 37 -20.56 30.06 -87.26
C LEU Y 37 -21.31 30.41 -85.99
N GLY Y 38 -21.38 31.70 -85.64
CA GLY Y 38 -22.03 32.09 -84.41
C GLY Y 38 -23.54 31.97 -84.48
N LYS Y 39 -24.14 32.41 -85.59
CA LYS Y 39 -25.57 32.20 -85.78
C LYS Y 39 -25.86 30.72 -86.04
N GLU Y 40 -24.88 30.00 -86.59
CA GLU Y 40 -24.99 28.55 -86.68
C GLU Y 40 -24.99 27.91 -85.30
N LEU Y 41 -24.40 28.58 -84.32
CA LEU Y 41 -24.56 28.14 -82.93
C LEU Y 41 -25.89 28.61 -82.34
N LEU Y 42 -26.36 29.79 -82.76
CA LEU Y 42 -27.63 30.30 -82.24
C LEU Y 42 -28.79 29.40 -82.66
N GLU Y 43 -28.77 28.89 -83.89
CA GLU Y 43 -29.87 28.05 -84.35
C GLU Y 43 -29.88 26.71 -83.61
N ALA Y 44 -28.70 26.14 -83.36
CA ALA Y 44 -28.65 24.89 -82.60
C ALA Y 44 -28.98 25.11 -81.14
N ALA Y 45 -28.67 26.29 -80.60
CA ALA Y 45 -29.04 26.59 -79.23
C ALA Y 45 -30.54 26.78 -79.08
N ARG Y 46 -31.18 27.38 -80.09
CA ARG Y 46 -32.63 27.46 -80.11
C ARG Y 46 -33.26 26.08 -80.30
N ALA Y 47 -32.60 25.20 -81.06
CA ALA Y 47 -33.21 23.94 -81.46
C ALA Y 47 -32.72 22.73 -80.69
N GLY Y 48 -31.52 22.78 -80.11
CA GLY Y 48 -31.04 21.66 -79.32
C GLY Y 48 -30.54 20.46 -80.12
N GLN Y 49 -29.41 20.63 -80.81
CA GLN Y 49 -28.73 19.53 -81.50
C GLN Y 49 -27.32 19.40 -80.92
N ASP Y 50 -27.09 18.31 -80.17
CA ASP Y 50 -25.74 18.04 -79.67
C ASP Y 50 -24.79 17.69 -80.80
N ASP Y 51 -25.29 17.05 -81.85
CA ASP Y 51 -24.45 16.73 -83.01
C ASP Y 51 -24.00 17.98 -83.74
N GLU Y 52 -24.91 18.94 -83.93
CA GLU Y 52 -24.56 20.17 -84.64
C GLU Y 52 -23.49 20.95 -83.89
N VAL Y 53 -23.64 21.10 -82.57
CA VAL Y 53 -22.64 21.82 -81.81
C VAL Y 53 -21.36 21.02 -81.67
N ARG Y 54 -21.44 19.68 -81.70
CA ARG Y 54 -20.23 18.87 -81.71
C ARG Y 54 -19.43 19.09 -82.99
N ILE Y 55 -20.13 19.18 -84.13
CA ILE Y 55 -19.45 19.44 -85.39
C ILE Y 55 -18.92 20.87 -85.44
N LEU Y 56 -19.68 21.82 -84.88
CA LEU Y 56 -19.23 23.21 -84.88
C LEU Y 56 -18.01 23.41 -83.98
N MET Y 57 -17.92 22.65 -82.88
CA MET Y 57 -16.70 22.65 -82.09
C MET Y 57 -15.59 21.84 -82.74
N ALA Y 58 -15.93 20.90 -83.62
CA ALA Y 58 -14.90 20.27 -84.44
C ALA Y 58 -14.34 21.24 -85.46
N ARG Y 59 -15.15 22.20 -85.90
CA ARG Y 59 -14.71 23.26 -86.80
C ARG Y 59 -14.26 24.50 -86.06
N GLY Y 60 -14.36 24.51 -84.72
CA GLY Y 60 -13.89 25.63 -83.93
C GLY Y 60 -14.80 26.85 -84.01
N ALA Y 61 -16.10 26.64 -83.83
CA ALA Y 61 -17.03 27.76 -83.84
C ALA Y 61 -16.86 28.60 -82.58
N GLU Y 62 -16.99 29.91 -82.73
CA GLU Y 62 -16.83 30.82 -81.61
C GLU Y 62 -18.02 30.73 -80.66
N VAL Y 63 -17.72 30.71 -79.35
CA VAL Y 63 -18.76 30.47 -78.34
C VAL Y 63 -19.33 31.75 -77.75
N ASN Y 64 -18.72 32.91 -77.99
CA ASN Y 64 -19.16 34.17 -77.40
C ASN Y 64 -19.91 35.02 -78.43
N ALA Y 65 -20.75 34.40 -79.24
CA ALA Y 65 -21.45 35.09 -80.31
C ALA Y 65 -22.62 35.87 -79.71
N ALA Y 66 -22.44 37.18 -79.56
CA ALA Y 66 -23.49 38.05 -79.04
C ALA Y 66 -24.26 38.68 -80.19
N ASP Y 67 -25.58 38.71 -80.06
CA ASP Y 67 -26.43 39.36 -81.04
C ASP Y 67 -26.57 40.84 -80.68
N ASN Y 68 -27.50 41.54 -81.32
CA ASN Y 68 -27.66 42.96 -81.07
C ASN Y 68 -28.19 43.27 -79.68
N THR Y 69 -28.85 42.31 -79.03
CA THR Y 69 -29.40 42.50 -77.69
C THR Y 69 -28.64 41.72 -76.63
N GLY Y 70 -27.51 41.13 -76.96
CA GLY Y 70 -26.65 40.50 -75.99
C GLY Y 70 -26.91 39.03 -75.75
N THR Y 71 -27.80 38.41 -76.51
CA THR Y 71 -28.18 37.02 -76.25
C THR Y 71 -27.12 36.09 -76.80
N THR Y 72 -26.51 35.30 -75.93
CA THR Y 72 -25.42 34.41 -76.28
C THR Y 72 -25.98 33.02 -76.59
N PRO Y 73 -25.16 32.13 -77.16
CA PRO Y 73 -25.60 30.74 -77.29
C PRO Y 73 -25.84 30.07 -75.94
N LEU Y 74 -25.13 30.50 -74.90
CA LEU Y 74 -25.39 29.99 -73.56
C LEU Y 74 -26.75 30.40 -73.06
N HIS Y 75 -27.20 31.61 -73.41
CA HIS Y 75 -28.53 32.06 -72.99
C HIS Y 75 -29.62 31.18 -73.57
N LEU Y 76 -29.55 30.90 -74.87
CA LEU Y 76 -30.55 30.05 -75.48
C LEU Y 76 -30.43 28.61 -75.02
N ALA Y 77 -29.20 28.16 -74.76
CA ALA Y 77 -29.01 26.83 -74.22
C ALA Y 77 -29.67 26.69 -72.85
N ALA Y 78 -29.60 27.75 -72.04
CA ALA Y 78 -30.26 27.73 -70.74
C ALA Y 78 -31.77 27.82 -70.86
N TYR Y 79 -32.26 28.74 -71.71
CA TYR Y 79 -33.68 28.91 -71.93
C TYR Y 79 -34.33 27.63 -72.47
N SER Y 80 -33.59 26.87 -73.26
CA SER Y 80 -34.15 25.68 -73.87
C SER Y 80 -34.24 24.53 -72.88
N GLY Y 81 -33.19 24.32 -72.09
CA GLY Y 81 -33.22 23.26 -71.10
C GLY Y 81 -32.55 21.97 -71.51
N HIS Y 82 -31.57 22.02 -72.42
CA HIS Y 82 -30.76 20.87 -72.78
C HIS Y 82 -29.40 21.03 -72.14
N LEU Y 83 -29.05 20.13 -71.23
CA LEU Y 83 -27.84 20.30 -70.43
C LEU Y 83 -26.56 20.06 -71.22
N GLU Y 84 -26.63 19.27 -72.31
CA GLU Y 84 -25.42 18.87 -73.02
C GLU Y 84 -24.78 20.05 -73.75
N ILE Y 85 -25.60 20.87 -74.41
CA ILE Y 85 -25.06 22.03 -75.12
C ILE Y 85 -24.49 23.03 -74.13
N VAL Y 86 -25.11 23.18 -72.96
CA VAL Y 86 -24.56 24.03 -71.91
C VAL Y 86 -23.21 23.49 -71.45
N GLU Y 87 -23.13 22.17 -71.25
CA GLU Y 87 -21.89 21.57 -70.79
C GLU Y 87 -20.76 21.79 -71.78
N VAL Y 88 -21.03 21.59 -73.07
CA VAL Y 88 -19.93 21.74 -74.02
C VAL Y 88 -19.60 23.22 -74.26
N LEU Y 89 -20.59 24.11 -74.14
CA LEU Y 89 -20.32 25.53 -74.22
C LEU Y 89 -19.41 25.98 -73.08
N LEU Y 90 -19.64 25.45 -71.88
CA LEU Y 90 -18.74 25.75 -70.77
C LEU Y 90 -17.41 25.02 -70.92
N LYS Y 91 -17.38 23.90 -71.63
CA LYS Y 91 -16.12 23.23 -71.91
C LYS Y 91 -15.24 24.06 -72.83
N TYR Y 92 -15.84 24.79 -73.76
CA TYR Y 92 -15.09 25.65 -74.66
C TYR Y 92 -14.99 27.09 -74.16
N GLY Y 93 -15.38 27.34 -72.91
CA GLY Y 93 -15.10 28.62 -72.29
C GLY Y 93 -16.11 29.72 -72.57
N ALA Y 94 -17.40 29.38 -72.63
CA ALA Y 94 -18.41 30.40 -72.77
C ALA Y 94 -18.54 31.20 -71.48
N GLU Y 95 -18.99 32.44 -71.62
CA GLU Y 95 -19.09 33.32 -70.46
C GLU Y 95 -20.30 32.96 -69.61
N VAL Y 96 -20.06 32.68 -68.33
CA VAL Y 96 -21.13 32.26 -67.44
C VAL Y 96 -21.95 33.44 -66.93
N ASN Y 97 -21.39 34.64 -66.91
CA ASN Y 97 -22.01 35.80 -66.31
C ASN Y 97 -22.24 36.90 -67.35
N ALA Y 98 -22.65 36.51 -68.55
CA ALA Y 98 -22.88 37.46 -69.62
C ALA Y 98 -24.25 38.09 -69.45
N ALA Y 99 -24.28 39.40 -69.21
CA ALA Y 99 -25.54 40.11 -69.04
C ALA Y 99 -26.04 40.65 -70.37
N ASP Y 100 -27.35 40.57 -70.58
CA ASP Y 100 -27.98 41.10 -71.77
C ASP Y 100 -28.28 42.59 -71.58
N VAL Y 101 -29.08 43.17 -72.48
CA VAL Y 101 -29.49 44.57 -72.32
C VAL Y 101 -30.53 44.75 -71.25
N PHE Y 102 -31.13 43.66 -70.77
CA PHE Y 102 -32.09 43.71 -69.67
C PHE Y 102 -31.48 43.27 -68.34
N GLY Y 103 -30.24 42.78 -68.35
CA GLY Y 103 -29.57 42.38 -67.14
C GLY Y 103 -29.60 40.89 -66.85
N TYR Y 104 -30.37 40.11 -67.61
CA TYR Y 104 -30.46 38.69 -67.33
C TYR Y 104 -29.19 37.96 -67.74
N THR Y 105 -28.80 37.00 -66.93
CA THR Y 105 -27.76 36.04 -67.17
C THR Y 105 -28.38 34.69 -67.48
N PRO Y 106 -27.60 33.69 -67.88
CA PRO Y 106 -28.19 32.34 -68.00
C PRO Y 106 -28.76 31.80 -66.71
N LEU Y 107 -28.23 32.21 -65.56
CA LEU Y 107 -28.78 31.74 -64.29
C LEU Y 107 -30.19 32.30 -64.07
N HIS Y 108 -30.42 33.56 -64.46
CA HIS Y 108 -31.76 34.14 -64.36
C HIS Y 108 -32.78 33.35 -65.16
N LEU Y 109 -32.50 33.12 -66.44
CA LEU Y 109 -33.42 32.39 -67.29
C LEU Y 109 -33.59 30.95 -66.83
N ALA Y 110 -32.51 30.34 -66.33
CA ALA Y 110 -32.62 28.98 -65.83
C ALA Y 110 -33.52 28.92 -64.61
N ALA Y 111 -33.43 29.93 -63.74
CA ALA Y 111 -34.28 29.95 -62.55
C ALA Y 111 -35.73 30.26 -62.90
N TYR Y 112 -35.96 31.06 -63.95
CA TYR Y 112 -37.32 31.36 -64.37
C TYR Y 112 -38.04 30.10 -64.84
N TRP Y 113 -37.41 29.32 -65.72
CA TRP Y 113 -38.09 28.22 -66.37
C TRP Y 113 -38.00 26.92 -65.58
N GLY Y 114 -37.27 26.92 -64.48
CA GLY Y 114 -37.29 25.76 -63.60
C GLY Y 114 -36.49 24.59 -64.12
N HIS Y 115 -35.24 24.83 -64.48
CA HIS Y 115 -34.34 23.78 -64.94
C HIS Y 115 -33.25 23.61 -63.88
N LEU Y 116 -33.34 22.51 -63.13
CA LEU Y 116 -32.52 22.36 -61.94
C LEU Y 116 -31.07 22.07 -62.27
N GLU Y 117 -30.83 21.12 -63.18
CA GLU Y 117 -29.47 20.67 -63.47
C GLU Y 117 -28.62 21.77 -64.07
N ILE Y 118 -29.21 22.62 -64.91
CA ILE Y 118 -28.39 23.66 -65.50
C ILE Y 118 -28.12 24.76 -64.48
N VAL Y 119 -29.05 24.98 -63.55
CA VAL Y 119 -28.77 25.88 -62.42
C VAL Y 119 -27.59 25.36 -61.61
N GLU Y 120 -27.58 24.06 -61.34
CA GLU Y 120 -26.49 23.46 -60.59
C GLU Y 120 -25.16 23.59 -61.31
N VAL Y 121 -25.11 23.31 -62.61
CA VAL Y 121 -23.82 23.36 -63.29
C VAL Y 121 -23.38 24.79 -63.58
N LEU Y 122 -24.31 25.75 -63.66
CA LEU Y 122 -23.92 27.14 -63.75
C LEU Y 122 -23.29 27.60 -62.44
N LEU Y 123 -23.90 27.24 -61.31
CA LEU Y 123 -23.31 27.56 -60.02
C LEU Y 123 -21.97 26.84 -59.83
N LYS Y 124 -21.83 25.66 -60.42
CA LYS Y 124 -20.59 24.92 -60.33
C LYS Y 124 -19.47 25.56 -61.15
N ASN Y 125 -19.82 26.40 -62.12
CA ASN Y 125 -18.83 27.04 -62.98
C ASN Y 125 -18.63 28.51 -62.64
N GLY Y 126 -19.07 28.94 -61.47
CA GLY Y 126 -18.81 30.29 -61.01
C GLY Y 126 -19.83 31.32 -61.46
N ALA Y 127 -21.10 30.95 -61.50
CA ALA Y 127 -22.16 31.92 -61.74
C ALA Y 127 -22.42 32.72 -60.48
N ASP Y 128 -22.60 34.02 -60.63
CA ASP Y 128 -22.83 34.89 -59.49
C ASP Y 128 -24.25 34.72 -58.99
N VAL Y 129 -24.38 34.30 -57.73
CA VAL Y 129 -25.68 33.89 -57.21
C VAL Y 129 -26.55 35.08 -56.84
N ASN Y 130 -25.96 36.26 -56.66
CA ASN Y 130 -26.69 37.46 -56.28
C ASN Y 130 -26.70 38.48 -57.42
N ALA Y 131 -26.83 38.01 -58.66
CA ALA Y 131 -26.84 38.90 -59.81
C ALA Y 131 -28.18 39.62 -59.91
N ARG Y 132 -28.11 40.94 -60.06
CA ARG Y 132 -29.31 41.77 -60.19
C ARG Y 132 -29.60 42.05 -61.66
N ASP Y 133 -30.88 42.10 -61.99
CA ASP Y 133 -31.30 42.49 -63.34
C ASP Y 133 -31.57 43.99 -63.38
N SER Y 134 -32.26 44.43 -64.43
CA SER Y 134 -32.69 45.82 -64.50
C SER Y 134 -33.65 46.18 -63.37
N ASP Y 135 -34.44 45.21 -62.90
CA ASP Y 135 -35.35 45.43 -61.80
C ASP Y 135 -34.70 45.21 -60.43
N GLY Y 136 -33.45 44.78 -60.40
CA GLY Y 136 -32.84 44.41 -59.15
C GLY Y 136 -33.27 43.05 -58.62
N MET Y 137 -33.92 42.24 -59.44
CA MET Y 137 -34.41 40.94 -59.02
C MET Y 137 -33.33 39.89 -59.23
N THR Y 138 -32.91 39.27 -58.14
CA THR Y 138 -31.96 38.18 -58.18
C THR Y 138 -32.64 36.92 -58.69
N PRO Y 139 -31.88 35.89 -59.05
CA PRO Y 139 -32.53 34.61 -59.42
C PRO Y 139 -33.37 34.02 -58.30
N LEU Y 140 -33.02 34.27 -57.04
CA LEU Y 140 -33.84 33.80 -55.93
C LEU Y 140 -35.21 34.46 -55.93
N HIS Y 141 -35.28 35.74 -56.31
CA HIS Y 141 -36.58 36.39 -56.50
C HIS Y 141 -37.44 35.62 -57.49
N LEU Y 142 -36.85 35.21 -58.62
CA LEU Y 142 -37.60 34.51 -59.65
C LEU Y 142 -38.07 33.14 -59.15
N ALA Y 143 -37.16 32.38 -58.57
CA ALA Y 143 -37.50 31.04 -58.10
C ALA Y 143 -38.50 31.06 -56.96
N ALA Y 144 -38.52 32.12 -56.16
CA ALA Y 144 -39.53 32.25 -55.12
C ALA Y 144 -40.86 32.72 -55.70
N LYS Y 145 -40.80 33.56 -56.74
CA LYS Y 145 -42.01 34.05 -57.37
C LYS Y 145 -42.73 32.96 -58.14
N TRP Y 146 -42.01 31.97 -58.65
CA TRP Y 146 -42.65 30.95 -59.47
C TRP Y 146 -42.87 29.63 -58.74
N GLY Y 147 -42.26 29.42 -57.59
CA GLY Y 147 -42.57 28.26 -56.78
C GLY Y 147 -41.72 27.03 -57.02
N HIS Y 148 -40.44 27.20 -57.33
CA HIS Y 148 -39.52 26.08 -57.54
C HIS Y 148 -38.73 25.86 -56.25
N LEU Y 149 -39.03 24.78 -55.53
CA LEU Y 149 -38.38 24.54 -54.25
C LEU Y 149 -36.92 24.21 -54.39
N GLU Y 150 -36.60 23.23 -55.24
CA GLU Y 150 -35.24 22.71 -55.31
C GLU Y 150 -34.26 23.76 -55.82
N ILE Y 151 -34.72 24.61 -56.72
CA ILE Y 151 -33.89 25.73 -57.17
C ILE Y 151 -33.62 26.68 -56.02
N VAL Y 152 -34.64 26.98 -55.22
CA VAL Y 152 -34.47 27.84 -54.05
C VAL Y 152 -33.46 27.25 -53.10
N GLU Y 153 -33.50 25.95 -52.88
CA GLU Y 153 -32.60 25.33 -51.92
C GLU Y 153 -31.16 25.30 -52.43
N VAL Y 154 -30.97 24.97 -53.70
CA VAL Y 154 -29.62 25.00 -54.28
C VAL Y 154 -29.07 26.41 -54.30
N LEU Y 155 -29.93 27.41 -54.51
CA LEU Y 155 -29.46 28.79 -54.48
C LEU Y 155 -29.10 29.22 -53.07
N LEU Y 156 -29.86 28.76 -52.08
CA LEU Y 156 -29.53 29.08 -50.69
C LEU Y 156 -28.24 28.42 -50.26
N ARG Y 157 -27.94 27.23 -50.81
CA ARG Y 157 -26.69 26.56 -50.48
C ARG Y 157 -25.47 27.36 -50.92
N TYR Y 158 -25.59 28.13 -52.00
CA TYR Y 158 -24.45 28.83 -52.57
C TYR Y 158 -24.36 30.27 -52.10
N GLY Y 159 -25.20 30.69 -51.16
CA GLY Y 159 -25.08 31.99 -50.56
C GLY Y 159 -25.99 33.06 -51.11
N ALA Y 160 -27.19 32.72 -51.56
CA ALA Y 160 -28.11 33.73 -52.06
C ALA Y 160 -28.60 34.60 -50.92
N ASP Y 161 -28.72 35.90 -51.19
CA ASP Y 161 -29.10 36.86 -50.15
C ASP Y 161 -30.60 36.79 -49.91
N VAL Y 162 -30.98 36.53 -48.66
CA VAL Y 162 -32.39 36.43 -48.30
C VAL Y 162 -33.03 37.81 -48.26
N GLU Y 163 -32.24 38.85 -48.02
CA GLU Y 163 -32.77 40.19 -47.76
C GLU Y 163 -32.64 41.13 -48.95
N ALA Y 164 -32.39 40.60 -50.14
CA ALA Y 164 -32.29 41.43 -51.33
C ALA Y 164 -33.66 41.99 -51.70
N GLN Y 165 -33.73 43.30 -51.92
CA GLN Y 165 -34.95 43.97 -52.33
C GLN Y 165 -34.84 44.44 -53.77
N ASP Y 166 -35.97 44.39 -54.49
CA ASP Y 166 -36.02 44.85 -55.86
C ASP Y 166 -36.44 46.33 -55.88
N LYS Y 167 -36.83 46.84 -57.04
CA LYS Y 167 -37.20 48.25 -57.15
C LYS Y 167 -38.43 48.61 -56.34
N PHE Y 168 -39.30 47.64 -56.06
CA PHE Y 168 -40.49 47.88 -55.25
C PHE Y 168 -40.23 47.68 -53.76
N GLY Y 169 -39.03 47.28 -53.38
CA GLY Y 169 -38.77 46.95 -51.99
C GLY Y 169 -39.30 45.60 -51.58
N LYS Y 170 -39.32 44.64 -52.49
CA LYS Y 170 -39.82 43.31 -52.21
C LYS Y 170 -38.66 42.34 -52.02
N THR Y 171 -38.69 41.60 -50.94
CA THR Y 171 -37.79 40.46 -50.74
C THR Y 171 -38.39 39.22 -51.36
N PRO Y 172 -37.59 38.17 -51.57
CA PRO Y 172 -38.17 36.91 -52.07
C PRO Y 172 -39.25 36.33 -51.17
N PHE Y 173 -39.19 36.60 -49.87
CA PHE Y 173 -40.26 36.18 -48.95
C PHE Y 173 -41.58 36.86 -49.32
N ASP Y 174 -41.53 38.14 -49.69
CA ASP Y 174 -42.73 38.84 -50.11
C ASP Y 174 -43.28 38.28 -51.41
N LEU Y 175 -42.42 37.99 -52.38
CA LEU Y 175 -42.89 37.42 -53.64
C LEU Y 175 -43.43 36.02 -53.44
N ALA Y 176 -42.94 35.30 -52.43
CA ALA Y 176 -43.45 33.97 -52.18
C ALA Y 176 -44.79 33.99 -51.46
N ILE Y 177 -45.03 34.99 -50.59
CA ILE Y 177 -46.34 35.04 -49.96
C ILE Y 177 -47.37 35.64 -50.91
N ASP Y 178 -46.94 36.53 -51.82
CA ASP Y 178 -47.90 37.12 -52.75
C ASP Y 178 -48.40 36.13 -53.79
N ASN Y 179 -47.66 35.06 -54.05
CA ASN Y 179 -48.05 34.07 -55.06
C ASN Y 179 -48.44 32.74 -54.45
N GLY Y 180 -48.59 32.67 -53.13
CA GLY Y 180 -49.13 31.48 -52.50
C GLY Y 180 -48.16 30.34 -52.33
N ASN Y 181 -46.84 30.60 -52.40
CA ASN Y 181 -45.85 29.54 -52.20
C ASN Y 181 -45.46 29.53 -50.72
N GLU Y 182 -46.28 28.86 -49.93
CA GLU Y 182 -46.18 28.97 -48.48
C GLU Y 182 -45.00 28.21 -47.90
N ASP Y 183 -44.62 27.08 -48.51
CA ASP Y 183 -43.47 26.34 -48.00
C ASP Y 183 -42.16 27.07 -48.28
N ILE Y 184 -42.05 27.73 -49.43
CA ILE Y 184 -40.89 28.58 -49.70
C ILE Y 184 -40.79 29.67 -48.64
N ALA Y 185 -41.91 30.33 -48.35
CA ALA Y 185 -41.92 31.39 -47.35
C ALA Y 185 -41.58 30.86 -45.97
N GLU Y 186 -41.98 29.64 -45.66
CA GLU Y 186 -41.62 29.03 -44.38
C GLU Y 186 -40.11 28.85 -44.26
N VAL Y 187 -39.50 28.30 -45.31
CA VAL Y 187 -38.05 28.09 -45.31
C VAL Y 187 -37.33 29.43 -45.17
N LEU Y 188 -37.77 30.42 -45.95
CA LEU Y 188 -37.12 31.71 -45.95
C LEU Y 188 -37.27 32.44 -44.62
N GLN Y 189 -38.38 32.21 -43.92
CA GLN Y 189 -38.60 32.88 -42.65
C GLN Y 189 -37.79 32.24 -41.53
N ALA Y 190 -37.78 30.91 -41.49
CA ALA Y 190 -37.04 30.20 -40.46
C ALA Y 190 -35.55 30.45 -40.56
N LEU Y 191 -35.02 30.52 -41.78
CA LEU Y 191 -33.59 30.76 -41.95
C LEU Y 191 -33.17 32.11 -41.41
N LEU Y 192 -33.92 33.15 -41.76
CA LEU Y 192 -33.64 34.49 -41.29
C LEU Y 192 -33.75 34.58 -39.77
N ALA Y 193 -34.72 33.88 -39.18
CA ALA Y 193 -34.90 33.97 -37.75
C ALA Y 193 -33.76 33.32 -36.98
N ILE Y 194 -33.27 32.18 -37.47
CA ILE Y 194 -32.15 31.55 -36.79
C ILE Y 194 -30.86 32.36 -36.96
N ASN Y 195 -30.66 32.99 -38.11
CA ASN Y 195 -29.47 33.83 -38.26
C ASN Y 195 -29.51 35.05 -37.36
N ARG Y 196 -30.69 35.63 -37.19
CA ARG Y 196 -30.82 36.76 -36.27
C ARG Y 196 -30.60 36.34 -34.82
N GLN Y 197 -31.03 35.13 -34.46
CA GLN Y 197 -30.74 34.68 -33.10
C GLN Y 197 -29.26 34.45 -32.87
N ILE Y 198 -28.54 33.97 -33.89
CA ILE Y 198 -27.08 33.83 -33.77
C ILE Y 198 -26.43 35.19 -33.53
N ASN Y 199 -26.83 36.19 -34.33
CA ASN Y 199 -26.26 37.51 -34.14
C ASN Y 199 -26.62 38.10 -32.78
N LEU Y 200 -27.82 37.81 -32.28
CA LEU Y 200 -28.22 38.34 -30.99
C LEU Y 200 -27.46 37.70 -29.84
N GLU Y 201 -27.13 36.41 -29.94
CA GLU Y 201 -26.29 35.80 -28.93
C GLU Y 201 -24.86 36.33 -28.99
N LEU Y 202 -24.35 36.62 -30.18
CA LEU Y 202 -23.01 37.21 -30.27
C LEU Y 202 -22.99 38.62 -29.73
N TYR Y 203 -24.09 39.36 -29.86
CA TYR Y 203 -24.17 40.70 -29.32
C TYR Y 203 -24.08 40.71 -27.80
N ALA Y 204 -24.81 39.81 -27.15
CA ALA Y 204 -24.90 39.81 -25.70
C ALA Y 204 -23.57 39.45 -25.05
N SER Y 205 -22.72 38.70 -25.73
CA SER Y 205 -21.42 38.33 -25.19
C SER Y 205 -20.50 39.53 -25.10
N TYR Y 206 -20.63 40.45 -26.04
CA TYR Y 206 -19.81 41.65 -26.14
C TYR Y 206 -20.24 42.71 -25.13
N VAL Y 207 -21.53 42.76 -24.81
CA VAL Y 207 -22.02 43.62 -23.74
C VAL Y 207 -21.45 43.17 -22.40
N TYR Y 208 -21.41 41.86 -22.17
CA TYR Y 208 -20.85 41.35 -20.94
C TYR Y 208 -19.35 41.56 -20.87
N LEU Y 209 -18.66 41.51 -22.01
CA LEU Y 209 -17.24 41.85 -22.02
C LEU Y 209 -17.01 43.30 -21.61
N SER Y 210 -17.81 44.20 -22.15
CA SER Y 210 -17.75 45.60 -21.77
C SER Y 210 -17.97 45.77 -20.28
N MET Y 211 -19.05 45.18 -19.76
CA MET Y 211 -19.38 45.26 -18.34
C MET Y 211 -18.24 44.73 -17.47
N SER Y 212 -17.65 43.60 -17.85
CA SER Y 212 -16.60 42.99 -17.06
C SER Y 212 -15.38 43.91 -16.97
N TYR Y 213 -14.95 44.46 -18.09
CA TYR Y 213 -13.77 45.31 -18.02
C TYR Y 213 -14.06 46.72 -17.52
N TYR Y 214 -15.32 47.07 -17.30
CA TYR Y 214 -15.61 48.29 -16.56
C TYR Y 214 -15.29 48.12 -15.08
N PHE Y 215 -15.49 46.94 -14.54
CA PHE Y 215 -15.43 46.72 -13.10
C PHE Y 215 -14.04 46.44 -12.57
N ASP Y 216 -13.01 46.50 -13.40
CA ASP Y 216 -11.66 46.42 -12.89
C ASP Y 216 -10.84 47.65 -13.26
N ARG Y 217 -11.50 48.74 -13.63
CA ARG Y 217 -10.82 50.03 -13.65
C ARG Y 217 -10.37 50.40 -12.25
N ASP Y 218 -9.32 51.21 -12.16
CA ASP Y 218 -8.77 51.50 -10.85
C ASP Y 218 -9.67 52.39 -10.00
N ASP Y 219 -10.66 53.04 -10.59
CA ASP Y 219 -11.66 53.75 -9.81
C ASP Y 219 -12.96 52.97 -9.64
N VAL Y 220 -13.04 51.76 -10.18
CA VAL Y 220 -14.12 50.82 -9.88
C VAL Y 220 -13.42 49.51 -9.51
N ALA Y 221 -13.10 49.35 -8.24
CA ALA Y 221 -12.23 48.24 -7.86
C ALA Y 221 -13.04 47.08 -7.29
N LEU Y 222 -13.87 46.47 -8.13
CA LEU Y 222 -14.72 45.35 -7.72
C LEU Y 222 -14.38 44.12 -8.56
N LYS Y 223 -13.57 43.22 -8.01
CA LYS Y 223 -13.00 42.11 -8.75
C LYS Y 223 -14.00 41.00 -9.04
N ASN Y 224 -14.95 40.79 -8.14
CA ASN Y 224 -15.87 39.68 -8.29
C ASN Y 224 -17.01 40.01 -9.24
N PHE Y 225 -17.38 41.29 -9.32
CA PHE Y 225 -18.26 41.75 -10.39
C PHE Y 225 -17.65 41.47 -11.76
N ALA Y 226 -16.37 41.83 -11.92
CA ALA Y 226 -15.68 41.62 -13.19
C ALA Y 226 -15.58 40.14 -13.54
N LYS Y 227 -15.30 39.31 -12.54
CA LYS Y 227 -15.21 37.89 -12.75
C LYS Y 227 -16.56 37.29 -13.18
N TYR Y 228 -17.63 37.73 -12.52
CA TYR Y 228 -18.99 37.29 -12.85
C TYR Y 228 -19.35 37.63 -14.30
N PHE Y 229 -19.07 38.85 -14.73
CA PHE Y 229 -19.47 39.23 -16.07
C PHE Y 229 -18.59 38.61 -17.15
N LEU Y 230 -17.33 38.28 -16.84
CA LEU Y 230 -16.55 37.51 -17.80
C LEU Y 230 -17.10 36.11 -17.98
N HIS Y 231 -17.57 35.51 -16.88
CA HIS Y 231 -18.21 34.20 -16.98
C HIS Y 231 -19.44 34.25 -17.89
N GLN Y 232 -20.27 35.28 -17.72
CA GLN Y 232 -21.45 35.40 -18.57
C GLN Y 232 -21.09 35.59 -20.04
N SER Y 233 -20.03 36.36 -20.30
CA SER Y 233 -19.57 36.56 -21.68
C SER Y 233 -19.23 35.23 -22.36
N HIS Y 234 -18.50 34.37 -21.65
CA HIS Y 234 -18.13 33.11 -22.27
C HIS Y 234 -19.32 32.16 -22.43
N GLU Y 235 -20.28 32.21 -21.50
CA GLU Y 235 -21.47 31.39 -21.66
C GLU Y 235 -22.29 31.79 -22.89
N GLU Y 236 -22.39 33.09 -23.16
CA GLU Y 236 -23.13 33.51 -24.34
C GLU Y 236 -22.41 33.13 -25.63
N ARG Y 237 -21.08 33.17 -25.63
CA ARG Y 237 -20.33 32.67 -26.76
C ARG Y 237 -20.65 31.20 -27.04
N GLU Y 238 -20.79 30.41 -25.97
CA GLU Y 238 -21.16 29.00 -26.14
C GLU Y 238 -22.57 28.84 -26.68
N HIS Y 239 -23.52 29.69 -26.25
CA HIS Y 239 -24.87 29.62 -26.78
C HIS Y 239 -24.89 29.86 -28.30
N ALA Y 240 -24.15 30.86 -28.75
CA ALA Y 240 -24.10 31.14 -30.18
C ALA Y 240 -23.48 29.98 -30.96
N GLU Y 241 -22.43 29.38 -30.42
CA GLU Y 241 -21.81 28.26 -31.10
C GLU Y 241 -22.73 27.04 -31.18
N LYS Y 242 -23.55 26.82 -30.16
CA LYS Y 242 -24.53 25.75 -30.23
C LYS Y 242 -25.54 25.99 -31.35
N LEU Y 243 -26.00 27.23 -31.50
CA LEU Y 243 -26.94 27.49 -32.59
C LEU Y 243 -26.29 27.31 -33.95
N MET Y 244 -25.00 27.65 -34.07
CA MET Y 244 -24.29 27.43 -35.33
C MET Y 244 -24.15 25.94 -35.65
N LYS Y 245 -23.86 25.12 -34.64
CA LYS Y 245 -23.78 23.70 -34.86
C LYS Y 245 -25.11 23.10 -35.28
N LEU Y 246 -26.21 23.54 -34.64
CA LEU Y 246 -27.53 23.09 -35.03
C LEU Y 246 -27.84 23.45 -36.48
N GLN Y 247 -27.53 24.68 -36.87
CA GLN Y 247 -27.79 25.09 -38.24
C GLN Y 247 -26.96 24.27 -39.24
N ASN Y 248 -25.76 23.84 -38.85
CA ASN Y 248 -25.00 22.99 -39.76
C ASN Y 248 -25.53 21.57 -39.84
N GLN Y 249 -26.14 21.05 -38.77
CA GLN Y 249 -26.72 19.71 -38.83
C GLN Y 249 -27.95 19.63 -39.72
N ARG Y 250 -28.70 20.72 -39.84
CA ARG Y 250 -29.92 20.71 -40.64
C ARG Y 250 -29.67 20.94 -42.11
N GLY Y 251 -28.45 21.34 -42.49
CA GLY Y 251 -28.18 21.69 -43.87
C GLY Y 251 -28.53 23.09 -44.24
N GLY Y 252 -28.73 23.98 -43.26
CA GLY Y 252 -28.99 25.37 -43.54
C GLY Y 252 -27.71 26.17 -43.70
N ALA Y 253 -27.89 27.45 -44.03
CA ALA Y 253 -26.79 28.32 -44.43
C ALA Y 253 -26.57 29.38 -43.35
N ILE Y 254 -25.46 29.25 -42.62
CA ILE Y 254 -25.06 30.30 -41.69
C ILE Y 254 -24.67 31.55 -42.46
N SER Y 255 -25.09 32.71 -41.97
CA SER Y 255 -24.81 33.99 -42.61
C SER Y 255 -24.56 35.01 -41.51
N LEU Y 256 -23.33 35.48 -41.38
CA LEU Y 256 -22.93 36.33 -40.28
C LEU Y 256 -23.00 37.80 -40.65
N GLN Y 257 -23.30 38.63 -39.67
CA GLN Y 257 -23.43 40.08 -39.82
C GLN Y 257 -22.48 40.78 -38.85
N ASP Y 258 -22.48 42.10 -38.90
CA ASP Y 258 -21.71 42.89 -37.94
C ASP Y 258 -22.24 42.70 -36.53
N ILE Y 259 -21.34 42.78 -35.56
CA ILE Y 259 -21.71 42.83 -34.16
C ILE Y 259 -21.53 44.26 -33.69
N LYS Y 260 -22.61 44.89 -33.27
CA LYS Y 260 -22.57 46.30 -32.92
C LYS Y 260 -22.07 46.51 -31.49
N LYS Y 261 -21.49 47.68 -31.27
CA LYS Y 261 -20.89 47.99 -29.95
C LYS Y 261 -21.96 48.22 -28.90
N PRO Y 262 -21.72 47.85 -27.63
CA PRO Y 262 -22.67 48.04 -26.54
C PRO Y 262 -23.10 49.50 -26.39
N ASP Y 263 -24.18 49.70 -25.64
CA ASP Y 263 -24.78 51.02 -25.52
C ASP Y 263 -23.95 51.96 -24.67
N CYS Y 264 -23.26 51.44 -23.66
CA CYS Y 264 -22.40 52.24 -22.80
C CYS Y 264 -20.99 51.72 -22.84
N ASP Y 265 -20.04 52.63 -22.68
CA ASP Y 265 -18.73 52.28 -22.16
C ASP Y 265 -18.66 52.42 -20.65
N ASP Y 266 -19.45 53.31 -20.08
CA ASP Y 266 -19.43 53.60 -18.65
C ASP Y 266 -20.77 53.20 -18.06
N TRP Y 267 -20.77 52.05 -17.40
CA TRP Y 267 -21.82 51.72 -16.47
C TRP Y 267 -21.62 52.56 -15.21
N GLU Y 268 -22.55 52.52 -14.28
CA GLU Y 268 -22.49 53.49 -13.21
C GLU Y 268 -22.29 52.90 -11.82
N SER Y 269 -22.68 51.66 -11.61
CA SER Y 269 -22.60 51.01 -10.31
C SER Y 269 -22.83 49.53 -10.55
N GLY Y 270 -22.77 48.76 -9.48
CA GLY Y 270 -23.12 47.35 -9.59
C GLY Y 270 -24.61 47.16 -9.81
N LEU Y 271 -25.43 47.98 -9.16
CA LEU Y 271 -26.87 47.90 -9.30
C LEU Y 271 -27.30 48.20 -10.73
N ASN Y 272 -26.76 49.27 -11.32
CA ASN Y 272 -27.18 49.67 -12.66
C ASN Y 272 -26.79 48.63 -13.69
N ALA Y 273 -25.60 48.04 -13.54
CA ALA Y 273 -25.18 47.00 -14.47
C ALA Y 273 -26.00 45.73 -14.32
N MET Y 274 -26.36 45.37 -13.08
CA MET Y 274 -27.23 44.22 -12.89
C MET Y 274 -28.61 44.45 -13.51
N GLU Y 275 -29.13 45.68 -13.42
CA GLU Y 275 -30.43 45.95 -14.03
C GLU Y 275 -30.36 45.94 -15.55
N CYS Y 276 -29.26 46.41 -16.12
CA CYS Y 276 -29.09 46.34 -17.57
C CYS Y 276 -28.96 44.90 -18.03
N ALA Y 277 -28.26 44.07 -17.26
CA ALA Y 277 -28.15 42.65 -17.62
C ALA Y 277 -29.49 41.94 -17.53
N LEU Y 278 -30.33 42.32 -16.58
CA LEU Y 278 -31.66 41.73 -16.51
C LEU Y 278 -32.50 42.12 -17.72
N HIS Y 279 -32.47 43.40 -18.09
CA HIS Y 279 -33.19 43.85 -19.28
C HIS Y 279 -32.72 43.10 -20.54
N LEU Y 280 -31.41 42.88 -20.65
CA LEU Y 280 -30.85 42.16 -21.79
C LEU Y 280 -31.35 40.72 -21.86
N GLU Y 281 -31.29 40.00 -20.74
CA GLU Y 281 -31.70 38.60 -20.79
C GLU Y 281 -33.20 38.46 -21.03
N LYS Y 282 -34.00 39.44 -20.60
CA LYS Y 282 -35.41 39.40 -20.92
C LYS Y 282 -35.66 39.58 -22.41
N ASN Y 283 -34.89 40.47 -23.05
CA ASN Y 283 -35.01 40.63 -24.50
C ASN Y 283 -34.65 39.34 -25.24
N VAL Y 284 -33.58 38.68 -24.82
CA VAL Y 284 -33.17 37.44 -25.46
C VAL Y 284 -34.24 36.36 -25.31
N ASN Y 285 -34.83 36.26 -24.12
CA ASN Y 285 -35.90 35.29 -23.88
C ASN Y 285 -37.11 35.56 -24.77
N GLN Y 286 -37.46 36.83 -24.97
CA GLN Y 286 -38.60 37.15 -25.82
C GLN Y 286 -38.35 36.74 -27.26
N SER Y 287 -37.15 36.97 -27.77
CA SER Y 287 -36.87 36.54 -29.14
C SER Y 287 -36.86 35.02 -29.26
N LEU Y 288 -36.42 34.31 -28.22
CA LEU Y 288 -36.47 32.86 -28.25
C LEU Y 288 -37.91 32.34 -28.28
N LEU Y 289 -38.81 33.01 -27.57
CA LEU Y 289 -40.22 32.59 -27.61
C LEU Y 289 -40.83 32.82 -28.98
N GLU Y 290 -40.47 33.92 -29.64
CA GLU Y 290 -40.96 34.12 -31.01
C GLU Y 290 -40.41 33.06 -31.96
N LEU Y 291 -39.15 32.68 -31.78
CA LEU Y 291 -38.57 31.62 -32.60
C LEU Y 291 -39.29 30.30 -32.39
N HIS Y 292 -39.68 30.00 -31.15
CA HIS Y 292 -40.40 28.76 -30.87
C HIS Y 292 -41.78 28.76 -31.51
N LYS Y 293 -42.47 29.91 -31.47
CA LYS Y 293 -43.79 29.97 -32.08
C LYS Y 293 -43.70 29.82 -33.60
N LEU Y 294 -42.67 30.41 -34.20
CA LEU Y 294 -42.46 30.25 -35.63
C LEU Y 294 -42.16 28.79 -35.98
N ALA Y 295 -41.35 28.12 -35.16
CA ALA Y 295 -41.06 26.70 -35.39
C ALA Y 295 -42.30 25.84 -35.23
N THR Y 296 -43.22 26.23 -34.36
CA THR Y 296 -44.44 25.44 -34.21
C THR Y 296 -45.38 25.64 -35.38
N ASP Y 297 -45.40 26.84 -35.97
CA ASP Y 297 -46.20 27.02 -37.18
C ASP Y 297 -45.65 26.22 -38.36
N CYS Y 298 -44.34 26.01 -38.42
CA CYS Y 298 -43.71 25.34 -39.56
C CYS Y 298 -43.68 23.83 -39.42
N ASN Y 299 -44.25 23.28 -38.35
CA ASN Y 299 -44.27 21.84 -38.08
C ASN Y 299 -42.86 21.26 -38.03
N ASP Y 300 -42.08 21.75 -37.08
CA ASP Y 300 -40.69 21.34 -36.90
C ASP Y 300 -40.48 20.93 -35.45
N PRO Y 301 -40.85 19.70 -35.08
CA PRO Y 301 -40.73 19.29 -33.68
C PRO Y 301 -39.30 19.22 -33.19
N HIS Y 302 -38.33 18.96 -34.06
CA HIS Y 302 -36.95 18.86 -33.62
C HIS Y 302 -36.41 20.22 -33.18
N LEU Y 303 -36.75 21.28 -33.90
CA LEU Y 303 -36.36 22.63 -33.52
C LEU Y 303 -37.02 23.05 -32.23
N CYS Y 304 -38.30 22.72 -32.06
CA CYS Y 304 -39.02 23.05 -30.83
C CYS Y 304 -38.38 22.38 -29.63
N ASP Y 305 -38.07 21.09 -29.75
CA ASP Y 305 -37.45 20.40 -28.63
C ASP Y 305 -36.03 20.90 -28.37
N PHE Y 306 -35.29 21.25 -29.41
CA PHE Y 306 -33.97 21.84 -29.23
C PHE Y 306 -34.04 23.13 -28.43
N ILE Y 307 -34.97 24.02 -28.81
CA ILE Y 307 -35.10 25.30 -28.13
C ILE Y 307 -35.51 25.09 -26.68
N GLU Y 308 -36.55 24.30 -26.44
CA GLU Y 308 -36.99 24.17 -25.06
C GLU Y 308 -36.10 23.28 -24.20
N THR Y 309 -35.18 22.52 -24.79
CA THR Y 309 -34.24 21.74 -23.99
C THR Y 309 -32.96 22.51 -23.66
N HIS Y 310 -32.43 23.30 -24.59
CA HIS Y 310 -31.15 23.97 -24.32
C HIS Y 310 -31.26 25.46 -24.06
N TYR Y 311 -32.42 26.07 -24.21
CA TYR Y 311 -32.44 27.53 -24.12
C TYR Y 311 -33.48 28.08 -23.17
N LEU Y 312 -34.65 27.45 -23.09
CA LEU Y 312 -35.76 28.06 -22.37
C LEU Y 312 -35.66 27.96 -20.87
N ASN Y 313 -34.97 26.95 -20.36
CA ASN Y 313 -34.82 26.82 -18.92
C ASN Y 313 -33.64 27.61 -18.38
N GLU Y 314 -32.60 27.76 -19.20
CA GLU Y 314 -31.46 28.59 -18.83
C GLU Y 314 -31.85 30.05 -18.72
N GLN Y 315 -32.73 30.52 -19.60
CA GLN Y 315 -33.20 31.89 -19.53
C GLN Y 315 -33.97 32.15 -18.25
N VAL Y 316 -34.81 31.19 -17.86
CA VAL Y 316 -35.59 31.33 -16.64
C VAL Y 316 -34.68 31.36 -15.42
N LYS Y 317 -33.68 30.49 -15.39
CA LYS Y 317 -32.71 30.50 -14.29
C LYS Y 317 -31.95 31.82 -14.22
N ALA Y 318 -31.52 32.34 -15.37
CA ALA Y 318 -30.74 33.57 -15.38
C ALA Y 318 -31.57 34.76 -14.93
N ILE Y 319 -32.83 34.81 -15.34
CA ILE Y 319 -33.69 35.92 -14.96
C ILE Y 319 -34.01 35.86 -13.47
N LYS Y 320 -34.19 34.66 -12.92
CA LYS Y 320 -34.42 34.54 -11.48
C LYS Y 320 -33.19 34.99 -10.69
N GLU Y 321 -32.00 34.59 -11.12
CA GLU Y 321 -30.79 34.97 -10.41
C GLU Y 321 -30.50 36.47 -10.48
N LEU Y 322 -30.72 37.07 -11.65
CA LEU Y 322 -30.46 38.50 -11.77
C LEU Y 322 -31.47 39.33 -11.00
N GLY Y 323 -32.73 38.90 -10.94
CA GLY Y 323 -33.68 39.59 -10.09
C GLY Y 323 -33.37 39.45 -8.60
N ASP Y 324 -32.87 38.29 -8.19
CA ASP Y 324 -32.33 38.12 -6.84
C ASP Y 324 -31.26 39.15 -6.53
N HIS Y 325 -30.25 39.26 -7.42
CA HIS Y 325 -29.16 40.20 -7.20
C HIS Y 325 -29.67 41.63 -7.10
N VAL Y 326 -30.63 42.00 -7.95
CA VAL Y 326 -31.12 43.37 -7.93
C VAL Y 326 -31.84 43.68 -6.61
N THR Y 327 -32.70 42.77 -6.15
CA THR Y 327 -33.43 43.10 -4.93
C THR Y 327 -32.52 43.10 -3.70
N ASN Y 328 -31.53 42.21 -3.65
CA ASN Y 328 -30.62 42.24 -2.50
C ASN Y 328 -29.79 43.52 -2.50
N LEU Y 329 -29.29 43.93 -3.67
CA LEU Y 329 -28.52 45.16 -3.73
C LEU Y 329 -29.36 46.38 -3.36
N ARG Y 330 -30.63 46.40 -3.76
CA ARG Y 330 -31.49 47.53 -3.39
C ARG Y 330 -31.80 47.53 -1.89
N LYS Y 331 -31.97 46.36 -1.29
CA LYS Y 331 -32.26 46.32 0.14
C LYS Y 331 -31.06 46.73 0.97
N MET Y 332 -29.85 46.33 0.56
CA MET Y 332 -28.66 46.71 1.31
C MET Y 332 -28.40 48.20 1.29
N GLY Y 333 -28.95 48.93 0.33
CA GLY Y 333 -28.82 50.37 0.29
C GLY Y 333 -27.99 50.92 -0.84
N ALA Y 334 -27.67 50.14 -1.84
CA ALA Y 334 -26.90 50.57 -2.99
C ALA Y 334 -27.80 51.35 -3.95
N PRO Y 335 -27.23 52.25 -4.79
CA PRO Y 335 -25.84 52.60 -5.05
C PRO Y 335 -25.24 53.63 -4.11
N GLU Y 336 -26.08 54.36 -3.40
CA GLU Y 336 -25.62 55.45 -2.55
C GLU Y 336 -25.00 54.98 -1.25
N SER Y 337 -24.79 53.68 -1.10
CA SER Y 337 -23.97 53.13 -0.02
C SER Y 337 -22.83 52.36 -0.65
N GLY Y 338 -21.61 52.88 -0.49
CA GLY Y 338 -20.46 52.15 -0.99
C GLY Y 338 -20.11 50.93 -0.18
N LEU Y 339 -20.58 50.87 1.06
CA LEU Y 339 -20.39 49.70 1.89
C LEU Y 339 -21.24 48.53 1.40
N ALA Y 340 -22.36 48.80 0.74
CA ALA Y 340 -23.25 47.74 0.28
C ALA Y 340 -22.64 46.97 -0.88
N GLU Y 341 -22.06 47.66 -1.85
CA GLU Y 341 -21.51 46.97 -3.01
C GLU Y 341 -20.24 46.21 -2.68
N TYR Y 342 -19.43 46.74 -1.77
CA TYR Y 342 -18.24 46.03 -1.30
C TYR Y 342 -18.62 44.70 -0.65
N LEU Y 343 -19.63 44.72 0.22
CA LEU Y 343 -19.99 43.52 0.95
C LEU Y 343 -20.76 42.54 0.08
N PHE Y 344 -21.55 43.04 -0.88
CA PHE Y 344 -22.15 42.16 -1.87
C PHE Y 344 -21.09 41.46 -2.71
N ASP Y 345 -20.07 42.22 -3.13
CA ASP Y 345 -18.92 41.66 -3.81
C ASP Y 345 -18.28 40.53 -3.03
N LYS Y 346 -18.09 40.73 -1.72
CA LYS Y 346 -17.44 39.70 -0.92
C LYS Y 346 -18.34 38.49 -0.72
N HIS Y 347 -19.58 38.69 -0.28
CA HIS Y 347 -20.35 37.58 0.25
C HIS Y 347 -21.17 36.83 -0.80
N THR Y 348 -21.71 37.51 -1.79
CA THR Y 348 -22.53 36.82 -2.77
C THR Y 348 -21.70 36.37 -3.98
N LEU Y 349 -20.88 37.26 -4.52
CA LEU Y 349 -20.10 36.94 -5.69
C LEU Y 349 -18.77 36.30 -5.35
N GLY Y 350 -18.38 36.31 -4.09
CA GLY Y 350 -17.12 35.72 -3.68
C GLY Y 350 -17.13 34.22 -3.73
N LYS Z 22 -69.79 68.55 -114.03
CA LYS Z 22 -69.39 67.58 -115.04
C LYS Z 22 -69.81 66.17 -114.63
N ILE Z 23 -70.26 66.02 -113.39
CA ILE Z 23 -70.87 64.77 -112.95
C ILE Z 23 -72.26 64.69 -113.56
N GLU Z 24 -72.53 63.59 -114.26
CA GLU Z 24 -73.76 63.46 -115.04
C GLU Z 24 -74.97 63.20 -114.15
N GLU Z 25 -76.13 63.67 -114.62
CA GLU Z 25 -77.39 63.58 -113.90
C GLU Z 25 -78.24 62.44 -114.44
N GLY Z 26 -79.14 61.94 -113.59
CA GLY Z 26 -79.97 60.81 -113.97
C GLY Z 26 -79.23 59.51 -114.13
N LYS Z 27 -77.99 59.43 -113.65
CA LYS Z 27 -77.10 58.32 -113.91
C LYS Z 27 -76.10 58.23 -112.76
N LEU Z 28 -75.78 57.01 -112.36
CA LEU Z 28 -74.91 56.77 -111.23
C LEU Z 28 -73.72 55.91 -111.66
N VAL Z 29 -72.51 56.40 -111.39
CA VAL Z 29 -71.29 55.63 -111.59
C VAL Z 29 -70.56 55.54 -110.23
N ILE Z 30 -70.08 54.35 -109.91
CA ILE Z 30 -69.47 54.05 -108.63
C ILE Z 30 -68.09 53.47 -108.88
N TRP Z 31 -67.13 53.82 -108.02
CA TRP Z 31 -65.82 53.22 -108.01
C TRP Z 31 -65.59 52.46 -106.72
N ILE Z 32 -65.13 51.22 -106.83
CA ILE Z 32 -64.97 50.33 -105.68
C ILE Z 32 -63.77 49.43 -105.95
N ASN Z 33 -62.95 49.20 -104.92
CA ASN Z 33 -61.73 48.42 -105.09
C ASN Z 33 -62.07 46.96 -105.34
N GLY Z 34 -61.27 46.32 -106.19
CA GLY Z 34 -61.49 44.97 -106.66
C GLY Z 34 -61.26 43.86 -105.68
N ASP Z 35 -60.90 44.15 -104.43
CA ASP Z 35 -60.77 43.13 -103.40
C ASP Z 35 -62.07 42.89 -102.67
N LYS Z 36 -63.16 43.46 -103.15
CA LYS Z 36 -64.47 43.39 -102.52
C LYS Z 36 -65.45 42.71 -103.46
N GLY Z 37 -66.71 42.64 -103.03
CA GLY Z 37 -67.76 42.18 -103.90
C GLY Z 37 -68.28 43.27 -104.80
N TYR Z 38 -67.43 43.74 -105.73
CA TYR Z 38 -67.88 44.76 -106.68
C TYR Z 38 -68.93 44.18 -107.62
N ASN Z 39 -68.89 42.87 -107.88
CA ASN Z 39 -69.98 42.23 -108.58
C ASN Z 39 -71.27 42.28 -107.77
N GLY Z 40 -71.17 42.22 -106.44
CA GLY Z 40 -72.34 42.46 -105.60
C GLY Z 40 -72.85 43.88 -105.72
N LEU Z 41 -71.96 44.83 -105.91
CA LEU Z 41 -72.39 46.20 -106.18
C LEU Z 41 -73.10 46.29 -107.52
N ALA Z 42 -72.65 45.51 -108.51
CA ALA Z 42 -73.41 45.41 -109.77
C ALA Z 42 -74.77 44.78 -109.55
N GLU Z 43 -74.85 43.77 -108.66
CA GLU Z 43 -76.13 43.12 -108.39
CA GLU Z 43 -76.13 43.12 -108.40
C GLU Z 43 -77.11 44.07 -107.72
N VAL Z 44 -76.65 44.86 -106.76
CA VAL Z 44 -77.57 45.80 -106.13
C VAL Z 44 -77.92 46.92 -107.10
N GLY Z 45 -76.99 47.28 -107.99
CA GLY Z 45 -77.32 48.22 -109.04
C GLY Z 45 -78.43 47.71 -109.95
N LYS Z 46 -78.40 46.43 -110.30
CA LYS Z 46 -79.46 45.93 -111.17
C LYS Z 46 -80.77 45.70 -110.43
N LYS Z 47 -80.75 45.43 -109.11
CA LYS Z 47 -82.01 45.51 -108.37
C LYS Z 47 -82.60 46.92 -108.49
N PHE Z 48 -81.75 47.94 -108.29
CA PHE Z 48 -82.20 49.31 -108.42
C PHE Z 48 -82.71 49.61 -109.84
N GLU Z 49 -82.11 48.98 -110.85
CA GLU Z 49 -82.54 49.20 -112.23
C GLU Z 49 -83.90 48.56 -112.50
N LYS Z 50 -84.10 47.31 -112.09
CA LYS Z 50 -85.41 46.68 -112.28
C LYS Z 50 -86.49 47.35 -111.44
N ASP Z 51 -86.14 47.97 -110.31
CA ASP Z 51 -87.17 48.58 -109.49
C ASP Z 51 -87.50 50.01 -109.91
N THR Z 52 -86.50 50.84 -110.21
CA THR Z 52 -86.71 52.24 -110.50
C THR Z 52 -86.33 52.68 -111.91
N GLY Z 53 -85.64 51.84 -112.68
CA GLY Z 53 -85.25 52.19 -114.03
C GLY Z 53 -84.02 53.07 -114.14
N ILE Z 54 -83.35 53.36 -113.04
CA ILE Z 54 -82.17 54.24 -113.05
C ILE Z 54 -80.92 53.38 -113.14
N LYS Z 55 -80.13 53.61 -114.18
CA LYS Z 55 -78.98 52.76 -114.46
C LYS Z 55 -77.84 53.04 -113.46
N VAL Z 56 -77.20 51.98 -112.99
CA VAL Z 56 -76.06 52.06 -112.09
C VAL Z 56 -74.90 51.31 -112.72
N THR Z 57 -73.78 52.00 -112.93
CA THR Z 57 -72.56 51.39 -113.43
C THR Z 57 -71.50 51.42 -112.34
N VAL Z 58 -70.78 50.32 -112.19
CA VAL Z 58 -69.67 50.24 -111.26
C VAL Z 58 -68.40 49.93 -112.04
N GLU Z 59 -67.29 50.47 -111.55
CA GLU Z 59 -65.99 50.23 -112.17
C GLU Z 59 -64.96 49.98 -111.08
N HIS Z 60 -64.05 49.04 -111.33
CA HIS Z 60 -63.08 48.59 -110.33
C HIS Z 60 -61.67 48.58 -110.90
N PRO Z 61 -61.06 49.74 -111.08
CA PRO Z 61 -59.65 49.80 -111.47
C PRO Z 61 -58.74 49.90 -110.25
N ASP Z 62 -57.44 49.80 -110.53
CA ASP Z 62 -56.45 49.95 -109.48
C ASP Z 62 -56.31 51.42 -109.08
N LYS Z 63 -55.63 51.63 -107.96
CA LYS Z 63 -55.23 52.96 -107.46
C LYS Z 63 -56.41 53.91 -107.29
N LEU Z 64 -57.57 53.40 -106.86
CA LEU Z 64 -58.76 54.24 -106.75
C LEU Z 64 -58.62 55.33 -105.70
N GLU Z 65 -57.79 55.12 -104.69
CA GLU Z 65 -57.58 56.16 -103.69
C GLU Z 65 -56.65 57.25 -104.23
N GLU Z 66 -55.77 56.86 -105.16
CA GLU Z 66 -55.02 57.86 -105.92
C GLU Z 66 -55.93 58.54 -106.94
N LYS Z 67 -56.93 57.81 -107.45
CA LYS Z 67 -57.69 58.27 -108.61
C LYS Z 67 -58.86 59.17 -108.22
N PHE Z 68 -59.50 58.96 -107.06
CA PHE Z 68 -60.66 59.77 -106.70
C PHE Z 68 -60.31 61.24 -106.45
N PRO Z 69 -59.35 61.61 -105.59
CA PRO Z 69 -59.19 63.03 -105.26
C PRO Z 69 -58.65 63.86 -106.41
N GLN Z 70 -57.81 63.28 -107.27
CA GLN Z 70 -57.25 64.02 -108.39
C GLN Z 70 -58.28 64.36 -109.44
N VAL Z 71 -59.42 63.68 -109.46
CA VAL Z 71 -60.46 63.98 -110.45
C VAL Z 71 -61.57 64.74 -109.74
N ALA Z 72 -61.75 64.46 -108.44
CA ALA Z 72 -62.75 65.17 -107.64
C ALA Z 72 -62.36 66.61 -107.38
N ALA Z 73 -61.06 66.93 -107.41
CA ALA Z 73 -60.63 68.32 -107.35
C ALA Z 73 -60.94 69.05 -108.65
N THR Z 74 -61.20 68.33 -109.73
CA THR Z 74 -61.69 68.93 -110.97
C THR Z 74 -63.21 68.97 -111.04
N GLY Z 75 -63.89 68.21 -110.19
CA GLY Z 75 -65.34 68.16 -110.21
C GLY Z 75 -65.93 67.02 -111.01
N ASP Z 76 -65.20 65.91 -111.18
CA ASP Z 76 -65.71 64.78 -111.93
C ASP Z 76 -65.33 63.47 -111.25
N GLY Z 77 -65.46 62.36 -111.98
CA GLY Z 77 -65.09 61.07 -111.47
C GLY Z 77 -66.30 60.21 -111.17
N PRO Z 78 -66.33 59.65 -109.97
CA PRO Z 78 -67.48 58.83 -109.58
C PRO Z 78 -68.52 59.66 -108.85
N ASP Z 79 -69.61 59.01 -108.45
CA ASP Z 79 -70.50 59.63 -107.48
C ASP Z 79 -70.26 59.09 -106.08
N ILE Z 80 -70.11 57.77 -105.97
CA ILE Z 80 -69.95 57.07 -104.70
C ILE Z 80 -68.61 56.34 -104.71
N ILE Z 81 -67.94 56.31 -103.56
CA ILE Z 81 -66.67 55.62 -103.41
C ILE Z 81 -66.67 54.82 -102.10
N PHE Z 82 -66.29 53.55 -102.19
CA PHE Z 82 -66.24 52.65 -101.05
C PHE Z 82 -64.78 52.52 -100.60
N TRP Z 83 -64.46 53.08 -99.43
CA TRP Z 83 -63.08 53.06 -98.96
C TRP Z 83 -63.07 53.28 -97.45
N ALA Z 84 -61.87 53.24 -96.88
CA ALA Z 84 -61.70 53.49 -95.45
C ALA Z 84 -62.03 54.94 -95.11
N HIS Z 85 -62.49 55.14 -93.88
CA HIS Z 85 -62.99 56.44 -93.43
C HIS Z 85 -61.87 57.43 -93.15
N ASP Z 86 -60.65 56.96 -92.88
CA ASP Z 86 -59.60 57.85 -92.40
C ASP Z 86 -59.15 58.84 -93.47
N ARG Z 87 -59.12 58.42 -94.72
CA ARG Z 87 -58.85 59.36 -95.80
C ARG Z 87 -60.10 60.12 -96.22
N PHE Z 88 -61.28 59.72 -95.73
CA PHE Z 88 -62.49 60.45 -96.05
C PHE Z 88 -62.56 61.77 -95.29
N GLY Z 89 -62.22 61.74 -94.00
CA GLY Z 89 -62.24 62.97 -93.21
C GLY Z 89 -61.30 64.03 -93.75
N GLY Z 90 -60.10 63.61 -94.19
CA GLY Z 90 -59.24 64.52 -94.90
C GLY Z 90 -59.87 65.04 -96.18
N TYR Z 91 -60.52 64.15 -96.93
CA TYR Z 91 -61.27 64.60 -98.10
C TYR Z 91 -62.57 65.28 -97.69
N ALA Z 92 -62.97 65.17 -96.42
CA ALA Z 92 -64.02 66.04 -95.92
C ALA Z 92 -63.53 67.47 -95.78
N GLN Z 93 -62.21 67.64 -95.57
CA GLN Z 93 -61.62 68.97 -95.60
C GLN Z 93 -61.45 69.45 -97.03
N SER Z 94 -61.05 68.55 -97.93
CA SER Z 94 -60.63 68.90 -99.28
C SER Z 94 -61.80 69.22 -100.21
N GLY Z 95 -63.04 69.23 -99.72
CA GLY Z 95 -64.17 69.54 -100.56
C GLY Z 95 -64.46 68.49 -101.62
N LEU Z 96 -64.16 67.22 -101.32
CA LEU Z 96 -64.36 66.14 -102.27
C LEU Z 96 -65.41 65.13 -101.85
N LEU Z 97 -65.78 65.09 -100.57
CA LEU Z 97 -66.88 64.28 -100.09
C LEU Z 97 -68.07 65.16 -99.73
N ALA Z 98 -69.26 64.70 -100.11
CA ALA Z 98 -70.48 65.46 -99.89
C ALA Z 98 -71.01 65.23 -98.48
N GLU Z 99 -71.48 66.31 -97.87
CA GLU Z 99 -72.13 66.24 -96.57
C GLU Z 99 -73.48 65.55 -96.73
N ILE Z 100 -73.60 64.33 -96.21
CA ILE Z 100 -74.83 63.57 -96.36
C ILE Z 100 -75.88 64.09 -95.39
N THR Z 101 -77.14 63.82 -95.72
CA THR Z 101 -78.27 64.15 -94.85
C THR Z 101 -79.10 62.91 -94.62
N PRO Z 102 -78.72 62.07 -93.66
CA PRO Z 102 -79.55 60.91 -93.31
C PRO Z 102 -80.53 61.24 -92.20
N ASP Z 103 -81.57 60.41 -92.12
CA ASP Z 103 -82.59 60.58 -91.09
CA ASP Z 103 -82.59 60.58 -91.09
C ASP Z 103 -82.14 59.94 -89.78
N LYS Z 104 -82.88 60.25 -88.72
CA LYS Z 104 -82.54 59.73 -87.39
C LYS Z 104 -82.99 58.28 -87.21
N ALA Z 105 -84.09 57.88 -87.85
CA ALA Z 105 -84.50 56.48 -87.81
C ALA Z 105 -83.50 55.60 -88.55
N PHE Z 106 -82.95 56.10 -89.66
CA PHE Z 106 -81.90 55.35 -90.36
C PHE Z 106 -80.59 55.39 -89.57
N GLN Z 107 -80.38 56.43 -88.77
CA GLN Z 107 -79.24 56.45 -87.87
C GLN Z 107 -79.42 55.45 -86.75
N ASP Z 108 -80.66 55.15 -86.37
CA ASP Z 108 -80.93 54.06 -85.45
C ASP Z 108 -80.81 52.71 -86.14
N LYS Z 109 -81.06 52.66 -87.45
CA LYS Z 109 -80.92 51.42 -88.21
C LYS Z 109 -79.48 50.92 -88.25
N LEU Z 110 -78.50 51.82 -88.13
CA LEU Z 110 -77.10 51.46 -88.08
C LEU Z 110 -76.55 51.68 -86.68
N TYR Z 111 -75.35 51.14 -86.44
CA TYR Z 111 -74.71 51.37 -85.16
C TYR Z 111 -74.04 52.74 -85.14
N PRO Z 112 -74.19 53.51 -84.06
CA PRO Z 112 -73.63 54.87 -84.04
C PRO Z 112 -72.12 54.90 -83.97
N PHE Z 113 -71.48 53.88 -83.38
CA PHE Z 113 -70.02 53.84 -83.35
C PHE Z 113 -69.44 53.67 -84.75
N THR Z 114 -70.23 53.16 -85.69
CA THR Z 114 -69.85 53.24 -87.10
C THR Z 114 -69.99 54.67 -87.62
N TRP Z 115 -71.00 55.40 -87.15
CA TRP Z 115 -71.19 56.78 -87.58
C TRP Z 115 -70.09 57.71 -87.04
N ASP Z 116 -69.44 57.33 -85.95
CA ASP Z 116 -68.29 58.11 -85.47
C ASP Z 116 -67.06 57.97 -86.37
N ALA Z 117 -67.09 57.08 -87.35
CA ALA Z 117 -65.96 56.92 -88.26
C ALA Z 117 -65.95 58.00 -89.34
N VAL Z 118 -67.10 58.55 -89.68
CA VAL Z 118 -67.25 59.45 -90.83
C VAL Z 118 -67.59 60.86 -90.35
N ARG Z 119 -67.11 61.23 -89.18
CA ARG Z 119 -67.29 62.56 -88.63
C ARG Z 119 -66.09 63.43 -88.98
N TYR Z 120 -66.36 64.69 -89.32
CA TYR Z 120 -65.29 65.66 -89.54
C TYR Z 120 -65.90 67.05 -89.44
N ASN Z 121 -65.37 67.86 -88.53
CA ASN Z 121 -65.85 69.22 -88.26
C ASN Z 121 -67.35 69.23 -87.93
N GLY Z 122 -67.81 68.19 -87.25
CA GLY Z 122 -69.20 68.07 -86.88
C GLY Z 122 -70.13 67.61 -87.99
N LYS Z 123 -69.70 67.67 -89.25
CA LYS Z 123 -70.54 67.29 -90.37
C LYS Z 123 -70.39 65.79 -90.66
N LEU Z 124 -71.41 65.22 -91.28
CA LEU Z 124 -71.45 63.79 -91.58
C LEU Z 124 -71.27 63.62 -93.08
N ILE Z 125 -70.33 62.76 -93.48
CA ILE Z 125 -69.81 62.77 -94.83
C ILE Z 125 -70.12 61.50 -95.62
N ALA Z 126 -70.37 60.37 -94.96
CA ALA Z 126 -70.46 59.10 -95.69
C ALA Z 126 -71.25 58.10 -94.87
N TYR Z 127 -71.82 57.12 -95.57
CA TYR Z 127 -72.59 56.07 -94.91
C TYR Z 127 -71.68 54.89 -94.64
N PRO Z 128 -71.52 54.45 -93.40
CA PRO Z 128 -70.67 53.28 -93.13
C PRO Z 128 -71.35 51.99 -93.56
N ILE Z 129 -70.57 51.11 -94.18
CA ILE Z 129 -71.10 49.81 -94.59
C ILE Z 129 -70.39 48.73 -93.77
N ALA Z 130 -69.07 48.62 -93.94
CA ALA Z 130 -68.32 47.53 -93.34
C ALA Z 130 -67.45 48.05 -92.20
N VAL Z 131 -67.21 47.19 -91.21
CA VAL Z 131 -66.45 47.56 -90.03
C VAL Z 131 -65.43 46.46 -89.77
N GLU Z 132 -64.18 46.86 -89.50
CA GLU Z 132 -63.05 45.96 -89.43
C GLU Z 132 -62.35 46.10 -88.10
N ALA Z 133 -61.94 44.96 -87.52
CA ALA Z 133 -61.29 44.94 -86.23
C ALA Z 133 -60.52 43.63 -86.09
N LEU Z 134 -59.38 43.70 -85.42
CA LEU Z 134 -58.52 42.54 -85.25
C LEU Z 134 -59.02 41.69 -84.09
N SER Z 135 -59.02 40.37 -84.28
CA SER Z 135 -59.54 39.44 -83.29
C SER Z 135 -58.53 38.31 -83.09
N LEU Z 136 -58.77 37.52 -82.03
CA LEU Z 136 -57.88 36.43 -81.70
C LEU Z 136 -58.31 35.19 -82.47
N ILE Z 137 -57.34 34.54 -83.12
CA ILE Z 137 -57.56 33.30 -83.85
C ILE Z 137 -56.79 32.22 -83.12
N TYR Z 138 -57.47 31.14 -82.75
CA TYR Z 138 -56.86 30.11 -81.92
C TYR Z 138 -57.09 28.73 -82.51
N ASN Z 139 -56.11 27.86 -82.35
CA ASN Z 139 -56.27 26.44 -82.61
C ASN Z 139 -57.12 25.83 -81.50
N LYS Z 140 -58.24 25.21 -81.88
CA LYS Z 140 -59.10 24.58 -80.87
C LYS Z 140 -58.45 23.33 -80.29
N ASP Z 141 -57.56 22.68 -81.04
CA ASP Z 141 -56.95 21.46 -80.56
C ASP Z 141 -55.85 21.75 -79.54
N LEU Z 142 -54.95 22.69 -79.86
CA LEU Z 142 -53.87 23.02 -78.94
C LEU Z 142 -54.41 23.69 -77.68
N LEU Z 143 -55.53 24.39 -77.77
CA LEU Z 143 -56.10 24.99 -76.57
C LEU Z 143 -57.62 24.95 -76.64
N PRO Z 144 -58.26 24.05 -75.89
CA PRO Z 144 -59.73 23.97 -75.93
C PRO Z 144 -60.42 25.12 -75.21
N ASN Z 145 -59.73 25.83 -74.32
CA ASN Z 145 -60.34 26.88 -73.51
C ASN Z 145 -59.47 28.13 -73.56
N PRO Z 146 -59.87 29.14 -74.33
CA PRO Z 146 -59.04 30.33 -74.45
C PRO Z 146 -58.98 31.11 -73.15
N PRO Z 147 -57.92 31.86 -72.91
CA PRO Z 147 -57.85 32.72 -71.72
C PRO Z 147 -58.40 34.10 -72.00
N LYS Z 148 -58.82 34.76 -70.91
CA LYS Z 148 -59.42 36.08 -71.00
C LYS Z 148 -58.53 37.18 -70.44
N THR Z 149 -57.33 36.84 -69.98
CA THR Z 149 -56.38 37.82 -69.47
C THR Z 149 -55.06 37.71 -70.22
N TRP Z 150 -54.43 38.85 -70.50
CA TRP Z 150 -53.08 38.83 -71.05
C TRP Z 150 -52.08 38.34 -70.02
N GLU Z 151 -52.35 38.59 -68.74
CA GLU Z 151 -51.48 38.12 -67.66
C GLU Z 151 -51.42 36.59 -67.60
N GLU Z 152 -52.35 35.90 -68.25
CA GLU Z 152 -52.31 34.46 -68.34
C GLU Z 152 -51.35 33.98 -69.43
N ILE Z 153 -51.10 34.80 -70.44
CA ILE Z 153 -50.32 34.40 -71.62
C ILE Z 153 -48.88 33.96 -71.30
N PRO Z 154 -48.13 34.64 -70.41
CA PRO Z 154 -46.78 34.11 -70.11
C PRO Z 154 -46.79 32.71 -69.52
N ALA Z 155 -47.61 32.48 -68.50
CA ALA Z 155 -47.64 31.20 -67.81
C ALA Z 155 -47.96 30.06 -68.77
N LEU Z 156 -49.02 30.22 -69.57
CA LEU Z 156 -49.39 29.17 -70.52
C LEU Z 156 -48.31 28.97 -71.58
N ASP Z 157 -47.52 30.00 -71.86
CA ASP Z 157 -46.40 29.83 -72.79
C ASP Z 157 -45.42 28.81 -72.24
N LYS Z 158 -45.22 28.79 -70.92
CA LYS Z 158 -44.39 27.78 -70.28
C LYS Z 158 -44.89 26.38 -70.56
N GLU Z 159 -46.19 26.22 -70.80
CA GLU Z 159 -46.70 24.91 -71.19
C GLU Z 159 -46.27 24.56 -72.62
N LEU Z 160 -46.36 25.51 -73.55
CA LEU Z 160 -46.23 25.15 -74.95
C LEU Z 160 -44.80 24.83 -75.34
N LYS Z 161 -43.81 25.45 -74.70
CA LYS Z 161 -42.42 25.05 -74.89
C LYS Z 161 -42.18 23.62 -74.39
N ALA Z 162 -43.05 23.11 -73.52
CA ALA Z 162 -42.99 21.72 -73.11
C ALA Z 162 -43.57 20.78 -74.15
N LYS Z 163 -44.26 21.30 -75.16
CA LYS Z 163 -44.73 20.50 -76.29
C LYS Z 163 -44.03 20.87 -77.58
N GLY Z 164 -43.03 21.74 -77.54
CA GLY Z 164 -42.40 22.22 -78.75
C GLY Z 164 -43.24 23.23 -79.51
N LYS Z 165 -44.10 23.95 -78.82
CA LYS Z 165 -44.99 24.92 -79.44
C LYS Z 165 -44.72 26.31 -78.86
N SER Z 166 -45.29 27.32 -79.52
CA SER Z 166 -45.20 28.69 -79.06
C SER Z 166 -46.60 29.23 -78.79
N ALA Z 167 -46.70 30.12 -77.81
CA ALA Z 167 -48.01 30.63 -77.40
C ALA Z 167 -48.54 31.65 -78.42
N LEU Z 168 -47.82 32.75 -78.59
CA LEU Z 168 -48.30 33.84 -79.43
C LEU Z 168 -47.18 34.27 -80.36
N MET Z 169 -47.51 34.44 -81.64
CA MET Z 169 -46.57 34.92 -82.64
C MET Z 169 -47.33 35.77 -83.63
N PHE Z 170 -46.95 37.04 -83.76
CA PHE Z 170 -47.64 37.96 -84.67
C PHE Z 170 -46.63 38.98 -85.18
N ASN Z 171 -47.13 39.96 -85.92
CA ASN Z 171 -46.27 40.98 -86.52
C ASN Z 171 -45.96 42.06 -85.49
N LEU Z 172 -44.72 42.08 -85.02
CA LEU Z 172 -44.25 43.11 -84.10
C LEU Z 172 -43.70 44.33 -84.82
N GLN Z 173 -43.61 44.30 -86.15
CA GLN Z 173 -43.01 45.40 -86.90
C GLN Z 173 -44.00 46.52 -87.18
N GLU Z 174 -45.24 46.44 -86.68
CA GLU Z 174 -46.24 47.46 -86.91
C GLU Z 174 -46.87 47.89 -85.60
N PRO Z 175 -47.14 49.19 -85.42
CA PRO Z 175 -47.99 49.60 -84.29
C PRO Z 175 -49.43 49.18 -84.44
N TYR Z 176 -49.86 48.85 -85.65
CA TYR Z 176 -51.25 48.44 -85.90
C TYR Z 176 -51.60 47.16 -85.17
N PHE Z 177 -50.61 46.28 -84.95
CA PHE Z 177 -50.86 45.06 -84.20
C PHE Z 177 -50.74 45.30 -82.70
N THR Z 178 -49.79 46.14 -82.28
CA THR Z 178 -49.46 46.27 -80.87
C THR Z 178 -50.37 47.26 -80.13
N TRP Z 179 -51.07 48.13 -80.84
CA TRP Z 179 -51.89 49.16 -80.21
C TRP Z 179 -53.05 48.66 -79.34
N PRO Z 180 -53.68 47.49 -79.63
CA PRO Z 180 -54.66 46.97 -78.66
C PRO Z 180 -54.14 46.80 -77.24
N LEU Z 181 -52.93 46.25 -77.08
CA LEU Z 181 -52.43 45.99 -75.73
C LEU Z 181 -51.94 47.26 -75.04
N ILE Z 182 -51.11 48.05 -75.73
CA ILE Z 182 -50.44 49.17 -75.08
C ILE Z 182 -51.44 50.28 -74.74
N ALA Z 183 -52.46 50.47 -75.58
CA ALA Z 183 -53.42 51.55 -75.40
C ALA Z 183 -54.70 51.09 -74.71
N ALA Z 184 -54.69 49.90 -74.11
CA ALA Z 184 -55.92 49.37 -73.52
C ALA Z 184 -56.27 50.09 -72.23
N ASP Z 185 -55.28 50.40 -71.41
CA ASP Z 185 -55.48 50.91 -70.06
C ASP Z 185 -55.06 52.37 -69.90
N GLY Z 186 -55.19 53.17 -70.95
CA GLY Z 186 -54.89 54.59 -70.82
C GLY Z 186 -54.25 55.25 -72.02
N GLY Z 187 -53.82 54.46 -73.00
CA GLY Z 187 -53.28 55.03 -74.22
C GLY Z 187 -54.36 55.32 -75.24
N TYR Z 188 -54.12 56.35 -76.05
CA TYR Z 188 -55.03 56.74 -77.12
C TYR Z 188 -54.27 57.65 -78.08
N ALA Z 189 -54.45 57.42 -79.38
CA ALA Z 189 -53.64 58.08 -80.40
C ALA Z 189 -53.82 59.59 -80.36
N PHE Z 190 -55.04 60.07 -80.63
CA PHE Z 190 -55.39 61.47 -80.52
C PHE Z 190 -56.67 61.59 -79.72
N LYS Z 191 -56.79 62.67 -78.94
CA LYS Z 191 -58.04 62.88 -78.22
C LYS Z 191 -59.15 63.24 -79.21
N TYR Z 192 -60.21 62.42 -79.19
CA TYR Z 192 -61.28 62.50 -80.19
C TYR Z 192 -62.61 62.66 -79.48
N GLU Z 193 -63.21 63.85 -79.60
CA GLU Z 193 -64.48 64.16 -78.95
C GLU Z 193 -65.32 65.01 -79.89
N ASN Z 194 -66.63 64.76 -79.90
CA ASN Z 194 -67.61 65.55 -80.67
C ASN Z 194 -67.29 65.59 -82.15
N GLY Z 195 -66.67 64.53 -82.67
CA GLY Z 195 -66.30 64.50 -84.07
C GLY Z 195 -65.05 65.27 -84.43
N LYS Z 196 -64.22 65.61 -83.44
CA LYS Z 196 -63.02 66.42 -83.67
C LYS Z 196 -61.82 65.73 -83.04
N TYR Z 197 -60.73 65.65 -83.78
CA TYR Z 197 -59.47 65.09 -83.29
C TYR Z 197 -58.55 66.22 -82.84
N ASP Z 198 -58.17 66.20 -81.58
CA ASP Z 198 -57.29 67.24 -81.04
C ASP Z 198 -55.85 66.95 -81.43
N ILE Z 199 -55.18 67.96 -82.01
CA ILE Z 199 -53.84 67.75 -82.54
C ILE Z 199 -52.80 67.86 -81.42
N LYS Z 200 -53.02 68.75 -80.45
CA LYS Z 200 -52.12 68.91 -79.31
C LYS Z 200 -52.26 67.79 -78.28
N ASP Z 201 -53.11 66.80 -78.53
CA ASP Z 201 -53.44 65.82 -77.50
C ASP Z 201 -53.15 64.42 -78.02
N VAL Z 202 -51.90 64.22 -78.43
CA VAL Z 202 -51.36 62.92 -78.83
C VAL Z 202 -51.04 62.17 -77.53
N GLY Z 203 -51.84 61.16 -77.19
CA GLY Z 203 -51.62 60.45 -75.96
C GLY Z 203 -50.72 59.22 -76.06
N VAL Z 204 -49.44 59.39 -75.77
CA VAL Z 204 -48.54 58.25 -75.55
C VAL Z 204 -47.76 58.37 -74.25
N ASP Z 205 -47.75 59.54 -73.62
CA ASP Z 205 -47.07 59.73 -72.34
C ASP Z 205 -48.06 59.52 -71.18
N ASN Z 206 -48.67 58.33 -71.18
CA ASN Z 206 -49.67 57.96 -70.19
C ASN Z 206 -49.24 56.69 -69.48
N ALA Z 207 -49.74 56.52 -68.26
CA ALA Z 207 -49.39 55.36 -67.44
C ALA Z 207 -49.88 54.06 -68.08
N GLY Z 208 -50.99 54.11 -68.81
CA GLY Z 208 -51.46 52.92 -69.49
C GLY Z 208 -50.54 52.48 -70.61
N ALA Z 209 -50.04 53.43 -71.40
CA ALA Z 209 -49.07 53.10 -72.43
C ALA Z 209 -47.79 52.55 -71.82
N LYS Z 210 -47.37 53.11 -70.68
CA LYS Z 210 -46.22 52.58 -69.95
C LYS Z 210 -46.46 51.14 -69.53
N ALA Z 211 -47.65 50.86 -68.97
CA ALA Z 211 -47.95 49.49 -68.51
C ALA Z 211 -47.97 48.51 -69.68
N GLY Z 212 -48.58 48.90 -70.80
CA GLY Z 212 -48.62 48.02 -71.95
C GLY Z 212 -47.25 47.75 -72.53
N LEU Z 213 -46.40 48.79 -72.61
CA LEU Z 213 -45.08 48.56 -73.18
C LEU Z 213 -44.18 47.78 -72.24
N THR Z 214 -44.33 47.97 -70.93
CA THR Z 214 -43.62 47.10 -69.99
C THR Z 214 -44.10 45.66 -70.08
N PHE Z 215 -45.40 45.43 -70.30
CA PHE Z 215 -45.85 44.06 -70.52
C PHE Z 215 -45.27 43.48 -71.80
N LEU Z 216 -45.11 44.32 -72.83
CA LEU Z 216 -44.45 43.86 -74.05
C LEU Z 216 -42.99 43.49 -73.79
N VAL Z 217 -42.27 44.30 -73.02
CA VAL Z 217 -40.88 43.97 -72.75
C VAL Z 217 -40.75 42.82 -71.78
N ASP Z 218 -41.78 42.52 -70.99
CA ASP Z 218 -41.75 41.27 -70.22
C ASP Z 218 -42.03 40.06 -71.08
N LEU Z 219 -42.88 40.21 -72.10
CA LEU Z 219 -43.09 39.10 -73.02
C LEU Z 219 -41.88 38.86 -73.91
N ILE Z 220 -41.08 39.90 -74.17
CA ILE Z 220 -39.94 39.71 -75.05
C ILE Z 220 -38.65 39.41 -74.28
N LYS Z 221 -38.53 39.87 -73.03
CA LYS Z 221 -37.29 39.67 -72.28
C LYS Z 221 -37.11 38.21 -71.90
N ASN Z 222 -38.15 37.59 -71.36
CA ASN Z 222 -38.11 36.18 -71.00
C ASN Z 222 -38.30 35.26 -72.19
N LYS Z 223 -38.27 35.82 -73.42
CA LYS Z 223 -38.25 35.05 -74.67
C LYS Z 223 -39.52 34.22 -74.84
N HIS Z 224 -40.67 34.81 -74.52
CA HIS Z 224 -41.92 34.19 -74.89
C HIS Z 224 -42.15 34.28 -76.39
N MET Z 225 -41.80 35.42 -76.98
CA MET Z 225 -41.84 35.63 -78.42
C MET Z 225 -40.46 36.10 -78.89
N ASN Z 226 -40.35 36.35 -80.18
CA ASN Z 226 -39.16 36.94 -80.77
C ASN Z 226 -39.43 38.38 -81.18
N ALA Z 227 -38.36 39.16 -81.29
CA ALA Z 227 -38.49 40.56 -81.63
C ALA Z 227 -38.42 40.80 -83.14
N ASP Z 228 -37.70 39.97 -83.86
CA ASP Z 228 -37.56 40.10 -85.30
C ASP Z 228 -38.68 39.42 -86.07
N THR Z 229 -39.68 38.89 -85.38
CA THR Z 229 -40.79 38.25 -86.06
C THR Z 229 -41.67 39.29 -86.73
N ASP Z 230 -42.48 38.81 -87.69
CA ASP Z 230 -43.39 39.67 -88.42
C ASP Z 230 -44.60 38.84 -88.83
N TYR Z 231 -45.32 39.33 -89.83
CA TYR Z 231 -46.61 38.75 -90.19
C TYR Z 231 -46.46 37.42 -90.93
N SER Z 232 -45.46 37.31 -91.80
CA SER Z 232 -45.35 36.13 -92.65
CA SER Z 232 -45.34 36.14 -92.66
C SER Z 232 -45.01 34.88 -91.85
N ILE Z 233 -43.96 34.95 -91.03
CA ILE Z 233 -43.57 33.79 -90.22
C ILE Z 233 -44.70 33.41 -89.27
N ALA Z 234 -45.37 34.42 -88.70
CA ALA Z 234 -46.48 34.18 -87.77
C ALA Z 234 -47.61 33.41 -88.45
N GLU Z 235 -48.13 33.95 -89.56
CA GLU Z 235 -49.25 33.31 -90.22
C GLU Z 235 -48.87 31.96 -90.81
N ALA Z 236 -47.64 31.82 -91.33
CA ALA Z 236 -47.22 30.54 -91.88
C ALA Z 236 -47.07 29.49 -90.80
N ALA Z 237 -46.56 29.86 -89.63
CA ALA Z 237 -46.44 28.92 -88.52
C ALA Z 237 -47.81 28.56 -87.96
N PHE Z 238 -48.74 29.52 -87.94
CA PHE Z 238 -50.09 29.19 -87.47
C PHE Z 238 -50.82 28.30 -88.46
N ASN Z 239 -50.57 28.47 -89.76
CA ASN Z 239 -51.15 27.55 -90.74
C ASN Z 239 -50.60 26.14 -90.58
N LYS Z 240 -49.34 26.01 -90.17
CA LYS Z 240 -48.81 24.70 -89.80
C LYS Z 240 -49.31 24.23 -88.44
N GLY Z 241 -49.76 25.16 -87.60
CA GLY Z 241 -50.20 24.81 -86.26
C GLY Z 241 -49.11 24.74 -85.24
N GLU Z 242 -48.04 25.53 -85.40
CA GLU Z 242 -46.95 25.54 -84.43
C GLU Z 242 -47.21 26.53 -83.30
N THR Z 243 -47.57 27.76 -83.63
CA THR Z 243 -48.03 28.72 -82.64
C THR Z 243 -49.55 28.58 -82.53
N ALA Z 244 -50.06 28.66 -81.30
CA ALA Z 244 -51.48 28.41 -81.07
C ALA Z 244 -52.33 29.68 -81.17
N MET Z 245 -51.84 30.82 -80.72
CA MET Z 245 -52.59 32.06 -80.74
C MET Z 245 -52.07 32.98 -81.83
N THR Z 246 -52.98 33.74 -82.43
CA THR Z 246 -52.56 34.86 -83.26
C THR Z 246 -53.63 35.94 -83.22
N ILE Z 247 -53.28 37.13 -83.68
CA ILE Z 247 -54.19 38.26 -83.76
C ILE Z 247 -54.24 38.73 -85.21
N ASN Z 248 -55.45 38.80 -85.76
CA ASN Z 248 -55.57 39.08 -87.18
C ASN Z 248 -56.96 39.61 -87.48
N GLY Z 249 -57.06 40.36 -88.57
CA GLY Z 249 -58.32 40.84 -89.07
C GLY Z 249 -58.99 39.81 -89.96
N PRO Z 250 -59.84 40.27 -90.87
CA PRO Z 250 -60.54 39.32 -91.75
C PRO Z 250 -59.69 38.76 -92.88
N TRP Z 251 -58.71 39.53 -93.35
CA TRP Z 251 -58.06 39.26 -94.62
C TRP Z 251 -57.31 37.93 -94.64
N ALA Z 252 -56.97 37.37 -93.48
CA ALA Z 252 -56.25 36.11 -93.44
C ALA Z 252 -57.13 34.91 -93.13
N TRP Z 253 -58.44 35.14 -92.90
CA TRP Z 253 -59.34 34.06 -92.49
C TRP Z 253 -59.32 32.91 -93.48
N SER Z 254 -59.53 33.22 -94.76
CA SER Z 254 -59.51 32.19 -95.80
C SER Z 254 -58.17 31.47 -95.86
N ASN Z 255 -57.07 32.19 -95.58
CA ASN Z 255 -55.76 31.56 -95.53
C ASN Z 255 -55.73 30.47 -94.47
N ILE Z 256 -56.31 30.74 -93.30
CA ILE Z 256 -56.40 29.70 -92.27
C ILE Z 256 -57.35 28.61 -92.72
N ASP Z 257 -58.35 28.96 -93.53
CA ASP Z 257 -59.20 27.94 -94.14
C ASP Z 257 -58.48 27.11 -95.20
N THR Z 258 -57.28 27.52 -95.60
CA THR Z 258 -56.44 26.60 -96.38
C THR Z 258 -55.76 25.58 -95.50
N SER Z 259 -55.52 25.92 -94.23
CA SER Z 259 -54.83 25.02 -93.33
CA SER Z 259 -54.83 25.02 -93.32
C SER Z 259 -55.68 23.84 -92.89
N LYS Z 260 -57.01 23.97 -92.94
CA LYS Z 260 -57.97 22.98 -92.46
C LYS Z 260 -57.77 22.66 -90.98
N VAL Z 261 -57.11 23.55 -90.25
CA VAL Z 261 -56.96 23.40 -88.81
C VAL Z 261 -58.29 23.75 -88.15
N ASN Z 262 -58.71 22.92 -87.21
CA ASN Z 262 -59.94 23.20 -86.49
C ASN Z 262 -59.73 24.39 -85.58
N TYR Z 263 -60.07 25.58 -86.05
CA TYR Z 263 -59.76 26.81 -85.36
C TYR Z 263 -61.03 27.57 -85.00
N GLY Z 264 -60.89 28.46 -84.02
CA GLY Z 264 -61.96 29.36 -83.64
C GLY Z 264 -61.45 30.79 -83.58
N VAL Z 265 -62.40 31.71 -83.49
CA VAL Z 265 -62.12 33.14 -83.41
C VAL Z 265 -62.88 33.71 -82.22
N THR Z 266 -62.19 34.51 -81.41
CA THR Z 266 -62.80 35.11 -80.24
C THR Z 266 -62.24 36.52 -80.03
N VAL Z 267 -62.74 37.17 -78.98
CA VAL Z 267 -62.26 38.48 -78.59
C VAL Z 267 -60.88 38.35 -77.97
N LEU Z 268 -60.10 39.42 -78.10
CA LEU Z 268 -58.81 39.48 -77.43
C LEU Z 268 -59.01 39.53 -75.92
N PRO Z 269 -58.07 38.97 -75.15
CA PRO Z 269 -58.17 39.05 -73.69
C PRO Z 269 -58.11 40.49 -73.18
N THR Z 270 -58.72 40.71 -72.03
CA THR Z 270 -58.60 41.99 -71.36
C THR Z 270 -57.30 42.05 -70.57
N PHE Z 271 -56.89 43.26 -70.22
CA PHE Z 271 -55.61 43.45 -69.56
C PHE Z 271 -55.79 44.42 -68.39
N LYS Z 272 -55.53 43.94 -67.18
CA LYS Z 272 -55.72 44.68 -65.93
C LYS Z 272 -57.15 45.17 -65.79
N GLY Z 273 -58.11 44.45 -66.39
CA GLY Z 273 -59.49 44.86 -66.43
C GLY Z 273 -59.86 45.71 -67.62
N GLN Z 274 -58.94 46.50 -68.13
CA GLN Z 274 -59.21 47.31 -69.32
C GLN Z 274 -59.06 46.45 -70.57
N PRO Z 275 -60.11 46.29 -71.37
CA PRO Z 275 -60.01 45.44 -72.55
C PRO Z 275 -59.17 46.09 -73.65
N SER Z 276 -58.72 45.25 -74.58
CA SER Z 276 -57.88 45.70 -75.68
C SER Z 276 -58.65 46.68 -76.58
N LYS Z 277 -57.89 47.42 -77.38
CA LYS Z 277 -58.44 48.51 -78.18
C LYS Z 277 -57.86 48.46 -79.59
N PRO Z 278 -58.41 47.63 -80.45
CA PRO Z 278 -57.93 47.56 -81.83
C PRO Z 278 -58.40 48.74 -82.67
N PHE Z 279 -57.67 48.99 -83.74
CA PHE Z 279 -58.07 50.00 -84.71
C PHE Z 279 -59.30 49.54 -85.47
N VAL Z 280 -60.37 50.34 -85.39
CA VAL Z 280 -61.61 50.06 -86.10
C VAL Z 280 -61.50 50.71 -87.47
N GLY Z 281 -61.41 49.88 -88.51
CA GLY Z 281 -61.33 50.39 -89.87
C GLY Z 281 -62.67 50.25 -90.57
N VAL Z 282 -63.30 51.37 -90.89
CA VAL Z 282 -64.68 51.36 -91.37
C VAL Z 282 -64.68 51.69 -92.85
N LEU Z 283 -65.07 50.72 -93.66
CA LEU Z 283 -65.35 50.94 -95.07
C LEU Z 283 -66.69 51.65 -95.20
N SER Z 284 -66.66 52.88 -95.69
CA SER Z 284 -67.85 53.69 -95.90
C SER Z 284 -67.89 54.14 -97.36
N ALA Z 285 -69.07 54.62 -97.77
CA ALA Z 285 -69.33 55.07 -99.13
C ALA Z 285 -69.51 56.58 -99.11
N GLY Z 286 -68.47 57.29 -99.53
CA GLY Z 286 -68.51 58.73 -99.62
C GLY Z 286 -69.14 59.19 -100.94
N ILE Z 287 -70.02 60.19 -100.83
CA ILE Z 287 -70.60 60.84 -101.99
C ILE Z 287 -69.71 62.00 -102.38
N ASN Z 288 -69.44 62.15 -103.67
CA ASN Z 288 -68.58 63.23 -104.14
C ASN Z 288 -69.23 64.57 -103.86
N ALA Z 289 -68.41 65.55 -103.43
CA ALA Z 289 -68.93 66.85 -103.05
C ALA Z 289 -69.29 67.72 -104.24
N ALA Z 290 -68.84 67.36 -105.45
CA ALA Z 290 -69.23 68.06 -106.65
C ALA Z 290 -70.47 67.45 -107.31
N SER Z 291 -71.09 66.49 -106.64
CA SER Z 291 -72.21 65.76 -107.24
C SER Z 291 -73.47 66.61 -107.21
N PRO Z 292 -74.17 66.75 -108.33
CA PRO Z 292 -75.59 67.15 -108.31
C PRO Z 292 -76.55 65.98 -108.20
N ASN Z 293 -76.08 64.82 -107.74
CA ASN Z 293 -76.87 63.59 -107.71
C ASN Z 293 -77.08 63.13 -106.27
N LYS Z 294 -77.42 64.06 -105.38
CA LYS Z 294 -77.43 63.79 -103.95
C LYS Z 294 -78.52 62.78 -103.57
N GLU Z 295 -79.78 63.07 -103.93
CA GLU Z 295 -80.89 62.27 -103.46
C GLU Z 295 -80.91 60.88 -104.08
N LEU Z 296 -80.47 60.75 -105.33
CA LEU Z 296 -80.42 59.45 -105.98
C LEU Z 296 -79.47 58.51 -105.26
N ALA Z 297 -78.25 58.97 -105.00
CA ALA Z 297 -77.27 58.13 -104.32
C ALA Z 297 -77.66 57.91 -102.86
N LYS Z 298 -78.31 58.89 -102.23
CA LYS Z 298 -78.79 58.68 -100.86
C LYS Z 298 -79.86 57.60 -100.82
N GLU Z 299 -80.76 57.59 -101.80
CA GLU Z 299 -81.78 56.55 -101.87
CA GLU Z 299 -81.78 56.55 -101.88
C GLU Z 299 -81.13 55.18 -102.12
N PHE Z 300 -80.15 55.13 -103.03
CA PHE Z 300 -79.47 53.87 -103.33
C PHE Z 300 -78.71 53.35 -102.11
N LEU Z 301 -78.15 54.25 -101.29
CA LEU Z 301 -77.39 53.81 -100.13
C LEU Z 301 -78.29 53.42 -98.97
N GLU Z 302 -79.41 54.11 -98.78
CA GLU Z 302 -80.23 53.86 -97.61
C GLU Z 302 -81.26 52.75 -97.83
N ASN Z 303 -81.96 52.78 -98.96
CA ASN Z 303 -83.05 51.83 -99.17
C ASN Z 303 -82.61 50.55 -99.88
N TYR Z 304 -81.42 50.53 -100.48
CA TYR Z 304 -80.95 49.35 -101.18
C TYR Z 304 -79.64 48.81 -100.62
N LEU Z 305 -78.65 49.66 -100.37
CA LEU Z 305 -77.35 49.19 -99.89
C LEU Z 305 -77.43 48.79 -98.42
N LEU Z 306 -77.73 49.74 -97.55
CA LEU Z 306 -77.67 49.51 -96.11
C LEU Z 306 -78.96 48.88 -95.58
N THR Z 307 -79.37 47.80 -96.24
CA THR Z 307 -80.51 46.98 -95.87
C THR Z 307 -80.04 45.53 -95.84
N ASP Z 308 -80.98 44.60 -95.58
CA ASP Z 308 -80.61 43.20 -95.50
C ASP Z 308 -80.20 42.65 -96.87
N GLU Z 309 -81.00 42.92 -97.91
CA GLU Z 309 -80.75 42.28 -99.19
C GLU Z 309 -79.54 42.87 -99.91
N GLY Z 310 -79.22 44.15 -99.68
CA GLY Z 310 -78.06 44.72 -100.34
C GLY Z 310 -76.75 44.17 -99.80
N LEU Z 311 -76.61 44.15 -98.47
CA LEU Z 311 -75.43 43.55 -97.86
C LEU Z 311 -75.39 42.05 -98.11
N GLU Z 312 -76.56 41.41 -98.21
CA GLU Z 312 -76.57 39.99 -98.57
C GLU Z 312 -76.01 39.77 -99.97
N ALA Z 313 -76.48 40.56 -100.94
CA ALA Z 313 -76.03 40.42 -102.32
C ALA Z 313 -74.55 40.74 -102.47
N VAL Z 314 -74.03 41.72 -101.73
CA VAL Z 314 -72.60 41.96 -101.85
C VAL Z 314 -71.81 40.87 -101.13
N ASN Z 315 -72.34 40.30 -100.04
CA ASN Z 315 -71.62 39.27 -99.31
C ASN Z 315 -71.65 37.91 -99.98
N LYS Z 316 -72.55 37.68 -100.94
CA LYS Z 316 -72.50 36.40 -101.65
C LYS Z 316 -71.22 36.27 -102.48
N ASP Z 317 -70.67 37.38 -102.98
CA ASP Z 317 -69.40 37.31 -103.69
C ASP Z 317 -68.22 37.44 -102.73
N LYS Z 318 -68.14 38.56 -102.00
CA LYS Z 318 -67.08 38.77 -101.01
C LYS Z 318 -67.71 39.36 -99.77
N PRO Z 319 -67.44 38.80 -98.59
CA PRO Z 319 -68.08 39.29 -97.36
C PRO Z 319 -67.52 40.62 -96.91
N LEU Z 320 -68.18 41.19 -95.91
CA LEU Z 320 -67.75 42.43 -95.28
C LEU Z 320 -67.45 42.28 -93.80
N GLY Z 321 -67.55 41.07 -93.26
CA GLY Z 321 -67.22 40.86 -91.86
C GLY Z 321 -68.27 41.46 -90.96
N ALA Z 322 -67.85 42.38 -90.10
CA ALA Z 322 -68.76 43.16 -89.30
C ALA Z 322 -69.27 44.33 -90.12
N VAL Z 323 -70.58 44.46 -90.23
CA VAL Z 323 -71.19 45.53 -91.01
C VAL Z 323 -71.74 46.58 -90.07
N ALA Z 324 -72.26 47.67 -90.62
CA ALA Z 324 -72.79 48.76 -89.80
C ALA Z 324 -74.29 48.64 -89.53
N LEU Z 325 -75.05 47.98 -90.38
CA LEU Z 325 -76.48 47.85 -90.19
C LEU Z 325 -76.79 46.82 -89.12
N LYS Z 326 -77.70 47.17 -88.20
CA LYS Z 326 -77.91 46.37 -87.00
C LYS Z 326 -78.56 45.02 -87.33
N SER Z 327 -79.60 45.04 -88.16
CA SER Z 327 -80.30 43.80 -88.50
C SER Z 327 -79.40 42.83 -89.25
N TYR Z 328 -78.61 43.34 -90.19
CA TYR Z 328 -77.68 42.47 -90.90
C TYR Z 328 -76.54 42.00 -90.00
N GLU Z 329 -76.19 42.78 -88.97
CA GLU Z 329 -75.28 42.26 -87.95
C GLU Z 329 -75.92 41.12 -87.17
N GLU Z 330 -77.22 41.18 -86.92
CA GLU Z 330 -77.87 40.04 -86.27
C GLU Z 330 -77.94 38.83 -87.19
N GLU Z 331 -78.07 39.05 -88.50
CA GLU Z 331 -78.01 37.93 -89.44
C GLU Z 331 -76.61 37.31 -89.48
N LEU Z 332 -75.56 38.12 -89.50
CA LEU Z 332 -74.20 37.59 -89.61
C LEU Z 332 -73.61 37.17 -88.27
N ALA Z 333 -74.25 37.50 -87.14
CA ALA Z 333 -73.66 37.16 -85.84
C ALA Z 333 -73.70 35.67 -85.52
N LYS Z 334 -74.33 34.84 -86.36
CA LYS Z 334 -74.23 33.40 -86.16
C LYS Z 334 -72.84 32.88 -86.48
N ASP Z 335 -72.08 33.59 -87.30
CA ASP Z 335 -70.68 33.27 -87.51
C ASP Z 335 -69.89 33.88 -86.35
N PRO Z 336 -69.21 33.07 -85.52
CA PRO Z 336 -68.52 33.62 -84.35
C PRO Z 336 -67.38 34.56 -84.70
N ARG Z 337 -66.79 34.42 -85.88
CA ARG Z 337 -65.80 35.40 -86.34
C ARG Z 337 -66.41 36.78 -86.43
N ILE Z 338 -67.66 36.87 -86.89
CA ILE Z 338 -68.31 38.16 -87.05
C ILE Z 338 -68.63 38.76 -85.68
N ALA Z 339 -69.04 37.92 -84.72
CA ALA Z 339 -69.30 38.39 -83.37
C ALA Z 339 -68.03 38.89 -82.70
N ALA Z 340 -66.93 38.16 -82.87
CA ALA Z 340 -65.65 38.60 -82.31
C ALA Z 340 -65.20 39.91 -82.96
N THR Z 341 -65.40 40.03 -84.28
CA THR Z 341 -65.03 41.26 -84.96
C THR Z 341 -65.85 42.45 -84.47
N MET Z 342 -67.15 42.26 -84.28
CA MET Z 342 -67.96 43.40 -83.85
C MET Z 342 -67.71 43.77 -82.39
N GLU Z 343 -67.39 42.80 -81.53
CA GLU Z 343 -67.09 43.19 -80.16
C GLU Z 343 -65.73 43.87 -80.04
N ASN Z 344 -64.72 43.41 -80.80
CA ASN Z 344 -63.46 44.15 -80.84
C ASN Z 344 -63.62 45.52 -81.48
N ALA Z 345 -64.54 45.65 -82.43
CA ALA Z 345 -64.77 46.95 -83.06
C ALA Z 345 -65.47 47.91 -82.12
N GLN Z 346 -66.44 47.42 -81.35
CA GLN Z 346 -67.15 48.29 -80.42
C GLN Z 346 -66.32 48.63 -79.19
N LYS Z 347 -65.35 47.79 -78.82
CA LYS Z 347 -64.45 48.15 -77.73
C LYS Z 347 -63.12 48.72 -78.22
N GLY Z 348 -62.96 48.92 -79.53
CA GLY Z 348 -61.72 49.40 -80.09
C GLY Z 348 -61.70 50.91 -80.27
N GLU Z 349 -60.57 51.39 -80.81
CA GLU Z 349 -60.38 52.81 -81.09
C GLU Z 349 -60.60 53.06 -82.57
N ILE Z 350 -61.42 54.07 -82.89
CA ILE Z 350 -61.69 54.39 -84.28
C ILE Z 350 -60.44 55.03 -84.89
N MET Z 351 -60.18 54.72 -86.15
CA MET Z 351 -58.99 55.23 -86.80
CA MET Z 351 -58.99 55.24 -86.81
C MET Z 351 -59.11 56.73 -87.04
N PRO Z 352 -58.06 57.50 -86.75
CA PRO Z 352 -58.13 58.96 -86.97
C PRO Z 352 -58.13 59.34 -88.44
N ASN Z 353 -58.88 60.39 -88.75
CA ASN Z 353 -59.02 60.90 -90.10
C ASN Z 353 -58.08 62.06 -90.40
N ILE Z 354 -57.03 62.23 -89.60
CA ILE Z 354 -56.19 63.42 -89.65
C ILE Z 354 -54.81 63.05 -90.21
N PRO Z 355 -54.09 63.99 -90.84
CA PRO Z 355 -52.79 63.64 -91.44
C PRO Z 355 -51.66 63.49 -90.44
N GLN Z 356 -51.77 64.06 -89.24
CA GLN Z 356 -50.73 63.89 -88.22
C GLN Z 356 -50.55 62.43 -87.85
N MET Z 357 -51.61 61.62 -88.04
CA MET Z 357 -51.53 60.17 -87.88
C MET Z 357 -50.35 59.57 -88.64
N SER Z 358 -50.00 60.15 -89.80
CA SER Z 358 -48.84 59.67 -90.55
C SER Z 358 -47.57 59.75 -89.72
N ALA Z 359 -47.32 60.91 -89.08
CA ALA Z 359 -46.17 61.02 -88.19
C ALA Z 359 -46.29 60.06 -87.01
N PHE Z 360 -47.52 59.78 -86.59
CA PHE Z 360 -47.76 58.71 -85.61
C PHE Z 360 -47.14 57.40 -86.09
N TRP Z 361 -47.47 56.99 -87.32
CA TRP Z 361 -46.89 55.76 -87.86
C TRP Z 361 -45.40 55.87 -88.11
N TYR Z 362 -44.84 57.09 -88.05
CA TYR Z 362 -43.40 57.25 -88.07
C TYR Z 362 -42.81 57.35 -86.68
N ALA Z 363 -43.58 57.84 -85.70
CA ALA Z 363 -43.02 58.03 -84.37
C ALA Z 363 -43.08 56.75 -83.54
N VAL Z 364 -44.31 56.28 -83.24
CA VAL Z 364 -44.48 55.22 -82.25
C VAL Z 364 -43.90 53.90 -82.75
N ARG Z 365 -43.83 53.69 -84.07
CA ARG Z 365 -43.12 52.52 -84.59
C ARG Z 365 -41.69 52.48 -84.11
N THR Z 366 -40.97 53.61 -84.25
CA THR Z 366 -39.60 53.68 -83.74
C THR Z 366 -39.56 53.39 -82.25
N ALA Z 367 -40.64 53.72 -81.53
CA ALA Z 367 -40.73 53.41 -80.10
C ALA Z 367 -40.54 51.91 -79.87
N VAL Z 368 -41.28 51.07 -80.59
CA VAL Z 368 -41.09 49.64 -80.35
C VAL Z 368 -39.76 49.18 -80.92
N ILE Z 369 -39.21 49.90 -81.90
CA ILE Z 369 -37.88 49.58 -82.39
C ILE Z 369 -36.84 49.90 -81.32
N ASN Z 370 -37.16 50.81 -80.41
CA ASN Z 370 -36.30 51.01 -79.24
C ASN Z 370 -36.71 50.14 -78.07
N ALA Z 371 -37.86 49.46 -78.14
CA ALA Z 371 -38.36 48.67 -77.02
C ALA Z 371 -37.99 47.21 -77.14
N ALA Z 372 -38.42 46.54 -78.21
CA ALA Z 372 -38.12 45.13 -78.39
C ALA Z 372 -36.66 44.89 -78.67
N SER Z 373 -35.96 45.89 -79.23
CA SER Z 373 -34.52 45.80 -79.40
C SER Z 373 -33.74 46.22 -78.16
N GLY Z 374 -34.36 46.99 -77.27
CA GLY Z 374 -33.69 47.38 -76.05
C GLY Z 374 -32.64 48.46 -76.22
N ARG Z 375 -32.70 49.22 -77.31
CA ARG Z 375 -31.80 50.36 -77.45
C ARG Z 375 -32.14 51.45 -76.44
N GLN Z 376 -33.42 51.67 -76.21
CA GLN Z 376 -33.91 52.55 -75.15
C GLN Z 376 -34.76 51.73 -74.18
N THR Z 377 -35.27 52.40 -73.16
CA THR Z 377 -36.17 51.77 -72.22
C THR Z 377 -37.61 51.99 -72.67
N VAL Z 378 -38.56 51.74 -71.77
CA VAL Z 378 -39.97 51.99 -72.08
C VAL Z 378 -40.23 53.49 -72.17
N ASP Z 379 -39.90 54.22 -71.10
CA ASP Z 379 -40.21 55.65 -71.03
C ASP Z 379 -39.44 56.44 -72.08
N GLU Z 380 -38.18 56.07 -72.33
CA GLU Z 380 -37.38 56.77 -73.34
C GLU Z 380 -38.00 56.64 -74.72
N ALA Z 381 -38.38 55.43 -75.11
CA ALA Z 381 -38.99 55.21 -76.41
C ALA Z 381 -40.33 55.92 -76.52
N LEU Z 382 -41.15 55.87 -75.47
CA LEU Z 382 -42.48 56.46 -75.58
C LEU Z 382 -42.43 57.98 -75.59
N LYS Z 383 -41.53 58.60 -74.82
CA LYS Z 383 -41.45 60.05 -74.90
C LYS Z 383 -40.67 60.52 -76.12
N ASP Z 384 -39.87 59.65 -76.74
CA ASP Z 384 -39.32 59.98 -78.05
C ASP Z 384 -40.40 59.94 -79.12
N ALA Z 385 -41.34 59.00 -79.01
CA ALA Z 385 -42.49 58.98 -79.89
C ALA Z 385 -43.49 60.08 -79.56
N GLN Z 386 -43.40 60.67 -78.36
CA GLN Z 386 -44.33 61.72 -77.95
C GLN Z 386 -44.17 62.97 -78.80
N THR Z 387 -42.94 63.47 -78.90
CA THR Z 387 -42.67 64.68 -79.67
C THR Z 387 -42.66 64.37 -81.16
N SER AA 35 -94.20 -14.32 5.60
CA SER AA 35 -93.97 -14.53 7.03
C SER AA 35 -94.77 -15.72 7.53
N GLU AA 36 -94.94 -16.72 6.66
CA GLU AA 36 -95.58 -17.97 7.06
C GLU AA 36 -94.79 -18.70 8.14
N LEU AA 37 -93.46 -18.55 8.13
CA LEU AA 37 -92.62 -19.04 9.21
C LEU AA 37 -91.86 -17.90 9.87
N GLY AA 38 -92.25 -16.65 9.59
CA GLY AA 38 -91.52 -15.52 10.14
C GLY AA 38 -91.77 -15.32 11.63
N LYS AA 39 -93.03 -15.44 12.05
CA LYS AA 39 -93.31 -15.42 13.48
C LYS AA 39 -92.81 -16.68 14.16
N GLU AA 40 -92.74 -17.78 13.40
CA GLU AA 40 -92.07 -18.98 13.90
C GLU AA 40 -90.58 -18.74 14.10
N LEU AA 41 -90.01 -17.80 13.37
CA LEU AA 41 -88.65 -17.36 13.68
C LEU AA 41 -88.62 -16.38 14.84
N LEU AA 42 -89.66 -15.54 14.98
CA LEU AA 42 -89.70 -14.57 16.07
C LEU AA 42 -89.78 -15.27 17.42
N GLU AA 43 -90.54 -16.36 17.50
CA GLU AA 43 -90.66 -17.06 18.78
C GLU AA 43 -89.35 -17.73 19.17
N ALA AA 44 -88.65 -18.31 18.20
CA ALA AA 44 -87.36 -18.93 18.52
C ALA AA 44 -86.29 -17.88 18.80
N ALA AA 45 -86.41 -16.70 18.20
CA ALA AA 45 -85.48 -15.63 18.50
C ALA AA 45 -85.71 -15.06 19.88
N ARG AA 46 -86.97 -14.99 20.31
CA ARG AA 46 -87.26 -14.62 21.70
C ARG AA 46 -86.82 -15.72 22.67
N ALA AA 47 -86.88 -16.98 22.25
CA ALA AA 47 -86.66 -18.10 23.17
C ALA AA 47 -85.30 -18.76 23.04
N GLY AA 48 -84.65 -18.65 21.89
CA GLY AA 48 -83.33 -19.23 21.76
C GLY AA 48 -83.28 -20.74 21.57
N GLN AA 49 -83.76 -21.23 20.43
CA GLN AA 49 -83.65 -22.64 20.05
C GLN AA 49 -82.87 -22.74 18.75
N ASP AA 50 -81.64 -23.26 18.83
CA ASP AA 50 -80.85 -23.50 17.63
C ASP AA 50 -81.46 -24.60 16.77
N ASP AA 51 -82.09 -25.59 17.41
CA ASP AA 51 -82.75 -26.66 16.67
C ASP AA 51 -83.94 -26.15 15.88
N GLU AA 52 -84.75 -25.27 16.49
CA GLU AA 52 -85.93 -24.74 15.80
C GLU AA 52 -85.53 -23.93 14.58
N VAL AA 53 -84.52 -23.07 14.72
CA VAL AA 53 -84.10 -22.28 13.57
C VAL AA 53 -83.35 -23.13 12.56
N ARG AA 54 -82.70 -24.20 12.99
CA ARG AA 54 -82.08 -25.13 12.05
C ARG AA 54 -83.14 -25.83 11.20
N ILE AA 55 -84.25 -26.22 11.82
CA ILE AA 55 -85.33 -26.86 11.05
C ILE AA 55 -86.03 -25.83 10.17
N LEU AA 56 -86.18 -24.60 10.65
CA LEU AA 56 -86.83 -23.57 9.84
C LEU AA 56 -85.98 -23.17 8.64
N MET AA 57 -84.65 -23.20 8.77
CA MET AA 57 -83.78 -23.04 7.62
C MET AA 57 -83.72 -24.29 6.76
N ALA AA 58 -84.03 -25.46 7.33
CA ALA AA 58 -84.20 -26.64 6.48
C ALA AA 58 -85.49 -26.53 5.67
N ARG AA 59 -86.49 -25.82 6.18
CA ARG AA 59 -87.72 -25.55 5.44
C ARG AA 59 -87.66 -24.23 4.68
N GLY AA 60 -86.57 -23.48 4.81
CA GLY AA 60 -86.41 -22.24 4.07
C GLY AA 60 -87.25 -21.10 4.61
N ALA AA 61 -87.22 -20.89 5.93
CA ALA AA 61 -87.96 -19.79 6.52
C ALA AA 61 -87.32 -18.45 6.16
N GLU AA 62 -88.15 -17.45 5.92
CA GLU AA 62 -87.65 -16.13 5.55
C GLU AA 62 -87.01 -15.44 6.73
N VAL AA 63 -85.85 -14.80 6.48
CA VAL AA 63 -85.06 -14.21 7.57
C VAL AA 63 -85.33 -12.73 7.79
N ASN AA 64 -86.03 -12.07 6.87
CA ASN AA 64 -86.27 -10.63 6.97
C ASN AA 64 -87.69 -10.34 7.43
N ALA AA 65 -88.18 -11.10 8.39
CA ALA AA 65 -89.56 -10.97 8.87
C ALA AA 65 -89.66 -9.76 9.79
N ALA AA 66 -90.19 -8.66 9.27
CA ALA AA 66 -90.37 -7.44 10.04
C ALA AA 66 -91.79 -7.39 10.60
N ASP AA 67 -91.91 -7.02 11.86
CA ASP AA 67 -93.21 -6.84 12.48
C ASP AA 67 -93.70 -5.42 12.22
N ASN AA 68 -94.76 -4.99 12.91
CA ASN AA 68 -95.33 -3.67 12.69
C ASN AA 68 -94.40 -2.55 13.14
N THR AA 69 -93.47 -2.83 14.05
CA THR AA 69 -92.54 -1.83 14.57
C THR AA 69 -91.12 -2.03 14.07
N GLY AA 70 -90.91 -2.95 13.12
CA GLY AA 70 -89.61 -3.11 12.49
C GLY AA 70 -88.69 -4.11 13.15
N THR AA 71 -89.15 -4.84 14.16
CA THR AA 71 -88.28 -5.73 14.90
C THR AA 71 -88.08 -7.02 14.11
N THR AA 72 -86.84 -7.32 13.76
CA THR AA 72 -86.48 -8.47 12.96
C THR AA 72 -86.11 -9.64 13.85
N PRO AA 73 -85.99 -10.85 13.31
CA PRO AA 73 -85.44 -11.95 14.10
C PRO AA 73 -84.02 -11.69 14.54
N LEU AA 74 -83.25 -10.94 13.76
CA LEU AA 74 -81.89 -10.57 14.18
C LEU AA 74 -81.92 -9.66 15.40
N HIS AA 75 -82.91 -8.78 15.49
CA HIS AA 75 -83.02 -7.90 16.65
C HIS AA 75 -83.23 -8.69 17.93
N LEU AA 76 -84.16 -9.65 17.91
CA LEU AA 76 -84.40 -10.45 19.09
C LEU AA 76 -83.24 -11.39 19.37
N ALA AA 77 -82.58 -11.87 18.32
CA ALA AA 77 -81.40 -12.71 18.51
C ALA AA 77 -80.30 -11.92 19.20
N ALA AA 78 -80.16 -10.64 18.88
CA ALA AA 78 -79.17 -9.80 19.54
C ALA AA 78 -79.57 -9.47 20.97
N TYR AA 79 -80.83 -9.08 21.16
CA TYR AA 79 -81.34 -8.76 22.49
C TYR AA 79 -81.24 -9.94 23.44
N SER AA 80 -81.39 -11.16 22.92
CA SER AA 80 -81.36 -12.34 23.78
C SER AA 80 -79.95 -12.71 24.19
N GLY AA 81 -79.01 -12.67 23.26
CA GLY AA 81 -77.63 -12.99 23.58
C GLY AA 81 -77.20 -14.40 23.29
N HIS AA 82 -77.82 -15.06 22.32
CA HIS AA 82 -77.39 -16.37 21.84
C HIS AA 82 -76.71 -16.18 20.49
N LEU AA 83 -75.42 -16.49 20.43
CA LEU AA 83 -74.64 -16.18 19.24
C LEU AA 83 -74.97 -17.08 18.06
N GLU AA 84 -75.48 -18.29 18.31
CA GLU AA 84 -75.66 -19.26 17.23
C GLU AA 84 -76.78 -18.85 16.29
N ILE AA 85 -77.90 -18.38 16.84
CA ILE AA 85 -79.01 -17.93 15.99
C ILE AA 85 -78.62 -16.70 15.19
N VAL AA 86 -77.80 -15.81 15.78
CA VAL AA 86 -77.28 -14.67 15.03
C VAL AA 86 -76.39 -15.15 13.89
N GLU AA 87 -75.52 -16.12 14.18
CA GLU AA 87 -74.62 -16.63 13.16
C GLU AA 87 -75.37 -17.23 11.98
N VAL AA 88 -76.39 -18.05 12.26
CA VAL AA 88 -77.10 -18.68 11.16
C VAL AA 88 -78.00 -17.67 10.43
N LEU AA 89 -78.53 -16.68 11.15
CA LEU AA 89 -79.29 -15.63 10.49
C LEU AA 89 -78.42 -14.84 9.52
N LEU AA 90 -77.18 -14.56 9.92
CA LEU AA 90 -76.25 -13.92 8.99
C LEU AA 90 -75.77 -14.87 7.91
N LYS AA 91 -75.79 -16.17 8.17
CA LYS AA 91 -75.46 -17.14 7.12
C LYS AA 91 -76.52 -17.17 6.04
N TYR AA 92 -77.78 -16.94 6.40
CA TYR AA 92 -78.85 -16.90 5.42
C TYR AA 92 -79.17 -15.49 4.95
N GLY AA 93 -78.32 -14.52 5.28
CA GLY AA 93 -78.42 -13.20 4.69
C GLY AA 93 -79.39 -12.25 5.35
N ALA AA 94 -79.48 -12.28 6.67
CA ALA AA 94 -80.30 -11.31 7.37
C ALA AA 94 -79.65 -9.93 7.30
N GLU AA 95 -80.48 -8.90 7.41
CA GLU AA 95 -79.99 -7.53 7.28
C GLU AA 95 -79.30 -7.11 8.57
N VAL AA 96 -78.04 -6.68 8.44
CA VAL AA 96 -77.25 -6.31 9.60
C VAL AA 96 -77.57 -4.90 10.08
N ASN AA 97 -78.09 -4.04 9.21
CA ASN AA 97 -78.30 -2.63 9.51
C ASN AA 97 -79.77 -2.26 9.41
N ALA AA 98 -80.65 -3.15 9.88
CA ALA AA 98 -82.08 -2.91 9.83
C ALA AA 98 -82.49 -2.01 10.98
N ALA AA 99 -82.97 -0.81 10.66
CA ALA AA 99 -83.40 0.14 11.68
C ALA AA 99 -84.88 -0.06 11.99
N ASP AA 100 -85.23 0.05 13.26
CA ASP AA 100 -86.62 -0.03 13.71
C ASP AA 100 -87.27 1.34 13.59
N VAL AA 101 -88.46 1.49 14.18
CA VAL AA 101 -89.13 2.78 14.19
C VAL AA 101 -88.50 3.75 15.18
N PHE AA 102 -87.63 3.26 16.07
CA PHE AA 102 -86.89 4.11 16.99
C PHE AA 102 -85.45 4.35 16.56
N GLY AA 103 -85.00 3.67 15.50
CA GLY AA 103 -83.66 3.86 14.98
C GLY AA 103 -82.65 2.83 15.42
N TYR AA 104 -83.01 1.95 16.35
CA TYR AA 104 -82.06 0.97 16.84
C TYR AA 104 -81.80 -0.12 15.81
N THR AA 105 -80.56 -0.53 15.71
CA THR AA 105 -80.09 -1.67 14.95
C THR AA 105 -79.76 -2.79 15.92
N PRO AA 106 -79.44 -4.00 15.43
CA PRO AA 106 -78.94 -5.03 16.35
C PRO AA 106 -77.67 -4.63 17.09
N LEU AA 107 -76.83 -3.79 16.49
CA LEU AA 107 -75.62 -3.35 17.18
C LEU AA 107 -75.95 -2.48 18.38
N HIS AA 108 -76.97 -1.63 18.26
CA HIS AA 108 -77.41 -0.80 19.38
C HIS AA 108 -77.83 -1.66 20.56
N LEU AA 109 -78.74 -2.60 20.32
CA LEU AA 109 -79.23 -3.46 21.40
C LEU AA 109 -78.12 -4.35 21.96
N ALA AA 110 -77.21 -4.80 21.10
CA ALA AA 110 -76.10 -5.60 21.58
C ALA AA 110 -75.18 -4.80 22.48
N ALA AA 111 -74.98 -3.52 22.16
CA ALA AA 111 -74.13 -2.67 22.99
C ALA AA 111 -74.83 -2.30 24.29
N TYR AA 112 -76.16 -2.18 24.27
CA TYR AA 112 -76.90 -1.87 25.49
C TYR AA 112 -76.76 -2.99 26.51
N TRP AA 113 -76.98 -4.23 26.09
CA TRP AA 113 -77.06 -5.33 27.04
C TRP AA 113 -75.71 -5.97 27.32
N GLY AA 114 -74.66 -5.53 26.65
CA GLY AA 114 -73.33 -5.99 27.00
C GLY AA 114 -73.01 -7.39 26.54
N HIS AA 115 -73.23 -7.66 25.25
CA HIS AA 115 -72.93 -8.96 24.66
C HIS AA 115 -71.78 -8.76 23.69
N LEU AA 116 -70.59 -9.22 24.09
CA LEU AA 116 -69.37 -8.85 23.36
C LEU AA 116 -69.26 -9.60 22.03
N GLU AA 117 -69.49 -10.91 22.05
CA GLU AA 117 -69.27 -11.72 20.86
C GLU AA 117 -70.21 -11.34 19.73
N ILE AA 118 -71.46 -11.00 20.04
CA ILE AA 118 -72.35 -10.64 18.96
C ILE AA 118 -72.03 -9.25 18.43
N VAL AA 119 -71.51 -8.37 19.28
CA VAL AA 119 -70.99 -7.09 18.80
C VAL AA 119 -69.85 -7.32 17.81
N GLU AA 120 -68.94 -8.23 18.16
CA GLU AA 120 -67.82 -8.53 17.29
C GLU AA 120 -68.28 -9.10 15.95
N VAL AA 121 -69.20 -10.06 15.97
CA VAL AA 121 -69.59 -10.66 14.70
C VAL AA 121 -70.50 -9.76 13.88
N LEU AA 122 -71.23 -8.83 14.51
CA LEU AA 122 -71.96 -7.83 13.74
C LEU AA 122 -70.99 -6.88 13.05
N LEU AA 123 -69.96 -6.43 13.76
CA LEU AA 123 -68.96 -5.59 13.13
C LEU AA 123 -68.20 -6.35 12.05
N LYS AA 124 -68.05 -7.66 12.22
CA LYS AA 124 -67.40 -8.49 11.23
C LYS AA 124 -68.22 -8.65 9.96
N ASN AA 125 -69.53 -8.43 10.03
CA ASN AA 125 -70.42 -8.59 8.90
C ASN AA 125 -70.86 -7.26 8.31
N GLY AA 126 -70.17 -6.18 8.64
CA GLY AA 126 -70.46 -4.90 8.05
C GLY AA 126 -71.52 -4.08 8.74
N ALA AA 127 -71.57 -4.13 10.06
CA ALA AA 127 -72.47 -3.25 10.80
C ALA AA 127 -71.87 -1.85 10.87
N ASP AA 128 -72.71 -0.85 10.68
CA ASP AA 128 -72.25 0.53 10.69
C ASP AA 128 -71.97 0.97 12.12
N VAL AA 129 -70.72 1.34 12.39
CA VAL AA 129 -70.29 1.58 13.76
C VAL AA 129 -70.75 2.94 14.28
N ASN AA 130 -71.10 3.86 13.40
CA ASN AA 130 -71.54 5.20 13.78
C ASN AA 130 -73.02 5.41 13.49
N ALA AA 131 -73.83 4.37 13.71
CA ALA AA 131 -75.26 4.47 13.46
C ALA AA 131 -75.94 5.29 14.54
N ARG AA 132 -76.75 6.26 14.12
CA ARG AA 132 -77.48 7.11 15.05
C ARG AA 132 -78.91 6.60 15.22
N ASP AA 133 -79.44 6.74 16.43
CA ASP AA 133 -80.82 6.41 16.69
C ASP AA 133 -81.69 7.66 16.55
N SER AA 134 -82.91 7.59 17.07
CA SER AA 134 -83.76 8.77 17.12
C SER AA 134 -83.16 9.88 17.95
N ASP AA 135 -82.40 9.53 18.98
CA ASP AA 135 -81.73 10.51 19.84
C ASP AA 135 -80.37 10.93 19.30
N GLY AA 136 -79.92 10.34 18.21
CA GLY AA 136 -78.57 10.58 17.76
C GLY AA 136 -77.50 9.86 18.54
N MET AA 137 -77.87 8.90 19.37
CA MET AA 137 -76.92 8.19 20.21
C MET AA 137 -76.37 6.99 19.45
N THR AA 138 -75.06 6.98 19.24
CA THR AA 138 -74.37 5.88 18.61
C THR AA 138 -74.26 4.73 19.60
N PRO AA 139 -73.89 3.52 19.14
CA PRO AA 139 -73.64 2.43 20.10
C PRO AA 139 -72.54 2.75 21.10
N LEU AA 140 -71.57 3.57 20.72
CA LEU AA 140 -70.52 3.97 21.66
C LEU AA 140 -71.09 4.80 22.80
N HIS AA 141 -72.09 5.64 22.52
CA HIS AA 141 -72.79 6.34 23.59
C HIS AA 141 -73.37 5.36 24.59
N LEU AA 142 -74.00 4.29 24.12
CA LEU AA 142 -74.62 3.33 25.01
C LEU AA 142 -73.58 2.59 25.84
N ALA AA 143 -72.54 2.09 25.18
CA ALA AA 143 -71.50 1.34 25.89
C ALA AA 143 -70.72 2.20 26.87
N ALA AA 144 -70.61 3.50 26.61
CA ALA AA 144 -69.98 4.38 27.59
C ALA AA 144 -70.93 4.74 28.71
N LYS AA 145 -72.22 4.84 28.41
CA LYS AA 145 -73.21 5.16 29.43
C LYS AA 145 -73.41 4.00 30.40
N TRP AA 146 -73.20 2.77 29.96
CA TRP AA 146 -73.46 1.63 30.83
C TRP AA 146 -72.20 1.00 31.42
N GLY AA 147 -71.02 1.33 30.92
CA GLY AA 147 -69.79 0.90 31.55
C GLY AA 147 -69.21 -0.41 31.06
N HIS AA 148 -69.35 -0.72 29.77
CA HIS AA 148 -68.79 -1.93 29.19
C HIS AA 148 -67.47 -1.58 28.51
N LEU AA 149 -66.35 -2.00 29.11
CA LEU AA 149 -65.03 -1.62 28.58
C LEU AA 149 -64.75 -2.30 27.25
N GLU AA 150 -64.89 -3.62 27.20
CA GLU AA 150 -64.45 -4.37 26.03
C GLU AA 150 -65.27 -4.01 24.80
N ILE AA 151 -66.55 -3.71 24.98
CA ILE AA 151 -67.36 -3.24 23.87
C ILE AA 151 -66.84 -1.89 23.38
N VAL AA 152 -66.51 -0.99 24.31
CA VAL AA 152 -65.95 0.31 23.94
C VAL AA 152 -64.67 0.13 23.13
N GLU AA 153 -63.82 -0.80 23.54
CA GLU AA 153 -62.54 -0.97 22.85
C GLU AA 153 -62.72 -1.57 21.47
N VAL AA 154 -63.58 -2.59 21.34
CA VAL AA 154 -63.86 -3.16 20.03
C VAL AA 154 -64.52 -2.14 19.11
N LEU AA 155 -65.35 -1.27 19.66
CA LEU AA 155 -65.97 -0.24 18.84
C LEU AA 155 -64.95 0.81 18.40
N LEU AA 156 -64.01 1.13 19.28
CA LEU AA 156 -62.96 2.08 18.91
C LEU AA 156 -62.04 1.49 17.86
N ARG AA 157 -61.84 0.18 17.87
CA ARG AA 157 -61.00 -0.45 16.86
C ARG AA 157 -61.59 -0.31 15.47
N TYR AA 158 -62.90 -0.26 15.34
CA TYR AA 158 -63.56 -0.25 14.05
C TYR AA 158 -63.90 1.16 13.57
N GLY AA 159 -63.47 2.18 14.29
CA GLY AA 159 -63.62 3.54 13.85
C GLY AA 159 -64.80 4.31 14.41
N ALA AA 160 -65.19 4.04 15.64
CA ALA AA 160 -66.28 4.79 16.25
C ALA AA 160 -65.87 6.23 16.51
N ASP AA 161 -66.79 7.16 16.26
CA ASP AA 161 -66.48 8.57 16.39
C ASP AA 161 -66.49 8.98 17.87
N VAL AA 162 -65.38 9.53 18.32
CA VAL AA 162 -65.26 9.95 19.72
C VAL AA 162 -66.05 11.22 19.96
N GLU AA 163 -66.27 12.03 18.92
CA GLU AA 163 -66.82 13.37 19.08
C GLU AA 163 -68.29 13.46 18.68
N ALA AA 164 -68.96 12.32 18.55
CA ALA AA 164 -70.38 12.33 18.21
C ALA AA 164 -71.22 12.87 19.36
N GLN AA 165 -72.09 13.82 19.07
CA GLN AA 165 -72.98 14.41 20.05
C GLN AA 165 -74.42 13.97 19.80
N ASP AA 166 -75.17 13.79 20.87
CA ASP AA 166 -76.58 13.42 20.77
C ASP AA 166 -77.43 14.70 20.76
N LYS AA 167 -78.73 14.56 20.98
CA LYS AA 167 -79.63 15.73 20.95
C LYS AA 167 -79.33 16.73 22.06
N PHE AA 168 -78.74 16.28 23.16
CA PHE AA 168 -78.39 17.17 24.26
C PHE AA 168 -76.99 17.76 24.10
N GLY AA 169 -76.26 17.39 23.05
CA GLY AA 169 -74.89 17.83 22.93
C GLY AA 169 -73.92 17.08 23.81
N LYS AA 170 -74.19 15.80 24.07
CA LYS AA 170 -73.34 14.98 24.92
C LYS AA 170 -72.49 14.06 24.07
N THR AA 171 -71.19 14.04 24.33
CA THR AA 171 -70.29 13.05 23.77
C THR AA 171 -70.27 11.83 24.67
N PRO AA 172 -69.76 10.69 24.18
CA PRO AA 172 -69.63 9.53 25.07
C PRO AA 172 -68.74 9.79 26.29
N PHE AA 173 -67.78 10.71 26.19
CA PHE AA 173 -66.99 11.09 27.35
C PHE AA 173 -67.86 11.72 28.43
N ASP AA 174 -68.83 12.53 28.01
CA ASP AA 174 -69.74 13.15 28.97
C ASP AA 174 -70.63 12.11 29.64
N LEU AA 175 -71.15 11.16 28.85
CA LEU AA 175 -71.98 10.12 29.43
C LEU AA 175 -71.17 9.19 30.33
N ALA AA 176 -69.88 9.06 30.09
CA ALA AA 176 -69.06 8.22 30.95
C ALA AA 176 -68.69 8.93 32.25
N ILE AA 177 -68.52 10.26 32.22
CA ILE AA 177 -68.24 10.93 33.49
C ILE AA 177 -69.52 11.12 34.29
N ASP AA 178 -70.67 11.24 33.63
CA ASP AA 178 -71.92 11.42 34.36
C ASP AA 178 -72.36 10.16 35.09
N ASN AA 179 -71.89 8.99 34.66
CA ASN AA 179 -72.29 7.74 35.28
C ASN AA 179 -71.14 7.07 36.03
N GLY AA 180 -70.04 7.77 36.23
CA GLY AA 180 -68.97 7.25 37.07
C GLY AA 180 -68.08 6.22 36.46
N ASN AA 181 -68.05 6.11 35.12
CA ASN AA 181 -67.17 5.15 34.45
C ASN AA 181 -65.87 5.86 34.11
N GLU AA 182 -64.99 5.93 35.11
CA GLU AA 182 -63.80 6.79 35.01
C GLU AA 182 -62.73 6.23 34.09
N ASP AA 183 -62.60 4.90 34.02
CA ASP AA 183 -61.59 4.34 33.13
C ASP AA 183 -61.98 4.49 31.66
N ILE AA 184 -63.27 4.38 31.35
CA ILE AA 184 -63.75 4.67 30.00
C ILE AA 184 -63.41 6.10 29.63
N ALA AA 185 -63.70 7.04 30.54
CA ALA AA 185 -63.42 8.44 30.27
C ALA AA 185 -61.93 8.70 30.11
N GLU AA 186 -61.10 7.97 30.85
CA GLU AA 186 -59.65 8.10 30.69
C GLU AA 186 -59.21 7.70 29.30
N VAL AA 187 -59.69 6.54 28.84
CA VAL AA 187 -59.36 6.05 27.51
C VAL AA 187 -59.81 7.05 26.45
N LEU AA 188 -61.04 7.53 26.57
CA LEU AA 188 -61.62 8.44 25.59
C LEU AA 188 -60.90 9.78 25.58
N GLN AA 189 -60.38 10.22 26.72
CA GLN AA 189 -59.71 11.51 26.78
C GLN AA 189 -58.31 11.42 26.21
N ALA AA 190 -57.58 10.36 26.56
CA ALA AA 190 -56.22 10.20 26.06
C ALA AA 190 -56.19 10.02 24.54
N LEU AA 191 -57.16 9.30 23.99
CA LEU AA 191 -57.19 9.08 22.55
C LEU AA 191 -57.35 10.39 21.80
N LEU AA 192 -58.32 11.20 22.23
CA LEU AA 192 -58.58 12.48 21.60
C LEU AA 192 -57.38 13.40 21.72
N ALA AA 193 -56.69 13.36 22.85
CA ALA AA 193 -55.55 14.27 23.04
C ALA AA 193 -54.38 13.90 22.13
N ILE AA 194 -54.12 12.61 21.95
CA ILE AA 194 -53.03 12.23 21.06
C ILE AA 194 -53.38 12.52 19.60
N ASN AA 195 -54.64 12.37 19.21
CA ASN AA 195 -55.01 12.69 17.84
C ASN AA 195 -54.90 14.18 17.57
N ARG AA 196 -55.25 15.00 18.55
CA ARG AA 196 -55.09 16.44 18.37
C ARG AA 196 -53.63 16.85 18.32
N GLN AA 197 -52.76 16.16 19.06
CA GLN AA 197 -51.34 16.48 18.94
C GLN AA 197 -50.78 16.10 17.58
N ILE AA 198 -51.27 15.00 16.99
CA ILE AA 198 -50.86 14.64 15.64
C ILE AA 198 -51.26 15.72 14.65
N ASN AA 199 -52.51 16.18 14.74
CA ASN AA 199 -52.95 17.24 13.83
C ASN AA 199 -52.17 18.53 14.05
N LEU AA 200 -51.80 18.83 15.29
CA LEU AA 200 -51.06 20.05 15.56
C LEU AA 200 -49.64 19.99 15.04
N GLU AA 201 -49.01 18.82 15.07
CA GLU AA 201 -47.70 18.71 14.44
C GLU AA 201 -47.79 18.79 12.93
N LEU AA 202 -48.86 18.25 12.33
CA LEU AA 202 -49.01 18.40 10.88
C LEU AA 202 -49.28 19.84 10.49
N TYR AA 203 -49.96 20.60 11.34
CA TYR AA 203 -50.22 22.00 11.06
C TYR AA 203 -48.94 22.81 11.01
N ALA AA 204 -48.05 22.60 11.98
CA ALA AA 204 -46.84 23.41 12.08
C ALA AA 204 -45.89 23.19 10.93
N SER AA 205 -45.94 22.03 10.29
CA SER AA 205 -45.07 21.74 9.16
C SER AA 205 -45.47 22.56 7.94
N TYR AA 206 -46.76 22.82 7.80
CA TYR AA 206 -47.33 23.55 6.68
C TYR AA 206 -47.11 25.06 6.82
N VAL AA 207 -47.08 25.55 8.06
CA VAL AA 207 -46.71 26.94 8.32
C VAL AA 207 -45.26 27.18 7.93
N TYR AA 208 -44.39 26.24 8.26
CA TYR AA 208 -42.98 26.37 7.87
C TYR AA 208 -42.79 26.27 6.38
N LEU AA 209 -43.61 25.45 5.71
CA LEU AA 209 -43.56 25.41 4.25
C LEU AA 209 -43.93 26.77 3.64
N SER AA 210 -45.00 27.37 4.16
CA SER AA 210 -45.39 28.70 3.73
C SER AA 210 -44.26 29.71 3.93
N MET AA 211 -43.70 29.74 5.13
CA MET AA 211 -42.60 30.64 5.45
C MET AA 211 -41.42 30.44 4.53
N SER AA 212 -41.05 29.20 4.26
CA SER AA 212 -39.89 28.92 3.43
C SER AA 212 -40.10 29.44 2.02
N TYR AA 213 -41.25 29.18 1.42
CA TYR AA 213 -41.44 29.66 0.05
C TYR AA 213 -41.80 31.12 -0.04
N TYR AA 214 -42.01 31.81 1.09
CA TYR AA 214 -42.07 33.26 1.05
C TYR AA 214 -40.69 33.87 0.81
N PHE AA 215 -39.65 33.25 1.35
CA PHE AA 215 -38.32 33.84 1.39
C PHE AA 215 -37.50 33.60 0.13
N ASP AA 216 -38.06 32.97 -0.89
CA ASP AA 216 -37.37 32.90 -2.16
C ASP AA 216 -38.18 33.51 -3.29
N ARG AA 217 -39.17 34.33 -2.98
CA ARG AA 217 -39.75 35.22 -3.96
C ARG AA 217 -38.69 36.19 -4.47
N ASP AA 218 -38.86 36.66 -5.70
CA ASP AA 218 -37.82 37.51 -6.29
C ASP AA 218 -37.72 38.88 -5.64
N ASP AA 219 -38.72 39.30 -4.87
CA ASP AA 219 -38.61 40.52 -4.08
C ASP AA 219 -38.27 40.25 -2.63
N VAL AA 220 -38.11 39.00 -2.23
CA VAL AA 220 -37.56 38.63 -0.93
C VAL AA 220 -36.44 37.63 -1.23
N ALA AA 221 -35.24 38.11 -1.47
CA ALA AA 221 -34.20 37.24 -1.99
C ALA AA 221 -33.25 36.79 -0.89
N LEU AA 222 -33.77 36.01 0.04
CA LEU AA 222 -32.99 35.50 1.18
C LEU AA 222 -33.00 33.99 1.17
N LYS AA 223 -31.93 33.39 0.65
CA LYS AA 223 -31.88 31.95 0.38
C LYS AA 223 -31.70 31.12 1.64
N ASN AA 224 -31.00 31.64 2.63
CA ASN AA 224 -30.70 30.86 3.81
C ASN AA 224 -31.86 30.86 4.80
N PHE AA 225 -32.66 31.93 4.81
CA PHE AA 225 -33.93 31.91 5.50
C PHE AA 225 -34.84 30.80 4.97
N ALA AA 226 -34.94 30.72 3.63
CA ALA AA 226 -35.78 29.72 2.99
C ALA AA 226 -35.29 28.31 3.29
N LYS AA 227 -33.98 28.12 3.27
CA LYS AA 227 -33.39 26.82 3.58
C LYS AA 227 -33.67 26.41 5.02
N TYR AA 228 -33.53 27.35 5.95
CA TYR AA 228 -33.80 27.11 7.36
C TYR AA 228 -35.24 26.67 7.59
N PHE AA 229 -36.19 27.37 6.98
CA PHE AA 229 -37.58 27.03 7.23
C PHE AA 229 -38.02 25.75 6.52
N LEU AA 230 -37.37 25.38 5.42
CA LEU AA 230 -37.65 24.07 4.84
C LEU AA 230 -37.16 22.95 5.76
N HIS AA 231 -36.00 23.15 6.38
CA HIS AA 231 -35.52 22.19 7.35
C HIS AA 231 -36.51 22.00 8.51
N GLN AA 232 -37.04 23.10 9.03
CA GLN AA 232 -38.01 22.98 10.12
C GLN AA 232 -39.27 22.26 9.68
N SER AA 233 -39.73 22.51 8.45
CA SER AA 233 -40.90 21.82 7.93
C SER AA 233 -40.72 20.31 7.95
N HIS AA 234 -39.56 19.84 7.50
CA HIS AA 234 -39.36 18.39 7.47
C HIS AA 234 -39.20 17.80 8.87
N GLU AA 235 -38.61 18.56 9.80
CA GLU AA 235 -38.51 18.07 11.17
C GLU AA 235 -39.89 17.89 11.81
N GLU AA 236 -40.81 18.82 11.56
CA GLU AA 236 -42.14 18.66 12.13
C GLU AA 236 -42.91 17.51 11.51
N ARG AA 237 -42.69 17.25 10.21
CA ARG AA 237 -43.26 16.06 9.60
C ARG AA 237 -42.77 14.79 10.30
N GLU AA 238 -41.49 14.76 10.67
CA GLU AA 238 -40.97 13.62 11.41
C GLU AA 238 -41.58 13.49 12.81
N HIS AA 239 -41.81 14.62 13.49
CA HIS AA 239 -42.45 14.56 14.81
C HIS AA 239 -43.83 13.93 14.72
N ALA AA 240 -44.62 14.34 13.73
CA ALA AA 240 -45.95 13.77 13.57
C ALA AA 240 -45.90 12.29 13.27
N GLU AA 241 -44.95 11.86 12.43
CA GLU AA 241 -44.86 10.44 12.13
C GLU AA 241 -44.44 9.61 13.33
N LYS AA 242 -43.60 10.16 14.22
CA LYS AA 242 -43.27 9.47 15.46
C LYS AA 242 -44.49 9.28 16.33
N LEU AA 243 -45.34 10.30 16.43
CA LEU AA 243 -46.55 10.12 17.24
C LEU AA 243 -47.48 9.08 16.63
N MET AA 244 -47.55 9.01 15.31
CA MET AA 244 -48.36 8.00 14.65
C MET AA 244 -47.84 6.59 14.90
N LYS AA 245 -46.51 6.42 14.88
CA LYS AA 245 -45.94 5.12 15.18
C LYS AA 245 -46.21 4.70 16.62
N LEU AA 246 -46.08 5.64 17.56
CA LEU AA 246 -46.39 5.34 18.96
C LEU AA 246 -47.84 4.91 19.12
N GLN AA 247 -48.76 5.63 18.49
CA GLN AA 247 -50.16 5.26 18.58
C GLN AA 247 -50.44 3.88 18.00
N ASN AA 248 -49.70 3.49 16.95
CA ASN AA 248 -49.88 2.14 16.44
C ASN AA 248 -49.30 1.06 17.34
N GLN AA 249 -48.23 1.36 18.09
CA GLN AA 249 -47.69 0.36 19.01
C GLN AA 249 -48.60 0.07 20.19
N ARG AA 250 -49.39 1.05 20.62
CA ARG AA 250 -50.25 0.87 21.77
C ARG AA 250 -51.57 0.20 21.44
N GLY AA 251 -51.88 0.06 20.15
CA GLY AA 251 -53.17 -0.47 19.77
C GLY AA 251 -54.28 0.54 19.71
N GLY AA 252 -53.95 1.83 19.68
CA GLY AA 252 -54.95 2.86 19.55
C GLY AA 252 -55.29 3.15 18.10
N ALA AA 253 -56.26 4.03 17.92
CA ALA AA 253 -56.86 4.29 16.61
C ALA AA 253 -56.47 5.68 16.14
N ILE AA 254 -55.62 5.75 15.13
CA ILE AA 254 -55.31 7.01 14.47
C ILE AA 254 -56.55 7.51 13.74
N SER AA 255 -56.81 8.81 13.84
CA SER AA 255 -57.97 9.44 13.20
C SER AA 255 -57.53 10.82 12.72
N LEU AA 256 -57.47 11.00 11.41
CA LEU AA 256 -56.92 12.21 10.82
C LEU AA 256 -58.01 13.20 10.47
N GLN AA 257 -57.67 14.48 10.57
CA GLN AA 257 -58.57 15.59 10.29
C GLN AA 257 -57.96 16.49 9.22
N ASP AA 258 -58.69 17.54 8.86
CA ASP AA 258 -58.17 18.52 7.93
C ASP AA 258 -56.99 19.27 8.52
N ILE AA 259 -56.07 19.66 7.65
CA ILE AA 259 -54.98 20.55 8.02
C ILE AA 259 -55.30 21.92 7.46
N LYS AA 260 -55.45 22.90 8.34
CA LYS AA 260 -55.89 24.22 7.93
C LYS AA 260 -54.72 25.05 7.43
N LYS AA 261 -55.04 26.00 6.55
CA LYS AA 261 -53.96 26.81 5.91
C LYS AA 261 -53.40 27.82 6.92
N PRO AA 262 -52.12 28.18 6.79
CA PRO AA 262 -51.46 29.14 7.69
C PRO AA 262 -52.18 30.49 7.71
N ASP AA 263 -51.83 31.29 8.72
CA ASP AA 263 -52.52 32.55 8.93
C ASP AA 263 -52.15 33.61 7.90
N CYS AA 264 -50.92 33.59 7.41
CA CYS AA 264 -50.48 34.51 6.38
C CYS AA 264 -50.01 33.76 5.16
N ASP AA 265 -50.18 34.39 4.01
CA ASP AA 265 -49.35 34.10 2.84
C ASP AA 265 -48.15 35.02 2.78
N ASP AA 266 -48.27 36.24 3.30
CA ASP AA 266 -47.22 37.24 3.24
C ASP AA 266 -46.73 37.53 4.65
N TRP AA 267 -45.59 36.97 4.99
CA TRP AA 267 -44.82 37.43 6.10
C TRP AA 267 -44.16 38.75 5.70
N GLU AA 268 -43.51 39.43 6.64
CA GLU AA 268 -43.11 40.78 6.33
C GLU AA 268 -41.61 41.02 6.32
N SER AA 269 -40.85 40.23 7.04
CA SER AA 269 -39.41 40.39 7.19
C SER AA 269 -38.88 39.10 7.79
N GLY AA 270 -37.57 39.05 7.96
CA GLY AA 270 -36.98 37.92 8.69
C GLY AA 270 -37.31 37.97 10.17
N LEU AA 271 -37.33 39.18 10.74
CA LEU AA 271 -37.66 39.34 12.15
C LEU AA 271 -39.08 38.89 12.44
N ASN AA 272 -40.03 39.32 11.63
CA ASN AA 272 -41.43 39.00 11.88
C ASN AA 272 -41.69 37.51 11.77
N ALA AA 273 -41.07 36.85 10.79
CA ALA AA 273 -41.23 35.42 10.65
C ALA AA 273 -40.58 34.65 11.79
N MET AA 274 -39.41 35.11 12.25
CA MET AA 274 -38.80 34.48 13.42
C MET AA 274 -39.66 34.62 14.66
N GLU AA 275 -40.32 35.77 14.83
CA GLU AA 275 -41.19 35.95 16.00
C GLU AA 275 -42.44 35.09 15.90
N CYS AA 276 -42.98 34.92 14.70
CA CYS AA 276 -44.13 34.04 14.53
C CYS AA 276 -43.75 32.60 14.78
N ALA AA 277 -42.56 32.18 14.36
CA ALA AA 277 -42.10 30.83 14.62
C ALA AA 277 -41.88 30.59 16.10
N LEU AA 278 -41.41 31.59 16.83
CA LEU AA 278 -41.27 31.45 18.28
C LEU AA 278 -42.62 31.28 18.95
N HIS AA 279 -43.60 32.10 18.57
CA HIS AA 279 -44.95 31.96 19.11
C HIS AA 279 -45.53 30.58 18.83
N LEU AA 280 -45.29 30.06 17.63
CA LEU AA 280 -45.78 28.74 17.25
C LEU AA 280 -45.18 27.64 18.13
N GLU AA 281 -43.85 27.65 18.30
CA GLU AA 281 -43.24 26.58 19.07
C GLU AA 281 -43.61 26.66 20.55
N LYS AA 282 -43.89 27.86 21.05
CA LYS AA 282 -44.37 27.96 22.42
C LYS AA 282 -45.75 27.34 22.57
N ASN AA 283 -46.63 27.55 21.58
CA ASN AA 283 -47.94 26.90 21.62
C ASN AA 283 -47.84 25.38 21.61
N VAL AA 284 -46.96 24.85 20.77
CA VAL AA 284 -46.79 23.40 20.70
C VAL AA 284 -46.28 22.85 22.02
N ASN AA 285 -45.32 23.54 22.65
CA ASN AA 285 -44.80 23.12 23.94
C ASN AA 285 -45.88 23.11 25.02
N GLN AA 286 -46.76 24.11 24.99
CA GLN AA 286 -47.83 24.15 25.99
C GLN AA 286 -48.79 22.97 25.83
N SER AA 287 -49.13 22.62 24.60
CA SER AA 287 -50.01 21.47 24.42
C SER AA 287 -49.32 20.17 24.81
N LEU AA 288 -48.01 20.07 24.61
CA LEU AA 288 -47.29 18.88 25.06
C LEU AA 288 -47.28 18.76 26.58
N LEU AA 289 -47.18 19.89 27.28
CA LEU AA 289 -47.23 19.83 28.74
C LEU AA 289 -48.59 19.40 29.24
N GLU AA 290 -49.66 19.85 28.58
CA GLU AA 290 -50.99 19.37 28.97
C GLU AA 290 -51.15 17.88 28.70
N LEU AA 291 -50.59 17.39 27.60
CA LEU AA 291 -50.62 15.96 27.32
C LEU AA 291 -49.88 15.16 28.37
N HIS AA 292 -48.75 15.68 28.85
CA HIS AA 292 -47.99 14.98 29.89
C HIS AA 292 -48.76 14.95 31.20
N LYS AA 293 -49.44 16.03 31.55
CA LYS AA 293 -50.20 16.03 32.80
C LYS AA 293 -51.38 15.06 32.72
N LEU AA 294 -52.02 14.99 31.55
CA LEU AA 294 -53.09 14.03 31.36
C LEU AA 294 -52.57 12.60 31.47
N ALA AA 295 -51.41 12.33 30.88
CA ALA AA 295 -50.82 11.00 30.98
C ALA AA 295 -50.44 10.65 32.41
N THR AA 296 -50.07 11.64 33.21
CA THR AA 296 -49.73 11.35 34.60
C THR AA 296 -50.97 11.08 35.43
N ASP AA 297 -52.10 11.72 35.11
CA ASP AA 297 -53.33 11.38 35.80
C ASP AA 297 -53.81 9.98 35.47
N CYS AA 298 -53.55 9.49 34.27
CA CYS AA 298 -54.05 8.20 33.81
C CYS AA 298 -53.13 7.04 34.19
N ASN AA 299 -52.04 7.30 34.92
CA ASN AA 299 -51.07 6.29 35.34
C ASN AA 299 -50.50 5.54 34.14
N ASP AA 300 -49.82 6.28 33.27
CA ASP AA 300 -49.23 5.75 32.05
C ASP AA 300 -47.77 6.17 32.00
N PRO AA 301 -46.88 5.44 32.69
CA PRO AA 301 -45.47 5.85 32.71
C PRO AA 301 -44.79 5.77 31.36
N HIS AA 302 -45.22 4.87 30.48
CA HIS AA 302 -44.57 4.73 29.19
C HIS AA 302 -44.82 5.95 28.32
N LEU AA 303 -46.04 6.48 28.35
CA LEU AA 303 -46.35 7.70 27.60
C LEU AA 303 -45.59 8.90 28.16
N CYS AA 304 -45.50 9.00 29.48
CA CYS AA 304 -44.76 10.09 30.11
C CYS AA 304 -43.30 10.07 29.70
N ASP AA 305 -42.68 8.89 29.74
CA ASP AA 305 -41.28 8.80 29.36
C ASP AA 305 -41.08 9.05 27.87
N PHE AA 306 -42.02 8.60 27.04
CA PHE AA 306 -41.95 8.89 25.60
C PHE AA 306 -41.97 10.40 25.35
N ILE AA 307 -42.90 11.10 26.00
CA ILE AA 307 -43.02 12.54 25.79
C ILE AA 307 -41.77 13.25 26.27
N GLU AA 308 -41.32 12.97 27.48
CA GLU AA 308 -40.17 13.71 27.99
C GLU AA 308 -38.84 13.26 27.38
N THR AA 309 -38.78 12.12 26.68
CA THR AA 309 -37.56 11.74 26.00
C THR AA 309 -37.46 12.26 24.58
N HIS AA 310 -38.57 12.28 23.83
CA HIS AA 310 -38.49 12.68 22.44
C HIS AA 310 -39.05 14.06 22.13
N TYR AA 311 -39.69 14.73 23.09
CA TYR AA 311 -40.38 15.95 22.71
C TYR AA 311 -40.04 17.15 23.58
N LEU AA 312 -39.84 16.93 24.89
CA LEU AA 312 -39.76 18.06 25.80
C LEU AA 312 -38.42 18.77 25.76
N ASN AA 313 -37.34 18.09 25.38
CA ASN AA 313 -36.05 18.73 25.31
C ASN AA 313 -35.82 19.41 23.97
N GLU AA 314 -36.40 18.86 22.91
CA GLU AA 314 -36.34 19.49 21.59
C GLU AA 314 -37.07 20.83 21.58
N GLN AA 315 -38.20 20.90 22.28
CA GLN AA 315 -38.93 22.16 22.35
C GLN AA 315 -38.12 23.23 23.06
N VAL AA 316 -37.43 22.85 24.13
CA VAL AA 316 -36.61 23.81 24.87
C VAL AA 316 -35.46 24.30 24.01
N LYS AA 317 -34.82 23.39 23.28
CA LYS AA 317 -33.75 23.79 22.38
C LYS AA 317 -34.24 24.73 21.29
N ALA AA 318 -35.40 24.43 20.71
CA ALA AA 318 -35.92 25.25 19.62
C ALA AA 318 -36.31 26.64 20.12
N ILE AA 319 -36.88 26.73 21.31
CA ILE AA 319 -37.29 28.02 21.84
C ILE AA 319 -36.06 28.86 22.18
N LYS AA 320 -35.00 28.22 22.70
CA LYS AA 320 -33.77 28.96 22.98
C LYS AA 320 -33.14 29.49 21.71
N GLU AA 321 -33.10 28.67 20.65
CA GLU AA 321 -32.49 29.11 19.40
C GLU AA 321 -33.29 30.22 18.72
N LEU AA 322 -34.62 30.12 18.75
CA LEU AA 322 -35.42 31.15 18.10
C LEU AA 322 -35.37 32.46 18.86
N GLY AA 323 -35.31 32.43 20.19
CA GLY AA 323 -35.11 33.65 20.94
C GLY AA 323 -33.75 34.28 20.71
N ASP AA 324 -32.72 33.45 20.55
CA ASP AA 324 -31.41 33.95 20.11
C ASP AA 324 -31.51 34.71 18.80
N HIS AA 325 -32.14 34.10 17.79
CA HIS AA 325 -32.27 34.75 16.49
C HIS AA 325 -33.01 36.07 16.59
N VAL AA 326 -34.08 36.12 17.38
CA VAL AA 326 -34.85 37.34 17.50
C VAL AA 326 -34.02 38.46 18.13
N THR AA 327 -33.31 38.17 19.23
CA THR AA 327 -32.58 39.26 19.86
C THR AA 327 -31.40 39.73 19.00
N ASN AA 328 -30.73 38.82 18.29
CA ASN AA 328 -29.64 39.27 17.44
C ASN AA 328 -30.16 40.13 16.30
N LEU AA 329 -31.27 39.73 15.68
CA LEU AA 329 -31.84 40.53 14.60
C LEU AA 329 -32.31 41.89 15.09
N ARG AA 330 -32.86 41.97 16.29
CA ARG AA 330 -33.28 43.26 16.81
C ARG AA 330 -32.07 44.15 17.15
N LYS AA 331 -30.98 43.56 17.65
CA LYS AA 331 -29.81 44.37 17.97
C LYS AA 331 -29.13 44.90 16.71
N MET AA 332 -29.07 44.09 15.65
CA MET AA 332 -28.44 44.55 14.42
C MET AA 332 -29.19 45.70 13.76
N GLY AA 333 -30.47 45.88 14.08
CA GLY AA 333 -31.23 46.99 13.56
C GLY AA 333 -32.33 46.64 12.59
N ALA AA 334 -32.70 45.39 12.47
CA ALA AA 334 -33.77 44.95 11.59
C ALA AA 334 -35.13 45.26 12.22
N PRO AA 335 -36.19 45.40 11.42
CA PRO AA 335 -36.36 45.24 9.98
C PRO AA 335 -36.02 46.46 9.14
N GLU AA 336 -35.94 47.62 9.76
CA GLU AA 336 -35.72 48.87 9.04
C GLU AA 336 -34.28 49.06 8.61
N SER AA 337 -33.44 48.04 8.76
CA SER AA 337 -32.12 48.02 8.15
C SER AA 337 -32.06 46.80 7.24
N GLY AA 338 -32.00 47.04 5.92
CA GLY AA 338 -31.85 45.93 5.00
C GLY AA 338 -30.48 45.31 5.02
N LEU AA 339 -29.48 46.05 5.52
CA LEU AA 339 -28.15 45.50 5.67
C LEU AA 339 -28.09 44.47 6.79
N ALA AA 340 -28.97 44.58 7.78
CA ALA AA 340 -28.95 43.66 8.92
C ALA AA 340 -29.41 42.27 8.52
N GLU AA 341 -30.49 42.18 7.74
CA GLU AA 341 -31.01 40.86 7.39
C GLU AA 341 -30.13 40.16 6.36
N TYR AA 342 -29.50 40.91 5.46
CA TYR AA 342 -28.55 40.33 4.52
C TYR AA 342 -27.37 39.70 5.26
N LEU AA 343 -26.83 40.40 6.24
CA LEU AA 343 -25.66 39.90 6.93
C LEU AA 343 -25.99 38.81 7.93
N PHE AA 344 -27.19 38.86 8.53
CA PHE AA 344 -27.66 37.73 9.33
C PHE AA 344 -27.82 36.48 8.47
N ASP AA 345 -28.40 36.65 7.28
CA ASP AA 345 -28.49 35.56 6.31
C ASP AA 345 -27.14 34.94 6.02
N LYS AA 346 -26.12 35.77 5.81
CA LYS AA 346 -24.80 35.24 5.49
C LYS AA 346 -24.14 34.57 6.69
N HIS AA 347 -24.09 35.24 7.82
CA HIS AA 347 -23.19 34.78 8.88
C HIS AA 347 -23.82 33.79 9.84
N THR AA 348 -25.10 33.92 10.16
CA THR AA 348 -25.70 32.99 11.11
C THR AA 348 -26.33 31.80 10.41
N LEU AA 349 -27.12 32.05 9.38
CA LEU AA 349 -27.80 30.97 8.68
C LEU AA 349 -26.96 30.35 7.59
N GLY AA 350 -25.84 30.97 7.23
CA GLY AA 350 -24.98 30.45 6.20
C GLY AA 350 -24.24 29.20 6.61
N LYS BA 22 -143.05 7.88 45.25
CA LYS BA 22 -143.31 6.45 45.11
C LYS BA 22 -142.30 5.63 45.91
N ILE BA 23 -141.26 6.30 46.41
CA ILE BA 23 -140.35 5.68 47.36
C ILE BA 23 -141.05 5.58 48.70
N GLU BA 24 -141.11 4.36 49.26
CA GLU BA 24 -141.91 4.10 50.44
C GLU BA 24 -141.23 4.64 51.70
N GLU BA 25 -142.07 5.02 52.67
CA GLU BA 25 -141.64 5.62 53.93
C GLU BA 25 -141.64 4.59 55.05
N GLY BA 26 -140.83 4.85 56.07
CA GLY BA 26 -140.68 3.92 57.17
C GLY BA 26 -140.01 2.62 56.82
N LYS BA 27 -139.36 2.56 55.66
CA LYS BA 27 -138.84 1.32 55.11
C LYS BA 27 -137.66 1.67 54.20
N LEU BA 28 -136.63 0.84 54.25
CA LEU BA 28 -135.40 1.07 53.50
C LEU BA 28 -135.11 -0.11 52.59
N VAL BA 29 -134.93 0.17 51.30
CA VAL BA 29 -134.48 -0.82 50.33
C VAL BA 29 -133.19 -0.32 49.70
N ILE BA 30 -132.21 -1.20 49.57
CA ILE BA 30 -130.88 -0.86 49.09
C ILE BA 30 -130.54 -1.77 47.92
N TRP BA 31 -129.85 -1.22 46.93
CA TRP BA 31 -129.30 -2.01 45.83
C TRP BA 31 -127.78 -1.93 45.87
N ILE BA 32 -127.13 -3.10 45.76
CA ILE BA 32 -125.69 -3.21 45.87
C ILE BA 32 -125.23 -4.36 44.97
N ASN BA 33 -124.12 -4.14 44.27
CA ASN BA 33 -123.63 -5.13 43.31
C ASN BA 33 -123.13 -6.38 44.04
N GLY BA 34 -123.36 -7.53 43.42
CA GLY BA 34 -123.09 -8.83 44.01
C GLY BA 34 -121.63 -9.23 44.12
N ASP BA 35 -120.70 -8.39 43.72
CA ASP BA 35 -119.28 -8.66 43.90
C ASP BA 35 -118.77 -8.17 45.23
N LYS BA 36 -119.65 -7.75 46.11
CA LYS BA 36 -119.32 -7.15 47.40
C LYS BA 36 -119.91 -8.01 48.51
N GLY BA 37 -119.74 -7.55 49.75
CA GLY BA 37 -120.40 -8.18 50.87
C GLY BA 37 -121.82 -7.67 51.03
N TYR BA 38 -122.69 -8.00 50.07
CA TYR BA 38 -124.09 -7.62 50.20
C TYR BA 38 -124.76 -8.36 51.35
N ASN BA 39 -124.27 -9.56 51.66
CA ASN BA 39 -124.72 -10.23 52.88
C ASN BA 39 -124.29 -9.46 54.11
N GLY BA 40 -123.13 -8.79 54.06
CA GLY BA 40 -122.76 -7.89 55.14
C GLY BA 40 -123.68 -6.69 55.24
N LEU BA 41 -124.20 -6.23 54.11
CA LEU BA 41 -125.21 -5.19 54.14
C LEU BA 41 -126.50 -5.70 54.76
N ALA BA 42 -126.84 -6.97 54.53
CA ALA BA 42 -127.96 -7.58 55.25
C ALA BA 42 -127.68 -7.67 56.74
N GLU BA 43 -126.42 -7.96 57.12
CA GLU BA 43 -126.08 -8.07 58.54
CA GLU BA 43 -126.08 -8.07 58.54
C GLU BA 43 -126.19 -6.71 59.23
N VAL BA 44 -125.73 -5.65 58.58
CA VAL BA 44 -125.85 -4.34 59.23
C VAL BA 44 -127.32 -3.89 59.23
N GLY BA 45 -128.08 -4.30 58.22
CA GLY BA 45 -129.51 -4.06 58.24
C GLY BA 45 -130.19 -4.72 59.43
N LYS BA 46 -129.80 -5.96 59.75
CA LYS BA 46 -130.45 -6.61 60.89
C LYS BA 46 -129.93 -6.10 62.23
N LYS BA 47 -128.69 -5.59 62.31
CA LYS BA 47 -128.33 -4.83 63.52
C LYS BA 47 -129.27 -3.64 63.69
N PHE BA 48 -129.50 -2.90 62.59
CA PHE BA 48 -130.42 -1.77 62.65
C PHE BA 48 -131.83 -2.20 63.02
N GLU BA 49 -132.25 -3.39 62.60
CA GLU BA 49 -133.58 -3.89 62.92
C GLU BA 49 -133.70 -4.25 64.40
N LYS BA 50 -132.74 -4.98 64.93
CA LYS BA 50 -132.79 -5.30 66.37
C LYS BA 50 -132.63 -4.07 67.24
N ASP BA 51 -131.95 -3.03 66.75
CA ASP BA 51 -131.78 -1.85 67.59
C ASP BA 51 -132.93 -0.87 67.50
N THR BA 52 -133.44 -0.59 66.30
CA THR BA 52 -134.46 0.43 66.11
C THR BA 52 -135.79 -0.09 65.59
N GLY BA 53 -135.87 -1.33 65.14
CA GLY BA 53 -137.11 -1.89 64.64
C GLY BA 53 -137.46 -1.51 63.21
N ILE BA 54 -136.58 -0.82 62.51
CA ILE BA 54 -136.85 -0.37 61.14
C ILE BA 54 -136.25 -1.39 60.18
N LYS BA 55 -137.11 -1.95 59.32
CA LYS BA 55 -136.69 -3.04 58.45
C LYS BA 55 -135.82 -2.51 57.31
N VAL BA 56 -134.75 -3.25 57.00
CA VAL BA 56 -133.85 -2.93 55.90
C VAL BA 56 -133.78 -4.14 54.98
N THR BA 57 -134.13 -3.95 53.71
CA THR BA 57 -134.01 -4.98 52.69
C THR BA 57 -132.93 -4.58 51.70
N VAL BA 58 -132.11 -5.55 51.31
CA VAL BA 58 -131.10 -5.35 50.29
C VAL BA 58 -131.36 -6.30 49.14
N GLU BA 59 -131.05 -5.84 47.93
CA GLU BA 59 -131.22 -6.65 46.73
C GLU BA 59 -130.00 -6.48 45.84
N HIS BA 60 -129.56 -7.57 45.22
CA HIS BA 60 -128.32 -7.60 44.44
C HIS BA 60 -128.54 -8.24 43.08
N PRO BA 61 -129.20 -7.52 42.17
CA PRO BA 61 -129.32 -8.00 40.79
C PRO BA 61 -128.20 -7.46 39.91
N ASP BA 62 -128.15 -7.98 38.69
CA ASP BA 62 -127.18 -7.49 37.72
C ASP BA 62 -127.60 -6.12 37.19
N LYS BA 63 -126.67 -5.47 36.49
CA LYS BA 63 -126.87 -4.22 35.76
C LYS BA 63 -127.45 -3.11 36.63
N LEU BA 64 -127.01 -3.03 37.89
CA LEU BA 64 -127.57 -2.02 38.80
C LEU BA 64 -127.24 -0.60 38.39
N GLU BA 65 -126.14 -0.39 37.66
CA GLU BA 65 -125.82 0.96 37.20
C GLU BA 65 -126.68 1.31 36.00
N GLU BA 66 -127.09 0.30 35.23
CA GLU BA 66 -128.12 0.52 34.22
C GLU BA 66 -129.49 0.71 34.89
N LYS BA 67 -129.71 0.06 36.03
CA LYS BA 67 -131.04 -0.04 36.61
C LYS BA 67 -131.41 1.15 37.49
N PHE BA 68 -130.42 1.75 38.19
CA PHE BA 68 -130.76 2.86 39.08
C PHE BA 68 -131.26 4.11 38.36
N PRO BA 69 -130.56 4.67 37.35
CA PRO BA 69 -131.01 5.96 36.81
C PRO BA 69 -132.32 5.87 36.04
N GLN BA 70 -132.58 4.75 35.36
CA GLN BA 70 -133.81 4.59 34.60
C GLN BA 70 -135.05 4.52 35.47
N VAL BA 71 -134.91 4.21 36.75
CA VAL BA 71 -136.06 4.13 37.64
C VAL BA 71 -136.05 5.38 38.52
N ALA BA 72 -134.87 5.92 38.79
CA ALA BA 72 -134.74 7.15 39.58
C ALA BA 72 -135.22 8.36 38.79
N ALA BA 73 -135.17 8.31 37.47
CA ALA BA 73 -135.79 9.37 36.67
C ALA BA 73 -137.31 9.31 36.73
N THR BA 74 -137.88 8.19 37.15
CA THR BA 74 -139.31 8.09 37.43
C THR BA 74 -139.64 8.42 38.87
N GLY BA 75 -138.65 8.43 39.76
CA GLY BA 75 -138.89 8.69 41.17
C GLY BA 75 -139.06 7.47 42.04
N ASP BA 76 -138.50 6.32 41.64
CA ASP BA 76 -138.61 5.10 42.43
C ASP BA 76 -137.30 4.35 42.44
N GLY BA 77 -137.34 3.08 42.85
CA GLY BA 77 -136.18 2.24 42.87
C GLY BA 77 -135.68 1.99 44.28
N PRO BA 78 -134.39 2.20 44.50
CA PRO BA 78 -133.83 2.02 45.83
C PRO BA 78 -133.85 3.31 46.62
N ASP BA 79 -133.36 3.25 47.85
CA ASP BA 79 -133.03 4.49 48.56
C ASP BA 79 -131.54 4.77 48.52
N ILE BA 80 -130.73 3.73 48.74
CA ILE BA 80 -129.27 3.84 48.80
C ILE BA 80 -128.66 2.95 47.72
N ILE BA 81 -127.58 3.42 47.11
CA ILE BA 81 -126.86 2.66 46.09
C ILE BA 81 -125.37 2.74 46.34
N PHE BA 82 -124.71 1.59 46.33
CA PHE BA 82 -123.27 1.48 46.56
C PHE BA 82 -122.58 1.31 45.21
N TRP BA 83 -121.84 2.33 44.77
CA TRP BA 83 -121.20 2.28 43.46
C TRP BA 83 -120.06 3.29 43.43
N ALA BA 84 -119.35 3.30 42.30
CA ALA BA 84 -118.27 4.26 42.10
C ALA BA 84 -118.80 5.69 42.02
N HIS BA 85 -117.95 6.63 42.43
CA HIS BA 85 -118.35 8.02 42.57
C HIS BA 85 -118.45 8.74 41.22
N ASP BA 86 -117.76 8.24 40.18
CA ASP BA 86 -117.65 9.00 38.95
C ASP BA 86 -118.98 9.10 38.21
N ARG BA 87 -119.80 8.05 38.27
CA ARG BA 87 -121.15 8.16 37.73
C ARG BA 87 -122.11 8.82 38.70
N PHE BA 88 -121.69 9.01 39.95
CA PHE BA 88 -122.56 9.70 40.91
C PHE BA 88 -122.63 11.20 40.62
N GLY BA 89 -121.48 11.82 40.34
CA GLY BA 89 -121.48 13.25 40.03
C GLY BA 89 -122.32 13.58 38.82
N GLY BA 90 -122.25 12.75 37.79
CA GLY BA 90 -123.18 12.90 36.68
C GLY BA 90 -124.63 12.74 37.11
N TYR BA 91 -124.90 11.74 37.96
CA TYR BA 91 -126.23 11.64 38.54
C TYR BA 91 -126.48 12.70 39.60
N ALA BA 92 -125.43 13.40 40.05
CA ALA BA 92 -125.65 14.60 40.83
C ALA BA 92 -126.20 15.72 39.96
N GLN BA 93 -125.88 15.69 38.65
CA GLN BA 93 -126.50 16.61 37.71
C GLN BA 93 -127.92 16.16 37.38
N SER BA 94 -128.13 14.85 37.23
CA SER BA 94 -129.37 14.30 36.70
C SER BA 94 -130.51 14.29 37.71
N GLY BA 95 -130.32 14.85 38.90
CA GLY BA 95 -131.39 14.88 39.89
C GLY BA 95 -131.76 13.53 40.44
N LEU BA 96 -130.80 12.60 40.50
CA LEU BA 96 -131.06 11.25 40.97
C LEU BA 96 -130.35 10.90 42.27
N LEU BA 97 -129.33 11.66 42.66
CA LEU BA 97 -128.70 11.51 43.96
C LEU BA 97 -129.06 12.68 44.87
N ALA BA 98 -129.33 12.36 46.13
CA ALA BA 98 -129.77 13.35 47.11
C ALA BA 98 -128.57 14.07 47.71
N GLU BA 99 -128.71 15.39 47.87
CA GLU BA 99 -127.69 16.18 48.55
C GLU BA 99 -127.70 15.84 50.02
N ILE BA 100 -126.65 15.16 50.49
CA ILE BA 100 -126.59 14.75 51.88
C ILE BA 100 -126.22 15.92 52.77
N THR BA 101 -126.57 15.81 54.05
CA THR BA 101 -126.22 16.81 55.05
C THR BA 101 -125.52 16.11 56.21
N PRO BA 102 -124.21 15.87 56.10
CA PRO BA 102 -123.45 15.32 57.22
C PRO BA 102 -122.87 16.42 58.11
N ASP BA 103 -122.55 16.03 59.33
CA ASP BA 103 -121.96 16.96 60.29
CA ASP BA 103 -121.96 16.96 60.29
C ASP BA 103 -120.46 17.06 60.07
N LYS BA 104 -119.85 18.07 60.72
CA LYS BA 104 -118.43 18.31 60.57
C LYS BA 104 -117.59 17.34 61.40
N ALA BA 105 -118.10 16.91 62.56
CA ALA BA 105 -117.40 15.89 63.34
C ALA BA 105 -117.39 14.56 62.61
N PHE BA 106 -118.47 14.22 61.91
CA PHE BA 106 -118.48 13.00 61.09
C PHE BA 106 -117.62 13.19 59.85
N GLN BA 107 -117.47 14.42 59.37
CA GLN BA 107 -116.52 14.68 58.29
C GLN BA 107 -115.09 14.53 58.77
N ASP BA 108 -114.84 14.78 60.06
CA ASP BA 108 -113.54 14.47 60.64
C ASP BA 108 -113.39 12.98 60.88
N LYS BA 109 -114.50 12.27 61.11
CA LYS BA 109 -114.45 10.82 61.30
C LYS BA 109 -113.98 10.08 60.05
N LEU BA 110 -114.18 10.65 58.87
CA LEU BA 110 -113.72 10.08 57.62
C LEU BA 110 -112.57 10.92 57.07
N TYR BA 111 -111.88 10.35 56.08
CA TYR BA 111 -110.82 11.10 55.41
C TYR BA 111 -111.42 12.07 54.39
N PRO BA 112 -110.94 13.31 54.36
CA PRO BA 112 -111.53 14.30 53.44
C PRO BA 112 -111.22 14.03 51.98
N PHE BA 113 -110.09 13.39 51.66
CA PHE BA 113 -109.80 13.06 50.27
C PHE BA 113 -110.77 12.02 49.73
N THR BA 114 -111.43 11.27 50.62
CA THR BA 114 -112.58 10.47 50.19
C THR BA 114 -113.79 11.35 49.91
N TRP BA 115 -113.96 12.43 50.70
CA TRP BA 115 -115.07 13.34 50.47
C TRP BA 115 -114.92 14.14 49.18
N ASP BA 116 -113.70 14.30 48.68
CA ASP BA 116 -113.51 14.94 47.38
C ASP BA 116 -113.98 14.07 46.21
N ALA BA 117 -114.33 12.79 46.47
CA ALA BA 117 -114.82 11.93 45.40
C ALA BA 117 -116.28 12.20 45.07
N VAL BA 118 -117.05 12.70 46.02
CA VAL BA 118 -118.50 12.83 45.88
C VAL BA 118 -118.91 14.30 45.83
N ARG BA 119 -118.03 15.13 45.29
CA ARG BA 119 -118.31 16.55 45.11
C ARG BA 119 -118.84 16.79 43.70
N TYR BA 120 -119.84 17.67 43.60
CA TYR BA 120 -120.36 18.09 42.30
C TYR BA 120 -121.11 19.41 42.50
N ASN BA 121 -120.67 20.45 41.78
CA ASN BA 121 -121.26 21.79 41.88
C ASN BA 121 -121.25 22.31 43.31
N GLY BA 122 -120.21 21.96 44.07
CA GLY BA 122 -120.08 22.36 45.45
C GLY BA 122 -120.93 21.59 46.44
N LYS BA 123 -121.93 20.84 45.98
CA LYS BA 123 -122.80 20.10 46.87
C LYS BA 123 -122.24 18.71 47.13
N LEU BA 124 -122.64 18.13 48.25
CA LEU BA 124 -122.14 16.83 48.68
C LEU BA 124 -123.25 15.81 48.52
N ILE BA 125 -122.97 14.70 47.85
CA ILE BA 125 -124.03 13.84 47.32
C ILE BA 125 -124.07 12.46 47.96
N ALA BA 126 -122.97 11.97 48.53
CA ALA BA 126 -122.92 10.57 48.94
C ALA BA 126 -121.85 10.39 50.00
N TYR BA 127 -122.01 9.33 50.80
CA TYR BA 127 -121.05 9.02 51.85
C TYR BA 127 -120.04 8.02 51.31
N PRO BA 128 -118.75 8.32 51.31
CA PRO BA 128 -117.77 7.34 50.83
C PRO BA 128 -117.57 6.22 51.83
N ILE BA 129 -117.49 5.00 51.31
CA ILE BA 129 -117.22 3.84 52.17
C ILE BA 129 -115.86 3.25 51.81
N ALA BA 130 -115.71 2.80 50.57
CA ALA BA 130 -114.52 2.08 50.15
C ALA BA 130 -113.69 2.95 49.20
N VAL BA 131 -112.38 2.75 49.24
CA VAL BA 131 -111.44 3.53 48.43
C VAL BA 131 -110.48 2.57 47.76
N GLU BA 132 -110.25 2.76 46.47
CA GLU BA 132 -109.52 1.82 45.63
C GLU BA 132 -108.36 2.53 44.95
N ALA BA 133 -107.22 1.83 44.89
CA ALA BA 133 -106.01 2.39 44.31
C ALA BA 133 -105.08 1.25 43.93
N LEU BA 134 -104.36 1.43 42.83
CA LEU BA 134 -103.46 0.40 42.32
C LEU BA 134 -102.13 0.46 43.07
N SER BA 135 -101.60 -0.70 43.42
CA SER BA 135 -100.37 -0.79 44.21
C SER BA 135 -99.44 -1.80 43.57
N LEU BA 136 -98.19 -1.80 44.04
CA LEU BA 136 -97.17 -2.69 43.50
C LEU BA 136 -97.24 -4.03 44.23
N ILE BA 137 -97.28 -5.11 43.48
CA ILE BA 137 -97.27 -6.47 44.02
C ILE BA 137 -95.96 -7.10 43.58
N TYR BA 138 -95.20 -7.62 44.54
CA TYR BA 138 -93.87 -8.13 44.27
C TYR BA 138 -93.68 -9.51 44.87
N ASN BA 139 -92.92 -10.33 44.16
CA ASN BA 139 -92.42 -11.58 44.71
C ASN BA 139 -91.31 -11.28 45.72
N LYS BA 140 -91.50 -11.74 46.96
CA LYS BA 140 -90.48 -11.49 47.98
C LYS BA 140 -89.22 -12.32 47.72
N ASP BA 141 -89.35 -13.45 47.03
CA ASP BA 141 -88.20 -14.31 46.79
C ASP BA 141 -87.32 -13.75 45.69
N LEU BA 142 -87.91 -13.38 44.55
CA LEU BA 142 -87.15 -12.84 43.45
C LEU BA 142 -86.53 -11.49 43.80
N LEU BA 143 -87.18 -10.72 44.68
CA LEU BA 143 -86.59 -9.45 45.09
C LEU BA 143 -86.89 -9.19 46.55
N PRO BA 144 -85.90 -9.35 47.44
CA PRO BA 144 -86.14 -9.12 48.87
C PRO BA 144 -86.26 -7.65 49.23
N ASN BA 145 -85.78 -6.73 48.40
CA ASN BA 145 -85.76 -5.30 48.71
C ASN BA 145 -86.31 -4.52 47.52
N PRO BA 146 -87.56 -4.04 47.60
CA PRO BA 146 -88.14 -3.34 46.47
C PRO BA 146 -87.46 -2.00 46.24
N PRO BA 147 -87.46 -1.50 45.01
CA PRO BA 147 -86.91 -0.17 44.74
C PRO BA 147 -87.96 0.91 44.87
N LYS BA 148 -87.47 2.13 45.11
CA LYS BA 148 -88.34 3.28 45.33
C LYS BA 148 -88.30 4.28 44.18
N THR BA 149 -87.54 3.99 43.12
CA THR BA 149 -87.47 4.86 41.95
C THR BA 149 -87.80 4.06 40.70
N TRP BA 150 -88.53 4.69 39.77
CA TRP BA 150 -88.74 4.07 38.47
C TRP BA 150 -87.45 4.03 37.66
N GLU BA 151 -86.56 4.99 37.89
CA GLU BA 151 -85.27 5.02 37.22
C GLU BA 151 -84.41 3.81 37.57
N GLU BA 152 -84.75 3.10 38.65
CA GLU BA 152 -84.05 1.88 39.00
C GLU BA 152 -84.55 0.68 38.20
N ILE BA 153 -85.78 0.73 37.70
CA ILE BA 153 -86.41 -0.42 37.03
C ILE BA 153 -85.67 -0.91 35.78
N PRO BA 154 -85.15 -0.04 34.89
CA PRO BA 154 -84.39 -0.59 33.75
C PRO BA 154 -83.17 -1.39 34.17
N ALA BA 155 -82.34 -0.82 35.05
CA ALA BA 155 -81.09 -1.47 35.44
C ALA BA 155 -81.35 -2.84 36.05
N LEU BA 156 -82.28 -2.92 37.01
CA LEU BA 156 -82.58 -4.21 37.62
C LEU BA 156 -83.17 -5.20 36.62
N ASP BA 157 -83.83 -4.70 35.57
CA ASP BA 157 -84.31 -5.59 34.52
C ASP BA 157 -83.15 -6.33 33.87
N LYS BA 158 -82.00 -5.65 33.73
CA LYS BA 158 -80.79 -6.30 33.22
C LYS BA 158 -80.37 -7.48 34.08
N GLU BA 159 -80.71 -7.45 35.37
CA GLU BA 159 -80.45 -8.61 36.21
C GLU BA 159 -81.37 -9.77 35.87
N LEU BA 160 -82.67 -9.49 35.66
CA LEU BA 160 -83.62 -10.60 35.61
C LEU BA 160 -83.53 -11.38 34.31
N LYS BA 161 -83.15 -10.73 33.20
CA LYS BA 161 -82.86 -11.47 31.99
C LYS BA 161 -81.66 -12.40 32.15
N ALA BA 162 -80.80 -12.13 33.15
CA ALA BA 162 -79.72 -13.04 33.49
C ALA BA 162 -80.20 -14.25 34.28
N LYS BA 163 -81.43 -14.24 34.78
CA LYS BA 163 -82.04 -15.39 35.43
C LYS BA 163 -83.18 -15.98 34.62
N GLY BA 164 -83.44 -15.46 33.42
CA GLY BA 164 -84.59 -15.88 32.66
C GLY BA 164 -85.89 -15.32 33.16
N LYS BA 165 -85.85 -14.17 33.80
CA LYS BA 165 -87.03 -13.52 34.37
C LYS BA 165 -87.23 -12.15 33.75
N SER BA 166 -88.41 -11.58 33.99
CA SER BA 166 -88.73 -10.24 33.54
C SER BA 166 -89.02 -9.36 34.73
N ALA BA 167 -88.70 -8.07 34.60
CA ALA BA 167 -88.86 -7.15 35.73
C ALA BA 167 -90.32 -6.77 35.93
N LEU BA 168 -90.92 -6.13 34.94
CA LEU BA 168 -92.28 -5.61 35.07
C LEU BA 168 -93.09 -6.04 33.85
N MET BA 169 -94.30 -6.53 34.09
CA MET BA 169 -95.22 -6.91 33.03
C MET BA 169 -96.63 -6.61 33.52
N PHE BA 170 -97.33 -5.74 32.79
CA PHE BA 170 -98.69 -5.35 33.16
C PHE BA 170 -99.48 -5.03 31.90
N ASN BA 171 -100.70 -4.55 32.09
CA ASN BA 171 -101.60 -4.24 30.97
C ASN BA 171 -101.24 -2.88 30.40
N LEU BA 172 -100.65 -2.87 29.21
CA LEU BA 172 -100.34 -1.64 28.50
C LEU BA 172 -101.49 -1.17 27.61
N GLN BA 173 -102.56 -1.95 27.50
CA GLN BA 173 -103.66 -1.62 26.61
C GLN BA 173 -104.66 -0.65 27.23
N GLU BA 174 -104.42 -0.18 28.45
CA GLU BA 174 -105.31 0.74 29.13
C GLU BA 174 -104.55 1.95 29.65
N PRO BA 175 -105.13 3.15 29.55
CA PRO BA 175 -104.55 4.29 30.27
C PRO BA 175 -104.69 4.19 31.78
N TYR BA 176 -105.62 3.35 32.26
CA TYR BA 176 -105.85 3.19 33.69
C TYR BA 176 -104.63 2.63 34.40
N PHE BA 177 -103.81 1.85 33.70
CA PHE BA 177 -102.59 1.33 34.30
C PHE BA 177 -101.45 2.33 34.15
N THR BA 178 -101.37 3.01 33.02
CA THR BA 178 -100.21 3.83 32.69
C THR BA 178 -100.26 5.23 33.31
N TRP BA 179 -101.44 5.69 33.72
CA TRP BA 179 -101.59 7.05 34.24
C TRP BA 179 -100.81 7.37 35.52
N PRO BA 180 -100.54 6.43 36.43
CA PRO BA 180 -99.63 6.75 37.55
C PRO BA 180 -98.28 7.28 37.11
N LEU BA 181 -97.63 6.68 36.12
CA LEU BA 181 -96.30 7.09 35.75
C LEU BA 181 -96.30 8.39 34.94
N ILE BA 182 -97.14 8.46 33.90
CA ILE BA 182 -97.07 9.58 32.97
C ILE BA 182 -97.55 10.88 33.63
N ALA BA 183 -98.52 10.79 34.53
CA ALA BA 183 -99.10 11.97 35.15
C ALA BA 183 -98.51 12.25 36.52
N ALA BA 184 -97.39 11.63 36.87
CA ALA BA 184 -96.83 11.79 38.20
C ALA BA 184 -96.19 13.17 38.38
N ASP BA 185 -95.50 13.65 37.35
CA ASP BA 185 -94.68 14.85 37.44
C ASP BA 185 -95.24 16.02 36.63
N GLY BA 186 -96.56 16.13 36.50
CA GLY BA 186 -97.14 17.26 35.83
C GLY BA 186 -98.38 16.99 35.00
N GLY BA 187 -98.71 15.72 34.79
CA GLY BA 187 -99.92 15.39 34.08
C GLY BA 187 -101.12 15.29 35.02
N TYR BA 188 -102.29 15.62 34.47
CA TYR BA 188 -103.55 15.54 35.21
C TYR BA 188 -104.70 15.58 34.21
N ALA BA 189 -105.69 14.70 34.41
CA ALA BA 189 -106.75 14.50 33.43
C ALA BA 189 -107.54 15.78 33.19
N PHE BA 190 -108.22 16.28 34.22
CA PHE BA 190 -108.94 17.55 34.17
C PHE BA 190 -108.55 18.37 35.38
N LYS BA 191 -108.48 19.69 35.22
CA LYS BA 191 -108.21 20.53 36.38
C LYS BA 191 -109.41 20.51 37.32
N TYR BA 192 -109.15 20.10 38.57
CA TYR BA 192 -110.20 19.84 39.55
C TYR BA 192 -109.93 20.67 40.80
N GLU BA 193 -110.76 21.68 41.04
CA GLU BA 193 -110.60 22.57 42.18
C GLU BA 193 -111.98 22.92 42.73
N ASN BA 194 -112.08 23.01 44.06
CA ASN BA 194 -113.30 23.43 44.76
C ASN BA 194 -114.51 22.56 44.40
N GLY BA 195 -114.28 21.29 44.10
CA GLY BA 195 -115.36 20.41 43.72
C GLY BA 195 -115.85 20.56 42.30
N LYS BA 196 -115.07 21.20 41.43
CA LYS BA 196 -115.48 21.45 40.04
C LYS BA 196 -114.38 21.00 39.10
N TYR BA 197 -114.76 20.27 38.06
CA TYR BA 197 -113.84 19.82 37.02
C TYR BA 197 -113.91 20.77 35.83
N ASP BA 198 -112.77 21.38 35.49
CA ASP BA 198 -112.72 22.32 34.38
C ASP BA 198 -112.66 21.55 33.06
N ILE BA 199 -113.55 21.89 32.13
CA ILE BA 199 -113.65 21.14 30.88
C ILE BA 199 -112.60 21.61 29.89
N LYS BA 200 -112.29 22.92 29.87
CA LYS BA 200 -111.27 23.48 28.99
C LYS BA 200 -109.85 23.18 29.46
N ASP BA 201 -109.68 22.44 30.55
CA ASP BA 201 -108.36 22.29 31.16
C ASP BA 201 -108.01 20.80 31.26
N VAL BA 202 -108.03 20.14 30.10
CA VAL BA 202 -107.58 18.76 29.94
C VAL BA 202 -106.06 18.80 29.85
N GLY BA 203 -105.39 18.35 30.91
CA GLY BA 203 -103.94 18.41 30.94
C GLY BA 203 -103.23 17.17 30.42
N VAL BA 204 -102.84 17.20 29.14
CA VAL BA 204 -101.91 16.20 28.60
C VAL BA 204 -100.77 16.84 27.85
N ASP BA 205 -100.84 18.13 27.53
CA ASP BA 205 -99.76 18.85 26.86
C ASP BA 205 -98.86 19.52 27.90
N ASN BA 206 -98.35 18.71 28.81
CA ASN BA 206 -97.49 19.17 29.89
C ASN BA 206 -96.15 18.45 29.85
N ALA BA 207 -95.14 19.11 30.41
CA ALA BA 207 -93.79 18.54 30.42
C ALA BA 207 -93.71 17.26 31.23
N GLY BA 208 -94.55 17.13 32.27
CA GLY BA 208 -94.58 15.90 33.04
C GLY BA 208 -95.11 14.72 32.24
N ALA BA 209 -96.18 14.95 31.48
CA ALA BA 209 -96.70 13.89 30.62
C ALA BA 209 -95.67 13.51 29.55
N LYS BA 210 -94.95 14.50 29.03
CA LYS BA 210 -93.87 14.23 28.10
C LYS BA 210 -92.80 13.36 28.73
N ALA BA 211 -92.39 13.69 29.95
CA ALA BA 211 -91.35 12.92 30.63
C ALA BA 211 -91.80 11.50 30.90
N GLY BA 212 -93.05 11.32 31.35
CA GLY BA 212 -93.55 9.99 31.60
C GLY BA 212 -93.66 9.15 30.35
N LEU BA 213 -94.12 9.74 29.25
CA LEU BA 213 -94.25 8.95 28.03
C LEU BA 213 -92.90 8.65 27.40
N THR BA 214 -91.93 9.56 27.52
CA THR BA 214 -90.58 9.23 27.11
C THR BA 214 -89.98 8.13 27.98
N PHE BA 215 -90.26 8.10 29.28
CA PHE BA 215 -89.79 6.98 30.09
C PHE BA 215 -90.46 5.68 29.65
N LEU BA 216 -91.73 5.75 29.25
CA LEU BA 216 -92.39 4.56 28.71
C LEU BA 216 -91.74 4.09 27.43
N VAL BA 217 -91.40 5.01 26.52
CA VAL BA 217 -90.76 4.59 25.28
C VAL BA 217 -89.31 4.16 25.50
N ASP BA 218 -88.67 4.58 26.60
CA ASP BA 218 -87.38 4.01 26.93
C ASP BA 218 -87.51 2.61 27.52
N LEU BA 219 -88.59 2.36 28.26
CA LEU BA 219 -88.81 1.01 28.76
C LEU BA 219 -89.21 0.05 27.63
N ILE BA 220 -89.83 0.57 26.58
CA ILE BA 220 -90.28 -0.32 25.51
C ILE BA 220 -89.25 -0.41 24.38
N LYS BA 221 -88.43 0.62 24.16
CA LYS BA 221 -87.49 0.60 23.04
C LYS BA 221 -86.38 -0.41 23.28
N ASN BA 222 -85.77 -0.37 24.47
CA ASN BA 222 -84.73 -1.32 24.84
C ASN BA 222 -85.27 -2.68 25.24
N LYS BA 223 -86.57 -2.91 25.04
CA LYS BA 223 -87.21 -4.22 25.19
C LYS BA 223 -87.14 -4.71 26.64
N HIS BA 224 -87.38 -3.80 27.58
CA HIS BA 224 -87.58 -4.23 28.96
C HIS BA 224 -88.92 -4.94 29.12
N MET BA 225 -89.94 -4.43 28.45
CA MET BA 225 -91.26 -5.05 28.38
C MET BA 225 -91.66 -5.22 26.93
N ASN BA 226 -92.85 -5.76 26.72
CA ASN BA 226 -93.44 -5.89 25.40
C ASN BA 226 -94.59 -4.89 25.25
N ALA BA 227 -94.90 -4.56 24.00
CA ALA BA 227 -95.95 -3.58 23.73
C ALA BA 227 -97.32 -4.24 23.56
N ASP BA 228 -97.36 -5.47 23.08
CA ASP BA 228 -98.61 -6.19 22.88
C ASP BA 228 -99.08 -6.92 24.12
N THR BA 229 -98.40 -6.74 25.26
CA THR BA 229 -98.82 -7.40 26.47
C THR BA 229 -100.08 -6.73 27.03
N ASP BA 230 -100.76 -7.46 27.90
CA ASP BA 230 -101.98 -6.98 28.52
C ASP BA 230 -102.09 -7.61 29.90
N TYR BA 231 -103.31 -7.62 30.44
CA TYR BA 231 -103.53 -8.00 31.83
C TYR BA 231 -103.42 -9.49 32.04
N SER BA 232 -103.92 -10.29 31.09
CA SER BA 232 -103.99 -11.74 31.29
CA SER BA 232 -103.99 -11.74 31.29
C SER BA 232 -102.61 -12.37 31.34
N ILE BA 233 -101.78 -12.09 30.33
CA ILE BA 233 -100.43 -12.66 30.30
C ILE BA 233 -99.63 -12.19 31.50
N ALA BA 234 -99.80 -10.93 31.88
CA ALA BA 234 -99.09 -10.36 33.03
C ALA BA 234 -99.44 -11.10 34.31
N GLU BA 235 -100.74 -11.17 34.64
CA GLU BA 235 -101.15 -11.81 35.88
C GLU BA 235 -100.86 -13.30 35.87
N ALA BA 236 -101.00 -13.97 34.72
CA ALA BA 236 -100.73 -15.40 34.66
C ALA BA 236 -99.24 -15.68 34.84
N ALA BA 237 -98.38 -14.84 34.27
CA ALA BA 237 -96.94 -15.02 34.44
C ALA BA 237 -96.52 -14.69 35.87
N PHE BA 238 -97.17 -13.71 36.51
CA PHE BA 238 -96.84 -13.41 37.89
C PHE BA 238 -97.32 -14.51 38.82
N ASN BA 239 -98.45 -15.16 38.50
CA ASN BA 239 -98.89 -16.31 39.29
C ASN BA 239 -97.92 -17.48 39.16
N LYS BA 240 -97.29 -17.62 38.00
CA LYS BA 240 -96.20 -18.59 37.87
C LYS BA 240 -94.91 -18.10 38.50
N GLY BA 241 -94.77 -16.80 38.69
CA GLY BA 241 -93.55 -16.25 39.25
C GLY BA 241 -92.47 -15.97 38.24
N GLU BA 242 -92.85 -15.66 36.99
CA GLU BA 242 -91.85 -15.35 35.96
C GLU BA 242 -91.47 -13.88 35.97
N THR BA 243 -92.46 -12.99 35.96
CA THR BA 243 -92.23 -11.57 36.17
C THR BA 243 -92.31 -11.29 37.66
N ALA BA 244 -91.42 -10.44 38.17
CA ALA BA 244 -91.35 -10.20 39.60
C ALA BA 244 -92.23 -9.05 40.07
N MET BA 245 -92.38 -7.99 39.27
CA MET BA 245 -93.17 -6.84 39.65
C MET BA 245 -94.47 -6.81 38.88
N THR BA 246 -95.53 -6.33 39.52
CA THR BA 246 -96.74 -5.98 38.79
C THR BA 246 -97.46 -4.87 39.52
N ILE BA 247 -98.41 -4.24 38.84
CA ILE BA 247 -99.22 -3.17 39.40
C ILE BA 247 -100.68 -3.58 39.28
N ASN BA 248 -101.39 -3.56 40.40
CA ASN BA 248 -102.74 -4.10 40.41
C ASN BA 248 -103.51 -3.53 41.60
N GLY BA 249 -104.83 -3.50 41.45
CA GLY BA 249 -105.71 -3.12 42.53
C GLY BA 249 -106.03 -4.30 43.42
N PRO BA 250 -107.18 -4.25 44.10
CA PRO BA 250 -107.54 -5.34 45.02
C PRO BA 250 -108.02 -6.60 44.32
N TRP BA 251 -108.66 -6.45 43.16
CA TRP BA 251 -109.46 -7.53 42.58
C TRP BA 251 -108.65 -8.76 42.23
N ALA BA 252 -107.34 -8.65 42.09
CA ALA BA 252 -106.51 -9.80 41.74
C ALA BA 252 -105.78 -10.40 42.93
N TRP BA 253 -105.94 -9.80 44.12
CA TRP BA 253 -105.19 -10.24 45.30
C TRP BA 253 -105.40 -11.72 45.57
N SER BA 254 -106.66 -12.13 45.67
CA SER BA 254 -106.98 -13.54 45.91
C SER BA 254 -106.42 -14.44 44.82
N ASN BA 255 -106.39 -13.95 43.58
CA ASN BA 255 -105.78 -14.72 42.50
C ASN BA 255 -104.31 -15.02 42.79
N ILE BA 256 -103.58 -14.02 43.30
CA ILE BA 256 -102.20 -14.28 43.69
C ILE BA 256 -102.16 -15.18 44.91
N ASP BA 257 -103.20 -15.15 45.75
CA ASP BA 257 -103.31 -16.11 46.84
C ASP BA 257 -103.63 -17.51 46.35
N THR BA 258 -103.98 -17.68 45.07
CA THR BA 258 -104.01 -19.02 44.51
C THR BA 258 -102.61 -19.51 44.15
N SER BA 259 -101.69 -18.58 43.86
CA SER BA 259 -100.34 -18.96 43.47
CA SER BA 259 -100.34 -18.96 43.47
C SER BA 259 -99.51 -19.48 44.63
N LYS BA 260 -99.85 -19.11 45.86
CA LYS BA 260 -99.10 -19.44 47.08
C LYS BA 260 -97.66 -18.93 47.01
N VAL BA 261 -97.40 -17.94 46.14
CA VAL BA 261 -96.10 -17.30 46.07
C VAL BA 261 -95.96 -16.37 47.25
N ASN BA 262 -94.81 -16.42 47.92
CA ASN BA 262 -94.58 -15.53 49.05
C ASN BA 262 -94.40 -14.11 48.53
N TYR BA 263 -95.49 -13.34 48.51
CA TYR BA 263 -95.50 -12.04 47.88
C TYR BA 263 -95.82 -10.95 48.91
N GLY BA 264 -95.44 -9.72 48.54
CA GLY BA 264 -95.78 -8.56 49.33
C GLY BA 264 -96.41 -7.49 48.44
N VAL BA 265 -96.98 -6.49 49.11
CA VAL BA 265 -97.62 -5.35 48.44
C VAL BA 265 -97.05 -4.08 49.04
N THR BA 266 -96.68 -3.14 48.17
CA THR BA 266 -96.13 -1.86 48.62
C THR BA 266 -96.58 -0.75 47.69
N VAL BA 267 -96.14 0.47 48.03
CA VAL BA 267 -96.43 1.63 47.21
C VAL BA 267 -95.61 1.57 45.92
N LEU BA 268 -96.13 2.19 44.87
CA LEU BA 268 -95.38 2.32 43.64
C LEU BA 268 -94.19 3.24 43.86
N PRO BA 269 -93.09 3.01 43.13
CA PRO BA 269 -91.93 3.91 43.24
C PRO BA 269 -92.25 5.32 42.79
N THR BA 270 -91.52 6.28 43.34
CA THR BA 270 -91.62 7.65 42.88
C THR BA 270 -90.77 7.85 41.64
N PHE BA 271 -91.03 8.92 40.92
CA PHE BA 271 -90.37 9.17 39.64
C PHE BA 271 -89.94 10.62 39.57
N LYS BA 272 -88.62 10.84 39.50
CA LYS BA 272 -88.01 12.17 39.50
C LYS BA 272 -88.38 12.97 40.74
N GLY BA 273 -88.68 12.26 41.84
CA GLY BA 273 -89.16 12.88 43.06
C GLY BA 273 -90.67 12.98 43.15
N GLN BA 274 -91.36 13.12 42.03
CA GLN BA 274 -92.81 13.18 42.04
C GLN BA 274 -93.38 11.78 42.10
N PRO BA 275 -94.14 11.43 43.13
CA PRO BA 275 -94.67 10.07 43.25
C PRO BA 275 -95.77 9.81 42.24
N SER BA 276 -96.03 8.53 42.02
CA SER BA 276 -97.03 8.09 41.06
C SER BA 276 -98.42 8.55 41.51
N LYS BA 277 -99.36 8.53 40.55
CA LYS BA 277 -100.70 9.10 40.76
C LYS BA 277 -101.74 8.15 40.17
N PRO BA 278 -102.12 7.11 40.92
CA PRO BA 278 -103.15 6.19 40.43
C PRO BA 278 -104.55 6.79 40.55
N PHE BA 279 -105.45 6.23 39.75
CA PHE BA 279 -106.85 6.60 39.83
C PHE BA 279 -107.46 6.08 41.13
N VAL BA 280 -108.00 6.99 41.92
CA VAL BA 280 -108.65 6.65 43.18
C VAL BA 280 -110.12 6.39 42.87
N GLY BA 281 -110.52 5.13 42.98
CA GLY BA 281 -111.91 4.78 42.75
C GLY BA 281 -112.66 4.57 44.05
N VAL BA 282 -113.62 5.43 44.34
CA VAL BA 282 -114.25 5.47 45.65
C VAL BA 282 -115.66 4.90 45.52
N LEU BA 283 -115.90 3.77 46.15
CA LEU BA 283 -117.23 3.22 46.32
C LEU BA 283 -117.94 4.01 47.41
N SER BA 284 -119.00 4.73 47.03
CA SER BA 284 -119.81 5.51 47.94
C SER BA 284 -121.26 5.09 47.81
N ALA BA 285 -122.05 5.51 48.80
CA ALA BA 285 -123.47 5.17 48.90
C ALA BA 285 -124.28 6.44 48.65
N GLY BA 286 -124.83 6.54 47.44
CA GLY BA 286 -125.67 7.67 47.08
C GLY BA 286 -127.11 7.45 47.53
N ILE BA 287 -127.70 8.49 48.09
CA ILE BA 287 -129.10 8.51 48.46
C ILE BA 287 -129.89 9.03 47.25
N ASN BA 288 -131.00 8.38 46.93
CA ASN BA 288 -131.80 8.80 45.79
C ASN BA 288 -132.39 10.18 46.05
N ALA BA 289 -132.39 11.02 45.00
CA ALA BA 289 -132.86 12.40 45.15
C ALA BA 289 -134.38 12.51 45.22
N ALA BA 290 -135.11 11.46 44.86
CA ALA BA 290 -136.56 11.44 45.01
C ALA BA 290 -136.99 10.87 46.35
N SER BA 291 -136.04 10.58 47.24
CA SER BA 291 -136.34 9.91 48.50
C SER BA 291 -136.98 10.89 49.48
N PRO BA 292 -138.11 10.53 50.09
CA PRO BA 292 -138.55 11.18 51.33
C PRO BA 292 -138.00 10.52 52.59
N ASN BA 293 -136.93 9.73 52.48
CA ASN BA 293 -136.40 8.94 53.57
C ASN BA 293 -134.99 9.40 53.93
N LYS BA 294 -134.81 10.72 54.02
CA LYS BA 294 -133.46 11.29 54.15
C LYS BA 294 -132.81 10.93 55.48
N GLU BA 295 -133.48 11.25 56.59
CA GLU BA 295 -132.86 11.10 57.91
C GLU BA 295 -132.65 9.65 58.29
N LEU BA 296 -133.55 8.76 57.87
CA LEU BA 296 -133.40 7.34 58.17
C LEU BA 296 -132.14 6.77 57.54
N ALA BA 297 -131.96 7.02 56.24
CA ALA BA 297 -130.77 6.51 55.55
C ALA BA 297 -129.51 7.22 56.02
N LYS BA 298 -129.61 8.50 56.39
CA LYS BA 298 -128.45 9.19 56.94
C LYS BA 298 -128.03 8.59 58.27
N GLU BA 299 -128.99 8.23 59.12
CA GLU BA 299 -128.68 7.58 60.37
CA GLU BA 299 -128.69 7.57 60.37
C GLU BA 299 -128.06 6.20 60.13
N PHE BA 300 -128.62 5.44 59.18
CA PHE BA 300 -128.08 4.11 58.87
C PHE BA 300 -126.67 4.20 58.32
N LEU BA 301 -126.36 5.25 57.55
CA LEU BA 301 -125.03 5.39 56.97
C LEU BA 301 -124.01 5.89 57.97
N GLU BA 302 -124.42 6.80 58.85
CA GLU BA 302 -123.45 7.43 59.74
C GLU BA 302 -123.23 6.64 61.03
N ASN BA 303 -124.30 6.19 61.67
CA ASN BA 303 -124.18 5.55 62.97
C ASN BA 303 -124.01 4.05 62.90
N TYR BA 304 -124.30 3.43 61.74
CA TYR BA 304 -124.17 1.99 61.60
C TYR BA 304 -123.20 1.57 60.50
N LEU BA 305 -123.28 2.18 59.32
CA LEU BA 305 -122.40 1.79 58.23
C LEU BA 305 -120.97 2.29 58.44
N LEU BA 306 -120.80 3.60 58.48
CA LEU BA 306 -119.46 4.20 58.52
C LEU BA 306 -118.92 4.27 59.94
N THR BA 307 -118.98 3.13 60.63
CA THR BA 307 -118.43 2.92 61.96
C THR BA 307 -117.56 1.67 61.92
N ASP BA 308 -117.04 1.28 63.07
CA ASP BA 308 -116.16 0.11 63.12
C ASP BA 308 -116.94 -1.18 62.84
N GLU BA 309 -118.08 -1.36 63.51
CA GLU BA 309 -118.77 -2.63 63.42
C GLU BA 309 -119.47 -2.83 62.08
N GLY BA 310 -119.90 -1.75 61.43
CA GLY BA 310 -120.55 -1.90 60.13
C GLY BA 310 -119.59 -2.33 59.04
N LEU BA 311 -118.45 -1.64 58.94
CA LEU BA 311 -117.42 -2.06 57.99
C LEU BA 311 -116.83 -3.40 58.37
N GLU BA 312 -116.78 -3.72 59.66
CA GLU BA 312 -116.33 -5.05 60.06
C GLU BA 312 -117.29 -6.13 59.55
N ALA BA 313 -118.59 -5.92 59.75
CA ALA BA 313 -119.59 -6.90 59.34
C ALA BA 313 -119.63 -7.06 57.82
N VAL BA 314 -119.43 -5.97 57.07
CA VAL BA 314 -119.42 -6.16 55.62
C VAL BA 314 -118.11 -6.80 55.18
N ASN BA 315 -116.99 -6.55 55.88
CA ASN BA 315 -115.72 -7.13 55.48
C ASN BA 315 -115.56 -8.58 55.88
N LYS BA 316 -116.39 -9.10 56.79
CA LYS BA 316 -116.32 -10.54 57.07
C LYS BA 316 -116.71 -11.38 55.86
N ASP BA 317 -117.61 -10.88 55.01
CA ASP BA 317 -117.95 -11.61 53.79
C ASP BA 317 -117.02 -11.24 52.66
N LYS BA 318 -116.98 -9.95 52.28
CA LYS BA 318 -116.08 -9.47 51.24
C LYS BA 318 -115.46 -8.16 51.70
N PRO BA 319 -114.15 -8.02 51.62
CA PRO BA 319 -113.49 -6.81 52.13
C PRO BA 319 -113.71 -5.62 51.23
N LEU BA 320 -113.30 -4.46 51.73
CA LEU BA 320 -113.35 -3.21 50.99
C LEU BA 320 -111.99 -2.58 50.77
N GLY BA 321 -110.92 -3.23 51.23
CA GLY BA 321 -109.59 -2.70 50.99
C GLY BA 321 -109.34 -1.48 51.86
N ALA BA 322 -109.02 -0.37 51.21
CA ALA BA 322 -108.92 0.91 51.90
C ALA BA 322 -110.31 1.50 52.04
N VAL BA 323 -110.69 1.83 53.27
CA VAL BA 323 -112.02 2.39 53.52
C VAL BA 323 -111.88 3.88 53.80
N ALA BA 324 -113.00 4.57 53.98
CA ALA BA 324 -112.98 6.01 54.20
C ALA BA 324 -112.96 6.40 55.67
N LEU BA 325 -113.45 5.56 56.57
CA LEU BA 325 -113.47 5.88 57.98
C LEU BA 325 -112.08 5.70 58.60
N LYS BA 326 -111.66 6.69 59.39
CA LYS BA 326 -110.27 6.75 59.85
C LYS BA 326 -109.95 5.65 60.83
N SER BA 327 -110.84 5.42 61.81
CA SER BA 327 -110.58 4.39 62.82
C SER BA 327 -110.54 3.00 62.20
N TYR BA 328 -111.46 2.71 61.27
CA TYR BA 328 -111.43 1.42 60.61
C TYR BA 328 -110.24 1.29 59.67
N GLU BA 329 -109.73 2.41 59.14
CA GLU BA 329 -108.45 2.35 58.44
C GLU BA 329 -107.31 2.00 59.38
N GLU BA 330 -107.36 2.48 60.64
CA GLU BA 330 -106.34 2.07 61.58
C GLU BA 330 -106.47 0.60 61.96
N GLU BA 331 -107.71 0.08 62.00
CA GLU BA 331 -107.89 -1.35 62.22
C GLU BA 331 -107.35 -2.18 61.06
N LEU BA 332 -107.62 -1.77 59.82
CA LEU BA 332 -107.19 -2.55 58.67
C LEU BA 332 -105.75 -2.28 58.24
N ALA BA 333 -105.10 -1.25 58.78
CA ALA BA 333 -103.74 -0.93 58.35
C ALA BA 333 -102.70 -1.94 58.81
N LYS BA 334 -103.06 -2.94 59.63
CA LYS BA 334 -102.12 -4.00 59.94
C LYS BA 334 -101.87 -4.91 58.73
N ASP BA 335 -102.80 -4.95 57.79
CA ASP BA 335 -102.57 -5.63 56.53
C ASP BA 335 -101.79 -4.68 55.64
N PRO BA 336 -100.56 -5.03 55.22
CA PRO BA 336 -99.75 -4.08 54.43
C PRO BA 336 -100.33 -3.77 53.06
N ARG BA 337 -101.15 -4.67 52.51
CA ARG BA 337 -101.87 -4.36 51.28
C ARG BA 337 -102.78 -3.15 51.47
N ILE BA 338 -103.43 -3.07 52.64
CA ILE BA 338 -104.35 -1.97 52.91
C ILE BA 338 -103.57 -0.66 53.08
N ALA BA 339 -102.41 -0.72 53.73
CA ALA BA 339 -101.57 0.47 53.88
C ALA BA 339 -101.06 0.96 52.53
N ALA BA 340 -100.62 0.04 51.68
CA ALA BA 340 -100.17 0.42 50.34
C ALA BA 340 -101.32 1.01 49.52
N THR BA 341 -102.51 0.43 49.65
CA THR BA 341 -103.67 0.96 48.94
C THR BA 341 -104.02 2.36 49.40
N MET BA 342 -103.99 2.61 50.73
CA MET BA 342 -104.38 3.93 51.19
C MET BA 342 -103.31 4.98 50.87
N GLU BA 343 -102.03 4.60 50.86
CA GLU BA 343 -101.04 5.61 50.50
C GLU BA 343 -101.06 5.92 49.00
N ASN BA 344 -101.28 4.92 48.15
CA ASN BA 344 -101.48 5.21 46.73
C ASN BA 344 -102.76 5.99 46.49
N ALA BA 345 -103.79 5.78 47.32
CA ALA BA 345 -105.02 6.52 47.15
C ALA BA 345 -104.87 7.96 47.58
N GLN BA 346 -104.13 8.21 48.67
CA GLN BA 346 -103.95 9.58 49.13
C GLN BA 346 -102.95 10.35 48.27
N LYS BA 347 -102.04 9.67 47.58
CA LYS BA 347 -101.17 10.36 46.64
C LYS BA 347 -101.65 10.25 45.20
N GLY BA 348 -102.81 9.66 44.96
CA GLY BA 348 -103.32 9.47 43.62
C GLY BA 348 -104.26 10.58 43.16
N GLU BA 349 -104.77 10.42 41.95
CA GLU BA 349 -105.71 11.36 41.36
C GLU BA 349 -107.12 10.79 41.47
N ILE BA 350 -108.05 11.60 41.96
CA ILE BA 350 -109.42 11.16 42.10
C ILE BA 350 -110.05 11.07 40.70
N MET BA 351 -110.90 10.06 40.51
CA MET BA 351 -111.50 9.85 39.21
CA MET BA 351 -111.51 9.84 39.21
C MET BA 351 -112.52 10.95 38.90
N PRO BA 352 -112.50 11.50 37.69
CA PRO BA 352 -113.45 12.56 37.35
C PRO BA 352 -114.88 12.05 37.21
N ASN BA 353 -115.81 12.90 37.63
CA ASN BA 353 -117.23 12.59 37.59
C ASN BA 353 -117.92 13.15 36.35
N ILE BA 354 -117.17 13.49 35.32
CA ILE BA 354 -117.69 14.24 34.18
C ILE BA 354 -117.73 13.34 32.94
N PRO BA 355 -118.62 13.57 31.97
CA PRO BA 355 -118.71 12.68 30.81
C PRO BA 355 -117.61 12.86 29.78
N GLN BA 356 -116.93 14.02 29.77
CA GLN BA 356 -115.82 14.22 28.84
C GLN BA 356 -114.71 13.19 29.09
N MET BA 357 -114.62 12.67 30.31
CA MET BA 357 -113.72 11.57 30.65
C MET BA 357 -113.82 10.42 29.66
N SER BA 358 -115.04 10.17 29.14
CA SER BA 358 -115.21 9.12 28.14
C SER BA 358 -114.34 9.36 26.92
N ALA BA 359 -114.37 10.59 26.37
CA ALA BA 359 -113.49 10.92 25.26
C ALA BA 359 -112.03 10.82 25.67
N PHE BA 360 -111.74 11.10 26.94
CA PHE BA 360 -110.41 10.84 27.49
C PHE BA 360 -110.00 9.39 27.25
N TRP BA 361 -110.87 8.45 27.64
CA TRP BA 361 -110.58 7.03 27.42
C TRP BA 361 -110.58 6.67 25.95
N TYR BA 362 -111.08 7.54 25.08
CA TYR BA 362 -110.94 7.35 23.65
C TYR BA 362 -109.73 8.07 23.10
N ALA BA 363 -109.30 9.17 23.72
CA ALA BA 363 -108.19 9.95 23.16
C ALA BA 363 -106.84 9.38 23.60
N VAL BA 364 -106.56 9.44 24.90
CA VAL BA 364 -105.21 9.16 25.39
C VAL BA 364 -104.81 7.70 25.19
N ARG BA 365 -105.79 6.79 25.14
CA ARG BA 365 -105.51 5.41 24.79
C ARG BA 365 -104.84 5.32 23.42
N THR BA 366 -105.42 6.00 22.42
CA THR BA 366 -104.80 6.03 21.11
C THR BA 366 -103.39 6.61 21.18
N ALA BA 367 -103.15 7.52 22.13
CA ALA BA 367 -101.82 8.07 22.34
C ALA BA 367 -100.80 6.96 22.58
N VAL BA 368 -101.09 6.05 23.51
CA VAL BA 368 -100.11 4.99 23.73
C VAL BA 368 -100.11 4.01 22.57
N ILE BA 369 -101.21 3.94 21.81
CA ILE BA 369 -101.21 3.11 20.61
C ILE BA 369 -100.31 3.73 19.56
N ASN BA 370 -100.09 5.04 19.62
CA ASN BA 370 -99.08 5.65 18.78
C ASN BA 370 -97.71 5.68 19.44
N ALA BA 371 -97.61 5.36 20.72
CA ALA BA 371 -96.35 5.45 21.46
C ALA BA 371 -95.61 4.12 21.51
N ALA BA 372 -96.23 3.09 22.09
CA ALA BA 372 -95.60 1.79 22.18
C ALA BA 372 -95.45 1.11 20.82
N SER BA 373 -96.30 1.46 19.87
CA SER BA 373 -96.16 0.99 18.51
C SER BA 373 -95.21 1.83 17.67
N GLY BA 374 -94.98 3.09 18.08
CA GLY BA 374 -94.06 3.92 17.35
C GLY BA 374 -94.57 4.47 16.05
N ARG BA 375 -95.90 4.49 15.86
CA ARG BA 375 -96.46 5.13 14.67
C ARG BA 375 -96.25 6.64 14.72
N GLN BA 376 -96.39 7.22 15.90
CA GLN BA 376 -96.07 8.62 16.15
C GLN BA 376 -94.98 8.68 17.22
N THR BA 377 -94.56 9.90 17.54
CA THR BA 377 -93.59 10.11 18.60
C THR BA 377 -94.34 10.36 19.92
N VAL BA 378 -93.62 10.86 20.93
CA VAL BA 378 -94.26 11.21 22.19
C VAL BA 378 -95.17 12.42 22.03
N ASP BA 379 -94.60 13.52 21.54
CA ASP BA 379 -95.34 14.78 21.43
C ASP BA 379 -96.50 14.67 20.44
N GLU BA 380 -96.30 13.95 19.34
CA GLU BA 380 -97.37 13.78 18.35
C GLU BA 380 -98.56 13.05 18.95
N ALA BA 381 -98.32 11.95 19.64
CA ALA BA 381 -99.39 11.18 20.25
C ALA BA 381 -100.09 11.99 21.35
N LEU BA 382 -99.32 12.71 22.17
CA LEU BA 382 -99.95 13.41 23.28
C LEU BA 382 -100.75 14.61 22.81
N LYS BA 383 -100.29 15.34 21.79
CA LYS BA 383 -101.10 16.45 21.31
C LYS BA 383 -102.23 15.98 20.40
N ASP BA 384 -102.15 14.76 19.86
CA ASP BA 384 -103.32 14.18 19.21
C ASP BA 384 -104.37 13.80 20.23
N ALA BA 385 -103.94 13.31 21.39
CA ALA BA 385 -104.88 13.06 22.49
C ALA BA 385 -105.34 14.35 23.16
N GLN BA 386 -104.64 15.46 22.93
CA GLN BA 386 -105.01 16.73 23.53
C GLN BA 386 -106.35 17.24 23.01
N THR BA 387 -106.48 17.32 21.69
CA THR BA 387 -107.71 17.80 21.08
C THR BA 387 -108.80 16.74 21.12
N SER CA 35 94.26 13.64 1.36
CA SER CA 35 94.17 13.40 2.79
C SER CA 35 95.03 14.40 3.56
N GLU CA 36 95.12 15.63 3.02
CA GLU CA 36 95.82 16.70 3.71
C GLU CA 36 95.14 17.06 5.03
N LEU CA 37 93.82 16.89 5.10
CA LEU CA 37 93.09 17.01 6.36
C LEU CA 37 92.39 15.71 6.71
N GLY CA 38 92.74 14.61 6.04
CA GLY CA 38 92.06 13.35 6.29
C GLY CA 38 92.46 12.72 7.61
N LYS CA 39 93.75 12.73 7.93
CA LYS CA 39 94.17 12.28 9.25
C LYS CA 39 93.76 13.29 10.32
N GLU CA 40 93.63 14.56 9.95
CA GLU CA 40 93.03 15.54 10.85
C GLU CA 40 91.56 15.22 11.11
N LEU CA 41 90.90 14.52 10.18
CA LEU CA 41 89.58 13.99 10.48
C LEU CA 41 89.65 12.70 11.28
N LEU CA 42 90.69 11.89 11.06
CA LEU CA 42 90.84 10.64 11.80
C LEU CA 42 91.05 10.89 13.28
N GLU CA 43 91.83 11.91 13.62
CA GLU CA 43 92.09 12.20 15.03
C GLU CA 43 90.83 12.70 15.73
N ALA CA 44 90.04 13.53 15.05
CA ALA CA 44 88.79 14.00 15.66
C ALA CA 44 87.75 12.90 15.71
N ALA CA 45 87.80 11.95 14.77
CA ALA CA 45 86.88 10.82 14.83
C ALA CA 45 87.25 9.87 15.97
N ARG CA 46 88.54 9.69 16.22
CA ARG CA 46 88.96 8.93 17.39
C ARG CA 46 88.63 9.67 18.69
N ALA CA 47 88.67 11.00 18.66
CA ALA CA 47 88.55 11.78 19.90
C ALA CA 47 87.20 12.43 20.11
N GLY CA 48 86.42 12.66 19.05
CA GLY CA 48 85.10 13.24 19.23
C GLY CA 48 85.06 14.72 19.51
N GLN CA 49 85.43 15.55 18.53
CA GLN CA 49 85.29 17.00 18.61
C GLN CA 49 84.39 17.48 17.49
N ASP CA 50 83.17 17.92 17.84
CA ASP CA 50 82.28 18.49 16.85
C ASP CA 50 82.81 19.81 16.31
N ASP CA 51 83.51 20.57 17.15
CA ASP CA 51 84.10 21.84 16.71
C ASP CA 51 85.21 21.61 15.68
N GLU CA 52 86.06 20.60 15.92
CA GLU CA 52 87.16 20.32 15.00
C GLU CA 52 86.63 19.92 13.62
N VAL CA 53 85.64 19.03 13.60
CA VAL CA 53 85.09 18.62 12.31
C VAL CA 53 84.26 19.72 11.68
N ARG CA 54 83.66 20.60 12.49
CA ARG CA 54 82.96 21.75 11.93
C ARG CA 54 83.93 22.70 11.24
N ILE CA 55 85.11 22.91 11.82
CA ILE CA 55 86.12 23.76 11.20
C ILE CA 55 86.72 23.07 9.97
N LEU CA 56 86.90 21.75 10.04
CA LEU CA 56 87.45 21.02 8.89
C LEU CA 56 86.47 21.01 7.72
N MET CA 57 85.17 20.96 7.99
CA MET CA 57 84.19 21.13 6.93
C MET CA 57 84.06 22.58 6.50
N ALA CA 58 84.43 23.53 7.36
CA ALA CA 58 84.54 24.92 6.90
C ALA CA 58 85.72 25.09 5.97
N ARG CA 59 86.77 24.27 6.13
CA ARG CA 59 87.91 24.26 5.23
C ARG CA 59 87.76 23.23 4.13
N GLY CA 60 86.69 22.46 4.12
CA GLY CA 60 86.44 21.49 3.07
C GLY CA 60 87.32 20.26 3.15
N ALA CA 61 87.41 19.67 4.33
CA ALA CA 61 88.20 18.46 4.50
C ALA CA 61 87.51 17.27 3.81
N GLU CA 62 88.31 16.40 3.20
CA GLU CA 62 87.76 15.26 2.49
C GLU CA 62 87.23 14.22 3.48
N VAL CA 63 86.05 13.66 3.16
CA VAL CA 63 85.36 12.77 4.08
C VAL CA 63 85.64 11.29 3.82
N ASN CA 64 86.23 10.95 2.68
CA ASN CA 64 86.46 9.55 2.31
C ASN CA 64 87.92 9.16 2.53
N ALA CA 65 88.51 9.61 3.63
CA ALA CA 65 89.93 9.37 3.90
C ALA CA 65 90.11 7.94 4.40
N ALA CA 66 90.57 7.05 3.52
CA ALA CA 66 90.82 5.66 3.87
C ALA CA 66 92.28 5.48 4.23
N ASP CA 67 92.53 4.74 5.31
CA ASP CA 67 93.88 4.41 5.72
C ASP CA 67 94.33 3.14 4.98
N ASN CA 68 95.44 2.56 5.42
CA ASN CA 68 95.97 1.37 4.74
C ASN CA 68 95.08 0.15 4.92
N THR CA 69 94.25 0.12 5.97
CA THR CA 69 93.37 -1.00 6.24
C THR CA 69 91.91 -0.68 5.97
N GLY CA 70 91.62 0.46 5.37
CA GLY CA 70 90.27 0.79 4.95
C GLY CA 70 89.42 1.52 5.97
N THR CA 71 89.99 1.92 7.10
CA THR CA 71 89.21 2.53 8.16
C THR CA 71 88.95 4.00 7.82
N THR CA 72 87.68 4.35 7.71
CA THR CA 72 87.25 5.69 7.33
C THR CA 72 86.99 6.53 8.56
N PRO CA 73 86.83 7.84 8.41
CA PRO CA 73 86.37 8.64 9.56
C PRO CA 73 85.00 8.23 10.05
N LEU CA 74 84.14 7.73 9.15
CA LEU CA 74 82.83 7.24 9.57
C LEU CA 74 82.97 6.00 10.45
N HIS CA 75 83.96 5.15 10.17
CA HIS CA 75 84.17 3.96 10.99
C HIS CA 75 84.52 4.34 12.43
N LEU CA 76 85.44 5.27 12.59
CA LEU CA 76 85.81 5.68 13.94
C LEU CA 76 84.70 6.47 14.60
N ALA CA 77 83.94 7.23 13.82
CA ALA CA 77 82.80 7.95 14.37
C ALA CA 77 81.75 6.98 14.90
N ALA CA 78 81.58 5.84 14.21
CA ALA CA 78 80.64 4.83 14.68
C ALA CA 78 81.19 4.09 15.89
N TYR CA 79 82.46 3.68 15.84
CA TYR CA 79 83.09 2.99 16.95
C TYR CA 79 83.10 3.82 18.22
N SER CA 80 83.21 5.15 18.09
CA SER CA 80 83.28 6.01 19.25
C SER CA 80 81.92 6.21 19.90
N GLY CA 81 80.88 6.43 19.09
CA GLY CA 81 79.56 6.61 19.63
C GLY CA 81 79.10 8.04 19.82
N HIS CA 82 79.63 8.97 19.04
CA HIS CA 82 79.17 10.35 19.03
C HIS CA 82 78.37 10.56 17.76
N LEU CA 83 77.08 10.85 17.92
CA LEU CA 83 76.17 10.90 16.77
C LEU CA 83 76.39 12.12 15.89
N GLU CA 84 76.94 13.21 16.44
CA GLU CA 84 77.03 14.47 15.70
C GLU CA 84 78.04 14.38 14.56
N ILE CA 85 79.21 13.78 14.84
CA ILE CA 85 80.22 13.64 13.79
C ILE CA 85 79.73 12.71 12.70
N VAL CA 86 78.98 11.67 13.07
CA VAL CA 86 78.37 10.79 12.08
C VAL CA 86 77.38 11.57 11.22
N GLU CA 87 76.55 12.39 11.87
CA GLU CA 87 75.56 13.17 11.14
C GLU CA 87 76.19 14.11 10.14
N VAL CA 88 77.25 14.82 10.55
CA VAL CA 88 77.84 15.77 9.62
C VAL CA 88 78.65 15.06 8.55
N LEU CA 89 79.25 13.90 8.86
CA LEU CA 89 79.93 13.11 7.85
C LEU CA 89 78.96 12.63 6.79
N LEU CA 90 77.76 12.23 7.20
CA LEU CA 90 76.74 11.87 6.22
C LEU CA 90 76.16 13.10 5.52
N LYS CA 91 76.22 14.27 6.16
CA LYS CA 91 75.80 15.49 5.50
C LYS CA 91 76.75 15.87 4.37
N TYR CA 92 78.03 15.57 4.52
CA TYR CA 92 79.00 15.85 3.48
C TYR CA 92 79.25 14.64 2.57
N GLY CA 93 78.43 13.61 2.68
CA GLY CA 93 78.45 12.54 1.70
C GLY CA 93 79.48 11.45 1.95
N ALA CA 94 79.70 11.08 3.20
CA ALA CA 94 80.57 9.96 3.50
C ALA CA 94 79.91 8.66 3.06
N GLU CA 95 80.73 7.65 2.77
CA GLU CA 95 80.22 6.38 2.29
C GLU CA 95 79.65 5.58 3.45
N VAL CA 96 78.38 5.18 3.32
CA VAL CA 96 77.71 4.45 4.39
C VAL CA 96 78.06 2.97 4.39
N ASN CA 97 78.48 2.43 3.26
CA ASN CA 97 78.71 1.00 3.10
C ASN CA 97 80.16 0.70 2.74
N ALA CA 98 81.08 1.43 3.36
CA ALA CA 98 82.50 1.25 3.10
C ALA CA 98 83.01 0.05 3.88
N ALA CA 99 83.45 -0.99 3.18
CA ALA CA 99 83.98 -2.18 3.81
C ALA CA 99 85.48 -2.07 4.01
N ASP CA 100 85.95 -2.55 5.15
CA ASP CA 100 87.37 -2.58 5.46
C ASP CA 100 88.00 -3.84 4.87
N VAL CA 101 89.24 -4.14 5.27
CA VAL CA 101 89.90 -5.36 4.83
C VAL CA 101 89.35 -6.59 5.53
N PHE CA 102 88.58 -6.40 6.61
CA PHE CA 102 87.93 -7.51 7.30
C PHE CA 102 86.45 -7.63 6.95
N GLY CA 103 85.90 -6.68 6.21
CA GLY CA 103 84.52 -6.74 5.78
C GLY CA 103 83.57 -5.91 6.62
N TYR CA 104 84.02 -5.35 7.73
CA TYR CA 104 83.13 -4.57 8.58
C TYR CA 104 82.79 -3.23 7.95
N THR CA 105 81.55 -2.83 8.11
CA THR CA 105 81.03 -1.52 7.79
C THR CA 105 80.80 -0.76 9.08
N PRO CA 106 80.44 0.54 9.01
CA PRO CA 106 80.04 1.23 10.24
C PRO CA 106 78.85 0.61 10.95
N LEU CA 107 77.95 -0.03 10.20
CA LEU CA 107 76.80 -0.68 10.85
C LEU CA 107 77.25 -1.86 11.68
N HIS CA 108 78.24 -2.63 11.21
CA HIS CA 108 78.78 -3.74 11.99
C HIS CA 108 79.34 -3.27 13.33
N LEU CA 109 80.22 -2.27 13.29
CA LEU CA 109 80.82 -1.78 14.53
C LEU CA 109 79.79 -1.13 15.43
N ALA CA 110 78.80 -0.45 14.84
CA ALA CA 110 77.75 0.14 15.65
C ALA CA 110 76.92 -0.92 16.35
N ALA CA 111 76.67 -2.04 15.68
CA ALA CA 111 75.90 -3.11 16.29
C ALA CA 111 76.72 -3.85 17.34
N TYR CA 112 78.04 -3.93 17.15
CA TYR CA 112 78.89 -4.57 18.15
C TYR CA 112 78.87 -3.82 19.47
N TRP CA 113 79.07 -2.51 19.43
CA TRP CA 113 79.25 -1.74 20.65
C TRP CA 113 77.94 -1.24 21.25
N GLY CA 114 76.82 -1.48 20.57
CA GLY CA 114 75.54 -1.18 21.18
C GLY CA 114 75.20 0.30 21.19
N HIS CA 115 75.29 0.94 20.04
CA HIS CA 115 74.94 2.35 19.90
C HIS CA 115 73.69 2.43 19.03
N LEU CA 116 72.55 2.72 19.66
CA LEU CA 116 71.27 2.58 18.98
C LEU CA 116 71.04 3.67 17.96
N GLU CA 117 71.28 4.93 18.35
CA GLU CA 117 70.95 6.07 17.49
C GLU CA 117 71.77 6.06 16.21
N ILE CA 118 73.03 5.66 16.28
CA ILE CA 118 73.81 5.67 15.05
C ILE CA 118 73.42 4.50 14.16
N VAL CA 119 72.99 3.38 14.75
CA VAL CA 119 72.41 2.29 13.96
C VAL CA 119 71.18 2.79 13.21
N GLU CA 120 70.32 3.53 13.90
CA GLU CA 120 69.11 4.07 13.29
C GLU CA 120 69.44 5.03 12.14
N VAL CA 121 70.37 5.95 12.36
CA VAL CA 121 70.64 6.92 11.29
C VAL CA 121 71.46 6.31 10.16
N LEU CA 122 72.22 5.26 10.40
CA LEU CA 122 72.87 4.56 9.30
C LEU CA 122 71.84 3.84 8.45
N LEU CA 123 70.88 3.17 9.09
CA LEU CA 123 69.80 2.54 8.34
C LEU CA 123 68.95 3.57 7.62
N LYS CA 124 68.83 4.78 8.18
CA LYS CA 124 68.08 5.86 7.56
C LYS CA 124 68.78 6.40 6.33
N ASN CA 125 70.09 6.20 6.21
CA ASN CA 125 70.86 6.71 5.08
C ASN CA 125 71.24 5.63 4.09
N GLY CA 126 70.56 4.48 4.15
CA GLY CA 126 70.78 3.44 3.16
C GLY CA 126 71.90 2.48 3.46
N ALA CA 127 72.09 2.12 4.73
CA ALA CA 127 73.04 1.09 5.08
C ALA CA 127 72.43 -0.28 4.78
N ASP CA 128 73.25 -1.17 4.22
CA ASP CA 128 72.77 -2.50 3.84
C ASP CA 128 72.63 -3.34 5.10
N VAL CA 129 71.40 -3.81 5.37
CA VAL CA 129 71.11 -4.46 6.64
C VAL CA 129 71.60 -5.89 6.67
N ASN CA 130 71.86 -6.51 5.51
CA ASN CA 130 72.32 -7.88 5.44
C ASN CA 130 73.76 -7.97 4.95
N ALA CA 131 74.60 -7.04 5.40
CA ALA CA 131 75.99 -7.01 4.99
C ALA CA 131 76.78 -8.12 5.70
N ARG CA 132 77.53 -8.89 4.94
CA ARG CA 132 78.34 -9.97 5.48
C ARG CA 132 79.78 -9.51 5.65
N ASP CA 133 80.42 -10.00 6.70
CA ASP CA 133 81.84 -9.73 6.92
C ASP CA 133 82.67 -10.86 6.32
N SER CA 134 83.93 -10.93 6.72
CA SER CA 134 84.78 -12.05 6.31
C SER CA 134 84.25 -13.38 6.84
N ASP CA 135 83.60 -13.37 8.00
CA ASP CA 135 83.01 -14.57 8.58
C ASP CA 135 81.60 -14.85 8.07
N GLY CA 136 81.03 -13.96 7.26
CA GLY CA 136 79.65 -14.07 6.88
C GLY CA 136 78.68 -13.65 7.96
N MET CA 137 79.13 -12.98 9.00
CA MET CA 137 78.29 -12.57 10.10
C MET CA 137 77.67 -11.21 9.79
N THR CA 138 76.35 -11.17 9.73
CA THR CA 138 75.61 -9.94 9.53
C THR CA 138 75.61 -9.14 10.83
N PRO CA 139 75.22 -7.86 10.80
CA PRO CA 139 75.07 -7.12 12.06
C PRO CA 139 74.08 -7.74 13.03
N LEU CA 140 73.05 -8.42 12.51
CA LEU CA 140 72.10 -9.12 13.38
C LEU CA 140 72.78 -10.24 14.16
N HIS CA 141 73.72 -10.94 13.54
CA HIS CA 141 74.53 -11.91 14.26
C HIS CA 141 75.21 -11.27 15.46
N LEU CA 142 75.81 -10.09 15.27
CA LEU CA 142 76.53 -9.43 16.35
C LEU CA 142 75.58 -9.00 17.45
N ALA CA 143 74.47 -8.34 17.09
CA ALA CA 143 73.53 -7.86 18.08
C ALA CA 143 72.85 -9.00 18.83
N ALA CA 144 72.69 -10.16 18.21
CA ALA CA 144 72.15 -11.30 18.93
C ALA CA 144 73.21 -11.97 19.80
N LYS CA 145 74.46 -11.95 19.35
CA LYS CA 145 75.54 -12.54 20.13
C LYS CA 145 75.85 -11.72 21.38
N TRP CA 146 75.60 -10.42 21.35
CA TRP CA 146 75.96 -9.60 22.50
C TRP CA 146 74.78 -9.20 23.36
N GLY CA 147 73.55 -9.39 22.90
CA GLY CA 147 72.40 -9.18 23.75
C GLY CA 147 71.79 -7.80 23.74
N HIS CA 148 71.80 -7.12 22.61
CA HIS CA 148 71.20 -5.80 22.47
C HIS CA 148 69.81 -5.95 21.85
N LEU CA 149 68.77 -5.76 22.66
CA LEU CA 149 67.41 -5.99 22.18
C LEU CA 149 66.98 -4.94 21.14
N GLU CA 150 67.14 -3.66 21.48
CA GLU CA 150 66.60 -2.60 20.65
C GLU CA 150 67.27 -2.56 19.29
N ILE CA 151 68.57 -2.87 19.25
CA ILE CA 151 69.25 -2.98 17.97
C ILE CA 151 68.69 -4.12 17.14
N VAL CA 152 68.43 -5.27 17.79
CA VAL CA 152 67.82 -6.40 17.10
C VAL CA 152 66.47 -6.02 16.52
N GLU CA 153 65.68 -5.27 17.26
CA GLU CA 153 64.34 -4.93 16.79
C GLU CA 153 64.39 -3.92 15.64
N VAL CA 154 65.24 -2.91 15.74
CA VAL CA 154 65.38 -1.96 14.65
C VAL CA 154 65.94 -2.64 13.40
N LEU CA 155 66.83 -3.62 13.59
CA LEU CA 155 67.34 -4.35 12.42
C LEU CA 155 66.28 -5.23 11.80
N LEU CA 156 65.42 -5.83 12.62
CA LEU CA 156 64.33 -6.63 12.10
C LEU CA 156 63.31 -5.77 11.36
N ARG CA 157 63.13 -4.53 11.79
CA ARG CA 157 62.20 -3.64 11.10
C ARG CA 157 62.65 -3.34 9.68
N TYR CA 158 63.95 -3.33 9.42
CA TYR CA 158 64.47 -2.94 8.12
C TYR CA 158 64.74 -4.13 7.22
N GLY CA 159 64.38 -5.33 7.63
CA GLY CA 159 64.47 -6.49 6.78
C GLY CA 159 65.68 -7.37 6.96
N ALA CA 160 66.20 -7.47 8.18
CA ALA CA 160 67.35 -8.34 8.42
C ALA CA 160 66.94 -9.80 8.28
N ASP CA 161 67.82 -10.59 7.67
CA ASP CA 161 67.51 -11.99 7.39
C ASP CA 161 67.67 -12.81 8.66
N VAL CA 162 66.59 -13.51 9.05
CA VAL CA 162 66.61 -14.33 10.24
C VAL CA 162 67.41 -15.61 10.01
N GLU CA 163 67.51 -16.06 8.77
CA GLU CA 163 68.07 -17.36 8.45
C GLU CA 163 69.48 -17.30 7.90
N ALA CA 164 70.16 -16.17 8.06
CA ALA CA 164 71.53 -16.04 7.59
C ALA CA 164 72.47 -16.89 8.45
N GLN CA 165 73.30 -17.69 7.79
CA GLN CA 165 74.28 -18.53 8.46
C GLN CA 165 75.69 -18.01 8.20
N ASP CA 166 76.55 -18.14 9.21
CA ASP CA 166 77.94 -17.74 9.09
C ASP CA 166 78.77 -18.93 8.61
N LYS CA 167 80.10 -18.84 8.72
CA LYS CA 167 80.96 -19.92 8.26
C LYS CA 167 80.77 -21.22 9.04
N PHE CA 168 80.30 -21.13 10.27
CA PHE CA 168 80.04 -22.32 11.08
C PHE CA 168 78.64 -22.87 10.89
N GLY CA 169 77.82 -22.21 10.08
CA GLY CA 169 76.43 -22.61 9.96
C GLY CA 169 75.57 -22.19 11.12
N LYS CA 170 75.87 -21.05 11.73
CA LYS CA 170 75.12 -20.54 12.86
C LYS CA 170 74.20 -19.42 12.42
N THR CA 171 72.94 -19.51 12.80
CA THR CA 171 72.00 -18.41 12.65
C THR CA 171 72.07 -17.52 13.89
N PRO CA 172 71.53 -16.30 13.82
CA PRO CA 172 71.49 -15.46 15.02
C PRO CA 172 70.74 -16.09 16.18
N PHE CA 173 69.76 -16.95 15.90
CA PHE CA 173 69.08 -17.69 16.97
C PHE CA 173 70.04 -18.59 17.71
N ASP CA 174 70.97 -19.24 16.98
CA ASP CA 174 71.96 -20.09 17.62
C ASP CA 174 72.92 -19.27 18.47
N LEU CA 175 73.36 -18.12 17.97
CA LEU CA 175 74.27 -17.28 18.75
C LEU CA 175 73.57 -16.70 19.96
N ALA CA 176 72.25 -16.52 19.89
CA ALA CA 176 71.53 -16.01 21.05
C ALA CA 176 71.29 -17.07 22.10
N ILE CA 177 71.10 -18.34 21.69
CA ILE CA 177 70.94 -19.36 22.71
C ILE CA 177 72.29 -19.76 23.29
N ASP CA 178 73.37 -19.65 22.51
CA ASP CA 178 74.69 -20.03 23.03
C ASP CA 178 75.21 -19.03 24.06
N ASN CA 179 74.72 -17.80 24.05
CA ASN CA 179 75.18 -16.78 24.98
C ASN CA 179 74.13 -16.39 26.00
N GLY CA 180 73.02 -17.14 26.09
CA GLY CA 180 72.06 -16.92 27.15
C GLY CA 180 71.12 -15.77 26.96
N ASN CA 181 70.96 -15.26 25.74
CA ASN CA 181 70.04 -14.16 25.48
C ASN CA 181 68.70 -14.77 25.07
N GLU CA 182 67.91 -15.15 26.08
CA GLU CA 182 66.73 -15.96 25.85
C GLU CA 182 65.57 -15.17 25.25
N ASP CA 183 65.44 -13.90 25.59
CA ASP CA 183 64.36 -13.10 25.02
C ASP CA 183 64.60 -12.81 23.55
N ILE CA 184 65.86 -12.57 23.16
CA ILE CA 184 66.19 -12.43 21.74
C ILE CA 184 65.80 -13.69 21.00
N ALA CA 185 66.17 -14.85 21.54
CA ALA CA 185 65.85 -16.12 20.90
C ALA CA 185 64.35 -16.34 20.81
N GLU CA 186 63.60 -15.89 21.81
CA GLU CA 186 62.14 -15.99 21.77
C GLU CA 186 61.57 -15.20 20.61
N VAL CA 187 62.01 -13.94 20.48
CA VAL CA 187 61.55 -13.08 19.39
C VAL CA 187 61.89 -13.70 18.04
N LEU CA 188 63.13 -14.18 17.89
CA LEU CA 188 63.58 -14.74 16.64
C LEU CA 188 62.86 -16.02 16.29
N GLN CA 189 62.45 -16.80 17.29
CA GLN CA 189 61.78 -18.06 17.01
C GLN CA 189 60.33 -17.83 16.64
N ALA CA 190 59.65 -16.94 17.36
CA ALA CA 190 58.25 -16.66 17.07
C ALA CA 190 58.07 -16.05 15.69
N LEU CA 191 58.99 -15.16 15.30
CA LEU CA 191 58.87 -14.52 13.99
C LEU CA 191 58.95 -15.53 12.86
N LEU CA 192 59.94 -16.42 12.93
CA LEU CA 192 60.13 -17.45 11.93
C LEU CA 192 58.93 -18.38 11.87
N ALA CA 193 58.36 -18.71 13.03
CA ALA CA 193 57.24 -19.64 13.04
C ALA CA 193 55.99 -19.05 12.40
N ILE CA 194 55.73 -17.77 12.66
CA ILE CA 194 54.56 -17.15 12.03
C ILE CA 194 54.75 -16.99 10.53
N ASN CA 195 55.98 -16.69 10.08
CA ASN CA 195 56.19 -16.58 8.64
C ASN CA 195 56.04 -17.92 7.94
N ARG CA 196 56.49 -19.00 8.60
CA ARG CA 196 56.29 -20.31 8.02
C ARG CA 196 54.83 -20.72 7.98
N GLN CA 197 54.04 -20.30 8.98
CA GLN CA 197 52.62 -20.60 8.90
C GLN CA 197 51.93 -19.83 7.79
N ILE CA 198 52.37 -18.60 7.52
CA ILE CA 198 51.82 -17.85 6.38
C ILE CA 198 52.12 -18.59 5.07
N ASN CA 199 53.36 -19.03 4.90
CA ASN CA 199 53.70 -19.75 3.68
C ASN CA 199 52.94 -21.06 3.57
N LEU CA 200 52.68 -21.73 4.70
CA LEU CA 200 51.96 -22.99 4.65
C LEU CA 200 50.49 -22.80 4.31
N GLU CA 201 49.88 -21.71 4.76
CA GLU CA 201 48.51 -21.44 4.32
C GLU CA 201 48.45 -21.06 2.85
N LEU CA 202 49.46 -20.35 2.35
CA LEU CA 202 49.47 -20.04 0.92
C LEU CA 202 49.69 -21.29 0.07
N TYR CA 203 50.44 -22.25 0.59
CA TYR CA 203 50.66 -23.50 -0.12
C TYR CA 203 49.37 -24.29 -0.29
N ALA CA 204 48.59 -24.39 0.77
CA ALA CA 204 47.38 -25.22 0.76
C ALA CA 204 46.32 -24.68 -0.19
N SER CA 205 46.32 -23.38 -0.44
CA SER CA 205 45.35 -22.78 -1.34
C SER CA 205 45.61 -23.20 -2.79
N TYR CA 206 46.88 -23.38 -3.13
CA TYR CA 206 47.33 -23.72 -4.46
C TYR CA 206 47.10 -25.20 -4.76
N VAL CA 207 47.19 -26.05 -3.73
CA VAL CA 207 46.84 -27.46 -3.87
C VAL CA 207 45.35 -27.61 -4.17
N TYR CA 208 44.52 -26.82 -3.49
CA TYR CA 208 43.09 -26.86 -3.76
C TYR CA 208 42.75 -26.31 -5.12
N LEU CA 209 43.50 -25.32 -5.59
CA LEU CA 209 43.31 -24.84 -6.96
C LEU CA 209 43.61 -25.93 -7.98
N SER CA 210 44.71 -26.64 -7.78
CA SER CA 210 45.04 -27.78 -8.64
C SER CA 210 43.93 -28.82 -8.64
N MET CA 211 43.49 -29.21 -7.44
CA MET CA 211 42.42 -30.21 -7.30
C MET CA 211 41.16 -29.76 -8.01
N SER CA 212 40.77 -28.49 -7.85
CA SER CA 212 39.55 -28.00 -8.44
C SER CA 212 39.60 -28.07 -9.96
N TYR CA 213 40.69 -27.62 -10.56
CA TYR CA 213 40.73 -27.66 -12.01
C TYR CA 213 41.08 -29.02 -12.57
N TYR CA 214 41.38 -30.00 -11.73
CA TYR CA 214 41.42 -31.38 -12.23
C TYR CA 214 40.02 -31.92 -12.49
N PHE CA 215 39.05 -31.50 -11.70
CA PHE CA 215 37.73 -32.11 -11.71
C PHE CA 215 36.79 -31.52 -12.75
N ASP CA 216 37.25 -30.60 -13.58
CA ASP CA 216 36.43 -30.16 -14.69
C ASP CA 216 37.12 -30.39 -16.03
N ARG CA 217 38.13 -31.25 -16.07
CA ARG CA 217 38.60 -31.78 -17.34
C ARG CA 217 37.48 -32.57 -18.01
N ASP CA 218 37.52 -32.65 -19.34
CA ASP CA 218 36.42 -33.30 -20.04
C ASP CA 218 36.37 -34.80 -19.83
N ASP CA 219 37.44 -35.42 -19.33
CA ASP CA 219 37.39 -36.81 -18.94
C ASP CA 219 37.21 -37.01 -17.44
N VAL CA 220 37.09 -35.94 -16.67
CA VAL CA 220 36.68 -35.99 -15.27
C VAL CA 220 35.55 -34.96 -15.15
N ALA CA 221 34.33 -35.37 -15.40
CA ALA CA 221 33.24 -34.41 -15.54
C ALA CA 221 32.42 -34.33 -14.26
N LEU CA 222 33.04 -33.86 -13.18
CA LEU CA 222 32.38 -33.74 -11.89
C LEU CA 222 32.40 -32.28 -11.43
N LYS CA 223 31.29 -31.58 -11.65
CA LYS CA 223 31.24 -30.13 -11.45
C LYS CA 223 31.20 -29.72 -9.99
N ASN CA 224 30.59 -30.53 -9.14
CA ASN CA 224 30.42 -30.15 -7.75
C ASN CA 224 31.67 -30.42 -6.93
N PHE CA 225 32.45 -31.43 -7.32
CA PHE CA 225 33.80 -31.60 -6.78
C PHE CA 225 34.65 -30.36 -7.06
N ALA CA 226 34.62 -29.88 -8.30
CA ALA CA 226 35.41 -28.71 -8.69
C ALA CA 226 34.96 -27.48 -7.93
N LYS CA 227 33.65 -27.32 -7.77
CA LYS CA 227 33.11 -26.18 -7.02
C LYS CA 227 33.54 -26.21 -5.56
N TYR CA 228 33.48 -27.39 -4.95
CA TYR CA 228 33.90 -27.59 -3.56
C TYR CA 228 35.35 -27.20 -3.35
N PHE CA 229 36.23 -27.67 -4.24
CA PHE CA 229 37.65 -27.39 -4.04
C PHE CA 229 38.02 -25.95 -4.36
N LEU CA 230 37.28 -25.27 -5.24
CA LEU CA 230 37.51 -23.85 -5.41
C LEU CA 230 37.12 -23.07 -4.16
N HIS CA 231 36.03 -23.48 -3.51
CA HIS CA 231 35.65 -22.85 -2.25
C HIS CA 231 36.76 -23.01 -1.20
N GLN CA 232 37.32 -24.20 -1.08
CA GLN CA 232 38.40 -24.40 -0.11
C GLN CA 232 39.62 -23.56 -0.43
N SER CA 233 39.95 -23.42 -1.72
CA SER CA 233 41.07 -22.58 -2.12
C SER CA 233 40.91 -21.15 -1.63
N HIS CA 234 39.72 -20.58 -1.81
CA HIS CA 234 39.54 -19.20 -1.37
C HIS CA 234 39.52 -19.06 0.15
N GLU CA 235 39.01 -20.07 0.86
CA GLU CA 235 39.07 -20.02 2.32
C GLU CA 235 40.49 -20.02 2.84
N GLU CA 236 41.37 -20.80 2.24
CA GLU CA 236 42.76 -20.81 2.69
C GLU CA 236 43.47 -19.50 2.38
N ARG CA 237 43.13 -18.87 1.24
CA ARG CA 237 43.66 -17.54 0.97
C ARG CA 237 43.25 -16.55 2.06
N GLU CA 238 42.02 -16.66 2.55
CA GLU CA 238 41.57 -15.81 3.65
C GLU CA 238 42.33 -16.09 4.95
N HIS CA 239 42.61 -17.37 5.24
CA HIS CA 239 43.38 -17.69 6.44
C HIS CA 239 44.75 -17.04 6.42
N ALA CA 240 45.43 -17.12 5.28
CA ALA CA 240 46.75 -16.51 5.17
C ALA CA 240 46.68 -15.00 5.33
N GLU CA 241 45.67 -14.36 4.76
CA GLU CA 241 45.54 -12.92 4.91
C GLU CA 241 45.26 -12.50 6.35
N LYS CA 242 44.50 -13.32 7.09
CA LYS CA 242 44.31 -13.03 8.51
C LYS CA 242 45.62 -13.09 9.28
N LEU CA 243 46.46 -14.07 8.98
CA LEU CA 243 47.75 -14.11 9.69
C LEU CA 243 48.63 -12.92 9.34
N MET CA 244 48.55 -12.46 8.09
CA MET CA 244 49.31 -11.28 7.69
C MET CA 244 48.83 -10.02 8.41
N LYS CA 245 47.51 -9.88 8.57
CA LYS CA 245 46.99 -8.74 9.31
C LYS CA 245 47.41 -8.77 10.77
N LEU CA 246 47.36 -9.95 11.39
CA LEU CA 246 47.82 -10.10 12.78
C LEU CA 246 49.27 -9.69 12.91
N GLN CA 247 50.12 -10.17 12.01
CA GLN CA 247 51.53 -9.82 12.08
C GLN CA 247 51.76 -8.32 11.91
N ASN CA 248 50.92 -7.65 11.12
CA ASN CA 248 51.07 -6.20 11.01
C ASN CA 248 50.59 -5.46 12.25
N GLN CA 249 49.60 -6.00 12.97
CA GLN CA 249 49.16 -5.33 14.20
C GLN CA 249 50.18 -5.40 15.32
N ARG CA 250 51.00 -6.44 15.35
CA ARG CA 250 51.97 -6.60 16.42
C ARG CA 250 53.27 -5.83 16.16
N GLY CA 251 53.45 -5.31 14.97
CA GLY CA 251 54.70 -4.65 14.64
C GLY CA 251 55.78 -5.58 14.17
N GLY CA 252 55.44 -6.81 13.78
CA GLY CA 252 56.41 -7.73 13.25
C GLY CA 252 56.61 -7.56 11.75
N ALA CA 253 57.54 -8.33 11.22
CA ALA CA 253 58.00 -8.17 9.84
C ALA CA 253 57.57 -9.36 9.01
N ILE CA 254 56.60 -9.13 8.12
CA ILE CA 254 56.22 -10.15 7.14
C ILE CA 254 57.37 -10.38 6.17
N SER CA 255 57.63 -11.64 5.85
CA SER CA 255 58.71 -12.03 4.95
C SER CA 255 58.22 -13.20 4.12
N LEU CA 256 58.02 -12.98 2.82
CA LEU CA 256 57.40 -13.96 1.95
C LEU CA 256 58.45 -14.79 1.21
N GLN CA 257 58.10 -16.04 0.95
CA GLN CA 257 58.95 -17.01 0.26
C GLN CA 257 58.23 -17.54 -0.97
N ASP CA 258 58.91 -18.43 -1.69
CA ASP CA 258 58.29 -19.09 -2.83
C ASP CA 258 57.17 -19.99 -2.38
N ILE CA 259 56.16 -20.13 -3.22
CA ILE CA 259 55.10 -21.11 -3.04
C ILE CA 259 55.35 -22.24 -4.02
N LYS CA 260 55.58 -23.44 -3.49
CA LYS CA 260 55.96 -24.56 -4.31
C LYS CA 260 54.74 -25.22 -4.93
N LYS CA 261 54.98 -25.90 -6.06
CA LYS CA 261 53.88 -26.53 -6.82
C LYS CA 261 53.35 -27.74 -6.08
N PRO CA 262 52.06 -28.06 -6.22
CA PRO CA 262 51.48 -29.27 -5.60
C PRO CA 262 52.19 -30.54 -6.05
N ASP CA 263 51.92 -31.62 -5.32
CA ASP CA 263 52.62 -32.88 -5.56
C ASP CA 263 52.13 -33.58 -6.82
N CYS CA 264 50.86 -33.43 -7.16
CA CYS CA 264 50.31 -34.01 -8.37
C CYS CA 264 49.73 -32.93 -9.26
N ASP CA 265 49.78 -33.18 -10.56
CA ASP CA 265 48.84 -32.58 -11.49
C ASP CA 265 47.63 -33.46 -11.71
N ASP CA 266 47.79 -34.77 -11.59
CA ASP CA 266 46.72 -35.72 -11.85
C ASP CA 266 46.38 -36.44 -10.56
N TRP CA 267 45.27 -36.02 -9.95
CA TRP CA 267 44.62 -36.83 -8.96
C TRP CA 267 43.91 -37.98 -9.68
N GLU CA 268 43.35 -38.91 -8.93
CA GLU CA 268 42.91 -40.13 -9.60
C GLU CA 268 41.42 -40.37 -9.52
N SER CA 269 40.73 -39.84 -8.52
CA SER CA 269 39.31 -40.08 -8.30
C SER CA 269 38.86 -39.04 -7.28
N GLY CA 270 37.57 -39.07 -6.97
CA GLY CA 270 37.08 -38.23 -5.89
C GLY CA 270 37.55 -38.72 -4.53
N LEU CA 271 37.61 -40.03 -4.36
CA LEU CA 271 38.08 -40.61 -3.10
C LEU CA 271 39.52 -40.24 -2.82
N ASN CA 272 40.39 -40.39 -3.82
CA ASN CA 272 41.81 -40.13 -3.61
C ASN CA 272 42.07 -38.67 -3.31
N ALA CA 273 41.36 -37.76 -3.97
CA ALA CA 273 41.53 -36.35 -3.69
C ALA CA 273 41.00 -35.98 -2.32
N MET CA 274 39.88 -36.58 -1.89
CA MET CA 274 39.39 -36.33 -0.54
C MET CA 274 40.37 -36.83 0.51
N GLU CA 275 41.03 -37.97 0.26
CA GLU CA 275 42.01 -38.47 1.22
C GLU CA 275 43.26 -37.60 1.27
N CYS CA 276 43.68 -37.07 0.13
CA CYS CA 276 44.81 -36.15 0.12
C CYS CA 276 44.47 -34.85 0.84
N ALA CA 277 43.24 -34.36 0.67
CA ALA CA 277 42.83 -33.16 1.38
C ALA CA 277 42.77 -33.37 2.88
N LEU CA 278 42.36 -34.57 3.32
CA LEU CA 278 42.37 -34.87 4.74
C LEU CA 278 43.78 -34.88 5.30
N HIS CA 279 44.71 -35.53 4.59
CA HIS CA 279 46.11 -35.54 5.01
C HIS CA 279 46.68 -34.12 5.11
N LEU CA 280 46.32 -33.27 4.15
CA LEU CA 280 46.79 -31.88 4.15
C LEU CA 280 46.29 -31.11 5.37
N GLU CA 281 44.98 -31.20 5.65
CA GLU CA 281 44.46 -30.42 6.77
C GLU CA 281 44.98 -30.94 8.10
N LYS CA 282 45.29 -32.23 8.20
CA LYS CA 282 45.90 -32.73 9.43
C LYS CA 282 47.30 -32.16 9.61
N ASN CA 283 48.07 -32.04 8.52
CA ASN CA 283 49.39 -31.41 8.63
C ASN CA 283 49.30 -29.96 9.09
N VAL CA 284 48.34 -29.21 8.54
CA VAL CA 284 48.18 -27.82 8.93
C VAL CA 284 47.81 -27.70 10.40
N ASN CA 285 46.92 -28.57 10.88
CA ASN CA 285 46.54 -28.57 12.28
C ASN CA 285 47.72 -28.87 13.20
N GLN CA 286 48.59 -29.79 12.79
CA GLN CA 286 49.74 -30.11 13.61
C GLN CA 286 50.70 -28.92 13.73
N SER CA 287 50.92 -28.21 12.63
CA SER CA 287 51.79 -27.04 12.72
C SER CA 287 51.15 -25.93 13.56
N LEU CA 288 49.82 -25.80 13.53
CA LEU CA 288 49.17 -24.82 14.38
C LEU CA 288 49.31 -25.17 15.86
N LEU CA 289 49.27 -26.45 16.20
CA LEU CA 289 49.46 -26.84 17.59
C LEU CA 289 50.88 -26.55 18.05
N GLU CA 290 51.87 -26.75 17.19
CA GLU CA 290 53.23 -26.39 17.57
C GLU CA 290 53.39 -24.89 17.77
N LEU CA 291 52.73 -24.10 16.91
CA LEU CA 291 52.75 -22.65 17.07
C LEU CA 291 52.12 -22.22 18.39
N HIS CA 292 51.03 -22.88 18.80
CA HIS CA 292 50.40 -22.54 20.06
C HIS CA 292 51.28 -22.89 21.25
N LYS CA 293 51.98 -24.03 21.19
CA LYS CA 293 52.87 -24.38 22.30
C LYS CA 293 54.04 -23.41 22.39
N LEU CA 294 54.56 -22.98 21.25
CA LEU CA 294 55.62 -21.98 21.24
C LEU CA 294 55.13 -20.66 21.83
N ALA CA 295 53.92 -20.25 21.47
CA ALA CA 295 53.36 -19.02 22.03
C ALA CA 295 53.12 -19.12 23.53
N THR CA 296 52.83 -20.32 24.03
CA THR CA 296 52.63 -20.47 25.46
C THR CA 296 53.95 -20.44 26.21
N ASP CA 297 55.02 -20.93 25.60
CA ASP CA 297 56.33 -20.79 26.24
C ASP CA 297 56.80 -19.34 26.30
N CYS CA 298 56.41 -18.52 25.33
CA CYS CA 298 56.87 -17.14 25.24
C CYS CA 298 56.02 -16.16 26.04
N ASN CA 299 55.01 -16.66 26.76
CA ASN CA 299 54.10 -15.84 27.56
C ASN CA 299 53.41 -14.77 26.71
N ASP CA 300 52.64 -15.23 25.73
CA ASP CA 300 51.94 -14.37 24.78
C ASP CA 300 50.47 -14.78 24.75
N PRO CA 301 49.67 -14.32 25.72
CA PRO CA 301 48.27 -14.74 25.75
C PRO CA 301 47.44 -14.27 24.57
N HIS CA 302 47.80 -13.14 23.96
CA HIS CA 302 47.02 -12.63 22.85
C HIS CA 302 47.17 -13.53 21.62
N LEU CA 303 48.39 -14.02 21.37
CA LEU CA 303 48.61 -14.94 20.26
C LEU CA 303 47.90 -16.27 20.51
N CYS CA 304 47.93 -16.76 21.74
CA CYS CA 304 47.25 -18.01 22.07
C CYS CA 304 45.76 -17.89 21.84
N ASP CA 305 45.16 -16.79 22.29
CA ASP CA 305 43.72 -16.63 22.10
C ASP CA 305 43.38 -16.41 20.64
N PHE CA 306 44.23 -15.72 19.88
CA PHE CA 306 44.02 -15.57 18.45
C PHE CA 306 43.99 -16.92 17.74
N ILE CA 307 44.98 -17.77 18.05
CA ILE CA 307 45.07 -19.08 17.42
C ILE CA 307 43.85 -19.92 17.77
N GLU CA 308 43.54 -20.03 19.05
CA GLU CA 308 42.44 -20.91 19.42
C GLU CA 308 41.05 -20.32 19.11
N THR CA 309 40.94 -19.04 18.79
CA THR CA 309 39.66 -18.49 18.40
C THR CA 309 39.42 -18.56 16.89
N HIS CA 310 40.44 -18.32 16.07
CA HIS CA 310 40.21 -18.29 14.64
C HIS CA 310 40.74 -19.50 13.87
N TYR CA 311 41.46 -20.41 14.51
CA TYR CA 311 42.10 -21.46 13.71
C TYR CA 311 41.83 -22.87 14.22
N LEU CA 312 41.76 -23.05 15.54
CA LEU CA 312 41.75 -24.41 16.07
C LEU CA 312 40.41 -25.10 15.95
N ASN CA 313 39.31 -24.36 15.90
CA ASN CA 313 38.01 -24.98 15.77
C ASN CA 313 37.64 -25.22 14.31
N GLU CA 314 38.13 -24.37 13.42
CA GLU CA 314 37.91 -24.57 11.99
C GLU CA 314 38.64 -25.82 11.50
N GLN CA 315 39.83 -26.09 12.02
CA GLN CA 315 40.55 -27.29 11.64
C GLN CA 315 39.80 -28.54 12.07
N VAL CA 316 39.23 -28.51 13.27
CA VAL CA 316 38.47 -29.66 13.76
C VAL CA 316 37.24 -29.90 12.91
N LYS CA 317 36.54 -28.83 12.56
CA LYS CA 317 35.37 -28.95 11.68
C LYS CA 317 35.75 -29.51 10.32
N ALA CA 318 36.85 -29.03 9.75
CA ALA CA 318 37.25 -29.47 8.42
C ALA CA 318 37.66 -30.93 8.42
N ILE CA 319 38.36 -31.36 9.47
CA ILE CA 319 38.80 -32.76 9.55
C ILE CA 319 37.60 -33.67 9.74
N LYS CA 320 36.61 -33.25 10.53
CA LYS CA 320 35.40 -34.06 10.70
C LYS CA 320 34.64 -34.20 9.37
N GLU CA 321 34.51 -33.10 8.63
CA GLU CA 321 33.77 -33.15 7.37
C GLU CA 321 34.49 -33.98 6.32
N LEU CA 322 35.81 -33.87 6.23
CA LEU CA 322 36.54 -34.65 5.24
C LEU CA 322 36.55 -36.13 5.57
N GLY CA 323 36.62 -36.49 6.85
CA GLY CA 323 36.48 -37.89 7.20
C GLY CA 323 35.10 -38.45 6.92
N ASP CA 324 34.06 -37.64 7.14
CA ASP CA 324 32.72 -38.00 6.70
C ASP CA 324 32.67 -38.33 5.22
N HIS CA 325 33.20 -37.43 4.38
CA HIS CA 325 33.19 -37.65 2.94
C HIS CA 325 33.93 -38.93 2.55
N VAL CA 326 35.06 -39.19 3.19
CA VAL CA 326 35.84 -40.38 2.84
C VAL CA 326 35.07 -41.65 3.20
N THR CA 327 34.47 -41.71 4.40
CA THR CA 327 33.80 -42.96 4.73
C THR CA 327 32.53 -43.18 3.90
N ASN CA 328 31.80 -42.11 3.56
CA ASN CA 328 30.63 -42.31 2.72
C ASN CA 328 31.02 -42.76 1.33
N LEU CA 329 32.07 -42.17 0.76
CA LEU CA 329 32.51 -42.60 -0.57
C LEU CA 329 33.02 -44.03 -0.56
N ARG CA 330 33.69 -44.45 0.50
CA ARG CA 330 34.14 -45.84 0.57
C ARG CA 330 32.97 -46.81 0.73
N LYS CA 331 31.94 -46.43 1.49
CA LYS CA 331 30.80 -47.32 1.66
C LYS CA 331 29.99 -47.46 0.39
N MET CA 332 29.83 -46.37 -0.37
CA MET CA 332 29.08 -46.44 -1.61
C MET CA 332 29.76 -47.32 -2.66
N GLY CA 333 31.04 -47.57 -2.54
CA GLY CA 333 31.75 -48.46 -3.44
C GLY CA 333 32.74 -47.81 -4.37
N ALA CA 334 33.11 -46.57 -4.13
CA ALA CA 334 34.10 -45.87 -4.94
C ALA CA 334 35.50 -46.32 -4.57
N PRO CA 335 36.48 -46.20 -5.48
CA PRO CA 335 36.51 -45.60 -6.82
C PRO CA 335 36.07 -46.52 -7.94
N GLU CA 336 36.05 -47.82 -7.69
CA GLU CA 336 35.74 -48.79 -8.73
C GLU CA 336 34.26 -48.87 -9.07
N SER CA 337 33.45 -47.96 -8.54
CA SER CA 337 32.08 -47.79 -8.97
C SER CA 337 31.93 -46.36 -9.46
N GLY CA 338 31.74 -46.18 -10.77
CA GLY CA 338 31.52 -44.85 -11.30
C GLY CA 338 30.16 -44.30 -10.97
N LEU CA 339 29.21 -45.16 -10.61
CA LEU CA 339 27.91 -44.71 -10.17
C LEU CA 339 27.96 -44.07 -8.78
N ALA CA 340 28.95 -44.46 -7.97
CA ALA CA 340 29.04 -43.92 -6.62
C ALA CA 340 29.48 -42.47 -6.62
N GLU CA 341 30.48 -42.12 -7.43
CA GLU CA 341 30.98 -40.76 -7.42
C GLU CA 341 30.00 -39.79 -8.09
N TYR CA 342 29.29 -40.24 -9.11
CA TYR CA 342 28.24 -39.43 -9.73
C TYR CA 342 27.16 -39.07 -8.73
N LEU CA 343 26.70 -40.06 -7.95
CA LEU CA 343 25.60 -39.81 -7.03
C LEU CA 343 26.06 -39.06 -5.79
N PHE CA 344 27.30 -39.26 -5.35
CA PHE CA 344 27.86 -38.42 -4.30
C PHE CA 344 27.96 -36.97 -4.75
N ASP CA 345 28.41 -36.76 -5.99
CA ASP CA 345 28.42 -35.43 -6.60
C ASP CA 345 27.04 -34.78 -6.55
N LYS CA 346 26.00 -35.53 -6.90
CA LYS CA 346 24.66 -34.95 -6.92
C LYS CA 346 24.14 -34.68 -5.51
N HIS CA 347 24.20 -35.67 -4.63
CA HIS CA 347 23.41 -35.57 -3.39
C HIS CA 347 24.14 -34.90 -2.24
N THR CA 348 25.44 -35.09 -2.11
CA THR CA 348 26.15 -34.49 -1.00
C THR CA 348 26.72 -33.12 -1.36
N LEU CA 349 27.40 -33.03 -2.48
CA LEU CA 349 28.02 -31.78 -2.89
C LEU CA 349 27.08 -30.88 -3.66
N GLY CA 350 25.92 -31.39 -4.07
CA GLY CA 350 24.97 -30.59 -4.81
C GLY CA 350 24.29 -29.54 -3.98
N LYS DA 22 146.20 -19.26 28.82
CA LYS DA 22 146.48 -17.85 29.04
C LYS DA 22 145.56 -17.28 30.11
N ILE DA 23 144.55 -18.05 30.51
CA ILE DA 23 143.73 -17.70 31.67
C ILE DA 23 144.55 -17.97 32.93
N GLU DA 24 144.68 -16.95 33.77
CA GLU DA 24 145.58 -17.01 34.90
C GLU DA 24 145.01 -17.88 36.03
N GLU DA 25 145.91 -18.50 36.79
CA GLU DA 25 145.57 -19.42 37.87
C GLU DA 25 145.69 -18.72 39.22
N GLY DA 26 144.95 -19.25 40.21
CA GLY DA 26 144.93 -18.65 41.52
C GLY DA 26 144.26 -17.31 41.59
N LYS DA 27 143.52 -16.93 40.55
CA LYS DA 27 142.98 -15.59 40.40
C LYS DA 27 141.73 -15.67 39.54
N LEU DA 28 140.73 -14.87 39.89
CA LEU DA 28 139.44 -14.90 39.22
C LEU DA 28 139.11 -13.52 38.69
N VAL DA 29 138.81 -13.44 37.40
CA VAL DA 29 138.31 -12.23 36.76
C VAL DA 29 136.95 -12.55 36.13
N ILE DA 30 135.98 -11.65 36.33
CA ILE DA 30 134.61 -11.85 35.90
C ILE DA 30 134.21 -10.66 35.04
N TRP DA 31 133.42 -10.92 34.01
CA TRP DA 31 132.79 -9.87 33.21
C TRP DA 31 131.28 -9.94 33.35
N ILE DA 32 130.66 -8.79 33.62
CA ILE DA 32 129.23 -8.71 33.89
C ILE DA 32 128.72 -7.36 33.37
N ASN DA 33 127.56 -7.38 32.73
CA ASN DA 33 127.02 -6.17 32.12
C ASN DA 33 126.62 -5.16 33.20
N GLY DA 34 126.82 -3.88 32.89
CA GLY DA 34 126.63 -2.79 33.82
C GLY DA 34 125.20 -2.43 34.17
N ASP DA 35 124.22 -3.13 33.62
CA ASP DA 35 122.83 -2.90 34.00
C ASP DA 35 122.41 -3.74 35.20
N LYS DA 36 123.37 -4.39 35.85
CA LYS DA 36 123.12 -5.31 36.96
C LYS DA 36 123.83 -4.78 38.20
N GLY DA 37 123.74 -5.56 39.27
CA GLY DA 37 124.51 -5.25 40.47
C GLY DA 37 125.92 -5.79 40.37
N TYR DA 38 126.72 -5.22 39.46
CA TYR DA 38 128.12 -5.62 39.35
C TYR DA 38 128.90 -5.22 40.60
N ASN DA 39 128.47 -4.15 41.26
CA ASN DA 39 129.03 -3.83 42.57
C ASN DA 39 128.68 -4.90 43.59
N GLY DA 40 127.51 -5.53 43.45
CA GLY DA 40 127.20 -6.69 44.29
C GLY DA 40 128.10 -7.86 43.99
N LEU DA 41 128.51 -8.01 42.72
CA LEU DA 41 129.50 -9.03 42.39
C LEU DA 41 130.85 -8.70 43.01
N ALA DA 42 131.20 -7.42 43.10
CA ALA DA 42 132.39 -7.03 43.85
C ALA DA 42 132.23 -7.34 45.33
N GLU DA 43 131.03 -7.15 45.88
CA GLU DA 43 130.80 -7.43 47.29
CA GLU DA 43 130.81 -7.43 47.30
C GLU DA 43 130.93 -8.93 47.59
N VAL DA 44 130.39 -9.78 46.73
CA VAL DA 44 130.54 -11.20 46.99
C VAL DA 44 131.98 -11.64 46.74
N GLY DA 45 132.68 -10.98 45.82
CA GLY DA 45 134.10 -11.22 45.65
C GLY DA 45 134.88 -10.90 46.91
N LYS DA 46 134.55 -9.79 47.58
CA LYS DA 46 135.31 -9.48 48.79
C LYS DA 46 134.89 -10.33 49.98
N LYS DA 47 133.65 -10.83 50.04
CA LYS DA 47 133.38 -11.89 51.02
C LYS DA 47 134.29 -13.09 50.79
N PHE DA 48 134.41 -13.50 49.52
CA PHE DA 48 135.30 -14.61 49.19
C PHE DA 48 136.76 -14.29 49.53
N GLU DA 49 137.16 -13.03 49.42
CA GLU DA 49 138.53 -12.65 49.74
C GLU DA 49 138.79 -12.70 51.23
N LYS DA 50 137.88 -12.13 52.05
CA LYS DA 50 138.07 -12.20 53.49
C LYS DA 50 137.95 -13.63 54.02
N ASP DA 51 137.21 -14.50 53.32
CA ASP DA 51 137.07 -15.85 53.84
C ASP DA 51 138.19 -16.79 53.39
N THR DA 52 138.59 -16.73 52.12
CA THR DA 52 139.56 -17.68 51.58
C THR DA 52 140.86 -17.04 51.09
N GLY DA 53 140.93 -15.71 50.99
CA GLY DA 53 142.14 -15.05 50.55
C GLY DA 53 142.36 -15.03 49.05
N ILE DA 54 141.41 -15.51 48.26
CA ILE DA 54 141.55 -15.57 46.82
C ILE DA 54 140.90 -14.33 46.21
N LYS DA 55 141.70 -13.56 45.47
CA LYS DA 55 141.23 -12.27 44.95
C LYS DA 55 140.27 -12.48 43.79
N VAL DA 56 139.20 -11.68 43.78
CA VAL DA 56 138.19 -11.69 42.73
C VAL DA 56 138.08 -10.28 42.16
N THR DA 57 138.31 -10.13 40.87
CA THR DA 57 138.14 -8.85 40.18
C THR DA 57 136.97 -8.96 39.21
N VAL DA 58 136.14 -7.93 39.16
CA VAL DA 58 135.05 -7.85 38.22
C VAL DA 58 135.23 -6.63 37.35
N GLU DA 59 134.82 -6.74 36.09
CA GLU DA 59 134.90 -5.63 35.16
C GLU DA 59 133.61 -5.57 34.35
N HIS DA 60 133.16 -4.34 34.09
CA HIS DA 60 131.85 -4.10 33.46
C HIS DA 60 131.98 -3.12 32.29
N PRO DA 61 132.54 -3.57 31.17
CA PRO DA 61 132.55 -2.74 29.97
C PRO DA 61 131.35 -3.02 29.07
N ASP DA 62 131.21 -2.19 28.04
CA ASP DA 62 130.15 -2.41 27.08
C ASP DA 62 130.49 -3.58 26.16
N LYS DA 63 129.49 -4.01 25.40
CA LYS DA 63 129.60 -5.02 24.35
C LYS DA 63 130.21 -6.34 24.83
N LEU DA 64 129.89 -6.75 26.06
CA LEU DA 64 130.49 -7.95 26.62
C LEU DA 64 130.09 -9.22 25.87
N GLU DA 65 128.93 -9.23 25.22
CA GLU DA 65 128.55 -10.39 24.44
C GLU DA 65 129.29 -10.42 23.11
N GLU DA 66 129.66 -9.25 22.61
CA GLU DA 66 130.61 -9.18 21.49
C GLU DA 66 132.01 -9.55 21.97
N LYS DA 67 132.33 -9.23 23.21
CA LYS DA 67 133.72 -9.29 23.68
C LYS DA 67 134.12 -10.68 24.18
N PHE DA 68 133.19 -11.44 24.77
CA PHE DA 68 133.57 -12.75 25.31
C PHE DA 68 133.97 -13.76 24.23
N PRO DA 69 133.18 -14.02 23.18
CA PRO DA 69 133.55 -15.13 22.28
C PRO DA 69 134.79 -14.84 21.44
N GLN DA 70 135.03 -13.58 21.08
CA GLN DA 70 136.18 -13.22 20.27
C GLN DA 70 137.49 -13.38 21.02
N VAL DA 71 137.47 -13.44 22.35
CA VAL DA 71 138.68 -13.60 23.12
C VAL DA 71 138.74 -15.03 23.64
N ALA DA 72 137.56 -15.62 23.85
CA ALA DA 72 137.47 -17.01 24.29
C ALA DA 72 137.84 -17.99 23.18
N ALA DA 73 137.69 -17.58 21.91
CA ALA DA 73 138.21 -18.38 20.82
C ALA DA 73 139.73 -18.35 20.74
N THR DA 74 140.36 -17.38 21.41
CA THR DA 74 141.81 -17.37 21.58
C THR DA 74 142.26 -18.07 22.85
N GLY DA 75 141.35 -18.32 23.79
CA GLY DA 75 141.69 -18.95 25.04
C GLY DA 75 141.97 -18.00 26.18
N ASP DA 76 141.41 -16.79 26.15
CA ASP DA 76 141.62 -15.82 27.23
C ASP DA 76 140.32 -15.09 27.56
N GLY DA 77 140.43 -13.99 28.29
CA GLY DA 77 139.30 -13.18 28.63
C GLY DA 77 138.93 -13.32 30.09
N PRO DA 78 137.66 -13.58 30.36
CA PRO DA 78 137.21 -13.75 31.74
C PRO DA 78 137.26 -15.21 32.15
N ASP DA 79 136.88 -15.49 33.39
CA ASP DA 79 136.58 -16.86 33.77
C ASP DA 79 135.07 -17.11 33.79
N ILE DA 80 134.31 -16.18 34.34
CA ILE DA 80 132.87 -16.30 34.50
C ILE DA 80 132.20 -15.15 33.76
N ILE DA 81 131.06 -15.44 33.14
CA ILE DA 81 130.28 -14.43 32.42
C ILE DA 81 128.80 -14.57 32.77
N PHE DA 82 128.17 -13.45 33.13
CA PHE DA 82 126.75 -13.41 33.50
C PHE DA 82 125.97 -12.88 32.31
N TRP DA 83 125.17 -13.75 31.68
CA TRP DA 83 124.42 -13.35 30.49
C TRP DA 83 123.25 -14.30 30.28
N ALA DA 84 122.46 -14.02 29.26
CA ALA DA 84 121.34 -14.87 28.91
C ALA DA 84 121.83 -16.23 28.41
N HIS DA 85 120.99 -17.25 28.63
CA HIS DA 85 121.36 -18.62 28.34
C HIS DA 85 121.33 -18.96 26.86
N ASP DA 86 120.58 -18.20 26.06
CA ASP DA 86 120.34 -18.59 24.67
C ASP DA 86 121.60 -18.49 23.83
N ARG DA 87 122.45 -17.51 24.09
CA ARG DA 87 123.75 -17.47 23.42
C ARG DA 87 124.77 -18.36 24.09
N PHE DA 88 124.45 -18.89 25.28
CA PHE DA 88 125.37 -19.81 25.95
C PHE DA 88 125.39 -21.17 25.26
N GLY DA 89 124.21 -21.69 24.92
CA GLY DA 89 124.13 -22.99 24.25
C GLY DA 89 124.86 -22.99 22.92
N GLY DA 90 124.74 -21.91 22.15
CA GLY DA 90 125.56 -21.75 20.97
C GLY DA 90 127.04 -21.72 21.30
N TYR DA 91 127.41 -21.00 22.37
CA TYR DA 91 128.78 -21.05 22.83
C TYR DA 91 129.09 -22.35 23.55
N ALA DA 92 128.08 -23.14 23.88
CA ALA DA 92 128.32 -24.52 24.28
C ALA DA 92 128.76 -25.36 23.10
N GLN DA 93 128.35 -24.98 21.90
CA GLN DA 93 128.87 -25.62 20.69
C GLN DA 93 130.27 -25.10 20.37
N SER DA 94 130.48 -23.80 20.55
CA SER DA 94 131.69 -23.13 20.08
C SER DA 94 132.92 -23.40 20.95
N GLY DA 95 132.81 -24.25 21.96
CA GLY DA 95 133.95 -24.55 22.81
C GLY DA 95 134.40 -23.39 23.67
N LEU DA 96 133.47 -22.52 24.06
CA LEU DA 96 133.80 -21.34 24.85
C LEU DA 96 133.21 -21.34 26.25
N LEU DA 97 132.22 -22.18 26.52
CA LEU DA 97 131.69 -22.38 27.86
C LEU DA 97 132.10 -23.75 28.38
N ALA DA 98 132.49 -23.79 29.66
CA ALA DA 98 132.98 -25.00 30.28
C ALA DA 98 131.81 -25.86 30.78
N GLU DA 99 131.93 -27.16 30.57
CA GLU DA 99 130.96 -28.11 31.10
C GLU DA 99 131.10 -28.18 32.61
N ILE DA 100 130.10 -27.66 33.33
CA ILE DA 100 130.17 -27.61 34.78
C ILE DA 100 129.85 -29.00 35.34
N THR DA 101 130.31 -29.22 36.58
CA THR DA 101 130.02 -30.46 37.31
C THR DA 101 129.43 -30.09 38.66
N PRO DA 102 128.13 -29.84 38.72
CA PRO DA 102 127.47 -29.60 40.02
C PRO DA 102 126.94 -30.90 40.62
N ASP DA 103 126.73 -30.85 41.94
CA ASP DA 103 126.21 -31.99 42.66
CA ASP DA 103 126.21 -31.99 42.66
C ASP DA 103 124.68 -32.04 42.55
N LYS DA 104 124.11 -33.18 42.95
CA LYS DA 104 122.67 -33.36 42.87
C LYS DA 104 121.93 -32.65 44.00
N ALA DA 105 122.55 -32.55 45.18
CA ALA DA 105 121.94 -31.78 46.25
C ALA DA 105 121.89 -30.30 45.92
N PHE DA 106 122.93 -29.78 45.25
CA PHE DA 106 122.90 -28.40 44.79
C PHE DA 106 121.94 -28.23 43.62
N GLN DA 107 121.72 -29.29 42.85
CA GLN DA 107 120.68 -29.25 41.82
C GLN DA 107 119.30 -29.24 42.44
N ASP DA 108 119.15 -29.82 43.63
CA ASP DA 108 117.91 -29.68 44.39
C ASP DA 108 117.81 -28.30 45.03
N LYS DA 109 118.96 -27.68 45.34
CA LYS DA 109 118.97 -26.33 45.92
C LYS DA 109 118.41 -25.28 44.96
N LEU DA 110 118.50 -25.52 43.65
CA LEU DA 110 117.94 -24.63 42.65
C LEU DA 110 116.73 -25.28 42.00
N TYR DA 111 115.99 -24.48 41.26
CA TYR DA 111 114.86 -25.02 40.51
C TYR DA 111 115.33 -25.68 39.22
N PRO DA 112 114.82 -26.87 38.90
CA PRO DA 112 115.31 -27.57 37.70
C PRO DA 112 114.89 -26.92 36.39
N PHE DA 113 113.75 -26.23 36.36
CA PHE DA 113 113.36 -25.53 35.15
C PHE DA 113 114.31 -24.39 34.82
N THR DA 114 115.06 -23.89 35.80
CA THR DA 114 116.19 -23.02 35.51
C THR DA 114 117.35 -23.80 34.90
N TRP DA 115 117.55 -25.04 35.36
CA TRP DA 115 118.62 -25.87 34.80
C TRP DA 115 118.34 -26.29 33.36
N ASP DA 116 117.07 -26.31 32.95
CA ASP DA 116 116.76 -26.57 31.54
C ASP DA 116 117.16 -25.42 30.62
N ALA DA 117 117.55 -24.27 31.16
CA ALA DA 117 117.99 -23.15 30.33
C ALA DA 117 119.40 -23.32 29.81
N VAL DA 118 120.24 -24.06 30.52
CA VAL DA 118 121.66 -24.14 30.23
C VAL DA 118 122.03 -25.54 29.76
N ARG DA 119 121.09 -26.21 29.09
CA ARG DA 119 121.31 -27.52 28.51
C ARG DA 119 121.73 -27.38 27.05
N TYR DA 120 122.68 -28.20 26.64
CA TYR DA 120 123.09 -28.27 25.23
C TYR DA 120 123.81 -29.58 25.00
N ASN DA 121 123.30 -30.40 24.07
CA ASN DA 121 123.85 -31.71 23.76
C ASN DA 121 123.95 -32.60 25.00
N GLY DA 122 122.98 -32.45 25.90
CA GLY DA 122 122.96 -33.21 27.13
C GLY DA 122 123.91 -32.74 28.22
N LYS DA 123 124.88 -31.90 27.89
CA LYS DA 123 125.85 -31.42 28.87
C LYS DA 123 125.34 -30.16 29.53
N LEU DA 124 125.84 -29.89 30.73
CA LEU DA 124 125.41 -28.76 31.53
C LEU DA 124 126.55 -27.74 31.57
N ILE DA 125 126.24 -26.48 31.24
CA ILE DA 125 127.27 -25.52 30.87
C ILE DA 125 127.39 -24.36 31.84
N ALA DA 126 126.36 -24.03 32.62
CA ALA DA 126 126.38 -22.80 33.39
C ALA DA 126 125.41 -22.91 34.54
N TYR DA 127 125.66 -22.11 35.58
CA TYR DA 127 124.79 -22.08 36.75
C TYR DA 127 123.78 -20.97 36.60
N PRO DA 128 122.48 -21.26 36.63
CA PRO DA 128 121.49 -20.19 36.50
C PRO DA 128 121.40 -19.37 37.78
N ILE DA 129 121.30 -18.05 37.63
CA ILE DA 129 121.15 -17.16 38.77
C ILE DA 129 119.77 -16.52 38.71
N ALA DA 130 119.53 -15.74 37.66
CA ALA DA 130 118.33 -14.93 37.55
C ALA DA 130 117.41 -15.51 36.48
N VAL DA 131 116.11 -15.32 36.68
CA VAL DA 131 115.09 -15.86 35.78
C VAL DA 131 114.09 -14.75 35.47
N GLU DA 132 113.75 -14.59 34.19
CA GLU DA 132 112.98 -13.46 33.71
C GLU DA 132 111.75 -13.95 32.98
N ALA DA 133 110.63 -13.27 33.20
CA ALA DA 133 109.36 -13.64 32.59
C ALA DA 133 108.43 -12.44 32.62
N LEU DA 134 107.62 -12.31 31.58
CA LEU DA 134 106.71 -11.19 31.45
C LEU DA 134 105.44 -11.44 32.26
N SER DA 135 104.97 -10.41 32.96
CA SER DA 135 103.82 -10.54 33.84
C SER DA 135 102.86 -9.39 33.57
N LEU DA 136 101.65 -9.51 34.13
CA LEU DA 136 100.62 -8.50 33.93
C LEU DA 136 100.78 -7.42 34.99
N ILE DA 137 100.79 -6.16 34.55
CA ILE DA 137 100.86 -5.01 35.44
C ILE DA 137 99.53 -4.27 35.30
N TYR DA 138 98.86 -4.04 36.43
CA TYR DA 138 97.53 -3.47 36.42
C TYR DA 138 97.42 -2.30 37.38
N ASN DA 139 96.62 -1.31 36.99
CA ASN DA 139 96.21 -0.25 37.89
C ASN DA 139 95.19 -0.82 38.87
N LYS DA 140 95.47 -0.70 40.17
CA LYS DA 140 94.54 -1.21 41.17
C LYS DA 140 93.29 -0.34 41.26
N ASP DA 141 93.40 0.93 40.89
CA ASP DA 141 92.25 1.83 40.99
C ASP DA 141 91.27 1.58 39.85
N LEU DA 142 91.76 1.53 38.61
CA LEU DA 142 90.88 1.30 37.47
C LEU DA 142 90.26 -0.09 37.50
N LEU DA 143 90.96 -1.06 38.09
CA LEU DA 143 90.38 -2.39 38.19
C LEU DA 143 90.80 -3.04 39.50
N PRO DA 144 89.88 -3.12 40.48
CA PRO DA 144 90.24 -3.74 41.77
C PRO DA 144 90.35 -5.24 41.72
N ASN DA 145 89.78 -5.90 40.71
CA ASN DA 145 89.75 -7.36 40.63
C ASN DA 145 90.19 -7.79 39.23
N PRO DA 146 91.41 -8.28 39.08
CA PRO DA 146 91.89 -8.66 37.75
C PRO DA 146 91.14 -9.88 37.24
N PRO DA 147 91.04 -10.03 35.91
CA PRO DA 147 90.43 -11.24 35.35
C PRO DA 147 91.46 -12.33 35.10
N LYS DA 148 90.97 -13.56 35.04
CA LYS DA 148 91.82 -14.73 34.87
C LYS DA 148 91.65 -15.38 33.51
N THR DA 149 90.83 -14.82 32.63
CA THR DA 149 90.63 -15.34 31.29
C THR DA 149 90.87 -14.24 30.27
N TRP DA 150 91.51 -14.59 29.15
CA TRP DA 150 91.62 -13.65 28.05
C TRP DA 150 90.28 -13.39 27.38
N GLU DA 151 89.38 -14.37 27.43
CA GLU DA 151 88.04 -14.21 26.89
C GLU DA 151 87.25 -13.15 27.62
N GLU DA 152 87.69 -12.76 28.82
CA GLU DA 152 87.06 -11.67 29.55
C GLU DA 152 87.51 -10.30 29.06
N ILE DA 153 88.70 -10.22 28.46
CA ILE DA 153 89.30 -8.94 28.07
C ILE DA 153 88.47 -8.14 27.07
N PRO DA 154 87.86 -8.72 26.01
CA PRO DA 154 87.03 -7.88 25.13
C PRO DA 154 85.85 -7.23 25.86
N ALA DA 155 85.09 -8.01 26.61
CA ALA DA 155 83.90 -7.49 27.28
C ALA DA 155 84.24 -6.33 28.20
N LEU DA 156 85.25 -6.50 29.07
CA LEU DA 156 85.63 -5.43 29.98
C LEU DA 156 86.16 -4.22 29.23
N ASP DA 157 86.71 -4.42 28.02
CA ASP DA 157 87.13 -3.28 27.21
C ASP DA 157 85.94 -2.38 26.89
N LYS DA 158 84.77 -2.99 26.67
CA LYS DA 158 83.55 -2.23 26.46
C LYS DA 158 83.23 -1.33 27.64
N GLU DA 159 83.67 -1.71 28.84
CA GLU DA 159 83.51 -0.81 29.98
C GLU DA 159 84.43 0.40 29.88
N LEU DA 160 85.69 0.19 29.50
CA LEU DA 160 86.67 1.26 29.65
C LEU DA 160 86.49 2.36 28.63
N LYS DA 161 86.00 2.04 27.43
CA LYS DA 161 85.63 3.07 26.48
C LYS DA 161 84.47 3.92 27.00
N ALA DA 162 83.70 3.41 27.95
CA ALA DA 162 82.67 4.19 28.62
C ALA DA 162 83.24 5.14 29.66
N LYS DA 163 84.51 4.99 30.03
CA LYS DA 163 85.19 5.93 30.90
C LYS DA 163 86.28 6.71 30.18
N GLY DA 164 86.42 6.53 28.88
CA GLY DA 164 87.52 7.14 28.15
C GLY DA 164 88.84 6.46 28.37
N LYS DA 165 88.83 5.17 28.68
CA LYS DA 165 90.03 4.40 28.96
C LYS DA 165 90.14 3.25 27.97
N SER DA 166 91.32 2.62 27.95
CA SER DA 166 91.58 1.46 27.13
C SER DA 166 91.94 0.28 28.02
N ALA DA 167 91.58 -0.92 27.58
CA ALA DA 167 91.80 -2.11 28.40
C ALA DA 167 93.26 -2.53 28.36
N LEU DA 168 93.77 -2.87 27.19
CA LEU DA 168 95.12 -3.41 27.06
C LEU DA 168 95.83 -2.69 25.93
N MET DA 169 97.07 -2.28 26.19
CA MET DA 169 97.91 -1.63 25.19
C MET DA 169 99.34 -2.05 25.45
N PHE DA 170 99.97 -2.70 24.47
CA PHE DA 170 101.34 -3.17 24.60
C PHE DA 170 102.01 -3.14 23.24
N ASN DA 171 103.23 -3.67 23.18
CA ASN DA 171 104.02 -3.66 21.95
C ASN DA 171 103.58 -4.83 21.06
N LEU DA 172 102.90 -4.50 19.98
CA LEU DA 172 102.50 -5.50 18.99
C LEU DA 172 103.56 -5.71 17.91
N GLN DA 173 104.63 -4.94 17.92
CA GLN DA 173 105.65 -5.02 16.89
C GLN DA 173 106.67 -6.13 17.13
N GLU DA 174 106.52 -6.90 18.20
CA GLU DA 174 107.44 -7.98 18.53
C GLU DA 174 106.70 -9.28 18.77
N PRO DA 175 107.24 -10.41 18.31
CA PRO DA 175 106.69 -11.70 18.74
C PRO DA 175 106.97 -12.01 20.20
N TYR DA 176 107.94 -11.33 20.80
CA TYR DA 176 108.30 -11.56 22.20
C TYR DA 176 107.15 -11.22 23.14
N PHE DA 177 106.30 -10.26 22.75
CA PHE DA 177 105.14 -9.92 23.56
C PHE DA 177 103.96 -10.84 23.26
N THR DA 178 103.78 -11.20 21.99
CA THR DA 178 102.58 -11.91 21.57
C THR DA 178 102.65 -13.41 21.78
N TRP DA 179 103.84 -13.97 21.95
CA TRP DA 179 104.00 -15.42 22.07
C TRP DA 179 103.32 -16.07 23.28
N PRO DA 180 103.15 -15.41 24.44
CA PRO DA 180 102.33 -16.01 25.49
C PRO DA 180 100.93 -16.41 25.06
N LEU DA 181 100.23 -15.55 24.32
CA LEU DA 181 98.85 -15.85 23.96
C LEU DA 181 98.75 -16.88 22.84
N ILE DA 182 99.51 -16.68 21.75
CA ILE DA 182 99.33 -17.50 20.57
C ILE DA 182 99.82 -18.92 20.81
N ALA DA 183 100.87 -19.10 21.61
CA ALA DA 183 101.47 -20.40 21.85
C ALA DA 183 100.99 -21.04 23.14
N ALA DA 184 99.91 -20.52 23.74
CA ALA DA 184 99.46 -21.05 25.03
C ALA DA 184 98.80 -22.41 24.88
N ASP DA 185 98.02 -22.60 23.82
CA ASP DA 185 97.18 -23.78 23.66
C ASP DA 185 97.64 -24.69 22.52
N GLY DA 186 98.95 -24.75 22.27
CA GLY DA 186 99.44 -25.67 21.26
C GLY DA 186 100.61 -25.19 20.43
N GLY DA 187 100.95 -23.91 20.53
CA GLY DA 187 102.12 -23.40 19.84
C GLY DA 187 103.38 -23.56 20.66
N TYR DA 188 104.50 -23.74 19.95
CA TYR DA 188 105.82 -23.86 20.56
C TYR DA 188 106.87 -23.63 19.50
N ALA DA 189 107.90 -22.84 19.84
CA ALA DA 189 108.88 -22.39 18.86
C ALA DA 189 109.63 -23.56 18.21
N PHE DA 190 110.37 -24.31 19.01
CA PHE DA 190 111.04 -25.53 18.55
C PHE DA 190 110.74 -26.65 19.54
N LYS DA 191 110.62 -27.87 19.03
CA LYS DA 191 110.43 -29.00 19.95
C LYS DA 191 111.70 -29.23 20.76
N TYR DA 192 111.57 -29.16 22.08
CA TYR DA 192 112.69 -29.18 23.00
C TYR DA 192 112.51 -30.31 24.00
N GLU DA 193 113.33 -31.36 23.88
CA GLU DA 193 113.25 -32.52 24.77
C GLU DA 193 114.66 -33.01 25.08
N ASN DA 194 114.86 -33.45 26.32
CA ASN DA 194 116.12 -34.05 26.79
C ASN DA 194 117.32 -33.12 26.57
N GLY DA 195 117.09 -31.81 26.63
CA GLY DA 195 118.16 -30.87 26.41
C GLY DA 195 118.53 -30.62 24.96
N LYS DA 196 117.67 -31.01 24.02
CA LYS DA 196 117.94 -30.88 22.59
C LYS DA 196 116.78 -30.18 21.90
N TYR DA 197 117.10 -29.20 21.06
CA TYR DA 197 116.11 -28.49 20.26
C TYR DA 197 116.05 -29.09 18.86
N ASP DA 198 114.88 -29.58 18.47
CA ASP DA 198 114.71 -30.19 17.16
C ASP DA 198 114.55 -29.09 16.10
N ILE DA 199 115.36 -29.18 15.05
CA ILE DA 199 115.37 -28.12 14.05
C ILE DA 199 114.23 -28.30 13.05
N LYS DA 200 113.89 -29.55 12.71
CA LYS DA 200 112.78 -29.86 11.81
C LYS DA 200 111.42 -29.69 12.46
N ASP DA 201 111.36 -29.26 13.72
CA ASP DA 201 110.11 -29.29 14.46
C ASP DA 201 109.80 -27.89 14.98
N VAL DA 202 109.74 -26.93 14.04
CA VAL DA 202 109.31 -25.56 14.29
C VAL DA 202 107.79 -25.57 14.34
N GLY DA 203 107.22 -25.43 15.53
CA GLY DA 203 105.77 -25.49 15.66
C GLY DA 203 105.06 -24.15 15.55
N VAL DA 204 104.57 -23.82 14.36
CA VAL DA 204 103.63 -22.72 14.19
C VAL DA 204 102.39 -23.13 13.39
N ASP DA 205 102.42 -24.28 12.74
CA ASP DA 205 101.26 -24.79 11.99
C ASP DA 205 100.44 -25.73 12.89
N ASN DA 206 100.01 -25.18 14.03
CA ASN DA 206 99.25 -25.92 15.01
C ASN DA 206 97.92 -25.22 15.28
N ALA DA 207 96.95 -25.99 15.74
CA ALA DA 207 95.62 -25.44 16.01
C ALA DA 207 95.65 -24.43 17.14
N GLY DA 208 96.57 -24.59 18.09
CA GLY DA 208 96.68 -23.61 19.15
C GLY DA 208 97.18 -22.26 18.66
N ALA DA 209 98.19 -22.27 17.78
CA ALA DA 209 98.65 -21.02 17.19
C ALA DA 209 97.56 -20.36 16.37
N LYS DA 210 96.77 -21.18 15.65
CA LYS DA 210 95.61 -20.66 14.92
C LYS DA 210 94.63 -19.99 15.86
N ALA DA 211 94.31 -20.64 16.98
CA ALA DA 211 93.35 -20.07 17.93
C ALA DA 211 93.86 -18.78 18.53
N GLY DA 212 95.14 -18.74 18.90
CA GLY DA 212 95.70 -17.52 19.46
C GLY DA 212 95.72 -16.37 18.46
N LEU DA 213 96.08 -16.65 17.21
CA LEU DA 213 96.13 -15.56 16.24
C LEU DA 213 94.73 -15.11 15.84
N THR DA 214 93.75 -16.02 15.80
CA THR DA 214 92.38 -15.58 15.61
C THR DA 214 91.89 -14.74 16.78
N PHE DA 215 92.28 -15.08 18.01
CA PHE DA 215 91.90 -14.20 19.12
C PHE DA 215 92.57 -12.84 19.00
N LEU DA 216 93.79 -12.79 18.48
CA LEU DA 216 94.45 -11.51 18.22
C LEU DA 216 93.69 -10.71 17.17
N VAL DA 217 93.26 -11.36 16.09
CA VAL DA 217 92.53 -10.61 15.07
C VAL DA 217 91.12 -10.26 15.52
N ASP DA 218 90.57 -10.96 16.51
CA ASP DA 218 89.32 -10.50 17.10
C ASP DA 218 89.53 -9.31 18.02
N LEU DA 219 90.67 -9.26 18.72
CA LEU DA 219 90.97 -8.09 19.53
C LEU DA 219 91.30 -6.87 18.67
N ILE DA 220 91.82 -7.09 17.47
CA ILE DA 220 92.19 -5.95 16.64
C ILE DA 220 91.08 -5.54 15.67
N LYS DA 221 90.22 -6.48 15.25
CA LYS DA 221 89.19 -6.16 14.27
C LYS DA 221 88.13 -5.26 14.87
N ASN DA 222 87.63 -5.61 16.05
CA ASN DA 222 86.64 -4.79 16.74
C ASN DA 222 87.25 -3.59 17.45
N LYS DA 223 88.53 -3.31 17.20
CA LYS DA 223 89.21 -2.09 17.65
C LYS DA 223 89.28 -2.02 19.17
N HIS DA 224 89.56 -3.14 19.81
CA HIS DA 224 89.89 -3.10 21.23
C HIS DA 224 91.26 -2.47 21.46
N MET DA 225 92.22 -2.78 20.59
CA MET DA 225 93.53 -2.17 20.58
C MET DA 225 93.81 -1.61 19.20
N ASN DA 226 95.00 -1.03 19.04
CA ASN DA 226 95.48 -0.56 17.75
C ASN DA 226 96.59 -1.48 17.25
N ALA DA 227 96.78 -1.47 15.93
CA ALA DA 227 97.79 -2.34 15.32
C ALA DA 227 99.15 -1.67 15.20
N ASP DA 228 99.18 -0.34 15.08
CA ASP DA 228 100.42 0.40 14.96
C ASP DA 228 101.02 0.76 16.31
N THR DA 229 100.43 0.28 17.40
CA THR DA 229 100.96 0.58 18.72
C THR DA 229 102.25 -0.20 18.96
N ASP DA 230 103.02 0.27 19.94
CA ASP DA 230 104.27 -0.37 20.29
C ASP DA 230 104.51 -0.13 21.79
N TYR DA 231 105.78 -0.27 22.20
CA TYR DA 231 106.11 -0.28 23.61
C TYR DA 231 106.06 1.12 24.22
N SER DA 232 106.50 2.13 23.48
CA SER DA 232 106.63 3.47 24.05
CA SER DA 232 106.63 3.47 24.05
C SER DA 232 105.27 4.07 24.39
N ILE DA 233 104.36 4.07 23.41
CA ILE DA 233 103.02 4.63 23.65
C ILE DA 233 102.31 3.86 24.75
N ALA DA 234 102.48 2.54 24.77
CA ALA DA 234 101.86 1.69 25.78
C ALA DA 234 102.34 2.05 27.18
N GLU DA 235 103.65 2.03 27.39
CA GLU DA 235 104.18 2.31 28.72
C GLU DA 235 103.93 3.75 29.13
N ALA DA 236 104.00 4.70 28.20
CA ALA DA 236 103.75 6.10 28.55
C ALA DA 236 102.29 6.33 28.93
N ALA DA 237 101.36 5.67 28.22
CA ALA DA 237 99.95 5.80 28.57
C ALA DA 237 99.64 5.10 29.87
N PHE DA 238 100.31 3.99 30.17
CA PHE DA 238 100.09 3.33 31.45
C PHE DA 238 100.68 4.14 32.60
N ASN DA 239 101.79 4.84 32.36
CA ASN DA 239 102.33 5.73 33.39
C ASN DA 239 101.38 6.90 33.66
N LYS DA 240 100.66 7.36 32.64
CA LYS DA 240 99.59 8.33 32.87
C LYS DA 240 98.34 7.69 33.46
N GLY DA 241 98.19 6.37 33.30
CA GLY DA 241 97.01 5.70 33.80
C GLY DA 241 95.84 5.72 32.85
N GLU DA 242 96.10 5.75 31.54
CA GLU DA 242 95.02 5.73 30.56
C GLU DA 242 94.60 4.31 30.20
N THR DA 243 95.56 3.45 29.88
CA THR DA 243 95.31 2.02 29.71
C THR DA 243 95.51 1.36 31.06
N ALA DA 244 94.64 0.40 31.39
CA ALA DA 244 94.69 -0.22 32.71
C ALA DA 244 95.58 -1.44 32.77
N MET DA 245 95.62 -2.25 31.71
CA MET DA 245 96.41 -3.47 31.71
C MET DA 245 97.65 -3.29 30.84
N THR DA 246 98.74 -3.93 31.24
CA THR DA 246 99.88 -4.07 30.34
C THR DA 246 100.63 -5.34 30.68
N ILE DA 247 101.50 -5.76 29.78
CA ILE DA 247 102.32 -6.95 29.96
C ILE DA 247 103.78 -6.52 29.83
N ASN DA 248 104.58 -6.84 30.84
CA ASN DA 248 105.95 -6.34 30.87
C ASN DA 248 106.80 -7.20 31.79
N GLY DA 249 108.10 -7.19 31.53
CA GLY DA 249 109.06 -7.85 32.39
C GLY DA 249 109.48 -6.96 33.53
N PRO DA 250 110.67 -7.19 34.06
CA PRO DA 250 111.14 -6.39 35.20
C PRO DA 250 111.61 -4.99 34.83
N TRP DA 251 112.13 -4.82 33.62
CA TRP DA 251 112.92 -3.63 33.29
C TRP DA 251 112.11 -2.33 33.34
N ALA DA 252 110.78 -2.41 33.30
CA ALA DA 252 109.96 -1.21 33.34
C ALA DA 252 109.34 -0.95 34.71
N TRP DA 253 109.58 -1.84 35.68
CA TRP DA 253 108.94 -1.74 37.00
C TRP DA 253 109.22 -0.39 37.63
N SER DA 254 110.50 -0.01 37.72
CA SER DA 254 110.86 1.27 38.31
C SER DA 254 110.24 2.44 37.55
N ASN DA 255 110.08 2.30 36.23
CA ASN DA 255 109.41 3.33 35.45
C ASN DA 255 107.98 3.54 35.94
N ILE DA 256 107.27 2.45 36.22
CA ILE DA 256 105.93 2.58 36.79
C ILE DA 256 106.02 3.14 38.20
N ASP DA 257 107.12 2.88 38.90
CA ASP DA 257 107.36 3.50 40.20
C ASP DA 257 107.67 4.98 40.08
N THR DA 258 107.91 5.50 38.87
CA THR DA 258 107.93 6.94 38.68
C THR DA 258 106.52 7.51 38.59
N SER DA 259 105.56 6.69 38.15
CA SER DA 259 104.19 7.17 37.98
CA SER DA 259 104.19 7.17 37.98
C SER DA 259 103.46 7.36 39.31
N LYS DA 260 103.90 6.67 40.36
CA LYS DA 260 103.25 6.66 41.68
C LYS DA 260 101.80 6.18 41.60
N VAL DA 261 101.46 5.48 40.52
CA VAL DA 261 100.14 4.88 40.40
C VAL DA 261 100.07 3.66 41.31
N ASN DA 262 98.98 3.53 42.06
CA ASN DA 262 98.83 2.38 42.92
C ASN DA 262 98.57 1.14 42.06
N TYR DA 263 99.63 0.42 41.75
CA TYR DA 263 99.55 -0.68 40.79
C TYR DA 263 99.93 -2.00 41.46
N GLY DA 264 99.49 -3.09 40.82
CA GLY DA 264 99.87 -4.42 41.22
C GLY DA 264 100.38 -5.21 40.04
N VAL DA 265 100.99 -6.35 40.35
CA VAL DA 265 101.54 -7.27 39.37
C VAL DA 265 100.99 -8.66 39.64
N THR DA 266 100.52 -9.33 38.60
CA THR DA 266 99.98 -10.67 38.73
C THR DA 266 100.33 -11.50 37.50
N VAL DA 267 99.88 -12.75 37.53
CA VAL DA 267 100.07 -13.66 36.41
C VAL DA 267 99.15 -13.26 35.27
N LEU DA 268 99.57 -13.57 34.05
CA LEU DA 268 98.72 -13.37 32.89
C LEU DA 268 97.52 -14.32 32.96
N PRO DA 269 96.38 -13.89 32.42
CA PRO DA 269 95.20 -14.78 32.39
C PRO DA 269 95.46 -16.02 31.55
N THR DA 270 94.74 -17.09 31.89
CA THR DA 270 94.77 -18.29 31.07
C THR DA 270 93.81 -18.14 29.90
N PHE DA 271 93.99 -18.99 28.90
CA PHE DA 271 93.21 -18.88 27.66
C PHE DA 271 92.75 -20.27 27.25
N LYS DA 272 91.42 -20.45 27.23
CA LYS DA 272 90.78 -21.74 26.93
C LYS DA 272 91.24 -22.84 27.88
N GLY DA 273 91.63 -22.45 29.10
CA GLY DA 273 92.20 -23.36 30.06
C GLY DA 273 93.71 -23.49 29.99
N GLN DA 274 94.29 -23.33 28.81
CA GLN DA 274 95.74 -23.40 28.68
C GLN DA 274 96.35 -22.06 29.07
N PRO DA 275 97.20 -22.00 30.08
CA PRO DA 275 97.77 -20.73 30.51
C PRO DA 275 98.80 -20.21 29.52
N SER DA 276 99.06 -18.91 29.63
CA SER DA 276 100.01 -18.24 28.74
C SER DA 276 101.42 -18.80 28.92
N LYS DA 277 102.27 -18.53 27.93
CA LYS DA 277 103.60 -19.13 27.85
C LYS DA 277 104.62 -18.07 27.47
N PRO DA 278 105.08 -17.27 28.42
CA PRO DA 278 106.09 -16.25 28.11
C PRO DA 278 107.48 -16.86 27.94
N PHE DA 279 108.32 -16.11 27.24
CA PHE DA 279 109.73 -16.50 27.11
C PHE DA 279 110.45 -16.34 28.43
N VAL DA 280 111.02 -17.44 28.90
CA VAL DA 280 111.79 -17.46 30.14
C VAL DA 280 113.24 -17.12 29.79
N GLY DA 281 113.68 -15.93 30.20
CA GLY DA 281 115.04 -15.53 29.94
C GLY DA 281 115.90 -15.68 31.18
N VAL DA 282 116.87 -16.59 31.15
CA VAL DA 282 117.60 -16.98 32.35
C VAL DA 282 119.01 -16.41 32.24
N LEU DA 283 119.32 -15.48 33.14
CA LEU DA 283 120.69 -15.00 33.33
C LEU DA 283 121.47 -16.06 34.11
N SER DA 284 122.47 -16.64 33.45
CA SER DA 284 123.33 -17.66 34.04
C SER DA 284 124.77 -17.21 33.92
N ALA DA 285 125.64 -17.89 34.68
CA ALA DA 285 127.06 -17.60 34.74
C ALA DA 285 127.82 -18.75 34.09
N GLY DA 286 128.27 -18.53 32.86
CA GLY DA 286 129.04 -19.51 32.15
C GLY DA 286 130.52 -19.42 32.50
N ILE DA 287 131.12 -20.58 32.71
CA ILE DA 287 132.56 -20.70 32.93
C ILE DA 287 133.22 -20.88 31.57
N ASN DA 288 134.32 -20.17 31.34
CA ASN DA 288 135.02 -20.27 30.07
C ASN DA 288 135.58 -21.67 29.89
N ALA DA 289 135.48 -22.20 28.67
CA ALA DA 289 135.92 -23.56 28.40
C ALA DA 289 137.43 -23.69 28.30
N ALA DA 290 138.16 -22.59 28.18
CA ALA DA 290 139.61 -22.61 28.21
C ALA DA 290 140.17 -22.42 29.61
N SER DA 291 139.30 -22.38 30.61
CA SER DA 291 139.73 -22.09 31.98
C SER DA 291 140.42 -23.30 32.60
N PRO DA 292 141.61 -23.11 33.17
CA PRO DA 292 142.13 -24.06 34.16
C PRO DA 292 141.72 -23.77 35.59
N ASN DA 293 140.66 -22.98 35.79
CA ASN DA 293 140.23 -22.50 37.10
C ASN DA 293 138.86 -23.05 37.44
N LYS DA 294 138.64 -24.34 37.19
CA LYS DA 294 137.30 -24.91 37.27
C LYS DA 294 136.76 -24.93 38.70
N GLU DA 295 137.52 -25.53 39.63
CA GLU DA 295 137.02 -25.75 40.99
C GLU DA 295 136.88 -24.45 41.76
N LEU DA 296 137.76 -23.47 41.51
CA LEU DA 296 137.67 -22.19 42.20
C LEU DA 296 136.37 -21.48 41.85
N ALA DA 297 136.08 -21.36 40.55
CA ALA DA 297 134.86 -20.69 40.14
C ALA DA 297 133.62 -21.48 40.51
N LYS DA 298 133.72 -22.82 40.51
CA LYS DA 298 132.58 -23.63 40.95
C LYS DA 298 132.29 -23.40 42.43
N GLU DA 299 133.33 -23.29 43.25
CA GLU DA 299 133.15 -22.99 44.66
CA GLU DA 299 133.15 -22.99 44.66
C GLU DA 299 132.54 -21.61 44.85
N PHE DA 300 133.04 -20.62 44.09
CA PHE DA 300 132.51 -19.26 44.19
C PHE DA 300 131.05 -19.19 43.76
N LEU DA 301 130.67 -20.00 42.77
CA LEU DA 301 129.29 -19.96 42.29
C LEU DA 301 128.34 -20.72 43.21
N GLU DA 302 128.79 -21.84 43.77
CA GLU DA 302 127.88 -22.69 44.55
C GLU DA 302 127.79 -22.26 46.01
N ASN DA 303 128.92 -22.00 46.66
CA ASN DA 303 128.92 -21.74 48.08
C ASN DA 303 128.80 -20.26 48.43
N TYR DA 304 128.99 -19.36 47.47
CA TYR DA 304 128.90 -17.93 47.71
C TYR DA 304 127.85 -17.24 46.86
N LEU DA 305 127.82 -17.50 45.56
CA LEU DA 305 126.86 -16.83 44.70
C LEU DA 305 125.45 -17.36 44.88
N LEU DA 306 125.24 -18.64 44.59
CA LEU DA 306 123.90 -19.23 44.58
C LEU DA 306 123.47 -19.67 45.98
N THR DA 307 123.62 -18.76 46.93
CA THR DA 307 123.18 -18.92 48.31
C THR DA 307 122.35 -17.69 48.69
N ASP DA 308 121.93 -17.63 49.95
CA ASP DA 308 121.10 -16.51 50.38
C ASP DA 308 121.88 -15.20 50.39
N GLU DA 309 123.07 -15.21 50.98
CA GLU DA 309 123.79 -13.96 51.17
C GLU DA 309 124.38 -13.41 49.87
N GLY DA 310 124.71 -14.27 48.92
CA GLY DA 310 125.27 -13.79 47.66
C GLY DA 310 124.23 -13.08 46.81
N LEU DA 311 123.06 -13.72 46.64
CA LEU DA 311 121.98 -13.06 45.92
C LEU DA 311 121.45 -11.86 46.70
N GLU DA 312 121.51 -11.89 48.03
CA GLU DA 312 121.14 -10.71 48.80
C GLU DA 312 122.08 -9.55 48.52
N ALA DA 313 123.39 -9.81 48.55
CA ALA DA 313 124.37 -8.76 48.31
C ALA DA 313 124.29 -8.19 46.90
N VAL DA 314 124.01 -9.04 45.91
CA VAL DA 314 123.88 -8.47 44.56
C VAL DA 314 122.55 -7.72 44.43
N ASN DA 315 121.49 -8.16 45.14
CA ASN DA 315 120.20 -7.50 45.02
C ASN DA 315 120.12 -6.19 45.80
N LYS DA 316 121.03 -5.94 46.74
CA LYS DA 316 121.02 -4.63 47.40
C LYS DA 316 121.33 -3.50 46.43
N ASP DA 317 122.14 -3.76 45.41
CA ASP DA 317 122.39 -2.72 44.40
C ASP DA 317 121.36 -2.78 43.29
N LYS DA 318 121.26 -3.91 42.59
CA LYS DA 318 120.27 -4.09 41.53
C LYS DA 318 119.66 -5.48 41.69
N PRO DA 319 118.34 -5.59 41.69
CA PRO DA 319 117.70 -6.88 41.92
C PRO DA 319 117.81 -7.80 40.71
N LEU DA 320 117.41 -9.05 40.91
CA LEU DA 320 117.38 -10.05 39.87
C LEU DA 320 115.98 -10.60 39.61
N GLY DA 321 114.97 -10.09 40.31
CA GLY DA 321 113.61 -10.55 40.06
C GLY DA 321 113.39 -11.94 40.59
N ALA DA 322 112.99 -12.84 39.70
CA ALA DA 322 112.93 -14.25 40.03
C ALA DA 322 114.31 -14.87 39.88
N VAL DA 323 114.78 -15.52 40.93
CA VAL DA 323 116.11 -16.13 40.92
C VAL DA 323 115.96 -17.64 40.79
N ALA DA 324 117.07 -18.35 40.68
CA ALA DA 324 117.04 -19.80 40.52
C ALA DA 324 117.11 -20.57 41.83
N LEU DA 325 117.70 -20.00 42.87
CA LEU DA 325 117.83 -20.69 44.14
C LEU DA 325 116.51 -20.68 44.89
N LYS DA 326 116.13 -21.85 45.43
CA LYS DA 326 114.78 -22.02 45.97
C LYS DA 326 114.58 -21.22 47.24
N SER DA 327 115.54 -21.26 48.17
CA SER DA 327 115.40 -20.55 49.43
C SER DA 327 115.34 -19.04 49.21
N TYR DA 328 116.19 -18.52 48.32
CA TYR DA 328 116.14 -17.10 48.03
C TYR DA 328 114.88 -16.71 47.26
N GLU DA 329 114.29 -17.65 46.51
CA GLU DA 329 112.97 -17.40 45.95
C GLU DA 329 111.92 -17.32 47.05
N GLU DA 330 112.06 -18.10 48.13
CA GLU DA 330 111.13 -17.96 49.23
C GLU DA 330 111.33 -16.66 49.98
N GLU DA 331 112.57 -16.17 50.04
CA GLU DA 331 112.81 -14.85 50.63
C GLU DA 331 112.20 -13.74 49.78
N LEU DA 332 112.35 -13.80 48.45
CA LEU DA 332 111.85 -12.74 47.59
C LEU DA 332 110.39 -12.88 47.23
N ALA DA 333 109.74 -14.01 47.54
CA ALA DA 333 108.35 -14.20 47.16
C ALA DA 333 107.37 -13.35 47.96
N LYS DA 334 107.83 -12.60 48.98
CA LYS DA 334 106.94 -11.67 49.64
C LYS DA 334 106.62 -10.47 48.75
N ASP DA 335 107.46 -10.18 47.78
CA ASP DA 335 107.15 -9.18 46.76
C ASP DA 335 106.27 -9.86 45.72
N PRO DA 336 105.02 -9.41 45.53
CA PRO DA 336 104.13 -10.11 44.58
C PRO DA 336 104.59 -10.04 43.13
N ARG DA 337 105.39 -9.03 42.77
CA ARG DA 337 105.99 -9.00 41.45
C ARG DA 337 106.88 -10.21 41.24
N ILE DA 338 107.62 -10.61 42.27
CA ILE DA 338 108.53 -11.74 42.17
C ILE DA 338 107.74 -13.04 42.04
N ALA DA 339 106.63 -13.16 42.78
CA ALA DA 339 105.78 -14.35 42.68
C ALA DA 339 105.15 -14.46 41.30
N ALA DA 340 104.66 -13.34 40.76
CA ALA DA 340 104.10 -13.35 39.42
C ALA DA 340 105.16 -13.70 38.38
N THR DA 341 106.38 -13.18 38.55
CA THR DA 341 107.46 -13.49 37.62
C THR DA 341 107.80 -14.97 37.67
N MET DA 342 107.88 -15.56 38.87
CA MET DA 342 108.27 -16.97 38.93
C MET DA 342 107.15 -17.88 38.44
N GLU DA 343 105.88 -17.52 38.64
CA GLU DA 343 104.84 -18.39 38.11
C GLU DA 343 104.73 -18.29 36.59
N ASN DA 344 104.90 -17.09 36.02
CA ASN DA 344 104.97 -16.99 34.56
C ASN DA 344 106.21 -17.68 34.00
N ALA DA 345 107.30 -17.70 34.77
CA ALA DA 345 108.51 -18.38 34.31
C ALA DA 345 108.36 -19.89 34.34
N GLN DA 346 107.70 -20.41 35.39
CA GLN DA 346 107.52 -21.86 35.47
C GLN DA 346 106.45 -22.37 34.54
N LYS DA 347 105.50 -21.52 34.13
CA LYS DA 347 104.52 -21.93 33.13
C LYS DA 347 104.88 -21.45 31.72
N GLY DA 348 106.04 -20.81 31.56
CA GLY DA 348 106.44 -20.27 30.27
C GLY DA 348 107.31 -21.22 29.47
N GLU DA 349 107.72 -20.74 28.29
CA GLU DA 349 108.60 -21.49 27.40
C GLU DA 349 110.02 -20.97 27.54
N ILE DA 350 110.96 -21.89 27.71
CA ILE DA 350 112.35 -21.50 27.83
C ILE DA 350 112.87 -21.04 26.47
N MET DA 351 113.72 -20.02 26.48
CA MET DA 351 114.22 -19.46 25.23
CA MET DA 351 114.23 -19.46 25.24
C MET DA 351 115.17 -20.45 24.56
N PRO DA 352 115.05 -20.65 23.25
CA PRO DA 352 115.93 -21.59 22.55
C PRO DA 352 117.35 -21.06 22.44
N ASN DA 353 118.31 -21.99 22.53
CA ASN DA 353 119.72 -21.69 22.44
C ASN DA 353 120.29 -21.91 21.05
N ILE DA 354 119.45 -21.95 20.03
CA ILE DA 354 119.86 -22.36 18.69
C ILE DA 354 119.81 -21.16 17.74
N PRO DA 355 120.62 -21.13 16.68
CA PRO DA 355 120.63 -19.96 15.80
C PRO DA 355 119.44 -19.86 14.86
N GLN DA 356 118.73 -20.96 14.58
CA GLN DA 356 117.53 -20.90 13.74
C GLN DA 356 116.47 -19.98 14.34
N MET DA 357 116.51 -19.81 15.67
CA MET DA 357 115.66 -18.85 16.36
C MET DA 357 115.72 -17.47 15.71
N SER DA 358 116.89 -17.08 15.18
CA SER DA 358 117.01 -15.80 14.49
C SER DA 358 116.03 -15.72 13.32
N ALA DA 359 116.00 -16.75 12.47
CA ALA DA 359 115.02 -16.76 11.39
C ALA DA 359 113.60 -16.77 11.93
N PHE DA 360 113.40 -17.39 13.11
CA PHE DA 360 112.13 -17.28 13.82
C PHE DA 360 111.75 -15.82 14.01
N TRP DA 361 112.66 -15.02 14.56
CA TRP DA 361 112.38 -13.60 14.76
C TRP DA 361 112.28 -12.85 13.44
N TYR DA 362 112.68 -13.45 12.33
CA TYR DA 362 112.42 -12.88 11.02
C TYR DA 362 111.15 -13.43 10.40
N ALA DA 363 110.76 -14.66 10.74
CA ALA DA 363 109.59 -15.24 10.09
C ALA DA 363 108.29 -14.82 10.78
N VAL DA 364 108.11 -15.23 12.04
CA VAL DA 364 106.82 -15.08 12.70
C VAL DA 364 106.45 -13.63 12.93
N ARG DA 365 107.44 -12.74 13.04
CA ARG DA 365 107.16 -11.31 13.10
C ARG DA 365 106.38 -10.86 11.86
N THR DA 366 106.86 -11.24 10.67
CA THR DA 366 106.13 -10.92 9.46
C THR DA 366 104.72 -11.50 9.49
N ALA DA 367 104.54 -12.63 10.20
CA ALA DA 367 103.21 -13.21 10.36
C ALA DA 367 102.25 -12.21 10.96
N VAL DA 368 102.63 -11.57 12.08
CA VAL DA 368 101.70 -10.61 12.66
C VAL DA 368 101.63 -9.36 11.81
N ILE DA 369 102.67 -9.08 11.01
CA ILE DA 369 102.60 -7.96 10.08
C ILE DA 369 101.59 -8.28 8.97
N ASN DA 370 101.34 -9.56 8.71
CA ASN DA 370 100.25 -9.92 7.83
C ASN DA 370 98.94 -10.13 8.57
N ALA DA 371 98.96 -10.15 9.90
CA ALA DA 371 97.77 -10.43 10.68
C ALA DA 371 97.06 -9.16 11.15
N ALA DA 372 97.76 -8.33 11.93
CA ALA DA 372 97.16 -7.11 12.42
C ALA DA 372 96.92 -6.09 11.32
N SER DA 373 97.68 -6.17 10.23
CA SER DA 373 97.44 -5.34 9.06
C SER DA 373 96.41 -5.94 8.12
N GLY DA 374 96.18 -7.24 8.20
CA GLY DA 374 95.17 -7.86 7.35
C GLY DA 374 95.57 -8.04 5.91
N ARG DA 375 96.87 -8.01 5.60
CA ARG DA 375 97.31 -8.31 4.25
C ARG DA 375 97.08 -9.77 3.91
N GLN DA 376 97.29 -10.66 4.87
CA GLN DA 376 96.95 -12.07 4.77
C GLN DA 376 95.96 -12.41 5.86
N THR DA 377 95.54 -13.66 5.89
CA THR DA 377 94.65 -14.15 6.94
C THR DA 377 95.50 -14.75 8.07
N VAL DA 378 94.87 -15.50 8.97
CA VAL DA 378 95.59 -16.18 10.04
C VAL DA 378 96.45 -17.30 9.47
N ASP DA 379 95.82 -18.23 8.75
CA ASP DA 379 96.52 -19.40 8.26
C ASP DA 379 97.59 -19.04 7.24
N GLU DA 380 97.31 -18.05 6.38
CA GLU DA 380 98.30 -17.63 5.39
C GLU DA 380 99.55 -17.10 6.05
N ALA DA 381 99.40 -16.21 7.04
CA ALA DA 381 100.54 -15.64 7.74
C ALA DA 381 101.31 -16.71 8.51
N LEU DA 382 100.59 -17.62 9.17
CA LEU DA 382 101.30 -18.59 10.00
C LEU DA 382 102.03 -19.64 9.16
N LYS DA 383 101.45 -20.06 8.03
CA LYS DA 383 102.20 -21.00 7.19
C LYS DA 383 103.26 -20.30 6.36
N ASP DA 384 103.17 -18.99 6.17
CA ASP DA 384 104.29 -18.26 5.59
C ASP DA 384 105.43 -18.17 6.59
N ALA DA 385 105.12 -18.01 7.87
CA ALA DA 385 106.14 -18.06 8.90
C ALA DA 385 106.63 -19.48 9.16
N GLN DA 386 105.88 -20.49 8.69
CA GLN DA 386 106.28 -21.88 8.92
C GLN DA 386 107.55 -22.24 8.16
N THR DA 387 107.57 -21.96 6.85
CA THR DA 387 108.73 -22.26 6.04
C THR DA 387 109.84 -21.24 6.27
N SER EA 35 18.75 27.41 -89.19
CA SER EA 35 18.14 28.68 -88.84
C SER EA 35 17.22 29.17 -89.96
N GLU EA 36 16.58 28.22 -90.65
CA GLU EA 36 15.60 28.56 -91.67
C GLU EA 36 14.39 29.26 -91.07
N LEU EA 37 14.05 28.95 -89.82
CA LEU EA 37 13.05 29.69 -89.06
C LEU EA 37 13.65 30.33 -87.82
N GLY EA 38 14.98 30.37 -87.71
CA GLY EA 38 15.60 30.90 -86.52
C GLY EA 38 15.50 32.41 -86.42
N LYS EA 39 15.74 33.10 -87.53
CA LYS EA 39 15.50 34.55 -87.54
C LYS EA 39 14.02 34.86 -87.49
N GLU EA 40 13.19 33.94 -88.00
CA GLU EA 40 11.74 34.06 -87.80
C GLU EA 40 11.38 33.92 -86.32
N LEU EA 41 12.22 33.24 -85.54
CA LEU EA 41 12.05 33.26 -84.09
C LEU EA 41 12.63 34.52 -83.48
N LEU EA 42 13.72 35.04 -84.06
CA LEU EA 42 14.34 36.26 -83.54
C LEU EA 42 13.40 37.46 -83.66
N GLU EA 43 12.68 37.55 -84.77
CA GLU EA 43 11.78 38.69 -84.95
C GLU EA 43 10.60 38.63 -83.98
N ALA EA 44 10.07 37.42 -83.72
CA ALA EA 44 8.98 37.31 -82.77
C ALA EA 44 9.47 37.48 -81.34
N ALA EA 45 10.73 37.13 -81.08
CA ALA EA 45 11.29 37.36 -79.75
C ALA EA 45 11.52 38.85 -79.50
N ARG EA 46 11.94 39.57 -80.54
CA ARG EA 46 12.04 41.02 -80.44
C ARG EA 46 10.66 41.67 -80.31
N ALA EA 47 9.64 41.08 -80.94
CA ALA EA 47 8.34 41.73 -81.04
C ALA EA 47 7.28 41.16 -80.10
N GLY EA 48 7.42 39.91 -79.66
CA GLY EA 48 6.47 39.35 -78.72
C GLY EA 48 5.13 38.93 -79.32
N GLN EA 49 5.15 37.87 -80.14
CA GLN EA 49 3.93 37.26 -80.67
C GLN EA 49 3.88 35.80 -80.22
N ASP EA 50 2.95 35.50 -79.30
CA ASP EA 50 2.75 34.11 -78.89
C ASP EA 50 2.19 33.27 -80.01
N ASP EA 51 1.37 33.87 -80.88
CA ASP EA 51 0.82 33.14 -82.01
C ASP EA 51 1.90 32.78 -83.03
N GLU EA 52 2.83 33.70 -83.29
CA GLU EA 52 3.89 33.42 -84.25
C GLU EA 52 4.78 32.28 -83.77
N VAL EA 53 5.18 32.31 -82.50
CA VAL EA 53 6.02 31.24 -81.98
C VAL EA 53 5.23 29.94 -81.82
N ARG EA 54 3.92 30.02 -81.59
CA ARG EA 54 3.10 28.81 -81.56
C ARG EA 54 3.05 28.15 -82.93
N ILE EA 55 2.94 28.95 -83.99
CA ILE EA 55 2.95 28.39 -85.34
C ILE EA 55 4.34 27.88 -85.71
N LEU EA 56 5.39 28.58 -85.27
CA LEU EA 56 6.75 28.13 -85.57
C LEU EA 56 7.09 26.84 -84.84
N MET EA 57 6.57 26.64 -83.64
CA MET EA 57 6.68 25.35 -82.98
C MET EA 57 5.74 24.30 -83.57
N ALA EA 58 4.66 24.73 -84.22
CA ALA EA 58 3.87 23.79 -84.99
C ALA EA 58 4.63 23.33 -86.24
N ARG EA 59 5.49 24.18 -86.77
CA ARG EA 59 6.36 23.83 -87.89
C ARG EA 59 7.71 23.31 -87.43
N GLY EA 60 7.97 23.27 -86.13
CA GLY EA 60 9.22 22.74 -85.60
C GLY EA 60 10.41 23.65 -85.82
N ALA EA 61 10.26 24.93 -85.49
CA ALA EA 61 11.38 25.85 -85.62
C ALA EA 61 12.43 25.58 -84.56
N GLU EA 62 13.70 25.72 -84.95
CA GLU EA 62 14.79 25.44 -84.04
C GLU EA 62 14.90 26.54 -82.98
N VAL EA 63 15.13 26.12 -81.73
CA VAL EA 63 15.11 27.05 -80.60
C VAL EA 63 16.48 27.57 -80.21
N ASN EA 64 17.55 26.97 -80.72
CA ASN EA 64 18.92 27.36 -80.34
C ASN EA 64 19.57 28.20 -81.43
N ALA EA 65 18.81 29.12 -82.02
CA ALA EA 65 19.31 29.94 -83.13
C ALA EA 65 20.20 31.04 -82.59
N ALA EA 66 21.51 30.85 -82.70
CA ALA EA 66 22.48 31.84 -82.25
C ALA EA 66 22.90 32.72 -83.43
N ASP EA 67 22.98 34.03 -83.18
CA ASP EA 67 23.45 34.97 -84.17
C ASP EA 67 24.98 35.06 -84.09
N ASN EA 68 25.56 36.06 -84.76
CA ASN EA 68 27.00 36.20 -84.77
C ASN EA 68 27.57 36.59 -83.41
N THR EA 69 26.76 37.18 -82.54
CA THR EA 69 27.21 37.60 -81.21
C THR EA 69 26.64 36.75 -80.10
N GLY EA 70 25.98 35.64 -80.43
CA GLY EA 70 25.52 34.70 -79.43
C GLY EA 70 24.13 34.93 -78.89
N THR EA 71 23.38 35.89 -79.44
CA THR EA 71 22.09 36.24 -78.89
C THR EA 71 21.04 35.23 -79.35
N THR EA 72 20.43 34.55 -78.41
CA THR EA 72 19.46 33.50 -78.68
C THR EA 72 18.05 34.07 -78.68
N PRO EA 73 17.06 33.31 -79.15
CA PRO EA 73 15.67 33.75 -78.96
C PRO EA 73 15.28 33.88 -77.50
N LEU EA 74 15.88 33.06 -76.63
CA LEU EA 74 15.62 33.19 -75.20
C LEU EA 74 16.16 34.51 -74.66
N HIS EA 75 17.28 34.99 -75.18
CA HIS EA 75 17.83 36.26 -74.73
C HIS EA 75 16.87 37.41 -75.03
N LEU EA 76 16.36 37.45 -76.25
CA LEU EA 76 15.42 38.52 -76.60
C LEU EA 76 14.09 38.35 -75.89
N ALA EA 77 13.68 37.09 -75.66
CA ALA EA 77 12.46 36.85 -74.90
C ALA EA 77 12.59 37.37 -73.47
N ALA EA 78 13.79 37.24 -72.90
CA ALA EA 78 14.03 37.76 -71.55
C ALA EA 78 14.12 39.27 -71.55
N TYR EA 79 14.87 39.83 -72.50
CA TYR EA 79 15.01 41.29 -72.60
C TYR EA 79 13.68 41.98 -72.84
N SER EA 80 12.76 41.32 -73.54
CA SER EA 80 11.48 41.94 -73.86
C SER EA 80 10.54 41.93 -72.66
N GLY EA 81 10.47 40.80 -71.94
CA GLY EA 81 9.62 40.73 -70.78
C GLY EA 81 8.26 40.10 -71.01
N HIS EA 82 8.13 39.22 -71.99
CA HIS EA 82 6.91 38.45 -72.21
C HIS EA 82 7.17 37.03 -71.74
N LEU EA 83 6.45 36.59 -70.71
CA LEU EA 83 6.74 35.32 -70.08
C LEU EA 83 6.33 34.12 -70.93
N GLU EA 84 5.37 34.28 -71.83
CA GLU EA 84 4.83 33.14 -72.57
C GLU EA 84 5.83 32.58 -73.57
N ILE EA 85 6.51 33.46 -74.29
CA ILE EA 85 7.51 33.00 -75.25
C ILE EA 85 8.69 32.34 -74.53
N VAL EA 86 9.05 32.85 -73.36
CA VAL EA 86 10.08 32.20 -72.55
C VAL EA 86 9.61 30.81 -72.12
N GLU EA 87 8.35 30.70 -71.69
CA GLU EA 87 7.82 29.42 -71.23
C GLU EA 87 7.84 28.39 -72.35
N VAL EA 88 7.40 28.78 -73.55
CA VAL EA 88 7.35 27.79 -74.62
C VAL EA 88 8.76 27.48 -75.15
N LEU EA 89 9.67 28.46 -75.12
CA LEU EA 89 11.06 28.20 -75.49
C LEU EA 89 11.69 27.18 -74.54
N LEU EA 90 11.39 27.30 -73.25
CA LEU EA 90 11.88 26.30 -72.30
C LEU EA 90 11.11 24.98 -72.43
N LYS EA 91 9.88 25.02 -72.93
CA LYS EA 91 9.15 23.79 -73.19
C LYS EA 91 9.77 23.01 -74.34
N TYR EA 92 10.33 23.70 -75.32
CA TYR EA 92 10.99 23.03 -76.43
C TYR EA 92 12.50 22.89 -76.22
N GLY EA 93 12.99 23.16 -75.02
CA GLY EA 93 14.36 22.82 -74.68
C GLY EA 93 15.40 23.86 -75.06
N ALA EA 94 15.08 25.14 -74.94
CA ALA EA 94 16.07 26.17 -75.16
C ALA EA 94 17.10 26.17 -74.05
N GLU EA 95 18.30 26.64 -74.36
CA GLU EA 95 19.38 26.62 -73.39
C GLU EA 95 19.21 27.75 -72.39
N VAL EA 96 19.18 27.38 -71.10
CA VAL EA 96 18.94 28.37 -70.05
C VAL EA 96 20.20 29.14 -69.70
N ASN EA 97 21.38 28.58 -69.96
CA ASN EA 97 22.65 29.14 -69.53
C ASN EA 97 23.53 29.47 -70.73
N ALA EA 98 22.94 29.98 -71.79
CA ALA EA 98 23.68 30.33 -73.00
C ALA EA 98 24.34 31.67 -72.82
N ALA EA 99 25.67 31.68 -72.82
CA ALA EA 99 26.43 32.92 -72.67
C ALA EA 99 26.70 33.55 -74.03
N ASP EA 100 26.62 34.87 -74.10
CA ASP EA 100 26.93 35.62 -75.30
C ASP EA 100 28.43 35.89 -75.36
N VAL EA 101 28.84 36.78 -76.28
CA VAL EA 101 30.25 37.17 -76.35
C VAL EA 101 30.65 38.11 -75.24
N PHE EA 102 29.67 38.66 -74.51
CA PHE EA 102 29.95 39.50 -73.34
C PHE EA 102 29.75 38.77 -72.03
N GLY EA 103 29.25 37.54 -72.05
CA GLY EA 103 29.07 36.75 -70.86
C GLY EA 103 27.67 36.75 -70.29
N TYR EA 104 26.78 37.59 -70.82
CA TYR EA 104 25.43 37.66 -70.27
C TYR EA 104 24.62 36.43 -70.65
N THR EA 105 23.83 35.96 -69.70
CA THR EA 105 22.82 34.94 -69.87
C THR EA 105 21.45 35.60 -69.86
N PRO EA 106 20.37 34.85 -70.13
CA PRO EA 106 19.04 35.44 -69.95
C PRO EA 106 18.75 35.89 -68.53
N LEU EA 107 19.36 35.25 -67.53
CA LEU EA 107 19.15 35.68 -66.14
C LEU EA 107 19.76 37.05 -65.91
N HIS EA 108 20.92 37.33 -66.49
CA HIS EA 108 21.54 38.65 -66.38
C HIS EA 108 20.63 39.74 -66.91
N LEU EA 109 20.17 39.58 -68.15
CA LEU EA 109 19.30 40.59 -68.75
C LEU EA 109 17.98 40.70 -68.03
N ALA EA 110 17.45 39.59 -67.52
CA ALA EA 110 16.21 39.64 -66.77
C ALA EA 110 16.39 40.42 -65.47
N ALA EA 111 17.55 40.25 -64.82
CA ALA EA 111 17.81 40.98 -63.58
C ALA EA 111 18.08 42.45 -63.85
N TYR EA 112 18.66 42.78 -65.00
CA TYR EA 112 18.89 44.18 -65.34
C TYR EA 112 17.59 44.94 -65.50
N TRP EA 113 16.66 44.40 -66.27
CA TRP EA 113 15.45 45.13 -66.63
C TRP EA 113 14.33 44.96 -65.63
N GLY EA 114 14.51 44.14 -64.60
CA GLY EA 114 13.54 44.07 -63.54
C GLY EA 114 12.28 43.32 -63.90
N HIS EA 115 12.43 42.11 -64.41
CA HIS EA 115 11.30 41.25 -64.76
C HIS EA 115 11.31 40.07 -63.79
N LEU EA 116 10.38 40.08 -62.84
CA LEU EA 116 10.45 39.16 -61.72
C LEU EA 116 10.07 37.74 -62.14
N GLU EA 117 8.96 37.59 -62.86
CA GLU EA 117 8.44 36.27 -63.19
C GLU EA 117 9.39 35.48 -64.07
N ILE EA 118 10.08 36.15 -65.00
CA ILE EA 118 10.98 35.38 -65.84
C ILE EA 118 12.24 35.02 -65.08
N VAL EA 119 12.65 35.85 -64.12
CA VAL EA 119 13.74 35.48 -63.22
C VAL EA 119 13.37 34.22 -62.45
N GLU EA 120 12.14 34.18 -61.93
CA GLU EA 120 11.67 33.02 -61.18
C GLU EA 120 11.65 31.77 -62.04
N VAL EA 121 11.11 31.85 -63.27
CA VAL EA 121 11.03 30.63 -64.06
C VAL EA 121 12.38 30.22 -64.65
N LEU EA 122 13.30 31.16 -64.83
CA LEU EA 122 14.66 30.77 -65.22
C LEU EA 122 15.34 30.03 -64.08
N LEU EA 123 15.21 30.53 -62.85
CA LEU EA 123 15.75 29.81 -61.70
C LEU EA 123 15.06 28.46 -61.51
N LYS EA 124 13.79 28.37 -61.88
CA LYS EA 124 13.05 27.12 -61.78
C LYS EA 124 13.51 26.10 -62.79
N ASN EA 125 14.16 26.53 -63.87
CA ASN EA 125 14.62 25.63 -64.92
C ASN EA 125 16.12 25.41 -64.89
N GLY EA 126 16.77 25.73 -63.78
CA GLY EA 126 18.17 25.44 -63.62
C GLY EA 126 19.12 26.49 -64.14
N ALA EA 127 18.76 27.77 -63.99
CA ALA EA 127 19.69 28.83 -64.32
C ALA EA 127 20.72 28.99 -63.20
N ASP EA 128 21.97 29.18 -63.59
CA ASP EA 128 23.05 29.29 -62.62
C ASP EA 128 22.99 30.65 -61.95
N VAL EA 129 22.82 30.67 -60.63
CA VAL EA 129 22.54 31.91 -59.93
C VAL EA 129 23.80 32.74 -59.72
N ASN EA 130 24.98 32.14 -59.81
CA ASN EA 130 26.24 32.84 -59.60
C ASN EA 130 27.03 32.95 -60.90
N ALA EA 131 26.33 33.20 -62.01
CA ALA EA 131 26.99 33.32 -63.30
C ALA EA 131 27.71 34.66 -63.41
N ARG EA 132 28.97 34.62 -63.81
CA ARG EA 132 29.77 35.82 -63.98
C ARG EA 132 29.78 36.25 -65.44
N ASP EA 133 29.80 37.56 -65.66
CA ASP EA 133 29.92 38.10 -67.00
C ASP EA 133 31.39 38.37 -67.30
N SER EA 134 31.65 39.17 -68.35
CA SER EA 134 33.00 39.61 -68.63
C SER EA 134 33.58 40.45 -67.50
N ASP EA 135 32.74 41.19 -66.79
CA ASP EA 135 33.17 41.99 -65.66
C ASP EA 135 33.20 41.22 -64.35
N GLY EA 136 32.77 39.97 -64.35
CA GLY EA 136 32.62 39.24 -63.12
C GLY EA 136 31.40 39.61 -62.31
N MET EA 137 30.46 40.34 -62.90
CA MET EA 137 29.27 40.78 -62.19
C MET EA 137 28.18 39.73 -62.31
N THR EA 138 27.76 39.21 -61.16
CA THR EA 138 26.68 38.25 -61.08
C THR EA 138 25.35 38.99 -61.28
N PRO EA 139 24.25 38.26 -61.51
CA PRO EA 139 22.94 38.93 -61.57
C PRO EA 139 22.59 39.67 -60.28
N LEU EA 140 23.07 39.20 -59.14
CA LEU EA 140 22.83 39.90 -57.88
C LEU EA 140 23.50 41.28 -57.88
N HIS EA 141 24.68 41.38 -58.48
CA HIS EA 141 25.31 42.69 -58.67
C HIS EA 141 24.38 43.64 -59.41
N LEU EA 142 23.76 43.16 -60.48
CA LEU EA 142 22.89 44.01 -61.29
C LEU EA 142 21.65 44.42 -60.51
N ALA EA 143 20.99 43.45 -59.88
CA ALA EA 143 19.76 43.75 -59.14
C ALA EA 143 20.02 44.64 -57.93
N ALA EA 144 21.22 44.58 -57.34
CA ALA EA 144 21.55 45.50 -56.26
C ALA EA 144 21.93 46.87 -56.79
N LYS EA 145 22.55 46.92 -57.96
CA LYS EA 145 22.94 48.19 -58.55
C LYS EA 145 21.74 48.97 -59.04
N TRP EA 146 20.66 48.30 -59.42
CA TRP EA 146 19.51 49.01 -59.96
C TRP EA 146 18.35 49.16 -58.99
N GLY EA 147 18.35 48.44 -57.87
CA GLY EA 147 17.37 48.67 -56.84
C GLY EA 147 16.11 47.84 -56.92
N HIS EA 148 16.19 46.60 -57.37
CA HIS EA 148 15.04 45.70 -57.45
C HIS EA 148 15.05 44.79 -56.24
N LEU EA 149 14.13 45.02 -55.30
CA LEU EA 149 14.13 44.25 -54.06
C LEU EA 149 13.75 42.80 -54.28
N GLU EA 150 12.61 42.57 -54.95
CA GLU EA 150 12.07 41.22 -55.05
C GLU EA 150 12.99 40.30 -55.84
N ILE EA 151 13.67 40.84 -56.85
CA ILE EA 151 14.66 40.06 -57.56
C ILE EA 151 15.81 39.68 -56.65
N VAL EA 152 16.27 40.63 -55.83
CA VAL EA 152 17.33 40.35 -54.86
C VAL EA 152 16.92 39.23 -53.91
N GLU EA 153 15.68 39.26 -53.45
CA GLU EA 153 15.24 38.27 -52.48
C GLU EA 153 15.09 36.89 -53.11
N VAL EA 154 14.52 36.82 -54.31
CA VAL EA 154 14.43 35.54 -55.00
C VAL EA 154 15.81 34.99 -55.35
N LEU EA 155 16.76 35.86 -55.66
CA LEU EA 155 18.11 35.40 -55.94
C LEU EA 155 18.79 34.91 -54.67
N LEU EA 156 18.54 35.56 -53.54
CA LEU EA 156 19.10 35.11 -52.28
C LEU EA 156 18.51 33.78 -51.86
N ARG EA 157 17.25 33.53 -52.20
CA ARG EA 157 16.63 32.25 -51.87
C ARG EA 157 17.31 31.09 -52.57
N TYR EA 158 17.85 31.30 -53.75
CA TYR EA 158 18.42 30.23 -54.54
C TYR EA 158 19.92 30.09 -54.37
N GLY EA 159 20.52 30.84 -53.45
CA GLY EA 159 21.91 30.68 -53.11
C GLY EA 159 22.88 31.62 -53.77
N ALA EA 160 22.47 32.86 -54.04
CA ALA EA 160 23.39 33.83 -54.62
C ALA EA 160 24.47 34.21 -53.63
N ASP EA 161 25.70 34.35 -54.12
CA ASP EA 161 26.83 34.64 -53.27
C ASP EA 161 26.83 36.11 -52.87
N VAL EA 162 26.83 36.36 -51.56
CA VAL EA 162 26.82 37.73 -51.06
C VAL EA 162 28.19 38.36 -51.22
N GLU EA 163 29.25 37.56 -51.26
CA GLU EA 163 30.62 38.06 -51.19
C GLU EA 163 31.31 38.05 -52.55
N ALA EA 164 30.56 37.92 -53.64
CA ALA EA 164 31.16 37.94 -54.97
C ALA EA 164 31.66 39.34 -55.31
N GLN EA 165 32.91 39.42 -55.77
CA GLN EA 165 33.51 40.68 -56.17
C GLN EA 165 33.69 40.72 -57.68
N ASP EA 166 33.54 41.90 -58.26
CA ASP EA 166 33.73 42.10 -59.69
C ASP EA 166 35.18 42.51 -59.94
N LYS EA 167 35.47 43.02 -61.14
CA LYS EA 167 36.84 43.39 -61.48
C LYS EA 167 37.37 44.54 -60.64
N PHE EA 168 36.48 45.38 -60.09
CA PHE EA 168 36.89 46.48 -59.24
C PHE EA 168 36.97 46.08 -57.77
N GLY EA 169 36.63 44.84 -57.43
CA GLY EA 169 36.56 44.46 -56.05
C GLY EA 169 35.32 44.94 -55.33
N LYS EA 170 34.21 45.05 -56.04
CA LYS EA 170 32.96 45.52 -55.47
C LYS EA 170 32.03 44.34 -55.21
N THR EA 171 31.49 44.27 -54.01
CA THR EA 171 30.41 43.35 -53.68
C THR EA 171 29.08 44.00 -54.00
N PRO EA 172 28.00 43.23 -54.08
CA PRO EA 172 26.67 43.85 -54.29
C PRO EA 172 26.29 44.84 -53.19
N PHE EA 173 26.81 44.65 -51.98
CA PHE EA 173 26.58 45.63 -50.91
C PHE EA 173 27.19 46.98 -51.27
N ASP EA 174 28.38 46.96 -51.88
CA ASP EA 174 29.02 48.20 -52.30
C ASP EA 174 28.23 48.88 -53.41
N LEU EA 175 27.75 48.11 -54.38
CA LEU EA 175 26.97 48.70 -55.46
C LEU EA 175 25.63 49.21 -54.96
N ALA EA 176 25.11 48.63 -53.88
CA ALA EA 176 23.85 49.12 -53.34
C ALA EA 176 24.04 50.38 -52.51
N ILE EA 177 25.18 50.52 -51.82
CA ILE EA 177 25.38 51.77 -51.10
C ILE EA 177 25.80 52.89 -52.04
N ASP EA 178 26.48 52.56 -53.14
CA ASP EA 178 26.91 53.60 -54.07
C ASP EA 178 25.76 54.20 -54.85
N ASN EA 179 24.65 53.48 -54.97
CA ASN EA 179 23.50 53.97 -55.73
C ASN EA 179 22.30 54.29 -54.84
N GLY EA 180 22.49 54.32 -53.53
CA GLY EA 180 21.44 54.78 -52.65
C GLY EA 180 20.33 53.80 -52.35
N ASN EA 181 20.56 52.51 -52.59
CA ASN EA 181 19.55 51.49 -52.29
C ASN EA 181 19.80 50.97 -50.88
N GLU EA 182 19.30 51.71 -49.90
CA GLU EA 182 19.69 51.47 -48.52
C GLU EA 182 19.02 50.23 -47.92
N ASP EA 183 17.80 49.91 -48.34
CA ASP EA 183 17.15 48.71 -47.81
C ASP EA 183 17.79 47.44 -48.33
N ILE EA 184 18.22 47.45 -49.59
CA ILE EA 184 18.99 46.32 -50.13
C ILE EA 184 20.25 46.11 -49.32
N ALA EA 185 20.97 47.20 -49.05
CA ALA EA 185 22.21 47.12 -48.28
C ALA EA 185 21.94 46.63 -46.86
N GLU EA 186 20.81 47.02 -46.28
CA GLU EA 186 20.45 46.53 -44.95
C GLU EA 186 20.26 45.02 -44.94
N VAL EA 187 19.50 44.51 -45.91
CA VAL EA 187 19.28 43.07 -46.03
C VAL EA 187 20.60 42.34 -46.21
N LEU EA 188 21.44 42.85 -47.11
CA LEU EA 188 22.71 42.20 -47.42
C LEU EA 188 23.67 42.24 -46.24
N GLN EA 189 23.59 43.27 -45.41
CA GLN EA 189 24.50 43.36 -44.29
C GLN EA 189 24.06 42.46 -43.14
N ALA EA 190 22.77 42.43 -42.85
CA ALA EA 190 22.26 41.59 -41.77
C ALA EA 190 22.47 40.11 -42.07
N LEU EA 191 22.29 39.71 -43.33
CA LEU EA 191 22.46 38.30 -43.67
C LEU EA 191 23.89 37.83 -43.43
N LEU EA 192 24.85 38.62 -43.90
CA LEU EA 192 26.26 38.30 -43.72
C LEU EA 192 26.63 38.25 -42.24
N ALA EA 193 26.07 39.16 -41.44
CA ALA EA 193 26.43 39.22 -40.04
C ALA EA 193 25.91 38.00 -39.28
N ILE EA 194 24.69 37.55 -39.59
CA ILE EA 194 24.18 36.37 -38.91
C ILE EA 194 24.93 35.11 -39.34
N ASN EA 195 25.33 35.03 -40.62
CA ASN EA 195 26.09 33.85 -41.03
C ASN EA 195 27.46 33.81 -40.37
N ARG EA 196 28.09 34.98 -40.21
CA ARG EA 196 29.37 35.01 -39.51
C ARG EA 196 29.22 34.66 -38.04
N GLN EA 197 28.11 35.03 -37.41
CA GLN EA 197 27.93 34.62 -36.02
C GLN EA 197 27.71 33.12 -35.89
N ILE EA 198 27.04 32.50 -36.88
CA ILE EA 198 26.90 31.04 -36.87
C ILE EA 198 28.28 30.38 -36.96
N ASN EA 199 29.12 30.85 -37.89
CA ASN EA 199 30.44 30.27 -38.00
C ASN EA 199 31.28 30.50 -36.75
N LEU EA 200 31.11 31.64 -36.09
CA LEU EA 200 31.88 31.91 -34.89
C LEU EA 200 31.44 31.05 -33.72
N GLU EA 201 30.16 30.73 -33.61
CA GLU EA 201 29.74 29.79 -32.58
C GLU EA 201 30.22 28.38 -32.88
N LEU EA 202 30.26 27.98 -34.15
CA LEU EA 202 30.81 26.67 -34.47
C LEU EA 202 32.30 26.59 -34.20
N TYR EA 203 33.02 27.70 -34.37
CA TYR EA 203 34.44 27.72 -34.09
C TYR EA 203 34.73 27.49 -32.62
N ALA EA 204 33.98 28.16 -31.75
CA ALA EA 204 34.25 28.10 -30.32
C ALA EA 204 34.00 26.72 -29.73
N SER EA 205 33.12 25.93 -30.35
CA SER EA 205 32.84 24.59 -29.87
C SER EA 205 34.01 23.66 -30.09
N TYR EA 206 34.75 23.89 -31.18
CA TYR EA 206 35.89 23.08 -31.58
C TYR EA 206 37.13 23.41 -30.75
N VAL EA 207 37.27 24.67 -30.32
CA VAL EA 207 38.31 25.05 -29.39
C VAL EA 207 38.11 24.36 -28.05
N TYR EA 208 36.88 24.30 -27.59
CA TYR EA 208 36.59 23.61 -26.33
C TYR EA 208 36.79 22.12 -26.45
N LEU EA 209 36.51 21.54 -27.61
CA LEU EA 209 36.82 20.13 -27.82
C LEU EA 209 38.32 19.86 -27.73
N SER EA 210 39.12 20.71 -28.35
CA SER EA 210 40.57 20.62 -28.25
C SER EA 210 41.01 20.69 -26.79
N MET EA 211 40.54 21.71 -26.07
CA MET EA 211 40.90 21.90 -24.67
C MET EA 211 40.52 20.70 -23.83
N SER EA 212 39.33 20.15 -24.05
CA SER EA 212 38.87 19.01 -23.25
C SER EA 212 39.76 17.80 -23.46
N TYR EA 213 40.09 17.48 -24.71
CA TYR EA 213 40.92 16.29 -24.90
C TYR EA 213 42.39 16.54 -24.65
N TYR EA 214 42.80 17.78 -24.38
CA TYR EA 214 44.14 17.98 -23.86
C TYR EA 214 44.26 17.53 -22.41
N PHE EA 215 43.20 17.67 -21.63
CA PHE EA 215 43.25 17.48 -20.20
C PHE EA 215 43.05 16.04 -19.76
N ASP EA 216 42.93 15.10 -20.69
CA ASP EA 216 42.94 13.71 -20.29
C ASP EA 216 44.06 12.92 -20.97
N ARG EA 217 45.08 13.61 -21.48
CA ARG EA 217 46.32 12.95 -21.81
C ARG EA 217 46.93 12.36 -20.55
N ASP EA 218 47.73 11.30 -20.71
CA ASP EA 218 48.27 10.63 -19.53
C ASP EA 218 49.30 11.45 -18.78
N ASP EA 219 49.85 12.49 -19.39
CA ASP EA 219 50.72 13.42 -18.67
C ASP EA 219 50.00 14.68 -18.23
N VAL EA 220 48.71 14.82 -18.53
CA VAL EA 220 47.86 15.87 -17.95
C VAL EA 220 46.63 15.14 -17.41
N ALA EA 221 46.71 14.69 -16.18
CA ALA EA 221 45.68 13.79 -15.67
C ALA EA 221 44.65 14.54 -14.81
N LEU EA 222 43.91 15.44 -15.45
CA LEU EA 222 42.91 16.24 -14.75
C LEU EA 222 41.53 15.99 -15.37
N LYS EA 223 40.74 15.13 -14.73
CA LYS EA 223 39.49 14.62 -15.32
C LYS EA 223 38.37 15.65 -15.29
N ASN EA 224 38.35 16.51 -14.28
CA ASN EA 224 37.25 17.43 -14.13
C ASN EA 224 37.41 18.66 -15.02
N PHE EA 225 38.65 19.05 -15.30
CA PHE EA 225 38.92 20.03 -16.35
C PHE EA 225 38.39 19.54 -17.69
N ALA EA 226 38.68 18.29 -18.04
CA ALA EA 226 38.24 17.72 -19.30
C ALA EA 226 36.72 17.65 -19.37
N LYS EA 227 36.08 17.28 -18.28
CA LYS EA 227 34.64 17.21 -18.22
C LYS EA 227 34.00 18.59 -18.39
N TYR EA 228 34.57 19.59 -17.73
CA TYR EA 228 34.10 20.98 -17.85
C TYR EA 228 34.16 21.47 -19.29
N PHE EA 229 35.27 21.24 -19.95
CA PHE EA 229 35.41 21.76 -21.31
C PHE EA 229 34.59 20.99 -22.33
N LEU EA 230 34.30 19.71 -22.08
CA LEU EA 230 33.35 19.02 -22.95
C LEU EA 230 31.94 19.59 -22.81
N HIS EA 231 31.56 19.94 -21.58
CA HIS EA 231 30.27 20.59 -21.37
C HIS EA 231 30.17 21.90 -22.14
N GLN EA 232 31.23 22.72 -22.10
CA GLN EA 232 31.21 23.98 -22.84
C GLN EA 232 31.11 23.75 -24.34
N SER EA 233 31.80 22.73 -24.86
CA SER EA 233 31.74 22.40 -26.28
C SER EA 233 30.30 22.14 -26.72
N HIS EA 234 29.57 21.33 -25.94
CA HIS EA 234 28.20 21.02 -26.34
C HIS EA 234 27.26 22.22 -26.20
N GLU EA 235 27.50 23.09 -25.21
CA GLU EA 235 26.70 24.29 -25.10
C GLU EA 235 26.86 25.22 -26.31
N GLU EA 236 28.09 25.35 -26.81
CA GLU EA 236 28.29 26.20 -27.97
C GLU EA 236 27.67 25.61 -29.23
N ARG EA 237 27.69 24.28 -29.35
CA ARG EA 237 26.97 23.64 -30.45
C ARG EA 237 25.47 23.98 -30.40
N GLU EA 238 24.90 24.01 -29.20
CA GLU EA 238 23.51 24.40 -29.05
C GLU EA 238 23.26 25.87 -29.43
N HIS EA 239 24.19 26.76 -29.08
CA HIS EA 239 24.05 28.17 -29.46
C HIS EA 239 23.99 28.33 -30.98
N ALA EA 240 24.88 27.64 -31.68
CA ALA EA 240 24.89 27.72 -33.14
C ALA EA 240 23.60 27.18 -33.74
N GLU EA 241 23.09 26.08 -33.19
CA GLU EA 241 21.85 25.52 -33.71
C GLU EA 241 20.65 26.45 -33.48
N LYS EA 242 20.64 27.16 -32.36
CA LYS EA 242 19.58 28.16 -32.13
C LYS EA 242 19.64 29.27 -33.17
N LEU EA 243 20.83 29.73 -33.51
CA LEU EA 243 20.91 30.78 -34.54
C LEU EA 243 20.45 30.26 -35.89
N MET EA 244 20.74 28.99 -36.19
CA MET EA 244 20.28 28.40 -37.45
C MET EA 244 18.76 28.29 -37.49
N LYS EA 245 18.14 27.91 -36.38
CA LYS EA 245 16.68 27.84 -36.34
C LYS EA 245 16.05 29.22 -36.51
N LEU EA 246 16.62 30.24 -35.86
CA LEU EA 246 16.13 31.60 -36.04
C LEU EA 246 16.21 32.04 -37.49
N GLN EA 247 17.34 31.78 -38.13
CA GLN EA 247 17.48 32.16 -39.53
C GLN EA 247 16.49 31.44 -40.42
N ASN EA 248 16.12 30.21 -40.08
CA ASN EA 248 15.10 29.52 -40.88
C ASN EA 248 13.70 30.07 -40.63
N GLN EA 249 13.41 30.57 -39.43
CA GLN EA 249 12.08 31.15 -39.19
C GLN EA 249 11.86 32.46 -39.93
N ARG EA 250 12.91 33.23 -40.17
CA ARG EA 250 12.77 34.51 -40.84
C ARG EA 250 12.72 34.40 -42.35
N GLY EA 251 13.02 33.23 -42.91
CA GLY EA 251 13.10 33.09 -44.34
C GLY EA 251 14.42 33.49 -44.94
N GLY EA 252 15.48 33.58 -44.14
CA GLY EA 252 16.80 33.87 -44.64
C GLY EA 252 17.53 32.62 -45.08
N ALA EA 253 18.72 32.83 -45.62
CA ALA EA 253 19.49 31.76 -46.27
C ALA EA 253 20.72 31.45 -45.44
N ILE EA 254 20.73 30.27 -44.80
CA ILE EA 254 21.92 29.79 -44.14
C ILE EA 254 22.98 29.47 -45.17
N SER EA 255 24.22 29.85 -44.86
CA SER EA 255 25.36 29.63 -45.76
C SER EA 255 26.56 29.29 -44.90
N LEU EA 256 27.03 28.05 -44.98
CA LEU EA 256 28.07 27.54 -44.10
C LEU EA 256 29.44 27.65 -44.74
N GLN EA 257 30.45 27.85 -43.90
CA GLN EA 257 31.84 27.99 -44.31
C GLN EA 257 32.69 26.97 -43.58
N ASP EA 258 33.99 26.97 -43.87
CA ASP EA 258 34.92 26.12 -43.16
C ASP EA 258 35.01 26.52 -41.70
N ILE EA 259 35.26 25.53 -40.85
CA ILE EA 259 35.58 25.75 -39.45
C ILE EA 259 37.07 25.53 -39.29
N LYS EA 260 37.79 26.56 -38.89
CA LYS EA 260 39.23 26.49 -38.82
C LYS EA 260 39.69 25.86 -37.51
N LYS EA 261 40.92 25.32 -37.56
CA LYS EA 261 41.46 24.60 -36.39
C LYS EA 261 41.82 25.56 -35.28
N PRO EA 262 41.74 25.13 -34.02
CA PRO EA 262 42.15 25.98 -32.90
C PRO EA 262 43.61 26.40 -32.99
N ASP EA 263 43.96 27.40 -32.19
CA ASP EA 263 45.30 27.98 -32.26
C ASP EA 263 46.37 27.08 -31.68
N CYS EA 264 46.04 26.29 -30.66
CA CYS EA 264 46.96 25.36 -30.07
C CYS EA 264 46.41 23.95 -30.13
N ASP EA 265 47.33 23.00 -30.23
CA ASP EA 265 47.06 21.64 -29.79
C ASP EA 265 47.48 21.43 -28.35
N ASP EA 266 48.49 22.16 -27.89
CA ASP EA 266 49.03 22.01 -26.54
C ASP EA 266 48.78 23.27 -25.75
N TRP EA 267 47.77 23.22 -24.90
CA TRP EA 267 47.64 24.18 -23.83
C TRP EA 267 48.69 23.85 -22.78
N GLU EA 268 48.85 24.69 -21.77
CA GLU EA 268 50.00 24.52 -20.91
C GLU EA 268 49.68 24.18 -19.47
N SER EA 269 48.51 24.55 -18.98
CA SER EA 269 48.11 24.36 -17.60
C SER EA 269 46.62 24.59 -17.53
N GLY EA 270 46.05 24.43 -16.35
CA GLY EA 270 44.65 24.79 -16.15
C GLY EA 270 44.45 26.30 -16.19
N LEU EA 271 45.40 27.05 -15.63
CA LEU EA 271 45.31 28.50 -15.63
C LEU EA 271 45.35 29.06 -17.04
N ASN EA 272 46.27 28.58 -17.86
CA ASN EA 272 46.43 29.13 -19.20
C ASN EA 272 45.20 28.83 -20.06
N ALA EA 273 44.63 27.64 -19.91
CA ALA EA 273 43.43 27.30 -20.67
C ALA EA 273 42.22 28.10 -20.20
N MET EA 274 42.11 28.34 -18.89
CA MET EA 274 41.03 29.19 -18.40
C MET EA 274 41.16 30.63 -18.91
N GLU EA 275 42.39 31.14 -19.01
CA GLU EA 275 42.57 32.49 -19.54
C GLU EA 275 42.27 32.56 -21.02
N CYS EA 276 42.61 31.52 -21.78
CA CYS EA 276 42.27 31.50 -23.19
C CYS EA 276 40.77 31.41 -23.40
N ALA EA 277 40.08 30.64 -22.55
CA ALA EA 277 38.63 30.56 -22.64
C ALA EA 277 37.96 31.89 -22.30
N LEU EA 278 38.53 32.64 -21.35
CA LEU EA 278 37.98 33.95 -21.04
C LEU EA 278 38.15 34.90 -22.22
N HIS EA 279 39.32 34.92 -22.84
CA HIS EA 279 39.56 35.74 -24.02
C HIS EA 279 38.59 35.39 -25.14
N LEU EA 280 38.33 34.10 -25.33
CA LEU EA 280 37.40 33.65 -26.37
C LEU EA 280 35.99 34.16 -26.12
N GLU EA 281 35.47 33.99 -24.90
CA GLU EA 281 34.10 34.40 -24.65
C GLU EA 281 33.95 35.91 -24.71
N LYS EA 282 35.00 36.67 -24.38
CA LYS EA 282 34.92 38.11 -24.56
C LYS EA 282 34.83 38.49 -26.04
N ASN EA 283 35.57 37.80 -26.90
CA ASN EA 283 35.45 38.05 -28.34
C ASN EA 283 34.03 37.77 -28.85
N VAL EA 284 33.45 36.66 -28.41
CA VAL EA 284 32.11 36.31 -28.84
C VAL EA 284 31.10 37.36 -28.39
N ASN EA 285 31.23 37.83 -27.15
CA ASN EA 285 30.34 38.87 -26.64
C ASN EA 285 30.46 40.16 -27.44
N GLN EA 286 31.67 40.52 -27.85
CA GLN EA 286 31.85 41.75 -28.63
C GLN EA 286 31.17 41.64 -29.99
N SER EA 287 31.28 40.49 -30.64
CA SER EA 287 30.59 40.35 -31.92
C SER EA 287 29.08 40.34 -31.76
N LEU EA 288 28.58 39.81 -30.64
CA LEU EA 288 27.14 39.86 -30.40
C LEU EA 288 26.66 41.29 -30.19
N LEU EA 289 27.46 42.12 -29.54
CA LEU EA 289 27.06 43.51 -29.36
C LEU EA 289 27.04 44.27 -30.70
N GLU EA 290 27.98 43.97 -31.58
CA GLU EA 290 27.94 44.59 -32.90
C GLU EA 290 26.71 44.14 -33.69
N LEU EA 291 26.35 42.85 -33.56
CA LEU EA 291 25.14 42.36 -34.21
C LEU EA 291 23.90 43.06 -33.69
N HIS EA 292 23.84 43.33 -32.39
CA HIS EA 292 22.69 44.01 -31.81
C HIS EA 292 22.60 45.46 -32.30
N LYS EA 293 23.73 46.13 -32.42
CA LYS EA 293 23.70 47.50 -32.91
C LYS EA 293 23.27 47.56 -34.37
N LEU EA 294 23.72 46.59 -35.17
CA LEU EA 294 23.28 46.52 -36.54
C LEU EA 294 21.79 46.26 -36.64
N ALA EA 295 21.27 45.36 -35.80
CA ALA EA 295 19.83 45.10 -35.79
C ALA EA 295 19.04 46.31 -35.34
N THR EA 296 19.60 47.15 -34.48
CA THR EA 296 18.88 48.35 -34.07
C THR EA 296 18.86 49.40 -35.16
N ASP EA 297 19.92 49.48 -35.96
CA ASP EA 297 19.89 50.39 -37.10
C ASP EA 297 18.88 49.95 -38.15
N CYS EA 298 18.64 48.66 -38.30
CA CYS EA 298 17.76 48.15 -39.34
C CYS EA 298 16.31 48.08 -38.93
N ASN EA 299 15.97 48.56 -37.73
CA ASN EA 299 14.61 48.56 -37.18
C ASN EA 299 14.02 47.14 -37.16
N ASP EA 300 14.67 46.28 -36.40
CA ASP EA 300 14.28 44.86 -36.28
C ASP EA 300 14.14 44.52 -34.80
N PRO EA 301 13.01 44.86 -34.19
CA PRO EA 301 12.86 44.60 -32.74
C PRO EA 301 12.87 43.12 -32.39
N HIS EA 302 12.45 42.24 -33.28
CA HIS EA 302 12.40 40.83 -32.96
C HIS EA 302 13.80 40.24 -32.84
N LEU EA 303 14.72 40.67 -33.72
CA LEU EA 303 16.10 40.24 -33.63
C LEU EA 303 16.77 40.77 -32.38
N CYS EA 304 16.49 42.03 -32.04
CA CYS EA 304 17.06 42.62 -30.83
C CYS EA 304 16.63 41.87 -29.59
N ASP EA 305 15.33 41.57 -29.49
CA ASP EA 305 14.85 40.84 -28.33
C ASP EA 305 15.37 39.41 -28.30
N PHE EA 306 15.50 38.77 -29.46
CA PHE EA 306 16.10 37.44 -29.51
C PHE EA 306 17.52 37.45 -28.97
N ILE EA 307 18.34 38.40 -29.42
CA ILE EA 307 19.72 38.48 -28.99
C ILE EA 307 19.80 38.73 -27.49
N GLU EA 308 19.09 39.73 -27.00
CA GLU EA 308 19.21 40.06 -25.59
C GLU EA 308 18.48 39.08 -24.67
N THR EA 309 17.62 38.21 -25.18
CA THR EA 309 16.99 37.20 -24.34
C THR EA 309 17.78 35.90 -24.30
N HIS EA 310 18.37 35.46 -25.40
CA HIS EA 310 19.05 34.17 -25.39
C HIS EA 310 20.57 34.25 -25.40
N TYR EA 311 21.17 35.42 -25.56
CA TYR EA 311 22.62 35.44 -25.74
C TYR EA 311 23.35 36.38 -24.81
N LEU EA 312 22.77 37.54 -24.50
CA LEU EA 312 23.53 38.57 -23.83
C LEU EA 312 23.70 38.32 -22.33
N ASN EA 313 22.80 37.59 -21.70
CA ASN EA 313 22.94 37.30 -20.29
C ASN EA 313 23.79 36.08 -20.03
N GLU EA 314 23.77 35.11 -20.96
CA GLU EA 314 24.63 33.96 -20.85
C GLU EA 314 26.10 34.34 -20.99
N GLN EA 315 26.41 35.29 -21.86
CA GLN EA 315 27.78 35.75 -22.00
C GLN EA 315 28.28 36.40 -20.72
N VAL EA 316 27.43 37.19 -20.08
CA VAL EA 316 27.81 37.85 -18.84
C VAL EA 316 28.06 36.83 -17.74
N LYS EA 317 27.18 35.83 -17.65
CA LYS EA 317 27.38 34.76 -16.68
C LYS EA 317 28.68 34.00 -16.91
N ALA EA 318 28.97 33.69 -18.18
CA ALA EA 318 30.17 32.91 -18.50
C ALA EA 318 31.43 33.70 -18.20
N ILE EA 319 31.42 35.00 -18.50
CA ILE EA 319 32.60 35.81 -18.24
C ILE EA 319 32.83 35.97 -16.75
N LYS EA 320 31.75 36.12 -15.98
CA LYS EA 320 31.90 36.19 -14.53
C LYS EA 320 32.48 34.90 -13.94
N GLU EA 321 31.99 33.76 -14.41
CA GLU EA 321 32.47 32.48 -13.89
C GLU EA 321 33.92 32.21 -14.28
N LEU EA 322 34.30 32.54 -15.51
CA LEU EA 322 35.68 32.30 -15.92
C LEU EA 322 36.66 33.22 -15.23
N GLY EA 323 36.26 34.48 -14.97
CA GLY EA 323 37.12 35.33 -14.18
C GLY EA 323 37.25 34.88 -12.73
N ASP EA 324 36.18 34.35 -12.16
CA ASP EA 324 36.26 33.68 -10.87
C ASP EA 324 37.32 32.58 -10.86
N HIS EA 325 37.24 31.67 -11.83
CA HIS EA 325 38.19 30.56 -11.90
C HIS EA 325 39.61 31.06 -12.01
N VAL EA 326 39.83 32.09 -12.83
CA VAL EA 326 41.20 32.59 -13.02
C VAL EA 326 41.75 33.17 -11.72
N THR EA 327 40.96 33.99 -11.02
CA THR EA 327 41.53 34.59 -9.82
C THR EA 327 41.74 33.56 -8.70
N ASN EA 328 40.86 32.58 -8.59
CA ASN EA 328 41.09 31.57 -7.56
C ASN EA 328 42.32 30.74 -7.87
N LEU EA 329 42.52 30.35 -9.14
CA LEU EA 329 43.70 29.60 -9.50
C LEU EA 329 44.98 30.40 -9.30
N ARG EA 330 44.95 31.70 -9.57
CA ARG EA 330 46.14 32.51 -9.33
C ARG EA 330 46.43 32.69 -7.85
N LYS EA 331 45.39 32.79 -7.01
CA LYS EA 331 45.62 32.95 -5.58
C LYS EA 331 46.16 31.67 -4.96
N MET EA 332 45.67 30.50 -5.41
CA MET EA 332 46.16 29.24 -4.86
C MET EA 332 47.62 28.99 -5.18
N GLY EA 333 48.17 29.64 -6.20
CA GLY EA 333 49.56 29.52 -6.53
C GLY EA 333 49.89 28.80 -7.82
N ALA EA 334 48.91 28.57 -8.68
CA ALA EA 334 49.12 27.92 -9.96
C ALA EA 334 49.73 28.91 -10.96
N PRO EA 335 50.44 28.43 -11.99
CA PRO EA 335 50.71 27.07 -12.45
C PRO EA 335 51.88 26.39 -11.79
N GLU EA 336 52.76 27.15 -11.15
CA GLU EA 336 53.97 26.61 -10.57
C GLU EA 336 53.74 25.87 -9.27
N SER EA 337 52.50 25.64 -8.88
CA SER EA 337 52.15 24.73 -7.81
C SER EA 337 51.25 23.64 -8.38
N GLY EA 338 51.76 22.42 -8.46
CA GLY EA 338 50.95 21.32 -8.92
C GLY EA 338 49.90 20.89 -7.92
N LEU EA 339 50.07 21.25 -6.65
CA LEU EA 339 49.06 20.98 -5.65
C LEU EA 339 47.85 21.86 -5.82
N ALA EA 340 48.02 23.04 -6.41
CA ALA EA 340 46.89 23.96 -6.57
C ALA EA 340 45.91 23.47 -7.61
N GLU EA 341 46.40 22.99 -8.76
CA GLU EA 341 45.49 22.57 -9.81
C GLU EA 341 44.79 21.25 -9.47
N TYR EA 342 45.47 20.35 -8.75
CA TYR EA 342 44.83 19.13 -8.27
C TYR EA 342 43.66 19.44 -7.35
N LEU EA 343 43.86 20.36 -6.41
CA LEU EA 343 42.83 20.65 -5.44
C LEU EA 343 41.71 21.50 -6.03
N PHE EA 344 42.04 22.38 -6.98
CA PHE EA 344 40.99 23.08 -7.72
C PHE EA 344 40.13 22.10 -8.51
N ASP EA 345 40.77 21.13 -9.16
CA ASP EA 345 40.09 20.04 -9.85
C ASP EA 345 39.12 19.33 -8.91
N LYS EA 346 39.55 19.02 -7.70
CA LYS EA 346 38.68 18.30 -6.78
C LYS EA 346 37.54 19.17 -6.26
N HIS EA 347 37.84 20.36 -5.76
CA HIS EA 347 36.86 21.07 -4.96
C HIS EA 347 35.94 21.98 -5.76
N THR EA 348 36.44 22.62 -6.81
CA THR EA 348 35.59 23.52 -7.57
C THR EA 348 34.91 22.81 -8.74
N LEU EA 349 35.67 22.06 -9.52
CA LEU EA 349 35.11 21.39 -10.68
C LEU EA 349 34.52 20.04 -10.35
N GLY EA 350 34.77 19.52 -9.15
CA GLY EA 350 34.25 18.23 -8.76
C GLY EA 350 32.76 18.24 -8.52
N LYS FA 22 45.54 82.19 -117.29
CA LYS FA 22 44.39 81.85 -118.12
C LYS FA 22 43.08 82.19 -117.42
N ILE FA 23 43.18 82.52 -116.13
CA ILE FA 23 42.04 83.06 -115.40
C ILE FA 23 41.82 84.50 -115.85
N GLU FA 24 40.60 84.80 -116.30
CA GLU FA 24 40.32 86.08 -116.93
C GLU FA 24 40.23 87.20 -115.90
N GLU FA 25 40.58 88.40 -116.33
CA GLU FA 25 40.63 89.60 -115.50
C GLU FA 25 39.39 90.46 -115.72
N GLY FA 26 39.05 91.27 -114.72
CA GLY FA 26 37.87 92.11 -114.78
C GLY FA 26 36.57 91.35 -114.76
N LYS FA 27 36.60 90.07 -114.40
CA LYS FA 27 35.47 89.17 -114.53
C LYS FA 27 35.60 88.07 -113.48
N LEU FA 28 34.48 87.68 -112.90
CA LEU FA 28 34.47 86.71 -111.81
C LEU FA 28 33.56 85.55 -112.19
N VAL FA 29 34.10 84.32 -112.12
CA VAL FA 29 33.33 83.10 -112.29
C VAL FA 29 33.51 82.26 -111.02
N ILE FA 30 32.39 81.71 -110.53
CA ILE FA 30 32.37 80.98 -109.27
C ILE FA 30 31.76 79.61 -109.54
N TRP FA 31 32.27 78.60 -108.85
CA TRP FA 31 31.69 77.27 -108.86
C TRP FA 31 31.21 76.91 -107.45
N ILE FA 32 29.96 76.42 -107.37
CA ILE FA 32 29.32 76.13 -106.10
C ILE FA 32 28.38 74.95 -106.31
N ASN FA 33 28.37 74.02 -105.34
CA ASN FA 33 27.59 72.80 -105.47
C ASN FA 33 26.10 73.13 -105.40
N GLY FA 34 25.32 72.38 -106.18
CA GLY FA 34 23.90 72.62 -106.36
C GLY FA 34 22.99 72.27 -105.20
N ASP FA 35 23.53 71.80 -104.08
CA ASP FA 35 22.73 71.54 -102.89
C ASP FA 35 22.62 72.78 -102.01
N LYS FA 36 23.07 73.92 -102.48
CA LYS FA 36 23.12 75.16 -101.74
C LYS FA 36 22.27 76.20 -102.43
N GLY FA 37 22.27 77.42 -101.88
CA GLY FA 37 21.63 78.54 -102.54
C GLY FA 37 22.54 79.15 -103.58
N TYR FA 38 22.82 78.42 -104.65
CA TYR FA 38 23.62 78.97 -105.75
C TYR FA 38 22.88 80.09 -106.45
N ASN FA 39 21.54 80.03 -106.45
CA ASN FA 39 20.77 81.17 -106.92
C ASN FA 39 20.96 82.37 -106.01
N GLY FA 40 21.16 82.15 -104.71
CA GLY FA 40 21.54 83.25 -103.83
C GLY FA 40 22.91 83.81 -104.15
N LEU FA 41 23.82 82.96 -104.61
CA LEU FA 41 25.10 83.46 -105.10
C LEU FA 41 24.93 84.29 -106.37
N ALA FA 42 23.97 83.90 -107.22
CA ALA FA 42 23.63 84.76 -108.35
C ALA FA 42 23.04 86.09 -107.89
N GLU FA 43 22.22 86.06 -106.83
CA GLU FA 43 21.63 87.29 -106.32
CA GLU FA 43 21.63 87.29 -106.32
C GLU FA 43 22.68 88.24 -105.76
N VAL FA 44 23.64 87.70 -105.02
CA VAL FA 44 24.67 88.60 -104.48
C VAL FA 44 25.58 89.07 -105.61
N GLY FA 45 25.78 88.23 -106.64
CA GLY FA 45 26.49 88.68 -107.82
C GLY FA 45 25.81 89.85 -108.50
N LYS FA 46 24.48 89.82 -108.61
CA LYS FA 46 23.81 90.94 -109.25
C LYS FA 46 23.72 92.17 -108.37
N LYS FA 47 23.71 92.03 -107.02
CA LYS FA 47 23.93 93.22 -106.20
C LYS FA 47 25.27 93.85 -106.53
N PHE FA 48 26.32 93.01 -106.62
CA PHE FA 48 27.64 93.51 -106.97
C PHE FA 48 27.65 94.15 -108.36
N GLU FA 49 26.85 93.63 -109.28
CA GLU FA 49 26.80 94.20 -110.63
C GLU FA 49 26.10 95.56 -110.64
N LYS FA 50 24.95 95.68 -109.98
CA LYS FA 50 24.28 96.98 -109.93
C LYS FA 50 25.09 98.00 -109.13
N ASP FA 51 25.91 97.56 -108.18
CA ASP FA 51 26.67 98.54 -107.40
C ASP FA 51 27.98 98.95 -108.06
N THR FA 52 28.75 97.99 -108.60
CA THR FA 52 30.07 98.28 -109.13
C THR FA 52 30.23 98.02 -110.62
N GLY FA 53 29.26 97.38 -111.28
CA GLY FA 53 29.36 97.13 -112.70
C GLY FA 53 30.20 95.95 -113.10
N ILE FA 54 30.71 95.18 -112.14
CA ILE FA 54 31.58 94.04 -112.43
C ILE FA 54 30.73 92.78 -112.47
N LYS FA 55 30.75 92.09 -113.60
CA LYS FA 55 29.89 90.94 -113.81
C LYS FA 55 30.36 89.73 -113.01
N VAL FA 56 29.41 89.02 -112.41
CA VAL FA 56 29.68 87.81 -111.65
C VAL FA 56 28.83 86.69 -112.23
N THR FA 57 29.48 85.62 -112.68
CA THR FA 57 28.80 84.42 -113.16
C THR FA 57 29.05 83.27 -112.20
N VAL FA 58 28.00 82.51 -111.91
CA VAL FA 58 28.11 81.32 -111.09
C VAL FA 58 27.66 80.12 -111.91
N GLU FA 59 28.29 78.98 -111.65
CA GLU FA 59 27.96 77.74 -112.32
C GLU FA 59 27.94 76.61 -111.30
N HIS FA 60 26.98 75.70 -111.47
CA HIS FA 60 26.72 74.64 -110.49
C HIS FA 60 26.62 73.28 -111.18
N PRO FA 61 27.74 72.72 -111.63
CA PRO FA 61 27.73 71.36 -112.16
C PRO FA 61 28.07 70.33 -111.08
N ASP FA 62 27.92 69.07 -111.44
CA ASP FA 62 28.28 68.00 -110.54
C ASP FA 62 29.80 67.86 -110.45
N LYS FA 63 30.25 67.08 -109.46
CA LYS FA 63 31.64 66.67 -109.26
C LYS FA 63 32.59 67.86 -109.17
N LEU FA 64 32.17 68.96 -108.54
CA LEU FA 64 33.00 70.16 -108.48
C LEU FA 64 34.28 69.96 -107.67
N GLU FA 65 34.27 69.03 -106.73
CA GLU FA 65 35.49 68.76 -105.97
C GLU FA 65 36.45 67.90 -106.80
N GLU FA 66 35.91 67.09 -107.70
CA GLU FA 66 36.74 66.45 -108.71
C GLU FA 66 37.21 67.47 -109.75
N LYS FA 67 36.39 68.49 -110.01
CA LYS FA 67 36.61 69.37 -111.16
C LYS FA 67 37.56 70.52 -110.86
N PHE FA 68 37.57 71.04 -109.62
CA PHE FA 68 38.42 72.19 -109.31
C PHE FA 68 39.91 71.86 -109.38
N PRO FA 69 40.44 70.84 -108.69
CA PRO FA 69 41.91 70.69 -108.66
C PRO FA 69 42.50 70.28 -110.00
N GLN FA 70 41.78 69.50 -110.80
CA GLN FA 70 42.29 69.06 -112.09
C GLN FA 70 42.42 70.19 -113.09
N VAL FA 71 41.75 71.31 -112.88
CA VAL FA 71 41.82 72.44 -113.79
C VAL FA 71 42.70 73.52 -113.14
N ALA FA 72 42.68 73.56 -111.80
CA ALA FA 72 43.52 74.51 -111.06
C ALA FA 72 44.99 74.13 -111.12
N ALA FA 73 45.30 72.84 -111.33
CA ALA FA 73 46.68 72.45 -111.59
C ALA FA 73 47.15 72.89 -112.96
N THR FA 74 46.23 73.23 -113.86
CA THR FA 74 46.57 73.85 -115.14
C THR FA 74 46.59 75.37 -115.06
N GLY FA 75 46.00 75.95 -114.02
CA GLY FA 75 45.93 77.40 -113.90
C GLY FA 75 44.65 78.03 -114.41
N ASP FA 76 43.55 77.28 -114.43
CA ASP FA 76 42.28 77.83 -114.90
C ASP FA 76 41.13 77.35 -114.02
N GLY FA 77 39.90 77.51 -114.51
CA GLY FA 77 38.74 77.07 -113.80
C GLY FA 77 37.95 78.22 -113.22
N PRO FA 78 37.62 78.13 -111.94
CA PRO FA 78 36.89 79.22 -111.29
C PRO FA 78 37.83 80.21 -110.65
N ASP FA 79 37.26 81.24 -110.03
CA ASP FA 79 38.06 82.05 -109.12
C ASP FA 79 37.78 81.68 -107.67
N ILE FA 80 36.51 81.48 -107.32
CA ILE FA 80 36.08 81.18 -105.96
C ILE FA 80 35.38 79.84 -105.96
N ILE FA 81 35.57 79.06 -104.89
CA ILE FA 81 34.92 77.76 -104.73
C ILE FA 81 34.40 77.62 -103.31
N PHE FA 82 33.14 77.22 -103.18
CA PHE FA 82 32.48 77.04 -101.90
C PHE FA 82 32.45 75.54 -101.58
N TRP FA 83 33.22 75.14 -100.57
CA TRP FA 83 33.31 73.72 -100.24
C TRP FA 83 33.81 73.58 -98.80
N ALA FA 84 33.90 72.33 -98.35
CA ALA FA 84 34.42 72.03 -97.02
C ALA FA 84 35.90 72.37 -96.94
N HIS FA 85 36.33 72.72 -95.72
CA HIS FA 85 37.68 73.22 -95.49
C HIS FA 85 38.73 72.11 -95.51
N ASP FA 86 38.33 70.85 -95.26
CA ASP FA 86 39.31 69.79 -95.07
C ASP FA 86 40.07 69.46 -96.34
N ARG FA 87 39.42 69.53 -97.50
CA ARG FA 87 40.13 69.39 -98.75
C ARG FA 87 40.79 70.70 -99.19
N PHE FA 88 40.48 71.81 -98.52
CA PHE FA 88 41.13 73.08 -98.86
C PHE FA 88 42.57 73.09 -98.36
N GLY FA 89 42.80 72.65 -97.13
CA GLY FA 89 44.15 72.63 -96.59
C GLY FA 89 45.09 71.77 -97.41
N GLY FA 90 44.61 70.61 -97.87
CA GLY FA 90 45.37 69.83 -98.82
C GLY FA 90 45.63 70.59 -100.11
N TYR FA 91 44.60 71.28 -100.62
CA TYR FA 91 44.81 72.15 -101.77
C TYR FA 91 45.55 73.42 -101.39
N ALA FA 92 45.69 73.71 -100.09
CA ALA FA 92 46.63 74.73 -99.65
C ALA FA 92 48.06 74.26 -99.83
N GLN FA 93 48.27 72.94 -99.79
CA GLN FA 93 49.58 72.39 -100.13
C GLN FA 93 49.77 72.36 -101.64
N SER FA 94 48.72 72.02 -102.38
CA SER FA 94 48.81 71.73 -103.80
C SER FA 94 48.93 72.99 -104.66
N GLY FA 95 49.03 74.18 -104.07
CA GLY FA 95 49.16 75.39 -104.85
C GLY FA 95 47.93 75.75 -105.65
N LEU FA 96 46.74 75.39 -105.14
CA LEU FA 96 45.49 75.64 -105.85
C LEU FA 96 44.57 76.62 -105.14
N LEU FA 97 44.78 76.87 -103.85
CA LEU FA 97 44.07 77.91 -103.13
C LEU FA 97 44.98 79.08 -102.82
N ALA FA 98 44.45 80.29 -103.00
CA ALA FA 98 45.23 81.50 -102.82
C ALA FA 98 45.28 81.90 -101.35
N GLU FA 99 46.45 82.34 -100.91
CA GLU FA 99 46.62 82.87 -99.56
C GLU FA 99 45.90 84.20 -99.47
N ILE FA 100 44.80 84.24 -98.72
CA ILE FA 100 44.02 85.46 -98.60
C ILE FA 100 44.71 86.43 -97.65
N THR FA 101 44.36 87.71 -97.79
CA THR FA 101 44.85 88.76 -96.91
C THR FA 101 43.66 89.53 -96.37
N PRO FA 102 43.02 89.05 -95.31
CA PRO FA 102 41.95 89.81 -94.66
C PRO FA 102 42.48 90.70 -93.54
N ASP FA 103 41.67 91.71 -93.21
CA ASP FA 103 42.03 92.63 -92.15
CA ASP FA 103 42.03 92.63 -92.15
C ASP FA 103 41.66 92.04 -90.78
N LYS FA 104 42.16 92.70 -89.73
CA LYS FA 104 41.91 92.22 -88.38
C LYS FA 104 40.53 92.61 -87.88
N ALA FA 105 40.00 93.76 -88.32
CA ALA FA 105 38.63 94.11 -87.97
C ALA FA 105 37.63 93.17 -88.63
N PHE FA 106 37.90 92.73 -89.86
CA PHE FA 106 37.05 91.73 -90.48
C PHE FA 106 37.25 90.36 -89.86
N GLN FA 107 38.43 90.11 -89.30
CA GLN FA 107 38.63 88.88 -88.52
C GLN FA 107 37.86 88.93 -87.21
N ASP FA 108 37.64 90.14 -86.68
CA ASP FA 108 36.74 90.29 -85.53
C ASP FA 108 35.27 90.20 -85.97
N LYS FA 109 34.97 90.56 -87.22
CA LYS FA 109 33.61 90.46 -87.74
C LYS FA 109 33.13 89.02 -87.82
N LEU FA 110 34.04 88.06 -87.96
CA LEU FA 110 33.71 86.64 -87.98
C LEU FA 110 34.21 85.97 -86.71
N TYR FA 111 33.74 84.75 -86.48
CA TYR FA 111 34.20 83.99 -85.34
C TYR FA 111 35.57 83.36 -85.65
N PRO FA 112 36.52 83.44 -84.71
CA PRO FA 112 37.87 82.91 -85.00
C PRO FA 112 37.92 81.40 -85.08
N PHE FA 113 37.04 80.68 -84.36
CA PHE FA 113 37.02 79.23 -84.48
C PHE FA 113 36.59 78.78 -85.86
N THR FA 114 35.90 79.63 -86.62
CA THR FA 114 35.71 79.39 -88.04
C THR FA 114 37.01 79.61 -88.81
N TRP FA 115 37.81 80.60 -88.40
CA TRP FA 115 39.09 80.85 -89.06
C TRP FA 115 40.10 79.75 -88.81
N ASP FA 116 39.95 78.97 -87.74
CA ASP FA 116 40.81 77.82 -87.53
C ASP FA 116 40.52 76.68 -88.50
N ALA FA 117 39.45 76.76 -89.28
CA ALA FA 117 39.14 75.72 -90.26
C ALA FA 117 39.99 75.84 -91.51
N VAL FA 118 40.45 77.04 -91.84
CA VAL FA 118 41.11 77.30 -93.11
C VAL FA 118 42.58 77.64 -92.90
N ARG FA 119 43.17 77.06 -91.85
CA ARG FA 119 44.58 77.23 -91.56
C ARG FA 119 45.37 76.08 -92.17
N TYR FA 120 46.54 76.42 -92.72
CA TYR FA 120 47.47 75.40 -93.24
C TYR FA 120 48.85 76.03 -93.34
N ASN FA 121 49.83 75.45 -92.65
CA ASN FA 121 51.20 75.94 -92.61
C ASN FA 121 51.26 77.40 -92.15
N GLY FA 122 50.38 77.77 -91.24
CA GLY FA 122 50.31 79.12 -90.72
C GLY FA 122 49.65 80.13 -91.64
N LYS FA 123 49.45 79.82 -92.91
CA LYS FA 123 48.86 80.75 -93.86
C LYS FA 123 47.34 80.58 -93.87
N LEU FA 124 46.64 81.64 -94.28
CA LEU FA 124 45.19 81.67 -94.29
C LEU FA 124 44.73 81.62 -95.74
N ILE FA 125 43.82 80.69 -96.04
CA ILE FA 125 43.57 80.31 -97.43
C ILE FA 125 42.16 80.66 -97.93
N ALA FA 126 41.18 80.81 -97.04
CA ALA FA 126 39.81 80.92 -97.50
C ALA FA 126 38.97 81.62 -96.43
N TYR FA 127 37.86 82.21 -96.87
CA TYR FA 127 36.96 82.89 -95.95
C TYR FA 127 35.86 81.93 -95.55
N PRO FA 128 35.67 81.65 -94.27
CA PRO FA 128 34.58 80.75 -93.87
C PRO FA 128 33.23 81.44 -93.98
N ILE FA 129 32.24 80.69 -94.49
CA ILE FA 129 30.88 81.21 -94.58
C ILE FA 129 29.98 80.41 -93.65
N ALA FA 130 29.86 79.11 -93.92
CA ALA FA 130 28.92 78.27 -93.20
C ALA FA 130 29.66 77.32 -92.27
N VAL FA 131 29.01 76.97 -91.16
CA VAL FA 131 29.60 76.11 -90.14
C VAL FA 131 28.59 75.04 -89.78
N GLU FA 132 29.04 73.79 -89.71
CA GLU FA 132 28.17 72.63 -89.57
C GLU FA 132 28.57 71.82 -88.35
N ALA FA 133 27.58 71.34 -87.62
CA ALA FA 133 27.80 70.56 -86.41
C ALA FA 133 26.55 69.75 -86.10
N LEU FA 134 26.77 68.55 -85.57
CA LEU FA 134 25.67 67.65 -85.26
C LEU FA 134 25.06 68.02 -83.91
N SER FA 135 23.72 68.00 -83.85
CA SER FA 135 22.99 68.40 -82.66
C SER FA 135 21.94 67.36 -82.34
N LEU FA 136 21.36 67.47 -81.13
CA LEU FA 136 20.36 66.52 -80.67
C LEU FA 136 18.99 66.99 -81.15
N ILE FA 137 18.24 66.07 -81.76
CA ILE FA 137 16.88 66.33 -82.22
C ILE FA 137 15.97 65.45 -81.37
N TYR FA 138 14.98 66.07 -80.73
CA TYR FA 138 14.13 65.36 -79.79
C TYR FA 138 12.65 65.62 -80.08
N ASN FA 139 11.85 64.58 -79.85
CA ASN FA 139 10.40 64.74 -79.82
C ASN FA 139 10.01 65.47 -78.54
N LYS FA 140 9.31 66.60 -78.68
CA LYS FA 140 8.89 67.35 -77.49
C LYS FA 140 7.78 66.62 -76.74
N ASP FA 141 7.00 65.79 -77.44
CA ASP FA 141 5.90 65.09 -76.80
C ASP FA 141 6.39 63.92 -75.96
N LEU FA 142 7.25 63.08 -76.54
CA LEU FA 142 7.77 61.93 -75.80
C LEU FA 142 8.67 62.36 -74.64
N LEU FA 143 9.32 63.50 -74.76
CA LEU FA 143 10.15 63.98 -73.66
C LEU FA 143 10.08 65.50 -73.57
N PRO FA 144 9.33 66.04 -72.61
CA PRO FA 144 9.24 67.51 -72.49
C PRO FA 144 10.49 68.16 -71.94
N ASN FA 145 11.37 67.41 -71.27
CA ASN FA 145 12.55 67.98 -70.62
C ASN FA 145 13.77 67.15 -71.00
N PRO FA 146 14.62 67.64 -71.90
CA PRO FA 146 15.77 66.85 -72.33
C PRO FA 146 16.78 66.71 -71.21
N PRO FA 147 17.58 65.64 -71.21
CA PRO FA 147 18.65 65.49 -70.23
C PRO FA 147 19.95 66.10 -70.70
N LYS FA 148 20.80 66.43 -69.74
CA LYS FA 148 22.07 67.08 -70.01
C LYS FA 148 23.26 66.17 -69.75
N THR FA 149 23.03 64.92 -69.37
CA THR FA 149 24.10 63.96 -69.14
C THR FA 149 23.85 62.71 -69.98
N TRP FA 150 24.93 62.15 -70.52
CA TRP FA 150 24.82 60.85 -71.18
C TRP FA 150 24.55 59.74 -70.18
N GLU FA 151 25.03 59.90 -68.94
CA GLU FA 151 24.78 58.93 -67.89
C GLU FA 151 23.31 58.83 -67.55
N GLU FA 152 22.49 59.79 -67.96
CA GLU FA 152 21.05 59.71 -67.78
C GLU FA 152 20.37 58.86 -68.85
N ILE FA 153 20.99 58.71 -70.02
CA ILE FA 153 20.38 58.03 -71.15
C ILE FA 153 20.03 56.55 -70.89
N PRO FA 154 20.87 55.74 -70.24
CA PRO FA 154 20.43 54.36 -69.96
C PRO FA 154 19.17 54.28 -69.12
N ALA FA 155 19.13 55.00 -68.00
CA ALA FA 155 18.00 54.94 -67.08
C ALA FA 155 16.70 55.31 -67.76
N LEU FA 156 16.68 56.44 -68.48
CA LEU FA 156 15.47 56.87 -69.17
C LEU FA 156 15.08 55.89 -70.27
N ASP FA 157 16.05 55.15 -70.82
CA ASP FA 157 15.71 54.12 -71.79
C ASP FA 157 14.81 53.06 -71.16
N LYS FA 158 15.06 52.75 -69.88
CA LYS FA 158 14.19 51.83 -69.15
C LYS FA 158 12.76 52.32 -69.11
N GLU FA 159 12.55 53.62 -69.18
CA GLU FA 159 11.18 54.14 -69.28
C GLU FA 159 10.57 53.84 -70.63
N LEU FA 160 11.32 54.03 -71.72
CA LEU FA 160 10.69 54.02 -73.04
C LEU FA 160 10.32 52.62 -73.49
N LYS FA 161 11.07 51.60 -73.06
CA LYS FA 161 10.64 50.22 -73.31
C LYS FA 161 9.35 49.89 -72.58
N ALA FA 162 9.00 50.66 -71.55
CA ALA FA 162 7.72 50.53 -70.88
C ALA FA 162 6.59 51.18 -71.67
N LYS FA 163 6.90 51.97 -72.69
CA LYS FA 163 5.90 52.53 -73.59
C LYS FA 163 6.01 51.95 -75.00
N GLY FA 164 6.89 50.97 -75.20
CA GLY FA 164 7.13 50.47 -76.54
C GLY FA 164 7.96 51.39 -77.40
N LYS FA 165 8.80 52.21 -76.79
CA LYS FA 165 9.62 53.19 -77.49
C LYS FA 165 11.10 52.90 -77.22
N SER FA 166 11.95 53.56 -77.99
CA SER FA 166 13.39 53.46 -77.82
C SER FA 166 13.95 54.84 -77.53
N ALA FA 167 15.03 54.88 -76.73
CA ALA FA 167 15.59 56.15 -76.31
C ALA FA 167 16.39 56.80 -77.44
N LEU FA 168 17.44 56.13 -77.89
CA LEU FA 168 18.35 56.72 -78.87
C LEU FA 168 18.60 55.69 -79.97
N MET FA 169 18.52 56.14 -81.22
CA MET FA 169 18.81 55.31 -82.38
C MET FA 169 19.44 56.19 -83.44
N PHE FA 170 20.66 55.86 -83.84
CA PHE FA 170 21.38 56.64 -84.84
C PHE FA 170 22.29 55.71 -85.63
N ASN FA 171 23.12 56.30 -86.49
CA ASN FA 171 24.01 55.54 -87.36
C ASN FA 171 25.26 55.16 -86.58
N LEU FA 172 25.39 53.88 -86.25
CA LEU FA 172 26.58 53.36 -85.59
C LEU FA 172 27.65 52.90 -86.57
N GLN FA 173 27.35 52.94 -87.88
CA GLN FA 173 28.30 52.45 -88.87
C GLN FA 173 29.34 53.48 -89.27
N GLU FA 174 29.34 54.66 -88.66
CA GLU FA 174 30.28 55.70 -88.98
C GLU FA 174 30.95 56.22 -87.72
N PRO FA 175 32.26 56.52 -87.77
CA PRO FA 175 32.88 57.26 -86.66
C PRO FA 175 32.42 58.71 -86.59
N TYR FA 176 31.86 59.24 -87.68
CA TYR FA 176 31.40 60.63 -87.71
C TYR FA 176 30.27 60.88 -86.71
N PHE FA 177 29.48 59.85 -86.42
CA PHE FA 177 28.42 60.00 -85.44
C PHE FA 177 28.94 59.75 -84.02
N THR FA 178 29.85 58.79 -83.87
CA THR FA 178 30.26 58.34 -82.54
C THR FA 178 31.35 59.19 -81.92
N TRP FA 179 32.08 59.99 -82.72
CA TRP FA 179 33.19 60.76 -82.22
C TRP FA 179 32.85 61.83 -81.17
N PRO FA 180 31.66 62.45 -81.17
CA PRO FA 180 31.32 63.33 -80.03
C PRO FA 180 31.44 62.68 -78.67
N LEU FA 181 30.94 61.45 -78.50
CA LEU FA 181 30.94 60.82 -77.19
C LEU FA 181 32.33 60.30 -76.81
N ILE FA 182 32.98 59.56 -77.71
CA ILE FA 182 34.21 58.87 -77.35
C ILE FA 182 35.35 59.86 -77.14
N ALA FA 183 35.38 60.96 -77.89
CA ALA FA 183 36.45 61.92 -77.83
C ALA FA 183 36.12 63.12 -76.95
N ALA FA 184 35.07 63.03 -76.14
CA ALA FA 184 34.65 64.18 -75.35
C ALA FA 184 35.60 64.44 -74.19
N ASP FA 185 36.08 63.37 -73.54
CA ASP FA 185 36.84 63.47 -72.30
C ASP FA 185 38.30 63.08 -72.46
N GLY FA 186 38.89 63.32 -73.63
CA GLY FA 186 40.30 63.05 -73.81
C GLY FA 186 40.73 62.54 -75.16
N GLY FA 187 39.77 62.18 -76.00
CA GLY FA 187 40.10 61.77 -77.35
C GLY FA 187 40.18 62.94 -78.32
N TYR FA 188 41.03 62.81 -79.33
CA TYR FA 188 41.20 63.82 -80.36
C TYR FA 188 41.92 63.18 -81.55
N ALA FA 189 41.43 63.47 -82.76
CA ALA FA 189 41.90 62.77 -83.95
C ALA FA 189 43.39 62.99 -84.19
N PHE FA 190 43.79 64.24 -84.42
CA PHE FA 190 45.19 64.60 -84.55
C PHE FA 190 45.45 65.82 -83.68
N LYS FA 191 46.65 65.89 -83.10
CA LYS FA 191 46.99 67.08 -82.32
C LYS FA 191 47.13 68.29 -83.25
N TYR FA 192 46.33 69.32 -82.98
CA TYR FA 192 46.20 70.48 -83.86
C TYR FA 192 46.49 71.74 -83.08
N GLU FA 193 47.63 72.37 -83.37
CA GLU FA 193 48.05 73.59 -82.68
C GLU FA 193 48.69 74.53 -83.67
N ASN FA 194 48.44 75.83 -83.51
CA ASN FA 194 49.05 76.90 -84.32
C ASN FA 194 48.80 76.71 -85.81
N GLY FA 195 47.68 76.12 -86.18
CA GLY FA 195 47.38 75.88 -87.57
C GLY FA 195 48.07 74.69 -88.19
N LYS FA 196 48.61 73.79 -87.37
CA LYS FA 196 49.36 72.63 -87.86
C LYS FA 196 48.83 71.36 -87.22
N TYR FA 197 48.60 70.33 -88.03
CA TYR FA 197 48.17 69.02 -87.56
C TYR FA 197 49.37 68.10 -87.44
N ASP FA 198 49.60 67.60 -86.22
CA ASP FA 198 50.73 66.71 -85.98
C ASP FA 198 50.39 65.29 -86.45
N ILE FA 199 51.26 64.72 -87.27
CA ILE FA 199 50.97 63.43 -87.87
C ILE FA 199 51.30 62.29 -86.90
N LYS FA 200 52.35 62.45 -86.10
CA LYS FA 200 52.75 61.46 -85.10
C LYS FA 200 51.84 61.47 -83.87
N ASP FA 201 50.82 62.31 -83.84
CA ASP FA 201 50.06 62.52 -82.61
C ASP FA 201 48.59 62.24 -82.88
N VAL FA 202 48.32 61.02 -83.37
CA VAL FA 202 46.96 60.48 -83.55
C VAL FA 202 46.48 60.02 -82.18
N GLY FA 203 45.56 60.76 -81.57
CA GLY FA 203 45.09 60.41 -80.25
C GLY FA 203 43.88 59.50 -80.21
N VAL FA 204 44.11 58.20 -80.07
CA VAL FA 204 43.04 57.26 -79.73
C VAL FA 204 43.41 56.37 -78.56
N ASP FA 205 44.69 56.32 -78.16
CA ASP FA 205 45.13 55.54 -77.00
C ASP FA 205 45.12 56.42 -75.75
N ASN FA 206 43.96 57.00 -75.46
CA ASN FA 206 43.78 57.88 -74.32
C ASN FA 206 42.67 57.35 -73.42
N ALA FA 207 42.75 57.75 -72.14
CA ALA FA 207 41.76 57.30 -71.17
C ALA FA 207 40.36 57.80 -71.50
N GLY FA 208 40.26 58.97 -72.12
CA GLY FA 208 38.95 59.48 -72.51
C GLY FA 208 38.31 58.64 -73.61
N ALA FA 209 39.10 58.24 -74.61
CA ALA FA 209 38.58 57.36 -75.64
C ALA FA 209 38.16 56.02 -75.06
N LYS FA 210 38.95 55.52 -74.09
CA LYS FA 210 38.58 54.29 -73.38
C LYS FA 210 37.25 54.45 -72.68
N ALA FA 211 37.06 55.57 -71.97
CA ALA FA 211 35.82 55.79 -71.23
C ALA FA 211 34.63 55.90 -72.18
N GLY FA 212 34.79 56.61 -73.28
CA GLY FA 212 33.70 56.73 -74.24
C GLY FA 212 33.33 55.41 -74.89
N LEU FA 213 34.34 54.61 -75.25
CA LEU FA 213 34.02 53.34 -75.89
C LEU FA 213 33.45 52.33 -74.90
N THR FA 214 33.88 52.37 -73.64
CA THR FA 214 33.21 51.56 -72.62
C THR FA 214 31.78 52.01 -72.39
N PHE FA 215 31.50 53.32 -72.44
CA PHE FA 215 30.11 53.74 -72.35
C PHE FA 215 29.30 53.25 -73.55
N LEU FA 216 29.92 53.21 -74.73
CA LEU FA 216 29.25 52.66 -75.89
C LEU FA 216 28.94 51.18 -75.70
N VAL FA 217 29.91 50.42 -75.18
CA VAL FA 217 29.64 48.99 -74.98
C VAL FA 217 28.69 48.74 -73.83
N ASP FA 218 28.54 49.70 -72.90
CA ASP FA 218 27.48 49.56 -71.91
C ASP FA 218 26.11 49.89 -72.50
N LEU FA 219 26.06 50.82 -73.44
CA LEU FA 219 24.79 51.09 -74.11
C LEU FA 219 24.39 49.95 -75.04
N ILE FA 220 25.36 49.22 -75.57
CA ILE FA 220 25.02 48.15 -76.51
C ILE FA 220 24.88 46.79 -75.81
N LYS FA 221 25.58 46.57 -74.70
CA LYS FA 221 25.55 45.27 -74.05
C LYS FA 221 24.19 45.01 -73.41
N ASN FA 222 23.67 45.98 -72.66
CA ASN FA 222 22.36 45.87 -72.04
C ASN FA 222 21.23 46.15 -73.03
N LYS FA 223 21.53 46.24 -74.32
CA LYS FA 223 20.54 46.30 -75.39
C LYS FA 223 19.69 47.56 -75.29
N HIS FA 224 20.32 48.69 -74.98
CA HIS FA 224 19.62 49.98 -75.10
C HIS FA 224 19.42 50.33 -76.57
N MET FA 225 20.43 50.06 -77.39
CA MET FA 225 20.35 50.24 -78.84
C MET FA 225 20.74 48.93 -79.51
N ASN FA 226 20.74 48.94 -80.84
CA ASN FA 226 21.20 47.81 -81.64
C ASN FA 226 22.54 48.17 -82.28
N ALA FA 227 23.30 47.13 -82.64
CA ALA FA 227 24.60 47.34 -83.24
C ALA FA 227 24.56 47.40 -84.75
N ASP FA 228 23.59 46.73 -85.38
CA ASP FA 228 23.46 46.72 -86.82
C ASP FA 228 22.62 47.89 -87.33
N THR FA 229 22.24 48.81 -86.46
CA THR FA 229 21.46 49.95 -86.90
C THR FA 229 22.34 50.93 -87.67
N ASP FA 230 21.69 51.80 -88.44
CA ASP FA 230 22.38 52.80 -89.23
C ASP FA 230 21.47 54.01 -89.36
N TYR FA 231 21.75 54.84 -90.37
CA TYR FA 231 21.11 56.14 -90.49
C TYR FA 231 19.66 56.03 -90.96
N SER FA 232 19.39 55.10 -91.89
CA SER FA 232 18.08 55.04 -92.51
CA SER FA 232 18.07 55.03 -92.52
C SER FA 232 17.00 54.60 -91.52
N ILE FA 233 17.23 53.48 -90.83
CA ILE FA 233 16.27 52.99 -89.85
C ILE FA 233 16.07 54.01 -88.74
N ALA FA 234 17.15 54.66 -88.32
CA ALA FA 234 17.09 55.67 -87.26
C ALA FA 234 16.19 56.83 -87.67
N GLU FA 235 16.50 57.46 -88.81
CA GLU FA 235 15.74 58.63 -89.23
C GLU FA 235 14.30 58.26 -89.57
N ALA FA 236 14.07 57.08 -90.17
CA ALA FA 236 12.71 56.68 -90.51
C ALA FA 236 11.88 56.41 -89.26
N ALA FA 237 12.49 55.79 -88.24
CA ALA FA 237 11.78 55.56 -87.00
C ALA FA 237 11.53 56.85 -86.24
N PHE FA 238 12.45 57.82 -86.32
CA PHE FA 238 12.22 59.10 -85.68
C PHE FA 238 11.15 59.90 -86.40
N ASN FA 239 11.06 59.77 -87.72
CA ASN FA 239 9.98 60.40 -88.45
C ASN FA 239 8.62 59.81 -88.09
N LYS FA 240 8.58 58.51 -87.77
CA LYS FA 240 7.37 57.92 -87.21
C LYS FA 240 7.18 58.28 -85.75
N GLY FA 241 8.25 58.67 -85.06
CA GLY FA 241 8.14 58.99 -83.64
C GLY FA 241 8.29 57.80 -82.73
N GLU FA 242 9.04 56.78 -83.14
CA GLU FA 242 9.25 55.61 -82.30
C GLU FA 242 10.44 55.78 -81.36
N THR FA 243 11.57 56.21 -81.89
CA THR FA 243 12.71 56.61 -81.07
C THR FA 243 12.58 58.10 -80.78
N ALA FA 244 12.89 58.51 -79.54
CA ALA FA 244 12.68 59.89 -79.14
C ALA FA 244 13.89 60.78 -79.40
N MET FA 245 15.10 60.27 -79.22
CA MET FA 245 16.31 61.06 -79.40
C MET FA 245 17.00 60.67 -80.69
N THR FA 246 17.63 61.64 -81.34
CA THR FA 246 18.57 61.33 -82.41
C THR FA 246 19.62 62.43 -82.47
N ILE FA 247 20.70 62.14 -83.19
CA ILE FA 247 21.79 63.09 -83.39
C ILE FA 247 21.97 63.28 -84.89
N ASN FA 248 21.93 64.53 -85.33
CA ASN FA 248 21.93 64.80 -86.76
C ASN FA 248 22.38 66.23 -87.03
N GLY FA 249 22.91 66.44 -88.22
CA GLY FA 249 23.27 67.77 -88.68
C GLY FA 249 22.08 68.47 -89.29
N PRO FA 250 22.34 69.42 -90.19
CA PRO FA 250 21.25 70.18 -90.81
C PRO FA 250 20.48 69.41 -91.88
N TRP FA 251 21.17 68.50 -92.58
CA TRP FA 251 20.64 67.95 -93.83
C TRP FA 251 19.35 67.17 -93.68
N ALA FA 252 19.02 66.72 -92.47
CA ALA FA 252 17.80 65.96 -92.24
C ALA FA 252 16.68 66.78 -91.64
N TRP FA 253 16.94 68.06 -91.34
CA TRP FA 253 15.95 68.89 -90.64
C TRP FA 253 14.63 68.93 -91.39
N SER FA 254 14.68 69.27 -92.68
CA SER FA 254 13.47 69.32 -93.50
C SER FA 254 12.76 67.97 -93.55
N ASN FA 255 13.54 66.88 -93.51
CA ASN FA 255 12.92 65.55 -93.47
C ASN FA 255 12.07 65.38 -92.22
N ILE FA 256 12.55 65.87 -91.08
CA ILE FA 256 11.74 65.84 -89.87
C ILE FA 256 10.57 66.80 -90.00
N ASP FA 257 10.74 67.87 -90.77
CA ASP FA 257 9.63 68.75 -91.09
C ASP FA 257 8.62 68.10 -92.03
N THR FA 258 8.94 66.95 -92.62
CA THR FA 258 7.90 66.17 -93.29
C THR FA 258 7.08 65.37 -92.29
N SER FA 259 7.66 65.05 -91.14
CA SER FA 259 6.95 64.24 -90.14
CA SER FA 259 6.96 64.24 -90.14
C SER FA 259 5.87 65.02 -89.41
N LYS FA 260 5.99 66.35 -89.36
CA LYS FA 260 5.09 67.23 -88.62
C LYS FA 260 5.06 66.89 -87.13
N VAL FA 261 6.08 66.19 -86.65
CA VAL FA 261 6.22 65.91 -85.23
C VAL FA 261 6.68 67.17 -84.53
N ASN FA 262 6.04 67.49 -83.40
CA ASN FA 262 6.43 68.67 -82.65
C ASN FA 262 7.79 68.40 -82.00
N TYR FA 263 8.86 68.81 -82.66
CA TYR FA 263 10.21 68.47 -82.24
C TYR FA 263 11.01 69.72 -81.92
N GLY FA 264 12.07 69.52 -81.14
CA GLY FA 264 13.01 70.57 -80.85
C GLY FA 264 14.44 70.09 -81.11
N VAL FA 265 15.35 71.06 -81.11
CA VAL FA 265 16.77 70.82 -81.33
C VAL FA 265 17.55 71.48 -80.20
N THR FA 266 18.49 70.74 -79.63
CA THR FA 266 19.31 71.26 -78.54
C THR FA 266 20.73 70.72 -78.65
N VAL FA 267 21.56 71.14 -77.71
CA VAL FA 267 22.94 70.66 -77.62
C VAL FA 267 22.95 69.22 -77.13
N LEU FA 268 23.98 68.49 -77.53
CA LEU FA 268 24.17 67.15 -77.00
C LEU FA 268 24.51 67.21 -75.51
N PRO FA 269 24.12 66.19 -74.74
CA PRO FA 269 24.48 66.16 -73.33
C PRO FA 269 25.98 66.09 -73.12
N THR FA 270 26.42 66.60 -71.97
CA THR FA 270 27.81 66.46 -71.58
C THR FA 270 28.02 65.09 -70.94
N PHE FA 271 29.28 64.68 -70.86
CA PHE FA 271 29.62 63.34 -70.37
C PHE FA 271 30.79 63.45 -69.41
N LYS FA 272 30.54 63.07 -68.15
CA LYS FA 272 31.51 63.17 -67.06
C LYS FA 272 32.02 64.60 -66.86
N GLY FA 273 31.19 65.58 -67.23
CA GLY FA 273 31.56 66.97 -67.21
C GLY FA 273 32.16 67.48 -68.51
N GLN FA 274 32.85 66.62 -69.25
CA GLN FA 274 33.41 67.02 -70.53
C GLN FA 274 32.33 66.96 -71.61
N PRO FA 275 32.01 68.07 -72.26
CA PRO FA 275 30.95 68.05 -73.27
C PRO FA 275 31.39 67.34 -74.54
N SER FA 276 30.39 66.96 -75.33
CA SER FA 276 30.62 66.23 -76.57
C SER FA 276 31.40 67.11 -77.56
N LYS FA 277 31.98 66.44 -78.56
CA LYS FA 277 32.90 67.09 -79.49
C LYS FA 277 32.58 66.64 -80.91
N PRO FA 278 31.59 67.24 -81.56
CA PRO FA 278 31.26 66.87 -82.94
C PRO FA 278 32.24 67.46 -83.93
N PHE FA 279 32.30 66.84 -85.10
CA PHE FA 279 33.10 67.36 -86.20
C PHE FA 279 32.49 68.64 -86.75
N VAL FA 280 33.28 69.71 -86.71
CA VAL FA 280 32.86 71.00 -87.23
C VAL FA 280 33.23 71.04 -88.71
N GLY FA 281 32.21 71.02 -89.57
CA GLY FA 281 32.45 71.08 -91.00
C GLY FA 281 32.18 72.48 -91.54
N VAL FA 282 33.21 73.16 -92.00
CA VAL FA 282 33.09 74.58 -92.34
C VAL FA 282 33.13 74.72 -93.86
N LEU FA 283 32.01 75.16 -94.42
CA LEU FA 283 31.96 75.56 -95.82
C LEU FA 283 32.61 76.94 -95.96
N SER FA 284 33.73 76.98 -96.68
CA SER FA 284 34.47 78.20 -96.92
C SER FA 284 34.63 78.39 -98.43
N ALA FA 285 35.02 79.61 -98.80
CA ALA FA 285 35.20 80.01 -100.19
C ALA FA 285 36.68 80.22 -100.44
N GLY FA 286 37.30 79.24 -101.10
CA GLY FA 286 38.71 79.34 -101.46
C GLY FA 286 38.89 80.09 -102.76
N ILE FA 287 39.88 80.98 -102.78
CA ILE FA 287 40.29 81.70 -103.97
C ILE FA 287 41.37 80.86 -104.66
N ASN FA 288 41.26 80.72 -105.98
CA ASN FA 288 42.24 79.93 -106.72
C ASN FA 288 43.61 80.59 -106.64
N ALA FA 289 44.65 79.77 -106.48
CA ALA FA 289 46.00 80.28 -106.31
C ALA FA 289 46.62 80.76 -107.61
N ALA FA 290 46.04 80.42 -108.76
CA ALA FA 290 46.49 80.94 -110.04
C ALA FA 290 45.76 82.21 -110.44
N SER FA 291 44.92 82.75 -109.55
CA SER FA 291 44.09 83.90 -109.88
C SER FA 291 44.92 85.18 -109.90
N PRO FA 292 44.83 85.97 -110.97
CA PRO FA 292 45.21 87.39 -110.88
C PRO FA 292 44.09 88.32 -110.46
N ASN FA 293 43.03 87.78 -109.83
CA ASN FA 293 41.83 88.53 -109.50
C ASN FA 293 41.66 88.59 -107.98
N LYS FA 294 42.74 88.87 -107.26
CA LYS FA 294 42.74 88.74 -105.80
C LYS FA 294 41.82 89.77 -105.15
N GLU FA 295 42.03 91.06 -105.43
CA GLU FA 295 41.32 92.11 -104.72
C GLU FA 295 39.84 92.14 -105.05
N LEU FA 296 39.48 91.82 -106.29
CA LEU FA 296 38.07 91.79 -106.69
C LEU FA 296 37.29 90.75 -105.89
N ALA FA 297 37.81 89.52 -105.85
CA ALA FA 297 37.13 88.47 -105.10
C ALA FA 297 37.18 88.72 -103.60
N LYS FA 298 38.26 89.33 -103.10
CA LYS FA 298 38.31 89.67 -101.69
C LYS FA 298 37.25 90.71 -101.33
N GLU FA 299 37.04 91.70 -102.20
CA GLU FA 299 35.99 92.68 -101.99
CA GLU FA 299 35.99 92.68 -101.99
C GLU FA 299 34.62 92.03 -102.03
N PHE FA 300 34.40 91.13 -102.99
CA PHE FA 300 33.12 90.45 -103.11
C PHE FA 300 32.84 89.57 -101.89
N LEU FA 301 33.89 88.97 -101.32
CA LEU FA 301 33.70 88.09 -100.17
C LEU FA 301 33.52 88.87 -98.88
N GLU FA 302 34.23 89.98 -98.71
CA GLU FA 302 34.20 90.69 -97.44
C GLU FA 302 33.07 91.70 -97.36
N ASN FA 303 32.86 92.51 -98.39
CA ASN FA 303 31.89 93.58 -98.32
C ASN FA 303 30.50 93.18 -98.81
N TYR FA 304 30.37 92.05 -99.51
CA TYR FA 304 29.08 91.61 -100.01
C TYR FA 304 28.67 90.24 -99.49
N LEU FA 305 29.56 89.25 -99.50
CA LEU FA 305 29.20 87.91 -99.05
C LEU FA 305 29.09 87.83 -97.54
N LEU FA 306 30.19 88.08 -96.84
CA LEU FA 306 30.24 87.88 -95.39
C LEU FA 306 29.71 89.10 -94.64
N THR FA 307 28.53 89.55 -95.04
CA THR FA 307 27.78 90.62 -94.41
C THR FA 307 26.36 90.12 -94.14
N ASP FA 308 25.50 91.00 -93.63
CA ASP FA 308 24.15 90.59 -93.32
C ASP FA 308 23.35 90.29 -94.59
N GLU FA 309 23.40 91.18 -95.58
CA GLU FA 309 22.53 91.04 -96.74
C GLU FA 309 22.97 89.92 -97.66
N GLY FA 310 24.27 89.61 -97.72
CA GLY FA 310 24.72 88.53 -98.58
C GLY FA 310 24.30 87.16 -98.07
N LEU FA 311 24.55 86.90 -96.78
CA LEU FA 311 24.08 85.66 -96.18
C LEU FA 311 22.56 85.60 -96.13
N GLU FA 312 21.90 86.76 -96.00
CA GLU FA 312 20.43 86.76 -96.08
C GLU FA 312 19.96 86.33 -97.47
N ALA FA 313 20.55 86.90 -98.53
CA ALA FA 313 20.15 86.58 -99.88
C ALA FA 313 20.44 85.12 -100.23
N VAL FA 314 21.55 84.57 -99.74
CA VAL FA 314 21.77 83.16 -100.04
C VAL FA 314 20.85 82.27 -99.20
N ASN FA 315 20.49 82.70 -97.98
CA ASN FA 315 19.64 81.87 -97.13
C ASN FA 315 18.17 81.94 -97.53
N LYS FA 316 17.75 82.91 -98.33
CA LYS FA 316 16.37 82.89 -98.80
C LYS FA 316 16.08 81.68 -99.69
N ASP FA 317 17.08 81.22 -100.44
CA ASP FA 317 16.89 80.01 -101.25
C ASP FA 317 17.21 78.75 -100.44
N LYS FA 318 18.44 78.64 -99.96
CA LYS FA 318 18.85 77.51 -99.13
C LYS FA 318 19.67 78.03 -97.97
N PRO FA 319 19.34 77.64 -96.73
CA PRO FA 319 20.05 78.18 -95.57
C PRO FA 319 21.45 77.61 -95.43
N LEU FA 320 22.20 78.20 -94.51
CA LEU FA 320 23.55 77.74 -94.18
C LEU FA 320 23.68 77.31 -92.72
N GLY FA 321 22.60 77.34 -91.95
CA GLY FA 321 22.67 76.87 -90.58
C GLY FA 321 23.43 77.84 -89.72
N ALA FA 322 24.49 77.37 -89.09
CA ALA FA 322 25.41 78.23 -88.36
C ALA FA 322 26.40 78.84 -89.36
N VAL FA 323 26.48 80.16 -89.36
CA VAL FA 323 27.38 80.87 -90.27
C VAL FA 323 28.59 81.36 -89.49
N ALA FA 324 29.55 81.96 -90.19
CA ALA FA 324 30.77 82.44 -89.55
C ALA FA 324 30.70 83.90 -89.12
N LEU FA 325 29.87 84.71 -89.76
CA LEU FA 325 29.77 86.13 -89.41
C LEU FA 325 28.95 86.30 -88.13
N LYS FA 326 29.47 87.14 -87.22
CA LYS FA 326 28.91 87.22 -85.87
C LYS FA 326 27.53 87.85 -85.88
N SER FA 327 27.37 88.97 -86.60
CA SER FA 327 26.08 89.66 -86.62
C SER FA 327 24.99 88.80 -87.25
N TYR FA 328 25.31 88.11 -88.34
CA TYR FA 328 24.34 87.23 -88.96
C TYR FA 328 24.06 86.00 -88.10
N GLU FA 329 25.03 85.58 -87.27
CA GLU FA 329 24.72 84.58 -86.26
C GLU FA 329 23.75 85.10 -85.23
N GLU FA 330 23.84 86.39 -84.87
CA GLU FA 330 22.85 86.94 -83.96
C GLU FA 330 21.48 87.06 -84.61
N GLU FA 331 21.44 87.32 -85.93
CA GLU FA 331 20.16 87.31 -86.63
C GLU FA 331 19.55 85.91 -86.69
N LEU FA 332 20.37 84.88 -86.97
CA LEU FA 332 19.84 83.53 -87.09
C LEU FA 332 19.69 82.79 -85.76
N ALA FA 333 20.22 83.33 -84.66
CA ALA FA 333 20.14 82.64 -83.38
C ALA FA 333 18.75 82.61 -82.78
N LYS FA 334 17.76 83.28 -83.38
CA LYS FA 334 16.39 83.13 -82.92
C LYS FA 334 15.82 81.76 -83.26
N ASP FA 335 16.37 81.09 -84.27
CA ASP FA 335 16.03 79.71 -84.55
C ASP FA 335 16.86 78.84 -83.60
N PRO FA 336 16.23 78.06 -82.72
CA PRO FA 336 17.01 77.29 -81.73
C PRO FA 336 17.86 76.20 -82.35
N ARG FA 337 17.51 75.72 -83.55
CA ARG FA 337 18.38 74.81 -84.27
C ARG FA 337 19.72 75.46 -84.57
N ILE FA 338 19.70 76.74 -84.92
CA ILE FA 338 20.94 77.45 -85.26
C ILE FA 338 21.78 77.65 -84.00
N ALA FA 339 21.14 77.96 -82.86
CA ALA FA 339 21.87 78.10 -81.61
C ALA FA 339 22.50 76.78 -81.17
N ALA FA 340 21.76 75.69 -81.30
CA ALA FA 340 22.30 74.38 -80.96
C ALA FA 340 23.47 74.02 -81.89
N THR FA 341 23.33 74.34 -83.18
CA THR FA 341 24.41 74.07 -84.13
C THR FA 341 25.66 74.87 -83.79
N MET FA 342 25.50 76.15 -83.44
CA MET FA 342 26.70 76.94 -83.16
C MET FA 342 27.34 76.57 -81.84
N GLU FA 343 26.56 76.15 -80.84
CA GLU FA 343 27.20 75.74 -79.60
C GLU FA 343 27.92 74.39 -79.75
N ASN FA 344 27.32 73.45 -80.49
CA ASN FA 344 28.05 72.21 -80.78
C ASN FA 344 29.26 72.46 -81.66
N ALA FA 345 29.20 73.48 -82.53
CA ALA FA 345 30.36 73.79 -83.37
C ALA FA 345 31.47 74.43 -82.57
N GLN FA 346 31.14 75.31 -81.63
CA GLN FA 346 32.16 75.96 -80.83
C GLN FA 346 32.74 75.04 -79.77
N LYS FA 347 32.01 74.01 -79.35
CA LYS FA 347 32.57 73.02 -78.43
C LYS FA 347 33.05 71.75 -79.14
N GLY FA 348 32.99 71.73 -80.47
CA GLY FA 348 33.37 70.55 -81.22
C GLY FA 348 34.82 70.59 -81.69
N GLU FA 349 35.20 69.53 -82.42
CA GLU FA 349 36.53 69.41 -82.98
C GLU FA 349 36.48 69.77 -84.46
N ILE FA 350 37.41 70.63 -84.88
CA ILE FA 350 37.46 71.03 -86.27
C ILE FA 350 37.98 69.87 -87.11
N MET FA 351 37.44 69.72 -88.31
CA MET FA 351 37.82 68.60 -89.16
CA MET FA 351 37.82 68.60 -89.17
C MET FA 351 39.25 68.79 -89.67
N PRO FA 352 40.07 67.74 -89.64
CA PRO FA 352 41.44 67.86 -90.11
C PRO FA 352 41.53 68.01 -91.62
N ASN FA 353 42.51 68.81 -92.05
CA ASN FA 353 42.75 69.08 -93.46
C ASN FA 353 43.83 68.21 -94.05
N ILE FA 354 44.16 67.08 -93.41
CA ILE FA 354 45.32 66.29 -93.77
C ILE FA 354 44.87 64.95 -94.37
N PRO FA 355 45.68 64.32 -95.24
CA PRO FA 355 45.22 63.07 -95.88
C PRO FA 355 45.28 61.85 -94.98
N GLN FA 356 46.08 61.87 -93.91
CA GLN FA 356 46.12 60.74 -92.97
C GLN FA 356 44.74 60.49 -92.35
N MET FA 357 43.91 61.53 -92.29
CA MET FA 357 42.52 61.41 -91.86
C MET FA 357 41.80 60.27 -92.59
N SER FA 358 42.14 60.05 -93.87
CA SER FA 358 41.54 58.96 -94.63
C SER FA 358 41.80 57.61 -93.95
N ALA FA 359 43.05 57.34 -93.58
CA ALA FA 359 43.34 56.12 -92.83
C ALA FA 359 42.63 56.10 -91.48
N PHE FA 360 42.42 57.29 -90.90
CA PHE FA 360 41.56 57.41 -89.73
C PHE FA 360 40.19 56.80 -89.99
N TRP FA 361 39.55 57.23 -91.08
CA TRP FA 361 38.25 56.68 -91.43
C TRP FA 361 38.32 55.20 -91.83
N TYR FA 362 39.52 54.68 -92.06
CA TYR FA 362 39.68 53.25 -92.25
C TYR FA 362 40.06 52.55 -90.97
N ALA FA 363 40.73 53.23 -90.04
CA ALA FA 363 41.18 52.56 -88.82
C ALA FA 363 40.08 52.51 -87.76
N VAL FA 364 39.67 53.69 -87.26
CA VAL FA 364 38.80 53.74 -86.08
C VAL FA 364 37.42 53.17 -86.36
N ARG FA 365 36.97 53.21 -87.62
CA ARG FA 365 35.73 52.54 -87.98
C ARG FA 365 35.79 51.05 -87.64
N THR FA 366 36.88 50.38 -88.05
CA THR FA 366 37.06 48.98 -87.69
C THR FA 366 37.06 48.79 -86.19
N ALA FA 367 37.52 49.81 -85.44
CA ALA FA 367 37.48 49.76 -83.99
C ALA FA 367 36.07 49.51 -83.48
N VAL FA 368 35.10 50.29 -83.96
CA VAL FA 368 33.73 50.05 -83.47
C VAL FA 368 33.18 48.76 -84.07
N ILE FA 369 33.72 48.32 -85.21
CA ILE FA 369 33.31 47.02 -85.75
C ILE FA 369 33.85 45.91 -84.87
N ASN FA 370 34.91 46.16 -84.12
CA ASN FA 370 35.34 45.22 -83.10
C ASN FA 370 34.70 45.49 -81.75
N ALA FA 371 34.01 46.62 -81.58
CA ALA FA 371 33.46 47.00 -80.29
C ALA FA 371 31.99 46.60 -80.16
N ALA FA 372 31.13 47.12 -81.04
CA ALA FA 372 29.71 46.80 -80.98
C ALA FA 372 29.44 45.35 -81.35
N SER FA 373 30.31 44.73 -82.14
CA SER FA 373 30.21 43.31 -82.43
C SER FA 373 30.86 42.44 -81.37
N GLY FA 374 31.79 42.99 -80.59
CA GLY FA 374 32.42 42.23 -79.53
C GLY FA 374 33.45 41.23 -80.00
N ARG FA 375 33.98 41.40 -81.21
CA ARG FA 375 35.09 40.55 -81.65
C ARG FA 375 36.34 40.82 -80.84
N GLN FA 376 36.59 42.09 -80.53
CA GLN FA 376 37.65 42.51 -79.63
C GLN FA 376 37.04 43.24 -78.45
N THR FA 377 37.88 43.68 -77.52
CA THR FA 377 37.43 44.46 -76.40
C THR FA 377 37.56 45.95 -76.74
N VAL FA 378 37.47 46.82 -75.73
CA VAL FA 378 37.65 48.24 -75.95
C VAL FA 378 39.11 48.55 -76.30
N ASP FA 379 40.03 48.15 -75.42
CA ASP FA 379 41.44 48.49 -75.60
C ASP FA 379 42.02 47.84 -76.84
N GLU FA 380 41.62 46.59 -77.13
CA GLU FA 380 42.12 45.90 -78.33
C GLU FA 380 41.72 46.65 -79.60
N ALA FA 381 40.45 47.02 -79.71
CA ALA FA 381 39.98 47.75 -80.89
C ALA FA 381 40.64 49.11 -81.01
N LEU FA 382 40.79 49.83 -79.89
CA LEU FA 382 41.33 51.18 -79.98
C LEU FA 382 42.82 51.17 -80.29
N LYS FA 383 43.59 50.22 -79.75
CA LYS FA 383 45.01 50.19 -80.11
C LYS FA 383 45.23 49.54 -81.47
N ASP FA 384 44.26 48.77 -81.97
CA ASP FA 384 44.34 48.36 -83.37
C ASP FA 384 44.08 49.52 -84.30
N ALA FA 385 43.18 50.42 -83.92
CA ALA FA 385 42.98 51.64 -84.68
C ALA FA 385 44.10 52.65 -84.46
N GLN FA 386 44.92 52.45 -83.42
CA GLN FA 386 46.02 53.38 -83.13
C GLN FA 386 47.09 53.32 -84.22
N THR FA 387 47.58 52.13 -84.53
CA THR FA 387 48.61 51.96 -85.53
C THR FA 387 48.02 52.08 -86.93
N SER GA 35 -13.93 92.36 17.58
CA SER GA 35 -13.83 92.01 18.99
C SER GA 35 -14.90 92.74 19.79
N GLU GA 36 -16.07 92.94 19.16
CA GLU GA 36 -17.22 93.51 19.87
C GLU GA 36 -17.70 92.61 20.99
N LEU GA 37 -17.53 91.30 20.84
CA LEU GA 37 -17.77 90.35 21.91
C LEU GA 37 -16.51 89.58 22.27
N GLY GA 38 -15.35 90.03 21.78
CA GLY GA 38 -14.12 89.31 22.02
C GLY GA 38 -13.63 89.44 23.45
N LYS GA 39 -13.67 90.66 24.00
CA LYS GA 39 -13.37 90.83 25.41
C LYS GA 39 -14.46 90.24 26.29
N GLU GA 40 -15.69 90.19 25.77
CA GLU GA 40 -16.76 89.45 26.44
C GLU GA 40 -16.46 87.96 26.46
N LEU GA 41 -15.66 87.47 25.51
CA LEU GA 41 -15.16 86.10 25.61
C LEU GA 41 -13.95 86.01 26.54
N LEU GA 42 -13.13 87.07 26.59
CA LEU GA 42 -11.97 87.05 27.47
C LEU GA 42 -12.36 87.00 28.93
N GLU GA 43 -13.43 87.72 29.30
CA GLU GA 43 -13.85 87.71 30.69
C GLU GA 43 -14.41 86.36 31.10
N ALA GA 44 -15.17 85.71 30.21
CA ALA GA 44 -15.68 84.39 30.53
C ALA GA 44 -14.59 83.34 30.50
N ALA GA 45 -13.55 83.54 29.69
CA ALA GA 45 -12.42 82.63 29.69
C ALA GA 45 -11.60 82.76 30.95
N ARG GA 46 -11.46 83.98 31.46
CA ARG GA 46 -10.82 84.18 32.76
C ARG GA 46 -11.68 83.62 33.89
N ALA GA 47 -13.01 83.68 33.75
CA ALA GA 47 -13.89 83.35 34.85
C ALA GA 47 -14.56 81.98 34.74
N GLY GA 48 -14.68 81.43 33.54
CA GLY GA 48 -15.26 80.10 33.42
C GLY GA 48 -16.77 80.03 33.55
N GLN GA 49 -17.49 80.58 32.57
CA GLN GA 49 -18.94 80.45 32.48
C GLN GA 49 -19.30 79.77 31.16
N ASP GA 50 -19.77 78.52 31.25
CA ASP GA 50 -20.24 77.83 30.05
C ASP GA 50 -21.50 78.46 29.49
N ASP GA 51 -22.34 79.01 30.37
CA ASP GA 51 -23.56 79.68 29.92
C ASP GA 51 -23.23 80.96 29.14
N GLU GA 52 -22.26 81.74 29.63
CA GLU GA 52 -21.90 82.98 28.95
C GLU GA 52 -21.35 82.71 27.56
N VAL GA 53 -20.46 81.73 27.43
CA VAL GA 53 -19.92 81.42 26.12
C VAL GA 53 -20.95 80.73 25.24
N ARG GA 54 -21.91 80.00 25.83
CA ARG GA 54 -22.99 79.43 25.04
C ARG GA 54 -23.87 80.53 24.45
N ILE GA 55 -24.15 81.58 25.22
CA ILE GA 55 -24.93 82.70 24.69
C ILE GA 55 -24.13 83.49 23.68
N LEU GA 56 -22.82 83.65 23.91
CA LEU GA 56 -21.99 84.39 22.97
C LEU GA 56 -21.84 83.66 21.65
N MET GA 57 -21.81 82.32 21.68
CA MET GA 57 -21.88 81.55 20.44
C MET GA 57 -23.28 81.52 19.85
N ALA GA 58 -24.32 81.74 20.66
CA ALA GA 58 -25.64 81.95 20.10
C ALA GA 58 -25.72 83.29 19.38
N ARG GA 59 -24.94 84.27 19.82
CA ARG GA 59 -24.84 85.56 19.15
C ARG GA 59 -23.71 85.61 18.14
N GLY GA 60 -22.93 84.53 18.02
CA GLY GA 60 -21.86 84.47 17.04
C GLY GA 60 -20.66 85.31 17.40
N ALA GA 61 -20.18 85.17 18.64
CA ALA GA 61 -18.99 85.91 19.05
C ALA GA 61 -17.75 85.34 18.39
N GLU GA 62 -16.82 86.22 18.02
CA GLU GA 62 -15.61 85.80 17.34
C GLU GA 62 -14.68 85.08 18.31
N VAL GA 63 -14.08 83.97 17.83
CA VAL GA 63 -13.28 83.11 18.71
C VAL GA 63 -11.79 83.41 18.64
N ASN GA 64 -11.33 84.20 17.67
CA ASN GA 64 -9.90 84.48 17.50
C ASN GA 64 -9.55 85.87 18.01
N ALA GA 65 -10.11 86.25 19.14
CA ALA GA 65 -9.90 87.59 19.70
C ALA GA 65 -8.53 87.66 20.35
N ALA GA 66 -7.56 88.26 19.66
CA ALA GA 66 -6.22 88.42 20.19
C ALA GA 66 -6.08 89.79 20.84
N ASP GA 67 -5.46 89.83 22.01
CA ASP GA 67 -5.17 91.09 22.69
C ASP GA 67 -3.85 91.64 22.18
N ASN GA 68 -3.31 92.65 22.87
CA ASN GA 68 -2.06 93.28 22.42
C ASN GA 68 -0.86 92.35 22.57
N THR GA 69 -0.94 91.34 23.43
CA THR GA 69 0.16 90.41 23.64
C THR GA 69 -0.12 89.03 23.09
N GLY GA 70 -1.21 88.86 22.33
CA GLY GA 70 -1.48 87.62 21.64
C GLY GA 70 -2.30 86.62 22.41
N THR GA 71 -2.81 86.98 23.58
CA THR GA 71 -3.53 86.02 24.41
C THR GA 71 -4.94 85.84 23.89
N THR GA 72 -5.27 84.62 23.50
CA THR GA 72 -6.57 84.28 22.92
C THR GA 72 -7.53 83.81 24.00
N PRO GA 73 -8.82 83.70 23.70
CA PRO GA 73 -9.73 83.04 24.65
C PRO GA 73 -9.36 81.60 24.92
N LEU GA 74 -8.77 80.92 23.93
CA LEU GA 74 -8.31 79.56 24.16
C LEU GA 74 -7.17 79.51 25.16
N HIS GA 75 -6.30 80.52 25.15
CA HIS GA 75 -5.20 80.57 26.11
C HIS GA 75 -5.72 80.65 27.54
N LEU GA 76 -6.67 81.55 27.79
CA LEU GA 76 -7.22 81.67 29.14
C LEU GA 76 -8.07 80.46 29.50
N ALA GA 77 -8.74 79.87 28.51
CA ALA GA 77 -9.50 78.65 28.77
C ALA GA 77 -8.58 77.52 29.20
N ALA GA 78 -7.39 77.46 28.61
CA ALA GA 78 -6.41 76.44 29.00
C ALA GA 78 -5.80 76.74 30.35
N TYR GA 79 -5.41 78.00 30.58
CA TYR GA 79 -4.82 78.40 31.85
C TYR GA 79 -5.79 78.19 33.00
N SER GA 80 -7.09 78.34 32.76
CA SER GA 80 -8.06 78.21 33.83
C SER GA 80 -8.32 76.76 34.20
N GLY GA 81 -8.45 75.88 33.19
CA GLY GA 81 -8.68 74.49 33.46
C GLY GA 81 -10.12 74.03 33.43
N HIS GA 82 -10.97 74.71 32.66
CA HIS GA 82 -12.34 74.27 32.42
C HIS GA 82 -12.42 73.71 31.02
N LEU GA 83 -12.72 72.41 30.90
CA LEU GA 83 -12.64 71.74 29.61
C LEU GA 83 -13.77 72.13 28.67
N GLU GA 84 -14.92 72.58 29.21
CA GLU GA 84 -16.08 72.82 28.37
C GLU GA 84 -15.90 74.02 27.45
N ILE GA 85 -15.33 75.11 27.99
CA ILE GA 85 -15.10 76.30 27.18
C ILE GA 85 -14.05 76.00 26.11
N VAL GA 86 -13.05 75.18 26.43
CA VAL GA 86 -12.07 74.76 25.43
C VAL GA 86 -12.75 73.94 24.34
N GLU GA 87 -13.64 73.03 24.74
CA GLU GA 87 -14.33 72.18 23.77
C GLU GA 87 -15.17 73.01 22.82
N VAL GA 88 -15.92 73.98 23.34
CA VAL GA 88 -16.78 74.75 22.44
C VAL GA 88 -15.97 75.73 21.61
N LEU GA 89 -14.85 76.24 22.15
CA LEU GA 89 -13.97 77.09 21.37
C LEU GA 89 -13.39 76.32 20.19
N LEU GA 90 -13.01 75.06 20.41
CA LEU GA 90 -12.55 74.24 19.30
C LEU GA 90 -13.70 73.81 18.39
N LYS GA 91 -14.92 73.76 18.91
CA LYS GA 91 -16.07 73.48 18.06
C LYS GA 91 -16.34 74.63 17.10
N TYR GA 92 -16.07 75.86 17.51
CA TYR GA 92 -16.24 77.01 16.64
C TYR GA 92 -14.97 77.41 15.92
N GLY GA 93 -13.93 76.56 15.97
CA GLY GA 93 -12.77 76.76 15.13
C GLY GA 93 -11.72 77.70 15.66
N ALA GA 94 -11.48 77.68 16.98
CA ALA GA 94 -10.40 78.48 17.53
C ALA GA 94 -9.06 77.89 17.12
N GLU GA 95 -8.03 78.73 17.08
CA GLU GA 95 -6.72 78.30 16.65
C GLU GA 95 -6.03 77.52 17.76
N VAL GA 96 -5.62 76.29 17.44
CA VAL GA 96 -5.00 75.43 18.44
C VAL GA 96 -3.53 75.75 18.64
N ASN GA 97 -2.87 76.36 17.66
CA ASN GA 97 -1.43 76.59 17.68
C ASN GA 97 -1.12 78.08 17.64
N ALA GA 98 -1.90 78.88 18.35
CA ALA GA 98 -1.70 80.33 18.37
C ALA GA 98 -0.59 80.67 19.34
N ALA GA 99 0.51 81.22 18.83
CA ALA GA 99 1.63 81.61 19.67
C ALA GA 99 1.49 83.05 20.13
N ASP GA 100 1.85 83.29 21.38
CA ASP GA 100 1.84 84.64 21.95
C ASP GA 100 3.15 85.35 21.61
N VAL GA 101 3.39 86.49 22.25
CA VAL GA 101 4.66 87.20 22.06
C VAL GA 101 5.81 86.52 22.78
N PHE GA 102 5.53 85.57 23.67
CA PHE GA 102 6.56 84.79 24.33
C PHE GA 102 6.72 83.39 23.74
N GLY GA 103 5.86 83.00 22.81
CA GLY GA 103 5.96 81.72 22.16
C GLY GA 103 5.06 80.64 22.72
N TYR GA 104 4.38 80.90 23.82
CA TYR GA 104 3.53 79.87 24.42
C TYR GA 104 2.27 79.68 23.62
N THR GA 105 1.86 78.42 23.50
CA THR GA 105 0.59 77.98 22.95
C THR GA 105 -0.30 77.53 24.10
N PRO GA 106 -1.57 77.21 23.83
CA PRO GA 106 -2.39 76.61 24.90
C PRO GA 106 -1.84 75.31 25.43
N LEU GA 107 -1.12 74.54 24.60
CA LEU GA 107 -0.53 73.29 25.08
C LEU GA 107 0.56 73.56 26.11
N HIS GA 108 1.36 74.61 25.90
CA HIS GA 108 2.39 74.98 26.87
C HIS GA 108 1.78 75.30 28.23
N LEU GA 109 0.80 76.18 28.27
CA LEU GA 109 0.16 76.56 29.53
C LEU GA 109 -0.57 75.39 30.16
N ALA GA 110 -1.17 74.52 29.35
CA ALA GA 110 -1.84 73.35 29.88
C ALA GA 110 -0.85 72.40 30.53
N ALA GA 111 0.34 72.26 29.93
CA ALA GA 111 1.34 71.38 30.49
C ALA GA 111 1.97 71.99 31.74
N TYR GA 112 2.06 73.31 31.81
CA TYR GA 112 2.60 73.96 33.01
C TYR GA 112 1.72 73.70 34.22
N TRP GA 113 0.42 73.93 34.09
CA TRP GA 113 -0.47 73.89 35.23
C TRP GA 113 -1.02 72.50 35.52
N GLY GA 114 -0.71 71.52 34.69
CA GLY GA 114 -1.06 70.16 35.01
C GLY GA 114 -2.53 69.84 34.81
N HIS GA 115 -3.06 70.14 33.65
CA HIS GA 115 -4.45 69.85 33.30
C HIS GA 115 -4.43 68.78 32.21
N LEU GA 116 -4.78 67.55 32.59
CA LEU GA 116 -4.56 66.40 31.71
C LEU GA 116 -5.54 66.38 30.56
N GLU GA 117 -6.83 66.56 30.86
CA GLU GA 117 -7.87 66.42 29.85
C GLU GA 117 -7.75 67.45 28.74
N ILE GA 118 -7.36 68.68 29.09
CA ILE GA 118 -7.25 69.66 28.02
C ILE GA 118 -6.00 69.43 27.20
N VAL GA 119 -4.94 68.87 27.81
CA VAL GA 119 -3.78 68.43 27.03
C VAL GA 119 -4.19 67.38 26.02
N GLU GA 120 -4.99 66.41 26.47
CA GLU GA 120 -5.46 65.34 25.60
C GLU GA 120 -6.29 65.89 24.44
N VAL GA 121 -7.25 66.78 24.73
CA VAL GA 121 -8.10 67.25 23.65
C VAL GA 121 -7.40 68.25 22.74
N LEU GA 122 -6.36 68.95 23.23
CA LEU GA 122 -5.56 69.77 22.34
C LEU GA 122 -4.76 68.91 21.39
N LEU GA 123 -4.15 67.83 21.90
CA LEU GA 123 -3.45 66.90 21.02
C LEU GA 123 -4.41 66.21 20.06
N LYS GA 124 -5.65 66.02 20.48
CA LYS GA 124 -6.66 65.41 19.63
C LYS GA 124 -7.08 66.32 18.50
N ASN GA 125 -6.87 67.63 18.64
CA ASN GA 125 -7.28 68.59 17.64
C ASN GA 125 -6.10 69.13 16.83
N GLY GA 126 -4.96 68.45 16.89
CA GLY GA 126 -3.83 68.82 16.05
C GLY GA 126 -2.91 69.87 16.65
N ALA GA 127 -2.69 69.81 17.96
CA ALA GA 127 -1.69 70.66 18.58
C ALA GA 127 -0.30 70.11 18.32
N ASP GA 128 0.64 71.00 18.00
CA ASP GA 128 2.00 70.58 17.69
C ASP GA 128 2.72 70.19 18.97
N VAL GA 129 3.16 68.94 19.05
CA VAL GA 129 3.68 68.41 20.30
C VAL GA 129 5.11 68.88 20.57
N ASN GA 130 5.83 69.33 19.55
CA ASN GA 130 7.21 69.77 19.70
C ASN GA 130 7.33 71.28 19.49
N ALA GA 131 6.35 72.03 19.99
CA ALA GA 131 6.36 73.48 19.84
C ALA GA 131 7.38 74.11 20.79
N ARG GA 132 8.23 74.98 20.25
CA ARG GA 132 9.24 75.66 21.04
C ARG GA 132 8.76 77.05 21.43
N ASP GA 133 9.14 77.48 22.63
CA ASP GA 133 8.84 78.83 23.07
C ASP GA 133 10.02 79.74 22.74
N SER GA 134 10.05 80.92 23.37
CA SER GA 134 11.20 81.81 23.25
C SER GA 134 12.47 81.18 23.80
N ASP GA 135 12.34 80.31 24.81
CA ASP GA 135 13.48 79.62 25.39
C ASP GA 135 13.82 78.32 24.66
N GLY GA 136 13.01 77.94 23.68
CA GLY GA 136 13.18 76.64 23.07
C GLY GA 136 12.65 75.48 23.89
N MET GA 137 11.87 75.76 24.94
CA MET GA 137 11.37 74.73 25.81
C MET GA 137 10.05 74.20 25.26
N THR GA 138 10.02 72.91 24.95
CA THR GA 138 8.81 72.24 24.51
C THR GA 138 7.90 72.00 25.70
N PRO GA 139 6.63 71.65 25.47
CA PRO GA 139 5.77 71.28 26.60
C PRO GA 139 6.29 70.11 27.42
N LEU GA 140 7.03 69.20 26.80
CA LEU GA 140 7.63 68.10 27.54
C LEU GA 140 8.66 68.60 28.54
N HIS GA 141 9.43 69.64 28.18
CA HIS GA 141 10.31 70.29 29.13
C HIS GA 141 9.56 70.75 30.37
N LEU GA 142 8.40 71.39 30.17
CA LEU GA 142 7.63 71.90 31.29
C LEU GA 142 7.09 70.77 32.16
N ALA GA 143 6.48 69.77 31.53
CA ALA GA 143 5.90 68.66 32.28
C ALA GA 143 6.96 67.84 33.01
N ALA GA 144 8.18 67.78 32.48
CA ALA GA 144 9.26 67.11 33.20
C ALA GA 144 9.82 67.97 34.31
N LYS GA 145 9.84 69.29 34.11
CA LYS GA 145 10.34 70.21 35.12
C LYS GA 145 9.41 70.29 36.32
N TRP GA 146 8.11 70.07 36.12
CA TRP GA 146 7.18 70.22 37.22
C TRP GA 146 6.70 68.91 37.82
N GLY GA 147 6.94 67.78 37.16
CA GLY GA 147 6.66 66.49 37.76
C GLY GA 147 5.30 65.91 37.50
N HIS GA 148 4.73 66.14 36.31
CA HIS GA 148 3.43 65.59 35.94
C HIS GA 148 3.64 64.34 35.10
N LEU GA 149 3.38 63.16 35.68
CA LEU GA 149 3.66 61.91 34.97
C LEU GA 149 2.73 61.70 33.79
N GLU GA 150 1.43 61.80 34.02
CA GLU GA 150 0.46 61.44 33.00
C GLU GA 150 0.54 62.36 31.79
N ILE GA 151 0.85 63.63 32.01
CA ILE GA 151 1.08 64.54 30.90
C ILE GA 151 2.30 64.11 30.11
N VAL GA 152 3.38 63.73 30.79
CA VAL GA 152 4.58 63.25 30.12
C VAL GA 152 4.27 62.03 29.27
N GLU GA 153 3.45 61.12 29.79
CA GLU GA 153 3.16 59.90 29.04
C GLU GA 153 2.28 60.16 27.83
N VAL GA 154 1.26 61.00 27.98
CA VAL GA 154 0.42 61.35 26.85
C VAL GA 154 1.22 62.13 25.80
N LEU GA 155 2.18 62.94 26.23
CA LEU GA 155 3.01 63.65 25.27
C LEU GA 155 3.95 62.71 24.55
N LEU GA 156 4.47 61.70 25.26
CA LEU GA 156 5.33 60.73 24.62
C LEU GA 156 4.56 59.87 23.63
N ARG GA 157 3.28 59.62 23.90
CA ARG GA 157 2.47 58.85 22.97
C ARG GA 157 2.31 59.54 21.62
N TYR GA 158 2.31 60.87 21.61
CA TYR GA 158 2.05 61.62 20.39
C TYR GA 158 3.33 62.04 19.68
N GLY GA 159 4.48 61.60 20.13
CA GLY GA 159 5.72 61.83 19.43
C GLY GA 159 6.56 62.97 19.92
N ALA GA 160 6.55 63.26 21.22
CA ALA GA 160 7.39 64.33 21.75
C ALA GA 160 8.86 63.94 21.68
N ASP GA 161 9.71 64.90 21.32
CA ASP GA 161 11.12 64.64 21.14
C ASP GA 161 11.81 64.54 22.49
N VAL GA 162 12.47 63.41 22.73
CA VAL GA 162 13.17 63.20 24.00
C VAL GA 162 14.46 64.01 24.04
N GLU GA 163 15.04 64.33 22.89
CA GLU GA 163 16.36 64.92 22.81
C GLU GA 163 16.33 66.42 22.52
N ALA GA 164 15.19 67.07 22.69
CA ALA GA 164 15.10 68.50 22.47
C ALA GA 164 15.86 69.26 23.56
N GLN GA 165 16.71 70.19 23.15
CA GLN GA 165 17.48 71.01 24.06
C GLN GA 165 16.98 72.45 24.02
N ASP GA 166 17.01 73.11 25.17
CA ASP GA 166 16.61 74.51 25.28
C ASP GA 166 17.85 75.39 25.08
N LYS GA 167 17.74 76.67 25.42
CA LYS GA 167 18.85 77.60 25.23
C LYS GA 167 20.06 77.26 26.09
N PHE GA 168 19.86 76.57 27.21
CA PHE GA 168 20.96 76.15 28.06
C PHE GA 168 21.53 74.80 27.67
N GLY GA 169 20.97 74.14 26.67
CA GLY GA 169 21.38 72.80 26.33
C GLY GA 169 20.85 71.74 27.27
N LYS GA 170 19.65 71.94 27.81
CA LYS GA 170 19.04 71.01 28.73
C LYS GA 170 17.97 70.20 28.02
N THR GA 171 18.03 68.89 28.17
CA THR GA 171 16.95 68.00 27.75
C THR GA 171 15.95 67.86 28.87
N PRO GA 172 14.74 67.36 28.58
CA PRO GA 172 13.78 67.11 29.68
C PRO GA 172 14.30 66.15 30.73
N PHE GA 173 15.20 65.23 30.37
CA PHE GA 173 15.82 64.35 31.35
C PHE GA 173 16.65 65.16 32.35
N ASP GA 174 17.34 66.19 31.87
CA ASP GA 174 18.12 67.04 32.76
C ASP GA 174 17.22 67.84 33.68
N LEU GA 175 16.13 68.38 33.16
CA LEU GA 175 15.22 69.13 34.01
C LEU GA 175 14.51 68.24 35.01
N ALA GA 176 14.35 66.96 34.68
CA ALA GA 176 13.72 66.04 35.62
C ALA GA 176 14.69 65.60 36.72
N ILE GA 177 15.98 65.47 36.40
CA ILE GA 177 16.90 65.12 37.48
C ILE GA 177 17.23 66.34 38.34
N ASP GA 178 17.20 67.54 37.76
CA ASP GA 178 17.50 68.73 38.55
C ASP GA 178 16.42 69.07 39.55
N ASN GA 179 15.19 68.61 39.33
CA ASN GA 179 14.08 68.91 40.22
C ASN GA 179 13.60 67.68 40.99
N GLY GA 180 14.33 66.58 40.95
CA GLY GA 180 14.02 65.45 41.79
C GLY GA 180 12.90 64.56 41.32
N ASN GA 181 12.52 64.64 40.04
CA ASN GA 181 11.46 63.79 39.51
C ASN GA 181 12.10 62.54 38.92
N GLU GA 182 12.39 61.59 39.81
CA GLU GA 182 13.23 60.45 39.44
C GLU GA 182 12.51 59.43 38.57
N ASP GA 183 11.20 59.25 38.75
CA ASP GA 183 10.47 58.31 37.91
C ASP GA 183 10.32 58.81 36.48
N ILE GA 184 10.12 60.12 36.31
CA ILE GA 184 10.13 60.71 34.98
C ILE GA 184 11.46 60.45 34.29
N ALA GA 185 12.55 60.70 35.02
CA ALA GA 185 13.88 60.49 34.45
C ALA GA 185 14.12 59.03 34.12
N GLU GA 186 13.57 58.10 34.91
CA GLU GA 186 13.70 56.69 34.62
C GLU GA 186 13.02 56.35 33.30
N VAL GA 187 11.78 56.83 33.12
CA VAL GA 187 11.04 56.57 31.89
C VAL GA 187 11.79 57.14 30.69
N LEU GA 188 12.26 58.38 30.83
CA LEU GA 188 12.95 59.05 29.73
C LEU GA 188 14.27 58.40 29.39
N GLN GA 189 14.94 57.80 30.37
CA GLN GA 189 16.22 57.17 30.11
C GLN GA 189 16.05 55.81 29.45
N ALA GA 190 15.09 55.03 29.94
CA ALA GA 190 14.85 53.71 29.37
C ALA GA 190 14.37 53.79 27.93
N LEU GA 191 13.53 54.77 27.62
CA LEU GA 191 13.02 54.91 26.26
C LEU GA 191 14.14 55.18 25.27
N LEU GA 192 15.01 56.13 25.62
CA LEU GA 192 16.13 56.48 24.76
C LEU GA 192 17.08 55.29 24.58
N ALA GA 193 17.28 54.52 25.64
CA ALA GA 193 18.22 53.41 25.55
C ALA GA 193 17.69 52.31 24.64
N ILE GA 194 16.39 52.02 24.71
CA ILE GA 194 15.87 50.99 23.82
C ILE GA 194 15.85 51.46 22.37
N ASN GA 195 15.59 52.75 22.13
CA ASN GA 195 15.62 53.22 20.75
C ASN GA 195 17.03 53.18 20.18
N ARG GA 196 18.03 53.49 21.00
CA ARG GA 196 19.40 53.38 20.53
C ARG GA 196 19.81 51.95 20.27
N GLN GA 197 19.30 51.00 21.05
CA GLN GA 197 19.62 49.60 20.75
C GLN GA 197 18.96 49.14 19.45
N ILE GA 198 17.76 49.64 19.14
CA ILE GA 198 17.14 49.32 17.86
C ILE GA 198 17.99 49.84 16.71
N ASN GA 199 18.45 51.09 16.81
CA ASN GA 199 19.29 51.63 15.75
C ASN GA 199 20.61 50.88 15.63
N LEU GA 200 21.16 50.43 16.76
CA LEU GA 200 22.42 49.70 16.71
C LEU GA 200 22.28 48.33 16.08
N GLU GA 201 21.15 47.66 16.30
CA GLU GA 201 20.93 46.40 15.61
C GLU GA 201 20.70 46.61 14.12
N LEU GA 202 20.03 47.71 13.73
CA LEU GA 202 19.88 47.98 12.30
C LEU GA 202 21.19 48.34 11.64
N TYR GA 203 22.11 48.97 12.38
CA TYR GA 203 23.42 49.30 11.85
C TYR GA 203 24.23 48.05 11.53
N ALA GA 204 24.23 47.07 12.44
CA ALA GA 204 25.06 45.89 12.29
C ALA GA 204 24.62 45.03 11.11
N SER GA 205 23.35 45.08 10.73
CA SER GA 205 22.85 44.30 9.61
C SER GA 205 23.40 44.82 8.28
N TYR GA 206 23.61 46.13 8.20
CA TYR GA 206 24.09 46.80 7.02
C TYR GA 206 25.59 46.63 6.84
N VAL GA 207 26.33 46.52 7.94
CA VAL GA 207 27.75 46.17 7.88
C VAL GA 207 27.93 44.76 7.33
N TYR GA 208 27.09 43.83 7.76
CA TYR GA 208 27.17 42.47 7.25
C TYR GA 208 26.75 42.39 5.79
N LEU GA 209 25.81 43.23 5.36
CA LEU GA 209 25.47 43.30 3.95
C LEU GA 209 26.66 43.77 3.12
N SER GA 210 27.34 44.80 3.59
CA SER GA 210 28.55 45.27 2.93
C SER GA 210 29.59 44.17 2.82
N MET GA 211 29.87 43.51 3.94
CA MET GA 211 30.84 42.42 3.99
C MET GA 211 30.49 41.31 3.03
N SER GA 212 29.21 40.92 2.98
CA SER GA 212 28.78 39.83 2.12
C SER GA 212 29.00 40.16 0.66
N TYR GA 213 28.62 41.36 0.23
CA TYR GA 213 28.79 41.65 -1.18
C TYR GA 213 30.21 42.08 -1.53
N TYR GA 214 31.10 42.21 -0.55
CA TYR GA 214 32.52 42.32 -0.89
C TYR GA 214 33.08 40.99 -1.35
N PHE GA 215 32.59 39.89 -0.80
CA PHE GA 215 33.22 38.58 -0.99
C PHE GA 215 32.74 37.86 -2.23
N ASP GA 216 31.90 38.48 -3.06
CA ASP GA 216 31.59 37.88 -4.35
C ASP GA 216 31.94 38.80 -5.50
N ARG GA 217 32.79 39.78 -5.27
CA ARG GA 217 33.45 40.47 -6.37
C ARG GA 217 34.31 39.48 -7.15
N ASP GA 218 34.52 39.76 -8.43
CA ASP GA 218 35.23 38.81 -9.26
C ASP GA 218 36.71 38.70 -8.92
N ASP GA 219 37.27 39.64 -8.17
CA ASP GA 219 38.62 39.51 -7.66
C ASP GA 219 38.67 39.05 -6.21
N VAL GA 220 37.52 38.82 -5.58
CA VAL GA 220 37.43 38.15 -4.28
C VAL GA 220 36.41 37.04 -4.47
N ALA GA 221 36.85 35.87 -4.90
CA ALA GA 221 35.91 34.85 -5.33
C ALA GA 221 35.71 33.79 -4.23
N LEU GA 222 35.13 34.23 -3.12
CA LEU GA 222 34.89 33.34 -1.98
C LEU GA 222 33.39 33.30 -1.68
N LYS GA 223 32.71 32.25 -2.16
CA LYS GA 223 31.25 32.17 -2.13
C LYS GA 223 30.70 31.88 -0.74
N ASN GA 224 31.43 31.12 0.05
CA ASN GA 224 30.91 30.70 1.34
C ASN GA 224 31.09 31.77 2.40
N PHE GA 225 32.12 32.61 2.27
CA PHE GA 225 32.23 33.83 3.05
C PHE GA 225 31.03 34.73 2.82
N ALA GA 226 30.68 34.94 1.55
CA ALA GA 226 29.55 35.79 1.20
C ALA GA 226 28.24 35.23 1.74
N LYS GA 227 28.07 33.92 1.65
CA LYS GA 227 26.87 33.27 2.15
C LYS GA 227 26.75 33.42 3.67
N TYR GA 228 27.87 33.23 4.38
CA TYR GA 228 27.92 33.39 5.82
C TYR GA 228 27.51 34.78 6.26
N PHE GA 229 28.06 35.81 5.60
CA PHE GA 229 27.75 37.17 6.02
C PHE GA 229 26.35 37.61 5.63
N LEU GA 230 25.77 37.05 4.58
CA LEU GA 230 24.36 37.32 4.31
C LEU GA 230 23.46 36.73 5.39
N HIS GA 231 23.81 35.53 5.86
CA HIS GA 231 23.06 34.94 6.96
C HIS GA 231 23.10 35.82 8.21
N GLN GA 232 24.28 36.35 8.54
CA GLN GA 232 24.38 37.23 9.71
C GLN GA 232 23.56 38.50 9.54
N SER GA 233 23.55 39.06 8.33
CA SER GA 233 22.75 40.25 8.05
C SER GA 233 21.28 40.02 8.37
N HIS GA 234 20.74 38.89 7.92
CA HIS GA 234 19.33 38.64 8.17
C HIS GA 234 19.03 38.35 9.63
N GLU GA 235 19.97 37.72 10.34
CA GLU GA 235 19.77 37.50 11.77
C GLU GA 235 19.71 38.81 12.54
N GLU GA 236 20.55 39.77 12.18
CA GLU GA 236 20.50 41.04 12.89
C GLU GA 236 19.23 41.82 12.57
N ARG GA 237 18.72 41.70 11.36
CA ARG GA 237 17.41 42.29 11.04
C ARG GA 237 16.33 41.70 11.94
N GLU GA 238 16.39 40.39 12.20
CA GLU GA 238 15.43 39.78 13.12
C GLU GA 238 15.58 40.28 14.55
N HIS GA 239 16.82 40.48 15.01
CA HIS GA 239 17.03 41.02 16.36
C HIS GA 239 16.38 42.38 16.52
N ALA GA 240 16.55 43.25 15.53
CA ALA GA 240 15.95 44.58 15.60
C ALA GA 240 14.43 44.50 15.62
N GLU GA 241 13.86 43.61 14.80
CA GLU GA 241 12.41 43.48 14.79
C GLU GA 241 11.85 42.95 16.10
N LYS GA 242 12.59 42.06 16.77
CA LYS GA 242 12.17 41.61 18.09
C LYS GA 242 12.14 42.76 19.09
N LEU GA 243 13.15 43.63 19.04
CA LEU GA 243 13.11 44.75 19.97
C LEU GA 243 11.96 45.71 19.68
N MET GA 244 11.62 45.87 18.40
CA MET GA 244 10.49 46.71 18.04
C MET GA 244 9.16 46.11 18.52
N LYS GA 245 9.02 44.79 18.42
CA LYS GA 245 7.80 44.16 18.93
C LYS GA 245 7.69 44.30 20.44
N LEU GA 246 8.80 44.12 21.17
CA LEU GA 246 8.79 44.32 22.61
C LEU GA 246 8.38 45.73 22.97
N GLN GA 247 8.94 46.73 22.28
CA GLN GA 247 8.58 48.10 22.58
C GLN GA 247 7.11 48.37 22.30
N ASN GA 248 6.52 47.70 21.31
CA ASN GA 248 5.08 47.89 21.10
C ASN GA 248 4.23 47.20 22.14
N GLN GA 249 4.69 46.09 22.72
CA GLN GA 249 3.91 45.43 23.78
C GLN GA 249 3.86 46.24 25.06
N ARG GA 250 4.89 47.03 25.36
CA ARG GA 250 4.93 47.79 26.59
C ARG GA 250 4.19 49.10 26.50
N GLY GA 251 3.78 49.52 25.31
CA GLY GA 251 3.16 50.82 25.15
C GLY GA 251 4.13 51.96 24.99
N GLY GA 252 5.39 51.67 24.67
CA GLY GA 252 6.36 52.71 24.40
C GLY GA 252 6.33 53.18 22.97
N ALA GA 253 7.14 54.19 22.69
CA ALA GA 253 7.13 54.89 21.41
C ALA GA 253 8.39 54.60 20.64
N ILE GA 254 8.27 53.82 19.56
CA ILE GA 254 9.38 53.61 18.65
C ILE GA 254 9.70 54.92 17.93
N SER GA 255 10.98 55.21 17.78
CA SER GA 255 11.45 56.43 17.13
C SER GA 255 12.70 56.08 16.35
N LEU GA 256 12.61 56.13 15.02
CA LEU GA 256 13.68 55.66 14.15
C LEU GA 256 14.57 56.82 13.72
N GLN GA 257 15.84 56.50 13.51
CA GLN GA 257 16.87 57.46 13.09
C GLN GA 257 17.53 56.98 11.81
N ASP GA 258 18.47 57.75 11.32
CA ASP GA 258 19.26 57.35 10.15
C ASP GA 258 20.12 56.14 10.49
N ILE GA 259 20.34 55.30 9.49
CA ILE GA 259 21.31 54.22 9.57
C ILE GA 259 22.52 54.63 8.78
N LYS GA 260 23.66 54.75 9.44
CA LYS GA 260 24.87 55.25 8.82
C LYS GA 260 25.60 54.16 8.06
N LYS GA 261 26.38 54.59 7.08
CA LYS GA 261 27.09 53.64 6.19
C LYS GA 261 28.23 52.97 6.94
N PRO GA 262 28.57 51.72 6.60
CA PRO GA 262 29.69 51.03 7.22
C PRO GA 262 31.00 51.78 7.03
N ASP GA 263 32.01 51.38 7.81
CA ASP GA 263 33.29 52.09 7.83
C ASP GA 263 34.10 51.84 6.57
N CYS GA 264 34.00 50.65 5.99
CA CYS GA 264 34.71 50.33 4.76
C CYS GA 264 33.73 49.93 3.68
N ASP GA 265 34.10 50.21 2.44
CA ASP GA 265 33.59 49.46 1.30
C ASP GA 265 34.51 48.30 0.95
N ASP GA 266 35.80 48.42 1.23
CA ASP GA 266 36.78 47.40 0.87
C ASP GA 266 37.36 46.83 2.15
N TRP GA 267 36.89 45.63 2.50
CA TRP GA 267 37.59 44.79 3.42
C TRP GA 267 38.81 44.21 2.71
N GLU GA 268 39.67 43.52 3.43
CA GLU GA 268 40.95 43.19 2.82
C GLU GA 268 41.19 41.70 2.65
N SER GA 269 40.57 40.86 3.44
CA SER GA 269 40.79 39.42 3.42
C SER GA 269 39.67 38.80 4.24
N GLY GA 270 39.66 37.47 4.31
CA GLY GA 270 38.72 36.80 5.19
C GLY GA 270 39.08 37.01 6.65
N LEU GA 271 40.36 37.03 6.96
CA LEU GA 271 40.81 37.24 8.33
C LEU GA 271 40.41 38.62 8.84
N ASN GA 272 40.65 39.66 8.04
CA ASN GA 272 40.37 41.01 8.47
C ASN GA 272 38.87 41.24 8.68
N ALA GA 273 38.05 40.66 7.81
CA ALA GA 273 36.60 40.81 7.97
C ALA GA 273 36.10 40.04 9.18
N MET GA 274 36.67 38.85 9.45
CA MET GA 274 36.29 38.13 10.65
C MET GA 274 36.67 38.88 11.92
N GLU GA 275 37.82 39.57 11.90
CA GLU GA 275 38.22 40.35 13.07
C GLU GA 275 37.34 41.58 13.26
N CYS GA 276 36.92 42.21 12.17
CA CYS GA 276 36.01 43.33 12.28
C CYS GA 276 34.65 42.89 12.78
N ALA GA 277 34.19 41.72 12.35
CA ALA GA 277 32.92 41.19 12.85
C ALA GA 277 32.98 40.86 14.33
N LEU GA 278 34.13 40.37 14.80
CA LEU GA 278 34.28 40.10 16.22
C LEU GA 278 34.23 41.39 17.03
N HIS GA 279 34.94 42.42 16.57
CA HIS GA 279 34.90 43.72 17.24
C HIS GA 279 33.48 44.29 17.30
N LEU GA 280 32.73 44.12 16.21
CA LEU GA 280 31.36 44.60 16.15
C LEU GA 280 30.47 43.89 17.18
N GLU GA 281 30.52 42.56 17.22
CA GLU GA 281 29.65 41.85 18.15
C GLU GA 281 30.02 42.11 19.60
N LYS GA 282 31.30 42.38 19.87
CA LYS GA 282 31.67 42.75 21.24
C LYS GA 282 31.07 44.11 21.62
N ASN GA 283 31.07 45.06 20.69
CA ASN GA 283 30.42 46.34 20.96
C ASN GA 283 28.93 46.19 21.26
N VAL GA 284 28.25 45.37 20.47
CA VAL GA 284 26.81 45.15 20.67
C VAL GA 284 26.55 44.52 22.05
N ASN GA 285 27.37 43.54 22.43
CA ASN GA 285 27.24 42.91 23.73
C ASN GA 285 27.44 43.90 24.87
N GLN GA 286 28.39 44.81 24.72
CA GLN GA 286 28.61 45.80 25.78
C GLN GA 286 27.42 46.73 25.95
N SER GA 287 26.83 47.15 24.84
CA SER GA 287 25.64 48.01 24.98
C SER GA 287 24.46 47.24 25.56
N LEU GA 288 24.34 45.95 25.28
CA LEU GA 288 23.28 45.16 25.89
C LEU GA 288 23.48 45.03 27.39
N LEU GA 289 24.72 44.92 27.85
CA LEU GA 289 24.96 44.84 29.28
C LEU GA 289 24.62 46.15 29.98
N GLU GA 290 24.91 47.28 29.32
CA GLU GA 290 24.50 48.56 29.91
C GLU GA 290 22.99 48.69 29.98
N LEU GA 291 22.30 48.21 28.95
CA LEU GA 291 20.84 48.22 28.96
C LEU GA 291 20.27 47.37 30.09
N HIS GA 292 20.90 46.22 30.36
CA HIS GA 292 20.45 45.36 31.45
C HIS GA 292 20.66 46.01 32.81
N LYS GA 293 21.79 46.70 32.99
CA LYS GA 293 22.03 47.37 34.27
C LYS GA 293 21.05 48.51 34.48
N LEU GA 294 20.73 49.24 33.42
CA LEU GA 294 19.73 50.29 33.50
C LEU GA 294 18.37 49.72 33.85
N ALA GA 295 18.00 48.60 33.25
CA ALA GA 295 16.72 47.96 33.56
C ALA GA 295 16.68 47.46 35.00
N THR GA 296 17.82 47.06 35.55
CA THR GA 296 17.82 46.60 36.93
C THR GA 296 17.71 47.76 37.90
N ASP GA 297 18.26 48.93 37.55
CA ASP GA 297 18.04 50.09 38.40
C ASP GA 297 16.59 50.56 38.40
N CYS GA 298 15.88 50.37 37.30
CA CYS GA 298 14.51 50.85 37.16
C CYS GA 298 13.47 49.88 37.69
N ASN GA 299 13.89 48.75 38.25
CA ASN GA 299 12.99 47.72 38.79
C ASN GA 299 12.03 47.22 37.72
N ASP GA 300 12.59 46.63 36.67
CA ASP GA 300 11.84 46.12 35.54
C ASP GA 300 12.25 44.68 35.28
N PRO GA 301 11.70 43.73 36.03
CA PRO GA 301 12.12 42.34 35.85
C PRO GA 301 11.78 41.74 34.50
N HIS GA 302 10.71 42.22 33.86
CA HIS GA 302 10.32 41.66 32.57
C HIS GA 302 11.34 42.02 31.48
N LEU GA 303 11.85 43.26 31.50
CA LEU GA 303 12.88 43.66 30.56
C LEU GA 303 14.17 42.90 30.80
N CYS GA 304 14.54 42.71 32.06
CA CYS GA 304 15.74 41.96 32.38
C CYS GA 304 15.66 40.54 31.87
N ASP GA 305 14.53 39.87 32.10
CA ASP GA 305 14.39 38.51 31.63
C ASP GA 305 14.32 38.44 30.12
N PHE GA 306 13.71 39.43 29.46
CA PHE GA 306 13.70 39.48 28.01
C PHE GA 306 15.11 39.56 27.45
N ILE GA 307 15.93 40.47 28.02
CA ILE GA 307 17.29 40.64 27.54
C ILE GA 307 18.10 39.38 27.74
N GLU GA 308 18.08 38.84 28.96
CA GLU GA 308 18.92 37.67 29.20
C GLU GA 308 18.39 36.39 28.58
N THR GA 309 17.13 36.34 28.14
CA THR GA 309 16.64 35.16 27.45
C THR GA 309 16.85 35.20 25.95
N HIS GA 310 16.70 36.36 25.30
CA HIS GA 310 16.82 36.40 23.86
C HIS GA 310 18.09 37.03 23.33
N TYR GA 311 18.93 37.62 24.17
CA TYR GA 311 20.04 38.37 23.62
C TYR GA 311 21.40 38.00 24.20
N LEU GA 312 21.45 37.69 25.49
CA LEU GA 312 22.75 37.57 26.14
C LEU GA 312 23.45 36.26 25.86
N ASN GA 313 22.72 35.20 25.54
CA ASN GA 313 23.37 33.94 25.22
C ASN GA 313 23.76 33.84 23.76
N GLU GA 314 22.99 34.49 22.88
CA GLU GA 314 23.34 34.54 21.47
C GLU GA 314 24.62 35.32 21.25
N GLN GA 315 24.83 36.39 22.00
CA GLN GA 315 26.06 37.16 21.89
C GLN GA 315 27.27 36.33 22.29
N VAL GA 316 27.13 35.54 23.36
CA VAL GA 316 28.22 34.70 23.81
C VAL GA 316 28.55 33.63 22.78
N LYS GA 317 27.52 33.02 22.20
CA LYS GA 317 27.74 32.04 21.14
C LYS GA 317 28.44 32.65 19.94
N ALA GA 318 28.01 33.84 19.52
CA ALA GA 318 28.58 34.48 18.35
C ALA GA 318 30.03 34.85 18.57
N ILE GA 319 30.35 35.35 19.77
CA ILE GA 319 31.72 35.74 20.06
C ILE GA 319 32.63 34.52 20.12
N LYS GA 320 32.13 33.41 20.67
CA LYS GA 320 32.92 32.19 20.69
C LYS GA 320 33.19 31.67 19.27
N GLU GA 321 32.19 31.69 18.41
CA GLU GA 321 32.36 31.21 17.06
C GLU GA 321 33.29 32.08 16.23
N LEU GA 322 33.19 33.40 16.38
CA LEU GA 322 34.05 34.29 15.62
C LEU GA 322 35.49 34.22 16.09
N GLY GA 323 35.72 34.05 17.39
CA GLY GA 323 37.08 33.83 17.86
C GLY GA 323 37.68 32.51 17.39
N ASP GA 324 36.84 31.47 17.32
CA ASP GA 324 37.26 30.22 16.68
C ASP GA 324 37.74 30.45 15.25
N HIS GA 325 36.92 31.13 14.45
CA HIS GA 325 37.29 31.38 13.05
C HIS GA 325 38.60 32.16 12.95
N VAL GA 326 38.78 33.15 13.81
CA VAL GA 326 39.99 33.96 13.72
C VAL GA 326 41.22 33.13 14.05
N THR GA 327 41.18 32.32 15.12
CA THR GA 327 42.39 31.57 15.45
C THR GA 327 42.69 30.48 14.43
N ASN GA 328 41.67 29.85 13.86
CA ASN GA 328 41.96 28.84 12.84
C ASN GA 328 42.54 29.47 11.59
N LEU GA 329 42.01 30.61 11.17
CA LEU GA 329 42.56 31.30 10.00
C LEU GA 329 43.98 31.76 10.24
N ARG GA 330 44.30 32.22 11.45
CA ARG GA 330 45.67 32.63 11.73
C ARG GA 330 46.62 31.45 11.78
N LYS GA 331 46.17 30.30 12.29
CA LYS GA 331 47.05 29.13 12.34
C LYS GA 331 47.32 28.57 10.95
N MET GA 332 46.31 28.57 10.07
CA MET GA 332 46.52 28.06 8.72
C MET GA 332 47.48 28.90 7.91
N GLY GA 333 47.72 30.14 8.29
CA GLY GA 333 48.68 30.98 7.63
C GLY GA 333 48.13 32.14 6.84
N ALA GA 334 46.87 32.47 7.01
CA ALA GA 334 46.25 33.59 6.33
C ALA GA 334 46.66 34.91 7.00
N PRO GA 335 46.62 36.04 6.27
CA PRO GA 335 46.16 36.32 4.91
C PRO GA 335 47.18 36.08 3.83
N GLU GA 336 48.46 36.00 4.20
CA GLU GA 336 49.53 35.88 3.21
C GLU GA 336 49.64 34.48 2.62
N SER GA 337 48.70 33.59 2.91
CA SER GA 337 48.57 32.33 2.21
C SER GA 337 47.19 32.29 1.57
N GLY GA 338 47.15 32.35 0.23
CA GLY GA 338 45.88 32.23 -0.45
C GLY GA 338 45.31 30.85 -0.44
N LEU GA 339 46.14 29.84 -0.17
CA LEU GA 339 45.66 28.48 -0.02
C LEU GA 339 44.88 28.30 1.27
N ALA GA 340 45.17 29.10 2.29
CA ALA GA 340 44.51 28.96 3.57
C ALA GA 340 43.05 29.41 3.51
N GLU GA 341 42.79 30.55 2.87
CA GLU GA 341 41.43 31.05 2.83
C GLU GA 341 40.54 30.23 1.91
N TYR GA 342 41.10 29.71 0.81
CA TYR GA 342 40.36 28.80 -0.07
C TYR GA 342 39.90 27.55 0.68
N LEU GA 343 40.80 26.96 1.45
CA LEU GA 343 40.48 25.71 2.13
C LEU GA 343 39.59 25.95 3.35
N PHE GA 344 39.75 27.08 4.03
CA PHE GA 344 38.81 27.45 5.08
C PHE GA 344 37.41 27.64 4.51
N ASP GA 345 37.32 28.32 3.36
CA ASP GA 345 36.05 28.45 2.64
C ASP GA 345 35.41 27.10 2.36
N LYS GA 346 36.20 26.13 1.91
CA LYS GA 346 35.62 24.83 1.60
C LYS GA 346 35.22 24.06 2.84
N HIS GA 347 36.11 23.94 3.82
CA HIS GA 347 35.90 22.95 4.87
C HIS GA 347 35.12 23.46 6.06
N THR GA 348 35.28 24.72 6.45
CA THR GA 348 34.57 25.21 7.61
C THR GA 348 33.24 25.86 7.22
N LEU GA 349 33.27 26.73 6.23
CA LEU GA 349 32.06 27.43 5.83
C LEU GA 349 31.24 26.66 4.82
N GLY GA 350 31.79 25.60 4.25
CA GLY GA 350 31.08 24.80 3.26
C GLY GA 350 29.96 23.99 3.86
N LYS HA 22 15.75 137.87 57.80
CA LYS HA 22 14.32 138.09 57.96
C LYS HA 22 13.70 136.97 58.80
N ILE HA 23 14.45 135.91 59.03
CA ILE HA 23 14.03 134.88 59.98
C ILE HA 23 14.19 135.43 61.39
N GLU HA 24 13.11 135.39 62.16
CA GLU HA 24 13.06 136.04 63.45
C GLU HA 24 13.86 135.26 64.51
N GLU HA 25 14.40 136.00 65.47
CA GLU HA 25 15.24 135.45 66.53
C GLU HA 25 14.44 135.30 67.83
N GLY HA 26 14.90 134.39 68.68
CA GLY HA 26 14.21 134.10 69.92
C GLY HA 26 12.87 133.43 69.75
N LYS HA 27 12.60 132.90 68.55
CA LYS HA 27 11.28 132.41 68.19
C LYS HA 27 11.45 131.35 67.12
N LEU HA 28 10.64 130.30 67.20
CA LEU HA 28 10.74 129.16 66.29
C LEU HA 28 9.41 128.94 65.60
N VAL HA 29 9.44 128.91 64.26
CA VAL HA 29 8.28 128.53 63.46
C VAL HA 29 8.68 127.33 62.60
N ILE HA 30 7.78 126.35 62.53
CA ILE HA 30 8.05 125.08 61.86
C ILE HA 30 6.93 124.85 60.85
N TRP HA 31 7.27 124.28 59.70
CA TRP HA 31 6.31 123.83 58.71
C TRP HA 31 6.40 122.32 58.56
N ILE HA 32 5.24 121.65 58.61
CA ILE HA 32 5.17 120.20 58.58
C ILE HA 32 3.87 119.81 57.87
N ASN HA 33 3.95 118.78 57.02
CA ASN HA 33 2.80 118.38 56.22
C ASN HA 33 1.73 117.76 57.12
N GLY HA 34 0.48 118.02 56.75
CA GLY HA 34 -0.68 117.65 57.55
C GLY HA 34 -1.04 116.18 57.57
N ASP HA 35 -0.29 115.32 56.90
CA ASP HA 35 -0.51 113.88 56.97
C ASP HA 35 0.24 113.24 58.13
N LYS HA 36 0.82 114.04 59.01
CA LYS HA 36 1.65 113.59 60.11
C LYS HA 36 1.02 114.03 61.42
N GLY HA 37 1.72 113.74 62.52
CA GLY HA 37 1.31 114.25 63.81
C GLY HA 37 1.82 115.66 64.04
N TYR HA 38 1.31 116.63 63.26
CA TYR HA 38 1.69 118.02 63.47
C TYR HA 38 1.18 118.54 64.80
N ASN HA 39 0.06 117.97 65.28
CA ASN HA 39 -0.36 118.26 66.65
C ASN HA 39 0.64 117.72 67.66
N GLY HA 40 1.30 116.60 67.35
CA GLY HA 40 2.39 116.14 68.19
C GLY HA 40 3.58 117.09 68.17
N LEU HA 41 3.81 117.73 67.03
CA LEU HA 41 4.83 118.77 66.97
C LEU HA 41 4.43 119.97 67.82
N ALA HA 42 3.14 120.29 67.87
CA ALA HA 42 2.67 121.31 68.81
C ALA HA 42 2.87 120.87 70.25
N GLU HA 43 2.66 119.58 70.54
CA GLU HA 43 2.85 119.08 71.90
CA GLU HA 43 2.85 119.08 71.90
C GLU HA 43 4.31 119.16 72.34
N VAL HA 44 5.23 118.79 71.45
CA VAL HA 44 6.64 118.89 71.84
C VAL HA 44 7.06 120.35 71.92
N GLY HA 45 6.46 121.21 71.09
CA GLY HA 45 6.68 122.63 71.24
C GLY HA 45 6.26 123.15 72.60
N LYS HA 46 5.11 122.71 73.10
CA LYS HA 46 4.69 123.19 74.40
C LYS HA 46 5.46 122.55 75.56
N LYS HA 47 5.99 121.33 75.41
CA LYS HA 47 6.97 120.87 76.40
C LYS HA 47 8.15 121.81 76.44
N PHE HA 48 8.67 122.19 75.26
CA PHE HA 48 9.78 123.13 75.19
C PHE HA 48 9.41 124.48 75.79
N GLU HA 49 8.16 124.90 75.66
CA GLU HA 49 7.73 126.18 76.21
C GLU HA 49 7.65 126.13 77.74
N LYS HA 50 7.05 125.09 78.30
CA LYS HA 50 7.01 124.98 79.76
C LYS HA 50 8.39 124.76 80.36
N ASP HA 51 9.32 124.17 79.61
CA ASP HA 51 10.64 123.94 80.18
C ASP HA 51 11.58 125.13 80.05
N THR HA 52 11.61 125.78 78.88
CA THR HA 52 12.57 126.85 78.61
C THR HA 52 11.95 128.21 78.34
N GLY HA 53 10.64 128.29 78.16
CA GLY HA 53 9.99 129.57 77.91
C GLY HA 53 10.07 130.08 76.49
N ILE HA 54 10.63 129.30 75.56
CA ILE HA 54 10.80 129.73 74.18
C ILE HA 54 9.62 129.21 73.37
N LYS HA 55 8.89 130.13 72.74
CA LYS HA 55 7.66 129.78 72.05
C LYS HA 55 7.97 129.06 70.74
N VAL HA 56 7.20 128.01 70.45
CA VAL HA 56 7.30 127.23 69.22
C VAL HA 56 5.94 127.23 68.55
N THR HA 57 5.88 127.72 67.31
CA THR HA 57 4.67 127.68 66.51
C THR HA 57 4.87 126.73 65.34
N VAL HA 58 3.86 125.92 65.05
CA VAL HA 58 3.88 125.03 63.90
C VAL HA 58 2.72 125.39 62.99
N GLU HA 59 2.93 125.23 61.69
CA GLU HA 59 1.90 125.50 60.70
C GLU HA 59 1.91 124.39 59.65
N HIS HA 60 0.72 123.99 59.21
CA HIS HA 60 0.56 122.83 58.33
C HIS HA 60 -0.34 123.19 57.14
N PRO HA 61 0.19 123.96 56.19
CA PRO HA 61 -0.55 124.21 54.95
C PRO HA 61 -0.18 123.21 53.85
N ASP HA 62 -0.93 123.28 52.76
CA ASP HA 62 -0.63 122.43 51.62
C ASP HA 62 0.61 122.95 50.88
N LYS HA 63 1.12 122.11 49.97
CA LYS HA 63 2.20 122.44 49.04
C LYS HA 63 3.46 122.95 49.74
N LEU HA 64 3.79 122.39 50.91
CA LEU HA 64 4.94 122.87 51.67
C LEU HA 64 6.26 122.63 50.96
N GLU HA 65 6.34 121.63 50.09
CA GLU HA 65 7.57 121.41 49.35
C GLU HA 65 7.68 122.40 48.20
N GLU HA 66 6.55 122.86 47.69
CA GLU HA 66 6.54 124.00 46.79
C GLU HA 66 6.85 125.29 47.54
N LYS HA 67 6.43 125.36 48.82
CA LYS HA 67 6.43 126.62 49.55
C LYS HA 67 7.77 126.92 50.22
N PHE HA 68 8.50 125.90 50.68
CA PHE HA 68 9.76 126.16 51.37
C PHE HA 68 10.84 126.77 50.48
N PRO HA 69 11.20 126.21 49.31
CA PRO HA 69 12.36 126.76 48.59
C PRO HA 69 12.11 128.13 48.00
N GLN HA 70 10.88 128.42 47.59
CA GLN HA 70 10.56 129.72 47.01
C GLN HA 70 10.65 130.87 48.00
N VAL HA 71 10.60 130.57 49.29
CA VAL HA 71 10.68 131.62 50.32
C VAL HA 71 12.08 131.56 50.93
N ALA HA 72 12.67 130.37 50.96
CA ALA HA 72 14.02 130.20 51.48
C ALA HA 72 15.06 130.79 50.54
N ALA HA 73 14.76 130.89 49.24
CA ALA HA 73 15.63 131.62 48.34
C ALA HA 73 15.57 133.13 48.57
N THR HA 74 14.55 133.60 49.27
CA THR HA 74 14.49 135.00 49.72
C THR HA 74 15.09 135.18 51.09
N GLY HA 75 15.29 134.10 51.86
CA GLY HA 75 15.81 134.20 53.20
C GLY HA 75 14.77 134.24 54.30
N ASP HA 76 13.58 133.69 54.07
CA ASP HA 76 12.54 133.67 55.08
C ASP HA 76 11.80 132.34 55.09
N GLY HA 77 10.64 132.30 55.74
CA GLY HA 77 9.83 131.11 55.78
C GLY HA 77 9.86 130.46 57.15
N PRO HA 78 10.13 129.16 57.18
CA PRO HA 78 10.21 128.46 58.46
C PRO HA 78 11.63 128.43 58.98
N ASP HA 79 11.82 127.81 60.14
CA ASP HA 79 13.16 127.45 60.55
C ASP HA 79 13.44 125.97 60.29
N ILE HA 80 12.48 125.11 60.62
CA ILE HA 80 12.61 123.66 60.49
C ILE HA 80 11.54 123.15 59.54
N ILE HA 81 11.90 122.14 58.74
CA ILE HA 81 10.96 121.53 57.81
C ILE HA 81 11.10 120.02 57.86
N PHE HA 82 9.98 119.32 58.01
CA PHE HA 82 9.92 117.87 58.08
C PHE HA 82 9.50 117.32 56.71
N TRP HA 83 10.42 116.67 56.02
CA TRP HA 83 10.13 116.17 54.68
C TRP HA 83 11.12 115.07 54.32
N ALA HA 84 10.93 114.49 53.14
CA ALA HA 84 11.83 113.46 52.63
C ALA HA 84 13.21 114.05 52.36
N HIS HA 85 14.22 113.19 52.49
CA HIS HA 85 15.62 113.62 52.39
C HIS HA 85 16.06 113.87 50.95
N ASP HA 86 15.37 113.29 49.96
CA ASP HA 86 15.87 113.33 48.59
C ASP HA 86 15.82 114.75 48.01
N ARG HA 87 14.80 115.52 48.36
CA ARG HA 87 14.78 116.92 47.96
C ARG HA 87 15.62 117.79 48.89
N PHE HA 88 16.05 117.26 50.03
CA PHE HA 88 16.90 118.02 50.93
C PHE HA 88 18.31 118.18 50.37
N GLY HA 89 18.87 117.09 49.84
CA GLY HA 89 20.21 117.15 49.27
C GLY HA 89 20.31 118.13 48.12
N GLY HA 90 19.29 118.16 47.27
CA GLY HA 90 19.21 119.21 46.25
C GLY HA 90 19.13 120.58 46.87
N TYR HA 91 18.32 120.73 47.92
CA TYR HA 91 18.31 121.99 48.65
C TYR HA 91 19.54 122.15 49.51
N ALA HA 92 20.34 121.09 49.70
CA ALA HA 92 21.67 121.25 50.25
C ALA HA 92 22.59 121.93 49.25
N GLN HA 93 22.31 121.75 47.95
CA GLN HA 93 23.02 122.51 46.93
C GLN HA 93 22.51 123.94 46.85
N SER HA 94 21.19 124.12 46.97
CA SER HA 94 20.54 125.39 46.70
C SER HA 94 20.71 126.41 47.82
N GLY HA 95 21.50 126.11 48.85
CA GLY HA 95 21.71 127.06 49.92
C GLY HA 95 20.47 127.33 50.76
N LEU HA 96 19.59 126.35 50.90
CA LEU HA 96 18.35 126.50 51.64
C LEU HA 96 18.26 125.66 52.89
N LEU HA 97 19.10 124.63 53.02
CA LEU HA 97 19.21 123.85 54.24
C LEU HA 97 20.52 124.15 54.95
N ALA HA 98 20.45 124.27 56.26
CA ALA HA 98 21.61 124.63 57.07
C ALA HA 98 22.44 123.40 57.38
N GLU HA 99 23.76 123.55 57.31
CA GLU HA 99 24.69 122.50 57.70
C GLU HA 99 24.64 122.34 59.22
N ILE HA 100 24.08 121.22 59.68
CA ILE HA 100 23.93 120.99 61.11
C ILE HA 100 25.27 120.58 61.71
N THR HA 101 25.39 120.78 63.02
CA THR HA 101 26.57 120.36 63.77
C THR HA 101 26.11 119.51 64.95
N PRO HA 102 25.88 118.22 64.74
CA PRO HA 102 25.56 117.32 65.86
C PRO HA 102 26.82 116.68 66.44
N ASP HA 103 26.67 116.22 67.67
CA ASP HA 103 27.77 115.56 68.36
CA ASP HA 103 27.77 115.56 68.37
C ASP HA 103 27.85 114.09 67.96
N LYS HA 104 28.97 113.46 68.33
CA LYS HA 104 29.19 112.06 67.98
C LYS HA 104 28.40 111.11 68.89
N ALA HA 105 28.20 111.48 70.16
CA ALA HA 105 27.36 110.67 71.02
C ALA HA 105 25.91 110.69 70.57
N PHE HA 106 25.43 111.83 70.09
CA PHE HA 106 24.09 111.89 69.52
C PHE HA 106 24.03 111.18 68.17
N GLN HA 107 25.15 111.12 67.45
CA GLN HA 107 25.20 110.31 66.24
C GLN HA 107 25.17 108.82 66.58
N ASP HA 108 25.65 108.45 67.75
CA ASP HA 108 25.48 107.08 68.24
C ASP HA 108 24.06 106.85 68.75
N LYS HA 109 23.40 107.91 69.23
CA LYS HA 109 22.02 107.80 69.68
C LYS HA 109 21.05 107.45 68.56
N LEU HA 110 21.39 107.79 67.32
CA LEU HA 110 20.59 107.44 66.16
C LEU HA 110 21.31 106.39 65.32
N TYR HA 111 20.57 105.79 64.39
CA TYR HA 111 21.18 104.84 63.49
C TYR HA 111 21.92 105.56 62.37
N PRO HA 112 23.15 105.14 62.04
CA PRO HA 112 23.93 105.86 61.02
C PRO HA 112 23.39 105.70 59.62
N PHE HA 113 22.72 104.59 59.31
CA PHE HA 113 22.12 104.44 57.99
C PHE HA 113 20.99 105.44 57.76
N THR HA 114 20.41 105.97 58.83
CA THR HA 114 19.55 107.13 58.71
C THR HA 114 20.35 108.39 58.40
N TRP HA 115 21.55 108.50 58.99
CA TRP HA 115 22.39 109.67 58.72
C TRP HA 115 22.93 109.68 57.29
N ASP HA 116 23.00 108.52 56.63
CA ASP HA 116 23.37 108.50 55.22
C ASP HA 116 22.29 109.06 54.30
N ALA HA 117 21.09 109.34 54.83
CA ALA HA 117 20.03 109.92 54.01
C ALA HA 117 20.21 111.42 53.79
N VAL HA 118 20.89 112.10 54.72
CA VAL HA 118 20.97 113.55 54.72
C VAL HA 118 22.39 114.01 54.43
N ARG HA 119 23.12 113.22 53.66
CA ARG HA 119 24.47 113.56 53.23
C ARG HA 119 24.43 114.26 51.88
N TYR HA 120 25.27 115.28 51.72
CA TYR HA 120 25.43 115.95 50.43
C TYR HA 120 26.74 116.71 50.45
N ASN HA 121 27.64 116.39 49.51
CA ASN HA 121 28.97 117.00 49.41
C ASN HA 121 29.75 116.85 50.72
N GLY HA 122 29.56 115.73 51.40
CA GLY HA 122 30.22 115.47 52.65
C GLY HA 122 29.65 116.18 53.86
N LYS HA 123 28.81 117.19 53.67
CA LYS HA 123 28.25 117.95 54.78
C LYS HA 123 26.94 117.32 55.23
N LEU HA 124 26.58 117.56 56.48
CA LEU HA 124 25.40 116.98 57.10
C LEU HA 124 24.36 118.09 57.27
N ILE HA 125 23.15 117.84 56.79
CA ILE HA 125 22.19 118.92 56.55
C ILE HA 125 20.95 118.85 57.43
N ALA HA 126 20.59 117.68 57.96
CA ALA HA 126 19.30 117.55 58.63
C ALA HA 126 19.33 116.36 59.58
N TYR HA 127 18.46 116.40 60.58
CA TYR HA 127 18.36 115.32 61.55
C TYR HA 127 17.28 114.35 61.11
N PRO HA 128 17.60 113.07 60.91
CA PRO HA 128 16.56 112.12 60.51
C PRO HA 128 15.65 111.78 61.68
N ILE HA 129 14.35 111.71 61.40
CA ILE HA 129 13.38 111.32 62.42
C ILE HA 129 12.75 110.00 62.03
N ALA HA 130 12.06 109.97 60.90
CA ALA HA 130 11.29 108.80 60.50
C ALA HA 130 11.96 108.11 59.31
N VAL HA 131 11.78 106.80 59.23
CA VAL HA 131 12.41 105.98 58.19
C VAL HA 131 11.33 105.06 57.62
N GLU HA 132 11.28 104.98 56.28
CA GLU HA 132 10.20 104.32 55.57
C GLU HA 132 10.78 103.26 54.64
N ALA HA 133 10.10 102.11 54.59
CA ALA HA 133 10.54 100.99 53.77
C ALA HA 133 9.35 100.07 53.53
N LEU HA 134 9.32 99.48 52.34
CA LEU HA 134 8.23 98.61 51.94
C LEU HA 134 8.45 97.21 52.50
N SER HA 135 7.37 96.61 53.02
CA SER HA 135 7.45 95.30 53.66
C SER HA 135 6.34 94.41 53.12
N LEU HA 136 6.45 93.11 53.44
CA LEU HA 136 5.47 92.14 52.97
C LEU HA 136 4.32 92.09 53.95
N ILE HA 137 3.10 92.17 53.42
CA ILE HA 137 1.87 92.07 54.21
C ILE HA 137 1.18 90.80 53.75
N TYR HA 138 0.87 89.92 54.71
CA TYR HA 138 0.34 88.60 54.40
C TYR HA 138 -0.91 88.30 55.22
N ASN HA 139 -1.85 87.60 54.60
CA ASN HA 139 -2.96 87.01 55.32
C ASN HA 139 -2.46 85.82 56.12
N LYS HA 140 -2.67 85.85 57.44
CA LYS HA 140 -2.23 84.73 58.27
C LYS HA 140 -3.07 83.48 58.04
N ASP HA 141 -4.32 83.65 57.60
CA ASP HA 141 -5.20 82.51 57.40
C ASP HA 141 -4.86 81.77 56.11
N LEU HA 142 -4.71 82.50 55.01
CA LEU HA 142 -4.39 81.87 53.74
C LEU HA 142 -2.99 81.26 53.75
N LEU HA 143 -2.08 81.83 54.53
CA LEU HA 143 -0.75 81.24 54.62
C LEU HA 143 -0.21 81.39 56.05
N PRO HA 144 -0.18 80.31 56.82
CA PRO HA 144 0.32 80.40 58.20
C PRO HA 144 1.83 80.53 58.29
N ASN HA 145 2.57 80.16 57.24
CA ASN HA 145 4.03 80.16 57.27
C ASN HA 145 4.56 80.85 56.03
N PRO HA 146 5.03 82.10 56.16
CA PRO HA 146 5.51 82.83 54.98
C PRO HA 146 6.77 82.21 54.42
N PRO HA 147 7.03 82.36 53.13
CA PRO HA 147 8.29 81.89 52.55
C PRO HA 147 9.37 82.95 52.60
N LYS HA 148 10.61 82.48 52.53
CA LYS HA 148 11.77 83.35 52.62
C LYS HA 148 12.53 83.47 51.31
N THR HA 149 12.05 82.81 50.25
CA THR HA 149 12.68 82.90 48.93
C THR HA 149 11.65 83.33 47.90
N TRP HA 150 12.08 84.18 46.96
CA TRP HA 150 11.23 84.52 45.84
C TRP HA 150 11.04 83.32 44.91
N GLU HA 151 12.04 82.44 44.85
CA GLU HA 151 11.94 81.23 44.03
C GLU HA 151 10.84 80.30 44.52
N GLU HA 152 10.34 80.49 45.75
CA GLU HA 152 9.22 79.73 46.25
C GLU HA 152 7.88 80.27 45.75
N ILE HA 153 7.81 81.54 45.39
CA ILE HA 153 6.56 82.21 45.03
C ILE HA 153 5.85 81.59 43.82
N PRO HA 154 6.53 81.21 42.72
CA PRO HA 154 5.78 80.56 41.63
C PRO HA 154 5.09 79.28 42.05
N ALA HA 155 5.82 78.37 42.70
CA ALA HA 155 5.28 77.07 43.08
C ALA HA 155 4.04 77.22 43.97
N LEU HA 156 4.14 78.04 45.01
CA LEU HA 156 2.99 78.23 45.90
C LEU HA 156 1.82 78.90 45.18
N ASP HA 157 2.10 79.67 44.13
CA ASP HA 157 1.03 80.24 43.33
C ASP HA 157 0.18 79.14 42.71
N LYS HA 158 0.83 78.03 42.31
CA LYS HA 158 0.11 76.87 41.80
C LYS HA 158 -0.88 76.32 42.82
N GLU HA 159 -0.60 76.52 44.12
CA GLU HA 159 -1.58 76.12 45.12
C GLU HA 159 -2.79 77.05 45.12
N LEU HA 160 -2.57 78.36 45.01
CA LEU HA 160 -3.67 79.29 45.27
C LEU HA 160 -4.70 79.31 44.15
N LYS HA 161 -4.27 79.07 42.90
CA LYS HA 161 -5.23 78.89 41.82
C LYS HA 161 -6.09 77.66 42.02
N ALA HA 162 -5.63 76.71 42.84
CA ALA HA 162 -6.45 75.56 43.24
C ALA HA 162 -7.48 75.92 44.29
N LYS HA 163 -7.38 77.09 44.92
CA LYS HA 163 -8.40 77.58 45.83
C LYS HA 163 -9.14 78.80 45.29
N GLY HA 164 -8.86 79.18 44.05
CA GLY HA 164 -9.45 80.39 43.51
C GLY HA 164 -8.80 81.66 44.04
N LYS HA 165 -7.54 81.58 44.45
CA LYS HA 165 -6.82 82.71 45.01
C LYS HA 165 -5.60 83.03 44.16
N SER HA 166 -5.00 84.18 44.42
CA SER HA 166 -3.78 84.60 43.76
C SER HA 166 -2.68 84.79 44.79
N ALA HA 167 -1.43 84.52 44.38
CA ALA HA 167 -0.32 84.58 45.31
C ALA HA 167 0.08 86.02 45.61
N LEU HA 168 0.50 86.75 44.58
CA LEU HA 168 1.02 88.09 44.76
C LEU HA 168 0.37 89.02 43.74
N MET HA 169 -0.08 90.19 44.22
CA MET HA 169 -0.66 91.20 43.35
C MET HA 169 -0.29 92.56 43.92
N PHE HA 170 0.42 93.37 43.13
CA PHE HA 170 0.86 94.68 43.58
C PHE HA 170 0.92 95.61 42.37
N ASN HA 171 1.42 96.82 42.59
CA ASN HA 171 1.50 97.83 41.56
C ASN HA 171 2.72 97.59 40.69
N LEU HA 172 2.51 97.14 39.47
CA LEU HA 172 3.58 96.94 38.50
C LEU HA 172 3.85 98.19 37.67
N GLN HA 173 3.06 99.24 37.84
CA GLN HA 173 3.21 100.45 37.03
C GLN HA 173 4.27 101.40 37.56
N GLU HA 174 4.97 101.04 38.63
CA GLU HA 174 5.99 101.88 39.21
C GLU HA 174 7.28 101.11 39.40
N PRO HA 175 8.44 101.74 39.15
CA PRO HA 175 9.70 101.12 39.56
C PRO HA 175 9.89 101.10 41.07
N TYR HA 176 9.16 101.93 41.80
CA TYR HA 176 9.27 102.01 43.25
C TYR HA 176 8.87 100.69 43.91
N PHE HA 177 7.97 99.93 43.30
CA PHE HA 177 7.59 98.64 43.84
C PHE HA 177 8.55 97.54 43.38
N THR HA 178 9.01 97.62 42.13
CA THR HA 178 9.77 96.52 41.53
C THR HA 178 11.25 96.56 41.87
N TRP HA 179 11.78 97.70 42.31
CA TRP HA 179 13.21 97.83 42.58
C TRP HA 179 13.78 96.93 43.67
N PRO HA 180 13.03 96.54 44.72
CA PRO HA 180 13.57 95.52 45.64
C PRO HA 180 14.02 94.24 44.96
N LEU HA 181 13.24 93.69 44.04
CA LEU HA 181 13.59 92.41 43.44
C LEU HA 181 14.70 92.54 42.41
N ILE HA 182 14.57 93.49 41.48
CA ILE HA 182 15.49 93.56 40.35
C ILE HA 182 16.87 94.00 40.79
N ALA HA 183 16.96 94.87 41.79
CA ALA HA 183 18.23 95.41 42.24
C ALA HA 183 18.79 94.68 43.47
N ALA HA 184 18.25 93.51 43.79
CA ALA HA 184 18.68 92.82 45.00
C ALA HA 184 20.06 92.20 44.84
N ASP HA 185 20.34 91.64 43.66
CA ASP HA 185 21.55 90.86 43.43
C ASP HA 185 22.53 91.54 42.48
N GLY HA 186 22.59 92.87 42.49
CA GLY HA 186 23.57 93.55 41.68
C GLY HA 186 23.14 94.87 41.06
N GLY HA 187 21.84 95.17 41.13
CA GLY HA 187 21.37 96.45 40.64
C GLY HA 187 21.45 97.53 41.71
N TYR HA 188 21.65 98.77 41.25
CA TYR HA 188 21.70 99.93 42.12
C TYR HA 188 21.54 101.18 41.26
N ALA HA 189 20.70 102.12 41.75
CA ALA HA 189 20.31 103.28 40.94
C ALA HA 189 21.51 104.13 40.55
N PHE HA 190 22.19 104.71 41.53
CA PHE HA 190 23.42 105.45 41.32
C PHE HA 190 24.46 104.98 42.31
N LYS HA 191 25.72 104.96 41.88
CA LYS HA 191 26.79 104.60 42.82
C LYS HA 191 26.93 105.67 43.89
N TYR HA 192 26.77 105.29 45.14
CA TYR HA 192 26.71 106.21 46.27
C TYR HA 192 27.76 105.83 47.30
N GLU HA 193 28.79 106.66 47.43
CA GLU HA 193 29.88 106.41 48.37
C GLU HA 193 30.32 107.73 48.98
N ASN HA 194 30.66 107.69 50.28
CA ASN HA 194 31.20 108.83 51.02
C ASN HA 194 30.28 110.05 50.97
N GLY HA 195 28.97 109.81 50.90
CA GLY HA 195 28.02 110.90 50.81
C GLY HA 195 27.88 111.54 49.45
N LYS HA 196 28.35 110.88 48.39
CA LYS HA 196 28.33 111.44 47.05
C LYS HA 196 27.71 110.45 46.08
N TYR HA 197 26.78 110.92 45.25
CA TYR HA 197 26.16 110.10 44.21
C TYR HA 197 26.86 110.32 42.88
N ASP HA 198 27.40 109.25 42.31
CA ASP HA 198 28.10 109.35 41.04
C ASP HA 198 27.10 109.40 39.90
N ILE HA 199 27.24 110.40 39.03
CA ILE HA 199 26.27 110.61 37.97
C ILE HA 199 26.54 109.69 36.78
N LYS HA 200 27.82 109.42 36.48
CA LYS HA 200 28.22 108.53 35.40
C LYS HA 200 28.03 107.05 35.76
N ASP HA 201 27.51 106.74 36.94
CA ASP HA 201 27.50 105.36 37.41
C ASP HA 201 26.07 104.95 37.76
N VAL HA 202 25.19 105.08 36.76
CA VAL HA 202 23.81 104.61 36.80
C VAL HA 202 23.84 103.10 36.56
N GLY HA 203 23.62 102.31 37.60
CA GLY HA 203 23.69 100.87 37.44
C GLY HA 203 22.38 100.19 37.09
N VAL HA 204 22.16 99.94 35.81
CA VAL HA 204 21.10 99.05 35.37
C VAL HA 204 21.58 98.00 34.38
N ASP HA 205 22.78 98.16 33.82
CA ASP HA 205 23.37 97.17 32.92
C ASP HA 205 24.24 96.19 33.70
N ASN HA 206 23.61 95.56 34.69
CA ASN HA 206 24.30 94.60 35.56
C ASN HA 206 23.60 93.25 35.50
N ALA HA 207 24.36 92.20 35.82
CA ALA HA 207 23.81 90.85 35.77
C ALA HA 207 22.71 90.65 36.80
N GLY HA 208 22.78 91.36 37.94
CA GLY HA 208 21.72 91.26 38.92
C GLY HA 208 20.41 91.84 38.43
N ALA HA 209 20.46 93.00 37.76
CA ALA HA 209 19.26 93.57 37.18
C ALA HA 209 18.69 92.66 36.11
N LYS HA 210 19.57 92.03 35.32
CA LYS HA 210 19.13 91.05 34.35
C LYS HA 210 18.41 89.89 35.02
N ALA HA 211 18.98 89.36 36.10
CA ALA HA 211 18.36 88.23 36.79
C ALA HA 211 17.01 88.60 37.38
N GLY HA 212 16.92 89.78 37.98
CA GLY HA 212 15.65 90.21 38.54
C GLY HA 212 14.58 90.43 37.50
N LEU HA 213 14.95 91.04 36.36
CA LEU HA 213 13.94 91.28 35.33
C LEU HA 213 13.54 89.98 34.62
N THR HA 214 14.46 89.03 34.46
CA THR HA 214 14.06 87.72 33.97
C THR HA 214 13.16 87.00 34.96
N PHE HA 215 13.39 87.15 36.27
CA PHE HA 215 12.44 86.56 37.21
C PHE HA 215 11.08 87.23 37.12
N LEU HA 216 11.06 88.53 36.84
CA LEU HA 216 9.78 89.22 36.63
C LEU HA 216 9.07 88.68 35.39
N VAL HA 217 9.81 88.47 34.30
CA VAL HA 217 9.16 87.96 33.10
C VAL HA 217 8.79 86.49 33.23
N ASP HA 218 9.42 85.76 34.15
CA ASP HA 218 8.95 84.41 34.43
C ASP HA 218 7.69 84.44 35.29
N LEU HA 219 7.56 85.41 36.19
CA LEU HA 219 6.34 85.53 36.95
C LEU HA 219 5.18 86.02 36.08
N ILE HA 220 5.47 86.78 35.03
CA ILE HA 220 4.39 87.30 34.21
C ILE HA 220 4.09 86.40 33.01
N LYS HA 221 5.07 85.65 32.50
CA LYS HA 221 4.84 84.84 31.32
C LYS HA 221 3.92 83.67 31.61
N ASN HA 222 4.18 82.94 32.69
CA ASN HA 222 3.34 81.83 33.11
C ASN HA 222 2.08 82.29 33.83
N LYS HA 223 1.79 83.60 33.82
CA LYS HA 223 0.53 84.17 34.30
C LYS HA 223 0.33 83.93 35.79
N HIS HA 224 1.40 84.10 36.57
CA HIS HA 224 1.25 84.13 38.02
C HIS HA 224 0.57 85.42 38.45
N MET HA 225 0.94 86.53 37.82
CA MET HA 225 0.30 87.82 38.03
C MET HA 225 -0.16 88.38 36.68
N ASN HA 226 -0.73 89.57 36.72
CA ASN HA 226 -1.12 90.30 35.52
C ASN HA 226 -0.18 91.49 35.31
N ALA HA 227 -0.10 91.93 34.07
CA ALA HA 227 0.79 93.03 33.73
C ALA HA 227 0.11 94.39 33.84
N ASP HA 228 -1.20 94.45 33.62
CA ASP HA 228 -1.96 95.68 33.69
C ASP HA 228 -2.43 96.00 35.10
N THR HA 229 -2.02 95.21 36.09
CA THR HA 229 -2.44 95.47 37.45
C THR HA 229 -1.70 96.68 38.00
N ASP HA 230 -2.25 97.24 39.08
CA ASP HA 230 -1.67 98.42 39.73
C ASP HA 230 -2.03 98.35 41.21
N TYR HA 231 -1.93 99.50 41.87
CA TYR HA 231 -2.04 99.56 43.32
C TYR HA 231 -3.47 99.37 43.80
N SER HA 232 -4.44 99.95 43.08
CA SER HA 232 -5.82 99.95 43.56
CA SER HA 232 -5.83 99.96 43.55
C SER HA 232 -6.42 98.56 43.58
N ILE HA 233 -6.34 97.84 42.44
CA ILE HA 233 -6.88 96.50 42.37
C ILE HA 233 -6.18 95.59 43.36
N ALA HA 234 -4.87 95.76 43.51
CA ALA HA 234 -4.09 94.94 44.45
C ALA HA 234 -4.57 95.13 45.88
N GLU HA 235 -4.58 96.38 46.35
CA GLU HA 235 -4.98 96.64 47.73
C GLU HA 235 -6.44 96.31 47.98
N ALA HA 236 -7.32 96.56 47.00
CA ALA HA 236 -8.73 96.23 47.18
C ALA HA 236 -8.96 94.73 47.25
N ALA HA 237 -8.23 93.97 46.43
CA ALA HA 237 -8.36 92.52 46.47
C ALA HA 237 -7.76 91.95 47.75
N PHE HA 238 -6.68 92.55 48.25
CA PHE HA 238 -6.12 92.09 49.52
C PHE HA 238 -7.03 92.43 50.69
N ASN HA 239 -7.72 93.57 50.62
CA ASN HA 239 -8.71 93.88 51.66
C ASN HA 239 -9.87 92.89 51.65
N LYS HA 240 -10.24 92.39 50.48
CA LYS HA 240 -11.20 91.29 50.41
C LYS HA 240 -10.59 89.96 50.79
N GLY HA 241 -9.26 89.84 50.71
CA GLY HA 241 -8.61 88.58 51.02
C GLY HA 241 -8.52 87.62 49.85
N GLU HA 242 -8.45 88.14 48.62
CA GLU HA 242 -8.35 87.28 47.46
C GLU HA 242 -6.90 86.94 47.13
N THR HA 243 -6.04 87.95 47.07
CA THR HA 243 -4.60 87.74 46.97
C THR HA 243 -4.04 87.68 48.38
N ALA HA 244 -3.09 86.76 48.61
CA ALA HA 244 -2.58 86.54 49.95
C ALA HA 244 -1.37 87.41 50.29
N MET HA 245 -0.49 87.67 49.33
CA MET HA 245 0.71 88.45 49.56
C MET HA 245 0.57 89.82 48.95
N THR HA 246 1.16 90.82 49.60
CA THR HA 246 1.34 92.12 48.96
C THR HA 246 2.58 92.78 49.55
N ILE HA 247 3.04 93.82 48.86
CA ILE HA 247 4.19 94.60 49.29
C ILE HA 247 3.75 96.05 49.42
N ASN HA 248 3.99 96.63 50.60
CA ASN HA 248 3.45 97.96 50.86
C ASN HA 248 4.22 98.61 51.98
N GLY HA 249 4.21 99.94 51.99
CA GLY HA 249 4.78 100.72 53.06
C GLY HA 249 3.80 100.90 54.20
N PRO HA 250 3.98 101.97 54.98
CA PRO HA 250 3.08 102.19 56.12
C PRO HA 250 1.70 102.71 55.74
N TRP HA 251 1.62 103.47 54.65
CA TRP HA 251 0.45 104.30 54.38
C TRP HA 251 -0.83 103.50 54.18
N ALA HA 252 -0.74 102.21 53.87
CA ALA HA 252 -1.92 101.39 53.66
C ALA HA 252 -2.26 100.52 54.85
N TRP HA 253 -1.45 100.56 55.93
CA TRP HA 253 -1.65 99.67 57.07
C TRP HA 253 -3.05 99.81 57.65
N SER HA 254 -3.46 101.05 57.96
CA SER HA 254 -4.79 101.29 58.50
C SER HA 254 -5.88 100.82 57.55
N ASN HA 255 -5.64 100.93 56.23
CA ASN HA 255 -6.60 100.43 55.26
C ASN HA 255 -6.82 98.93 55.44
N ILE HA 256 -5.73 98.18 55.67
CA ILE HA 256 -5.89 96.75 55.94
C ILE HA 256 -6.55 96.56 57.30
N ASP HA 257 -6.35 97.49 58.23
CA ASP HA 257 -7.09 97.47 59.48
C ASP HA 257 -8.56 97.80 59.31
N THR HA 258 -8.98 98.27 58.14
CA THR HA 258 -10.41 98.31 57.85
C THR HA 258 -10.95 96.95 57.44
N SER HA 259 -10.08 96.10 56.88
CA SER HA 259 -10.52 94.79 56.41
CA SER HA 259 -10.51 94.79 56.41
C SER HA 259 -10.80 93.82 57.54
N LYS HA 260 -10.19 94.04 58.71
CA LYS HA 260 -10.27 93.14 59.88
C LYS HA 260 -9.76 91.74 59.55
N VAL HA 261 -8.98 91.61 58.48
CA VAL HA 261 -8.34 90.35 58.15
C VAL HA 261 -7.19 90.11 59.11
N ASN HA 262 -7.11 88.89 59.65
CA ASN HA 262 -6.02 88.57 60.55
C ASN HA 262 -4.72 88.49 59.75
N TYR HA 263 -3.98 89.60 59.71
CA TYR HA 263 -2.82 89.72 58.85
C TYR HA 263 -1.56 89.96 59.67
N GLY HA 264 -0.42 89.65 59.05
CA GLY HA 264 0.87 89.95 59.62
C GLY HA 264 1.74 90.69 58.63
N VAL HA 265 2.85 91.23 59.15
CA VAL HA 265 3.83 91.96 58.35
C VAL HA 265 5.20 91.38 58.62
N THR HA 266 5.96 91.13 57.56
CA THR HA 266 7.29 90.57 57.70
C THR HA 266 8.21 91.16 56.63
N VAL HA 267 9.46 90.72 56.66
CA VAL HA 267 10.44 91.13 55.68
C VAL HA 267 10.15 90.45 54.35
N LEU HA 268 10.54 91.11 53.26
CA LEU HA 268 10.45 90.51 51.95
C LEU HA 268 11.40 89.32 51.86
N PRO HA 269 11.05 88.31 51.07
CA PRO HA 269 11.95 87.16 50.87
C PRO HA 269 13.25 87.58 50.20
N THR HA 270 14.30 86.81 50.46
CA THR HA 270 15.56 87.01 49.77
C THR HA 270 15.52 86.29 48.42
N PHE HA 271 16.44 86.67 47.55
CA PHE HA 271 16.43 86.16 46.18
C PHE HA 271 17.85 85.78 45.80
N LYS HA 272 18.07 84.49 45.52
CA LYS HA 272 19.38 83.92 45.20
C LYS HA 272 20.39 84.20 46.31
N GLY HA 273 19.92 84.34 47.55
CA GLY HA 273 20.74 84.71 48.67
C GLY HA 273 20.85 86.20 48.90
N GLN HA 274 20.77 87.00 47.86
CA GLN HA 274 20.81 88.45 48.02
C GLN HA 274 19.44 88.97 48.42
N PRO HA 275 19.29 89.60 49.58
CA PRO HA 275 17.98 90.07 50.01
C PRO HA 275 17.51 91.27 49.20
N SER HA 276 16.21 91.51 49.25
CA SER HA 276 15.59 92.60 48.52
C SER HA 276 16.10 93.95 49.02
N LYS HA 277 15.91 94.98 48.20
CA LYS HA 277 16.48 96.31 48.43
C LYS HA 277 15.43 97.37 48.18
N PRO HA 278 14.55 97.64 49.14
CA PRO HA 278 13.54 98.68 48.96
C PRO HA 278 14.13 100.08 49.11
N PHE HA 279 13.43 101.04 48.53
CA PHE HA 279 13.80 102.44 48.71
C PHE HA 279 13.52 102.89 50.14
N VAL HA 280 14.58 103.36 50.80
CA VAL HA 280 14.49 103.86 52.16
C VAL HA 280 14.15 105.35 52.07
N GLY HA 281 12.92 105.71 52.47
CA GLY HA 281 12.52 107.09 52.46
C GLY HA 281 12.56 107.69 53.85
N VAL HA 282 13.46 108.64 54.08
CA VAL HA 282 13.74 109.13 55.42
C VAL HA 282 13.15 110.53 55.56
N LEU HA 283 12.16 110.65 56.42
CA LEU HA 283 11.64 111.96 56.84
C LEU HA 283 12.62 112.57 57.84
N SER HA 284 13.23 113.67 57.45
CA SER HA 284 14.18 114.41 58.27
C SER HA 284 13.72 115.86 58.40
N ALA HA 285 14.33 116.54 59.36
CA ALA HA 285 14.00 117.93 59.68
C ALA HA 285 15.18 118.80 59.29
N GLY HA 286 15.04 119.49 58.15
CA GLY HA 286 16.07 120.39 57.68
C GLY HA 286 15.92 121.76 58.31
N ILE HA 287 17.06 122.33 58.73
CA ILE HA 287 17.13 123.69 59.25
C ILE HA 287 17.40 124.60 58.06
N ASN HA 288 16.69 125.72 58.00
CA ASN HA 288 16.87 126.66 56.89
C ASN HA 288 18.27 127.25 56.94
N ALA HA 289 18.89 127.40 55.77
CA ALA HA 289 20.26 127.89 55.69
C ALA HA 289 20.38 129.39 55.91
N ALA HA 290 19.27 130.12 55.85
CA ALA HA 290 19.26 131.54 56.16
C ALA HA 290 18.96 131.81 57.62
N SER HA 291 18.86 130.76 58.44
CA SER HA 291 18.45 130.91 59.83
C SER HA 291 19.59 131.47 60.67
N PRO HA 292 19.35 132.52 61.45
CA PRO HA 292 20.22 132.83 62.60
C PRO HA 292 19.81 132.14 63.89
N ASN HA 293 19.03 131.07 63.80
CA ASN HA 293 18.48 130.39 64.97
C ASN HA 293 19.02 128.96 65.07
N LYS HA 294 20.32 128.81 64.89
CA LYS HA 294 20.92 127.48 64.75
C LYS HA 294 20.83 126.68 66.04
N GLU HA 295 21.34 127.23 67.14
CA GLU HA 295 21.48 126.47 68.38
C GLU HA 295 20.12 126.17 69.01
N LEU HA 296 19.16 127.09 68.88
CA LEU HA 296 17.83 126.86 69.43
C LEU HA 296 17.15 125.65 68.77
N ALA HA 297 17.14 125.63 67.43
CA ALA HA 297 16.53 124.51 66.73
C ALA HA 297 17.32 123.22 66.92
N LYS HA 298 18.65 123.32 67.04
CA LYS HA 298 19.44 122.12 67.31
C LYS HA 298 19.12 121.54 68.68
N GLU HA 299 18.92 122.41 69.67
CA GLU HA 299 18.51 121.94 71.00
CA GLU HA 299 18.51 121.94 71.00
C GLU HA 299 17.13 121.31 70.95
N PHE HA 300 16.20 121.94 70.24
CA PHE HA 300 14.84 121.41 70.13
C PHE HA 300 14.83 120.05 69.41
N LEU HA 301 15.72 119.87 68.43
CA LEU HA 301 15.75 118.62 67.68
C LEU HA 301 16.45 117.50 68.45
N GLU HA 302 17.51 117.84 69.18
CA GLU HA 302 18.31 116.81 69.82
C GLU HA 302 17.78 116.42 71.20
N ASN HA 303 17.46 117.41 72.03
CA ASN HA 303 17.09 117.11 73.41
C ASN HA 303 15.59 116.92 73.60
N TYR HA 304 14.77 117.31 72.63
CA TYR HA 304 13.32 117.16 72.75
C TYR HA 304 12.71 116.30 71.66
N LEU HA 305 13.08 116.52 70.39
CA LEU HA 305 12.48 115.75 69.30
C LEU HA 305 13.03 114.33 69.25
N LEU HA 306 14.33 114.19 69.03
CA LEU HA 306 14.94 112.88 68.80
C LEU HA 306 15.29 112.19 70.12
N THR HA 307 14.30 112.14 71.01
CA THR HA 307 14.36 111.44 72.29
C THR HA 307 13.13 110.54 72.39
N ASP HA 308 12.98 109.88 73.53
CA ASP HA 308 11.85 108.97 73.69
C ASP HA 308 10.52 109.74 73.76
N GLU HA 309 10.46 110.79 74.58
CA GLU HA 309 9.19 111.45 74.81
C GLU HA 309 8.74 112.28 73.62
N GLY HA 310 9.66 112.81 72.82
CA GLY HA 310 9.25 113.60 71.65
C GLY HA 310 8.63 112.74 70.57
N LEU HA 311 9.30 111.64 70.21
CA LEU HA 311 8.72 110.71 69.25
C LEU HA 311 7.48 110.04 69.81
N GLU HA 312 7.41 109.84 71.13
CA GLU HA 312 6.18 109.31 71.72
C GLU HA 312 5.03 110.28 71.54
N ALA HA 313 5.26 111.56 71.84
CA ALA HA 313 4.22 112.57 71.73
C ALA HA 313 3.76 112.77 70.29
N VAL HA 314 4.68 112.70 69.32
CA VAL HA 314 4.21 112.83 67.94
C VAL HA 314 3.51 111.55 67.49
N ASN HA 315 3.90 110.38 68.00
CA ASN HA 315 3.27 109.13 67.58
C ASN HA 315 1.92 108.89 68.23
N LYS HA 316 1.59 109.60 69.31
CA LYS HA 316 0.22 109.45 69.85
C LYS HA 316 -0.84 109.95 68.88
N ASP HA 317 -0.52 110.95 68.05
CA ASP HA 317 -1.47 111.40 67.05
C ASP HA 317 -1.32 110.60 65.75
N LYS HA 318 -0.13 110.64 65.14
CA LYS HA 318 0.14 109.89 63.93
C LYS HA 318 1.53 109.26 64.06
N PRO HA 319 1.66 107.96 63.82
CA PRO HA 319 2.95 107.30 64.01
C PRO HA 319 3.95 107.65 62.92
N LEU HA 320 5.19 107.22 63.15
CA LEU HA 320 6.27 107.40 62.19
C LEU HA 320 6.85 106.08 61.70
N GLY HA 321 6.32 104.94 62.15
CA GLY HA 321 6.81 103.67 61.67
C GLY HA 321 8.17 103.36 62.26
N ALA HA 322 9.14 103.14 61.37
CA ALA HA 322 10.53 103.02 61.79
C ALA HA 322 11.12 104.41 61.97
N VAL HA 323 11.69 104.66 63.15
CA VAL HA 323 12.27 105.96 63.44
C VAL HA 323 13.78 105.84 63.40
N ALA HA 324 14.49 106.96 63.57
CA ALA HA 324 15.94 106.96 63.52
C ALA HA 324 16.61 106.78 64.87
N LEU HA 325 15.95 107.15 65.96
CA LEU HA 325 16.54 107.03 67.28
C LEU HA 325 16.50 105.58 67.76
N LYS HA 326 17.63 105.11 68.30
CA LYS HA 326 17.79 103.68 68.58
C LYS HA 326 16.89 103.22 69.71
N SER HA 327 16.85 103.99 70.81
CA SER HA 327 16.04 103.59 71.96
C SER HA 327 14.56 103.57 71.62
N TYR HA 328 14.08 104.58 70.88
CA TYR HA 328 12.69 104.59 70.47
C TYR HA 328 12.39 103.50 69.44
N GLU HA 329 13.39 103.08 68.66
CA GLU HA 329 13.22 101.89 67.84
C GLU HA 329 13.07 100.64 68.71
N GLU HA 330 13.78 100.57 69.83
CA GLU HA 330 13.57 99.43 70.72
C GLU HA 330 12.20 99.49 71.40
N GLU HA 331 11.68 100.69 71.66
CA GLU HA 331 10.32 100.81 72.18
C GLU HA 331 9.29 100.37 71.14
N LEU HA 332 9.45 100.78 69.89
CA LEU HA 332 8.46 100.46 68.86
C LEU HA 332 8.66 99.09 68.22
N ALA HA 333 9.77 98.41 68.49
CA ALA HA 333 10.02 97.11 67.85
C ALA HA 333 9.13 96.00 68.38
N LYS HA 334 8.30 96.24 69.41
CA LYS HA 334 7.33 95.24 69.81
C LYS HA 334 6.21 95.09 68.78
N ASP HA 335 5.98 96.12 67.97
CA ASP HA 335 5.06 96.00 66.85
C ASP HA 335 5.84 95.35 65.70
N PRO HA 336 5.42 94.16 65.23
CA PRO HA 336 6.22 93.48 64.19
C PRO HA 336 6.24 94.21 62.86
N ARG HA 337 5.24 95.06 62.59
CA ARG HA 337 5.31 95.92 61.40
C ARG HA 337 6.51 96.83 61.47
N ILE HA 338 6.82 97.36 62.65
CA ILE HA 338 7.95 98.27 62.82
C ILE HA 338 9.26 97.53 62.64
N ALA HA 339 9.34 96.30 63.16
CA ALA HA 339 10.55 95.49 62.99
C ALA HA 339 10.78 95.14 61.52
N ALA HA 340 9.71 94.77 60.81
CA ALA HA 340 9.83 94.48 59.39
C ALA HA 340 10.24 95.72 58.61
N THR HA 341 9.68 96.88 58.97
CA THR HA 341 10.05 98.13 58.31
C THR HA 341 11.51 98.47 58.54
N MET HA 342 12.01 98.30 59.77
CA MET HA 342 13.40 98.67 60.01
C MET HA 342 14.38 97.67 59.39
N GLU HA 343 14.02 96.39 59.31
CA GLU HA 343 14.95 95.48 58.64
C GLU HA 343 14.96 95.67 57.13
N ASN HA 344 13.80 95.95 56.52
CA ASN HA 344 13.82 96.31 55.09
C ASN HA 344 14.53 97.64 54.85
N ALA HA 345 14.46 98.56 55.81
CA ALA HA 345 15.15 99.84 55.66
C ALA HA 345 16.66 99.68 55.78
N GLN HA 346 17.11 98.83 56.71
CA GLN HA 346 18.55 98.64 56.87
C GLN HA 346 19.15 97.78 55.79
N LYS HA 347 18.35 96.93 55.13
CA LYS HA 347 18.85 96.17 53.98
C LYS HA 347 18.47 96.80 52.65
N GLY HA 348 17.83 97.97 52.67
CA GLY HA 348 17.38 98.61 51.44
C GLY HA 348 18.36 99.63 50.90
N GLU HA 349 17.97 100.26 49.80
CA GLU HA 349 18.78 101.29 49.16
C GLU HA 349 18.22 102.65 49.53
N ILE HA 350 19.11 103.56 49.96
CA ILE HA 350 18.68 104.89 50.33
C ILE HA 350 18.32 105.66 49.07
N MET HA 351 17.28 106.49 49.16
CA MET HA 351 16.82 107.23 48.00
CA MET HA 351 16.82 107.24 48.01
C MET HA 351 17.84 108.30 47.60
N PRO HA 352 18.14 108.44 46.32
CA PRO HA 352 19.10 109.44 45.89
C PRO HA 352 18.56 110.87 46.01
N ASN HA 353 19.46 111.78 46.36
CA ASN HA 353 19.14 113.18 46.54
C ASN HA 353 19.45 114.03 45.30
N ILE HA 354 19.59 113.39 44.14
CA ILE HA 354 20.09 114.06 42.94
C ILE HA 354 18.97 114.20 41.92
N PRO HA 355 19.01 115.21 41.04
CA PRO HA 355 17.90 115.39 40.09
C PRO HA 355 17.90 114.41 38.92
N GLN HA 356 19.04 113.78 38.61
CA GLN HA 356 19.05 112.77 37.54
C GLN HA 356 18.12 111.61 37.84
N MET HA 357 17.84 111.38 39.13
CA MET HA 357 16.85 110.41 39.57
C MET HA 357 15.52 110.59 38.83
N SER HA 358 15.15 111.84 38.52
CA SER HA 358 13.93 112.09 37.76
C SER HA 358 13.94 111.36 36.43
N ALA HA 359 15.04 111.50 35.66
CA ALA HA 359 15.16 110.75 34.41
C ALA HA 359 15.14 109.25 34.67
N PHE HA 360 15.67 108.82 35.83
CA PHE HA 360 15.53 107.45 36.27
C PHE HA 360 14.07 107.02 36.26
N TRP HA 361 13.22 107.81 36.92
CA TRP HA 361 11.80 107.50 36.94
C TRP HA 361 11.14 107.65 35.58
N TYR HA 362 11.83 108.27 34.62
CA TYR HA 362 11.36 108.27 33.25
C TYR HA 362 11.97 107.15 32.42
N ALA HA 363 13.18 106.70 32.78
CA ALA HA 363 13.84 105.68 31.96
C ALA HA 363 13.39 104.27 32.34
N VAL HA 364 13.69 103.85 33.57
CA VAL HA 364 13.53 102.45 33.95
C VAL HA 364 12.06 102.03 33.99
N ARG HA 365 11.15 102.99 34.22
CA ARG HA 365 9.73 102.70 34.12
C ARG HA 365 9.39 102.17 32.72
N THR HA 366 9.85 102.88 31.68
CA THR HA 366 9.64 102.40 30.32
C THR HA 366 10.24 101.01 30.12
N ALA HA 367 11.31 100.71 30.86
CA ALA HA 367 11.90 99.38 30.80
C ALA HA 367 10.88 98.30 31.13
N VAL HA 368 10.15 98.46 32.25
CA VAL HA 368 9.16 97.44 32.55
C VAL HA 368 7.98 97.53 31.61
N ILE HA 369 7.75 98.70 31.01
CA ILE HA 369 6.70 98.81 30.00
C ILE HA 369 7.12 98.04 28.75
N ASN HA 370 8.42 97.85 28.54
CA ASN HA 370 8.87 96.96 27.49
C ASN HA 370 9.04 95.53 27.97
N ALA HA 371 8.97 95.29 29.28
CA ALA HA 371 9.22 93.96 29.83
C ALA HA 371 7.93 93.18 30.05
N ALA HA 372 7.02 93.71 30.88
CA ALA HA 372 5.77 93.01 31.16
C ALA HA 372 4.85 92.99 29.94
N SER HA 373 5.00 93.96 29.04
CA SER HA 373 4.26 93.95 27.78
C SER HA 373 4.94 93.12 26.71
N GLY HA 374 6.25 92.89 26.84
CA GLY HA 374 6.95 92.08 25.86
C GLY HA 374 7.22 92.76 24.54
N ARG HA 375 7.20 94.09 24.51
CA ARG HA 375 7.59 94.79 23.29
C ARG HA 375 9.08 94.63 23.03
N GLN HA 376 9.88 94.66 24.08
CA GLN HA 376 11.30 94.35 24.02
C GLN HA 376 11.58 93.15 24.92
N THR HA 377 12.84 92.74 24.96
CA THR HA 377 13.25 91.67 25.85
C THR HA 377 13.76 92.27 27.16
N VAL HA 378 14.45 91.48 27.98
CA VAL HA 378 15.02 91.98 29.22
C VAL HA 378 16.17 92.94 28.92
N ASP HA 379 17.17 92.46 28.16
CA ASP HA 379 18.37 93.25 27.92
C ASP HA 379 18.05 94.50 27.10
N GLU HA 380 17.14 94.40 26.13
CA GLU HA 380 16.78 95.56 25.32
C GLU HA 380 16.16 96.66 26.18
N ALA HA 381 15.22 96.30 27.04
CA ALA HA 381 14.58 97.29 27.91
C ALA HA 381 15.57 97.89 28.89
N LEU HA 382 16.44 97.06 29.47
CA LEU HA 382 17.34 97.58 30.49
C LEU HA 382 18.43 98.47 29.89
N LYS HA 383 18.95 98.14 28.70
CA LYS HA 383 19.94 99.04 28.12
C LYS HA 383 19.28 100.24 27.45
N ASP HA 384 17.98 100.18 27.14
CA ASP HA 384 17.28 101.39 26.75
C ASP HA 384 17.09 102.32 27.94
N ALA HA 385 16.84 101.75 29.12
CA ALA HA 385 16.80 102.55 30.34
C ALA HA 385 18.18 102.98 30.80
N GLN HA 386 19.24 102.34 30.27
CA GLN HA 386 20.60 102.69 30.67
C GLN HA 386 20.98 104.08 30.21
N THR HA 387 20.81 104.36 28.92
CA THR HA 387 21.15 105.67 28.37
C THR HA 387 20.10 106.71 28.75
N SER IA 35 33.48 -79.47 -40.10
CA SER IA 35 32.10 -79.95 -40.07
C SER IA 35 32.04 -81.40 -39.62
N GLU IA 36 32.96 -81.77 -38.73
CA GLU IA 36 32.95 -83.10 -38.14
C GLU IA 36 31.69 -83.34 -37.32
N LEU IA 37 31.14 -82.28 -36.71
CA LEU IA 37 29.85 -82.33 -36.05
C LEU IA 37 28.86 -81.36 -36.71
N GLY IA 38 29.19 -80.85 -37.89
CA GLY IA 38 28.32 -79.87 -38.53
C GLY IA 38 27.06 -80.49 -39.09
N LYS IA 39 27.20 -81.64 -39.75
CA LYS IA 39 26.01 -82.36 -40.20
C LYS IA 39 25.27 -82.97 -39.02
N GLU IA 40 26.00 -83.27 -37.94
CA GLU IA 40 25.35 -83.64 -36.68
C GLU IA 40 24.54 -82.49 -36.11
N LEU IA 41 24.91 -81.25 -36.44
CA LEU IA 41 24.04 -80.12 -36.12
C LEU IA 41 22.92 -79.97 -37.13
N LEU IA 42 23.17 -80.30 -38.40
CA LEU IA 42 22.13 -80.20 -39.42
C LEU IA 42 20.97 -81.15 -39.14
N GLU IA 43 21.27 -82.36 -38.67
CA GLU IA 43 20.21 -83.31 -38.41
C GLU IA 43 19.36 -82.88 -37.22
N ALA IA 44 20.00 -82.34 -36.19
CA ALA IA 44 19.22 -81.86 -35.04
C ALA IA 44 18.46 -80.59 -35.37
N ALA IA 45 18.98 -79.78 -36.30
CA ALA IA 45 18.25 -78.60 -36.72
C ALA IA 45 17.04 -78.96 -37.56
N ARG IA 46 17.16 -80.00 -38.39
CA ARG IA 46 16.01 -80.52 -39.10
C ARG IA 46 15.01 -81.17 -38.15
N ALA IA 47 15.49 -81.79 -37.07
CA ALA IA 47 14.64 -82.60 -36.22
C ALA IA 47 14.25 -81.93 -34.91
N GLY IA 48 15.01 -80.97 -34.42
CA GLY IA 48 14.63 -80.27 -33.21
C GLY IA 48 14.87 -81.03 -31.92
N GLN IA 49 16.14 -81.24 -31.57
CA GLN IA 49 16.52 -81.82 -30.28
C GLN IA 49 17.40 -80.82 -29.52
N ASP IA 50 16.85 -80.25 -28.45
CA ASP IA 50 17.64 -79.36 -27.60
C ASP IA 50 18.73 -80.13 -26.87
N ASP IA 51 18.48 -81.38 -26.53
CA ASP IA 51 19.49 -82.20 -25.86
C ASP IA 51 20.66 -82.49 -26.79
N GLU IA 52 20.39 -82.81 -28.06
CA GLU IA 52 21.45 -83.12 -29.00
C GLU IA 52 22.36 -81.91 -29.21
N VAL IA 53 21.77 -80.74 -29.41
CA VAL IA 53 22.58 -79.55 -29.60
C VAL IA 53 23.25 -79.11 -28.31
N ARG IA 54 22.66 -79.40 -27.16
CA ARG IA 54 23.32 -79.13 -25.89
C ARG IA 54 24.57 -79.98 -25.73
N ILE IA 55 24.49 -81.26 -26.12
CA ILE IA 55 25.67 -82.13 -26.05
C ILE IA 55 26.70 -81.72 -27.10
N LEU IA 56 26.24 -81.31 -28.28
CA LEU IA 56 27.18 -80.90 -29.32
C LEU IA 56 27.90 -79.62 -28.95
N MET IA 57 27.23 -78.70 -28.24
CA MET IA 57 27.92 -77.55 -27.70
C MET IA 57 28.76 -77.89 -26.47
N ALA IA 58 28.44 -78.99 -25.79
CA ALA IA 58 29.35 -79.49 -24.76
C ALA IA 58 30.61 -80.06 -25.39
N ARG IA 59 30.52 -80.58 -26.61
CA ARG IA 59 31.68 -81.05 -27.35
C ARG IA 59 32.26 -79.98 -28.26
N GLY IA 60 31.65 -78.80 -28.32
CA GLY IA 60 32.17 -77.71 -29.11
C GLY IA 60 31.96 -77.87 -30.60
N ALA IA 61 30.73 -78.21 -30.99
CA ALA IA 61 30.43 -78.35 -32.42
C ALA IA 61 30.41 -76.99 -33.09
N GLU IA 62 30.90 -76.94 -34.32
CA GLU IA 62 30.97 -75.68 -35.06
C GLU IA 62 29.57 -75.25 -35.50
N VAL IA 63 29.28 -73.95 -35.36
CA VAL IA 63 27.94 -73.43 -35.60
C VAL IA 63 27.75 -72.87 -37.00
N ASN IA 64 28.82 -72.66 -37.76
CA ASN IA 64 28.76 -72.05 -39.08
C ASN IA 64 28.89 -73.10 -40.18
N ALA IA 65 28.26 -74.26 -39.99
CA ALA IA 65 28.39 -75.37 -40.94
C ALA IA 65 27.52 -75.10 -42.16
N ALA IA 66 28.13 -74.65 -43.25
CA ALA IA 66 27.43 -74.39 -44.49
C ALA IA 66 27.51 -75.60 -45.40
N ASP IA 67 26.38 -75.94 -46.02
CA ASP IA 67 26.34 -77.03 -46.99
C ASP IA 67 26.69 -76.48 -48.37
N ASN IA 68 26.47 -77.27 -49.42
CA ASN IA 68 26.82 -76.85 -50.77
C ASN IA 68 25.96 -75.70 -51.27
N THR IA 69 24.76 -75.52 -50.70
CA THR IA 69 23.85 -74.45 -51.11
C THR IA 69 23.74 -73.34 -50.08
N GLY IA 70 24.57 -73.36 -49.05
CA GLY IA 70 24.62 -72.28 -48.08
C GLY IA 70 23.71 -72.41 -46.89
N THR IA 71 23.03 -73.53 -46.74
CA THR IA 71 22.05 -73.68 -45.67
C THR IA 71 22.76 -73.98 -44.36
N THR IA 72 22.59 -73.10 -43.38
CA THR IA 72 23.24 -73.19 -42.09
C THR IA 72 22.36 -73.93 -41.11
N PRO IA 73 22.89 -74.33 -39.94
CA PRO IA 73 22.01 -74.84 -38.89
C PRO IA 73 21.00 -73.81 -38.41
N LEU IA 74 21.34 -72.53 -38.47
CA LEU IA 74 20.39 -71.49 -38.11
C LEU IA 74 19.23 -71.44 -39.10
N HIS IA 75 19.50 -71.70 -40.38
CA HIS IA 75 18.44 -71.70 -41.38
C HIS IA 75 17.41 -72.78 -41.08
N LEU IA 76 17.87 -74.00 -40.80
CA LEU IA 76 16.94 -75.07 -40.49
C LEU IA 76 16.27 -74.86 -39.14
N ALA IA 77 16.99 -74.27 -38.19
CA ALA IA 77 16.38 -73.94 -36.90
C ALA IA 77 15.24 -72.94 -37.08
N ALA IA 78 15.40 -72.00 -38.00
CA ALA IA 78 14.35 -71.03 -38.27
C ALA IA 78 13.20 -71.67 -39.03
N TYR IA 79 13.51 -72.44 -40.07
CA TYR IA 79 12.49 -73.12 -40.85
C TYR IA 79 11.65 -74.08 -40.01
N SER IA 80 12.27 -74.69 -38.99
CA SER IA 80 11.55 -75.66 -38.18
C SER IA 80 10.61 -74.99 -37.18
N GLY IA 81 11.08 -73.92 -36.53
CA GLY IA 81 10.23 -73.21 -35.59
C GLY IA 81 10.42 -73.59 -34.13
N HIS IA 82 11.60 -74.07 -33.75
CA HIS IA 82 11.94 -74.31 -32.36
C HIS IA 82 12.87 -73.21 -31.90
N LEU IA 83 12.42 -72.42 -30.92
CA LEU IA 83 13.16 -71.22 -30.53
C LEU IA 83 14.43 -71.55 -29.76
N GLU IA 84 14.49 -72.70 -29.08
CA GLU IA 84 15.61 -72.99 -28.19
C GLU IA 84 16.90 -73.23 -28.96
N ILE IA 85 16.82 -73.98 -30.06
CA ILE IA 85 18.02 -74.23 -30.85
C ILE IA 85 18.52 -72.94 -31.50
N VAL IA 86 17.59 -72.06 -31.90
CA VAL IA 86 17.98 -70.76 -32.41
C VAL IA 86 18.68 -69.94 -31.33
N GLU IA 87 18.14 -69.98 -30.11
CA GLU IA 87 18.72 -69.21 -29.01
C GLU IA 87 20.13 -69.68 -28.72
N VAL IA 88 20.35 -70.99 -28.65
CA VAL IA 88 21.69 -71.46 -28.31
C VAL IA 88 22.65 -71.28 -29.48
N LEU IA 89 22.16 -71.37 -30.71
CA LEU IA 89 23.00 -71.09 -31.87
C LEU IA 89 23.47 -69.65 -31.86
N LEU IA 90 22.58 -68.71 -31.49
CA LEU IA 90 23.00 -67.33 -31.35
C LEU IA 90 23.86 -67.12 -30.10
N LYS IA 91 23.71 -67.97 -29.09
CA LYS IA 91 24.58 -67.89 -27.93
C LYS IA 91 26.01 -68.29 -28.27
N TYR IA 92 26.18 -69.22 -29.20
CA TYR IA 92 27.51 -69.61 -29.63
C TYR IA 92 27.98 -68.87 -30.88
N GLY IA 93 27.27 -67.81 -31.28
CA GLY IA 93 27.77 -66.92 -32.29
C GLY IA 93 27.51 -67.33 -33.73
N ALA IA 94 26.34 -67.91 -34.00
CA ALA IA 94 25.97 -68.21 -35.37
C ALA IA 94 25.69 -66.92 -36.14
N GLU IA 95 25.87 -66.99 -37.45
CA GLU IA 95 25.70 -65.80 -38.28
C GLU IA 95 24.21 -65.53 -38.49
N VAL IA 96 23.79 -64.31 -38.14
CA VAL IA 96 22.38 -63.95 -38.24
C VAL IA 96 21.98 -63.56 -39.65
N ASN IA 97 22.93 -63.13 -40.48
CA ASN IA 97 22.65 -62.60 -41.80
C ASN IA 97 23.33 -63.43 -42.88
N ALA IA 98 23.33 -64.74 -42.72
CA ALA IA 98 23.95 -65.64 -43.67
C ALA IA 98 23.00 -65.86 -44.85
N ALA IA 99 23.42 -65.41 -46.04
CA ALA IA 99 22.61 -65.57 -47.24
C ALA IA 99 22.95 -66.88 -47.93
N ASP IA 100 21.92 -67.54 -48.46
CA ASP IA 100 22.09 -68.77 -49.22
C ASP IA 100 22.38 -68.42 -50.67
N VAL IA 101 22.33 -69.44 -51.55
CA VAL IA 101 22.50 -69.19 -52.98
C VAL IA 101 21.28 -68.54 -53.62
N PHE IA 102 20.15 -68.51 -52.91
CA PHE IA 102 18.96 -67.82 -53.38
C PHE IA 102 18.74 -66.47 -52.71
N GLY IA 103 19.56 -66.13 -51.71
CA GLY IA 103 19.48 -64.85 -51.05
C GLY IA 103 18.72 -64.86 -49.74
N TYR IA 104 18.08 -65.97 -49.39
CA TYR IA 104 17.31 -66.01 -48.16
C TYR IA 104 18.21 -66.06 -46.94
N THR IA 105 17.82 -65.35 -45.90
CA THR IA 105 18.38 -65.38 -44.58
C THR IA 105 17.43 -66.13 -43.66
N PRO IA 106 17.82 -66.39 -42.40
CA PRO IA 106 16.85 -66.96 -41.46
C PRO IA 106 15.63 -66.08 -41.23
N LEU IA 107 15.78 -64.76 -41.36
CA LEU IA 107 14.63 -63.88 -41.19
C LEU IA 107 13.61 -64.07 -42.31
N HIS IA 108 14.09 -64.28 -43.53
CA HIS IA 108 13.20 -64.55 -44.66
C HIS IA 108 12.35 -65.79 -44.41
N LEU IA 109 13.00 -66.91 -44.09
CA LEU IA 109 12.28 -68.15 -43.84
C LEU IA 109 11.37 -68.05 -42.63
N ALA IA 110 11.81 -67.32 -41.61
CA ALA IA 110 10.97 -67.13 -40.43
C ALA IA 110 9.71 -66.34 -40.77
N ALA IA 111 9.85 -65.34 -41.64
CA ALA IA 111 8.69 -64.55 -42.03
C ALA IA 111 7.77 -65.33 -42.96
N TYR IA 112 8.33 -66.22 -43.77
CA TYR IA 112 7.50 -67.05 -44.65
C TYR IA 112 6.58 -67.96 -43.85
N TRP IA 113 7.13 -68.69 -42.88
CA TRP IA 113 6.38 -69.72 -42.19
C TRP IA 113 5.61 -69.19 -41.00
N GLY IA 114 5.76 -67.92 -40.65
CA GLY IA 114 4.92 -67.33 -39.63
C GLY IA 114 5.30 -67.74 -38.22
N HIS IA 115 6.57 -67.58 -37.88
CA HIS IA 115 7.07 -67.87 -36.54
C HIS IA 115 7.47 -66.54 -35.90
N LEU IA 116 6.66 -66.09 -34.96
CA LEU IA 116 6.79 -64.72 -34.46
C LEU IA 116 8.00 -64.57 -33.55
N GLU IA 117 8.16 -65.49 -32.59
CA GLU IA 117 9.21 -65.35 -31.58
C GLU IA 117 10.59 -65.40 -32.18
N ILE IA 118 10.80 -66.24 -33.21
CA ILE IA 118 12.14 -66.29 -33.78
C ILE IA 118 12.40 -65.07 -34.64
N VAL IA 119 11.36 -64.49 -35.25
CA VAL IA 119 11.50 -63.21 -35.93
C VAL IA 119 11.94 -62.15 -34.94
N GLU IA 120 11.30 -62.12 -33.76
CA GLU IA 120 11.66 -61.14 -32.73
C GLU IA 120 13.10 -61.31 -32.28
N VAL IA 121 13.52 -62.54 -31.99
CA VAL IA 121 14.88 -62.70 -31.46
C VAL IA 121 15.94 -62.55 -32.55
N LEU IA 122 15.59 -62.78 -33.83
CA LEU IA 122 16.54 -62.47 -34.89
C LEU IA 122 16.72 -60.97 -35.02
N LEU IA 123 15.61 -60.22 -34.97
CA LEU IA 123 15.72 -58.76 -34.99
C LEU IA 123 16.45 -58.25 -33.75
N LYS IA 124 16.31 -58.95 -32.63
CA LYS IA 124 17.00 -58.56 -31.40
C LYS IA 124 18.49 -58.79 -31.48
N ASN IA 125 18.94 -59.66 -32.39
CA ASN IA 125 20.36 -59.98 -32.52
C ASN IA 125 20.98 -59.34 -33.74
N GLY IA 126 20.33 -58.34 -34.33
CA GLY IA 126 20.92 -57.59 -35.41
C GLY IA 126 20.68 -58.17 -36.79
N ALA IA 127 19.50 -58.73 -37.03
CA ALA IA 127 19.13 -59.15 -38.37
C ALA IA 127 18.73 -57.94 -39.20
N ASP IA 128 19.19 -57.92 -40.46
CA ASP IA 128 18.91 -56.78 -41.33
C ASP IA 128 17.46 -56.86 -41.80
N VAL IA 129 16.68 -55.83 -41.49
CA VAL IA 129 15.24 -55.89 -41.71
C VAL IA 129 14.88 -55.64 -43.16
N ASN IA 130 15.76 -55.05 -43.95
CA ASN IA 130 15.50 -54.75 -45.35
C ASN IA 130 16.36 -55.62 -46.27
N ALA IA 131 16.56 -56.88 -45.91
CA ALA IA 131 17.38 -57.78 -46.70
C ALA IA 131 16.61 -58.22 -47.95
N ARG IA 132 17.26 -58.10 -49.10
CA ARG IA 132 16.67 -58.50 -50.37
C ARG IA 132 17.14 -59.89 -50.76
N ASP IA 133 16.24 -60.64 -51.38
CA ASP IA 133 16.59 -61.95 -51.92
C ASP IA 133 17.00 -61.82 -53.38
N SER IA 134 17.03 -62.95 -54.09
CA SER IA 134 17.27 -62.92 -55.52
C SER IA 134 16.18 -62.16 -56.27
N ASP IA 135 14.95 -62.18 -55.75
CA ASP IA 135 13.84 -61.45 -56.36
C ASP IA 135 13.74 -60.01 -55.87
N GLY IA 136 14.58 -59.61 -54.92
CA GLY IA 136 14.44 -58.31 -54.31
C GLY IA 136 13.33 -58.23 -53.29
N MET IA 137 12.78 -59.36 -52.87
CA MET IA 137 11.67 -59.38 -51.92
C MET IA 137 12.22 -59.37 -50.50
N THR IA 138 11.88 -58.34 -49.74
CA THR IA 138 12.23 -58.23 -48.34
C THR IA 138 11.35 -59.17 -47.53
N PRO IA 139 11.70 -59.42 -46.26
CA PRO IA 139 10.79 -60.21 -45.41
C PRO IA 139 9.41 -59.59 -45.26
N LEU IA 140 9.30 -58.27 -45.32
CA LEU IA 140 8.00 -57.62 -45.27
C LEU IA 140 7.14 -58.00 -46.46
N HIS IA 141 7.74 -58.13 -47.64
CA HIS IA 141 7.03 -58.66 -48.80
C HIS IA 141 6.41 -60.01 -48.50
N LEU IA 142 7.17 -60.90 -47.88
CA LEU IA 142 6.66 -62.24 -47.59
C LEU IA 142 5.54 -62.19 -46.58
N ALA IA 143 5.74 -61.47 -45.48
CA ALA IA 143 4.73 -61.41 -44.43
C ALA IA 143 3.46 -60.72 -44.90
N ALA IA 144 3.55 -59.79 -45.85
CA ALA IA 144 2.36 -59.19 -46.42
C ALA IA 144 1.70 -60.10 -47.44
N LYS IA 145 2.50 -60.88 -48.16
CA LYS IA 145 1.96 -61.80 -49.15
C LYS IA 145 1.22 -62.96 -48.50
N TRP IA 146 1.62 -63.34 -47.28
CA TRP IA 146 1.00 -64.51 -46.66
C TRP IA 146 -0.01 -64.16 -45.57
N GLY IA 147 -0.05 -62.92 -45.11
CA GLY IA 147 -1.10 -62.50 -44.21
C GLY IA 147 -0.81 -62.63 -42.73
N HIS IA 148 0.43 -62.44 -42.31
CA HIS IA 148 0.81 -62.50 -40.90
C HIS IA 148 0.87 -61.09 -40.34
N LEU IA 149 -0.11 -60.72 -39.51
CA LEU IA 149 -0.20 -59.35 -39.01
C LEU IA 149 0.94 -59.03 -38.05
N GLU IA 150 1.13 -59.87 -37.04
CA GLU IA 150 2.06 -59.54 -35.96
C GLU IA 150 3.49 -59.48 -36.46
N ILE IA 151 3.83 -60.31 -37.44
CA ILE IA 151 5.14 -60.23 -38.06
C ILE IA 151 5.30 -58.91 -38.79
N VAL IA 152 4.26 -58.48 -39.52
CA VAL IA 152 4.29 -57.20 -40.21
C VAL IA 152 4.50 -56.06 -39.22
N GLU IA 153 3.84 -56.12 -38.08
CA GLU IA 153 3.96 -55.03 -37.12
C GLU IA 153 5.32 -54.99 -36.46
N VAL IA 154 5.85 -56.15 -36.08
CA VAL IA 154 7.20 -56.19 -35.50
C VAL IA 154 8.24 -55.77 -36.53
N LEU IA 155 8.03 -56.08 -37.80
CA LEU IA 155 8.97 -55.65 -38.83
C LEU IA 155 8.87 -54.14 -39.04
N LEU IA 156 7.67 -53.58 -38.96
CA LEU IA 156 7.52 -52.14 -39.11
C LEU IA 156 8.13 -51.40 -37.93
N ARG IA 157 8.12 -52.02 -36.75
CA ARG IA 157 8.74 -51.38 -35.58
C ARG IA 157 10.24 -51.22 -35.75
N TYR IA 158 10.89 -52.11 -36.49
CA TYR IA 158 12.34 -52.10 -36.62
C TYR IA 158 12.82 -51.38 -37.86
N GLY IA 159 11.92 -50.74 -38.61
CA GLY IA 159 12.30 -49.91 -39.71
C GLY IA 159 12.23 -50.54 -41.08
N ALA IA 160 11.28 -51.44 -41.31
CA ALA IA 160 11.13 -52.05 -42.63
C ALA IA 160 10.63 -51.02 -43.63
N ASP IA 161 11.17 -51.07 -44.83
CA ASP IA 161 10.84 -50.09 -45.86
C ASP IA 161 9.48 -50.41 -46.48
N VAL IA 162 8.57 -49.45 -46.40
CA VAL IA 162 7.24 -49.64 -46.95
C VAL IA 162 7.26 -49.58 -48.47
N GLU IA 163 8.23 -48.89 -49.05
CA GLU IA 163 8.24 -48.59 -50.47
C GLU IA 163 9.20 -49.47 -51.26
N ALA IA 164 9.66 -50.57 -50.69
CA ALA IA 164 10.55 -51.48 -51.39
C ALA IA 164 9.81 -52.21 -52.50
N GLN IA 165 10.38 -52.20 -53.70
CA GLN IA 165 9.81 -52.88 -54.85
C GLN IA 165 10.66 -54.09 -55.22
N ASP IA 166 10.01 -55.15 -55.69
CA ASP IA 166 10.70 -56.35 -56.13
C ASP IA 166 10.97 -56.24 -57.63
N LYS IA 167 11.31 -57.36 -58.28
CA LYS IA 167 11.64 -57.34 -59.69
C LYS IA 167 10.44 -56.97 -60.57
N PHE IA 168 9.22 -57.19 -60.08
CA PHE IA 168 8.03 -56.83 -60.83
C PHE IA 168 7.56 -55.41 -60.54
N GLY IA 169 8.24 -54.70 -59.63
CA GLY IA 169 7.76 -53.41 -59.23
C GLY IA 169 6.61 -53.44 -58.25
N LYS IA 170 6.57 -54.47 -57.40
CA LYS IA 170 5.49 -54.62 -56.42
C LYS IA 170 5.97 -54.21 -55.05
N THR IA 171 5.21 -53.37 -54.39
CA THR IA 171 5.41 -53.07 -52.98
C THR IA 171 4.66 -54.08 -52.14
N PRO IA 172 4.96 -54.17 -50.84
CA PRO IA 172 4.17 -55.06 -49.98
C PRO IA 172 2.70 -54.72 -49.93
N PHE IA 173 2.33 -53.46 -50.16
CA PHE IA 173 0.93 -53.08 -50.25
C PHE IA 173 0.26 -53.75 -51.44
N ASP IA 174 0.98 -53.86 -52.56
CA ASP IA 174 0.45 -54.53 -53.73
C ASP IA 174 0.28 -56.02 -53.48
N LEU IA 175 1.25 -56.65 -52.84
CA LEU IA 175 1.14 -58.08 -52.55
C LEU IA 175 0.05 -58.34 -51.53
N ALA IA 176 -0.26 -57.37 -50.66
CA ALA IA 176 -1.32 -57.56 -49.70
C ALA IA 176 -2.69 -57.37 -50.32
N ILE IA 177 -2.82 -56.48 -51.31
CA ILE IA 177 -4.14 -56.36 -51.94
C ILE IA 177 -4.35 -57.50 -52.95
N ASP IA 178 -3.28 -58.03 -53.55
CA ASP IA 178 -3.45 -59.10 -54.51
C ASP IA 178 -3.86 -60.41 -53.85
N ASN IA 179 -3.59 -60.58 -52.56
CA ASN IA 179 -3.91 -61.82 -51.86
C ASN IA 179 -5.02 -61.63 -50.83
N GLY IA 180 -5.69 -60.50 -50.84
CA GLY IA 180 -6.87 -60.32 -50.00
C GLY IA 180 -6.61 -60.02 -48.55
N ASN IA 181 -5.40 -59.58 -48.20
CA ASN IA 181 -5.08 -59.23 -46.81
C ASN IA 181 -5.36 -57.74 -46.62
N GLU IA 182 -6.64 -57.42 -46.39
CA GLU IA 182 -7.08 -56.04 -46.44
C GLU IA 182 -6.65 -55.23 -45.22
N ASP IA 183 -6.56 -55.85 -44.05
CA ASP IA 183 -6.12 -55.11 -42.87
C ASP IA 183 -4.64 -54.76 -42.93
N ILE IA 184 -3.82 -55.66 -43.49
CA ILE IA 184 -2.42 -55.35 -43.72
C ILE IA 184 -2.30 -54.15 -44.65
N ALA IA 185 -3.06 -54.16 -45.75
CA ALA IA 185 -3.03 -53.05 -46.70
C ALA IA 185 -3.52 -51.76 -46.07
N GLU IA 186 -4.49 -51.83 -45.15
CA GLU IA 186 -4.94 -50.64 -44.46
C GLU IA 186 -3.83 -50.04 -43.62
N VAL IA 187 -3.13 -50.87 -42.84
CA VAL IA 187 -2.03 -50.41 -42.02
C VAL IA 187 -0.94 -49.78 -42.88
N LEU IA 188 -0.59 -50.47 -43.96
CA LEU IA 188 0.49 -50.00 -44.84
C LEU IA 188 0.12 -48.71 -45.55
N GLN IA 189 -1.17 -48.50 -45.83
CA GLN IA 189 -1.57 -47.30 -46.54
C GLN IA 189 -1.61 -46.09 -45.61
N ALA IA 190 -2.17 -46.30 -44.40
CA ALA IA 190 -2.26 -45.21 -43.44
C ALA IA 190 -0.89 -44.72 -43.00
N LEU IA 191 0.06 -45.65 -42.82
CA LEU IA 191 1.40 -45.26 -42.39
C LEU IA 191 2.07 -44.36 -43.42
N LEU IA 192 2.02 -44.77 -44.68
CA LEU IA 192 2.62 -43.99 -45.76
C LEU IA 192 1.96 -42.62 -45.88
N ALA IA 193 0.64 -42.56 -45.69
CA ALA IA 193 -0.05 -41.29 -45.85
C ALA IA 193 0.33 -40.30 -44.75
N ILE IA 194 0.46 -40.77 -43.52
CA ILE IA 194 0.86 -39.87 -42.44
C ILE IA 194 2.31 -39.42 -42.61
N ASN IA 195 3.18 -40.29 -43.08
CA ASN IA 195 4.56 -39.86 -43.29
C ASN IA 195 4.67 -38.83 -44.39
N ARG IA 196 3.87 -38.98 -45.45
CA ARG IA 196 3.87 -37.98 -46.51
C ARG IA 196 3.29 -36.66 -46.04
N GLN IA 197 2.31 -36.68 -45.15
CA GLN IA 197 1.81 -35.42 -44.62
C GLN IA 197 2.85 -34.73 -43.74
N ILE IA 198 3.65 -35.49 -42.99
CA ILE IA 198 4.74 -34.89 -42.22
C ILE IA 198 5.74 -34.20 -43.15
N ASN IA 199 6.14 -34.89 -44.22
CA ASN IA 199 7.07 -34.28 -45.15
C ASN IA 199 6.48 -33.05 -45.82
N LEU IA 200 5.17 -33.07 -46.11
CA LEU IA 200 4.54 -31.92 -46.76
C LEU IA 200 4.44 -30.72 -45.83
N GLU IA 201 4.23 -30.94 -44.54
CA GLU IA 201 4.27 -29.81 -43.62
C GLU IA 201 5.69 -29.27 -43.45
N LEU IA 202 6.70 -30.13 -43.48
CA LEU IA 202 8.06 -29.63 -43.41
C LEU IA 202 8.46 -28.86 -44.66
N TYR IA 203 7.90 -29.25 -45.81
CA TYR IA 203 8.18 -28.53 -47.05
C TYR IA 203 7.65 -27.12 -47.01
N ALA IA 204 6.42 -26.94 -46.54
CA ALA IA 204 5.77 -25.64 -46.56
C ALA IA 204 6.45 -24.63 -45.66
N SER IA 205 7.11 -25.09 -44.61
CA SER IA 205 7.81 -24.20 -43.69
C SER IA 205 9.03 -23.57 -44.35
N TYR IA 206 9.67 -24.32 -45.24
CA TYR IA 206 10.87 -23.91 -45.94
C TYR IA 206 10.56 -22.94 -47.08
N VAL IA 207 9.40 -23.09 -47.70
CA VAL IA 207 8.91 -22.13 -48.68
C VAL IA 207 8.67 -20.78 -48.02
N TYR IA 208 8.07 -20.79 -46.85
CA TYR IA 208 7.82 -19.55 -46.12
C TYR IA 208 9.12 -18.92 -45.64
N LEU IA 209 10.12 -19.73 -45.29
CA LEU IA 209 11.42 -19.18 -44.96
C LEU IA 209 12.05 -18.46 -46.16
N SER IA 210 11.98 -19.09 -47.33
CA SER IA 210 12.45 -18.45 -48.55
C SER IA 210 11.74 -17.12 -48.80
N MET IA 211 10.41 -17.15 -48.74
CA MET IA 211 9.61 -15.94 -48.96
C MET IA 211 9.97 -14.85 -47.98
N SER IA 212 10.14 -15.18 -46.70
CA SER IA 212 10.45 -14.19 -45.69
C SER IA 212 11.79 -13.51 -45.96
N TYR IA 213 12.83 -14.29 -46.27
CA TYR IA 213 14.11 -13.65 -46.50
C TYR IA 213 14.24 -13.05 -47.89
N TYR IA 214 13.26 -13.23 -48.77
CA TYR IA 214 13.24 -12.42 -49.98
C TYR IA 214 12.83 -10.99 -49.69
N PHE IA 215 11.97 -10.77 -48.71
CA PHE IA 215 11.35 -9.48 -48.49
C PHE IA 215 12.17 -8.54 -47.62
N ASP IA 216 13.37 -8.93 -47.22
CA ASP IA 216 14.25 -8.00 -46.55
C ASP IA 216 15.57 -7.82 -47.27
N ARG IA 217 15.63 -8.20 -48.54
CA ARG IA 217 16.72 -7.76 -49.39
C ARG IA 217 16.68 -6.24 -49.52
N ASP IA 218 17.84 -5.63 -49.77
CA ASP IA 218 17.89 -4.18 -49.79
C ASP IA 218 17.18 -3.56 -50.98
N ASP IA 219 16.86 -4.33 -52.01
CA ASP IA 219 16.02 -3.86 -53.09
C ASP IA 219 14.57 -4.30 -52.97
N VAL IA 220 14.23 -5.04 -51.92
CA VAL IA 220 12.84 -5.32 -51.57
C VAL IA 220 12.72 -4.97 -50.08
N ALA IA 221 12.41 -3.72 -49.79
CA ALA IA 221 12.52 -3.26 -48.41
C ALA IA 221 11.15 -3.23 -47.74
N LEU IA 222 10.57 -4.40 -47.55
CA LEU IA 222 9.25 -4.54 -46.94
C LEU IA 222 9.35 -5.40 -45.68
N LYS IA 223 9.43 -4.77 -44.52
CA LYS IA 223 9.74 -5.45 -43.27
C LYS IA 223 8.58 -6.27 -42.72
N ASN IA 224 7.36 -5.82 -42.96
CA ASN IA 224 6.20 -6.49 -42.38
C ASN IA 224 5.78 -7.70 -43.19
N PHE IA 225 6.03 -7.68 -44.50
CA PHE IA 225 5.92 -8.89 -45.30
C PHE IA 225 6.86 -9.98 -44.78
N ALA IA 226 8.12 -9.61 -44.53
CA ALA IA 226 9.10 -10.56 -44.04
C ALA IA 226 8.72 -11.11 -42.68
N LYS IA 227 8.22 -10.25 -41.81
CA LYS IA 227 7.78 -10.67 -40.48
C LYS IA 227 6.61 -11.64 -40.56
N TYR IA 228 5.64 -11.34 -41.43
CA TYR IA 228 4.48 -12.21 -41.65
C TYR IA 228 4.89 -13.60 -42.11
N PHE IA 229 5.79 -13.67 -43.08
CA PHE IA 229 6.16 -14.98 -43.61
C PHE IA 229 7.06 -15.77 -42.66
N LEU IA 230 7.84 -15.10 -41.81
CA LEU IA 230 8.55 -15.83 -40.77
C LEU IA 230 7.59 -16.45 -39.76
N HIS IA 231 6.53 -15.71 -39.42
CA HIS IA 231 5.50 -16.27 -38.54
C HIS IA 231 4.87 -17.53 -39.13
N GLN IA 232 4.54 -17.49 -40.43
CA GLN IA 232 3.96 -18.66 -41.06
C GLN IA 232 4.92 -19.84 -41.08
N SER IA 233 6.21 -19.58 -41.29
CA SER IA 233 7.21 -20.63 -41.27
C SER IA 233 7.22 -21.38 -39.94
N HIS IA 234 7.19 -20.63 -38.84
CA HIS IA 234 7.22 -21.29 -37.53
C HIS IA 234 5.92 -22.03 -37.23
N GLU IA 235 4.79 -21.51 -37.70
CA GLU IA 235 3.53 -22.22 -37.50
C GLU IA 235 3.52 -23.57 -38.23
N GLU IA 236 4.07 -23.62 -39.43
CA GLU IA 236 4.10 -24.90 -40.14
C GLU IA 236 5.05 -25.89 -39.48
N ARG IA 237 6.16 -25.40 -38.93
CA ARG IA 237 7.03 -26.28 -38.14
C ARG IA 237 6.27 -26.90 -36.96
N GLU IA 238 5.41 -26.12 -36.32
CA GLU IA 238 4.59 -26.65 -35.24
C GLU IA 238 3.58 -27.69 -35.73
N HIS IA 239 2.99 -27.47 -36.90
CA HIS IA 239 2.06 -28.46 -37.45
C HIS IA 239 2.73 -29.81 -37.67
N ALA IA 240 3.94 -29.78 -38.24
CA ALA IA 240 4.66 -31.02 -38.48
C ALA IA 240 5.01 -31.72 -37.17
N GLU IA 241 5.40 -30.95 -36.15
CA GLU IA 241 5.73 -31.57 -34.87
C GLU IA 241 4.51 -32.19 -34.19
N LYS IA 242 3.34 -31.59 -34.35
CA LYS IA 242 2.12 -32.20 -33.84
C LYS IA 242 1.83 -33.53 -34.51
N LEU IA 243 2.04 -33.61 -35.83
CA LEU IA 243 1.80 -34.89 -36.48
C LEU IA 243 2.80 -35.94 -36.03
N MET IA 244 4.04 -35.54 -35.76
CA MET IA 244 5.04 -36.47 -35.24
C MET IA 244 4.68 -36.99 -33.85
N LYS IA 245 4.17 -36.11 -32.99
CA LYS IA 245 3.75 -36.54 -31.67
C LYS IA 245 2.56 -37.51 -31.74
N LEU IA 246 1.60 -37.22 -32.62
CA LEU IA 246 0.47 -38.14 -32.82
C LEU IA 246 0.96 -39.51 -33.27
N GLN IA 247 1.86 -39.54 -34.24
CA GLN IA 247 2.36 -40.82 -34.71
C GLN IA 247 3.10 -41.58 -33.62
N ASN IA 248 3.76 -40.88 -32.70
CA ASN IA 248 4.40 -41.60 -31.61
C ASN IA 248 3.41 -42.12 -30.57
N GLN IA 249 2.28 -41.45 -30.38
CA GLN IA 249 1.27 -41.94 -29.44
C GLN IA 249 0.59 -43.22 -29.92
N ARG IA 250 0.45 -43.39 -31.23
CA ARG IA 250 -0.22 -44.55 -31.76
C ARG IA 250 0.67 -45.78 -31.86
N GLY IA 251 1.97 -45.63 -31.68
CA GLY IA 251 2.88 -46.72 -31.86
C GLY IA 251 3.33 -46.95 -33.29
N GLY IA 252 3.14 -45.95 -34.16
CA GLY IA 252 3.60 -46.05 -35.53
C GLY IA 252 5.04 -45.61 -35.67
N ALA IA 253 5.55 -45.74 -36.88
CA ALA IA 253 6.96 -45.55 -37.18
C ALA IA 253 7.16 -44.29 -38.02
N ILE IA 254 7.72 -43.25 -37.42
CA ILE IA 254 8.11 -42.07 -38.17
C ILE IA 254 9.25 -42.42 -39.11
N SER IA 255 9.18 -41.91 -40.34
CA SER IA 255 10.19 -42.16 -41.36
C SER IA 255 10.37 -40.89 -42.16
N LEU IA 256 11.53 -40.24 -42.03
CA LEU IA 256 11.77 -38.93 -42.61
C LEU IA 256 12.46 -39.04 -43.95
N GLN IA 257 12.16 -38.10 -44.83
CA GLN IA 257 12.70 -38.02 -46.18
C GLN IA 257 13.38 -36.67 -46.39
N ASP IA 258 13.94 -36.47 -47.57
CA ASP IA 258 14.51 -35.19 -47.93
C ASP IA 258 13.44 -34.11 -48.00
N ILE IA 259 13.82 -32.89 -47.67
CA ILE IA 259 12.98 -31.72 -47.87
C ILE IA 259 13.55 -30.98 -49.06
N LYS IA 260 12.74 -30.85 -50.11
CA LYS IA 260 13.20 -30.27 -51.35
C LYS IA 260 13.13 -28.75 -51.31
N LYS IA 261 13.96 -28.14 -52.16
CA LYS IA 261 14.08 -26.66 -52.18
C LYS IA 261 12.83 -26.04 -52.78
N PRO IA 262 12.44 -24.83 -52.35
CA PRO IA 262 11.30 -24.13 -52.94
C PRO IA 262 11.48 -23.90 -54.43
N ASP IA 263 10.38 -23.55 -55.09
CA ASP IA 263 10.39 -23.41 -56.55
C ASP IA 263 11.11 -22.16 -57.02
N CYS IA 264 11.07 -21.09 -56.24
CA CYS IA 264 11.75 -19.86 -56.57
C CYS IA 264 12.72 -19.49 -55.47
N ASP IA 265 13.80 -18.83 -55.86
CA ASP IA 265 14.53 -17.96 -54.95
C ASP IA 265 14.04 -16.52 -55.04
N ASP IA 266 13.53 -16.12 -56.21
CA ASP IA 266 13.09 -14.75 -56.45
C ASP IA 266 11.60 -14.75 -56.68
N TRP IA 267 10.86 -14.36 -55.66
CA TRP IA 267 9.49 -13.93 -55.84
C TRP IA 267 9.50 -12.56 -56.49
N GLU IA 268 8.35 -12.04 -56.87
CA GLU IA 268 8.37 -10.86 -57.71
C GLU IA 268 7.75 -9.63 -57.08
N SER IA 269 6.83 -9.79 -56.15
CA SER IA 269 6.11 -8.69 -55.54
C SER IA 269 5.42 -9.25 -54.30
N GLY IA 270 4.73 -8.39 -53.58
CA GLY IA 270 3.90 -8.87 -52.48
C GLY IA 270 2.69 -9.63 -52.98
N LEU IA 271 2.10 -9.17 -54.08
CA LEU IA 271 0.94 -9.83 -54.65
C LEU IA 271 1.28 -11.24 -55.12
N ASN IA 272 2.38 -11.40 -55.83
CA ASN IA 272 2.75 -12.70 -56.38
C ASN IA 272 3.05 -13.70 -55.27
N ALA IA 273 3.72 -13.25 -54.21
CA ALA IA 273 4.02 -14.14 -53.09
C ALA IA 273 2.76 -14.52 -52.33
N MET IA 274 1.82 -13.58 -52.17
CA MET IA 274 0.56 -13.92 -51.53
C MET IA 274 -0.23 -14.93 -52.35
N GLU IA 275 -0.19 -14.82 -53.67
CA GLU IA 275 -0.90 -15.79 -54.51
C GLU IA 275 -0.24 -17.15 -54.47
N CYS IA 276 1.09 -17.21 -54.40
CA CYS IA 276 1.76 -18.49 -54.27
C CYS IA 276 1.47 -19.13 -52.92
N ALA IA 277 1.40 -18.33 -51.86
CA ALA IA 277 1.05 -18.85 -50.55
C ALA IA 277 -0.37 -19.39 -50.51
N LEU IA 278 -1.30 -18.74 -51.22
CA LEU IA 278 -2.66 -19.25 -51.29
C LEU IA 278 -2.71 -20.59 -52.01
N HIS IA 279 -2.01 -20.70 -53.14
CA HIS IA 279 -1.94 -21.97 -53.87
C HIS IA 279 -1.36 -23.09 -53.00
N LEU IA 280 -0.33 -22.75 -52.21
CA LEU IA 280 0.29 -23.73 -51.32
C LEU IA 280 -0.68 -24.23 -50.26
N GLU IA 281 -1.38 -23.32 -49.58
CA GLU IA 281 -2.27 -23.77 -48.53
C GLU IA 281 -3.45 -24.53 -49.06
N LYS IA 282 -3.88 -24.25 -50.29
CA LYS IA 282 -4.94 -25.05 -50.89
C LYS IA 282 -4.47 -26.48 -51.17
N ASN IA 283 -3.22 -26.63 -51.62
CA ASN IA 283 -2.67 -27.98 -51.81
C ASN IA 283 -2.61 -28.76 -50.50
N VAL IA 284 -2.18 -28.12 -49.44
CA VAL IA 284 -2.09 -28.78 -48.14
C VAL IA 284 -3.47 -29.21 -47.66
N ASN IA 285 -4.48 -28.35 -47.83
CA ASN IA 285 -5.84 -28.68 -47.44
C ASN IA 285 -6.37 -29.88 -48.23
N GLN IA 286 -6.05 -29.96 -49.52
CA GLN IA 286 -6.52 -31.08 -50.31
C GLN IA 286 -5.92 -32.40 -49.85
N SER IA 287 -4.63 -32.39 -49.51
CA SER IA 287 -4.03 -33.63 -49.01
C SER IA 287 -4.59 -34.00 -47.64
N LEU IA 288 -4.93 -33.02 -46.81
CA LEU IA 288 -5.57 -33.34 -45.54
C LEU IA 288 -6.95 -33.97 -45.71
N LEU IA 289 -7.70 -33.52 -46.72
CA LEU IA 289 -9.00 -34.13 -46.96
C LEU IA 289 -8.86 -35.55 -47.44
N GLU IA 290 -7.85 -35.84 -48.27
CA GLU IA 290 -7.64 -37.22 -48.67
C GLU IA 290 -7.24 -38.09 -47.48
N LEU IA 291 -6.43 -37.55 -46.58
CA LEU IA 291 -6.06 -38.30 -45.37
C LEU IA 291 -7.28 -38.59 -44.51
N HIS IA 292 -8.21 -37.64 -44.41
CA HIS IA 292 -9.42 -37.87 -43.62
C HIS IA 292 -10.30 -38.94 -44.25
N LYS IA 293 -10.41 -38.94 -45.58
CA LYS IA 293 -11.23 -39.97 -46.22
C LYS IA 293 -10.62 -41.35 -46.06
N LEU IA 294 -9.28 -41.43 -46.13
CA LEU IA 294 -8.61 -42.70 -45.89
C LEU IA 294 -8.82 -43.17 -44.45
N ALA IA 295 -8.76 -42.25 -43.49
CA ALA IA 295 -9.01 -42.61 -42.09
C ALA IA 295 -10.44 -43.07 -41.87
N THR IA 296 -11.38 -42.53 -42.64
CA THR IA 296 -12.76 -42.96 -42.47
C THR IA 296 -13.00 -44.33 -43.07
N ASP IA 297 -12.29 -44.67 -44.15
CA ASP IA 297 -12.38 -46.03 -44.67
C ASP IA 297 -11.80 -47.06 -43.72
N CYS IA 298 -10.78 -46.70 -42.95
CA CYS IA 298 -10.09 -47.63 -42.08
C CYS IA 298 -10.73 -47.75 -40.70
N ASN IA 299 -11.85 -47.08 -40.47
CA ASN IA 299 -12.56 -47.11 -39.18
C ASN IA 299 -11.66 -46.66 -38.03
N ASP IA 300 -11.20 -45.42 -38.11
CA ASP IA 300 -10.30 -44.83 -37.13
C ASP IA 300 -10.87 -43.50 -36.67
N PRO IA 301 -11.82 -43.53 -35.73
CA PRO IA 301 -12.45 -42.27 -35.31
C PRO IA 301 -11.50 -41.32 -34.61
N HIS IA 302 -10.46 -41.82 -33.95
CA HIS IA 302 -9.55 -40.94 -33.24
C HIS IA 302 -8.73 -40.11 -34.21
N LEU IA 303 -8.28 -40.71 -35.32
CA LEU IA 303 -7.56 -39.97 -36.34
C LEU IA 303 -8.46 -38.94 -37.01
N CYS IA 304 -9.70 -39.30 -37.29
CA CYS IA 304 -10.64 -38.37 -37.90
C CYS IA 304 -10.87 -37.16 -37.01
N ASP IA 305 -11.09 -37.39 -35.72
CA ASP IA 305 -11.31 -36.27 -34.82
C ASP IA 305 -10.05 -35.43 -34.63
N PHE IA 306 -8.87 -36.07 -34.63
CA PHE IA 306 -7.62 -35.32 -34.56
C PHE IA 306 -7.48 -34.39 -35.75
N ILE IA 307 -7.73 -34.91 -36.95
CA ILE IA 307 -7.59 -34.09 -38.16
C ILE IA 307 -8.58 -32.95 -38.16
N GLU IA 308 -9.85 -33.23 -37.90
CA GLU IA 308 -10.82 -32.15 -37.98
C GLU IA 308 -10.78 -31.21 -36.78
N THR IA 309 -10.10 -31.56 -35.69
CA THR IA 309 -9.97 -30.62 -34.58
C THR IA 309 -8.74 -29.73 -34.69
N HIS IA 310 -7.60 -30.26 -35.16
CA HIS IA 310 -6.40 -29.45 -35.19
C HIS IA 310 -5.98 -28.97 -36.57
N TYR IA 311 -6.62 -29.41 -37.65
CA TYR IA 311 -6.08 -29.07 -38.95
C TYR IA 311 -7.09 -28.46 -39.91
N LEU IA 312 -8.33 -28.92 -39.87
CA LEU IA 312 -9.28 -28.55 -40.92
C LEU IA 312 -9.84 -27.15 -40.77
N ASN IA 313 -9.89 -26.62 -39.55
CA ASN IA 313 -10.39 -25.27 -39.37
C ASN IA 313 -9.31 -24.21 -39.55
N GLU IA 314 -8.08 -24.57 -39.22
CA GLU IA 314 -6.94 -23.67 -39.45
C GLU IA 314 -6.71 -23.45 -40.93
N GLN IA 315 -6.89 -24.49 -41.74
CA GLN IA 315 -6.74 -24.35 -43.18
C GLN IA 315 -7.78 -23.41 -43.75
N VAL IA 316 -9.02 -23.50 -43.27
CA VAL IA 316 -10.09 -22.63 -43.74
C VAL IA 316 -9.81 -21.19 -43.36
N LYS IA 317 -9.35 -20.97 -42.13
CA LYS IA 317 -8.98 -19.62 -41.70
C LYS IA 317 -7.86 -19.05 -42.55
N ALA IA 318 -6.83 -19.84 -42.82
CA ALA IA 318 -5.69 -19.37 -43.57
C ALA IA 318 -6.06 -19.03 -45.00
N ILE IA 319 -6.91 -19.85 -45.61
CA ILE IA 319 -7.31 -19.60 -46.99
C ILE IA 319 -8.19 -18.36 -47.08
N LYS IA 320 -9.05 -18.14 -46.09
CA LYS IA 320 -9.85 -16.92 -46.07
C LYS IA 320 -8.98 -15.67 -45.93
N GLU IA 321 -7.99 -15.72 -45.04
CA GLU IA 321 -7.13 -14.57 -44.83
C GLU IA 321 -6.26 -14.27 -46.05
N LEU IA 322 -5.72 -15.31 -46.69
CA LEU IA 322 -4.88 -15.07 -47.85
C LEU IA 322 -5.67 -14.57 -49.04
N GLY IA 323 -6.91 -15.04 -49.22
CA GLY IA 323 -7.74 -14.46 -50.26
C GLY IA 323 -8.13 -13.02 -49.99
N ASP IA 324 -8.36 -12.68 -48.73
CA ASP IA 324 -8.53 -11.28 -48.34
C ASP IA 324 -7.35 -10.43 -48.78
N HIS IA 325 -6.13 -10.87 -48.43
CA HIS IA 325 -4.93 -10.10 -48.78
C HIS IA 325 -4.81 -9.93 -50.29
N VAL IA 326 -5.10 -10.99 -51.05
CA VAL IA 326 -4.95 -10.89 -52.50
C VAL IA 326 -5.94 -9.89 -53.09
N THR IA 327 -7.21 -9.94 -52.66
CA THR IA 327 -8.15 -9.01 -53.28
C THR IA 327 -7.90 -7.57 -52.86
N ASN IA 328 -7.46 -7.33 -51.62
CA ASN IA 328 -7.16 -5.96 -51.25
C ASN IA 328 -5.96 -5.42 -52.01
N LEU IA 329 -4.91 -6.24 -52.17
CA LEU IA 329 -3.76 -5.80 -52.93
C LEU IA 329 -4.10 -5.55 -54.39
N ARG IA 330 -4.97 -6.36 -54.98
CA ARG IA 330 -5.35 -6.12 -56.36
C ARG IA 330 -6.20 -4.86 -56.50
N LYS IA 331 -7.07 -4.57 -55.53
CA LYS IA 331 -7.89 -3.37 -55.62
C LYS IA 331 -7.07 -2.10 -55.45
N MET IA 332 -6.08 -2.13 -54.56
CA MET IA 332 -5.24 -0.95 -54.36
C MET IA 332 -4.41 -0.61 -55.58
N GLY IA 333 -4.18 -1.56 -56.48
CA GLY IA 333 -3.47 -1.29 -57.70
C GLY IA 333 -2.11 -1.93 -57.83
N ALA IA 334 -1.77 -2.87 -56.99
CA ALA IA 334 -0.50 -3.58 -57.04
C ALA IA 334 -0.54 -4.64 -58.14
N PRO IA 335 0.61 -5.04 -58.70
CA PRO IA 335 2.01 -4.72 -58.38
C PRO IA 335 2.56 -3.47 -59.03
N GLU IA 336 1.88 -2.98 -60.06
CA GLU IA 336 2.37 -1.84 -60.83
C GLU IA 336 2.16 -0.52 -60.13
N SER IA 337 1.75 -0.53 -58.87
CA SER IA 337 1.77 0.65 -58.02
C SER IA 337 2.64 0.34 -56.82
N GLY IA 338 3.79 1.00 -56.73
CA GLY IA 338 4.64 0.82 -55.57
C GLY IA 338 4.10 1.48 -54.32
N LEU IA 339 3.20 2.43 -54.48
CA LEU IA 339 2.53 3.05 -53.33
C LEU IA 339 1.56 2.09 -52.67
N ALA IA 340 1.02 1.14 -53.42
CA ALA IA 340 0.04 0.21 -52.87
C ALA IA 340 0.68 -0.78 -51.91
N GLU IA 341 1.83 -1.34 -52.27
CA GLU IA 341 2.46 -2.34 -51.41
C GLU IA 341 3.06 -1.71 -50.16
N TYR IA 342 3.58 -0.49 -50.27
CA TYR IA 342 4.07 0.23 -49.10
C TYR IA 342 2.96 0.46 -48.08
N LEU IA 343 1.81 0.90 -48.54
CA LEU IA 343 0.72 1.22 -47.63
C LEU IA 343 0.03 -0.02 -47.10
N PHE IA 344 -0.03 -1.10 -47.91
CA PHE IA 344 -0.50 -2.37 -47.39
C PHE IA 344 0.43 -2.89 -46.30
N ASP IA 345 1.74 -2.78 -46.51
CA ASP IA 345 2.73 -3.11 -45.50
C ASP IA 345 2.48 -2.35 -44.20
N LYS IA 346 2.19 -1.05 -44.29
CA LYS IA 346 1.99 -0.27 -43.08
C LYS IA 346 0.67 -0.63 -42.39
N HIS IA 347 -0.43 -0.63 -43.14
CA HIS IA 347 -1.73 -0.62 -42.47
C HIS IA 347 -2.29 -2.00 -42.18
N THR IA 348 -2.06 -2.98 -43.04
CA THR IA 348 -2.62 -4.30 -42.77
C THR IA 348 -1.65 -5.19 -42.02
N LEU IA 349 -0.40 -5.24 -42.45
CA LEU IA 349 0.58 -6.09 -41.81
C LEU IA 349 1.27 -5.43 -40.64
N GLY IA 350 1.10 -4.13 -40.47
CA GLY IA 350 1.72 -3.41 -39.38
C GLY IA 350 1.13 -3.72 -38.04
N LYS JA 22 14.91 -117.86 -92.06
CA LYS JA 22 15.27 -118.81 -91.00
C LYS JA 22 14.20 -118.82 -89.91
N ILE JA 23 13.27 -117.87 -89.97
CA ILE JA 23 12.10 -117.90 -89.11
C ILE JA 23 11.16 -118.98 -89.63
N GLU JA 24 10.79 -119.91 -88.75
CA GLU JA 24 10.05 -121.10 -89.15
C GLU JA 24 8.58 -120.77 -89.44
N GLU JA 25 8.00 -121.53 -90.36
CA GLU JA 25 6.63 -121.35 -90.82
C GLU JA 25 5.69 -122.35 -90.15
N GLY JA 26 4.40 -121.99 -90.08
CA GLY JA 26 3.43 -122.82 -89.42
C GLY JA 26 3.59 -122.93 -87.93
N LYS JA 27 4.40 -122.04 -87.34
CA LYS JA 27 4.80 -122.16 -85.94
C LYS JA 27 5.14 -120.76 -85.44
N LEU JA 28 4.76 -120.49 -84.20
CA LEU JA 28 4.92 -119.17 -83.61
C LEU JA 28 5.74 -119.27 -82.32
N VAL JA 29 6.82 -118.50 -82.24
CA VAL JA 29 7.62 -118.37 -81.03
C VAL JA 29 7.64 -116.89 -80.64
N ILE JA 30 7.45 -116.62 -79.35
CA ILE JA 30 7.31 -115.27 -78.83
C ILE JA 30 8.33 -115.10 -77.72
N TRP JA 31 8.91 -113.90 -77.63
CA TRP JA 31 9.76 -113.53 -76.51
C TRP JA 31 9.12 -112.38 -75.73
N ILE JA 32 9.06 -112.53 -74.42
CA ILE JA 32 8.40 -111.55 -73.55
C ILE JA 32 9.12 -111.53 -72.21
N ASN JA 33 9.31 -110.33 -71.67
CA ASN JA 33 10.09 -110.17 -70.44
C ASN JA 33 9.32 -110.77 -69.26
N GLY JA 34 10.09 -111.37 -68.34
CA GLY JA 34 9.56 -112.11 -67.21
C GLY JA 34 8.90 -111.31 -66.11
N ASP JA 35 8.84 -109.99 -66.22
CA ASP JA 35 8.13 -109.17 -65.24
C ASP JA 35 6.66 -109.01 -65.58
N LYS JA 36 6.17 -109.77 -66.56
CA LYS JA 36 4.81 -109.67 -67.07
C LYS JA 36 4.10 -111.00 -66.86
N GLY JA 37 2.87 -111.08 -67.35
CA GLY JA 37 2.16 -112.34 -67.37
C GLY JA 37 2.54 -113.17 -68.59
N TYR JA 38 3.78 -113.63 -68.65
CA TYR JA 38 4.20 -114.50 -69.75
C TYR JA 38 3.48 -115.83 -69.69
N ASN JA 39 3.10 -116.27 -68.48
CA ASN JA 39 2.23 -117.43 -68.37
C ASN JA 39 0.86 -117.14 -68.97
N GLY JA 40 0.38 -115.90 -68.87
CA GLY JA 40 -0.83 -115.52 -69.58
C GLY JA 40 -0.66 -115.56 -71.08
N LEU JA 41 0.54 -115.25 -71.57
CA LEU JA 41 0.83 -115.42 -72.99
C LEU JA 41 0.82 -116.90 -73.37
N ALA JA 42 1.28 -117.78 -72.48
CA ALA JA 42 1.13 -119.21 -72.70
C ALA JA 42 -0.35 -119.61 -72.72
N GLU JA 43 -1.16 -119.01 -71.84
CA GLU JA 43 -2.58 -119.34 -71.80
CA GLU JA 43 -2.58 -119.34 -71.80
C GLU JA 43 -3.29 -118.92 -73.08
N VAL JA 44 -2.99 -117.73 -73.60
CA VAL JA 44 -3.64 -117.33 -74.85
C VAL JA 44 -3.10 -118.16 -76.02
N GLY JA 45 -1.83 -118.57 -75.94
CA GLY JA 45 -1.31 -119.49 -76.92
C GLY JA 45 -2.06 -120.81 -76.94
N LYS JA 46 -2.40 -121.35 -75.76
CA LYS JA 46 -3.13 -122.61 -75.76
C LYS JA 46 -4.60 -122.44 -76.12
N LYS JA 47 -5.21 -121.28 -75.87
CA LYS JA 47 -6.53 -121.04 -76.49
C LYS JA 47 -6.41 -121.12 -78.01
N PHE JA 48 -5.38 -120.47 -78.57
CA PHE JA 48 -5.16 -120.52 -80.00
C PHE JA 48 -4.90 -121.95 -80.48
N GLU JA 49 -4.25 -122.77 -79.65
CA GLU JA 49 -3.96 -124.14 -80.04
C GLU JA 49 -5.23 -125.00 -80.05
N LYS JA 50 -6.05 -124.90 -79.00
CA LYS JA 50 -7.29 -125.67 -78.99
C LYS JA 50 -8.27 -125.18 -80.06
N ASP JA 51 -8.19 -123.91 -80.46
CA ASP JA 51 -9.13 -123.43 -81.46
C ASP JA 51 -8.68 -123.69 -82.90
N THR JA 52 -7.40 -123.46 -83.21
CA THR JA 52 -6.91 -123.56 -84.58
C THR JA 52 -5.85 -124.64 -84.80
N GLY JA 53 -5.30 -125.23 -83.74
CA GLY JA 53 -4.30 -126.27 -83.89
C GLY JA 53 -2.89 -125.78 -84.16
N ILE JA 54 -2.67 -124.47 -84.14
CA ILE JA 54 -1.35 -123.92 -84.43
C ILE JA 54 -0.61 -123.68 -83.12
N LYS JA 55 0.55 -124.31 -82.98
CA LYS JA 55 1.28 -124.28 -81.72
C LYS JA 55 1.93 -122.93 -81.50
N VAL JA 56 1.85 -122.43 -80.26
CA VAL JA 56 2.46 -121.17 -79.85
C VAL JA 56 3.39 -121.46 -78.67
N THR JA 57 4.67 -121.13 -78.82
CA THR JA 57 5.64 -121.24 -77.74
C THR JA 57 6.09 -119.86 -77.31
N VAL JA 58 6.19 -119.65 -76.01
CA VAL JA 58 6.71 -118.40 -75.47
C VAL JA 58 7.95 -118.70 -74.64
N GLU JA 59 8.88 -117.76 -74.65
CA GLU JA 59 10.11 -117.89 -73.88
C GLU JA 59 10.43 -116.56 -73.22
N HIS JA 60 10.91 -116.63 -71.98
CA HIS JA 60 11.13 -115.43 -71.15
C HIS JA 60 12.53 -115.44 -70.54
N PRO JA 61 13.56 -115.19 -71.33
CA PRO JA 61 14.91 -115.03 -70.78
C PRO JA 61 15.22 -113.56 -70.48
N ASP JA 62 16.35 -113.36 -69.83
CA ASP JA 62 16.80 -112.01 -69.55
C ASP JA 62 17.34 -111.35 -70.81
N LYS JA 63 17.54 -110.03 -70.72
CA LYS JA 63 18.19 -109.20 -71.75
C LYS JA 63 17.52 -109.33 -73.12
N LEU JA 64 16.19 -109.44 -73.15
CA LEU JA 64 15.49 -109.62 -74.42
C LEU JA 64 15.61 -108.42 -75.34
N GLU JA 65 15.82 -107.22 -74.80
CA GLU JA 65 16.00 -106.06 -75.65
C GLU JA 65 17.41 -106.04 -76.23
N GLU JA 66 18.35 -106.62 -75.51
CA GLU JA 66 19.67 -106.89 -76.08
C GLU JA 66 19.60 -108.02 -77.09
N LYS JA 67 18.69 -108.98 -76.86
CA LYS JA 67 18.70 -110.25 -77.60
C LYS JA 67 17.94 -110.17 -78.92
N PHE JA 68 16.86 -109.37 -78.99
CA PHE JA 68 16.08 -109.32 -80.23
C PHE JA 68 16.83 -108.71 -81.40
N PRO JA 69 17.43 -107.51 -81.32
CA PRO JA 69 17.98 -106.92 -82.55
C PRO JA 69 19.22 -107.63 -83.06
N GLN JA 70 20.03 -108.21 -82.18
CA GLN JA 70 21.24 -108.90 -82.60
C GLN JA 70 20.95 -110.19 -83.36
N VAL JA 71 19.74 -110.74 -83.23
CA VAL JA 71 19.39 -111.96 -83.94
C VAL JA 71 18.49 -111.59 -85.10
N ALA JA 72 17.72 -110.52 -84.94
CA ALA JA 72 16.84 -110.03 -86.00
C ALA JA 72 17.63 -109.40 -87.14
N ALA JA 73 18.84 -108.90 -86.86
CA ALA JA 73 19.72 -108.46 -87.94
C ALA JA 73 20.28 -109.62 -88.73
N THR JA 74 20.22 -110.83 -88.19
CA THR JA 74 20.54 -112.05 -88.94
C THR JA 74 19.33 -112.65 -89.62
N GLY JA 75 18.11 -112.26 -89.23
CA GLY JA 75 16.90 -112.81 -89.80
C GLY JA 75 16.28 -113.95 -89.02
N ASP JA 76 16.53 -114.03 -87.72
CA ASP JA 76 15.97 -115.10 -86.90
C ASP JA 76 15.49 -114.56 -85.56
N GLY JA 77 15.24 -115.46 -84.61
CA GLY JA 77 14.84 -115.08 -83.28
C GLY JA 77 13.37 -115.38 -83.04
N PRO JA 78 12.64 -114.40 -82.54
CA PRO JA 78 11.22 -114.60 -82.29
C PRO JA 78 10.39 -114.18 -83.49
N ASP JA 79 9.08 -114.31 -83.38
CA ASP JA 79 8.20 -113.64 -84.32
C ASP JA 79 7.61 -112.37 -83.72
N ILE JA 80 7.17 -112.44 -82.47
CA ILE JA 80 6.53 -111.33 -81.77
C ILE JA 80 7.36 -110.97 -80.54
N ILE JA 81 7.43 -109.69 -80.23
CA ILE JA 81 8.15 -109.20 -79.05
C ILE JA 81 7.31 -108.14 -78.34
N PHE JA 82 7.16 -108.31 -77.03
CA PHE JA 82 6.39 -107.39 -76.19
C PHE JA 82 7.36 -106.48 -75.45
N TRP JA 83 7.38 -105.19 -75.82
CA TRP JA 83 8.33 -104.25 -75.22
C TRP JA 83 7.82 -102.84 -75.42
N ALA JA 84 8.57 -101.88 -74.87
CA ALA JA 84 8.23 -100.47 -75.02
C ALA JA 84 8.39 -100.04 -76.48
N HIS JA 85 7.59 -99.04 -76.85
CA HIS JA 85 7.50 -98.59 -78.23
C HIS JA 85 8.70 -97.75 -78.66
N ASP JA 86 9.42 -97.14 -77.72
CA ASP JA 86 10.45 -96.16 -78.07
C ASP JA 86 11.64 -96.81 -78.76
N ARG JA 87 12.00 -98.03 -78.37
CA ARG JA 87 13.02 -98.76 -79.10
C ARG JA 87 12.46 -99.46 -80.32
N PHE JA 88 11.14 -99.51 -80.47
CA PHE JA 88 10.54 -100.12 -81.65
C PHE JA 88 10.71 -99.23 -82.87
N GLY JA 89 10.45 -97.92 -82.71
CA GLY JA 89 10.61 -97.00 -83.83
C GLY JA 89 12.02 -96.98 -84.38
N GLY JA 90 13.01 -97.01 -83.49
CA GLY JA 90 14.38 -97.19 -83.94
C GLY JA 90 14.57 -98.51 -84.68
N TYR JA 91 13.99 -99.58 -84.14
CA TYR JA 91 14.01 -100.84 -84.88
C TYR JA 91 13.04 -100.83 -86.05
N ALA JA 92 12.16 -99.83 -86.12
CA ALA JA 92 11.42 -99.60 -87.35
C ALA JA 92 12.34 -99.05 -88.43
N GLN JA 93 13.41 -98.35 -88.02
CA GLN JA 93 14.43 -97.94 -88.98
C GLN JA 93 15.34 -99.11 -89.33
N SER JA 94 15.67 -99.94 -88.35
CA SER JA 94 16.70 -100.97 -88.48
C SER JA 94 16.24 -102.18 -89.27
N GLY JA 95 15.02 -102.18 -89.81
CA GLY JA 95 14.54 -103.32 -90.58
C GLY JA 95 14.31 -104.56 -89.75
N LEU JA 96 13.94 -104.40 -88.47
CA LEU JA 96 13.74 -105.53 -87.58
C LEU JA 96 12.30 -105.69 -87.12
N LEU JA 97 11.47 -104.66 -87.24
CA LEU JA 97 10.05 -104.76 -86.98
C LEU JA 97 9.26 -104.72 -88.29
N ALA JA 98 8.25 -105.57 -88.38
CA ALA JA 98 7.44 -105.69 -89.59
C ALA JA 98 6.35 -104.63 -89.62
N GLU JA 99 6.14 -104.05 -90.80
CA GLU JA 99 5.06 -103.12 -91.00
C GLU JA 99 3.73 -103.87 -90.97
N ILE JA 100 2.95 -103.65 -89.91
CA ILE JA 100 1.69 -104.36 -89.75
C ILE JA 100 0.64 -103.77 -90.68
N THR JA 101 -0.39 -104.57 -90.96
CA THR JA 101 -1.54 -104.13 -91.76
C THR JA 101 -2.80 -104.43 -90.98
N PRO JA 102 -3.20 -103.56 -90.05
CA PRO JA 102 -4.48 -103.74 -89.37
C PRO JA 102 -5.62 -103.02 -90.09
N ASP JA 103 -6.84 -103.47 -89.79
CA ASP JA 103 -8.02 -102.87 -90.38
CA ASP JA 103 -8.02 -102.88 -90.38
C ASP JA 103 -8.43 -101.61 -89.62
N LYS JA 104 -9.34 -100.85 -90.22
CA LYS JA 104 -9.81 -99.61 -89.60
C LYS JA 104 -10.81 -99.85 -88.49
N ALA JA 105 -11.62 -100.91 -88.60
CA ALA JA 105 -12.53 -101.25 -87.51
C ALA JA 105 -11.75 -101.72 -86.28
N PHE JA 106 -10.66 -102.46 -86.48
CA PHE JA 106 -9.80 -102.83 -85.36
C PHE JA 106 -9.02 -101.64 -84.83
N GLN JA 107 -8.75 -100.65 -85.70
CA GLN JA 107 -8.16 -99.41 -85.22
C GLN JA 107 -9.15 -98.60 -84.39
N ASP JA 108 -10.46 -98.77 -84.67
CA ASP JA 108 -11.47 -98.20 -83.79
C ASP JA 108 -11.63 -99.03 -82.51
N LYS JA 109 -11.33 -100.33 -82.58
CA LYS JA 109 -11.40 -101.19 -81.40
C LYS JA 109 -10.39 -100.78 -80.33
N LEU JA 110 -9.28 -100.16 -80.72
CA LEU JA 110 -8.27 -99.67 -79.80
C LEU JA 110 -8.29 -98.15 -79.77
N TYR JA 111 -7.61 -97.59 -78.77
CA TYR JA 111 -7.49 -96.14 -78.70
C TYR JA 111 -6.41 -95.64 -79.65
N PRO JA 112 -6.68 -94.58 -80.41
CA PRO JA 112 -5.69 -94.12 -81.40
C PRO JA 112 -4.45 -93.50 -80.78
N PHE JA 113 -4.57 -92.90 -79.58
CA PHE JA 113 -3.38 -92.36 -78.92
C PHE JA 113 -2.41 -93.46 -78.52
N THR JA 114 -2.88 -94.69 -78.40
CA THR JA 114 -1.97 -95.83 -78.31
C THR JA 114 -1.32 -96.12 -79.66
N TRP JA 115 -2.06 -95.93 -80.75
CA TRP JA 115 -1.49 -96.15 -82.07
C TRP JA 115 -0.44 -95.10 -82.44
N ASP JA 116 -0.48 -93.92 -81.82
CA ASP JA 116 0.57 -92.94 -82.04
C ASP JA 116 1.90 -93.34 -81.39
N ALA JA 117 1.92 -94.40 -80.58
CA ALA JA 117 3.16 -94.86 -79.97
C ALA JA 117 4.03 -95.65 -80.93
N VAL JA 118 3.43 -96.30 -81.92
CA VAL JA 118 4.12 -97.24 -82.79
C VAL JA 118 4.19 -96.70 -84.21
N ARG JA 119 4.26 -95.37 -84.34
CA ARG JA 119 4.42 -94.71 -85.63
C ARG JA 119 5.90 -94.45 -85.90
N TYR JA 120 6.31 -94.64 -87.15
CA TYR JA 120 7.67 -94.30 -87.57
C TYR JA 120 7.67 -94.18 -89.08
N ASN JA 121 8.06 -93.01 -89.59
CA ASN JA 121 8.08 -92.72 -91.04
C ASN JA 121 6.72 -92.96 -91.68
N GLY JA 122 5.65 -92.68 -90.94
CA GLY JA 122 4.30 -92.88 -91.42
C GLY JA 122 3.81 -94.30 -91.41
N LYS JA 123 4.69 -95.29 -91.27
CA LYS JA 123 4.28 -96.68 -91.29
C LYS JA 123 3.95 -97.14 -89.87
N LEU JA 124 3.13 -98.19 -89.79
CA LEU JA 124 2.66 -98.71 -88.52
C LEU JA 124 3.34 -100.06 -88.27
N ILE JA 125 3.93 -100.22 -87.10
CA ILE JA 125 4.91 -101.28 -86.88
C ILE JA 125 4.47 -102.33 -85.87
N ALA JA 126 3.55 -102.01 -84.95
CA ALA JA 126 3.28 -102.92 -83.85
C ALA JA 126 1.90 -102.63 -83.28
N TYR JA 127 1.33 -103.64 -82.63
CA TYR JA 127 0.02 -103.50 -82.01
C TYR JA 127 0.20 -103.12 -80.56
N PRO JA 128 -0.34 -101.99 -80.09
CA PRO JA 128 -0.21 -101.64 -78.68
C PRO JA 128 -1.11 -102.51 -77.81
N ILE JA 129 -0.56 -102.95 -76.67
CA ILE JA 129 -1.34 -103.72 -75.71
C ILE JA 129 -1.50 -102.91 -74.44
N ALA JA 130 -0.40 -102.60 -73.79
CA ALA JA 130 -0.43 -101.96 -72.48
C ALA JA 130 0.03 -100.52 -72.58
N VAL JA 131 -0.50 -99.67 -71.70
CA VAL JA 131 -0.21 -98.24 -71.70
C VAL JA 131 0.10 -97.82 -70.28
N GLU JA 132 1.18 -97.06 -70.10
CA GLU JA 132 1.74 -96.74 -68.80
C GLU JA 132 1.82 -95.22 -68.63
N ALA JA 133 1.48 -94.76 -67.44
CA ALA JA 133 1.49 -93.33 -67.14
C ALA JA 133 1.56 -93.15 -65.63
N LEU JA 134 2.27 -92.11 -65.20
CA LEU JA 134 2.46 -91.83 -63.79
C LEU JA 134 1.24 -91.09 -63.23
N SER JA 135 0.80 -91.50 -62.04
CA SER JA 135 -0.39 -90.94 -61.42
C SER JA 135 -0.09 -90.58 -59.97
N LEU JA 136 -1.02 -89.83 -59.36
CA LEU JA 136 -0.84 -89.38 -57.98
C LEU JA 136 -1.38 -90.46 -57.06
N ILE JA 137 -0.57 -90.82 -56.06
CA ILE JA 137 -0.94 -91.78 -55.04
C ILE JA 137 -1.02 -91.01 -53.72
N TYR JA 138 -2.16 -91.10 -53.04
CA TYR JA 138 -2.39 -90.30 -51.85
C TYR JA 138 -2.89 -91.16 -50.70
N ASN JA 139 -2.47 -90.80 -49.49
CA ASN JA 139 -3.07 -91.35 -48.28
C ASN JA 139 -4.46 -90.75 -48.09
N LYS JA 140 -5.48 -91.59 -48.01
CA LYS JA 140 -6.84 -91.10 -47.81
C LYS JA 140 -7.03 -90.54 -46.40
N ASP JA 141 -6.25 -91.02 -45.45
CA ASP JA 141 -6.41 -90.56 -44.06
C ASP JA 141 -5.80 -89.19 -43.86
N LEU JA 142 -4.56 -88.99 -44.32
CA LEU JA 142 -3.90 -87.70 -44.17
C LEU JA 142 -4.59 -86.62 -45.00
N LEU JA 143 -5.20 -86.99 -46.12
CA LEU JA 143 -5.91 -86.00 -46.90
C LEU JA 143 -7.16 -86.63 -47.52
N PRO JA 144 -8.35 -86.32 -46.99
CA PRO JA 144 -9.58 -86.89 -47.54
C PRO JA 144 -9.99 -86.30 -48.88
N ASN JA 145 -9.50 -85.11 -49.23
CA ASN JA 145 -9.92 -84.41 -50.43
C ASN JA 145 -8.69 -83.94 -51.19
N PRO JA 146 -8.31 -84.61 -52.28
CA PRO JA 146 -7.10 -84.22 -52.99
C PRO JA 146 -7.28 -82.87 -53.68
N PRO JA 147 -6.20 -82.14 -53.90
CA PRO JA 147 -6.29 -80.88 -54.64
C PRO JA 147 -6.09 -81.10 -56.14
N LYS JA 148 -6.61 -80.14 -56.91
CA LYS JA 148 -6.56 -80.21 -58.36
C LYS JA 148 -5.62 -79.19 -58.97
N THR JA 149 -4.93 -78.40 -58.16
CA THR JA 149 -3.96 -77.41 -58.64
C THR JA 149 -2.62 -77.64 -57.96
N TRP JA 150 -1.54 -77.47 -58.73
CA TRP JA 150 -0.21 -77.48 -58.14
C TRP JA 150 0.02 -76.26 -57.27
N GLU JA 151 -0.63 -75.14 -57.61
CA GLU JA 151 -0.53 -73.93 -56.81
C GLU JA 151 -1.09 -74.11 -55.40
N GLU JA 152 -1.88 -75.15 -55.18
CA GLU JA 152 -2.37 -75.46 -53.85
C GLU JA 152 -1.34 -76.21 -53.00
N ILE JA 153 -0.40 -76.90 -53.64
CA ILE JA 153 0.57 -77.75 -52.94
C ILE JA 153 1.45 -77.01 -51.94
N PRO JA 154 1.99 -75.81 -52.22
CA PRO JA 154 2.78 -75.13 -51.17
C PRO JA 154 1.97 -74.84 -49.92
N ALA JA 155 0.80 -74.23 -50.06
CA ALA JA 155 -0.01 -73.84 -48.92
C ALA JA 155 -0.34 -75.03 -48.02
N LEU JA 156 -0.84 -76.12 -48.62
CA LEU JA 156 -1.16 -77.30 -47.82
C LEU JA 156 0.07 -77.91 -47.17
N ASP JA 157 1.25 -77.72 -47.77
CA ASP JA 157 2.48 -78.18 -47.13
C ASP JA 157 2.68 -77.50 -45.79
N LYS JA 158 2.29 -76.22 -45.69
CA LYS JA 158 2.33 -75.50 -44.43
C LYS JA 158 1.47 -76.18 -43.37
N GLU JA 159 0.43 -76.90 -43.78
CA GLU JA 159 -0.33 -77.67 -42.82
C GLU JA 159 0.44 -78.88 -42.31
N LEU JA 160 1.12 -79.60 -43.22
CA LEU JA 160 1.65 -80.90 -42.83
C LEU JA 160 2.87 -80.79 -41.92
N LYS JA 161 3.66 -79.73 -42.07
CA LYS JA 161 4.73 -79.47 -41.11
C LYS JA 161 4.18 -79.17 -39.72
N ALA JA 162 2.91 -78.77 -39.62
CA ALA JA 162 2.25 -78.61 -38.35
C ALA JA 162 1.82 -79.94 -37.73
N LYS JA 163 1.85 -81.03 -38.50
CA LYS JA 163 1.60 -82.37 -37.98
C LYS JA 163 2.85 -83.24 -38.00
N GLY JA 164 4.00 -82.68 -38.37
CA GLY JA 164 5.20 -83.48 -38.53
C GLY JA 164 5.21 -84.31 -39.79
N LYS JA 165 4.50 -83.88 -40.83
CA LYS JA 165 4.39 -84.59 -42.08
C LYS JA 165 4.93 -83.73 -43.22
N SER JA 166 5.11 -84.36 -44.38
CA SER JA 166 5.55 -83.68 -45.58
C SER JA 166 4.48 -83.85 -46.66
N ALA JA 167 4.36 -82.84 -47.52
CA ALA JA 167 3.32 -82.86 -48.54
C ALA JA 167 3.69 -83.80 -49.69
N LEU JA 168 4.78 -83.51 -50.37
CA LEU JA 168 5.16 -84.27 -51.56
C LEU JA 168 6.62 -84.64 -51.47
N MET JA 169 6.93 -85.90 -51.77
CA MET JA 169 8.30 -86.40 -51.79
C MET JA 169 8.39 -87.44 -52.89
N PHE JA 170 9.27 -87.21 -53.87
CA PHE JA 170 9.42 -88.12 -54.98
C PHE JA 170 10.87 -88.05 -55.47
N ASN JA 171 11.13 -88.74 -56.58
CA ASN JA 171 12.48 -88.82 -57.14
C ASN JA 171 12.74 -87.56 -57.97
N LEU JA 172 13.60 -86.68 -57.46
CA LEU JA 172 14.02 -85.50 -58.20
C LEU JA 172 15.25 -85.75 -59.05
N GLN JA 173 15.84 -86.93 -58.99
CA GLN JA 173 17.06 -87.22 -59.73
C GLN JA 173 16.81 -87.65 -61.17
N GLU JA 174 15.56 -87.66 -61.62
CA GLU JA 174 15.22 -88.05 -62.96
C GLU JA 174 14.33 -87.01 -63.63
N PRO JA 175 14.55 -86.72 -64.92
CA PRO JA 175 13.56 -85.92 -65.65
C PRO JA 175 12.25 -86.65 -65.89
N TYR JA 176 12.25 -87.98 -65.78
CA TYR JA 176 11.05 -88.78 -66.01
C TYR JA 176 9.97 -88.46 -64.99
N PHE JA 177 10.35 -88.04 -63.78
CA PHE JA 177 9.36 -87.65 -62.78
C PHE JA 177 8.95 -86.20 -62.96
N THR JA 178 9.90 -85.32 -63.30
CA THR JA 178 9.66 -83.89 -63.29
C THR JA 178 8.99 -83.38 -64.57
N TRP JA 179 9.05 -84.14 -65.66
CA TRP JA 179 8.52 -83.68 -66.94
C TRP JA 179 7.01 -83.40 -66.98
N PRO JA 180 6.15 -84.08 -66.20
CA PRO JA 180 4.74 -83.64 -66.15
C PRO JA 180 4.54 -82.18 -65.77
N LEU JA 181 5.25 -81.68 -64.77
CA LEU JA 181 5.02 -80.32 -64.32
C LEU JA 181 5.65 -79.29 -65.25
N ILE JA 182 6.92 -79.48 -65.61
CA ILE JA 182 7.65 -78.45 -66.34
C ILE JA 182 7.13 -78.32 -67.77
N ALA JA 183 6.70 -79.42 -68.37
CA ALA JA 183 6.26 -79.41 -69.76
C ALA JA 183 4.74 -79.33 -69.90
N ALA JA 184 4.04 -78.99 -68.82
CA ALA JA 184 2.57 -78.98 -68.86
C ALA JA 184 2.04 -77.81 -69.66
N ASP JA 185 2.67 -76.64 -69.53
CA ASP JA 185 2.16 -75.39 -70.08
C ASP JA 185 3.01 -74.84 -71.21
N GLY JA 186 3.64 -75.72 -72.00
CA GLY JA 186 4.39 -75.25 -73.14
C GLY JA 186 5.66 -76.00 -73.47
N GLY JA 187 6.10 -76.88 -72.57
CA GLY JA 187 7.26 -77.70 -72.85
C GLY JA 187 6.89 -78.98 -73.57
N TYR JA 188 7.83 -79.46 -74.40
CA TYR JA 188 7.66 -80.70 -75.14
C TYR JA 188 9.04 -81.16 -75.63
N ALA JA 189 9.31 -82.46 -75.49
CA ALA JA 189 10.65 -82.97 -75.75
C ALA JA 189 11.08 -82.75 -77.20
N PHE JA 190 10.37 -83.35 -78.14
CA PHE JA 190 10.59 -83.13 -79.56
C PHE JA 190 9.26 -82.86 -80.22
N LYS JA 191 9.26 -82.00 -81.24
CA LYS JA 191 8.03 -81.76 -81.98
C LYS JA 191 7.63 -83.00 -82.76
N TYR JA 192 6.44 -83.53 -82.49
CA TYR JA 192 5.98 -84.80 -83.01
C TYR JA 192 4.65 -84.61 -83.73
N GLU JA 193 4.68 -84.74 -85.06
CA GLU JA 193 3.49 -84.56 -85.89
C GLU JA 193 3.51 -85.57 -87.02
N ASN JA 194 2.33 -86.10 -87.35
CA ASN JA 194 2.14 -87.03 -88.48
C ASN JA 194 3.02 -88.26 -88.38
N GLY JA 195 3.32 -88.70 -87.16
CA GLY JA 195 4.17 -89.85 -86.96
C GLY JA 195 5.65 -89.59 -87.12
N LYS JA 196 6.09 -88.33 -87.09
CA LYS JA 196 7.48 -87.97 -87.29
C LYS JA 196 7.95 -87.06 -86.16
N TYR JA 197 9.12 -87.37 -85.61
CA TYR JA 197 9.74 -86.54 -84.57
C TYR JA 197 10.77 -85.61 -85.20
N ASP JA 198 10.58 -84.31 -85.03
CA ASP JA 198 11.48 -83.33 -85.59
C ASP JA 198 12.73 -83.21 -84.72
N ILE JA 199 13.90 -83.33 -85.33
CA ILE JA 199 15.14 -83.35 -84.57
C ILE JA 199 15.60 -81.94 -84.23
N LYS JA 200 15.38 -80.98 -85.12
CA LYS JA 200 15.72 -79.58 -84.89
C LYS JA 200 14.76 -78.88 -83.94
N ASP JA 201 13.76 -79.57 -83.41
CA ASP JA 201 12.69 -78.92 -82.66
C ASP JA 201 12.59 -79.54 -81.27
N VAL JA 202 13.71 -79.49 -80.56
CA VAL JA 202 13.80 -79.87 -79.15
C VAL JA 202 13.27 -78.70 -78.33
N GLY JA 203 12.07 -78.85 -77.77
CA GLY JA 203 11.47 -77.77 -77.03
C GLY JA 203 11.76 -77.75 -75.54
N VAL JA 204 12.78 -76.98 -75.14
CA VAL JA 204 12.99 -76.65 -73.73
C VAL JA 204 13.15 -75.15 -73.50
N ASP JA 205 13.38 -74.37 -74.56
CA ASP JA 205 13.48 -72.91 -74.45
C ASP JA 205 12.13 -72.27 -74.68
N ASN JA 206 11.15 -72.69 -73.87
CA ASN JA 206 9.79 -72.20 -73.96
C ASN JA 206 9.36 -71.59 -72.63
N ALA JA 207 8.38 -70.70 -72.69
CA ALA JA 207 7.88 -70.02 -71.50
C ALA JA 207 7.23 -71.00 -70.53
N GLY JA 208 6.62 -72.07 -71.05
CA GLY JA 208 6.05 -73.07 -70.18
C GLY JA 208 7.08 -73.84 -69.38
N ALA JA 209 8.18 -74.21 -70.03
CA ALA JA 209 9.27 -74.87 -69.30
C ALA JA 209 9.87 -73.93 -68.26
N LYS JA 210 9.97 -72.64 -68.60
CA LYS JA 210 10.42 -71.64 -67.63
C LYS JA 210 9.49 -71.59 -66.43
N ALA JA 211 8.17 -71.56 -66.67
CA ALA JA 211 7.22 -71.47 -65.57
C ALA JA 211 7.27 -72.72 -64.70
N GLY JA 212 7.37 -73.89 -65.31
CA GLY JA 212 7.45 -75.12 -64.52
C GLY JA 212 8.72 -75.20 -63.69
N LEU JA 213 9.86 -74.79 -64.27
CA LEU JA 213 11.09 -74.88 -63.49
C LEU JA 213 11.15 -73.81 -62.41
N THR JA 214 10.57 -72.63 -62.64
CA THR JA 214 10.44 -71.66 -61.55
C THR JA 214 9.51 -72.17 -60.46
N PHE JA 215 8.44 -72.88 -60.82
CA PHE JA 215 7.62 -73.48 -59.76
C PHE JA 215 8.38 -74.53 -58.98
N LEU JA 216 9.25 -75.27 -59.67
CA LEU JA 216 10.12 -76.23 -58.98
C LEU JA 216 11.07 -75.53 -58.01
N VAL JA 217 11.68 -74.43 -58.44
CA VAL JA 217 12.59 -73.73 -57.55
C VAL JA 217 11.85 -72.99 -56.45
N ASP JA 218 10.56 -72.70 -56.62
CA ASP JA 218 9.79 -72.18 -55.50
C ASP JA 218 9.43 -73.28 -54.51
N LEU JA 219 9.20 -74.51 -55.01
CA LEU JA 219 8.95 -75.61 -54.10
C LEU JA 219 10.22 -76.02 -53.35
N ILE JA 220 11.39 -75.79 -53.95
CA ILE JA 220 12.62 -76.21 -53.29
C ILE JA 220 13.25 -75.09 -52.47
N LYS JA 221 13.04 -73.83 -52.84
CA LYS JA 221 13.68 -72.73 -52.13
C LYS JA 221 13.11 -72.56 -50.73
N ASN JA 222 11.78 -72.55 -50.62
CA ASN JA 222 11.11 -72.45 -49.33
C ASN JA 222 11.08 -73.77 -48.58
N LYS JA 223 11.81 -74.78 -49.06
CA LYS JA 223 12.03 -76.05 -48.36
C LYS JA 223 10.72 -76.81 -48.15
N HIS JA 224 9.88 -76.82 -49.18
CA HIS JA 224 8.74 -77.73 -49.15
C HIS JA 224 9.19 -79.17 -49.33
N MET JA 225 10.16 -79.39 -50.21
CA MET JA 225 10.79 -80.69 -50.40
C MET JA 225 12.31 -80.54 -50.25
N ASN JA 226 13.01 -81.64 -50.42
CA ASN JA 226 14.47 -81.65 -50.43
C ASN JA 226 14.97 -81.88 -51.85
N ALA JA 227 16.21 -81.44 -52.11
CA ALA JA 227 16.80 -81.57 -53.43
C ALA JA 227 17.56 -82.88 -53.61
N ASP JA 228 18.11 -83.43 -52.54
CA ASP JA 228 18.85 -84.67 -52.61
C ASP JA 228 17.97 -85.90 -52.47
N THR JA 229 16.66 -85.72 -52.42
CA THR JA 229 15.76 -86.86 -52.31
C THR JA 229 15.70 -87.63 -53.63
N ASP JA 230 15.24 -88.86 -53.53
CA ASP JA 230 15.11 -89.72 -54.71
C ASP JA 230 13.95 -90.68 -54.47
N TYR JA 231 13.96 -91.78 -55.22
CA TYR JA 231 12.80 -92.67 -55.25
C TYR JA 231 12.70 -93.52 -53.98
N SER JA 232 13.84 -93.98 -53.45
CA SER JA 232 13.81 -94.92 -52.34
CA SER JA 232 13.82 -94.92 -52.33
C SER JA 232 13.27 -94.27 -51.07
N ILE JA 233 13.84 -93.13 -50.68
CA ILE JA 233 13.38 -92.44 -49.47
C ILE JA 233 11.92 -92.04 -49.61
N ALA JA 234 11.53 -91.60 -50.81
CA ALA JA 234 10.14 -91.19 -51.07
C ALA JA 234 9.18 -92.35 -50.86
N GLU JA 235 9.41 -93.46 -51.56
CA GLU JA 235 8.49 -94.59 -51.46
C GLU JA 235 8.52 -95.22 -50.07
N ALA JA 236 9.68 -95.27 -49.42
CA ALA JA 236 9.76 -95.84 -48.09
C ALA JA 236 9.02 -94.98 -47.07
N ALA JA 237 9.13 -93.65 -47.20
CA ALA JA 237 8.41 -92.76 -46.30
C ALA JA 237 6.92 -92.79 -46.56
N PHE JA 238 6.51 -92.96 -47.82
CA PHE JA 238 5.08 -93.07 -48.10
C PHE JA 238 4.52 -94.40 -47.62
N ASN JA 239 5.32 -95.47 -47.66
CA ASN JA 239 4.87 -96.74 -47.08
C ASN JA 239 4.71 -96.63 -45.57
N LYS JA 240 5.53 -95.82 -44.90
CA LYS JA 240 5.30 -95.51 -43.49
C LYS JA 240 4.16 -94.52 -43.30
N GLY JA 241 3.82 -93.75 -44.32
CA GLY JA 241 2.78 -92.77 -44.19
C GLY JA 241 3.25 -91.43 -43.66
N GLU JA 242 4.50 -91.07 -43.92
CA GLU JA 242 5.02 -89.78 -43.47
C GLU JA 242 4.73 -88.67 -44.48
N THR JA 243 5.05 -88.89 -45.74
CA THR JA 243 4.65 -87.99 -46.82
C THR JA 243 3.30 -88.46 -47.33
N ALA JA 244 2.41 -87.51 -47.63
CA ALA JA 244 1.05 -87.86 -48.02
C ALA JA 244 0.88 -88.05 -49.51
N MET JA 245 1.57 -87.26 -50.34
CA MET JA 245 1.43 -87.33 -51.78
C MET JA 245 2.65 -87.98 -52.39
N THR JA 246 2.45 -88.73 -53.47
CA THR JA 246 3.57 -89.16 -54.30
C THR JA 246 3.09 -89.33 -55.73
N ILE JA 247 4.04 -89.41 -56.64
CA ILE JA 247 3.75 -89.62 -58.06
C ILE JA 247 4.47 -90.88 -58.51
N ASN JA 248 3.73 -91.82 -59.09
CA ASN JA 248 4.31 -93.12 -59.40
C ASN JA 248 3.48 -93.81 -60.46
N GLY JA 249 4.14 -94.71 -61.18
CA GLY JA 249 3.48 -95.56 -62.16
C GLY JA 249 2.89 -96.78 -61.50
N PRO JA 250 2.73 -97.85 -62.28
CA PRO JA 250 2.12 -99.07 -61.74
C PRO JA 250 3.06 -99.89 -60.86
N TRP JA 251 4.37 -99.83 -61.14
CA TRP JA 251 5.31 -100.81 -60.60
C TRP JA 251 5.43 -100.79 -59.08
N ALA JA 252 5.01 -99.70 -58.43
CA ALA JA 252 5.10 -99.61 -56.99
C ALA JA 252 3.77 -99.85 -56.29
N TRP JA 253 2.69 -100.07 -57.04
CA TRP JA 253 1.36 -100.21 -56.46
C TRP JA 253 1.33 -101.30 -55.41
N SER JA 254 1.79 -102.51 -55.78
CA SER JA 254 1.80 -103.62 -54.83
C SER JA 254 2.65 -103.31 -53.62
N ASN JA 255 3.73 -102.54 -53.79
CA ASN JA 255 4.55 -102.12 -52.65
C ASN JA 255 3.73 -101.31 -51.66
N ILE JA 256 2.87 -100.41 -52.15
CA ILE JA 256 1.99 -99.69 -51.26
C ILE JA 256 0.94 -100.62 -50.69
N ASP JA 257 0.59 -101.68 -51.42
CA ASP JA 257 -0.27 -102.71 -50.87
C ASP JA 257 0.42 -103.56 -49.81
N THR JA 258 1.74 -103.43 -49.66
CA THR JA 258 2.38 -104.00 -48.47
C THR JA 258 2.19 -103.10 -47.26
N SER JA 259 2.01 -101.80 -47.47
CA SER JA 259 1.87 -100.88 -46.35
CA SER JA 259 1.86 -100.87 -46.36
C SER JA 259 0.52 -100.98 -45.65
N LYS JA 260 -0.50 -101.50 -46.34
CA LYS JA 260 -1.89 -101.57 -45.86
C LYS JA 260 -2.43 -100.20 -45.48
N VAL JA 261 -1.83 -99.13 -46.02
CA VAL JA 261 -2.33 -97.78 -45.81
C VAL JA 261 -3.56 -97.60 -46.70
N ASN JA 262 -4.63 -97.04 -46.13
CA ASN JA 262 -5.82 -96.79 -46.91
C ASN JA 262 -5.54 -95.66 -47.90
N TYR JA 263 -5.16 -96.03 -49.13
CA TYR JA 263 -4.70 -95.06 -50.11
C TYR JA 263 -5.60 -95.07 -51.33
N GLY JA 264 -5.53 -93.97 -52.07
CA GLY JA 264 -6.20 -93.86 -53.35
C GLY JA 264 -5.25 -93.38 -54.43
N VAL JA 265 -5.72 -93.48 -55.67
CA VAL JA 265 -4.95 -93.07 -56.84
C VAL JA 265 -5.84 -92.15 -57.68
N THR JA 266 -5.28 -91.02 -58.10
CA THR JA 266 -6.02 -90.08 -58.91
C THR JA 266 -5.08 -89.43 -59.94
N VAL JA 267 -5.66 -88.55 -60.75
CA VAL JA 267 -4.91 -87.79 -61.73
C VAL JA 267 -4.06 -86.74 -61.03
N LEU JA 268 -2.94 -86.39 -61.66
CA LEU JA 268 -2.13 -85.30 -61.16
C LEU JA 268 -2.88 -83.98 -61.30
N PRO JA 269 -2.63 -83.03 -60.40
CA PRO JA 269 -3.28 -81.72 -60.50
C PRO JA 269 -2.86 -80.99 -61.78
N THR JA 270 -3.74 -80.11 -62.25
CA THR JA 270 -3.40 -79.25 -63.36
C THR JA 270 -2.63 -78.04 -62.85
N PHE JA 271 -1.95 -77.36 -63.77
CA PHE JA 271 -1.08 -76.25 -63.40
C PHE JA 271 -1.31 -75.08 -64.35
N LYS JA 272 -1.78 -73.97 -63.80
CA LYS JA 272 -2.15 -72.76 -64.56
C LYS JA 272 -3.21 -73.06 -65.62
N GLY JA 273 -4.03 -74.08 -65.37
CA GLY JA 273 -5.01 -74.55 -66.33
C GLY JA 273 -4.50 -75.64 -67.26
N GLN JA 274 -3.20 -75.64 -67.58
CA GLN JA 274 -2.64 -76.68 -68.43
C GLN JA 274 -2.36 -77.92 -67.59
N PRO JA 275 -2.96 -79.06 -67.88
CA PRO JA 275 -2.74 -80.26 -67.07
C PRO JA 275 -1.35 -80.85 -67.30
N SER JA 276 -0.93 -81.67 -66.34
CA SER JA 276 0.37 -82.31 -66.39
C SER JA 276 0.49 -83.24 -67.60
N LYS JA 277 1.73 -83.57 -67.94
CA LYS JA 277 2.03 -84.31 -69.17
C LYS JA 277 3.06 -85.40 -68.87
N PRO JA 278 2.62 -86.54 -68.35
CA PRO JA 278 3.56 -87.63 -68.07
C PRO JA 278 3.96 -88.37 -69.34
N PHE JA 279 5.09 -89.05 -69.25
CA PHE JA 279 5.55 -89.91 -70.34
C PHE JA 279 4.64 -91.13 -70.45
N VAL JA 280 4.05 -91.31 -71.62
CA VAL JA 280 3.19 -92.45 -71.91
C VAL JA 280 4.09 -93.56 -72.43
N GLY JA 281 4.26 -94.62 -71.65
CA GLY JA 281 5.06 -95.75 -72.07
C GLY JA 281 4.19 -96.90 -72.53
N VAL JA 282 4.23 -97.23 -73.80
CA VAL JA 282 3.28 -98.18 -74.38
C VAL JA 282 4.01 -99.47 -74.68
N LEU JA 283 3.62 -100.53 -73.97
CA LEU JA 283 4.05 -101.88 -74.28
C LEU JA 283 3.27 -102.37 -75.49
N SER JA 284 3.97 -102.60 -76.60
CA SER JA 284 3.40 -103.09 -77.84
C SER JA 284 4.13 -104.37 -78.26
N ALA JA 285 3.51 -105.08 -79.20
CA ALA JA 285 4.01 -106.34 -79.71
C ALA JA 285 4.46 -106.13 -81.15
N GLY JA 286 5.77 -106.02 -81.35
CA GLY JA 286 6.33 -105.88 -82.68
C GLY JA 286 6.51 -107.23 -83.35
N ILE JA 287 6.15 -107.28 -84.63
CA ILE JA 287 6.37 -108.45 -85.47
C ILE JA 287 7.73 -108.28 -86.13
N ASN JA 288 8.53 -109.35 -86.15
CA ASN JA 288 9.86 -109.27 -86.75
C ASN JA 288 9.73 -109.02 -88.24
N ALA JA 289 10.61 -108.16 -88.77
CA ALA JA 289 10.55 -107.78 -90.18
C ALA JA 289 11.07 -108.85 -91.11
N ALA JA 290 11.78 -109.85 -90.59
CA ALA JA 290 12.22 -110.98 -91.38
C ALA JA 290 11.22 -112.13 -91.37
N SER JA 291 10.06 -111.92 -90.76
CA SER JA 291 9.09 -112.99 -90.58
C SER JA 291 8.36 -113.29 -91.89
N PRO JA 292 8.30 -114.55 -92.32
CA PRO JA 292 7.27 -114.97 -93.29
C PRO JA 292 5.96 -115.41 -92.65
N ASN JA 293 5.71 -115.03 -91.40
CA ASN JA 293 4.57 -115.50 -90.63
C ASN JA 293 3.64 -114.33 -90.29
N LYS JA 294 3.36 -113.48 -91.29
CA LYS JA 294 2.67 -112.22 -91.04
C LYS JA 294 1.22 -112.44 -90.61
N GLU JA 295 0.44 -113.18 -91.41
CA GLU JA 295 -0.98 -113.29 -91.16
C GLU JA 295 -1.30 -114.10 -89.91
N LEU JA 296 -0.47 -115.11 -89.60
CA LEU JA 296 -0.69 -115.91 -88.41
C LEU JA 296 -0.57 -115.06 -87.14
N ALA JA 297 0.54 -114.31 -87.04
CA ALA JA 297 0.74 -113.46 -85.87
C ALA JA 297 -0.26 -112.31 -85.83
N LYS JA 298 -0.67 -111.79 -87.00
CA LYS JA 298 -1.69 -110.76 -87.01
C LYS JA 298 -3.03 -111.29 -86.50
N GLU JA 299 -3.38 -112.52 -86.88
CA GLU JA 299 -4.59 -113.14 -86.36
CA GLU JA 299 -4.59 -113.14 -86.36
C GLU JA 299 -4.50 -113.37 -84.86
N PHE JA 300 -3.35 -113.84 -84.38
CA PHE JA 300 -3.17 -114.08 -82.96
C PHE JA 300 -3.23 -112.77 -82.17
N LEU JA 301 -2.74 -111.67 -82.74
CA LEU JA 301 -2.74 -110.40 -82.03
C LEU JA 301 -4.11 -109.74 -82.04
N GLU JA 302 -4.84 -109.85 -83.15
CA GLU JA 302 -6.10 -109.13 -83.29
C GLU JA 302 -7.28 -109.88 -82.72
N ASN JA 303 -7.41 -111.18 -83.05
CA ASN JA 303 -8.59 -111.93 -82.66
C ASN JA 303 -8.45 -112.63 -81.31
N TYR JA 304 -7.24 -112.75 -80.79
CA TYR JA 304 -7.02 -113.42 -79.51
C TYR JA 304 -6.37 -112.53 -78.46
N LEU JA 305 -5.32 -111.79 -78.81
CA LEU JA 305 -4.63 -110.96 -77.83
C LEU JA 305 -5.43 -109.71 -77.50
N LEU JA 306 -5.67 -108.86 -78.49
CA LEU JA 306 -6.28 -107.55 -78.26
C LEU JA 306 -7.81 -107.66 -78.25
N THR JA 307 -8.31 -108.59 -77.44
CA THR JA 307 -9.72 -108.81 -77.19
C THR JA 307 -9.93 -108.85 -75.68
N ASP JA 308 -11.16 -109.12 -75.25
CA ASP JA 308 -11.44 -109.15 -73.82
C ASP JA 308 -10.77 -110.35 -73.14
N GLU JA 309 -10.90 -111.54 -73.73
CA GLU JA 309 -10.44 -112.73 -73.05
C GLU JA 309 -8.92 -112.85 -73.05
N GLY JA 310 -8.24 -112.31 -74.07
CA GLY JA 310 -6.78 -112.39 -74.09
C GLY JA 310 -6.14 -111.52 -73.03
N LEU JA 311 -6.56 -110.25 -72.97
CA LEU JA 311 -6.06 -109.37 -71.92
C LEU JA 311 -6.53 -109.83 -70.54
N GLU JA 312 -7.70 -110.46 -70.45
CA GLU JA 312 -8.13 -111.04 -69.18
C GLU JA 312 -7.18 -112.16 -68.74
N ALA JA 313 -6.87 -113.08 -69.66
CA ALA JA 313 -6.00 -114.20 -69.34
C ALA JA 313 -4.59 -113.75 -68.99
N VAL JA 314 -4.08 -112.71 -69.65
CA VAL JA 314 -2.75 -112.26 -69.25
C VAL JA 314 -2.81 -111.50 -67.93
N ASN JA 315 -3.92 -110.80 -67.65
CA ASN JA 315 -4.01 -110.04 -66.41
C ASN JA 315 -4.30 -110.89 -65.19
N LYS JA 316 -4.76 -112.13 -65.37
CA LYS JA 316 -4.92 -112.99 -64.20
C LYS JA 316 -3.59 -113.29 -63.52
N ASP JA 317 -2.51 -113.36 -64.29
CA ASP JA 317 -1.18 -113.57 -63.68
C ASP JA 317 -0.55 -112.24 -63.29
N LYS JA 318 -0.34 -111.35 -64.26
CA LYS JA 318 0.22 -110.03 -64.00
C LYS JA 318 -0.57 -109.01 -64.82
N PRO JA 319 -1.04 -107.93 -64.19
CA PRO JA 319 -1.87 -106.97 -64.92
C PRO JA 319 -1.06 -106.11 -65.88
N LEU JA 320 -1.79 -105.34 -66.68
CA LEU JA 320 -1.19 -104.41 -67.62
C LEU JA 320 -1.60 -102.96 -67.35
N GLY JA 321 -2.37 -102.71 -66.31
CA GLY JA 321 -2.74 -101.35 -65.98
C GLY JA 321 -3.74 -100.79 -66.98
N ALA JA 322 -3.37 -99.69 -67.62
CA ALA JA 322 -4.15 -99.16 -68.72
C ALA JA 322 -3.77 -99.91 -69.99
N VAL JA 323 -4.77 -100.46 -70.68
CA VAL JA 323 -4.53 -101.21 -71.89
C VAL JA 323 -4.96 -100.38 -73.09
N ALA JA 324 -4.74 -100.87 -74.29
CA ALA JA 324 -5.08 -100.14 -75.51
C ALA JA 324 -6.47 -100.44 -76.05
N LEU JA 325 -7.02 -101.63 -75.76
CA LEU JA 325 -8.34 -101.99 -76.27
C LEU JA 325 -9.42 -101.29 -75.47
N LYS JA 326 -10.40 -100.73 -76.17
CA LYS JA 326 -11.38 -99.84 -75.54
C LYS JA 326 -12.31 -100.61 -74.60
N SER JA 327 -12.83 -101.75 -75.06
CA SER JA 327 -13.77 -102.52 -74.24
C SER JA 327 -13.10 -103.04 -72.98
N TYR JA 328 -11.86 -103.53 -73.09
CA TYR JA 328 -11.15 -103.99 -71.91
C TYR JA 328 -10.75 -102.83 -71.00
N GLU JA 329 -10.57 -101.63 -71.55
CA GLU JA 329 -10.44 -100.46 -70.70
C GLU JA 329 -11.72 -100.17 -69.94
N GLU JA 330 -12.89 -100.41 -70.56
CA GLU JA 330 -14.13 -100.24 -69.82
C GLU JA 330 -14.29 -101.31 -68.74
N GLU JA 331 -13.78 -102.52 -68.99
CA GLU JA 331 -13.79 -103.55 -67.95
C GLU JA 331 -12.87 -103.19 -66.80
N LEU JA 332 -11.67 -102.68 -67.09
CA LEU JA 332 -10.72 -102.37 -66.02
C LEU JA 332 -10.91 -101.01 -65.39
N ALA JA 333 -11.77 -100.15 -65.96
CA ALA JA 333 -11.94 -98.81 -65.41
C ALA JA 333 -12.69 -98.78 -64.08
N LYS JA 334 -13.20 -99.92 -63.60
CA LYS JA 334 -13.77 -99.93 -62.25
C LYS JA 334 -12.69 -99.82 -61.19
N ASP JA 335 -11.46 -100.16 -61.50
CA ASP JA 335 -10.33 -99.90 -60.61
C ASP JA 335 -9.91 -98.46 -60.82
N PRO JA 336 -9.99 -97.60 -59.80
CA PRO JA 336 -9.68 -96.17 -60.02
C PRO JA 336 -8.23 -95.91 -60.37
N ARG JA 337 -7.32 -96.82 -59.99
CA ARG JA 337 -5.94 -96.71 -60.44
C ARG JA 337 -5.85 -96.77 -61.95
N ILE JA 338 -6.67 -97.64 -62.57
CA ILE JA 338 -6.65 -97.80 -64.01
C ILE JA 338 -7.22 -96.55 -64.70
N ALA JA 339 -8.28 -95.97 -64.11
CA ALA JA 339 -8.85 -94.74 -64.65
C ALA JA 339 -7.86 -93.59 -64.56
N ALA JA 340 -7.18 -93.46 -63.43
CA ALA JA 340 -6.17 -92.42 -63.29
C ALA JA 340 -5.03 -92.61 -64.27
N THR JA 341 -4.61 -93.87 -64.46
CA THR JA 341 -3.54 -94.16 -65.41
C THR JA 341 -3.95 -93.80 -66.84
N MET JA 342 -5.19 -94.14 -67.23
CA MET JA 342 -5.58 -93.85 -68.61
C MET JA 342 -5.80 -92.35 -68.83
N GLU JA 343 -6.28 -91.62 -67.82
CA GLU JA 343 -6.42 -90.17 -68.05
C GLU JA 343 -5.08 -89.46 -68.08
N ASN JA 344 -4.12 -89.87 -67.23
CA ASN JA 344 -2.77 -89.32 -67.35
C ASN JA 344 -2.11 -89.73 -68.66
N ALA JA 345 -2.44 -90.92 -69.18
CA ALA JA 345 -1.87 -91.35 -70.44
C ALA JA 345 -2.44 -90.59 -71.62
N GLN JA 346 -3.74 -90.31 -71.59
CA GLN JA 346 -4.36 -89.58 -72.68
C GLN JA 346 -4.04 -88.09 -72.64
N LYS JA 347 -3.71 -87.54 -71.47
CA LYS JA 347 -3.27 -86.16 -71.41
C LYS JA 347 -1.74 -86.02 -71.35
N GLY JA 348 -1.01 -87.13 -71.47
CA GLY JA 348 0.43 -87.10 -71.37
C GLY JA 348 1.12 -87.01 -72.72
N GLU JA 349 2.45 -87.01 -72.68
CA GLU JA 349 3.28 -86.95 -73.87
C GLU JA 349 3.79 -88.36 -74.19
N ILE JA 350 3.64 -88.76 -75.44
CA ILE JA 350 4.11 -90.08 -75.86
C ILE JA 350 5.62 -90.08 -75.90
N MET JA 351 6.23 -91.19 -75.50
CA MET JA 351 7.68 -91.27 -75.45
CA MET JA 351 7.69 -91.28 -75.45
C MET JA 351 8.27 -91.28 -76.86
N PRO JA 352 9.32 -90.49 -77.11
CA PRO JA 352 9.92 -90.47 -78.45
C PRO JA 352 10.66 -91.76 -78.79
N ASN JA 353 10.57 -92.13 -80.06
CA ASN JA 353 11.20 -93.33 -80.58
C ASN JA 353 12.55 -93.06 -81.22
N ILE JA 354 13.17 -91.92 -80.92
CA ILE JA 354 14.36 -91.46 -81.63
C ILE JA 354 15.58 -91.53 -80.72
N PRO JA 355 16.79 -91.69 -81.26
CA PRO JA 355 17.97 -91.83 -80.38
C PRO JA 355 18.46 -90.53 -79.76
N GLN JA 356 18.09 -89.37 -80.33
CA GLN JA 356 18.48 -88.08 -79.74
C GLN JA 356 17.91 -87.94 -78.33
N MET JA 357 16.80 -88.63 -78.06
CA MET JA 357 16.23 -88.71 -76.71
C MET JA 357 17.27 -89.07 -75.67
N SER JA 358 18.25 -89.90 -76.04
CA SER JA 358 19.33 -90.25 -75.11
C SER JA 358 20.07 -89.02 -74.64
N ALA JA 359 20.48 -88.15 -75.58
CA ALA JA 359 21.11 -86.89 -75.19
C ALA JA 359 20.17 -86.03 -74.38
N PHE JA 360 18.86 -86.12 -74.65
CA PHE JA 360 17.86 -85.50 -73.79
C PHE JA 360 18.04 -85.94 -72.35
N TRP JA 361 18.11 -87.24 -72.11
CA TRP JA 361 18.31 -87.74 -70.75
C TRP JA 361 19.70 -87.40 -70.21
N TYR JA 362 20.61 -86.95 -71.07
CA TYR JA 362 21.88 -86.42 -70.59
C TYR JA 362 21.84 -84.90 -70.44
N ALA JA 363 21.01 -84.21 -71.21
CA ALA JA 363 21.00 -82.75 -71.15
C ALA JA 363 20.12 -82.23 -70.02
N VAL JA 364 18.81 -82.48 -70.12
CA VAL JA 364 17.85 -81.83 -69.23
C VAL JA 364 18.00 -82.29 -67.79
N ARG JA 365 18.52 -83.50 -67.57
CA ARG JA 365 18.85 -83.94 -66.22
C ARG JA 365 19.84 -82.98 -65.56
N THR JA 366 20.91 -82.65 -66.27
CA THR JA 366 21.87 -81.67 -65.75
C THR JA 366 21.19 -80.34 -65.48
N ALA JA 367 20.15 -80.02 -66.24
CA ALA JA 367 19.38 -78.81 -66.00
C ALA JA 367 18.85 -78.77 -64.56
N VAL JA 368 18.20 -79.84 -64.12
CA VAL JA 368 17.70 -79.80 -62.75
C VAL JA 368 18.85 -79.92 -61.76
N ILE JA 369 19.98 -80.49 -62.18
CA ILE JA 369 21.15 -80.51 -61.31
C ILE JA 369 21.70 -79.10 -61.16
N ASN JA 370 21.43 -78.22 -62.13
CA ASN JA 370 21.74 -76.81 -61.94
C ASN JA 370 20.60 -76.03 -61.32
N ALA JA 371 19.41 -76.63 -61.21
CA ALA JA 371 18.24 -75.93 -60.71
C ALA JA 371 18.02 -76.15 -59.22
N ALA JA 372 17.82 -77.41 -58.82
CA ALA JA 372 17.59 -77.70 -57.40
C ALA JA 372 18.83 -77.47 -56.56
N SER JA 373 20.02 -77.54 -57.16
CA SER JA 373 21.24 -77.19 -56.46
C SER JA 373 21.55 -75.70 -56.51
N GLY JA 374 20.98 -74.98 -57.47
CA GLY JA 374 21.20 -73.55 -57.54
C GLY JA 374 22.55 -73.14 -58.07
N ARG JA 375 23.25 -74.03 -58.78
CA ARG JA 375 24.50 -73.63 -59.43
C ARG JA 375 24.24 -72.65 -60.56
N GLN JA 376 23.16 -72.86 -61.30
CA GLN JA 376 22.69 -71.93 -62.31
C GLN JA 376 21.28 -71.50 -61.94
N THR JA 377 20.71 -70.63 -62.77
CA THR JA 377 19.33 -70.20 -62.57
C THR JA 377 18.41 -71.10 -63.40
N VAL JA 378 17.16 -70.68 -63.58
CA VAL JA 378 16.22 -71.42 -64.42
C VAL JA 378 16.63 -71.34 -65.88
N ASP JA 379 16.76 -70.12 -66.40
CA ASP JA 379 17.03 -69.92 -67.81
C ASP JA 379 18.41 -70.46 -68.21
N GLU JA 380 19.41 -70.30 -67.33
CA GLU JA 380 20.75 -70.81 -67.61
C GLU JA 380 20.74 -72.32 -67.76
N ALA JA 381 20.10 -73.03 -66.83
CA ALA JA 381 20.04 -74.49 -66.89
C ALA JA 381 19.25 -74.96 -68.11
N LEU JA 382 18.13 -74.29 -68.41
CA LEU JA 382 17.31 -74.78 -69.50
C LEU JA 382 17.94 -74.51 -70.87
N LYS JA 383 18.63 -73.37 -71.04
CA LYS JA 383 19.30 -73.17 -72.33
C LYS JA 383 20.62 -73.93 -72.41
N ASP JA 384 21.18 -74.35 -71.28
CA ASP JA 384 22.30 -75.29 -71.34
C ASP JA 384 21.82 -76.67 -71.76
N ALA JA 385 20.63 -77.06 -71.31
CA ALA JA 385 20.02 -78.30 -71.79
C ALA JA 385 19.49 -78.17 -73.21
N GLN JA 386 19.32 -76.94 -73.70
CA GLN JA 386 18.80 -76.73 -75.05
C GLN JA 386 19.77 -77.22 -76.11
N THR JA 387 21.02 -76.79 -76.05
CA THR JA 387 22.03 -77.18 -77.01
C THR JA 387 22.51 -78.60 -76.73
N SER KA 35 83.52 38.50 -25.37
CA SER KA 35 83.98 37.13 -25.53
C SER KA 35 85.37 36.95 -24.95
N GLU KA 36 85.66 37.69 -23.87
CA GLU KA 36 86.92 37.54 -23.16
C GLU KA 36 87.05 36.15 -22.54
N LEU KA 37 85.93 35.55 -22.15
CA LEU KA 37 85.89 34.15 -21.73
C LEU KA 37 84.99 33.32 -22.63
N GLY KA 38 84.61 33.86 -23.79
CA GLY KA 38 83.69 33.14 -24.67
C GLY KA 38 84.36 31.99 -25.37
N LYS KA 39 85.57 32.20 -25.88
CA LYS KA 39 86.33 31.08 -26.44
C LYS KA 39 86.80 30.13 -25.35
N GLU KA 40 86.98 30.66 -24.13
CA GLU KA 40 87.22 29.80 -22.98
C GLU KA 40 86.00 28.94 -22.68
N LEU KA 41 84.80 29.38 -23.06
CA LEU KA 41 83.64 28.52 -23.02
C LEU KA 41 83.59 27.58 -24.22
N LEU KA 42 84.06 28.03 -25.38
CA LEU KA 42 84.05 27.18 -26.57
C LEU KA 42 84.95 25.97 -26.40
N GLU KA 43 86.11 26.16 -25.76
CA GLU KA 43 87.02 25.03 -25.58
C GLU KA 43 86.45 24.01 -24.61
N ALA KA 44 85.80 24.47 -23.54
CA ALA KA 44 85.21 23.53 -22.60
C ALA KA 44 83.96 22.88 -23.20
N ALA KA 45 83.27 23.57 -24.10
CA ALA KA 45 82.12 22.96 -24.77
C ALA KA 45 82.57 21.89 -25.76
N ARG KA 46 83.70 22.13 -26.44
CA ARG KA 46 84.27 21.10 -27.28
C ARG KA 46 84.80 19.93 -26.45
N ALA KA 47 85.31 20.21 -25.25
CA ALA KA 47 86.02 19.20 -24.48
C ALA KA 47 85.20 18.60 -23.33
N GLY KA 48 84.20 19.30 -22.83
CA GLY KA 48 83.37 18.74 -21.76
C GLY KA 48 84.00 18.75 -20.38
N GLN KA 49 84.18 19.93 -19.80
CA GLN KA 49 84.62 20.07 -18.41
C GLN KA 49 83.56 20.83 -17.63
N ASP KA 50 82.86 20.13 -16.73
CA ASP KA 50 81.90 20.78 -15.86
C ASP KA 50 82.58 21.71 -14.87
N ASP KA 51 83.80 21.37 -14.44
CA ASP KA 51 84.55 22.23 -13.54
C ASP KA 51 84.96 23.53 -14.20
N GLU KA 52 85.40 23.47 -15.46
CA GLU KA 52 85.82 24.68 -16.17
C GLU KA 52 84.66 25.64 -16.35
N VAL KA 53 83.50 25.12 -16.77
CA VAL KA 53 82.36 25.99 -16.95
C VAL KA 53 81.78 26.45 -15.62
N ARG KA 54 81.95 25.66 -14.55
CA ARG KA 54 81.53 26.10 -13.22
C ARG KA 54 82.39 27.28 -12.77
N ILE KA 55 83.69 27.24 -13.03
CA ILE KA 55 84.56 28.34 -12.67
C ILE KA 55 84.29 29.56 -13.56
N LEU KA 56 84.00 29.32 -14.84
CA LEU KA 56 83.72 30.43 -15.74
C LEU KA 56 82.40 31.11 -15.39
N MET KA 57 81.42 30.36 -14.91
CA MET KA 57 80.21 30.98 -14.37
C MET KA 57 80.44 31.58 -12.99
N ALA KA 58 81.44 31.12 -12.26
CA ALA KA 58 81.84 31.84 -11.05
C ALA KA 58 82.48 33.17 -11.39
N ARG KA 59 83.14 33.27 -12.54
CA ARG KA 59 83.70 34.52 -13.03
C ARG KA 59 82.74 35.28 -13.93
N GLY KA 60 81.56 34.72 -14.20
CA GLY KA 60 80.56 35.40 -15.01
C GLY KA 60 80.89 35.44 -16.49
N ALA KA 61 81.26 34.30 -17.06
CA ALA KA 61 81.55 34.23 -18.47
C ALA KA 61 80.26 34.36 -19.29
N GLU KA 62 80.35 35.06 -20.41
CA GLU KA 62 79.19 35.28 -21.25
C GLU KA 62 78.79 34.00 -21.97
N VAL KA 63 77.48 33.72 -22.02
CA VAL KA 63 76.98 32.46 -22.54
C VAL KA 63 76.56 32.53 -24.00
N ASN KA 64 76.45 33.72 -24.58
CA ASN KA 64 75.99 33.89 -25.96
C ASN KA 64 77.15 34.18 -26.90
N ALA KA 65 78.28 33.50 -26.71
CA ALA KA 65 79.48 33.75 -27.49
C ALA KA 65 79.33 33.11 -28.86
N ALA KA 66 79.02 33.92 -29.87
CA ALA KA 66 78.88 33.43 -31.23
C ALA KA 66 80.19 33.63 -31.99
N ASP KA 67 80.59 32.62 -32.75
CA ASP KA 67 81.76 32.71 -33.59
C ASP KA 67 81.37 33.31 -34.94
N ASN KA 68 82.27 33.24 -35.92
CA ASN KA 68 82.00 33.83 -37.23
C ASN KA 68 80.90 33.09 -37.99
N THR KA 69 80.65 31.83 -37.66
CA THR KA 69 79.63 31.04 -38.34
C THR KA 69 78.41 30.78 -37.45
N GLY KA 70 78.31 31.43 -36.30
CA GLY KA 70 77.14 31.34 -35.46
C GLY KA 70 77.13 30.23 -34.43
N THR KA 71 78.23 29.51 -34.29
CA THR KA 71 78.24 28.35 -33.39
C THR KA 71 78.41 28.82 -31.96
N THR KA 72 77.43 28.52 -31.12
CA THR KA 72 77.39 28.95 -29.73
C THR KA 72 78.01 27.88 -28.84
N PRO KA 73 78.28 28.20 -27.57
CA PRO KA 73 78.67 27.13 -26.63
C PRO KA 73 77.58 26.08 -26.45
N LEU KA 74 76.32 26.48 -26.58
CA LEU KA 74 75.24 25.50 -26.50
C LEU KA 74 75.28 24.53 -27.67
N HIS KA 75 75.68 25.00 -28.85
CA HIS KA 75 75.78 24.13 -30.02
C HIS KA 75 76.81 23.03 -29.79
N LEU KA 76 77.99 23.40 -29.30
CA LEU KA 76 79.02 22.40 -29.05
C LEU KA 76 78.66 21.52 -27.86
N ALA KA 77 77.96 22.08 -26.87
CA ALA KA 77 77.50 21.28 -25.76
C ALA KA 77 76.51 20.22 -26.21
N ALA KA 78 75.68 20.56 -27.20
CA ALA KA 78 74.73 19.59 -27.75
C ALA KA 78 75.44 18.57 -28.62
N TYR KA 79 76.33 19.02 -29.50
CA TYR KA 79 77.07 18.14 -30.38
C TYR KA 79 77.92 17.15 -29.59
N SER KA 80 78.43 17.55 -28.42
CA SER KA 80 79.29 16.68 -27.64
C SER KA 80 78.50 15.62 -26.91
N GLY KA 81 77.38 15.99 -26.30
CA GLY KA 81 76.57 15.03 -25.60
C GLY KA 81 76.80 14.95 -24.10
N HIS KA 82 77.23 16.04 -23.47
CA HIS KA 82 77.33 16.12 -22.02
C HIS KA 82 76.19 16.99 -21.53
N LEU KA 83 75.30 16.41 -20.73
CA LEU KA 83 74.08 17.11 -20.34
C LEU KA 83 74.33 18.21 -19.33
N GLU KA 84 75.41 18.12 -18.54
CA GLU KA 84 75.61 19.07 -17.45
C GLU KA 84 75.94 20.46 -17.96
N ILE KA 85 76.80 20.55 -18.96
CA ILE KA 85 77.15 21.86 -19.51
C ILE KA 85 75.94 22.49 -20.20
N VAL KA 86 75.11 21.68 -20.84
CA VAL KA 86 73.86 22.18 -21.41
C VAL KA 86 72.95 22.71 -20.32
N GLU KA 87 72.84 21.96 -19.21
CA GLU KA 87 71.97 22.38 -18.11
C GLU KA 87 72.42 23.70 -17.53
N VAL KA 88 73.72 23.87 -17.30
CA VAL KA 88 74.16 25.12 -16.68
C VAL KA 88 74.12 26.26 -17.68
N LEU KA 89 74.33 25.99 -18.96
CA LEU KA 89 74.19 27.03 -19.98
C LEU KA 89 72.76 27.53 -20.04
N LEU KA 90 71.79 26.62 -19.92
CA LEU KA 90 70.40 27.06 -19.86
C LEU KA 90 70.07 27.69 -18.52
N LYS KA 91 70.79 27.34 -17.46
CA LYS KA 91 70.60 28.01 -16.18
C LYS KA 91 71.05 29.46 -16.23
N TYR KA 92 72.07 29.76 -17.02
CA TYR KA 92 72.54 31.13 -17.18
C TYR KA 92 71.93 31.83 -18.38
N GLY KA 93 70.92 31.23 -19.00
CA GLY KA 93 70.15 31.92 -20.02
C GLY KA 93 70.71 31.89 -21.42
N ALA KA 94 71.29 30.76 -21.82
CA ALA KA 94 71.74 30.62 -23.20
C ALA KA 94 70.54 30.52 -24.13
N GLU KA 95 70.74 30.92 -25.38
CA GLU KA 95 69.65 30.92 -26.35
C GLU KA 95 69.39 29.50 -26.84
N VAL KA 96 68.14 29.07 -26.70
CA VAL KA 96 67.78 27.70 -27.07
C VAL KA 96 67.54 27.57 -28.56
N ASN KA 97 67.21 28.65 -29.25
CA ASN KA 97 66.81 28.62 -30.65
C ASN KA 97 67.76 29.45 -31.51
N ALA KA 98 69.05 29.37 -31.21
CA ALA KA 98 70.06 30.12 -31.95
C ALA KA 98 70.40 29.38 -33.25
N ALA KA 99 70.08 30.01 -34.37
CA ALA KA 99 70.35 29.41 -35.68
C ALA KA 99 71.74 29.82 -36.16
N ASP KA 100 72.45 28.88 -36.79
CA ASP KA 100 73.75 29.15 -37.37
C ASP KA 100 73.57 29.68 -38.79
N VAL KA 101 74.66 29.75 -39.55
CA VAL KA 101 74.58 30.18 -40.95
C VAL KA 101 73.99 29.10 -41.84
N PHE KA 102 73.87 27.87 -41.35
CA PHE KA 102 73.23 26.79 -42.09
C PHE KA 102 71.80 26.51 -41.60
N GLY KA 103 71.36 27.15 -40.53
CA GLY KA 103 70.03 26.99 -40.03
C GLY KA 103 69.88 26.02 -38.87
N TYR KA 104 70.94 25.30 -38.53
CA TYR KA 104 70.84 24.33 -37.44
C TYR KA 104 70.77 25.01 -36.09
N THR KA 105 69.94 24.47 -35.23
CA THR KA 105 69.83 24.80 -33.82
C THR KA 105 70.47 23.68 -33.00
N PRO KA 106 70.60 23.85 -31.67
CA PRO KA 106 71.06 22.71 -30.86
C PRO KA 106 70.14 21.51 -30.94
N LEU KA 107 68.84 21.71 -31.18
CA LEU KA 107 67.94 20.58 -31.30
C LEU KA 107 68.24 19.76 -32.55
N HIS KA 108 68.59 20.42 -33.65
CA HIS KA 108 68.97 19.73 -34.87
C HIS KA 108 70.16 18.82 -34.64
N LEU KA 109 71.25 19.38 -34.09
CA LEU KA 109 72.45 18.59 -33.86
C LEU KA 109 72.21 17.49 -32.83
N ALA KA 110 71.37 17.76 -31.83
CA ALA KA 110 71.06 16.74 -30.84
C ALA KA 110 70.29 15.59 -31.47
N ALA KA 111 69.39 15.90 -32.41
CA ALA KA 111 68.63 14.84 -33.08
C ALA KA 111 69.50 14.07 -34.06
N TYR KA 112 70.49 14.73 -34.66
CA TYR KA 112 71.39 14.04 -35.58
C TYR KA 112 72.19 12.98 -34.87
N TRP KA 113 72.82 13.34 -33.75
CA TRP KA 113 73.76 12.45 -33.09
C TRP KA 113 73.10 11.50 -32.10
N GLY KA 114 71.81 11.62 -31.88
CA GLY KA 114 71.10 10.65 -31.08
C GLY KA 114 71.35 10.77 -29.59
N HIS KA 115 71.17 11.97 -29.06
CA HIS KA 115 71.33 12.22 -27.63
C HIS KA 115 69.95 12.55 -27.07
N LEU KA 116 69.38 11.59 -26.34
CA LEU KA 116 67.96 11.68 -25.96
C LEU KA 116 67.73 12.73 -24.87
N GLU KA 117 68.55 12.69 -23.81
CA GLU KA 117 68.31 13.55 -22.66
C GLU KA 117 68.45 15.03 -23.02
N ILE KA 118 69.38 15.38 -23.90
CA ILE KA 118 69.51 16.78 -24.21
C ILE KA 118 68.40 17.23 -25.15
N VAL KA 119 67.87 16.32 -25.98
CA VAL KA 119 66.67 16.61 -26.75
C VAL KA 119 65.51 16.91 -25.82
N GLU KA 120 65.36 16.08 -24.78
CA GLU KA 120 64.28 16.28 -23.82
C GLU KA 120 64.41 17.63 -23.10
N VAL KA 121 65.61 17.97 -22.62
CA VAL KA 121 65.72 19.20 -21.86
C VAL KA 121 65.70 20.43 -22.76
N LEU KA 122 66.07 20.31 -24.04
CA LEU KA 122 65.88 21.43 -24.95
C LEU KA 122 64.41 21.67 -25.20
N LEU KA 123 63.64 20.59 -25.42
CA LEU KA 123 62.20 20.74 -25.57
C LEU KA 123 61.55 21.26 -24.29
N LYS KA 124 62.13 20.93 -23.14
CA LYS KA 124 61.62 21.39 -21.86
C LYS KA 124 61.88 22.88 -21.67
N ASN KA 125 62.84 23.46 -22.38
CA ASN KA 125 63.19 24.86 -22.23
C ASN KA 125 62.69 25.71 -23.40
N GLY KA 126 61.74 25.19 -24.17
CA GLY KA 126 61.13 25.97 -25.22
C GLY KA 126 61.85 25.95 -26.55
N ALA KA 127 62.42 24.80 -26.93
CA ALA KA 127 62.99 24.66 -28.26
C ALA KA 127 61.86 24.45 -29.27
N ASP KA 128 61.98 25.11 -30.42
CA ASP KA 128 60.95 25.02 -31.45
C ASP KA 128 61.06 23.67 -32.15
N VAL KA 129 59.99 22.87 -32.08
CA VAL KA 129 60.05 21.50 -32.54
C VAL KA 129 59.97 21.39 -34.05
N ASN KA 130 59.48 22.41 -34.73
CA ASN KA 130 59.33 22.41 -36.18
C ASN KA 130 60.30 23.38 -36.84
N ALA KA 131 61.51 23.47 -36.31
CA ALA KA 131 62.51 24.38 -36.87
C ALA KA 131 63.06 23.84 -38.18
N ARG KA 132 63.08 24.67 -39.21
CA ARG KA 132 63.60 24.30 -40.51
C ARG KA 132 65.04 24.78 -40.66
N ASP KA 133 65.85 23.98 -41.35
CA ASP KA 133 67.21 24.37 -41.67
C ASP KA 133 67.24 25.03 -43.05
N SER KA 134 68.44 25.16 -43.62
CA SER KA 134 68.57 25.63 -44.99
C SER KA 134 67.88 24.70 -45.99
N ASP KA 135 67.82 23.41 -45.69
CA ASP KA 135 67.16 22.44 -46.55
C ASP KA 135 65.67 22.30 -46.24
N GLY KA 136 65.18 22.98 -45.21
CA GLY KA 136 63.82 22.77 -44.76
C GLY KA 136 63.61 21.51 -43.97
N MET KA 137 64.69 20.86 -43.53
CA MET KA 137 64.59 19.62 -42.79
C MET KA 137 64.44 19.91 -41.31
N THR KA 138 63.33 19.47 -40.74
CA THR KA 138 63.07 19.58 -39.31
C THR KA 138 63.91 18.56 -38.56
N PRO KA 139 64.03 18.67 -37.23
CA PRO KA 139 64.71 17.61 -36.48
C PRO KA 139 64.06 16.25 -36.63
N LEU KA 140 62.75 16.19 -36.86
CA LEU KA 140 62.09 14.91 -37.09
C LEU KA 140 62.58 14.26 -38.37
N HIS KA 141 62.85 15.05 -39.41
CA HIS KA 141 63.49 14.53 -40.61
C HIS KA 141 64.80 13.82 -40.28
N LEU KA 142 65.63 14.44 -39.44
CA LEU KA 142 66.92 13.87 -39.11
C LEU KA 142 66.75 12.58 -38.31
N ALA KA 143 65.92 12.61 -37.28
CA ALA KA 143 65.73 11.44 -36.44
C ALA KA 143 65.08 10.29 -37.19
N ALA KA 144 64.27 10.58 -38.21
CA ALA KA 144 63.71 9.51 -39.02
C ALA KA 144 64.72 9.01 -40.03
N LYS KA 145 65.58 9.89 -40.53
CA LYS KA 145 66.60 9.50 -41.49
C LYS KA 145 67.68 8.63 -40.86
N TRP KA 146 67.93 8.81 -39.57
CA TRP KA 146 69.01 8.06 -38.94
C TRP KA 146 68.54 6.89 -38.07
N GLY KA 147 67.26 6.80 -37.76
CA GLY KA 147 66.74 5.63 -37.10
C GLY KA 147 66.71 5.66 -35.60
N HIS KA 148 66.48 6.82 -34.99
CA HIS KA 148 66.40 6.95 -33.54
C HIS KA 148 64.93 6.95 -33.13
N LEU KA 149 64.46 5.86 -32.52
CA LEU KA 149 63.05 5.73 -32.19
C LEU KA 149 62.64 6.69 -31.08
N GLU KA 150 63.36 6.68 -29.97
CA GLU KA 150 62.94 7.43 -28.80
C GLU KA 150 62.94 8.93 -29.05
N ILE KA 151 63.88 9.40 -29.85
CA ILE KA 151 63.87 10.80 -30.25
C ILE KA 151 62.64 11.11 -31.07
N VAL KA 152 62.29 10.23 -32.01
CA VAL KA 152 61.09 10.41 -32.82
C VAL KA 152 59.85 10.49 -31.94
N GLU KA 153 59.78 9.64 -30.91
CA GLU KA 153 58.59 9.62 -30.08
C GLU KA 153 58.50 10.86 -29.19
N VAL KA 154 59.62 11.29 -28.61
CA VAL KA 154 59.61 12.51 -27.81
C VAL KA 154 59.30 13.72 -28.68
N LEU KA 155 59.75 13.72 -29.93
CA LEU KA 155 59.43 14.83 -30.82
C LEU KA 155 57.97 14.83 -31.20
N LEU KA 156 57.40 13.64 -31.40
CA LEU KA 156 55.97 13.55 -31.71
C LEU KA 156 55.11 13.99 -30.53
N ARG KA 157 55.60 13.75 -29.31
CA ARG KA 157 54.85 14.17 -28.13
C ARG KA 157 54.72 15.70 -28.05
N TYR KA 158 55.70 16.42 -28.57
CA TYR KA 158 55.71 17.88 -28.45
C TYR KA 158 55.13 18.58 -29.66
N GLY KA 159 54.57 17.85 -30.60
CA GLY KA 159 53.87 18.44 -31.72
C GLY KA 159 54.65 18.58 -33.01
N ALA KA 160 55.56 17.65 -33.29
CA ALA KA 160 56.30 17.71 -34.55
C ALA KA 160 55.38 17.42 -35.73
N ASP KA 161 55.57 18.16 -36.81
CA ASP KA 161 54.69 18.04 -37.97
C ASP KA 161 55.07 16.80 -38.77
N VAL KA 162 54.10 15.90 -38.96
CA VAL KA 162 54.33 14.67 -39.71
C VAL KA 162 54.43 14.96 -41.20
N GLU KA 163 53.83 16.04 -41.67
CA GLU KA 163 53.68 16.29 -43.10
C GLU KA 163 54.65 17.35 -43.61
N ALA KA 164 55.68 17.67 -42.85
CA ALA KA 164 56.67 18.65 -43.29
C ALA KA 164 57.51 18.08 -44.43
N GLN KA 165 57.64 18.85 -45.51
CA GLN KA 165 58.44 18.46 -46.66
C GLN KA 165 59.68 19.33 -46.75
N ASP KA 166 60.77 18.73 -47.21
CA ASP KA 166 62.03 19.45 -47.39
C ASP KA 166 62.09 19.98 -48.83
N LYS KA 167 63.27 20.40 -49.29
CA LYS KA 167 63.40 20.95 -50.63
C LYS KA 167 63.12 19.94 -51.73
N PHE KA 168 63.28 18.65 -51.44
CA PHE KA 168 62.99 17.61 -52.41
C PHE KA 168 61.54 17.14 -52.35
N GLY KA 169 60.75 17.66 -51.42
CA GLY KA 169 59.39 17.18 -51.25
C GLY KA 169 59.33 15.87 -50.48
N LYS KA 170 60.25 15.65 -49.56
CA LYS KA 170 60.30 14.42 -48.77
C LYS KA 170 59.74 14.68 -47.38
N THR KA 171 58.82 13.84 -46.95
CA THR KA 171 58.37 13.81 -45.57
C THR KA 171 59.27 12.89 -44.76
N PRO KA 172 59.23 12.97 -43.43
CA PRO KA 172 60.02 12.02 -42.62
C PRO KA 172 59.65 10.57 -42.87
N PHE KA 173 58.42 10.29 -43.29
CA PHE KA 173 58.04 8.93 -43.66
C PHE KA 173 58.83 8.45 -44.87
N ASP KA 174 59.06 9.35 -45.83
CA ASP KA 174 59.86 9.00 -47.00
C ASP KA 174 61.30 8.75 -46.63
N LEU KA 175 61.88 9.58 -45.77
CA LEU KA 175 63.25 9.37 -45.35
C LEU KA 175 63.40 8.11 -44.51
N ALA KA 176 62.34 7.71 -43.83
CA ALA KA 176 62.42 6.48 -43.04
C ALA KA 176 62.27 5.24 -43.91
N ILE KA 177 61.50 5.31 -44.98
CA ILE KA 177 61.43 4.13 -45.85
C ILE KA 177 62.66 4.06 -46.75
N ASP KA 178 63.26 5.20 -47.10
CA ASP KA 178 64.44 5.16 -47.96
C ASP KA 178 65.67 4.61 -47.24
N ASN KA 179 65.70 4.65 -45.91
CA ASN KA 179 66.85 4.18 -45.15
C ASN KA 179 66.55 2.92 -44.36
N GLY KA 180 65.40 2.29 -44.60
CA GLY KA 180 65.13 1.00 -44.00
C GLY KA 180 64.68 1.01 -42.56
N ASN KA 181 64.21 2.15 -42.06
CA ASN KA 181 63.72 2.24 -40.69
C ASN KA 181 62.21 1.98 -40.70
N GLU KA 182 61.86 0.69 -40.72
CA GLU KA 182 60.48 0.30 -41.00
C GLU KA 182 59.56 0.55 -39.82
N ASP KA 183 60.05 0.42 -38.58
CA ASP KA 183 59.19 0.67 -37.43
C ASP KA 183 58.86 2.15 -37.28
N ILE KA 184 59.82 3.03 -37.58
CA ILE KA 184 59.55 4.45 -37.61
C ILE KA 184 58.46 4.76 -38.62
N ALA KA 185 58.58 4.19 -39.82
CA ALA KA 185 57.59 4.42 -40.86
C ALA KA 185 56.22 3.87 -40.47
N GLU KA 186 56.20 2.77 -39.73
CA GLU KA 186 54.92 2.23 -39.24
C GLU KA 186 54.25 3.20 -38.29
N VAL KA 187 55.01 3.72 -37.33
CA VAL KA 187 54.46 4.69 -36.38
C VAL KA 187 53.95 5.93 -37.11
N LEU KA 188 54.75 6.44 -38.04
CA LEU KA 188 54.39 7.65 -38.76
C LEU KA 188 53.18 7.46 -39.65
N GLN KA 189 52.98 6.25 -40.18
CA GLN KA 189 51.86 6.00 -41.06
C GLN KA 189 50.57 5.83 -40.28
N ALA KA 190 50.63 5.09 -39.17
CA ALA KA 190 49.44 4.86 -38.37
C ALA KA 190 48.93 6.15 -37.75
N LEU KA 191 49.84 7.03 -37.32
CA LEU KA 191 49.42 8.28 -36.70
C LEU KA 191 48.65 9.14 -37.68
N LEU KA 192 49.19 9.30 -38.88
CA LEU KA 192 48.53 10.09 -39.92
C LEU KA 192 47.18 9.51 -40.29
N ALA KA 193 47.09 8.18 -40.34
CA ALA KA 193 45.83 7.56 -40.76
C ALA KA 193 44.74 7.77 -39.72
N ILE KA 194 45.08 7.68 -38.43
CA ILE KA 194 44.06 7.90 -37.41
C ILE KA 194 43.64 9.37 -37.37
N ASN KA 195 44.58 10.30 -37.59
CA ASN KA 195 44.18 11.71 -37.60
C ASN KA 195 43.28 12.03 -38.78
N ARG KA 196 43.54 11.42 -39.93
CA ARG KA 196 42.66 11.62 -41.07
C ARG KA 196 41.28 11.02 -40.85
N GLN KA 197 41.20 9.89 -40.14
CA GLN KA 197 39.88 9.35 -39.83
C GLN KA 197 39.11 10.24 -38.86
N ILE KA 198 39.79 10.89 -37.92
CA ILE KA 198 39.12 11.84 -37.04
C ILE KA 198 38.56 13.00 -37.85
N ASN KA 199 39.36 13.56 -38.76
CA ASN KA 199 38.86 14.65 -39.58
C ASN KA 199 37.71 14.22 -40.47
N LEU KA 200 37.74 12.98 -40.96
CA LEU KA 200 36.67 12.51 -41.83
C LEU KA 200 35.37 12.29 -41.07
N GLU KA 201 35.45 11.85 -39.81
CA GLU KA 201 34.23 11.76 -39.02
C GLU KA 201 33.69 13.14 -38.68
N LEU KA 202 34.56 14.13 -38.44
CA LEU KA 202 34.07 15.47 -38.19
C LEU KA 202 33.44 16.09 -39.42
N TYR KA 203 33.94 15.73 -40.61
CA TYR KA 203 33.36 16.24 -41.85
C TYR KA 203 31.95 15.74 -42.05
N ALA KA 204 31.71 14.47 -41.81
CA ALA KA 204 30.41 13.86 -42.09
C ALA KA 204 29.32 14.40 -41.19
N SER KA 205 29.67 14.88 -40.00
CA SER KA 205 28.69 15.43 -39.07
C SER KA 205 28.15 16.76 -39.58
N TYR KA 206 29.00 17.52 -40.26
CA TYR KA 206 28.67 18.84 -40.78
C TYR KA 206 27.83 18.74 -42.06
N VAL KA 207 28.05 17.70 -42.85
CA VAL KA 207 27.19 17.42 -43.99
C VAL KA 207 25.77 17.10 -43.54
N TYR KA 208 25.65 16.31 -42.47
CA TYR KA 208 24.34 15.99 -41.94
C TYR KA 208 23.67 17.21 -41.31
N LEU KA 209 24.44 18.10 -40.71
CA LEU KA 209 23.88 19.35 -40.23
C LEU KA 209 23.30 20.18 -41.37
N SER KA 210 24.04 20.29 -42.45
CA SER KA 210 23.55 20.99 -43.64
C SER KA 210 22.25 20.37 -44.14
N MET KA 211 22.26 19.04 -44.31
CA MET KA 211 21.08 18.33 -44.78
C MET KA 211 19.88 18.56 -43.88
N SER KA 212 20.08 18.50 -42.57
CA SER KA 212 18.98 18.66 -41.63
C SER KA 212 18.35 20.04 -41.74
N TYR KA 213 19.18 21.08 -41.78
CA TYR KA 213 18.58 22.41 -41.84
C TYR KA 213 18.13 22.79 -43.24
N TYR KA 214 18.39 21.97 -44.26
CA TYR KA 214 17.73 22.18 -45.53
C TYR KA 214 16.26 21.78 -45.47
N PHE KA 215 15.93 20.77 -44.68
CA PHE KA 215 14.62 20.16 -44.72
C PHE KA 215 13.60 20.84 -43.81
N ASP KA 216 13.96 21.95 -43.17
CA ASP KA 216 12.96 22.73 -42.46
C ASP KA 216 12.89 24.16 -42.96
N ARG KA 217 13.39 24.41 -44.16
CA ARG KA 217 13.06 25.64 -44.85
C ARG KA 217 11.57 25.67 -45.13
N ASP KA 218 10.99 26.88 -45.25
CA ASP KA 218 9.56 26.97 -45.40
C ASP KA 218 9.07 26.48 -46.77
N ASP KA 219 9.94 26.33 -47.75
CA ASP KA 219 9.58 25.70 -49.00
C ASP KA 219 9.98 24.23 -49.08
N VAL KA 220 10.60 23.70 -48.04
CA VAL KA 220 10.84 22.26 -47.89
C VAL KA 220 10.32 21.91 -46.51
N ALA KA 221 9.04 21.59 -46.40
CA ALA KA 221 8.44 21.48 -45.08
C ALA KA 221 8.32 20.01 -44.66
N LEU KA 222 9.46 19.37 -44.46
CA LEU KA 222 9.51 17.97 -44.06
C LEU KA 222 10.24 17.82 -42.73
N LYS KA 223 9.48 17.72 -41.63
CA LYS KA 223 10.03 17.80 -40.28
C LYS KA 223 10.77 16.53 -39.87
N ASN KA 224 10.34 15.39 -40.36
CA ASN KA 224 10.92 14.14 -39.92
C ASN KA 224 12.21 13.82 -40.65
N PHE KA 225 12.33 14.29 -41.89
CA PHE KA 225 13.63 14.28 -42.58
C PHE KA 225 14.66 15.09 -41.80
N ALA KA 226 14.28 16.29 -41.37
CA ALA KA 226 15.18 17.16 -40.63
C ALA KA 226 15.59 16.53 -39.29
N LYS KA 227 14.62 15.91 -38.63
CA LYS KA 227 14.90 15.24 -37.36
C LYS KA 227 15.86 14.08 -37.52
N TYR KA 228 15.64 13.27 -38.57
CA TYR KA 228 16.51 12.15 -38.90
C TYR KA 228 17.95 12.59 -39.13
N PHE KA 229 18.14 13.64 -39.92
CA PHE KA 229 19.50 14.05 -40.23
C PHE KA 229 20.19 14.76 -39.08
N LEU KA 230 19.44 15.39 -38.17
CA LEU KA 230 20.07 15.90 -36.96
C LEU KA 230 20.56 14.76 -36.07
N HIS KA 231 19.78 13.69 -36.00
CA HIS KA 231 20.23 12.51 -35.25
C HIS KA 231 21.54 11.96 -35.82
N GLN KA 232 21.63 11.85 -37.14
CA GLN KA 232 22.87 11.35 -37.74
C GLN KA 232 24.06 12.26 -37.47
N SER KA 233 23.83 13.58 -37.49
CA SER KA 233 24.88 14.53 -37.18
C SER KA 233 25.48 14.29 -35.79
N HIS KA 234 24.62 14.09 -34.80
CA HIS KA 234 25.13 13.89 -33.45
C HIS KA 234 25.81 12.53 -33.30
N GLU KA 235 25.34 11.51 -34.00
CA GLU KA 235 26.02 10.22 -33.96
C GLU KA 235 27.43 10.29 -34.52
N GLU KA 236 27.62 11.04 -35.61
CA GLU KA 236 28.97 11.15 -36.17
C GLU KA 236 29.89 11.95 -35.26
N ARG KA 237 29.36 12.95 -34.56
CA ARG KA 237 30.16 13.66 -33.55
C ARG KA 237 30.64 12.69 -32.47
N GLU KA 238 29.78 11.76 -32.06
CA GLU KA 238 30.18 10.75 -31.09
C GLU KA 238 31.26 9.81 -31.64
N HIS KA 239 31.17 9.42 -32.91
CA HIS KA 239 32.20 8.57 -33.50
C HIS KA 239 33.56 9.24 -33.46
N ALA KA 240 33.61 10.53 -33.82
CA ALA KA 240 34.88 11.24 -33.79
C ALA KA 240 35.43 11.34 -32.38
N GLU KA 241 34.57 11.59 -31.40
CA GLU KA 241 35.05 11.67 -30.02
C GLU KA 241 35.58 10.35 -29.50
N LYS KA 242 34.98 9.23 -29.93
CA LYS KA 242 35.51 7.92 -29.57
C LYS KA 242 36.91 7.71 -30.14
N LEU KA 243 37.14 8.13 -31.38
CA LEU KA 243 38.48 7.97 -31.93
C LEU KA 243 39.49 8.85 -31.19
N MET KA 244 39.07 10.03 -30.76
CA MET KA 244 39.96 10.90 -29.99
C MET KA 244 40.31 10.29 -28.64
N LYS KA 245 39.34 9.68 -27.98
CA LYS KA 245 39.61 9.02 -26.70
C LYS KA 245 40.58 7.85 -26.88
N LEU KA 246 40.37 7.05 -27.94
CA LEU KA 246 41.30 5.96 -28.22
C LEU KA 246 42.71 6.46 -28.44
N GLN KA 247 42.86 7.52 -29.23
CA GLN KA 247 44.18 8.06 -29.48
C GLN KA 247 44.84 8.58 -28.20
N ASN KA 248 44.05 9.09 -27.26
CA ASN KA 248 44.64 9.51 -26.00
C ASN KA 248 45.04 8.34 -25.11
N GLN KA 249 44.33 7.22 -25.18
CA GLN KA 249 44.72 6.06 -24.38
C GLN KA 249 46.04 5.43 -24.84
N ARG KA 250 46.35 5.51 -26.12
CA ARG KA 250 47.57 4.90 -26.63
C ARG KA 250 48.79 5.76 -26.45
N GLY KA 251 48.63 7.02 -26.07
CA GLY KA 251 49.75 7.92 -25.98
C GLY KA 251 50.13 8.58 -27.27
N GLY KA 252 49.24 8.58 -28.27
CA GLY KA 252 49.49 9.26 -29.51
C GLY KA 252 49.08 10.73 -29.45
N ALA KA 253 49.36 11.43 -30.54
CA ALA KA 253 49.20 12.87 -30.61
C ALA KA 253 48.06 13.23 -31.54
N ILE KA 254 46.96 13.72 -30.95
CA ILE KA 254 45.86 14.26 -31.75
C ILE KA 254 46.33 15.54 -32.44
N SER KA 255 45.96 15.70 -33.70
CA SER KA 255 46.32 16.86 -34.51
C SER KA 255 45.14 17.20 -35.40
N LEU KA 256 44.51 18.34 -35.13
CA LEU KA 256 43.27 18.71 -35.79
C LEU KA 256 43.53 19.62 -36.98
N GLN KA 257 42.68 19.50 -38.00
CA GLN KA 257 42.75 20.27 -39.23
C GLN KA 257 41.44 21.01 -39.45
N ASP KA 258 41.38 21.76 -40.54
CA ASP KA 258 40.15 22.43 -40.92
C ASP KA 258 39.08 21.42 -41.29
N ILE KA 259 37.83 21.78 -41.02
CA ILE KA 259 36.67 21.02 -41.49
C ILE KA 259 36.07 21.79 -42.64
N LYS KA 260 36.06 21.18 -43.82
CA LYS KA 260 35.61 21.86 -45.02
C LYS KA 260 34.10 21.83 -45.15
N LYS KA 261 33.55 22.84 -45.82
CA LYS KA 261 32.09 22.97 -45.94
C LYS KA 261 31.54 21.90 -46.89
N PRO KA 262 30.30 21.44 -46.69
CA PRO KA 262 29.67 20.43 -47.54
C PRO KA 262 29.60 20.88 -49.00
N ASP KA 263 29.30 19.91 -49.87
CA ASP KA 263 29.33 20.17 -51.31
C ASP KA 263 28.15 21.00 -51.77
N CYS KA 264 26.99 20.85 -51.13
CA CYS KA 264 25.82 21.62 -51.47
C CYS KA 264 25.34 22.40 -50.26
N ASP KA 265 24.73 23.54 -50.52
CA ASP KA 265 23.77 24.14 -49.60
C ASP KA 265 22.36 23.71 -49.93
N ASP KA 266 22.07 23.42 -51.19
CA ASP KA 266 20.74 23.07 -51.65
C ASP KA 266 20.75 21.64 -52.14
N TRP KA 267 20.23 20.74 -51.31
CA TRP KA 267 19.82 19.44 -51.75
C TRP KA 267 18.52 19.61 -52.53
N GLU KA 268 18.04 18.54 -53.16
CA GLU KA 268 16.96 18.75 -54.10
C GLU KA 268 15.66 18.06 -53.73
N SER KA 269 15.70 16.99 -52.95
CA SER KA 269 14.53 16.21 -52.59
C SER KA 269 14.96 15.31 -51.45
N GLY KA 270 14.01 14.53 -50.94
CA GLY KA 270 14.37 13.51 -49.97
C GLY KA 270 15.16 12.38 -50.57
N LEU KA 271 14.81 12.00 -51.81
CA LEU KA 271 15.53 10.93 -52.49
C LEU KA 271 16.98 11.30 -52.74
N ASN KA 272 17.23 12.51 -53.23
CA ASN KA 272 18.58 12.92 -53.57
C ASN KA 272 19.46 13.01 -52.33
N ALA KA 273 18.90 13.50 -51.23
CA ALA KA 273 19.68 13.58 -49.99
C ALA KA 273 19.96 12.19 -49.42
N MET KA 274 18.98 11.28 -49.51
CA MET KA 274 19.24 9.91 -49.07
C MET KA 274 20.33 9.24 -49.90
N GLU KA 275 20.37 9.52 -51.21
CA GLU KA 275 21.41 8.92 -52.04
C GLU KA 275 22.77 9.53 -51.75
N CYS KA 276 22.82 10.82 -51.46
CA CYS KA 276 24.09 11.43 -51.07
C CYS KA 276 24.57 10.89 -49.73
N ALA KA 277 23.67 10.66 -48.80
CA ALA KA 277 24.06 10.08 -47.51
C ALA KA 277 24.56 8.66 -47.66
N LEU KA 278 23.99 7.89 -48.58
CA LEU KA 278 24.49 6.55 -48.83
C LEU KA 278 25.89 6.58 -49.42
N HIS KA 279 26.13 7.46 -50.39
CA HIS KA 279 27.47 7.62 -50.95
C HIS KA 279 28.49 8.00 -49.88
N LEU KA 280 28.09 8.89 -48.98
CA LEU KA 280 28.98 9.33 -47.90
C LEU KA 280 29.35 8.18 -46.97
N GLU KA 281 28.36 7.40 -46.52
CA GLU KA 281 28.68 6.33 -45.59
C GLU KA 281 29.49 5.23 -46.24
N LYS KA 282 29.33 5.03 -47.55
CA LYS KA 282 30.19 4.06 -48.23
C LYS KA 282 31.63 4.54 -48.27
N ASN KA 283 31.86 5.84 -48.49
CA ASN KA 283 33.22 6.37 -48.44
C ASN KA 283 33.85 6.18 -47.07
N VAL KA 284 33.10 6.45 -46.01
CA VAL KA 284 33.62 6.30 -44.65
C VAL KA 284 33.99 4.84 -44.38
N ASN KA 285 33.14 3.90 -44.80
CA ASN KA 285 33.42 2.49 -44.63
C ASN KA 285 34.68 2.06 -45.35
N GLN KA 286 34.90 2.60 -46.56
CA GLN KA 286 36.10 2.23 -47.30
C GLN KA 286 37.36 2.72 -46.60
N SER KA 287 37.34 3.93 -46.05
CA SER KA 287 38.52 4.38 -45.33
C SER KA 287 38.74 3.59 -44.05
N LEU KA 288 37.66 3.14 -43.39
CA LEU KA 288 37.83 2.30 -42.22
C LEU KA 288 38.46 0.95 -42.56
N LEU KA 289 38.11 0.40 -43.72
CA LEU KA 289 38.74 -0.86 -44.13
C LEU KA 289 40.21 -0.69 -44.43
N GLU KA 290 40.59 0.44 -45.03
CA GLU KA 290 42.02 0.68 -45.24
C GLU KA 290 42.76 0.84 -43.92
N LEU KA 291 42.13 1.50 -42.95
CA LEU KA 291 42.73 1.63 -41.63
C LEU KA 291 42.93 0.29 -40.96
N HIS KA 292 41.96 -0.62 -41.13
CA HIS KA 292 42.10 -1.95 -40.54
C HIS KA 292 43.21 -2.75 -41.19
N LYS KA 293 43.37 -2.64 -42.51
CA LYS KA 293 44.44 -3.36 -43.18
C LYS KA 293 45.80 -2.82 -42.76
N LEU KA 294 45.90 -1.50 -42.59
CA LEU KA 294 47.15 -0.91 -42.10
C LEU KA 294 47.46 -1.38 -40.70
N ALA KA 295 46.45 -1.45 -39.83
CA ALA KA 295 46.65 -1.94 -38.47
C ALA KA 295 47.06 -3.41 -38.45
N THR KA 296 46.60 -4.19 -39.42
CA THR KA 296 46.99 -5.59 -39.45
C THR KA 296 48.42 -5.76 -39.94
N ASP KA 297 48.88 -4.88 -40.83
CA ASP KA 297 50.29 -4.94 -41.23
C ASP KA 297 51.22 -4.55 -40.07
N CYS KA 298 50.78 -3.66 -39.19
CA CYS KA 298 51.62 -3.15 -38.12
C CYS KA 298 51.59 -4.02 -36.87
N ASN KA 299 50.89 -5.15 -36.90
CA ASN KA 299 50.75 -6.07 -35.77
C ASN KA 299 50.21 -5.36 -34.53
N ASP KA 300 48.98 -4.86 -34.66
CA ASP KA 300 48.30 -4.12 -33.60
C ASP KA 300 46.93 -4.73 -33.38
N PRO KA 301 46.84 -5.82 -32.63
CA PRO KA 301 45.53 -6.48 -32.44
C PRO KA 301 44.52 -5.63 -31.70
N HIS KA 302 44.96 -4.74 -30.83
CA HIS KA 302 44.02 -3.93 -30.07
C HIS KA 302 43.30 -2.93 -30.96
N LEU KA 303 44.03 -2.33 -31.91
CA LEU KA 303 43.40 -1.42 -32.86
C LEU KA 303 42.45 -2.15 -33.79
N CYS KA 304 42.83 -3.35 -34.23
CA CYS KA 304 41.96 -4.14 -35.09
C CYS KA 304 40.66 -4.48 -34.39
N ASP KA 305 40.75 -4.92 -33.13
CA ASP KA 305 39.53 -5.27 -32.41
C ASP KA 305 38.70 -4.04 -32.09
N PHE KA 306 39.33 -2.90 -31.82
CA PHE KA 306 38.59 -1.65 -31.61
C PHE KA 306 37.80 -1.27 -32.86
N ILE KA 307 38.44 -1.33 -34.03
CA ILE KA 307 37.77 -0.97 -35.27
C ILE KA 307 36.62 -1.91 -35.55
N GLU KA 308 36.86 -3.21 -35.49
CA GLU KA 308 35.78 -4.13 -35.84
C GLU KA 308 34.72 -4.27 -34.77
N THR KA 309 34.94 -3.79 -33.55
CA THR KA 309 33.91 -3.81 -32.53
C THR KA 309 33.05 -2.56 -32.53
N HIS KA 310 33.62 -1.38 -32.73
CA HIS KA 310 32.84 -0.16 -32.64
C HIS KA 310 32.52 0.50 -33.97
N TYR KA 311 33.07 0.04 -35.08
CA TYR KA 311 32.88 0.80 -36.31
C TYR KA 311 32.38 -0.01 -37.49
N LEU KA 312 32.81 -1.26 -37.61
CA LEU KA 312 32.54 -2.00 -38.84
C LEU KA 312 31.13 -2.54 -38.93
N ASN KA 313 30.46 -2.78 -37.81
CA ASN KA 313 29.09 -3.27 -37.86
C ASN KA 313 28.08 -2.14 -37.95
N GLU KA 314 28.41 -0.99 -37.38
CA GLU KA 314 27.56 0.18 -37.51
C GLU KA 314 27.50 0.67 -38.94
N GLN KA 315 28.62 0.61 -39.66
CA GLN KA 315 28.63 1.01 -41.06
C GLN KA 315 27.74 0.10 -41.89
N VAL KA 316 27.77 -1.20 -41.62
CA VAL KA 316 26.96 -2.15 -42.36
C VAL KA 316 25.48 -1.89 -42.09
N LYS KA 317 25.13 -1.65 -40.83
CA LYS KA 317 23.75 -1.32 -40.49
C LYS KA 317 23.28 -0.05 -41.19
N ALA KA 318 24.12 0.98 -41.19
CA ALA KA 318 23.73 2.25 -41.79
C ALA KA 318 23.55 2.14 -43.28
N ILE KA 319 24.43 1.37 -43.95
CA ILE KA 319 24.32 1.22 -45.39
C ILE KA 319 23.09 0.41 -45.75
N LYS KA 320 22.75 -0.60 -44.96
CA LYS KA 320 21.53 -1.36 -45.20
C LYS KA 320 20.28 -0.49 -45.05
N GLU KA 321 20.24 0.33 -44.00
CA GLU KA 321 19.09 1.18 -43.77
C GLU KA 321 18.93 2.26 -44.83
N LEU KA 322 20.04 2.87 -45.27
CA LEU KA 322 19.94 3.90 -46.28
C LEU KA 322 19.55 3.33 -47.64
N GLY KA 323 20.03 2.13 -47.98
CA GLY KA 323 19.56 1.50 -49.20
C GLY KA 323 18.09 1.12 -49.17
N ASP KA 324 17.62 0.68 -48.00
CA ASP KA 324 16.18 0.49 -47.79
C ASP KA 324 15.39 1.76 -48.10
N HIS KA 325 15.80 2.89 -47.50
CA HIS KA 325 15.10 4.15 -47.73
C HIS KA 325 15.09 4.53 -49.20
N VAL KA 326 16.21 4.35 -49.88
CA VAL KA 326 16.29 4.74 -51.28
C VAL KA 326 15.34 3.89 -52.14
N THR KA 327 15.33 2.57 -51.94
CA THR KA 327 14.46 1.77 -52.80
C THR KA 327 12.99 1.99 -52.50
N ASN KA 328 12.61 2.21 -51.24
CA ASN KA 328 11.22 2.49 -50.96
C ASN KA 328 10.78 3.82 -51.55
N LEU KA 329 11.62 4.85 -51.45
CA LEU KA 329 11.28 6.14 -52.03
C LEU KA 329 11.18 6.06 -53.55
N ARG KA 330 12.04 5.27 -54.19
CA ARG KA 330 11.94 5.13 -55.64
C ARG KA 330 10.70 4.35 -56.06
N LYS KA 331 10.30 3.34 -55.28
CA LYS KA 331 9.11 2.59 -55.64
C LYS KA 331 7.84 3.41 -55.45
N MET KA 332 7.78 4.23 -54.41
CA MET KA 332 6.59 5.06 -54.20
C MET KA 332 6.40 6.10 -55.29
N GLY KA 333 7.44 6.44 -56.03
CA GLY KA 333 7.32 7.36 -57.14
C GLY KA 333 7.98 8.70 -56.96
N ALA KA 334 8.82 8.86 -55.97
CA ALA KA 334 9.55 10.09 -55.74
C ALA KA 334 10.72 10.22 -56.71
N PRO KA 335 11.19 11.44 -57.00
CA PRO KA 335 10.86 12.78 -56.50
C PRO KA 335 9.69 13.45 -57.18
N GLU KA 336 9.31 12.97 -58.36
CA GLU KA 336 8.26 13.62 -59.13
C GLU KA 336 6.86 13.34 -58.62
N SER KA 337 6.73 12.71 -57.45
CA SER KA 337 5.47 12.61 -56.74
C SER KA 337 5.66 13.26 -55.38
N GLY KA 338 5.00 14.40 -55.17
CA GLY KA 338 5.07 15.04 -53.87
C GLY KA 338 4.28 14.32 -52.81
N LEU KA 339 3.33 13.48 -53.22
CA LEU KA 339 2.59 12.66 -52.27
C LEU KA 339 3.46 11.55 -51.70
N ALA KA 340 4.49 11.12 -52.42
CA ALA KA 340 5.34 10.03 -51.95
C ALA KA 340 6.22 10.47 -50.80
N GLU KA 341 6.83 11.65 -50.90
CA GLU KA 341 7.74 12.09 -49.85
C GLU KA 341 6.99 12.49 -48.58
N TYR KA 342 5.79 13.06 -48.72
CA TYR KA 342 4.95 13.37 -47.56
C TYR KA 342 4.60 12.11 -46.78
N LEU KA 343 4.20 11.05 -47.49
CA LEU KA 343 3.78 9.85 -46.81
C LEU KA 343 4.95 9.05 -46.28
N PHE KA 344 6.10 9.08 -46.96
CA PHE KA 344 7.31 8.50 -46.40
C PHE KA 344 7.72 9.22 -45.12
N ASP KA 345 7.65 10.54 -45.12
CA ASP KA 345 7.87 11.34 -43.92
C ASP KA 345 6.98 10.89 -42.78
N LYS KA 346 5.69 10.66 -43.05
CA LYS KA 346 4.78 10.27 -41.98
C LYS KA 346 5.04 8.85 -41.50
N HIS KA 347 5.12 7.90 -42.41
CA HIS KA 347 5.02 6.51 -41.98
C HIS KA 347 6.35 5.86 -41.65
N THR KA 348 7.42 6.21 -42.35
CA THR KA 348 8.71 5.57 -42.06
C THR KA 348 9.51 6.38 -41.05
N LEU KA 349 9.63 7.68 -41.25
CA LEU KA 349 10.42 8.51 -40.38
C LEU KA 349 9.64 9.01 -39.18
N GLY KA 350 8.32 8.85 -39.17
CA GLY KA 350 7.49 9.30 -38.08
C GLY KA 350 7.66 8.48 -36.83
N LYS LA 22 126.56 29.41 -75.44
CA LYS LA 22 127.39 29.56 -74.25
C LYS LA 22 127.30 28.32 -73.37
N ILE LA 23 126.36 27.43 -73.69
CA ILE LA 23 126.32 26.12 -73.04
C ILE LA 23 127.46 25.27 -73.61
N GLU LA 24 128.29 24.75 -72.71
CA GLU LA 24 129.51 24.07 -73.13
C GLU LA 24 129.23 22.68 -73.71
N GLU LA 25 130.08 22.25 -74.63
CA GLU LA 25 129.96 20.99 -75.34
C GLU LA 25 130.89 19.95 -74.74
N GLY LA 26 130.53 18.67 -74.94
CA GLY LA 26 131.30 17.58 -74.39
C GLY LA 26 131.25 17.48 -72.88
N LYS LA 27 130.31 18.18 -72.24
CA LYS LA 27 130.28 18.33 -70.80
C LYS LA 27 128.83 18.58 -70.39
N LEU LA 28 128.44 18.00 -69.26
CA LEU LA 28 127.07 18.07 -68.79
C LEU LA 28 127.05 18.65 -67.38
N VAL LA 29 126.25 19.71 -67.20
CA VAL LA 29 125.99 20.28 -65.88
C VAL LA 29 124.48 20.25 -65.64
N ILE LA 30 124.09 19.83 -64.44
CA ILE LA 30 122.69 19.63 -64.10
C ILE LA 30 122.39 20.44 -62.84
N TRP LA 31 121.19 21.01 -62.77
CA TRP LA 31 120.69 21.65 -61.57
C TRP LA 31 119.48 20.90 -61.03
N ILE LA 32 119.49 20.61 -59.74
CA ILE LA 32 118.45 19.81 -59.10
C ILE LA 32 118.28 20.29 -57.67
N ASN LA 33 117.03 20.40 -57.22
CA ASN LA 33 116.74 20.94 -55.90
C ASN LA 33 117.23 19.98 -54.82
N GLY LA 34 117.72 20.55 -53.72
CA GLY LA 34 118.35 19.83 -52.64
C GLY LA 34 117.45 19.01 -51.75
N ASP LA 35 116.14 18.97 -52.01
CA ASP LA 35 115.24 18.11 -51.26
C ASP LA 35 115.13 16.72 -51.87
N LYS LA 36 115.97 16.40 -52.83
CA LYS LA 36 115.94 15.16 -53.58
C LYS LA 36 117.25 14.42 -53.37
N GLY LA 37 117.39 13.28 -54.06
CA GLY LA 37 118.65 12.57 -54.08
C GLY LA 37 119.59 13.15 -55.12
N TYR LA 38 120.04 14.38 -54.90
CA TYR LA 38 121.01 14.97 -55.82
C TYR LA 38 122.35 14.24 -55.75
N ASN LA 39 122.66 13.65 -54.60
CA ASN LA 39 123.81 12.76 -54.52
C ASN LA 39 123.59 11.52 -55.37
N GLY LA 40 122.35 11.06 -55.50
CA GLY LA 40 122.06 9.99 -56.44
C GLY LA 40 122.25 10.42 -57.87
N LEU LA 41 121.98 11.69 -58.18
CA LEU LA 41 122.30 12.22 -59.49
C LEU LA 41 123.80 12.26 -59.72
N ALA LA 42 124.57 12.54 -58.67
CA ALA LA 42 126.03 12.42 -58.78
C ALA LA 42 126.45 10.96 -59.01
N GLU LA 43 125.75 10.02 -58.37
CA GLU LA 43 126.08 8.61 -58.54
CA GLU LA 43 126.08 8.61 -58.54
C GLU LA 43 125.81 8.13 -59.96
N VAL LA 44 124.67 8.55 -60.53
CA VAL LA 44 124.42 8.13 -61.91
C VAL LA 44 125.34 8.85 -62.87
N GLY LA 45 125.73 10.09 -62.53
CA GLY LA 45 126.76 10.77 -63.31
C GLY LA 45 128.08 10.01 -63.32
N LYS LA 46 128.49 9.46 -62.17
CA LYS LA 46 129.76 8.74 -62.18
C LYS LA 46 129.64 7.35 -62.80
N LYS LA 47 128.45 6.71 -62.79
CA LYS LA 47 128.29 5.54 -63.65
C LYS LA 47 128.52 5.91 -65.10
N PHE LA 48 127.92 7.02 -65.54
CA PHE LA 48 128.12 7.49 -66.91
C PHE LA 48 129.58 7.82 -67.18
N GLU LA 49 130.31 8.31 -66.17
CA GLU LA 49 131.72 8.64 -66.36
C GLU LA 49 132.58 7.39 -66.51
N LYS LA 50 132.38 6.40 -65.62
CA LYS LA 50 133.14 5.15 -65.77
C LYS LA 50 132.78 4.39 -67.03
N ASP LA 51 131.56 4.56 -67.54
CA ASP LA 51 131.19 3.81 -68.74
C ASP LA 51 131.59 4.52 -70.03
N THR LA 52 131.38 5.83 -70.14
CA THR LA 52 131.62 6.55 -71.39
C THR LA 52 132.70 7.62 -71.30
N GLY LA 53 133.19 7.96 -70.11
CA GLY LA 53 134.22 8.96 -69.98
C GLY LA 53 133.75 10.40 -70.04
N ILE LA 54 132.45 10.64 -70.11
CA ILE LA 54 131.92 11.99 -70.22
C ILE LA 54 131.54 12.48 -68.84
N LYS LA 55 132.14 13.61 -68.42
CA LYS LA 55 131.98 14.10 -67.07
C LYS LA 55 130.61 14.72 -66.88
N VAL LA 56 130.00 14.42 -65.72
CA VAL LA 56 128.70 14.97 -65.34
C VAL LA 56 128.86 15.67 -64.00
N THR LA 57 128.53 16.96 -63.95
CA THR LA 57 128.54 17.72 -62.71
C THR LA 57 127.10 18.10 -62.36
N VAL LA 58 126.76 17.99 -61.08
CA VAL LA 58 125.46 18.41 -60.59
C VAL LA 58 125.67 19.48 -59.53
N GLU LA 59 124.74 20.41 -59.47
CA GLU LA 59 124.77 21.48 -58.48
C GLU LA 59 123.37 21.70 -57.91
N HIS LA 60 123.31 21.95 -56.61
CA HIS LA 60 122.05 22.04 -55.88
C HIS LA 60 121.99 23.30 -55.04
N PRO LA 61 121.80 24.46 -55.66
CA PRO LA 61 121.57 25.69 -54.90
C PRO LA 61 120.09 25.96 -54.69
N ASP LA 62 119.81 26.97 -53.87
CA ASP LA 62 118.43 27.38 -53.65
C ASP LA 62 117.90 28.14 -54.87
N LYS LA 63 116.58 28.34 -54.88
CA LYS LA 63 115.86 29.16 -55.86
C LYS LA 63 116.13 28.74 -57.30
N LEU LA 64 116.25 27.44 -57.56
CA LEU LA 64 116.57 26.98 -58.90
C LEU LA 64 115.46 27.27 -59.91
N GLU LA 65 114.22 27.39 -59.46
CA GLU LA 65 113.15 27.73 -60.39
C GLU LA 65 113.17 29.21 -60.70
N GLU LA 66 113.67 30.01 -59.77
CA GLU LA 66 113.99 31.40 -60.07
C GLU LA 66 115.22 31.50 -60.96
N LYS LA 67 116.15 30.55 -60.80
CA LYS LA 67 117.48 30.68 -61.39
C LYS LA 67 117.55 30.16 -62.83
N PHE LA 68 116.77 29.12 -63.17
CA PHE LA 68 116.85 28.57 -64.52
C PHE LA 68 116.37 29.52 -65.60
N PRO LA 69 115.15 30.11 -65.53
CA PRO LA 69 114.68 30.88 -66.69
C PRO LA 69 115.43 32.18 -66.91
N GLN LA 70 115.91 32.82 -65.84
CA GLN LA 70 116.63 34.07 -65.97
C GLN LA 70 118.00 33.90 -66.63
N VAL LA 71 118.54 32.69 -66.68
CA VAL LA 71 119.84 32.46 -67.30
C VAL LA 71 119.59 31.77 -68.64
N ALA LA 72 118.51 30.99 -68.72
CA ALA LA 72 118.14 30.33 -69.96
C ALA LA 72 117.62 31.31 -71.01
N ALA LA 73 117.08 32.46 -70.57
CA ALA LA 73 116.75 33.52 -71.51
C ALA LA 73 117.99 34.20 -72.07
N THR LA 74 119.15 34.02 -71.43
CA THR LA 74 120.42 34.46 -71.98
C THR LA 74 121.10 33.37 -72.81
N GLY LA 75 120.67 32.13 -72.68
CA GLY LA 75 121.29 31.03 -73.39
C GLY LA 75 122.34 30.27 -72.63
N ASP LA 76 122.30 30.28 -71.30
CA ASP LA 76 123.28 29.57 -70.49
C ASP LA 76 122.61 28.87 -69.32
N GLY LA 77 123.41 28.45 -68.33
CA GLY LA 77 122.90 27.82 -67.15
C GLY LA 77 123.19 26.33 -67.13
N PRO LA 78 122.16 25.54 -66.88
CA PRO LA 78 122.34 24.09 -66.86
C PRO LA 78 122.05 23.50 -68.23
N ASP LA 79 122.18 22.18 -68.33
CA ASP LA 79 121.62 21.48 -69.48
C ASP LA 79 120.30 20.82 -69.12
N ILE LA 80 120.24 20.16 -67.96
CA ILE LA 80 119.07 19.42 -67.50
C ILE LA 80 118.59 20.02 -66.19
N ILE LA 81 117.27 20.06 -66.01
CA ILE LA 81 116.67 20.56 -64.77
C ILE LA 81 115.55 19.62 -64.33
N PHE LA 82 115.58 19.24 -63.06
CA PHE LA 82 114.58 18.34 -62.46
C PHE LA 82 113.59 19.19 -61.67
N TRP LA 83 112.36 19.28 -62.14
CA TRP LA 83 111.36 20.12 -61.49
C TRP LA 83 109.97 19.66 -61.91
N ALA LA 84 108.95 20.31 -61.35
CA ALA LA 84 107.57 20.03 -61.69
C ALA LA 84 107.29 20.44 -63.14
N HIS LA 85 106.33 19.73 -63.75
CA HIS LA 85 106.03 19.90 -65.16
C HIS LA 85 105.24 21.17 -65.45
N ASP LA 86 104.53 21.71 -64.46
CA ASP LA 86 103.58 22.80 -64.73
C ASP LA 86 104.29 24.08 -65.13
N ARG LA 87 105.46 24.36 -64.56
CA ARG LA 87 106.25 25.48 -65.02
C ARG LA 87 107.07 25.13 -66.25
N PHE LA 88 107.15 23.85 -66.62
CA PHE LA 88 107.89 23.47 -67.82
C PHE LA 88 107.11 23.86 -69.07
N GLY LA 89 105.80 23.60 -69.09
CA GLY LA 89 104.99 23.95 -70.25
C GLY LA 89 105.01 25.44 -70.55
N GLY LA 90 104.95 26.26 -69.50
CA GLY LA 90 105.17 27.68 -69.68
C GLY LA 90 106.55 27.99 -70.23
N TYR LA 91 107.58 27.32 -69.70
CA TYR LA 91 108.90 27.44 -70.29
C TYR LA 91 109.02 26.70 -71.61
N ALA LA 92 108.04 25.84 -71.94
CA ALA LA 92 107.94 25.35 -73.30
C ALA LA 92 107.49 26.45 -74.25
N GLN LA 93 106.75 27.43 -73.73
CA GLN LA 93 106.43 28.61 -74.52
C GLN LA 93 107.62 29.55 -74.60
N SER LA 94 108.35 29.70 -73.48
CA SER LA 94 109.37 30.73 -73.34
C SER LA 94 110.67 30.39 -74.07
N GLY LA 95 110.73 29.28 -74.81
CA GLY LA 95 111.95 28.94 -75.53
C GLY LA 95 113.09 28.55 -74.64
N LEU LA 96 112.81 27.97 -73.47
CA LEU LA 96 113.84 27.60 -72.50
C LEU LA 96 113.96 26.10 -72.30
N LEU LA 97 112.95 25.32 -72.67
CA LEU LA 97 113.05 23.87 -72.66
C LEU LA 97 113.13 23.32 -74.07
N ALA LA 98 114.00 22.33 -74.26
CA ALA LA 98 114.25 21.76 -75.57
C ALA LA 98 113.21 20.70 -75.89
N GLU LA 99 112.75 20.71 -77.15
CA GLU LA 99 111.85 19.68 -77.63
C GLU LA 99 112.61 18.37 -77.75
N ILE LA 100 112.28 17.41 -76.89
CA ILE LA 100 112.98 16.13 -76.87
C ILE LA 100 112.50 15.26 -78.02
N THR LA 101 113.32 14.30 -78.41
CA THR LA 101 112.97 13.31 -79.43
C THR LA 101 113.22 11.93 -78.86
N PRO LA 102 112.25 11.38 -78.12
CA PRO LA 102 112.37 9.99 -77.65
C PRO LA 102 111.74 9.02 -78.63
N ASP LA 103 112.16 7.77 -78.51
CA ASP LA 103 111.63 6.71 -79.36
CA ASP LA 103 111.63 6.70 -79.35
C ASP LA 103 110.31 6.18 -78.80
N LYS LA 104 109.62 5.39 -79.63
CA LYS LA 104 108.32 4.84 -79.23
C LYS LA 104 108.46 3.66 -78.30
N ALA LA 105 109.53 2.86 -78.44
CA ALA LA 105 109.76 1.78 -77.49
C ALA LA 105 110.09 2.32 -76.11
N PHE LA 106 110.84 3.42 -76.05
CA PHE LA 106 111.10 4.07 -74.76
C PHE LA 106 109.84 4.76 -74.23
N GLN LA 107 108.95 5.19 -75.12
CA GLN LA 107 107.65 5.70 -74.67
C GLN LA 107 106.79 4.58 -74.12
N ASP LA 108 106.98 3.35 -74.59
CA ASP LA 108 106.35 2.19 -73.98
C ASP LA 108 107.03 1.81 -72.67
N LYS LA 109 108.34 2.10 -72.55
CA LYS LA 109 109.06 1.82 -71.32
C LYS LA 109 108.55 2.63 -70.13
N LEU LA 110 107.97 3.80 -70.39
CA LEU LA 110 107.37 4.63 -69.35
C LEU LA 110 105.85 4.62 -69.48
N TYR LA 111 105.19 5.12 -68.45
CA TYR LA 111 103.74 5.24 -68.50
C TYR LA 111 103.35 6.48 -69.29
N PRO LA 112 102.37 6.36 -70.20
CA PRO LA 112 102.00 7.51 -71.03
C PRO LA 112 101.31 8.63 -70.26
N PHE LA 113 100.59 8.32 -69.18
CA PHE LA 113 99.98 9.37 -68.38
C PHE LA 113 101.02 10.25 -67.70
N THR LA 114 102.25 9.75 -67.54
CA THR LA 114 103.36 10.61 -67.17
C THR LA 114 103.78 11.49 -68.36
N TRP LA 115 103.70 10.96 -69.57
CA TRP LA 115 104.06 11.75 -70.75
C TRP LA 115 103.04 12.85 -71.04
N ASP LA 116 101.81 12.71 -70.55
CA ASP LA 116 100.85 13.81 -70.68
C ASP LA 116 101.16 14.99 -69.77
N ALA LA 117 102.15 14.86 -68.87
CA ALA LA 117 102.52 15.97 -68.00
C ALA LA 117 103.40 16.99 -68.71
N VAL LA 118 104.16 16.56 -69.72
CA VAL LA 118 105.17 17.38 -70.36
C VAL LA 118 104.78 17.71 -71.79
N ARG LA 119 103.48 17.81 -72.03
CA ARG LA 119 102.95 18.21 -73.33
C ARG LA 119 102.69 19.70 -73.36
N TYR LA 120 103.02 20.33 -74.49
CA TYR LA 120 102.71 21.74 -74.71
C TYR LA 120 102.75 22.02 -76.20
N ASN LA 121 101.63 22.50 -76.76
CA ASN LA 121 101.49 22.78 -78.18
C ASN LA 121 101.80 21.56 -79.04
N GLY LA 122 101.45 20.37 -78.53
CA GLY LA 122 101.71 19.13 -79.22
C GLY LA 122 103.13 18.62 -79.14
N LYS LA 123 104.09 19.46 -78.75
CA LYS LA 123 105.49 19.05 -78.70
C LYS LA 123 105.80 18.46 -77.33
N LEU LA 124 106.84 17.63 -77.29
CA LEU LA 124 107.23 16.93 -76.07
C LEU LA 124 108.54 17.54 -75.58
N ILE LA 125 108.58 17.92 -74.30
CA ILE LA 125 109.60 18.84 -73.82
C ILE LA 125 110.54 18.22 -72.79
N ALA LA 126 110.14 17.16 -72.09
CA ALA LA 126 110.94 16.69 -70.95
C ALA LA 126 110.60 15.23 -70.68
N TYR LA 127 111.54 14.54 -70.04
CA TYR LA 127 111.35 13.14 -69.68
C TYR LA 127 110.83 13.05 -68.26
N PRO LA 128 109.66 12.46 -68.02
CA PRO LA 128 109.17 12.35 -66.64
C PRO LA 128 109.94 11.31 -65.86
N ILE LA 129 110.26 11.63 -64.61
CA ILE LA 129 110.94 10.69 -63.73
C ILE LA 129 110.01 10.31 -62.59
N ALA LA 130 109.62 11.30 -61.78
CA ALA LA 130 108.86 11.03 -60.57
C ALA LA 130 107.43 11.53 -60.74
N VAL LA 131 106.50 10.86 -60.07
CA VAL LA 131 105.08 11.15 -60.16
C VAL LA 131 104.51 11.22 -58.74
N GLU LA 132 103.72 12.26 -58.47
CA GLU LA 132 103.27 12.59 -57.12
C GLU LA 132 101.75 12.66 -57.10
N ALA LA 133 101.17 12.12 -56.03
CA ALA LA 133 99.71 12.09 -55.88
C ALA LA 133 99.38 11.89 -54.41
N LEU LA 134 98.30 12.53 -53.97
CA LEU LA 134 97.88 12.46 -52.59
C LEU LA 134 97.10 11.18 -52.33
N SER LA 135 97.38 10.54 -51.20
CA SER LA 135 96.77 9.27 -50.86
C SER LA 135 96.27 9.31 -49.42
N LEU LA 136 95.47 8.30 -49.06
CA LEU LA 136 94.88 8.23 -47.73
C LEU LA 136 95.85 7.53 -46.80
N ILE LA 137 96.10 8.14 -45.65
CA ILE LA 137 96.96 7.58 -44.62
C ILE LA 137 96.06 7.29 -43.42
N TYR LA 138 96.09 6.04 -42.95
CA TYR LA 138 95.18 5.61 -41.90
C TYR LA 138 95.93 4.90 -40.78
N ASN LA 139 95.44 5.12 -39.55
CA ASN LA 139 95.87 4.31 -38.42
C ASN LA 139 95.25 2.92 -38.54
N LYS LA 140 96.10 1.89 -38.55
CA LYS LA 140 95.58 0.52 -38.65
C LYS LA 140 94.89 0.09 -37.37
N ASP LA 141 95.26 0.69 -36.23
CA ASP LA 141 94.67 0.28 -34.96
C ASP LA 141 93.27 0.87 -34.80
N LEU LA 142 93.12 2.18 -35.04
CA LEU LA 142 91.82 2.80 -34.91
C LEU LA 142 90.83 2.28 -35.96
N LEU LA 143 91.32 1.88 -37.12
CA LEU LA 143 90.42 1.32 -38.12
C LEU LA 143 91.11 0.19 -38.87
N PRO LA 144 90.75 -1.06 -38.59
CA PRO LA 144 91.40 -2.18 -39.29
C PRO LA 144 90.94 -2.35 -40.72
N ASN LA 145 89.80 -1.78 -41.11
CA ASN LA 145 89.23 -1.98 -42.44
C ASN LA 145 88.82 -0.63 -43.01
N PRO LA 146 89.60 -0.07 -43.94
CA PRO LA 146 89.27 1.25 -44.47
C PRO LA 146 88.01 1.20 -45.30
N PRO LA 147 87.29 2.32 -45.40
CA PRO LA 147 86.11 2.38 -46.27
C PRO LA 147 86.47 2.83 -47.69
N LYS LA 148 85.61 2.46 -48.63
CA LYS LA 148 85.82 2.77 -50.04
C LYS LA 148 84.86 3.81 -50.57
N THR LA 149 83.98 4.36 -49.73
CA THR LA 149 83.05 5.40 -50.13
C THR LA 149 83.20 6.61 -49.21
N TRP LA 150 83.10 7.81 -49.79
CA TRP LA 150 83.04 9.01 -48.97
C TRP LA 150 81.74 9.09 -48.21
N GLU LA 151 80.67 8.53 -48.76
CA GLU LA 151 79.38 8.50 -48.09
C GLU LA 151 79.41 7.70 -46.79
N GLU LA 152 80.45 6.87 -46.61
CA GLU LA 152 80.62 6.15 -45.36
C GLU LA 152 81.27 7.00 -44.28
N ILE LA 153 82.01 8.05 -44.66
CA ILE LA 153 82.79 8.86 -43.71
C ILE LA 153 81.94 9.56 -42.65
N PRO LA 154 80.77 10.15 -42.96
CA PRO LA 154 79.98 10.75 -41.87
C PRO LA 154 79.56 9.75 -40.80
N ALA LA 155 78.99 8.62 -41.22
CA ALA LA 155 78.48 7.63 -40.27
C ALA LA 155 79.58 7.13 -39.34
N LEU LA 156 80.73 6.75 -39.90
CA LEU LA 156 81.82 6.26 -39.06
C LEU LA 156 82.37 7.35 -38.15
N ASP LA 157 82.21 8.62 -38.54
CA ASP LA 157 82.60 9.71 -37.66
C ASP LA 157 81.79 9.68 -36.38
N LYS LA 158 80.51 9.30 -36.48
CA LYS LA 158 79.67 9.13 -35.30
C LYS LA 158 80.24 8.09 -34.35
N GLU LA 159 81.00 7.13 -34.86
CA GLU LA 159 81.68 6.19 -33.97
C GLU LA 159 82.82 6.86 -33.22
N LEU LA 160 83.63 7.67 -33.91
CA LEU LA 160 84.88 8.12 -33.30
C LEU LA 160 84.68 9.15 -32.22
N LYS LA 161 83.63 9.98 -32.33
CA LYS LA 161 83.27 10.86 -31.23
C LYS LA 161 82.83 10.08 -30.00
N ALA LA 162 82.43 8.82 -30.17
CA ALA LA 162 82.14 7.93 -29.05
C ALA LA 162 83.41 7.39 -28.40
N LYS LA 163 84.57 7.56 -29.03
CA LYS LA 163 85.85 7.20 -28.43
C LYS LA 163 86.71 8.42 -28.14
N GLY LA 164 86.18 9.63 -28.36
CA GLY LA 164 86.98 10.82 -28.22
C GLY LA 164 87.94 11.04 -29.37
N LYS LA 165 87.61 10.53 -30.55
CA LYS LA 165 88.46 10.64 -31.72
C LYS LA 165 87.72 11.38 -32.83
N SER LA 166 88.46 11.76 -33.86
CA SER LA 166 87.90 12.40 -35.04
C SER LA 166 88.19 11.55 -36.27
N ALA LA 167 87.27 11.59 -37.22
CA ALA LA 167 87.40 10.74 -38.41
C ALA LA 167 88.45 11.29 -39.37
N LEU LA 168 88.23 12.49 -39.88
CA LEU LA 168 89.09 13.06 -40.91
C LEU LA 168 89.44 14.49 -40.51
N MET LA 169 90.73 14.82 -40.63
CA MET LA 169 91.21 16.18 -40.36
C MET LA 169 92.37 16.45 -41.31
N PHE LA 170 92.22 17.48 -42.14
CA PHE LA 170 93.25 17.82 -43.12
C PHE LA 170 93.21 19.32 -43.35
N ASN LA 171 94.01 19.77 -44.31
CA ASN LA 171 94.14 21.20 -44.62
C ASN LA 171 92.97 21.62 -45.51
N LEU LA 172 92.04 22.38 -44.95
CA LEU LA 172 90.92 22.94 -45.71
C LEU LA 172 91.25 24.30 -46.32
N GLN LA 173 92.42 24.85 -46.03
CA GLN LA 173 92.78 26.18 -46.51
C GLN LA 173 93.34 26.18 -47.92
N GLU LA 174 93.41 25.03 -48.58
CA GLU LA 174 93.94 24.93 -49.92
C GLU LA 174 92.98 24.18 -50.83
N PRO LA 175 92.83 24.62 -52.08
CA PRO LA 175 92.11 23.79 -53.06
C PRO LA 175 92.87 22.54 -53.44
N TYR LA 176 94.19 22.51 -53.20
CA TYR LA 176 95.01 21.35 -53.56
C TYR LA 176 94.59 20.11 -52.78
N PHE LA 177 94.05 20.28 -51.58
CA PHE LA 177 93.57 19.13 -50.81
C PHE LA 177 92.14 18.77 -51.19
N THR LA 178 91.30 19.78 -51.46
CA THR LA 178 89.87 19.56 -51.64
C THR LA 178 89.50 19.13 -53.05
N TRP LA 179 90.36 19.36 -54.04
CA TRP LA 179 90.03 19.08 -55.43
C TRP LA 179 89.78 17.60 -55.77
N PRO LA 180 90.39 16.61 -55.08
CA PRO LA 180 89.95 15.22 -55.33
C PRO LA 180 88.46 14.97 -55.14
N LEU LA 181 87.86 15.51 -54.08
CA LEU LA 181 86.46 15.22 -53.81
C LEU LA 181 85.53 16.01 -54.73
N ILE LA 182 85.74 17.32 -54.84
CA ILE LA 182 84.78 18.17 -55.53
C ILE LA 182 84.80 17.92 -57.03
N ALA LA 183 85.96 17.59 -57.59
CA ALA LA 183 86.11 17.40 -59.02
C ALA LA 183 86.05 15.92 -59.43
N ALA LA 184 85.61 15.05 -58.53
CA ALA LA 184 85.61 13.62 -58.84
C ALA LA 184 84.52 13.26 -59.83
N ASP LA 185 83.35 13.85 -59.71
CA ASP LA 185 82.17 13.46 -60.46
C ASP LA 185 81.73 14.50 -61.48
N GLY LA 186 82.67 15.26 -62.05
CA GLY LA 186 82.32 16.20 -63.09
C GLY LA 186 83.09 17.50 -63.10
N GLY LA 187 83.87 17.76 -62.05
CA GLY LA 187 84.70 18.95 -62.05
C GLY LA 187 86.06 18.70 -62.69
N TYR LA 188 86.61 19.76 -63.28
CA TYR LA 188 87.92 19.71 -63.91
C TYR LA 188 88.41 21.14 -64.11
N ALA LA 189 89.69 21.38 -63.79
CA ALA LA 189 90.22 22.73 -63.75
C ALA LA 189 90.14 23.42 -65.12
N PHE LA 190 90.84 22.87 -66.10
CA PHE LA 190 90.77 23.34 -67.48
C PHE LA 190 90.57 22.15 -68.40
N LYS LA 191 89.82 22.34 -69.48
CA LYS LA 191 89.67 21.25 -70.44
C LYS LA 191 90.99 21.00 -71.14
N TYR LA 192 91.48 19.76 -71.04
CA TYR LA 192 92.81 19.39 -71.49
C TYR LA 192 92.70 18.21 -72.46
N GLU LA 193 92.96 18.48 -73.75
CA GLU LA 193 92.88 17.45 -74.77
C GLU LA 193 94.00 17.66 -75.78
N ASN LA 194 94.57 16.55 -76.27
CA ASN LA 194 95.60 16.54 -77.31
C ASN LA 194 96.82 17.38 -76.93
N GLY LA 195 97.12 17.45 -75.64
CA GLY LA 195 98.24 18.25 -75.18
C GLY LA 195 97.99 19.73 -75.10
N LYS LA 196 96.73 20.17 -75.12
CA LYS LA 196 96.38 21.59 -75.10
C LYS LA 196 95.36 21.86 -74.01
N TYR LA 197 95.60 22.91 -73.24
CA TYR LA 197 94.68 23.34 -72.19
C TYR LA 197 93.81 24.48 -72.72
N ASP LA 198 92.50 24.27 -72.72
CA ASP LA 198 91.56 25.28 -73.21
C ASP LA 198 91.36 26.35 -72.14
N ILE LA 199 91.53 27.60 -72.53
CA ILE LA 199 91.47 28.70 -71.56
C ILE LA 199 90.02 29.10 -71.28
N LYS LA 200 89.15 29.05 -72.30
CA LYS LA 200 87.74 29.37 -72.15
C LYS LA 200 86.96 28.26 -71.46
N ASP LA 201 87.61 27.17 -71.06
CA ASP LA 201 86.88 26.00 -70.58
C ASP LA 201 87.35 25.64 -69.17
N VAL LA 202 87.23 26.63 -68.27
CA VAL LA 202 87.47 26.47 -66.83
C VAL LA 202 86.22 25.80 -66.25
N GLY LA 203 86.32 24.52 -65.90
CA GLY LA 203 85.16 23.82 -65.38
C GLY LA 203 84.99 23.85 -63.89
N VAL LA 204 84.18 24.78 -63.39
CA VAL LA 204 83.71 24.75 -62.01
C VAL LA 204 82.20 24.90 -61.90
N ASP LA 205 81.52 25.30 -62.97
CA ASP LA 205 80.07 25.41 -63.00
C ASP LA 205 79.45 24.11 -63.53
N ASN LA 206 79.80 23.01 -62.86
CA ASN LA 206 79.33 21.69 -63.24
C ASN LA 206 78.60 21.04 -62.07
N ALA LA 207 77.71 20.09 -62.40
CA ALA LA 207 76.93 19.42 -61.39
C ALA LA 207 77.81 18.58 -60.46
N GLY LA 208 78.93 18.07 -60.96
CA GLY LA 208 79.84 17.32 -60.10
C GLY LA 208 80.51 18.20 -59.06
N ALA LA 209 80.94 19.40 -59.47
CA ALA LA 209 81.51 20.33 -58.50
C ALA LA 209 80.47 20.75 -57.47
N LYS LA 210 79.21 20.92 -57.92
CA LYS LA 210 78.13 21.21 -56.99
C LYS LA 210 77.96 20.08 -55.98
N ALA LA 211 77.96 18.83 -56.45
CA ALA LA 211 77.78 17.69 -55.56
C ALA LA 211 78.92 17.57 -54.56
N GLY LA 212 80.15 17.77 -55.02
CA GLY LA 212 81.29 17.70 -54.12
C GLY LA 212 81.28 18.80 -53.08
N LEU LA 213 80.93 20.02 -53.47
CA LEU LA 213 80.93 21.11 -52.49
C LEU LA 213 79.75 20.98 -51.53
N THR LA 214 78.60 20.47 -51.98
CA THR LA 214 77.53 20.15 -51.04
C THR LA 214 77.94 19.04 -50.07
N PHE LA 215 78.69 18.04 -50.54
CA PHE LA 215 79.17 17.05 -49.59
C PHE LA 215 80.15 17.65 -48.59
N LEU LA 216 80.94 18.63 -49.03
CA LEU LA 216 81.82 19.33 -48.10
C LEU LA 216 81.02 20.12 -47.06
N VAL LA 217 79.95 20.80 -47.49
CA VAL LA 217 79.17 21.56 -46.53
C VAL LA 217 78.32 20.64 -45.65
N ASP LA 218 78.05 19.40 -46.08
CA ASP LA 218 77.44 18.45 -45.16
C ASP LA 218 78.44 17.91 -44.15
N LEU LA 219 79.70 17.76 -44.55
CA LEU LA 219 80.72 17.34 -43.60
C LEU LA 219 81.04 18.45 -42.61
N ILE LA 220 80.86 19.71 -43.00
CA ILE LA 220 81.21 20.80 -42.10
C ILE LA 220 80.00 21.30 -41.29
N LYS LA 221 78.78 21.16 -41.83
CA LYS LA 221 77.61 21.68 -41.13
C LYS LA 221 77.31 20.88 -39.88
N ASN LA 222 77.29 19.55 -40.01
CA ASN LA 222 77.07 18.67 -38.87
C ASN LA 222 78.31 18.49 -38.00
N LYS LA 223 79.35 19.27 -38.24
CA LYS LA 223 80.54 19.35 -37.39
C LYS LA 223 81.28 18.03 -37.34
N HIS LA 224 81.42 17.37 -38.49
CA HIS LA 224 82.32 16.23 -38.58
C HIS LA 224 83.77 16.70 -38.53
N MET LA 225 84.07 17.81 -39.19
CA MET LA 225 85.37 18.45 -39.14
C MET LA 225 85.20 19.91 -38.74
N ASN LA 226 86.31 20.63 -38.68
CA ASN LA 226 86.31 22.06 -38.43
C ASN LA 226 86.68 22.80 -39.71
N ALA LA 227 86.27 24.07 -39.78
CA ALA LA 227 86.52 24.88 -40.96
C ALA LA 227 87.83 25.64 -40.88
N ASP LA 228 88.27 25.99 -39.67
CA ASP LA 228 89.51 26.73 -39.47
C ASP LA 228 90.72 25.81 -39.37
N THR LA 229 90.55 24.51 -39.58
CA THR LA 229 91.68 23.61 -39.51
C THR LA 229 92.57 23.77 -40.73
N ASP LA 230 93.80 23.29 -40.60
CA ASP LA 230 94.77 23.36 -41.68
C ASP LA 230 95.70 22.16 -41.55
N TYR LA 231 96.87 22.28 -42.18
CA TYR LA 231 97.77 21.13 -42.32
C TYR LA 231 98.48 20.81 -41.01
N SER LA 232 98.88 21.83 -40.25
CA SER LA 232 99.71 21.59 -39.07
CA SER LA 232 99.71 21.61 -39.06
C SER LA 232 98.94 20.85 -37.98
N ILE LA 233 97.76 21.35 -37.62
CA ILE LA 233 96.95 20.70 -36.59
C ILE LA 233 96.58 19.30 -37.02
N ALA LA 234 96.27 19.12 -38.30
CA ALA LA 234 95.90 17.81 -38.84
C ALA LA 234 97.04 16.81 -38.70
N GLU LA 235 98.20 17.15 -39.22
CA GLU LA 235 99.33 16.21 -39.18
C GLU LA 235 99.81 15.99 -37.75
N ALA LA 236 99.79 17.02 -36.90
CA ALA LA 236 100.22 16.85 -35.52
C ALA LA 236 99.26 15.95 -34.74
N ALA LA 237 97.95 16.10 -34.99
CA ALA LA 237 96.99 15.24 -34.32
C ALA LA 237 97.06 13.82 -34.83
N PHE LA 238 97.35 13.63 -36.12
CA PHE LA 238 97.50 12.28 -36.64
C PHE LA 238 98.78 11.62 -36.13
N ASN LA 239 99.84 12.41 -35.92
CA ASN LA 239 101.04 11.85 -35.30
C ASN LA 239 100.79 11.43 -33.86
N LYS LA 240 99.90 12.13 -33.15
CA LYS LA 240 99.46 11.67 -31.84
C LYS LA 240 98.47 10.52 -31.95
N GLY LA 241 97.81 10.37 -33.09
CA GLY LA 241 96.81 9.33 -33.25
C GLY LA 241 95.42 9.71 -32.78
N GLU LA 242 95.08 11.00 -32.86
CA GLU LA 242 93.75 11.45 -32.45
C GLU LA 242 92.74 11.35 -33.60
N THR LA 243 93.10 11.89 -34.76
CA THR LA 243 92.32 11.69 -35.97
C THR LA 243 92.84 10.44 -36.67
N ALA LA 244 91.94 9.64 -37.21
CA ALA LA 244 92.34 8.36 -37.79
C ALA LA 244 92.67 8.45 -39.28
N MET LA 245 91.96 9.27 -40.03
CA MET LA 245 92.18 9.39 -41.46
C MET LA 245 92.89 10.71 -41.77
N THR LA 246 93.75 10.69 -42.80
CA THR LA 246 94.24 11.92 -43.36
C THR LA 246 94.57 11.70 -44.84
N ILE LA 247 94.74 12.80 -45.56
CA ILE LA 247 95.09 12.76 -46.97
C ILE LA 247 96.39 13.54 -47.15
N ASN LA 248 97.38 12.89 -47.76
CA ASN LA 248 98.70 13.50 -47.83
C ASN LA 248 99.51 12.88 -48.95
N GLY LA 249 100.47 13.64 -49.45
CA GLY LA 249 101.41 13.14 -50.43
C GLY LA 249 102.58 12.44 -49.77
N PRO LA 250 103.71 12.40 -50.45
CA PRO LA 250 104.87 11.70 -49.90
C PRO LA 250 105.59 12.46 -48.79
N TRP LA 251 105.55 13.80 -48.85
CA TRP LA 251 106.47 14.61 -48.05
C TRP LA 251 106.28 14.46 -46.55
N ALA LA 252 105.14 13.95 -46.10
CA ALA LA 252 104.90 13.79 -44.67
C ALA LA 252 105.08 12.36 -44.19
N TRP LA 253 105.39 11.43 -45.10
CA TRP LA 253 105.48 10.01 -44.76
C TRP LA 253 106.46 9.78 -43.62
N SER LA 254 107.69 10.28 -43.77
CA SER LA 254 108.70 10.12 -42.74
C SER LA 254 108.26 10.75 -41.42
N ASN LA 255 107.50 11.85 -41.49
CA ASN LA 255 106.97 12.45 -40.28
C ASN LA 255 106.08 11.48 -39.53
N ILE LA 256 105.23 10.74 -40.25
CA ILE LA 256 104.42 9.72 -39.61
C ILE LA 256 105.30 8.58 -39.13
N ASP LA 257 106.43 8.35 -39.81
CA ASP LA 257 107.41 7.39 -39.31
C ASP LA 257 108.14 7.88 -38.07
N THR LA 258 107.99 9.15 -37.70
CA THR LA 258 108.43 9.57 -36.37
C THR LA 258 107.41 9.18 -35.30
N SER LA 259 106.14 9.05 -35.67
CA SER LA 259 105.11 8.73 -34.70
CA SER LA 259 105.10 8.72 -34.70
C SER LA 259 105.16 7.28 -34.24
N LYS LA 260 105.74 6.38 -35.05
CA LYS LA 260 105.78 4.94 -34.81
C LYS LA 260 104.37 4.35 -34.67
N VAL LA 261 103.37 5.05 -35.19
CA VAL LA 261 102.02 4.53 -35.23
C VAL LA 261 101.93 3.48 -36.32
N ASN LA 262 101.31 2.34 -36.01
CA ASN LA 262 101.15 1.29 -37.02
C ASN LA 262 100.13 1.75 -38.05
N TYR LA 263 100.61 2.35 -39.14
CA TYR LA 263 99.75 2.98 -40.12
C TYR LA 263 99.89 2.32 -41.48
N GLY LA 264 98.87 2.53 -42.31
CA GLY LA 264 98.90 2.08 -43.68
C GLY LA 264 98.52 3.22 -44.61
N VAL LA 265 98.75 2.98 -45.90
CA VAL LA 265 98.46 3.94 -46.96
C VAL LA 265 97.63 3.23 -48.03
N THR LA 266 96.55 3.86 -48.46
CA THR LA 266 95.69 3.29 -49.49
C THR LA 266 95.15 4.39 -50.38
N VAL LA 267 94.36 3.97 -51.37
CA VAL LA 267 93.70 4.90 -52.27
C VAL LA 267 92.58 5.63 -51.54
N LEU LA 268 92.29 6.84 -52.00
CA LEU LA 268 91.14 7.56 -51.48
C LEU LA 268 89.84 6.86 -51.87
N PRO LA 269 88.81 6.96 -51.04
CA PRO LA 269 87.52 6.36 -51.40
C PRO LA 269 86.93 7.00 -52.65
N THR LA 270 86.10 6.23 -53.35
CA THR LA 270 85.35 6.75 -54.47
C THR LA 270 84.09 7.45 -53.95
N PHE LA 271 83.50 8.29 -54.81
CA PHE LA 271 82.36 9.10 -54.41
C PHE LA 271 81.30 9.04 -55.49
N LYS LA 272 80.13 8.49 -55.15
CA LYS LA 272 79.02 8.28 -56.08
C LYS LA 272 79.43 7.42 -57.27
N GLY LA 273 80.43 6.56 -57.07
CA GLY LA 273 81.00 5.76 -58.14
C GLY LA 273 82.17 6.41 -58.84
N GLN LA 274 82.19 7.74 -58.93
CA GLN LA 274 83.32 8.43 -59.55
C GLN LA 274 84.46 8.55 -58.55
N PRO LA 275 85.62 7.99 -58.84
CA PRO LA 275 86.73 8.07 -57.88
C PRO LA 275 87.34 9.46 -57.81
N SER LA 276 88.05 9.69 -56.71
CA SER LA 276 88.67 10.98 -56.47
C SER LA 276 89.72 11.30 -57.53
N LYS LA 277 90.09 12.57 -57.62
CA LYS LA 277 90.95 13.08 -58.69
C LYS LA 277 91.99 14.02 -58.10
N PRO LA 278 93.08 13.48 -57.55
CA PRO LA 278 94.13 14.35 -57.01
C PRO LA 278 94.99 14.95 -58.10
N PHE LA 279 95.65 16.05 -57.75
CA PHE LA 279 96.61 16.67 -58.65
C PHE LA 279 97.84 15.81 -58.79
N VAL LA 280 98.14 15.41 -60.02
CA VAL LA 280 99.31 14.62 -60.34
C VAL LA 280 100.47 15.57 -60.60
N GLY LA 281 101.44 15.59 -59.68
CA GLY LA 281 102.59 16.44 -59.84
C GLY LA 281 103.79 15.65 -60.32
N VAL LA 282 104.25 15.91 -61.53
CA VAL LA 282 105.26 15.07 -62.18
C VAL LA 282 106.57 15.82 -62.20
N LEU LA 283 107.55 15.31 -61.47
CA LEU LA 283 108.94 15.77 -61.56
C LEU LA 283 109.55 15.21 -62.84
N SER LA 284 109.88 16.09 -63.76
CA SER LA 284 110.50 15.74 -65.04
C SER LA 284 111.80 16.51 -65.19
N ALA LA 285 112.61 16.07 -66.15
CA ALA LA 285 113.92 16.63 -66.44
C ALA LA 285 113.85 17.33 -67.79
N GLY LA 286 113.76 18.65 -67.76
CA GLY LA 286 113.74 19.44 -68.98
C GLY LA 286 115.15 19.73 -69.46
N ILE LA 287 115.34 19.58 -70.78
CA ILE LA 287 116.58 19.95 -71.45
C ILE LA 287 116.47 21.40 -71.86
N ASN LA 288 117.52 22.18 -71.64
CA ASN LA 288 117.50 23.59 -72.00
C ASN LA 288 117.41 23.73 -73.51
N ALA LA 289 116.60 24.70 -73.96
CA ALA LA 289 116.36 24.89 -75.39
C ALA LA 289 117.53 25.56 -76.10
N ALA LA 290 118.47 26.16 -75.37
CA ALA LA 290 119.66 26.72 -75.95
C ALA LA 290 120.81 25.72 -76.00
N SER LA 291 120.55 24.47 -75.63
CA SER LA 291 121.61 23.46 -75.52
C SER LA 291 122.03 22.98 -76.90
N PRO LA 292 123.33 22.97 -77.19
CA PRO LA 292 123.85 22.14 -78.28
C PRO LA 292 124.25 20.73 -77.84
N ASN LA 293 123.74 20.27 -76.70
CA ASN LA 293 124.13 19.00 -76.10
C ASN LA 293 122.94 18.03 -76.06
N LYS LA 294 122.20 17.95 -77.16
CA LYS LA 294 120.93 17.23 -77.18
C LYS LA 294 121.11 15.73 -76.97
N GLU LA 295 121.93 15.11 -77.83
CA GLU LA 295 122.03 13.65 -77.82
C GLU LA 295 122.71 13.11 -76.58
N LEU LA 296 123.68 13.85 -76.02
CA LEU LA 296 124.36 13.43 -74.81
C LEU LA 296 123.38 13.34 -73.64
N ALA LA 297 122.61 14.41 -73.42
CA ALA LA 297 121.65 14.41 -72.32
C ALA LA 297 120.51 13.44 -72.58
N LYS LA 298 120.12 13.24 -73.84
CA LYS LA 298 119.09 12.26 -74.15
C LYS LA 298 119.58 10.84 -73.82
N GLU LA 299 120.84 10.54 -74.13
CA GLU LA 299 121.41 9.25 -73.77
CA GLU LA 299 121.42 9.25 -73.77
C GLU LA 299 121.48 9.08 -72.26
N PHE LA 300 121.91 10.12 -71.55
CA PHE LA 300 121.99 10.05 -70.10
C PHE LA 300 120.62 9.87 -69.46
N LEU LA 301 119.58 10.46 -70.05
CA LEU LA 301 118.24 10.34 -69.48
C LEU LA 301 117.59 9.01 -69.81
N GLU LA 302 117.82 8.48 -71.01
CA GLU LA 302 117.11 7.29 -71.44
C GLU LA 302 117.83 6.00 -71.01
N ASN LA 303 119.14 5.93 -71.22
CA ASN LA 303 119.86 4.68 -70.97
C ASN LA 303 120.42 4.58 -69.56
N TYR LA 304 120.48 5.68 -68.81
CA TYR LA 304 121.02 5.66 -67.45
C TYR LA 304 120.01 6.11 -66.41
N LEU LA 305 119.32 7.24 -66.64
CA LEU LA 305 118.38 7.74 -65.65
C LEU LA 305 117.11 6.91 -65.59
N LEU LA 306 116.36 6.87 -66.69
CA LEU LA 306 115.05 6.23 -66.70
C LEU LA 306 115.15 4.72 -66.94
N THR LA 307 116.01 4.09 -66.15
CA THR LA 307 116.20 2.65 -66.13
C THR LA 307 116.11 2.18 -64.68
N ASP LA 308 116.33 0.89 -64.46
CA ASP LA 308 116.22 0.36 -63.10
C ASP LA 308 117.33 0.89 -62.20
N GLU LA 309 118.58 0.85 -62.68
CA GLU LA 309 119.70 1.17 -61.80
C GLU LA 309 119.81 2.67 -61.53
N GLY LA 310 119.37 3.52 -62.46
CA GLY LA 310 119.45 4.95 -62.22
C GLY LA 310 118.46 5.42 -61.16
N LEU LA 311 117.19 5.00 -61.30
CA LEU LA 311 116.21 5.31 -60.27
C LEU LA 311 116.53 4.61 -58.96
N GLU LA 312 117.16 3.43 -59.02
CA GLU LA 312 117.60 2.78 -57.79
C GLU LA 312 118.67 3.61 -57.08
N ALA LA 313 119.67 4.08 -57.83
CA ALA LA 313 120.75 4.86 -57.25
C ALA LA 313 120.26 6.19 -56.70
N VAL LA 314 119.29 6.83 -57.36
CA VAL LA 314 118.79 8.08 -56.78
C VAL LA 314 117.89 7.80 -55.58
N ASN LA 315 117.18 6.66 -55.57
CA ASN LA 315 116.30 6.36 -54.45
C ASN LA 315 117.02 5.84 -53.22
N LYS LA 316 118.28 5.41 -53.35
CA LYS LA 316 119.02 5.03 -52.14
C LYS LA 316 119.25 6.23 -51.22
N ASP LA 317 119.38 7.43 -51.76
CA ASP LA 317 119.52 8.61 -50.92
C ASP LA 317 118.15 9.19 -50.56
N LYS LA 318 117.37 9.59 -51.57
CA LYS LA 318 116.03 10.10 -51.35
C LYS LA 318 115.10 9.48 -52.39
N PRO LA 319 113.96 8.93 -51.97
CA PRO LA 319 113.08 8.24 -52.92
C PRO LA 319 112.32 9.22 -53.80
N LEU LA 320 111.64 8.65 -54.80
CA LEU LA 320 110.80 9.41 -55.70
C LEU LA 320 109.34 8.98 -55.66
N GLY LA 321 108.99 8.03 -54.81
CA GLY LA 321 107.60 7.62 -54.68
C GLY LA 321 107.16 6.83 -55.89
N ALA LA 322 106.12 7.31 -56.57
CA ALA LA 322 105.71 6.75 -57.84
C ALA LA 322 106.58 7.33 -58.94
N VAL LA 323 107.21 6.47 -59.73
CA VAL LA 323 108.08 6.91 -60.81
C VAL LA 323 107.37 6.71 -62.14
N ALA LA 324 107.99 7.13 -63.22
CA ALA LA 324 107.39 7.02 -64.55
C ALA LA 324 107.76 5.74 -65.29
N LEU LA 325 108.91 5.13 -64.98
CA LEU LA 325 109.33 3.93 -65.68
C LEU LA 325 108.56 2.71 -65.15
N LYS LA 326 108.08 1.89 -66.07
CA LYS LA 326 107.14 0.83 -65.72
C LYS LA 326 107.81 -0.27 -64.88
N SER LA 327 109.00 -0.71 -65.30
CA SER LA 327 109.68 -1.79 -64.59
C SER LA 327 110.07 -1.35 -63.18
N TYR LA 328 110.57 -0.12 -63.03
CA TYR LA 328 110.89 0.37 -61.70
C TYR LA 328 109.64 0.61 -60.86
N GLU LA 329 108.50 0.89 -61.49
CA GLU LA 329 107.25 0.89 -60.75
C GLU LA 329 106.89 -0.50 -60.27
N GLU LA 330 107.21 -1.54 -61.05
CA GLU LA 330 106.97 -2.89 -60.55
C GLU LA 330 107.93 -3.25 -59.42
N GLU LA 331 109.15 -2.72 -59.46
CA GLU LA 331 110.06 -2.93 -58.33
C GLU LA 331 109.58 -2.21 -57.07
N LEU LA 332 109.10 -0.98 -57.20
CA LEU LA 332 108.68 -0.23 -56.02
C LEU LA 332 107.25 -0.52 -55.58
N ALA LA 333 106.46 -1.25 -56.37
CA ALA LA 333 105.08 -1.50 -55.99
C ALA LA 333 104.93 -2.47 -54.83
N LYS LA 334 106.01 -3.08 -54.33
CA LYS LA 334 105.90 -3.87 -53.11
C LYS LA 334 105.66 -2.99 -51.89
N ASP LA 335 106.03 -1.72 -51.95
CA ASP LA 335 105.67 -0.77 -50.90
C ASP LA 335 104.24 -0.31 -51.19
N PRO LA 336 103.29 -0.55 -50.29
CA PRO LA 336 101.89 -0.19 -50.58
C PRO LA 336 101.66 1.30 -50.70
N ARG LA 337 102.51 2.12 -50.09
CA ARG LA 337 102.44 3.57 -50.29
C ARG LA 337 102.66 3.91 -51.75
N ILE LA 338 103.59 3.21 -52.41
CA ILE LA 338 103.89 3.48 -53.81
C ILE LA 338 102.73 3.05 -54.69
N ALA LA 339 102.11 1.91 -54.37
CA ALA LA 339 100.94 1.46 -55.12
C ALA LA 339 99.77 2.42 -54.98
N ALA LA 340 99.53 2.90 -53.77
CA ALA LA 340 98.46 3.88 -53.56
C ALA LA 340 98.76 5.18 -54.30
N THR LA 341 100.03 5.61 -54.28
CA THR LA 341 100.40 6.82 -55.00
C THR LA 341 100.19 6.67 -56.50
N MET LA 342 100.57 5.52 -57.07
CA MET LA 342 100.42 5.38 -58.52
C MET LA 342 98.97 5.22 -58.93
N GLU LA 343 98.14 4.58 -58.09
CA GLU LA 343 96.73 4.49 -58.49
C GLU LA 343 96.01 5.83 -58.35
N ASN LA 344 96.32 6.62 -57.32
CA ASN LA 344 95.77 7.97 -57.25
C ASN LA 344 96.32 8.86 -58.37
N ALA LA 345 97.55 8.60 -58.82
CA ALA LA 345 98.11 9.39 -59.91
C ALA LA 345 97.46 9.03 -61.24
N GLN LA 346 97.20 7.75 -61.47
CA GLN LA 346 96.59 7.34 -62.73
C GLN LA 346 95.10 7.66 -62.78
N LYS LA 347 94.44 7.80 -61.63
CA LYS LA 347 93.04 8.23 -61.62
C LYS LA 347 92.89 9.72 -61.32
N GLY LA 348 94.00 10.45 -61.18
CA GLY LA 348 93.96 11.86 -60.84
C GLY LA 348 94.00 12.77 -62.06
N GLU LA 349 93.98 14.07 -61.77
CA GLU LA 349 94.05 15.10 -62.81
C GLU LA 349 95.46 15.64 -62.89
N ILE LA 350 96.00 15.70 -64.10
CA ILE LA 350 97.35 16.23 -64.29
C ILE LA 350 97.34 17.74 -64.07
N MET LA 351 98.41 18.25 -63.46
CA MET LA 351 98.47 19.67 -63.14
CA MET LA 351 98.48 19.67 -63.14
C MET LA 351 98.60 20.49 -64.42
N PRO LA 352 97.86 21.58 -64.56
CA PRO LA 352 97.96 22.40 -65.76
C PRO LA 352 99.27 23.17 -65.84
N ASN LA 353 99.77 23.31 -67.06
CA ASN LA 353 101.01 24.01 -67.34
C ASN LA 353 100.80 25.45 -67.76
N ILE LA 354 99.63 26.02 -67.47
CA ILE LA 354 99.24 27.32 -68.01
C ILE LA 354 99.21 28.36 -66.89
N PRO LA 355 99.42 29.65 -67.18
CA PRO LA 355 99.45 30.65 -66.10
C PRO LA 355 98.09 31.04 -65.55
N GLN LA 356 97.00 30.80 -66.29
CA GLN LA 356 95.66 31.08 -65.77
C GLN LA 356 95.37 30.27 -64.51
N MET LA 357 96.04 29.12 -64.36
CA MET LA 357 95.99 28.33 -63.14
C MET LA 357 96.23 29.17 -61.90
N SER LA 358 97.10 30.18 -62.00
CA SER LA 358 97.34 31.08 -60.86
C SER LA 358 96.05 31.75 -60.40
N ALA LA 359 95.28 32.32 -61.33
CA ALA LA 359 93.99 32.89 -60.97
C ALA LA 359 93.05 31.83 -60.43
N PHE LA 360 93.19 30.59 -60.91
CA PHE LA 360 92.49 29.46 -60.32
C PHE LA 360 92.77 29.38 -58.82
N TRP LA 361 94.05 29.39 -58.44
CA TRP LA 361 94.41 29.35 -57.03
C TRP LA 361 94.01 30.61 -56.30
N TYR LA 362 93.63 31.67 -57.01
CA TYR LA 362 93.05 32.84 -56.38
C TYR LA 362 91.53 32.79 -56.39
N ALA LA 363 90.92 32.11 -57.37
CA ALA LA 363 89.46 32.12 -57.45
C ALA LA 363 88.84 31.05 -56.55
N VAL LA 364 89.11 29.78 -56.86
CA VAL LA 364 88.37 28.68 -56.23
C VAL LA 364 88.68 28.58 -54.74
N ARG LA 365 89.87 29.04 -54.31
CA ARG LA 365 90.16 29.12 -52.88
C ARG LA 365 89.13 29.98 -52.16
N THR LA 366 88.87 31.18 -52.70
CA THR LA 366 87.83 32.04 -52.13
C THR LA 366 86.49 31.34 -52.10
N ALA LA 367 86.26 30.44 -53.07
CA ALA LA 367 85.02 29.65 -53.09
C ALA LA 367 84.84 28.89 -51.79
N VAL LA 368 85.88 28.15 -51.36
CA VAL LA 368 85.70 27.42 -50.10
C VAL LA 368 85.70 28.38 -48.92
N ILE LA 369 86.31 29.56 -49.08
CA ILE LA 369 86.23 30.56 -48.01
C ILE LA 369 84.81 31.09 -47.91
N ASN LA 370 84.04 31.01 -49.00
CA ASN LA 370 82.61 31.30 -48.90
C ASN LA 370 81.79 30.06 -48.58
N ALA LA 371 82.38 28.87 -48.61
CA ALA LA 371 81.63 27.63 -48.41
C ALA LA 371 81.70 27.16 -46.96
N ALA LA 372 82.91 26.88 -46.47
CA ALA LA 372 83.07 26.39 -45.10
C ALA LA 372 82.73 27.47 -44.08
N SER LA 373 82.86 28.74 -44.45
CA SER LA 373 82.44 29.84 -43.60
C SER LA 373 80.96 30.16 -43.74
N GLY LA 374 80.34 29.78 -44.85
CA GLY LA 374 78.92 30.03 -45.02
C GLY LA 374 78.56 31.45 -45.34
N ARG LA 375 79.52 32.25 -45.82
CA ARG LA 375 79.18 33.60 -46.28
C ARG LA 375 78.32 33.55 -47.53
N GLN LA 376 78.62 32.63 -48.43
CA GLN LA 376 77.80 32.34 -49.59
C GLN LA 376 77.33 30.89 -49.52
N THR LA 377 76.56 30.49 -50.51
CA THR LA 377 76.11 29.11 -50.61
C THR LA 377 77.10 28.33 -51.50
N VAL LA 378 76.71 27.14 -51.93
CA VAL LA 378 77.54 26.35 -52.84
C VAL LA 378 77.61 27.02 -54.21
N ASP LA 379 76.44 27.25 -54.83
CA ASP LA 379 76.39 27.77 -56.18
C ASP LA 379 76.95 29.18 -56.26
N GLU LA 380 76.70 30.01 -55.25
CA GLU LA 380 77.22 31.38 -55.24
C GLU LA 380 78.75 31.38 -55.24
N ALA LA 381 79.36 30.58 -54.36
CA ALA LA 381 80.81 30.51 -54.29
C ALA LA 381 81.41 29.94 -55.57
N LEU LA 382 80.79 28.91 -56.13
CA LEU LA 382 81.39 28.28 -57.30
C LEU LA 382 81.26 29.15 -58.55
N LYS LA 383 80.13 29.86 -58.71
CA LYS LA 383 80.06 30.76 -59.87
C LYS LA 383 80.81 32.06 -59.65
N ASP LA 384 81.11 32.41 -58.40
CA ASP LA 384 82.05 33.51 -58.16
C ASP LA 384 83.47 33.10 -58.52
N ALA LA 385 83.82 31.83 -58.24
CA ALA LA 385 85.10 31.31 -58.70
C ALA LA 385 85.12 31.04 -60.20
N GLN LA 386 83.95 30.98 -60.83
CA GLN LA 386 83.89 30.70 -62.27
C GLN LA 386 84.48 31.83 -63.09
N THR LA 387 84.02 33.05 -62.85
CA THR LA 387 84.52 34.22 -63.58
C THR LA 387 85.89 34.62 -63.07
N SER MA 35 -35.97 87.20 -12.32
CA SER MA 35 -34.59 87.67 -12.29
C SER MA 35 -34.48 88.94 -11.45
N GLU MA 36 -35.30 89.02 -10.40
CA GLU MA 36 -35.23 90.12 -9.46
C GLU MA 36 -33.90 90.13 -8.72
N LEU MA 37 -33.30 88.96 -8.50
CA LEU MA 37 -31.95 88.84 -7.99
C LEU MA 37 -31.03 88.12 -8.98
N GLY MA 38 -31.48 87.96 -10.22
CA GLY MA 38 -30.69 87.23 -11.20
C GLY MA 38 -29.49 88.02 -11.68
N LYS MA 39 -29.68 89.30 -11.97
CA LYS MA 39 -28.52 90.15 -12.29
C LYS MA 39 -27.67 90.40 -11.05
N GLU MA 40 -28.30 90.36 -9.87
CA GLU MA 40 -27.53 90.37 -8.62
C GLU MA 40 -26.67 89.12 -8.49
N LEU MA 41 -27.08 88.02 -9.13
CA LEU MA 41 -26.19 86.87 -9.23
C LEU MA 41 -25.17 87.04 -10.34
N LEU MA 42 -25.54 87.72 -11.43
CA LEU MA 42 -24.60 87.92 -12.53
C LEU MA 42 -23.42 88.77 -12.10
N GLU MA 43 -23.67 89.80 -11.28
CA GLU MA 43 -22.57 90.66 -10.86
C GLU MA 43 -21.61 89.92 -9.93
N ALA MA 44 -22.14 89.09 -9.04
CA ALA MA 44 -21.28 88.32 -8.15
C ALA MA 44 -20.56 87.21 -8.91
N ALA MA 45 -21.18 86.69 -9.98
CA ALA MA 45 -20.50 85.69 -10.79
C ALA MA 45 -19.38 86.31 -11.61
N ARG MA 46 -19.57 87.54 -12.08
CA ARG MA 46 -18.48 88.27 -12.71
C ARG MA 46 -17.40 88.64 -11.72
N ALA MA 47 -17.77 88.91 -10.47
CA ALA MA 47 -16.82 89.46 -9.50
C ALA MA 47 -16.31 88.45 -8.48
N GLY MA 48 -17.03 87.38 -8.23
CA GLY MA 48 -16.55 86.37 -7.30
C GLY MA 48 -16.66 86.71 -5.83
N GLN MA 49 -17.88 86.79 -5.31
CA GLN MA 49 -18.14 86.97 -3.89
C GLN MA 49 -18.94 85.78 -3.37
N ASP MA 50 -18.30 84.93 -2.56
CA ASP MA 50 -19.00 83.82 -1.94
C ASP MA 50 -20.02 84.31 -0.92
N ASP MA 51 -19.72 85.42 -0.25
CA ASP MA 51 -20.66 86.00 0.71
C ASP MA 51 -21.92 86.52 0.03
N GLU MA 52 -21.75 87.19 -1.12
CA GLU MA 52 -22.91 87.74 -1.83
C GLU MA 52 -23.84 86.62 -2.28
N VAL MA 53 -23.28 85.57 -2.87
CA VAL MA 53 -24.12 84.47 -3.33
C VAL MA 53 -24.67 83.67 -2.16
N ARG MA 54 -23.95 83.63 -1.03
CA ARG MA 54 -24.50 82.99 0.16
C ARG MA 54 -25.72 83.73 0.68
N ILE MA 55 -25.67 85.06 0.66
CA ILE MA 55 -26.82 85.85 1.09
C ILE MA 55 -27.95 85.75 0.08
N LEU MA 56 -27.62 85.71 -1.21
CA LEU MA 56 -28.65 85.59 -2.24
C LEU MA 56 -29.35 84.24 -2.19
N MET MA 57 -28.62 83.18 -1.84
CA MET MA 57 -29.26 81.89 -1.58
C MET MA 57 -29.97 81.86 -0.23
N ALA MA 58 -29.59 82.72 0.71
CA ALA MA 58 -30.39 82.88 1.91
C ALA MA 58 -31.70 83.58 1.59
N ARG MA 59 -31.72 84.43 0.58
CA ARG MA 59 -32.94 85.07 0.11
C ARG MA 59 -33.61 84.30 -1.01
N GLY MA 60 -33.02 83.19 -1.46
CA GLY MA 60 -33.63 82.37 -2.48
C GLY MA 60 -33.55 82.96 -3.87
N ALA MA 61 -32.37 83.42 -4.27
CA ALA MA 61 -32.21 83.97 -5.60
C ALA MA 61 -32.26 82.86 -6.64
N GLU MA 62 -32.87 83.16 -7.79
CA GLU MA 62 -33.02 82.17 -8.85
C GLU MA 62 -31.67 81.91 -9.53
N VAL MA 63 -31.38 80.63 -9.79
CA VAL MA 63 -30.07 80.23 -10.30
C VAL MA 63 -30.03 80.10 -11.81
N ASN MA 64 -31.18 80.10 -12.49
CA ASN MA 64 -31.22 79.89 -13.94
C ASN MA 64 -31.46 81.21 -14.67
N ALA MA 65 -30.81 82.28 -14.22
CA ALA MA 65 -31.02 83.61 -14.79
C ALA MA 65 -30.27 83.72 -16.11
N ALA MA 66 -31.00 83.60 -17.21
CA ALA MA 66 -30.41 83.72 -18.55
C ALA MA 66 -30.57 85.14 -19.06
N ASP MA 67 -29.51 85.67 -19.64
CA ASP MA 67 -29.56 86.98 -20.26
C ASP MA 67 -30.04 86.85 -21.70
N ASN MA 68 -29.91 87.92 -22.49
CA ASN MA 68 -30.40 87.89 -23.87
C ASN MA 68 -29.59 86.96 -24.76
N THR MA 69 -28.35 86.64 -24.39
CA THR MA 69 -27.50 85.76 -25.17
C THR MA 69 -27.29 84.40 -24.52
N GLY MA 70 -28.02 84.11 -23.45
CA GLY MA 70 -27.99 82.78 -22.85
C GLY MA 70 -26.95 82.59 -21.76
N THR MA 71 -26.26 83.63 -21.35
CA THR MA 71 -25.18 83.49 -20.37
C THR MA 71 -25.76 83.39 -18.97
N THR MA 72 -25.50 82.26 -18.32
CA THR MA 72 -26.03 81.97 -16.99
C THR MA 72 -25.04 82.40 -15.93
N PRO MA 73 -25.46 82.45 -14.66
CA PRO MA 73 -24.47 82.64 -13.59
C PRO MA 73 -23.43 81.55 -13.52
N LEU MA 74 -23.79 80.33 -13.91
CA LEU MA 74 -22.81 79.25 -13.97
C LEU MA 74 -21.76 79.50 -15.03
N HIS MA 75 -22.15 80.12 -16.15
CA HIS MA 75 -21.18 80.43 -17.19
C HIS MA 75 -20.12 81.41 -16.70
N LEU MA 76 -20.55 82.47 -16.04
CA LEU MA 76 -19.58 83.43 -15.53
C LEU MA 76 -18.79 82.86 -14.36
N ALA MA 77 -19.41 82.00 -13.56
CA ALA MA 77 -18.69 81.33 -12.49
C ALA MA 77 -17.58 80.44 -13.05
N ALA MA 78 -17.84 79.80 -14.19
CA ALA MA 78 -16.82 78.97 -14.82
C ALA MA 78 -15.73 79.83 -15.47
N TYR MA 79 -16.15 80.87 -16.21
CA TYR MA 79 -15.20 81.77 -16.85
C TYR MA 79 -14.29 82.46 -15.85
N SER MA 80 -14.78 82.73 -14.64
CA SER MA 80 -13.99 83.44 -13.66
C SER MA 80 -12.97 82.53 -12.99
N GLY MA 81 -13.37 81.32 -12.64
CA GLY MA 81 -12.45 80.38 -12.02
C GLY MA 81 -12.49 80.32 -10.52
N HIS MA 82 -13.63 80.64 -9.90
CA HIS MA 82 -13.82 80.48 -8.46
C HIS MA 82 -14.72 79.27 -8.26
N LEU MA 83 -14.18 78.24 -7.60
CA LEU MA 83 -14.90 76.97 -7.51
C LEU MA 83 -16.08 77.02 -6.55
N GLU MA 84 -16.06 77.93 -5.57
CA GLU MA 84 -17.09 77.93 -4.53
C GLU MA 84 -18.44 78.35 -5.08
N ILE MA 85 -18.47 79.39 -5.90
CA ILE MA 85 -19.74 79.83 -6.48
C ILE MA 85 -20.30 78.78 -7.42
N VAL MA 86 -19.43 78.07 -8.15
CA VAL MA 86 -19.87 76.96 -8.97
C VAL MA 86 -20.46 75.86 -8.11
N GLU MA 87 -19.80 75.54 -7.00
CA GLU MA 87 -20.29 74.49 -6.11
C GLU MA 87 -21.67 74.82 -5.56
N VAL MA 88 -21.86 76.05 -5.09
CA VAL MA 88 -23.16 76.37 -4.51
C VAL MA 88 -24.23 76.52 -5.59
N LEU MA 89 -23.86 76.97 -6.78
CA LEU MA 89 -24.81 77.02 -7.89
C LEU MA 89 -25.29 75.62 -8.25
N LEU MA 90 -24.38 74.65 -8.25
CA LEU MA 90 -24.80 73.27 -8.47
C LEU MA 90 -25.52 72.68 -7.26
N LYS MA 91 -25.27 73.21 -6.06
CA LYS MA 91 -26.03 72.79 -4.90
C LYS MA 91 -27.48 73.24 -4.98
N TYR MA 92 -27.74 74.39 -5.59
CA TYR MA 92 -29.10 74.87 -5.76
C TYR MA 92 -29.69 74.50 -7.11
N GLY MA 93 -29.03 73.63 -7.86
CA GLY MA 93 -29.64 73.04 -9.05
C GLY MA 93 -29.51 73.86 -10.32
N ALA MA 94 -28.37 74.51 -10.51
CA ALA MA 94 -28.13 75.21 -11.77
C ALA MA 94 -27.94 74.20 -12.89
N GLU MA 95 -28.24 74.64 -14.11
CA GLU MA 95 -28.16 73.74 -15.26
C GLU MA 95 -26.70 73.57 -15.68
N VAL MA 96 -26.25 72.31 -15.75
CA VAL MA 96 -24.86 72.03 -16.07
C VAL MA 96 -24.61 72.07 -17.57
N ASN MA 97 -25.64 71.87 -18.39
CA ASN MA 97 -25.49 71.74 -19.83
C ASN MA 97 -26.26 72.84 -20.55
N ALA MA 98 -26.22 74.05 -20.01
CA ALA MA 98 -26.93 75.17 -20.62
C ALA MA 98 -26.11 75.74 -21.76
N ALA MA 99 -26.63 75.64 -22.98
CA ALA MA 99 -25.94 76.16 -24.16
C ALA MA 99 -26.35 77.61 -24.41
N ASP MA 100 -25.37 78.42 -24.82
CA ASP MA 100 -25.60 79.81 -25.17
C ASP MA 100 -26.03 79.89 -26.64
N VAL MA 101 -26.05 81.11 -27.18
CA VAL MA 101 -26.37 81.29 -28.60
C VAL MA 101 -25.22 80.87 -29.50
N PHE MA 102 -24.03 80.66 -28.95
CA PHE MA 102 -22.89 80.16 -29.71
C PHE MA 102 -22.62 78.68 -29.47
N GLY MA 103 -23.35 78.05 -28.55
CA GLY MA 103 -23.20 76.64 -28.29
C GLY MA 103 -22.32 76.29 -27.12
N TYR MA 104 -21.64 77.26 -26.52
CA TYR MA 104 -20.76 76.96 -25.41
C TYR MA 104 -21.53 76.64 -24.14
N THR MA 105 -21.05 75.67 -23.41
CA THR MA 105 -21.49 75.31 -22.08
C THR MA 105 -20.45 75.77 -21.07
N PRO MA 106 -20.71 75.65 -19.76
CA PRO MA 106 -19.65 75.95 -18.79
C PRO MA 106 -18.43 75.06 -18.95
N LEU MA 107 -18.59 73.83 -19.44
CA LEU MA 107 -17.44 72.96 -19.63
C LEU MA 107 -16.53 73.49 -20.74
N HIS MA 108 -17.12 74.04 -21.81
CA HIS MA 108 -16.33 74.64 -22.88
C HIS MA 108 -15.47 75.77 -22.37
N LEU MA 109 -16.07 76.74 -21.68
CA LEU MA 109 -15.31 77.87 -21.16
C LEU MA 109 -14.31 77.45 -20.11
N ALA MA 110 -14.64 76.44 -19.30
CA ALA MA 110 -13.69 75.95 -18.31
C ALA MA 110 -12.49 75.30 -18.99
N ALA MA 111 -12.71 74.60 -20.09
CA ALA MA 111 -11.60 73.98 -20.81
C ALA MA 111 -10.77 75.00 -21.55
N TYR MA 112 -11.40 76.09 -22.01
CA TYR MA 112 -10.65 77.14 -22.69
C TYR MA 112 -9.65 77.80 -21.76
N TRP MA 113 -10.10 78.21 -20.57
CA TRP MA 113 -9.27 79.01 -19.69
C TRP MA 113 -8.40 78.18 -18.77
N GLY MA 114 -8.52 76.87 -18.80
CA GLY MA 114 -7.60 76.03 -18.07
C GLY MA 114 -7.84 76.00 -16.58
N HIS MA 115 -9.07 75.72 -16.18
CA HIS MA 115 -9.44 75.61 -14.77
C HIS MA 115 -9.79 74.15 -14.50
N LEU MA 116 -8.88 73.45 -13.82
CA LEU MA 116 -8.98 72.00 -13.72
C LEU MA 116 -10.10 71.57 -12.78
N GLU MA 117 -10.15 72.17 -11.59
CA GLU MA 117 -11.10 71.73 -10.57
C GLU MA 117 -12.54 71.92 -11.01
N ILE MA 118 -12.83 73.01 -11.71
CA ILE MA 118 -14.22 73.19 -12.11
C ILE MA 118 -14.58 72.26 -13.26
N VAL MA 119 -13.59 71.91 -14.11
CA VAL MA 119 -13.82 70.87 -15.11
C VAL MA 119 -14.17 69.56 -14.43
N GLU MA 120 -13.42 69.22 -13.38
CA GLU MA 120 -13.67 67.98 -12.65
C GLU MA 120 -15.07 67.97 -12.03
N VAL MA 121 -15.46 69.06 -11.36
CA VAL MA 121 -16.76 69.03 -10.69
C VAL MA 121 -17.91 69.18 -11.66
N LEU MA 122 -17.70 69.78 -12.84
CA LEU MA 122 -18.74 69.77 -13.86
C LEU MA 122 -18.94 68.37 -14.40
N LEU MA 123 -17.84 67.65 -14.67
CA LEU MA 123 -17.96 66.26 -15.10
C LEU MA 123 -18.57 65.39 -14.00
N LYS MA 124 -18.32 65.74 -12.75
CA LYS MA 124 -18.89 65.01 -11.62
C LYS MA 124 -20.38 65.23 -11.49
N ASN MA 125 -20.92 66.30 -12.06
CA ASN MA 125 -22.34 66.62 -11.96
C ASN MA 125 -23.08 66.34 -13.26
N GLY MA 126 -22.50 65.56 -14.15
CA GLY MA 126 -23.18 65.15 -15.36
C GLY MA 126 -23.08 66.11 -16.53
N ALA MA 127 -21.91 66.73 -16.70
CA ALA MA 127 -21.68 67.53 -17.90
C ALA MA 127 -21.37 66.62 -19.07
N ASP MA 128 -21.94 66.95 -20.23
CA ASP MA 128 -21.76 66.13 -21.42
C ASP MA 128 -20.37 66.37 -21.98
N VAL MA 129 -19.57 65.30 -22.05
CA VAL MA 129 -18.16 65.45 -22.37
C VAL MA 129 -17.93 65.65 -23.87
N ASN MA 130 -18.89 65.29 -24.70
CA ASN MA 130 -18.77 65.41 -26.15
C ASN MA 130 -19.71 66.48 -26.69
N ALA MA 131 -19.87 67.58 -25.97
CA ALA MA 131 -20.75 68.66 -26.39
C ALA MA 131 -20.10 69.45 -27.52
N ARG MA 132 -20.86 69.66 -28.59
CA ARG MA 132 -20.39 70.41 -29.75
C ARG MA 132 -20.88 71.86 -29.66
N ASP MA 133 -20.05 72.78 -30.13
CA ASP MA 133 -20.43 74.17 -30.22
C ASP MA 133 -20.99 74.45 -31.62
N SER MA 134 -21.07 75.74 -31.97
CA SER MA 134 -21.45 76.13 -33.32
C SER MA 134 -20.45 75.63 -34.36
N ASP MA 135 -19.17 75.52 -33.97
CA ASP MA 135 -18.13 75.02 -34.86
C ASP MA 135 -17.99 73.51 -34.83
N GLY MA 136 -18.75 72.84 -33.96
CA GLY MA 136 -18.56 71.42 -33.76
C GLY MA 136 -17.35 71.07 -32.92
N MET MA 137 -16.75 72.04 -32.23
CA MET MA 137 -15.56 71.80 -31.44
C MET MA 137 -15.97 71.38 -30.03
N THR MA 138 -15.56 70.19 -29.65
CA THR MA 138 -15.78 69.67 -28.31
C THR MA 138 -14.82 70.35 -27.34
N PRO MA 139 -15.05 70.22 -26.03
CA PRO MA 139 -14.05 70.75 -25.07
C PRO MA 139 -12.66 70.14 -25.24
N LEU MA 140 -12.58 68.90 -25.70
CA LEU MA 140 -11.28 68.28 -25.95
C LEU MA 140 -10.53 69.01 -27.06
N HIS MA 141 -11.25 69.47 -28.10
CA HIS MA 141 -10.65 70.32 -29.11
C HIS MA 141 -9.99 71.53 -28.49
N LEU MA 142 -10.68 72.20 -27.58
CA LEU MA 142 -10.15 73.41 -26.96
C LEU MA 142 -8.93 73.10 -26.11
N ALA MA 143 -9.02 72.08 -25.25
CA ALA MA 143 -7.91 71.75 -24.37
C ALA MA 143 -6.70 71.23 -25.14
N ALA MA 144 -6.90 70.62 -26.30
CA ALA MA 144 -5.76 70.24 -27.13
C ALA MA 144 -5.19 71.41 -27.90
N LYS MA 145 -6.05 72.35 -28.29
CA LYS MA 145 -5.60 73.53 -29.02
C LYS MA 145 -4.81 74.47 -28.12
N TRP MA 146 -5.08 74.48 -26.83
CA TRP MA 146 -4.39 75.42 -25.96
C TRP MA 146 -3.29 74.80 -25.12
N GLY MA 147 -3.21 73.48 -25.03
CA GLY MA 147 -2.07 72.84 -24.40
C GLY MA 147 -2.22 72.54 -22.93
N HIS MA 148 -3.42 72.20 -22.46
CA HIS MA 148 -3.66 71.85 -21.06
C HIS MA 148 -3.67 70.33 -20.93
N LEU MA 149 -2.62 69.77 -20.34
CA LEU MA 149 -2.50 68.31 -20.27
C LEU MA 149 -3.54 67.71 -19.33
N GLU MA 150 -3.62 68.21 -18.11
CA GLU MA 150 -4.46 67.58 -17.10
C GLU MA 150 -5.93 67.63 -17.46
N ILE MA 151 -6.36 68.70 -18.11
CA ILE MA 151 -7.72 68.77 -18.61
C ILE MA 151 -7.95 67.71 -19.67
N VAL MA 152 -7.00 67.53 -20.58
CA VAL MA 152 -7.09 66.50 -21.61
C VAL MA 152 -7.23 65.13 -20.98
N GLU MA 153 -6.46 64.86 -19.93
CA GLU MA 153 -6.48 63.54 -19.33
C GLU MA 153 -7.78 63.29 -18.57
N VAL MA 154 -8.27 64.28 -17.82
CA VAL MA 154 -9.55 64.13 -17.13
C VAL MA 154 -10.69 63.98 -18.14
N LEU MA 155 -10.60 64.66 -19.28
CA LEU MA 155 -11.63 64.52 -20.29
C LEU MA 155 -11.58 63.15 -20.94
N LEU MA 156 -10.37 62.61 -21.14
CA LEU MA 156 -10.24 61.28 -21.71
C LEU MA 156 -10.75 60.22 -20.74
N ARG MA 157 -10.62 60.46 -19.44
CA ARG MA 157 -11.13 59.51 -18.45
C ARG MA 157 -12.63 59.37 -18.52
N TYR MA 158 -13.34 60.43 -18.91
CA TYR MA 158 -14.80 60.42 -18.90
C TYR MA 158 -15.40 60.07 -20.24
N GLY MA 159 -14.59 59.70 -21.22
CA GLY MA 159 -15.09 59.22 -22.48
C GLY MA 159 -15.14 60.22 -23.61
N ALA MA 160 -14.20 61.16 -23.66
CA ALA MA 160 -14.18 62.13 -24.75
C ALA MA 160 -13.79 61.44 -26.05
N ASP MA 161 -14.44 61.83 -27.13
CA ASP MA 161 -14.22 61.19 -28.43
C ASP MA 161 -12.92 61.70 -29.04
N VAL MA 162 -12.02 60.78 -29.35
CA VAL MA 162 -10.74 61.14 -29.94
C VAL MA 162 -10.90 61.53 -31.40
N GLU MA 163 -11.94 61.01 -32.06
CA GLU MA 163 -12.08 61.14 -33.50
C GLU MA 163 -13.11 62.18 -33.91
N ALA MA 164 -13.50 63.06 -32.99
CA ALA MA 164 -14.46 64.11 -33.32
C ALA MA 164 -13.82 65.16 -34.24
N GLN MA 165 -14.51 65.48 -35.32
CA GLN MA 165 -14.04 66.48 -36.28
C GLN MA 165 -14.91 67.72 -36.21
N ASP MA 166 -14.30 68.87 -36.40
CA ASP MA 166 -15.01 70.14 -36.42
C ASP MA 166 -15.43 70.46 -37.85
N LYS MA 167 -15.83 71.71 -38.11
CA LYS MA 167 -16.29 72.10 -39.44
C LYS MA 167 -15.19 72.01 -40.48
N PHE MA 168 -13.92 72.12 -40.09
CA PHE MA 168 -12.81 72.01 -41.01
C PHE MA 168 -12.32 70.58 -41.18
N GLY MA 169 -12.92 69.62 -40.46
CA GLY MA 169 -12.41 68.27 -40.49
C GLY MA 169 -11.18 68.05 -39.66
N LYS MA 170 -11.04 68.79 -38.56
CA LYS MA 170 -9.88 68.68 -37.69
C LYS MA 170 -10.24 67.88 -36.45
N THR MA 171 -9.41 66.90 -36.14
CA THR MA 171 -9.48 66.19 -34.86
C THR MA 171 -8.64 66.93 -33.84
N PRO MA 172 -8.82 66.65 -32.55
CA PRO MA 172 -7.94 67.27 -31.54
C PRO MA 172 -6.46 66.96 -31.74
N PHE MA 173 -6.15 65.82 -32.35
CA PHE MA 173 -4.75 65.52 -32.68
C PHE MA 173 -4.20 66.53 -33.68
N ASP MA 174 -5.02 66.93 -34.65
CA ASP MA 174 -4.60 67.92 -35.63
C ASP MA 174 -4.39 69.29 -34.98
N LEU MA 175 -5.31 69.68 -34.08
CA LEU MA 175 -5.14 70.95 -33.40
C LEU MA 175 -3.96 70.94 -32.46
N ALA MA 176 -3.58 69.77 -31.96
CA ALA MA 176 -2.42 69.70 -31.08
C ALA MA 176 -1.11 69.72 -31.86
N ILE MA 177 -1.09 69.16 -33.07
CA ILE MA 177 0.15 69.26 -33.82
C ILE MA 177 0.28 70.63 -34.48
N ASP MA 178 -0.85 71.29 -34.80
CA ASP MA 178 -0.76 72.60 -35.41
C ASP MA 178 -0.28 73.67 -34.45
N ASN MA 179 -0.43 73.47 -33.15
CA ASN MA 179 -0.03 74.44 -32.15
C ASN MA 179 1.17 74.00 -31.33
N GLY MA 180 1.84 72.93 -31.73
CA GLY MA 180 3.08 72.55 -31.09
C GLY MA 180 2.96 71.84 -29.77
N ASN MA 181 1.79 71.28 -29.45
CA ASN MA 181 1.62 70.54 -28.20
C ASN MA 181 1.89 69.06 -28.47
N GLU MA 182 3.18 68.72 -28.46
CA GLU MA 182 3.61 67.42 -28.95
C GLU MA 182 3.29 66.29 -27.99
N ASP MA 183 3.31 66.54 -26.68
CA ASP MA 183 2.99 65.49 -25.73
C ASP MA 183 1.50 65.14 -25.75
N ILE MA 184 0.65 66.15 -25.94
CA ILE MA 184 -0.78 65.88 -26.13
C ILE MA 184 -0.99 65.00 -27.34
N ALA MA 185 -0.33 65.34 -28.45
CA ALA MA 185 -0.47 64.55 -29.68
C ALA MA 185 0.06 63.14 -29.50
N GLU MA 186 1.11 62.97 -28.69
CA GLU MA 186 1.63 61.63 -28.42
C GLU MA 186 0.60 60.79 -27.69
N VAL MA 187 -0.01 61.36 -26.65
CA VAL MA 187 -1.04 60.65 -25.89
C VAL MA 187 -2.20 60.28 -26.78
N LEU MA 188 -2.67 61.24 -27.59
CA LEU MA 188 -3.81 61.02 -28.45
C LEU MA 188 -3.52 60.00 -29.54
N GLN MA 189 -2.28 59.90 -29.99
CA GLN MA 189 -1.96 58.97 -31.05
C GLN MA 189 -1.83 57.55 -30.51
N ALA MA 190 -1.16 57.41 -29.37
CA ALA MA 190 -0.98 56.09 -28.77
C ALA MA 190 -2.31 55.47 -28.36
N LEU MA 191 -3.23 56.29 -27.83
CA LEU MA 191 -4.52 55.76 -27.41
C LEU MA 191 -5.30 55.18 -28.57
N LEU MA 192 -5.37 55.94 -29.67
CA LEU MA 192 -6.07 55.49 -30.86
C LEU MA 192 -5.43 54.23 -31.43
N ALA MA 193 -4.11 54.14 -31.40
CA ALA MA 193 -3.45 52.99 -31.98
C ALA MA 193 -3.73 51.71 -31.19
N ILE MA 194 -3.74 51.81 -29.86
CA ILE MA 194 -4.02 50.62 -29.06
C ILE MA 194 -5.48 50.20 -29.21
N ASN MA 195 -6.40 51.17 -29.33
CA ASN MA 195 -7.80 50.78 -29.52
C ASN MA 195 -8.02 50.11 -30.86
N ARG MA 196 -7.33 50.58 -31.90
CA ARG MA 196 -7.43 49.92 -33.19
C ARG MA 196 -6.82 48.53 -33.18
N GLN MA 197 -5.76 48.32 -32.42
CA GLN MA 197 -5.22 46.97 -32.32
C GLN MA 197 -6.18 46.03 -31.59
N ILE MA 198 -6.89 46.54 -30.58
CA ILE MA 198 -7.91 45.71 -29.92
C ILE MA 198 -8.99 45.30 -30.90
N ASN MA 199 -9.49 46.26 -31.69
CA ASN MA 199 -10.51 45.92 -32.67
C ASN MA 199 -10.00 44.95 -33.72
N LEU MA 200 -8.73 45.08 -34.11
CA LEU MA 200 -8.18 44.18 -35.11
C LEU MA 200 -8.00 42.77 -34.59
N GLU MA 201 -7.66 42.61 -33.31
CA GLU MA 201 -7.61 41.26 -32.77
C GLU MA 201 -9.01 40.67 -32.62
N LEU MA 202 -10.02 41.48 -32.30
CA LEU MA 202 -11.38 40.95 -32.25
C LEU MA 202 -11.89 40.57 -33.63
N TYR MA 203 -11.45 41.27 -34.67
CA TYR MA 203 -11.85 40.95 -36.04
C TYR MA 203 -11.33 39.59 -36.45
N ALA MA 204 -10.06 39.31 -36.16
CA ALA MA 204 -9.42 38.08 -36.63
C ALA MA 204 -10.02 36.84 -35.99
N SER MA 205 -10.58 36.97 -34.80
CA SER MA 205 -11.19 35.84 -34.11
C SER MA 205 -12.47 35.40 -34.81
N TYR MA 206 -13.19 36.35 -35.38
CA TYR MA 206 -14.46 36.13 -36.05
C TYR MA 206 -14.26 35.55 -37.45
N VAL MA 207 -13.16 35.90 -38.10
CA VAL MA 207 -12.79 35.27 -39.36
C VAL MA 207 -12.48 33.79 -39.15
N TYR MA 208 -11.77 33.47 -38.07
CA TYR MA 208 -11.48 32.09 -37.77
C TYR MA 208 -12.72 31.32 -37.38
N LEU MA 209 -13.67 31.97 -36.72
CA LEU MA 209 -14.94 31.32 -36.43
C LEU MA 209 -15.68 30.97 -37.72
N SER MA 210 -15.72 31.90 -38.66
CA SER MA 210 -16.32 31.64 -39.97
C SER MA 210 -15.64 30.45 -40.65
N MET MA 211 -14.31 30.49 -40.71
CA MET MA 211 -13.54 29.41 -41.34
C MET MA 211 -13.82 28.07 -40.70
N SER MA 212 -13.87 28.03 -39.36
CA SER MA 212 -14.08 26.77 -38.66
C SER MA 212 -15.44 26.18 -38.99
N TYR MA 213 -16.49 26.99 -38.96
CA TYR MA 213 -17.81 26.42 -39.24
C TYR MA 213 -18.07 26.23 -40.72
N TYR MA 214 -17.18 26.68 -41.60
CA TYR MA 214 -17.28 26.27 -43.00
C TYR MA 214 -16.87 24.82 -43.17
N PHE MA 215 -15.91 24.34 -42.38
CA PHE MA 215 -15.30 23.05 -42.61
C PHE MA 215 -16.02 21.90 -41.97
N ASP MA 216 -17.18 22.12 -41.36
CA ASP MA 216 -18.00 21.01 -40.90
C ASP MA 216 -19.38 21.03 -41.51
N ARG MA 217 -19.56 21.75 -42.61
CA ARG MA 217 -20.73 21.55 -43.45
C ARG MA 217 -20.71 20.14 -44.02
N ASP MA 218 -21.90 19.61 -44.32
CA ASP MA 218 -21.96 18.21 -44.74
C ASP MA 218 -21.37 17.98 -46.13
N ASP MA 219 -21.15 19.03 -46.91
CA ASP MA 219 -20.42 18.90 -48.17
C ASP MA 219 -18.96 19.31 -48.06
N VAL MA 220 -18.51 19.73 -46.88
CA VAL MA 220 -17.09 19.94 -46.59
C VAL MA 220 -16.84 19.17 -45.29
N ALA MA 221 -16.51 17.89 -45.40
CA ALA MA 221 -16.49 17.04 -44.21
C ALA MA 221 -15.06 16.86 -43.69
N LEU MA 222 -14.46 17.94 -43.25
CA LEU MA 222 -13.08 17.91 -42.74
C LEU MA 222 -13.06 18.38 -41.29
N LYS MA 223 -13.03 17.44 -40.36
CA LYS MA 223 -13.21 17.73 -38.93
C LYS MA 223 -11.99 18.37 -38.29
N ASN MA 224 -10.81 18.04 -38.77
CA ASN MA 224 -9.59 18.53 -38.13
C ASN MA 224 -9.25 19.94 -38.58
N PHE MA 225 -9.62 20.28 -39.81
CA PHE MA 225 -9.58 21.67 -40.25
C PHE MA 225 -10.46 22.55 -39.35
N ALA MA 226 -11.69 22.09 -39.10
CA ALA MA 226 -12.61 22.85 -38.26
C ALA MA 226 -12.10 23.00 -36.85
N LYS MA 227 -11.52 21.92 -36.31
CA LYS MA 227 -10.95 21.96 -34.96
C LYS MA 227 -9.79 22.94 -34.87
N TYR MA 228 -8.91 22.92 -35.87
CA TYR MA 228 -7.77 23.83 -35.95
C TYR MA 228 -8.21 25.29 -35.94
N PHE MA 229 -9.20 25.63 -36.76
CA PHE MA 229 -9.62 27.02 -36.84
C PHE MA 229 -10.41 27.49 -35.64
N LEU MA 230 -11.10 26.58 -34.94
CA LEU MA 230 -11.71 26.97 -33.68
C LEU MA 230 -10.64 27.28 -32.62
N HIS MA 231 -9.56 26.51 -32.61
CA HIS MA 231 -8.46 26.81 -31.72
C HIS MA 231 -7.88 28.20 -31.98
N GLN MA 232 -7.67 28.54 -33.25
CA GLN MA 232 -7.15 29.86 -33.58
C GLN MA 232 -8.10 30.98 -33.15
N SER MA 233 -9.40 30.76 -33.32
CA SER MA 233 -10.39 31.75 -32.90
C SER MA 233 -10.26 32.07 -31.41
N HIS MA 234 -10.12 31.04 -30.57
CA HIS MA 234 -10.04 31.29 -29.14
C HIS MA 234 -8.70 31.94 -28.76
N GLU MA 235 -7.61 31.60 -29.47
CA GLU MA 235 -6.35 32.25 -29.19
C GLU MA 235 -6.40 33.75 -29.49
N GLU MA 236 -7.06 34.14 -30.58
CA GLU MA 236 -7.15 35.56 -30.88
C GLU MA 236 -8.03 36.30 -29.89
N ARG MA 237 -9.08 35.65 -29.38
CA ARG MA 237 -9.86 36.25 -28.30
C ARG MA 237 -8.99 36.52 -27.07
N GLU MA 238 -8.08 35.60 -26.76
CA GLU MA 238 -7.15 35.82 -25.66
C GLU MA 238 -6.19 36.98 -25.92
N HIS MA 239 -5.71 37.12 -27.16
CA HIS MA 239 -4.83 38.24 -27.48
C HIS MA 239 -5.51 39.57 -27.24
N ALA MA 240 -6.77 39.69 -27.67
CA ALA MA 240 -7.50 40.93 -27.48
C ALA MA 240 -7.72 41.22 -25.99
N GLU MA 241 -8.02 40.19 -25.21
CA GLU MA 241 -8.22 40.40 -23.78
C GLU MA 241 -6.93 40.82 -23.07
N LYS MA 242 -5.79 40.31 -23.51
CA LYS MA 242 -4.52 40.78 -22.96
C LYS MA 242 -4.29 42.25 -23.24
N LEU MA 243 -4.60 42.70 -24.46
CA LEU MA 243 -4.44 44.13 -24.73
C LEU MA 243 -5.38 44.98 -23.89
N MET MA 244 -6.58 44.49 -23.63
CA MET MA 244 -7.52 45.22 -22.78
C MET MA 244 -7.02 45.32 -21.34
N LYS MA 245 -6.44 44.23 -20.83
CA LYS MA 245 -5.88 44.27 -19.48
C LYS MA 245 -4.71 45.24 -19.39
N LEU MA 246 -3.83 45.25 -20.39
CA LEU MA 246 -2.73 46.21 -20.42
C LEU MA 246 -3.24 47.63 -20.42
N GLN MA 247 -4.24 47.93 -21.24
CA GLN MA 247 -4.78 49.28 -21.28
C GLN MA 247 -5.40 49.68 -19.95
N ASN MA 248 -5.98 48.73 -19.22
CA ASN MA 248 -6.51 49.08 -17.90
C ASN MA 248 -5.41 49.30 -16.86
N GLN MA 249 -4.26 48.62 -16.98
CA GLN MA 249 -3.17 48.86 -16.03
C GLN MA 249 -2.53 50.23 -16.19
N ARG MA 250 -2.52 50.78 -17.39
CA ARG MA 250 -1.89 52.06 -17.63
C ARG MA 250 -2.77 53.24 -17.29
N GLY MA 251 -4.06 53.01 -17.04
CA GLY MA 251 -4.97 54.11 -16.82
C GLY MA 251 -5.55 54.71 -18.07
N GLY MA 252 -5.46 54.02 -19.20
CA GLY MA 252 -6.05 54.49 -20.43
C GLY MA 252 -7.50 54.08 -20.56
N ALA MA 253 -8.12 54.55 -21.62
CA ALA MA 253 -9.56 54.42 -21.83
C ALA MA 253 -9.83 53.46 -22.97
N ILE MA 254 -10.35 52.28 -22.65
CA ILE MA 254 -10.82 51.35 -23.68
C ILE MA 254 -12.05 51.94 -24.36
N SER MA 255 -12.10 51.80 -25.68
CA SER MA 255 -13.20 52.32 -26.49
C SER MA 255 -13.46 51.33 -27.60
N LEU MA 256 -14.60 50.65 -27.55
CA LEU MA 256 -14.91 49.55 -28.46
C LEU MA 256 -15.73 50.03 -29.64
N GLN MA 257 -15.52 49.38 -30.79
CA GLN MA 257 -16.20 49.68 -32.04
C GLN MA 257 -16.89 48.44 -32.56
N ASP MA 258 -17.57 48.58 -33.69
CA ASP MA 258 -18.18 47.43 -34.35
C ASP MA 258 -17.13 46.45 -34.83
N ILE MA 259 -17.49 45.18 -34.82
CA ILE MA 259 -16.69 44.13 -35.44
C ILE MA 259 -17.36 43.76 -36.74
N LYS MA 260 -16.67 43.95 -37.84
CA LYS MA 260 -17.25 43.74 -39.15
C LYS MA 260 -17.19 42.28 -39.55
N LYS MA 261 -18.09 41.92 -40.47
CA LYS MA 261 -18.22 40.50 -40.89
C LYS MA 261 -17.04 40.11 -41.76
N PRO MA 262 -16.63 38.84 -41.74
CA PRO MA 262 -15.56 38.37 -42.62
C PRO MA 262 -15.88 38.56 -44.10
N ASP MA 263 -14.85 38.44 -44.93
CA ASP MA 263 -14.99 38.73 -46.35
C ASP MA 263 -15.77 37.66 -47.09
N CYS MA 264 -15.66 36.40 -46.66
CA CYS MA 264 -16.39 35.31 -47.27
C CYS MA 264 -17.25 34.61 -46.23
N ASP MA 265 -18.36 34.08 -46.69
CA ASP MA 265 -19.00 32.96 -46.01
C ASP MA 265 -18.55 31.63 -46.56
N ASP MA 266 -18.15 31.59 -47.83
CA ASP MA 266 -17.75 30.36 -48.49
C ASP MA 266 -16.28 30.46 -48.87
N TRP MA 267 -15.45 29.80 -48.07
CA TRP MA 267 -14.11 29.47 -48.49
C TRP MA 267 -14.19 28.34 -49.51
N GLU MA 268 -13.09 27.98 -50.12
CA GLU MA 268 -13.20 27.09 -51.26
C GLU MA 268 -12.54 25.74 -51.08
N SER MA 269 -11.52 25.64 -50.24
CA SER MA 269 -10.75 24.43 -50.04
C SER MA 269 -9.94 24.63 -48.77
N GLY MA 270 -9.19 23.61 -48.38
CA GLY MA 270 -8.26 23.78 -47.29
C GLY MA 270 -7.09 24.67 -47.65
N LEU MA 271 -6.62 24.56 -48.89
CA LEU MA 271 -5.52 25.38 -49.35
C LEU MA 271 -5.89 26.86 -49.35
N ASN MA 272 -7.06 27.19 -49.89
CA ASN MA 272 -7.45 28.58 -49.99
C ASN MA 272 -7.65 29.22 -48.62
N ALA MA 273 -8.21 28.47 -47.68
CA ALA MA 273 -8.40 28.99 -46.34
C ALA MA 273 -7.06 29.16 -45.61
N MET MA 274 -6.13 28.23 -45.82
CA MET MA 274 -4.81 28.40 -45.23
C MET MA 274 -4.09 29.61 -45.80
N GLU MA 275 -4.26 29.89 -47.08
CA GLU MA 275 -3.63 31.07 -47.66
C GLU MA 275 -4.27 32.36 -47.17
N CYS MA 276 -5.58 32.36 -46.98
CA CYS MA 276 -6.23 33.53 -46.41
C CYS MA 276 -5.80 33.77 -44.97
N ALA MA 277 -5.64 32.70 -44.20
CA ALA MA 277 -5.16 32.83 -42.83
C ALA MA 277 -3.74 33.37 -42.77
N LEU MA 278 -2.89 32.97 -43.72
CA LEU MA 278 -1.54 33.51 -43.77
C LEU MA 278 -1.55 35.00 -44.08
N HIS MA 279 -2.35 35.41 -45.06
CA HIS MA 279 -2.48 36.83 -45.38
C HIS MA 279 -2.97 37.63 -44.17
N LEU MA 280 -3.92 37.07 -43.42
CA LEU MA 280 -4.44 37.74 -42.23
C LEU MA 280 -3.37 37.94 -41.17
N GLU MA 281 -2.62 36.88 -40.85
CA GLU MA 281 -1.63 37.02 -39.79
C GLU MA 281 -0.49 37.95 -40.20
N LYS MA 282 -0.19 38.03 -41.50
CA LYS MA 282 0.81 39.00 -41.93
C LYS MA 282 0.33 40.42 -41.74
N ASN MA 283 -0.96 40.68 -42.01
CA ASN MA 283 -1.51 42.01 -41.75
C ASN MA 283 -1.43 42.39 -40.28
N VAL MA 284 -1.77 41.45 -39.40
CA VAL MA 284 -1.73 41.70 -37.96
C VAL MA 284 -0.31 42.02 -37.51
N ASN MA 285 0.67 41.25 -38.02
CA ASN MA 285 2.07 41.49 -37.68
C ASN MA 285 2.53 42.88 -38.14
N GLN MA 286 2.09 43.31 -39.31
CA GLN MA 286 2.49 44.63 -39.79
C GLN MA 286 1.95 45.74 -38.90
N SER MA 287 0.69 45.62 -38.47
CA SER MA 287 0.16 46.64 -37.58
C SER MA 287 0.85 46.62 -36.21
N LEU MA 288 1.27 45.45 -35.75
CA LEU MA 288 2.02 45.40 -34.49
C LEU MA 288 3.37 46.07 -34.61
N LEU MA 289 4.02 45.95 -35.77
CA LEU MA 289 5.30 46.62 -35.95
C LEU MA 289 5.13 48.14 -35.99
N GLU MA 290 4.05 48.61 -36.60
CA GLU MA 290 3.80 50.06 -36.55
C GLU MA 290 3.53 50.54 -35.13
N LEU MA 291 2.81 49.75 -34.35
CA LEU MA 291 2.57 50.10 -32.96
C LEU MA 291 3.86 50.17 -32.17
N HIS MA 292 4.79 49.25 -32.44
CA HIS MA 292 6.08 49.26 -31.73
C HIS MA 292 6.90 50.48 -32.10
N LYS MA 293 6.89 50.88 -33.38
CA LYS MA 293 7.64 52.06 -33.77
C LYS MA 293 7.05 53.32 -33.16
N LEU MA 294 5.73 53.39 -33.08
CA LEU MA 294 5.08 54.52 -32.42
C LEU MA 294 5.43 54.57 -30.94
N ALA MA 295 5.45 53.41 -30.27
CA ALA MA 295 5.84 53.36 -28.87
C ALA MA 295 7.29 53.75 -28.66
N THR MA 296 8.16 53.48 -29.63
CA THR MA 296 9.55 53.87 -29.48
C THR MA 296 9.74 55.36 -29.68
N ASP MA 297 8.92 55.98 -30.55
CA ASP MA 297 8.98 57.44 -30.66
C ASP MA 297 8.50 58.14 -29.39
N CYS MA 298 7.56 57.54 -28.67
CA CYS MA 298 6.96 58.17 -27.51
C CYS MA 298 7.73 57.91 -26.23
N ASN MA 299 8.87 57.22 -26.30
CA ASN MA 299 9.70 56.89 -25.14
C ASN MA 299 8.90 56.11 -24.08
N ASP MA 300 8.44 54.95 -24.48
CA ASP MA 300 7.62 54.08 -23.62
C ASP MA 300 8.23 52.68 -23.62
N PRO MA 301 9.27 52.46 -22.81
CA PRO MA 301 9.92 51.14 -22.82
C PRO MA 301 9.04 50.01 -22.34
N HIS MA 302 8.07 50.28 -21.47
CA HIS MA 302 7.23 49.21 -20.96
C HIS MA 302 6.30 48.67 -22.05
N LEU MA 303 5.76 49.56 -22.89
CA LEU MA 303 4.94 49.13 -24.01
C LEU MA 303 5.75 48.37 -25.04
N CYS MA 304 6.97 48.82 -25.31
CA CYS MA 304 7.84 48.12 -26.25
C CYS MA 304 8.15 46.71 -25.77
N ASP MA 305 8.49 46.56 -24.49
CA ASP MA 305 8.79 45.24 -23.98
C ASP MA 305 7.55 44.36 -23.93
N PHE MA 306 6.38 44.93 -23.62
CA PHE MA 306 5.13 44.17 -23.66
C PHE MA 306 4.87 43.62 -25.06
N ILE MA 307 5.00 44.47 -26.07
CA ILE MA 307 4.74 44.03 -27.45
C ILE MA 307 5.72 42.95 -27.86
N GLU MA 308 7.02 43.18 -27.66
CA GLU MA 308 7.96 42.19 -28.13
C GLU MA 308 8.04 40.95 -27.27
N THR MA 309 7.47 40.94 -26.06
CA THR MA 309 7.44 39.73 -25.26
C THR MA 309 6.19 38.89 -25.51
N HIS MA 310 5.02 39.50 -25.69
CA HIS MA 310 3.82 38.70 -25.84
C HIS MA 310 3.26 38.63 -27.25
N TYR MA 311 3.80 39.38 -28.21
CA TYR MA 311 3.12 39.43 -29.50
C TYR MA 311 4.03 39.15 -30.69
N LEU MA 312 5.29 39.59 -30.63
CA LEU MA 312 6.11 39.56 -31.83
C LEU MA 312 6.68 38.19 -32.14
N ASN MA 313 6.85 37.33 -31.15
CA ASN MA 313 7.35 35.99 -31.41
C ASN MA 313 6.26 35.02 -31.78
N GLU MA 314 5.06 35.23 -31.24
CA GLU MA 314 3.91 34.42 -31.61
C GLU MA 314 3.52 34.63 -33.07
N GLN MA 315 3.62 35.86 -33.56
CA GLN MA 315 3.34 36.13 -34.96
C GLN MA 315 4.32 35.41 -35.88
N VAL MA 316 5.59 35.39 -35.50
CA VAL MA 316 6.61 34.73 -36.30
C VAL MA 316 6.35 33.23 -36.33
N LYS MA 317 6.02 32.65 -35.18
CA LYS MA 317 5.69 31.23 -35.14
C LYS MA 317 4.48 30.89 -35.99
N ALA MA 318 3.43 31.72 -35.93
CA ALA MA 318 2.22 31.46 -36.67
C ALA MA 318 2.45 31.56 -38.16
N ILE MA 319 3.25 32.53 -38.59
CA ILE MA 319 3.51 32.70 -40.01
C ILE MA 319 4.36 31.55 -40.54
N LYS MA 320 5.32 31.07 -39.74
CA LYS MA 320 6.11 29.92 -40.15
C LYS MA 320 5.25 28.67 -40.29
N GLU MA 321 4.35 28.43 -39.34
CA GLU MA 321 3.50 27.25 -39.39
C GLU MA 321 2.51 27.30 -40.55
N LEU MA 322 1.93 28.46 -40.81
CA LEU MA 322 0.97 28.56 -41.91
C LEU MA 322 1.64 28.44 -43.26
N GLY MA 323 2.86 28.96 -43.42
CA GLY MA 323 3.58 28.73 -44.65
C GLY MA 323 3.99 27.28 -44.85
N ASP MA 324 4.34 26.60 -43.76
CA ASP MA 324 4.53 25.14 -43.82
C ASP MA 324 3.30 24.43 -44.36
N HIS MA 325 2.13 24.72 -43.79
CA HIS MA 325 0.90 24.07 -44.24
C HIS MA 325 0.63 24.34 -45.71
N VAL MA 326 0.84 25.57 -46.15
CA VAL MA 326 0.56 25.90 -47.55
C VAL MA 326 1.49 25.13 -48.49
N THR MA 327 2.79 25.07 -48.19
CA THR MA 327 3.66 24.38 -49.14
C THR MA 327 3.44 22.88 -49.14
N ASN MA 328 3.12 22.28 -47.98
CA ASN MA 328 2.85 20.85 -48.00
C ASN MA 328 1.57 20.54 -48.76
N LEU MA 329 0.53 21.35 -48.57
CA LEU MA 329 -0.70 21.12 -49.32
C LEU MA 329 -0.51 21.31 -50.81
N ARG MA 330 0.30 22.27 -51.22
CA ARG MA 330 0.55 22.44 -52.65
C ARG MA 330 1.38 21.30 -53.23
N LYS MA 331 2.33 20.76 -52.46
CA LYS MA 331 3.13 19.66 -52.97
C LYS MA 331 2.32 18.38 -53.10
N MET MA 332 1.42 18.12 -52.14
CA MET MA 332 0.60 16.92 -52.21
C MET MA 332 -0.36 16.92 -53.40
N GLY MA 333 -0.65 18.08 -53.96
CA GLY MA 333 -1.49 18.17 -55.15
C GLY MA 333 -2.85 18.80 -54.95
N ALA MA 334 -3.09 19.44 -53.84
CA ALA MA 334 -4.35 20.11 -53.57
C ALA MA 334 -4.42 21.44 -54.31
N PRO MA 335 -5.62 21.96 -54.61
CA PRO MA 335 -6.98 21.54 -54.28
C PRO MA 335 -7.59 20.52 -55.21
N GLU MA 336 -7.02 20.35 -56.40
CA GLU MA 336 -7.60 19.48 -57.41
C GLU MA 336 -7.33 18.01 -57.14
N SER MA 337 -6.79 17.67 -55.97
CA SER MA 337 -6.74 16.29 -55.50
C SER MA 337 -7.49 16.22 -54.18
N GLY MA 338 -8.63 15.54 -54.19
CA GLY MA 338 -9.36 15.36 -52.95
C GLY MA 338 -8.72 14.38 -52.00
N LEU MA 339 -7.83 13.53 -52.51
CA LEU MA 339 -7.08 12.63 -51.66
C LEU MA 339 -6.03 13.38 -50.84
N ALA MA 340 -5.55 14.52 -51.33
CA ALA MA 340 -4.53 15.27 -50.64
C ALA MA 340 -5.06 15.93 -49.37
N GLU MA 341 -6.24 16.54 -49.44
CA GLU MA 341 -6.76 17.24 -48.29
C GLU MA 341 -7.26 16.26 -47.22
N TYR MA 342 -7.80 15.11 -47.63
CA TYR MA 342 -8.17 14.08 -46.67
C TYR MA 342 -6.98 13.59 -45.87
N LEU MA 343 -5.86 13.33 -46.55
CA LEU MA 343 -4.70 12.78 -45.87
C LEU MA 343 -3.96 13.84 -45.08
N PHE MA 344 -3.96 15.09 -45.54
CA PHE MA 344 -3.43 16.17 -44.71
C PHE MA 344 -4.25 16.34 -43.44
N ASP MA 345 -5.58 16.27 -43.55
CA ASP MA 345 -6.47 16.27 -42.40
C ASP MA 345 -6.10 15.18 -41.42
N LYS MA 346 -5.84 13.97 -41.90
CA LYS MA 346 -5.51 12.87 -40.98
C LYS MA 346 -4.14 13.03 -40.36
N HIS MA 347 -3.11 13.28 -41.16
CA HIS MA 347 -1.75 13.10 -40.66
C HIS MA 347 -1.15 14.36 -40.03
N THR MA 348 -1.46 15.54 -40.54
CA THR MA 348 -0.87 16.74 -39.98
C THR MA 348 -1.76 17.34 -38.90
N LEU MA 349 -3.04 17.50 -39.18
CA LEU MA 349 -3.95 18.11 -38.23
C LEU MA 349 -4.53 17.12 -37.24
N GLY MA 350 -4.35 15.83 -37.47
CA GLY MA 350 -4.87 14.82 -36.59
C GLY MA 350 -4.14 14.74 -35.27
N LYS NA 22 -21.10 139.26 -52.47
CA LYS NA 22 -21.33 139.85 -51.16
C LYS NA 22 -20.18 139.55 -50.21
N ILE NA 23 -19.27 138.66 -50.64
CA ILE NA 23 -18.03 138.45 -49.92
C ILE NA 23 -17.11 139.64 -50.19
N GLU NA 24 -16.64 140.27 -49.12
CA GLU NA 24 -15.91 141.52 -49.24
C GLU NA 24 -14.48 141.29 -49.75
N GLU NA 25 -13.97 142.31 -50.45
CA GLU NA 25 -12.65 142.27 -51.07
C GLU NA 25 -11.63 143.03 -50.23
N GLY NA 26 -10.37 142.67 -50.40
CA GLY NA 26 -9.30 143.28 -49.62
C GLY NA 26 -9.33 142.94 -48.15
N LYS NA 27 -10.10 141.92 -47.76
CA LYS NA 27 -10.37 141.62 -46.37
C LYS NA 27 -10.68 140.14 -46.26
N LEU NA 28 -10.20 139.51 -45.20
CA LEU NA 28 -10.35 138.08 -44.99
C LEU NA 28 -11.04 137.81 -43.66
N VAL NA 29 -12.13 137.05 -43.72
CA VAL NA 29 -12.82 136.55 -42.53
C VAL NA 29 -12.83 135.03 -42.58
N ILE NA 30 -12.53 134.40 -41.45
CA ILE NA 30 -12.39 132.96 -41.36
C ILE NA 30 -13.30 132.46 -40.25
N TRP NA 31 -13.90 131.29 -40.45
CA TRP NA 31 -14.65 130.59 -39.41
C TRP NA 31 -13.97 129.28 -39.08
N ILE NA 32 -13.79 129.03 -37.78
CA ILE NA 32 -13.07 127.86 -37.30
C ILE NA 32 -13.68 127.44 -35.96
N ASN NA 33 -13.83 126.14 -35.78
CA ASN NA 33 -14.49 125.62 -34.58
C ASN NA 33 -13.62 125.86 -33.35
N GLY NA 34 -14.27 126.15 -32.22
CA GLY NA 34 -13.62 126.55 -30.99
C GLY NA 34 -12.90 125.46 -30.23
N ASP NA 35 -12.86 124.23 -30.73
CA ASP NA 35 -12.09 123.17 -30.11
C ASP NA 35 -10.66 123.12 -30.61
N LYS NA 36 -10.25 124.13 -31.37
CA LYS NA 36 -8.94 124.18 -32.02
C LYS NA 36 -8.20 125.41 -31.50
N GLY NA 37 -7.01 125.62 -32.06
CA GLY NA 37 -6.27 126.83 -31.78
C GLY NA 37 -6.73 127.97 -32.67
N TYR NA 38 -7.98 128.43 -32.47
CA TYR NA 38 -8.46 129.58 -33.22
C TYR NA 38 -7.71 130.85 -32.85
N ASN NA 39 -7.21 130.92 -31.60
CA ASN NA 39 -6.31 132.00 -31.25
C ASN NA 39 -5.00 131.90 -32.03
N GLY NA 40 -4.56 130.68 -32.34
CA GLY NA 40 -3.42 130.54 -33.25
C GLY NA 40 -3.72 131.01 -34.65
N LEU NA 41 -4.97 130.85 -35.09
CA LEU NA 41 -5.38 131.43 -36.36
C LEU NA 41 -5.38 132.95 -36.30
N ALA NA 42 -5.73 133.52 -35.15
CA ALA NA 42 -5.56 134.96 -34.96
C ALA NA 42 -4.09 135.36 -35.00
N GLU NA 43 -3.22 134.53 -34.42
CA GLU NA 43 -1.78 134.83 -34.42
CA GLU NA 43 -1.79 134.84 -34.43
C GLU NA 43 -1.20 134.81 -35.83
N VAL NA 44 -1.59 133.82 -36.64
CA VAL NA 44 -1.07 133.81 -38.00
C VAL NA 44 -1.69 134.93 -38.82
N GLY NA 45 -2.94 135.29 -38.51
CA GLY NA 45 -3.52 136.48 -39.13
C GLY NA 45 -2.74 137.74 -38.83
N LYS NA 46 -2.29 137.90 -37.58
CA LYS NA 46 -1.53 139.12 -37.30
C LYS NA 46 -0.10 139.08 -37.82
N LYS NA 47 0.51 137.89 -37.98
CA LYS NA 47 1.75 137.85 -38.76
C LYS NA 47 1.49 138.36 -40.17
N PHE NA 48 0.41 137.90 -40.80
CA PHE NA 48 0.06 138.37 -42.13
C PHE NA 48 -0.22 139.86 -42.15
N GLU NA 49 -0.77 140.41 -41.07
CA GLU NA 49 -1.05 141.84 -41.00
C GLU NA 49 0.23 142.66 -40.89
N LYS NA 50 1.14 142.26 -39.98
CA LYS NA 50 2.41 143.00 -39.88
C LYS NA 50 3.26 142.84 -41.13
N ASP NA 51 3.10 141.75 -41.87
CA ASP NA 51 3.94 141.59 -43.06
C ASP NA 51 3.36 142.25 -44.30
N THR NA 52 2.06 142.11 -44.55
CA THR NA 52 1.45 142.61 -45.77
C THR NA 52 0.40 143.70 -45.58
N GLY NA 53 -0.03 143.96 -44.35
CA GLY NA 53 -1.02 144.99 -44.09
C GLY NA 53 -2.45 144.60 -44.36
N ILE NA 54 -2.72 143.34 -44.69
CA ILE NA 54 -4.06 142.89 -45.01
C ILE NA 54 -4.68 142.28 -43.75
N LYS NA 55 -5.82 142.83 -43.33
CA LYS NA 55 -6.43 142.44 -42.07
C LYS NA 55 -7.08 141.07 -42.19
N VAL NA 56 -6.91 140.25 -41.16
CA VAL NA 56 -7.51 138.92 -41.07
C VAL NA 56 -8.31 138.84 -39.78
N THR NA 57 -9.60 138.57 -39.89
CA THR NA 57 -10.47 138.36 -38.74
C THR NA 57 -10.90 136.90 -38.69
N VAL NA 58 -10.90 136.33 -37.50
CA VAL NA 58 -11.39 134.98 -37.30
C VAL NA 58 -12.54 135.01 -36.31
N GLU NA 59 -13.50 134.12 -36.50
CA GLU NA 59 -14.65 134.01 -35.61
C GLU NA 59 -14.94 132.55 -35.34
N HIS NA 60 -15.31 132.25 -34.09
CA HIS NA 60 -15.47 130.86 -33.63
C HIS NA 60 -16.80 130.69 -32.91
N PRO NA 61 -17.92 130.67 -33.65
CA PRO NA 61 -19.21 130.35 -33.04
C PRO NA 61 -19.53 128.87 -33.14
N ASP NA 62 -20.60 128.48 -32.48
CA ASP NA 62 -21.05 127.11 -32.56
C ASP NA 62 -21.72 126.83 -33.90
N LYS NA 63 -21.95 125.55 -34.18
CA LYS NA 63 -22.71 125.06 -35.33
C LYS NA 63 -22.16 125.57 -36.66
N LEU NA 64 -20.84 125.69 -36.79
CA LEU NA 64 -20.26 126.24 -38.01
C LEU NA 64 -20.49 125.37 -39.23
N GLU NA 65 -20.68 124.06 -39.04
CA GLU NA 65 -20.96 123.20 -40.18
C GLU NA 65 -22.42 123.33 -40.59
N GLU NA 66 -23.28 123.68 -39.65
CA GLU NA 66 -24.64 124.09 -39.99
C GLU NA 66 -24.63 125.48 -40.63
N LYS NA 67 -23.68 126.33 -40.22
CA LYS NA 67 -23.73 127.75 -40.56
C LYS NA 67 -23.09 128.07 -41.91
N PHE NA 68 -22.05 127.32 -42.31
CA PHE NA 68 -21.38 127.64 -43.57
C PHE NA 68 -22.26 127.40 -44.81
N PRO NA 69 -22.86 126.22 -45.01
CA PRO NA 69 -23.55 126.01 -46.30
C PRO NA 69 -24.81 126.85 -46.47
N GLN NA 70 -25.53 127.12 -45.38
CA GLN NA 70 -26.75 127.91 -45.47
C GLN NA 70 -26.50 129.37 -45.84
N VAL NA 71 -25.27 129.85 -45.68
CA VAL NA 71 -24.96 131.24 -46.02
C VAL NA 71 -24.17 131.23 -47.33
N ALA NA 72 -23.41 130.15 -47.56
CA ALA NA 72 -22.66 130.00 -48.80
C ALA NA 72 -23.56 129.72 -49.98
N ALA NA 73 -24.74 129.16 -49.76
CA ALA NA 73 -25.73 129.04 -50.83
C ALA NA 73 -26.33 130.40 -51.19
N THR NA 74 -26.20 131.40 -50.33
CA THR NA 74 -26.55 132.77 -50.66
C THR NA 74 -25.39 133.55 -51.25
N GLY NA 75 -24.17 133.06 -51.11
CA GLY NA 75 -23.00 133.77 -51.60
C GLY NA 75 -22.29 134.63 -50.60
N ASP NA 76 -22.40 134.33 -49.30
CA ASP NA 76 -21.74 135.11 -48.26
C ASP NA 76 -21.16 134.20 -47.19
N GLY NA 77 -20.81 134.80 -46.05
CA GLY NA 77 -20.29 134.04 -44.93
C GLY NA 77 -18.80 134.27 -44.75
N PRO NA 78 -18.05 133.18 -44.63
CA PRO NA 78 -16.61 133.30 -44.47
C PRO NA 78 -15.90 133.25 -45.82
N ASP NA 79 -14.58 133.35 -45.80
CA ASP NA 79 -13.81 132.99 -46.97
C ASP NA 79 -13.21 131.60 -46.82
N ILE NA 80 -12.65 131.30 -45.65
CA ILE NA 80 -11.98 130.04 -45.37
C ILE NA 80 -12.69 129.34 -44.23
N ILE NA 81 -12.77 128.01 -44.30
CA ILE NA 81 -13.38 127.21 -43.25
C ILE NA 81 -12.52 126.00 -42.95
N PHE NA 82 -12.23 125.77 -41.67
CA PHE NA 82 -11.41 124.65 -41.21
C PHE NA 82 -12.34 123.56 -40.68
N TRP NA 83 -12.42 122.44 -41.40
CA TRP NA 83 -13.33 121.36 -41.02
C TRP NA 83 -12.87 120.07 -41.66
N ALA NA 84 -13.59 118.99 -41.34
CA ALA NA 84 -13.31 117.68 -41.93
C ALA NA 84 -13.60 117.69 -43.43
N HIS NA 85 -12.87 116.84 -44.15
CA HIS NA 85 -12.93 116.83 -45.61
C HIS NA 85 -14.19 116.14 -46.14
N ASP NA 86 -14.82 115.27 -45.35
CA ASP NA 86 -15.90 114.45 -45.87
C ASP NA 86 -17.14 115.26 -46.23
N ARG NA 87 -17.44 116.31 -45.47
CA ARG NA 87 -18.50 117.22 -45.85
C ARG NA 87 -18.03 118.25 -46.88
N PHE NA 88 -16.72 118.35 -47.11
CA PHE NA 88 -16.22 119.27 -48.13
C PHE NA 88 -16.53 118.77 -49.54
N GLY NA 89 -16.29 117.48 -49.78
CA GLY NA 89 -16.56 116.91 -51.09
C GLY NA 89 -18.02 117.05 -51.50
N GLY NA 90 -18.93 116.82 -50.55
CA GLY NA 90 -20.33 117.12 -50.79
C GLY NA 90 -20.55 118.59 -51.09
N TYR NA 91 -19.90 119.48 -50.33
CA TYR NA 91 -19.96 120.89 -50.65
C TYR NA 91 -19.10 121.22 -51.87
N ALA NA 92 -18.25 120.29 -52.31
CA ALA NA 92 -17.64 120.43 -53.62
C ALA NA 92 -18.67 120.21 -54.72
N GLN NA 93 -19.70 119.42 -54.44
CA GLN NA 93 -20.82 119.30 -55.36
C GLN NA 93 -21.73 120.52 -55.27
N SER NA 94 -21.95 121.03 -54.07
CA SER NA 94 -22.96 122.04 -53.80
C SER NA 94 -22.55 123.44 -54.24
N GLY NA 95 -21.38 123.60 -54.88
CA GLY NA 95 -20.95 124.91 -55.32
C GLY NA 95 -20.61 125.87 -54.19
N LEU NA 96 -20.13 125.34 -53.06
CA LEU NA 96 -19.82 126.16 -51.89
C LEU NA 96 -18.34 126.18 -51.55
N LEU NA 97 -17.56 125.24 -52.05
CA LEU NA 97 -16.10 125.27 -51.90
C LEU NA 97 -15.44 125.60 -53.23
N ALA NA 98 -14.42 126.45 -53.17
CA ALA NA 98 -13.74 126.92 -54.36
C ALA NA 98 -12.68 125.93 -54.80
N GLU NA 99 -12.60 125.72 -56.11
CA GLU NA 99 -11.55 124.87 -56.69
C GLU NA 99 -10.22 125.59 -56.55
N ILE NA 100 -9.34 125.08 -55.69
CA ILE NA 100 -8.06 125.72 -55.45
C ILE NA 100 -7.10 125.42 -56.60
N THR NA 101 -6.09 126.28 -56.74
CA THR NA 101 -5.03 126.08 -57.74
C THR NA 101 -3.69 126.16 -57.02
N PRO NA 102 -3.23 125.06 -56.44
CA PRO NA 102 -1.89 125.03 -55.85
C PRO NA 102 -0.85 124.56 -56.86
N ASP NA 103 0.41 124.90 -56.56
CA ASP NA 103 1.51 124.51 -57.41
CA ASP NA 103 1.52 124.51 -57.40
C ASP NA 103 1.97 123.08 -57.08
N LYS NA 104 2.80 122.53 -57.95
CA LYS NA 104 3.28 121.17 -57.78
C LYS NA 104 4.40 121.08 -56.74
N ALA NA 105 5.22 122.12 -56.62
CA ALA NA 105 6.22 122.14 -55.56
C ALA NA 105 5.58 122.23 -54.18
N PHE NA 106 4.49 122.99 -54.06
CA PHE NA 106 3.76 123.01 -52.80
C PHE NA 106 2.99 121.72 -52.58
N GLN NA 107 2.62 121.02 -53.66
CA GLN NA 107 2.04 119.69 -53.51
C GLN NA 107 3.09 118.68 -53.05
N ASP NA 108 4.37 118.92 -53.38
CA ASP NA 108 5.45 118.14 -52.81
C ASP NA 108 5.74 118.55 -51.37
N LYS NA 109 5.46 119.82 -51.02
CA LYS NA 109 5.66 120.29 -49.66
C LYS NA 109 4.74 119.59 -48.67
N LEU NA 110 3.59 119.11 -49.11
CA LEU NA 110 2.66 118.37 -48.28
C LEU NA 110 2.65 116.90 -48.69
N TYR NA 111 2.05 116.08 -47.85
CA TYR NA 111 1.90 114.66 -48.18
C TYR NA 111 0.72 114.46 -49.13
N PRO NA 112 0.90 113.67 -50.18
CA PRO NA 112 -0.19 113.51 -51.16
C PRO NA 112 -1.38 112.73 -50.64
N PHE NA 113 -1.18 111.81 -49.69
CA PHE NA 113 -2.31 111.10 -49.10
C PHE NA 113 -3.21 112.03 -48.31
N THR NA 114 -2.69 113.18 -47.88
CA THR NA 114 -3.57 114.24 -47.38
C THR NA 114 -4.34 114.90 -48.51
N TRP NA 115 -3.70 115.04 -49.68
CA TRP NA 115 -4.39 115.64 -50.83
C TRP NA 115 -5.49 114.74 -51.38
N ASP NA 116 -5.42 113.43 -51.13
CA ASP NA 116 -6.52 112.55 -51.53
C ASP NA 116 -7.76 112.74 -50.66
N ALA NA 117 -7.68 113.52 -49.58
CA ALA NA 117 -8.86 113.78 -48.75
C ALA NA 117 -9.79 114.81 -49.36
N VAL NA 118 -9.26 115.71 -50.17
CA VAL NA 118 -10.01 116.87 -50.66
C VAL NA 118 -10.23 116.76 -52.16
N ARG NA 119 -10.34 115.54 -52.66
CA ARG NA 119 -10.63 115.27 -54.06
C ARG NA 119 -12.13 115.09 -54.26
N TYR NA 120 -12.65 115.63 -55.35
CA TYR NA 120 -14.04 115.43 -55.72
C TYR NA 120 -14.19 115.77 -57.20
N ASN NA 121 -14.66 114.79 -57.99
CA ASN NA 121 -14.82 114.93 -59.44
C ASN NA 121 -13.52 115.35 -60.12
N GLY NA 122 -12.40 114.87 -59.60
CA GLY NA 122 -11.09 115.20 -60.12
C GLY NA 122 -10.56 116.57 -59.75
N LYS NA 123 -11.40 117.47 -59.24
CA LYS NA 123 -10.97 118.81 -58.89
C LYS NA 123 -10.49 118.84 -57.45
N LEU NA 124 -9.65 119.82 -57.14
CA LEU NA 124 -9.04 119.95 -55.83
C LEU NA 124 -9.66 121.16 -55.14
N ILE NA 125 -10.15 120.97 -53.91
CA ILE NA 125 -11.07 121.92 -53.30
C ILE NA 125 -10.52 122.63 -52.07
N ALA NA 126 -9.53 122.06 -51.39
CA ALA NA 126 -9.14 122.61 -50.10
C ALA NA 126 -7.72 122.17 -49.77
N TYR NA 127 -7.06 122.96 -48.91
CA TYR NA 127 -5.71 122.64 -48.49
C TYR NA 127 -5.75 121.86 -47.19
N PRO NA 128 -5.20 120.65 -47.14
CA PRO NA 128 -5.22 119.90 -45.87
C PRO NA 128 -4.22 120.48 -44.88
N ILE NA 129 -4.65 120.55 -43.62
CA ILE NA 129 -3.76 121.03 -42.56
C ILE NA 129 -3.50 119.89 -41.59
N ALA NA 130 -4.55 119.38 -40.95
CA ALA NA 130 -4.41 118.40 -39.90
C ALA NA 130 -4.91 117.04 -40.37
N VAL NA 131 -4.33 115.98 -39.83
CA VAL NA 131 -4.65 114.62 -40.22
C VAL NA 131 -4.85 113.80 -38.95
N GLU NA 132 -5.92 113.01 -38.91
CA GLU NA 132 -6.36 112.33 -37.70
C GLU NA 132 -6.47 110.83 -37.97
N ALA NA 133 -6.04 110.03 -37.00
CA ALA NA 133 -6.06 108.58 -37.13
C ALA NA 133 -5.99 107.97 -35.73
N LEU NA 134 -6.67 106.85 -35.58
CA LEU NA 134 -6.73 106.17 -34.29
C LEU NA 134 -5.50 105.31 -34.08
N SER NA 135 -4.94 105.35 -32.88
CA SER NA 135 -3.71 104.64 -32.56
C SER NA 135 -3.89 103.88 -31.26
N LEU NA 136 -2.92 102.98 -30.98
CA LEU NA 136 -2.98 102.16 -29.79
C LEU NA 136 -2.34 102.91 -28.63
N ILE NA 137 -3.04 102.96 -27.50
CA ILE NA 137 -2.55 103.58 -26.29
C ILE NA 137 -2.38 102.47 -25.27
N TYR NA 138 -1.17 102.36 -24.70
CA TYR NA 138 -0.85 101.25 -23.82
C TYR NA 138 -0.23 101.74 -22.53
N ASN NA 139 -0.54 101.05 -21.44
CA ASN NA 139 0.18 101.21 -20.18
C ASN NA 139 1.55 100.59 -20.31
N LYS NA 140 2.60 101.38 -20.08
CA LYS NA 140 3.96 100.85 -20.17
C LYS NA 140 4.27 99.91 -19.01
N ASP NA 141 3.59 100.08 -17.88
CA ASP NA 141 3.88 99.24 -16.72
C ASP NA 141 3.25 97.86 -16.86
N LEU NA 142 1.96 97.81 -17.24
CA LEU NA 142 1.30 96.53 -17.40
C LEU NA 142 1.88 95.73 -18.58
N LEU NA 143 2.39 96.42 -19.59
CA LEU NA 143 3.01 95.71 -20.69
C LEU NA 143 4.21 96.49 -21.22
N PRO NA 144 5.43 96.04 -20.91
CA PRO NA 144 6.62 96.76 -21.39
C PRO NA 144 6.90 96.58 -22.87
N ASN NA 145 6.34 95.55 -23.50
CA ASN NA 145 6.63 95.23 -24.90
C ASN NA 145 5.32 94.99 -25.63
N PRO NA 146 4.86 95.95 -26.44
CA PRO NA 146 3.58 95.78 -27.13
C PRO NA 146 3.66 94.70 -28.19
N PRO NA 147 2.55 94.05 -28.51
CA PRO NA 147 2.53 93.06 -29.58
C PRO NA 147 2.21 93.70 -30.93
N LYS NA 148 2.62 93.01 -31.99
CA LYS NA 148 2.44 93.50 -33.35
C LYS NA 148 1.42 92.70 -34.13
N THR NA 149 0.80 91.70 -33.52
CA THR NA 149 -0.23 90.90 -34.17
C THR NA 149 -1.50 90.91 -33.34
N TRP NA 150 -2.65 90.97 -34.02
CA TRP NA 150 -3.91 90.81 -33.32
C TRP NA 150 -4.10 89.38 -32.82
N GLU NA 151 -3.50 88.41 -33.53
CA GLU NA 151 -3.57 87.02 -33.11
C GLU NA 151 -2.87 86.79 -31.78
N GLU NA 152 -2.04 87.73 -31.34
CA GLU NA 152 -1.42 87.64 -30.03
C GLU NA 152 -2.35 88.10 -28.91
N ILE NA 153 -3.33 88.94 -29.22
CA ILE NA 153 -4.20 89.55 -28.22
C ILE NA 153 -5.01 88.55 -27.39
N PRO NA 154 -5.60 87.49 -27.96
CA PRO NA 154 -6.31 86.53 -27.09
C PRO NA 154 -5.41 85.88 -26.05
N ALA NA 155 -4.25 85.35 -26.48
CA ALA NA 155 -3.36 84.64 -25.57
C ALA NA 155 -2.92 85.52 -24.41
N LEU NA 156 -2.46 86.74 -24.70
CA LEU NA 156 -2.02 87.63 -23.64
C LEU NA 156 -3.17 88.03 -22.73
N ASP NA 157 -4.41 88.01 -23.25
CA ASP NA 157 -5.56 88.26 -22.39
C ASP NA 157 -5.65 87.22 -21.29
N LYS NA 158 -5.30 85.97 -21.60
CA LYS NA 158 -5.23 84.92 -20.59
C LYS NA 158 -4.27 85.25 -19.47
N GLU NA 159 -3.25 86.07 -19.76
CA GLU NA 159 -2.38 86.53 -18.69
C GLU NA 159 -3.08 87.54 -17.79
N LEU NA 160 -3.82 88.49 -18.37
CA LEU NA 160 -4.28 89.61 -17.57
C LEU NA 160 -5.41 89.24 -16.63
N LYS NA 161 -6.25 88.27 -17.00
CA LYS NA 161 -7.22 87.74 -16.05
C LYS NA 161 -6.56 87.05 -14.87
N ALA NA 162 -5.29 86.65 -15.02
CA ALA NA 162 -4.52 86.12 -13.91
C ALA NA 162 -3.99 87.22 -12.99
N LYS NA 163 -4.08 88.48 -13.40
CA LYS NA 163 -3.75 89.61 -12.54
C LYS NA 163 -4.97 90.45 -12.19
N GLY NA 164 -6.16 90.02 -12.60
CA GLY NA 164 -7.35 90.83 -12.40
C GLY NA 164 -7.46 91.98 -13.35
N LYS NA 165 -6.86 91.87 -14.54
CA LYS NA 165 -6.84 92.92 -15.53
C LYS NA 165 -7.51 92.44 -16.81
N SER NA 166 -7.78 93.38 -17.71
CA SER NA 166 -8.34 93.07 -19.01
C SER NA 166 -7.38 93.55 -20.10
N ALA NA 167 -7.36 92.82 -21.22
CA ALA NA 167 -6.42 93.15 -22.28
C ALA NA 167 -6.86 94.37 -23.06
N LEU NA 168 -8.03 94.30 -23.70
CA LEU NA 168 -8.49 95.37 -24.58
C LEU NA 168 -9.93 95.70 -24.24
N MET NA 169 -10.23 96.99 -24.13
CA MET NA 169 -11.59 97.45 -23.88
C MET NA 169 -11.76 98.78 -24.61
N PHE NA 170 -12.72 98.84 -25.53
CA PHE NA 170 -12.96 100.04 -26.32
C PHE NA 170 -14.44 100.10 -26.66
N ASN NA 171 -14.80 101.09 -27.49
CA ASN NA 171 -16.19 101.32 -27.88
C ASN NA 171 -16.56 100.36 -29.00
N LEU NA 172 -17.37 99.37 -28.70
CA LEU NA 172 -17.90 98.44 -29.69
C LEU NA 172 -19.19 98.92 -30.33
N GLN NA 173 -19.74 100.04 -29.87
CA GLN NA 173 -21.01 100.53 -30.37
C GLN NA 173 -20.88 101.35 -31.64
N GLU NA 174 -19.69 101.50 -32.18
CA GLU NA 174 -19.46 102.27 -33.39
C GLU NA 174 -18.66 101.47 -34.40
N PRO NA 175 -19.01 101.57 -35.70
CA PRO NA 175 -18.11 101.02 -36.73
C PRO NA 175 -16.82 101.80 -36.86
N TYR NA 176 -16.77 103.04 -36.37
CA TYR NA 176 -15.57 103.86 -36.47
C TYR NA 176 -14.41 103.27 -35.70
N PHE NA 177 -14.68 102.52 -34.63
CA PHE NA 177 -13.63 101.86 -33.89
C PHE NA 177 -13.26 100.52 -34.52
N THR NA 178 -14.25 99.78 -35.01
CA THR NA 178 -14.05 98.40 -35.43
C THR NA 178 -13.52 98.28 -36.86
N TRP NA 179 -13.65 99.33 -37.67
CA TRP NA 179 -13.26 99.26 -39.07
C TRP NA 179 -11.77 99.02 -39.34
N PRO NA 180 -10.82 99.44 -38.48
CA PRO NA 180 -9.42 99.01 -38.70
C PRO NA 180 -9.24 97.51 -38.79
N LEU NA 181 -9.86 96.74 -37.89
CA LEU NA 181 -9.62 95.30 -37.88
C LEU NA 181 -10.36 94.59 -39.02
N ILE NA 182 -11.65 94.87 -39.17
CA ILE NA 182 -12.47 94.09 -40.10
C ILE NA 182 -12.08 94.38 -41.55
N ALA NA 183 -11.69 95.62 -41.85
CA ALA NA 183 -11.37 96.02 -43.21
C ALA NA 183 -9.88 95.99 -43.51
N ALA NA 184 -9.09 95.34 -42.65
CA ALA NA 184 -7.64 95.36 -42.84
C ALA NA 184 -7.21 94.47 -44.00
N ASP NA 185 -7.84 93.31 -44.13
CA ASP NA 185 -7.41 92.27 -45.07
C ASP NA 185 -8.38 92.08 -46.23
N GLY NA 186 -9.07 93.14 -46.66
CA GLY NA 186 -9.93 93.02 -47.83
C GLY NA 186 -11.21 93.83 -47.79
N GLY NA 187 -11.54 94.41 -46.64
CA GLY NA 187 -12.70 95.27 -46.55
C GLY NA 187 -12.37 96.71 -46.91
N TYR NA 188 -13.37 97.40 -47.47
CA TYR NA 188 -13.23 98.81 -47.83
C TYR NA 188 -14.63 99.38 -48.04
N ALA NA 189 -14.87 100.58 -47.50
CA ALA NA 189 -16.22 101.14 -47.47
C ALA NA 189 -16.77 101.36 -48.87
N PHE NA 190 -16.15 102.21 -49.66
CA PHE NA 190 -16.50 102.42 -51.06
C PHE NA 190 -15.23 102.34 -51.90
N LYS NA 191 -15.35 101.82 -53.11
CA LYS NA 191 -14.20 101.81 -54.00
C LYS NA 191 -13.86 103.23 -54.42
N TYR NA 192 -12.62 103.64 -54.13
CA TYR NA 192 -12.18 105.02 -54.29
C TYR NA 192 -10.94 105.06 -55.16
N GLU NA 193 -11.08 105.57 -56.40
CA GLU NA 193 -9.98 105.64 -57.34
C GLU NA 193 -10.07 106.94 -58.12
N ASN NA 194 -8.91 107.54 -58.40
CA ASN NA 194 -8.80 108.76 -59.23
C ASN NA 194 -9.65 109.90 -58.68
N GLY NA 195 -9.82 109.97 -57.37
CA GLY NA 195 -10.62 111.02 -56.76
C GLY NA 195 -12.12 110.81 -56.85
N LYS NA 196 -12.57 109.59 -57.14
CA LYS NA 196 -13.99 109.30 -57.32
C LYS NA 196 -14.39 108.10 -56.46
N TYR NA 197 -15.49 108.23 -55.73
CA TYR NA 197 -16.03 107.14 -54.93
C TYR NA 197 -17.13 106.42 -55.69
N ASP NA 198 -16.95 105.13 -55.92
CA ASP NA 198 -17.94 104.34 -56.65
C ASP NA 198 -19.09 103.98 -55.74
N ILE NA 199 -20.32 104.26 -56.18
CA ILE NA 199 -21.49 104.06 -55.33
C ILE NA 199 -21.94 102.61 -55.37
N LYS NA 200 -21.82 101.95 -56.52
CA LYS NA 200 -22.19 100.54 -56.68
C LYS NA 200 -21.15 99.60 -56.07
N ASP NA 201 -20.10 100.12 -55.45
CA ASP NA 201 -18.97 99.28 -55.04
C ASP NA 201 -18.73 99.46 -53.55
N VAL NA 202 -19.78 99.20 -52.76
CA VAL NA 202 -19.73 99.16 -51.30
C VAL NA 202 -19.16 97.80 -50.92
N GLY NA 203 -17.91 97.79 -50.45
CA GLY NA 203 -17.27 96.53 -50.12
C GLY NA 203 -17.43 96.08 -48.68
N VAL NA 204 -18.42 95.23 -48.43
CA VAL NA 204 -18.50 94.50 -47.17
C VAL NA 204 -18.69 93.00 -47.36
N ASP NA 205 -19.02 92.56 -48.56
CA ASP NA 205 -19.17 91.13 -48.87
C ASP NA 205 -17.85 90.59 -49.41
N ASN NA 206 -16.80 90.76 -48.61
CA ASN NA 206 -15.46 90.32 -48.97
C ASN NA 206 -14.91 89.36 -47.92
N ALA NA 207 -13.97 88.52 -48.34
CA ALA NA 207 -13.39 87.53 -47.43
C ALA NA 207 -12.62 88.19 -46.30
N GLY NA 208 -12.04 89.37 -46.53
CA GLY NA 208 -11.36 90.07 -45.47
C GLY NA 208 -12.30 90.56 -44.38
N ALA NA 209 -13.44 91.11 -44.79
CA ALA NA 209 -14.45 91.52 -43.81
C ALA NA 209 -14.96 90.32 -43.03
N LYS NA 210 -15.13 89.18 -43.72
CA LYS NA 210 -15.51 87.94 -43.04
C LYS NA 210 -14.48 87.55 -42.00
N ALA NA 211 -13.19 87.59 -42.37
CA ALA NA 211 -12.13 87.20 -41.44
C ALA NA 211 -12.08 88.13 -40.24
N GLY NA 212 -12.21 89.44 -40.47
CA GLY NA 212 -12.19 90.38 -39.36
C GLY NA 212 -13.37 90.21 -38.43
N LEU NA 213 -14.57 89.99 -38.98
CA LEU NA 213 -15.72 89.84 -38.10
C LEU NA 213 -15.71 88.50 -37.37
N THR NA 214 -15.18 87.44 -37.99
CA THR NA 214 -14.97 86.20 -37.25
C THR NA 214 -13.94 86.37 -36.15
N PHE NA 215 -12.88 87.15 -36.38
CA PHE NA 215 -11.95 87.42 -35.28
C PHE NA 215 -12.62 88.20 -34.17
N LEU NA 216 -13.54 89.11 -34.52
CA LEU NA 216 -14.31 89.82 -33.50
C LEU NA 216 -15.19 88.87 -32.70
N VAL NA 217 -15.85 87.93 -33.38
CA VAL NA 217 -16.70 87.00 -32.64
C VAL NA 217 -15.88 85.97 -31.87
N ASP NA 218 -14.61 85.75 -32.24
CA ASP NA 218 -13.76 84.93 -31.39
C ASP NA 218 -13.28 85.70 -30.18
N LEU NA 219 -13.07 87.02 -30.31
CA LEU NA 219 -12.71 87.81 -29.14
C LEU NA 219 -13.90 87.98 -28.20
N ILE NA 220 -15.12 87.93 -28.72
CA ILE NA 220 -16.27 88.15 -27.85
C ILE NA 220 -16.86 86.83 -27.33
N LYS NA 221 -16.70 85.72 -28.08
CA LYS NA 221 -17.31 84.47 -27.66
C LYS NA 221 -16.61 83.91 -26.43
N ASN NA 222 -15.29 83.85 -26.46
CA ASN NA 222 -14.51 83.39 -25.31
C ASN NA 222 -14.37 84.44 -24.22
N LYS NA 223 -15.11 85.54 -24.32
CA LYS NA 223 -15.23 86.54 -23.26
C LYS NA 223 -13.90 87.22 -22.96
N HIS NA 224 -13.15 87.54 -24.02
CA HIS NA 224 -11.99 88.41 -23.84
C HIS NA 224 -12.43 89.83 -23.55
N MET NA 225 -13.47 90.29 -24.23
CA MET NA 225 -14.09 91.58 -23.98
C MET NA 225 -15.58 91.39 -23.73
N ASN NA 226 -16.27 92.50 -23.51
CA ASN NA 226 -17.72 92.50 -23.38
C ASN NA 226 -18.35 93.13 -24.62
N ALA NA 227 -19.61 92.78 -24.86
CA ALA NA 227 -20.31 93.29 -26.04
C ALA NA 227 -21.05 94.59 -25.76
N ASP NA 228 -21.49 94.80 -24.53
CA ASP NA 228 -22.22 96.01 -24.16
C ASP NA 228 -21.29 97.15 -23.76
N THR NA 229 -19.98 96.97 -23.89
CA THR NA 229 -19.05 98.02 -23.53
C THR NA 229 -19.10 99.14 -24.57
N ASP NA 230 -18.60 100.31 -24.18
CA ASP NA 230 -18.56 101.47 -25.05
C ASP NA 230 -17.36 102.32 -24.65
N TYR NA 231 -17.40 103.59 -25.05
CA TYR NA 231 -16.23 104.45 -24.93
C TYR NA 231 -15.99 104.90 -23.49
N SER NA 232 -17.07 105.17 -22.75
CA SER NA 232 -16.91 105.76 -21.41
CA SER NA 232 -16.91 105.76 -21.41
C SER NA 232 -16.28 104.77 -20.44
N ILE NA 233 -16.82 103.56 -20.34
CA ILE NA 233 -16.29 102.55 -19.44
C ILE NA 233 -14.85 102.22 -19.83
N ALA NA 234 -14.58 102.14 -21.14
CA ALA NA 234 -13.24 101.84 -21.62
C ALA NA 234 -12.23 102.88 -21.19
N GLU NA 235 -12.50 104.15 -21.51
CA GLU NA 235 -11.55 105.21 -21.18
C GLU NA 235 -11.44 105.40 -19.67
N ALA NA 236 -12.53 105.25 -18.92
CA ALA NA 236 -12.46 105.41 -17.48
C ALA NA 236 -11.65 104.29 -16.83
N ALA NA 237 -11.82 103.06 -17.33
CA ALA NA 237 -11.04 101.95 -16.80
C ALA NA 237 -9.57 102.06 -17.18
N PHE NA 238 -9.28 102.59 -18.37
CA PHE NA 238 -7.87 102.79 -18.74
C PHE NA 238 -7.24 103.92 -17.94
N ASN NA 239 -8.01 104.95 -17.60
CA ASN NA 239 -7.49 105.99 -16.72
C ASN NA 239 -7.19 105.45 -15.32
N LYS NA 240 -7.97 104.48 -14.85
CA LYS NA 240 -7.62 103.78 -13.63
C LYS NA 240 -6.49 102.78 -13.82
N GLY NA 241 -6.27 102.35 -15.06
CA GLY NA 241 -5.24 101.36 -15.33
C GLY NA 241 -5.68 99.93 -15.17
N GLU NA 242 -6.97 99.65 -15.40
CA GLU NA 242 -7.48 98.28 -15.30
C GLU NA 242 -7.31 97.52 -16.60
N THR NA 243 -7.74 98.10 -17.71
CA THR NA 243 -7.46 97.55 -19.03
C THR NA 243 -6.15 98.16 -19.52
N ALA NA 244 -5.31 97.34 -20.15
CA ALA NA 244 -3.99 97.79 -20.56
C ALA NA 244 -3.95 98.40 -21.95
N MET NA 245 -4.73 97.87 -22.89
CA MET NA 245 -4.73 98.37 -24.25
C MET NA 245 -5.99 99.17 -24.53
N THR NA 246 -5.86 100.21 -25.36
CA THR NA 246 -7.04 100.85 -25.92
C THR NA 246 -6.68 101.43 -27.28
N ILE NA 247 -7.71 101.78 -28.03
CA ILE NA 247 -7.56 102.38 -29.35
C ILE NA 247 -8.29 103.72 -29.34
N ASN NA 248 -7.58 104.78 -29.69
CA ASN NA 248 -8.15 106.11 -29.55
C ASN NA 248 -7.41 107.10 -30.45
N GLY NA 249 -8.11 108.17 -30.82
CA GLY NA 249 -7.52 109.25 -31.55
C GLY NA 249 -6.84 110.24 -30.64
N PRO NA 250 -6.72 111.49 -31.08
CA PRO NA 250 -6.04 112.51 -30.26
C PRO NA 250 -6.88 113.02 -29.10
N TRP NA 251 -8.20 113.05 -29.26
CA TRP NA 251 -9.07 113.83 -28.37
C TRP NA 251 -9.04 113.35 -26.92
N ALA NA 252 -8.59 112.13 -26.66
CA ALA NA 252 -8.56 111.62 -25.30
C ALA NA 252 -7.16 111.66 -24.70
N TRP NA 253 -6.16 112.10 -25.45
CA TRP NA 253 -4.76 112.06 -24.98
C TRP NA 253 -4.61 112.80 -23.67
N SER NA 254 -5.07 114.05 -23.62
CA SER NA 254 -4.98 114.85 -22.40
C SER NA 254 -5.72 114.19 -21.25
N ASN NA 255 -6.83 113.50 -21.54
CA ASN NA 255 -7.55 112.76 -20.50
C ASN NA 255 -6.65 111.71 -19.86
N ILE NA 256 -5.87 110.99 -20.68
CA ILE NA 256 -4.94 110.04 -20.12
C ILE NA 256 -3.81 110.77 -19.40
N ASP NA 257 -3.51 112.00 -19.83
CA ASP NA 257 -2.57 112.83 -19.09
C ASP NA 257 -3.14 113.33 -17.77
N THR NA 258 -4.44 113.15 -17.53
CA THR NA 258 -4.97 113.35 -16.18
C THR NA 258 -4.68 112.14 -15.30
N SER NA 259 -4.55 110.96 -15.90
CA SER NA 259 -4.33 109.75 -15.11
CA SER NA 259 -4.33 109.75 -15.12
C SER NA 259 -2.93 109.66 -14.55
N LYS NA 260 -1.95 110.35 -15.16
CA LYS NA 260 -0.54 110.29 -14.80
C LYS NA 260 0.02 108.87 -14.90
N VAL NA 261 -0.67 108.00 -15.65
CA VAL NA 261 -0.17 106.66 -15.90
C VAL NA 261 0.96 106.74 -16.91
N ASN NA 262 2.06 106.04 -16.64
CA ASN NA 262 3.18 106.03 -17.57
C ASN NA 262 2.78 105.24 -18.81
N TYR NA 263 2.29 105.94 -19.83
CA TYR NA 263 1.72 105.31 -21.00
C TYR NA 263 2.50 105.68 -22.25
N GLY NA 264 2.35 104.83 -23.27
CA GLY NA 264 2.89 105.10 -24.58
C GLY NA 264 1.83 104.95 -25.65
N VAL NA 265 2.18 105.42 -26.85
CA VAL NA 265 1.31 105.36 -28.02
C VAL NA 265 2.09 104.73 -29.17
N THR NA 266 1.46 103.77 -29.85
CA THR NA 266 2.10 103.11 -30.96
C THR NA 266 1.06 102.79 -32.03
N VAL NA 267 1.55 102.18 -33.11
CA VAL NA 267 0.68 101.74 -34.20
C VAL NA 267 -0.12 100.52 -33.75
N LEU NA 268 -1.30 100.36 -34.35
CA LEU NA 268 -2.09 99.17 -34.12
C LEU NA 268 -1.38 97.94 -34.69
N PRO NA 269 -1.57 96.78 -34.09
CA PRO NA 269 -0.98 95.56 -34.64
C PRO NA 269 -1.53 95.23 -36.02
N THR NA 270 -0.71 94.53 -36.80
CA THR NA 270 -1.17 94.02 -38.08
C THR NA 270 -1.93 92.71 -37.88
N PHE NA 271 -2.71 92.33 -38.88
CA PHE NA 271 -3.57 91.16 -38.78
C PHE NA 271 -3.45 90.33 -40.04
N LYS NA 272 -2.95 89.10 -39.89
CA LYS NA 272 -2.69 88.16 -40.99
C LYS NA 272 -1.73 88.77 -42.01
N GLY NA 273 -0.86 89.68 -41.56
CA GLY NA 273 0.03 90.41 -42.42
C GLY NA 273 -0.53 91.71 -42.94
N GLN NA 274 -1.84 91.80 -43.13
CA GLN NA 274 -2.46 93.04 -43.57
C GLN NA 274 -2.64 93.99 -42.39
N PRO NA 275 -2.03 95.16 -42.40
CA PRO NA 275 -2.16 96.07 -41.26
C PRO NA 275 -3.54 96.70 -41.18
N SER NA 276 -3.84 97.20 -39.99
CA SER NA 276 -5.13 97.82 -39.73
C SER NA 276 -5.34 99.06 -40.59
N LYS NA 277 -6.59 99.48 -40.70
CA LYS NA 277 -6.99 100.54 -41.63
C LYS NA 277 -7.95 101.49 -40.93
N PRO NA 278 -7.44 102.43 -40.14
CA PRO NA 278 -8.32 103.40 -39.48
C PRO NA 278 -8.82 104.47 -40.44
N PHE NA 279 -9.93 105.09 -40.04
CA PHE NA 279 -10.46 106.23 -40.79
C PHE NA 279 -9.55 107.43 -40.63
N VAL NA 280 -9.06 107.95 -41.74
CA VAL NA 280 -8.21 109.13 -41.77
C VAL NA 280 -9.12 110.34 -41.86
N GLY NA 281 -9.18 111.12 -40.79
CA GLY NA 281 -10.00 112.31 -40.80
C GLY NA 281 -9.14 113.55 -40.97
N VAL NA 282 -9.29 114.25 -42.09
CA VAL NA 282 -8.37 115.32 -42.46
C VAL NA 282 -9.10 116.65 -42.29
N LEU NA 283 -8.62 117.44 -41.34
CA LEU NA 283 -9.05 118.84 -41.21
C LEU NA 283 -8.36 119.66 -42.30
N SER NA 284 -9.17 120.20 -43.21
CA SER NA 284 -8.70 121.03 -44.31
C SER NA 284 -9.42 122.37 -44.27
N ALA NA 285 -8.88 123.32 -45.02
CA ALA NA 285 -9.40 124.68 -45.10
C ALA NA 285 -9.98 124.89 -46.49
N GLY NA 286 -11.30 124.85 -46.58
CA GLY NA 286 -11.98 125.09 -47.83
C GLY NA 286 -12.21 126.58 -48.06
N ILE NA 287 -11.95 127.00 -49.30
CA ILE NA 287 -12.22 128.36 -49.74
C ILE NA 287 -13.64 128.39 -50.28
N ASN NA 288 -14.42 129.41 -49.92
CA ASN NA 288 -15.79 129.51 -50.39
C ASN NA 288 -15.81 129.70 -51.90
N ALA NA 289 -16.75 129.03 -52.56
CA ALA NA 289 -16.83 129.08 -54.02
C ALA NA 289 -17.41 130.38 -54.55
N ALA NA 290 -18.04 131.19 -53.70
CA ALA NA 290 -18.53 132.50 -54.09
C ALA NA 290 -17.50 133.59 -53.83
N SER NA 291 -16.29 133.22 -53.42
CA SER NA 291 -15.29 134.19 -53.04
C SER NA 291 -14.68 134.85 -54.27
N PRO NA 292 -14.62 136.18 -54.31
CA PRO NA 292 -13.68 136.87 -55.20
C PRO NA 292 -12.31 137.12 -54.60
N ASN NA 293 -11.96 136.39 -53.54
CA ASN NA 293 -10.73 136.62 -52.78
C ASN NA 293 -9.80 135.41 -52.90
N LYS NA 294 -9.64 134.88 -54.11
CA LYS NA 294 -8.96 133.60 -54.31
C LYS NA 294 -7.47 133.70 -53.97
N GLU NA 295 -6.76 134.63 -54.59
CA GLU NA 295 -5.30 134.68 -54.46
C GLU NA 295 -4.86 135.09 -53.07
N LEU NA 296 -5.62 135.96 -52.40
CA LEU NA 296 -5.28 136.38 -51.05
C LEU NA 296 -5.31 135.20 -50.08
N ALA NA 297 -6.41 134.44 -50.10
CA ALA NA 297 -6.52 133.30 -49.21
C ALA NA 297 -5.55 132.19 -49.60
N LYS NA 298 -5.27 132.04 -50.90
CA LYS NA 298 -4.28 131.05 -51.31
C LYS NA 298 -2.89 131.41 -50.79
N GLU NA 299 -2.54 132.70 -50.84
CA GLU NA 299 -1.28 133.15 -50.28
CA GLU NA 299 -1.28 133.15 -50.28
C GLU NA 299 -1.22 132.93 -48.77
N PHE NA 300 -2.31 133.24 -48.08
CA PHE NA 300 -2.36 133.06 -46.62
C PHE NA 300 -2.26 131.58 -46.25
N LEU NA 301 -2.82 130.69 -47.07
CA LEU NA 301 -2.78 129.26 -46.76
C LEU NA 301 -1.44 128.64 -47.10
N GLU NA 302 -0.82 129.08 -48.20
CA GLU NA 302 0.40 128.41 -48.65
C GLU NA 302 1.66 128.99 -48.01
N ASN NA 303 1.78 130.31 -47.96
CA ASN NA 303 3.02 130.93 -47.48
C ASN NA 303 3.02 131.21 -45.99
N TYR NA 304 1.85 131.16 -45.33
CA TYR NA 304 1.78 131.44 -43.90
C TYR NA 304 1.21 130.27 -43.09
N LEU NA 305 0.11 129.67 -43.55
CA LEU NA 305 -0.50 128.58 -42.78
C LEU NA 305 0.29 127.29 -42.91
N LEU NA 306 0.41 126.76 -44.12
CA LEU NA 306 1.01 125.45 -44.34
C LEU NA 306 2.53 125.55 -44.44
N THR NA 307 3.13 126.22 -43.46
CA THR NA 307 4.57 126.35 -43.28
C THR NA 307 4.90 125.96 -41.85
N ASP NA 308 6.19 126.09 -41.49
CA ASP NA 308 6.59 125.71 -40.13
C ASP NA 308 6.02 126.65 -39.09
N GLU NA 309 6.13 127.97 -39.31
CA GLU NA 309 5.75 128.91 -38.26
C GLU NA 309 4.25 129.02 -38.10
N GLY NA 310 3.46 128.79 -39.15
CA GLY NA 310 2.02 128.87 -39.01
C GLY NA 310 1.44 127.72 -38.21
N LEU NA 311 1.85 126.49 -38.55
CA LEU NA 311 1.43 125.34 -37.75
C LEU NA 311 2.02 125.39 -36.35
N GLU NA 312 3.22 125.97 -36.20
CA GLU NA 312 3.77 126.15 -34.86
C GLU NA 312 2.91 127.09 -34.03
N ALA NA 313 2.53 128.24 -34.61
CA ALA NA 313 1.72 129.22 -33.89
C ALA NA 313 0.34 128.68 -33.55
N VAL NA 314 -0.26 127.88 -34.44
CA VAL NA 314 -1.57 127.33 -34.06
C VAL NA 314 -1.40 126.21 -33.03
N ASN NA 315 -0.29 125.46 -33.06
CA ASN NA 315 -0.10 124.37 -32.12
C ASN NA 315 0.33 124.84 -30.73
N LYS NA 316 0.80 126.08 -30.59
CA LYS NA 316 1.09 126.55 -29.24
C LYS NA 316 -0.18 126.65 -28.38
N ASP NA 317 -1.32 126.93 -28.99
CA ASP NA 317 -2.57 126.94 -28.22
C ASP NA 317 -3.20 125.56 -28.18
N LYS NA 318 -3.53 124.99 -29.35
CA LYS NA 318 -4.09 123.66 -29.43
C LYS NA 318 -3.41 122.92 -30.57
N PRO NA 319 -2.91 121.70 -30.34
CA PRO NA 319 -2.17 121.00 -31.38
C PRO NA 319 -3.09 120.45 -32.47
N LEU NA 320 -2.45 119.95 -33.53
CA LEU NA 320 -3.15 119.33 -34.63
C LEU NA 320 -2.76 117.87 -34.84
N GLY NA 321 -1.90 117.32 -33.99
CA GLY NA 321 -1.53 115.92 -34.11
C GLY NA 321 -0.64 115.69 -35.31
N ALA NA 322 -1.09 114.82 -36.21
CA ALA NA 322 -0.44 114.64 -37.49
C ALA NA 322 -0.91 115.72 -38.45
N VAL NA 323 0.03 116.45 -39.03
CA VAL NA 323 -0.31 117.53 -39.95
C VAL NA 323 0.00 117.08 -41.38
N ALA NA 324 -0.32 117.91 -42.35
CA ALA NA 324 -0.11 117.56 -43.75
C ALA NA 324 1.23 118.01 -44.31
N LEU NA 325 1.83 119.06 -43.75
CA LEU NA 325 3.10 119.56 -44.25
C LEU NA 325 4.24 118.66 -43.79
N LYS NA 326 5.14 118.33 -44.72
CA LYS NA 326 6.15 117.30 -44.47
C LYS NA 326 7.18 117.76 -43.45
N SER NA 327 7.68 118.99 -43.60
CA SER NA 327 8.71 119.49 -42.68
C SER NA 327 8.18 119.62 -41.26
N TYR NA 328 6.94 120.12 -41.12
CA TYR NA 328 6.35 120.21 -39.79
C TYR NA 328 6.02 118.84 -39.22
N GLU NA 329 5.76 117.85 -40.09
CA GLU NA 329 5.67 116.48 -39.60
C GLU NA 329 7.01 115.99 -39.08
N GLU NA 330 8.12 116.40 -39.70
CA GLU NA 330 9.42 116.02 -39.16
C GLU NA 330 9.71 116.74 -37.85
N GLU NA 331 9.21 117.96 -37.69
CA GLU NA 331 9.34 118.65 -36.40
C GLU NA 331 8.52 117.96 -35.31
N LEU NA 332 7.28 117.56 -35.62
CA LEU NA 332 6.43 116.95 -34.60
C LEU NA 332 6.65 115.45 -34.43
N ALA NA 333 7.43 114.81 -35.28
CA ALA NA 333 7.62 113.36 -35.17
C ALA NA 333 8.49 112.96 -33.99
N LYS NA 334 9.06 113.90 -33.24
CA LYS NA 334 9.75 113.54 -32.01
C LYS NA 334 8.78 113.10 -30.93
N ASP NA 335 7.52 113.52 -31.02
CA ASP NA 335 6.49 113.01 -30.14
C ASP NA 335 6.01 111.68 -30.72
N PRO NA 336 6.17 110.56 -30.01
CA PRO NA 336 5.80 109.27 -30.59
C PRO NA 336 4.31 109.11 -30.86
N ARG NA 337 3.46 109.86 -30.16
CA ARG NA 337 2.04 109.89 -30.49
C ARG NA 337 1.82 110.39 -31.90
N ILE NA 338 2.59 111.40 -32.31
CA ILE NA 338 2.45 111.97 -33.64
C ILE NA 338 2.93 110.98 -34.70
N ALA NA 339 4.02 110.25 -34.41
CA ALA NA 339 4.51 109.25 -35.34
C ALA NA 339 3.51 108.11 -35.50
N ALA NA 340 2.93 107.65 -34.39
CA ALA NA 340 1.91 106.61 -34.47
C ALA NA 340 0.69 107.09 -35.23
N THR NA 341 0.29 108.34 -35.01
CA THR NA 341 -0.86 108.89 -35.73
C THR NA 341 -0.59 108.97 -37.23
N MET NA 342 0.61 109.41 -37.63
CA MET NA 342 0.87 109.52 -39.06
C MET NA 342 1.03 108.16 -39.72
N GLU NA 343 1.58 107.17 -39.02
CA GLU NA 343 1.68 105.86 -39.66
C GLU NA 343 0.31 105.17 -39.78
N ASN NA 344 -0.55 105.32 -38.76
CA ASN NA 344 -1.92 104.82 -38.91
C ASN NA 344 -2.69 105.59 -39.97
N ALA NA 345 -2.38 106.88 -40.15
CA ALA NA 345 -3.06 107.66 -41.17
C ALA NA 345 -2.61 107.27 -42.57
N GLN NA 346 -1.31 107.01 -42.75
CA GLN NA 346 -0.82 106.63 -44.07
C GLN NA 346 -1.17 105.19 -44.42
N LYS NA 347 -1.41 104.32 -43.43
CA LYS NA 347 -1.88 102.98 -43.73
C LYS NA 347 -3.39 102.83 -43.58
N GLY NA 348 -4.11 103.92 -43.28
CA GLY NA 348 -5.54 103.86 -43.07
C GLY NA 348 -6.35 104.16 -44.32
N GLU NA 349 -7.67 104.14 -44.15
CA GLU NA 349 -8.60 104.44 -45.23
C GLU NA 349 -9.11 105.87 -45.08
N ILE NA 350 -9.06 106.63 -46.17
CA ILE NA 350 -9.53 108.00 -46.13
C ILE NA 350 -11.05 108.00 -46.03
N MET NA 351 -11.59 108.95 -45.27
CA MET NA 351 -13.03 109.01 -45.06
CA MET NA 351 -13.03 109.02 -45.06
C MET NA 351 -13.74 109.42 -46.35
N PRO NA 352 -14.83 108.74 -46.71
CA PRO NA 352 -15.55 109.11 -47.94
C PRO NA 352 -16.28 110.43 -47.81
N ASN NA 353 -16.30 111.17 -48.93
CA ASN NA 353 -16.95 112.46 -49.01
C ASN NA 353 -18.36 112.38 -49.58
N ILE NA 354 -18.98 111.21 -49.57
CA ILE NA 354 -20.24 110.97 -50.26
C ILE NA 354 -21.36 110.77 -49.25
N PRO NA 355 -22.62 111.07 -49.60
CA PRO NA 355 -23.70 110.95 -48.61
C PRO NA 355 -24.16 109.51 -48.36
N GLN NA 356 -23.89 108.58 -49.28
CA GLN NA 356 -24.24 107.18 -49.04
C GLN NA 356 -23.54 106.62 -47.81
N MET NA 357 -22.40 107.21 -47.45
CA MET NA 357 -21.71 106.89 -46.20
C MET NA 357 -22.64 106.93 -45.00
N SER NA 358 -23.63 107.83 -45.00
CA SER NA 358 -24.61 107.90 -43.93
C SER NA 358 -25.34 106.57 -43.76
N ALA NA 359 -25.85 106.02 -44.87
CA ALA NA 359 -26.48 104.69 -44.81
C ALA NA 359 -25.48 103.63 -44.37
N PHE NA 360 -24.20 103.81 -44.72
CA PHE NA 360 -23.14 102.98 -44.19
C PHE NA 360 -23.19 102.97 -42.67
N TRP NA 361 -23.19 104.15 -42.05
CA TRP NA 361 -23.26 104.23 -40.59
C TRP NA 361 -24.60 103.75 -40.05
N TYR NA 362 -25.60 103.55 -40.91
CA TYR NA 362 -26.83 102.90 -40.49
C TYR NA 362 -26.81 101.41 -40.79
N ALA NA 363 -26.08 100.97 -41.80
CA ALA NA 363 -26.10 99.56 -42.17
C ALA NA 363 -25.12 98.74 -41.33
N VAL NA 364 -23.82 99.01 -41.47
CA VAL NA 364 -22.81 98.13 -40.91
C VAL NA 364 -22.82 98.15 -39.39
N ARG NA 365 -23.28 99.24 -38.78
CA ARG NA 365 -23.47 99.27 -37.33
C ARG NA 365 -24.42 98.17 -36.90
N THR NA 366 -25.57 98.05 -37.56
CA THR NA 366 -26.49 96.96 -37.26
C THR NA 366 -25.83 95.61 -37.45
N ALA NA 367 -24.86 95.52 -38.37
CA ALA NA 367 -24.11 94.29 -38.56
C ALA NA 367 -23.45 93.84 -37.26
N VAL NA 368 -22.74 94.75 -36.59
CA VAL NA 368 -22.12 94.31 -35.34
C VAL NA 368 -23.16 94.13 -34.25
N ILE NA 369 -24.32 94.79 -34.38
CA ILE NA 369 -25.39 94.55 -33.43
C ILE NA 369 -25.96 93.15 -33.65
N ASN NA 370 -25.81 92.60 -34.85
CA ASN NA 370 -26.14 91.20 -35.05
C ASN NA 370 -24.96 90.28 -34.80
N ALA NA 371 -23.75 90.82 -34.62
CA ALA NA 371 -22.55 90.01 -34.47
C ALA NA 371 -22.19 89.79 -33.01
N ALA NA 372 -21.93 90.86 -32.27
CA ALA NA 372 -21.56 90.74 -30.86
C ALA NA 372 -22.72 90.26 -30.01
N SER NA 373 -23.96 90.51 -30.45
CA SER NA 373 -25.12 89.97 -29.77
C SER NA 373 -25.47 88.56 -30.22
N GLY NA 374 -25.01 88.15 -31.40
CA GLY NA 374 -25.27 86.80 -31.86
C GLY NA 374 -26.68 86.55 -32.35
N ARG NA 375 -27.42 87.61 -32.70
CA ARG NA 375 -28.72 87.42 -33.31
C ARG NA 375 -28.60 86.81 -34.70
N GLN NA 376 -27.59 87.23 -35.45
CA GLN NA 376 -27.22 86.63 -36.73
C GLN NA 376 -25.80 86.12 -36.63
N THR NA 377 -25.33 85.53 -37.72
CA THR NA 377 -23.96 85.06 -37.80
C THR NA 377 -23.09 86.16 -38.41
N VAL NA 378 -21.87 85.82 -38.83
CA VAL NA 378 -21.00 86.78 -39.50
C VAL NA 378 -21.55 87.12 -40.88
N ASP NA 379 -21.76 86.11 -41.72
CA ASP NA 379 -22.17 86.33 -43.09
C ASP NA 379 -23.55 86.96 -43.17
N GLU NA 380 -24.47 86.53 -42.30
CA GLU NA 380 -25.81 87.11 -42.28
C GLU NA 380 -25.79 88.60 -41.99
N ALA NA 381 -25.05 89.00 -40.95
CA ALA NA 381 -24.96 90.41 -40.60
C ALA NA 381 -24.26 91.22 -41.69
N LEU NA 382 -23.19 90.68 -42.29
CA LEU NA 382 -22.46 91.47 -43.27
C LEU NA 382 -23.23 91.60 -44.58
N LYS NA 383 -23.96 90.57 -45.01
CA LYS NA 383 -24.75 90.74 -46.23
C LYS NA 383 -26.05 91.49 -45.97
N ASP NA 384 -26.50 91.56 -44.70
CA ASP NA 384 -27.59 92.47 -44.39
C ASP NA 384 -27.12 93.92 -44.44
N ALA NA 385 -25.88 94.17 -44.00
CA ALA NA 385 -25.29 95.49 -44.16
C ALA NA 385 -24.89 95.77 -45.60
N GLN NA 386 -24.81 94.75 -46.45
CA GLN NA 386 -24.41 94.94 -47.84
C GLN NA 386 -25.47 95.72 -48.62
N THR NA 387 -26.71 95.27 -48.56
CA THR NA 387 -27.79 95.94 -49.27
C THR NA 387 -28.22 97.22 -48.55
N SER OA 35 -85.44 -31.28 -27.73
CA SER OA 35 -85.91 -29.93 -27.47
C SER OA 35 -87.26 -29.96 -26.75
N GLU OA 36 -87.44 -30.97 -25.91
CA GLU OA 36 -88.63 -31.05 -25.07
C GLU OA 36 -88.72 -29.88 -24.09
N LEU OA 37 -87.57 -29.37 -23.65
CA LEU OA 37 -87.50 -28.15 -22.87
C LEU OA 37 -86.70 -27.07 -23.59
N GLY OA 38 -86.40 -27.28 -24.88
CA GLY OA 38 -85.58 -26.32 -25.59
C GLY OA 38 -86.31 -25.03 -25.91
N LYS OA 39 -87.57 -25.13 -26.35
CA LYS OA 39 -88.37 -23.93 -26.53
C LYS OA 39 -88.75 -23.33 -25.18
N GLU OA 40 -88.82 -24.16 -24.14
CA GLU OA 40 -88.96 -23.65 -22.78
C GLU OA 40 -87.72 -22.87 -22.36
N LEU OA 41 -86.57 -23.16 -22.95
CA LEU OA 41 -85.40 -22.30 -22.76
C LEU OA 41 -85.46 -21.07 -23.67
N LEU OA 42 -86.04 -21.22 -24.87
CA LEU OA 42 -86.13 -20.08 -25.78
C LEU OA 42 -87.02 -18.98 -25.22
N GLU OA 43 -88.12 -19.37 -24.56
CA GLU OA 43 -89.02 -18.36 -24.01
C GLU OA 43 -88.38 -17.61 -22.84
N ALA OA 44 -87.63 -18.32 -22.00
CA ALA OA 44 -86.96 -17.66 -20.90
C ALA OA 44 -85.78 -16.83 -21.38
N ALA OA 45 -85.16 -17.24 -22.49
CA ALA OA 45 -84.08 -16.44 -23.07
C ALA OA 45 -84.62 -15.16 -23.69
N ARG OA 46 -85.79 -15.23 -24.31
CA ARG OA 46 -86.45 -14.03 -24.79
C ARG OA 46 -86.91 -13.15 -23.64
N ALA OA 47 -87.31 -13.75 -22.52
CA ALA OA 47 -87.95 -13.01 -21.45
C ALA OA 47 -87.05 -12.72 -20.25
N GLY OA 48 -86.00 -13.51 -20.04
CA GLY OA 48 -85.09 -13.22 -18.95
C GLY OA 48 -85.59 -13.62 -17.57
N GLN OA 49 -85.72 -14.92 -17.31
CA GLN OA 49 -86.04 -15.44 -15.98
C GLN OA 49 -84.91 -16.35 -15.52
N ASP OA 50 -84.14 -15.90 -14.53
CA ASP OA 50 -83.09 -16.74 -13.95
C ASP OA 50 -83.68 -17.92 -13.19
N ASP OA 51 -84.86 -17.74 -12.59
CA ASP OA 51 -85.52 -18.83 -11.89
C ASP OA 51 -85.98 -19.92 -12.85
N GLU OA 52 -86.54 -19.52 -14.01
CA GLU OA 52 -87.01 -20.51 -14.98
C GLU OA 52 -85.86 -21.36 -15.51
N VAL OA 53 -84.74 -20.71 -15.87
CA VAL OA 53 -83.61 -21.47 -16.37
C VAL OA 53 -82.93 -22.25 -15.25
N ARG OA 54 -83.00 -21.78 -14.01
CA ARG OA 54 -82.48 -22.55 -12.89
C ARG OA 54 -83.28 -23.83 -12.70
N ILE OA 55 -84.61 -23.75 -12.83
CA ILE OA 55 -85.42 -24.95 -12.71
C ILE OA 55 -85.23 -25.87 -13.92
N LEU OA 56 -85.05 -25.28 -15.11
CA LEU OA 56 -84.84 -26.11 -16.30
C LEU OA 56 -83.49 -26.82 -16.26
N MET OA 57 -82.47 -26.20 -15.67
CA MET OA 57 -81.23 -26.91 -15.42
C MET OA 57 -81.33 -27.86 -14.24
N ALA OA 58 -82.27 -27.65 -13.33
CA ALA OA 58 -82.56 -28.66 -12.33
C ALA OA 58 -83.23 -29.88 -12.96
N ARG OA 59 -83.96 -29.68 -14.04
CA ARG OA 59 -84.56 -30.77 -14.80
C ARG OA 59 -83.68 -31.24 -15.95
N GLY OA 60 -82.54 -30.59 -16.17
CA GLY OA 60 -81.61 -31.00 -17.20
C GLY OA 60 -82.06 -30.65 -18.59
N ALA OA 61 -82.48 -29.40 -18.80
CA ALA OA 61 -82.89 -28.97 -20.12
C ALA OA 61 -81.68 -28.84 -21.04
N GLU OA 62 -81.87 -29.21 -22.31
CA GLU OA 62 -80.78 -29.16 -23.27
C GLU OA 62 -80.45 -27.72 -23.64
N VAL OA 63 -79.16 -27.41 -23.72
CA VAL OA 63 -78.71 -26.03 -23.93
C VAL OA 63 -78.42 -25.70 -25.38
N ASN OA 64 -78.35 -26.69 -26.26
CA ASN OA 64 -78.01 -26.46 -27.66
C ASN OA 64 -79.25 -26.53 -28.55
N ALA OA 65 -80.36 -25.95 -28.09
CA ALA OA 65 -81.62 -26.02 -28.82
C ALA OA 65 -81.59 -25.03 -29.97
N ALA OA 66 -81.37 -25.52 -31.18
CA ALA OA 66 -81.35 -24.69 -32.37
C ALA OA 66 -82.72 -24.72 -33.04
N ASP OA 67 -83.19 -23.55 -33.46
CA ASP OA 67 -84.44 -23.45 -34.19
C ASP OA 67 -84.16 -23.65 -35.69
N ASN OA 68 -85.15 -23.34 -36.53
CA ASN OA 68 -84.98 -23.56 -37.97
C ASN OA 68 -83.96 -22.61 -38.59
N THR OA 69 -83.68 -21.47 -37.95
CA THR OA 69 -82.73 -20.49 -38.46
C THR OA 69 -81.44 -20.45 -37.65
N GLY OA 70 -81.24 -21.38 -36.73
CA GLY OA 70 -80.00 -21.49 -36.00
C GLY OA 70 -79.91 -20.70 -34.72
N THR OA 71 -80.99 -20.07 -34.29
CA THR OA 71 -80.94 -19.20 -33.11
C THR OA 71 -80.97 -20.04 -31.85
N THR OA 72 -79.92 -19.95 -31.05
CA THR OA 72 -79.76 -20.73 -29.84
C THR OA 72 -80.30 -19.96 -28.64
N PRO OA 73 -80.46 -20.62 -27.48
CA PRO OA 73 -80.78 -19.85 -26.26
C PRO OA 73 -79.69 -18.87 -25.89
N LEU OA 74 -78.44 -19.17 -26.22
CA LEU OA 74 -77.35 -18.22 -25.98
C LEU OA 74 -77.50 -16.97 -26.84
N HIS OA 75 -78.00 -17.12 -28.06
CA HIS OA 75 -78.21 -15.97 -28.93
C HIS OA 75 -79.22 -15.01 -28.34
N LEU OA 76 -80.36 -15.54 -27.88
CA LEU OA 76 -81.37 -14.67 -27.27
C LEU OA 76 -80.90 -14.13 -25.94
N ALA OA 77 -80.13 -14.91 -25.19
CA ALA OA 77 -79.57 -14.43 -23.94
C ALA OA 77 -78.64 -13.24 -24.18
N ALA OA 78 -77.88 -13.29 -25.28
CA ALA OA 78 -76.99 -12.19 -25.61
C ALA OA 78 -77.78 -10.98 -26.12
N TYR OA 79 -78.74 -11.22 -27.02
CA TYR OA 79 -79.56 -10.14 -27.55
C TYR OA 79 -80.34 -9.43 -26.46
N SER OA 80 -80.74 -10.15 -25.42
CA SER OA 80 -81.55 -9.54 -24.36
C SER OA 80 -80.70 -8.69 -23.42
N GLY OA 81 -79.53 -9.18 -23.03
CA GLY OA 81 -78.67 -8.41 -22.17
C GLY OA 81 -78.76 -8.75 -20.69
N HIS OA 82 -79.14 -9.98 -20.35
CA HIS OA 82 -79.11 -10.45 -18.98
C HIS OA 82 -77.93 -11.40 -18.82
N LEU OA 83 -76.97 -11.03 -17.98
CA LEU OA 83 -75.72 -11.76 -17.90
C LEU OA 83 -75.87 -13.11 -17.20
N GLU OA 84 -76.87 -13.26 -16.34
CA GLU OA 84 -76.98 -14.47 -15.53
C GLU OA 84 -77.33 -15.69 -16.36
N ILE OA 85 -78.30 -15.53 -17.28
CA ILE OA 85 -78.68 -16.65 -18.13
C ILE OA 85 -77.53 -17.04 -19.06
N VAL OA 86 -76.76 -16.06 -19.52
CA VAL OA 86 -75.56 -16.35 -20.31
C VAL OA 86 -74.56 -17.13 -19.48
N GLU OA 87 -74.36 -16.71 -18.23
CA GLU OA 87 -73.39 -17.38 -17.35
C GLU OA 87 -73.78 -18.82 -17.12
N VAL OA 88 -75.05 -19.08 -16.83
CA VAL OA 88 -75.43 -20.46 -16.54
C VAL OA 88 -75.47 -21.31 -17.81
N LEU OA 89 -75.81 -20.69 -18.96
CA LEU OA 89 -75.74 -21.41 -20.23
C LEU OA 89 -74.32 -21.84 -20.54
N LEU OA 90 -73.35 -20.97 -20.26
CA LEU OA 90 -71.95 -21.37 -20.42
C LEU OA 90 -71.50 -22.32 -19.34
N LYS OA 91 -72.14 -22.30 -18.17
CA LYS OA 91 -71.83 -23.28 -17.14
C LYS OA 91 -72.27 -24.67 -17.55
N TYR OA 92 -73.35 -24.78 -18.30
CA TYR OA 92 -73.82 -26.07 -18.78
C TYR OA 92 -73.32 -26.40 -20.18
N GLY OA 93 -72.37 -25.63 -20.70
CA GLY OA 93 -71.68 -25.99 -21.92
C GLY OA 93 -72.36 -25.60 -23.21
N ALA OA 94 -73.00 -24.43 -23.24
CA ALA OA 94 -73.55 -23.95 -24.49
C ALA OA 94 -72.44 -23.56 -25.45
N GLU OA 95 -72.75 -23.61 -26.74
CA GLU OA 95 -71.76 -23.32 -27.76
C GLU OA 95 -71.53 -21.81 -27.86
N VAL OA 96 -70.28 -21.39 -27.71
CA VAL OA 96 -69.96 -19.97 -27.73
C VAL OA 96 -69.85 -19.43 -29.15
N ASN OA 97 -69.57 -20.28 -30.13
CA ASN OA 97 -69.31 -19.86 -31.50
C ASN OA 97 -70.33 -20.45 -32.46
N ALA OA 98 -71.58 -20.50 -32.05
CA ALA OA 98 -72.64 -21.05 -32.88
C ALA OA 98 -73.09 -20.01 -33.89
N ALA OA 99 -72.88 -20.29 -35.18
CA ALA OA 99 -73.27 -19.37 -36.24
C ALA OA 99 -74.68 -19.68 -36.71
N ASP OA 100 -75.45 -18.62 -36.99
CA ASP OA 100 -76.80 -18.76 -37.51
C ASP OA 100 -76.73 -18.90 -39.04
N VAL OA 101 -77.89 -18.79 -39.70
CA VAL OA 101 -77.93 -18.82 -41.16
C VAL OA 101 -77.43 -17.52 -41.78
N PHE OA 102 -77.27 -16.47 -40.98
CA PHE OA 102 -76.70 -15.21 -41.45
C PHE OA 102 -75.25 -15.02 -41.03
N GLY OA 103 -74.71 -15.93 -40.20
CA GLY OA 103 -73.33 -15.86 -39.79
C GLY OA 103 -73.10 -15.25 -38.43
N TYR OA 104 -74.12 -14.67 -37.81
CA TYR OA 104 -73.94 -14.02 -36.52
C TYR OA 104 -73.75 -15.04 -35.41
N THR OA 105 -72.84 -14.73 -34.50
CA THR OA 105 -72.61 -15.42 -33.25
C THR OA 105 -73.18 -14.58 -32.11
N PRO OA 106 -73.20 -15.11 -30.88
CA PRO OA 106 -73.59 -14.24 -29.75
C PRO OA 106 -72.69 -13.03 -29.58
N LEU OA 107 -71.41 -13.12 -29.96
CA LEU OA 107 -70.52 -11.97 -29.85
C LEU OA 107 -70.94 -10.86 -30.80
N HIS OA 108 -71.39 -11.22 -32.01
CA HIS OA 108 -71.88 -10.23 -32.97
C HIS OA 108 -73.05 -9.45 -32.40
N LEU OA 109 -74.08 -10.16 -31.93
CA LEU OA 109 -75.26 -9.50 -31.40
C LEU OA 109 -74.93 -8.72 -30.13
N ALA OA 110 -74.02 -9.22 -29.32
CA ALA OA 110 -73.62 -8.49 -28.12
C ALA OA 110 -72.92 -7.20 -28.48
N ALA OA 111 -72.10 -7.22 -29.53
CA ALA OA 111 -71.42 -6.01 -29.95
C ALA OA 111 -72.36 -5.02 -30.61
N TYR OA 112 -73.40 -5.52 -31.29
CA TYR OA 112 -74.37 -4.64 -31.91
C TYR OA 112 -75.13 -3.83 -30.86
N TRP OA 113 -75.64 -4.49 -29.84
CA TRP OA 113 -76.53 -3.84 -28.89
C TRP OA 113 -75.80 -3.17 -27.74
N GLY OA 114 -74.49 -3.32 -27.67
CA GLY OA 114 -73.72 -2.57 -26.69
C GLY OA 114 -73.84 -3.10 -25.28
N HIS OA 115 -73.61 -4.39 -25.11
CA HIS OA 115 -73.63 -5.02 -23.80
C HIS OA 115 -72.21 -5.44 -23.45
N LEU OA 116 -71.59 -4.71 -22.54
CA LEU OA 116 -70.15 -4.85 -22.32
C LEU OA 116 -69.81 -6.13 -21.59
N GLU OA 117 -70.53 -6.42 -20.49
CA GLU OA 117 -70.20 -7.55 -19.63
C GLU OA 117 -70.34 -8.88 -20.36
N ILE OA 118 -71.36 -9.00 -21.22
CA ILE OA 118 -71.50 -10.28 -21.90
C ILE OA 118 -70.47 -10.42 -23.00
N VAL OA 119 -70.04 -9.31 -23.60
CA VAL OA 119 -68.90 -9.34 -24.52
C VAL OA 119 -67.66 -9.85 -23.80
N GLU OA 120 -67.42 -9.34 -22.60
CA GLU OA 120 -66.26 -9.76 -21.81
C GLU OA 120 -66.32 -11.24 -21.47
N VAL OA 121 -67.47 -11.73 -21.01
CA VAL OA 121 -67.51 -13.13 -20.60
C VAL OA 121 -67.56 -14.07 -21.80
N LEU OA 122 -68.03 -13.62 -22.96
CA LEU OA 122 -67.93 -14.44 -24.16
C LEU OA 122 -66.47 -14.56 -24.58
N LEU OA 123 -65.74 -13.45 -24.57
CA LEU OA 123 -64.31 -13.51 -24.87
C LEU OA 123 -63.56 -14.33 -23.84
N LYS OA 124 -64.04 -14.34 -22.59
CA LYS OA 124 -63.42 -15.12 -21.54
C LYS OA 124 -63.65 -16.61 -21.73
N ASN OA 125 -64.66 -17.00 -22.49
CA ASN OA 125 -64.99 -18.40 -22.71
C ASN OA 125 -64.58 -18.89 -24.09
N GLY OA 126 -63.71 -18.15 -24.77
CA GLY OA 126 -63.19 -18.61 -26.04
C GLY OA 126 -64.02 -18.25 -27.25
N ALA OA 127 -64.62 -17.07 -27.26
CA ALA OA 127 -65.31 -16.59 -28.45
C ALA OA 127 -64.28 -16.07 -29.46
N ASP OA 128 -64.49 -16.40 -30.72
CA ASP OA 128 -63.56 -16.01 -31.76
C ASP OA 128 -63.73 -14.53 -32.06
N VAL OA 129 -62.66 -13.75 -31.87
CA VAL OA 129 -62.78 -12.30 -31.93
C VAL OA 129 -62.83 -11.79 -33.36
N ASN OA 130 -62.38 -12.58 -34.33
CA ASN OA 130 -62.37 -12.17 -35.73
C ASN OA 130 -63.38 -12.97 -36.55
N ALA OA 131 -64.55 -13.23 -35.98
CA ALA OA 131 -65.58 -13.98 -36.67
C ALA OA 131 -66.25 -13.13 -37.73
N ARG OA 132 -66.36 -13.65 -38.94
CA ARG OA 132 -66.99 -12.95 -40.05
C ARG OA 132 -68.43 -13.43 -40.21
N ASP OA 133 -69.30 -12.49 -40.59
CA ASP OA 133 -70.68 -12.82 -40.89
C ASP OA 133 -70.82 -13.09 -42.38
N SER OA 134 -72.07 -13.08 -42.87
CA SER OA 134 -72.32 -13.18 -44.30
C SER OA 134 -71.71 -12.00 -45.05
N ASP OA 135 -71.65 -10.83 -44.43
CA ASP OA 135 -71.07 -9.64 -45.05
C ASP OA 135 -69.56 -9.55 -44.83
N GLY OA 136 -68.98 -10.47 -44.07
CA GLY OA 136 -67.59 -10.35 -43.70
C GLY OA 136 -67.32 -9.33 -42.61
N MET OA 137 -68.35 -8.87 -41.92
CA MET OA 137 -68.20 -7.87 -40.88
C MET OA 137 -67.92 -8.54 -39.55
N THR OA 138 -66.76 -8.24 -38.98
CA THR OA 138 -66.39 -8.73 -37.67
C THR OA 138 -67.16 -7.96 -36.60
N PRO OA 139 -67.16 -8.44 -35.35
CA PRO OA 139 -67.78 -7.64 -34.28
C PRO OA 139 -67.16 -6.26 -34.10
N LEU OA 140 -65.87 -6.11 -34.42
CA LEU OA 140 -65.24 -4.80 -34.36
C LEU OA 140 -65.84 -3.84 -35.36
N HIS OA 141 -66.20 -4.33 -36.55
CA HIS OA 141 -66.95 -3.52 -37.51
C HIS OA 141 -68.22 -2.97 -36.90
N LEU OA 142 -68.97 -3.82 -36.19
CA LEU OA 142 -70.24 -3.39 -35.61
C LEU OA 142 -70.00 -2.36 -34.51
N ALA OA 143 -69.08 -2.65 -33.60
CA ALA OA 143 -68.83 -1.74 -32.49
C ALA OA 143 -68.25 -0.41 -32.95
N ALA OA 144 -67.53 -0.39 -34.07
CA ALA OA 144 -67.05 0.88 -34.60
C ALA OA 144 -68.15 1.60 -35.37
N LYS OA 145 -69.05 0.86 -36.01
CA LYS OA 145 -70.14 1.47 -36.74
C LYS OA 145 -71.17 2.10 -35.80
N TRP OA 146 -71.31 1.57 -34.59
CA TRP OA 146 -72.33 2.10 -33.70
C TRP OA 146 -71.80 3.01 -32.59
N GLY OA 147 -70.49 3.04 -32.37
CA GLY OA 147 -69.92 4.01 -31.47
C GLY OA 147 -69.76 3.57 -30.04
N HIS OA 148 -69.47 2.31 -29.78
CA HIS OA 148 -69.27 1.78 -28.43
C HIS OA 148 -67.77 1.72 -28.16
N LEU OA 149 -67.26 2.63 -27.32
CA LEU OA 149 -65.82 2.69 -27.08
C LEU OA 149 -65.31 1.49 -26.32
N GLU OA 150 -65.93 1.18 -25.19
CA GLU OA 150 -65.41 0.15 -24.30
C GLU OA 150 -65.42 -1.22 -24.95
N ILE OA 151 -66.42 -1.49 -25.77
CA ILE OA 151 -66.45 -2.74 -26.53
C ILE OA 151 -65.29 -2.78 -27.51
N VAL OA 152 -65.02 -1.66 -28.20
CA VAL OA 152 -63.89 -1.58 -29.12
C VAL OA 152 -62.59 -1.87 -28.39
N GLU OA 153 -62.43 -1.32 -27.19
CA GLU OA 153 -61.17 -1.49 -26.48
C GLU OA 153 -60.99 -2.92 -25.98
N VAL OA 154 -62.06 -3.52 -25.44
CA VAL OA 154 -61.98 -4.90 -25.00
C VAL OA 154 -61.74 -5.83 -26.19
N LEU OA 155 -62.30 -5.51 -27.35
CA LEU OA 155 -62.05 -6.33 -28.54
C LEU OA 155 -60.62 -6.18 -29.02
N LEU OA 156 -60.07 -4.97 -28.93
CA LEU OA 156 -58.68 -4.75 -29.32
C LEU OA 156 -57.73 -5.46 -28.37
N ARG OA 157 -58.10 -5.58 -27.10
CA ARG OA 157 -57.25 -6.29 -26.15
C ARG OA 157 -57.11 -7.76 -26.51
N TYR OA 158 -58.12 -8.36 -27.12
CA TYR OA 158 -58.12 -9.79 -27.39
C TYR OA 158 -57.64 -10.12 -28.78
N GLY OA 159 -57.17 -9.14 -29.54
CA GLY OA 159 -56.56 -9.39 -30.83
C GLY OA 159 -57.45 -9.20 -32.03
N ALA OA 160 -58.38 -8.27 -31.99
CA ALA OA 160 -59.23 -8.01 -33.15
C ALA OA 160 -58.43 -7.38 -34.26
N ASP OA 161 -58.70 -7.80 -35.50
CA ASP OA 161 -57.93 -7.35 -36.65
C ASP OA 161 -58.39 -5.95 -37.05
N VAL OA 162 -57.43 -5.01 -37.07
CA VAL OA 162 -57.73 -3.64 -37.43
C VAL OA 162 -57.97 -3.51 -38.93
N GLU OA 163 -57.40 -4.41 -39.73
CA GLU OA 163 -57.38 -4.27 -41.17
C GLU OA 163 -58.38 -5.17 -41.88
N ALA OA 164 -59.35 -5.73 -41.14
CA ALA OA 164 -60.36 -6.56 -41.75
C ALA OA 164 -61.30 -5.74 -42.63
N GLN OA 165 -61.52 -6.20 -43.86
CA GLN OA 165 -62.41 -5.53 -44.79
C GLN OA 165 -63.65 -6.38 -45.02
N ASP OA 166 -64.79 -5.71 -45.19
CA ASP OA 166 -66.05 -6.38 -45.47
C ASP OA 166 -66.23 -6.51 -46.99
N LYS OA 167 -67.45 -6.83 -47.44
CA LYS OA 167 -67.69 -7.01 -48.86
C LYS OA 167 -67.51 -5.73 -49.66
N PHE OA 168 -67.65 -4.57 -49.03
CA PHE OA 168 -67.45 -3.29 -49.70
C PHE OA 168 -66.01 -2.82 -49.63
N GLY OA 169 -65.13 -3.56 -48.96
CA GLY OA 169 -63.78 -3.09 -48.76
C GLY OA 169 -63.65 -2.04 -47.69
N LYS OA 170 -64.48 -2.10 -46.66
CA LYS OA 170 -64.47 -1.13 -45.57
C LYS OA 170 -63.79 -1.74 -44.35
N THR OA 171 -62.84 -1.02 -43.79
CA THR OA 171 -62.27 -1.34 -42.49
C THR OA 171 -63.11 -0.71 -41.39
N PRO OA 172 -62.95 -1.15 -40.14
CA PRO OA 172 -63.67 -0.46 -39.04
C PRO OA 172 -63.34 1.01 -38.92
N PHE OA 173 -62.14 1.43 -39.34
CA PHE OA 173 -61.81 2.85 -39.36
C PHE OA 173 -62.71 3.61 -40.34
N ASP OA 174 -63.01 3.01 -41.48
CA ASP OA 174 -63.91 3.63 -42.45
C ASP OA 174 -65.33 3.72 -41.91
N LEU OA 175 -65.81 2.67 -41.25
CA LEU OA 175 -67.15 2.72 -40.68
C LEU OA 175 -67.23 3.71 -39.52
N ALA OA 176 -66.11 3.95 -38.84
CA ALA OA 176 -66.13 4.91 -37.75
C ALA OA 176 -66.08 6.34 -38.26
N ILE OA 177 -65.40 6.59 -39.38
CA ILE OA 177 -65.42 7.96 -39.89
C ILE OA 177 -66.72 8.24 -40.63
N ASP OA 178 -67.33 7.22 -41.23
CA ASP OA 178 -68.59 7.45 -41.94
C ASP OA 178 -69.75 7.75 -41.01
N ASN OA 179 -69.66 7.35 -39.75
CA ASN OA 179 -70.74 7.57 -38.80
C ASN OA 179 -70.38 8.58 -37.71
N GLY OA 180 -69.27 9.28 -37.87
CA GLY OA 180 -68.96 10.37 -36.96
C GLY OA 180 -68.38 9.98 -35.63
N ASN OA 181 -67.86 8.76 -35.49
CA ASN OA 181 -67.25 8.33 -34.23
C ASN OA 181 -65.76 8.63 -34.30
N GLU OA 182 -65.41 9.87 -34.01
CA GLU OA 182 -64.07 10.36 -34.28
C GLU OA 182 -63.04 9.84 -33.29
N ASP OA 183 -63.42 9.62 -32.03
CA ASP OA 183 -62.46 9.09 -31.07
C ASP OA 183 -62.12 7.63 -31.35
N ILE OA 184 -63.10 6.85 -31.79
CA ILE OA 184 -62.82 5.48 -32.22
C ILE OA 184 -61.81 5.49 -33.37
N ALA OA 185 -62.05 6.36 -34.36
CA ALA OA 185 -61.15 6.46 -35.50
C ALA OA 185 -59.76 6.91 -35.09
N GLU OA 186 -59.67 7.78 -34.08
CA GLU OA 186 -58.36 8.20 -33.57
C GLU OA 186 -57.60 7.03 -32.98
N VAL OA 187 -58.27 6.24 -32.14
CA VAL OA 187 -57.64 5.07 -31.54
C VAL OA 187 -57.18 4.09 -32.60
N LEU OA 188 -58.05 3.83 -33.58
CA LEU OA 188 -57.75 2.86 -34.62
C LEU OA 188 -56.63 3.33 -35.52
N GLN OA 189 -56.49 4.64 -35.71
CA GLN OA 189 -55.45 5.14 -36.59
C GLN OA 189 -54.10 5.13 -35.90
N ALA OA 190 -54.07 5.56 -34.64
CA ALA OA 190 -52.81 5.59 -33.89
C ALA OA 190 -52.24 4.20 -33.69
N LEU OA 191 -53.11 3.21 -33.44
CA LEU OA 191 -52.63 1.85 -33.22
C LEU OA 191 -51.94 1.30 -34.47
N LEU OA 192 -52.58 1.47 -35.62
CA LEU OA 192 -52.01 1.00 -36.88
C LEU OA 192 -50.70 1.70 -37.18
N ALA OA 193 -50.62 3.00 -36.88
CA ALA OA 193 -49.41 3.74 -37.21
C ALA OA 193 -48.22 3.29 -36.36
N ILE OA 194 -48.45 3.02 -35.07
CA ILE OA 194 -47.35 2.56 -34.24
C ILE OA 194 -46.92 1.14 -34.63
N ASN OA 195 -47.86 0.29 -35.02
CA ASN OA 195 -47.46 -1.06 -35.44
C ASN OA 195 -46.67 -1.02 -36.74
N ARG OA 196 -47.02 -0.13 -37.65
CA ARG OA 196 -46.25 0.01 -38.87
C ARG OA 196 -44.87 0.57 -38.60
N GLN OA 197 -44.73 1.46 -37.63
CA GLN OA 197 -43.39 1.94 -37.30
C GLN OA 197 -42.53 0.85 -36.68
N ILE OA 198 -43.13 -0.05 -35.89
CA ILE OA 198 -42.38 -1.19 -35.36
C ILE OA 198 -41.87 -2.07 -36.49
N ASN OA 199 -42.75 -2.38 -37.45
CA ASN OA 199 -42.31 -3.20 -38.57
C ASN OA 199 -41.25 -2.50 -39.41
N LEU OA 200 -41.33 -1.19 -39.54
CA LEU OA 200 -40.34 -0.47 -40.33
C LEU OA 200 -38.98 -0.42 -39.65
N GLU OA 201 -38.95 -0.34 -38.32
CA GLU OA 201 -37.66 -0.44 -37.65
C GLU OA 201 -37.09 -1.84 -37.73
N LEU OA 202 -37.93 -2.87 -37.69
CA LEU OA 202 -37.42 -4.23 -37.85
C LEU OA 202 -36.90 -4.47 -39.26
N TYR OA 203 -37.50 -3.83 -40.26
CA TYR OA 203 -37.04 -3.96 -41.64
C TYR OA 203 -35.64 -3.39 -41.81
N ALA OA 204 -35.39 -2.21 -41.26
CA ALA OA 204 -34.13 -1.52 -41.46
C ALA OA 204 -32.96 -2.25 -40.83
N SER OA 205 -33.19 -3.04 -39.80
CA SER OA 205 -32.14 -3.79 -39.13
C SER OA 205 -31.63 -4.92 -40.02
N TYR OA 206 -32.53 -5.49 -40.81
CA TYR OA 206 -32.25 -6.61 -41.70
C TYR OA 206 -31.52 -6.16 -42.96
N VAL OA 207 -31.81 -4.94 -43.42
CA VAL OA 207 -31.05 -4.35 -44.51
C VAL OA 207 -29.61 -4.11 -44.11
N TYR OA 208 -29.40 -3.64 -42.88
CA TYR OA 208 -28.04 -3.43 -42.39
C TYR OA 208 -27.32 -4.75 -42.18
N LEU OA 209 -28.03 -5.79 -41.78
CA LEU OA 209 -27.42 -7.12 -41.70
C LEU OA 209 -26.94 -7.59 -43.06
N SER OA 210 -27.78 -7.43 -44.08
CA SER OA 210 -27.38 -7.77 -45.44
C SER OA 210 -26.14 -7.00 -45.87
N MET OA 211 -26.16 -5.68 -45.67
CA MET OA 211 -25.03 -4.82 -46.03
C MET OA 211 -23.76 -5.25 -45.32
N SER OA 212 -23.85 -5.56 -44.03
CA SER OA 212 -22.68 -5.93 -43.26
C SER OA 212 -22.06 -7.21 -43.79
N TYR OA 213 -22.87 -8.23 -44.04
CA TYR OA 213 -22.26 -9.48 -44.52
C TYR OA 213 -21.94 -9.46 -46.00
N TYR OA 214 -22.29 -8.39 -46.72
CA TYR OA 214 -21.74 -8.23 -48.06
C TYR OA 214 -20.28 -7.82 -48.01
N PHE OA 215 -19.88 -7.05 -47.00
CA PHE OA 215 -18.58 -6.41 -46.98
C PHE OA 215 -17.49 -7.29 -46.39
N ASP OA 216 -17.78 -8.53 -46.04
CA ASP OA 216 -16.72 -9.44 -45.64
C ASP OA 216 -16.68 -10.68 -46.53
N ARG OA 217 -17.29 -10.63 -47.70
CA ARG OA 217 -17.01 -11.62 -48.73
C ARG OA 217 -15.54 -11.52 -49.13
N ASP OA 218 -14.98 -12.64 -49.60
CA ASP OA 218 -13.56 -12.64 -49.91
C ASP OA 218 -13.19 -11.80 -51.11
N ASP OA 219 -14.15 -11.40 -51.94
CA ASP OA 219 -13.90 -10.45 -53.01
C ASP OA 219 -14.32 -9.03 -52.66
N VAL OA 220 -14.85 -8.81 -51.46
CA VAL OA 220 -15.07 -7.48 -50.92
C VAL OA 220 -14.45 -7.50 -49.53
N ALA OA 221 -13.17 -7.18 -49.44
CA ALA OA 221 -12.44 -7.41 -48.19
C ALA OA 221 -12.31 -6.11 -47.40
N LEU OA 222 -13.43 -5.58 -46.95
CA LEU OA 222 -13.45 -4.33 -46.17
C LEU OA 222 -14.06 -4.58 -44.80
N LYS OA 223 -13.22 -4.75 -43.79
CA LYS OA 223 -13.64 -5.20 -42.47
C LYS OA 223 -14.35 -4.12 -41.67
N ASN OA 224 -13.97 -2.87 -41.86
CA ASN OA 224 -14.51 -1.80 -41.05
C ASN OA 224 -15.87 -1.33 -41.57
N PHE OA 225 -16.10 -1.45 -42.87
CA PHE OA 225 -17.44 -1.31 -43.43
C PHE OA 225 -18.40 -2.33 -42.81
N ALA OA 226 -17.97 -3.59 -42.75
CA ALA OA 226 -18.80 -4.64 -42.20
C ALA OA 226 -19.09 -4.41 -40.72
N LYS OA 227 -18.09 -3.97 -39.99
CA LYS OA 227 -18.24 -3.68 -38.57
C LYS OA 227 -19.23 -2.52 -38.34
N TYR OA 228 -19.11 -1.48 -39.14
CA TYR OA 228 -20.01 -0.33 -39.09
C TYR OA 228 -21.47 -0.73 -39.31
N PHE OA 229 -21.71 -1.53 -40.33
CA PHE OA 229 -23.08 -1.89 -40.64
C PHE OA 229 -23.67 -2.90 -39.65
N LEU OA 230 -22.84 -3.73 -39.02
CA LEU OA 230 -23.37 -4.56 -37.95
C LEU OA 230 -23.78 -3.72 -36.74
N HIS OA 231 -23.01 -2.68 -36.44
CA HIS OA 231 -23.39 -1.76 -35.38
C HIS OA 231 -24.75 -1.11 -35.66
N GLN OA 232 -24.96 -0.66 -36.90
CA GLN OA 232 -26.24 -0.05 -37.24
C GLN OA 232 -27.40 -1.04 -37.12
N SER OA 233 -27.17 -2.30 -37.52
CA SER OA 233 -28.19 -3.33 -37.39
C SER OA 233 -28.65 -3.48 -35.95
N HIS OA 234 -27.71 -3.54 -35.01
CA HIS OA 234 -28.11 -3.72 -33.62
C HIS OA 234 -28.79 -2.47 -33.04
N GLU OA 235 -28.38 -1.28 -33.49
CA GLU OA 235 -29.06 -0.07 -33.04
C GLU OA 235 -30.52 -0.03 -33.48
N GLU OA 236 -30.80 -0.47 -34.71
CA GLU OA 236 -32.19 -0.47 -35.16
C GLU OA 236 -33.02 -1.51 -34.44
N ARG OA 237 -32.42 -2.65 -34.08
CA ARG OA 237 -33.13 -3.61 -33.24
C ARG OA 237 -33.52 -2.99 -31.90
N GLU OA 238 -32.63 -2.17 -31.32
CA GLU OA 238 -32.96 -1.47 -30.08
C GLU OA 238 -34.08 -0.46 -30.27
N HIS OA 239 -34.10 0.26 -31.40
CA HIS OA 239 -35.18 1.20 -31.65
C HIS OA 239 -36.54 0.52 -31.68
N ALA OA 240 -36.60 -0.63 -32.36
CA ALA OA 240 -37.87 -1.37 -32.42
C ALA OA 240 -38.30 -1.85 -31.05
N GLU OA 241 -37.35 -2.33 -30.25
CA GLU OA 241 -37.71 -2.79 -28.92
C GLU OA 241 -38.19 -1.66 -28.01
N LYS OA 242 -37.64 -0.46 -28.17
CA LYS OA 242 -38.16 0.68 -27.43
C LYS OA 242 -39.60 0.99 -27.80
N LEU OA 243 -39.92 0.92 -29.08
CA LEU OA 243 -41.32 1.18 -29.46
C LEU OA 243 -42.25 0.11 -28.91
N MET OA 244 -41.79 -1.14 -28.85
CA MET OA 244 -42.59 -2.20 -28.28
C MET OA 244 -42.83 -2.00 -26.79
N LYS OA 245 -41.81 -1.55 -26.06
CA LYS OA 245 -41.99 -1.27 -24.64
C LYS OA 245 -42.96 -0.12 -24.41
N LEU OA 246 -42.86 0.94 -25.22
CA LEU OA 246 -43.81 2.04 -25.13
C LEU OA 246 -45.23 1.58 -25.36
N GLN OA 247 -45.44 0.76 -26.39
CA GLN OA 247 -46.78 0.27 -26.67
C GLN OA 247 -47.31 -0.59 -25.53
N ASN OA 248 -46.45 -1.31 -24.83
CA ASN OA 248 -46.93 -2.08 -23.69
C ASN OA 248 -47.25 -1.21 -22.48
N GLN OA 249 -46.56 -0.07 -22.31
CA GLN OA 249 -46.89 0.82 -21.19
C GLN OA 249 -48.23 1.50 -21.35
N ARG OA 250 -48.66 1.76 -22.57
CA ARG OA 250 -49.92 2.45 -22.81
C ARG OA 250 -51.12 1.54 -22.77
N GLY OA 251 -50.92 0.23 -22.75
CA GLY OA 251 -52.03 -0.70 -22.82
C GLY OA 251 -52.52 -1.00 -24.21
N GLY OA 252 -51.72 -0.70 -25.23
CA GLY OA 252 -52.06 -1.03 -26.59
C GLY OA 252 -51.64 -2.44 -26.97
N ALA OA 253 -52.00 -2.83 -28.17
CA ALA OA 253 -51.85 -4.21 -28.65
C ALA OA 253 -50.79 -4.27 -29.72
N ILE OA 254 -49.64 -4.86 -29.39
CA ILE OA 254 -48.62 -5.14 -30.38
C ILE OA 254 -49.13 -6.19 -31.35
N SER OA 255 -48.87 -6.00 -32.64
CA SER OA 255 -49.30 -6.92 -33.69
C SER OA 255 -48.20 -6.97 -34.74
N LEU OA 256 -47.54 -8.11 -34.84
CA LEU OA 256 -46.35 -8.26 -35.69
C LEU OA 256 -46.71 -8.82 -37.05
N GLN OA 257 -45.95 -8.40 -38.05
CA GLN OA 257 -46.13 -8.82 -39.44
C GLN OA 257 -44.84 -9.43 -39.96
N ASP OA 258 -44.86 -9.87 -41.22
CA ASP OA 258 -43.66 -10.36 -41.86
C ASP OA 258 -42.64 -9.26 -42.03
N ILE OA 259 -41.37 -9.64 -41.97
CA ILE OA 259 -40.27 -8.75 -42.31
C ILE OA 259 -39.76 -9.17 -43.67
N LYS OA 260 -39.85 -8.27 -44.64
CA LYS OA 260 -39.51 -8.59 -46.02
C LYS OA 260 -38.02 -8.48 -46.25
N LYS OA 261 -37.55 -9.22 -47.26
CA LYS OA 261 -36.11 -9.29 -47.57
C LYS OA 261 -35.62 -7.98 -48.18
N PRO OA 262 -34.37 -7.58 -47.93
CA PRO OA 262 -33.81 -6.36 -48.54
C PRO OA 262 -33.87 -6.40 -50.06
N ASP OA 263 -33.66 -5.22 -50.66
CA ASP OA 263 -33.81 -5.08 -52.10
C ASP OA 263 -32.66 -5.72 -52.87
N CYS OA 264 -31.47 -5.71 -52.32
CA CYS OA 264 -30.31 -6.33 -52.94
C CYS OA 264 -29.73 -7.39 -52.02
N ASP OA 265 -29.15 -8.41 -52.64
CA ASP OA 265 -28.11 -9.20 -51.99
C ASP OA 265 -26.72 -8.66 -52.31
N ASP OA 266 -26.55 -8.03 -53.47
CA ASP OA 266 -25.26 -7.53 -53.92
C ASP OA 266 -25.32 -6.02 -54.00
N TRP OA 267 -24.75 -5.37 -53.00
CA TRP OA 267 -24.37 -3.98 -53.12
C TRP OA 267 -23.15 -3.89 -54.02
N GLU OA 268 -22.73 -2.69 -54.36
CA GLU OA 268 -21.73 -2.60 -55.40
C GLU OA 268 -20.41 -2.00 -54.98
N SER OA 269 -20.40 -1.18 -53.94
CA SER OA 269 -19.21 -0.50 -53.47
C SER OA 269 -19.53 0.06 -52.10
N GLY OA 270 -18.55 0.70 -51.48
CA GLY OA 270 -18.82 1.40 -50.24
C GLY OA 270 -19.67 2.63 -50.45
N LEU OA 271 -19.44 3.34 -51.56
CA LEU OA 271 -20.22 4.54 -51.88
C LEU OA 271 -21.69 4.20 -52.10
N ASN OA 272 -21.96 3.16 -52.87
CA ASN OA 272 -23.34 2.82 -53.20
C ASN OA 272 -24.10 2.38 -51.96
N ALA OA 273 -23.46 1.61 -51.07
CA ALA OA 273 -24.12 1.19 -49.85
C ALA OA 273 -24.34 2.35 -48.90
N MET OA 274 -23.40 3.30 -48.82
CA MET OA 274 -23.62 4.49 -48.00
C MET OA 274 -24.78 5.32 -48.54
N GLU OA 275 -24.93 5.41 -49.86
CA GLU OA 275 -26.04 6.17 -50.42
C GLU OA 275 -27.38 5.48 -50.18
N CYS OA 276 -27.40 4.14 -50.25
CA CYS OA 276 -28.63 3.42 -49.94
C CYS OA 276 -28.99 3.57 -48.47
N ALA OA 277 -28.01 3.56 -47.58
CA ALA OA 277 -28.28 3.77 -46.17
C ALA OA 277 -28.81 5.15 -45.89
N LEU OA 278 -28.32 6.16 -46.61
CA LEU OA 278 -28.84 7.51 -46.44
C LEU OA 278 -30.30 7.59 -46.89
N HIS OA 279 -30.62 7.00 -48.04
CA HIS OA 279 -32.00 6.97 -48.52
C HIS OA 279 -32.92 6.27 -47.51
N LEU OA 280 -32.44 5.18 -46.91
CA LEU OA 280 -33.22 4.45 -45.92
C LEU OA 280 -33.53 5.29 -44.69
N GLU OA 281 -32.50 5.94 -44.13
CA GLU OA 281 -32.75 6.72 -42.92
C GLU OA 281 -33.62 7.93 -43.19
N LYS OA 282 -33.58 8.49 -44.39
CA LYS OA 282 -34.49 9.57 -44.72
C LYS OA 282 -35.93 9.09 -44.77
N ASN OA 283 -36.16 7.88 -45.31
CA ASN OA 283 -37.51 7.32 -45.29
C ASN OA 283 -38.03 7.12 -43.87
N VAL OA 284 -37.18 6.58 -43.00
CA VAL OA 284 -37.59 6.36 -41.62
C VAL OA 284 -37.93 7.67 -40.92
N ASN OA 285 -37.12 8.71 -41.16
CA ASN OA 285 -37.40 10.02 -40.57
C ASN OA 285 -38.73 10.59 -41.05
N GLN OA 286 -39.05 10.40 -42.33
CA GLN OA 286 -40.30 10.91 -42.85
C GLN OA 286 -41.51 10.22 -42.20
N SER OA 287 -41.42 8.91 -42.01
CA SER OA 287 -42.54 8.24 -41.35
C SER OA 287 -42.65 8.64 -39.88
N LEU OA 288 -41.52 8.94 -39.22
CA LEU OA 288 -41.60 9.43 -37.85
C LEU OA 288 -42.26 10.81 -37.76
N LEU OA 289 -42.02 11.66 -38.76
CA LEU OA 289 -42.67 12.96 -38.75
C LEU OA 289 -44.17 12.83 -38.97
N GLU OA 290 -44.59 11.90 -39.82
CA GLU OA 290 -46.04 11.68 -39.97
C GLU OA 290 -46.66 11.14 -38.69
N LEU OA 291 -45.94 10.26 -37.99
CA LEU OA 291 -46.43 9.77 -36.70
C LEU OA 291 -46.57 10.88 -35.68
N HIS OA 292 -45.63 11.83 -35.67
CA HIS OA 292 -45.71 12.95 -34.74
C HIS OA 292 -46.89 13.86 -35.06
N LYS OA 293 -47.16 14.10 -36.34
CA LYS OA 293 -48.29 14.94 -36.70
C LYS OA 293 -49.62 14.28 -36.33
N LEU OA 294 -49.69 12.96 -36.52
CA LEU OA 294 -50.88 12.22 -36.11
C LEU OA 294 -51.08 12.28 -34.60
N ALA OA 295 -49.99 12.15 -33.84
CA ALA OA 295 -50.08 12.25 -32.38
C ALA OA 295 -50.49 13.65 -31.94
N THR OA 296 -50.12 14.67 -32.68
CA THR OA 296 -50.52 16.02 -32.30
C THR OA 296 -51.99 16.26 -32.62
N ASP OA 297 -52.52 15.65 -33.68
CA ASP OA 297 -53.95 15.76 -33.91
C ASP OA 297 -54.78 15.06 -32.85
N CYS OA 298 -54.26 13.98 -32.27
CA CYS OA 298 -55.00 13.17 -31.31
C CYS OA 298 -54.87 13.67 -29.88
N ASN OA 299 -54.17 14.79 -29.66
CA ASN OA 299 -53.95 15.37 -28.33
C ASN OA 299 -53.30 14.38 -27.39
N ASP OA 300 -52.09 13.96 -27.74
CA ASP OA 300 -51.32 12.99 -26.99
C ASP OA 300 -49.93 13.56 -26.72
N PRO OA 301 -49.78 14.41 -25.71
CA PRO OA 301 -48.47 15.02 -25.48
C PRO OA 301 -47.40 14.05 -25.07
N HIS OA 302 -47.75 12.93 -24.43
CA HIS OA 302 -46.74 11.98 -24.00
C HIS OA 302 -46.09 11.28 -25.18
N LEU OA 303 -46.90 10.92 -26.20
CA LEU OA 303 -46.35 10.33 -27.42
C LEU OA 303 -45.49 11.32 -28.18
N CYS OA 304 -45.91 12.57 -28.25
CA CYS OA 304 -45.13 13.59 -28.93
C CYS OA 304 -43.77 13.77 -28.28
N ASP OA 305 -43.75 13.85 -26.94
CA ASP OA 305 -42.48 14.02 -26.25
C ASP OA 305 -41.61 12.78 -26.36
N PHE OA 306 -42.21 11.59 -26.35
CA PHE OA 306 -41.46 10.36 -26.55
C PHE OA 306 -40.77 10.35 -27.91
N ILE OA 307 -41.51 10.70 -28.96
CA ILE OA 307 -40.95 10.70 -30.31
C ILE OA 307 -39.83 11.72 -30.42
N GLU OA 308 -40.07 12.95 -29.98
CA GLU OA 308 -39.04 13.96 -30.17
C GLU OA 308 -37.88 13.84 -29.18
N THR OA 309 -38.00 13.04 -28.13
CA THR OA 309 -36.87 12.83 -27.23
C THR OA 309 -36.01 11.65 -27.63
N HIS OA 310 -36.60 10.55 -28.10
CA HIS OA 310 -35.80 9.37 -28.40
C HIS OA 310 -35.59 9.10 -29.89
N TYR OA 311 -36.24 9.83 -30.78
CA TYR OA 311 -36.15 9.43 -32.18
C TYR OA 311 -35.76 10.54 -33.13
N LEU OA 312 -36.21 11.77 -32.87
CA LEU OA 312 -36.05 12.81 -33.87
C LEU OA 312 -34.65 13.40 -33.94
N ASN OA 313 -33.90 13.36 -32.85
CA ASN OA 313 -32.54 13.88 -32.87
C ASN OA 313 -31.54 12.85 -33.35
N GLU OA 314 -31.81 11.57 -33.10
CA GLU OA 314 -30.96 10.49 -33.60
C GLU OA 314 -31.02 10.41 -35.12
N GLN OA 315 -32.20 10.64 -35.69
CA GLN OA 315 -32.34 10.63 -37.15
C GLN OA 315 -31.53 11.76 -37.77
N VAL OA 316 -31.54 12.93 -37.16
CA VAL OA 316 -30.80 14.07 -37.68
C VAL OA 316 -29.31 13.79 -37.61
N LYS OA 317 -28.84 13.23 -36.49
CA LYS OA 317 -27.44 12.86 -36.37
C LYS OA 317 -27.02 11.84 -37.42
N ALA OA 318 -27.86 10.82 -37.64
CA ALA OA 318 -27.51 9.77 -38.58
C ALA OA 318 -27.46 10.29 -40.00
N ILE OA 319 -28.39 11.17 -40.35
CA ILE OA 319 -28.42 11.71 -41.71
C ILE OA 319 -27.21 12.62 -41.94
N LYS OA 320 -26.82 13.40 -40.92
CA LYS OA 320 -25.63 14.23 -41.06
C LYS OA 320 -24.38 13.38 -41.24
N GLU OA 321 -24.24 12.31 -40.47
CA GLU OA 321 -23.05 11.46 -40.57
C GLU OA 321 -22.99 10.72 -41.90
N LEU OA 322 -24.13 10.23 -42.39
CA LEU OA 322 -24.10 9.50 -43.65
C LEU OA 322 -23.85 10.43 -44.83
N GLY OA 323 -24.36 11.65 -44.79
CA GLY OA 323 -24.01 12.60 -45.84
C GLY OA 323 -22.54 13.01 -45.81
N ASP OA 324 -21.97 13.13 -44.61
CA ASP OA 324 -20.52 13.30 -44.48
C ASP OA 324 -19.76 12.19 -45.19
N HIS OA 325 -20.11 10.93 -44.89
CA HIS OA 325 -19.41 9.79 -45.50
C HIS OA 325 -19.54 9.82 -47.02
N VAL OA 326 -20.72 10.15 -47.52
CA VAL OA 326 -20.90 10.15 -48.97
C VAL OA 326 -20.05 11.22 -49.64
N THR OA 327 -20.02 12.44 -49.09
CA THR OA 327 -19.23 13.46 -49.77
C THR OA 327 -17.74 13.21 -49.67
N ASN OA 328 -17.26 12.67 -48.55
CA ASN OA 328 -15.84 12.37 -48.47
C ASN OA 328 -15.44 11.27 -49.44
N LEU OA 329 -16.27 10.22 -49.54
CA LEU OA 329 -15.98 9.15 -50.49
C LEU OA 329 -16.01 9.63 -51.92
N ARG OA 330 -16.93 10.53 -52.26
CA ARG OA 330 -16.96 11.07 -53.61
C ARG OA 330 -15.76 11.96 -53.91
N LYS OA 331 -15.30 12.73 -52.92
CA LYS OA 331 -14.15 13.60 -53.16
C LYS OA 331 -12.86 12.80 -53.31
N MET OA 332 -12.70 11.72 -52.53
CA MET OA 332 -11.50 10.90 -52.65
C MET OA 332 -11.39 10.20 -53.99
N GLY OA 333 -12.49 10.05 -54.72
CA GLY OA 333 -12.46 9.45 -56.03
C GLY OA 333 -13.10 8.10 -56.17
N ALA OA 334 -13.86 7.66 -55.20
CA ALA OA 334 -14.55 6.39 -55.25
C ALA OA 334 -15.80 6.49 -56.12
N PRO OA 335 -16.29 5.38 -56.70
CA PRO OA 335 -15.91 3.97 -56.59
C PRO OA 335 -14.79 3.53 -57.53
N GLU OA 336 -14.52 4.33 -58.56
CA GLU OA 336 -13.54 3.94 -59.57
C GLU OA 336 -12.11 4.12 -59.11
N SER OA 337 -11.88 4.41 -57.83
CA SER OA 337 -10.56 4.35 -57.23
C SER OA 337 -10.62 3.35 -56.09
N GLY OA 338 -9.95 2.21 -56.25
CA GLY OA 338 -9.89 1.25 -55.17
C GLY OA 338 -9.01 1.68 -54.02
N LEU OA 339 -8.11 2.63 -54.26
CA LEU OA 339 -7.30 3.18 -53.19
C LEU OA 339 -8.13 4.07 -52.26
N ALA OA 340 -9.21 4.65 -52.76
CA ALA OA 340 -10.02 5.55 -51.95
C ALA OA 340 -10.80 4.79 -50.88
N GLU OA 341 -11.41 3.67 -51.24
CA GLU OA 341 -12.22 2.93 -50.28
C GLU OA 341 -11.36 2.23 -49.24
N TYR OA 342 -10.17 1.75 -49.64
CA TYR OA 342 -9.24 1.16 -48.68
C TYR OA 342 -8.83 2.17 -47.61
N LEU OA 343 -8.50 3.39 -48.04
CA LEU OA 343 -8.02 4.39 -47.09
C LEU OA 343 -9.15 4.99 -46.27
N PHE OA 344 -10.35 5.10 -46.85
CA PHE OA 344 -11.52 5.47 -46.04
C PHE OA 344 -11.80 4.43 -44.98
N ASP OA 345 -11.73 3.15 -45.35
CA ASP OA 345 -11.84 2.05 -44.39
C ASP OA 345 -10.86 2.20 -43.25
N LYS OA 346 -9.60 2.53 -43.56
CA LYS OA 346 -8.60 2.65 -42.49
C LYS OA 346 -8.83 3.88 -41.62
N HIS OA 347 -8.98 5.05 -42.23
CA HIS OA 347 -8.86 6.28 -41.46
C HIS OA 347 -10.17 6.77 -40.85
N THR OA 348 -11.29 6.59 -41.53
CA THR OA 348 -12.54 7.08 -40.97
C THR OA 348 -13.26 6.01 -40.15
N LEU OA 349 -13.38 4.81 -40.70
CA LEU OA 349 -14.09 3.75 -40.01
C LEU OA 349 -13.20 2.97 -39.06
N GLY OA 350 -11.89 3.16 -39.13
CA GLY OA 350 -10.97 2.46 -38.26
C GLY OA 350 -11.03 2.92 -36.83
N LYS PA 22 -132.92 -7.78 -69.70
CA LYS PA 22 -133.65 -8.25 -68.54
C LYS PA 22 -133.46 -7.30 -67.35
N ILE PA 23 -132.53 -6.37 -67.49
CA ILE PA 23 -132.40 -5.29 -66.51
C ILE PA 23 -133.55 -4.32 -66.73
N GLU PA 24 -134.30 -4.05 -65.66
CA GLU PA 24 -135.54 -3.28 -65.77
C GLU PA 24 -135.25 -1.79 -65.95
N GLU PA 25 -136.18 -1.12 -66.66
CA GLU PA 25 -136.07 0.29 -67.00
C GLU PA 25 -136.92 1.13 -66.06
N GLY PA 26 -136.55 2.41 -65.93
CA GLY PA 26 -137.24 3.31 -65.02
C GLY PA 26 -137.07 2.99 -63.56
N LYS PA 27 -136.10 2.14 -63.23
CA LYS PA 27 -135.96 1.59 -61.89
C LYS PA 27 -134.50 1.22 -61.69
N LEU PA 28 -133.99 1.47 -60.48
CA LEU PA 28 -132.60 1.26 -60.16
C LEU PA 28 -132.49 0.31 -58.97
N VAL PA 29 -131.71 -0.76 -59.15
CA VAL PA 29 -131.36 -1.68 -58.06
C VAL PA 29 -129.83 -1.72 -57.95
N ILE PA 30 -129.34 -1.66 -56.72
CA ILE PA 30 -127.92 -1.57 -56.45
C ILE PA 30 -127.54 -2.69 -55.49
N TRP PA 31 -126.36 -3.26 -55.68
CA TRP PA 31 -125.79 -4.21 -54.74
C TRP PA 31 -124.52 -3.65 -54.13
N ILE PA 32 -124.43 -3.73 -52.81
CA ILE PA 32 -123.32 -3.14 -52.06
C ILE PA 32 -123.05 -4.00 -50.83
N ASN PA 33 -121.78 -4.23 -50.54
CA ASN PA 33 -121.40 -5.12 -49.44
C ASN PA 33 -121.78 -4.50 -48.10
N GLY PA 34 -122.19 -5.36 -47.18
CA GLY PA 34 -122.71 -4.96 -45.89
C GLY PA 34 -121.73 -4.42 -44.87
N ASP PA 35 -120.45 -4.31 -45.23
CA ASP PA 35 -119.46 -3.70 -44.34
C ASP PA 35 -119.36 -2.21 -44.55
N LYS PA 36 -120.27 -1.63 -45.31
CA LYS PA 36 -120.26 -0.22 -45.69
C LYS PA 36 -121.53 0.44 -45.17
N GLY PA 37 -121.69 1.72 -45.51
CA GLY PA 37 -122.93 2.41 -45.23
C GLY PA 37 -123.96 2.16 -46.30
N TYR PA 38 -124.43 0.91 -46.42
CA TYR PA 38 -125.49 0.61 -47.37
C TYR PA 38 -126.80 1.30 -47.00
N ASN PA 39 -127.00 1.55 -45.70
CA ASN PA 39 -128.11 2.38 -45.29
C ASN PA 39 -127.93 3.81 -45.78
N GLY PA 40 -126.69 4.29 -45.86
CA GLY PA 40 -126.43 5.57 -46.50
C GLY PA 40 -126.75 5.55 -47.98
N LEU PA 41 -126.53 4.42 -48.64
CA LEU PA 41 -126.97 4.28 -50.02
C LEU PA 41 -128.49 4.31 -50.13
N ALA PA 42 -129.19 3.75 -49.14
CA ALA PA 42 -130.65 3.91 -49.09
C ALA PA 42 -131.03 5.36 -48.87
N GLU PA 43 -130.26 6.09 -48.05
CA GLU PA 43 -130.57 7.50 -47.80
CA GLU PA 43 -130.58 7.50 -47.80
C GLU PA 43 -130.40 8.35 -49.06
N VAL PA 44 -129.33 8.10 -49.81
CA VAL PA 44 -129.15 8.89 -51.02
C VAL PA 44 -130.17 8.46 -52.07
N GLY PA 45 -130.58 7.19 -52.06
CA GLY PA 45 -131.67 6.76 -52.91
C GLY PA 45 -132.96 7.49 -52.60
N LYS PA 46 -133.28 7.70 -51.32
CA LYS PA 46 -134.52 8.40 -51.02
C LYS PA 46 -134.41 9.91 -51.25
N LYS PA 47 -133.21 10.51 -51.14
CA LYS PA 47 -133.08 11.88 -51.67
C LYS PA 47 -133.44 11.92 -53.14
N PHE PA 48 -132.91 10.97 -53.91
CA PHE PA 48 -133.22 10.91 -55.33
C PHE PA 48 -134.71 10.67 -55.57
N GLU PA 49 -135.37 9.93 -54.69
CA GLU PA 49 -136.79 9.66 -54.84
C GLU PA 49 -137.63 10.91 -54.57
N LYS PA 50 -137.34 11.62 -53.46
CA LYS PA 50 -138.08 12.86 -53.19
C LYS PA 50 -137.79 13.94 -54.22
N ASP PA 51 -136.62 13.91 -54.85
CA ASP PA 51 -136.32 14.96 -55.83
C ASP PA 51 -136.83 14.66 -57.22
N THR PA 52 -136.67 13.42 -57.71
CA THR PA 52 -137.02 13.08 -59.08
C THR PA 52 -138.13 12.03 -59.21
N GLY PA 53 -138.53 11.37 -58.12
CA GLY PA 53 -139.58 10.37 -58.18
C GLY PA 53 -139.16 9.02 -58.69
N ILE PA 54 -137.87 8.79 -58.93
CA ILE PA 54 -137.38 7.52 -59.45
C ILE PA 54 -136.92 6.66 -58.28
N LYS PA 55 -137.51 5.47 -58.16
CA LYS PA 55 -137.27 4.62 -57.01
C LYS PA 55 -135.89 3.97 -57.10
N VAL PA 56 -135.18 3.92 -55.97
CA VAL PA 56 -133.87 3.29 -55.86
C VAL PA 56 -133.95 2.25 -54.75
N THR PA 57 -133.66 0.99 -55.09
CA THR PA 57 -133.58 -0.08 -54.12
C THR PA 57 -132.15 -0.56 -54.00
N VAL PA 58 -131.70 -0.80 -52.78
CA VAL PA 58 -130.38 -1.35 -52.51
C VAL PA 58 -130.54 -2.67 -51.79
N GLU PA 59 -129.62 -3.59 -52.07
CA GLU PA 59 -129.62 -4.89 -51.41
C GLU PA 59 -128.19 -5.26 -51.04
N HIS PA 60 -128.03 -5.87 -49.87
CA HIS PA 60 -126.71 -6.15 -49.30
C HIS PA 60 -126.62 -7.60 -48.84
N PRO PA 61 -126.51 -8.54 -49.78
CA PRO PA 61 -126.26 -9.94 -49.41
C PRO PA 61 -124.77 -10.26 -49.41
N ASP PA 62 -124.47 -11.46 -48.92
CA ASP PA 62 -123.09 -11.93 -48.94
C ASP PA 62 -122.67 -12.32 -50.36
N LYS PA 63 -121.36 -12.51 -50.52
CA LYS PA 63 -120.74 -13.04 -51.74
C LYS PA 63 -121.10 -12.23 -52.99
N LEU PA 64 -121.20 -10.91 -52.86
CA LEU PA 64 -121.62 -10.09 -54.00
C LEU PA 64 -120.60 -10.09 -55.14
N GLU PA 65 -119.33 -10.34 -54.84
CA GLU PA 65 -118.34 -10.41 -55.91
C GLU PA 65 -118.42 -11.76 -56.62
N GLU PA 66 -118.89 -12.78 -55.90
CA GLU PA 66 -119.25 -14.04 -56.56
C GLU PA 66 -120.56 -13.86 -57.33
N LYS PA 67 -121.45 -13.00 -56.84
CA LYS PA 67 -122.82 -12.96 -57.34
C LYS PA 67 -122.99 -12.05 -58.56
N PHE PA 68 -122.20 -10.97 -58.66
CA PHE PA 68 -122.38 -10.06 -59.80
C PHE PA 68 -122.00 -10.68 -61.14
N PRO PA 69 -120.80 -11.26 -61.34
CA PRO PA 69 -120.44 -11.68 -62.70
C PRO PA 69 -121.24 -12.87 -63.20
N GLN PA 70 -121.65 -13.78 -62.31
CA GLN PA 70 -122.43 -14.95 -62.73
C GLN PA 70 -123.83 -14.59 -63.21
N VAL PA 71 -124.34 -13.41 -62.86
CA VAL PA 71 -125.67 -13.01 -63.29
C VAL PA 71 -125.51 -11.98 -64.40
N ALA PA 72 -124.42 -11.21 -64.36
CA ALA PA 72 -124.13 -10.23 -65.40
C ALA PA 72 -123.72 -10.89 -66.70
N ALA PA 73 -123.18 -12.11 -66.66
CA ALA PA 73 -122.95 -12.87 -67.87
C ALA PA 73 -124.25 -13.36 -68.50
N THR PA 74 -125.34 -13.37 -67.74
CA THR PA 74 -126.66 -13.62 -68.29
C THR PA 74 -127.38 -12.35 -68.73
N GLY PA 75 -126.91 -11.18 -68.28
CA GLY PA 75 -127.55 -9.93 -68.61
C GLY PA 75 -128.53 -9.42 -67.58
N ASP PA 76 -128.36 -9.79 -66.32
CA ASP PA 76 -129.26 -9.32 -65.26
C ASP PA 76 -128.49 -8.99 -64.00
N GLY PA 77 -129.20 -8.86 -62.89
CA GLY PA 77 -128.58 -8.58 -61.61
C GLY PA 77 -128.84 -7.16 -61.17
N PRO PA 78 -127.77 -6.46 -60.79
CA PRO PA 78 -127.91 -5.07 -60.35
C PRO PA 78 -127.71 -4.13 -61.52
N ASP PA 79 -127.81 -2.83 -61.24
CA ASP PA 79 -127.32 -1.85 -62.20
C ASP PA 79 -125.95 -1.31 -61.78
N ILE PA 80 -125.79 -1.01 -60.49
CA ILE PA 80 -124.57 -0.43 -59.95
C ILE PA 80 -124.01 -1.37 -58.89
N ILE PA 81 -122.68 -1.46 -58.83
CA ILE PA 81 -121.99 -2.29 -57.84
C ILE PA 81 -120.82 -1.53 -57.24
N PHE PA 82 -120.74 -1.50 -55.92
CA PHE PA 82 -119.69 -0.81 -55.19
C PHE PA 82 -118.65 -1.85 -54.73
N TRP PA 83 -117.46 -1.82 -55.33
CA TRP PA 83 -116.44 -2.80 -55.01
C TRP PA 83 -115.07 -2.26 -55.40
N ALA PA 84 -114.04 -3.04 -55.12
CA ALA PA 84 -112.68 -2.69 -55.49
C ALA PA 84 -112.52 -2.68 -57.00
N HIS PA 85 -111.60 -1.83 -57.47
CA HIS PA 85 -111.41 -1.61 -58.90
C HIS PA 85 -110.67 -2.74 -59.59
N ASP PA 86 -109.90 -3.55 -58.84
CA ASP PA 86 -109.01 -4.51 -59.48
C ASP PA 86 -109.79 -5.64 -60.17
N ARG PA 87 -110.91 -6.06 -59.60
CA ARG PA 87 -111.76 -7.01 -60.29
C ARG PA 87 -112.68 -6.33 -61.30
N PHE PA 88 -112.74 -4.99 -61.28
CA PHE PA 88 -113.55 -4.28 -62.27
C PHE PA 88 -112.89 -4.32 -63.64
N GLY PA 89 -111.58 -4.06 -63.70
CA GLY PA 89 -110.88 -4.09 -64.97
C GLY PA 89 -110.96 -5.43 -65.66
N GLY PA 90 -110.84 -6.51 -64.90
CA GLY PA 90 -111.11 -7.83 -65.44
C GLY PA 90 -112.53 -7.96 -65.95
N TYR PA 91 -113.50 -7.46 -65.17
CA TYR PA 91 -114.86 -7.41 -65.65
C TYR PA 91 -115.06 -6.33 -66.71
N ALA PA 92 -114.09 -5.42 -66.87
CA ALA PA 92 -114.08 -4.56 -68.04
C ALA PA 92 -113.73 -5.36 -69.30
N GLN PA 93 -112.98 -6.45 -69.12
CA GLN PA 93 -112.76 -7.37 -70.24
C GLN PA 93 -113.97 -8.25 -70.47
N SER PA 94 -114.62 -8.70 -69.39
CA SER PA 94 -115.66 -9.71 -69.45
C SER PA 94 -117.00 -9.19 -69.94
N GLY PA 95 -117.09 -7.92 -70.35
CA GLY PA 95 -118.33 -7.38 -70.84
C GLY PA 95 -119.41 -7.25 -69.79
N LEU PA 96 -119.02 -7.02 -68.53
CA LEU PA 96 -119.96 -6.92 -67.43
C LEU PA 96 -120.02 -5.54 -66.79
N LEU PA 97 -119.03 -4.69 -67.03
CA LEU PA 97 -119.08 -3.30 -66.60
C LEU PA 97 -119.27 -2.38 -67.80
N ALA PA 98 -120.12 -1.38 -67.63
CA ALA PA 98 -120.45 -0.46 -68.71
C ALA PA 98 -119.41 0.64 -68.81
N GLU PA 99 -119.05 0.99 -70.05
CA GLU PA 99 -118.16 2.10 -70.31
C GLU PA 99 -118.88 3.40 -70.00
N ILE PA 100 -118.47 4.08 -68.92
CA ILE PA 100 -119.14 5.30 -68.51
C ILE PA 100 -118.71 6.45 -69.40
N THR PA 101 -119.55 7.49 -69.43
CA THR PA 101 -119.25 8.72 -70.18
C THR PA 101 -119.40 9.89 -69.23
N PRO PA 102 -118.38 10.21 -68.44
CA PRO PA 102 -118.42 11.41 -67.61
C PRO PA 102 -117.83 12.62 -68.33
N ASP PA 103 -118.21 13.80 -67.82
CA ASP PA 103 -117.72 15.04 -68.39
CA ASP PA 103 -117.72 15.04 -68.38
C ASP PA 103 -116.35 15.38 -67.82
N LYS PA 104 -115.70 16.38 -68.44
CA LYS PA 104 -114.36 16.78 -68.02
C LYS PA 104 -114.39 17.66 -66.78
N ALA PA 105 -115.45 18.47 -66.61
CA ALA PA 105 -115.58 19.24 -65.39
C ALA PA 105 -115.82 18.35 -64.19
N PHE PA 106 -116.59 17.27 -64.37
CA PHE PA 106 -116.75 16.30 -63.30
C PHE PA 106 -115.50 15.48 -63.08
N GLN PA 107 -114.68 15.31 -64.13
CA GLN PA 107 -113.37 14.69 -63.94
C GLN PA 107 -112.44 15.61 -63.18
N ASP PA 108 -112.63 16.93 -63.28
CA ASP PA 108 -111.92 17.86 -62.42
C ASP PA 108 -112.49 17.87 -61.00
N LYS PA 109 -113.78 17.56 -60.86
CA LYS PA 109 -114.41 17.49 -59.55
C LYS PA 109 -113.83 16.39 -58.69
N LEU PA 110 -113.30 15.33 -59.29
CA LEU PA 110 -112.66 14.23 -58.58
C LEU PA 110 -111.15 14.27 -58.82
N TYR PA 111 -110.43 13.50 -58.02
CA TYR PA 111 -108.98 13.40 -58.22
C TYR PA 111 -108.68 12.41 -59.36
N PRO PA 112 -107.77 12.79 -60.27
CA PRO PA 112 -107.50 11.90 -61.42
C PRO PA 112 -106.78 10.62 -61.06
N PHE PA 113 -105.98 10.61 -59.99
CA PHE PA 113 -105.33 9.37 -59.56
C PHE PA 113 -106.34 8.35 -59.07
N THR PA 114 -107.54 8.79 -58.68
CA THR PA 114 -108.64 7.87 -58.48
C THR PA 114 -109.18 7.35 -59.81
N TRP PA 115 -109.19 8.19 -60.84
CA TRP PA 115 -109.65 7.76 -62.15
C TRP PA 115 -108.69 6.78 -62.81
N ASP PA 116 -107.42 6.77 -62.42
CA ASP PA 116 -106.50 5.75 -62.92
C ASP PA 116 -106.78 4.37 -62.34
N ALA PA 117 -107.68 4.24 -61.37
CA ALA PA 117 -108.03 2.94 -60.82
C ALA PA 117 -108.98 2.17 -61.70
N VAL PA 118 -109.80 2.86 -62.50
CA VAL PA 118 -110.88 2.25 -63.25
C VAL PA 118 -110.61 2.33 -64.74
N ARG PA 119 -109.33 2.29 -65.11
CA ARG PA 119 -108.92 2.28 -66.50
C ARG PA 119 -108.71 0.84 -66.97
N TYR PA 120 -109.13 0.56 -68.20
CA TYR PA 120 -108.88 -0.73 -68.82
C TYR PA 120 -109.04 -0.58 -70.32
N ASN PA 121 -107.98 -0.90 -71.07
CA ASN PA 121 -107.95 -0.77 -72.53
C ASN PA 121 -108.30 0.64 -72.99
N GLY PA 122 -107.88 1.63 -72.20
CA GLY PA 122 -108.15 3.02 -72.49
C GLY PA 122 -109.55 3.50 -72.18
N LYS PA 123 -110.51 2.59 -71.94
CA LYS PA 123 -111.88 2.97 -71.67
C LYS PA 123 -112.07 3.15 -70.17
N LEU PA 124 -113.08 3.94 -69.81
CA LEU PA 124 -113.36 4.28 -68.42
C LEU PA 124 -114.64 3.57 -68.01
N ILE PA 125 -114.59 2.85 -66.89
CA ILE PA 125 -115.60 1.84 -66.59
C ILE PA 125 -116.44 2.16 -65.37
N ALA PA 126 -115.96 2.98 -64.44
CA ALA PA 126 -116.65 3.12 -63.16
C ALA PA 126 -116.26 4.44 -62.52
N TYR PA 127 -117.14 4.93 -61.64
CA TYR PA 127 -116.87 6.17 -60.92
C TYR PA 127 -116.24 5.85 -59.58
N PRO PA 128 -115.05 6.35 -59.28
CA PRO PA 128 -114.44 6.08 -57.98
C PRO PA 128 -115.13 6.86 -56.87
N ILE PA 129 -115.35 6.20 -55.73
CA ILE PA 129 -115.94 6.87 -54.59
C ILE PA 129 -114.91 6.91 -53.46
N ALA PA 130 -114.49 5.74 -52.99
CA ALA PA 130 -113.63 5.65 -51.82
C ALA PA 130 -112.23 5.22 -52.24
N VAL PA 131 -111.23 5.68 -51.48
CA VAL PA 131 -109.83 5.39 -51.77
C VAL PA 131 -109.16 4.94 -50.48
N GLU PA 132 -108.38 3.87 -50.56
CA GLU PA 132 -107.84 3.18 -49.40
C GLU PA 132 -106.32 3.09 -49.52
N ALA PA 133 -105.64 3.31 -48.40
CA ALA PA 133 -104.18 3.29 -48.36
C ALA PA 133 -103.73 3.07 -46.92
N LEU PA 134 -102.64 2.33 -46.78
CA LEU PA 134 -102.12 2.01 -45.46
C LEU PA 134 -101.28 3.16 -44.92
N SER PA 135 -101.45 3.47 -43.65
CA SER PA 135 -100.79 4.60 -43.01
C SER PA 135 -100.17 4.16 -41.70
N LEU PA 136 -99.32 5.01 -41.13
CA LEU PA 136 -98.63 4.71 -39.89
C LEU PA 136 -99.52 5.13 -38.73
N ILE PA 137 -99.69 4.22 -37.77
CA ILE PA 137 -100.45 4.48 -36.56
C ILE PA 137 -99.45 4.43 -35.41
N TYR PA 138 -99.41 5.49 -34.60
CA TYR PA 138 -98.41 5.61 -33.56
C TYR PA 138 -99.05 5.99 -32.23
N ASN PA 139 -98.48 5.43 -31.15
CA ASN PA 139 -98.79 5.90 -29.80
C ASN PA 139 -98.15 7.26 -29.59
N LYS PA 140 -98.97 8.26 -29.24
CA LYS PA 140 -98.43 9.60 -29.00
C LYS PA 140 -97.63 9.65 -27.71
N ASP PA 141 -97.92 8.77 -26.76
CA ASP PA 141 -97.23 8.79 -25.48
C ASP PA 141 -95.84 8.19 -25.60
N LEU PA 142 -95.74 7.01 -26.21
CA LEU PA 142 -94.45 6.35 -26.35
C LEU PA 142 -93.53 7.13 -27.30
N LEU PA 143 -94.10 7.85 -28.26
CA LEU PA 143 -93.26 8.66 -29.13
C LEU PA 143 -93.98 9.96 -29.49
N PRO PA 144 -93.57 11.08 -28.90
CA PRO PA 144 -94.23 12.35 -29.21
C PRO PA 144 -93.88 12.91 -30.58
N ASN PA 145 -92.79 12.47 -31.19
CA ASN PA 145 -92.32 13.02 -32.45
C ASN PA 145 -91.99 11.89 -33.41
N PRO PA 146 -92.85 11.61 -34.39
CA PRO PA 146 -92.61 10.49 -35.29
C PRO PA 146 -91.41 10.76 -36.19
N PRO PA 147 -90.72 9.72 -36.64
CA PRO PA 147 -89.63 9.89 -37.59
C PRO PA 147 -90.11 9.84 -39.04
N LYS PA 148 -89.31 10.45 -39.90
CA LYS PA 148 -89.64 10.55 -41.32
C LYS PA 148 -88.75 9.69 -42.21
N THR PA 149 -87.82 8.94 -41.62
CA THR PA 149 -86.96 8.04 -42.37
C THR PA 149 -87.06 6.63 -41.81
N TRP PA 150 -87.05 5.63 -42.71
CA TRP PA 150 -86.95 4.25 -42.26
C TRP PA 150 -85.60 3.95 -41.65
N GLU PA 151 -84.55 4.65 -42.12
CA GLU PA 151 -83.22 4.48 -41.56
C GLU PA 151 -83.14 4.89 -40.11
N GLU PA 152 -84.12 5.63 -39.62
CA GLU PA 152 -84.18 5.98 -38.21
C GLU PA 152 -84.77 4.87 -37.35
N ILE PA 153 -85.57 3.98 -37.94
CA ILE PA 153 -86.29 2.94 -37.20
C ILE PA 153 -85.38 1.97 -36.45
N PRO PA 154 -84.27 1.47 -37.01
CA PRO PA 154 -83.41 0.58 -36.18
C PRO PA 154 -82.88 1.26 -34.92
N ALA PA 155 -82.31 2.46 -35.05
CA ALA PA 155 -81.70 3.14 -33.92
C ALA PA 155 -82.70 3.36 -32.80
N LEU PA 156 -83.89 3.90 -33.12
CA LEU PA 156 -84.90 4.14 -32.10
C LEU PA 156 -85.40 2.83 -31.48
N ASP PA 157 -85.31 1.73 -32.23
CA ASP PA 157 -85.66 0.43 -31.66
C ASP PA 157 -84.76 0.11 -30.48
N LYS PA 158 -83.48 0.49 -30.58
CA LYS PA 158 -82.54 0.33 -29.47
C LYS PA 158 -83.01 1.06 -28.23
N GLU PA 159 -83.79 2.13 -28.39
CA GLU PA 159 -84.37 2.78 -27.23
C GLU PA 159 -85.47 1.95 -26.60
N LEU PA 160 -86.35 1.35 -27.41
CA LEU PA 160 -87.56 0.77 -26.86
C LEU PA 160 -87.29 -0.53 -26.12
N LYS PA 161 -86.27 -1.30 -26.54
CA LYS PA 161 -85.86 -2.46 -25.76
C LYS PA 161 -85.31 -2.05 -24.40
N ALA PA 162 -84.89 -0.79 -24.24
CA ALA PA 162 -84.50 -0.25 -22.95
C ALA PA 162 -85.69 0.09 -22.07
N LYS PA 163 -86.90 0.12 -22.63
CA LYS PA 163 -88.12 0.30 -21.86
C LYS PA 163 -88.99 -0.95 -21.85
N GLY PA 164 -88.51 -2.04 -22.43
CA GLY PA 164 -89.34 -3.23 -22.56
C GLY PA 164 -90.38 -3.13 -23.65
N LYS PA 165 -90.13 -2.30 -24.66
CA LYS PA 165 -91.07 -2.08 -25.75
C LYS PA 165 -90.44 -2.49 -27.07
N SER PA 166 -91.27 -2.56 -28.11
CA SER PA 166 -90.82 -2.85 -29.46
C SER PA 166 -91.17 -1.69 -30.38
N ALA PA 167 -90.33 -1.47 -31.38
CA ALA PA 167 -90.53 -0.32 -32.26
C ALA PA 167 -91.66 -0.58 -33.25
N LEU PA 168 -91.51 -1.59 -34.10
CA LEU PA 168 -92.47 -1.85 -35.16
C LEU PA 168 -92.84 -3.33 -35.15
N MET PA 169 -94.12 -3.61 -35.25
CA MET PA 169 -94.63 -4.98 -35.32
C MET PA 169 -95.85 -4.97 -36.21
N PHE PA 170 -95.80 -5.73 -37.31
CA PHE PA 170 -96.91 -5.79 -38.25
C PHE PA 170 -96.94 -7.17 -38.90
N ASN PA 171 -97.82 -7.34 -39.87
CA ASN PA 171 -98.00 -8.61 -40.55
C ASN PA 171 -96.93 -8.78 -41.62
N LEU PA 172 -95.97 -9.67 -41.37
CA LEU PA 172 -94.93 -9.99 -42.34
C LEU PA 172 -95.35 -11.13 -43.27
N GLN PA 173 -96.51 -11.74 -43.06
CA GLN PA 173 -96.93 -12.88 -43.85
C GLN PA 173 -97.60 -12.48 -45.16
N GLU PA 174 -97.69 -11.19 -45.46
CA GLU PA 174 -98.32 -10.72 -46.68
C GLU PA 174 -97.41 -9.77 -47.42
N PRO PA 175 -97.37 -9.83 -48.75
CA PRO PA 175 -96.71 -8.77 -49.52
C PRO PA 175 -97.45 -7.46 -49.48
N TYR PA 176 -98.75 -7.48 -49.13
CA TYR PA 176 -99.57 -6.27 -49.08
C TYR PA 176 -99.06 -5.30 -48.04
N PHE PA 177 -98.43 -5.79 -46.96
CA PHE PA 177 -97.87 -4.92 -45.96
C PHE PA 177 -96.46 -4.47 -46.35
N THR PA 178 -95.67 -5.36 -46.94
CA THR PA 178 -94.25 -5.10 -47.17
C THR PA 178 -93.97 -4.30 -48.44
N TRP PA 179 -94.92 -4.25 -49.37
CA TRP PA 179 -94.70 -3.59 -50.65
C TRP PA 179 -94.42 -2.08 -50.59
N PRO PA 180 -94.95 -1.32 -49.61
CA PRO PA 180 -94.50 0.08 -49.50
C PRO PA 180 -92.99 0.26 -49.37
N LEU PA 181 -92.32 -0.55 -48.55
CA LEU PA 181 -90.90 -0.35 -48.33
C LEU PA 181 -90.07 -0.86 -49.49
N ILE PA 182 -90.32 -2.09 -49.95
CA ILE PA 182 -89.44 -2.72 -50.93
C ILE PA 182 -89.57 -2.06 -52.29
N ALA PA 183 -90.76 -1.58 -52.65
CA ALA PA 183 -91.01 -1.00 -53.95
C ALA PA 183 -90.94 0.52 -53.94
N ALA PA 184 -90.41 1.12 -52.87
CA ALA PA 184 -90.39 2.58 -52.77
C ALA PA 184 -89.38 3.20 -53.71
N ASP PA 185 -88.22 2.58 -53.84
CA ASP PA 185 -87.08 3.17 -54.55
C ASP PA 185 -86.76 2.44 -55.86
N GLY PA 186 -87.76 1.88 -56.53
CA GLY PA 186 -87.50 1.26 -57.82
C GLY PA 186 -88.31 0.02 -58.13
N GLY PA 187 -89.01 -0.52 -57.14
CA GLY PA 187 -89.89 -1.65 -57.39
C GLY PA 187 -91.28 -1.23 -57.82
N TYR PA 188 -91.90 -2.08 -58.64
CA TYR PA 188 -93.25 -1.85 -59.12
C TYR PA 188 -93.80 -3.17 -59.67
N ALA PA 189 -95.05 -3.48 -59.33
CA ALA PA 189 -95.62 -4.80 -59.62
C ALA PA 189 -95.66 -5.06 -61.12
N PHE PA 190 -96.42 -4.27 -61.86
CA PHE PA 190 -96.47 -4.33 -63.32
C PHE PA 190 -96.31 -2.93 -63.88
N LYS PA 191 -95.65 -2.82 -65.02
CA LYS PA 191 -95.53 -1.52 -65.65
C LYS PA 191 -96.91 -1.06 -66.16
N TYR PA 192 -97.35 0.09 -65.67
CA TYR PA 192 -98.70 0.58 -65.89
C TYR PA 192 -98.65 1.98 -66.51
N GLU PA 193 -99.00 2.09 -67.78
CA GLU PA 193 -98.96 3.36 -68.50
C GLU PA 193 -100.17 3.45 -69.42
N ASN PA 194 -100.75 4.65 -69.53
CA ASN PA 194 -101.86 4.95 -70.45
C ASN PA 194 -103.06 4.04 -70.21
N GLY PA 195 -103.26 3.62 -68.97
CA GLY PA 195 -104.37 2.73 -68.67
C GLY PA 195 -104.16 1.27 -69.03
N LYS PA 196 -102.91 0.86 -69.26
CA LYS PA 196 -102.60 -0.51 -69.68
C LYS PA 196 -101.51 -1.08 -68.78
N TYR PA 197 -101.71 -2.30 -68.30
CA TYR PA 197 -100.72 -3.01 -67.51
C TYR PA 197 -99.92 -3.96 -68.40
N ASP PA 198 -98.62 -3.77 -68.44
CA ASP PA 198 -97.75 -4.61 -69.27
C ASP PA 198 -97.49 -5.93 -68.56
N ILE PA 199 -97.73 -7.03 -69.27
CA ILE PA 199 -97.62 -8.35 -68.65
C ILE PA 199 -96.17 -8.81 -68.60
N LYS PA 200 -95.39 -8.49 -69.64
CA LYS PA 200 -93.97 -8.84 -69.70
C LYS PA 200 -93.10 -7.98 -68.80
N ASP PA 201 -93.69 -7.05 -68.05
CA ASP PA 201 -92.90 -6.05 -67.33
C ASP PA 201 -93.25 -6.10 -65.85
N VAL PA 202 -93.09 -7.29 -65.27
CA VAL PA 202 -93.20 -7.54 -63.83
C VAL PA 202 -91.90 -7.07 -63.19
N GLY PA 203 -91.95 -5.94 -62.49
CA GLY PA 203 -90.73 -5.41 -61.89
C GLY PA 203 -90.45 -5.86 -60.47
N VAL PA 204 -89.63 -6.89 -60.33
CA VAL PA 204 -89.05 -7.24 -59.04
C VAL PA 204 -87.54 -7.42 -59.10
N ASP PA 205 -86.96 -7.51 -60.29
CA ASP PA 205 -85.51 -7.61 -60.46
C ASP PA 205 -84.90 -6.23 -60.66
N ASN PA 206 -85.16 -5.36 -59.69
CA ASN PA 206 -84.69 -3.98 -59.73
C ASN PA 206 -83.86 -3.68 -58.49
N ALA PA 207 -82.98 -2.69 -58.62
CA ALA PA 207 -82.10 -2.32 -57.52
C ALA PA 207 -82.88 -1.78 -56.32
N GLY PA 208 -84.02 -1.14 -56.58
CA GLY PA 208 -84.84 -0.66 -55.48
C GLY PA 208 -85.46 -1.79 -54.67
N ALA PA 209 -85.95 -2.83 -55.34
CA ALA PA 209 -86.46 -3.99 -54.63
C ALA PA 209 -85.36 -4.68 -53.85
N LYS PA 210 -84.15 -4.72 -54.42
CA LYS PA 210 -83.00 -5.26 -53.71
C LYS PA 210 -82.72 -4.46 -52.44
N ALA PA 211 -82.73 -3.12 -52.55
CA ALA PA 211 -82.45 -2.28 -51.39
C ALA PA 211 -83.50 -2.44 -50.31
N GLY PA 212 -84.78 -2.49 -50.71
CA GLY PA 212 -85.84 -2.68 -49.73
C GLY PA 212 -85.78 -4.02 -49.03
N LEU PA 213 -85.48 -5.08 -49.78
CA LEU PA 213 -85.44 -6.39 -49.14
C LEU PA 213 -84.19 -6.55 -48.28
N THR PA 214 -83.07 -5.94 -48.66
CA THR PA 214 -81.92 -5.90 -47.77
C THR PA 214 -82.22 -5.10 -46.50
N PHE PA 215 -82.97 -4.01 -46.60
CA PHE PA 215 -83.36 -3.31 -45.38
C PHE PA 215 -84.27 -4.18 -44.52
N LEU PA 216 -85.13 -4.98 -45.15
CA LEU PA 216 -85.95 -5.91 -44.38
C LEU PA 216 -85.09 -6.95 -43.67
N VAL PA 217 -84.08 -7.50 -44.35
CA VAL PA 217 -83.23 -8.49 -43.70
C VAL PA 217 -82.31 -7.86 -42.68
N ASP PA 218 -82.04 -6.56 -42.76
CA ASP PA 218 -81.32 -5.90 -41.67
C ASP PA 218 -82.24 -5.65 -40.48
N LEU PA 219 -83.53 -5.40 -40.72
CA LEU PA 219 -84.44 -5.26 -39.60
C LEU PA 219 -84.72 -6.60 -38.94
N ILE PA 220 -84.61 -7.69 -39.68
CA ILE PA 220 -84.92 -8.99 -39.09
C ILE PA 220 -83.67 -9.69 -38.55
N LYS PA 221 -82.49 -9.42 -39.12
CA LYS PA 221 -81.29 -10.13 -38.70
C LYS PA 221 -80.86 -9.70 -37.30
N ASN PA 222 -80.81 -8.39 -37.05
CA ASN PA 222 -80.48 -7.86 -35.73
C ASN PA 222 -81.64 -7.92 -34.75
N LYS PA 223 -82.73 -8.61 -35.12
CA LYS PA 223 -83.84 -8.92 -34.23
C LYS PA 223 -84.55 -7.65 -33.75
N HIS PA 224 -84.75 -6.70 -34.66
CA HIS PA 224 -85.63 -5.58 -34.36
C HIS PA 224 -87.09 -6.03 -34.32
N MET PA 225 -87.47 -6.91 -35.24
CA MET PA 225 -88.77 -7.53 -35.26
C MET PA 225 -88.61 -9.05 -35.30
N ASN PA 226 -89.73 -9.76 -35.34
CA ASN PA 226 -89.75 -11.20 -35.50
C ASN PA 226 -90.24 -11.56 -36.90
N ALA PA 227 -89.86 -12.76 -37.35
CA ALA PA 227 -90.24 -13.19 -38.69
C ALA PA 227 -91.56 -13.95 -38.71
N ASP PA 228 -91.91 -14.62 -37.62
CA ASP PA 228 -93.15 -15.38 -37.53
C ASP PA 228 -94.32 -14.52 -37.09
N THR PA 229 -94.13 -13.22 -36.94
CA THR PA 229 -95.23 -12.35 -36.53
C THR PA 229 -96.21 -12.17 -37.67
N ASP PA 230 -97.41 -11.74 -37.31
CA ASP PA 230 -98.47 -11.51 -38.29
C ASP PA 230 -99.36 -10.38 -37.76
N TYR PA 231 -100.57 -10.32 -38.29
CA TYR PA 231 -101.45 -9.18 -38.05
C TYR PA 231 -102.05 -9.22 -36.64
N SER PA 232 -102.42 -10.41 -36.15
CA SER PA 232 -103.14 -10.51 -34.89
CA SER PA 232 -103.14 -10.51 -34.89
C SER PA 232 -102.27 -10.10 -33.71
N ILE PA 233 -101.08 -10.69 -33.60
CA ILE PA 233 -100.18 -10.35 -32.50
C ILE PA 233 -99.81 -8.88 -32.55
N ALA PA 234 -99.58 -8.36 -33.76
CA ALA PA 234 -99.23 -6.96 -33.94
C ALA PA 234 -100.32 -6.03 -33.43
N GLU PA 235 -101.54 -6.20 -33.94
CA GLU PA 235 -102.63 -5.31 -33.54
C GLU PA 235 -102.99 -5.49 -32.07
N ALA PA 236 -102.92 -6.72 -31.55
CA ALA PA 236 -103.26 -6.93 -30.14
C ALA PA 236 -102.22 -6.30 -29.23
N ALA PA 237 -100.93 -6.38 -29.61
CA ALA PA 237 -99.90 -5.74 -28.81
C ALA PA 237 -99.96 -4.22 -28.90
N PHE PA 238 -100.35 -3.69 -30.07
CA PHE PA 238 -100.51 -2.24 -30.17
C PHE PA 238 -101.72 -1.75 -29.40
N ASN PA 239 -102.78 -2.56 -29.32
CA ASN PA 239 -103.92 -2.20 -28.48
C ASN PA 239 -103.54 -2.19 -27.01
N LYS PA 240 -102.62 -3.06 -26.60
CA LYS PA 240 -102.07 -2.98 -25.25
C LYS PA 240 -101.06 -1.85 -25.11
N GLY PA 241 -100.48 -1.40 -26.22
CA GLY PA 241 -99.48 -0.36 -26.16
C GLY PA 241 -98.07 -0.87 -25.94
N GLU PA 242 -97.76 -2.08 -26.39
CA GLU PA 242 -96.42 -2.63 -26.24
C GLU PA 242 -95.51 -2.23 -27.39
N THR PA 243 -95.96 -2.41 -28.62
CA THR PA 243 -95.28 -1.89 -29.79
C THR PA 243 -95.82 -0.49 -30.08
N ALA PA 244 -94.93 0.43 -30.44
CA ALA PA 244 -95.34 1.81 -30.62
C ALA PA 244 -95.78 2.15 -32.03
N MET PA 245 -95.16 1.56 -33.04
CA MET PA 245 -95.50 1.84 -34.43
C MET PA 245 -96.26 0.67 -35.04
N THR PA 246 -97.19 0.98 -35.93
CA THR PA 246 -97.77 -0.05 -36.79
C THR PA 246 -98.19 0.58 -38.10
N ILE PA 247 -98.45 -0.28 -39.08
CA ILE PA 247 -98.91 0.14 -40.40
C ILE PA 247 -100.23 -0.54 -40.68
N ASN PA 248 -101.25 0.24 -41.00
CA ASN PA 248 -102.59 -0.31 -41.13
C ASN PA 248 -103.46 0.61 -41.97
N GLY PA 249 -104.49 0.02 -42.58
CA GLY PA 249 -105.48 0.77 -43.30
C GLY PA 249 -106.57 1.27 -42.38
N PRO PA 250 -107.76 1.51 -42.93
CA PRO PA 250 -108.86 2.03 -42.11
C PRO PA 250 -109.50 1.00 -41.20
N TRP PA 251 -109.51 -0.28 -41.62
CA TRP PA 251 -110.38 -1.28 -41.01
C TRP PA 251 -110.08 -1.55 -39.55
N ALA PA 252 -108.89 -1.19 -39.07
CA ALA PA 252 -108.53 -1.43 -37.68
C ALA PA 252 -108.64 -0.18 -36.81
N TRP PA 253 -109.00 0.96 -37.41
CA TRP PA 253 -109.02 2.22 -36.67
C TRP PA 253 -109.90 2.14 -35.44
N SER PA 254 -111.15 1.71 -35.62
CA SER PA 254 -112.08 1.57 -34.51
C SER PA 254 -111.56 0.60 -33.45
N ASN PA 255 -110.84 -0.44 -33.88
CA ASN PA 255 -110.22 -1.36 -32.93
C ASN PA 255 -109.24 -0.63 -32.01
N ILE PA 256 -108.44 0.27 -32.58
CA ILE PA 256 -107.55 1.07 -31.75
C ILE PA 256 -108.37 2.04 -30.90
N ASP PA 257 -109.54 2.46 -31.39
CA ASP PA 257 -110.45 3.25 -30.57
C ASP PA 257 -111.09 2.43 -29.46
N THR PA 258 -110.95 1.10 -29.47
CA THR PA 258 -111.29 0.33 -28.28
C THR PA 258 -110.20 0.41 -27.23
N SER PA 259 -108.95 0.63 -27.65
CA SER PA 259 -107.83 0.67 -26.71
CA SER PA 259 -107.83 0.67 -26.72
C SER PA 259 -107.81 1.93 -25.87
N LYS PA 260 -108.43 3.01 -26.35
CA LYS PA 260 -108.40 4.34 -25.71
C LYS PA 260 -106.99 4.86 -25.54
N VAL PA 261 -106.04 4.33 -26.31
CA VAL PA 261 -104.68 4.83 -26.32
C VAL PA 261 -104.65 6.15 -27.08
N ASN PA 262 -103.99 7.15 -26.51
CA ASN PA 262 -103.87 8.43 -27.21
C ASN PA 262 -102.95 8.27 -28.40
N TYR PA 263 -103.53 8.00 -29.57
CA TYR PA 263 -102.77 7.67 -30.76
C TYR PA 263 -103.00 8.68 -31.86
N GLY PA 264 -102.04 8.71 -32.79
CA GLY PA 264 -102.16 9.51 -33.98
C GLY PA 264 -101.88 8.68 -35.22
N VAL PA 265 -102.21 9.27 -36.37
CA VAL PA 265 -102.02 8.64 -37.68
C VAL PA 265 -101.27 9.61 -38.57
N THR PA 266 -100.23 9.12 -39.24
CA THR PA 266 -99.45 9.95 -40.14
C THR PA 266 -99.01 9.14 -41.35
N VAL PA 267 -98.28 9.81 -42.24
CA VAL PA 267 -97.72 9.17 -43.41
C VAL PA 267 -96.56 8.26 -43.01
N LEU PA 268 -96.34 7.22 -43.80
CA LEU PA 268 -95.18 6.37 -43.60
C LEU PA 268 -93.90 7.16 -43.88
N PRO PA 269 -92.81 6.83 -43.20
CA PRO PA 269 -91.53 7.49 -43.48
C PRO PA 269 -91.05 7.22 -44.90
N THR PA 270 -90.27 8.16 -45.43
CA THR PA 270 -89.61 7.95 -46.71
C THR PA 270 -88.33 7.14 -46.51
N PHE PA 271 -87.84 6.57 -47.60
CA PHE PA 271 -86.69 5.67 -47.53
C PHE PA 271 -85.73 6.03 -48.65
N LYS PA 272 -84.51 6.45 -48.26
CA LYS PA 272 -83.47 6.91 -49.19
C LYS PA 272 -83.95 8.06 -50.06
N GLY PA 273 -84.90 8.84 -49.55
CA GLY PA 273 -85.54 9.90 -50.30
C GLY PA 273 -86.77 9.49 -51.06
N GLN PA 274 -86.84 8.24 -51.51
CA GLN PA 274 -88.02 7.75 -52.21
C GLN PA 274 -89.09 7.36 -51.20
N PRO PA 275 -90.26 7.98 -51.21
CA PRO PA 275 -91.29 7.65 -50.23
C PRO PA 275 -91.92 6.29 -50.49
N SER PA 276 -92.56 5.76 -49.45
CA SER PA 276 -93.20 4.47 -49.51
C SER PA 276 -94.33 4.47 -50.53
N LYS PA 277 -94.74 3.26 -50.95
CA LYS PA 277 -95.68 3.08 -52.04
C LYS PA 277 -96.71 2.02 -51.66
N PRO PA 278 -97.73 2.38 -50.90
CA PRO PA 278 -98.76 1.42 -50.53
C PRO PA 278 -99.72 1.14 -51.67
N PHE PA 279 -100.38 -0.02 -51.58
CA PHE PA 279 -101.42 -0.35 -52.54
C PHE PA 279 -102.64 0.52 -52.34
N VAL PA 280 -103.02 1.23 -53.39
CA VAL PA 280 -104.19 2.11 -53.37
C VAL PA 280 -105.39 1.25 -53.78
N GLY PA 281 -106.29 0.99 -52.83
CA GLY PA 281 -107.48 0.22 -53.13
C GLY PA 281 -108.69 1.13 -53.27
N VAL PA 282 -109.25 1.21 -54.47
CA VAL PA 282 -110.28 2.20 -54.76
C VAL PA 282 -111.61 1.50 -54.89
N LEU PA 283 -112.52 1.79 -53.97
CA LEU PA 283 -113.91 1.38 -54.07
C LEU PA 283 -114.60 2.27 -55.09
N SER PA 284 -115.03 1.68 -56.20
CA SER PA 284 -115.73 2.38 -57.26
C SER PA 284 -117.07 1.69 -57.52
N ALA PA 285 -117.93 2.39 -58.25
CA ALA PA 285 -119.28 1.92 -58.57
C ALA PA 285 -119.33 1.64 -60.07
N GLY PA 286 -119.27 0.35 -60.41
CA GLY PA 286 -119.37 -0.07 -61.79
C GLY PA 286 -120.82 -0.20 -62.23
N ILE PA 287 -121.10 0.30 -63.43
CA ILE PA 287 -122.40 0.15 -64.06
C ILE PA 287 -122.37 -1.13 -64.88
N ASN PA 288 -123.43 -1.94 -64.80
CA ASN PA 288 -123.46 -3.19 -65.53
C ASN PA 288 -123.49 -2.91 -67.03
N ALA PA 289 -122.75 -3.72 -67.79
CA ALA PA 289 -122.62 -3.51 -69.23
C ALA PA 289 -123.86 -3.95 -70.00
N ALA PA 290 -124.75 -4.72 -69.39
CA ALA PA 290 -126.02 -5.09 -70.01
C ALA PA 290 -127.13 -4.11 -69.67
N SER PA 291 -126.80 -3.01 -69.00
CA SER PA 291 -127.82 -2.08 -68.53
C SER PA 291 -128.34 -1.23 -69.68
N PRO PA 292 -129.66 -1.14 -69.86
CA PRO PA 292 -130.25 -0.02 -70.62
C PRO PA 292 -130.56 1.21 -69.78
N ASN PA 293 -129.95 1.34 -68.61
CA ASN PA 293 -130.26 2.39 -67.65
C ASN PA 293 -129.05 3.30 -67.44
N LYS PA 294 -128.40 3.68 -68.54
CA LYS PA 294 -127.11 4.36 -68.44
C LYS PA 294 -127.23 5.75 -67.83
N GLU PA 295 -128.10 6.60 -68.41
CA GLU PA 295 -128.15 7.99 -67.99
C GLU PA 295 -128.73 8.16 -66.59
N LEU PA 296 -129.66 7.31 -66.19
CA LEU PA 296 -130.24 7.38 -64.86
C LEU PA 296 -129.17 7.13 -63.79
N ALA PA 297 -128.41 6.05 -63.94
CA ALA PA 297 -127.37 5.74 -62.97
C ALA PA 297 -126.22 6.74 -63.03
N LYS PA 298 -125.93 7.27 -64.22
CA LYS PA 298 -124.91 8.30 -64.33
C LYS PA 298 -125.33 9.56 -63.59
N GLU PA 299 -126.60 9.94 -63.70
CA GLU PA 299 -127.11 11.09 -62.95
CA GLU PA 299 -127.11 11.09 -62.95
C GLU PA 299 -127.06 10.83 -61.45
N PHE PA 300 -127.45 9.63 -61.01
CA PHE PA 300 -127.42 9.30 -59.60
C PHE PA 300 -126.01 9.29 -59.05
N LEU PA 301 -125.03 8.89 -59.86
CA LEU PA 301 -123.65 8.83 -59.39
C LEU PA 301 -122.99 10.21 -59.39
N GLU PA 302 -123.30 11.04 -60.38
CA GLU PA 302 -122.59 12.32 -60.51
C GLU PA 302 -123.24 13.43 -59.69
N ASN PA 303 -124.56 13.57 -59.77
CA ASN PA 303 -125.22 14.69 -59.13
C ASN PA 303 -125.67 14.40 -57.71
N TYR PA 304 -125.70 13.14 -57.28
CA TYR PA 304 -126.13 12.79 -55.94
C TYR PA 304 -125.06 12.05 -55.15
N LEU PA 305 -124.41 11.04 -55.74
CA LEU PA 305 -123.43 10.27 -54.99
C LEU PA 305 -122.12 11.04 -54.81
N LEU PA 306 -121.46 11.39 -55.92
CA LEU PA 306 -120.14 12.00 -55.86
C LEU PA 306 -120.22 13.51 -55.67
N THR PA 307 -121.00 13.91 -54.67
CA THR PA 307 -121.16 15.29 -54.23
C THR PA 307 -120.93 15.34 -52.72
N ASP PA 308 -121.11 16.51 -52.13
CA ASP PA 308 -120.87 16.65 -50.69
C ASP PA 308 -121.93 15.89 -49.89
N GLU PA 309 -123.21 16.07 -50.23
CA GLU PA 309 -124.26 15.52 -49.39
C GLU PA 309 -124.39 14.01 -49.53
N GLY PA 310 -124.05 13.44 -50.69
CA GLY PA 310 -124.13 12.00 -50.85
C GLY PA 310 -123.09 11.26 -50.06
N LEU PA 311 -121.83 11.69 -50.17
CA LEU PA 311 -120.78 11.11 -49.35
C LEU PA 311 -120.98 11.41 -47.88
N GLU PA 312 -121.58 12.56 -47.55
CA GLU PA 312 -121.91 12.85 -46.16
C GLU PA 312 -122.94 11.85 -45.63
N ALA PA 313 -124.00 11.63 -46.39
CA ALA PA 313 -125.06 10.71 -45.96
C ALA PA 313 -124.56 9.28 -45.84
N VAL PA 314 -123.67 8.84 -46.74
CA VAL PA 314 -123.16 7.49 -46.57
C VAL PA 314 -122.17 7.42 -45.41
N ASN PA 315 -121.41 8.50 -45.14
CA ASN PA 315 -120.44 8.48 -44.07
C ASN PA 315 -121.06 8.63 -42.68
N LYS PA 316 -122.32 9.09 -42.58
CA LYS PA 316 -122.95 9.12 -41.26
C LYS PA 316 -123.13 7.72 -40.68
N ASP PA 317 -123.35 6.71 -41.54
CA ASP PA 317 -123.44 5.34 -41.04
C ASP PA 317 -122.07 4.68 -40.97
N LYS PA 318 -121.38 4.59 -42.11
CA LYS PA 318 -120.04 4.01 -42.15
C LYS PA 318 -119.18 4.90 -43.05
N PRO PA 319 -118.00 5.31 -42.58
CA PRO PA 319 -117.17 6.23 -43.38
C PRO PA 319 -116.51 5.54 -44.56
N LEU PA 320 -115.90 6.35 -45.41
CA LEU PA 320 -115.14 5.86 -46.55
C LEU PA 320 -113.68 6.27 -46.51
N GLY PA 321 -113.23 6.93 -45.46
CA GLY PA 321 -111.82 7.29 -45.34
C GLY PA 321 -111.46 8.38 -46.31
N ALA PA 322 -110.50 8.10 -47.18
CA ALA PA 322 -110.17 9.00 -48.28
C ALA PA 322 -111.14 8.74 -49.43
N VAL PA 323 -111.79 9.80 -49.88
CA VAL PA 323 -112.77 9.68 -50.97
C VAL PA 323 -112.15 10.24 -52.24
N ALA PA 324 -112.87 10.14 -53.36
CA ALA PA 324 -112.36 10.61 -54.63
C ALA PA 324 -112.75 12.04 -54.96
N LEU PA 325 -113.86 12.55 -54.41
CA LEU PA 325 -114.29 13.90 -54.71
C LEU PA 325 -113.46 14.91 -53.93
N LYS PA 326 -113.03 15.96 -54.62
CA LYS PA 326 -112.03 16.88 -54.07
C LYS PA 326 -112.60 17.71 -52.92
N SER PA 327 -113.81 18.25 -53.10
CA SER PA 327 -114.41 19.08 -52.06
C SER PA 327 -114.70 18.28 -50.80
N TYR PA 328 -115.22 17.07 -50.96
CA TYR PA 328 -115.45 16.22 -49.79
C TYR PA 328 -114.15 15.75 -49.15
N GLU PA 329 -113.07 15.64 -49.93
CA GLU PA 329 -111.76 15.43 -49.31
C GLU PA 329 -111.33 16.64 -48.50
N GLU PA 330 -111.68 17.85 -48.93
CA GLU PA 330 -111.36 19.02 -48.10
C GLU PA 330 -112.22 19.05 -46.85
N GLU PA 331 -113.46 18.56 -46.93
CA GLU PA 331 -114.28 18.45 -45.72
C GLU PA 331 -113.72 17.42 -44.75
N LEU PA 332 -113.29 16.25 -45.25
CA LEU PA 332 -112.80 15.21 -44.36
C LEU PA 332 -111.33 15.35 -43.97
N ALA PA 333 -110.59 16.28 -44.60
CA ALA PA 333 -109.17 16.41 -44.28
C ALA PA 333 -108.90 17.01 -42.91
N LYS PA 334 -109.92 17.46 -42.17
CA LYS PA 334 -109.70 17.88 -40.80
C LYS PA 334 -109.39 16.70 -39.89
N ASP PA 335 -109.80 15.50 -40.27
CA ASP PA 335 -109.39 14.29 -39.56
C ASP PA 335 -108.01 13.91 -40.08
N PRO PA 336 -106.98 13.90 -39.22
CA PRO PA 336 -105.61 13.64 -39.72
C PRO PA 336 -105.43 12.23 -40.26
N ARG PA 337 -106.26 11.27 -39.83
CA ARG PA 337 -106.25 9.94 -40.44
C ARG PA 337 -106.57 10.01 -41.91
N ILE PA 338 -107.53 10.88 -42.27
CA ILE PA 338 -107.96 11.01 -43.66
C ILE PA 338 -106.85 11.67 -44.49
N ALA PA 339 -106.17 12.65 -43.92
CA ALA PA 339 -105.06 13.31 -44.61
C ALA PA 339 -103.91 12.33 -44.83
N ALA PA 340 -103.58 11.53 -43.81
CA ALA PA 340 -102.53 10.52 -43.97
C ALA PA 340 -102.92 9.48 -45.01
N THR PA 341 -104.20 9.07 -45.02
CA THR PA 341 -104.66 8.11 -46.01
C THR PA 341 -104.56 8.67 -47.42
N MET PA 342 -104.95 9.94 -47.62
CA MET PA 342 -104.91 10.47 -48.98
C MET PA 342 -103.49 10.73 -49.45
N GLU PA 343 -102.57 11.12 -48.54
CA GLU PA 343 -101.20 11.31 -49.01
C GLU PA 343 -100.51 9.98 -49.30
N ASN PA 344 -100.77 8.93 -48.50
CA ASN PA 344 -100.25 7.61 -48.86
C ASN PA 344 -100.90 7.07 -50.14
N ALA PA 345 -102.16 7.45 -50.39
CA ALA PA 345 -102.82 6.99 -51.61
C ALA PA 345 -102.27 7.71 -52.84
N GLN PA 346 -101.99 9.00 -52.72
CA GLN PA 346 -101.46 9.74 -53.86
C GLN PA 346 -99.99 9.43 -54.12
N LYS PA 347 -99.24 8.99 -53.12
CA LYS PA 347 -97.88 8.56 -53.34
C LYS PA 347 -97.74 7.05 -53.48
N GLY PA 348 -98.86 6.31 -53.46
CA GLY PA 348 -98.82 4.86 -53.52
C GLY PA 348 -98.98 4.32 -54.94
N GLU PA 349 -98.98 3.00 -55.02
CA GLU PA 349 -99.15 2.30 -56.29
C GLU PA 349 -100.58 1.81 -56.40
N ILE PA 350 -101.22 2.08 -57.54
CA ILE PA 350 -102.59 1.64 -57.76
C ILE PA 350 -102.59 0.13 -57.96
N MET PA 351 -103.62 -0.53 -57.43
CA MET PA 351 -103.70 -1.97 -57.51
CA MET PA 351 -103.72 -1.98 -57.52
C MET PA 351 -103.97 -2.40 -58.95
N PRO PA 352 -103.26 -3.42 -59.45
CA PRO PA 352 -103.47 -3.88 -60.83
C PRO PA 352 -104.80 -4.59 -61.00
N ASN PA 353 -105.40 -4.39 -62.17
CA ASN PA 353 -106.69 -4.97 -62.52
C ASN PA 353 -106.54 -6.24 -63.34
N ILE PA 354 -105.37 -6.88 -63.33
CA ILE PA 354 -105.06 -7.97 -64.23
C ILE PA 354 -104.97 -9.29 -63.45
N PRO PA 355 -105.23 -10.44 -64.07
CA PRO PA 355 -105.21 -11.70 -63.31
C PRO PA 355 -103.82 -12.23 -62.99
N GLN PA 356 -102.79 -11.80 -63.72
CA GLN PA 356 -101.42 -12.22 -63.41
C GLN PA 356 -101.01 -11.80 -62.01
N MET PA 357 -101.63 -10.74 -61.50
CA MET PA 357 -101.46 -10.31 -60.11
C MET PA 357 -101.63 -11.46 -59.13
N SER PA 358 -102.54 -12.40 -59.44
CA SER PA 358 -102.71 -13.57 -58.58
C SER PA 358 -101.42 -14.35 -58.43
N ALA PA 359 -100.74 -14.65 -59.55
CA ALA PA 359 -99.44 -15.30 -59.46
C ALA PA 359 -98.43 -14.44 -58.71
N PHE PA 360 -98.56 -13.11 -58.83
CA PHE PA 360 -97.79 -12.19 -57.99
C PHE PA 360 -97.96 -12.54 -56.52
N TRP PA 361 -99.21 -12.64 -56.06
CA TRP PA 361 -99.46 -12.99 -54.67
C TRP PA 361 -99.03 -14.41 -54.34
N TYR PA 362 -98.74 -15.23 -55.36
CA TYR PA 362 -98.14 -16.53 -55.12
C TYR PA 362 -96.63 -16.49 -55.24
N ALA PA 363 -96.08 -15.57 -56.04
CA ALA PA 363 -94.63 -15.56 -56.24
C ALA PA 363 -93.91 -14.79 -55.14
N VAL PA 364 -94.16 -13.48 -55.05
CA VAL PA 364 -93.36 -12.62 -54.20
C VAL PA 364 -93.55 -12.92 -52.72
N ARG PA 365 -94.71 -13.47 -52.35
CA ARG PA 365 -94.89 -13.94 -50.97
C ARG PA 365 -93.84 -14.98 -50.61
N THR PA 366 -93.65 -15.98 -51.48
CA THR PA 366 -92.60 -16.97 -51.25
C THR PA 366 -91.23 -16.31 -51.15
N ALA PA 367 -91.05 -15.19 -51.85
CA ALA PA 367 -89.80 -14.43 -51.75
C ALA PA 367 -89.51 -14.05 -50.30
N VAL PA 368 -90.48 -13.46 -49.60
CA VAL PA 368 -90.19 -13.11 -48.22
C VAL PA 368 -90.13 -14.35 -47.34
N ILE PA 369 -90.78 -15.44 -47.77
CA ILE PA 369 -90.64 -16.69 -47.04
C ILE PA 369 -89.23 -17.24 -47.20
N ASN PA 370 -88.54 -16.86 -48.28
CA ASN PA 370 -87.13 -17.18 -48.39
C ASN PA 370 -86.23 -16.09 -47.80
N ALA PA 371 -86.80 -14.93 -47.46
CA ALA PA 371 -86.01 -13.81 -46.99
C ALA PA 371 -85.96 -13.74 -45.46
N ALA PA 372 -87.11 -13.61 -44.81
CA ALA PA 372 -87.15 -13.53 -43.36
C ALA PA 372 -86.77 -14.85 -42.70
N SER PA 373 -86.96 -15.96 -43.40
CA SER PA 373 -86.50 -17.26 -42.91
C SER PA 373 -85.06 -17.53 -43.26
N GLY PA 374 -84.51 -16.85 -44.26
CA GLY PA 374 -83.12 -17.06 -44.63
C GLY PA 374 -82.82 -18.33 -45.36
N ARG PA 375 -83.83 -18.96 -45.96
CA ARG PA 375 -83.57 -20.14 -46.79
C ARG PA 375 -82.80 -19.76 -48.05
N GLN PA 376 -83.13 -18.61 -48.63
CA GLN PA 376 -82.40 -18.01 -49.73
C GLN PA 376 -81.90 -16.64 -49.29
N THR PA 377 -81.18 -15.98 -50.20
CA THR PA 377 -80.72 -14.63 -49.95
C THR PA 377 -81.75 -13.64 -50.51
N VAL PA 378 -81.36 -12.37 -50.62
CA VAL PA 378 -82.23 -11.36 -51.21
C VAL PA 378 -82.42 -11.61 -52.70
N ASP PA 379 -81.32 -11.67 -53.44
CA ASP PA 379 -81.38 -11.80 -54.89
C ASP PA 379 -82.00 -13.13 -55.32
N GLU PA 380 -81.68 -14.21 -54.59
CA GLU PA 380 -82.24 -15.52 -54.92
C GLU PA 380 -83.76 -15.52 -54.79
N ALA PA 381 -84.27 -14.99 -53.68
CA ALA PA 381 -85.72 -14.94 -53.47
C ALA PA 381 -86.40 -14.03 -54.49
N LEU PA 382 -85.80 -12.88 -54.79
CA LEU PA 382 -86.47 -11.96 -55.69
C LEU PA 382 -86.46 -12.44 -57.14
N LYS PA 383 -85.38 -13.09 -57.59
CA LYS PA 383 -85.41 -13.63 -58.95
C LYS PA 383 -86.17 -14.94 -59.04
N ASP PA 384 -86.39 -15.62 -57.90
CA ASP PA 384 -87.33 -16.73 -57.91
C ASP PA 384 -88.77 -16.23 -58.02
N ALA PA 385 -89.06 -15.10 -57.39
CA ALA PA 385 -90.36 -14.47 -57.57
C ALA PA 385 -90.49 -13.78 -58.93
N GLN PA 386 -89.37 -13.55 -59.61
CA GLN PA 386 -89.40 -12.88 -60.92
C GLN PA 386 -90.09 -13.75 -61.97
N THR PA 387 -89.65 -14.99 -62.11
CA THR PA 387 -90.23 -15.90 -63.09
C THR PA 387 -91.57 -16.43 -62.61
N SER QA 35 13.54 -93.74 -10.65
CA SER QA 35 13.59 -93.79 -9.19
C SER QA 35 14.71 -94.71 -8.71
N GLU QA 36 15.81 -94.72 -9.47
CA GLU QA 36 16.99 -95.47 -9.07
C GLU QA 36 17.60 -94.92 -7.79
N LEU QA 37 17.45 -93.61 -7.55
CA LEU QA 37 17.80 -92.99 -6.29
C LEU QA 37 16.59 -92.35 -5.62
N GLY QA 38 15.39 -92.65 -6.11
CA GLY QA 38 14.20 -92.02 -5.56
C GLY QA 38 13.84 -92.54 -4.19
N LYS QA 39 13.90 -93.87 -4.00
CA LYS QA 39 13.72 -94.43 -2.67
C LYS QA 39 14.90 -94.10 -1.77
N GLU QA 40 16.08 -93.90 -2.36
CA GLU QA 40 17.21 -93.37 -1.61
C GLU QA 40 16.94 -91.94 -1.16
N LEU QA 41 16.09 -91.21 -1.86
CA LEU QA 41 15.62 -89.93 -1.35
C LEU QA 41 14.51 -90.11 -0.33
N LEU QA 42 13.67 -91.13 -0.49
CA LEU QA 42 12.58 -91.36 0.45
C LEU QA 42 13.11 -91.72 1.83
N GLU QA 43 14.19 -92.50 1.89
CA GLU QA 43 14.73 -92.89 3.20
C GLU QA 43 15.35 -91.70 3.90
N ALA QA 44 16.05 -90.83 3.16
CA ALA QA 44 16.63 -89.64 3.79
C ALA QA 44 15.55 -88.63 4.16
N ALA QA 45 14.44 -88.60 3.41
CA ALA QA 45 13.34 -87.71 3.76
C ALA QA 45 12.62 -88.20 5.02
N ARG QA 46 12.50 -89.52 5.17
CA ARG QA 46 11.98 -90.06 6.42
C ARG QA 46 12.95 -89.84 7.58
N ALA QA 47 14.25 -89.85 7.31
CA ALA QA 47 15.24 -89.84 8.37
C ALA QA 47 15.92 -88.50 8.58
N GLY QA 48 15.95 -87.62 7.58
CA GLY QA 48 16.55 -86.31 7.77
C GLY QA 48 18.07 -86.28 7.77
N GLN QA 49 18.68 -86.54 6.63
CA GLN QA 49 20.13 -86.40 6.44
C GLN QA 49 20.39 -85.37 5.34
N ASP QA 50 20.89 -84.19 5.71
CA ASP QA 50 21.27 -83.20 4.72
C ASP QA 50 22.46 -83.65 3.90
N ASP QA 51 23.36 -84.42 4.51
CA ASP QA 51 24.52 -84.94 3.78
C ASP QA 51 24.10 -85.95 2.72
N GLU QA 52 23.15 -86.85 3.06
CA GLU QA 52 22.70 -87.85 2.10
C GLU QA 52 22.05 -87.20 0.89
N VAL QA 53 21.18 -86.22 1.12
CA VAL QA 53 20.52 -85.57 -0.01
C VAL QA 53 21.49 -84.66 -0.75
N ARG QA 54 22.51 -84.12 -0.07
CA ARG QA 54 23.54 -83.36 -0.76
C ARG QA 54 24.33 -84.24 -1.72
N ILE QA 55 24.65 -85.47 -1.29
CA ILE QA 55 25.36 -86.40 -2.17
C ILE QA 55 24.45 -86.89 -3.29
N LEU QA 56 23.16 -87.10 -2.99
CA LEU QA 56 22.24 -87.55 -4.02
C LEU QA 56 21.99 -86.48 -5.07
N MET QA 57 22.00 -85.20 -4.67
CA MET QA 57 21.98 -84.13 -5.66
C MET QA 57 23.32 -83.93 -6.33
N ALA QA 58 24.42 -84.36 -5.70
CA ALA QA 58 25.69 -84.41 -6.42
C ALA QA 58 25.67 -85.50 -7.49
N ARG QA 59 24.90 -86.56 -7.26
CA ARG QA 59 24.72 -87.62 -8.25
C ARG QA 59 23.50 -87.38 -9.14
N GLY QA 60 22.74 -86.32 -8.89
CA GLY QA 60 21.59 -86.00 -9.71
C GLY QA 60 20.40 -86.90 -9.48
N ALA QA 61 20.04 -87.11 -8.22
CA ALA QA 61 18.88 -87.93 -7.91
C ALA QA 61 17.59 -87.19 -8.29
N GLU QA 62 16.62 -87.95 -8.79
CA GLU QA 62 15.36 -87.35 -9.22
C GLU QA 62 14.53 -86.94 -8.01
N VAL QA 63 13.93 -85.74 -8.10
CA VAL QA 63 13.22 -85.16 -6.97
C VAL QA 63 11.72 -85.42 -6.97
N ASN QA 64 11.17 -85.92 -8.07
CA ASN QA 64 9.73 -86.14 -8.19
C ASN QA 64 9.38 -87.61 -8.05
N ALA QA 65 10.03 -88.30 -7.12
CA ALA QA 65 9.85 -89.74 -6.94
C ALA QA 65 8.54 -89.99 -6.20
N ALA QA 66 7.50 -90.38 -6.94
CA ALA QA 66 6.21 -90.68 -6.35
C ALA QA 66 6.08 -92.18 -6.10
N ASP QA 67 5.57 -92.53 -4.93
CA ASP QA 67 5.31 -93.93 -4.61
C ASP QA 67 3.93 -94.33 -5.12
N ASN QA 68 3.43 -95.49 -4.70
CA ASN QA 68 2.14 -95.97 -5.19
C ASN QA 68 0.98 -95.12 -4.69
N THR QA 69 1.15 -94.39 -3.59
CA THR QA 69 0.09 -93.55 -3.02
C THR QA 69 0.36 -92.06 -3.21
N GLY QA 70 1.38 -91.70 -3.98
CA GLY QA 70 1.62 -90.31 -4.32
C GLY QA 70 2.53 -89.56 -3.39
N THR QA 71 3.14 -90.22 -2.41
CA THR QA 71 3.94 -89.53 -1.41
C THR QA 71 5.30 -89.21 -1.99
N THR QA 72 5.63 -87.93 -2.06
CA THR QA 72 6.88 -87.45 -2.64
C THR QA 72 7.94 -87.30 -1.56
N PRO QA 73 9.20 -87.11 -1.94
CA PRO QA 73 10.21 -86.74 -0.93
C PRO QA 73 9.91 -85.42 -0.25
N LEU QA 74 9.24 -84.49 -0.95
CA LEU QA 74 8.84 -83.25 -0.31
C LEU QA 74 7.78 -83.48 0.76
N HIS QA 75 6.90 -84.45 0.55
CA HIS QA 75 5.89 -84.76 1.57
C HIS QA 75 6.52 -85.24 2.85
N LEU QA 76 7.48 -86.16 2.76
CA LEU QA 76 8.14 -86.65 3.96
C LEU QA 76 9.04 -85.59 4.56
N ALA QA 77 9.64 -84.75 3.73
CA ALA QA 77 10.45 -83.65 4.24
C ALA QA 77 9.59 -82.67 5.04
N ALA QA 78 8.35 -82.46 4.61
CA ALA QA 78 7.44 -81.59 5.35
C ALA QA 78 6.95 -82.25 6.61
N TYR QA 79 6.54 -83.52 6.52
CA TYR QA 79 6.06 -84.27 7.68
C TYR QA 79 7.12 -84.38 8.76
N SER QA 80 8.40 -84.45 8.36
CA SER QA 80 9.46 -84.62 9.34
C SER QA 80 9.78 -83.32 10.06
N GLY QA 81 9.85 -82.21 9.33
CA GLY QA 81 10.14 -80.94 9.95
C GLY QA 81 11.57 -80.49 9.91
N HIS QA 82 12.34 -80.93 8.91
CA HIS QA 82 13.69 -80.44 8.68
C HIS QA 82 13.67 -79.51 7.49
N LEU QA 83 13.98 -78.24 7.71
CA LEU QA 83 13.81 -77.24 6.66
C LEU QA 83 14.85 -77.35 5.55
N GLU QA 84 16.02 -77.93 5.84
CA GLU QA 84 17.11 -77.93 4.86
C GLU QA 84 16.80 -78.83 3.68
N ILE QA 85 16.28 -80.02 3.94
CA ILE QA 85 15.93 -80.94 2.86
C ILE QA 85 14.81 -80.36 2.00
N VAL QA 86 13.86 -79.66 2.64
CA VAL QA 86 12.81 -78.97 1.89
C VAL QA 86 13.41 -77.90 1.00
N GLU QA 87 14.35 -77.13 1.56
CA GLU QA 87 14.97 -76.05 0.80
C GLU QA 87 15.71 -76.58 -0.42
N VAL QA 88 16.48 -77.65 -0.25
CA VAL QA 88 17.24 -78.15 -1.40
C VAL QA 88 16.33 -78.86 -2.40
N LEU QA 89 15.26 -79.50 -1.92
CA LEU QA 89 14.29 -80.10 -2.83
C LEU QA 89 13.61 -79.04 -3.69
N LEU QA 90 13.30 -77.88 -3.09
CA LEU QA 90 12.76 -76.79 -3.89
C LEU QA 90 13.83 -76.13 -4.75
N LYS QA 91 15.10 -76.22 -4.34
CA LYS QA 91 16.18 -75.72 -5.18
C LYS QA 91 16.34 -76.56 -6.45
N TYR QA 92 16.07 -77.85 -6.37
CA TYR QA 92 16.14 -78.72 -7.53
C TYR QA 92 14.79 -78.90 -8.22
N GLY QA 93 13.80 -78.11 -7.84
CA GLY QA 93 12.56 -78.06 -8.59
C GLY QA 93 11.53 -79.12 -8.25
N ALA QA 94 11.41 -79.46 -6.97
CA ALA QA 94 10.36 -80.37 -6.55
C ALA QA 94 9.00 -79.70 -6.66
N GLU QA 95 7.96 -80.51 -6.84
CA GLU QA 95 6.62 -79.97 -7.02
C GLU QA 95 6.05 -79.52 -5.68
N VAL QA 96 5.63 -78.26 -5.61
CA VAL QA 96 5.14 -77.70 -4.36
C VAL QA 96 3.68 -78.07 -4.12
N ASN QA 97 2.92 -78.39 -5.17
CA ASN QA 97 1.49 -78.63 -5.07
C ASN QA 97 1.13 -80.04 -5.50
N ALA QA 98 1.96 -81.01 -5.12
CA ALA QA 98 1.73 -82.40 -5.47
C ALA QA 98 0.70 -83.00 -4.53
N ALA QA 99 -0.45 -83.39 -5.07
CA ALA QA 99 -1.51 -83.99 -4.27
C ALA QA 99 -1.36 -85.51 -4.24
N ASP QA 100 -1.62 -86.09 -3.08
CA ASP QA 100 -1.58 -87.54 -2.91
C ASP QA 100 -2.94 -88.12 -3.30
N VAL QA 101 -3.16 -89.40 -2.99
CA VAL QA 101 -4.44 -90.03 -3.25
C VAL QA 101 -5.51 -89.57 -2.27
N PHE QA 102 -5.13 -88.91 -1.19
CA PHE QA 102 -6.08 -88.34 -0.24
C PHE QA 102 -6.26 -86.84 -0.41
N GLY QA 103 -5.48 -86.20 -1.27
CA GLY QA 103 -5.60 -84.79 -1.53
C GLY QA 103 -4.62 -83.91 -0.79
N TYR QA 104 -3.87 -84.46 0.15
CA TYR QA 104 -2.95 -83.64 0.92
C TYR QA 104 -1.75 -83.23 0.09
N THR QA 105 -1.32 -81.99 0.28
CA THR QA 105 -0.10 -81.42 -0.23
C THR QA 105 0.90 -81.29 0.91
N PRO QA 106 2.15 -80.91 0.63
CA PRO QA 106 3.08 -80.63 1.74
C PRO QA 106 2.60 -79.52 2.65
N LEU QA 107 1.83 -78.55 2.14
CA LEU QA 107 1.31 -77.50 3.00
C LEU QA 107 0.31 -78.03 4.01
N HIS QA 108 -0.53 -78.98 3.59
CA HIS QA 108 -1.47 -79.62 4.51
C HIS QA 108 -0.76 -80.29 5.67
N LEU QA 109 0.20 -81.15 5.37
CA LEU QA 109 0.93 -81.86 6.42
C LEU QA 109 1.75 -80.90 7.27
N ALA QA 110 2.29 -79.85 6.68
CA ALA QA 110 3.04 -78.87 7.45
C ALA QA 110 2.12 -78.13 8.42
N ALA QA 111 0.90 -77.84 7.99
CA ALA QA 111 -0.04 -77.14 8.88
C ALA QA 111 -0.56 -78.07 9.96
N TYR QA 112 -0.68 -79.37 9.67
CA TYR QA 112 -1.12 -80.32 10.68
C TYR QA 112 -0.13 -80.40 11.83
N TRP QA 113 1.15 -80.59 11.52
CA TRP QA 113 2.13 -80.86 12.55
C TRP QA 113 2.73 -79.61 13.16
N GLY QA 114 2.38 -78.44 12.66
CA GLY QA 114 2.79 -77.21 13.32
C GLY QA 114 4.24 -76.85 13.08
N HIS QA 115 4.65 -76.82 11.83
CA HIS QA 115 6.02 -76.44 11.46
C HIS QA 115 5.92 -75.12 10.71
N LEU QA 116 6.34 -74.04 11.37
CA LEU QA 116 6.07 -72.70 10.88
C LEU QA 116 6.95 -72.36 9.68
N GLU QA 117 8.26 -72.61 9.80
CA GLU QA 117 9.21 -72.19 8.78
C GLU QA 117 8.96 -72.87 7.46
N ILE QA 118 8.58 -74.14 7.48
CA ILE QA 118 8.36 -74.81 6.20
C ILE QA 118 7.04 -74.36 5.59
N VAL QA 119 6.05 -74.00 6.42
CA VAL QA 119 4.84 -73.36 5.90
C VAL QA 119 5.19 -72.06 5.19
N GLU QA 120 6.05 -71.25 5.82
CA GLU QA 120 6.46 -69.99 5.22
C GLU QA 120 7.18 -70.19 3.89
N VAL QA 121 8.12 -71.13 3.84
CA VAL QA 121 8.87 -71.27 2.59
C VAL QA 121 8.07 -71.99 1.52
N LEU QA 122 7.07 -72.80 1.89
CA LEU QA 122 6.17 -73.35 0.88
C LEU QA 122 5.31 -72.25 0.28
N LEU QA 123 4.77 -71.36 1.12
CA LEU QA 123 4.02 -70.23 0.60
C LEU QA 123 4.91 -69.29 -0.21
N LYS QA 124 6.18 -69.22 0.13
CA LYS QA 124 7.13 -68.40 -0.61
C LYS QA 124 7.43 -68.97 -1.99
N ASN QA 125 7.20 -70.26 -2.19
CA ASN QA 125 7.50 -70.92 -3.45
C ASN QA 125 6.24 -71.20 -4.26
N GLY QA 126 5.13 -70.57 -3.93
CA GLY QA 126 3.92 -70.71 -4.71
C GLY QA 126 3.03 -71.87 -4.34
N ALA QA 127 2.93 -72.17 -3.05
CA ALA QA 127 1.96 -73.17 -2.60
C ALA QA 127 0.57 -72.56 -2.58
N ASP QA 128 -0.42 -73.33 -3.04
CA ASP QA 128 -1.78 -72.84 -3.11
C ASP QA 128 -2.38 -72.83 -1.71
N VAL QA 129 -2.78 -71.65 -1.25
CA VAL QA 129 -3.18 -71.48 0.14
C VAL QA 129 -4.59 -72.01 0.40
N ASN QA 130 -5.41 -72.16 -0.63
CA ASN QA 130 -6.78 -72.64 -0.49
C ASN QA 130 -6.95 -74.02 -1.09
N ALA QA 131 -5.95 -74.88 -0.91
CA ALA QA 131 -6.02 -76.24 -1.45
C ALA QA 131 -6.95 -77.10 -0.62
N ARG QA 132 -7.87 -77.79 -1.29
CA ARG QA 132 -8.82 -78.66 -0.64
C ARG QA 132 -8.34 -80.10 -0.69
N ASP QA 133 -8.62 -80.86 0.37
CA ASP QA 133 -8.33 -82.27 0.39
C ASP QA 133 -9.55 -83.06 -0.06
N SER QA 134 -9.54 -84.37 0.22
CA SER QA 134 -10.72 -85.19 -0.04
C SER QA 134 -11.92 -84.72 0.77
N ASP QA 135 -11.69 -84.18 1.97
CA ASP QA 135 -12.77 -83.68 2.82
C ASP QA 135 -13.12 -82.23 2.51
N GLY QA 136 -12.40 -81.58 1.60
CA GLY QA 136 -12.58 -80.17 1.38
C GLY QA 136 -11.97 -79.29 2.45
N MET QA 137 -11.11 -79.84 3.29
CA MET QA 137 -10.50 -79.09 4.38
C MET QA 137 -9.22 -78.42 3.87
N THR QA 138 -9.19 -77.10 3.94
CA THR QA 138 -8.02 -76.32 3.58
C THR QA 138 -6.99 -76.44 4.70
N PRO QA 139 -5.75 -76.02 4.46
CA PRO QA 139 -4.78 -75.98 5.57
C PRO QA 139 -5.19 -75.09 6.72
N LEU QA 140 -5.96 -74.04 6.44
CA LEU QA 140 -6.48 -73.19 7.52
C LEU QA 140 -7.43 -73.96 8.43
N HIS QA 141 -8.24 -74.85 7.86
CA HIS QA 141 -9.06 -75.74 8.67
C HIS QA 141 -8.21 -76.52 9.67
N LEU QA 142 -7.09 -77.07 9.20
CA LEU QA 142 -6.23 -77.88 10.06
C LEU QA 142 -5.59 -77.03 11.15
N ALA QA 143 -5.02 -75.89 10.77
CA ALA QA 143 -4.35 -75.04 11.74
C ALA QA 143 -5.33 -74.45 12.76
N ALA QA 144 -6.59 -74.24 12.38
CA ALA QA 144 -7.57 -73.80 13.35
C ALA QA 144 -8.06 -74.94 14.22
N LYS QA 145 -8.12 -76.15 13.66
CA LYS QA 145 -8.56 -77.30 14.43
C LYS QA 145 -7.53 -77.71 15.47
N TRP QA 146 -6.25 -77.45 15.22
CA TRP QA 146 -5.22 -77.90 16.15
C TRP QA 146 -4.67 -76.80 17.04
N GLY QA 147 -4.94 -75.54 16.74
CA GLY QA 147 -4.58 -74.46 17.64
C GLY QA 147 -3.23 -73.82 17.43
N HIS QA 148 -2.77 -73.72 16.19
CA HIS QA 148 -1.49 -73.09 15.87
C HIS QA 148 -1.75 -71.65 15.43
N LEU QA 149 -1.41 -70.69 16.27
CA LEU QA 149 -1.73 -69.29 15.98
C LEU QA 149 -0.90 -68.76 14.82
N GLU QA 150 0.42 -68.92 14.89
CA GLU QA 150 1.30 -68.28 13.92
C GLU QA 150 1.10 -68.83 12.51
N ILE QA 151 0.78 -70.12 12.41
CA ILE QA 151 0.43 -70.69 11.12
C ILE QA 151 -0.85 -70.06 10.58
N VAL QA 152 -1.85 -69.88 11.44
CA VAL QA 152 -3.10 -69.23 11.05
C VAL QA 152 -2.83 -67.83 10.53
N GLU QA 153 -1.94 -67.10 11.20
CA GLU QA 153 -1.70 -65.71 10.81
C GLU QA 153 -0.94 -65.63 9.49
N VAL QA 154 0.08 -66.48 9.31
CA VAL QA 154 0.81 -66.50 8.05
C VAL QA 154 -0.10 -66.95 6.91
N LEU QA 155 -1.03 -67.86 7.18
CA LEU QA 155 -1.96 -68.28 6.14
C LEU QA 155 -2.94 -67.17 5.80
N LEU QA 156 -3.38 -66.41 6.80
CA LEU QA 156 -4.26 -65.29 6.54
C LEU QA 156 -3.56 -64.19 5.75
N ARG QA 157 -2.25 -64.03 5.96
CA ARG QA 157 -1.51 -63.02 5.21
C ARG QA 157 -1.49 -63.32 3.72
N TYR QA 158 -1.52 -64.60 3.35
CA TYR QA 158 -1.39 -64.99 1.95
C TYR QA 158 -2.73 -65.20 1.26
N GLY QA 159 -3.83 -64.89 1.93
CA GLY QA 159 -5.13 -64.93 1.31
C GLY QA 159 -5.96 -66.16 1.54
N ALA QA 160 -5.84 -66.80 2.69
CA ALA QA 160 -6.65 -67.97 2.98
C ALA QA 160 -8.11 -67.58 3.16
N ASP QA 161 -9.00 -68.41 2.63
CA ASP QA 161 -10.43 -68.10 2.65
C ASP QA 161 -10.99 -68.39 4.04
N VAL QA 162 -11.60 -67.37 4.64
CA VAL QA 162 -12.18 -67.51 5.97
C VAL QA 162 -13.47 -68.30 5.91
N GLU QA 163 -14.16 -68.29 4.76
CA GLU QA 163 -15.50 -68.84 4.65
C GLU QA 163 -15.54 -70.19 3.97
N ALA QA 164 -14.40 -70.86 3.84
CA ALA QA 164 -14.37 -72.18 3.23
C ALA QA 164 -15.05 -73.21 4.13
N GLN QA 165 -15.96 -73.99 3.56
CA GLN QA 165 -16.66 -75.04 4.28
C GLN QA 165 -16.20 -76.41 3.80
N ASP QA 166 -16.14 -77.37 4.72
CA ASP QA 166 -15.77 -78.74 4.39
C ASP QA 166 -17.03 -79.54 4.08
N LYS QA 167 -16.93 -80.86 4.04
CA LYS QA 167 -18.08 -81.71 3.70
C LYS QA 167 -19.19 -81.60 4.74
N PHE QA 168 -18.88 -81.24 5.97
CA PHE QA 168 -19.89 -81.08 7.01
C PHE QA 168 -20.47 -79.69 7.06
N GLY QA 169 -19.98 -78.77 6.22
CA GLY QA 169 -20.39 -77.39 6.31
C GLY QA 169 -19.74 -76.63 7.45
N LYS QA 170 -18.52 -76.97 7.80
CA LYS QA 170 -17.79 -76.33 8.89
C LYS QA 170 -16.77 -75.35 8.33
N THR QA 171 -16.80 -74.13 8.83
CA THR QA 171 -15.74 -73.16 8.58
C THR QA 171 -14.64 -73.34 9.60
N PRO QA 172 -13.44 -72.78 9.35
CA PRO QA 172 -12.40 -72.84 10.38
C PRO QA 172 -12.79 -72.20 11.71
N PHE QA 173 -13.69 -71.22 11.69
CA PHE QA 173 -14.21 -70.66 12.93
C PHE QA 173 -14.96 -71.71 13.74
N ASP QA 174 -15.72 -72.56 13.07
CA ASP QA 174 -16.44 -73.62 13.75
C ASP QA 174 -15.48 -74.65 14.34
N LEU QA 175 -14.45 -75.02 13.59
CA LEU QA 175 -13.48 -75.98 14.11
C LEU QA 175 -12.67 -75.38 15.25
N ALA QA 176 -12.51 -74.07 15.27
CA ALA QA 176 -11.79 -73.46 16.37
C ALA QA 176 -12.64 -73.33 17.62
N ILE QA 177 -13.95 -73.12 17.48
CA ILE QA 177 -14.76 -73.08 18.68
C ILE QA 177 -15.05 -74.48 19.20
N ASP QA 178 -15.10 -75.48 18.31
CA ASP QA 178 -15.37 -76.84 18.77
C ASP QA 178 -14.20 -77.44 19.53
N ASN QA 179 -12.98 -76.94 19.34
CA ASN QA 179 -11.81 -77.47 20.01
C ASN QA 179 -11.23 -76.51 21.04
N GLY QA 180 -11.95 -75.44 21.37
CA GLY QA 180 -11.53 -74.57 22.46
C GLY QA 180 -10.43 -73.60 22.15
N ASN QA 181 -10.17 -73.32 20.88
CA ASN QA 181 -9.13 -72.36 20.50
C ASN QA 181 -9.80 -70.99 20.35
N GLU QA 182 -9.98 -70.32 21.48
CA GLU QA 182 -10.82 -69.13 21.51
C GLU QA 182 -10.16 -67.90 20.89
N ASP QA 183 -8.84 -67.78 21.00
CA ASP QA 183 -8.16 -66.64 20.39
C ASP QA 183 -8.15 -66.74 18.87
N ILE QA 184 -8.00 -67.95 18.33
CA ILE QA 184 -8.14 -68.15 16.89
C ILE QA 184 -9.51 -67.71 16.43
N ALA QA 185 -10.55 -68.15 17.15
CA ALA QA 185 -11.92 -67.79 16.78
C ALA QA 185 -12.14 -66.29 16.89
N GLU QA 186 -11.50 -65.63 17.85
CA GLU QA 186 -11.62 -64.18 17.97
C GLU QA 186 -11.05 -63.48 16.74
N VAL QA 187 -9.85 -63.90 16.34
CA VAL QA 187 -9.22 -63.32 15.15
C VAL QA 187 -10.08 -63.53 13.92
N LEU QA 188 -10.58 -64.76 13.75
CA LEU QA 188 -11.36 -65.10 12.58
C LEU QA 188 -12.69 -64.38 12.55
N GLN QA 189 -13.26 -64.08 13.72
CA GLN QA 189 -14.54 -63.41 13.75
C GLN QA 189 -14.40 -61.91 13.48
N ALA QA 190 -13.38 -61.28 14.08
CA ALA QA 190 -13.15 -59.87 13.88
C ALA QA 190 -12.82 -59.54 12.43
N LEU QA 191 -12.02 -60.41 11.79
CA LEU QA 191 -11.64 -60.16 10.41
C LEU QA 191 -12.85 -60.16 9.48
N LEU QA 192 -13.70 -61.16 9.62
CA LEU QA 192 -14.91 -61.27 8.82
C LEU QA 192 -15.83 -60.08 9.05
N ALA QA 193 -15.94 -59.63 10.31
CA ALA QA 193 -16.84 -58.54 10.60
C ALA QA 193 -16.38 -57.23 9.99
N ILE QA 194 -15.07 -56.96 10.01
CA ILE QA 194 -14.59 -55.72 9.40
C ILE QA 194 -14.72 -55.78 7.88
N ASN QA 195 -14.50 -56.95 7.27
CA ASN QA 195 -14.67 -57.02 5.82
C ASN QA 195 -16.12 -56.83 5.41
N ARG QA 196 -17.06 -57.35 6.20
CA ARG QA 196 -18.46 -57.13 5.90
C ARG QA 196 -18.86 -55.67 6.09
N GLN QA 197 -18.27 -54.98 7.05
CA GLN QA 197 -18.56 -53.55 7.18
C GLN QA 197 -18.02 -52.75 6.01
N ILE QA 198 -16.85 -53.14 5.47
CA ILE QA 198 -16.35 -52.49 4.27
C ILE QA 198 -17.30 -52.67 3.10
N ASN QA 199 -17.78 -53.90 2.90
CA ASN QA 199 -18.72 -54.13 1.81
C ASN QA 199 -20.03 -53.38 2.02
N LEU QA 200 -20.47 -53.24 3.26
CA LEU QA 200 -21.72 -52.54 3.53
C LEU QA 200 -21.59 -51.04 3.31
N GLU QA 201 -20.43 -50.46 3.59
CA GLU QA 201 -20.25 -49.06 3.25
C GLU QA 201 -20.15 -48.85 1.75
N LEU QA 202 -19.55 -49.79 1.02
CA LEU QA 202 -19.52 -49.66 -0.43
C LEU QA 202 -20.90 -49.82 -1.04
N TYR QA 203 -21.76 -50.63 -0.42
CA TYR QA 203 -23.12 -50.80 -0.91
C TYR QA 203 -23.92 -49.52 -0.80
N ALA QA 204 -23.82 -48.84 0.33
CA ALA QA 204 -24.63 -47.65 0.59
C ALA QA 204 -24.29 -46.50 -0.33
N SER QA 205 -23.05 -46.45 -0.83
CA SER QA 205 -22.63 -45.39 -1.74
C SER QA 205 -23.31 -45.52 -3.09
N TYR QA 206 -23.56 -46.76 -3.51
CA TYR QA 206 -24.15 -47.08 -4.79
C TYR QA 206 -25.66 -46.86 -4.78
N VAL QA 207 -26.30 -47.06 -3.62
CA VAL QA 207 -27.70 -46.71 -3.46
C VAL QA 207 -27.90 -45.21 -3.59
N TYR QA 208 -27.00 -44.43 -2.99
CA TYR QA 208 -27.09 -42.99 -3.10
C TYR QA 208 -26.81 -42.51 -4.51
N LEU QA 209 -25.92 -43.19 -5.23
CA LEU QA 209 -25.71 -42.87 -6.63
C LEU QA 209 -26.98 -43.09 -7.45
N SER QA 210 -27.65 -44.21 -7.23
CA SER QA 210 -28.92 -44.48 -7.88
C SER QA 210 -29.94 -43.40 -7.58
N MET QA 211 -30.10 -43.08 -6.30
CA MET QA 211 -31.04 -42.04 -5.87
C MET QA 211 -30.74 -40.70 -6.52
N SER QA 212 -29.47 -40.32 -6.57
CA SER QA 212 -29.09 -39.03 -7.12
C SER QA 212 -29.44 -38.94 -8.60
N TYR QA 213 -29.12 -39.98 -9.38
CA TYR QA 213 -29.43 -39.87 -10.79
C TYR QA 213 -30.88 -40.18 -11.12
N TYR QA 214 -31.69 -40.58 -10.13
CA TYR QA 214 -33.12 -40.59 -10.37
C TYR QA 214 -33.70 -39.18 -10.39
N PHE QA 215 -33.14 -38.29 -9.60
CA PHE QA 215 -33.74 -36.97 -9.37
C PHE QA 215 -33.36 -35.95 -10.41
N ASP QA 216 -32.61 -36.30 -11.43
CA ASP QA 216 -32.40 -35.38 -12.53
C ASP QA 216 -32.87 -35.94 -13.86
N ARG QA 217 -33.72 -36.95 -13.84
CA ARG QA 217 -34.49 -37.31 -15.02
C ARG QA 217 -35.38 -36.15 -15.42
N ASP QA 218 -35.72 -36.06 -16.71
CA ASP QA 218 -36.48 -34.91 -17.16
C ASP QA 218 -37.93 -34.91 -16.67
N ASP QA 219 -38.43 -36.02 -16.17
CA ASP QA 219 -39.73 -36.04 -15.52
C ASP QA 219 -39.64 -36.00 -14.00
N VAL QA 220 -38.43 -35.94 -13.44
CA VAL QA 220 -38.22 -35.66 -12.02
C VAL QA 220 -37.19 -34.53 -11.99
N ALA QA 221 -37.64 -33.30 -12.04
CA ALA QA 221 -36.71 -32.20 -12.25
C ALA QA 221 -36.40 -31.49 -10.93
N LEU QA 222 -35.73 -32.20 -10.04
CA LEU QA 222 -35.37 -31.66 -8.73
C LEU QA 222 -33.85 -31.70 -8.56
N LYS QA 223 -33.20 -30.57 -8.79
CA LYS QA 223 -31.74 -30.51 -8.88
C LYS QA 223 -31.05 -30.61 -7.52
N ASN QA 224 -31.69 -30.09 -6.48
CA ASN QA 224 -31.06 -30.05 -5.17
C ASN QA 224 -31.17 -31.36 -4.44
N PHE QA 225 -32.23 -32.13 -4.70
CA PHE QA 225 -32.30 -33.52 -4.28
C PHE QA 225 -31.13 -34.32 -4.86
N ALA QA 226 -30.90 -34.18 -6.17
CA ALA QA 226 -29.83 -34.89 -6.83
C ALA QA 226 -28.47 -34.51 -6.29
N LYS QA 227 -28.28 -33.22 -6.04
CA LYS QA 227 -27.03 -32.73 -5.47
C LYS QA 227 -26.77 -33.29 -4.07
N TYR QA 228 -27.82 -33.31 -3.25
CA TYR QA 228 -27.75 -33.86 -1.90
C TYR QA 228 -27.34 -35.32 -1.91
N PHE QA 229 -27.96 -36.13 -2.77
CA PHE QA 229 -27.65 -37.54 -2.76
C PHE QA 229 -26.30 -37.86 -3.38
N LEU QA 230 -25.80 -37.03 -4.30
CA LEU QA 230 -24.43 -37.22 -4.75
C LEU QA 230 -23.43 -36.94 -3.64
N HIS QA 231 -23.71 -35.92 -2.82
CA HIS QA 231 -22.86 -35.65 -1.67
C HIS QA 231 -22.80 -36.85 -0.72
N GLN QA 232 -23.96 -37.46 -0.44
CA GLN QA 232 -23.98 -38.61 0.45
C GLN QA 232 -23.21 -39.80 -0.15
N SER QA 233 -23.32 -39.99 -1.46
CA SER QA 233 -22.57 -41.06 -2.12
C SER QA 233 -21.07 -40.92 -1.89
N HIS QA 234 -20.55 -39.72 -2.06
CA HIS QA 234 -19.11 -39.54 -1.88
C HIS QA 234 -18.68 -39.67 -0.41
N GLU QA 235 -19.55 -39.25 0.51
CA GLU QA 235 -19.22 -39.44 1.93
C GLU QA 235 -19.11 -40.91 2.30
N GLU QA 236 -20.01 -41.74 1.78
CA GLU QA 236 -19.93 -43.16 2.09
C GLU QA 236 -18.71 -43.81 1.46
N ARG QA 237 -18.30 -43.36 0.28
CA ARG QA 237 -17.04 -43.84 -0.29
C ARG QA 237 -15.87 -43.52 0.63
N GLU QA 238 -15.87 -42.33 1.24
CA GLU QA 238 -14.83 -41.99 2.20
C GLU QA 238 -14.87 -42.86 3.45
N HIS QA 239 -16.06 -43.19 3.94
CA HIS QA 239 -16.17 -44.09 5.11
C HIS QA 239 -15.53 -45.44 4.83
N ALA QA 240 -15.82 -46.00 3.66
CA ALA QA 240 -15.24 -47.30 3.31
C ALA QA 240 -13.72 -47.23 3.20
N GLU QA 241 -13.20 -46.14 2.62
CA GLU QA 241 -11.76 -46.01 2.50
C GLU QA 241 -11.08 -45.86 3.86
N LYS QA 242 -11.73 -45.20 4.80
CA LYS QA 242 -11.18 -45.12 6.16
C LYS QA 242 -11.10 -46.50 6.80
N LEU QA 243 -12.12 -47.33 6.61
CA LEU QA 243 -12.04 -48.67 7.19
C LEU QA 243 -10.94 -49.50 6.53
N MET QA 244 -10.72 -49.30 5.23
CA MET QA 244 -9.64 -50.00 4.55
C MET QA 244 -8.26 -49.57 5.07
N LYS QA 245 -8.09 -48.28 5.31
CA LYS QA 245 -6.83 -47.80 5.86
C LYS QA 245 -6.59 -48.35 7.27
N LEU QA 246 -7.63 -48.38 8.11
CA LEU QA 246 -7.50 -48.97 9.43
C LEU QA 246 -7.09 -50.43 9.35
N GLN QA 247 -7.73 -51.19 8.48
CA GLN QA 247 -7.37 -52.60 8.35
C GLN QA 247 -5.93 -52.78 7.87
N ASN QA 248 -5.42 -51.86 7.06
CA ASN QA 248 -4.03 -51.99 6.66
C ASN QA 248 -3.06 -51.60 7.78
N GLN QA 249 -3.44 -50.71 8.69
CA GLN QA 249 -2.56 -50.36 9.80
C GLN QA 249 -2.42 -51.49 10.81
N ARG QA 250 -3.44 -52.32 10.97
CA ARG QA 250 -3.38 -53.40 11.94
C ARG QA 250 -2.68 -54.64 11.42
N GLY QA 251 -2.40 -54.71 10.14
CA GLY QA 251 -1.82 -55.91 9.57
C GLY QA 251 -2.82 -56.96 9.18
N GLY QA 252 -4.10 -56.61 9.07
CA GLY QA 252 -5.12 -57.53 8.62
C GLY QA 252 -5.22 -57.59 7.12
N ALA QA 253 -6.08 -58.48 6.64
CA ALA QA 253 -6.19 -58.81 5.23
C ALA QA 253 -7.52 -58.30 4.69
N ILE QA 254 -7.46 -57.26 3.86
CA ILE QA 254 -8.65 -56.82 3.13
C ILE QA 254 -9.05 -57.87 2.13
N SER QA 255 -10.36 -58.11 2.03
CA SER QA 255 -10.91 -59.10 1.11
C SER QA 255 -12.22 -58.56 0.56
N LEU QA 256 -12.25 -58.24 -0.72
CA LEU QA 256 -13.37 -57.55 -1.33
C LEU QA 256 -14.32 -58.54 -1.99
N GLN QA 257 -15.61 -58.18 -1.99
CA GLN QA 257 -16.68 -58.98 -2.55
C GLN QA 257 -17.44 -58.17 -3.58
N ASP QA 258 -18.45 -58.79 -4.20
CA ASP QA 258 -19.31 -58.08 -5.12
C ASP QA 258 -20.11 -57.01 -4.39
N ILE QA 259 -20.40 -55.93 -5.10
CA ILE QA 259 -21.33 -54.90 -4.63
C ILE QA 259 -22.63 -55.09 -5.39
N LYS QA 260 -23.70 -55.39 -4.68
CA LYS QA 260 -24.96 -55.70 -5.31
C LYS QA 260 -25.73 -54.43 -5.67
N LYS QA 261 -26.59 -54.57 -6.68
CA LYS QA 261 -27.34 -53.40 -7.20
C LYS QA 261 -28.41 -52.99 -6.20
N PRO QA 262 -28.76 -51.69 -6.14
CA PRO QA 262 -29.82 -51.20 -5.25
C PRO QA 262 -31.15 -51.87 -5.52
N ASP QA 263 -32.08 -51.70 -4.57
CA ASP QA 263 -33.36 -52.39 -4.64
C ASP QA 263 -34.28 -51.80 -5.70
N CYS QA 264 -34.20 -50.50 -5.93
CA CYS QA 264 -35.00 -49.86 -6.95
C CYS QA 264 -34.12 -49.16 -7.97
N ASP QA 265 -34.60 -49.10 -9.20
CA ASP QA 265 -34.18 -48.06 -10.13
C ASP QA 265 -35.09 -46.86 -10.06
N ASP QA 266 -36.35 -47.05 -9.71
CA ASP QA 266 -37.34 -45.98 -9.68
C ASP QA 266 -37.79 -45.76 -8.26
N TRP QA 267 -37.27 -44.73 -7.64
CA TRP QA 267 -37.86 -44.16 -6.45
C TRP QA 267 -39.13 -43.42 -6.86
N GLU QA 268 -39.91 -42.95 -5.91
CA GLU QA 268 -41.22 -42.47 -6.29
C GLU QA 268 -41.45 -40.99 -6.02
N SER QA 269 -40.74 -40.39 -5.08
CA SER QA 269 -40.92 -39.01 -4.68
C SER QA 269 -39.72 -38.64 -3.84
N GLY QA 270 -39.67 -37.38 -3.41
CA GLY QA 270 -38.65 -36.98 -2.46
C GLY QA 270 -38.87 -37.59 -1.09
N LEU QA 271 -40.13 -37.69 -0.68
CA LEU QA 271 -40.46 -38.28 0.61
C LEU QA 271 -40.05 -39.74 0.68
N ASN QA 272 -40.38 -40.51 -0.35
CA ASN QA 272 -40.10 -41.93 -0.34
C ASN QA 272 -38.60 -42.21 -0.33
N ALA QA 273 -37.83 -41.42 -1.08
CA ALA QA 273 -36.39 -41.59 -1.09
C ALA QA 273 -35.77 -41.19 0.23
N MET QA 274 -36.27 -40.12 0.86
CA MET QA 274 -35.78 -39.76 2.19
C MET QA 274 -36.07 -40.84 3.21
N GLU QA 275 -37.23 -41.50 3.12
CA GLU QA 275 -37.54 -42.57 4.06
C GLU QA 275 -36.68 -43.79 3.82
N CYS QA 276 -36.38 -44.10 2.56
CA CYS QA 276 -35.49 -45.21 2.28
C CYS QA 276 -34.07 -44.92 2.76
N ALA QA 277 -33.62 -43.68 2.63
CA ALA QA 277 -32.29 -43.31 3.13
C ALA QA 277 -32.22 -43.40 4.65
N LEU QA 278 -33.32 -43.05 5.34
CA LEU QA 278 -33.34 -43.19 6.78
C LEU QA 278 -33.25 -44.65 7.20
N HIS QA 279 -34.02 -45.51 6.54
CA HIS QA 279 -33.95 -46.95 6.82
C HIS QA 279 -32.55 -47.50 6.59
N LEU QA 280 -31.89 -47.04 5.52
CA LEU QA 280 -30.53 -47.48 5.22
C LEU QA 280 -29.55 -47.10 6.32
N GLU QA 281 -29.57 -45.82 6.73
CA GLU QA 281 -28.60 -45.39 7.73
C GLU QA 281 -28.85 -46.05 9.08
N LYS QA 282 -30.11 -46.38 9.39
CA LYS QA 282 -30.36 -47.12 10.62
C LYS QA 282 -29.77 -48.52 10.57
N ASN QA 283 -29.85 -49.18 9.41
CA ASN QA 283 -29.23 -50.50 9.26
C ASN QA 283 -27.72 -50.42 9.45
N VAL QA 284 -27.08 -49.42 8.86
CA VAL QA 284 -25.64 -49.26 8.98
C VAL QA 284 -25.24 -49.03 10.45
N ASN QA 285 -26.00 -48.20 11.16
CA ASN QA 285 -25.74 -47.94 12.57
C ASN QA 285 -25.85 -49.22 13.40
N GLN QA 286 -26.84 -50.06 13.10
CA GLN QA 286 -26.99 -51.29 13.85
C GLN QA 286 -25.81 -52.23 13.65
N SER QA 287 -25.32 -52.34 12.42
CA SER QA 287 -24.16 -53.19 12.21
C SER QA 287 -22.91 -52.62 12.87
N LEU QA 288 -22.79 -51.29 12.94
CA LEU QA 288 -21.66 -50.70 13.66
C LEU QA 288 -21.72 -50.99 15.15
N LEU QA 289 -22.91 -51.01 15.73
CA LEU QA 289 -23.03 -51.34 17.14
C LEU QA 289 -22.67 -52.79 17.42
N GLU QA 290 -23.03 -53.69 16.51
CA GLU QA 290 -22.61 -55.09 16.68
C GLU QA 290 -21.09 -55.22 16.58
N LEU QA 291 -20.48 -54.47 15.66
CA LEU QA 291 -19.03 -54.49 15.53
C LEU QA 291 -18.35 -53.98 16.80
N HIS QA 292 -18.93 -52.95 17.42
CA HIS QA 292 -18.35 -52.43 18.67
C HIS QA 292 -18.47 -53.43 19.80
N LYS QA 293 -19.59 -54.14 19.89
CA LYS QA 293 -19.73 -55.13 20.95
C LYS QA 293 -18.77 -56.29 20.76
N LEU QA 294 -18.56 -56.70 19.51
CA LEU QA 294 -17.58 -57.74 19.21
C LEU QA 294 -16.18 -57.28 19.58
N ALA QA 295 -15.83 -56.04 19.27
CA ALA QA 295 -14.52 -55.50 19.64
C ALA QA 295 -14.35 -55.42 21.14
N THR QA 296 -15.42 -55.19 21.88
CA THR QA 296 -15.29 -55.13 23.33
C THR QA 296 -15.12 -56.51 23.94
N ASP QA 297 -15.73 -57.54 23.33
CA ASP QA 297 -15.47 -58.89 23.80
C ASP QA 297 -14.03 -59.33 23.55
N CYS QA 298 -13.41 -58.85 22.48
CA CYS QA 298 -12.07 -59.27 22.09
C CYS QA 298 -10.97 -58.48 22.76
N ASN QA 299 -11.31 -57.56 23.66
CA ASN QA 299 -10.36 -56.71 24.37
C ASN QA 299 -9.47 -55.93 23.40
N ASP QA 300 -10.10 -55.08 22.61
CA ASP QA 300 -9.44 -54.27 21.58
C ASP QA 300 -9.84 -52.82 21.78
N PRO QA 301 -9.21 -52.11 22.70
CA PRO QA 301 -9.61 -50.72 22.96
C PRO QA 301 -9.36 -49.78 21.79
N HIS QA 302 -8.38 -50.06 20.95
CA HIS QA 302 -8.09 -49.17 19.83
C HIS QA 302 -9.19 -49.22 18.79
N LEU QA 303 -9.73 -50.41 18.51
CA LEU QA 303 -10.85 -50.54 17.59
C LEU QA 303 -12.11 -49.88 18.15
N CYS QA 304 -12.35 -50.04 19.45
CA CYS QA 304 -13.51 -49.41 20.07
C CYS QA 304 -13.44 -47.90 19.97
N ASP QA 305 -12.28 -47.33 20.26
CA ASP QA 305 -12.14 -45.88 20.18
C ASP QA 305 -12.21 -45.40 18.73
N PHE QA 306 -11.67 -46.16 17.79
CA PHE QA 306 -11.80 -45.82 16.37
C PHE QA 306 -13.26 -45.75 15.95
N ILE QA 307 -14.03 -46.76 16.32
CA ILE QA 307 -15.44 -46.81 15.93
C ILE QA 307 -16.21 -45.66 16.55
N GLU QA 308 -16.05 -45.46 17.86
CA GLU QA 308 -16.85 -44.41 18.48
C GLU QA 308 -16.34 -43.01 18.20
N THR QA 309 -15.13 -42.84 17.67
CA THR QA 309 -14.66 -41.51 17.29
C THR QA 309 -15.01 -41.14 15.86
N HIS QA 310 -14.94 -42.07 14.91
CA HIS QA 310 -15.19 -41.71 13.53
C HIS QA 310 -16.52 -42.18 12.96
N TYR QA 311 -17.29 -42.97 13.69
CA TYR QA 311 -18.46 -43.55 13.05
C TYR QA 311 -19.76 -43.35 13.83
N LEU QA 312 -19.70 -43.42 15.16
CA LEU QA 312 -20.92 -43.47 15.94
C LEU QA 312 -21.62 -42.14 16.08
N ASN QA 313 -20.90 -41.03 16.00
CA ASN QA 313 -21.53 -39.73 16.11
C ASN QA 313 -22.05 -39.23 14.77
N GLU QA 314 -21.38 -39.61 13.68
CA GLU QA 314 -21.85 -39.28 12.35
C GLU QA 314 -23.17 -39.97 12.03
N GLN QA 315 -23.33 -41.20 12.48
CA GLN QA 315 -24.59 -41.91 12.27
C GLN QA 315 -25.73 -41.23 13.00
N VAL QA 316 -25.48 -40.76 14.22
CA VAL QA 316 -26.51 -40.08 14.99
C VAL QA 316 -26.90 -38.77 14.32
N LYS QA 317 -25.91 -38.02 13.84
CA LYS QA 317 -26.21 -36.79 13.13
C LYS QA 317 -27.01 -37.05 11.86
N ALA QA 318 -26.65 -38.08 11.10
CA ALA QA 318 -27.34 -38.36 9.85
C ALA QA 318 -28.77 -38.79 10.09
N ILE QA 319 -29.00 -39.59 11.13
CA ILE QA 319 -30.35 -40.05 11.42
C ILE QA 319 -31.22 -38.90 11.90
N LYS QA 320 -30.65 -37.99 12.69
CA LYS QA 320 -31.41 -36.82 13.11
C LYS QA 320 -31.79 -35.94 11.93
N GLU QA 321 -30.85 -35.70 11.01
CA GLU QA 321 -31.14 -34.85 9.85
C GLU QA 321 -32.16 -35.49 8.91
N LEU QA 322 -32.07 -36.79 8.68
CA LEU QA 322 -33.02 -37.43 7.78
C LEU QA 322 -34.41 -37.50 8.39
N GLY QA 323 -34.53 -37.70 9.70
CA GLY QA 323 -35.84 -37.61 10.33
C GLY QA 323 -36.43 -36.22 10.29
N ASP QA 324 -35.59 -35.19 10.44
CA ASP QA 324 -36.02 -33.81 10.21
C ASP QA 324 -36.63 -33.64 8.82
N HIS QA 325 -35.91 -34.08 7.78
CA HIS QA 325 -36.40 -33.94 6.42
C HIS QA 325 -37.72 -34.65 6.22
N VAL QA 326 -37.86 -35.85 6.79
CA VAL QA 326 -39.09 -36.60 6.60
C VAL QA 326 -40.28 -35.90 7.25
N THR QA 327 -40.11 -35.41 8.49
CA THR QA 327 -41.28 -34.78 9.13
C THR QA 327 -41.64 -33.45 8.47
N ASN QA 328 -40.65 -32.68 8.02
CA ASN QA 328 -41.00 -31.44 7.34
C ASN QA 328 -41.72 -31.70 6.03
N LEU QA 329 -41.25 -32.68 5.26
CA LEU QA 329 -41.92 -33.01 4.00
C LEU QA 329 -43.32 -33.53 4.23
N ARG QA 330 -43.54 -34.31 5.29
CA ARG QA 330 -44.88 -34.78 5.57
C ARG QA 330 -45.81 -33.66 6.02
N LYS QA 331 -45.29 -32.70 6.79
CA LYS QA 331 -46.13 -31.59 7.24
C LYS QA 331 -46.51 -30.67 6.09
N MET QA 332 -45.58 -30.42 5.16
CA MET QA 332 -45.89 -29.56 4.03
C MET QA 332 -46.95 -30.14 3.11
N GLY QA 333 -47.17 -31.44 3.15
CA GLY QA 333 -48.21 -32.07 2.37
C GLY QA 333 -47.76 -32.97 1.25
N ALA QA 334 -46.50 -33.33 1.20
CA ALA QA 334 -45.96 -34.22 0.19
C ALA QA 334 -46.33 -35.67 0.50
N PRO QA 335 -46.39 -36.55 -0.50
CA PRO QA 335 -46.06 -36.45 -1.93
C PRO QA 335 -47.17 -35.93 -2.81
N GLU QA 336 -48.40 -35.94 -2.32
CA GLU QA 336 -49.55 -35.56 -3.12
C GLU QA 336 -49.69 -34.06 -3.29
N SER QA 337 -48.70 -33.28 -2.86
CA SER QA 337 -48.60 -31.87 -3.20
C SER QA 337 -47.28 -31.66 -3.93
N GLY QA 338 -47.37 -31.33 -5.22
CA GLY QA 338 -46.16 -31.04 -5.96
C GLY QA 338 -45.55 -29.71 -5.62
N LEU QA 339 -46.34 -28.82 -5.02
CA LEU QA 339 -45.81 -27.55 -4.54
C LEU QA 339 -44.92 -27.73 -3.32
N ALA QA 340 -45.14 -28.79 -2.55
CA ALA QA 340 -44.36 -29.00 -1.34
C ALA QA 340 -42.93 -29.41 -1.65
N GLU QA 341 -42.75 -30.33 -2.61
CA GLU QA 341 -41.41 -30.81 -2.90
C GLU QA 341 -40.58 -29.76 -3.64
N TYR QA 342 -41.23 -28.95 -4.49
CA TYR QA 342 -40.54 -27.85 -5.15
C TYR QA 342 -39.99 -26.85 -4.13
N LEU QA 343 -40.80 -26.49 -3.14
CA LEU QA 343 -40.40 -25.48 -2.18
C LEU QA 343 -39.42 -26.03 -1.16
N PHE QA 344 -39.54 -27.32 -0.81
CA PHE QA 344 -38.52 -27.95 0.01
C PHE QA 344 -37.18 -27.99 -0.72
N ASP QA 345 -37.20 -28.32 -2.01
CA ASP QA 345 -36.01 -28.24 -2.85
C ASP QA 345 -35.37 -26.87 -2.80
N LYS QA 346 -36.17 -25.81 -2.90
CA LYS QA 346 -35.59 -24.48 -2.90
C LYS QA 346 -35.06 -24.08 -1.53
N HIS QA 347 -35.86 -24.24 -0.48
CA HIS QA 347 -35.53 -23.57 0.77
C HIS QA 347 -34.67 -24.39 1.71
N THR QA 348 -34.82 -25.70 1.75
CA THR QA 348 -34.02 -26.50 2.66
C THR QA 348 -32.75 -27.02 1.99
N LEU QA 349 -32.88 -27.57 0.80
CA LEU QA 349 -31.73 -28.14 0.11
C LEU QA 349 -30.99 -27.12 -0.71
N GLY QA 350 -31.56 -25.94 -0.92
CA GLY QA 350 -30.92 -24.90 -1.70
C GLY QA 350 -29.73 -24.29 -1.01
N LYS RA 22 -13.07 -148.75 16.45
CA LYS RA 22 -11.64 -149.01 16.38
C LYS RA 22 -10.88 -148.19 17.43
N ILE RA 23 -11.58 -147.25 18.07
CA ILE RA 23 -11.03 -146.55 19.22
C ILE RA 23 -11.05 -147.50 20.40
N GLU RA 24 -9.89 -147.70 21.03
CA GLU RA 24 -9.73 -148.71 22.06
C GLU RA 24 -10.38 -148.27 23.38
N GLU RA 25 -10.85 -149.27 24.13
CA GLU RA 25 -11.55 -149.07 25.39
C GLU RA 25 -10.61 -149.31 26.57
N GLY RA 26 -10.95 -148.70 27.71
CA GLY RA 26 -10.13 -148.79 28.89
C GLY RA 26 -8.79 -148.10 28.79
N LYS RA 27 -8.62 -147.24 27.78
CA LYS RA 27 -7.33 -146.67 27.44
C LYS RA 27 -7.59 -145.33 26.76
N LEU RA 28 -6.75 -144.35 27.06
CA LEU RA 28 -6.90 -143.00 26.54
C LEU RA 28 -5.64 -142.57 25.80
N VAL RA 29 -5.80 -142.15 24.56
CA VAL RA 29 -4.74 -141.54 23.77
C VAL RA 29 -5.18 -140.14 23.36
N ILE RA 30 -4.26 -139.18 23.49
CA ILE RA 30 -4.55 -137.77 23.26
C ILE RA 30 -3.54 -137.24 22.25
N TRP RA 31 -3.99 -136.36 21.37
CA TRP RA 31 -3.11 -135.63 20.47
C TRP RA 31 -3.16 -134.14 20.78
N ILE RA 32 -1.99 -133.53 20.90
CA ILE RA 32 -1.87 -132.14 21.29
C ILE RA 32 -0.65 -131.54 20.60
N ASN RA 33 -0.79 -130.31 20.11
CA ASN RA 33 0.29 -129.68 19.34
C ASN RA 33 1.46 -129.37 20.25
N GLY RA 34 2.67 -129.51 19.69
CA GLY RA 34 3.92 -129.38 20.43
C GLY RA 34 4.33 -127.99 20.85
N ASP RA 35 3.53 -126.98 20.56
CA ASP RA 35 3.81 -125.62 21.03
C ASP RA 35 3.21 -125.36 22.40
N LYS RA 36 2.70 -126.38 23.06
CA LYS RA 36 2.01 -126.28 24.33
C LYS RA 36 2.76 -127.11 25.38
N GLY RA 37 2.19 -127.16 26.58
CA GLY RA 37 2.71 -128.03 27.60
C GLY RA 37 2.18 -129.45 27.45
N TYR RA 38 2.58 -130.13 26.36
CA TYR RA 38 2.17 -131.51 26.19
C TYR RA 38 2.81 -132.41 27.24
N ASN RA 39 3.98 -132.03 27.74
CA ASN RA 39 4.54 -132.71 28.90
C ASN RA 39 3.67 -132.51 30.13
N GLY RA 40 3.03 -131.34 30.25
CA GLY RA 40 2.03 -131.15 31.31
C GLY RA 40 0.83 -132.05 31.13
N LEU RA 41 0.44 -132.32 29.88
CA LEU RA 41 -0.60 -133.29 29.64
C LEU RA 41 -0.16 -134.70 30.04
N ALA RA 42 1.12 -135.02 29.84
CA ALA RA 42 1.65 -136.27 30.39
C ALA RA 42 1.62 -136.28 31.90
N GLU RA 43 1.90 -135.13 32.54
CA GLU RA 43 1.88 -135.06 33.99
CA GLU RA 43 1.88 -135.06 33.99
C GLU RA 43 0.47 -135.27 34.55
N VAL RA 44 -0.53 -134.66 33.91
CA VAL RA 44 -1.89 -134.87 34.42
C VAL RA 44 -2.35 -136.29 34.11
N GLY RA 45 -1.86 -136.86 33.00
CA GLY RA 45 -2.12 -138.26 32.73
C GLY RA 45 -1.57 -139.17 33.82
N LYS RA 46 -0.36 -138.89 34.30
CA LYS RA 46 0.18 -139.75 35.35
C LYS RA 46 -0.45 -139.49 36.71
N LYS RA 47 -0.94 -138.27 37.00
CA LYS RA 47 -1.79 -138.13 38.18
C LYS RA 47 -3.01 -139.05 38.07
N PHE RA 48 -3.65 -139.04 36.89
CA PHE RA 48 -4.80 -139.92 36.68
C PHE RA 48 -4.41 -141.39 36.80
N GLU RA 49 -3.19 -141.75 36.41
CA GLU RA 49 -2.75 -143.14 36.50
C GLU RA 49 -2.51 -143.55 37.96
N LYS RA 50 -1.81 -142.72 38.74
CA LYS RA 50 -1.61 -143.07 40.15
C LYS RA 50 -2.92 -143.04 40.94
N ASP RA 51 -3.90 -142.24 40.50
CA ASP RA 51 -5.14 -142.20 41.27
C ASP RA 51 -6.14 -143.30 40.88
N THR RA 52 -6.32 -143.55 39.58
CA THR RA 52 -7.33 -144.49 39.11
C THR RA 52 -6.79 -145.71 38.38
N GLY RA 53 -5.51 -145.74 38.04
CA GLY RA 53 -4.93 -146.87 37.35
C GLY RA 53 -5.18 -146.94 35.86
N ILE RA 54 -5.81 -145.92 35.28
CA ILE RA 54 -6.13 -145.91 33.86
C ILE RA 54 -5.03 -145.17 33.11
N LYS RA 55 -4.41 -145.86 32.16
CA LYS RA 55 -3.24 -145.32 31.47
C LYS RA 55 -3.66 -144.23 30.48
N VAL RA 56 -2.89 -143.15 30.44
CA VAL RA 56 -3.10 -142.04 29.52
C VAL RA 56 -1.82 -141.84 28.72
N THR RA 57 -1.91 -141.94 27.40
CA THR RA 57 -0.79 -141.65 26.51
C THR RA 57 -1.09 -140.39 25.72
N VAL RA 58 -0.08 -139.54 25.58
CA VAL RA 58 -0.19 -138.34 24.76
C VAL RA 58 0.86 -138.41 23.65
N GLU RA 59 0.51 -137.86 22.49
CA GLU RA 59 1.42 -137.82 21.36
C GLU RA 59 1.33 -136.45 20.70
N HIS RA 60 2.49 -135.93 20.27
CA HIS RA 60 2.59 -134.56 19.75
C HIS RA 60 3.34 -134.55 18.42
N PRO RA 61 2.69 -135.00 17.34
CA PRO RA 61 3.29 -134.87 16.01
C PRO RA 61 2.83 -133.58 15.32
N ASP RA 62 3.46 -133.31 14.18
CA ASP RA 62 3.07 -132.17 13.38
C ASP RA 62 1.74 -132.44 12.67
N LYS RA 63 1.17 -131.37 12.12
CA LYS RA 63 -0.02 -131.40 11.25
C LYS RA 63 -1.21 -132.10 11.91
N LEU RA 64 -1.39 -131.91 13.22
CA LEU RA 64 -2.47 -132.60 13.93
C LEU RA 64 -3.85 -132.16 13.46
N GLU RA 65 -3.99 -130.94 12.95
CA GLU RA 65 -5.29 -130.50 12.45
C GLU RA 65 -5.55 -131.11 11.07
N GLU RA 66 -4.49 -131.40 10.34
CA GLU RA 66 -4.62 -132.21 9.13
C GLU RA 66 -4.88 -133.67 9.50
N LYS RA 67 -4.34 -134.12 10.64
CA LYS RA 67 -4.31 -135.54 10.95
C LYS RA 67 -5.57 -136.03 11.65
N PHE RA 68 -6.22 -135.19 12.47
CA PHE RA 68 -7.40 -135.65 13.19
C PHE RA 68 -8.59 -135.96 12.29
N PRO RA 69 -9.05 -135.07 11.39
CA PRO RA 69 -10.30 -135.39 10.67
C PRO RA 69 -10.16 -136.51 9.66
N GLN RA 70 -8.99 -136.67 9.05
CA GLN RA 70 -8.79 -137.74 8.07
C GLN RA 70 -8.80 -139.12 8.69
N VAL RA 71 -8.60 -139.24 10.00
CA VAL RA 71 -8.61 -140.53 10.66
C VAL RA 71 -9.93 -140.67 11.42
N ALA RA 72 -10.47 -139.53 11.87
CA ALA RA 72 -11.76 -139.53 12.56
C ALA RA 72 -12.91 -139.80 11.61
N ALA RA 73 -12.75 -139.52 10.31
CA ALA RA 73 -13.74 -139.94 9.33
C ALA RA 73 -13.71 -141.45 9.10
N THR RA 74 -12.63 -142.12 9.50
CA THR RA 74 -12.57 -143.57 9.51
C THR RA 74 -13.04 -144.17 10.83
N GLY RA 75 -13.11 -143.37 11.89
CA GLY RA 75 -13.49 -143.87 13.19
C GLY RA 75 -12.34 -144.23 14.11
N ASP RA 76 -11.17 -143.63 13.92
CA ASP RA 76 -10.02 -143.93 14.76
C ASP RA 76 -9.24 -142.66 15.10
N GLY RA 77 -8.03 -142.82 15.59
CA GLY RA 77 -7.18 -141.69 15.90
C GLY RA 77 -7.04 -141.49 17.39
N PRO RA 78 -7.25 -140.26 17.84
CA PRO RA 78 -7.18 -139.98 19.27
C PRO RA 78 -8.53 -140.10 19.93
N ASP RA 79 -8.58 -139.86 21.23
CA ASP RA 79 -9.86 -139.64 21.89
C ASP RA 79 -10.11 -138.15 22.11
N ILE RA 80 -9.09 -137.43 22.57
CA ILE RA 80 -9.19 -136.01 22.90
C ILE RA 80 -8.21 -135.23 22.03
N ILE RA 81 -8.61 -134.03 21.61
CA ILE RA 81 -7.76 -133.17 20.81
C ILE RA 81 -7.84 -131.74 21.33
N PHE RA 82 -6.68 -131.12 21.55
CA PHE RA 82 -6.58 -129.76 22.05
C PHE RA 82 -6.28 -128.82 20.87
N TRP RA 83 -7.25 -127.99 20.51
CA TRP RA 83 -7.09 -127.11 19.35
C TRP RA 83 -8.07 -125.96 19.46
N ALA RA 84 -7.99 -125.05 18.49
CA ALA RA 84 -8.90 -123.92 18.41
C ALA RA 84 -10.33 -124.39 18.13
N HIS RA 85 -11.29 -123.61 18.62
CA HIS RA 85 -12.69 -123.99 18.55
C HIS RA 85 -13.30 -123.81 17.16
N ASP RA 86 -12.70 -122.95 16.33
CA ASP RA 86 -13.34 -122.59 15.07
C ASP RA 86 -13.40 -123.75 14.09
N ARG RA 87 -12.38 -124.59 14.07
CA ARG RA 87 -12.45 -125.81 13.28
C ARG RA 87 -13.20 -126.92 13.98
N PHE RA 88 -13.50 -126.75 15.28
CA PHE RA 88 -14.28 -127.76 16.00
C PHE RA 88 -15.73 -127.73 15.57
N GLY RA 89 -16.32 -126.54 15.46
CA GLY RA 89 -17.72 -126.42 15.05
C GLY RA 89 -17.96 -127.02 13.68
N GLY RA 90 -17.04 -126.78 12.75
CA GLY RA 90 -17.10 -127.48 11.47
C GLY RA 90 -17.00 -128.97 11.63
N TYR RA 91 -16.09 -129.43 12.49
CA TYR RA 91 -16.05 -130.86 12.81
C TYR RA 91 -17.19 -131.27 13.72
N ALA RA 92 -17.92 -130.31 14.30
CA ALA RA 92 -19.19 -130.64 14.92
C ALA RA 92 -20.23 -130.97 13.87
N GLN RA 93 -20.08 -130.42 12.66
CA GLN RA 93 -20.93 -130.83 11.55
C GLN RA 93 -20.47 -132.17 10.99
N SER RA 94 -19.17 -132.38 10.91
CA SER RA 94 -18.58 -133.51 10.20
C SER RA 94 -18.67 -134.82 10.96
N GLY RA 95 -19.33 -134.84 12.12
CA GLY RA 95 -19.46 -136.08 12.87
C GLY RA 95 -18.16 -136.59 13.45
N LEU RA 96 -17.23 -135.68 13.78
CA LEU RA 96 -15.92 -136.06 14.29
C LEU RA 96 -15.67 -135.62 15.73
N LEU RA 97 -16.46 -134.68 16.25
CA LEU RA 97 -16.41 -134.31 17.66
C LEU RA 97 -17.65 -134.81 18.38
N ALA RA 98 -17.44 -135.32 19.59
CA ALA RA 98 -18.53 -135.90 20.37
C ALA RA 98 -19.28 -134.83 21.12
N GLU RA 99 -20.60 -134.95 21.15
CA GLU RA 99 -21.45 -134.06 21.95
C GLU RA 99 -21.22 -134.36 23.42
N ILE RA 100 -20.59 -133.43 24.13
CA ILE RA 100 -20.28 -133.65 25.54
C ILE RA 100 -21.53 -133.44 26.38
N THR RA 101 -21.53 -134.02 27.57
CA THR RA 101 -22.60 -133.84 28.55
C THR RA 101 -21.99 -133.39 29.87
N PRO RA 102 -21.74 -132.10 30.03
CA PRO RA 102 -21.28 -131.58 31.32
C PRO RA 102 -22.44 -131.15 32.21
N ASP RA 103 -22.15 -131.07 33.50
CA ASP RA 103 -23.15 -130.65 34.47
CA ASP RA 103 -23.14 -130.65 34.48
C ASP RA 103 -23.22 -129.12 34.53
N LYS RA 104 -24.26 -128.64 35.21
CA LYS RA 104 -24.47 -127.19 35.32
C LYS RA 104 -23.57 -126.56 36.36
N ALA RA 105 -23.25 -127.29 37.43
CA ALA RA 105 -22.30 -126.78 38.41
C ALA RA 105 -20.90 -126.66 37.81
N PHE RA 106 -20.51 -127.61 36.95
CA PHE RA 106 -19.24 -127.49 36.25
C PHE RA 106 -19.30 -126.41 35.18
N GLN RA 107 -20.49 -126.14 34.64
CA GLN RA 107 -20.65 -125.00 33.74
C GLN RA 107 -20.52 -123.68 34.50
N ASP RA 108 -20.87 -123.68 35.78
CA ASP RA 108 -20.60 -122.52 36.63
C ASP RA 108 -19.12 -122.46 37.02
N LYS RA 109 -18.45 -123.61 37.08
CA LYS RA 109 -17.02 -123.65 37.40
C LYS RA 109 -16.17 -122.97 36.33
N LEU RA 110 -16.65 -122.92 35.09
CA LEU RA 110 -15.97 -122.24 34.00
C LEU RA 110 -16.74 -120.99 33.61
N TYR RA 111 -16.08 -120.14 32.82
CA TYR RA 111 -16.76 -118.96 32.31
C TYR RA 111 -17.64 -119.31 31.13
N PRO RA 112 -18.88 -118.80 31.08
CA PRO RA 112 -19.79 -119.18 29.98
C PRO RA 112 -19.39 -118.62 28.64
N PHE RA 113 -18.72 -117.46 28.60
CA PHE RA 113 -18.26 -116.92 27.33
C PHE RA 113 -17.19 -117.80 26.69
N THR RA 114 -16.52 -118.64 27.48
CA THR RA 114 -15.71 -119.71 26.93
C THR RA 114 -16.59 -120.82 26.34
N TRP RA 115 -17.72 -121.11 26.99
CA TRP RA 115 -18.63 -122.13 26.48
C TRP RA 115 -19.31 -121.70 25.19
N ASP RA 116 -19.41 -120.40 24.92
CA ASP RA 116 -19.94 -119.96 23.63
C ASP RA 116 -18.96 -120.22 22.48
N ALA RA 117 -17.73 -120.65 22.76
CA ALA RA 117 -16.78 -120.95 21.69
C ALA RA 117 -17.04 -122.31 21.05
N VAL RA 118 -17.63 -123.24 21.80
CA VAL RA 118 -17.77 -124.63 21.38
C VAL RA 118 -19.23 -124.98 21.13
N ARG RA 119 -20.00 -123.99 20.70
CA ARG RA 119 -21.41 -124.19 20.35
C ARG RA 119 -21.53 -124.44 18.86
N TYR RA 120 -22.42 -125.37 18.50
CA TYR RA 120 -22.73 -125.63 17.10
C TYR RA 120 -24.06 -126.36 17.03
N ASN RA 121 -25.04 -125.77 16.33
CA ASN RA 121 -26.39 -126.32 16.20
C ASN RA 121 -27.02 -126.58 17.57
N GLY RA 122 -26.72 -125.71 18.53
CA GLY RA 122 -27.25 -125.83 19.87
C GLY RA 122 -26.57 -126.88 20.74
N LYS RA 123 -25.79 -127.79 20.17
CA LYS RA 123 -25.15 -128.84 20.93
C LYS RA 123 -23.78 -128.37 21.40
N LEU RA 124 -23.29 -128.99 22.47
CA LEU RA 124 -22.03 -128.62 23.09
C LEU RA 124 -21.02 -129.72 22.81
N ILE RA 125 -19.86 -129.34 22.29
CA ILE RA 125 -18.96 -130.30 21.65
C ILE RA 125 -17.63 -130.50 22.37
N ALA RA 126 -17.18 -129.54 23.18
CA ALA RA 126 -15.82 -129.62 23.71
C ALA RA 126 -15.72 -128.76 24.96
N TYR RA 127 -14.74 -129.11 25.80
CA TYR RA 127 -14.51 -128.36 27.03
C TYR RA 127 -13.46 -127.31 26.79
N PRO RA 128 -13.74 -126.03 27.01
CA PRO RA 128 -12.71 -125.01 26.80
C PRO RA 128 -11.68 -125.04 27.91
N ILE RA 129 -10.41 -124.88 27.52
CA ILE RA 129 -9.32 -124.82 28.50
C ILE RA 129 -8.70 -123.44 28.46
N ALA RA 130 -8.14 -123.07 27.31
CA ALA RA 130 -7.37 -121.83 27.19
C ALA RA 130 -8.14 -120.83 26.35
N VAL RA 131 -7.93 -119.54 26.65
CA VAL RA 131 -8.64 -118.45 25.98
C VAL RA 131 -7.60 -117.41 25.59
N GLU RA 132 -7.68 -116.92 24.35
CA GLU RA 132 -6.66 -116.09 23.75
C GLU RA 132 -7.30 -114.79 23.25
N ALA RA 133 -6.59 -113.68 23.47
CA ALA RA 133 -7.08 -112.37 23.08
C ALA RA 133 -5.89 -111.41 22.99
N LEU RA 134 -5.97 -110.50 22.03
CA LEU RA 134 -4.90 -109.54 21.80
C LEU RA 134 -5.01 -108.38 22.77
N SER RA 135 -3.87 -107.96 23.32
CA SER RA 135 -3.83 -106.91 24.32
C SER RA 135 -2.76 -105.89 23.96
N LEU RA 136 -2.78 -104.75 24.66
CA LEU RA 136 -1.84 -103.68 24.39
C LEU RA 136 -0.58 -103.92 25.21
N ILE RA 137 0.57 -103.85 24.55
CA ILE RA 137 1.88 -103.99 25.19
C ILE RA 137 2.56 -102.64 25.07
N TYR RA 138 3.00 -102.08 26.20
CA TYR RA 138 3.54 -100.74 26.23
C TYR RA 138 4.87 -100.71 26.97
N ASN RA 139 5.77 -99.85 26.48
CA ASN RA 139 6.98 -99.50 27.22
C ASN RA 139 6.59 -98.60 28.39
N LYS RA 140 6.94 -99.02 29.60
CA LYS RA 140 6.63 -98.21 30.78
C LYS RA 140 7.49 -96.95 30.84
N ASP RA 141 8.67 -96.98 30.23
CA ASP RA 141 9.57 -95.83 30.29
C ASP RA 141 9.11 -94.74 29.32
N LEU RA 142 8.82 -95.10 28.08
CA LEU RA 142 8.38 -94.12 27.10
C LEU RA 142 7.02 -93.55 27.45
N LEU RA 143 6.18 -94.33 28.12
CA LEU RA 143 4.89 -93.79 28.52
C LEU RA 143 4.50 -94.36 29.89
N PRO RA 144 4.59 -93.56 30.96
CA PRO RA 144 4.24 -94.06 32.29
C PRO RA 144 2.74 -94.21 32.50
N ASN RA 145 1.91 -93.55 31.70
CA ASN RA 145 0.46 -93.55 31.90
C ASN RA 145 -0.23 -93.84 30.57
N PRO RA 146 -0.72 -95.06 30.37
CA PRO RA 146 -1.34 -95.40 29.09
C PRO RA 146 -2.64 -94.65 28.89
N PRO RA 147 -3.04 -94.40 27.64
CA PRO RA 147 -4.33 -93.77 27.37
C PRO RA 147 -5.44 -94.81 27.22
N LYS RA 148 -6.67 -94.34 27.45
CA LYS RA 148 -7.84 -95.20 27.39
C LYS RA 148 -8.73 -94.91 26.20
N THR RA 149 -8.35 -93.98 25.34
CA THR RA 149 -9.11 -93.66 24.13
C THR RA 149 -8.21 -93.76 22.91
N TRP RA 150 -8.77 -94.28 21.82
CA TRP RA 150 -8.05 -94.26 20.55
C TRP RA 150 -7.92 -92.85 20.01
N GLU RA 151 -8.90 -91.98 20.32
CA GLU RA 151 -8.84 -90.60 19.91
C GLU RA 151 -7.66 -89.85 20.52
N GLU RA 152 -7.05 -90.41 21.57
CA GLU RA 152 -5.85 -89.82 22.15
C GLU RA 152 -4.59 -90.19 21.37
N ILE RA 153 -4.61 -91.30 20.63
CA ILE RA 153 -3.42 -91.83 19.96
C ILE RA 153 -2.83 -90.87 18.92
N PRO RA 154 -3.60 -90.18 18.06
CA PRO RA 154 -2.95 -89.23 17.14
C PRO RA 154 -2.18 -88.13 17.85
N ALA RA 155 -2.81 -87.46 18.82
CA ALA RA 155 -2.18 -86.34 19.51
C ALA RA 155 -0.86 -86.74 20.16
N LEU RA 156 -0.87 -87.84 20.92
CA LEU RA 156 0.35 -88.29 21.58
C LEU RA 156 1.41 -88.71 20.56
N ASP RA 157 1.00 -89.13 19.36
CA ASP RA 157 1.97 -89.44 18.32
C ASP RA 157 2.78 -88.19 17.97
N LYS RA 158 2.13 -87.02 18.00
CA LYS RA 158 2.83 -85.76 17.78
C LYS RA 158 3.93 -85.54 18.80
N GLU RA 159 3.79 -86.12 19.99
CA GLU RA 159 4.87 -86.05 20.96
C GLU RA 159 6.05 -86.93 20.54
N LEU RA 160 5.78 -88.16 20.07
CA LEU RA 160 6.87 -89.11 19.92
C LEU RA 160 7.77 -88.80 18.74
N LYS RA 161 7.22 -88.19 17.67
CA LYS RA 161 8.07 -87.70 16.60
C LYS RA 161 8.98 -86.58 17.07
N ALA RA 162 8.65 -85.93 18.18
CA ALA RA 162 9.54 -84.95 18.80
C ALA RA 162 10.67 -85.60 19.58
N LYS RA 163 10.59 -86.91 19.83
CA LYS RA 163 11.68 -87.65 20.44
C LYS RA 163 12.32 -88.64 19.48
N GLY RA 164 11.90 -88.65 18.21
CA GLY RA 164 12.38 -89.64 17.28
C GLY RA 164 11.76 -91.00 17.47
N LYS RA 165 10.54 -91.05 18.02
CA LYS RA 165 9.85 -92.30 18.30
C LYS RA 165 8.54 -92.34 17.53
N SER RA 166 7.93 -93.52 17.50
CA SER RA 166 6.62 -93.72 16.88
C SER RA 166 5.65 -94.21 17.94
N ALA RA 167 4.37 -93.82 17.77
CA ALA RA 167 3.36 -94.17 18.76
C ALA RA 167 2.95 -95.63 18.64
N LEU RA 168 2.39 -96.02 17.51
CA LEU RA 168 1.86 -97.36 17.33
C LEU RA 168 2.36 -97.94 16.02
N MET RA 169 2.82 -99.18 16.07
CA MET RA 169 3.28 -99.90 14.87
C MET RA 169 2.92 -101.36 15.06
N PHE RA 170 2.11 -101.90 14.14
CA PHE RA 170 1.67 -103.28 14.22
C PHE RA 170 1.46 -103.81 12.81
N ASN RA 171 0.94 -105.03 12.72
CA ASN RA 171 0.72 -105.68 11.43
C ASN RA 171 -0.59 -105.19 10.82
N LEU RA 172 -0.49 -104.38 9.77
CA LEU RA 172 -1.65 -103.91 9.03
C LEU RA 172 -2.05 -104.86 7.91
N GLN RA 173 -1.29 -105.91 7.67
CA GLN RA 173 -1.55 -106.82 6.55
C GLN RA 173 -2.58 -107.89 6.89
N GLU RA 174 -3.15 -107.86 8.09
CA GLU RA 174 -4.13 -108.84 8.50
C GLU RA 174 -5.37 -108.16 9.06
N PRO RA 175 -6.57 -108.68 8.76
CA PRO RA 175 -7.77 -108.22 9.48
C PRO RA 175 -7.79 -108.65 10.93
N TYR RA 176 -7.00 -109.67 11.29
CA TYR RA 176 -6.97 -110.17 12.67
C TYR RA 176 -6.46 -109.12 13.64
N PHE RA 177 -5.60 -108.21 13.17
CA PHE RA 177 -5.13 -107.14 14.03
C PHE RA 177 -6.09 -105.96 14.03
N THR RA 178 -6.68 -105.65 12.88
CA THR RA 178 -7.46 -104.43 12.72
C THR RA 178 -8.90 -104.55 13.20
N TRP RA 179 -9.41 -105.78 13.34
CA TRP RA 179 -10.81 -105.99 13.70
C TRP RA 179 -11.23 -105.46 15.08
N PRO RA 180 -10.36 -105.39 16.10
CA PRO RA 180 -10.78 -104.70 17.34
C PRO RA 180 -11.25 -103.27 17.14
N LEU RA 181 -10.55 -102.48 16.34
CA LEU RA 181 -10.92 -101.07 16.18
C LEU RA 181 -12.14 -100.89 15.29
N ILE RA 182 -12.13 -101.52 14.12
CA ILE RA 182 -13.17 -101.24 13.12
C ILE RA 182 -14.52 -101.80 13.56
N ALA RA 183 -14.53 -102.92 14.27
CA ALA RA 183 -15.76 -103.58 14.68
C ALA RA 183 -16.15 -103.26 16.11
N ALA RA 184 -15.55 -102.23 16.71
CA ALA RA 184 -15.82 -101.93 18.11
C ALA RA 184 -17.19 -101.29 18.29
N ASP RA 185 -17.58 -100.42 17.38
CA ASP RA 185 -18.78 -99.59 17.52
C ASP RA 185 -19.87 -99.95 16.54
N GLY RA 186 -19.98 -101.22 16.15
CA GLY RA 186 -21.07 -101.63 15.29
C GLY RA 186 -20.74 -102.70 14.26
N GLY RA 187 -19.46 -103.02 14.08
CA GLY RA 187 -19.09 -104.09 13.19
C GLY RA 187 -19.08 -105.44 13.88
N TYR RA 188 -19.38 -106.48 13.10
CA TYR RA 188 -19.37 -107.85 13.59
C TYR RA 188 -19.33 -108.79 12.38
N ALA RA 189 -18.50 -109.83 12.47
CA ALA RA 189 -18.23 -110.69 11.32
C ALA RA 189 -19.50 -111.38 10.83
N PHE RA 190 -20.08 -112.24 11.66
CA PHE RA 190 -21.36 -112.88 11.36
C PHE RA 190 -22.27 -112.72 12.57
N LYS RA 191 -23.56 -112.57 12.31
CA LYS RA 191 -24.51 -112.52 13.42
C LYS RA 191 -24.58 -113.86 14.13
N TYR RA 192 -24.27 -113.87 15.42
CA TYR RA 192 -24.11 -115.09 16.21
C TYR RA 192 -25.04 -115.03 17.42
N GLU RA 193 -26.08 -115.87 17.40
CA GLU RA 193 -27.05 -115.90 18.48
C GLU RA 193 -27.47 -117.35 18.73
N ASN RA 194 -27.67 -117.70 20.00
CA ASN RA 194 -28.17 -119.02 20.42
C ASN RA 194 -27.29 -120.16 19.91
N GLY RA 195 -26.00 -119.91 19.76
CA GLY RA 195 -25.10 -120.93 19.25
C GLY RA 195 -25.12 -121.13 17.76
N LYS RA 196 -25.68 -120.18 17.00
CA LYS RA 196 -25.82 -120.31 15.55
C LYS RA 196 -25.27 -119.06 14.87
N TYR RA 197 -24.46 -119.26 13.83
CA TYR RA 197 -23.92 -118.17 13.03
C TYR RA 197 -24.77 -117.99 11.78
N ASP RA 198 -25.33 -116.79 11.61
CA ASP RA 198 -26.16 -116.51 10.46
C ASP RA 198 -25.29 -116.21 9.25
N ILE RA 199 -25.56 -116.90 8.15
CA ILE RA 199 -24.71 -116.78 6.97
C ILE RA 199 -25.08 -115.54 6.15
N LYS RA 200 -26.37 -115.21 6.09
CA LYS RA 200 -26.84 -114.03 5.38
C LYS RA 200 -26.58 -112.73 6.13
N ASP RA 201 -25.92 -112.79 7.29
CA ASP RA 201 -25.82 -111.61 8.15
C ASP RA 201 -24.34 -111.34 8.43
N VAL RA 202 -23.58 -111.15 7.35
CA VAL RA 202 -22.19 -110.71 7.39
C VAL RA 202 -22.20 -109.20 7.61
N GLY RA 203 -21.84 -108.76 8.81
CA GLY RA 203 -21.88 -107.34 9.10
C GLY RA 203 -20.59 -106.58 8.83
N VAL RA 204 -20.49 -105.96 7.65
CA VAL RA 204 -19.45 -104.98 7.39
C VAL RA 204 -20.01 -103.68 6.81
N ASP RA 205 -21.26 -103.66 6.38
CA ASP RA 205 -21.91 -102.45 5.87
C ASP RA 205 -22.66 -101.75 7.01
N ASN RA 206 -21.92 -101.44 8.07
CA ASN RA 206 -22.47 -100.80 9.25
C ASN RA 206 -21.73 -99.49 9.52
N ALA RA 207 -22.42 -98.58 10.22
CA ALA RA 207 -21.84 -97.28 10.52
C ALA RA 207 -20.63 -97.40 11.44
N GLY RA 208 -20.60 -98.42 12.30
CA GLY RA 208 -19.45 -98.62 13.15
C GLY RA 208 -18.21 -99.03 12.37
N ALA RA 209 -18.37 -99.94 11.39
CA ALA RA 209 -17.26 -100.30 10.54
C ALA RA 209 -16.77 -99.11 9.73
N LYS RA 210 -17.71 -98.27 9.27
CA LYS RA 210 -17.34 -97.04 8.59
C LYS RA 210 -16.51 -96.14 9.49
N ALA RA 211 -16.94 -95.96 10.74
CA ALA RA 211 -16.22 -95.08 11.66
C ALA RA 211 -14.83 -95.62 11.96
N GLY RA 212 -14.72 -96.93 12.17
CA GLY RA 212 -13.41 -97.52 12.44
C GLY RA 212 -12.46 -97.40 11.25
N LEU RA 213 -12.98 -97.63 10.03
CA LEU RA 213 -12.08 -97.56 8.88
C LEU RA 213 -11.73 -96.11 8.55
N THR RA 214 -12.63 -95.16 8.78
CA THR RA 214 -12.24 -93.76 8.67
C THR RA 214 -11.21 -93.37 9.72
N PHE RA 215 -11.30 -93.90 10.94
CA PHE RA 215 -10.24 -93.62 11.90
C PHE RA 215 -8.92 -94.23 11.46
N LEU RA 216 -8.96 -95.39 10.82
CA LEU RA 216 -7.75 -95.98 10.26
C LEU RA 216 -7.15 -95.10 9.16
N VAL RA 217 -8.00 -94.58 8.28
CA VAL RA 217 -7.46 -93.73 7.21
C VAL RA 217 -7.03 -92.36 7.74
N ASP RA 218 -7.54 -91.93 8.90
CA ASP RA 218 -6.99 -90.74 9.53
C ASP RA 218 -5.65 -91.02 10.19
N LEU RA 219 -5.46 -92.22 10.73
CA LEU RA 219 -4.17 -92.56 11.28
C LEU RA 219 -3.13 -92.78 10.19
N ILE RA 220 -3.55 -93.18 8.99
CA ILE RA 220 -2.59 -93.43 7.94
C ILE RA 220 -2.37 -92.21 7.04
N LYS RA 221 -3.39 -91.34 6.89
CA LYS RA 221 -3.26 -90.21 5.98
C LYS RA 221 -2.26 -89.19 6.52
N ASN RA 222 -2.39 -88.81 7.78
CA ASN RA 222 -1.48 -87.88 8.41
C ASN RA 222 -0.15 -88.53 8.82
N LYS RA 223 0.08 -89.78 8.39
CA LYS RA 223 1.37 -90.47 8.54
C LYS RA 223 1.73 -90.69 10.00
N HIS RA 224 0.74 -91.07 10.80
CA HIS RA 224 1.05 -91.55 12.15
C HIS RA 224 1.72 -92.91 12.10
N MET RA 225 1.26 -93.79 11.21
CA MET RA 225 1.87 -95.08 10.94
C MET RA 225 2.16 -95.19 9.45
N ASN RA 226 2.70 -96.35 9.07
CA ASN RA 226 2.93 -96.68 7.67
C ASN RA 226 1.94 -97.75 7.22
N ALA RA 227 1.71 -97.81 5.92
CA ALA RA 227 0.75 -98.76 5.37
C ALA RA 227 1.40 -100.08 5.00
N ASP RA 228 2.67 -100.06 4.62
CA ASP RA 228 3.38 -101.27 4.23
C ASP RA 228 3.99 -101.99 5.43
N THR RA 229 3.73 -101.53 6.65
CA THR RA 229 4.27 -102.20 7.81
C THR RA 229 3.56 -103.52 8.06
N ASP RA 230 4.20 -104.38 8.84
CA ASP RA 230 3.65 -105.68 9.18
C ASP RA 230 4.16 -106.07 10.56
N TYR RA 231 4.11 -107.36 10.85
CA TYR RA 231 4.36 -107.85 12.20
C TYR RA 231 5.84 -107.83 12.55
N SER RA 232 6.71 -108.16 11.58
CA SER RA 232 8.13 -108.31 11.88
CA SER RA 232 8.14 -108.30 11.88
C SER RA 232 8.77 -106.98 12.25
N ILE RA 233 8.59 -105.96 11.40
CA ILE RA 233 9.17 -104.65 11.67
C ILE RA 233 8.62 -104.08 12.96
N ALA RA 234 7.32 -104.29 13.20
CA ALA RA 234 6.67 -103.80 14.41
C ALA RA 234 7.29 -104.40 15.66
N GLU RA 235 7.32 -105.74 15.74
CA GLU RA 235 7.84 -106.40 16.92
C GLU RA 235 9.34 -106.16 17.09
N ALA RA 236 10.09 -106.10 16.00
CA ALA RA 236 11.53 -105.85 16.10
C ALA RA 236 11.81 -104.43 16.60
N ALA RA 237 11.04 -103.45 16.13
CA ALA RA 237 11.21 -102.09 16.58
C ALA RA 237 10.78 -101.93 18.03
N PHE RA 238 9.74 -102.66 18.45
CA PHE RA 238 9.32 -102.60 19.85
C PHE RA 238 10.33 -103.27 20.76
N ASN RA 239 10.99 -104.34 20.28
CA ASN RA 239 12.06 -104.95 21.06
C ASN RA 239 13.25 -104.01 21.21
N LYS RA 240 13.50 -103.17 20.21
CA LYS RA 240 14.50 -102.11 20.36
C LYS RA 240 13.97 -100.95 21.20
N GLY RA 241 12.65 -100.81 21.30
CA GLY RA 241 12.07 -99.71 22.04
C GLY RA 241 11.89 -98.44 21.23
N GLU RA 242 11.69 -98.56 19.93
CA GLU RA 242 11.48 -97.39 19.09
C GLU RA 242 10.02 -96.97 19.04
N THR RA 243 9.12 -97.92 18.78
CA THR RA 243 7.69 -97.69 18.90
C THR RA 243 7.28 -98.05 20.32
N ALA RA 244 6.40 -97.24 20.92
CA ALA RA 244 6.04 -97.44 22.31
C ALA RA 244 4.84 -98.37 22.51
N MET RA 245 3.85 -98.32 21.62
CA MET RA 245 2.66 -99.14 21.75
C MET RA 245 2.69 -100.27 20.73
N THR RA 246 2.14 -101.42 21.12
CA THR RA 246 1.85 -102.46 20.14
C THR RA 246 0.66 -103.26 20.63
N ILE RA 247 0.09 -104.05 19.73
CA ILE RA 247 -1.04 -104.93 20.03
C ILE RA 247 -0.63 -106.34 19.68
N ASN RA 248 -0.76 -107.25 20.64
CA ASN RA 248 -0.24 -108.60 20.43
C ASN RA 248 -0.92 -109.56 21.40
N GLY RA 249 -0.95 -110.83 21.00
CA GLY RA 249 -1.43 -111.89 21.85
C GLY RA 249 -0.34 -112.41 22.76
N PRO RA 250 -0.46 -113.66 23.19
CA PRO RA 250 0.53 -114.21 24.12
C PRO RA 250 1.85 -114.61 23.45
N TRP RA 251 1.79 -115.00 22.17
CA TRP RA 251 2.91 -115.71 21.54
C TRP RA 251 4.18 -114.88 21.44
N ALA RA 252 4.09 -113.56 21.55
CA ALA RA 252 5.28 -112.71 21.46
C ALA RA 252 5.78 -112.24 22.83
N TRP RA 253 5.08 -112.60 23.91
CA TRP RA 253 5.43 -112.11 25.24
C TRP RA 253 6.88 -112.41 25.59
N SER RA 254 7.27 -113.68 25.46
CA SER RA 254 8.65 -114.07 25.76
C SER RA 254 9.64 -113.34 24.88
N ASN RA 255 9.27 -113.05 23.63
CA ASN RA 255 10.13 -112.27 22.76
C ASN RA 255 10.41 -110.90 23.34
N ILE RA 256 9.39 -110.26 23.90
CA ILE RA 256 9.62 -108.98 24.57
C ILE RA 256 10.43 -109.20 25.84
N ASP RA 257 10.30 -110.37 26.46
CA ASP RA 257 11.16 -110.72 27.58
C ASP RA 257 12.60 -110.99 27.16
N THR RA 258 12.88 -111.09 25.86
CA THR RA 258 14.26 -111.04 25.41
C THR RA 258 14.79 -109.62 25.36
N SER RA 259 13.91 -108.64 25.19
CA SER RA 259 14.34 -107.24 25.09
CA SER RA 259 14.33 -107.25 25.09
C SER RA 259 14.77 -106.66 26.42
N LYS RA 260 14.28 -107.22 27.54
CA LYS RA 260 14.51 -106.72 28.89
C LYS RA 260 14.02 -105.28 29.05
N VAL RA 261 13.13 -104.84 28.17
CA VAL RA 261 12.50 -103.53 28.30
C VAL RA 261 11.47 -103.60 29.42
N ASN RA 262 11.49 -102.59 30.30
CA ASN RA 262 10.51 -102.55 31.37
C ASN RA 262 9.14 -102.24 30.78
N TYR RA 263 8.37 -103.28 30.49
CA TYR RA 263 7.12 -103.14 29.77
C TYR RA 263 5.94 -103.62 30.62
N GLY RA 264 4.75 -103.14 30.25
CA GLY RA 264 3.53 -103.60 30.85
C GLY RA 264 2.53 -104.00 29.78
N VAL RA 265 1.47 -104.67 30.23
CA VAL RA 265 0.38 -105.14 29.37
C VAL RA 265 -0.94 -104.66 29.95
N THR RA 266 -1.79 -104.09 29.10
CA THR RA 266 -3.08 -103.60 29.55
C THR RA 266 -4.12 -103.85 28.46
N VAL RA 267 -5.36 -103.44 28.77
CA VAL RA 267 -6.45 -103.53 27.82
C VAL RA 267 -6.28 -102.49 26.72
N LEU RA 268 -6.81 -102.79 25.55
CA LEU RA 268 -6.83 -101.82 24.47
C LEU RA 268 -7.74 -100.65 24.84
N PRO RA 269 -7.45 -99.45 24.36
CA PRO RA 269 -8.33 -98.30 24.62
C PRO RA 269 -9.70 -98.50 24.00
N THR RA 270 -10.69 -97.85 24.59
CA THR RA 270 -12.03 -97.83 24.03
C THR RA 270 -12.10 -96.74 22.96
N PHE RA 271 -13.12 -96.84 22.11
CA PHE RA 271 -13.24 -95.94 20.97
C PHE RA 271 -14.69 -95.46 20.87
N LYS RA 272 -14.89 -94.15 21.02
CA LYS RA 272 -16.20 -93.51 21.03
C LYS RA 272 -17.11 -94.10 22.12
N GLY RA 273 -16.50 -94.61 23.19
CA GLY RA 273 -17.21 -95.30 24.24
C GLY RA 273 -17.35 -96.79 24.04
N GLN RA 274 -17.41 -97.24 22.79
CA GLN RA 274 -17.48 -98.68 22.52
C GLN RA 274 -16.09 -99.29 22.58
N PRO RA 275 -15.84 -100.24 23.47
CA PRO RA 275 -14.50 -100.82 23.59
C PRO RA 275 -14.17 -101.73 22.42
N SER RA 276 -12.87 -101.96 22.26
CA SER RA 276 -12.37 -102.79 21.16
C SER RA 276 -12.88 -104.22 21.30
N LYS RA 277 -12.80 -104.95 20.19
CA LYS RA 277 -13.39 -106.29 20.07
C LYS RA 277 -12.41 -107.23 19.40
N PRO RA 278 -11.45 -107.78 20.14
CA PRO RA 278 -10.50 -108.72 19.54
C PRO RA 278 -11.12 -110.09 19.33
N PHE RA 279 -10.51 -110.84 18.42
CA PHE RA 279 -10.90 -112.23 18.21
C PHE RA 279 -10.50 -113.08 19.39
N VAL RA 280 -11.48 -113.73 20.00
CA VAL RA 280 -11.27 -114.62 21.13
C VAL RA 280 -10.99 -116.01 20.56
N GLY RA 281 -9.75 -116.48 20.70
CA GLY RA 281 -9.39 -117.79 20.23
C GLY RA 281 -9.31 -118.78 21.37
N VAL RA 282 -10.21 -119.76 21.41
CA VAL RA 282 -10.35 -120.62 22.56
C VAL RA 282 -9.80 -122.00 22.21
N LEU RA 283 -8.72 -122.38 22.88
CA LEU RA 283 -8.22 -123.75 22.83
C LEU RA 283 -9.10 -124.62 23.70
N SER RA 284 -9.80 -125.57 23.06
CA SER RA 284 -10.67 -126.51 23.73
C SER RA 284 -10.25 -127.93 23.37
N ALA RA 285 -10.77 -128.88 24.15
CA ALA RA 285 -10.46 -130.30 24.00
C ALA RA 285 -11.70 -131.01 23.49
N GLY RA 286 -11.72 -131.32 22.20
CA GLY RA 286 -12.81 -132.04 21.60
C GLY RA 286 -12.65 -133.54 21.78
N ILE RA 287 -13.75 -134.20 22.13
CA ILE RA 287 -13.81 -135.66 22.21
C ILE RA 287 -14.24 -136.17 20.85
N ASN RA 288 -13.57 -137.22 20.37
CA ASN RA 288 -13.90 -137.78 19.07
C ASN RA 288 -15.31 -138.37 19.09
N ALA RA 289 -16.06 -138.15 18.01
CA ALA RA 289 -17.45 -138.59 17.94
C ALA RA 289 -17.58 -140.10 17.71
N ALA RA 290 -16.51 -140.77 17.31
CA ALA RA 290 -16.51 -142.22 17.18
C ALA RA 290 -16.07 -142.91 18.46
N SER RA 291 -15.85 -142.17 19.53
CA SER RA 291 -15.31 -142.71 20.76
C SER RA 291 -16.37 -143.51 21.52
N PRO RA 292 -16.08 -144.74 21.91
CA PRO RA 292 -16.83 -145.39 23.00
C PRO RA 292 -16.27 -145.11 24.38
N ASN RA 293 -15.46 -144.07 24.54
CA ASN RA 293 -14.76 -143.77 25.79
C ASN RA 293 -15.24 -142.44 26.37
N LYS RA 294 -16.55 -142.24 26.39
CA LYS RA 294 -17.12 -140.93 26.72
C LYS RA 294 -16.86 -140.55 28.17
N GLU RA 295 -17.28 -141.42 29.11
CA GLU RA 295 -17.25 -141.06 30.52
C GLU RA 295 -15.83 -140.97 31.06
N LEU RA 296 -14.91 -141.79 30.55
CA LEU RA 296 -13.53 -141.74 30.99
C LEU RA 296 -12.89 -140.40 30.66
N ALA RA 297 -13.02 -139.97 29.40
CA ALA RA 297 -12.44 -138.69 29.00
C ALA RA 297 -13.17 -137.52 29.64
N LYS RA 298 -14.48 -137.65 29.88
CA LYS RA 298 -15.21 -136.59 30.58
C LYS RA 298 -14.70 -136.44 32.01
N GLU RA 299 -14.44 -137.57 32.68
CA GLU RA 299 -13.88 -137.53 34.03
CA GLU RA 299 -13.88 -137.53 34.03
C GLU RA 299 -12.49 -136.91 34.02
N PHE RA 300 -11.66 -137.29 33.05
CA PHE RA 300 -10.30 -136.75 32.96
C PHE RA 300 -10.32 -135.25 32.67
N LEU RA 301 -11.31 -134.78 31.91
CA LEU RA 301 -11.37 -133.36 31.57
C LEU RA 301 -11.96 -132.54 32.70
N GLU RA 302 -12.94 -133.07 33.42
CA GLU RA 302 -13.63 -132.27 34.42
C GLU RA 302 -12.95 -132.32 35.79
N ASN RA 303 -12.57 -133.51 36.24
CA ASN RA 303 -12.05 -133.65 37.60
C ASN RA 303 -10.52 -133.52 37.67
N TYR RA 304 -9.82 -133.60 36.55
CA TYR RA 304 -8.37 -133.50 36.54
C TYR RA 304 -7.86 -132.34 35.70
N LEU RA 305 -8.36 -132.17 34.47
CA LEU RA 305 -7.86 -131.11 33.60
C LEU RA 305 -8.36 -129.74 34.04
N LEU RA 306 -9.67 -129.54 34.01
CA LEU RA 306 -10.26 -128.22 34.25
C LEU RA 306 -10.44 -127.96 35.75
N THR RA 307 -9.37 -128.18 36.50
CA THR RA 307 -9.26 -127.90 37.92
C THR RA 307 -8.00 -127.07 38.15
N ASP RA 308 -7.70 -126.78 39.42
CA ASP RA 308 -6.53 -125.97 39.72
C ASP RA 308 -5.24 -126.71 39.41
N GLU RA 309 -5.13 -127.97 39.86
CA GLU RA 309 -3.85 -128.67 39.74
C GLU RA 309 -3.55 -129.10 38.31
N GLY RA 310 -4.58 -129.36 37.49
CA GLY RA 310 -4.33 -129.76 36.12
C GLY RA 310 -3.80 -128.63 35.27
N LEU RA 311 -4.46 -127.46 35.34
CA LEU RA 311 -3.96 -126.29 34.64
C LEU RA 311 -2.64 -125.81 35.23
N GLU RA 312 -2.42 -126.02 36.54
CA GLU RA 312 -1.13 -125.70 37.11
C GLU RA 312 -0.03 -126.57 36.52
N ALA RA 313 -0.27 -127.89 36.45
CA ALA RA 313 0.73 -128.81 35.93
C ALA RA 313 1.01 -128.56 34.45
N VAL RA 314 0.00 -128.21 33.67
CA VAL RA 314 0.31 -127.92 32.27
C VAL RA 314 1.01 -126.56 32.14
N ASN RA 315 0.71 -125.60 33.02
CA ASN RA 315 1.33 -124.28 32.93
C ASN RA 315 2.76 -124.25 33.46
N LYS RA 316 3.19 -125.25 34.24
CA LYS RA 316 4.58 -125.27 34.64
C LYS RA 316 5.53 -125.45 33.45
N ASP RA 317 5.09 -126.16 32.42
CA ASP RA 317 5.92 -126.28 31.21
C ASP RA 317 5.65 -125.13 30.24
N LYS RA 318 4.41 -125.00 29.78
CA LYS RA 318 4.03 -123.91 28.89
C LYS RA 318 2.69 -123.35 29.35
N PRO RA 319 2.58 -122.03 29.52
CA PRO RA 319 1.34 -121.46 30.06
C PRO RA 319 0.22 -121.47 29.02
N LEU RA 320 -0.98 -121.12 29.51
CA LEU RA 320 -2.16 -121.00 28.67
C LEU RA 320 -2.75 -119.60 28.67
N GLY RA 321 -2.13 -118.65 29.37
CA GLY RA 321 -2.63 -117.29 29.36
C GLY RA 321 -3.90 -117.17 30.15
N ALA RA 322 -4.96 -116.71 29.48
CA ALA RA 322 -6.29 -116.71 30.07
C ALA RA 322 -6.91 -118.09 29.89
N VAL RA 323 -7.34 -118.69 30.99
CA VAL RA 323 -7.94 -120.02 30.94
C VAL RA 323 -9.45 -119.89 31.11
N ALA RA 324 -10.16 -121.01 31.02
CA ALA RA 324 -11.62 -120.99 31.12
C ALA RA 324 -12.13 -121.22 32.54
N LEU RA 325 -11.36 -121.90 33.39
CA LEU RA 325 -11.81 -122.19 34.75
C LEU RA 325 -11.68 -120.95 35.62
N LYS RA 326 -12.72 -120.66 36.40
CA LYS RA 326 -12.81 -119.38 37.11
C LYS RA 326 -11.78 -119.28 38.22
N SER RA 327 -11.64 -120.35 39.03
CA SER RA 327 -10.70 -120.31 40.15
C SER RA 327 -9.27 -120.20 39.67
N TYR RA 328 -8.91 -120.93 38.61
CA TYR RA 328 -7.57 -120.81 38.07
C TYR RA 328 -7.35 -119.47 37.38
N GLU RA 329 -8.41 -118.84 36.88
CA GLU RA 329 -8.27 -117.45 36.44
C GLU RA 329 -8.00 -116.52 37.61
N GLU RA 330 -8.58 -116.79 38.78
CA GLU RA 330 -8.24 -115.98 39.94
C GLU RA 330 -6.81 -116.23 40.41
N GLU RA 331 -6.31 -117.45 40.25
CA GLU RA 331 -4.90 -117.72 40.55
C GLU RA 331 -3.97 -117.00 39.58
N LEU RA 332 -4.28 -117.01 38.28
CA LEU RA 332 -3.40 -116.39 37.30
C LEU RA 332 -3.61 -114.90 37.13
N ALA RA 333 -4.67 -114.33 37.71
CA ALA RA 333 -4.94 -112.91 37.52
C ALA RA 333 -3.96 -112.00 38.26
N LYS RA 334 -3.04 -112.53 39.06
CA LYS RA 334 -2.00 -111.70 39.63
C LYS RA 334 -0.98 -111.26 38.58
N ASP RA 335 -0.88 -111.98 37.48
CA ASP RA 335 -0.09 -111.54 36.35
C ASP RA 335 -0.95 -110.57 35.55
N PRO RA 336 -0.55 -109.30 35.40
CA PRO RA 336 -1.42 -108.33 34.71
C PRO RA 336 -1.62 -108.64 33.24
N ARG RA 337 -0.69 -109.36 32.61
CA ARG RA 337 -0.90 -109.82 31.24
C ARG RA 337 -2.13 -110.72 31.16
N ILE RA 338 -2.32 -111.57 32.17
CA ILE RA 338 -3.44 -112.49 32.17
C ILE RA 338 -4.76 -111.73 32.37
N ALA RA 339 -4.73 -110.71 33.24
CA ALA RA 339 -5.92 -109.88 33.46
C ALA RA 339 -6.29 -109.11 32.19
N ALA RA 340 -5.30 -108.55 31.51
CA ALA RA 340 -5.56 -107.84 30.26
C ALA RA 340 -6.10 -108.79 29.20
N THR RA 341 -5.54 -110.01 29.14
CA THR RA 341 -6.01 -111.00 28.18
C THR RA 341 -7.46 -111.39 28.45
N MET RA 342 -7.82 -111.60 29.72
CA MET RA 342 -9.18 -112.03 30.00
C MET RA 342 -10.18 -110.89 29.81
N GLU RA 343 -9.79 -109.64 30.08
CA GLU RA 343 -10.76 -108.57 29.83
C GLU RA 343 -10.94 -108.30 28.33
N ASN RA 344 -9.87 -108.39 27.54
CA ASN RA 344 -10.04 -108.30 26.10
C ASN RA 344 -10.81 -109.49 25.54
N ALA RA 345 -10.68 -110.66 26.17
CA ALA RA 345 -11.42 -111.83 25.72
C ALA RA 345 -12.90 -111.72 26.05
N GLN RA 346 -13.23 -111.19 27.24
CA GLN RA 346 -14.63 -111.06 27.61
C GLN RA 346 -15.32 -109.90 26.90
N LYS RA 347 -14.56 -108.90 26.45
CA LYS RA 347 -15.15 -107.84 25.64
C LYS RA 347 -14.94 -108.03 24.14
N GLY RA 348 -14.34 -109.15 23.74
CA GLY RA 348 -14.04 -109.39 22.35
C GLY RA 348 -15.12 -110.20 21.64
N GLU RA 349 -14.86 -110.47 20.36
CA GLU RA 349 -15.76 -111.27 19.52
C GLU RA 349 -15.22 -112.68 19.41
N ILE RA 350 -16.08 -113.67 19.65
CA ILE RA 350 -15.67 -115.05 19.55
C ILE RA 350 -15.46 -115.41 18.08
N MET RA 351 -14.45 -116.23 17.81
CA MET RA 351 -14.14 -116.59 16.43
CA MET RA 351 -14.13 -116.60 16.44
C MET RA 351 -15.23 -117.48 15.86
N PRO RA 352 -15.67 -117.22 14.62
CA PRO RA 352 -16.71 -118.06 14.02
C PRO RA 352 -16.20 -119.44 13.66
N ASN RA 353 -17.10 -120.42 13.82
CA ASN RA 353 -16.80 -121.82 13.53
C ASN RA 353 -17.27 -122.25 12.15
N ILE RA 354 -17.51 -121.30 11.25
CA ILE RA 354 -18.15 -121.57 9.97
C ILE RA 354 -17.16 -121.40 8.83
N PRO RA 355 -17.33 -122.09 7.69
CA PRO RA 355 -16.33 -121.98 6.61
C PRO RA 355 -16.41 -120.70 5.80
N GLN RA 356 -17.55 -119.99 5.82
CA GLN RA 356 -17.66 -118.71 5.12
C GLN RA 356 -16.65 -117.70 5.65
N MET RA 357 -16.24 -117.87 6.90
CA MET RA 357 -15.17 -117.08 7.50
C MET RA 357 -13.93 -117.02 6.60
N SER RA 358 -13.65 -118.12 5.89
CA SER RA 358 -12.52 -118.14 4.96
C SER RA 358 -12.64 -117.04 3.92
N ALA RA 359 -13.82 -116.94 3.27
CA ALA RA 359 -14.05 -115.85 2.32
C ALA RA 359 -13.96 -114.50 3.01
N PHE RA 360 -14.35 -114.44 4.29
CA PHE RA 360 -14.11 -113.25 5.11
C PHE RA 360 -12.64 -112.85 5.06
N TRP RA 361 -11.76 -113.80 5.37
CA TRP RA 361 -10.32 -113.51 5.32
C TRP RA 361 -9.82 -113.25 3.91
N TYR RA 362 -10.63 -113.54 2.89
CA TYR RA 362 -10.32 -113.14 1.54
C TYR RA 362 -10.98 -111.82 1.16
N ALA RA 363 -12.12 -111.50 1.76
CA ALA RA 363 -12.83 -110.28 1.36
C ALA RA 363 -12.29 -109.05 2.10
N VAL RA 364 -12.46 -109.01 3.42
CA VAL RA 364 -12.20 -107.80 4.18
C VAL RA 364 -10.73 -107.42 4.18
N ARG RA 365 -9.83 -108.39 4.02
CA ARG RA 365 -8.42 -108.08 3.84
C ARG RA 365 -8.21 -107.17 2.64
N THR RA 366 -8.80 -107.53 1.50
CA THR RA 366 -8.72 -106.66 0.32
C THR RA 366 -9.29 -105.29 0.62
N ALA RA 367 -10.26 -105.20 1.52
CA ALA RA 367 -10.82 -103.92 1.94
C ALA RA 367 -9.72 -103.00 2.45
N VAL RA 368 -8.89 -103.48 3.39
CA VAL RA 368 -7.84 -102.59 3.88
C VAL RA 368 -6.77 -102.41 2.82
N ILE RA 369 -6.65 -103.34 1.87
CA ILE RA 369 -5.72 -103.14 0.77
C ILE RA 369 -6.24 -102.03 -0.15
N ASN RA 370 -7.55 -101.79 -0.13
CA ASN RA 370 -8.07 -100.62 -0.82
C ASN RA 370 -8.15 -99.40 0.08
N ALA RA 371 -7.93 -99.56 1.40
CA ALA RA 371 -8.07 -98.46 2.34
C ALA RA 371 -6.74 -97.78 2.64
N ALA RA 372 -5.77 -98.54 3.16
CA ALA RA 372 -4.47 -97.96 3.50
C ALA RA 372 -3.69 -97.58 2.24
N SER RA 373 -3.95 -98.22 1.12
CA SER RA 373 -3.36 -97.84 -0.15
C SER RA 373 -4.13 -96.73 -0.85
N GLY RA 374 -5.40 -96.54 -0.51
CA GLY RA 374 -6.18 -95.47 -1.11
C GLY RA 374 -6.61 -95.72 -2.54
N ARG RA 375 -6.63 -96.98 -2.97
CA ARG RA 375 -7.17 -97.29 -4.29
C ARG RA 375 -8.67 -97.05 -4.32
N GLN RA 376 -9.36 -97.39 -3.25
CA GLN RA 376 -10.77 -97.09 -3.05
C GLN RA 376 -10.91 -96.21 -1.82
N THR RA 377 -12.14 -95.83 -1.51
CA THR RA 377 -12.44 -95.08 -0.31
C THR RA 377 -12.81 -96.06 0.81
N VAL RA 378 -13.37 -95.53 1.90
CA VAL RA 378 -13.84 -96.39 2.99
C VAL RA 378 -15.05 -97.21 2.56
N ASP RA 379 -16.10 -96.53 2.09
CA ASP RA 379 -17.34 -97.21 1.75
C ASP RA 379 -17.17 -98.15 0.57
N GLU RA 380 -16.35 -97.77 -0.42
CA GLU RA 380 -16.12 -98.62 -1.57
C GLU RA 380 -15.46 -99.94 -1.16
N ALA RA 381 -14.40 -99.86 -0.34
CA ALA RA 381 -13.71 -101.05 0.11
C ALA RA 381 -14.61 -101.92 0.98
N LEU RA 382 -15.39 -101.31 1.88
CA LEU RA 382 -16.18 -102.12 2.78
C LEU RA 382 -17.36 -102.77 2.07
N LYS RA 383 -18.00 -102.10 1.10
CA LYS RA 383 -19.07 -102.78 0.39
C LYS RA 383 -18.54 -103.74 -0.68
N ASP RA 384 -17.28 -103.59 -1.09
CA ASP RA 384 -16.66 -104.63 -1.91
C ASP RA 384 -16.37 -105.87 -1.08
N ALA RA 385 -15.98 -105.67 0.18
CA ALA RA 385 -15.83 -106.81 1.09
C ALA RA 385 -17.18 -107.35 1.56
N GLN RA 386 -18.26 -106.59 1.36
CA GLN RA 386 -19.59 -107.03 1.80
C GLN RA 386 -20.06 -108.23 0.98
N THR RA 387 -20.04 -108.12 -0.35
CA THR RA 387 -20.48 -109.19 -1.21
C THR RA 387 -19.43 -110.29 -1.30
N SER SA 35 10.16 -9.17 -94.24
CA SER SA 35 11.47 -8.56 -94.07
C SER SA 35 11.73 -7.52 -95.16
N GLU SA 36 10.67 -6.84 -95.59
CA GLU SA 36 10.80 -5.76 -96.55
C GLU SA 36 11.60 -4.60 -95.98
N LEU SA 37 11.53 -4.39 -94.66
CA LEU SA 37 12.39 -3.45 -93.96
C LEU SA 37 13.25 -4.15 -92.92
N GLY SA 38 13.31 -5.48 -92.96
CA GLY SA 38 14.06 -6.21 -91.95
C GLY SA 38 15.56 -6.07 -92.13
N LYS SA 39 16.04 -6.18 -93.37
CA LYS SA 39 17.46 -5.92 -93.62
C LYS SA 39 17.76 -4.44 -93.49
N GLU SA 40 16.76 -3.58 -93.72
CA GLU SA 40 16.90 -2.17 -93.40
C GLU SA 40 17.04 -1.96 -91.90
N LEU SA 41 16.53 -2.87 -91.09
CA LEU SA 41 16.82 -2.85 -89.66
C LEU SA 41 18.18 -3.47 -89.36
N LEU SA 42 18.59 -4.48 -90.13
CA LEU SA 42 19.89 -5.11 -89.90
C LEU SA 42 21.03 -4.14 -90.15
N GLU SA 43 20.90 -3.30 -91.19
CA GLU SA 43 21.98 -2.36 -91.48
C GLU SA 43 22.10 -1.29 -90.40
N ALA SA 44 20.97 -0.81 -89.88
CA ALA SA 44 21.02 0.17 -88.81
C ALA SA 44 21.47 -0.45 -87.51
N ALA SA 45 21.17 -1.74 -87.30
CA ALA SA 45 21.67 -2.42 -86.10
C ALA SA 45 23.16 -2.65 -86.16
N ARG SA 46 23.69 -2.94 -87.35
CA ARG SA 46 25.14 -3.00 -87.53
C ARG SA 46 25.78 -1.63 -87.39
N ALA SA 47 25.07 -0.57 -87.80
CA ALA SA 47 25.68 0.75 -87.88
C ALA SA 47 25.29 1.69 -86.75
N GLY SA 48 24.15 1.47 -86.10
CA GLY SA 48 23.78 2.33 -84.98
C GLY SA 48 23.23 3.70 -85.35
N GLN SA 49 22.05 3.74 -85.96
CA GLN SA 49 21.33 4.99 -86.23
C GLN SA 49 19.99 4.96 -85.52
N ASP SA 50 19.86 5.78 -84.47
CA ASP SA 50 18.58 5.90 -83.79
C ASP SA 50 17.53 6.56 -84.68
N ASP SA 51 17.95 7.46 -85.55
CA ASP SA 51 17.03 8.11 -86.47
C ASP SA 51 16.48 7.12 -87.50
N GLU SA 52 17.34 6.25 -88.03
CA GLU SA 52 16.89 5.27 -89.02
C GLU SA 52 15.87 4.32 -88.43
N VAL SA 53 16.14 3.80 -87.23
CA VAL SA 53 15.19 2.89 -86.62
C VAL SA 53 13.95 3.62 -86.13
N ARG SA 54 14.06 4.90 -85.79
CA ARG SA 54 12.87 5.69 -85.46
C ARG SA 54 11.96 5.85 -86.67
N ILE SA 55 12.55 6.09 -87.84
CA ILE SA 55 11.75 6.20 -89.06
C ILE SA 55 11.18 4.85 -89.45
N LEU SA 56 11.96 3.77 -89.26
CA LEU SA 56 11.47 2.44 -89.62
C LEU SA 56 10.34 2.00 -88.70
N MET SA 57 10.37 2.39 -87.43
CA MET SA 57 9.22 2.17 -86.57
C MET SA 57 8.08 3.14 -86.84
N ALA SA 58 8.37 4.29 -87.45
CA ALA SA 58 7.29 5.14 -87.95
C ALA SA 58 6.61 4.50 -89.15
N ARG SA 59 7.36 3.70 -89.92
CA ARG SA 59 6.81 2.94 -91.03
C ARG SA 59 6.39 1.54 -90.63
N GLY SA 60 6.61 1.15 -89.38
CA GLY SA 60 6.18 -0.15 -88.90
C GLY SA 60 7.04 -1.29 -89.39
N ALA SA 61 8.35 -1.15 -89.29
CA ALA SA 61 9.25 -2.22 -89.71
C ALA SA 61 9.18 -3.37 -88.73
N GLU SA 62 9.26 -4.60 -89.27
CA GLU SA 62 9.17 -5.78 -88.44
C GLU SA 62 10.44 -5.97 -87.61
N VAL SA 63 10.27 -6.33 -86.34
CA VAL SA 63 11.40 -6.39 -85.39
C VAL SA 63 11.99 -7.79 -85.25
N ASN SA 64 11.32 -8.82 -85.75
CA ASN SA 64 11.77 -10.19 -85.60
C ASN SA 64 12.40 -10.73 -86.88
N ALA SA 65 13.19 -9.89 -87.56
CA ALA SA 65 13.78 -10.25 -88.84
C ALA SA 65 14.97 -11.18 -88.60
N ALA SA 66 14.77 -12.47 -88.82
CA ALA SA 66 15.83 -13.45 -88.66
C ALA SA 66 16.48 -13.73 -90.01
N ASP SA 67 17.81 -13.79 -90.01
CA ASP SA 67 18.55 -14.14 -91.21
C ASP SA 67 18.67 -15.66 -91.31
N ASN SA 68 19.52 -16.15 -92.21
CA ASN SA 68 19.67 -17.59 -92.39
C ASN SA 68 20.31 -18.28 -91.19
N THR SA 69 21.05 -17.54 -90.36
CA THR SA 69 21.72 -18.11 -89.20
C THR SA 69 21.08 -17.67 -87.89
N GLY SA 70 19.93 -17.01 -87.94
CA GLY SA 70 19.19 -16.67 -86.74
C GLY SA 70 19.51 -15.33 -86.12
N THR SA 71 20.35 -14.53 -86.75
CA THR SA 71 20.79 -13.28 -86.15
C THR SA 71 19.70 -12.21 -86.31
N THR SA 72 19.19 -11.72 -85.20
CA THR SA 72 18.11 -10.76 -85.17
C THR SA 72 18.67 -9.33 -85.13
N PRO SA 73 17.83 -8.33 -85.35
CA PRO SA 73 18.29 -6.95 -85.11
C PRO SA 73 18.68 -6.70 -83.66
N LEU SA 74 18.05 -7.41 -82.72
CA LEU SA 74 18.44 -7.29 -81.32
C LEU SA 74 19.84 -7.83 -81.09
N HIS SA 75 20.22 -8.90 -81.81
CA HIS SA 75 21.55 -9.45 -81.66
C HIS SA 75 22.62 -8.44 -82.07
N LEU SA 76 22.43 -7.80 -83.22
CA LEU SA 76 23.41 -6.81 -83.66
C LEU SA 76 23.36 -5.56 -82.80
N ALA SA 77 22.18 -5.21 -82.30
CA ALA SA 77 22.08 -4.07 -81.39
C ALA SA 77 22.85 -4.34 -80.11
N ALA SA 78 22.84 -5.59 -79.63
CA ALA SA 78 23.60 -5.95 -78.44
C ALA SA 78 25.10 -6.00 -78.74
N TYR SA 79 25.47 -6.64 -79.85
CA TYR SA 79 26.88 -6.74 -80.24
C TYR SA 79 27.50 -5.37 -80.46
N SER SA 80 26.71 -4.39 -80.93
CA SER SA 80 27.26 -3.08 -81.21
C SER SA 80 27.46 -2.26 -79.95
N GLY SA 81 26.50 -2.29 -79.04
CA GLY SA 81 26.64 -1.56 -77.79
C GLY SA 81 25.97 -0.20 -77.77
N HIS SA 82 24.92 0.00 -78.55
CA HIS SA 82 24.12 1.22 -78.49
C HIS SA 82 22.80 0.87 -77.80
N LEU SA 83 22.57 1.49 -76.64
CA LEU SA 83 21.43 1.10 -75.81
C LEU SA 83 20.09 1.56 -76.38
N GLU SA 84 20.09 2.62 -77.20
CA GLU SA 84 18.82 3.20 -77.64
C GLU SA 84 18.10 2.28 -78.62
N ILE SA 85 18.82 1.69 -79.57
CA ILE SA 85 18.19 0.78 -80.51
C ILE SA 85 17.68 -0.47 -79.81
N VAL SA 86 18.41 -0.93 -78.79
CA VAL SA 86 17.93 -2.05 -77.98
C VAL SA 86 16.65 -1.67 -77.26
N GLU SA 87 16.61 -0.46 -76.69
CA GLU SA 87 15.44 -0.01 -75.96
C GLU SA 87 14.22 0.06 -76.86
N VAL SA 88 14.37 0.62 -78.05
CA VAL SA 88 13.20 0.75 -78.92
C VAL SA 88 12.81 -0.60 -79.51
N LEU SA 89 13.78 -1.49 -79.75
CA LEU SA 89 13.45 -2.83 -80.20
C LEU SA 89 12.64 -3.58 -79.16
N LEU SA 90 12.99 -3.42 -77.88
CA LEU SA 90 12.18 -4.02 -76.83
C LEU SA 90 10.87 -3.28 -76.64
N LYS SA 91 10.81 -2.00 -77.00
CA LYS SA 91 9.55 -1.28 -76.95
C LYS SA 91 8.57 -1.81 -77.99
N TYR SA 92 9.06 -2.25 -79.14
CA TYR SA 92 8.22 -2.82 -80.17
C TYR SA 92 8.12 -4.34 -80.09
N GLY SA 93 8.61 -4.94 -79.01
CA GLY SA 93 8.35 -6.34 -78.75
C GLY SA 93 9.30 -7.31 -79.43
N ALA SA 94 10.58 -6.96 -79.51
CA ALA SA 94 11.55 -7.91 -80.03
C ALA SA 94 11.77 -9.04 -79.03
N GLU SA 95 12.17 -10.20 -79.56
CA GLU SA 95 12.35 -11.37 -78.72
C GLU SA 95 13.65 -11.26 -77.92
N VAL SA 96 13.53 -11.37 -76.59
CA VAL SA 96 14.69 -11.21 -75.73
C VAL SA 96 15.52 -12.49 -75.65
N ASN SA 97 14.92 -13.65 -75.93
CA ASN SA 97 15.57 -14.94 -75.74
C ASN SA 97 15.68 -15.69 -77.06
N ALA SA 98 15.98 -14.97 -78.14
CA ALA SA 98 16.09 -15.58 -79.45
C ALA SA 98 17.46 -16.24 -79.59
N ALA SA 99 17.47 -17.55 -79.74
CA ALA SA 99 18.72 -18.29 -79.90
C ALA SA 99 19.08 -18.42 -81.37
N ASP SA 100 20.37 -18.29 -81.66
CA ASP SA 100 20.88 -18.46 -83.02
C ASP SA 100 21.15 -19.94 -83.28
N VAL SA 101 21.84 -20.24 -84.38
CA VAL SA 101 22.23 -21.62 -84.67
C VAL SA 101 23.36 -22.10 -83.79
N PHE SA 102 24.03 -21.20 -83.08
CA PHE SA 102 25.08 -21.56 -82.14
C PHE SA 102 24.61 -21.52 -80.69
N GLY SA 103 23.39 -21.04 -80.44
CA GLY SA 103 22.83 -21.00 -79.10
C GLY SA 103 22.93 -19.67 -78.41
N TYR SA 104 23.65 -18.71 -78.98
CA TYR SA 104 23.81 -17.41 -78.33
C TYR SA 104 22.53 -16.60 -78.39
N THR SA 105 22.24 -15.92 -77.30
CA THR SA 105 21.20 -14.92 -77.18
C THR SA 105 21.84 -13.54 -77.14
N PRO SA 106 21.05 -12.47 -77.16
CA PRO SA 106 21.65 -11.14 -76.95
C PRO SA 106 22.37 -10.99 -75.62
N LEU SA 107 21.93 -11.71 -74.59
CA LEU SA 107 22.60 -11.63 -73.30
C LEU SA 107 24.01 -12.22 -73.38
N HIS SA 108 24.18 -13.32 -74.12
CA HIS SA 108 25.50 -13.91 -74.32
C HIS SA 108 26.46 -12.92 -74.95
N LEU SA 109 26.06 -12.34 -76.08
CA LEU SA 109 26.94 -11.39 -76.78
C LEU SA 109 27.18 -10.15 -75.95
N ALA SA 110 26.18 -9.70 -75.19
CA ALA SA 110 26.36 -8.55 -74.34
C ALA SA 110 27.37 -8.83 -73.23
N ALA SA 111 27.34 -10.05 -72.70
CA ALA SA 111 28.28 -10.41 -71.64
C ALA SA 111 29.69 -10.61 -72.20
N TYR SA 112 29.79 -11.07 -73.45
CA TYR SA 112 31.10 -11.24 -74.07
C TYR SA 112 31.81 -9.90 -74.23
N TRP SA 113 31.13 -8.91 -74.79
CA TRP SA 113 31.78 -7.67 -75.16
C TRP SA 113 31.79 -6.65 -74.02
N GLY SA 114 31.18 -6.95 -72.90
CA GLY SA 114 31.31 -6.10 -71.74
C GLY SA 114 30.49 -4.82 -71.83
N HIS SA 115 29.21 -4.95 -72.11
CA HIS SA 115 28.29 -3.82 -72.18
C HIS SA 115 27.31 -3.95 -71.01
N LEU SA 116 27.50 -3.11 -70.00
CA LEU SA 116 26.80 -3.31 -68.73
C LEU SA 116 25.32 -2.93 -68.84
N GLU SA 117 25.04 -1.76 -69.41
CA GLU SA 117 23.67 -1.24 -69.43
C GLU SA 117 22.74 -2.13 -70.23
N ILE SA 118 23.23 -2.70 -71.34
CA ILE SA 118 22.32 -3.53 -72.11
C ILE SA 118 22.12 -4.88 -71.43
N VAL SA 119 23.12 -5.36 -70.69
CA VAL SA 119 22.93 -6.54 -69.84
C VAL SA 119 21.83 -6.27 -68.82
N GLU SA 120 21.88 -5.10 -68.19
CA GLU SA 120 20.88 -4.74 -67.19
C GLU SA 120 19.49 -4.66 -67.80
N VAL SA 121 19.34 -4.02 -68.95
CA VAL SA 121 17.99 -3.88 -69.50
C VAL SA 121 17.49 -5.16 -70.13
N LEU SA 122 18.38 -6.06 -70.57
CA LEU SA 122 17.93 -7.36 -71.01
C LEU SA 122 17.42 -8.18 -69.84
N LEU SA 123 18.14 -8.15 -68.72
CA LEU SA 123 17.65 -8.84 -67.52
C LEU SA 123 16.37 -8.20 -67.01
N LYS SA 124 16.20 -6.89 -67.22
CA LYS SA 124 14.99 -6.21 -66.82
C LYS SA 124 13.79 -6.59 -67.66
N ASN SA 125 14.02 -7.11 -68.86
CA ASN SA 125 12.94 -7.48 -69.77
C ASN SA 125 12.74 -8.99 -69.84
N GLY SA 126 13.26 -9.73 -68.88
CA GLY SA 126 13.02 -11.16 -68.82
C GLY SA 126 13.96 -12.02 -69.62
N ALA SA 127 15.24 -11.65 -69.67
CA ALA SA 127 16.23 -12.51 -70.29
C ALA SA 127 16.60 -13.64 -69.33
N ASP SA 128 16.72 -14.84 -69.87
CA ASP SA 128 17.02 -16.01 -69.05
C ASP SA 128 18.49 -15.98 -68.65
N VAL SA 129 18.74 -15.94 -67.34
CA VAL SA 129 20.10 -15.70 -66.86
C VAL SA 129 20.96 -16.95 -66.93
N ASN SA 130 20.36 -18.13 -67.03
CA ASN SA 130 21.09 -19.40 -67.09
C ASN SA 130 20.96 -20.05 -68.45
N ALA SA 131 20.99 -19.24 -69.52
CA ALA SA 131 20.88 -19.76 -70.86
C ALA SA 131 22.17 -20.43 -71.29
N ARG SA 132 22.06 -21.65 -71.81
CA ARG SA 132 23.21 -22.41 -72.28
C ARG SA 132 23.36 -22.25 -73.79
N ASP SA 133 24.61 -22.22 -74.25
CA ASP SA 133 24.89 -22.19 -75.68
C ASP SA 133 25.11 -23.63 -76.16
N SER SA 134 25.69 -23.75 -77.36
CA SER SA 134 26.08 -25.07 -77.86
C SER SA 134 27.12 -25.73 -76.97
N ASP SA 135 27.98 -24.94 -76.33
CA ASP SA 135 28.99 -25.46 -75.42
C ASP SA 135 28.47 -25.64 -73.99
N GLY SA 136 27.24 -25.24 -73.72
CA GLY SA 136 26.75 -25.23 -72.37
C GLY SA 136 27.27 -24.09 -71.53
N MET SA 137 27.86 -23.08 -72.14
CA MET SA 137 28.43 -21.96 -71.40
C MET SA 137 27.36 -20.89 -71.21
N THR SA 138 27.06 -20.60 -69.95
CA THR SA 138 26.13 -19.55 -69.59
C THR SA 138 26.80 -18.19 -69.79
N PRO SA 139 26.04 -17.09 -69.76
CA PRO SA 139 26.69 -15.77 -69.81
C PRO SA 139 27.65 -15.52 -68.66
N LEU SA 140 27.40 -16.12 -67.49
CA LEU SA 140 28.33 -15.99 -66.38
C LEU SA 140 29.68 -16.62 -66.69
N HIS SA 141 29.68 -17.74 -67.43
CA HIS SA 141 30.93 -18.31 -67.92
C HIS SA 141 31.72 -17.29 -68.72
N LEU SA 142 31.05 -16.58 -69.62
CA LEU SA 142 31.73 -15.62 -70.48
C LEU SA 142 32.27 -14.45 -69.66
N ALA SA 143 31.43 -13.87 -68.80
CA ALA SA 143 31.86 -12.73 -68.01
C ALA SA 143 32.96 -13.08 -67.02
N ALA SA 144 33.01 -14.32 -66.55
CA ALA SA 144 34.13 -14.73 -65.71
C ALA SA 144 35.37 -15.03 -66.51
N LYS SA 145 35.21 -15.54 -67.74
CA LYS SA 145 36.34 -15.83 -68.59
C LYS SA 145 37.01 -14.56 -69.09
N TRP SA 146 36.27 -13.47 -69.22
CA TRP SA 146 36.87 -12.26 -69.77
C TRP SA 146 37.19 -11.19 -68.73
N GLY SA 147 36.68 -11.33 -67.51
CA GLY SA 147 37.10 -10.44 -66.44
C GLY SA 147 36.27 -9.19 -66.24
N HIS SA 148 34.96 -9.27 -66.46
CA HIS SA 148 34.06 -8.14 -66.26
C HIS SA 148 33.39 -8.29 -64.90
N LEU SA 149 33.79 -7.46 -63.92
CA LEU SA 149 33.27 -7.61 -62.56
C LEU SA 149 31.79 -7.24 -62.48
N GLU SA 150 31.44 -6.06 -62.97
CA GLU SA 150 30.08 -5.54 -62.77
C GLU SA 150 29.04 -6.39 -63.46
N ILE SA 151 29.40 -6.96 -64.61
CA ILE SA 151 28.49 -7.89 -65.27
C ILE SA 151 28.31 -9.13 -64.42
N VAL SA 152 29.39 -9.65 -63.84
CA VAL SA 152 29.30 -10.81 -62.96
C VAL SA 152 28.38 -10.52 -61.77
N GLU SA 153 28.49 -9.33 -61.21
CA GLU SA 153 27.70 -9.02 -60.03
C GLU SA 153 26.22 -8.84 -60.37
N VAL SA 154 25.92 -8.16 -61.48
CA VAL SA 154 24.54 -8.02 -61.90
C VAL SA 154 23.94 -9.37 -62.27
N LEU SA 155 24.75 -10.27 -62.84
CA LEU SA 155 24.25 -11.60 -63.16
C LEU SA 155 24.00 -12.42 -61.90
N LEU SA 156 24.85 -12.26 -60.89
CA LEU SA 156 24.65 -12.95 -59.63
C LEU SA 156 23.42 -12.44 -58.91
N ARG SA 157 23.10 -11.16 -59.08
CA ARG SA 157 21.91 -10.61 -58.45
C ARG SA 157 20.63 -11.24 -58.98
N TYR SA 158 20.63 -11.67 -60.24
CA TYR SA 158 19.43 -12.18 -60.87
C TYR SA 158 19.34 -13.69 -60.83
N GLY SA 159 20.24 -14.36 -60.13
CA GLY SA 159 20.15 -15.78 -59.91
C GLY SA 159 20.97 -16.65 -60.83
N ALA SA 160 22.13 -16.19 -61.27
CA ALA SA 160 22.97 -17.02 -62.12
C ALA SA 160 23.54 -18.18 -61.33
N ASP SA 161 23.60 -19.35 -61.96
CA ASP SA 161 24.05 -20.56 -61.29
C ASP SA 161 25.57 -20.57 -61.18
N VAL SA 162 26.06 -20.68 -59.94
CA VAL SA 162 27.50 -20.69 -59.71
C VAL SA 162 28.10 -22.03 -60.12
N GLU SA 163 27.31 -23.09 -60.12
CA GLU SA 163 27.83 -24.44 -60.29
C GLU SA 163 27.56 -25.00 -61.69
N ALA SA 164 27.23 -24.16 -62.64
CA ALA SA 164 27.00 -24.62 -64.00
C ALA SA 164 28.31 -25.05 -64.65
N GLN SA 165 28.32 -26.24 -65.24
CA GLN SA 165 29.48 -26.77 -65.94
C GLN SA 165 29.23 -26.80 -67.43
N ASP SA 166 30.29 -26.56 -68.21
CA ASP SA 166 30.21 -26.60 -69.66
C ASP SA 166 30.58 -28.01 -70.12
N LYS SA 167 30.85 -28.18 -71.43
CA LYS SA 167 31.16 -29.49 -71.97
C LYS SA 167 32.46 -30.07 -71.41
N PHE SA 168 33.38 -29.22 -70.94
CA PHE SA 168 34.62 -29.68 -70.35
C PHE SA 168 34.51 -29.91 -68.86
N GLY SA 169 33.35 -29.64 -68.27
CA GLY SA 169 33.23 -29.72 -66.83
C GLY SA 169 33.83 -28.55 -66.10
N LYS SA 170 33.80 -27.36 -66.69
CA LYS SA 170 34.36 -26.17 -66.09
C LYS SA 170 33.25 -25.29 -65.53
N THR SA 171 33.40 -24.89 -64.28
CA THR SA 171 32.55 -23.86 -63.69
C THR SA 171 33.13 -22.49 -63.99
N PRO SA 172 32.34 -21.42 -63.82
CA PRO SA 172 32.91 -20.08 -63.99
C PRO SA 172 34.07 -19.78 -63.06
N PHE SA 173 34.13 -20.42 -61.89
CA PHE SA 173 35.29 -20.27 -61.01
C PHE SA 173 36.55 -20.82 -61.67
N ASP SA 174 36.43 -21.93 -62.39
CA ASP SA 174 37.56 -22.49 -63.10
C ASP SA 174 38.02 -21.59 -64.23
N LEU SA 175 37.07 -21.03 -64.99
CA LEU SA 175 37.45 -20.13 -66.06
C LEU SA 175 38.04 -18.84 -65.53
N ALA SA 176 37.67 -18.44 -64.32
CA ALA SA 176 38.24 -17.23 -63.75
C ALA SA 176 39.63 -17.47 -63.19
N ILE SA 177 39.91 -18.66 -62.67
CA ILE SA 177 41.28 -18.89 -62.22
C ILE SA 177 42.20 -19.21 -63.39
N ASP SA 178 41.67 -19.79 -64.47
CA ASP SA 178 42.52 -20.09 -65.62
C ASP SA 178 42.96 -18.85 -66.37
N ASN SA 179 42.23 -17.74 -66.25
CA ASN SA 179 42.56 -16.52 -66.96
C ASN SA 179 43.03 -15.41 -66.03
N GLY SA 180 43.30 -15.72 -64.77
CA GLY SA 180 43.92 -14.76 -63.89
C GLY SA 180 43.00 -13.70 -63.31
N ASN SA 181 41.69 -13.94 -63.32
CA ASN SA 181 40.74 -12.99 -62.74
C ASN SA 181 40.49 -13.40 -61.29
N GLU SA 182 41.40 -12.98 -60.42
CA GLU SA 182 41.43 -13.49 -59.06
C GLU SA 182 40.32 -12.93 -58.18
N ASP SA 183 39.92 -11.68 -58.41
CA ASP SA 183 38.84 -11.11 -57.60
C ASP SA 183 37.49 -11.73 -57.94
N ILE SA 184 37.27 -12.04 -59.22
CA ILE SA 184 36.06 -12.77 -59.60
C ILE SA 184 36.02 -14.12 -58.90
N ALA SA 185 37.14 -14.83 -58.92
CA ALA SA 185 37.21 -16.14 -58.27
C ALA SA 185 37.01 -16.03 -56.77
N GLU SA 186 37.48 -14.94 -56.16
CA GLU SA 186 37.26 -14.73 -54.73
C GLU SA 186 35.78 -14.59 -54.43
N VAL SA 187 35.08 -13.75 -55.21
CA VAL SA 187 33.65 -13.56 -55.02
C VAL SA 187 32.90 -14.86 -55.20
N LEU SA 188 33.24 -15.60 -56.26
CA LEU SA 188 32.55 -16.85 -56.57
C LEU SA 188 32.81 -17.92 -55.52
N GLN SA 189 33.98 -17.89 -54.89
CA GLN SA 189 34.29 -18.91 -53.90
C GLN SA 189 33.61 -18.61 -52.57
N ALA SA 190 33.64 -17.34 -52.15
CA ALA SA 190 33.01 -16.97 -50.89
C ALA SA 190 31.51 -17.18 -50.92
N LEU SA 191 30.87 -16.90 -52.07
CA LEU SA 191 29.43 -17.06 -52.16
C LEU SA 191 29.02 -18.51 -51.97
N LEU SA 192 29.71 -19.41 -52.68
CA LEU SA 192 29.43 -20.84 -52.58
C LEU SA 192 29.67 -21.34 -51.17
N ALA SA 193 30.72 -20.85 -50.51
CA ALA SA 193 31.03 -21.35 -49.18
C ALA SA 193 29.97 -20.93 -48.16
N ILE SA 194 29.47 -19.71 -48.25
CA ILE SA 194 28.43 -19.29 -47.31
C ILE SA 194 27.11 -20.03 -47.58
N ASN SA 195 26.79 -20.30 -48.85
CA ASN SA 195 25.57 -21.05 -49.11
C ASN SA 195 25.66 -22.48 -48.61
N ARG SA 196 26.84 -23.10 -48.72
CA ARG SA 196 27.01 -24.43 -48.17
C ARG SA 196 26.94 -24.44 -46.66
N GLN SA 197 27.43 -23.39 -46.00
CA GLN SA 197 27.28 -23.35 -44.55
C GLN SA 197 25.82 -23.19 -44.12
N ILE SA 198 25.03 -22.44 -44.90
CA ILE SA 198 23.60 -22.34 -44.60
C ILE SA 198 22.94 -23.71 -44.71
N ASN SA 199 23.24 -24.44 -45.79
CA ASN SA 199 22.65 -25.77 -45.93
C ASN SA 199 23.11 -26.71 -44.83
N LEU SA 200 24.36 -26.58 -44.38
CA LEU SA 200 24.86 -27.46 -43.34
C LEU SA 200 24.23 -27.16 -41.98
N GLU SA 201 23.92 -25.90 -41.70
CA GLU SA 201 23.19 -25.61 -40.46
C GLU SA 201 21.75 -26.09 -40.54
N LEU SA 202 21.13 -26.03 -41.72
CA LEU SA 202 19.77 -26.57 -41.84
C LEU SA 202 19.76 -28.08 -41.72
N TYR SA 203 20.82 -28.75 -42.16
CA TYR SA 203 20.90 -30.19 -42.04
C TYR SA 203 20.96 -30.63 -40.58
N ALA SA 204 21.77 -29.96 -39.78
CA ALA SA 204 21.98 -30.36 -38.40
C ALA SA 204 20.73 -30.21 -37.55
N SER SA 205 19.85 -29.30 -37.91
CA SER SA 205 18.61 -29.09 -37.17
C SER SA 205 17.66 -30.27 -37.33
N TYR SA 206 17.69 -30.89 -38.50
CA TYR SA 206 16.83 -32.00 -38.86
C TYR SA 206 17.31 -33.31 -38.25
N VAL SA 207 18.63 -33.45 -38.07
CA VAL SA 207 19.18 -34.57 -37.33
C VAL SA 207 18.76 -34.52 -35.88
N TYR SA 208 18.78 -33.34 -35.28
CA TYR SA 208 18.34 -33.20 -33.91
C TYR SA 208 16.85 -33.42 -33.76
N LEU SA 209 16.06 -33.05 -34.77
CA LEU SA 209 14.64 -33.36 -34.75
C LEU SA 209 14.40 -34.88 -34.74
N SER SA 210 15.13 -35.59 -35.61
CA SER SA 210 15.06 -37.05 -35.63
C SER SA 210 15.41 -37.63 -34.26
N MET SA 211 16.54 -37.20 -33.71
CA MET SA 211 17.00 -37.68 -32.41
C MET SA 211 15.96 -37.43 -31.32
N SER SA 212 15.37 -36.24 -31.30
CA SER SA 212 14.42 -35.89 -30.28
C SER SA 212 13.19 -36.78 -30.34
N TYR SA 213 12.64 -37.00 -31.53
CA TYR SA 213 11.44 -37.82 -31.59
C TYR SA 213 11.74 -39.32 -31.54
N TYR SA 214 13.01 -39.71 -31.54
CA TYR SA 214 13.33 -41.09 -31.21
C TYR SA 214 13.15 -41.37 -29.73
N PHE SA 215 13.43 -40.38 -28.88
CA PHE SA 215 13.51 -40.58 -27.45
C PHE SA 215 12.18 -40.47 -26.74
N ASP SA 216 11.08 -40.28 -27.44
CA ASP SA 216 9.78 -40.36 -26.80
C ASP SA 216 8.89 -41.43 -27.44
N ARG SA 217 9.48 -42.37 -28.16
CA ARG SA 217 8.77 -43.60 -28.49
C ARG SA 217 8.44 -44.35 -27.21
N ASP SA 218 7.37 -45.14 -27.25
CA ASP SA 218 6.93 -45.81 -26.03
C ASP SA 218 7.88 -46.90 -25.56
N ASP SA 219 8.80 -47.35 -26.40
CA ASP SA 219 9.86 -48.26 -25.96
C ASP SA 219 11.18 -47.56 -25.69
N VAL SA 220 11.24 -46.24 -25.87
CA VAL SA 220 12.37 -45.42 -25.43
C VAL SA 220 11.75 -44.28 -24.63
N ALA SA 221 11.55 -44.48 -23.35
CA ALA SA 221 10.75 -43.53 -22.58
C ALA SA 221 11.64 -42.58 -21.78
N LEU SA 222 12.40 -41.76 -22.49
CA LEU SA 222 13.31 -40.81 -21.86
C LEU SA 222 12.93 -39.38 -22.28
N LYS SA 223 12.20 -38.68 -21.42
CA LYS SA 223 11.60 -37.39 -21.76
C LYS SA 223 12.60 -36.26 -21.82
N ASN SA 224 13.64 -36.31 -20.99
CA ASN SA 224 14.57 -35.20 -20.90
C ASN SA 224 15.61 -35.25 -22.01
N PHE SA 225 15.94 -36.46 -22.49
CA PHE SA 225 16.70 -36.60 -23.72
C PHE SA 225 15.97 -35.94 -24.89
N ALA SA 226 14.68 -36.23 -25.02
CA ALA SA 226 13.88 -35.68 -26.11
C ALA SA 226 13.80 -34.16 -26.02
N LYS SA 227 13.62 -33.65 -24.80
CA LYS SA 227 13.56 -32.21 -24.59
C LYS SA 227 14.88 -31.53 -24.95
N TYR SA 228 16.00 -32.13 -24.55
CA TYR SA 228 17.33 -31.63 -24.87
C TYR SA 228 17.55 -31.53 -26.37
N PHE SA 229 17.19 -32.58 -27.11
CA PHE SA 229 17.46 -32.56 -28.53
C PHE SA 229 16.50 -31.67 -29.31
N LEU SA 230 15.29 -31.43 -28.80
CA LEU SA 230 14.45 -30.42 -29.42
C LEU SA 230 15.02 -29.02 -29.24
N HIS SA 231 15.60 -28.76 -28.07
CA HIS SA 231 16.26 -27.47 -27.86
C HIS SA 231 17.41 -27.27 -28.85
N GLN SA 232 18.22 -28.30 -29.06
CA GLN SA 232 19.32 -28.17 -30.02
C GLN SA 232 18.82 -27.94 -31.44
N SER SA 233 17.72 -28.60 -31.81
CA SER SA 233 17.13 -28.40 -33.14
C SER SA 233 16.77 -26.94 -33.37
N HIS SA 234 16.13 -26.31 -32.39
CA HIS SA 234 15.74 -24.92 -32.58
C HIS SA 234 16.94 -23.97 -32.58
N GLU SA 235 17.97 -24.28 -31.79
CA GLU SA 235 19.18 -23.46 -31.83
C GLU SA 235 19.86 -23.49 -33.20
N GLU SA 236 19.91 -24.65 -33.84
CA GLU SA 236 20.53 -24.71 -35.15
C GLU SA 236 19.70 -23.99 -36.21
N ARG SA 237 18.37 -24.03 -36.07
CA ARG SA 237 17.53 -23.22 -36.96
C ARG SA 237 17.87 -21.73 -36.83
N GLU SA 238 18.12 -21.28 -35.60
CA GLU SA 238 18.52 -19.89 -35.39
C GLU SA 238 19.89 -19.58 -36.01
N HIS SA 239 20.85 -20.51 -35.92
CA HIS SA 239 22.15 -20.30 -36.54
C HIS SA 239 22.02 -20.08 -38.05
N ALA SA 240 21.21 -20.93 -38.69
CA ALA SA 240 21.03 -20.78 -40.13
C ALA SA 240 20.37 -19.45 -40.49
N GLU SA 241 19.39 -19.03 -39.70
CA GLU SA 241 18.74 -17.76 -39.99
C GLU SA 241 19.67 -16.57 -39.80
N LYS SA 242 20.60 -16.65 -38.84
CA LYS SA 242 21.61 -15.60 -38.69
C LYS SA 242 22.51 -15.52 -39.92
N LEU SA 243 22.91 -16.66 -40.46
CA LEU SA 243 23.74 -16.61 -41.67
C LEU SA 243 22.97 -16.03 -42.85
N MET SA 244 21.67 -16.32 -42.94
CA MET SA 244 20.85 -15.76 -44.01
C MET SA 244 20.72 -14.24 -43.88
N LYS SA 245 20.56 -13.74 -42.65
CA LYS SA 245 20.49 -12.30 -42.46
C LYS SA 245 21.81 -11.63 -42.81
N LEU SA 246 22.93 -12.23 -42.42
CA LEU SA 246 24.24 -11.68 -42.80
C LEU SA 246 24.39 -11.62 -44.31
N GLN SA 247 24.03 -12.68 -45.01
CA GLN SA 247 24.14 -12.68 -46.46
C GLN SA 247 23.25 -11.61 -47.10
N ASN SA 248 22.11 -11.32 -46.49
CA ASN SA 248 21.28 -10.23 -47.04
C ASN SA 248 21.85 -8.86 -46.76
N GLN SA 249 22.58 -8.67 -45.65
CA GLN SA 249 23.18 -7.36 -45.40
C GLN SA 249 24.32 -7.03 -46.34
N ARG SA 250 25.03 -8.04 -46.83
CA ARG SA 250 26.17 -7.80 -47.70
C ARG SA 250 25.77 -7.61 -49.15
N GLY SA 251 24.53 -7.88 -49.51
CA GLY SA 251 24.12 -7.82 -50.89
C GLY SA 251 24.40 -9.06 -51.69
N GLY SA 252 24.66 -10.19 -51.03
CA GLY SA 252 24.85 -11.45 -51.71
C GLY SA 252 23.54 -12.16 -51.97
N ALA SA 253 23.65 -13.29 -52.67
CA ALA SA 253 22.50 -14.01 -53.18
C ALA SA 253 22.35 -15.33 -52.44
N ILE SA 254 21.32 -15.43 -51.60
CA ILE SA 254 20.97 -16.70 -50.97
C ILE SA 254 20.47 -17.66 -52.02
N SER SA 255 20.91 -18.91 -51.93
CA SER SA 255 20.53 -19.97 -52.87
C SER SA 255 20.36 -21.26 -52.09
N LEU SA 256 19.14 -21.74 -51.99
CA LEU SA 256 18.81 -22.87 -51.13
C LEU SA 256 18.80 -24.17 -51.92
N GLN SA 257 19.16 -25.25 -51.24
CA GLN SA 257 19.24 -26.59 -51.81
C GLN SA 257 18.37 -27.53 -50.99
N ASP SA 258 18.33 -28.80 -51.41
CA ASP SA 258 17.62 -29.82 -50.65
C ASP SA 258 18.29 -30.05 -49.30
N ILE SA 259 17.48 -30.40 -48.32
CA ILE SA 259 17.97 -30.85 -47.02
C ILE SA 259 17.78 -32.35 -46.98
N LYS SA 260 18.88 -33.08 -46.85
CA LYS SA 260 18.84 -34.53 -46.91
C LYS SA 260 18.47 -35.13 -45.57
N LYS SA 261 17.93 -36.35 -45.63
CA LYS SA 261 17.43 -37.04 -44.42
C LYS SA 261 18.59 -37.47 -43.55
N PRO SA 262 18.42 -37.53 -42.22
CA PRO SA 262 19.46 -38.02 -41.32
C PRO SA 262 19.87 -39.45 -41.64
N ASP SA 263 21.00 -39.87 -41.09
CA ASP SA 263 21.57 -41.17 -41.40
C ASP SA 263 20.79 -42.31 -40.77
N CYS SA 264 20.22 -42.10 -39.60
CA CYS SA 264 19.42 -43.11 -38.94
C CYS SA 264 18.01 -42.60 -38.69
N ASP SA 265 17.06 -43.52 -38.69
CA ASP SA 265 15.81 -43.32 -37.98
C ASP SA 265 15.88 -43.88 -36.57
N ASP SA 266 16.69 -44.91 -36.36
CA ASP SA 266 16.79 -45.60 -35.07
C ASP SA 266 18.19 -45.38 -34.51
N TRP SA 267 18.29 -44.48 -33.58
CA TRP SA 267 19.43 -44.42 -32.69
C TRP SA 267 19.31 -45.59 -31.71
N GLU SA 268 20.33 -45.81 -30.90
CA GLU SA 268 20.33 -47.05 -30.14
C GLU SA 268 20.27 -46.87 -28.63
N SER SA 269 20.71 -45.75 -28.11
CA SER SA 269 20.78 -45.50 -26.68
C SER SA 269 21.02 -44.02 -26.51
N GLY SA 270 21.07 -43.57 -25.26
CA GLY SA 270 21.46 -42.20 -25.01
C GLY SA 270 22.93 -41.95 -25.29
N LEU SA 271 23.78 -42.93 -24.99
CA LEU SA 271 25.20 -42.81 -25.24
C LEU SA 271 25.49 -42.69 -26.72
N ASN SA 272 24.88 -43.55 -27.53
CA ASN SA 272 25.15 -43.55 -28.97
C ASN SA 272 24.70 -42.25 -29.62
N ALA SA 273 23.54 -41.72 -29.20
CA ALA SA 273 23.07 -40.46 -29.76
C ALA SA 273 23.94 -39.30 -29.32
N MET SA 274 24.42 -39.30 -28.07
CA MET SA 274 25.34 -38.25 -27.65
C MET SA 274 26.65 -38.30 -28.42
N GLU SA 275 27.14 -39.50 -28.75
CA GLU SA 275 28.36 -39.59 -29.53
C GLU SA 275 28.16 -39.15 -30.97
N CYS SA 276 27.00 -39.44 -31.54
CA CYS SA 276 26.71 -38.96 -32.88
C CYS SA 276 26.58 -37.45 -32.91
N ALA SA 277 25.97 -36.86 -31.87
CA ALA SA 277 25.86 -35.41 -31.80
C ALA SA 277 27.23 -34.75 -31.65
N LEU SA 278 28.14 -35.39 -30.92
CA LEU SA 278 29.50 -34.84 -30.81
C LEU SA 278 30.21 -34.87 -32.15
N HIS SA 279 30.11 -35.99 -32.88
CA HIS SA 279 30.69 -36.07 -34.21
C HIS SA 279 30.14 -35.01 -35.14
N LEU SA 280 28.84 -34.76 -35.06
CA LEU SA 280 28.20 -33.75 -35.89
C LEU SA 280 28.73 -32.36 -35.61
N GLU SA 281 28.79 -31.98 -34.33
CA GLU SA 281 29.24 -30.62 -34.02
C GLU SA 281 30.71 -30.43 -34.35
N LYS SA 282 31.51 -31.48 -34.27
CA LYS SA 282 32.90 -31.35 -34.71
C LYS SA 282 33.00 -31.10 -36.20
N ASN SA 283 32.16 -31.78 -37.00
CA ASN SA 283 32.13 -31.50 -38.43
C ASN SA 283 31.75 -30.05 -38.75
N VAL SA 284 30.74 -29.54 -38.05
CA VAL SA 284 30.31 -28.17 -38.28
C VAL SA 284 31.42 -27.18 -37.93
N ASN SA 285 32.12 -27.43 -36.82
CA ASN SA 285 33.22 -26.57 -36.42
C ASN SA 285 34.35 -26.57 -37.46
N GLN SA 286 34.64 -27.74 -38.04
CA GLN SA 286 35.69 -27.80 -39.04
C GLN SA 286 35.33 -27.00 -40.28
N SER SA 287 34.08 -27.07 -40.71
CA SER SA 287 33.69 -26.27 -41.88
C SER SA 287 33.70 -24.77 -41.56
N LEU SA 288 33.38 -24.40 -40.32
CA LEU SA 288 33.48 -22.99 -39.96
C LEU SA 288 34.91 -22.49 -39.96
N LEU SA 289 35.86 -23.34 -39.56
CA LEU SA 289 37.26 -22.93 -39.61
C LEU SA 289 37.74 -22.76 -41.05
N GLU SA 290 37.29 -23.61 -41.95
CA GLU SA 290 37.65 -23.41 -43.36
C GLU SA 290 37.05 -22.14 -43.91
N LEU SA 291 35.82 -21.81 -43.52
CA LEU SA 291 35.20 -20.57 -43.94
C LEU SA 291 35.98 -19.36 -43.43
N HIS SA 292 36.48 -19.43 -42.20
CA HIS SA 292 37.26 -18.32 -41.66
C HIS SA 292 38.58 -18.14 -42.39
N LYS SA 293 39.24 -19.25 -42.75
CA LYS SA 293 40.49 -19.14 -43.47
C LYS SA 293 40.27 -18.56 -44.87
N LEU SA 294 39.18 -18.96 -45.52
CA LEU SA 294 38.84 -18.38 -46.81
C LEU SA 294 38.55 -16.90 -46.70
N ALA SA 295 37.84 -16.48 -45.66
CA ALA SA 295 37.57 -15.06 -45.45
C ALA SA 295 38.83 -14.27 -45.16
N THR SA 296 39.83 -14.90 -44.53
CA THR SA 296 41.07 -14.19 -44.28
C THR SA 296 41.91 -14.05 -45.54
N ASP SA 297 41.83 -15.02 -46.45
CA ASP SA 297 42.51 -14.85 -47.72
C ASP SA 297 41.89 -13.75 -48.57
N CYS SA 298 40.59 -13.54 -48.45
CA CYS SA 298 39.87 -12.58 -49.29
C CYS SA 298 39.89 -11.16 -48.72
N ASN SA 299 40.58 -10.94 -47.60
CA ASN SA 299 40.65 -9.64 -46.94
C ASN SA 299 39.28 -9.09 -46.59
N ASP SA 300 38.57 -9.83 -45.74
CA ASP SA 300 37.21 -9.49 -45.33
C ASP SA 300 37.15 -9.50 -43.81
N PRO SA 301 37.58 -8.44 -43.14
CA PRO SA 301 37.60 -8.43 -41.68
C PRO SA 301 36.22 -8.51 -41.04
N HIS SA 302 35.19 -8.02 -41.71
CA HIS SA 302 33.85 -8.04 -41.13
C HIS SA 302 33.32 -9.47 -41.05
N LEU SA 303 33.57 -10.28 -42.08
CA LEU SA 303 33.17 -11.68 -42.06
C LEU SA 303 33.94 -12.46 -41.00
N CYS SA 304 35.24 -12.18 -40.87
CA CYS SA 304 36.05 -12.86 -39.87
C CYS SA 304 35.54 -12.56 -38.46
N ASP SA 305 35.25 -11.29 -38.18
CA ASP SA 305 34.76 -10.94 -36.87
C ASP SA 305 33.36 -11.49 -36.62
N PHE SA 306 32.51 -11.54 -37.65
CA PHE SA 306 31.19 -12.16 -37.51
C PHE SA 306 31.31 -13.63 -37.13
N ILE SA 307 32.18 -14.36 -37.82
CA ILE SA 307 32.34 -15.78 -37.56
C ILE SA 307 32.87 -16.00 -36.15
N GLU SA 308 33.94 -15.31 -35.79
CA GLU SA 308 34.52 -15.57 -34.48
C GLU SA 308 33.72 -14.96 -33.33
N THR SA 309 32.78 -14.07 -33.58
CA THR SA 309 31.93 -13.56 -32.51
C THR SA 309 30.68 -14.38 -32.30
N HIS SA 310 30.04 -14.87 -33.36
CA HIS SA 310 28.77 -15.58 -33.17
C HIS SA 310 28.87 -17.09 -33.35
N TYR SA 311 29.99 -17.64 -33.78
CA TYR SA 311 29.97 -19.06 -34.11
C TYR SA 311 31.08 -19.86 -33.46
N LEU SA 312 32.28 -19.28 -33.31
CA LEU SA 312 33.42 -20.07 -32.92
C LEU SA 312 33.46 -20.40 -31.44
N ASN SA 313 32.85 -19.58 -30.59
CA ASN SA 313 32.84 -19.87 -29.17
C ASN SA 313 31.68 -20.77 -28.77
N GLU SA 314 30.57 -20.69 -29.49
CA GLU SA 314 29.45 -21.59 -29.27
C GLU SA 314 29.81 -23.02 -29.62
N GLN SA 315 30.58 -23.21 -30.68
CA GLN SA 315 31.02 -24.55 -31.04
C GLN SA 315 31.91 -25.16 -29.97
N VAL SA 316 32.79 -24.36 -29.39
CA VAL SA 316 33.68 -24.84 -28.35
C VAL SA 316 32.88 -25.22 -27.11
N LYS SA 317 31.91 -24.40 -26.74
CA LYS SA 317 31.05 -24.71 -25.62
C LYS SA 317 30.26 -26.00 -25.84
N ALA SA 318 29.71 -26.17 -27.04
CA ALA SA 318 28.91 -27.35 -27.33
C ALA SA 318 29.74 -28.61 -27.32
N ILE SA 319 30.95 -28.54 -27.85
CA ILE SA 319 31.81 -29.72 -27.88
C ILE SA 319 32.25 -30.09 -26.46
N LYS SA 320 32.53 -29.10 -25.62
CA LYS SA 320 32.88 -29.38 -24.23
C LYS SA 320 31.72 -30.04 -23.49
N GLU SA 321 30.50 -29.54 -23.67
CA GLU SA 321 29.36 -30.10 -22.99
C GLU SA 321 29.03 -31.51 -23.47
N LEU SA 322 29.13 -31.76 -24.76
CA LEU SA 322 28.81 -33.09 -25.26
C LEU SA 322 29.87 -34.11 -24.86
N GLY SA 323 31.14 -33.72 -24.80
CA GLY SA 323 32.14 -34.63 -24.26
C GLY SA 323 31.97 -34.92 -22.78
N ASP SA 324 31.54 -33.91 -22.02
CA ASP SA 324 31.13 -34.15 -20.63
C ASP SA 324 30.06 -35.22 -20.53
N HIS SA 325 28.98 -35.06 -21.31
CA HIS SA 325 27.89 -36.03 -21.25
C HIS SA 325 28.36 -37.44 -21.61
N VAL SA 326 29.22 -37.55 -22.63
CA VAL SA 326 29.68 -38.87 -23.04
C VAL SA 326 30.51 -39.53 -21.94
N THR SA 327 31.43 -38.80 -21.32
CA THR SA 327 32.25 -39.47 -20.31
C THR SA 327 31.45 -39.81 -19.06
N ASN SA 328 30.50 -38.97 -18.66
CA ASN SA 328 29.70 -39.33 -17.51
C ASN SA 328 28.83 -40.55 -17.78
N LEU SA 329 28.22 -40.62 -18.96
CA LEU SA 329 27.42 -41.78 -19.30
C LEU SA 329 28.26 -43.05 -19.38
N ARG SA 330 29.48 -42.96 -19.88
CA ARG SA 330 30.33 -44.14 -19.92
C ARG SA 330 30.78 -44.58 -18.53
N LYS SA 331 31.03 -43.62 -17.63
CA LYS SA 331 31.46 -44.00 -16.29
C LYS SA 331 30.33 -44.62 -15.49
N MET SA 332 29.09 -44.13 -15.66
CA MET SA 332 27.96 -44.70 -14.95
C MET SA 332 27.66 -46.13 -15.37
N GLY SA 333 28.11 -46.55 -16.54
CA GLY SA 333 27.93 -47.92 -16.98
C GLY SA 333 26.99 -48.12 -18.13
N ALA SA 334 26.60 -47.07 -18.83
CA ALA SA 334 25.73 -47.17 -19.98
C ALA SA 334 26.51 -47.64 -21.20
N PRO SA 335 25.84 -48.26 -22.19
CA PRO SA 335 24.43 -48.52 -22.42
C PRO SA 335 23.88 -49.78 -21.76
N GLU SA 336 24.76 -50.68 -21.37
CA GLU SA 336 24.35 -51.97 -20.82
C GLU SA 336 23.87 -51.89 -19.39
N SER SA 337 23.70 -50.68 -18.85
CA SER SA 337 23.00 -50.47 -17.60
C SER SA 337 21.83 -49.55 -17.87
N GLY SA 338 20.62 -50.09 -17.75
CA GLY SA 338 19.45 -49.25 -17.92
C GLY SA 338 19.20 -48.31 -16.76
N LEU SA 339 19.79 -48.61 -15.60
CA LEU SA 339 19.70 -47.72 -14.47
C LEU SA 339 20.54 -46.46 -14.68
N ALA SA 340 21.59 -46.54 -15.50
CA ALA SA 340 22.45 -45.39 -15.71
C ALA SA 340 21.77 -44.32 -16.53
N GLU SA 341 21.08 -44.70 -17.61
CA GLU SA 341 20.46 -43.71 -18.47
C GLU SA 341 19.24 -43.08 -17.82
N TYR SA 342 18.50 -43.84 -17.02
CA TYR SA 342 17.38 -43.29 -16.26
C TYR SA 342 17.85 -42.21 -15.29
N LEU SA 343 18.92 -42.48 -14.57
CA LEU SA 343 19.39 -41.53 -13.57
C LEU SA 343 20.11 -40.35 -14.19
N PHE SA 344 20.80 -40.55 -15.32
CA PHE SA 344 21.33 -39.42 -16.06
C PHE SA 344 20.22 -38.52 -16.57
N ASP SA 345 19.14 -39.12 -17.09
CA ASP SA 345 17.95 -38.38 -17.48
C ASP SA 345 17.42 -37.53 -16.34
N LYS SA 346 17.34 -38.09 -15.14
CA LYS SA 346 16.80 -37.33 -14.02
C LYS SA 346 17.74 -36.23 -13.57
N HIS SA 347 19.01 -36.55 -13.32
CA HIS SA 347 19.85 -35.63 -12.58
C HIS SA 347 20.59 -34.62 -13.43
N THR SA 348 21.02 -35.00 -14.63
CA THR SA 348 21.76 -34.05 -15.45
C THR SA 348 20.85 -33.28 -16.39
N LEU SA 349 19.96 -33.97 -17.09
CA LEU SA 349 19.09 -33.33 -18.04
C LEU SA 349 17.81 -32.81 -17.41
N GLY SA 350 17.53 -33.18 -16.17
CA GLY SA 350 16.33 -32.73 -15.49
C GLY SA 350 16.38 -31.27 -15.11
N LYS TA 22 59.34 -31.95 -134.34
CA LYS TA 22 58.83 -30.75 -134.99
C LYS TA 22 59.27 -29.49 -134.24
N ILE TA 23 59.83 -29.68 -133.04
CA ILE TA 23 60.47 -28.59 -132.32
C ILE TA 23 61.80 -28.28 -133.00
N GLU TA 24 61.98 -27.02 -133.39
CA GLU TA 24 63.13 -26.65 -134.21
C GLU TA 24 64.42 -26.60 -133.38
N GLU TA 25 65.53 -26.88 -134.06
CA GLU TA 25 66.86 -26.94 -133.46
C GLU TA 25 67.64 -25.67 -133.73
N GLY TA 26 68.61 -25.39 -132.85
CA GLY TA 26 69.39 -24.17 -132.96
C GLY TA 26 68.63 -22.90 -132.69
N LYS TA 27 67.43 -23.01 -132.11
CA LYS TA 27 66.51 -21.90 -131.97
C LYS TA 27 65.62 -22.17 -130.77
N LEU TA 28 65.33 -21.12 -130.01
CA LEU TA 28 64.56 -21.23 -128.78
C LEU TA 28 63.33 -20.33 -128.86
N VAL TA 29 62.15 -20.92 -128.62
CA VAL TA 29 60.91 -20.18 -128.50
C VAL TA 29 60.31 -20.49 -127.12
N ILE TA 30 59.84 -19.45 -126.44
CA ILE TA 30 59.35 -19.55 -125.08
C ILE TA 30 57.94 -18.98 -125.04
N TRP TA 31 57.08 -19.58 -124.23
CA TRP TA 31 55.76 -19.05 -123.95
C TRP TA 31 55.65 -18.69 -122.47
N ILE TA 32 55.17 -17.49 -122.19
CA ILE TA 32 55.09 -16.96 -120.83
C ILE TA 32 53.87 -16.06 -120.74
N ASN TA 33 53.14 -16.16 -119.63
CA ASN TA 33 51.90 -15.41 -119.46
C ASN TA 33 52.21 -13.92 -119.33
N GLY TA 34 51.32 -13.10 -119.89
CA GLY TA 34 51.49 -11.67 -119.98
C GLY TA 34 51.34 -10.87 -118.70
N ASP TA 35 51.09 -11.52 -117.57
CA ASP TA 35 51.04 -10.83 -116.28
C ASP TA 35 52.40 -10.75 -115.62
N LYS TA 36 53.45 -11.13 -116.34
CA LYS TA 36 54.81 -11.19 -115.83
C LYS TA 36 55.70 -10.24 -116.62
N GLY TA 37 56.99 -10.25 -116.30
CA GLY TA 37 57.95 -9.52 -117.09
C GLY TA 37 58.39 -10.31 -118.29
N TYR TA 38 57.47 -10.53 -119.25
CA TYR TA 38 57.84 -11.21 -120.48
C TYR TA 38 58.80 -10.38 -121.31
N ASN TA 39 58.72 -9.05 -121.18
CA ASN TA 39 59.73 -8.19 -121.77
C ASN TA 39 61.09 -8.42 -121.12
N GLY TA 40 61.11 -8.74 -119.82
CA GLY TA 40 62.35 -9.14 -119.18
C GLY TA 40 62.88 -10.46 -119.72
N LEU TA 41 61.97 -11.37 -120.10
CA LEU TA 41 62.39 -12.59 -120.79
C LEU TA 41 62.97 -12.27 -122.16
N ALA TA 42 62.43 -11.27 -122.84
CA ALA TA 42 63.06 -10.80 -124.08
C ALA TA 42 64.44 -10.20 -123.80
N GLU TA 43 64.59 -9.47 -122.69
CA GLU TA 43 65.88 -8.88 -122.35
CA GLU TA 43 65.88 -8.88 -122.35
C GLU TA 43 66.93 -9.94 -122.06
N VAL TA 44 66.57 -10.98 -121.33
CA VAL TA 44 67.56 -12.03 -121.06
C VAL TA 44 67.83 -12.82 -122.33
N GLY TA 45 66.82 -12.96 -123.20
CA GLY TA 45 67.06 -13.55 -124.51
C GLY TA 45 68.08 -12.78 -125.32
N LYS TA 46 68.00 -11.43 -125.30
CA LYS TA 46 68.97 -10.68 -126.07
C LYS TA 46 70.34 -10.62 -125.41
N LYS TA 47 70.45 -10.73 -124.08
CA LYS TA 47 71.77 -10.98 -123.49
C LYS TA 47 72.36 -12.26 -124.05
N PHE TA 48 71.55 -13.33 -124.09
CA PHE TA 48 72.00 -14.60 -124.64
C PHE TA 48 72.37 -14.47 -126.11
N GLU TA 49 71.68 -13.61 -126.85
CA GLU TA 49 71.99 -13.42 -128.27
C GLU TA 49 73.31 -12.69 -128.47
N LYS TA 50 73.52 -11.58 -127.74
CA LYS TA 50 74.80 -10.88 -127.86
C LYS TA 50 75.97 -11.71 -127.34
N ASP TA 51 75.72 -12.63 -126.40
CA ASP TA 51 76.84 -13.42 -125.88
C ASP TA 51 77.15 -14.66 -126.70
N THR TA 52 76.13 -15.41 -127.13
CA THR TA 52 76.33 -16.67 -127.82
C THR TA 52 75.82 -16.71 -129.26
N GLY TA 53 75.06 -15.72 -129.70
CA GLY TA 53 74.55 -15.69 -131.05
C GLY TA 53 73.33 -16.55 -131.31
N ILE TA 54 72.76 -17.16 -130.28
CA ILE TA 54 71.60 -18.04 -130.44
C ILE TA 54 70.34 -17.23 -130.17
N LYS TA 55 69.45 -17.19 -131.16
CA LYS TA 55 68.27 -16.35 -131.10
C LYS TA 55 67.24 -16.93 -130.13
N VAL TA 56 66.63 -16.06 -129.32
CA VAL TA 56 65.58 -16.44 -128.38
C VAL TA 56 64.35 -15.58 -128.69
N THR TA 57 63.24 -16.23 -128.99
CA THR TA 57 61.96 -15.55 -129.19
C THR TA 57 61.01 -15.92 -128.06
N VAL TA 58 60.29 -14.92 -127.56
CA VAL TA 58 59.27 -15.15 -126.54
C VAL TA 58 57.93 -14.69 -127.09
N GLU TA 59 56.87 -15.37 -126.68
CA GLU TA 59 55.52 -15.02 -127.10
C GLU TA 59 54.59 -15.13 -125.89
N HIS TA 60 53.65 -14.18 -125.80
CA HIS TA 60 52.78 -14.06 -124.63
C HIS TA 60 51.32 -13.94 -125.06
N PRO TA 61 50.71 -15.03 -125.50
CA PRO TA 61 49.27 -15.03 -125.78
C PRO TA 61 48.47 -15.49 -124.57
N ASP TA 62 47.16 -15.37 -124.68
CA ASP TA 62 46.27 -15.84 -123.63
C ASP TA 62 46.18 -17.36 -123.66
N LYS TA 63 45.60 -17.92 -122.59
CA LYS TA 63 45.27 -19.33 -122.45
C LYS TA 63 46.46 -20.25 -122.66
N LEU TA 64 47.65 -19.84 -122.20
CA LEU TA 64 48.86 -20.64 -122.43
C LEU TA 64 48.83 -21.98 -121.72
N GLU TA 65 48.08 -22.09 -120.62
CA GLU TA 65 47.98 -23.38 -119.94
C GLU TA 65 47.01 -24.29 -120.68
N GLU TA 66 46.04 -23.70 -121.38
CA GLU TA 66 45.25 -24.46 -122.33
C GLU TA 66 46.07 -24.81 -123.57
N LYS TA 67 47.01 -23.94 -123.94
CA LYS TA 67 47.67 -24.03 -125.24
C LYS TA 67 48.88 -24.96 -125.23
N PHE TA 68 49.61 -25.05 -124.11
CA PHE TA 68 50.81 -25.89 -124.09
C PHE TA 68 50.52 -27.38 -124.23
N PRO TA 69 49.64 -28.00 -123.42
CA PRO TA 69 49.53 -29.47 -123.50
C PRO TA 69 48.88 -29.96 -124.79
N GLN TA 70 47.97 -29.20 -125.37
CA GLN TA 70 47.31 -29.62 -126.60
C GLN TA 70 48.24 -29.63 -127.80
N VAL TA 71 49.37 -28.93 -127.72
CA VAL TA 71 50.32 -28.90 -128.83
C VAL TA 71 51.51 -29.78 -128.46
N ALA TA 72 51.80 -29.88 -127.17
CA ALA TA 72 52.87 -30.73 -126.69
C ALA TA 72 52.52 -32.21 -126.80
N ALA TA 73 51.23 -32.55 -126.80
CA ALA TA 73 50.82 -33.92 -127.11
C ALA TA 73 51.02 -34.25 -128.58
N THR TA 74 51.16 -33.24 -129.44
CA THR TA 74 51.55 -33.46 -130.82
C THR TA 74 53.06 -33.43 -131.03
N GLY TA 75 53.82 -32.90 -130.06
CA GLY TA 75 55.24 -32.79 -130.19
C GLY TA 75 55.75 -31.46 -130.68
N ASP TA 76 55.00 -30.38 -130.48
CA ASP TA 76 55.42 -29.06 -130.92
C ASP TA 76 55.10 -28.00 -129.87
N GLY TA 77 55.13 -26.73 -130.27
CA GLY TA 77 54.80 -25.65 -129.39
C GLY TA 77 56.03 -24.87 -128.96
N PRO TA 78 56.16 -24.66 -127.66
CA PRO TA 78 57.34 -23.94 -127.15
C PRO TA 78 58.45 -24.90 -126.78
N ASP TA 79 59.56 -24.36 -126.31
CA ASP TA 79 60.54 -25.19 -125.63
C ASP TA 79 60.43 -25.06 -124.12
N ILE TA 80 60.27 -23.82 -123.63
CA ILE TA 80 60.21 -23.52 -122.21
C ILE TA 80 58.88 -22.86 -121.90
N ILE TA 81 58.31 -23.19 -120.73
CA ILE TA 81 57.05 -22.60 -120.28
C ILE TA 81 57.16 -22.20 -118.82
N PHE TA 82 56.77 -20.96 -118.51
CA PHE TA 82 56.81 -20.42 -117.16
C PHE TA 82 55.40 -20.48 -116.58
N TRP TA 83 55.19 -21.35 -115.59
CA TRP TA 83 53.87 -21.52 -115.02
C TRP TA 83 53.99 -22.15 -113.63
N ALA TA 84 52.85 -22.31 -112.98
CA ALA TA 84 52.80 -22.95 -111.66
C ALA TA 84 53.19 -24.42 -111.77
N HIS TA 85 53.76 -24.94 -110.68
CA HIS TA 85 54.31 -26.29 -110.67
C HIS TA 85 53.24 -27.37 -110.58
N ASP TA 86 52.05 -27.03 -110.08
CA ASP TA 86 51.05 -28.07 -109.78
C ASP TA 86 50.52 -28.73 -111.05
N ARG TA 87 50.36 -27.98 -112.13
CA ARG TA 87 50.01 -28.58 -113.40
C ARG TA 87 51.22 -29.17 -114.12
N PHE TA 88 52.43 -28.86 -113.64
CA PHE TA 88 53.63 -29.44 -114.24
C PHE TA 88 53.77 -30.91 -113.90
N GLY TA 89 53.56 -31.27 -112.63
CA GLY TA 89 53.66 -32.66 -112.22
C GLY TA 89 52.69 -33.55 -112.96
N GLY TA 90 51.46 -33.07 -113.15
CA GLY TA 90 50.53 -33.78 -114.02
C GLY TA 90 51.04 -33.90 -115.44
N TYR TA 91 51.61 -32.81 -115.97
CA TYR TA 91 52.27 -32.89 -117.26
C TYR TA 91 53.60 -33.62 -117.19
N ALA TA 92 54.11 -33.85 -115.97
CA ALA TA 92 55.22 -34.79 -115.82
C ALA TA 92 54.75 -36.22 -116.04
N GLN TA 93 53.47 -36.49 -115.77
CA GLN TA 93 52.89 -37.77 -116.13
C GLN TA 93 52.59 -37.84 -117.63
N SER TA 94 52.10 -36.73 -118.19
CA SER TA 94 51.57 -36.72 -119.55
C SER TA 94 52.65 -36.72 -120.63
N GLY TA 95 53.92 -36.83 -120.26
CA GLY TA 95 54.98 -36.85 -121.26
C GLY TA 95 55.17 -35.54 -121.99
N LEU TA 96 54.88 -34.41 -121.34
CA LEU TA 96 54.98 -33.10 -121.96
C LEU TA 96 56.05 -32.21 -121.34
N LEU TA 97 56.52 -32.52 -120.15
CA LEU TA 97 57.67 -31.83 -119.56
C LEU TA 97 58.89 -32.73 -119.56
N ALA TA 98 60.04 -32.14 -119.89
CA ALA TA 98 61.29 -32.89 -120.00
C ALA TA 98 61.93 -33.05 -118.64
N GLU TA 99 62.47 -34.24 -118.39
CA GLU TA 99 63.23 -34.50 -117.18
C GLU TA 99 64.55 -33.75 -117.26
N ILE TA 100 64.71 -32.72 -116.43
CA ILE TA 100 65.91 -31.90 -116.47
C ILE TA 100 67.05 -32.63 -115.77
N THR TA 101 68.27 -32.23 -116.11
CA THR TA 101 69.48 -32.76 -115.47
C THR TA 101 70.32 -31.59 -114.98
N PRO TA 102 70.02 -31.06 -113.80
CA PRO TA 102 70.86 -30.03 -113.21
C PRO TA 102 71.95 -30.61 -112.32
N ASP TA 103 72.98 -29.80 -112.09
CA ASP TA 103 74.09 -30.22 -111.25
CA ASP TA 103 74.09 -30.21 -111.25
C ASP TA 103 73.76 -29.99 -109.77
N LYS TA 104 74.60 -30.55 -108.90
CA LYS TA 104 74.38 -30.42 -107.47
C LYS TA 104 74.82 -29.07 -106.92
N ALA TA 105 75.85 -28.47 -107.53
CA ALA TA 105 76.24 -27.12 -107.12
C ALA TA 105 75.17 -26.10 -107.50
N PHE TA 106 74.52 -26.29 -108.65
CA PHE TA 106 73.41 -25.43 -109.02
C PHE TA 106 72.19 -25.72 -108.17
N GLN TA 107 72.06 -26.96 -107.69
CA GLN TA 107 71.00 -27.27 -106.72
C GLN TA 107 71.27 -26.61 -105.38
N ASP TA 108 72.54 -26.40 -105.05
CA ASP TA 108 72.88 -25.58 -103.87
C ASP TA 108 72.68 -24.09 -104.15
N LYS TA 109 72.81 -23.68 -105.41
CA LYS TA 109 72.59 -22.28 -105.78
C LYS TA 109 71.15 -21.85 -105.57
N LEU TA 110 70.20 -22.77 -105.61
CA LEU TA 110 68.79 -22.49 -105.36
C LEU TA 110 68.38 -23.12 -104.02
N TYR TA 111 67.21 -22.71 -103.55
CA TYR TA 111 66.68 -23.31 -102.33
C TYR TA 111 66.03 -24.65 -102.64
N PRO TA 112 66.29 -25.69 -101.83
CA PRO TA 112 65.75 -27.01 -102.14
C PRO TA 112 64.24 -27.12 -101.95
N PHE TA 113 63.66 -26.32 -101.05
CA PHE TA 113 62.21 -26.35 -100.90
C PHE TA 113 61.50 -25.82 -102.13
N THR TA 114 62.20 -25.04 -102.96
CA THR TA 114 61.69 -24.74 -104.30
C THR TA 114 61.79 -25.96 -105.21
N TRP TA 115 62.86 -26.76 -105.05
CA TRP TA 115 63.01 -27.96 -105.86
C TRP TA 115 61.99 -29.03 -105.51
N ASP TA 116 61.42 -29.00 -104.30
CA ASP TA 116 60.34 -29.92 -103.97
C ASP TA 116 59.04 -29.59 -104.69
N ALA TA 117 58.95 -28.45 -105.38
CA ALA TA 117 57.75 -28.09 -106.12
C ALA TA 117 57.65 -28.83 -107.45
N VAL TA 118 58.78 -29.21 -108.02
CA VAL TA 118 58.82 -29.76 -109.38
C VAL TA 118 59.23 -31.22 -109.36
N ARG TA 119 58.86 -31.92 -108.28
CA ARG TA 119 59.10 -33.36 -108.15
C ARG TA 119 57.88 -34.13 -108.63
N TYR TA 120 58.13 -35.23 -109.33
CA TYR TA 120 57.06 -36.14 -109.73
C TYR TA 120 57.68 -37.49 -110.07
N ASN TA 121 57.25 -38.54 -109.37
CA ASN TA 121 57.78 -39.91 -109.54
C ASN TA 121 59.29 -39.95 -109.36
N GLY TA 122 59.80 -39.12 -108.45
CA GLY TA 122 61.23 -39.05 -108.19
C GLY TA 122 62.04 -38.28 -109.21
N LYS TA 123 61.50 -37.99 -110.38
CA LYS TA 123 62.23 -37.28 -111.41
C LYS TA 123 62.04 -35.78 -111.26
N LEU TA 124 62.99 -35.02 -111.79
CA LEU TA 124 62.98 -33.57 -111.67
C LEU TA 124 62.67 -32.98 -113.04
N ILE TA 125 61.69 -32.09 -113.09
CA ILE TA 125 61.05 -31.74 -114.36
C ILE TA 125 61.27 -30.29 -114.78
N ALA TA 126 61.56 -29.38 -113.86
CA ALA TA 126 61.57 -27.96 -114.20
C ALA TA 126 62.42 -27.20 -113.21
N TYR TA 127 62.91 -26.04 -113.65
CA TYR TA 127 63.72 -25.18 -112.79
C TYR TA 127 62.84 -24.15 -112.12
N PRO TA 128 62.79 -24.09 -110.80
CA PRO TA 128 61.95 -23.07 -110.14
C PRO TA 128 62.58 -21.69 -110.26
N ILE TA 129 61.74 -20.69 -110.53
CA ILE TA 129 62.20 -19.31 -110.59
C ILE TA 129 61.57 -18.52 -109.47
N ALA TA 130 60.24 -18.43 -109.48
CA ALA TA 130 59.53 -17.57 -108.54
C ALA TA 130 58.77 -18.43 -107.52
N VAL TA 131 58.62 -17.89 -106.32
CA VAL TA 131 57.97 -18.59 -105.21
C VAL TA 131 56.96 -17.65 -104.57
N GLU TA 132 55.75 -18.15 -104.32
CA GLU TA 132 54.62 -17.34 -103.91
C GLU TA 132 54.05 -17.87 -102.61
N ALA TA 133 53.69 -16.96 -101.72
CA ALA TA 133 53.15 -17.31 -100.41
C ALA TA 133 52.39 -16.12 -99.85
N LEU TA 134 51.31 -16.43 -99.13
CA LEU TA 134 50.45 -15.39 -98.57
C LEU TA 134 51.05 -14.88 -97.26
N SER TA 135 51.02 -13.55 -97.07
CA SER TA 135 51.61 -12.92 -95.91
C SER TA 135 50.62 -11.92 -95.32
N LEU TA 136 50.94 -11.46 -94.11
CA LEU TA 136 50.07 -10.53 -93.40
C LEU TA 136 50.42 -9.11 -93.83
N ILE TA 137 49.40 -8.35 -94.19
CA ILE TA 137 49.54 -6.95 -94.57
C ILE TA 137 48.81 -6.14 -93.50
N TYR TA 138 49.51 -5.18 -92.90
CA TYR TA 138 48.98 -4.43 -91.76
C TYR TA 138 49.14 -2.94 -91.97
N ASN TA 139 48.15 -2.20 -91.49
CA ASN TA 139 48.28 -0.75 -91.35
C ASN TA 139 49.22 -0.44 -90.19
N LYS TA 140 50.30 0.30 -90.46
CA LYS TA 140 51.23 0.65 -89.40
C LYS TA 140 50.63 1.67 -88.45
N ASP TA 141 49.68 2.46 -88.90
CA ASP TA 141 49.08 3.49 -88.05
C ASP TA 141 48.10 2.88 -87.06
N LEU TA 142 47.18 2.05 -87.55
CA LEU TA 142 46.20 1.43 -86.68
C LEU TA 142 46.84 0.46 -85.70
N LEU TA 143 47.96 -0.15 -86.08
CA LEU TA 143 48.65 -1.04 -85.16
C LEU TA 143 50.15 -0.92 -85.34
N PRO TA 144 50.84 -0.26 -84.42
CA PRO TA 144 52.30 -0.12 -84.55
C PRO TA 144 53.07 -1.38 -84.25
N ASN TA 145 52.48 -2.34 -83.54
CA ASN TA 145 53.17 -3.56 -83.12
C ASN TA 145 52.31 -4.77 -83.44
N PRO TA 146 52.65 -5.52 -84.49
CA PRO TA 146 51.82 -6.66 -84.87
C PRO TA 146 51.90 -7.76 -83.84
N PRO TA 147 50.87 -8.58 -83.73
CA PRO TA 147 50.91 -9.74 -82.83
C PRO TA 147 51.46 -10.97 -83.52
N LYS TA 148 51.98 -11.90 -82.71
CA LYS TA 148 52.59 -13.11 -83.21
C LYS TA 148 51.77 -14.36 -82.90
N THR TA 149 50.60 -14.21 -82.28
CA THR TA 149 49.72 -15.32 -81.98
C THR TA 149 48.33 -15.05 -82.55
N TRP TA 150 47.69 -16.10 -83.08
CA TRP TA 150 46.30 -15.97 -83.49
C TRP TA 150 45.38 -15.83 -82.28
N GLU TA 151 45.78 -16.40 -81.15
CA GLU TA 151 45.01 -16.29 -79.92
C GLU TA 151 44.93 -14.85 -79.43
N GLU TA 152 45.80 -13.97 -79.93
CA GLU TA 152 45.72 -12.56 -79.61
C GLU TA 152 44.68 -11.82 -80.45
N ILE TA 153 44.34 -12.33 -81.62
CA ILE TA 153 43.44 -11.65 -82.56
C ILE TA 153 42.04 -11.38 -82.01
N PRO TA 154 41.38 -12.30 -81.29
CA PRO TA 154 40.05 -11.93 -80.74
C PRO TA 154 40.11 -10.75 -79.79
N ALA TA 155 41.02 -10.78 -78.81
CA ALA TA 155 41.09 -9.74 -77.79
C ALA TA 155 41.31 -8.37 -78.42
N LEU TA 156 42.30 -8.27 -79.32
CA LEU TA 156 42.57 -6.98 -79.96
C LEU TA 156 41.40 -6.53 -80.83
N ASP TA 157 40.60 -7.47 -81.33
CA ASP TA 157 39.39 -7.09 -82.07
C ASP TA 157 38.45 -6.29 -81.18
N LYS TA 158 38.38 -6.65 -79.90
CA LYS TA 158 37.59 -5.89 -78.93
C LYS TA 158 38.05 -4.44 -78.85
N GLU TA 159 39.32 -4.18 -79.14
CA GLU TA 159 39.78 -2.79 -79.19
C GLU TA 159 39.22 -2.09 -80.42
N LEU TA 160 39.24 -2.73 -81.58
CA LEU TA 160 38.97 -2.00 -82.82
C LEU TA 160 37.50 -1.63 -82.97
N LYS TA 161 36.59 -2.45 -82.45
CA LYS TA 161 35.19 -2.05 -82.41
C LYS TA 161 34.97 -0.85 -81.51
N ALA TA 162 35.91 -0.56 -80.60
CA ALA TA 162 35.88 0.66 -79.81
C ALA TA 162 36.34 1.87 -80.60
N LYS TA 163 36.94 1.68 -81.77
CA LYS TA 163 37.31 2.78 -82.67
C LYS TA 163 36.49 2.77 -83.95
N GLY TA 164 35.52 1.87 -84.06
CA GLY TA 164 34.78 1.73 -85.30
C GLY TA 164 35.55 1.01 -86.38
N LYS TA 165 36.48 0.15 -85.99
CA LYS TA 165 37.32 -0.58 -86.94
C LYS TA 165 37.13 -2.08 -86.75
N SER TA 166 37.64 -2.84 -87.71
CA SER TA 166 37.61 -4.29 -87.65
C SER TA 166 39.04 -4.83 -87.66
N ALA TA 167 39.23 -5.96 -86.97
CA ALA TA 167 40.58 -6.52 -86.85
C ALA TA 167 41.02 -7.20 -88.14
N LEU TA 168 40.31 -8.23 -88.56
CA LEU TA 168 40.72 -9.03 -89.71
C LEU TA 168 39.52 -9.22 -90.62
N MET TA 169 39.74 -9.02 -91.92
CA MET TA 169 38.71 -9.24 -92.93
C MET TA 169 39.40 -9.75 -94.19
N PHE TA 170 39.02 -10.94 -94.63
CA PHE TA 170 39.62 -11.54 -95.81
C PHE TA 170 38.58 -12.42 -96.50
N ASN TA 171 39.02 -13.14 -97.52
CA ASN TA 171 38.14 -13.98 -98.32
C ASN TA 171 37.93 -15.31 -97.60
N LEU TA 172 36.73 -15.51 -97.06
CA LEU TA 172 36.37 -16.77 -96.43
C LEU TA 172 35.76 -17.77 -97.40
N GLN TA 173 35.55 -17.37 -98.66
CA GLN TA 173 34.90 -18.23 -99.64
C GLN TA 173 35.86 -19.21 -100.30
N GLU TA 174 37.14 -19.21 -99.91
CA GLU TA 174 38.12 -20.10 -100.50
C GLU TA 174 38.88 -20.85 -99.42
N PRO TA 175 39.18 -22.13 -99.63
CA PRO TA 175 40.13 -22.82 -98.74
C PRO TA 175 41.56 -22.31 -98.88
N TYR TA 176 41.88 -21.65 -99.99
CA TYR TA 176 43.22 -21.14 -100.23
C TYR TA 176 43.62 -20.09 -99.20
N PHE TA 177 42.66 -19.36 -98.66
CA PHE TA 177 42.95 -18.38 -97.62
C PHE TA 177 42.98 -19.04 -96.24
N THR TA 178 42.08 -19.98 -96.00
CA THR TA 178 41.88 -20.52 -94.66
C THR TA 178 42.86 -21.63 -94.30
N TRP TA 179 43.50 -22.25 -95.29
CA TRP TA 179 44.38 -23.39 -95.03
C TRP TA 179 45.62 -23.10 -94.17
N PRO TA 180 46.20 -21.88 -94.17
CA PRO TA 180 47.26 -21.61 -93.18
C PRO TA 180 46.87 -21.87 -91.74
N LEU TA 181 45.68 -21.43 -91.32
CA LEU TA 181 45.30 -21.56 -89.91
C LEU TA 181 44.89 -22.99 -89.57
N ILE TA 182 44.01 -23.59 -90.38
CA ILE TA 182 43.42 -24.88 -90.01
C ILE TA 182 44.45 -25.99 -90.09
N ALA TA 183 45.40 -25.91 -91.03
CA ALA TA 183 46.38 -26.96 -91.23
C ALA TA 183 47.71 -26.66 -90.56
N ALA TA 184 47.74 -25.68 -89.66
CA ALA TA 184 49.02 -25.30 -89.05
C ALA TA 184 49.50 -26.33 -88.04
N ASP TA 185 48.57 -26.89 -87.26
CA ASP TA 185 48.91 -27.75 -86.13
C ASP TA 185 48.52 -29.22 -86.35
N GLY TA 186 48.56 -29.69 -87.59
CA GLY TA 186 48.30 -31.09 -87.83
C GLY TA 186 47.55 -31.42 -89.12
N GLY TA 187 47.03 -30.40 -89.80
CA GLY TA 187 46.38 -30.63 -91.08
C GLY TA 187 47.37 -30.59 -92.23
N TYR TA 188 47.07 -31.36 -93.27
CA TYR TA 188 47.88 -31.41 -94.48
C TYR TA 188 47.05 -32.04 -95.58
N ALA TA 189 47.10 -31.44 -96.78
CA ALA TA 189 46.21 -31.83 -97.88
C ALA TA 189 46.41 -33.29 -98.28
N PHE TA 190 47.61 -33.62 -98.77
CA PHE TA 190 47.97 -34.99 -99.09
C PHE TA 190 49.33 -35.28 -98.47
N LYS TA 191 49.53 -36.52 -98.02
CA LYS TA 191 50.85 -36.89 -97.51
C LYS TA 191 51.87 -36.90 -98.64
N TYR TA 192 52.92 -36.10 -98.49
CA TYR TA 192 53.88 -35.85 -99.55
C TYR TA 192 55.28 -36.16 -99.03
N GLU TA 193 55.88 -37.25 -99.54
CA GLU TA 193 57.21 -37.67 -99.11
C GLU TA 193 57.96 -38.20 -100.32
N ASN TA 194 59.26 -37.92 -100.36
CA ASN TA 194 60.18 -38.42 -101.40
C ASN TA 194 59.72 -38.07 -102.81
N GLY TA 195 59.06 -36.92 -102.96
CA GLY TA 195 58.56 -36.51 -104.25
C GLY TA 195 57.29 -37.20 -104.70
N LYS TA 196 56.55 -37.84 -103.79
CA LYS TA 196 55.35 -38.58 -104.13
C LYS TA 196 54.20 -38.15 -103.23
N TYR TA 197 53.04 -37.89 -103.83
CA TYR TA 197 51.83 -37.54 -103.09
C TYR TA 197 50.97 -38.79 -102.90
N ASP TA 198 50.70 -39.14 -101.65
CA ASP TA 198 49.89 -40.31 -101.35
C ASP TA 198 48.41 -39.99 -101.53
N ILE TA 199 47.72 -40.81 -102.31
CA ILE TA 199 46.32 -40.51 -102.64
C ILE TA 199 45.39 -40.96 -101.51
N LYS TA 200 45.70 -42.09 -100.85
CA LYS TA 200 44.91 -42.58 -99.74
C LYS TA 200 45.14 -41.79 -98.45
N ASP TA 201 45.96 -40.74 -98.48
CA ASP TA 201 46.36 -40.08 -97.25
C ASP TA 201 46.01 -38.60 -97.33
N VAL TA 202 44.73 -38.33 -97.56
CA VAL TA 202 44.14 -36.99 -97.53
C VAL TA 202 43.92 -36.65 -96.06
N GLY TA 203 44.74 -35.75 -95.52
CA GLY TA 203 44.63 -35.41 -94.12
C GLY TA 203 43.72 -34.23 -93.80
N VAL TA 204 42.47 -34.53 -93.45
CA VAL TA 204 41.58 -33.53 -92.85
C VAL TA 204 40.92 -34.03 -91.58
N ASP TA 205 40.98 -35.33 -91.29
CA ASP TA 205 40.43 -35.89 -90.07
C ASP TA 205 41.52 -35.97 -88.99
N ASN TA 206 42.11 -34.81 -88.71
CA ASN TA 206 43.19 -34.69 -87.75
C ASN TA 206 42.80 -33.69 -86.66
N ALA TA 207 43.43 -33.85 -85.49
CA ALA TA 207 43.14 -32.98 -84.36
C ALA TA 207 43.55 -31.54 -84.64
N GLY TA 208 44.59 -31.34 -85.46
CA GLY TA 208 44.98 -29.99 -85.81
C GLY TA 208 43.96 -29.29 -86.68
N ALA TA 209 43.40 -30.00 -87.66
CA ALA TA 209 42.33 -29.42 -88.48
C ALA TA 209 41.11 -29.11 -87.62
N LYS TA 210 40.81 -29.99 -86.65
CA LYS TA 210 39.73 -29.72 -85.71
C LYS TA 210 39.98 -28.45 -84.92
N ALA TA 211 41.21 -28.29 -84.41
CA ALA TA 211 41.54 -27.10 -83.62
C ALA TA 211 41.45 -25.83 -84.45
N GLY TA 212 41.95 -25.87 -85.68
CA GLY TA 212 41.87 -24.70 -86.55
C GLY TA 212 40.45 -24.33 -86.92
N LEU TA 213 39.61 -25.33 -87.21
CA LEU TA 213 38.24 -25.00 -87.59
C LEU TA 213 37.42 -24.56 -86.38
N THR TA 214 37.69 -25.09 -85.19
CA THR TA 214 37.07 -24.54 -83.99
C THR TA 214 37.53 -23.12 -83.72
N PHE TA 215 38.79 -22.79 -83.98
CA PHE TA 215 39.21 -21.40 -83.83
C PHE TA 215 38.50 -20.51 -84.85
N LEU TA 216 38.25 -21.03 -86.05
CA LEU TA 216 37.48 -20.28 -87.04
C LEU TA 216 36.05 -20.05 -86.57
N VAL TA 217 35.42 -21.07 -85.99
CA VAL TA 217 34.05 -20.88 -85.53
C VAL TA 217 33.99 -20.04 -84.26
N ASP TA 218 35.09 -19.93 -83.52
CA ASP TA 218 35.13 -18.96 -82.42
C ASP TA 218 35.31 -17.55 -82.94
N LEU TA 219 36.06 -17.37 -84.03
CA LEU TA 219 36.17 -16.04 -84.61
C LEU TA 219 34.88 -15.61 -85.29
N ILE TA 220 34.08 -16.56 -85.76
CA ILE TA 220 32.86 -16.17 -86.45
C ILE TA 220 31.64 -16.14 -85.52
N LYS TA 221 31.65 -16.95 -84.45
CA LYS TA 221 30.48 -17.01 -83.57
C LYS TA 221 30.31 -15.71 -82.79
N ASN TA 222 31.39 -15.24 -82.18
CA ASN TA 222 31.37 -13.98 -81.43
C ASN TA 222 31.44 -12.76 -82.34
N LYS TA 223 31.31 -12.96 -83.66
CA LYS TA 223 31.16 -11.87 -84.63
C LYS TA 223 32.39 -10.98 -84.68
N HIS TA 224 33.58 -11.60 -84.63
CA HIS TA 224 34.80 -10.85 -84.91
C HIS TA 224 34.88 -10.52 -86.40
N MET TA 225 34.49 -11.45 -87.25
CA MET TA 225 34.39 -11.26 -88.69
C MET TA 225 32.99 -11.63 -89.15
N ASN TA 226 32.76 -11.51 -90.46
CA ASN TA 226 31.52 -11.95 -91.08
C ASN TA 226 31.78 -13.21 -91.90
N ALA TA 227 30.71 -13.97 -92.13
CA ALA TA 227 30.82 -15.23 -92.86
C ALA TA 227 30.62 -15.04 -94.35
N ASP TA 228 29.81 -14.06 -94.76
CA ASP TA 228 29.55 -13.79 -96.16
C ASP TA 228 30.59 -12.88 -96.80
N THR TA 229 31.65 -12.53 -96.07
CA THR TA 229 32.68 -11.68 -96.64
C THR TA 229 33.52 -12.46 -97.65
N ASP TA 230 34.22 -11.72 -98.49
CA ASP TA 230 35.07 -12.30 -99.52
C ASP TA 230 36.23 -11.34 -99.78
N TYR TA 231 36.86 -11.50 -100.93
CA TYR TA 231 38.11 -10.81 -101.23
C TYR TA 231 37.88 -9.34 -101.55
N SER TA 232 36.80 -9.02 -102.26
CA SER TA 232 36.59 -7.66 -102.74
CA SER TA 232 36.59 -7.66 -102.74
C SER TA 232 36.32 -6.69 -101.60
N ILE TA 233 35.35 -7.02 -100.74
CA ILE TA 233 35.03 -6.16 -99.61
C ILE TA 233 36.22 -6.01 -98.69
N ALA TA 234 36.96 -7.11 -98.49
CA ALA TA 234 38.15 -7.10 -97.63
C ALA TA 234 39.19 -6.13 -98.15
N GLU TA 235 39.62 -6.32 -99.41
CA GLU TA 235 40.67 -5.48 -99.96
C GLU TA 235 40.21 -4.03 -100.11
N ALA TA 236 38.95 -3.80 -100.45
CA ALA TA 236 38.46 -2.43 -100.59
C ALA TA 236 38.41 -1.72 -99.24
N ALA TA 237 38.01 -2.43 -98.19
CA ALA TA 237 37.99 -1.84 -96.86
C ALA TA 237 39.39 -1.60 -96.33
N PHE TA 238 40.34 -2.49 -96.67
CA PHE TA 238 41.71 -2.26 -96.24
C PHE TA 238 42.34 -1.11 -97.00
N ASN TA 239 41.98 -0.92 -98.28
CA ASN TA 239 42.45 0.26 -99.00
C ASN TA 239 41.90 1.54 -98.41
N LYS TA 240 40.68 1.51 -97.86
CA LYS TA 240 40.18 2.65 -97.11
C LYS TA 240 40.79 2.73 -95.71
N GLY TA 241 41.32 1.63 -95.20
CA GLY TA 241 41.89 1.61 -93.87
C GLY TA 241 40.88 1.35 -92.77
N GLU TA 242 39.82 0.60 -93.06
CA GLU TA 242 38.83 0.27 -92.06
C GLU TA 242 39.20 -0.97 -91.26
N THR TA 243 39.55 -2.05 -91.95
CA THR TA 243 40.11 -3.23 -91.32
C THR TA 243 41.62 -3.08 -91.30
N ALA TA 244 42.25 -3.47 -90.20
CA ALA TA 244 43.68 -3.24 -90.03
C ALA TA 244 44.53 -4.40 -90.54
N MET TA 245 44.08 -5.63 -90.39
CA MET TA 245 44.85 -6.80 -90.81
C MET TA 245 44.24 -7.39 -92.08
N THR TA 246 45.11 -7.93 -92.93
CA THR TA 246 44.62 -8.79 -94.02
C THR TA 246 45.70 -9.79 -94.37
N ILE TA 247 45.31 -10.81 -95.11
CA ILE TA 247 46.24 -11.85 -95.57
C ILE TA 247 46.15 -11.90 -97.09
N ASN TA 248 47.31 -11.77 -97.74
CA ASN TA 248 47.31 -11.64 -99.20
C ASN TA 248 48.67 -12.02 -99.75
N GLY TA 249 48.67 -12.43 -101.02
CA GLY TA 249 49.89 -12.70 -101.73
C GLY TA 249 50.46 -11.44 -102.35
N PRO TA 250 51.24 -11.59 -103.42
CA PRO TA 250 51.85 -10.43 -104.05
C PRO TA 250 50.88 -9.60 -104.90
N TRP TA 251 49.87 -10.25 -105.49
CA TRP TA 251 49.10 -9.65 -106.57
C TRP TA 251 48.34 -8.40 -106.16
N ALA TA 252 48.11 -8.19 -104.87
CA ALA TA 252 47.38 -7.02 -104.41
C ALA TA 252 48.27 -5.93 -103.85
N TRP TA 253 49.59 -6.16 -103.81
CA TRP TA 253 50.51 -5.22 -103.20
C TRP TA 253 50.39 -3.83 -103.82
N SER TA 254 50.49 -3.75 -105.15
CA SER TA 254 50.37 -2.49 -105.84
C SER TA 254 49.02 -1.83 -105.59
N ASN TA 255 47.97 -2.63 -105.43
CA ASN TA 255 46.66 -2.08 -105.09
C ASN TA 255 46.70 -1.33 -103.76
N ILE TA 256 47.39 -1.90 -102.78
CA ILE TA 256 47.56 -1.19 -101.51
C ILE TA 256 48.47 0.02 -101.71
N ASP TA 257 49.38 -0.05 -102.68
CA ASP TA 257 50.17 1.12 -103.04
C ASP TA 257 49.34 2.18 -103.76
N THR TA 258 48.11 1.87 -104.16
CA THR TA 258 47.20 2.92 -104.58
C THR TA 258 46.58 3.64 -103.39
N SER TA 259 46.47 2.95 -102.25
CA SER TA 259 45.85 3.54 -101.08
CA SER TA 259 45.86 3.54 -101.06
C SER TA 259 46.73 4.59 -100.40
N LYS TA 260 48.05 4.52 -100.60
CA LYS TA 260 49.04 5.37 -99.94
C LYS TA 260 48.97 5.26 -98.42
N VAL TA 261 48.39 4.17 -97.91
CA VAL TA 261 48.37 3.91 -96.49
C VAL TA 261 49.75 3.44 -96.06
N ASN TA 262 50.25 3.99 -94.97
CA ASN TA 262 51.56 3.57 -94.47
C ASN TA 262 51.43 2.16 -93.90
N TYR TA 263 51.74 1.17 -94.73
CA TYR TA 263 51.50 -0.22 -94.38
C TYR TA 263 52.81 -1.00 -94.36
N GLY TA 264 52.77 -2.13 -93.64
CA GLY TA 264 53.88 -3.06 -93.64
C GLY TA 264 53.39 -4.47 -93.93
N VAL TA 265 54.36 -5.35 -94.19
CA VAL TA 265 54.11 -6.75 -94.49
C VAL TA 265 54.98 -7.60 -93.57
N THR TA 266 54.37 -8.61 -92.96
CA THR TA 266 55.10 -9.50 -92.07
C THR TA 266 54.57 -10.92 -92.21
N VAL TA 267 55.18 -11.82 -91.43
CA VAL TA 267 54.76 -13.20 -91.39
C VAL TA 267 53.42 -13.31 -90.64
N LEU TA 268 52.64 -14.32 -91.00
CA LEU TA 268 51.43 -14.62 -90.26
C LEU TA 268 51.77 -15.08 -88.84
N PRO TA 269 50.90 -14.79 -87.87
CA PRO TA 269 51.13 -15.26 -86.51
C PRO TA 269 51.13 -16.78 -86.43
N THR TA 270 51.84 -17.30 -85.43
CA THR TA 270 51.81 -18.72 -85.14
C THR TA 270 50.58 -19.04 -84.29
N PHE TA 271 50.22 -20.32 -84.26
CA PHE TA 271 49.00 -20.74 -83.58
C PHE TA 271 49.30 -21.98 -82.75
N LYS TA 272 49.15 -21.86 -81.42
CA LYS TA 272 49.45 -22.91 -80.46
C LYS TA 272 50.91 -23.38 -80.57
N GLY TA 273 51.79 -22.48 -81.03
CA GLY TA 273 53.17 -22.81 -81.30
C GLY TA 273 53.44 -23.28 -82.71
N GLN TA 274 52.48 -23.93 -83.35
CA GLN TA 274 52.66 -24.37 -84.73
C GLN TA 274 52.38 -23.21 -85.68
N PRO TA 275 53.35 -22.79 -86.48
CA PRO TA 275 53.13 -21.65 -87.37
C PRO TA 275 52.21 -22.00 -88.53
N SER TA 276 51.66 -20.95 -89.14
CA SER TA 276 50.73 -21.10 -90.25
C SER TA 276 51.43 -21.76 -91.44
N LYS TA 277 50.61 -22.28 -92.36
CA LYS TA 277 51.09 -23.10 -93.48
C LYS TA 277 50.38 -22.67 -94.76
N PRO TA 278 50.84 -21.60 -95.40
CA PRO TA 278 50.23 -21.18 -96.66
C PRO TA 278 50.64 -22.06 -97.83
N PHE TA 279 49.82 -22.03 -98.86
CA PHE TA 279 50.14 -22.72 -100.11
C PHE TA 279 51.29 -22.03 -100.82
N VAL TA 280 52.36 -22.76 -101.04
CA VAL TA 280 53.54 -22.27 -101.75
C VAL TA 280 53.32 -22.50 -103.24
N GLY TA 281 53.12 -21.42 -103.98
CA GLY TA 281 52.93 -21.54 -105.42
C GLY TA 281 54.18 -21.16 -106.17
N VAL TA 282 54.80 -22.12 -106.84
CA VAL TA 282 56.13 -21.94 -107.41
C VAL TA 282 55.99 -21.84 -108.92
N LEU TA 283 56.30 -20.67 -109.45
CA LEU TA 283 56.45 -20.47 -110.90
C LEU TA 283 57.79 -21.07 -111.33
N SER TA 284 57.72 -22.11 -112.15
CA SER TA 284 58.90 -22.80 -112.67
C SER TA 284 58.81 -22.82 -114.20
N ALA TA 285 59.95 -23.13 -114.81
CA ALA TA 285 60.09 -23.17 -116.27
C ALA TA 285 60.28 -24.63 -116.69
N GLY TA 286 59.21 -25.22 -117.20
CA GLY TA 286 59.28 -26.58 -117.70
C GLY TA 286 59.78 -26.63 -119.14
N ILE TA 287 60.67 -27.58 -119.38
CA ILE TA 287 61.16 -27.87 -120.73
C ILE TA 287 60.24 -28.90 -121.35
N ASN TA 288 59.86 -28.70 -122.61
CA ASN TA 288 58.96 -29.64 -123.28
C ASN TA 288 59.66 -30.98 -123.43
N ALA TA 289 58.90 -32.06 -123.23
CA ALA TA 289 59.46 -33.41 -123.28
C ALA TA 289 59.72 -33.90 -124.70
N ALA TA 290 59.16 -33.23 -125.71
CA ALA TA 290 59.44 -33.55 -127.09
C ALA TA 290 60.60 -32.75 -127.65
N SER TA 291 61.29 -31.97 -126.80
CA SER TA 291 62.34 -31.07 -127.26
C SER TA 291 63.60 -31.85 -127.58
N PRO TA 292 64.20 -31.65 -128.75
CA PRO TA 292 65.61 -31.98 -128.96
C PRO TA 292 66.58 -30.86 -128.60
N ASN TA 293 66.14 -29.90 -127.80
CA ASN TA 293 66.92 -28.69 -127.50
C ASN TA 293 67.24 -28.64 -126.01
N LYS TA 294 67.67 -29.77 -125.45
CA LYS TA 294 67.82 -29.90 -124.00
C LYS TA 294 68.92 -29.00 -123.45
N GLU TA 295 70.14 -29.14 -123.98
CA GLU TA 295 71.29 -28.46 -123.41
C GLU TA 295 71.24 -26.96 -123.62
N LEU TA 296 70.68 -26.50 -124.74
CA LEU TA 296 70.56 -25.07 -124.99
C LEU TA 296 69.66 -24.40 -123.95
N ALA TA 297 68.47 -24.96 -123.74
CA ALA TA 297 67.56 -24.39 -122.76
C ALA TA 297 68.08 -24.56 -121.33
N LYS TA 298 68.79 -25.65 -121.06
CA LYS TA 298 69.38 -25.81 -119.73
C LYS TA 298 70.45 -24.75 -119.48
N GLU TA 299 71.26 -24.44 -120.49
CA GLU TA 299 72.24 -23.38 -120.36
CA GLU TA 299 72.24 -23.38 -120.36
C GLU TA 299 71.57 -22.02 -120.16
N PHE TA 300 70.51 -21.75 -120.93
CA PHE TA 300 69.79 -20.48 -120.80
C PHE TA 300 69.14 -20.35 -119.42
N LEU TA 301 68.67 -21.46 -118.85
CA LEU TA 301 68.01 -21.40 -117.56
C LEU TA 301 69.01 -21.30 -116.41
N GLU TA 302 70.15 -21.98 -116.52
CA GLU TA 302 71.07 -22.04 -115.40
C GLU TA 302 72.05 -20.87 -115.39
N ASN TA 303 72.66 -20.56 -116.53
CA ASN TA 303 73.71 -19.56 -116.56
C ASN TA 303 73.20 -18.15 -116.85
N TYR TA 304 71.96 -18.00 -117.31
CA TYR TA 304 71.41 -16.69 -117.60
C TYR TA 304 70.15 -16.37 -116.81
N LEU TA 305 69.20 -17.30 -116.74
CA LEU TA 305 67.95 -17.02 -116.03
C LEU TA 305 68.14 -17.05 -114.51
N LEU TA 306 68.54 -18.19 -113.98
CA LEU TA 306 68.60 -18.37 -112.52
C LEU TA 306 69.93 -17.86 -111.96
N THR TA 307 70.27 -16.63 -112.33
CA THR TA 307 71.43 -15.90 -111.83
C THR TA 307 70.96 -14.54 -111.36
N ASP TA 308 71.90 -13.69 -110.94
CA ASP TA 308 71.53 -12.38 -110.44
C ASP TA 308 70.98 -11.48 -111.55
N GLU TA 309 71.69 -11.42 -112.68
CA GLU TA 309 71.32 -10.46 -113.72
C GLU TA 309 70.05 -10.87 -114.46
N GLY TA 310 69.76 -12.17 -114.58
CA GLY TA 310 68.56 -12.58 -115.27
C GLY TA 310 67.30 -12.25 -114.48
N LEU TA 311 67.28 -12.62 -113.20
CA LEU TA 311 66.16 -12.24 -112.35
C LEU TA 311 66.08 -10.74 -112.15
N GLU TA 312 67.22 -10.04 -112.18
CA GLU TA 312 67.19 -8.58 -112.13
C GLU TA 312 66.49 -8.01 -113.36
N ALA TA 313 66.89 -8.48 -114.55
CA ALA TA 313 66.31 -7.98 -115.78
C ALA TA 313 64.83 -8.29 -115.90
N VAL TA 314 64.38 -9.46 -115.41
CA VAL TA 314 62.95 -9.71 -115.48
C VAL TA 314 62.22 -8.89 -114.42
N ASN TA 315 62.84 -8.63 -113.26
CA ASN TA 315 62.17 -7.88 -112.21
C ASN TA 315 62.13 -6.37 -112.47
N LYS TA 316 62.95 -5.85 -113.39
CA LYS TA 316 62.81 -4.43 -113.72
C LYS TA 316 61.46 -4.12 -114.36
N ASP TA 317 60.88 -5.07 -115.10
CA ASP TA 317 59.55 -4.85 -115.66
C ASP TA 317 58.46 -5.28 -114.68
N LYS TA 318 58.46 -6.56 -114.28
CA LYS TA 318 57.50 -7.08 -113.32
C LYS TA 318 58.25 -7.98 -112.34
N PRO TA 319 58.08 -7.77 -111.04
CA PRO TA 319 58.83 -8.56 -110.06
C PRO TA 319 58.33 -9.98 -109.95
N LEU TA 320 59.10 -10.78 -109.21
CA LEU TA 320 58.73 -12.16 -108.92
C LEU TA 320 58.57 -12.44 -107.44
N GLY TA 321 58.70 -11.43 -106.58
CA GLY TA 321 58.49 -11.63 -105.16
C GLY TA 321 59.63 -12.42 -104.55
N ALA TA 322 59.30 -13.54 -103.95
CA ALA TA 322 60.29 -14.49 -103.47
C ALA TA 322 60.73 -15.36 -104.64
N VAL TA 323 62.03 -15.41 -104.89
CA VAL TA 323 62.58 -16.20 -106.00
C VAL TA 323 63.23 -17.45 -105.43
N ALA TA 324 63.71 -18.33 -106.30
CA ALA TA 324 64.32 -19.58 -105.88
C ALA TA 324 65.83 -19.49 -105.71
N LEU TA 325 66.51 -18.58 -106.41
CA LEU TA 325 67.95 -18.47 -106.30
C LEU TA 325 68.34 -17.76 -105.01
N LYS TA 326 69.34 -18.31 -104.32
CA LYS TA 326 69.65 -17.87 -102.96
C LYS TA 326 70.25 -16.47 -102.95
N SER TA 327 71.21 -16.21 -103.85
CA SER TA 327 71.87 -14.90 -103.87
C SER TA 327 70.89 -13.80 -104.24
N TYR TA 328 70.01 -14.05 -105.22
CA TYR TA 328 69.01 -13.06 -105.57
C TYR TA 328 67.96 -12.89 -104.49
N GLU TA 329 67.72 -13.94 -103.68
CA GLU TA 329 66.90 -13.76 -102.50
C GLU TA 329 67.59 -12.85 -101.48
N GLU TA 330 68.92 -12.94 -101.37
CA GLU TA 330 69.61 -12.01 -100.49
C GLU TA 330 69.58 -10.59 -101.03
N GLU TA 331 69.59 -10.43 -102.35
CA GLU TA 331 69.42 -9.09 -102.94
C GLU TA 331 68.03 -8.54 -102.69
N LEU TA 332 66.99 -9.35 -102.84
CA LEU TA 332 65.63 -8.86 -102.68
C LEU TA 332 65.14 -8.86 -101.23
N ALA TA 333 65.88 -9.45 -100.30
CA ALA TA 333 65.43 -9.52 -98.91
C ALA TA 333 65.48 -8.18 -98.19
N LYS TA 334 66.01 -7.11 -98.82
CA LYS TA 334 65.92 -5.80 -98.20
C LYS TA 334 64.49 -5.26 -98.24
N ASP TA 335 63.68 -5.75 -99.17
CA ASP TA 335 62.25 -5.43 -99.16
C ASP TA 335 61.59 -6.36 -98.16
N PRO TA 336 60.97 -5.83 -97.09
CA PRO TA 336 60.40 -6.72 -96.06
C PRO TA 336 59.24 -7.56 -96.56
N ARG TA 337 58.55 -7.12 -97.60
CA ARG TA 337 57.52 -7.96 -98.23
C ARG TA 337 58.14 -9.25 -98.76
N ILE TA 338 59.35 -9.16 -99.33
CA ILE TA 338 60.01 -10.33 -99.89
C ILE TA 338 60.44 -11.28 -98.78
N ALA TA 339 60.93 -10.71 -97.66
CA ALA TA 339 61.32 -11.54 -96.52
C ALA TA 339 60.12 -12.25 -95.92
N ALA TA 340 59.00 -11.54 -95.78
CA ALA TA 340 57.79 -12.17 -95.26
C ALA TA 340 57.29 -13.25 -96.21
N THR TA 341 57.37 -13.01 -97.52
CA THR TA 341 56.95 -14.01 -98.49
C THR TA 341 57.82 -15.25 -98.42
N MET TA 342 59.14 -15.08 -98.30
CA MET TA 342 60.00 -16.27 -98.28
C MET TA 342 59.88 -17.03 -96.96
N GLU TA 343 59.64 -16.35 -95.84
CA GLU TA 343 59.46 -17.12 -94.61
C GLU TA 343 58.13 -17.85 -94.57
N ASN TA 344 57.06 -17.24 -95.09
CA ASN TA 344 55.80 -17.97 -95.21
C ASN TA 344 55.91 -19.10 -96.22
N ALA TA 345 56.75 -18.94 -97.26
CA ALA TA 345 56.92 -20.00 -98.24
C ALA TA 345 57.73 -21.16 -97.67
N GLN TA 346 58.76 -20.88 -96.87
CA GLN TA 346 59.56 -21.94 -96.29
C GLN TA 346 58.85 -22.64 -95.14
N LYS TA 347 57.90 -21.97 -94.48
CA LYS TA 347 57.11 -22.65 -93.45
C LYS TA 347 55.75 -23.11 -93.97
N GLY TA 348 55.48 -22.94 -95.26
CA GLY TA 348 54.18 -23.30 -95.83
C GLY TA 348 54.17 -24.70 -96.43
N GLU TA 349 53.01 -25.05 -96.98
CA GLU TA 349 52.80 -26.34 -97.63
C GLU TA 349 52.90 -26.16 -99.14
N ILE TA 350 53.69 -27.00 -99.78
CA ILE TA 350 53.83 -26.92 -101.23
C ILE TA 350 52.54 -27.41 -101.89
N MET TA 351 52.17 -26.77 -102.98
CA MET TA 351 50.91 -27.13 -103.66
CA MET TA 351 50.92 -27.12 -103.67
C MET TA 351 51.04 -28.50 -104.31
N PRO TA 352 50.03 -29.36 -104.16
CA PRO TA 352 50.09 -30.69 -104.77
C PRO TA 352 49.97 -30.64 -106.29
N ASN TA 353 50.69 -31.54 -106.94
CA ASN TA 353 50.71 -31.64 -108.39
C ASN TA 353 49.76 -32.72 -108.92
N ILE TA 354 48.79 -33.13 -108.11
CA ILE TA 354 47.95 -34.28 -108.43
C ILE TA 354 46.53 -33.84 -108.74
N PRO TA 355 45.77 -34.58 -109.55
CA PRO TA 355 44.42 -34.12 -109.91
C PRO TA 355 43.38 -34.30 -108.82
N GLN TA 356 43.61 -35.19 -107.84
CA GLN TA 356 42.67 -35.34 -106.73
C GLN TA 356 42.51 -34.04 -105.95
N MET TA 357 43.52 -33.18 -106.00
CA MET TA 357 43.45 -31.83 -105.43
C MET TA 357 42.19 -31.10 -105.89
N SER TA 358 41.75 -31.33 -107.13
CA SER TA 358 40.52 -30.71 -107.62
C SER TA 358 39.33 -31.06 -106.73
N ALA TA 359 39.15 -32.36 -106.43
CA ALA TA 359 38.09 -32.76 -105.51
C ALA TA 359 38.31 -32.15 -104.14
N PHE TA 360 39.57 -31.95 -103.75
CA PHE TA 360 39.89 -31.20 -102.54
C PHE TA 360 39.21 -29.83 -102.57
N TRP TA 361 39.42 -29.08 -103.66
CA TRP TA 361 38.79 -27.77 -103.78
C TRP TA 361 37.28 -27.87 -103.92
N TYR TA 362 36.74 -29.07 -104.17
CA TYR TA 362 35.30 -29.26 -104.12
C TYR TA 362 34.85 -29.78 -102.76
N ALA TA 363 35.71 -30.48 -102.03
CA ALA TA 363 35.27 -31.07 -100.75
C ALA TA 363 35.40 -30.06 -99.60
N VAL TA 364 36.64 -29.65 -99.29
CA VAL TA 364 36.89 -28.90 -98.07
C VAL TA 364 36.26 -27.51 -98.11
N ARG TA 365 36.05 -26.95 -99.31
CA ARG TA 365 35.30 -25.71 -99.43
C ARG TA 365 33.91 -25.85 -98.85
N THR TA 366 33.20 -26.92 -99.23
CA THR TA 366 31.88 -27.18 -98.64
C THR TA 366 31.97 -27.32 -97.13
N ALA TA 367 33.12 -27.80 -96.63
CA ALA TA 367 33.33 -27.89 -95.19
C ALA TA 367 33.15 -26.53 -94.52
N VAL TA 368 33.80 -25.49 -95.05
CA VAL TA 368 33.63 -24.20 -94.40
C VAL TA 368 32.24 -23.64 -94.70
N ILE TA 369 31.62 -24.09 -95.80
CA ILE TA 369 30.24 -23.68 -96.06
C ILE TA 369 29.31 -24.33 -95.03
N ASN TA 370 29.72 -25.45 -94.45
CA ASN TA 370 28.98 -26.00 -93.32
C ASN TA 370 29.48 -25.46 -91.98
N ALA TA 371 30.61 -24.76 -91.97
CA ALA TA 371 31.20 -24.29 -90.72
C ALA TA 371 30.80 -22.86 -90.39
N ALA TA 372 31.14 -21.91 -91.26
CA ALA TA 372 30.80 -20.51 -91.01
C ALA TA 372 29.31 -20.26 -91.09
N SER TA 373 28.58 -21.09 -91.83
CA SER TA 373 27.12 -21.01 -91.86
C SER TA 373 26.47 -21.79 -90.72
N GLY TA 374 27.18 -22.75 -90.13
CA GLY TA 374 26.62 -23.49 -89.03
C GLY TA 374 25.58 -24.51 -89.39
N ARG TA 375 25.55 -24.94 -90.66
CA ARG TA 375 24.65 -26.03 -91.03
C ARG TA 375 25.09 -27.34 -90.41
N GLN TA 376 26.39 -27.57 -90.35
CA GLN TA 376 26.99 -28.69 -89.64
C GLN TA 376 27.91 -28.15 -88.55
N THR TA 377 28.51 -29.05 -87.80
CA THR TA 377 29.49 -28.67 -86.80
C THR TA 377 30.89 -28.72 -87.41
N VAL TA 378 31.93 -28.68 -86.57
CA VAL TA 378 33.30 -28.79 -87.05
C VAL TA 378 33.57 -30.20 -87.58
N ASP TA 379 33.34 -31.21 -86.73
CA ASP TA 379 33.67 -32.58 -87.09
C ASP TA 379 32.82 -33.08 -88.25
N GLU TA 380 31.53 -32.70 -88.28
CA GLU TA 380 30.65 -33.13 -89.37
C GLU TA 380 31.14 -32.60 -90.71
N ALA TA 381 31.47 -31.31 -90.77
CA ALA TA 381 31.95 -30.71 -92.01
C ALA TA 381 33.29 -31.31 -92.43
N LEU TA 382 34.20 -31.52 -91.48
CA LEU TA 382 35.52 -32.01 -91.86
C LEU TA 382 35.49 -33.48 -92.30
N LYS TA 383 34.67 -34.32 -91.66
CA LYS TA 383 34.60 -35.70 -92.13
C LYS TA 383 33.71 -35.83 -93.37
N ASP TA 384 32.85 -34.85 -93.65
CA ASP TA 384 32.19 -34.82 -94.95
C ASP TA 384 33.17 -34.45 -96.05
N ALA TA 385 34.10 -33.54 -95.75
CA ALA TA 385 35.17 -33.23 -96.69
C ALA TA 385 36.21 -34.35 -96.76
N GLN TA 386 36.22 -35.25 -95.78
CA GLN TA 386 37.21 -36.34 -95.76
C GLN TA 386 36.97 -37.31 -96.91
N THR TA 387 35.76 -37.82 -97.04
CA THR TA 387 35.42 -38.76 -98.10
C THR TA 387 35.28 -38.06 -99.43
N SER UA 35 -21.72 -21.29 90.05
CA SER UA 35 -22.27 -19.94 90.12
C SER UA 35 -21.88 -19.27 91.44
N GLU UA 36 -20.68 -19.59 91.92
CA GLU UA 36 -20.14 -18.93 93.10
C GLU UA 36 -19.93 -17.44 92.87
N LEU UA 37 -19.63 -17.05 91.64
CA LEU UA 37 -19.58 -15.66 91.23
C LEU UA 37 -20.59 -15.36 90.14
N GLY UA 38 -21.53 -16.28 89.89
CA GLY UA 38 -22.47 -16.09 88.81
C GLY UA 38 -23.52 -15.04 89.14
N LYS UA 39 -24.06 -15.08 90.36
CA LYS UA 39 -24.96 -14.01 90.78
C LYS UA 39 -24.20 -12.70 91.00
N GLU UA 40 -22.90 -12.81 91.33
CA GLU UA 40 -22.05 -11.62 91.35
C GLU UA 40 -21.88 -11.06 89.95
N LEU UA 41 -22.04 -11.88 88.91
CA LEU UA 41 -22.12 -11.34 87.56
C LEU UA 41 -23.52 -10.82 87.24
N LEU UA 42 -24.55 -11.45 87.80
CA LEU UA 42 -25.92 -11.00 87.55
C LEU UA 42 -26.15 -9.60 88.10
N GLU UA 43 -25.59 -9.30 89.28
CA GLU UA 43 -25.80 -7.98 89.87
C GLU UA 43 -25.09 -6.91 89.06
N ALA UA 44 -23.88 -7.19 88.57
CA ALA UA 44 -23.18 -6.22 87.76
C ALA UA 44 -23.81 -6.08 86.38
N ALA UA 45 -24.43 -7.15 85.87
CA ALA UA 45 -25.13 -7.06 84.60
C ALA UA 45 -26.41 -6.25 84.74
N ARG UA 46 -27.10 -6.36 85.87
CA ARG UA 46 -28.24 -5.50 86.15
C ARG UA 46 -27.80 -4.05 86.36
N ALA UA 47 -26.61 -3.84 86.94
CA ALA UA 47 -26.19 -2.52 87.37
C ALA UA 47 -25.18 -1.85 86.44
N GLY UA 48 -24.42 -2.61 85.67
CA GLY UA 48 -23.48 -2.01 84.74
C GLY UA 48 -22.21 -1.45 85.36
N GLN UA 49 -21.35 -2.35 85.86
CA GLN UA 49 -20.02 -1.99 86.34
C GLN UA 49 -18.97 -2.74 85.53
N ASP UA 50 -18.23 -2.00 84.68
CA ASP UA 50 -17.14 -2.61 83.94
C ASP UA 50 -16.00 -3.03 84.87
N ASP UA 51 -15.79 -2.29 85.95
CA ASP UA 51 -14.75 -2.65 86.92
C ASP UA 51 -15.09 -3.94 87.64
N GLU UA 52 -16.36 -4.11 88.03
CA GLU UA 52 -16.75 -5.33 88.75
C GLU UA 52 -16.57 -6.56 87.87
N VAL UA 53 -17.00 -6.49 86.62
CA VAL UA 53 -16.84 -7.63 85.74
C VAL UA 53 -15.39 -7.83 85.33
N ARG UA 54 -14.60 -6.75 85.29
CA ARG UA 54 -13.17 -6.90 85.04
C ARG UA 54 -12.49 -7.65 86.17
N ILE UA 55 -12.87 -7.36 87.41
CA ILE UA 55 -12.30 -8.08 88.56
C ILE UA 55 -12.82 -9.51 88.60
N LEU UA 56 -14.09 -9.72 88.24
CA LEU UA 56 -14.63 -11.07 88.25
C LEU UA 56 -14.00 -11.94 87.16
N MET UA 57 -13.65 -11.36 86.02
CA MET UA 57 -12.86 -12.08 85.03
C MET UA 57 -11.40 -12.20 85.42
N ALA UA 58 -10.90 -11.32 86.29
CA ALA UA 58 -9.58 -11.53 86.88
C ALA UA 58 -9.61 -12.71 87.85
N ARG UA 59 -10.75 -12.96 88.49
CA ARG UA 59 -10.94 -14.11 89.35
C ARG UA 59 -11.52 -15.31 88.61
N GLY UA 60 -11.83 -15.16 87.33
CA GLY UA 60 -12.34 -16.27 86.53
C GLY UA 60 -13.77 -16.63 86.83
N ALA UA 61 -14.65 -15.63 86.88
CA ALA UA 61 -16.06 -15.90 87.12
C ALA UA 61 -16.69 -16.57 85.90
N GLU UA 62 -17.59 -17.51 86.16
CA GLU UA 62 -18.24 -18.24 85.08
C GLU UA 62 -19.24 -17.35 84.34
N VAL UA 63 -19.24 -17.44 83.01
CA VAL UA 63 -20.03 -16.53 82.18
C VAL UA 63 -21.38 -17.11 81.78
N ASN UA 64 -21.61 -18.41 81.98
CA ASN UA 64 -22.85 -19.06 81.56
C ASN UA 64 -23.78 -19.30 82.74
N ALA UA 65 -23.87 -18.33 83.65
CA ALA UA 65 -24.67 -18.49 84.87
C ALA UA 65 -26.14 -18.31 84.53
N ALA UA 66 -26.86 -19.42 84.43
CA ALA UA 66 -28.30 -19.39 84.15
C ALA UA 66 -29.08 -19.46 85.45
N ASP UA 67 -30.11 -18.62 85.56
CA ASP UA 67 -31.00 -18.65 86.70
C ASP UA 67 -32.10 -19.69 86.47
N ASN UA 68 -33.14 -19.67 87.30
CA ASN UA 68 -34.21 -20.64 87.18
C ASN UA 68 -35.04 -20.45 85.92
N THR UA 69 -35.04 -19.25 85.33
CA THR UA 69 -35.81 -18.96 84.14
C THR UA 69 -34.93 -18.78 82.90
N GLY UA 70 -33.64 -19.07 83.00
CA GLY UA 70 -32.75 -19.06 81.86
C GLY UA 70 -32.05 -17.75 81.57
N THR UA 71 -32.20 -16.75 82.44
CA THR UA 71 -31.65 -15.44 82.17
C THR UA 71 -30.16 -15.43 82.47
N THR UA 72 -29.36 -15.16 81.45
CA THR UA 72 -27.91 -15.17 81.55
C THR UA 72 -27.39 -13.78 81.87
N PRO UA 73 -26.10 -13.65 82.24
CA PRO UA 73 -25.52 -12.31 82.34
C PRO UA 73 -25.53 -11.56 81.03
N LEU UA 74 -25.44 -12.27 79.91
CA LEU UA 74 -25.53 -11.62 78.61
C LEU UA 74 -26.91 -11.04 78.37
N HIS UA 75 -27.96 -11.70 78.87
CA HIS UA 75 -29.31 -11.19 78.72
C HIS UA 75 -29.48 -9.86 79.43
N LEU UA 76 -29.01 -9.76 80.68
CA LEU UA 76 -29.13 -8.51 81.40
C LEU UA 76 -28.19 -7.46 80.84
N ALA UA 77 -27.03 -7.88 80.33
CA ALA UA 77 -26.13 -6.93 79.68
C ALA UA 77 -26.77 -6.33 78.45
N ALA UA 78 -27.54 -7.12 77.71
CA ALA UA 78 -28.24 -6.61 76.55
C ALA UA 78 -29.42 -5.73 76.94
N TYR UA 79 -30.22 -6.18 77.91
CA TYR UA 79 -31.37 -5.41 78.38
C TYR UA 79 -30.94 -4.06 78.95
N SER UA 80 -29.76 -3.99 79.56
CA SER UA 80 -29.32 -2.76 80.18
C SER UA 80 -28.83 -1.75 79.14
N GLY UA 81 -28.04 -2.21 78.17
CA GLY UA 81 -27.55 -1.32 77.14
C GLY UA 81 -26.16 -0.78 77.36
N HIS UA 82 -25.31 -1.50 78.07
CA HIS UA 82 -23.90 -1.15 78.22
C HIS UA 82 -23.09 -2.10 77.36
N LEU UA 83 -22.41 -1.56 76.35
CA LEU UA 83 -21.74 -2.42 75.36
C LEU UA 83 -20.50 -3.09 75.91
N GLU UA 84 -19.86 -2.52 76.94
CA GLU UA 84 -18.57 -3.03 77.39
C GLU UA 84 -18.71 -4.39 78.08
N ILE UA 85 -19.74 -4.54 78.92
CA ILE UA 85 -19.95 -5.82 79.60
C ILE UA 85 -20.33 -6.90 78.59
N VAL UA 86 -21.10 -6.53 77.55
CA VAL UA 86 -21.41 -7.46 76.48
C VAL UA 86 -20.13 -7.88 75.76
N GLU UA 87 -19.26 -6.91 75.47
CA GLU UA 87 -18.02 -7.20 74.76
C GLU UA 87 -17.15 -8.16 75.55
N VAL UA 88 -16.98 -7.92 76.85
CA VAL UA 88 -16.11 -8.79 77.61
C VAL UA 88 -16.75 -10.15 77.87
N LEU UA 89 -18.09 -10.19 77.98
CA LEU UA 89 -18.77 -11.47 78.10
C LEU UA 89 -18.57 -12.32 76.85
N LEU UA 90 -18.61 -11.69 75.67
CA LEU UA 90 -18.32 -12.41 74.45
C LEU UA 90 -16.83 -12.72 74.31
N LYS UA 91 -15.97 -11.92 74.95
CA LYS UA 91 -14.54 -12.23 74.95
C LYS UA 91 -14.26 -13.48 75.76
N TYR UA 92 -15.02 -13.72 76.82
CA TYR UA 92 -14.85 -14.92 77.63
C TYR UA 92 -15.77 -16.06 77.21
N GLY UA 93 -16.44 -15.92 76.07
CA GLY UA 93 -17.16 -17.04 75.49
C GLY UA 93 -18.56 -17.25 76.00
N ALA UA 94 -19.29 -16.19 76.27
CA ALA UA 94 -20.69 -16.33 76.64
C ALA UA 94 -21.51 -16.79 75.44
N GLU UA 95 -22.63 -17.46 75.72
CA GLU UA 95 -23.45 -18.00 74.67
C GLU UA 95 -24.28 -16.89 74.03
N VAL UA 96 -24.15 -16.76 72.70
CA VAL UA 96 -24.84 -15.68 71.99
C VAL UA 96 -26.29 -16.04 71.70
N ASN UA 97 -26.63 -17.32 71.66
CA ASN UA 97 -27.96 -17.77 71.25
C ASN UA 97 -28.64 -18.54 72.37
N ALA UA 98 -28.48 -18.06 73.60
CA ALA UA 98 -29.09 -18.72 74.75
C ALA UA 98 -30.55 -18.32 74.87
N ALA UA 99 -31.45 -19.28 74.71
CA ALA UA 99 -32.88 -19.02 74.80
C ALA UA 99 -33.36 -19.20 76.24
N ASP UA 100 -34.26 -18.31 76.66
CA ASP UA 100 -34.87 -18.40 77.97
C ASP UA 100 -36.08 -19.34 77.93
N VAL UA 101 -36.89 -19.34 78.99
CA VAL UA 101 -38.10 -20.15 79.00
C VAL UA 101 -39.20 -19.55 78.13
N PHE UA 102 -39.04 -18.29 77.70
CA PHE UA 102 -39.98 -17.67 76.79
C PHE UA 102 -39.47 -17.62 75.36
N GLY UA 103 -38.23 -18.03 75.11
CA GLY UA 103 -37.67 -18.07 73.78
C GLY UA 103 -36.80 -16.89 73.40
N TYR UA 104 -36.75 -15.86 74.24
CA TYR UA 104 -35.97 -14.68 73.90
C TYR UA 104 -34.48 -14.96 74.04
N THR UA 105 -33.71 -14.42 73.10
CA THR UA 105 -32.27 -14.36 73.12
C THR UA 105 -31.84 -12.94 73.44
N PRO UA 106 -30.53 -12.70 73.63
CA PRO UA 106 -30.09 -11.30 73.78
C PRO UA 106 -30.40 -10.43 72.57
N LEU UA 107 -30.46 -11.00 71.37
CA LEU UA 107 -30.81 -10.22 70.19
C LEU UA 107 -32.25 -9.73 70.26
N HIS UA 108 -33.15 -10.57 70.75
CA HIS UA 108 -34.55 -10.17 70.92
C HIS UA 108 -34.68 -8.96 71.83
N LEU UA 109 -34.10 -9.05 73.03
CA LEU UA 109 -34.18 -7.95 73.98
C LEU UA 109 -33.47 -6.72 73.48
N ALA UA 110 -32.37 -6.89 72.77
CA ALA UA 110 -31.66 -5.75 72.21
C ALA UA 110 -32.50 -5.05 71.15
N ALA UA 111 -33.24 -5.82 70.35
CA ALA UA 111 -34.10 -5.22 69.33
C ALA UA 111 -35.32 -4.56 69.95
N TYR UA 112 -35.81 -5.10 71.07
CA TYR UA 112 -36.95 -4.49 71.74
C TYR UA 112 -36.62 -3.10 72.25
N TRP UA 113 -35.50 -2.97 72.96
CA TRP UA 113 -35.19 -1.72 73.64
C TRP UA 113 -34.43 -0.73 72.78
N GLY UA 114 -34.07 -1.11 71.55
CA GLY UA 114 -33.50 -0.15 70.63
C GLY UA 114 -32.07 0.21 70.93
N HIS UA 115 -31.21 -0.80 71.08
CA HIS UA 115 -29.79 -0.60 71.32
C HIS UA 115 -29.06 -1.09 70.08
N LEU UA 116 -28.55 -0.14 69.29
CA LEU UA 116 -28.04 -0.47 67.95
C LEU UA 116 -26.71 -1.20 68.02
N GLU UA 117 -25.76 -0.67 68.81
CA GLU UA 117 -24.41 -1.20 68.83
C GLU UA 117 -24.37 -2.63 69.35
N ILE UA 118 -25.20 -2.97 70.32
CA ILE UA 118 -25.15 -4.33 70.82
C ILE UA 118 -25.83 -5.29 69.85
N VAL UA 119 -26.82 -4.80 69.09
CA VAL UA 119 -27.38 -5.59 68.00
C VAL UA 119 -26.31 -5.89 66.98
N GLU UA 120 -25.52 -4.88 66.62
CA GLU UA 120 -24.44 -5.07 65.65
C GLU UA 120 -23.41 -6.07 66.14
N VAL UA 121 -22.96 -5.96 67.39
CA VAL UA 121 -21.91 -6.87 67.83
C VAL UA 121 -22.44 -8.26 68.13
N LEU UA 122 -23.74 -8.41 68.44
CA LEU UA 122 -24.30 -9.74 68.54
C LEU UA 122 -24.36 -10.41 67.17
N LEU UA 123 -24.79 -9.67 66.14
CA LEU UA 123 -24.76 -10.21 64.79
C LEU UA 123 -23.34 -10.50 64.33
N LYS UA 124 -22.38 -9.71 64.81
CA LYS UA 124 -20.98 -9.92 64.47
C LYS UA 124 -20.42 -11.18 65.11
N ASN UA 125 -21.03 -11.67 66.18
CA ASN UA 125 -20.55 -12.85 66.88
C ASN UA 125 -21.40 -14.08 66.61
N GLY UA 126 -22.20 -14.05 65.55
CA GLY UA 126 -22.95 -15.23 65.15
C GLY UA 126 -24.29 -15.40 65.82
N ALA UA 127 -25.01 -14.30 66.06
CA ALA UA 127 -26.37 -14.40 66.54
C ALA UA 127 -27.30 -14.76 65.40
N ASP UA 128 -28.25 -15.66 65.67
CA ASP UA 128 -29.17 -16.12 64.64
C ASP UA 128 -30.21 -15.04 64.38
N VAL UA 129 -30.26 -14.55 63.14
CA VAL UA 129 -31.06 -13.38 62.83
C VAL UA 129 -32.54 -13.73 62.69
N ASN UA 130 -32.88 -14.99 62.47
CA ASN UA 130 -34.26 -15.42 62.31
C ASN UA 130 -34.72 -16.27 63.49
N ALA UA 131 -34.29 -15.91 64.70
CA ALA UA 131 -34.67 -16.66 65.89
C ALA UA 131 -36.12 -16.38 66.26
N ARG UA 132 -36.88 -17.43 66.48
CA ARG UA 132 -38.29 -17.32 66.87
C ARG UA 132 -38.43 -17.45 68.37
N ASP UA 133 -39.37 -16.70 68.94
CA ASP UA 133 -39.69 -16.81 70.35
C ASP UA 133 -40.84 -17.80 70.53
N SER UA 134 -41.47 -17.77 71.71
CA SER UA 134 -42.67 -18.56 71.95
C SER UA 134 -43.80 -18.16 71.01
N ASP UA 135 -43.87 -16.88 70.63
CA ASP UA 135 -44.89 -16.39 69.71
C ASP UA 135 -44.50 -16.54 68.26
N GLY UA 136 -43.29 -17.01 67.97
CA GLY UA 136 -42.80 -17.03 66.61
C GLY UA 136 -42.35 -15.69 66.09
N MET UA 137 -42.18 -14.70 66.97
CA MET UA 137 -41.81 -13.37 66.55
C MET UA 137 -40.28 -13.25 66.50
N THR UA 138 -39.76 -12.97 65.33
CA THR UA 138 -38.34 -12.75 65.13
C THR UA 138 -37.97 -11.38 65.68
N PRO UA 139 -36.67 -11.08 65.84
CA PRO UA 139 -36.28 -9.72 66.23
C PRO UA 139 -36.74 -8.65 65.24
N LEU UA 140 -36.85 -8.99 63.96
CA LEU UA 140 -37.36 -8.04 62.98
C LEU UA 140 -38.80 -7.67 63.27
N HIS UA 141 -39.62 -8.62 63.72
CA HIS UA 141 -40.96 -8.32 64.18
C HIS UA 141 -40.95 -7.25 65.26
N LEU UA 142 -40.05 -7.38 66.23
CA LEU UA 142 -40.00 -6.43 67.33
C LEU UA 142 -39.56 -5.05 66.84
N ALA UA 143 -38.48 -5.01 66.07
CA ALA UA 143 -37.97 -3.72 65.59
C ALA UA 143 -38.94 -3.03 64.64
N ALA UA 144 -39.76 -3.79 63.91
CA ALA UA 144 -40.78 -3.16 63.09
C ALA UA 144 -41.98 -2.73 63.91
N LYS UA 145 -42.30 -3.47 64.97
CA LYS UA 145 -43.42 -3.11 65.83
C LYS UA 145 -43.13 -1.87 66.65
N TRP UA 146 -41.86 -1.60 66.97
CA TRP UA 146 -41.55 -0.47 67.82
C TRP UA 146 -40.99 0.73 67.06
N GLY UA 147 -40.61 0.58 65.81
CA GLY UA 147 -40.23 1.73 65.00
C GLY UA 147 -38.78 2.11 65.01
N HIS UA 148 -37.87 1.15 65.10
CA HIS UA 148 -36.44 1.41 65.08
C HIS UA 148 -35.91 1.15 63.67
N LEU UA 149 -35.58 2.23 62.94
CA LEU UA 149 -35.17 2.08 61.55
C LEU UA 149 -33.82 1.39 61.42
N GLU UA 150 -32.81 1.89 62.13
CA GLU UA 150 -31.45 1.42 61.93
C GLU UA 150 -31.30 -0.03 62.33
N ILE UA 151 -32.03 -0.47 63.36
CA ILE UA 151 -32.04 -1.88 63.72
C ILE UA 151 -32.63 -2.70 62.59
N VAL UA 152 -33.74 -2.23 62.01
CA VAL UA 152 -34.37 -2.93 60.88
C VAL UA 152 -33.39 -3.06 59.73
N GLU UA 153 -32.62 -2.01 59.44
CA GLU UA 153 -31.73 -2.05 58.31
C GLU UA 153 -30.54 -2.97 58.56
N VAL UA 154 -29.96 -2.93 59.76
CA VAL UA 154 -28.87 -3.84 60.08
C VAL UA 154 -29.36 -5.28 60.10
N LEU UA 155 -30.60 -5.52 60.52
CA LEU UA 155 -31.13 -6.88 60.49
C LEU UA 155 -31.38 -7.35 59.07
N LEU UA 156 -31.82 -6.45 58.19
CA LEU UA 156 -32.02 -6.81 56.80
C LEU UA 156 -30.70 -7.09 56.10
N ARG UA 157 -29.63 -6.41 56.52
CA ARG UA 157 -28.32 -6.68 55.94
C ARG UA 157 -27.84 -8.08 56.21
N TYR UA 158 -28.22 -8.66 57.34
CA TYR UA 158 -27.72 -9.97 57.73
C TYR UA 158 -28.64 -11.11 57.34
N GLY UA 159 -29.70 -10.83 56.60
CA GLY UA 159 -30.55 -11.86 56.06
C GLY UA 159 -31.82 -12.15 56.83
N ALA UA 160 -32.42 -11.16 57.46
CA ALA UA 160 -33.67 -11.37 58.17
C ALA UA 160 -34.79 -11.66 57.19
N ASP UA 161 -35.66 -12.60 57.55
CA ASP UA 161 -36.74 -13.03 56.66
C ASP UA 161 -37.86 -12.00 56.68
N VAL UA 162 -38.20 -11.48 55.51
CA VAL UA 162 -39.25 -10.49 55.39
C VAL UA 162 -40.62 -11.14 55.55
N GLU UA 163 -40.74 -12.43 55.24
CA GLU UA 163 -42.03 -13.09 55.15
C GLU UA 163 -42.32 -13.98 56.36
N ALA UA 164 -41.59 -13.80 57.46
CA ALA UA 164 -41.85 -14.59 58.66
C ALA UA 164 -43.17 -14.17 59.30
N GLN UA 165 -44.01 -15.15 59.61
CA GLN UA 165 -45.29 -14.91 60.25
C GLN UA 165 -45.27 -15.43 61.68
N ASP UA 166 -45.95 -14.72 62.58
CA ASP UA 166 -46.05 -15.14 63.97
C ASP UA 166 -47.29 -16.01 64.15
N LYS UA 167 -47.72 -16.22 65.39
CA LYS UA 167 -48.87 -17.08 65.65
C LYS UA 167 -50.17 -16.52 65.09
N PHE UA 168 -50.25 -15.21 64.90
CA PHE UA 168 -51.44 -14.58 64.33
C PHE UA 168 -51.37 -14.50 62.82
N GLY UA 169 -50.28 -14.93 62.20
CA GLY UA 169 -50.12 -14.76 60.78
C GLY UA 169 -49.73 -13.35 60.37
N LYS UA 170 -48.97 -12.65 61.21
CA LYS UA 170 -48.55 -11.30 60.95
C LYS UA 170 -47.09 -11.28 60.49
N THR UA 171 -46.82 -10.60 59.39
CA THR UA 171 -45.47 -10.31 58.97
C THR UA 171 -45.02 -9.01 59.62
N PRO UA 172 -43.71 -8.72 59.61
CA PRO UA 172 -43.27 -7.41 60.13
C PRO UA 172 -43.86 -6.23 59.40
N PHE UA 173 -44.21 -6.39 58.13
CA PHE UA 173 -44.90 -5.34 57.39
C PHE UA 173 -46.26 -5.03 58.02
N ASP UA 174 -46.97 -6.07 58.46
CA ASP UA 174 -48.25 -5.87 59.12
C ASP UA 174 -48.09 -5.18 60.46
N LEU UA 175 -47.08 -5.57 61.24
CA LEU UA 175 -46.86 -4.91 62.52
C LEU UA 175 -46.40 -3.48 62.33
N ALA UA 176 -45.76 -3.18 61.22
CA ALA UA 176 -45.34 -1.80 60.98
C ALA UA 176 -46.49 -0.92 60.50
N ILE UA 177 -47.44 -1.48 59.75
CA ILE UA 177 -48.57 -0.64 59.37
C ILE UA 177 -49.57 -0.52 60.52
N ASP UA 178 -49.65 -1.53 61.40
CA ASP UA 178 -50.58 -1.43 62.51
C ASP UA 178 -50.15 -0.42 63.56
N ASN UA 179 -48.86 -0.09 63.62
CA ASN UA 179 -48.36 0.85 64.62
C ASN UA 179 -47.91 2.17 64.00
N GLY UA 180 -48.21 2.40 62.73
CA GLY UA 180 -47.95 3.70 62.14
C GLY UA 180 -46.53 3.97 61.73
N ASN UA 181 -45.70 2.93 61.58
CA ASN UA 181 -44.31 3.12 61.14
C ASN UA 181 -44.27 2.98 59.63
N GLU UA 182 -44.60 4.08 58.95
CA GLU UA 182 -44.84 4.02 57.52
C GLU UA 182 -43.56 3.89 56.70
N ASP UA 183 -42.45 4.47 57.16
CA ASP UA 183 -41.21 4.34 56.42
C ASP UA 183 -40.64 2.93 56.50
N ILE UA 184 -40.78 2.28 57.65
CA ILE UA 184 -40.41 0.88 57.76
C ILE UA 184 -41.21 0.04 56.77
N ALA UA 185 -42.52 0.27 56.73
CA ALA UA 185 -43.37 -0.49 55.82
C ALA UA 185 -43.01 -0.21 54.36
N GLU UA 186 -42.60 1.01 54.04
CA GLU UA 186 -42.16 1.33 52.69
C GLU UA 186 -40.94 0.52 52.31
N VAL UA 187 -39.94 0.49 53.19
CA VAL UA 187 -38.73 -0.27 52.93
C VAL UA 187 -39.05 -1.74 52.75
N LEU UA 188 -39.88 -2.29 53.65
CA LEU UA 188 -40.21 -3.70 53.61
C LEU UA 188 -41.03 -4.06 52.38
N GLN UA 189 -41.82 -3.14 51.87
CA GLN UA 189 -42.65 -3.44 50.70
C GLN UA 189 -41.83 -3.38 49.42
N ALA UA 190 -40.97 -2.36 49.30
CA ALA UA 190 -40.15 -2.23 48.11
C ALA UA 190 -39.16 -3.39 47.96
N LEU UA 191 -38.60 -3.85 49.08
CA LEU UA 191 -37.64 -4.94 49.02
C LEU UA 191 -38.28 -6.22 48.49
N LEU UA 192 -39.45 -6.56 49.02
CA LEU UA 192 -40.17 -7.74 48.60
C LEU UA 192 -40.57 -7.64 47.13
N ALA UA 193 -40.96 -6.45 46.69
CA ALA UA 193 -41.41 -6.31 45.31
C ALA UA 193 -40.26 -6.48 44.32
N ILE UA 194 -39.08 -5.96 44.64
CA ILE UA 194 -37.95 -6.14 43.74
C ILE UA 194 -37.48 -7.59 43.73
N ASN UA 195 -37.54 -8.28 44.86
CA ASN UA 195 -37.13 -9.69 44.86
C ASN UA 195 -38.10 -10.54 44.06
N ARG UA 196 -39.40 -10.23 44.13
CA ARG UA 196 -40.36 -10.95 43.31
C ARG UA 196 -40.18 -10.68 41.83
N GLN UA 197 -39.80 -9.46 41.47
CA GLN UA 197 -39.53 -9.20 40.06
C GLN UA 197 -38.30 -9.95 39.56
N ILE UA 198 -37.28 -10.11 40.41
CA ILE UA 198 -36.12 -10.92 40.03
C ILE UA 198 -36.55 -12.36 39.77
N ASN UA 199 -37.34 -12.92 40.68
CA ASN UA 199 -37.79 -14.30 40.47
C ASN UA 199 -38.66 -14.43 39.24
N LEU UA 200 -39.46 -13.41 38.94
CA LEU UA 200 -40.33 -13.48 37.76
C LEU UA 200 -39.55 -13.39 36.46
N GLU UA 201 -38.46 -12.62 36.44
CA GLU UA 201 -37.62 -12.62 35.25
C GLU UA 201 -36.88 -13.93 35.09
N LEU UA 202 -36.46 -14.56 36.20
CA LEU UA 202 -35.81 -15.87 36.09
C LEU UA 202 -36.80 -16.94 35.63
N TYR UA 203 -38.07 -16.81 36.00
CA TYR UA 203 -39.08 -17.77 35.56
C TYR UA 203 -39.28 -17.73 34.06
N ALA UA 204 -39.37 -16.53 33.49
CA ALA UA 204 -39.68 -16.37 32.08
C ALA UA 204 -38.57 -16.90 31.19
N SER UA 205 -37.33 -16.91 31.67
CA SER UA 205 -36.21 -17.41 30.89
C SER UA 205 -36.30 -18.93 30.70
N TYR UA 206 -36.83 -19.61 31.71
CA TYR UA 206 -36.95 -21.06 31.74
C TYR UA 206 -38.12 -21.54 30.89
N VAL UA 207 -39.18 -20.73 30.80
CA VAL UA 207 -40.27 -21.01 29.88
C VAL UA 207 -39.80 -20.93 28.44
N TYR UA 208 -38.98 -19.95 28.13
CA TYR UA 208 -38.43 -19.82 26.78
C TYR UA 208 -37.46 -20.94 26.48
N LEU UA 209 -36.71 -21.41 27.47
CA LEU UA 209 -35.87 -22.57 27.26
C LEU UA 209 -36.68 -23.82 26.90
N SER UA 210 -37.77 -24.04 27.64
CA SER UA 210 -38.68 -25.13 27.33
C SER UA 210 -39.21 -25.02 25.91
N MET UA 211 -39.72 -23.83 25.55
CA MET UA 211 -40.27 -23.61 24.22
C MET UA 211 -39.23 -23.86 23.14
N SER UA 212 -38.01 -23.40 23.33
CA SER UA 212 -36.97 -23.55 22.34
C SER UA 212 -36.66 -25.01 22.10
N TYR UA 213 -36.49 -25.79 23.16
CA TYR UA 213 -36.15 -27.19 22.93
C TYR UA 213 -37.34 -28.05 22.58
N TYR UA 214 -38.57 -27.50 22.60
CA TYR UA 214 -39.67 -28.22 22.00
C TYR UA 214 -39.59 -28.20 20.48
N PHE UA 215 -39.08 -27.13 19.91
CA PHE UA 215 -39.15 -26.90 18.48
C PHE UA 215 -38.01 -27.53 17.70
N ASP UA 216 -37.14 -28.28 18.34
CA ASP UA 216 -36.16 -29.05 17.58
C ASP UA 216 -36.26 -30.54 17.88
N ARG UA 217 -37.38 -31.00 18.43
CA ARG UA 217 -37.69 -32.41 18.42
C ARG UA 217 -37.83 -32.89 16.98
N ASP UA 218 -37.57 -34.18 16.76
CA ASP UA 218 -37.57 -34.67 15.38
C ASP UA 218 -38.96 -34.72 14.76
N ASP UA 219 -40.02 -34.63 15.55
CA ASP UA 219 -41.37 -34.48 15.01
C ASP UA 219 -41.86 -33.05 15.01
N VAL UA 220 -41.06 -32.10 15.49
CA VAL UA 220 -41.33 -30.67 15.34
C VAL UA 220 -40.04 -30.08 14.77
N ALA UA 221 -39.90 -30.08 13.46
CA ALA UA 221 -38.61 -29.76 12.85
C ALA UA 221 -38.58 -28.32 12.36
N LEU UA 222 -38.66 -27.37 13.31
CA LEU UA 222 -38.66 -25.95 12.98
C LEU UA 222 -37.48 -25.27 13.67
N LYS UA 223 -36.39 -25.06 12.92
CA LYS UA 223 -35.12 -24.61 13.49
C LYS UA 223 -35.12 -23.15 13.88
N ASN UA 224 -35.86 -22.32 13.15
CA ASN UA 224 -35.82 -20.90 13.39
C ASN UA 224 -36.72 -20.48 14.54
N PHE UA 225 -37.81 -21.23 14.76
CA PHE UA 225 -38.58 -21.10 16.00
C PHE UA 225 -37.70 -21.37 17.22
N ALA UA 226 -36.94 -22.46 17.17
CA ALA UA 226 -36.07 -22.83 18.29
C ALA UA 226 -34.99 -21.78 18.53
N LYS UA 227 -34.43 -21.25 17.45
CA LYS UA 227 -33.41 -20.22 17.55
C LYS UA 227 -33.98 -18.94 18.17
N TYR UA 228 -35.17 -18.55 17.74
CA TYR UA 228 -35.86 -17.37 18.27
C TYR UA 228 -36.09 -17.49 19.77
N PHE UA 229 -36.58 -18.64 20.22
CA PHE UA 229 -36.90 -18.76 21.63
C PHE UA 229 -35.65 -18.92 22.51
N LEU UA 230 -34.55 -19.45 21.97
CA LEU UA 230 -33.32 -19.42 22.73
C LEU UA 230 -32.80 -17.99 22.90
N HIS UA 231 -32.95 -17.17 21.87
CA HIS UA 231 -32.59 -15.76 22.00
C HIS UA 231 -33.39 -15.07 23.11
N GLN UA 232 -34.69 -15.33 23.16
CA GLN UA 232 -35.51 -14.72 24.20
C GLN UA 232 -35.10 -15.19 25.59
N SER UA 233 -34.76 -16.48 25.72
CA SER UA 233 -34.31 -17.01 27.00
C SER UA 233 -33.09 -16.24 27.53
N HIS UA 234 -32.12 -16.00 26.66
CA HIS UA 234 -30.91 -15.31 27.12
C HIS UA 234 -31.19 -13.84 27.42
N GLU UA 235 -32.10 -13.20 26.69
CA GLU UA 235 -32.45 -11.83 27.00
C GLU UA 235 -33.10 -11.70 28.38
N GLU UA 236 -33.96 -12.65 28.74
CA GLU UA 236 -34.57 -12.57 30.06
C GLU UA 236 -33.58 -12.83 31.17
N ARG UA 237 -32.60 -13.70 30.94
CA ARG UA 237 -31.51 -13.87 31.90
C ARG UA 237 -30.77 -12.55 32.13
N GLU UA 238 -30.55 -11.79 31.06
CA GLU UA 238 -29.93 -10.48 31.19
C GLU UA 238 -30.78 -9.49 31.97
N HIS UA 239 -32.11 -9.51 31.77
CA HIS UA 239 -32.99 -8.63 32.52
C HIS UA 239 -32.88 -8.90 34.02
N ALA UA 240 -32.89 -10.17 34.40
CA ALA UA 240 -32.79 -10.52 35.82
C ALA UA 240 -31.46 -10.08 36.40
N GLU UA 241 -30.37 -10.24 35.64
CA GLU UA 241 -29.07 -9.82 36.15
C GLU UA 241 -28.97 -8.31 36.31
N LYS UA 242 -29.62 -7.54 35.44
CA LYS UA 242 -29.68 -6.09 35.62
C LYS UA 242 -30.40 -5.72 36.90
N LEU UA 243 -31.50 -6.39 37.21
CA LEU UA 243 -32.18 -6.07 38.46
C LEU UA 243 -31.34 -6.43 39.67
N MET UA 244 -30.57 -7.50 39.58
CA MET UA 244 -29.68 -7.88 40.67
C MET UA 244 -28.57 -6.84 40.88
N LYS UA 245 -28.02 -6.34 39.79
CA LYS UA 245 -27.00 -5.31 39.91
C LYS UA 245 -27.56 -4.02 40.51
N LEU UA 246 -28.76 -3.62 40.10
CA LEU UA 246 -29.41 -2.45 40.69
C LEU UA 246 -29.60 -2.64 42.18
N GLN UA 247 -30.09 -3.80 42.60
CA GLN UA 247 -30.31 -4.04 44.02
C GLN UA 247 -29.00 -4.00 44.80
N ASN UA 248 -27.89 -4.41 44.18
CA ASN UA 248 -26.62 -4.31 44.89
C ASN UA 248 -26.11 -2.87 44.97
N GLN UA 249 -26.42 -2.02 44.00
CA GLN UA 249 -25.98 -0.62 44.08
C GLN UA 249 -26.71 0.16 45.16
N ARG UA 250 -27.94 -0.20 45.48
CA ARG UA 250 -28.72 0.53 46.47
C ARG UA 250 -28.42 0.09 47.90
N GLY UA 251 -27.70 -1.02 48.08
CA GLY UA 251 -27.48 -1.54 49.40
C GLY UA 251 -28.57 -2.42 49.92
N GLY UA 252 -29.45 -2.91 49.05
CA GLY UA 252 -30.49 -3.84 49.44
C GLY UA 252 -30.00 -5.27 49.44
N ALA UA 253 -30.88 -6.17 49.87
CA ALA UA 253 -30.56 -7.56 50.11
C ALA UA 253 -31.25 -8.44 49.09
N ILE UA 254 -30.46 -9.01 48.16
CA ILE UA 254 -30.98 -10.01 47.25
C ILE UA 254 -31.35 -11.26 48.02
N SER UA 255 -32.49 -11.86 47.68
CA SER UA 255 -32.99 -13.06 48.33
C SER UA 255 -33.64 -13.93 47.27
N LEU UA 256 -33.04 -15.06 46.96
CA LEU UA 256 -33.46 -15.90 45.86
C LEU UA 256 -34.38 -17.02 46.33
N GLN UA 257 -35.32 -17.40 45.46
CA GLN UA 257 -36.30 -18.44 45.72
C GLN UA 257 -36.22 -19.51 44.64
N ASP UA 258 -37.05 -20.53 44.76
CA ASP UA 258 -37.13 -21.57 43.74
C ASP UA 258 -37.66 -20.99 42.44
N ILE UA 259 -37.20 -21.56 41.34
CA ILE UA 259 -37.75 -21.27 40.02
C ILE UA 259 -38.60 -22.47 39.63
N LYS UA 260 -39.89 -22.24 39.43
CA LYS UA 260 -40.82 -23.31 39.16
C LYS UA 260 -40.82 -23.69 37.70
N LYS UA 261 -41.18 -24.95 37.44
CA LYS UA 261 -41.15 -25.48 36.05
C LYS UA 261 -42.28 -24.90 35.23
N PRO UA 262 -42.08 -24.71 33.91
CA PRO UA 262 -43.11 -24.18 33.02
C PRO UA 262 -44.38 -25.02 33.04
N ASP UA 263 -45.45 -24.44 32.50
CA ASP UA 263 -46.77 -25.07 32.56
C ASP UA 263 -46.89 -26.26 31.64
N CYS UA 264 -46.22 -26.23 30.50
CA CYS UA 264 -46.23 -27.33 29.56
C CYS UA 264 -44.82 -27.83 29.32
N ASP UA 265 -44.71 -29.12 29.04
CA ASP UA 265 -43.59 -29.66 28.29
C ASP UA 265 -43.90 -29.71 26.81
N ASP UA 266 -45.16 -29.86 26.43
CA ASP UA 266 -45.57 -30.00 25.05
C ASP UA 266 -46.43 -28.80 24.66
N TRP UA 267 -45.81 -27.87 23.95
CA TRP UA 267 -46.56 -26.89 23.20
C TRP UA 267 -47.15 -27.59 21.98
N GLU UA 268 -47.99 -26.89 21.23
CA GLU UA 268 -48.74 -27.62 20.21
C GLU UA 268 -48.46 -27.21 18.79
N SER UA 269 -48.00 -25.99 18.57
CA SER UA 269 -47.75 -25.45 17.24
C SER UA 269 -46.93 -24.19 17.42
N GLY UA 270 -46.57 -23.55 16.31
CA GLY UA 270 -45.93 -22.26 16.40
C GLY UA 270 -46.89 -21.18 16.85
N LEU UA 271 -48.14 -21.26 16.41
CA LEU UA 271 -49.15 -20.28 16.80
C LEU UA 271 -49.41 -20.33 18.30
N ASN UA 272 -49.59 -21.53 18.84
CA ASN UA 272 -49.92 -21.65 20.25
C ASN UA 272 -48.79 -21.18 21.14
N ALA UA 273 -47.55 -21.46 20.76
CA ALA UA 273 -46.40 -21.00 21.53
C ALA UA 273 -46.25 -19.49 21.45
N MET UA 274 -46.50 -18.90 20.27
CA MET UA 274 -46.45 -17.45 20.17
C MET UA 274 -47.53 -16.79 21.02
N GLU UA 275 -48.72 -17.40 21.11
CA GLU UA 275 -49.76 -16.82 21.95
C GLU UA 275 -49.44 -16.96 23.42
N CYS UA 276 -48.82 -18.06 23.82
CA CYS UA 276 -48.40 -18.20 25.21
C CYS UA 276 -47.30 -17.21 25.56
N ALA UA 277 -46.38 -16.96 24.64
CA ALA UA 277 -45.33 -15.97 24.87
C ALA UA 277 -45.90 -14.57 24.99
N LEU UA 278 -46.94 -14.25 24.21
CA LEU UA 278 -47.58 -12.95 24.33
C LEU UA 278 -48.25 -12.79 25.70
N HIS UA 279 -48.97 -13.82 26.14
CA HIS UA 279 -49.58 -13.79 27.46
C HIS UA 279 -48.55 -13.60 28.57
N LEU UA 280 -47.40 -14.27 28.43
CA LEU UA 280 -46.33 -14.15 29.41
C LEU UA 280 -45.78 -12.73 29.49
N GLU UA 281 -45.46 -12.13 28.34
CA GLU UA 281 -44.88 -10.80 28.37
C GLU UA 281 -45.88 -9.76 28.86
N LYS UA 282 -47.16 -9.97 28.63
CA LYS UA 282 -48.15 -9.06 29.19
C LYS UA 282 -48.19 -9.15 30.71
N ASN UA 283 -48.07 -10.35 31.26
CA ASN UA 283 -48.01 -10.50 32.71
C ASN UA 283 -46.79 -9.78 33.29
N VAL UA 284 -45.64 -9.92 32.66
CA VAL UA 284 -44.42 -9.27 33.14
C VAL UA 284 -44.58 -7.76 33.11
N ASN UA 285 -45.16 -7.22 32.04
CA ASN UA 285 -45.39 -5.78 31.93
C ASN UA 285 -46.31 -5.28 33.03
N GLN UA 286 -47.35 -6.05 33.36
CA GLN UA 286 -48.26 -5.62 34.42
C GLN UA 286 -47.57 -5.55 35.77
N SER UA 287 -46.72 -6.54 36.08
CA SER UA 287 -46.01 -6.46 37.34
C SER UA 287 -45.00 -5.32 37.37
N LEU UA 288 -44.41 -4.99 36.22
CA LEU UA 288 -43.52 -3.84 36.18
C LEU UA 288 -44.26 -2.53 36.43
N LEU UA 289 -45.49 -2.42 35.93
CA LEU UA 289 -46.26 -1.21 36.19
C LEU UA 289 -46.64 -1.08 37.65
N GLU UA 290 -46.95 -2.20 38.31
CA GLU UA 290 -47.21 -2.13 39.74
C GLU UA 290 -45.97 -1.73 40.52
N LEU UA 291 -44.80 -2.22 40.10
CA LEU UA 291 -43.55 -1.83 40.74
C LEU UA 291 -43.29 -0.34 40.58
N HIS UA 292 -43.60 0.21 39.41
CA HIS UA 292 -43.41 1.64 39.18
C HIS UA 292 -44.34 2.48 40.06
N LYS UA 293 -45.58 2.04 40.21
CA LYS UA 293 -46.51 2.79 41.05
C LYS UA 293 -46.09 2.75 42.51
N LEU UA 294 -45.58 1.61 42.96
CA LEU UA 294 -45.07 1.50 44.32
C LEU UA 294 -43.86 2.41 44.52
N ALA UA 295 -42.96 2.46 43.53
CA ALA UA 295 -41.81 3.35 43.62
C ALA UA 295 -42.22 4.81 43.62
N THR UA 296 -43.31 5.15 42.96
CA THR UA 296 -43.75 6.54 42.97
C THR UA 296 -44.38 6.92 44.30
N ASP UA 297 -45.06 5.97 44.95
CA ASP UA 297 -45.56 6.26 46.29
C ASP UA 297 -44.44 6.45 47.31
N CYS UA 298 -43.31 5.78 47.14
CA CYS UA 298 -42.22 5.81 48.10
C CYS UA 298 -41.25 6.95 47.86
N ASN UA 299 -41.52 7.82 46.87
CA ASN UA 299 -40.66 8.95 46.53
C ASN UA 299 -39.24 8.51 46.20
N ASP UA 300 -39.13 7.70 45.15
CA ASP UA 300 -37.85 7.14 44.70
C ASP UA 300 -37.69 7.42 43.22
N PRO UA 301 -37.24 8.62 42.86
CA PRO UA 301 -37.13 8.96 41.43
C PRO UA 301 -36.10 8.13 40.69
N HIS UA 302 -35.07 7.65 41.36
CA HIS UA 302 -34.04 6.88 40.67
C HIS UA 302 -34.57 5.52 40.23
N LEU UA 303 -35.37 4.88 41.08
CA LEU UA 303 -36.01 3.61 40.71
C LEU UA 303 -37.00 3.80 39.58
N CYS UA 304 -37.78 4.88 39.62
CA CYS UA 304 -38.74 5.15 38.56
C CYS UA 304 -38.03 5.34 37.22
N ASP UA 305 -36.96 6.12 37.21
CA ASP UA 305 -36.25 6.33 35.97
C ASP UA 305 -35.55 5.07 35.48
N PHE UA 306 -35.03 4.25 36.40
CA PHE UA 306 -34.45 2.98 36.03
C PHE UA 306 -35.47 2.08 35.34
N ILE UA 307 -36.67 1.97 35.93
CA ILE UA 307 -37.70 1.11 35.36
C ILE UA 307 -38.12 1.62 33.99
N GLU UA 308 -38.43 2.90 33.88
CA GLU UA 308 -38.92 3.39 32.60
C GLU UA 308 -37.83 3.55 31.54
N THR UA 309 -36.55 3.51 31.92
CA THR UA 309 -35.49 3.56 30.92
C THR UA 309 -35.08 2.18 30.42
N HIS UA 310 -35.01 1.17 31.29
CA HIS UA 310 -34.54 -0.13 30.85
C HIS UA 310 -35.61 -1.19 30.70
N TYR UA 311 -36.85 -0.94 31.08
CA TYR UA 311 -37.81 -2.04 31.09
C TYR UA 311 -39.10 -1.74 30.36
N LEU UA 312 -39.59 -0.51 30.46
CA LEU UA 312 -40.94 -0.23 29.99
C LEU UA 312 -41.06 -0.11 28.48
N ASN UA 313 -39.99 0.26 27.79
CA ASN UA 313 -40.04 0.37 26.34
C ASN UA 313 -39.75 -0.97 25.66
N GLU UA 314 -38.92 -1.79 26.29
CA GLU UA 314 -38.65 -3.13 25.78
C GLU UA 314 -39.90 -4.00 25.84
N GLN UA 315 -40.70 -3.86 26.88
CA GLN UA 315 -41.94 -4.61 26.98
C GLN UA 315 -42.90 -4.23 25.87
N VAL UA 316 -42.99 -2.94 25.57
CA VAL UA 316 -43.88 -2.47 24.51
C VAL UA 316 -43.43 -3.00 23.16
N LYS UA 317 -42.12 -2.96 22.91
CA LYS UA 317 -41.59 -3.51 21.66
C LYS UA 317 -41.88 -5.00 21.54
N ALA UA 318 -41.69 -5.75 22.62
CA ALA UA 318 -41.88 -7.20 22.58
C ALA UA 318 -43.34 -7.55 22.34
N ILE UA 319 -44.25 -6.81 22.98
CA ILE UA 319 -45.67 -7.09 22.82
C ILE UA 319 -46.12 -6.76 21.41
N LYS UA 320 -45.59 -5.68 20.83
CA LYS UA 320 -45.93 -5.35 19.44
C LYS UA 320 -45.44 -6.42 18.47
N GLU UA 321 -44.21 -6.90 18.67
CA GLU UA 321 -43.67 -7.92 17.78
C GLU UA 321 -44.39 -9.25 17.90
N LEU UA 322 -44.74 -9.65 19.12
CA LEU UA 322 -45.43 -10.92 19.29
C LEU UA 322 -46.86 -10.87 18.75
N GLY UA 323 -47.54 -9.74 18.88
CA GLY UA 323 -48.84 -9.61 18.25
C GLY UA 323 -48.78 -9.60 16.73
N ASP UA 324 -47.72 -9.00 16.17
CA ASP UA 324 -47.45 -9.12 14.74
C ASP UA 324 -47.35 -10.58 14.31
N HIS UA 325 -46.51 -11.35 15.01
CA HIS UA 325 -46.33 -12.76 14.66
C HIS UA 325 -47.64 -13.54 14.74
N VAL UA 326 -48.45 -13.27 15.76
CA VAL UA 326 -49.70 -14.00 15.91
C VAL UA 326 -50.65 -13.69 14.76
N THR UA 327 -50.81 -12.41 14.40
CA THR UA 327 -51.77 -12.13 13.34
C THR UA 327 -51.30 -12.63 11.98
N ASN UA 328 -50.00 -12.57 11.71
CA ASN UA 328 -49.53 -13.10 10.43
C ASN UA 328 -49.72 -14.61 10.36
N LEU UA 329 -49.42 -15.32 11.44
CA LEU UA 329 -49.61 -16.76 11.44
C LEU UA 329 -51.08 -17.14 11.31
N ARG UA 330 -51.98 -16.37 11.93
CA ARG UA 330 -53.39 -16.68 11.77
C ARG UA 330 -53.89 -16.38 10.36
N LYS UA 331 -53.38 -15.32 9.72
CA LYS UA 331 -53.82 -15.02 8.36
C LYS UA 331 -53.32 -16.05 7.36
N MET UA 332 -52.09 -16.53 7.54
CA MET UA 332 -51.56 -17.54 6.62
C MET UA 332 -52.32 -18.86 6.68
N GLY UA 333 -53.03 -19.12 7.76
CA GLY UA 333 -53.84 -20.31 7.87
C GLY UA 333 -53.38 -21.34 8.86
N ALA UA 334 -52.45 -21.00 9.74
CA ALA UA 334 -51.97 -21.90 10.77
C ALA UA 334 -52.97 -22.00 11.92
N PRO UA 335 -52.97 -23.10 12.69
CA PRO UA 335 -52.10 -24.27 12.73
C PRO UA 335 -52.46 -25.38 11.77
N GLU UA 336 -53.69 -25.36 11.26
CA GLU UA 336 -54.18 -26.44 10.41
C GLU UA 336 -53.63 -26.38 8.99
N SER UA 337 -52.67 -25.51 8.72
CA SER UA 337 -51.91 -25.53 7.49
C SER UA 337 -50.45 -25.71 7.86
N GLY UA 338 -49.88 -26.88 7.53
CA GLY UA 338 -48.48 -27.08 7.78
C GLY UA 338 -47.57 -26.32 6.85
N LEU UA 339 -48.10 -25.89 5.71
CA LEU UA 339 -47.35 -25.05 4.79
C LEU UA 339 -47.16 -23.65 5.34
N ALA UA 340 -48.07 -23.19 6.21
CA ALA UA 340 -47.98 -21.84 6.75
C ALA UA 340 -46.83 -21.70 7.73
N GLU UA 341 -46.67 -22.67 8.63
CA GLU UA 341 -45.62 -22.56 9.63
C GLU UA 341 -44.23 -22.77 9.04
N TYR UA 342 -44.12 -23.64 8.03
CA TYR UA 342 -42.85 -23.82 7.31
C TYR UA 342 -42.40 -22.51 6.66
N LEU UA 343 -43.32 -21.83 5.99
CA LEU UA 343 -42.96 -20.62 5.26
C LEU UA 343 -42.76 -19.44 6.19
N PHE UA 344 -43.51 -19.38 7.30
CA PHE UA 344 -43.23 -18.38 8.33
C PHE UA 344 -41.85 -18.58 8.92
N ASP UA 345 -41.49 -19.84 9.20
CA ASP UA 345 -40.14 -20.18 9.65
C ASP UA 345 -39.08 -19.67 8.68
N LYS UA 346 -39.30 -19.86 7.38
CA LYS UA 346 -38.29 -19.43 6.42
C LYS UA 346 -38.23 -17.91 6.31
N HIS UA 347 -39.36 -17.25 6.10
CA HIS UA 347 -39.33 -15.87 5.64
C HIS UA 347 -39.28 -14.84 6.77
N THR UA 348 -39.95 -15.10 7.89
CA THR UA 348 -39.95 -14.10 8.96
C THR UA 348 -38.84 -14.36 9.96
N LEU UA 349 -38.71 -15.60 10.41
CA LEU UA 349 -37.71 -15.93 11.41
C LEU UA 349 -36.36 -16.25 10.80
N GLY UA 350 -36.28 -16.44 9.49
CA GLY UA 350 -35.03 -16.76 8.83
C GLY UA 350 -34.07 -15.61 8.79
N LYS VA 22 -76.83 -15.27 128.18
CA LYS VA 22 -75.74 -14.84 129.05
C LYS VA 22 -75.23 -13.47 128.63
N ILE VA 23 -75.68 -12.99 127.47
CA ILE VA 23 -75.42 -11.62 127.06
C ILE VA 23 -76.31 -10.70 127.89
N GLU VA 24 -75.70 -9.73 128.57
CA GLU VA 24 -76.40 -8.90 129.54
C GLU VA 24 -77.30 -7.88 128.85
N GLU VA 25 -78.39 -7.53 129.54
CA GLU VA 25 -79.40 -6.62 129.04
C GLU VA 25 -79.23 -5.22 129.64
N GLY VA 26 -79.72 -4.22 128.93
CA GLY VA 26 -79.57 -2.84 129.36
C GLY VA 26 -78.16 -2.32 129.32
N LYS VA 27 -77.26 -3.03 128.63
CA LYS VA 27 -75.83 -2.76 128.68
C LYS VA 27 -75.22 -3.25 127.38
N LEU VA 28 -74.26 -2.48 126.85
CA LEU VA 28 -73.64 -2.79 125.58
C LEU VA 28 -72.13 -2.91 125.76
N VAL VA 29 -71.58 -4.04 125.30
CA VAL VA 29 -70.14 -4.25 125.25
C VAL VA 29 -69.77 -4.55 123.80
N ILE VA 30 -68.69 -3.93 123.33
CA ILE VA 30 -68.26 -4.01 121.95
C ILE VA 30 -66.81 -4.47 121.93
N TRP VA 31 -66.46 -5.28 120.94
CA TRP VA 31 -65.08 -5.65 120.68
C TRP VA 31 -64.65 -5.13 119.31
N ILE VA 32 -63.49 -4.48 119.27
CA ILE VA 32 -62.99 -3.84 118.06
C ILE VA 32 -61.47 -3.91 118.08
N ASN VA 33 -60.89 -4.21 116.91
CA ASN VA 33 -59.44 -4.39 116.82
C ASN VA 33 -58.72 -3.06 117.04
N GLY VA 34 -57.56 -3.15 117.71
CA GLY VA 34 -56.80 -1.99 118.13
C GLY VA 34 -56.08 -1.22 117.05
N ASP VA 35 -56.20 -1.61 115.78
CA ASP VA 35 -55.62 -0.84 114.68
C ASP VA 35 -56.57 0.23 114.17
N LYS VA 36 -57.68 0.46 114.86
CA LYS VA 36 -58.72 1.37 114.45
C LYS VA 36 -58.87 2.47 115.50
N GLY VA 37 -59.85 3.34 115.29
CA GLY VA 37 -60.20 4.33 116.29
C GLY VA 37 -61.14 3.75 117.33
N TYR VA 38 -60.64 2.80 118.13
CA TYR VA 38 -61.46 2.24 119.21
C TYR VA 38 -61.73 3.30 120.27
N ASN VA 39 -60.82 4.26 120.44
CA ASN VA 39 -61.12 5.41 121.28
C ASN VA 39 -62.26 6.24 120.70
N GLY VA 40 -62.36 6.30 119.37
CA GLY VA 40 -63.53 6.92 118.76
C GLY VA 40 -64.81 6.15 119.03
N LEU VA 41 -64.71 4.83 119.13
CA LEU VA 41 -65.86 4.04 119.55
C LEU VA 41 -66.22 4.34 121.01
N ALA VA 42 -65.23 4.59 121.85
CA ALA VA 42 -65.52 5.07 123.20
C ALA VA 42 -66.18 6.44 123.18
N GLU VA 43 -65.75 7.32 122.26
CA GLU VA 43 -66.33 8.65 122.18
CA GLU VA 43 -66.34 8.65 122.18
C GLU VA 43 -67.80 8.58 121.73
N VAL VA 44 -68.12 7.74 120.76
CA VAL VA 44 -69.52 7.65 120.35
C VAL VA 44 -70.33 6.95 121.43
N GLY VA 45 -69.71 6.02 122.17
CA GLY VA 45 -70.37 5.44 123.32
C GLY VA 45 -70.73 6.49 124.36
N LYS VA 46 -69.83 7.44 124.64
CA LYS VA 46 -70.17 8.44 125.63
C LYS VA 46 -71.14 9.49 125.11
N LYS VA 47 -71.17 9.78 123.80
CA LYS VA 47 -72.30 10.56 123.28
C LYS VA 47 -73.61 9.84 123.58
N PHE VA 48 -73.66 8.53 123.30
CA PHE VA 48 -74.86 7.76 123.60
C PHE VA 48 -75.19 7.77 125.09
N GLU VA 49 -74.17 7.81 125.95
CA GLU VA 49 -74.40 7.83 127.39
C GLU VA 49 -74.98 9.16 127.85
N LYS VA 50 -74.39 10.28 127.40
CA LYS VA 50 -74.94 11.58 127.78
C LYS VA 50 -76.32 11.81 127.17
N ASP VA 51 -76.63 11.18 126.03
CA ASP VA 51 -77.95 11.42 125.43
C ASP VA 51 -79.04 10.51 126.00
N THR VA 52 -78.75 9.21 126.16
CA THR VA 52 -79.77 8.25 126.57
C THR VA 52 -79.52 7.58 127.92
N GLY VA 53 -78.33 7.74 128.51
CA GLY VA 53 -78.04 7.14 129.79
C GLY VA 53 -77.66 5.68 129.76
N ILE VA 54 -77.52 5.08 128.58
CA ILE VA 54 -77.20 3.67 128.45
C ILE VA 54 -75.69 3.53 128.27
N LYS VA 55 -75.06 2.78 129.17
CA LYS VA 55 -73.61 2.69 129.20
C LYS VA 55 -73.11 1.80 128.05
N VAL VA 56 -72.02 2.25 127.42
CA VAL VA 56 -71.37 1.51 126.34
C VAL VA 56 -69.91 1.31 126.72
N THR VA 57 -69.48 0.05 126.78
CA THR VA 57 -68.09 -0.29 127.03
C THR VA 57 -67.50 -0.92 125.78
N VAL VA 58 -66.27 -0.53 125.45
CA VAL VA 58 -65.54 -1.10 124.33
C VAL VA 58 -64.25 -1.73 124.87
N GLU VA 59 -63.85 -2.82 124.24
CA GLU VA 59 -62.61 -3.51 124.61
C GLU VA 59 -61.86 -3.91 123.34
N HIS VA 60 -60.54 -3.78 123.40
CA HIS VA 60 -59.69 -3.98 122.22
C HIS VA 60 -58.53 -4.91 122.55
N PRO VA 61 -58.78 -6.21 122.68
CA PRO VA 61 -57.70 -7.17 122.83
C PRO VA 61 -57.26 -7.76 121.49
N ASP VA 62 -56.18 -8.51 121.54
CA ASP VA 62 -55.71 -9.19 120.35
C ASP VA 62 -56.61 -10.38 120.03
N LYS VA 63 -56.42 -10.93 118.81
CA LYS VA 63 -57.05 -12.17 118.33
C LYS VA 63 -58.57 -12.14 118.44
N LEU VA 64 -59.18 -10.97 118.17
CA LEU VA 64 -60.64 -10.86 118.31
C LEU VA 64 -61.40 -11.72 117.31
N GLU VA 65 -60.81 -12.03 116.17
CA GLU VA 65 -61.49 -12.90 115.22
C GLU VA 65 -61.38 -14.35 115.66
N GLU VA 66 -60.31 -14.69 116.39
CA GLU VA 66 -60.26 -15.97 117.08
C GLU VA 66 -61.21 -15.97 118.28
N LYS VA 67 -61.41 -14.81 118.90
CA LYS VA 67 -62.09 -14.75 120.20
C LYS VA 67 -63.61 -14.67 120.07
N PHE VA 68 -64.14 -14.03 119.02
CA PHE VA 68 -65.60 -13.90 118.92
C PHE VA 68 -66.31 -15.23 118.69
N PRO VA 69 -65.96 -16.07 117.70
CA PRO VA 69 -66.81 -17.24 117.44
C PRO VA 69 -66.73 -18.29 118.53
N GLN VA 70 -65.59 -18.44 119.19
CA GLN VA 70 -65.45 -19.43 120.26
C GLN VA 70 -66.28 -19.11 121.48
N VAL VA 71 -66.70 -17.86 121.66
CA VAL VA 71 -67.50 -17.49 122.82
C VAL VA 71 -68.95 -17.31 122.35
N ALA VA 72 -69.12 -16.91 121.09
CA ALA VA 72 -70.45 -16.76 120.51
C ALA VA 72 -71.12 -18.11 120.27
N ALA VA 73 -70.34 -19.18 120.10
CA ALA VA 73 -70.91 -20.52 120.06
C ALA VA 73 -71.39 -20.97 121.43
N THR VA 74 -70.95 -20.32 122.50
CA THR VA 74 -71.49 -20.54 123.84
C THR VA 74 -72.65 -19.60 124.16
N GLY VA 75 -72.82 -18.53 123.39
CA GLY VA 75 -73.87 -17.58 123.65
C GLY VA 75 -73.46 -16.36 124.47
N ASP VA 76 -72.18 -16.01 124.45
CA ASP VA 76 -71.71 -14.84 125.20
C ASP VA 76 -70.70 -14.04 124.40
N GLY VA 77 -69.97 -13.16 125.06
CA GLY VA 77 -68.95 -12.37 124.43
C GLY VA 77 -69.37 -10.92 124.27
N PRO VA 78 -69.24 -10.39 123.07
CA PRO VA 78 -69.65 -9.00 122.83
C PRO VA 78 -71.08 -8.94 122.34
N ASP VA 79 -71.56 -7.72 122.09
CA ASP VA 79 -72.79 -7.57 121.32
C ASP VA 79 -72.49 -7.21 119.88
N ILE VA 80 -71.55 -6.29 119.66
CA ILE VA 80 -71.19 -5.79 118.34
C ILE VA 80 -69.72 -6.08 118.08
N ILE VA 81 -69.39 -6.41 116.84
CA ILE VA 81 -68.02 -6.68 116.43
C ILE VA 81 -67.73 -5.99 115.10
N PHE VA 82 -66.62 -5.24 115.05
CA PHE VA 82 -66.19 -4.52 113.86
C PHE VA 82 -65.09 -5.32 113.17
N TRP VA 83 -65.40 -5.88 112.00
CA TRP VA 83 -64.44 -6.72 111.29
C TRP VA 83 -64.82 -6.80 109.82
N ALA VA 84 -63.99 -7.50 109.06
CA ALA VA 84 -64.25 -7.72 107.64
C ALA VA 84 -65.48 -8.59 107.45
N HIS VA 85 -66.16 -8.37 106.32
CA HIS VA 85 -67.44 -9.02 106.05
C HIS VA 85 -67.29 -10.49 105.64
N ASP VA 86 -66.12 -10.88 105.14
CA ASP VA 86 -65.97 -12.20 104.54
C ASP VA 86 -66.08 -13.32 105.58
N ARG VA 87 -65.57 -13.09 106.79
CA ARG VA 87 -65.80 -14.05 107.86
C ARG VA 87 -67.15 -13.87 108.52
N PHE VA 88 -67.85 -12.78 108.22
CA PHE VA 88 -69.19 -12.58 108.77
C PHE VA 88 -70.21 -13.52 108.12
N GLY VA 89 -70.15 -13.63 106.79
CA GLY VA 89 -71.08 -14.51 106.09
C GLY VA 89 -70.96 -15.96 106.53
N GLY VA 90 -69.72 -16.42 106.73
CA GLY VA 90 -69.53 -17.73 107.35
C GLY VA 90 -70.11 -17.79 108.74
N TYR VA 91 -69.91 -16.75 109.55
CA TYR VA 91 -70.57 -16.68 110.84
C TYR VA 91 -72.05 -16.36 110.70
N ALA VA 92 -72.50 -15.93 109.51
CA ALA VA 92 -73.93 -15.90 109.24
C ALA VA 92 -74.48 -17.30 109.10
N GLN VA 93 -73.64 -18.26 108.68
CA GLN VA 93 -74.03 -19.66 108.70
C GLN VA 93 -73.97 -20.22 110.11
N SER VA 94 -72.95 -19.85 110.87
CA SER VA 94 -72.64 -20.46 112.15
C SER VA 94 -73.56 -20.03 113.29
N GLY VA 95 -74.58 -19.22 113.00
CA GLY VA 95 -75.49 -18.79 114.05
C GLY VA 95 -74.87 -17.86 115.07
N LEU VA 96 -73.88 -17.05 114.65
CA LEU VA 96 -73.17 -16.16 115.56
C LEU VA 96 -73.40 -14.69 115.25
N LEU VA 97 -73.86 -14.35 114.06
CA LEU VA 97 -74.26 -12.99 113.72
C LEU VA 97 -75.77 -12.88 113.62
N ALA VA 98 -76.30 -11.79 114.16
CA ALA VA 98 -77.75 -11.58 114.20
C ALA VA 98 -78.24 -11.00 112.89
N GLU VA 99 -79.39 -11.48 112.43
CA GLU VA 99 -80.04 -10.93 111.25
C GLU VA 99 -80.59 -9.55 111.60
N ILE VA 100 -79.99 -8.51 111.04
CA ILE VA 100 -80.41 -7.15 111.35
C ILE VA 100 -81.69 -6.81 110.59
N THR VA 101 -82.41 -5.83 111.11
CA THR VA 101 -83.62 -5.31 110.47
C THR VA 101 -83.49 -3.81 110.31
N PRO VA 102 -82.83 -3.34 109.25
CA PRO VA 102 -82.78 -1.90 108.98
C PRO VA 102 -83.90 -1.46 108.07
N ASP VA 103 -84.18 -0.16 108.11
CA ASP VA 103 -85.23 0.41 107.29
CA ASP VA 103 -85.22 0.42 107.29
C ASP VA 103 -84.70 0.70 105.88
N LYS VA 104 -85.63 1.00 104.98
CA LYS VA 104 -85.27 1.27 103.58
C LYS VA 104 -84.71 2.68 103.39
N ALA VA 105 -85.18 3.65 104.18
CA ALA VA 105 -84.59 4.99 104.13
C ALA VA 105 -83.16 4.98 104.64
N PHE VA 106 -82.87 4.19 105.67
CA PHE VA 106 -81.49 4.05 106.13
C PHE VA 106 -80.67 3.23 105.14
N GLN VA 107 -81.31 2.34 104.38
CA GLN VA 107 -80.60 1.65 103.31
C GLN VA 107 -80.29 2.61 102.16
N ASP VA 108 -81.10 3.65 101.98
CA ASP VA 108 -80.76 4.72 101.05
C ASP VA 108 -79.69 5.64 101.64
N LYS VA 109 -79.64 5.76 102.97
CA LYS VA 109 -78.61 6.57 103.61
C LYS VA 109 -77.20 6.03 103.39
N LEU VA 110 -77.06 4.73 103.15
CA LEU VA 110 -75.78 4.12 102.85
C LEU VA 110 -75.75 3.69 101.39
N TYR VA 111 -74.55 3.35 100.94
CA TYR VA 111 -74.41 2.84 99.57
C TYR VA 111 -74.79 1.35 99.53
N PRO VA 112 -75.58 0.95 98.53
CA PRO VA 112 -76.02 -0.46 98.50
C PRO VA 112 -74.91 -1.44 98.17
N PHE VA 113 -73.89 -1.03 97.42
CA PHE VA 113 -72.76 -1.92 97.15
C PHE VA 113 -71.98 -2.26 98.42
N THR VA 114 -72.11 -1.42 99.45
CA THR VA 114 -71.63 -1.81 100.78
C THR VA 114 -72.55 -2.85 101.39
N TRP VA 115 -73.86 -2.74 101.15
CA TRP VA 115 -74.81 -3.71 101.69
C TRP VA 115 -74.67 -5.08 101.02
N ASP VA 116 -74.11 -5.15 99.81
CA ASP VA 116 -73.83 -6.44 99.21
C ASP VA 116 -72.67 -7.17 99.87
N ALA VA 117 -71.94 -6.53 100.79
CA ALA VA 117 -70.86 -7.19 101.50
C ALA VA 117 -71.36 -8.10 102.61
N VAL VA 118 -72.52 -7.79 103.18
CA VAL VA 118 -73.00 -8.46 104.38
C VAL VA 118 -74.24 -9.30 104.06
N ARG VA 119 -74.31 -9.81 102.84
CA ARG VA 119 -75.39 -10.69 102.41
C ARG VA 119 -74.97 -12.14 102.60
N TYR VA 120 -75.92 -12.96 103.06
CA TYR VA 120 -75.71 -14.41 103.16
C TYR VA 120 -77.06 -15.08 103.25
N ASN VA 121 -77.34 -15.99 102.30
CA ASN VA 121 -78.61 -16.71 102.21
C ASN VA 121 -79.79 -15.74 102.14
N GLY VA 122 -79.59 -14.61 101.48
CA GLY VA 122 -80.62 -13.60 101.35
C GLY VA 122 -80.85 -12.73 102.57
N LYS VA 123 -80.35 -13.12 103.73
CA LYS VA 123 -80.55 -12.36 104.96
C LYS VA 123 -79.43 -11.33 105.12
N LEU VA 124 -79.73 -10.28 105.88
CA LEU VA 124 -78.81 -9.18 106.08
C LEU VA 124 -78.31 -9.25 107.53
N ILE VA 125 -76.99 -9.21 107.70
CA ILE VA 125 -76.38 -9.63 108.95
C ILE VA 125 -75.67 -8.50 109.71
N ALA VA 126 -75.25 -7.44 109.03
CA ALA VA 126 -74.38 -6.47 109.68
C ALA VA 126 -74.48 -5.13 108.95
N TYR VA 127 -74.16 -4.06 109.67
CA TYR VA 127 -74.19 -2.72 109.09
C TYR VA 127 -72.78 -2.37 108.61
N PRO VA 128 -72.60 -2.06 107.33
CA PRO VA 128 -71.26 -1.69 106.85
C PRO VA 128 -70.89 -0.30 107.31
N ILE VA 129 -69.62 -0.14 107.73
CA ILE VA 129 -69.12 1.16 108.14
C ILE VA 129 -68.04 1.59 107.16
N ALA VA 130 -66.95 0.83 107.10
CA ALA VA 130 -65.79 1.21 106.32
C ALA VA 130 -65.66 0.33 105.08
N VAL VA 131 -65.10 0.90 104.02
CA VAL VA 131 -64.96 0.21 102.75
C VAL VA 131 -63.53 0.42 102.25
N GLU VA 132 -62.89 -0.66 101.80
CA GLU VA 132 -61.48 -0.69 101.49
C GLU VA 132 -61.26 -1.15 100.07
N ALA VA 133 -60.33 -0.51 99.38
CA ALA VA 133 -60.04 -0.82 97.98
C ALA VA 133 -58.66 -0.30 97.64
N LEU VA 134 -57.95 -1.05 96.80
CA LEU VA 134 -56.60 -0.69 96.40
C LEU VA 134 -56.62 0.35 95.30
N SER VA 135 -55.74 1.35 95.41
CA SER VA 135 -55.71 2.46 94.47
C SER VA 135 -54.27 2.71 94.03
N LEU VA 136 -54.12 3.52 92.98
CA LEU VA 136 -52.81 3.82 92.43
C LEU VA 136 -52.21 5.00 93.19
N ILE VA 137 -50.97 4.84 93.64
CA ILE VA 137 -50.22 5.88 94.32
C ILE VA 137 -49.07 6.26 93.40
N TYR VA 138 -48.96 7.55 93.08
CA TYR VA 138 -47.98 8.01 92.12
C TYR VA 138 -47.18 9.19 92.65
N ASN VA 139 -45.91 9.23 92.28
CA ASN VA 139 -45.09 10.41 92.48
C ASN VA 139 -45.52 11.48 91.49
N LYS VA 140 -45.91 12.65 92.00
CA LYS VA 140 -46.31 13.74 91.12
C LYS VA 140 -45.13 14.34 90.37
N ASP VA 141 -43.92 14.22 90.91
CA ASP VA 141 -42.75 14.80 90.26
C ASP VA 141 -42.29 13.94 89.10
N LEU VA 142 -42.15 12.63 89.32
CA LEU VA 142 -41.71 11.74 88.26
C LEU VA 142 -42.75 11.64 87.13
N LEU VA 143 -44.02 11.81 87.46
CA LEU VA 143 -45.04 11.78 86.41
C LEU VA 143 -46.14 12.78 86.74
N PRO VA 144 -46.18 13.93 86.04
CA PRO VA 144 -47.23 14.92 86.33
C PRO VA 144 -48.60 14.53 85.81
N ASN VA 145 -48.68 13.59 84.86
CA ASN VA 145 -49.95 13.23 84.22
C ASN VA 145 -50.08 11.71 84.20
N PRO VA 146 -50.90 11.14 85.10
CA PRO VA 146 -51.01 9.68 85.14
C PRO VA 146 -51.69 9.14 83.89
N PRO VA 147 -51.40 7.89 83.53
CA PRO VA 147 -52.09 7.27 82.40
C PRO VA 147 -53.34 6.54 82.84
N LYS VA 148 -54.26 6.37 81.89
CA LYS VA 148 -55.54 5.73 82.14
C LYS VA 148 -55.67 4.35 81.51
N THR VA 149 -54.61 3.87 80.84
CA THR VA 149 -54.62 2.54 80.24
C THR VA 149 -53.42 1.75 80.74
N TRP VA 150 -53.64 0.45 80.99
CA TRP VA 150 -52.51 -0.43 81.30
C TRP VA 150 -51.62 -0.63 80.09
N GLU VA 151 -52.20 -0.56 78.88
CA GLU VA 151 -51.43 -0.69 77.66
C GLU VA 151 -50.41 0.45 77.50
N GLU VA 152 -50.56 1.53 78.25
CA GLU VA 152 -49.59 2.60 78.24
C GLU VA 152 -48.39 2.31 79.13
N ILE VA 153 -48.55 1.45 80.13
CA ILE VA 153 -47.51 1.19 81.13
C ILE VA 153 -46.21 0.63 80.55
N PRO VA 154 -46.22 -0.32 79.60
CA PRO VA 154 -44.92 -0.76 79.03
C PRO VA 154 -44.13 0.36 78.37
N ALA VA 155 -44.78 1.12 77.48
CA ALA VA 155 -44.10 2.17 76.74
C ALA VA 155 -43.46 3.20 77.67
N LEU VA 156 -44.22 3.70 78.65
CA LEU VA 156 -43.67 4.68 79.58
C LEU VA 156 -42.56 4.09 80.42
N ASP VA 157 -42.57 2.76 80.64
CA ASP VA 157 -41.46 2.13 81.34
C ASP VA 157 -40.16 2.33 80.59
N LYS VA 158 -40.22 2.30 79.25
CA LYS VA 158 -39.06 2.58 78.42
C LYS VA 158 -38.50 3.96 78.70
N GLU VA 159 -39.33 4.90 79.14
CA GLU VA 159 -38.82 6.20 79.54
C GLU VA 159 -38.04 6.10 80.85
N LEU VA 160 -38.55 5.38 81.84
CA LEU VA 160 -37.98 5.48 83.17
C LEU VA 160 -36.64 4.79 83.30
N LYS VA 161 -36.40 3.72 82.53
CA LYS VA 161 -35.07 3.15 82.47
C LYS VA 161 -34.06 4.11 81.85
N ALA VA 162 -34.54 5.10 81.11
CA ALA VA 162 -33.68 6.16 80.61
C ALA VA 162 -33.33 7.19 81.68
N LYS VA 163 -34.02 7.17 82.82
CA LYS VA 163 -33.68 8.02 83.96
C LYS VA 163 -33.16 7.22 85.14
N GLY VA 164 -32.98 5.90 84.97
CA GLY VA 164 -32.60 5.06 86.09
C GLY VA 164 -33.74 4.77 87.04
N LYS VA 165 -34.98 4.80 86.55
CA LYS VA 165 -36.16 4.59 87.36
C LYS VA 165 -36.94 3.39 86.84
N SER VA 166 -37.89 2.94 87.64
CA SER VA 166 -38.79 1.85 87.26
C SER VA 166 -40.22 2.35 87.25
N ALA VA 167 -41.03 1.78 86.36
CA ALA VA 167 -42.41 2.25 86.22
C ALA VA 167 -43.29 1.74 87.35
N LEU VA 168 -43.43 0.43 87.47
CA LEU VA 168 -44.34 -0.16 88.45
C LEU VA 168 -43.61 -1.26 89.20
N MET VA 169 -43.75 -1.26 90.52
CA MET VA 169 -43.18 -2.29 91.38
C MET VA 169 -44.14 -2.51 92.54
N PHE VA 170 -44.64 -3.73 92.68
CA PHE VA 170 -45.58 -4.07 93.73
C PHE VA 170 -45.39 -5.53 94.13
N ASN VA 171 -46.27 -6.01 95.00
CA ASN VA 171 -46.18 -7.37 95.51
C ASN VA 171 -46.80 -8.34 94.51
N LEU VA 172 -45.96 -9.12 93.84
CA LEU VA 172 -46.42 -10.15 92.92
C LEU VA 172 -46.66 -11.48 93.60
N GLN VA 173 -46.35 -11.59 94.90
CA GLN VA 173 -46.47 -12.86 95.61
C GLN VA 173 -47.89 -13.12 96.10
N GLU VA 174 -48.84 -12.24 95.83
CA GLU VA 174 -50.21 -12.40 96.28
C GLU VA 174 -51.18 -12.24 95.11
N PRO VA 175 -52.24 -13.05 95.07
CA PRO VA 175 -53.33 -12.77 94.12
C PRO VA 175 -54.12 -11.53 94.48
N TYR VA 176 -54.04 -11.07 95.73
CA TYR VA 176 -54.78 -9.90 96.18
C TYR VA 176 -54.34 -8.64 95.45
N PHE VA 177 -53.08 -8.58 95.01
CA PHE VA 177 -52.62 -7.45 94.23
C PHE VA 177 -52.94 -7.60 92.76
N THR VA 178 -52.81 -8.83 92.24
CA THR VA 178 -52.89 -9.06 90.80
C THR VA 178 -54.32 -9.19 90.29
N TRP VA 179 -55.29 -9.46 91.16
CA TRP VA 179 -56.66 -9.69 90.73
C TRP VA 179 -57.37 -8.50 90.04
N PRO VA 180 -57.05 -7.23 90.36
CA PRO VA 180 -57.62 -6.14 89.54
C PRO VA 180 -57.35 -6.27 88.05
N LEU VA 181 -56.13 -6.59 87.65
CA LEU VA 181 -55.80 -6.63 86.23
C LEU VA 181 -56.36 -7.87 85.54
N ILE VA 182 -56.12 -9.05 86.12
CA ILE VA 182 -56.45 -10.30 85.44
C ILE VA 182 -57.96 -10.50 85.34
N ALA VA 183 -58.70 -10.05 86.34
CA ALA VA 183 -60.15 -10.25 86.40
C ALA VA 183 -60.93 -9.03 85.91
N ALA VA 184 -60.27 -8.09 85.25
CA ALA VA 184 -60.95 -6.87 84.85
C ALA VA 184 -61.89 -7.11 83.67
N ASP VA 185 -61.47 -7.94 82.72
CA ASP VA 185 -62.18 -8.12 81.46
C ASP VA 185 -62.82 -9.49 81.31
N GLY VA 186 -63.25 -10.09 82.42
CA GLY VA 186 -63.96 -11.36 82.32
C GLY VA 186 -63.69 -12.36 83.44
N GLY VA 187 -62.71 -12.08 84.28
CA GLY VA 187 -62.45 -12.93 85.42
C GLY VA 187 -63.28 -12.54 86.63
N TYR VA 188 -63.62 -13.54 87.45
CA TYR VA 188 -64.37 -13.33 88.67
C TYR VA 188 -64.23 -14.57 89.55
N ALA VA 189 -63.98 -14.35 90.84
CA ALA VA 189 -63.64 -15.44 91.75
C ALA VA 189 -64.75 -16.48 91.84
N PHE VA 190 -65.92 -16.09 92.33
CA PHE VA 190 -67.09 -16.94 92.37
C PHE VA 190 -68.27 -16.17 91.80
N LYS VA 191 -69.17 -16.87 91.12
CA LYS VA 191 -70.37 -16.20 90.64
C LYS VA 191 -71.26 -15.81 91.81
N TYR VA 192 -71.55 -14.52 91.93
CA TYR VA 192 -72.23 -13.94 93.08
C TYR VA 192 -73.46 -13.19 92.63
N GLU VA 193 -74.65 -13.73 92.91
CA GLU VA 193 -75.91 -13.12 92.51
C GLU VA 193 -76.92 -13.29 93.62
N ASN VA 194 -77.76 -12.27 93.84
CA ASN VA 194 -78.86 -12.29 94.81
C ASN VA 194 -78.39 -12.63 96.21
N GLY VA 195 -77.17 -12.23 96.56
CA GLY VA 195 -76.64 -12.53 97.87
C GLY VA 195 -76.13 -13.94 98.07
N LYS VA 196 -75.88 -14.68 96.98
CA LYS VA 196 -75.46 -16.07 97.05
C LYS VA 196 -74.22 -16.28 96.18
N TYR VA 197 -73.22 -16.95 96.73
CA TYR VA 197 -72.00 -17.29 96.00
C TYR VA 197 -72.10 -18.72 95.47
N ASP VA 198 -72.02 -18.88 94.16
CA ASP VA 198 -72.11 -20.19 93.54
C ASP VA 198 -70.78 -20.92 93.67
N ILE VA 199 -70.83 -22.14 94.19
CA ILE VA 199 -69.59 -22.87 94.46
C ILE VA 199 -69.06 -23.56 93.21
N LYS VA 200 -69.96 -24.03 92.33
CA LYS VA 200 -69.57 -24.66 91.08
C LYS VA 200 -69.14 -23.65 90.02
N ASP VA 201 -69.11 -22.36 90.34
CA ASP VA 201 -68.91 -21.34 89.33
C ASP VA 201 -67.70 -20.48 89.71
N VAL VA 202 -66.57 -21.14 89.89
CA VAL VA 202 -65.27 -20.51 90.10
C VAL VA 202 -64.76 -20.07 88.74
N GLY VA 203 -64.78 -18.75 88.48
CA GLY VA 203 -64.37 -18.27 87.19
C GLY VA 203 -62.89 -17.90 87.06
N VAL VA 204 -62.08 -18.83 86.56
CA VAL VA 204 -60.73 -18.52 86.13
C VAL VA 204 -60.43 -19.02 84.74
N ASP VA 205 -61.26 -19.89 84.18
CA ASP VA 205 -61.10 -20.39 82.81
C ASP VA 205 -61.89 -19.52 81.84
N ASN VA 206 -61.59 -18.22 81.86
CA ASN VA 206 -62.28 -17.24 81.03
C ASN VA 206 -61.27 -16.50 80.18
N ALA VA 207 -61.74 -15.97 79.05
CA ALA VA 207 -60.88 -15.25 78.12
C ALA VA 207 -60.32 -13.98 78.75
N GLY VA 208 -61.05 -13.36 79.67
CA GLY VA 208 -60.54 -12.19 80.35
C GLY VA 208 -59.37 -12.50 81.26
N ALA VA 209 -59.47 -13.60 82.02
CA ALA VA 209 -58.35 -14.02 82.85
C ALA VA 209 -57.14 -14.38 81.99
N LYS VA 210 -57.38 -15.01 80.84
CA LYS VA 210 -56.30 -15.29 79.89
C LYS VA 210 -55.63 -14.00 79.43
N ALA VA 211 -56.43 -12.99 79.06
CA ALA VA 211 -55.87 -11.73 78.59
C ALA VA 211 -55.07 -11.03 79.67
N GLY VA 212 -55.59 -11.02 80.89
CA GLY VA 212 -54.87 -10.39 81.99
C GLY VA 212 -53.56 -11.09 82.31
N LEU VA 213 -53.57 -12.43 82.32
CA LEU VA 213 -52.34 -13.13 82.65
C LEU VA 213 -51.32 -13.05 81.51
N THR VA 214 -51.77 -13.01 80.25
CA THR VA 214 -50.84 -12.73 79.16
C THR VA 214 -50.28 -11.33 79.25
N PHE VA 215 -51.07 -10.34 79.68
CA PHE VA 215 -50.49 -9.02 79.88
C PHE VA 215 -49.47 -9.02 81.00
N LEU VA 216 -49.71 -9.83 82.04
CA LEU VA 216 -48.72 -9.98 83.11
C LEU VA 216 -47.44 -10.60 82.59
N VAL VA 217 -47.54 -11.64 81.75
CA VAL VA 217 -46.32 -12.26 81.24
C VAL VA 217 -45.65 -11.39 80.19
N ASP VA 218 -46.37 -10.44 79.57
CA ASP VA 218 -45.69 -9.47 78.73
C ASP VA 218 -44.99 -8.41 79.55
N LEU VA 219 -45.54 -8.05 80.71
CA LEU VA 219 -44.83 -7.12 81.58
C LEU VA 219 -43.62 -7.76 82.23
N ILE VA 220 -43.64 -9.07 82.42
CA ILE VA 220 -42.51 -9.72 83.09
C ILE VA 220 -41.48 -10.26 82.09
N LYS VA 221 -41.90 -10.62 80.88
CA LYS VA 221 -40.96 -11.21 79.92
C LYS VA 221 -39.96 -10.18 79.42
N ASN VA 222 -40.45 -9.00 79.03
CA ASN VA 222 -39.58 -7.92 78.58
C ASN VA 222 -38.93 -7.17 79.74
N LYS VA 223 -39.06 -7.69 80.96
CA LYS VA 223 -38.35 -7.19 82.14
C LYS VA 223 -38.74 -5.76 82.48
N HIS VA 224 -40.04 -5.46 82.39
CA HIS VA 224 -40.53 -4.20 82.93
C HIS VA 224 -40.50 -4.22 84.45
N MET VA 225 -40.86 -5.35 85.04
CA MET VA 225 -40.77 -5.58 86.47
C MET VA 225 -39.97 -6.85 86.73
N ASN VA 226 -39.83 -7.19 88.01
CA ASN VA 226 -39.20 -8.44 88.42
C ASN VA 226 -40.26 -9.40 88.96
N ALA VA 227 -39.93 -10.69 88.91
CA ALA VA 227 -40.88 -11.70 89.37
C ALA VA 227 -40.72 -12.03 90.84
N ASP VA 228 -39.52 -11.89 91.39
CA ASP VA 228 -39.26 -12.18 92.79
C ASP VA 228 -39.54 -10.99 93.70
N THR VA 229 -40.08 -9.90 93.16
CA THR VA 229 -40.38 -8.73 93.97
C THR VA 229 -41.60 -9.01 94.85
N ASP VA 230 -41.74 -8.19 95.89
CA ASP VA 230 -42.85 -8.32 96.82
C ASP VA 230 -43.16 -6.93 97.37
N TYR VA 231 -43.85 -6.91 98.52
CA TYR VA 231 -44.39 -5.67 99.05
C TYR VA 231 -43.31 -4.79 99.66
N SER VA 232 -42.34 -5.40 100.35
CA SER VA 232 -41.36 -4.61 101.10
CA SER VA 232 -41.36 -4.62 101.10
C SER VA 232 -40.45 -3.81 100.18
N ILE VA 233 -39.84 -4.49 99.19
CA ILE VA 233 -38.95 -3.80 98.27
C ILE VA 233 -39.72 -2.73 97.50
N ALA VA 234 -40.95 -3.04 97.11
CA ALA VA 234 -41.78 -2.10 96.37
C ALA VA 234 -42.04 -0.82 97.18
N GLU VA 235 -42.58 -0.97 98.39
CA GLU VA 235 -42.90 0.19 99.20
C GLU VA 235 -41.66 0.95 99.62
N ALA VA 236 -40.56 0.24 99.91
CA ALA VA 236 -39.34 0.92 100.32
C ALA VA 236 -38.73 1.71 99.16
N ALA VA 237 -38.78 1.16 97.95
CA ALA VA 237 -38.28 1.88 96.79
C ALA VA 237 -39.17 3.05 96.44
N PHE VA 238 -40.48 2.93 96.64
CA PHE VA 238 -41.37 4.06 96.37
C PHE VA 238 -41.19 5.15 97.42
N ASN VA 239 -40.89 4.78 98.68
CA ASN VA 239 -40.58 5.79 99.68
C ASN VA 239 -39.30 6.53 99.34
N LYS VA 240 -38.33 5.86 98.71
CA LYS VA 240 -37.17 6.55 98.19
C LYS VA 240 -37.47 7.31 96.91
N GLY VA 241 -38.53 6.93 96.20
CA GLY VA 241 -38.87 7.58 94.96
C GLY VA 241 -38.17 6.99 93.75
N GLU VA 242 -37.85 5.69 93.78
CA GLU VA 242 -37.20 5.05 92.65
C GLU VA 242 -38.20 4.53 91.63
N THR VA 243 -39.21 3.80 92.10
CA THR VA 243 -40.35 3.41 91.26
C THR VA 243 -41.40 4.50 91.39
N ALA VA 244 -42.05 4.83 90.28
CA ALA VA 244 -43.00 5.94 90.28
C ALA VA 244 -44.42 5.51 90.59
N MET VA 245 -44.85 4.33 90.13
CA MET VA 245 -46.21 3.87 90.34
C MET VA 245 -46.22 2.76 91.39
N THR VA 246 -47.30 2.71 92.17
CA THR VA 246 -47.55 1.54 92.99
C THR VA 246 -49.05 1.40 93.20
N ILE VA 247 -49.46 0.23 93.66
CA ILE VA 247 -50.85 -0.07 93.95
C ILE VA 247 -50.95 -0.48 95.41
N ASN VA 248 -51.81 0.19 96.17
CA ASN VA 248 -51.85 -0.03 97.60
C ASN VA 248 -53.19 0.43 98.16
N GLY VA 249 -53.55 -0.15 99.31
CA GLY VA 249 -54.72 0.26 100.04
C GLY VA 249 -54.42 1.41 100.96
N PRO VA 250 -55.20 1.55 102.03
CA PRO VA 250 -54.99 2.67 102.95
C PRO VA 250 -53.79 2.48 103.88
N TRP VA 251 -53.47 1.24 104.23
CA TRP VA 251 -52.59 0.96 105.36
C TRP VA 251 -51.17 1.49 105.17
N ALA VA 252 -50.76 1.79 103.94
CA ALA VA 252 -49.42 2.29 103.70
C ALA VA 252 -49.38 3.80 103.47
N TRP VA 253 -50.53 4.47 103.48
CA TRP VA 253 -50.60 5.89 103.17
C TRP VA 253 -49.68 6.70 104.07
N SER VA 254 -49.82 6.53 105.39
CA SER VA 254 -48.98 7.25 106.34
C SER VA 254 -47.50 6.94 106.13
N ASN VA 255 -47.18 5.71 105.71
CA ASN VA 255 -45.80 5.37 105.40
C ASN VA 255 -45.26 6.24 104.28
N ILE VA 256 -46.06 6.47 103.25
CA ILE VA 256 -45.64 7.39 102.19
C ILE VA 256 -45.60 8.82 102.72
N ASP VA 257 -46.42 9.13 103.72
CA ASP VA 257 -46.32 10.42 104.40
C ASP VA 257 -45.08 10.52 105.27
N THR VA 258 -44.36 9.43 105.49
CA THR VA 258 -43.02 9.55 106.07
C THR VA 258 -42.00 9.95 105.01
N SER VA 259 -42.26 9.62 103.75
CA SER VA 259 -41.31 9.93 102.68
CA SER VA 259 -41.31 9.93 102.68
C SER VA 259 -41.27 11.39 102.33
N LYS VA 260 -42.34 12.14 102.61
CA LYS VA 260 -42.51 13.54 102.24
C LYS VA 260 -42.40 13.76 100.74
N VAL VA 261 -42.60 12.69 99.96
CA VAL VA 261 -42.63 12.80 98.51
C VAL VA 261 -43.96 13.41 98.10
N ASN VA 262 -43.91 14.39 97.19
CA ASN VA 262 -45.14 15.00 96.72
C ASN VA 262 -45.89 14.00 95.84
N TYR VA 263 -46.82 13.28 96.46
CA TYR VA 263 -47.49 12.17 95.78
C TYR VA 263 -48.99 12.42 95.69
N GLY VA 264 -49.61 11.72 94.75
CA GLY VA 264 -51.05 11.72 94.62
C GLY VA 264 -51.59 10.30 94.55
N VAL VA 265 -52.90 10.21 94.69
CA VAL VA 265 -53.63 8.94 94.64
C VAL VA 265 -54.75 9.06 93.64
N THR VA 266 -54.88 8.06 92.77
CA THR VA 266 -55.93 8.05 91.76
C THR VA 266 -56.43 6.63 91.54
N VAL VA 267 -57.40 6.52 90.62
CA VAL VA 267 -57.93 5.23 90.24
C VAL VA 267 -56.91 4.47 89.39
N LEU VA 268 -56.99 3.15 89.45
CA LEU VA 268 -56.17 2.34 88.58
C LEU VA 268 -56.60 2.52 87.13
N PRO VA 269 -55.68 2.40 86.18
CA PRO VA 269 -56.04 2.49 84.76
C PRO VA 269 -56.99 1.37 84.34
N THR VA 270 -57.79 1.66 83.33
CA THR VA 270 -58.64 0.64 82.73
C THR VA 270 -57.82 -0.18 81.73
N PHE VA 271 -58.34 -1.35 81.39
CA PHE VA 271 -57.61 -2.28 80.53
C PHE VA 271 -58.56 -2.83 79.48
N LYS VA 272 -58.26 -2.54 78.21
CA LYS VA 272 -59.08 -2.92 77.06
C LYS VA 272 -60.50 -2.37 77.18
N GLY VA 273 -60.66 -1.26 77.89
CA GLY VA 273 -61.95 -0.68 78.19
C GLY VA 273 -62.57 -1.17 79.47
N GLN VA 274 -62.29 -2.41 79.88
CA GLN VA 274 -62.82 -2.93 81.14
C GLN VA 274 -61.95 -2.45 82.29
N PRO VA 275 -62.50 -1.70 83.25
CA PRO VA 275 -61.68 -1.18 84.34
C PRO VA 275 -61.29 -2.28 85.31
N SER VA 276 -60.26 -1.98 86.10
CA SER VA 276 -59.73 -2.92 87.07
C SER VA 276 -60.78 -3.24 88.15
N LYS VA 277 -60.55 -4.35 88.85
CA LYS VA 277 -61.52 -4.90 89.79
C LYS VA 277 -60.82 -5.32 91.08
N PRO VA 278 -60.55 -4.37 91.98
CA PRO VA 278 -59.92 -4.72 93.25
C PRO VA 278 -60.88 -5.37 94.22
N PHE VA 279 -60.31 -6.10 95.17
CA PHE VA 279 -61.11 -6.67 96.25
C PHE VA 279 -61.60 -5.59 97.18
N VAL VA 280 -62.93 -5.52 97.33
CA VAL VA 280 -63.57 -4.56 98.21
C VAL VA 280 -63.66 -5.20 99.59
N GLY VA 281 -62.90 -4.69 100.54
CA GLY VA 281 -62.94 -5.21 101.89
C GLY VA 281 -63.74 -4.30 102.80
N VAL VA 282 -64.89 -4.77 103.29
CA VAL VA 282 -65.83 -3.92 103.99
C VAL VA 282 -65.78 -4.27 105.47
N LEU VA 283 -65.33 -3.32 106.28
CA LEU VA 283 -65.44 -3.40 107.73
C LEU VA 283 -66.88 -3.10 108.12
N SER VA 284 -67.56 -4.10 108.68
CA SER VA 284 -68.93 -3.98 109.13
C SER VA 284 -69.01 -4.39 110.60
N ALA VA 285 -70.14 -4.03 111.22
CA ALA VA 285 -70.39 -4.29 112.63
C ALA VA 285 -71.49 -5.34 112.73
N GLY VA 286 -71.09 -6.57 113.02
CA GLY VA 286 -72.03 -7.65 113.21
C GLY VA 286 -72.57 -7.70 114.63
N ILE VA 287 -73.88 -7.89 114.73
CA ILE VA 287 -74.55 -8.09 116.01
C ILE VA 287 -74.54 -9.58 116.31
N ASN VA 288 -74.23 -9.95 117.56
CA ASN VA 288 -74.18 -11.34 117.92
C ASN VA 288 -75.58 -11.95 117.83
N ALA VA 289 -75.65 -13.19 117.33
CA ALA VA 289 -76.94 -13.85 117.13
C ALA VA 289 -77.56 -14.36 118.41
N ALA VA 290 -76.80 -14.43 119.50
CA ALA VA 290 -77.33 -14.80 120.81
C ALA VA 290 -77.76 -13.59 121.61
N SER VA 291 -77.73 -12.40 121.01
CA SER VA 291 -78.02 -11.17 121.73
C SER VA 291 -79.51 -11.02 121.97
N PRO VA 292 -79.93 -10.75 123.21
CA PRO VA 292 -81.25 -10.16 123.44
C PRO VA 292 -81.27 -8.63 123.43
N ASN VA 293 -80.24 -8.00 122.83
CA ASN VA 293 -80.06 -6.57 122.86
C ASN VA 293 -80.16 -5.99 121.44
N LYS VA 294 -81.16 -6.43 120.69
CA LYS VA 294 -81.23 -6.12 119.26
C LYS VA 294 -81.47 -4.63 119.01
N GLU VA 295 -82.55 -4.09 119.59
CA GLU VA 295 -82.96 -2.72 119.27
C GLU VA 295 -81.98 -1.68 119.80
N LEU VA 296 -81.35 -1.95 120.95
CA LEU VA 296 -80.38 -1.02 121.51
C LEU VA 296 -79.18 -0.85 120.57
N ALA VA 297 -78.60 -1.97 120.15
CA ALA VA 297 -77.45 -1.92 119.26
C ALA VA 297 -77.84 -1.40 117.87
N LYS VA 298 -79.06 -1.69 117.42
CA LYS VA 298 -79.51 -1.14 116.15
C LYS VA 298 -79.64 0.37 116.21
N GLU VA 299 -80.15 0.88 117.33
CA GLU VA 299 -80.23 2.33 117.51
CA GLU VA 299 -80.23 2.33 117.51
C GLU VA 299 -78.84 2.95 117.57
N PHE VA 300 -77.91 2.31 118.29
CA PHE VA 300 -76.55 2.84 118.39
C PHE VA 300 -75.85 2.82 117.03
N LEU VA 301 -76.15 1.83 116.19
CA LEU VA 301 -75.49 1.74 114.89
C LEU VA 301 -76.10 2.70 113.88
N GLU VA 302 -77.42 2.88 113.92
CA GLU VA 302 -78.08 3.68 112.89
C GLU VA 302 -78.10 5.17 113.22
N ASN VA 303 -78.46 5.53 114.45
CA ASN VA 303 -78.64 6.93 114.79
C ASN VA 303 -77.38 7.59 115.33
N TYR VA 304 -76.37 6.82 115.71
CA TYR VA 304 -75.14 7.38 116.26
C TYR VA 304 -73.90 6.99 115.46
N LEU VA 305 -73.74 5.72 115.10
CA LEU VA 305 -72.55 5.30 114.37
C LEU VA 305 -72.60 5.74 112.92
N LEU VA 306 -73.58 5.25 112.17
CA LEU VA 306 -73.62 5.48 110.72
C LEU VA 306 -74.28 6.82 110.39
N THR VA 307 -73.79 7.87 111.05
CA THR VA 307 -74.19 9.24 110.82
C THR VA 307 -72.92 10.07 110.62
N ASP VA 308 -73.08 11.38 110.48
CA ASP VA 308 -71.91 12.24 110.25
C ASP VA 308 -71.03 12.32 111.49
N GLU VA 309 -71.63 12.56 112.66
CA GLU VA 309 -70.82 12.81 113.85
C GLU VA 309 -70.16 11.54 114.39
N GLY VA 310 -70.78 10.37 114.18
CA GLY VA 310 -70.16 9.14 114.67
C GLY VA 310 -68.92 8.77 113.89
N LEU VA 311 -69.03 8.77 112.56
CA LEU VA 311 -67.85 8.52 111.73
C LEU VA 311 -66.82 9.64 111.87
N GLU VA 312 -67.27 10.87 112.13
CA GLU VA 312 -66.32 11.95 112.40
C GLU VA 312 -65.53 11.66 113.67
N ALA VA 313 -66.22 11.30 114.75
CA ALA VA 313 -65.57 11.04 116.03
C ALA VA 313 -64.63 9.84 115.94
N VAL VA 314 -64.98 8.81 115.19
CA VAL VA 314 -64.04 7.69 115.08
C VAL VA 314 -62.87 8.07 114.17
N ASN VA 315 -63.09 8.92 113.15
CA ASN VA 315 -62.01 9.29 112.25
C ASN VA 315 -61.05 10.32 112.83
N LYS VA 316 -61.43 11.01 113.90
CA LYS VA 316 -60.46 11.91 114.54
C LYS VA 316 -59.27 11.15 115.12
N ASP VA 317 -59.48 9.92 115.58
CA ASP VA 317 -58.36 9.12 116.06
C ASP VA 317 -57.71 8.32 114.93
N LYS VA 318 -58.49 7.46 114.26
CA LYS VA 318 -57.99 6.69 113.14
C LYS VA 318 -59.06 6.71 112.04
N PRO VA 319 -58.69 7.04 110.81
CA PRO VA 319 -59.69 7.15 109.75
C PRO VA 319 -60.18 5.79 109.27
N LEU VA 320 -61.22 5.84 108.45
CA LEU VA 320 -61.79 4.65 107.83
C LEU VA 320 -61.71 4.67 106.31
N GLY VA 321 -61.12 5.70 105.72
CA GLY VA 321 -60.96 5.73 104.28
C GLY VA 321 -62.29 5.99 103.60
N ALA VA 322 -62.70 5.08 102.73
CA ALA VA 322 -64.02 5.11 102.15
C ALA VA 322 -65.01 4.48 103.12
N VAL VA 323 -66.07 5.22 103.45
CA VAL VA 323 -67.06 4.72 104.40
C VAL VA 323 -68.31 4.33 103.61
N ALA VA 324 -69.31 3.79 104.31
CA ALA VA 324 -70.53 3.34 103.66
C ALA VA 324 -71.63 4.40 103.64
N LEU VA 325 -71.63 5.34 104.56
CA LEU VA 325 -72.67 6.36 104.61
C LEU VA 325 -72.42 7.43 103.54
N LYS VA 326 -73.48 7.79 102.82
CA LYS VA 326 -73.33 8.62 101.62
C LYS VA 326 -72.90 10.04 101.97
N SER VA 327 -73.56 10.64 102.97
CA SER VA 327 -73.24 12.02 103.33
C SER VA 327 -71.81 12.14 103.87
N TYR VA 328 -71.38 11.19 104.69
CA TYR VA 328 -70.01 11.22 105.18
C TYR VA 328 -69.01 10.91 104.08
N GLU VA 329 -69.42 10.15 103.05
CA GLU VA 329 -68.57 10.04 101.87
C GLU VA 329 -68.45 11.37 101.14
N GLU VA 330 -69.52 12.17 101.12
CA GLU VA 330 -69.39 13.50 100.51
C GLU VA 330 -68.51 14.41 101.36
N GLU VA 331 -68.53 14.25 102.68
CA GLU VA 331 -67.62 15.01 103.53
C GLU VA 331 -66.16 14.60 103.30
N LEU VA 332 -65.89 13.30 103.19
CA LEU VA 332 -64.51 12.84 103.04
C LEU VA 332 -64.02 12.85 101.59
N ALA VA 333 -64.89 13.08 100.61
CA ALA VA 333 -64.46 13.05 99.22
C ALA VA 333 -63.60 14.24 98.82
N LYS VA 334 -63.39 15.23 99.70
CA LYS VA 334 -62.44 16.29 99.39
C LYS VA 334 -61.01 15.78 99.44
N ASP VA 335 -60.76 14.70 100.16
CA ASP VA 335 -59.45 14.04 100.12
C ASP VA 335 -59.44 13.14 98.88
N PRO VA 336 -58.55 13.39 97.91
CA PRO VA 336 -58.58 12.59 96.67
C PRO VA 336 -58.26 11.12 96.88
N ARG VA 337 -57.53 10.78 97.95
CA ARG VA 337 -57.34 9.37 98.29
C ARG VA 337 -58.66 8.68 98.56
N ILE VA 338 -59.58 9.38 99.23
CA ILE VA 338 -60.87 8.81 99.56
C ILE VA 338 -61.72 8.63 98.31
N ALA VA 339 -61.65 9.60 97.39
CA ALA VA 339 -62.38 9.49 96.12
C ALA VA 339 -61.85 8.33 95.28
N ALA VA 340 -60.52 8.18 95.21
CA ALA VA 340 -59.94 7.07 94.48
C ALA VA 340 -60.33 5.74 95.12
N THR VA 341 -60.33 5.68 96.45
CA THR VA 341 -60.72 4.45 97.15
C THR VA 341 -62.17 4.10 96.87
N MET VA 342 -63.07 5.08 96.89
CA MET VA 342 -64.48 4.75 96.67
C MET VA 342 -64.76 4.39 95.22
N GLU VA 343 -64.06 4.99 94.26
CA GLU VA 343 -64.30 4.60 92.88
C GLU VA 343 -63.74 3.20 92.57
N ASN VA 344 -62.56 2.88 93.13
CA ASN VA 344 -62.06 1.50 92.99
C ASN VA 344 -62.95 0.51 93.73
N ALA VA 345 -63.58 0.94 94.83
CA ALA VA 345 -64.46 0.05 95.57
C ALA VA 345 -65.77 -0.19 94.82
N GLN VA 346 -66.32 0.85 94.19
CA GLN VA 346 -67.56 0.69 93.46
C GLN VA 346 -67.35 -0.02 92.12
N LYS VA 347 -66.16 0.02 91.55
CA LYS VA 347 -65.89 -0.75 90.34
C LYS VA 347 -65.17 -2.07 90.63
N GLY VA 348 -64.96 -2.41 91.91
CA GLY VA 348 -64.24 -3.61 92.28
C GLY VA 348 -65.16 -4.79 92.55
N GLU VA 349 -64.52 -5.91 92.91
CA GLU VA 349 -65.24 -7.13 93.25
C GLU VA 349 -65.32 -7.27 94.76
N ILE VA 350 -66.51 -7.55 95.27
CA ILE VA 350 -66.69 -7.72 96.69
C ILE VA 350 -66.06 -9.04 97.12
N MET VA 351 -65.46 -9.05 98.31
CA MET VA 351 -64.77 -10.24 98.78
CA MET VA 351 -64.77 -10.24 98.79
C MET VA 351 -65.79 -11.33 99.13
N PRO VA 352 -65.54 -12.57 98.71
CA PRO VA 352 -66.48 -13.66 99.02
C PRO VA 352 -66.48 -14.03 100.49
N ASN VA 353 -67.65 -14.39 100.98
CA ASN VA 353 -67.86 -14.78 102.37
C ASN VA 353 -67.85 -16.28 102.56
N ILE VA 354 -67.28 -17.03 101.62
CA ILE VA 354 -67.40 -18.49 101.60
C ILE VA 354 -66.04 -19.12 101.89
N PRO VA 355 -65.99 -20.33 102.45
CA PRO VA 355 -64.68 -20.92 102.80
C PRO VA 355 -63.90 -21.48 101.62
N GLN VA 356 -64.57 -21.77 100.49
CA GLN VA 356 -63.84 -22.24 99.30
C GLN VA 356 -62.83 -21.20 98.83
N MET VA 357 -63.08 -19.93 99.14
CA MET VA 357 -62.13 -18.85 98.89
C MET VA 357 -60.73 -19.19 99.40
N SER VA 358 -60.64 -19.92 100.51
CA SER VA 358 -59.35 -20.35 101.03
C SER VA 358 -58.57 -21.17 99.99
N ALA VA 359 -59.23 -22.18 99.41
CA ALA VA 359 -58.59 -22.94 98.34
C ALA VA 359 -58.25 -22.05 97.15
N PHE VA 360 -59.07 -21.02 96.91
CA PHE VA 360 -58.74 -19.99 95.94
C PHE VA 360 -57.36 -19.41 96.21
N TRP VA 361 -57.15 -18.96 97.45
CA TRP VA 361 -55.84 -18.42 97.81
C TRP VA 361 -54.74 -19.47 97.81
N TYR VA 362 -55.10 -20.75 97.74
CA TYR VA 362 -54.11 -21.79 97.53
C TYR VA 362 -53.97 -22.16 96.06
N ALA VA 363 -55.03 -22.00 95.27
CA ALA VA 363 -54.95 -22.40 93.87
C ALA VA 363 -54.32 -21.33 92.99
N VAL VA 364 -54.99 -20.18 92.87
CA VAL VA 364 -54.61 -19.19 91.87
C VAL VA 364 -53.25 -18.57 92.17
N ARG VA 365 -52.84 -18.55 93.44
CA ARG VA 365 -51.48 -18.12 93.78
C ARG VA 365 -50.45 -18.99 93.06
N THR VA 366 -50.61 -20.31 93.15
CA THR VA 366 -49.72 -21.20 92.42
C THR VA 366 -49.74 -20.92 90.93
N ALA VA 367 -50.89 -20.44 90.42
CA ALA VA 367 -51.00 -20.05 89.01
C ALA VA 367 -49.94 -19.02 88.66
N VAL VA 368 -49.84 -17.94 89.44
CA VAL VA 368 -48.82 -16.94 89.09
C VAL VA 368 -47.44 -17.47 89.40
N ILE VA 369 -47.32 -18.45 90.32
CA ILE VA 369 -46.02 -19.07 90.55
C ILE VA 369 -45.63 -19.91 89.35
N ASN VA 370 -46.61 -20.36 88.56
CA ASN VA 370 -46.28 -20.98 87.28
C ASN VA 370 -46.23 -19.97 86.14
N ALA VA 371 -46.65 -18.73 86.36
CA ALA VA 371 -46.72 -17.73 85.30
C ALA VA 371 -45.47 -16.85 85.26
N ALA VA 372 -45.20 -16.13 86.36
CA ALA VA 372 -44.05 -15.24 86.40
C ALA VA 372 -42.73 -16.02 86.41
N SER VA 373 -42.75 -17.26 86.89
CA SER VA 373 -41.59 -18.13 86.83
C SER VA 373 -41.48 -18.86 85.50
N GLY VA 374 -42.58 -19.01 84.77
CA GLY VA 374 -42.54 -19.66 83.47
C GLY VA 374 -42.41 -21.16 83.53
N ARG VA 375 -42.76 -21.79 84.66
CA ARG VA 375 -42.77 -23.24 84.72
C ARG VA 375 -43.90 -23.79 83.84
N GLN VA 376 -45.04 -23.13 83.84
CA GLN VA 376 -46.15 -23.42 82.94
C GLN VA 376 -46.42 -22.20 82.08
N THR VA 377 -47.41 -22.33 81.21
CA THR VA 377 -47.83 -21.21 80.38
C THR VA 377 -48.99 -20.49 81.08
N VAL VA 378 -49.70 -19.63 80.36
CA VAL VA 378 -50.87 -18.96 80.90
C VAL VA 378 -52.01 -19.94 81.13
N ASP VA 379 -52.40 -20.65 80.06
CA ASP VA 379 -53.55 -21.55 80.13
C ASP VA 379 -53.30 -22.71 81.08
N GLU VA 380 -52.07 -23.24 81.09
CA GLU VA 380 -51.75 -24.35 81.99
C GLU VA 380 -51.91 -23.94 83.45
N ALA VA 381 -51.35 -22.79 83.82
CA ALA VA 381 -51.46 -22.32 85.20
C ALA VA 381 -52.90 -22.01 85.58
N LEU VA 382 -53.66 -21.39 84.67
CA LEU VA 382 -55.01 -21.00 85.04
C LEU VA 382 -55.95 -22.20 85.13
N LYS VA 383 -55.79 -23.21 84.26
CA LYS VA 383 -56.65 -24.38 84.41
C LYS VA 383 -56.15 -25.31 85.52
N ASP VA 384 -54.88 -25.19 85.93
CA ASP VA 384 -54.46 -25.88 87.15
C ASP VA 384 -55.07 -25.22 88.39
N ALA VA 385 -55.20 -23.89 88.37
CA ALA VA 385 -55.91 -23.21 89.44
C ALA VA 385 -57.42 -23.39 89.34
N GLN VA 386 -57.92 -23.82 88.18
CA GLN VA 386 -59.36 -24.01 88.00
C GLN VA 386 -59.89 -25.13 88.88
N THR VA 387 -59.28 -26.31 88.80
CA THR VA 387 -59.71 -27.45 89.58
C THR VA 387 -59.26 -27.32 91.03
#